data_9NMQ
#
_entry.id   9NMQ
#
_cell.length_a   1.00
_cell.length_b   1.00
_cell.length_c   1.00
_cell.angle_alpha   90.00
_cell.angle_beta   90.00
_cell.angle_gamma   90.00
#
_symmetry.space_group_name_H-M   'P 1'
#
loop_
_entity.id
_entity.type
_entity.pdbx_description
1 polymer 'Ryanodine receptor 1'
2 polymer 'Peptidyl-prolyl cis-trans isomerase FKBP1A'
3 non-polymer 'ZINC ION'
4 non-polymer CAFFEINE
5 non-polymer "ADENOSINE-5'-TRIPHOSPHATE"
6 non-polymer 'CALCIUM ION'
7 non-polymer 1,2-DIOLEOYL-SN-GLYCERO-3-PHOSPHOCHOLINE
8 non-polymer Simvastatin
#
loop_
_entity_poly.entity_id
_entity_poly.type
_entity_poly.pdbx_seq_one_letter_code
_entity_poly.pdbx_strand_id
1 'polypeptide(L)'
;MGDGGGEGEDEVQFLRTDDEVVLQCSATVLKEQLKLCLAAEGFGNRLCFLEPTSNAQNVPPDLAICCFILEQSLSVRALQ
EMLANTVEAGVESSQGGGHRTLLYGHAILLRHAHSRMYLSCLTTSRSMTDKLAFDVGLQEDATGEACWWTMHPASKQRSE
GEKVRVGDDLILVSVSSERYLHLSTASGELQVDASFMQTLWNMNPICSGCEEGFVTGGHVLRLFHGHMDECLTISPSDSD
DQRRLVYYEGGPVCTHARSLWRLEPLRISWSGSHLRWGQPLRIRHVTTGRYLGLTEDQGLVVVDASKAHTKATSFCFRIS
KEKLDVAPKRDVEGMGPPEIKYGESLCFVQHVASGLWLTYAAPDPKALRLGVLKKKAMLHQEGHMDDALSLTRCQQEESQ
AARMIYSTAGLYNQFIKGLDSFSGKPRGSGPPAGSALPIEGVILSLQDLIGYFEPPSEELQHEEKQTKLRSLRNRQSLFQ
EEGMLSLVLNCIDRLNVYTTAAHFAEFAGEEAAESWKEIVNLLYELLASLIRGNRTNCALFSTNLDWLVSKLDRLEASSG
ILEVLYCVLIESPEVLNIIQENHIKSIISLLDKHGRNHKVLDVLCSLCVCNGVAVRSNQDLITENLLPGRELLLQTNLIN
YVTSIRPNIFVGRAEGSTQYGKWYFEVMVDEVAPFLTAQATHLRVGWALSEGYSPYPGGGEGWGGNGVGDDLYSYGFDGL
HLWTGHVARPVTSPGQHLLAPEDVVSCCLDLSVPSISFRINGCPVQGVFESFNLDGLFFPVVSFSAGIKVRFLLGGRHGE
FKFLPPPGYAPCHEAVLPRERLHLQPIKEYRREGPRGPHLVGPSRCLSHLDFVPCPVDTIQIVLPPHLERIREKLAENIH
ELWALTRIEQGWTYGPVRDDNKRLHPCLVNFHSLPEPERNYNLQMSGETLKTLLALGCHVGMADEKAEDNLKKTKLPKTY
MMSNGYKPAPLDLSHVRLTPAQTTLVDRLAENGHNVWARDRVAQGWSYSAVQDIPARRNPRLVPYRLLDEATKRSNRDSL
CQAVRTLLGYGYNIEPPDQEPSQVDSQSRGDRARIFRAEKSYAVQSGRWYFEFEAVTTGEMRVGWARPELRPDVELGADD
LAYVFNGHRGQRWHLGSEPFGRPWQSGDVVGCMIDLTENTIIFTLNGEVLMSDSGSETAFRDIEIGDGFLPVCSLGPGQV
GHLNLGQDVSSLRFFAICGLQEGFEPFAINMQRPVTTWFSKSLPQFEPVPLEHPHYEVARMDGTVDTPPCLRLTHRTWGS
QNSLVEMLFLRLSLPVQFHQHFRCTAGATPLASPGLQPPAEDEARAAEPDTDYENLRRSAGGWGEAEGGKDGTAKEGTPG
GTAQAGVEAQPARAENEKDATTEKNKKRGFLFKAKKVAMMTQPPSTPALPRLPRDVVPADNRDDPEIILNTTTYYYSVRV
FAGQEPSCVWVGWVTPDYHQHDMSFDLSKVRAVTVTMGDEQGNVHSSLKCSNCYMVWGGDFVSPGQQGRISHTDLVIGCL
VDLATGLMTFTANGKESNTFFQVEPNTKLFPAVFVLPTHQNVVQFELGKQKNIMPLSAAMFLSERKNPAPQCPPRLEVQM
LMPVSWSRMPNHFLQVDTRRAGERLGWAVQCQEPLMMMALHIPEENRCMDILELSERLDLQRFHSHTLSLYRSVCALGNN
RVAHALCSHVDQAQLLHALEDARLPGPLRAGYYDLLISIHLESACRSRRSMLSEYIVPLTPETRAITLFPPGRSAEDGPR
RHGLPGVGVTTSLRPPHHFSPPCFVVALPAAGATEAPARLSPAIPLEALRDKALRMLGEAVRDGGQHARDPVGGSVEFQF
VPVLKLVSTLLVMGVFSDEDVKQILKMIEPEVFREEEEVEEEGEEEEEDEEEKEEDEEEEAHEKEDEEKEEAEDAAEEEK
EELEEGLLQMKLPESVKLQMCHLLEYFCDQELQHRVESLAAFAECYVDKMQGNQRGRYGLLMKAFTMSAAETARRTREFR
SPPQEQINMLLHFKNGADEEECPLPEEIRQELVNFHQDLLAHCGIQLEGEEEEPEEESTLGSRLMSLLEKVKLVKKTEEK
PEEEPAPEEHKPQSLQELVSHTVVRWAQEDFVQSPELVRAMFSLLHRQYDGLGELLRALPRAYTISVSSVEDTMSLLECL
GQIRSLLIVQMGPQEENLMIQSIGNIMNNKVFYQHPNLMRALGMHETVMEVMVNVLGGGESKEIRFPKMVTSCCRFLCYF
CRISRQNQRSMFDHLSYLLENSGIGLGMQGSTPLDVAAASVIDNNELALALQEQDLEKVVSYLAGCGLQSCPMLLAKGYP
DIGWNPCGGERYLDFLRFAVFVNGESVEENANVVVRLLIRKPECFGPALRGEGGSGLLAAIEEAIRISEDPARDGPGVRR
DRRREHFGEEPPEENRVHLGHAIMSFYAALIDLLGRCAPETHLIQAGKGEALRIRAILRSLVPLDDLVGIISLPLQIPTL
GKDGALVQPKMSASFVPDHKASMVLFLDRVYGIENQDFLLHVLDVGFLPDMRAAASLDTATFSTTEMALALNRYLCLAVL
PLITKCAPLFAGTEHRAIMVDSMLHTVYRLSRGRSLTKAQRDVIEDCLMALCRYIRPSMLQHLLRRLVFDVPILNEFAKM
PLKLLTNHYERCWKYYCLPTGWANFGVTSEEELHLTRKLFWGIFDSLAHKKYDQELYRIAMPCLCAIAGALPPDYVDASY
SSKTEKKATVDAEGNFDPRPVETLNVIIPEKLDSFINKFAEYTHEKWAFDKIQNNWSYGENIDEELKTHPMLRPYKTFSE
KDKEIYRWPIKESLKAMIAWEWTVEKAREGEEEKTEKKKTRKISQTAQTYDPREGYNPQPPDLSVVTLSRELQAMAEQLA
ENYHNTWGRKKKQELEAKGGGSHPLLVPYDTLTAKEKARDREKAQELLKFLQMNGYAVTRGLKDMELDTSSIEKRFAFGF
LQQLLRWMDISQEFIAHLEAVVSSGRVEKSPHEQEIKFFAKILLPLINQYFTNHCLYFLSTPAKVLGSGGHASNKEKEMI
TSLFCKLAALVRHRVSLFGTDAPAVVNCLHILARSLDARTVMKSGPEIVKAGLRSFFESASEDIEKMVENLRLGKVSQAR
TQVKGVGQNLTYTTVALLPVLTTLFQHIAQHQFGDDVILDDVQVSCYRTLCSIYSLGTTRNPYVEKLRPALGECLARLAA
AMPVAFLEPELNEYNACSVYTTKSPRERAILGLPNSVEEMCPDIPVLERLMAEIGGLAESGARYTEMPHVIEITLPMLCS
YLPRWWERGPEAPPPALPAGAPPPCTAVTSDHLNSLLGNILRIIVNNLGIDEASWMKRLAVFAQPIVSRARPELLRSHFI
PTIGRLRKRAGKVVAEEEQLRLEAKAEAEEGELLVRDEFSVLCRDLYALYPLLIRYVDNNRAHWLTEPNPNAEELFRMVG
EIFIYWSKSHNFKREEQNFVVQNEINNMSFLTADNKSKMAKAGDVQSGGSDQERTKKKRRGDRYSVQTSLIVATLKKMLP
IGLNMCAPTDQDLIVLAKARYALKDTDEEVREFLQNNLNLQGKVEGSPSLRWQMALYRGVPGREEDADDPEKIVRRVQEV
SAVLYHLDQTEHPYKSKKAVWHKLLSKQRRRAVVACFRMTPLYNLPTHRACNMFLESYKASWILTEDHSFEDRMIDDLSK
AGEQEEEEEEVEEKKPDPLHQLVLHFSRTALTEKSKLDEDYLYMAYADIMAKSCHLEEGGENGEEGGEEEEVEVSFEEKE
MEKQRLLYQQSRLHNRGAAEMVLQMISACKGETGAMVSSTLKLGISILNGGNAEVQQKMLDYLKDKKEVGFFQSIQALMQ
TCSVLDLNAFERQNKAEGLGMVNEDGTVINRQNGEKVMADDEFTQDLFRFLQLLCEGHNNDFQNYLRTQTGNTTTINIII
CTVDYLLRLQESISDFYWYYSGKDVIEEQGKRNFSKAMSVAKQVFNSLTEYIQGPCTGNQQSLAHSRLWDAVVGFLHVFA
HMMMKLAQDSSQIELLKELLDLQKDMVVMLLSLLEGNVVNGMIARQMVDMLVESSSNVEMILKFFDMFLKLKDIVGSEAF
QDYVTDPRGLISKKDFQKAMDSQKQFTGPEIQFLLSCSEADENEMINCEEFANRFQEPARDIGFNVAVLLTNLSEHVPHD
PRLRNFLELAESILEYFRPYLGRIEIMGASRRIERIYFEISETNRAQWEMPQVKESKRQFIFDVVNEGGESEKMEMFVSF
CEDTIFEMQIAAQISEPEGEPEEDEDEGAEEAEEGAAGSDGSGSAAAAGVWVWLAATAGRTLRGLSYRSLRRRVRRLRRL
TAREAATAVAALLWALVTRAGGAGAGAAAGALRLLWGSLFGGGLVDSAKKVTVTELLAGMPDPTGDEVHGQQPSGAGSDA
EGEGEGEGEGDAADGAGDEEAAADQAGTGGADGAVAVADGSPFRPEGAGGLGDMGDTTPVEPPTPEGSPILKRKLGVDGE
EEEPPPEPEPEPEPEPEKADTENGEKEVPEPPPEPPKKTPPPPPPKKEEAGGAGLEEFWGELEVQRVKFLNYLSRNFYTL
RFLALFLAFAINFILLFYKVSDSPPGEDDIEGSGAGDMSGAGSGDGSGWGSRAGEEVEGDEDENMVYYFLEESTGYMEPA
LRCLSLLHTLVAFLCIIGYNCLKVPLVIFKREKELARKLEFDGLYITEQPEDDDVKGQWDRLVLNTPSFPSNYWDKFVKR
KVLDKHGDIFGRERIAELLGMDLASLEITAHNERKPDPPPGLLTWIMSIDVKYQIWKFGVIFTDNSFLYLGWYMVMSLLG
HYNNFFFAAHLLDIAMGVKTLRTILSSVTHNGKQLVMTVGLLAVVVYLYTVVAFNFFRKFYNKSEDEDEPDMKCDDMMTC
YLFHMYVGVRAGGGIGDEIEDPAGDEYELYRVVFDITFFFFVIVILLAIIQGLIIDAFGELRDQQEQVKEDMETKCFICG
IGSDYFDTTPHGFETHTLEEHNLANYMFFLMYLINKDETEHTGQESYVWKMYQERCWDFFPAGDCFRKQYEDQLS
;
A,B,C,D
2 'polypeptide(L)'
;MGVQVETISPGDGRTFPKRGQTCVVHYTGMLEDGKKFDSSRDRNKPFKFTLGKQEVIRGWEEGVAQMSVGQRAKLIISSD
YAYGATGHPGIIPPHATLVFDVELLKLE
;
E,F,G,H
#
loop_
_chem_comp.id
_chem_comp.type
_chem_comp.name
_chem_comp.formula
A1BYZ non-polymer Simvastatin 'C25 H38 O5'
ATP non-polymer ADENOSINE-5'-TRIPHOSPHATE 'C10 H16 N5 O13 P3'
CA non-polymer 'CALCIUM ION' 'Ca 2'
CFF non-polymer CAFFEINE 'C8 H10 N4 O2'
PCW non-polymer 1,2-DIOLEOYL-SN-GLYCERO-3-PHOSPHOCHOLINE 'C44 H85 N O8 P 1'
ZN non-polymer 'ZINC ION' 'Zn 2'
#
# COMPACT_ATOMS: atom_id res chain seq x y z
N GLU A 11 -13.08 19.47 13.92
CA GLU A 11 -13.10 20.83 14.44
C GLU A 11 -13.40 20.81 15.94
N VAL A 12 -12.94 21.83 16.64
CA VAL A 12 -13.08 21.88 18.09
C VAL A 12 -14.55 21.74 18.45
N GLN A 13 -14.86 20.87 19.38
CA GLN A 13 -16.25 20.54 19.67
C GLN A 13 -16.95 21.68 20.39
N PHE A 14 -18.20 21.94 20.01
CA PHE A 14 -19.02 22.99 20.59
C PHE A 14 -20.21 22.36 21.30
N LEU A 15 -20.72 23.05 22.31
CA LEU A 15 -21.93 22.61 22.99
C LEU A 15 -23.15 23.15 22.26
N ARG A 16 -24.19 22.31 22.14
CA ARG A 16 -25.42 22.68 21.47
C ARG A 16 -26.60 22.30 22.34
N THR A 17 -27.73 22.94 22.10
CA THR A 17 -28.93 22.61 22.85
C THR A 17 -29.36 21.19 22.58
N ASP A 18 -30.03 20.60 23.57
CA ASP A 18 -30.44 19.19 23.63
C ASP A 18 -29.29 18.29 24.00
N ASP A 19 -28.09 18.81 24.18
CA ASP A 19 -26.97 18.02 24.67
C ASP A 19 -27.09 17.81 26.17
N GLU A 20 -26.30 16.87 26.68
CA GLU A 20 -26.28 16.54 28.08
C GLU A 20 -24.92 16.88 28.67
N VAL A 21 -24.92 17.59 29.79
CA VAL A 21 -23.69 18.09 30.41
C VAL A 21 -23.74 17.86 31.90
N VAL A 22 -22.56 17.93 32.52
CA VAL A 22 -22.41 17.98 33.97
C VAL A 22 -21.69 19.26 34.32
N LEU A 23 -22.21 20.00 35.29
CA LEU A 23 -21.56 21.22 35.75
C LEU A 23 -20.48 20.85 36.77
N GLN A 24 -19.23 21.13 36.45
CA GLN A 24 -18.11 20.65 37.23
C GLN A 24 -17.24 21.80 37.72
N CYS A 25 -16.89 21.75 39.00
CA CYS A 25 -15.96 22.69 39.60
C CYS A 25 -14.84 21.92 40.29
N SER A 26 -13.80 22.64 40.71
CA SER A 26 -12.65 22.04 41.37
C SER A 26 -12.33 22.83 42.63
N ALA A 27 -11.99 22.12 43.69
CA ALA A 27 -11.64 22.73 44.97
C ALA A 27 -10.37 22.10 45.49
N THR A 28 -9.52 22.91 46.14
CA THR A 28 -8.29 22.41 46.74
C THR A 28 -8.58 22.04 48.19
N VAL A 29 -8.48 20.76 48.50
CA VAL A 29 -8.71 20.23 49.84
C VAL A 29 -7.50 19.43 50.25
N LEU A 30 -6.96 19.75 51.44
CA LEU A 30 -5.77 19.07 51.96
C LEU A 30 -4.67 19.00 50.90
N LYS A 31 -4.43 20.14 50.25
CA LYS A 31 -3.39 20.26 49.23
C LYS A 31 -3.58 19.22 48.13
N GLU A 32 -4.83 19.05 47.70
CA GLU A 32 -5.14 18.12 46.61
C GLU A 32 -6.33 18.66 45.85
N GLN A 33 -6.24 18.67 44.52
CA GLN A 33 -7.35 19.13 43.69
C GLN A 33 -8.42 18.06 43.65
N LEU A 34 -9.67 18.46 43.89
CA LEU A 34 -10.81 17.55 43.94
C LEU A 34 -11.90 18.11 43.03
N LYS A 35 -12.38 17.28 42.11
CA LYS A 35 -13.42 17.67 41.19
C LYS A 35 -14.79 17.28 41.73
N LEU A 36 -15.76 18.18 41.57
CA LEU A 36 -17.11 17.94 42.05
C LEU A 36 -18.10 18.34 40.96
N CYS A 37 -19.24 17.65 40.95
CA CYS A 37 -20.30 17.89 39.98
C CYS A 37 -21.55 18.36 40.72
N LEU A 38 -22.25 19.31 40.13
CA LEU A 38 -23.54 19.73 40.67
C LEU A 38 -24.55 18.60 40.55
N ALA A 39 -25.27 18.32 41.64
CA ALA A 39 -26.21 17.22 41.68
C ALA A 39 -27.44 17.62 42.47
N ALA A 40 -28.52 16.89 42.26
CA ALA A 40 -29.76 17.13 42.99
C ALA A 40 -30.68 15.96 42.76
N GLU A 41 -31.41 15.55 43.80
CA GLU A 41 -32.35 14.46 43.65
C GLU A 41 -33.63 14.89 42.95
N GLY A 42 -34.12 16.09 43.28
CA GLY A 42 -35.37 16.57 42.72
C GLY A 42 -36.57 16.17 43.54
N PHE A 43 -36.97 14.90 43.47
CA PHE A 43 -38.07 14.41 44.29
C PHE A 43 -37.60 14.24 45.73
N GLY A 44 -38.28 14.91 46.66
CA GLY A 44 -37.98 14.81 48.06
C GLY A 44 -36.95 15.80 48.56
N ASN A 45 -36.16 16.38 47.65
CA ASN A 45 -35.13 17.32 48.05
C ASN A 45 -34.77 18.15 46.83
N ARG A 46 -35.17 19.42 46.82
CA ARG A 46 -34.89 20.31 45.70
C ARG A 46 -33.52 20.97 45.80
N LEU A 47 -32.84 20.86 46.93
CA LEU A 47 -31.58 21.56 47.12
C LEU A 47 -30.45 20.83 46.41
N CYS A 48 -29.60 21.61 45.74
CA CYS A 48 -28.45 21.05 45.04
C CYS A 48 -27.32 20.80 46.02
N PHE A 49 -26.46 19.85 45.67
CA PHE A 49 -25.26 19.55 46.43
C PHE A 49 -24.15 19.19 45.44
N LEU A 50 -22.99 18.85 45.98
CA LEU A 50 -21.82 18.56 45.18
C LEU A 50 -21.44 17.10 45.35
N GLU A 51 -21.37 16.38 44.24
CA GLU A 51 -20.95 14.99 44.23
C GLU A 51 -19.50 14.91 43.77
N PRO A 52 -18.56 14.45 44.59
CA PRO A 52 -17.18 14.35 44.13
C PRO A 52 -17.03 13.30 43.04
N THR A 53 -16.06 13.52 42.15
CA THR A 53 -15.82 12.62 41.02
C THR A 53 -14.33 12.35 40.82
N SER A 54 -13.48 12.73 41.76
CA SER A 54 -12.05 12.51 41.62
C SER A 54 -11.63 11.11 42.02
N ASN A 55 -12.39 10.45 42.89
CA ASN A 55 -12.07 9.11 43.36
C ASN A 55 -12.84 8.03 42.62
N ALA A 56 -13.15 8.26 41.33
CA ALA A 56 -14.00 7.33 40.60
C ALA A 56 -13.35 5.95 40.47
N GLN A 57 -12.03 5.86 40.63
CA GLN A 57 -11.38 4.57 40.53
C GLN A 57 -11.77 3.65 41.68
N ASN A 58 -11.95 4.22 42.87
CA ASN A 58 -12.23 3.43 44.07
C ASN A 58 -13.69 3.46 44.48
N VAL A 59 -14.39 4.56 44.24
CA VAL A 59 -15.80 4.70 44.63
C VAL A 59 -16.53 5.39 43.49
N PRO A 60 -17.36 4.70 42.71
CA PRO A 60 -18.03 5.34 41.60
C PRO A 60 -18.92 6.48 42.08
N PRO A 61 -18.97 7.58 41.34
CA PRO A 61 -19.90 8.66 41.71
C PRO A 61 -21.31 8.39 41.25
N ASP A 62 -22.26 8.96 41.97
CA ASP A 62 -23.68 8.84 41.64
C ASP A 62 -24.00 9.82 40.54
N LEU A 63 -23.63 9.45 39.31
CA LEU A 63 -23.71 10.37 38.17
C LEU A 63 -25.11 10.50 37.60
N ALA A 64 -26.05 9.61 37.95
CA ALA A 64 -27.37 9.66 37.36
C ALA A 64 -28.07 10.97 37.64
N ILE A 65 -27.78 11.60 38.77
CA ILE A 65 -28.47 12.82 39.19
C ILE A 65 -27.64 14.07 38.95
N CYS A 66 -26.48 13.94 38.31
CA CYS A 66 -25.66 15.09 37.96
C CYS A 66 -25.84 15.53 36.51
N CYS A 67 -26.71 14.88 35.75
CA CYS A 67 -26.85 15.15 34.32
C CYS A 67 -27.93 16.20 34.09
N PHE A 68 -27.61 17.20 33.29
CA PHE A 68 -28.55 18.23 32.89
C PHE A 68 -28.60 18.29 31.37
N ILE A 69 -29.75 18.68 30.84
CA ILE A 69 -29.96 18.87 29.41
C ILE A 69 -30.07 20.35 29.14
N LEU A 70 -29.33 20.82 28.13
CA LEU A 70 -29.45 22.21 27.69
C LEU A 70 -30.72 22.37 26.87
N GLU A 71 -31.81 22.76 27.53
CA GLU A 71 -33.10 22.81 26.85
C GLU A 71 -33.17 23.97 25.87
N GLN A 72 -32.69 25.15 26.26
CA GLN A 72 -32.78 26.33 25.43
C GLN A 72 -31.60 27.25 25.69
N SER A 73 -31.31 28.11 24.72
CA SER A 73 -30.24 29.10 24.81
C SER A 73 -30.62 30.31 23.94
N LEU A 74 -31.17 31.33 24.59
CA LEU A 74 -31.53 32.56 23.91
C LEU A 74 -30.55 33.68 24.25
N SER A 75 -30.63 34.76 23.48
CA SER A 75 -29.98 35.99 23.87
C SER A 75 -30.80 36.69 24.95
N VAL A 76 -30.19 37.67 25.61
CA VAL A 76 -30.85 38.31 26.74
C VAL A 76 -32.13 39.00 26.31
N ARG A 77 -32.09 39.73 25.19
CA ARG A 77 -33.27 40.43 24.72
C ARG A 77 -34.34 39.45 24.27
N ALA A 78 -33.94 38.36 23.61
CA ALA A 78 -34.90 37.34 23.23
C ALA A 78 -35.57 36.75 24.46
N LEU A 79 -34.82 36.51 25.52
CA LEU A 79 -35.40 36.01 26.75
C LEU A 79 -36.37 37.02 27.36
N GLN A 80 -36.02 38.30 27.31
CA GLN A 80 -36.93 39.32 27.80
C GLN A 80 -38.25 39.28 27.05
N GLU A 81 -38.20 39.18 25.73
CA GLU A 81 -39.44 39.10 24.95
C GLU A 81 -40.21 37.84 25.31
N MET A 82 -39.53 36.71 25.43
CA MET A 82 -40.22 35.46 25.75
C MET A 82 -40.92 35.56 27.09
N LEU A 83 -40.26 36.13 28.09
CA LEU A 83 -40.89 36.31 29.40
C LEU A 83 -42.05 37.29 29.30
N ALA A 84 -41.91 38.32 28.49
CA ALA A 84 -43.00 39.29 28.33
C ALA A 84 -44.24 38.61 27.77
N ASN A 85 -44.06 37.75 26.77
CA ASN A 85 -45.18 37.01 26.20
C ASN A 85 -45.59 35.87 27.11
N HIS A 99 -31.06 22.64 17.22
CA HIS A 99 -29.83 22.45 17.99
C HIS A 99 -28.94 23.67 17.85
N ARG A 100 -29.29 24.73 18.57
CA ARG A 100 -28.51 25.96 18.51
C ARG A 100 -27.19 25.80 19.25
N THR A 101 -26.19 26.53 18.79
CA THR A 101 -24.87 26.50 19.41
C THR A 101 -24.80 27.59 20.48
N LEU A 102 -24.37 27.21 21.68
CA LEU A 102 -24.32 28.16 22.78
C LEU A 102 -23.25 29.21 22.53
N LEU A 103 -23.58 30.46 22.82
CA LEU A 103 -22.65 31.58 22.70
C LEU A 103 -22.54 32.29 24.03
N TYR A 104 -21.34 32.76 24.35
CA TYR A 104 -21.14 33.49 25.58
C TYR A 104 -22.03 34.74 25.60
N GLY A 105 -22.62 35.01 26.75
CA GLY A 105 -23.56 36.10 26.92
C GLY A 105 -25.01 35.68 26.77
N HIS A 106 -25.27 34.49 26.27
CA HIS A 106 -26.62 33.98 26.16
C HIS A 106 -27.10 33.41 27.49
N ALA A 107 -28.41 33.27 27.61
CA ALA A 107 -29.03 32.67 28.79
C ALA A 107 -29.50 31.27 28.45
N ILE A 108 -29.16 30.31 29.31
CA ILE A 108 -29.47 28.90 29.07
C ILE A 108 -30.46 28.41 30.11
N LEU A 109 -31.22 27.40 29.71
CA LEU A 109 -32.14 26.69 30.58
C LEU A 109 -31.64 25.26 30.73
N LEU A 110 -31.48 24.80 31.96
CA LEU A 110 -30.91 23.49 32.25
C LEU A 110 -31.98 22.62 32.91
N ARG A 111 -32.37 21.55 32.24
CA ARG A 111 -33.38 20.64 32.77
C ARG A 111 -32.70 19.44 33.41
N HIS A 112 -33.10 19.11 34.63
CA HIS A 112 -32.57 17.93 35.30
C HIS A 112 -33.04 16.67 34.59
N ALA A 113 -32.09 15.83 34.18
CA ALA A 113 -32.44 14.68 33.37
C ALA A 113 -33.37 13.72 34.10
N HIS A 114 -33.10 13.46 35.38
CA HIS A 114 -33.89 12.49 36.12
C HIS A 114 -35.27 13.02 36.44
N SER A 115 -35.34 14.13 37.18
CA SER A 115 -36.61 14.64 37.67
C SER A 115 -37.33 15.51 36.66
N ARG A 116 -36.63 16.00 35.64
CA ARG A 116 -37.20 16.88 34.63
C ARG A 116 -37.56 18.25 35.19
N MET A 117 -36.98 18.62 36.32
CA MET A 117 -37.08 19.97 36.85
C MET A 117 -35.92 20.80 36.32
N TYR A 118 -35.91 22.08 36.66
CA TYR A 118 -34.98 23.04 36.08
C TYR A 118 -34.11 23.65 37.17
N LEU A 119 -32.82 23.78 36.86
CA LEU A 119 -31.89 24.41 37.79
C LEU A 119 -32.23 25.88 37.96
N SER A 120 -32.55 26.28 39.19
CA SER A 120 -33.04 27.62 39.45
C SER A 120 -32.33 28.19 40.67
N CYS A 121 -32.32 29.52 40.75
CA CYS A 121 -31.82 30.23 41.91
C CYS A 121 -33.00 30.46 42.86
N LEU A 122 -32.96 29.81 44.02
CA LEU A 122 -34.08 29.87 44.94
C LEU A 122 -34.06 31.18 45.74
N THR A 123 -35.23 31.54 46.27
CA THR A 123 -35.38 32.75 47.06
C THR A 123 -35.16 32.50 48.55
N THR A 124 -34.80 31.28 48.94
CA THR A 124 -34.49 30.95 50.32
C THR A 124 -32.98 30.86 50.49
N SER A 125 -32.56 30.81 51.74
CA SER A 125 -31.14 30.73 52.05
C SER A 125 -30.96 30.05 53.40
N ARG A 126 -30.21 28.95 53.41
CA ARG A 126 -29.89 28.23 54.64
C ARG A 126 -28.44 28.43 55.05
N SER A 127 -27.68 29.21 54.29
CA SER A 127 -26.27 29.42 54.61
C SER A 127 -26.13 30.29 55.85
N MET A 128 -25.11 29.99 56.66
CA MET A 128 -24.75 30.82 57.80
C MET A 128 -23.50 31.65 57.56
N THR A 129 -22.61 31.19 56.68
CA THR A 129 -21.38 31.94 56.42
C THR A 129 -21.67 33.19 55.61
N ASP A 130 -22.48 33.07 54.57
CA ASP A 130 -22.79 34.19 53.67
C ASP A 130 -24.19 34.69 53.95
N LYS A 131 -24.32 35.98 54.22
CA LYS A 131 -25.62 36.61 54.45
C LYS A 131 -26.25 37.16 53.19
N LEU A 132 -25.55 37.12 52.06
CA LEU A 132 -26.06 37.65 50.80
C LEU A 132 -26.20 36.55 49.74
N ALA A 133 -26.23 35.29 50.16
CA ALA A 133 -26.28 34.16 49.25
C ALA A 133 -27.68 33.58 49.22
N PHE A 134 -28.03 32.97 48.09
CA PHE A 134 -29.29 32.28 47.91
C PHE A 134 -29.03 30.80 47.65
N ASP A 135 -30.02 29.98 47.97
CA ASP A 135 -29.93 28.56 47.69
C ASP A 135 -30.11 28.30 46.20
N VAL A 136 -29.40 27.29 45.69
CA VAL A 136 -29.53 26.83 44.32
C VAL A 136 -30.18 25.45 44.36
N GLY A 137 -31.27 25.30 43.64
CA GLY A 137 -32.01 24.05 43.64
C GLY A 137 -32.83 23.90 42.38
N LEU A 138 -33.67 22.87 42.39
CA LEU A 138 -34.50 22.54 41.24
C LEU A 138 -35.89 23.13 41.41
N GLN A 139 -36.50 23.48 40.29
CA GLN A 139 -37.80 24.12 40.26
C GLN A 139 -38.68 23.38 39.25
N GLU A 140 -39.93 23.13 39.62
CA GLU A 140 -40.76 22.21 38.85
C GLU A 140 -40.98 22.71 37.42
N ASP A 141 -41.34 23.97 37.26
CA ASP A 141 -41.68 24.52 35.97
C ASP A 141 -40.59 25.48 35.50
N ALA A 142 -40.64 25.81 34.20
CA ALA A 142 -39.66 26.70 33.59
C ALA A 142 -40.18 28.12 33.45
N THR A 143 -41.14 28.51 34.29
CA THR A 143 -41.73 29.84 34.23
C THR A 143 -40.94 30.81 35.10
N GLY A 144 -40.81 32.03 34.61
CA GLY A 144 -40.08 33.07 35.31
C GLY A 144 -38.64 33.15 34.84
N GLU A 145 -37.87 33.96 35.56
CA GLU A 145 -36.46 34.13 35.25
C GLU A 145 -35.55 33.41 36.23
N ALA A 146 -36.10 32.75 37.24
CA ALA A 146 -35.28 32.08 38.23
C ALA A 146 -34.50 30.92 37.64
N CYS A 147 -35.01 30.32 36.56
CA CYS A 147 -34.42 29.13 35.97
C CYS A 147 -33.47 29.43 34.82
N TRP A 148 -33.12 30.71 34.60
CA TRP A 148 -32.30 31.11 33.48
C TRP A 148 -30.96 31.62 33.97
N TRP A 149 -29.88 31.16 33.33
CA TRP A 149 -28.53 31.50 33.71
C TRP A 149 -27.78 32.01 32.49
N THR A 150 -26.94 33.01 32.70
CA THR A 150 -26.14 33.62 31.65
C THR A 150 -24.71 33.16 31.77
N MET A 151 -24.12 32.74 30.66
CA MET A 151 -22.75 32.25 30.62
C MET A 151 -21.81 33.40 30.27
N HIS A 152 -20.64 33.43 30.91
CA HIS A 152 -19.68 34.47 30.63
C HIS A 152 -18.28 33.88 30.60
N PRO A 153 -17.40 34.38 29.75
CA PRO A 153 -16.04 33.82 29.68
C PRO A 153 -15.32 33.98 31.00
N ALA A 154 -14.50 32.98 31.33
CA ALA A 154 -13.71 33.02 32.54
C ALA A 154 -12.39 33.75 32.34
N SER A 155 -11.90 33.82 31.11
CA SER A 155 -10.62 34.43 30.79
C SER A 155 -10.75 35.26 29.52
N LYS A 156 -9.73 36.08 29.26
CA LYS A 156 -9.72 36.90 28.06
C LYS A 156 -9.62 36.06 26.79
N GLN A 157 -9.28 34.79 26.92
CA GLN A 157 -9.10 33.94 25.74
C GLN A 157 -10.40 33.85 24.94
N ARG A 158 -11.54 33.98 25.61
CA ARG A 158 -12.84 34.03 24.98
C ARG A 158 -13.54 35.34 25.35
N SER A 159 -14.51 35.72 24.53
CA SER A 159 -15.22 36.98 24.69
C SER A 159 -16.69 36.78 24.33
N GLU A 160 -17.51 37.76 24.69
CA GLU A 160 -18.94 37.65 24.46
C GLU A 160 -19.22 37.49 22.97
N GLY A 161 -20.18 36.63 22.65
CA GLY A 161 -20.50 36.31 21.29
C GLY A 161 -19.72 35.14 20.71
N GLU A 162 -18.63 34.73 21.36
CA GLU A 162 -17.90 33.56 20.91
C GLU A 162 -18.66 32.29 21.28
N LYS A 163 -18.44 31.24 20.49
CA LYS A 163 -19.07 29.97 20.78
C LYS A 163 -18.46 29.33 22.01
N VAL A 164 -19.31 28.76 22.86
CA VAL A 164 -18.82 28.05 24.04
C VAL A 164 -18.22 26.73 23.59
N ARG A 165 -16.98 26.47 24.00
CA ARG A 165 -16.23 25.31 23.54
C ARG A 165 -16.09 24.29 24.66
N VAL A 166 -16.27 23.02 24.30
CA VAL A 166 -16.13 21.93 25.26
C VAL A 166 -14.85 22.12 26.06
N GLY A 167 -14.94 21.94 27.37
CA GLY A 167 -13.79 22.07 28.23
C GLY A 167 -13.44 23.49 28.63
N ASP A 168 -14.29 24.46 28.33
CA ASP A 168 -14.05 25.85 28.68
C ASP A 168 -14.55 26.14 30.08
N ASP A 169 -13.76 26.90 30.83
CA ASP A 169 -14.20 27.41 32.13
C ASP A 169 -15.07 28.63 31.91
N LEU A 170 -16.26 28.62 32.46
CA LEU A 170 -17.21 29.71 32.29
C LEU A 170 -17.82 30.07 33.63
N ILE A 171 -18.40 31.27 33.70
CA ILE A 171 -19.03 31.79 34.90
C ILE A 171 -20.52 31.88 34.63
N LEU A 172 -21.32 31.36 35.55
CA LEU A 172 -22.77 31.35 35.41
C LEU A 172 -23.38 32.38 36.35
N VAL A 173 -24.23 33.24 35.81
CA VAL A 173 -24.86 34.30 36.58
C VAL A 173 -26.37 34.14 36.51
N SER A 174 -27.03 34.25 37.65
CA SER A 174 -28.47 34.14 37.67
C SER A 174 -29.12 35.34 37.01
N VAL A 175 -30.11 35.09 36.16
CA VAL A 175 -30.83 36.18 35.52
C VAL A 175 -31.74 36.92 36.49
N SER A 176 -32.30 36.23 37.47
CA SER A 176 -33.26 36.85 38.38
C SER A 176 -32.59 37.56 39.55
N SER A 177 -31.43 37.08 40.00
CA SER A 177 -30.79 37.62 41.18
C SER A 177 -29.45 38.28 40.91
N GLU A 178 -28.91 38.16 39.70
CA GLU A 178 -27.60 38.75 39.38
C GLU A 178 -26.50 38.19 40.28
N ARG A 179 -26.62 36.91 40.63
CA ARG A 179 -25.65 36.25 41.49
C ARG A 179 -24.95 35.15 40.74
N TYR A 180 -23.71 34.88 41.12
CA TYR A 180 -22.91 33.85 40.49
C TYR A 180 -23.28 32.47 41.06
N LEU A 181 -23.13 31.45 40.23
CA LEU A 181 -23.14 30.08 40.72
C LEU A 181 -21.83 29.83 41.46
N HIS A 182 -21.90 29.66 42.77
CA HIS A 182 -20.73 29.76 43.63
C HIS A 182 -20.52 28.48 44.41
N LEU A 183 -19.24 28.12 44.55
CA LEU A 183 -18.82 27.03 45.42
C LEU A 183 -18.33 27.64 46.73
N SER A 184 -18.98 27.28 47.82
CA SER A 184 -18.70 27.86 49.13
C SER A 184 -17.98 26.83 49.99
N THR A 185 -16.75 27.15 50.39
CA THR A 185 -15.99 26.31 51.32
C THR A 185 -15.86 26.95 52.69
N ALA A 186 -16.58 28.03 52.95
CA ALA A 186 -16.43 28.75 54.22
C ALA A 186 -16.70 27.83 55.40
N SER A 187 -17.79 27.08 55.34
CA SER A 187 -18.06 26.10 56.38
C SER A 187 -17.10 24.92 56.24
N GLY A 188 -17.31 23.91 57.08
CA GLY A 188 -16.44 22.75 57.03
C GLY A 188 -16.53 21.99 55.72
N GLU A 189 -17.69 21.96 55.11
CA GLU A 189 -17.95 21.15 53.93
C GLU A 189 -18.18 22.04 52.70
N LEU A 190 -18.05 21.42 51.53
CA LEU A 190 -18.24 22.10 50.26
C LEU A 190 -19.73 22.15 49.93
N GLN A 191 -20.21 23.34 49.60
CA GLN A 191 -21.62 23.55 49.26
C GLN A 191 -21.71 24.50 48.09
N VAL A 192 -22.86 24.47 47.42
CA VAL A 192 -23.11 25.27 46.23
C VAL A 192 -24.25 26.24 46.52
N ASP A 193 -24.04 27.51 46.21
CA ASP A 193 -25.05 28.53 46.45
C ASP A 193 -24.90 29.61 45.38
N ALA A 194 -25.78 30.59 45.42
CA ALA A 194 -25.73 31.74 44.54
C ALA A 194 -25.30 32.95 45.36
N SER A 195 -24.08 33.41 45.16
CA SER A 195 -23.50 34.52 45.90
C SER A 195 -22.92 35.53 44.92
N PHE A 196 -22.33 36.60 45.47
CA PHE A 196 -21.70 37.62 44.66
C PHE A 196 -20.24 37.34 44.38
N MET A 197 -19.67 36.27 44.96
CA MET A 197 -18.38 35.80 44.55
C MET A 197 -18.53 34.79 43.41
N GLN A 198 -17.56 34.80 42.50
CA GLN A 198 -17.64 34.01 41.29
C GLN A 198 -16.86 32.71 41.42
N THR A 199 -17.29 31.71 40.66
CA THR A 199 -16.64 30.41 40.62
C THR A 199 -16.59 29.94 39.17
N LEU A 200 -15.54 29.19 38.84
CA LEU A 200 -15.34 28.71 37.47
C LEU A 200 -15.89 27.30 37.35
N TRP A 201 -16.82 27.11 36.41
CA TRP A 201 -17.44 25.83 36.16
C TRP A 201 -17.09 25.32 34.77
N ASN A 202 -17.09 24.00 34.63
CA ASN A 202 -16.90 23.34 33.34
C ASN A 202 -18.18 22.60 32.99
N MET A 203 -18.66 22.78 31.76
CA MET A 203 -19.82 22.05 31.28
C MET A 203 -19.33 20.89 30.42
N ASN A 204 -18.88 19.85 31.10
CA ASN A 204 -18.37 18.68 30.40
C ASN A 204 -19.52 17.94 29.71
N PRO A 205 -19.43 17.64 28.43
CA PRO A 205 -20.54 16.96 27.75
C PRO A 205 -20.62 15.49 28.17
N ILE A 206 -21.86 15.02 28.33
CA ILE A 206 -22.13 13.62 28.58
C ILE A 206 -22.53 12.90 27.31
N CYS A 207 -23.45 13.50 26.55
CA CYS A 207 -23.90 12.93 25.28
C CYS A 207 -24.41 14.06 24.41
N SER A 208 -24.28 13.88 23.10
CA SER A 208 -24.71 14.89 22.15
C SER A 208 -25.88 14.41 21.30
N GLY A 209 -25.71 13.28 20.64
CA GLY A 209 -26.75 12.71 19.79
C GLY A 209 -26.42 11.27 19.46
N CYS A 210 -27.39 10.40 19.64
CA CYS A 210 -27.17 8.95 19.55
C CYS A 210 -27.81 8.41 18.28
N GLU A 211 -27.05 7.61 17.54
CA GLU A 211 -27.60 6.91 16.39
C GLU A 211 -28.75 6.02 16.82
N GLU A 212 -29.82 6.02 16.03
CA GLU A 212 -31.04 5.34 16.43
C GLU A 212 -30.78 3.85 16.62
N GLY A 213 -31.24 3.32 17.76
CA GLY A 213 -31.18 1.90 18.02
C GLY A 213 -29.87 1.40 18.58
N PHE A 214 -28.97 2.27 18.98
CA PHE A 214 -27.66 1.87 19.48
C PHE A 214 -27.54 2.18 20.97
N VAL A 215 -26.80 1.34 21.68
CA VAL A 215 -26.65 1.48 23.11
C VAL A 215 -25.59 2.52 23.42
N THR A 216 -25.85 3.34 24.43
CA THR A 216 -24.90 4.33 24.92
C THR A 216 -24.73 4.15 26.42
N GLY A 217 -23.59 4.62 26.92
CA GLY A 217 -23.34 4.55 28.34
C GLY A 217 -24.30 5.43 29.13
N GLY A 218 -24.43 5.11 30.40
CA GLY A 218 -25.34 5.83 31.27
C GLY A 218 -26.80 5.51 31.05
N HIS A 219 -27.12 4.45 30.33
CA HIS A 219 -28.49 4.08 30.04
C HIS A 219 -28.96 2.99 30.99
N VAL A 220 -30.26 3.03 31.30
CA VAL A 220 -30.92 2.01 32.11
C VAL A 220 -31.58 1.02 31.17
N LEU A 221 -31.35 -0.26 31.41
CA LEU A 221 -31.78 -1.29 30.48
C LEU A 221 -31.90 -2.62 31.21
N ARG A 222 -32.44 -3.60 30.50
CA ARG A 222 -32.53 -4.96 30.98
C ARG A 222 -31.59 -5.84 30.18
N LEU A 223 -30.98 -6.81 30.85
CA LEU A 223 -30.05 -7.75 30.21
C LEU A 223 -30.75 -9.09 30.09
N PHE A 224 -31.23 -9.41 28.89
CA PHE A 224 -31.97 -10.63 28.66
C PHE A 224 -31.05 -11.75 28.21
N HIS A 225 -31.31 -12.95 28.70
CA HIS A 225 -30.53 -14.12 28.31
C HIS A 225 -30.86 -14.47 26.86
N GLY A 226 -29.96 -14.12 25.95
CA GLY A 226 -30.24 -14.29 24.54
C GLY A 226 -31.57 -13.66 24.17
N HIS A 227 -32.49 -14.48 23.67
CA HIS A 227 -33.86 -14.05 23.39
C HIS A 227 -34.84 -14.99 24.07
N MET A 228 -34.50 -15.46 25.27
CA MET A 228 -35.24 -16.51 25.94
C MET A 228 -36.23 -15.97 26.96
N ASP A 229 -36.49 -14.67 26.97
CA ASP A 229 -37.40 -14.07 27.94
C ASP A 229 -36.93 -14.37 29.37
N GLU A 230 -35.64 -14.19 29.61
CA GLU A 230 -35.03 -14.37 30.92
C GLU A 230 -34.03 -13.26 31.13
N CYS A 231 -34.17 -12.51 32.22
CA CYS A 231 -33.36 -11.34 32.46
C CYS A 231 -32.48 -11.55 33.68
N LEU A 232 -31.37 -10.82 33.71
CA LEU A 232 -30.52 -10.75 34.89
C LEU A 232 -31.17 -9.87 35.94
N THR A 233 -31.17 -10.34 37.19
CA THR A 233 -31.86 -9.64 38.25
C THR A 233 -31.25 -10.03 39.59
N ILE A 234 -31.74 -9.39 40.64
CA ILE A 234 -31.40 -9.81 42.01
C ILE A 234 -32.66 -10.32 42.67
N SER A 235 -32.54 -10.82 43.89
CA SER A 235 -33.67 -11.46 44.55
C SER A 235 -34.72 -10.42 44.94
N PRO A 236 -35.95 -10.85 45.18
CA PRO A 236 -37.00 -9.89 45.54
C PRO A 236 -36.73 -9.24 46.88
N SER A 237 -37.32 -8.07 47.09
CA SER A 237 -37.19 -7.38 48.36
C SER A 237 -37.65 -8.28 49.50
N ASP A 238 -36.95 -8.18 50.64
CA ASP A 238 -37.20 -9.04 51.79
C ASP A 238 -36.90 -10.50 51.46
N SER A 239 -35.68 -10.75 51.03
CA SER A 239 -35.18 -12.09 50.76
C SER A 239 -34.06 -12.43 51.74
N ASP A 240 -33.78 -13.72 51.88
CA ASP A 240 -32.80 -14.18 52.83
C ASP A 240 -31.36 -13.95 52.37
N ASP A 241 -31.15 -13.73 51.08
CA ASP A 241 -29.80 -13.55 50.56
C ASP A 241 -29.34 -12.09 50.64
N GLN A 242 -30.12 -11.21 51.26
CA GLN A 242 -29.77 -9.81 51.42
C GLN A 242 -29.70 -9.07 50.10
N ARG A 243 -30.32 -9.62 49.05
CA ARG A 243 -30.32 -9.00 47.74
C ARG A 243 -28.88 -8.80 47.23
N ARG A 244 -28.02 -9.77 47.53
CA ARG A 244 -26.62 -9.70 47.14
C ARG A 244 -26.27 -10.63 45.99
N LEU A 245 -27.13 -11.58 45.64
CA LEU A 245 -26.85 -12.57 44.61
C LEU A 245 -27.55 -12.18 43.32
N VAL A 246 -27.04 -12.70 42.21
CA VAL A 246 -27.54 -12.39 40.89
C VAL A 246 -28.10 -13.66 40.26
N TYR A 247 -29.23 -13.52 39.57
CA TYR A 247 -29.92 -14.66 38.99
C TYR A 247 -30.35 -14.33 37.57
N TYR A 248 -30.49 -15.39 36.78
CA TYR A 248 -31.25 -15.36 35.55
C TYR A 248 -32.64 -15.81 35.91
N GLU A 249 -33.63 -14.94 35.73
CA GLU A 249 -34.99 -15.21 36.12
C GLU A 249 -35.95 -14.77 35.01
N GLY A 250 -37.06 -15.49 34.89
CA GLY A 250 -38.03 -15.20 33.86
C GLY A 250 -39.43 -15.07 34.44
N GLY A 251 -40.34 -14.54 33.63
CA GLY A 251 -41.71 -14.39 34.02
C GLY A 251 -42.06 -12.93 34.26
N PRO A 252 -42.88 -12.65 35.28
CA PRO A 252 -43.26 -11.25 35.53
C PRO A 252 -42.10 -10.35 35.89
N VAL A 253 -40.97 -10.90 36.35
CA VAL A 253 -39.85 -10.05 36.76
C VAL A 253 -39.36 -9.20 35.60
N CYS A 254 -39.56 -9.66 34.37
CA CYS A 254 -39.11 -8.91 33.20
C CYS A 254 -39.81 -7.58 33.04
N THR A 255 -40.80 -7.26 33.88
CA THR A 255 -41.44 -5.96 33.88
C THR A 255 -41.30 -5.23 35.20
N HIS A 256 -40.57 -5.80 36.16
CA HIS A 256 -40.37 -5.16 37.45
C HIS A 256 -39.09 -4.34 37.45
N ALA A 257 -38.88 -3.59 38.53
CA ALA A 257 -37.75 -2.68 38.63
C ALA A 257 -36.49 -3.33 39.17
N ARG A 258 -36.56 -4.58 39.63
CA ARG A 258 -35.37 -5.26 40.13
C ARG A 258 -34.52 -5.86 39.02
N SER A 259 -34.96 -5.77 37.77
CA SER A 259 -34.19 -6.25 36.63
C SER A 259 -33.61 -5.12 35.81
N LEU A 260 -33.51 -3.92 36.36
CA LEU A 260 -33.03 -2.75 35.64
C LEU A 260 -31.60 -2.44 36.08
N TRP A 261 -30.71 -2.24 35.10
CA TRP A 261 -29.31 -1.95 35.36
C TRP A 261 -28.88 -0.74 34.55
N ARG A 262 -28.01 0.07 35.14
CA ARG A 262 -27.45 1.24 34.50
C ARG A 262 -26.02 0.95 34.09
N LEU A 263 -25.70 1.22 32.83
CA LEU A 263 -24.35 1.01 32.32
C LEU A 263 -23.52 2.26 32.53
N GLU A 264 -22.39 2.14 33.23
CA GLU A 264 -21.59 3.30 33.61
C GLU A 264 -20.16 3.15 33.12
N PRO A 265 -19.78 3.79 32.01
CA PRO A 265 -18.39 3.72 31.58
C PRO A 265 -17.45 4.35 32.60
N LEU A 266 -16.21 3.90 32.60
CA LEU A 266 -15.22 4.37 33.56
C LEU A 266 -14.69 5.75 33.18
N ARG A 267 -15.58 6.72 33.03
CA ARG A 267 -15.19 8.08 32.69
C ARG A 267 -16.37 8.99 32.95
N ILE A 268 -16.08 10.27 33.17
CA ILE A 268 -17.15 11.24 33.35
C ILE A 268 -17.47 11.91 32.02
N SER A 269 -16.45 12.41 31.33
CA SER A 269 -16.67 13.06 30.05
C SER A 269 -17.06 12.04 29.00
N TRP A 270 -18.11 12.34 28.25
CA TRP A 270 -18.57 11.49 27.16
C TRP A 270 -18.93 10.10 27.67
N SER A 271 -19.39 10.04 28.91
CA SER A 271 -19.88 8.78 29.46
C SER A 271 -21.18 8.34 28.81
N GLY A 272 -21.82 9.22 28.05
CA GLY A 272 -23.04 8.86 27.34
C GLY A 272 -22.78 8.60 25.88
N SER A 273 -21.52 8.39 25.51
CA SER A 273 -21.20 8.08 24.13
C SER A 273 -21.62 6.65 23.80
N HIS A 274 -21.52 6.32 22.51
CA HIS A 274 -21.88 4.98 22.07
C HIS A 274 -21.02 3.95 22.79
N LEU A 275 -21.65 2.86 23.21
CA LEU A 275 -20.92 1.77 23.82
C LEU A 275 -20.15 0.98 22.77
N ARG A 276 -18.96 0.53 23.12
CA ARG A 276 -18.07 -0.15 22.20
C ARG A 276 -17.68 -1.51 22.75
N TRP A 277 -17.42 -2.44 21.84
CA TRP A 277 -16.94 -3.76 22.23
C TRP A 277 -15.62 -3.64 22.96
N GLY A 278 -15.52 -4.29 24.12
CA GLY A 278 -14.31 -4.30 24.89
C GLY A 278 -14.10 -3.09 25.76
N GLN A 279 -14.98 -2.10 25.70
CA GLN A 279 -14.84 -0.92 26.53
C GLN A 279 -15.20 -1.26 27.97
N PRO A 280 -14.33 -1.01 28.94
CA PRO A 280 -14.66 -1.35 30.33
C PRO A 280 -15.76 -0.47 30.87
N LEU A 281 -16.56 -1.04 31.78
CA LEU A 281 -17.66 -0.29 32.37
C LEU A 281 -18.11 -1.00 33.65
N ARG A 282 -18.85 -0.26 34.46
CA ARG A 282 -19.51 -0.78 35.64
C ARG A 282 -20.99 -1.00 35.33
N ILE A 283 -21.62 -1.88 36.08
CA ILE A 283 -23.03 -2.19 35.93
C ILE A 283 -23.70 -1.99 37.29
N ARG A 284 -24.58 -1.00 37.38
CA ARG A 284 -25.18 -0.60 38.63
C ARG A 284 -26.62 -1.09 38.69
N HIS A 285 -27.00 -1.68 39.82
CA HIS A 285 -28.40 -2.02 40.05
C HIS A 285 -29.15 -0.78 40.51
N VAL A 286 -30.18 -0.39 39.77
CA VAL A 286 -30.77 0.92 39.97
C VAL A 286 -31.49 1.02 41.31
N THR A 287 -32.34 0.05 41.63
CA THR A 287 -33.19 0.19 42.81
C THR A 287 -32.43 0.03 44.11
N THR A 288 -31.27 -0.64 44.10
CA THR A 288 -30.45 -0.77 45.29
C THR A 288 -29.17 0.05 45.23
N GLY A 289 -28.79 0.55 44.07
CA GLY A 289 -27.59 1.35 43.97
C GLY A 289 -26.30 0.57 44.16
N ARG A 290 -26.35 -0.75 44.00
CA ARG A 290 -25.19 -1.59 44.17
C ARG A 290 -24.61 -1.97 42.82
N TYR A 291 -23.36 -2.41 42.83
CA TYR A 291 -22.60 -2.64 41.61
C TYR A 291 -22.24 -4.12 41.47
N LEU A 292 -22.50 -4.66 40.29
CA LEU A 292 -22.06 -6.00 39.96
C LEU A 292 -20.55 -6.10 40.09
N GLY A 293 -20.07 -7.13 40.76
CA GLY A 293 -18.65 -7.26 40.99
C GLY A 293 -18.27 -8.66 41.40
N LEU A 294 -16.97 -8.93 41.36
CA LEU A 294 -16.41 -10.23 41.72
C LEU A 294 -15.69 -10.08 43.06
N THR A 295 -16.13 -10.84 44.05
CA THR A 295 -15.48 -10.87 45.36
C THR A 295 -14.70 -12.15 45.51
N GLU A 296 -13.55 -12.07 46.18
CA GLU A 296 -12.67 -13.22 46.29
C GLU A 296 -13.29 -14.35 47.10
N ASP A 297 -14.30 -14.06 47.91
CA ASP A 297 -14.94 -15.08 48.74
C ASP A 297 -16.29 -15.54 48.19
N GLN A 298 -17.16 -14.59 47.83
CA GLN A 298 -18.52 -14.91 47.43
C GLN A 298 -18.70 -15.04 45.92
N GLY A 299 -17.65 -14.84 45.14
CA GLY A 299 -17.81 -14.90 43.69
C GLY A 299 -18.56 -13.68 43.17
N LEU A 300 -19.51 -13.92 42.28
CA LEU A 300 -20.26 -12.84 41.67
C LEU A 300 -21.36 -12.36 42.62
N VAL A 301 -21.32 -11.08 42.96
CA VAL A 301 -22.31 -10.47 43.85
C VAL A 301 -22.56 -9.04 43.40
N VAL A 302 -23.43 -8.32 44.10
CA VAL A 302 -23.57 -6.88 43.94
C VAL A 302 -23.01 -6.25 45.20
N VAL A 303 -22.00 -5.40 45.04
CA VAL A 303 -21.29 -4.81 46.16
C VAL A 303 -21.74 -3.38 46.35
N ASP A 304 -21.42 -2.82 47.51
CA ASP A 304 -21.72 -1.42 47.76
C ASP A 304 -20.78 -0.52 46.98
N ALA A 305 -21.23 0.72 46.75
CA ALA A 305 -20.40 1.68 46.03
C ALA A 305 -19.09 1.94 46.75
N SER A 306 -19.09 1.88 48.08
CA SER A 306 -17.86 2.11 48.83
C SER A 306 -16.81 1.04 48.53
N LYS A 307 -17.25 -0.18 48.20
CA LYS A 307 -16.36 -1.29 47.94
C LYS A 307 -16.21 -1.57 46.45
N ALA A 308 -16.89 -0.82 45.60
CA ALA A 308 -16.91 -1.07 44.16
C ALA A 308 -15.73 -0.41 43.46
N HIS A 309 -14.53 -0.93 43.68
CA HIS A 309 -13.38 -0.43 42.94
C HIS A 309 -13.33 -1.10 41.56
N THR A 310 -12.51 -0.50 40.67
CA THR A 310 -12.53 -0.91 39.27
C THR A 310 -12.16 -2.38 39.12
N LYS A 311 -11.13 -2.82 39.85
CA LYS A 311 -10.69 -4.21 39.71
C LYS A 311 -11.83 -5.17 39.99
N ALA A 312 -12.62 -4.89 41.03
CA ALA A 312 -13.72 -5.77 41.39
C ALA A 312 -14.90 -5.66 40.45
N THR A 313 -15.20 -4.46 39.94
CA THR A 313 -16.49 -4.20 39.32
C THR A 313 -16.41 -3.75 37.87
N SER A 314 -15.26 -3.90 37.21
CA SER A 314 -15.11 -3.48 35.83
C SER A 314 -15.40 -4.67 34.90
N PHE A 315 -16.39 -4.50 34.02
CA PHE A 315 -16.80 -5.52 33.06
C PHE A 315 -16.70 -4.94 31.66
N CYS A 316 -16.86 -5.81 30.67
CA CYS A 316 -16.87 -5.39 29.27
C CYS A 316 -17.77 -6.30 28.46
N PHE A 317 -18.17 -5.80 27.30
CA PHE A 317 -18.99 -6.53 26.35
C PHE A 317 -18.12 -6.99 25.19
N ARG A 318 -18.25 -8.26 24.82
CA ARG A 318 -17.43 -8.88 23.79
C ARG A 318 -18.33 -9.51 22.75
N ILE A 319 -17.95 -9.35 21.48
CA ILE A 319 -18.74 -9.94 20.40
C ILE A 319 -18.61 -11.44 20.39
N SER A 320 -17.44 -11.97 20.75
CA SER A 320 -17.21 -13.41 20.77
C SER A 320 -16.25 -13.74 21.89
N LYS A 321 -16.21 -15.00 22.26
CA LYS A 321 -15.39 -15.48 23.37
C LYS A 321 -13.94 -15.73 22.97
N GLU A 322 -13.53 -15.31 21.78
CA GLU A 322 -12.17 -15.54 21.34
C GLU A 322 -11.19 -14.72 22.18
N LYS A 323 -10.00 -15.29 22.38
CA LYS A 323 -8.95 -14.61 23.13
C LYS A 323 -8.18 -13.66 22.21
N LEU A 324 -8.87 -12.60 21.80
CA LEU A 324 -8.30 -11.55 20.97
C LEU A 324 -8.53 -10.18 21.57
N ASP A 325 -8.70 -10.14 22.90
CA ASP A 325 -8.84 -8.87 23.62
C ASP A 325 -7.50 -8.15 23.78
N VAL A 326 -6.41 -8.75 23.34
CA VAL A 326 -5.08 -8.17 23.49
C VAL A 326 -5.08 -6.78 22.85
N ALA A 327 -5.61 -6.68 21.65
CA ALA A 327 -5.63 -5.40 20.93
C ALA A 327 -6.35 -4.35 21.76
N PRO A 328 -5.64 -3.35 22.30
CA PRO A 328 -6.30 -2.33 23.11
C PRO A 328 -6.85 -1.19 22.25
N LYS A 329 -7.66 -0.35 22.89
CA LYS A 329 -8.26 0.79 22.22
C LYS A 329 -8.14 2.02 23.11
N ARG A 330 -8.11 3.19 22.49
CA ARG A 330 -8.03 4.45 23.19
C ARG A 330 -9.41 5.11 23.23
N ASP A 331 -9.60 5.98 24.22
CA ASP A 331 -10.85 6.71 24.33
C ASP A 331 -10.98 7.74 23.22
N VAL A 332 -12.20 8.23 23.02
CA VAL A 332 -12.51 9.19 21.97
C VAL A 332 -13.27 10.34 22.59
N GLU A 333 -12.97 11.55 22.13
CA GLU A 333 -13.66 12.76 22.59
C GLU A 333 -14.84 13.02 21.66
N GLY A 334 -15.91 12.27 21.90
CA GLY A 334 -17.11 12.41 21.09
C GLY A 334 -18.00 11.20 21.26
N MET A 335 -19.13 11.25 20.57
CA MET A 335 -20.09 10.16 20.67
C MET A 335 -19.54 8.84 20.14
N GLY A 336 -18.47 8.88 19.35
CA GLY A 336 -17.83 7.68 18.88
C GLY A 336 -18.63 6.96 17.82
N PRO A 337 -18.16 5.79 17.39
CA PRO A 337 -18.85 5.03 16.37
C PRO A 337 -19.86 4.09 16.98
N PRO A 338 -21.07 3.97 16.41
CA PRO A 338 -22.04 3.03 16.96
C PRO A 338 -21.63 1.59 16.71
N GLU A 339 -21.59 0.79 17.77
CA GLU A 339 -21.19 -0.60 17.65
C GLU A 339 -22.27 -1.57 18.12
N ILE A 340 -22.85 -1.33 19.28
CA ILE A 340 -23.79 -2.27 19.89
C ILE A 340 -25.21 -1.76 19.71
N LYS A 341 -26.11 -2.67 19.35
CA LYS A 341 -27.50 -2.34 19.07
C LYS A 341 -28.43 -2.99 20.09
N TYR A 342 -29.57 -2.35 20.33
CA TYR A 342 -30.57 -2.91 21.22
C TYR A 342 -31.26 -4.09 20.55
N GLY A 343 -31.40 -5.19 21.29
CA GLY A 343 -32.11 -6.34 20.79
C GLY A 343 -31.30 -7.19 19.83
N GLU A 344 -30.73 -6.56 18.80
CA GLU A 344 -30.05 -7.33 17.76
C GLU A 344 -28.74 -7.90 18.27
N SER A 345 -27.81 -7.03 18.66
CA SER A 345 -26.48 -7.49 19.05
C SER A 345 -26.58 -8.45 20.22
N LEU A 346 -25.80 -9.52 20.16
CA LEU A 346 -25.68 -10.48 21.24
C LEU A 346 -24.28 -10.35 21.83
N CYS A 347 -24.20 -10.04 23.11
CA CYS A 347 -22.96 -9.65 23.76
C CYS A 347 -22.64 -10.60 24.90
N PHE A 348 -21.37 -11.02 24.98
CA PHE A 348 -20.87 -11.76 26.13
C PHE A 348 -20.29 -10.79 27.13
N VAL A 349 -20.58 -11.00 28.41
CA VAL A 349 -20.07 -10.15 29.47
C VAL A 349 -18.83 -10.80 30.05
N GLN A 350 -17.74 -10.04 30.14
CA GLN A 350 -16.49 -10.55 30.67
C GLN A 350 -16.01 -9.64 31.79
N HIS A 351 -15.57 -10.26 32.88
CA HIS A 351 -14.90 -9.51 33.94
C HIS A 351 -13.49 -9.15 33.48
N VAL A 352 -13.19 -7.86 33.45
CA VAL A 352 -11.94 -7.41 32.81
C VAL A 352 -10.73 -7.94 33.58
N ALA A 353 -10.71 -7.74 34.89
CA ALA A 353 -9.51 -8.04 35.67
C ALA A 353 -9.16 -9.53 35.60
N SER A 354 -10.17 -10.39 35.76
CA SER A 354 -9.92 -11.83 35.82
C SER A 354 -10.10 -12.52 34.48
N GLY A 355 -10.79 -11.90 33.54
CA GLY A 355 -11.07 -12.52 32.26
C GLY A 355 -12.19 -13.53 32.27
N LEU A 356 -12.85 -13.73 33.40
CA LEU A 356 -13.93 -14.71 33.49
C LEU A 356 -15.14 -14.26 32.70
N TRP A 357 -16.02 -15.20 32.41
CA TRP A 357 -17.22 -14.94 31.62
C TRP A 357 -18.46 -15.06 32.48
N LEU A 358 -19.40 -14.15 32.29
CA LEU A 358 -20.66 -14.20 33.02
C LEU A 358 -21.53 -15.29 32.44
N THR A 359 -21.86 -16.28 33.27
CA THR A 359 -22.64 -17.43 32.84
C THR A 359 -23.63 -17.78 33.94
N TYR A 360 -24.26 -18.93 33.81
CA TYR A 360 -25.19 -19.43 34.83
C TYR A 360 -24.61 -20.65 35.52
N ALA A 361 -24.78 -20.71 36.83
CA ALA A 361 -24.34 -21.88 37.58
C ALA A 361 -25.12 -23.11 37.15
N ALA A 362 -24.46 -24.26 37.19
CA ALA A 362 -25.11 -25.51 36.84
C ALA A 362 -26.36 -25.69 37.70
N PRO A 363 -27.54 -25.84 37.09
CA PRO A 363 -28.78 -25.77 37.89
C PRO A 363 -28.77 -26.76 39.04
N ASP A 364 -28.78 -26.22 40.26
CA ASP A 364 -28.67 -27.08 41.43
C ASP A 364 -29.88 -28.01 41.50
N PRO A 365 -29.71 -29.24 41.97
CA PRO A 365 -30.82 -30.20 42.00
C PRO A 365 -31.82 -29.87 43.11
N LYS A 366 -33.00 -30.47 43.00
CA LYS A 366 -34.10 -30.33 43.94
C LYS A 366 -34.78 -28.96 43.82
N ALA A 367 -34.13 -28.00 43.16
CA ALA A 367 -34.75 -26.69 43.00
C ALA A 367 -35.74 -26.72 41.85
N LEU A 368 -35.36 -27.33 40.74
CA LEU A 368 -36.32 -27.60 39.67
C LEU A 368 -37.43 -28.50 40.16
N ARG A 369 -37.11 -29.44 41.05
CA ARG A 369 -38.14 -30.33 41.60
C ARG A 369 -39.17 -29.55 42.41
N LEU A 370 -38.72 -28.65 43.28
CA LEU A 370 -39.66 -27.80 43.99
C LEU A 370 -40.44 -26.91 43.01
N GLY A 371 -39.76 -26.37 42.00
CA GLY A 371 -40.42 -25.53 41.02
C GLY A 371 -39.64 -24.26 40.73
N VAL A 372 -38.50 -24.09 41.38
CA VAL A 372 -37.66 -22.91 41.19
C VAL A 372 -37.18 -22.88 39.74
N LEU A 373 -37.31 -21.72 39.10
CA LEU A 373 -36.94 -21.55 37.70
C LEU A 373 -35.97 -20.38 37.52
N LYS A 374 -35.21 -20.06 38.55
CA LYS A 374 -34.18 -19.04 38.50
C LYS A 374 -32.82 -19.70 38.66
N LYS A 375 -31.87 -19.31 37.83
CA LYS A 375 -30.54 -19.91 37.82
C LYS A 375 -29.54 -18.90 38.37
N LYS A 376 -28.83 -19.28 39.43
CA LYS A 376 -27.81 -18.38 39.96
C LYS A 376 -26.77 -18.10 38.90
N ALA A 377 -26.40 -16.84 38.76
CA ALA A 377 -25.37 -16.44 37.82
C ALA A 377 -24.00 -16.47 38.48
N MET A 378 -23.00 -16.89 37.72
CA MET A 378 -21.65 -17.03 38.22
C MET A 378 -20.69 -16.52 37.17
N LEU A 379 -19.43 -16.33 37.59
CA LEU A 379 -18.34 -16.02 36.68
C LEU A 379 -17.48 -17.27 36.55
N HIS A 380 -17.31 -17.74 35.32
CA HIS A 380 -16.64 -19.00 35.06
C HIS A 380 -15.51 -18.80 34.06
N GLN A 381 -14.60 -19.77 34.02
CA GLN A 381 -13.44 -19.67 33.15
C GLN A 381 -13.81 -19.92 31.69
N GLU A 382 -14.79 -20.78 31.44
CA GLU A 382 -15.22 -21.08 30.07
C GLU A 382 -16.67 -20.69 29.82
N GLY A 383 -17.60 -21.13 30.66
CA GLY A 383 -19.00 -20.80 30.45
C GLY A 383 -19.67 -21.76 29.49
N HIS A 384 -20.76 -21.30 28.88
CA HIS A 384 -21.54 -22.09 27.95
C HIS A 384 -21.75 -21.30 26.67
N MET A 385 -22.16 -22.01 25.61
CA MET A 385 -22.31 -21.37 24.31
C MET A 385 -23.43 -20.35 24.29
N ASP A 386 -24.41 -20.49 25.18
CA ASP A 386 -25.57 -19.60 25.21
C ASP A 386 -25.42 -18.52 26.28
N ASP A 387 -24.21 -18.03 26.50
CA ASP A 387 -23.95 -16.99 27.49
C ASP A 387 -24.26 -15.59 26.99
N ALA A 388 -24.49 -15.42 25.70
CA ALA A 388 -24.70 -14.09 25.16
C ALA A 388 -25.97 -13.46 25.72
N LEU A 389 -25.91 -12.17 26.00
CA LEU A 389 -27.03 -11.41 26.53
C LEU A 389 -27.49 -10.40 25.50
N SER A 390 -28.78 -10.12 25.48
CA SER A 390 -29.36 -9.09 24.63
C SER A 390 -29.75 -7.91 25.50
N LEU A 391 -29.35 -6.71 25.09
CA LEU A 391 -29.64 -5.50 25.82
C LEU A 391 -30.97 -4.93 25.34
N THR A 392 -31.91 -4.75 26.27
CA THR A 392 -33.24 -4.27 25.95
C THR A 392 -33.49 -2.93 26.63
N ARG A 393 -34.05 -2.00 25.87
CA ARG A 393 -34.34 -0.67 26.37
C ARG A 393 -35.55 -0.70 27.30
N CYS A 394 -35.54 0.18 28.29
CA CYS A 394 -36.66 0.36 29.21
C CYS A 394 -37.24 1.76 29.04
N GLN A 395 -38.51 1.89 29.39
CA GLN A 395 -39.18 3.17 29.24
C GLN A 395 -38.68 4.19 30.25
N GLN A 396 -38.72 5.46 29.85
CA GLN A 396 -38.29 6.54 30.73
C GLN A 396 -39.08 6.52 32.03
N GLU A 397 -40.37 6.20 31.96
CA GLU A 397 -41.17 6.10 33.17
C GLU A 397 -40.64 5.02 34.09
N GLU A 398 -40.27 3.86 33.53
CA GLU A 398 -39.73 2.78 34.35
C GLU A 398 -38.41 3.20 35.01
N SER A 399 -37.51 3.81 34.25
CA SER A 399 -36.21 4.19 34.83
C SER A 399 -36.38 5.25 35.91
N GLN A 400 -37.24 6.24 35.67
CA GLN A 400 -37.50 7.25 36.68
C GLN A 400 -38.10 6.63 37.92
N ALA A 401 -39.04 5.69 37.76
CA ALA A 401 -39.62 5.04 38.91
C ALA A 401 -38.57 4.26 39.70
N ALA A 402 -37.65 3.61 39.00
CA ALA A 402 -36.61 2.84 39.69
C ALA A 402 -35.73 3.76 40.53
N ARG A 403 -35.28 4.87 39.96
CA ARG A 403 -34.46 5.79 40.73
C ARG A 403 -35.23 6.39 41.90
N MET A 404 -36.51 6.71 41.69
CA MET A 404 -37.32 7.22 42.78
C MET A 404 -37.45 6.20 43.90
N ILE A 405 -37.63 4.92 43.54
CA ILE A 405 -37.71 3.87 44.55
C ILE A 405 -36.42 3.82 45.35
N TYR A 406 -35.28 3.89 44.67
CA TYR A 406 -34.01 3.85 45.38
C TYR A 406 -33.91 4.98 46.41
N SER A 407 -34.13 6.22 45.97
CA SER A 407 -33.97 7.35 46.88
C SER A 407 -35.02 7.32 48.00
N THR A 408 -36.27 7.01 47.66
CA THR A 408 -37.33 6.98 48.66
C THR A 408 -37.09 5.90 49.69
N ALA A 409 -36.65 4.72 49.26
CA ALA A 409 -36.33 3.67 50.22
C ALA A 409 -35.23 4.10 51.15
N GLY A 410 -34.19 4.74 50.63
CA GLY A 410 -33.14 5.24 51.50
C GLY A 410 -33.68 6.21 52.54
N LEU A 411 -34.49 7.18 52.09
CA LEU A 411 -34.99 8.19 53.01
C LEU A 411 -35.88 7.60 54.09
N TYR A 412 -36.82 6.72 53.69
CA TYR A 412 -37.77 6.20 54.67
C TYR A 412 -37.08 5.22 55.62
N ASN A 413 -36.08 4.48 55.13
CA ASN A 413 -35.32 3.63 56.05
C ASN A 413 -34.57 4.48 57.07
N GLN A 414 -34.00 5.60 56.63
CA GLN A 414 -33.35 6.50 57.58
C GLN A 414 -34.36 7.02 58.60
N PHE A 415 -35.57 7.35 58.15
CA PHE A 415 -36.61 7.82 59.06
C PHE A 415 -36.96 6.76 60.10
N ILE A 416 -37.12 5.51 59.65
CA ILE A 416 -37.48 4.43 60.56
C ILE A 416 -36.36 4.19 61.57
N LYS A 417 -35.11 4.24 61.11
CA LYS A 417 -34.00 4.11 62.05
C LYS A 417 -34.01 5.24 63.07
N GLY A 418 -34.28 6.46 62.62
CA GLY A 418 -34.38 7.57 63.56
C GLY A 418 -35.43 7.32 64.62
N LEU A 419 -36.60 6.85 64.21
CA LEU A 419 -37.66 6.56 65.18
C LEU A 419 -37.23 5.46 66.16
N ASP A 420 -36.65 4.39 65.65
CA ASP A 420 -36.19 3.32 66.53
C ASP A 420 -35.10 3.80 67.47
N SER A 421 -34.38 4.85 67.11
CA SER A 421 -33.31 5.34 67.97
C SER A 421 -33.83 5.74 69.34
N PHE A 422 -34.98 6.42 69.40
CA PHE A 422 -35.59 6.81 70.66
C PHE A 422 -36.90 6.07 70.90
N SER A 423 -37.07 4.90 70.26
CA SER A 423 -38.28 4.10 70.44
C SER A 423 -38.78 4.13 71.88
N GLY A 424 -37.91 3.84 72.85
CA GLY A 424 -38.33 3.72 74.22
C GLY A 424 -37.50 4.49 75.23
N LYS A 425 -37.05 5.68 74.85
CA LYS A 425 -36.15 6.49 75.69
C LYS A 425 -36.77 7.86 75.92
N PRO A 426 -37.54 8.03 76.98
CA PRO A 426 -38.12 9.36 77.27
C PRO A 426 -37.01 10.39 77.47
N ARG A 427 -37.27 11.60 77.00
CA ARG A 427 -36.30 12.68 77.09
C ARG A 427 -36.43 13.48 78.38
N GLY A 428 -37.49 13.27 79.16
CA GLY A 428 -37.73 14.10 80.32
C GLY A 428 -37.87 15.55 79.93
N SER A 429 -36.87 16.37 80.25
CA SER A 429 -36.83 17.76 79.85
C SER A 429 -35.61 18.09 79.01
N GLY A 430 -34.75 17.11 78.72
CA GLY A 430 -33.52 17.37 78.01
C GLY A 430 -33.66 17.16 76.51
N PRO A 431 -32.55 16.90 75.84
CA PRO A 431 -32.58 16.75 74.38
C PRO A 431 -33.30 15.47 74.00
N PRO A 432 -33.82 15.39 72.76
CA PRO A 432 -34.63 14.24 72.36
C PRO A 432 -34.00 12.89 72.63
N ALA A 433 -32.68 12.86 72.82
CA ALA A 433 -31.96 11.63 73.14
C ALA A 433 -32.08 10.61 72.01
N GLY A 434 -31.63 11.04 70.84
CA GLY A 434 -31.62 10.16 69.68
C GLY A 434 -30.96 10.84 68.50
N SER A 435 -31.12 10.23 67.34
CA SER A 435 -30.63 10.83 66.11
C SER A 435 -31.69 11.76 65.51
N ALA A 436 -31.23 12.78 64.80
CA ALA A 436 -32.14 13.75 64.22
C ALA A 436 -33.00 13.10 63.13
N LEU A 437 -34.21 13.60 62.98
CA LEU A 437 -35.15 13.03 62.02
C LEU A 437 -35.19 13.87 60.76
N PRO A 438 -35.23 13.24 59.57
CA PRO A 438 -35.38 14.02 58.32
C PRO A 438 -36.82 14.44 58.07
N ILE A 439 -37.32 15.32 58.95
CA ILE A 439 -38.73 15.70 58.89
C ILE A 439 -39.04 16.42 57.58
N GLU A 440 -38.19 17.38 57.21
CA GLU A 440 -38.46 18.18 56.01
C GLU A 440 -38.39 17.30 54.77
N GLY A 441 -37.37 16.45 54.69
CA GLY A 441 -37.25 15.57 53.55
C GLY A 441 -38.43 14.61 53.45
N VAL A 442 -38.85 14.05 54.58
CA VAL A 442 -39.97 13.11 54.56
C VAL A 442 -41.24 13.81 54.10
N ILE A 443 -41.50 15.02 54.61
CA ILE A 443 -42.72 15.72 54.22
C ILE A 443 -42.69 16.04 52.73
N LEU A 444 -41.57 16.56 52.24
CA LEU A 444 -41.49 16.90 50.83
C LEU A 444 -41.62 15.67 49.95
N SER A 445 -40.99 14.57 50.34
CA SER A 445 -41.05 13.34 49.57
C SER A 445 -42.48 12.80 49.54
N LEU A 446 -43.18 12.84 50.67
CA LEU A 446 -44.55 12.35 50.69
C LEU A 446 -45.44 13.20 49.80
N GLN A 447 -45.29 14.52 49.84
CA GLN A 447 -46.09 15.38 48.96
C GLN A 447 -45.77 15.08 47.49
N ASP A 448 -44.49 14.93 47.16
CA ASP A 448 -44.10 14.64 45.79
C ASP A 448 -44.69 13.33 45.32
N LEU A 449 -44.66 12.30 46.16
CA LEU A 449 -45.19 11.00 45.75
C LEU A 449 -46.71 11.02 45.65
N ILE A 450 -47.40 11.77 46.51
CA ILE A 450 -48.84 11.90 46.35
C ILE A 450 -49.16 12.54 45.01
N GLY A 451 -48.46 13.61 44.66
CA GLY A 451 -48.65 14.20 43.35
C GLY A 451 -48.31 13.23 42.22
N TYR A 452 -47.27 12.44 42.43
CA TYR A 452 -46.84 11.46 41.43
C TYR A 452 -47.93 10.43 41.17
N PHE A 453 -48.60 9.96 42.23
CA PHE A 453 -49.62 8.94 42.13
C PHE A 453 -51.03 9.52 41.99
N GLU A 454 -51.14 10.83 41.80
CA GLU A 454 -52.45 11.44 41.62
C GLU A 454 -53.22 10.77 40.49
N PRO A 455 -54.48 10.38 40.70
CA PRO A 455 -55.26 9.79 39.61
C PRO A 455 -55.57 10.81 38.54
N PRO A 456 -55.79 10.38 37.30
CA PRO A 456 -55.99 11.34 36.21
C PRO A 456 -57.28 12.12 36.36
N SER A 457 -57.29 13.33 35.82
CA SER A 457 -58.44 14.20 35.91
C SER A 457 -59.63 13.62 35.17
N GLU A 458 -60.82 13.77 35.75
CA GLU A 458 -62.02 13.20 35.14
C GLU A 458 -62.37 13.87 33.82
N GLU A 459 -62.06 15.16 33.68
CA GLU A 459 -62.40 15.91 32.48
C GLU A 459 -61.29 15.80 31.44
N LEU A 460 -61.09 14.57 30.97
CA LEU A 460 -60.09 14.27 29.95
C LEU A 460 -60.70 13.39 28.88
N GLN A 461 -60.15 13.50 27.67
CA GLN A 461 -60.59 12.63 26.58
C GLN A 461 -60.31 11.19 26.96
N HIS A 462 -61.22 10.31 26.55
CA HIS A 462 -61.16 8.91 26.97
C HIS A 462 -59.79 8.29 26.71
N GLU A 463 -59.23 8.53 25.53
CA GLU A 463 -57.95 7.92 25.19
C GLU A 463 -56.85 8.37 26.14
N GLU A 464 -56.75 9.67 26.38
CA GLU A 464 -55.73 10.19 27.27
C GLU A 464 -55.92 9.66 28.68
N LYS A 465 -57.17 9.61 29.14
CA LYS A 465 -57.43 9.09 30.47
C LYS A 465 -57.01 7.63 30.58
N GLN A 466 -57.28 6.84 29.54
CA GLN A 466 -56.91 5.43 29.58
C GLN A 466 -55.39 5.27 29.61
N THR A 467 -54.67 6.04 28.80
CA THR A 467 -53.22 5.95 28.83
C THR A 467 -52.66 6.34 30.19
N LYS A 468 -53.19 7.42 30.77
CA LYS A 468 -52.72 7.82 32.10
C LYS A 468 -53.05 6.77 33.15
N LEU A 469 -54.22 6.13 33.03
CA LEU A 469 -54.56 5.08 33.98
C LEU A 469 -53.62 3.89 33.84
N ARG A 470 -53.27 3.53 32.62
CA ARG A 470 -52.32 2.44 32.43
C ARG A 470 -50.97 2.77 33.06
N SER A 471 -50.49 3.99 32.83
CA SER A 471 -49.22 4.41 33.43
C SER A 471 -49.30 4.39 34.95
N LEU A 472 -50.40 4.88 35.51
CA LEU A 472 -50.56 4.92 36.95
C LEU A 472 -50.56 3.51 37.54
N ARG A 473 -51.28 2.59 36.91
CA ARG A 473 -51.30 1.21 37.39
C ARG A 473 -49.91 0.62 37.35
N ASN A 474 -49.18 0.86 36.26
CA ASN A 474 -47.82 0.30 36.16
C ASN A 474 -46.92 0.84 37.25
N ARG A 475 -47.01 2.14 37.52
CA ARG A 475 -46.17 2.73 38.56
C ARG A 475 -46.53 2.20 39.94
N GLN A 476 -47.81 2.06 40.23
CA GLN A 476 -48.22 1.47 41.50
C GLN A 476 -47.66 0.07 41.65
N SER A 477 -47.75 -0.73 40.59
CA SER A 477 -47.21 -2.09 40.64
C SER A 477 -45.71 -2.08 40.85
N LEU A 478 -44.98 -1.18 40.19
CA LEU A 478 -43.54 -1.12 40.36
C LEU A 478 -43.18 -0.82 41.81
N PHE A 479 -43.82 0.19 42.40
CA PHE A 479 -43.52 0.54 43.78
C PHE A 479 -43.87 -0.61 44.73
N GLN A 480 -45.03 -1.23 44.55
CA GLN A 480 -45.41 -2.32 45.43
C GLN A 480 -44.44 -3.48 45.32
N GLU A 481 -44.06 -3.84 44.09
CA GLU A 481 -43.13 -4.96 43.91
C GLU A 481 -41.78 -4.66 44.54
N GLU A 482 -41.31 -3.43 44.45
CA GLU A 482 -40.07 -3.08 45.14
C GLU A 482 -40.26 -2.93 46.64
N GLY A 483 -41.50 -2.96 47.12
CA GLY A 483 -41.73 -3.05 48.55
C GLY A 483 -41.92 -1.74 49.25
N MET A 484 -42.37 -0.70 48.54
CA MET A 484 -42.59 0.59 49.17
C MET A 484 -43.85 0.58 50.04
N LEU A 485 -44.81 -0.28 49.72
CA LEU A 485 -46.01 -0.39 50.55
C LEU A 485 -45.66 -0.83 51.96
N SER A 486 -44.80 -1.86 52.08
CA SER A 486 -44.39 -2.31 53.40
C SER A 486 -43.64 -1.22 54.15
N LEU A 487 -42.84 -0.44 53.43
CA LEU A 487 -42.10 0.65 54.07
C LEU A 487 -43.05 1.71 54.61
N VAL A 488 -44.07 2.08 53.83
CA VAL A 488 -45.03 3.06 54.31
C VAL A 488 -45.79 2.51 55.52
N LEU A 489 -46.16 1.23 55.47
CA LEU A 489 -46.84 0.63 56.62
C LEU A 489 -45.95 0.62 57.85
N ASN A 490 -44.66 0.36 57.68
CA ASN A 490 -43.74 0.37 58.82
C ASN A 490 -43.63 1.77 59.41
N CYS A 491 -43.52 2.79 58.56
CA CYS A 491 -43.50 4.16 59.08
C CYS A 491 -44.77 4.45 59.85
N ILE A 492 -45.92 4.03 59.31
CA ILE A 492 -47.19 4.27 59.99
C ILE A 492 -47.21 3.58 61.33
N ASP A 493 -46.68 2.36 61.41
CA ASP A 493 -46.64 1.65 62.69
C ASP A 493 -45.81 2.42 63.72
N ARG A 494 -44.60 2.81 63.34
CA ARG A 494 -43.72 3.49 64.28
C ARG A 494 -44.36 4.77 64.77
N LEU A 495 -44.99 5.53 63.87
CA LEU A 495 -45.62 6.78 64.28
C LEU A 495 -46.93 6.54 65.04
N ASN A 496 -47.61 5.43 64.80
CA ASN A 496 -48.84 5.10 65.50
C ASN A 496 -48.60 4.69 66.94
N VAL A 497 -47.42 4.14 67.25
CA VAL A 497 -47.12 3.82 68.63
C VAL A 497 -47.48 4.98 69.55
N TYR A 498 -47.36 6.22 69.06
CA TYR A 498 -47.70 7.39 69.86
C TYR A 498 -49.14 7.80 69.59
N THR A 499 -49.82 8.26 70.64
CA THR A 499 -51.25 8.55 70.55
C THR A 499 -51.55 10.00 70.22
N THR A 500 -50.59 10.91 70.38
CA THR A 500 -50.82 12.31 70.07
C THR A 500 -49.48 13.02 69.91
N ALA A 501 -49.56 14.27 69.45
CA ALA A 501 -48.35 15.02 69.19
C ALA A 501 -47.55 15.26 70.47
N ALA A 502 -48.23 15.51 71.59
CA ALA A 502 -47.52 15.71 72.86
C ALA A 502 -46.85 14.42 73.32
N HIS A 503 -47.54 13.29 73.19
CA HIS A 503 -46.94 12.02 73.54
C HIS A 503 -45.72 11.75 72.67
N PHE A 504 -45.78 12.12 71.39
CA PHE A 504 -44.62 12.01 70.52
C PHE A 504 -43.50 12.93 70.99
N ALA A 505 -43.85 14.17 71.34
CA ALA A 505 -42.85 15.14 71.79
C ALA A 505 -42.12 14.66 73.03
N GLU A 506 -42.78 13.88 73.88
CA GLU A 506 -42.11 13.36 75.05
C GLU A 506 -40.90 12.49 74.71
N PHE A 507 -40.83 11.98 73.48
CA PHE A 507 -39.72 11.14 73.05
C PHE A 507 -38.87 11.77 71.95
N ALA A 508 -39.44 12.62 71.11
CA ALA A 508 -38.73 13.19 69.97
C ALA A 508 -38.44 14.67 70.11
N GLY A 509 -39.11 15.37 71.01
CA GLY A 509 -38.92 16.80 71.15
C GLY A 509 -40.02 17.59 70.48
N GLU A 510 -40.20 18.82 70.94
CA GLU A 510 -41.30 19.65 70.46
C GLU A 510 -41.14 19.99 68.98
N GLU A 511 -39.91 20.26 68.55
CA GLU A 511 -39.69 20.62 67.15
C GLU A 511 -40.13 19.49 66.23
N ALA A 512 -39.70 18.26 66.52
CA ALA A 512 -40.14 17.12 65.73
C ALA A 512 -41.64 16.92 65.85
N ALA A 513 -42.19 17.07 67.06
CA ALA A 513 -43.61 16.81 67.26
C ALA A 513 -44.47 17.82 66.52
N GLU A 514 -43.92 18.97 66.16
CA GLU A 514 -44.71 19.95 65.41
C GLU A 514 -45.14 19.44 64.04
N SER A 515 -44.54 18.35 63.55
CA SER A 515 -44.89 17.80 62.25
C SER A 515 -45.49 16.41 62.32
N TRP A 516 -45.75 15.89 63.51
CA TRP A 516 -46.24 14.52 63.65
C TRP A 516 -47.57 14.33 62.93
N LYS A 517 -48.54 15.22 63.19
CA LYS A 517 -49.86 15.08 62.58
C LYS A 517 -49.77 15.17 61.07
N GLU A 518 -49.00 16.13 60.56
CA GLU A 518 -48.87 16.29 59.12
C GLU A 518 -48.25 15.05 58.49
N ILE A 519 -47.21 14.50 59.11
CA ILE A 519 -46.55 13.33 58.54
C ILE A 519 -47.51 12.14 58.54
N VAL A 520 -48.28 11.97 59.62
CA VAL A 520 -49.21 10.85 59.68
C VAL A 520 -50.25 10.97 58.57
N ASN A 521 -50.83 12.17 58.42
CA ASN A 521 -51.84 12.36 57.39
C ASN A 521 -51.26 12.14 56.00
N LEU A 522 -50.05 12.64 55.76
CA LEU A 522 -49.43 12.45 54.46
C LEU A 522 -49.15 10.99 54.18
N LEU A 523 -48.73 10.24 55.20
CA LEU A 523 -48.50 8.81 55.01
C LEU A 523 -49.78 8.09 54.65
N TYR A 524 -50.89 8.41 55.31
CA TYR A 524 -52.16 7.78 54.95
C TYR A 524 -52.60 8.18 53.54
N GLU A 525 -52.42 9.43 53.16
CA GLU A 525 -52.76 9.85 51.81
C GLU A 525 -51.91 9.11 50.78
N LEU A 526 -50.63 8.91 51.07
CA LEU A 526 -49.77 8.17 50.15
C LEU A 526 -50.22 6.72 50.04
N LEU A 527 -50.61 6.11 51.16
CA LEU A 527 -51.09 4.74 51.11
C LEU A 527 -52.33 4.62 50.24
N ALA A 528 -53.27 5.56 50.41
CA ALA A 528 -54.46 5.54 49.57
C ALA A 528 -54.12 5.73 48.12
N SER A 529 -53.19 6.66 47.81
CA SER A 529 -52.80 6.86 46.42
C SER A 529 -52.11 5.63 45.84
N LEU A 530 -51.36 4.91 46.67
CA LEU A 530 -50.64 3.73 46.23
C LEU A 530 -51.55 2.55 45.93
N ILE A 531 -52.64 2.39 46.66
CA ILE A 531 -53.52 1.25 46.44
C ILE A 531 -54.76 1.59 45.62
N ARG A 532 -55.12 2.85 45.44
CA ARG A 532 -56.39 3.18 44.82
C ARG A 532 -56.50 2.59 43.42
N GLY A 533 -57.60 1.91 43.16
CA GLY A 533 -57.88 1.35 41.85
C GLY A 533 -57.02 0.17 41.46
N ASN A 534 -56.22 -0.35 42.39
CA ASN A 534 -55.28 -1.43 42.09
C ASN A 534 -55.73 -2.67 42.85
N ARG A 535 -56.28 -3.65 42.12
CA ARG A 535 -56.79 -4.85 42.77
C ARG A 535 -55.67 -5.60 43.47
N THR A 536 -54.51 -5.71 42.83
CA THR A 536 -53.41 -6.46 43.41
C THR A 536 -52.95 -5.84 44.72
N ASN A 537 -52.73 -4.53 44.73
CA ASN A 537 -52.30 -3.86 45.95
C ASN A 537 -53.38 -3.93 47.03
N CYS A 538 -54.64 -3.74 46.65
CA CYS A 538 -55.71 -3.76 47.64
C CYS A 538 -55.86 -5.14 48.27
N ALA A 539 -55.67 -6.21 47.48
CA ALA A 539 -55.84 -7.55 48.01
C ALA A 539 -54.82 -7.88 49.10
N LEU A 540 -53.73 -7.13 49.19
CA LEU A 540 -52.72 -7.41 50.19
C LEU A 540 -53.24 -7.22 51.61
N PHE A 541 -54.33 -6.48 51.78
CA PHE A 541 -54.86 -6.22 53.11
C PHE A 541 -55.74 -7.35 53.64
N SER A 542 -56.05 -8.34 52.81
CA SER A 542 -56.87 -9.46 53.28
C SER A 542 -56.21 -10.19 54.44
N THR A 543 -54.89 -10.10 54.54
CA THR A 543 -54.18 -10.76 55.62
C THR A 543 -54.10 -9.92 56.89
N ASN A 544 -54.07 -8.60 56.77
CA ASN A 544 -53.87 -7.70 57.90
C ASN A 544 -54.97 -6.64 57.91
N LEU A 545 -56.21 -7.08 57.72
CA LEU A 545 -57.33 -6.15 57.82
C LEU A 545 -57.47 -5.56 59.21
N ASP A 546 -57.22 -6.35 60.26
CA ASP A 546 -57.28 -5.81 61.62
C ASP A 546 -56.36 -4.61 61.78
N TRP A 547 -55.19 -4.66 61.14
CA TRP A 547 -54.26 -3.54 61.20
C TRP A 547 -54.93 -2.24 60.78
N LEU A 548 -55.81 -2.31 59.78
CA LEU A 548 -56.44 -1.11 59.26
C LEU A 548 -57.69 -0.75 60.06
N VAL A 549 -58.54 -1.74 60.34
CA VAL A 549 -59.79 -1.47 61.03
C VAL A 549 -59.55 -0.96 62.45
N SER A 550 -58.51 -1.47 63.11
CA SER A 550 -58.24 -1.05 64.48
C SER A 550 -57.81 0.40 64.58
N LYS A 551 -57.51 1.06 63.47
CA LYS A 551 -57.06 2.44 63.47
C LYS A 551 -58.17 3.43 63.10
N LEU A 552 -59.39 2.96 62.86
CA LEU A 552 -60.44 3.85 62.38
C LEU A 552 -60.77 4.94 63.39
N ASP A 553 -60.61 4.67 64.68
CA ASP A 553 -61.00 5.62 65.70
C ASP A 553 -59.87 6.57 66.11
N ARG A 554 -58.68 6.42 65.52
CA ARG A 554 -57.63 7.41 65.74
C ARG A 554 -58.09 8.76 65.23
N LEU A 555 -57.89 9.79 66.05
CA LEU A 555 -58.48 11.10 65.76
C LEU A 555 -57.59 11.99 64.91
N GLU A 556 -56.31 11.64 64.72
CA GLU A 556 -55.43 12.54 63.99
C GLU A 556 -55.66 12.44 62.47
N ALA A 557 -55.98 11.25 61.97
CA ALA A 557 -56.10 11.04 60.53
C ALA A 557 -57.31 10.19 60.21
N SER A 558 -58.45 10.49 60.84
CA SER A 558 -59.64 9.66 60.67
C SER A 558 -60.09 9.62 59.22
N SER A 559 -60.13 10.78 58.56
CA SER A 559 -60.61 10.82 57.18
C SER A 559 -59.67 10.05 56.25
N GLY A 560 -58.36 10.18 56.46
CA GLY A 560 -57.42 9.44 55.63
C GLY A 560 -57.52 7.94 55.82
N ILE A 561 -57.65 7.51 57.08
CA ILE A 561 -57.79 6.07 57.34
C ILE A 561 -59.06 5.54 56.70
N LEU A 562 -60.15 6.30 56.80
CA LEU A 562 -61.39 5.89 56.17
C LEU A 562 -61.25 5.83 54.66
N GLU A 563 -60.51 6.77 54.07
CA GLU A 563 -60.30 6.74 52.62
C GLU A 563 -59.52 5.49 52.21
N VAL A 564 -58.52 5.12 52.99
CA VAL A 564 -57.76 3.90 52.69
C VAL A 564 -58.68 2.68 52.75
N LEU A 565 -59.49 2.59 53.80
CA LEU A 565 -60.41 1.46 53.91
C LEU A 565 -61.40 1.44 52.76
N TYR A 566 -61.88 2.62 52.36
CA TYR A 566 -62.81 2.70 51.24
C TYR A 566 -62.18 2.16 49.97
N CYS A 567 -60.94 2.57 49.68
CA CYS A 567 -60.28 2.07 48.48
C CYS A 567 -60.12 0.55 48.54
N VAL A 568 -59.68 0.03 49.68
CA VAL A 568 -59.47 -1.41 49.78
C VAL A 568 -60.77 -2.15 49.52
N LEU A 569 -61.86 -1.73 50.18
CA LEU A 569 -63.13 -2.43 50.01
C LEU A 569 -63.72 -2.24 48.63
N ILE A 570 -63.48 -1.11 47.99
CA ILE A 570 -63.99 -0.90 46.65
C ILE A 570 -63.33 -1.84 45.67
N GLU A 571 -62.03 -2.13 45.85
CA GLU A 571 -61.32 -2.90 44.85
C GLU A 571 -61.18 -4.39 45.13
N SER A 572 -61.17 -4.82 46.38
CA SER A 572 -60.79 -6.20 46.67
C SER A 572 -61.95 -7.04 47.18
N PRO A 573 -62.46 -7.99 46.40
CA PRO A 573 -63.42 -8.97 46.96
C PRO A 573 -62.81 -9.88 48.01
N GLU A 574 -61.50 -10.09 47.98
CA GLU A 574 -60.88 -10.98 48.96
C GLU A 574 -61.03 -10.45 50.38
N VAL A 575 -60.89 -9.14 50.55
CA VAL A 575 -61.13 -8.53 51.86
C VAL A 575 -62.59 -8.68 52.25
N LEU A 576 -63.50 -8.46 51.30
CA LEU A 576 -64.92 -8.63 51.56
C LEU A 576 -65.23 -10.02 52.07
N ASN A 577 -64.50 -11.02 51.60
CA ASN A 577 -64.77 -12.40 51.99
C ASN A 577 -64.14 -12.78 53.32
N ILE A 578 -63.40 -11.89 53.96
CA ILE A 578 -62.85 -12.15 55.29
C ILE A 578 -63.33 -11.13 56.31
N ILE A 579 -64.10 -10.13 55.91
CA ILE A 579 -64.70 -9.21 56.87
C ILE A 579 -65.46 -10.00 57.94
N GLN A 580 -65.48 -9.48 59.16
CA GLN A 580 -66.11 -10.14 60.30
C GLN A 580 -67.00 -9.17 61.07
N GLU A 581 -67.69 -9.74 62.06
CA GLU A 581 -68.64 -8.96 62.84
C GLU A 581 -67.96 -7.85 63.63
N ASN A 582 -66.79 -8.12 64.20
CA ASN A 582 -66.09 -7.08 64.94
C ASN A 582 -65.67 -5.94 64.03
N HIS A 583 -65.26 -6.26 62.80
CA HIS A 583 -64.93 -5.20 61.84
C HIS A 583 -66.15 -4.36 61.53
N ILE A 584 -67.28 -5.01 61.27
CA ILE A 584 -68.51 -4.26 60.97
C ILE A 584 -68.91 -3.40 62.15
N LYS A 585 -68.76 -3.94 63.36
CA LYS A 585 -69.12 -3.19 64.55
C LYS A 585 -68.22 -1.97 64.73
N SER A 586 -66.93 -2.11 64.44
CA SER A 586 -66.06 -0.94 64.49
C SER A 586 -66.47 0.11 63.47
N ILE A 587 -66.83 -0.33 62.26
CA ILE A 587 -67.24 0.64 61.24
C ILE A 587 -68.52 1.36 61.67
N ILE A 588 -69.44 0.66 62.33
CA ILE A 588 -70.66 1.30 62.80
C ILE A 588 -70.35 2.24 63.96
N SER A 589 -69.45 1.84 64.86
CA SER A 589 -69.04 2.72 65.93
C SER A 589 -68.42 3.99 65.39
N LEU A 590 -67.84 3.92 64.18
CA LEU A 590 -67.40 5.15 63.53
C LEU A 590 -68.56 6.13 63.35
N LEU A 591 -69.69 5.64 62.84
CA LEU A 591 -70.87 6.51 62.75
C LEU A 591 -71.27 7.02 64.12
N ASP A 592 -71.24 6.14 65.11
CA ASP A 592 -71.70 6.53 66.43
C ASP A 592 -70.84 7.65 67.03
N LYS A 593 -69.53 7.58 66.85
CA LYS A 593 -68.60 8.45 67.56
C LYS A 593 -68.13 9.65 66.75
N HIS A 594 -68.22 9.61 65.43
CA HIS A 594 -67.76 10.73 64.62
C HIS A 594 -68.87 11.52 63.96
N GLY A 595 -70.10 11.05 64.00
CA GLY A 595 -71.23 11.77 63.45
C GLY A 595 -71.71 11.16 62.14
N ARG A 596 -72.71 11.80 61.56
CA ARG A 596 -73.37 11.31 60.37
C ARG A 596 -72.56 11.71 59.15
N ASN A 597 -71.69 10.80 58.72
CA ASN A 597 -70.83 11.00 57.55
C ASN A 597 -71.21 9.99 56.48
N HIS A 598 -71.59 10.50 55.30
CA HIS A 598 -72.06 9.61 54.24
C HIS A 598 -70.96 8.71 53.71
N LYS A 599 -69.70 9.08 53.89
CA LYS A 599 -68.62 8.20 53.47
C LYS A 599 -68.62 6.91 54.26
N VAL A 600 -69.07 6.95 55.52
CA VAL A 600 -69.14 5.73 56.30
C VAL A 600 -70.20 4.80 55.74
N LEU A 601 -71.33 5.34 55.28
CA LEU A 601 -72.34 4.51 54.65
C LEU A 601 -71.84 3.94 53.33
N ASP A 602 -71.11 4.77 52.57
CA ASP A 602 -70.50 4.28 51.34
C ASP A 602 -69.57 3.11 51.63
N VAL A 603 -68.77 3.21 52.69
CA VAL A 603 -67.95 2.08 53.10
C VAL A 603 -68.83 0.91 53.50
N LEU A 604 -69.92 1.18 54.21
CA LEU A 604 -70.71 0.10 54.80
C LEU A 604 -71.28 -0.80 53.73
N CYS A 605 -71.75 -0.25 52.62
CA CYS A 605 -72.12 -1.11 51.50
C CYS A 605 -71.23 -0.97 50.28
N SER A 606 -69.95 -0.71 50.50
CA SER A 606 -68.93 -1.36 49.71
C SER A 606 -68.71 -2.80 50.17
N LEU A 607 -69.14 -3.12 51.38
CA LEU A 607 -69.11 -4.47 51.91
C LEU A 607 -70.27 -5.32 51.44
N CYS A 608 -71.38 -4.68 51.05
CA CYS A 608 -72.60 -5.41 50.72
C CYS A 608 -72.49 -6.09 49.37
N VAL A 609 -71.87 -5.44 48.39
CA VAL A 609 -71.75 -5.99 47.04
C VAL A 609 -70.43 -5.52 46.43
N CYS A 610 -69.82 -6.39 45.62
CA CYS A 610 -68.57 -6.06 44.92
C CYS A 610 -68.56 -6.77 43.58
N ASN A 611 -68.44 -5.99 42.50
CA ASN A 611 -68.37 -6.54 41.15
C ASN A 611 -69.61 -7.36 40.81
N GLY A 612 -70.76 -6.91 41.30
CA GLY A 612 -72.01 -7.60 41.01
C GLY A 612 -72.22 -8.89 41.76
N VAL A 613 -71.48 -9.12 42.85
CA VAL A 613 -71.64 -10.30 43.68
C VAL A 613 -71.84 -9.84 45.12
N ALA A 614 -72.85 -10.41 45.78
CA ALA A 614 -73.23 -9.99 47.12
C ALA A 614 -72.67 -10.96 48.16
N VAL A 615 -72.36 -10.42 49.33
CA VAL A 615 -71.88 -11.22 50.46
C VAL A 615 -73.00 -11.22 51.50
N ARG A 616 -73.72 -12.33 51.57
CA ARG A 616 -74.88 -12.42 52.44
C ARG A 616 -74.50 -12.25 53.90
N SER A 617 -73.35 -12.77 54.31
CA SER A 617 -72.93 -12.62 55.69
C SER A 617 -72.75 -11.16 56.06
N ASN A 618 -72.09 -10.40 55.19
CA ASN A 618 -71.89 -8.98 55.46
C ASN A 618 -73.21 -8.23 55.47
N GLN A 619 -74.10 -8.54 54.52
CA GLN A 619 -75.41 -7.90 54.51
C GLN A 619 -76.15 -8.17 55.81
N ASP A 620 -76.18 -9.42 56.24
CA ASP A 620 -76.89 -9.79 57.45
C ASP A 620 -76.29 -9.10 58.67
N LEU A 621 -74.96 -9.06 58.76
CA LEU A 621 -74.32 -8.44 59.91
C LEU A 621 -74.62 -6.96 59.97
N ILE A 622 -74.56 -6.26 58.83
CA ILE A 622 -74.89 -4.85 58.83
C ILE A 622 -76.34 -4.64 59.25
N THR A 623 -77.25 -5.45 58.70
CA THR A 623 -78.66 -5.30 59.04
C THR A 623 -78.90 -5.53 60.52
N GLU A 624 -78.27 -6.55 61.09
CA GLU A 624 -78.50 -6.90 62.48
C GLU A 624 -77.85 -5.93 63.45
N ASN A 625 -76.76 -5.27 63.07
CA ASN A 625 -76.04 -4.40 63.99
C ASN A 625 -76.34 -2.92 63.81
N LEU A 626 -76.96 -2.52 62.71
CA LEU A 626 -77.21 -1.10 62.46
C LEU A 626 -78.67 -0.71 62.53
N LEU A 627 -79.58 -1.53 62.01
CA LEU A 627 -80.97 -1.11 61.86
C LEU A 627 -81.77 -1.17 63.16
N PRO A 628 -81.79 -2.29 63.88
CA PRO A 628 -82.80 -2.45 64.94
C PRO A 628 -82.73 -1.40 66.04
N GLY A 629 -81.55 -0.85 66.32
CA GLY A 629 -81.46 0.17 67.34
C GLY A 629 -82.27 1.41 67.01
N ARG A 630 -82.33 1.78 65.73
CA ARG A 630 -83.10 2.95 65.29
C ARG A 630 -82.63 4.22 65.99
N GLU A 631 -81.31 4.31 66.22
CA GLU A 631 -80.74 5.46 66.90
C GLU A 631 -79.68 6.20 66.09
N LEU A 632 -79.19 5.63 65.00
CA LEU A 632 -78.12 6.24 64.21
C LEU A 632 -78.62 6.79 62.89
N LEU A 633 -79.38 6.00 62.15
CA LEU A 633 -79.97 6.45 60.90
C LEU A 633 -81.20 7.31 61.20
N LEU A 634 -81.50 8.22 60.28
CA LEU A 634 -82.69 9.04 60.41
C LEU A 634 -83.93 8.20 60.09
N GLN A 635 -84.96 8.35 60.92
CA GLN A 635 -86.16 7.53 60.83
C GLN A 635 -87.27 8.31 60.13
N THR A 636 -88.15 7.60 59.45
CA THR A 636 -89.25 8.20 58.71
C THR A 636 -90.55 7.49 59.03
N ASN A 637 -91.66 8.21 58.87
CA ASN A 637 -92.98 7.67 59.13
C ASN A 637 -94.02 8.67 58.64
N LEU A 638 -95.21 8.18 58.36
CA LEU A 638 -96.34 9.03 58.01
C LEU A 638 -97.12 9.37 59.26
N ILE A 639 -97.37 10.65 59.49
CA ILE A 639 -98.02 11.11 60.69
C ILE A 639 -99.15 12.06 60.33
N ASN A 640 -100.12 12.18 61.23
CA ASN A 640 -101.26 13.06 61.03
C ASN A 640 -100.90 14.50 61.39
N TYR A 641 -101.46 15.44 60.64
CA TYR A 641 -101.42 16.82 61.07
C TYR A 641 -102.38 17.04 62.23
N VAL A 642 -101.94 17.81 63.21
CA VAL A 642 -102.73 18.10 64.39
C VAL A 642 -102.82 19.62 64.56
N THR A 643 -103.98 20.10 64.98
CA THR A 643 -104.19 21.51 65.22
C THR A 643 -104.96 21.70 66.51
N SER A 644 -104.92 22.93 67.03
CA SER A 644 -105.52 23.27 68.30
C SER A 644 -106.50 24.41 68.12
N ILE A 645 -107.56 24.42 68.93
CA ILE A 645 -108.56 25.47 68.91
C ILE A 645 -108.88 25.86 70.34
N ARG A 646 -109.07 27.15 70.56
CA ARG A 646 -109.37 27.68 71.89
C ARG A 646 -110.44 28.75 71.79
N PRO A 647 -111.23 28.95 72.84
CA PRO A 647 -111.98 30.20 72.97
C PRO A 647 -111.10 31.30 73.52
N ASN A 648 -111.45 32.54 73.20
CA ASN A 648 -110.65 33.66 73.67
C ASN A 648 -110.92 33.92 75.14
N ILE A 649 -110.56 32.97 75.99
CA ILE A 649 -110.74 33.06 77.44
C ILE A 649 -109.37 32.87 78.08
N PHE A 650 -108.96 33.86 78.88
CA PHE A 650 -107.62 33.88 79.46
C PHE A 650 -107.73 34.21 80.94
N VAL A 651 -107.23 33.31 81.78
CA VAL A 651 -107.31 33.44 83.22
C VAL A 651 -105.95 33.13 83.83
N GLY A 652 -105.56 33.87 84.85
CA GLY A 652 -104.29 33.67 85.51
C GLY A 652 -104.36 34.13 86.94
N ARG A 653 -103.20 34.14 87.59
CA ARG A 653 -103.09 34.62 88.96
C ARG A 653 -101.87 35.53 89.08
N ALA A 654 -102.03 36.61 89.84
CA ALA A 654 -100.91 37.46 90.22
C ALA A 654 -101.31 38.19 91.50
N GLU A 655 -100.30 38.62 92.25
CA GLU A 655 -100.56 39.31 93.51
C GLU A 655 -101.28 40.62 93.22
N GLY A 656 -102.50 40.75 93.73
CA GLY A 656 -103.31 41.92 93.45
C GLY A 656 -104.06 41.89 92.15
N SER A 657 -104.19 40.72 91.53
CA SER A 657 -104.90 40.61 90.26
C SER A 657 -106.40 40.72 90.48
N THR A 658 -107.10 41.17 89.44
CA THR A 658 -108.54 41.35 89.48
C THR A 658 -109.30 40.13 88.99
N GLN A 659 -108.60 39.03 88.74
CA GLN A 659 -109.20 37.86 88.12
C GLN A 659 -109.54 36.80 89.16
N TYR A 660 -110.69 36.14 88.95
CA TYR A 660 -111.08 35.04 89.82
C TYR A 660 -110.11 33.87 89.65
N GLY A 661 -110.20 32.91 90.56
CA GLY A 661 -109.19 31.87 90.62
C GLY A 661 -109.61 30.50 90.15
N LYS A 662 -110.90 30.17 90.24
CA LYS A 662 -111.40 28.85 89.92
C LYS A 662 -112.29 28.92 88.70
N TRP A 663 -112.03 28.05 87.71
CA TRP A 663 -112.74 28.08 86.44
C TRP A 663 -113.09 26.68 86.01
N TYR A 664 -114.14 26.58 85.19
CA TYR A 664 -114.73 25.30 84.81
C TYR A 664 -115.26 25.39 83.39
N PHE A 665 -115.11 24.31 82.62
CA PHE A 665 -115.71 24.25 81.29
C PHE A 665 -115.89 22.80 80.90
N GLU A 666 -116.57 22.58 79.76
CA GLU A 666 -116.86 21.24 79.30
C GLU A 666 -116.67 21.13 77.80
N VAL A 667 -116.44 19.91 77.34
CA VAL A 667 -116.35 19.60 75.92
C VAL A 667 -117.15 18.34 75.67
N MET A 668 -118.08 18.40 74.72
CA MET A 668 -118.89 17.26 74.33
C MET A 668 -118.47 16.76 72.97
N VAL A 669 -118.25 15.46 72.85
CA VAL A 669 -117.77 14.85 71.61
C VAL A 669 -118.96 14.31 70.83
N ASP A 670 -119.19 14.84 69.62
CA ASP A 670 -120.31 14.39 68.80
C ASP A 670 -119.90 13.25 67.87
N GLU A 671 -118.82 13.41 67.14
CA GLU A 671 -118.34 12.38 66.22
C GLU A 671 -116.83 12.26 66.33
N VAL A 672 -116.34 11.03 66.24
CA VAL A 672 -114.90 10.76 66.24
C VAL A 672 -114.67 9.53 65.39
N ALA A 673 -113.86 9.66 64.34
CA ALA A 673 -113.46 8.51 63.54
C ALA A 673 -112.14 8.00 64.07
N PRO A 674 -112.10 6.84 64.73
CA PRO A 674 -110.86 6.41 65.38
C PRO A 674 -109.68 6.29 64.43
N PHE A 675 -109.90 5.83 63.21
CA PHE A 675 -108.82 5.51 62.29
C PHE A 675 -109.15 6.07 60.90
N LEU A 676 -109.49 7.35 60.85
CA LEU A 676 -109.71 8.00 59.56
C LEU A 676 -108.53 7.76 58.63
N THR A 677 -107.32 7.82 59.17
CA THR A 677 -106.11 7.45 58.45
C THR A 677 -105.43 6.29 59.18
N ALA A 678 -104.24 5.93 58.72
CA ALA A 678 -103.54 4.79 59.31
C ALA A 678 -103.12 5.05 60.74
N GLN A 679 -102.87 6.30 61.11
CA GLN A 679 -102.51 6.64 62.47
C GLN A 679 -103.77 6.97 63.27
N ALA A 680 -103.76 6.58 64.54
CA ALA A 680 -104.93 6.77 65.39
C ALA A 680 -105.28 8.25 65.49
N THR A 681 -106.58 8.54 65.49
CA THR A 681 -107.03 9.92 65.57
C THR A 681 -106.63 10.54 66.90
N HIS A 682 -106.23 11.80 66.86
CA HIS A 682 -105.79 12.55 68.02
C HIS A 682 -106.92 13.44 68.48
N LEU A 683 -107.22 13.39 69.78
CA LEU A 683 -108.26 14.22 70.38
C LEU A 683 -107.97 14.35 71.86
N ARG A 684 -107.62 15.56 72.30
CA ARG A 684 -107.25 15.82 73.68
C ARG A 684 -107.88 17.14 74.14
N VAL A 685 -108.23 17.20 75.42
CA VAL A 685 -108.89 18.37 76.00
C VAL A 685 -108.11 18.80 77.24
N GLY A 686 -107.93 20.10 77.42
CA GLY A 686 -107.27 20.53 78.65
C GLY A 686 -107.00 22.01 78.69
N TRP A 687 -105.93 22.37 79.37
CA TRP A 687 -105.54 23.75 79.57
C TRP A 687 -104.13 24.00 79.05
N ALA A 688 -103.86 25.23 78.66
CA ALA A 688 -102.54 25.59 78.14
C ALA A 688 -102.18 26.99 78.58
N LEU A 689 -100.88 27.24 78.74
CA LEU A 689 -100.39 28.53 79.16
C LEU A 689 -100.14 29.43 77.94
N SER A 690 -100.58 30.68 78.03
CA SER A 690 -100.55 31.57 76.87
C SER A 690 -99.15 31.72 76.31
N GLU A 691 -98.19 32.06 77.16
CA GLU A 691 -96.82 32.27 76.70
C GLU A 691 -96.08 30.94 76.79
N GLY A 692 -95.99 30.26 75.65
CA GLY A 692 -95.23 29.03 75.58
C GLY A 692 -95.90 27.92 74.79
N TYR A 693 -97.23 27.87 74.80
CA TYR A 693 -97.95 26.85 74.03
C TYR A 693 -98.14 27.38 72.62
N SER A 694 -97.22 27.02 71.74
CA SER A 694 -97.26 27.42 70.34
C SER A 694 -96.91 26.22 69.48
N PRO A 695 -97.84 25.29 69.30
CA PRO A 695 -97.57 24.13 68.43
C PRO A 695 -97.79 24.46 66.96
N TYR A 696 -96.73 24.44 66.18
CA TYR A 696 -96.84 24.77 64.77
C TYR A 696 -97.20 23.51 63.97
N PRO A 697 -97.91 23.67 62.85
CA PRO A 697 -98.25 22.51 62.04
C PRO A 697 -97.02 21.78 61.53
N GLY A 698 -97.07 20.46 61.53
CA GLY A 698 -96.00 19.67 60.96
C GLY A 698 -95.11 19.02 61.99
N GLY A 699 -93.83 19.28 61.91
CA GLY A 699 -92.88 18.66 62.81
C GLY A 699 -92.87 19.30 64.18
N GLY A 700 -92.15 18.65 65.10
CA GLY A 700 -92.06 19.12 66.46
C GLY A 700 -91.40 18.11 67.37
N GLU A 701 -91.80 18.09 68.63
CA GLU A 701 -91.22 17.17 69.58
C GLU A 701 -91.66 15.75 69.28
N GLY A 702 -90.76 14.80 69.57
CA GLY A 702 -91.09 13.40 69.37
C GLY A 702 -91.30 13.07 67.91
N TRP A 703 -92.51 12.66 67.57
CA TRP A 703 -92.86 12.28 66.20
C TRP A 703 -93.89 13.23 65.61
N GLY A 704 -93.86 14.49 66.03
CA GLY A 704 -94.76 15.48 65.47
C GLY A 704 -96.17 15.31 66.00
N GLY A 705 -97.11 15.97 65.33
CA GLY A 705 -98.49 15.91 65.73
C GLY A 705 -98.66 16.40 67.16
N ASN A 706 -98.05 17.53 67.48
CA ASN A 706 -98.04 18.02 68.84
C ASN A 706 -99.35 18.72 69.17
N GLY A 707 -99.93 18.39 70.32
CA GLY A 707 -101.15 19.01 70.78
C GLY A 707 -101.11 19.33 72.26
N VAL A 708 -102.22 19.15 72.95
CA VAL A 708 -102.29 19.46 74.37
C VAL A 708 -101.51 18.40 75.13
N GLY A 709 -100.58 18.84 75.98
CA GLY A 709 -99.78 17.93 76.75
C GLY A 709 -98.55 17.40 76.06
N ASP A 710 -98.17 17.98 74.93
CA ASP A 710 -96.94 17.61 74.24
C ASP A 710 -95.77 18.50 74.61
N ASP A 711 -95.97 19.44 75.51
CA ASP A 711 -94.90 20.22 76.10
C ASP A 711 -95.25 20.46 77.56
N LEU A 712 -94.41 21.22 78.26
CA LEU A 712 -94.64 21.52 79.66
C LEU A 712 -95.41 22.83 79.85
N TYR A 713 -96.07 23.31 78.80
CA TYR A 713 -96.94 24.47 78.88
C TYR A 713 -98.41 24.10 78.77
N SER A 714 -98.74 22.82 78.60
CA SER A 714 -100.11 22.39 78.43
C SER A 714 -100.33 21.08 79.15
N TYR A 715 -101.58 20.86 79.54
CA TYR A 715 -101.97 19.72 80.36
C TYR A 715 -103.29 19.19 79.83
N GLY A 716 -103.28 17.94 79.35
CA GLY A 716 -104.40 17.43 78.60
C GLY A 716 -104.87 16.08 79.11
N PHE A 717 -106.06 15.72 78.67
CA PHE A 717 -106.70 14.45 78.97
C PHE A 717 -107.22 13.88 77.67
N ASP A 718 -107.04 12.58 77.47
CA ASP A 718 -107.51 11.96 76.24
C ASP A 718 -108.48 10.80 76.45
N GLY A 719 -109.00 10.62 77.66
CA GLY A 719 -109.94 9.53 77.91
C GLY A 719 -109.29 8.42 78.71
N LEU A 720 -108.06 8.08 78.36
CA LEU A 720 -107.29 7.08 79.09
C LEU A 720 -106.04 7.63 79.74
N HIS A 721 -105.48 8.73 79.24
CA HIS A 721 -104.19 9.22 79.69
C HIS A 721 -104.28 10.68 80.05
N LEU A 722 -103.46 11.05 81.04
CA LEU A 722 -103.11 12.42 81.32
C LEU A 722 -101.81 12.73 80.58
N TRP A 723 -101.83 13.78 79.77
CA TRP A 723 -100.73 14.12 78.88
C TRP A 723 -100.06 15.38 79.37
N THR A 724 -98.74 15.32 79.54
CA THR A 724 -97.96 16.52 79.80
C THR A 724 -96.50 16.22 79.49
N GLY A 725 -95.78 17.23 79.03
CA GLY A 725 -94.39 17.03 78.67
C GLY A 725 -94.17 15.96 77.63
N HIS A 726 -95.13 15.77 76.73
CA HIS A 726 -95.06 14.73 75.71
C HIS A 726 -95.05 13.33 76.30
N VAL A 727 -95.45 13.19 77.56
CA VAL A 727 -95.54 11.89 78.22
C VAL A 727 -97.00 11.65 78.57
N ALA A 728 -97.46 10.43 78.30
CA ALA A 728 -98.82 9.99 78.58
C ALA A 728 -98.79 9.06 79.80
N ARG A 729 -99.58 9.38 80.80
CA ARG A 729 -99.65 8.57 82.01
C ARG A 729 -101.06 8.01 82.14
N PRO A 730 -101.25 6.70 82.16
CA PRO A 730 -102.61 6.16 82.28
C PRO A 730 -103.28 6.61 83.56
N VAL A 731 -104.55 6.97 83.47
CA VAL A 731 -105.32 7.46 84.60
C VAL A 731 -106.60 6.66 84.69
N THR A 732 -106.97 6.25 85.90
CA THR A 732 -108.11 5.38 86.12
C THR A 732 -109.39 6.19 86.20
N SER A 733 -110.45 5.65 85.60
CA SER A 733 -111.78 6.21 85.71
C SER A 733 -112.77 5.09 85.43
N PRO A 734 -114.01 5.20 85.91
CA PRO A 734 -114.98 4.12 85.67
C PRO A 734 -115.28 3.96 84.19
N GLY A 735 -115.14 2.74 83.70
CA GLY A 735 -115.38 2.46 82.30
C GLY A 735 -114.43 3.18 81.36
N GLN A 736 -113.14 3.20 81.69
CA GLN A 736 -112.13 3.85 80.87
C GLN A 736 -112.34 3.56 79.39
N HIS A 737 -112.19 4.58 78.57
CA HIS A 737 -112.19 4.38 77.13
C HIS A 737 -111.72 5.66 76.46
N LEU A 738 -111.04 5.50 75.33
CA LEU A 738 -110.63 6.65 74.55
C LEU A 738 -111.85 7.48 74.18
N LEU A 739 -111.71 8.80 74.20
CA LEU A 739 -112.82 9.70 73.94
C LEU A 739 -113.60 9.25 72.72
N ALA A 740 -114.90 9.07 72.91
CA ALA A 740 -115.81 8.55 71.90
C ALA A 740 -117.05 9.41 71.85
N PRO A 741 -117.88 9.26 70.82
CA PRO A 741 -119.07 10.11 70.70
C PRO A 741 -119.95 10.02 71.95
N GLU A 742 -120.57 11.16 72.27
CA GLU A 742 -121.44 11.31 73.44
C GLU A 742 -120.67 11.33 74.75
N ASP A 743 -119.38 11.65 74.70
CA ASP A 743 -118.58 11.80 75.91
C ASP A 743 -118.52 13.26 76.31
N VAL A 744 -118.66 13.53 77.59
CA VAL A 744 -118.60 14.88 78.13
C VAL A 744 -117.40 14.95 79.07
N VAL A 745 -116.42 15.76 78.72
CA VAL A 745 -115.24 15.99 79.54
C VAL A 745 -115.42 17.32 80.26
N SER A 746 -115.34 17.28 81.58
CA SER A 746 -115.39 18.48 82.40
C SER A 746 -113.99 18.78 82.90
N CYS A 747 -113.54 20.01 82.71
CA CYS A 747 -112.22 20.43 83.15
C CYS A 747 -112.37 21.55 84.17
N CYS A 748 -111.66 21.41 85.29
CA CYS A 748 -111.67 22.39 86.38
C CYS A 748 -110.25 22.82 86.67
N LEU A 749 -110.04 24.13 86.74
CA LEU A 749 -108.74 24.72 87.02
C LEU A 749 -108.86 25.57 88.27
N ASP A 750 -108.09 25.22 89.30
CA ASP A 750 -108.03 25.97 90.55
C ASP A 750 -106.65 26.59 90.63
N LEU A 751 -106.57 27.89 90.37
CA LEU A 751 -105.26 28.55 90.32
C LEU A 751 -104.65 28.74 91.69
N SER A 752 -105.40 28.51 92.77
CA SER A 752 -104.86 28.74 94.10
C SER A 752 -103.90 27.65 94.55
N VAL A 753 -104.11 26.41 94.11
CA VAL A 753 -103.31 25.28 94.59
C VAL A 753 -101.90 25.36 94.01
N PRO A 754 -101.71 25.42 92.68
CA PRO A 754 -102.65 25.30 91.56
C PRO A 754 -102.89 23.85 91.16
N SER A 755 -104.04 23.57 90.56
CA SER A 755 -104.40 22.20 90.22
C SER A 755 -105.34 22.19 89.03
N ILE A 756 -105.26 21.12 88.24
CA ILE A 756 -106.14 20.89 87.11
C ILE A 756 -106.73 19.50 87.27
N SER A 757 -108.05 19.40 87.22
CA SER A 757 -108.73 18.13 87.42
C SER A 757 -109.78 17.92 86.34
N PHE A 758 -110.13 16.66 86.13
CA PHE A 758 -111.02 16.27 85.05
C PHE A 758 -112.14 15.40 85.59
N ARG A 759 -113.24 15.37 84.85
CA ARG A 759 -114.36 14.47 85.09
C ARG A 759 -114.83 13.94 83.74
N ILE A 760 -115.13 12.65 83.66
CA ILE A 760 -115.57 12.03 82.42
C ILE A 760 -116.98 11.54 82.63
N ASN A 761 -117.92 12.12 81.88
CA ASN A 761 -119.33 11.77 81.98
C ASN A 761 -119.82 11.87 83.42
N GLY A 762 -119.26 12.82 84.16
CA GLY A 762 -119.61 13.05 85.53
C GLY A 762 -118.80 12.25 86.53
N CYS A 763 -118.14 11.19 86.09
CA CYS A 763 -117.30 10.41 86.99
C CYS A 763 -115.95 11.10 87.16
N PRO A 764 -115.34 11.04 88.34
CA PRO A 764 -114.03 11.65 88.52
C PRO A 764 -112.93 10.87 87.82
N VAL A 765 -111.97 11.62 87.28
CA VAL A 765 -110.75 11.03 86.74
C VAL A 765 -109.71 11.03 87.85
N GLN A 766 -109.21 9.85 88.21
CA GLN A 766 -108.35 9.69 89.38
C GLN A 766 -106.92 10.10 89.07
N GLY A 767 -106.76 11.39 88.78
CA GLY A 767 -105.45 11.96 88.51
C GLY A 767 -105.54 13.46 88.40
N VAL A 768 -104.47 14.17 88.77
CA VAL A 768 -104.46 15.62 88.76
C VAL A 768 -103.09 16.14 88.39
N PHE A 769 -103.07 17.28 87.71
CA PHE A 769 -101.88 18.09 87.55
C PHE A 769 -101.85 19.11 88.68
N GLU A 770 -100.66 19.41 89.19
CA GLU A 770 -100.54 20.39 90.26
C GLU A 770 -99.14 20.96 90.28
N SER A 771 -98.96 22.01 91.08
CA SER A 771 -97.67 22.64 91.30
C SER A 771 -96.96 22.92 89.97
N PHE A 772 -97.66 23.62 89.08
CA PHE A 772 -97.12 24.00 87.80
C PHE A 772 -96.90 25.50 87.75
N ASN A 773 -96.18 25.94 86.72
CA ASN A 773 -95.82 27.35 86.60
C ASN A 773 -97.06 28.20 86.38
N LEU A 774 -97.03 29.41 86.93
CA LEU A 774 -98.16 30.32 86.91
C LEU A 774 -97.79 31.66 86.27
N ASP A 775 -96.75 31.69 85.46
CA ASP A 775 -96.26 32.93 84.87
C ASP A 775 -96.88 33.15 83.49
N GLY A 776 -98.19 33.25 83.47
CA GLY A 776 -98.91 33.49 82.23
C GLY A 776 -100.41 33.35 82.43
N LEU A 777 -101.12 33.34 81.32
CA LEU A 777 -102.56 33.17 81.32
C LEU A 777 -102.92 31.80 80.76
N PHE A 778 -103.90 31.15 81.39
CA PHE A 778 -104.37 29.86 80.93
C PHE A 778 -105.63 30.02 80.09
N PHE A 779 -105.79 29.15 79.10
CA PHE A 779 -106.99 29.14 78.29
C PHE A 779 -107.45 27.71 78.07
N PRO A 780 -108.74 27.48 77.93
CA PRO A 780 -109.21 26.15 77.51
C PRO A 780 -108.71 25.83 76.12
N VAL A 781 -108.40 24.56 75.87
CA VAL A 781 -107.85 24.18 74.58
C VAL A 781 -108.26 22.75 74.26
N VAL A 782 -108.48 22.50 72.98
CA VAL A 782 -108.70 21.16 72.44
C VAL A 782 -107.77 20.99 71.26
N SER A 783 -107.06 19.87 71.22
CA SER A 783 -106.19 19.54 70.10
C SER A 783 -106.73 18.29 69.42
N PHE A 784 -106.57 18.22 68.11
CA PHE A 784 -107.19 17.15 67.36
C PHE A 784 -106.51 16.98 66.01
N SER A 785 -106.74 15.83 65.42
CA SER A 785 -106.46 15.58 64.02
C SER A 785 -107.79 15.52 63.26
N ALA A 786 -107.71 15.32 61.95
CA ALA A 786 -108.91 15.29 61.15
C ALA A 786 -109.79 14.11 61.53
N GLY A 787 -111.09 14.28 61.34
CA GLY A 787 -112.06 13.26 61.65
C GLY A 787 -112.77 13.45 62.98
N ILE A 788 -112.97 14.69 63.42
CA ILE A 788 -113.57 14.95 64.72
C ILE A 788 -114.63 16.04 64.61
N LYS A 789 -115.52 16.03 65.61
CA LYS A 789 -116.57 17.02 65.74
C LYS A 789 -116.86 17.13 67.24
N VAL A 790 -116.57 18.30 67.82
CA VAL A 790 -116.75 18.50 69.25
C VAL A 790 -117.44 19.84 69.48
N ARG A 791 -117.84 20.06 70.73
CA ARG A 791 -118.52 21.28 71.11
C ARG A 791 -118.01 21.77 72.46
N PHE A 792 -117.61 23.02 72.51
CA PHE A 792 -117.22 23.70 73.73
C PHE A 792 -118.49 24.14 74.44
N LEU A 793 -118.64 23.75 75.71
CA LEU A 793 -119.69 24.25 76.57
C LEU A 793 -119.06 25.13 77.64
N LEU A 794 -119.45 26.40 77.66
CA LEU A 794 -118.82 27.39 78.53
C LEU A 794 -119.81 28.00 79.52
N GLY A 795 -121.03 27.52 79.57
CA GLY A 795 -122.04 28.06 80.47
C GLY A 795 -122.75 29.26 79.87
N GLY A 796 -123.72 29.75 80.63
CA GLY A 796 -124.49 30.89 80.16
C GLY A 796 -125.16 30.60 78.83
N ARG A 797 -125.08 31.56 77.92
CA ARG A 797 -125.63 31.41 76.58
C ARG A 797 -124.62 30.82 75.60
N HIS A 798 -123.52 30.27 76.10
CA HIS A 798 -122.44 29.76 75.28
C HIS A 798 -122.22 28.28 75.53
N GLY A 799 -123.32 27.53 75.62
CA GLY A 799 -123.23 26.10 75.87
C GLY A 799 -123.64 25.77 77.29
N GLU A 800 -124.76 25.08 77.43
CA GLU A 800 -125.28 24.72 78.74
C GLU A 800 -124.56 23.47 79.25
N PHE A 801 -124.08 23.53 80.49
CA PHE A 801 -123.34 22.42 81.06
C PHE A 801 -124.25 21.22 81.25
N LYS A 802 -123.70 20.03 81.02
CA LYS A 802 -124.41 18.79 81.33
C LYS A 802 -124.22 18.36 82.77
N PHE A 803 -123.24 18.93 83.48
CA PHE A 803 -123.00 18.63 84.88
C PHE A 803 -122.74 19.92 85.64
N LEU A 804 -123.07 19.91 86.91
CA LEU A 804 -122.95 21.11 87.72
C LEU A 804 -121.49 21.39 88.03
N PRO A 805 -121.00 22.61 87.84
CA PRO A 805 -119.63 22.94 88.23
C PRO A 805 -119.43 22.68 89.71
N PRO A 806 -118.28 22.16 90.11
CA PRO A 806 -118.03 21.93 91.53
C PRO A 806 -118.08 23.23 92.31
N PRO A 807 -118.43 23.19 93.59
CA PRO A 807 -118.63 24.44 94.35
C PRO A 807 -117.45 25.39 94.27
N GLY A 808 -117.72 26.64 93.92
CA GLY A 808 -116.72 27.68 93.88
C GLY A 808 -116.13 27.95 92.51
N TYR A 809 -116.28 27.02 91.57
CA TYR A 809 -115.74 27.19 90.24
C TYR A 809 -116.70 28.01 89.39
N ALA A 810 -116.14 28.89 88.56
CA ALA A 810 -116.94 29.82 87.79
C ALA A 810 -117.05 29.36 86.33
N PRO A 811 -118.19 29.56 85.69
CA PRO A 811 -118.29 29.25 84.26
C PRO A 811 -117.26 30.02 83.46
N CYS A 812 -116.68 29.36 82.46
CA CYS A 812 -115.59 29.96 81.71
C CYS A 812 -116.04 31.14 80.87
N HIS A 813 -117.33 31.19 80.52
CA HIS A 813 -117.81 32.29 79.67
C HIS A 813 -117.68 33.63 80.38
N GLU A 814 -117.63 33.62 81.70
CA GLU A 814 -117.51 34.87 82.45
C GLU A 814 -116.18 35.50 82.34
N ALA A 815 -115.18 34.85 81.74
CA ALA A 815 -113.83 35.38 81.69
C ALA A 815 -113.57 36.17 80.42
N VAL A 816 -114.54 36.31 79.52
CA VAL A 816 -114.33 37.08 78.31
C VAL A 816 -114.19 38.55 78.68
N LEU A 817 -113.17 39.20 78.12
CA LEU A 817 -112.83 40.54 78.53
C LEU A 817 -113.84 41.55 78.01
N PRO A 818 -113.90 42.74 78.61
CA PRO A 818 -114.96 43.68 78.25
C PRO A 818 -114.98 44.06 76.78
N ARG A 819 -113.82 44.25 76.16
CA ARG A 819 -113.75 44.73 74.79
C ARG A 819 -113.58 43.60 73.78
N GLU A 820 -114.08 42.41 74.10
CA GLU A 820 -113.97 41.26 73.22
C GLU A 820 -115.32 40.57 73.10
N ARG A 821 -115.45 39.74 72.08
CA ARG A 821 -116.63 38.92 71.88
C ARG A 821 -116.19 37.46 71.81
N LEU A 822 -116.91 36.61 72.54
CA LEU A 822 -116.51 35.21 72.64
C LEU A 822 -116.57 34.54 71.28
N HIS A 823 -115.53 33.77 70.97
CA HIS A 823 -115.49 32.99 69.73
C HIS A 823 -114.30 32.04 69.81
N LEU A 824 -114.29 31.06 68.91
CA LEU A 824 -113.19 30.11 68.82
C LEU A 824 -112.16 30.60 67.82
N GLN A 825 -110.88 30.38 68.14
CA GLN A 825 -109.79 30.88 67.32
C GLN A 825 -108.64 29.89 67.34
N PRO A 826 -107.80 29.89 66.30
CA PRO A 826 -106.56 29.11 66.36
C PRO A 826 -105.53 29.81 67.24
N ILE A 827 -104.42 29.11 67.47
CA ILE A 827 -103.37 29.58 68.36
C ILE A 827 -102.10 29.77 67.56
N LYS A 828 -101.53 30.97 67.62
CA LYS A 828 -100.22 31.27 67.05
C LYS A 828 -100.18 30.94 65.56
N GLU A 829 -101.21 31.37 64.85
CA GLU A 829 -101.29 31.13 63.42
C GLU A 829 -100.39 32.12 62.68
N TYR A 830 -99.60 31.60 61.75
CA TYR A 830 -98.83 32.44 60.85
C TYR A 830 -99.45 32.57 59.48
N ARG A 831 -100.67 32.06 59.29
CA ARG A 831 -101.26 32.03 57.98
C ARG A 831 -102.75 31.79 58.15
N ARG A 832 -103.54 32.37 57.25
CA ARG A 832 -104.99 32.31 57.29
C ARG A 832 -105.54 32.29 55.89
N GLU A 833 -106.84 32.02 55.76
CA GLU A 833 -107.51 32.17 54.47
C GLU A 833 -108.10 33.57 54.35
N GLY A 834 -108.24 34.05 53.12
CA GLY A 834 -108.81 35.35 52.88
C GLY A 834 -109.44 35.43 51.50
N PRO A 835 -110.15 36.53 51.24
CA PRO A 835 -111.02 36.57 50.05
C PRO A 835 -110.30 36.22 48.76
N ARG A 836 -109.07 36.67 48.59
CA ARG A 836 -108.33 36.45 47.35
C ARG A 836 -107.27 35.37 47.46
N GLY A 837 -107.12 34.74 48.63
CA GLY A 837 -106.10 33.74 48.80
C GLY A 837 -105.57 33.69 50.23
N PRO A 838 -104.45 33.02 50.44
CA PRO A 838 -103.90 32.94 51.78
C PRO A 838 -103.32 34.28 52.23
N HIS A 839 -103.56 34.61 53.48
CA HIS A 839 -102.99 35.79 54.14
C HIS A 839 -101.87 35.33 55.06
N LEU A 840 -100.72 35.97 54.95
CA LEU A 840 -99.65 35.77 55.92
C LEU A 840 -99.88 36.68 57.11
N VAL A 841 -99.64 36.15 58.31
CA VAL A 841 -99.96 36.82 59.55
C VAL A 841 -98.70 36.92 60.41
N GLY A 842 -98.46 38.09 60.97
CA GLY A 842 -97.34 38.29 61.86
C GLY A 842 -97.67 37.85 63.28
N PRO A 843 -96.71 37.97 64.18
CA PRO A 843 -96.94 37.53 65.55
C PRO A 843 -98.09 38.30 66.19
N SER A 844 -98.80 37.63 67.09
CA SER A 844 -99.91 38.25 67.79
C SER A 844 -99.46 38.75 69.16
N ARG A 845 -99.83 39.98 69.48
CA ARG A 845 -99.54 40.53 70.80
C ARG A 845 -100.49 39.93 71.82
N CYS A 846 -99.93 39.40 72.90
CA CYS A 846 -100.69 38.70 73.92
C CYS A 846 -100.62 39.46 75.24
N LEU A 847 -101.67 39.27 76.04
CA LEU A 847 -101.69 39.82 77.38
C LEU A 847 -100.85 38.97 78.32
N SER A 848 -100.54 39.53 79.49
CA SER A 848 -99.80 38.83 80.52
C SER A 848 -100.61 38.84 81.81
N HIS A 849 -100.35 37.86 82.66
CA HIS A 849 -101.10 37.77 83.90
C HIS A 849 -100.92 39.02 84.75
N LEU A 850 -99.84 39.76 84.54
CA LEU A 850 -99.60 41.01 85.25
C LEU A 850 -100.36 42.18 84.63
N ASP A 851 -100.99 41.98 83.48
CA ASP A 851 -101.80 43.04 82.88
C ASP A 851 -103.15 43.20 83.56
N PHE A 852 -103.46 42.34 84.54
CA PHE A 852 -104.69 42.42 85.30
C PHE A 852 -104.47 42.94 86.70
N VAL A 853 -103.29 43.49 86.98
CA VAL A 853 -102.97 44.05 88.30
C VAL A 853 -103.07 45.57 88.18
N PRO A 854 -104.07 46.21 88.78
CA PRO A 854 -104.12 47.67 88.72
C PRO A 854 -102.94 48.28 89.46
N CYS A 855 -102.27 49.23 88.82
CA CYS A 855 -101.05 49.84 89.34
C CYS A 855 -101.19 51.35 89.31
N PRO A 856 -102.03 51.95 90.20
CA PRO A 856 -102.17 53.39 90.27
C PRO A 856 -100.96 54.05 90.92
N VAL A 857 -100.67 55.29 90.55
CA VAL A 857 -99.51 56.06 91.10
C VAL A 857 -99.74 56.32 92.60
N ASP A 858 -98.67 56.30 93.39
CA ASP A 858 -98.78 56.60 94.84
C ASP A 858 -99.35 58.01 94.98
N THR A 859 -100.36 58.21 95.85
CA THR A 859 -100.95 59.51 96.10
C THR A 859 -101.29 59.64 97.58
N ILE A 860 -100.38 59.24 98.46
CA ILE A 860 -100.59 59.38 99.90
C ILE A 860 -99.52 60.30 100.48
N GLN A 861 -98.28 60.16 99.98
CA GLN A 861 -97.17 61.04 100.40
C GLN A 861 -97.47 62.45 99.90
N ILE A 862 -98.31 62.55 98.87
CA ILE A 862 -98.71 63.87 98.32
C ILE A 862 -99.44 64.60 99.44
N VAL A 863 -99.23 65.92 99.58
CA VAL A 863 -99.96 66.76 100.57
C VAL A 863 -100.59 67.91 99.77
N LEU A 864 -101.90 68.07 99.84
CA LEU A 864 -102.58 69.07 98.98
C LEU A 864 -102.10 70.49 99.35
N PRO A 865 -101.90 71.40 98.38
CA PRO A 865 -101.55 72.77 98.71
C PRO A 865 -102.77 73.36 99.38
N PRO A 866 -102.63 74.46 100.17
CA PRO A 866 -103.75 75.02 100.90
C PRO A 866 -104.83 75.48 99.94
N HIS A 867 -104.42 76.13 98.85
CA HIS A 867 -105.41 76.63 97.85
C HIS A 867 -106.13 75.42 97.27
N LEU A 868 -105.38 74.35 97.01
CA LEU A 868 -106.00 73.10 96.47
C LEU A 868 -106.99 72.55 97.49
N GLU A 869 -106.63 72.56 98.77
CA GLU A 869 -107.51 71.95 99.81
C GLU A 869 -108.83 72.72 99.85
N ARG A 870 -108.80 74.03 99.59
CA ARG A 870 -110.03 74.86 99.65
C ARG A 870 -111.01 74.36 98.57
N ILE A 871 -110.50 74.05 97.37
CA ILE A 871 -111.36 73.56 96.27
C ILE A 871 -111.71 72.09 96.54
N ARG A 872 -110.86 71.39 97.30
CA ARG A 872 -111.07 69.94 97.53
C ARG A 872 -112.44 69.65 98.14
N GLU A 873 -112.81 70.40 99.18
CA GLU A 873 -114.12 70.19 99.85
C GLU A 873 -115.23 70.36 98.80
N LYS A 874 -115.12 71.42 97.99
CA LYS A 874 -116.15 71.70 96.95
C LYS A 874 -116.16 70.55 95.95
N LEU A 875 -114.99 70.03 95.58
CA LEU A 875 -114.90 68.95 94.56
C LEU A 875 -115.72 67.73 95.00
N ALA A 876 -115.55 67.29 96.25
CA ALA A 876 -116.22 66.05 96.71
C ALA A 876 -117.73 66.19 96.56
N GLU A 877 -118.30 67.30 97.01
CA GLU A 877 -119.78 67.46 96.98
C GLU A 877 -120.27 67.89 95.59
N ASN A 878 -119.55 68.81 94.94
CA ASN A 878 -120.00 69.36 93.62
C ASN A 878 -120.03 68.21 92.61
N ILE A 879 -119.04 67.32 92.66
CA ILE A 879 -119.02 66.13 91.75
C ILE A 879 -120.33 65.35 91.97
N HIS A 880 -120.72 65.15 93.24
CA HIS A 880 -122.02 64.46 93.50
C HIS A 880 -123.13 65.24 92.80
N GLU A 881 -123.07 66.57 92.88
CA GLU A 881 -124.11 67.42 92.26
C GLU A 881 -124.24 67.07 90.77
N LEU A 882 -123.13 67.10 90.04
CA LEU A 882 -123.20 66.82 88.58
C LEU A 882 -123.70 65.39 88.38
N TRP A 883 -123.23 64.46 89.22
CA TRP A 883 -123.69 63.06 89.11
C TRP A 883 -125.20 63.01 89.24
N ALA A 884 -125.77 63.66 90.26
CA ALA A 884 -127.23 63.59 90.51
C ALA A 884 -127.98 64.12 89.29
N LEU A 885 -127.46 65.20 88.69
CA LEU A 885 -128.11 65.77 87.49
C LEU A 885 -128.06 64.72 86.39
N THR A 886 -126.93 64.02 86.28
CA THR A 886 -126.80 62.95 85.27
C THR A 886 -127.67 61.79 85.67
N ARG A 887 -127.79 61.53 86.97
CA ARG A 887 -128.55 60.33 87.43
C ARG A 887 -130.04 60.50 87.13
N ILE A 888 -130.60 61.69 87.38
CA ILE A 888 -132.02 61.94 86.99
C ILE A 888 -132.09 61.88 85.46
N GLU A 889 -131.08 62.43 84.79
CA GLU A 889 -131.03 62.32 83.31
C GLU A 889 -131.04 60.83 82.93
N GLN A 890 -130.53 59.98 83.83
CA GLN A 890 -130.52 58.51 83.59
C GLN A 890 -131.93 58.01 83.90
N GLY A 891 -132.74 58.81 84.56
CA GLY A 891 -134.11 58.41 84.94
C GLY A 891 -134.10 58.00 86.39
N TRP A 892 -132.91 57.98 86.99
CA TRP A 892 -132.78 57.60 88.41
C TRP A 892 -133.49 58.61 89.30
N THR A 893 -134.17 58.13 90.33
CA THR A 893 -134.82 59.02 91.32
C THR A 893 -134.43 58.43 92.65
N TYR A 894 -134.44 59.21 93.73
CA TYR A 894 -133.93 58.60 94.99
C TYR A 894 -134.81 57.41 95.32
N GLY A 895 -134.18 56.32 95.75
CA GLY A 895 -134.95 55.13 96.16
C GLY A 895 -134.72 54.91 97.64
N PRO A 896 -135.77 54.85 98.49
CA PRO A 896 -135.57 54.56 99.90
C PRO A 896 -134.89 53.22 99.85
N VAL A 897 -135.35 52.35 98.96
CA VAL A 897 -134.71 51.02 98.77
C VAL A 897 -134.25 50.95 97.30
N ARG A 898 -133.01 50.52 97.06
CA ARG A 898 -132.52 50.38 95.67
C ARG A 898 -133.34 49.30 94.96
N ASP A 899 -133.66 49.52 93.68
CA ASP A 899 -134.39 48.49 92.88
C ASP A 899 -133.96 48.64 91.42
N ASP A 900 -133.64 47.52 90.77
CA ASP A 900 -133.19 47.59 89.35
C ASP A 900 -134.36 48.03 88.47
N ASN A 901 -135.56 47.48 88.73
CA ASN A 901 -136.77 47.92 87.99
C ASN A 901 -137.03 49.40 88.31
N LYS A 902 -136.86 49.77 89.58
CA LYS A 902 -137.11 51.16 90.02
C LYS A 902 -136.15 52.12 89.34
N ARG A 903 -134.88 51.72 89.17
CA ARG A 903 -133.88 52.69 88.67
C ARG A 903 -133.85 53.78 89.74
N LEU A 904 -134.03 53.39 91.01
CA LEU A 904 -134.06 54.36 92.13
C LEU A 904 -132.86 54.06 93.04
N HIS A 905 -132.08 55.07 93.42
CA HIS A 905 -130.85 54.78 94.19
C HIS A 905 -130.96 55.28 95.63
N PRO A 906 -130.68 54.42 96.62
CA PRO A 906 -130.67 54.83 98.03
C PRO A 906 -129.56 55.84 98.13
N CYS A 907 -128.45 55.57 97.45
CA CYS A 907 -127.27 56.49 97.48
C CYS A 907 -127.56 57.71 96.60
N LEU A 908 -128.83 57.93 96.24
CA LEU A 908 -129.17 59.16 95.50
C LEU A 908 -129.73 60.11 96.56
N VAL A 909 -129.10 61.27 96.77
CA VAL A 909 -129.52 62.19 97.87
C VAL A 909 -128.44 63.29 97.93
N ASN A 910 -128.38 64.01 99.05
CA ASN A 910 -127.40 65.12 99.18
C ASN A 910 -126.09 64.54 99.74
N PHE A 911 -124.96 65.26 99.63
CA PHE A 911 -123.69 64.64 100.06
C PHE A 911 -123.78 64.34 101.56
N HIS A 912 -124.36 65.25 102.33
CA HIS A 912 -124.55 65.00 103.79
C HIS A 912 -125.67 63.97 103.96
N SER A 913 -126.70 64.05 103.13
CA SER A 913 -127.81 63.07 103.17
C SER A 913 -127.26 61.67 102.91
N LEU A 914 -126.31 61.54 101.99
CA LEU A 914 -125.74 60.23 101.61
C LEU A 914 -125.00 59.65 102.81
N PRO A 915 -124.93 58.30 102.96
CA PRO A 915 -124.37 57.71 104.16
C PRO A 915 -122.94 58.16 104.27
N GLU A 916 -122.48 58.42 105.50
CA GLU A 916 -121.13 59.00 105.68
C GLU A 916 -120.04 58.07 105.12
N PRO A 917 -120.08 56.72 105.28
CA PRO A 917 -118.98 55.92 104.74
C PRO A 917 -118.90 56.04 103.23
N GLU A 918 -120.06 56.01 102.55
CA GLU A 918 -120.07 56.19 101.08
C GLU A 918 -119.63 57.62 100.75
N ARG A 919 -120.13 58.59 101.52
CA ARG A 919 -119.76 60.02 101.30
C ARG A 919 -118.24 60.15 101.49
N ASN A 920 -117.68 59.41 102.45
CA ASN A 920 -116.23 59.52 102.75
C ASN A 920 -115.43 59.09 101.52
N TYR A 921 -115.89 58.04 100.84
CA TYR A 921 -115.18 57.58 99.62
C TYR A 921 -115.25 58.69 98.57
N ASN A 922 -116.38 59.37 98.50
CA ASN A 922 -116.51 60.51 97.55
C ASN A 922 -115.54 61.62 97.94
N LEU A 923 -115.54 62.03 99.21
CA LEU A 923 -114.68 63.16 99.63
C LEU A 923 -113.20 62.79 99.42
N GLN A 924 -112.84 61.55 99.77
CA GLN A 924 -111.42 61.12 99.65
C GLN A 924 -111.05 61.17 98.16
N MET A 925 -112.00 60.81 97.30
CA MET A 925 -111.75 60.81 95.83
C MET A 925 -111.43 62.23 95.36
N SER A 926 -112.23 63.23 95.77
CA SER A 926 -112.01 64.61 95.25
C SER A 926 -110.63 65.11 95.68
N GLY A 927 -110.25 64.84 96.93
CA GLY A 927 -108.90 65.21 97.39
C GLY A 927 -107.88 64.44 96.57
N GLU A 928 -108.17 63.17 96.33
CA GLU A 928 -107.23 62.29 95.59
C GLU A 928 -106.95 62.87 94.21
N THR A 929 -107.94 63.49 93.56
CA THR A 929 -107.67 63.96 92.18
C THR A 929 -106.57 65.00 92.24
N LEU A 930 -106.62 65.89 93.23
CA LEU A 930 -105.60 66.95 93.34
C LEU A 930 -104.23 66.30 93.60
N LYS A 931 -104.18 65.34 94.52
CA LYS A 931 -102.90 64.65 94.82
C LYS A 931 -102.43 63.94 93.55
N THR A 932 -103.37 63.39 92.78
CA THR A 932 -103.00 62.66 91.55
C THR A 932 -102.29 63.62 90.65
N LEU A 933 -102.82 64.84 90.52
CA LEU A 933 -102.20 65.84 89.63
C LEU A 933 -100.79 66.12 90.13
N LEU A 934 -100.63 66.25 91.45
CA LEU A 934 -99.29 66.56 92.01
C LEU A 934 -98.34 65.40 91.67
N ALA A 935 -98.82 64.15 91.77
CA ALA A 935 -97.99 62.98 91.41
C ALA A 935 -97.69 63.05 89.92
N LEU A 936 -98.71 63.33 89.10
CA LEU A 936 -98.51 63.52 87.64
C LEU A 936 -97.38 64.53 87.47
N GLY A 937 -97.31 65.55 88.33
CA GLY A 937 -96.26 66.57 88.20
C GLY A 937 -96.80 67.82 87.54
N CYS A 938 -98.06 67.79 87.10
CA CYS A 938 -98.66 69.03 86.56
C CYS A 938 -98.75 70.02 87.73
N HIS A 939 -98.54 71.31 87.47
CA HIS A 939 -98.48 72.27 88.61
C HIS A 939 -99.71 73.17 88.59
N VAL A 940 -100.40 73.26 89.73
CA VAL A 940 -101.67 74.06 89.78
C VAL A 940 -101.54 75.15 90.84
N GLY A 941 -101.68 76.42 90.43
CA GLY A 941 -101.70 77.56 91.37
C GLY A 941 -102.74 78.53 90.83
N MET A 942 -103.50 79.21 91.68
CA MET A 942 -104.62 80.02 91.11
C MET A 942 -104.12 81.39 90.65
N ALA A 943 -104.24 81.65 89.34
CA ALA A 943 -103.87 82.99 88.81
C ALA A 943 -104.79 84.05 89.41
N ASP A 944 -106.09 83.76 89.48
CA ASP A 944 -107.02 84.71 90.14
C ASP A 944 -107.84 84.01 91.22
N GLU A 945 -107.87 84.54 92.43
CA GLU A 945 -108.74 83.94 93.48
C GLU A 945 -110.19 84.40 93.24
N LYS A 946 -110.36 85.62 92.72
CA LYS A 946 -111.72 86.19 92.51
C LYS A 946 -112.49 85.33 91.49
N ALA A 947 -111.82 84.87 90.44
CA ALA A 947 -112.51 84.08 89.39
C ALA A 947 -113.06 82.81 90.02
N GLU A 948 -112.28 82.20 90.92
CA GLU A 948 -112.71 80.96 91.61
C GLU A 948 -113.95 81.30 92.43
N ASP A 949 -113.95 82.47 93.07
CA ASP A 949 -115.10 82.86 93.95
C ASP A 949 -116.37 82.94 93.10
N ASN A 950 -116.27 83.45 91.87
CA ASN A 950 -117.46 83.60 90.98
C ASN A 950 -117.97 82.22 90.54
N LEU A 951 -119.07 81.73 91.12
CA LEU A 951 -119.63 80.44 90.63
C LEU A 951 -121.11 80.58 90.25
N LYS A 952 -121.54 79.89 89.18
CA LYS A 952 -122.96 79.94 88.75
C LYS A 952 -123.47 78.51 88.55
N LYS A 953 -123.68 77.76 89.63
CA LYS A 953 -124.11 76.34 89.52
C LYS A 953 -125.47 76.30 88.79
N THR A 954 -125.63 75.35 87.86
CA THR A 954 -126.89 75.24 87.10
C THR A 954 -128.02 74.91 88.05
N LYS A 955 -129.20 75.49 87.82
CA LYS A 955 -130.39 75.22 88.66
C LYS A 955 -130.92 73.80 88.39
N LEU A 956 -131.89 73.34 89.18
CA LEU A 956 -132.40 71.96 89.03
C LEU A 956 -133.89 71.96 88.67
N PRO A 957 -134.34 71.22 87.62
CA PRO A 957 -135.76 71.12 87.32
C PRO A 957 -136.42 70.21 88.33
N LYS A 958 -137.75 70.29 88.45
CA LYS A 958 -138.48 69.50 89.49
C LYS A 958 -138.48 68.01 89.12
N THR A 959 -138.66 67.69 87.83
CA THR A 959 -138.58 66.28 87.41
C THR A 959 -137.20 65.78 87.77
N TYR A 960 -136.20 66.66 87.68
CA TYR A 960 -134.79 66.28 87.98
C TYR A 960 -134.68 65.86 89.45
N MET A 961 -135.40 66.54 90.34
CA MET A 961 -135.20 66.26 91.79
C MET A 961 -135.59 64.82 92.11
N MET A 962 -134.83 64.18 93.00
CA MET A 962 -135.05 62.75 93.38
C MET A 962 -136.31 62.62 94.24
N SER A 963 -136.88 61.42 94.32
CA SER A 963 -138.03 61.22 95.25
C SER A 963 -137.75 61.93 96.58
N ASN A 964 -136.54 61.79 97.13
CA ASN A 964 -136.15 62.46 98.40
C ASN A 964 -136.39 63.96 98.17
N GLY A 965 -136.13 64.47 96.98
CA GLY A 965 -136.42 65.88 96.68
C GLY A 965 -135.13 66.65 96.55
N TYR A 966 -134.01 66.00 96.84
CA TYR A 966 -132.69 66.67 96.70
C TYR A 966 -132.50 67.00 95.23
N LYS A 967 -131.93 68.17 94.95
CA LYS A 967 -131.73 68.59 93.54
C LYS A 967 -130.22 68.65 93.29
N PRO A 968 -129.71 67.94 92.26
CA PRO A 968 -128.30 68.06 91.91
C PRO A 968 -128.00 69.50 91.55
N ALA A 969 -126.93 70.05 92.11
CA ALA A 969 -126.54 71.43 91.73
C ALA A 969 -125.05 71.44 91.39
N PRO A 970 -124.63 70.83 90.26
CA PRO A 970 -123.24 70.88 89.88
C PRO A 970 -122.95 72.34 89.63
N LEU A 971 -121.77 72.83 90.02
CA LEU A 971 -121.42 74.23 89.67
C LEU A 971 -121.30 74.29 88.14
N ASP A 972 -121.64 75.42 87.52
CA ASP A 972 -121.63 75.50 86.03
C ASP A 972 -120.50 76.41 85.57
N LEU A 973 -119.71 75.96 84.58
CA LEU A 973 -118.55 76.75 84.08
C LEU A 973 -118.40 76.59 82.57
N SER A 974 -119.19 77.31 81.79
CA SER A 974 -119.17 77.25 80.29
C SER A 974 -117.82 77.70 79.74
N HIS A 975 -117.20 78.71 80.33
CA HIS A 975 -115.97 79.36 79.78
C HIS A 975 -114.75 78.45 79.62
N VAL A 976 -114.49 77.51 80.54
CA VAL A 976 -113.20 76.75 80.52
C VAL A 976 -113.00 75.93 79.23
N ARG A 977 -111.76 75.87 78.73
CA ARG A 977 -111.43 75.17 77.44
C ARG A 977 -110.20 74.26 77.62
N LEU A 978 -109.98 73.29 76.73
CA LEU A 978 -108.84 72.37 76.96
C LEU A 978 -107.82 72.50 75.83
N THR A 979 -106.70 71.78 75.95
CA THR A 979 -105.62 71.80 74.93
C THR A 979 -105.26 70.36 74.71
N PRO A 980 -104.60 69.96 73.60
CA PRO A 980 -104.39 68.55 73.36
C PRO A 980 -103.59 67.94 74.50
N ALA A 981 -102.58 68.64 75.02
CA ALA A 981 -101.84 68.15 76.19
C ALA A 981 -102.76 68.07 77.41
N GLN A 982 -103.62 69.08 77.61
CA GLN A 982 -104.54 69.10 78.78
C GLN A 982 -105.53 67.94 78.69
N THR A 983 -106.09 67.65 77.51
CA THR A 983 -107.03 66.54 77.30
C THR A 983 -106.29 65.25 77.54
N THR A 984 -105.04 65.15 77.11
CA THR A 984 -104.20 63.96 77.32
C THR A 984 -104.01 63.76 78.80
N LEU A 985 -103.81 64.85 79.54
CA LEU A 985 -103.58 64.80 81.00
C LEU A 985 -104.86 64.34 81.72
N VAL A 986 -106.05 64.59 81.14
CA VAL A 986 -107.36 64.22 81.74
C VAL A 986 -107.58 62.71 81.51
N ASP A 987 -107.07 62.17 80.41
CA ASP A 987 -107.12 60.72 80.11
C ASP A 987 -106.24 59.99 81.12
N ARG A 988 -105.07 60.55 81.43
CA ARG A 988 -104.17 59.99 82.45
C ARG A 988 -104.85 60.04 83.81
N LEU A 989 -105.56 61.13 84.10
CA LEU A 989 -106.27 61.31 85.39
C LEU A 989 -107.37 60.26 85.53
N ALA A 990 -108.09 59.93 84.45
CA ALA A 990 -109.20 58.96 84.47
C ALA A 990 -108.65 57.54 84.68
N GLU A 991 -107.48 57.22 84.13
CA GLU A 991 -106.82 55.94 84.30
C GLU A 991 -106.44 55.71 85.76
N ASN A 992 -105.81 56.71 86.38
CA ASN A 992 -105.39 56.56 87.76
C ASN A 992 -106.58 56.40 88.70
N GLY A 993 -107.64 57.16 88.48
CA GLY A 993 -108.81 57.04 89.33
C GLY A 993 -109.40 55.65 89.27
N HIS A 994 -109.57 55.15 88.05
CA HIS A 994 -110.14 53.82 87.89
C HIS A 994 -109.23 52.76 88.51
N ASN A 995 -107.92 52.90 88.32
CA ASN A 995 -107.00 51.92 88.89
C ASN A 995 -107.02 51.95 90.40
N VAL A 996 -107.13 53.12 91.00
CA VAL A 996 -107.24 53.21 92.46
C VAL A 996 -108.50 52.51 92.93
N TRP A 997 -109.61 52.77 92.26
CA TRP A 997 -110.86 52.11 92.63
C TRP A 997 -110.74 50.61 92.50
N ALA A 998 -110.11 50.15 91.42
CA ALA A 998 -109.95 48.72 91.19
C ALA A 998 -109.09 48.08 92.27
N ARG A 999 -107.99 48.75 92.65
CA ARG A 999 -107.15 48.23 93.71
C ARG A 999 -107.92 48.11 95.01
N ASP A 1000 -108.71 49.13 95.33
CA ASP A 1000 -109.49 49.08 96.56
C ASP A 1000 -110.50 47.93 96.53
N ARG A 1001 -111.18 47.73 95.40
CA ARG A 1001 -112.15 46.66 95.33
C ARG A 1001 -111.49 45.30 95.39
N VAL A 1002 -110.32 45.15 94.76
CA VAL A 1002 -109.60 43.89 94.84
C VAL A 1002 -109.20 43.61 96.28
N ALA A 1003 -108.74 44.63 96.99
CA ALA A 1003 -108.41 44.44 98.40
C ALA A 1003 -109.64 44.01 99.19
N GLN A 1004 -110.79 44.61 98.90
CA GLN A 1004 -112.01 44.19 99.59
C GLN A 1004 -112.41 42.77 99.21
N GLY A 1005 -111.98 42.30 98.03
CA GLY A 1005 -112.19 40.91 97.67
C GLY A 1005 -113.01 40.69 96.42
N TRP A 1006 -113.16 41.72 95.59
CA TRP A 1006 -113.92 41.60 94.37
C TRP A 1006 -113.05 41.02 93.25
N SER A 1007 -113.71 40.60 92.18
CA SER A 1007 -113.02 40.06 91.01
C SER A 1007 -113.84 40.42 89.77
N TYR A 1008 -113.28 40.11 88.60
CA TYR A 1008 -113.92 40.43 87.34
C TYR A 1008 -114.87 39.32 86.92
N SER A 1009 -115.95 39.71 86.24
CA SER A 1009 -116.90 38.75 85.71
C SER A 1009 -117.71 39.45 84.63
N ALA A 1010 -117.85 38.79 83.47
CA ALA A 1010 -118.59 39.40 82.37
C ALA A 1010 -120.04 39.66 82.75
N VAL A 1011 -120.57 38.92 83.72
CA VAL A 1011 -121.94 39.12 84.20
C VAL A 1011 -121.87 39.55 85.65
N GLN A 1012 -122.48 40.68 85.97
CA GLN A 1012 -122.39 41.22 87.32
C GLN A 1012 -123.08 40.32 88.31
N ASP A 1013 -122.48 40.22 89.51
CA ASP A 1013 -123.06 39.44 90.62
C ASP A 1013 -122.64 40.14 91.91
N ILE A 1014 -123.52 41.02 92.40
CA ILE A 1014 -123.20 41.80 93.59
C ILE A 1014 -123.02 40.91 94.81
N PRO A 1015 -123.91 39.96 95.11
CA PRO A 1015 -123.70 39.10 96.28
C PRO A 1015 -122.38 38.34 96.22
N ALA A 1016 -121.91 38.00 95.03
CA ALA A 1016 -120.68 37.25 94.87
C ALA A 1016 -119.46 38.15 94.72
N ARG A 1017 -119.65 39.46 94.73
CA ARG A 1017 -118.54 40.41 94.62
C ARG A 1017 -117.80 40.22 93.28
N ARG A 1018 -118.56 40.22 92.20
CA ARG A 1018 -118.01 40.11 90.85
C ARG A 1018 -118.55 41.28 90.04
N ASN A 1019 -117.66 41.99 89.37
CA ASN A 1019 -118.04 43.21 88.67
C ASN A 1019 -117.61 43.15 87.21
N PRO A 1020 -118.44 43.61 86.28
CA PRO A 1020 -118.02 43.64 84.87
C PRO A 1020 -116.99 44.70 84.56
N ARG A 1021 -116.71 45.61 85.49
CA ARG A 1021 -115.78 46.70 85.25
C ARG A 1021 -114.48 46.55 86.03
N LEU A 1022 -114.30 45.47 86.78
CA LEU A 1022 -113.12 45.34 87.62
C LEU A 1022 -111.92 44.85 86.83
N VAL A 1023 -111.45 45.66 85.89
CA VAL A 1023 -110.18 45.40 85.22
C VAL A 1023 -109.37 46.68 85.16
N PRO A 1024 -108.07 46.56 84.95
CA PRO A 1024 -107.25 47.76 84.77
C PRO A 1024 -107.78 48.61 83.63
N TYR A 1025 -107.71 49.93 83.81
CA TYR A 1025 -108.31 50.88 82.89
C TYR A 1025 -107.98 50.57 81.43
N ARG A 1026 -106.80 50.00 81.18
CA ARG A 1026 -106.39 49.77 79.80
C ARG A 1026 -107.32 48.81 79.08
N LEU A 1027 -107.84 47.80 79.78
CA LEU A 1027 -108.65 46.77 79.15
C LEU A 1027 -110.14 47.09 79.19
N LEU A 1028 -110.50 48.28 79.64
CA LEU A 1028 -111.91 48.63 79.73
C LEU A 1028 -112.48 48.91 78.35
N ASP A 1029 -113.80 48.73 78.23
CA ASP A 1029 -114.47 49.01 76.97
C ASP A 1029 -114.51 50.52 76.72
N GLU A 1030 -114.76 50.88 75.46
CA GLU A 1030 -114.68 52.28 75.08
C GLU A 1030 -115.74 53.13 75.76
N ALA A 1031 -116.94 52.57 75.95
CA ALA A 1031 -118.02 53.35 76.55
C ALA A 1031 -117.67 53.78 77.96
N THR A 1032 -117.19 52.85 78.79
CA THR A 1032 -116.83 53.18 80.16
C THR A 1032 -115.66 54.15 80.20
N LYS A 1033 -114.67 53.94 79.32
CA LYS A 1033 -113.57 54.88 79.23
C LYS A 1033 -114.08 56.27 78.95
N ARG A 1034 -115.00 56.40 77.99
CA ARG A 1034 -115.53 57.71 77.63
C ARG A 1034 -116.27 58.34 78.80
N SER A 1035 -117.07 57.54 79.52
CA SER A 1035 -117.81 58.07 80.66
C SER A 1035 -116.86 58.62 81.73
N ASN A 1036 -115.85 57.83 82.08
CA ASN A 1036 -114.91 58.25 83.10
C ASN A 1036 -114.15 59.50 82.65
N ARG A 1037 -113.73 59.52 81.39
CA ARG A 1037 -113.03 60.69 80.87
C ARG A 1037 -113.92 61.91 80.91
N ASP A 1038 -115.21 61.73 80.62
CA ASP A 1038 -116.15 62.84 80.67
C ASP A 1038 -116.22 63.43 82.08
N SER A 1039 -116.40 62.55 83.07
CA SER A 1039 -116.48 63.05 84.45
C SER A 1039 -115.20 63.79 84.83
N LEU A 1040 -114.04 63.18 84.53
CA LEU A 1040 -112.78 63.80 84.93
C LEU A 1040 -112.55 65.11 84.18
N CYS A 1041 -112.94 65.18 82.91
CA CYS A 1041 -112.71 66.39 82.14
C CYS A 1041 -113.62 67.50 82.63
N GLN A 1042 -114.84 67.17 83.05
CA GLN A 1042 -115.69 68.16 83.68
C GLN A 1042 -115.02 68.71 84.93
N ALA A 1043 -114.48 67.82 85.77
CA ALA A 1043 -113.80 68.22 87.03
C ALA A 1043 -112.53 69.00 86.74
N VAL A 1044 -111.77 68.61 85.72
CA VAL A 1044 -110.50 69.30 85.37
C VAL A 1044 -110.88 70.73 84.99
N ARG A 1045 -111.95 70.88 84.22
CA ARG A 1045 -112.40 72.21 83.75
C ARG A 1045 -112.79 73.09 84.95
N THR A 1046 -113.45 72.55 85.98
CA THR A 1046 -113.93 73.40 87.10
C THR A 1046 -112.72 74.02 87.76
N LEU A 1047 -111.65 73.25 87.98
CA LEU A 1047 -110.38 73.78 88.55
C LEU A 1047 -109.76 74.80 87.59
N LEU A 1048 -109.79 74.50 86.30
CA LEU A 1048 -109.17 75.38 85.28
C LEU A 1048 -109.88 76.73 85.29
N GLY A 1049 -111.20 76.73 85.42
CA GLY A 1049 -112.00 77.96 85.39
C GLY A 1049 -111.85 78.75 86.67
N TYR A 1050 -111.57 78.08 87.79
CA TYR A 1050 -111.48 78.79 89.10
C TYR A 1050 -110.37 79.79 88.90
N GLY A 1051 -109.34 79.39 88.17
CA GLY A 1051 -108.18 80.25 87.90
C GLY A 1051 -106.94 79.45 88.14
N TYR A 1052 -107.09 78.30 88.81
CA TYR A 1052 -105.91 77.50 89.15
C TYR A 1052 -105.37 77.09 87.80
N ASN A 1053 -104.06 77.15 87.61
CA ASN A 1053 -103.46 76.86 86.28
C ASN A 1053 -103.14 75.38 86.22
N ILE A 1054 -103.58 74.67 85.17
CA ILE A 1054 -103.16 73.25 85.00
C ILE A 1054 -102.17 73.26 83.83
N GLU A 1055 -100.99 72.68 84.04
CA GLU A 1055 -99.94 72.65 83.00
C GLU A 1055 -99.58 71.16 82.82
N PRO A 1056 -100.01 70.48 81.75
CA PRO A 1056 -99.75 69.05 81.67
C PRO A 1056 -98.28 68.81 81.96
N PRO A 1057 -97.92 67.77 82.73
CA PRO A 1057 -96.53 67.55 83.10
C PRO A 1057 -95.74 67.19 81.87
N ASP A 1058 -94.48 67.63 81.80
CA ASP A 1058 -93.60 67.31 80.66
C ASP A 1058 -93.62 65.81 80.40
N GLN A 1059 -93.42 65.37 79.15
CA GLN A 1059 -93.43 63.97 78.77
C GLN A 1059 -92.00 63.46 78.70
N GLU A 1060 -91.74 62.37 79.41
CA GLU A 1060 -90.40 61.79 79.46
C GLU A 1060 -90.30 60.67 78.43
N PRO A 1061 -89.31 60.70 77.53
CA PRO A 1061 -89.24 59.66 76.50
C PRO A 1061 -89.23 58.27 77.10
N SER A 1062 -90.04 57.38 76.54
CA SER A 1062 -90.20 56.03 77.05
C SER A 1062 -90.20 55.04 75.89
N GLN A 1063 -89.66 53.86 76.15
CA GLN A 1063 -89.60 52.78 75.17
C GLN A 1063 -90.17 51.52 75.80
N VAL A 1064 -91.08 50.85 75.08
CA VAL A 1064 -91.68 49.62 75.57
C VAL A 1064 -90.78 48.42 75.29
N ASP A 1065 -90.32 48.28 74.05
CA ASP A 1065 -89.45 47.16 73.66
C ASP A 1065 -90.03 45.85 74.17
N SER A 1066 -91.31 45.61 73.86
CA SER A 1066 -92.01 44.45 74.41
C SER A 1066 -91.24 43.16 74.17
N GLN A 1067 -90.63 43.04 73.00
CA GLN A 1067 -89.89 41.85 72.62
C GLN A 1067 -88.61 42.23 71.90
N SER A 1068 -87.87 41.22 71.47
CA SER A 1068 -86.62 41.44 70.74
C SER A 1068 -86.93 41.65 69.26
N ARG A 1069 -86.57 42.83 68.74
CA ARG A 1069 -86.88 43.15 67.35
C ARG A 1069 -86.20 42.19 66.39
N GLY A 1070 -84.97 41.79 66.68
CA GLY A 1070 -84.28 40.87 65.80
C GLY A 1070 -84.96 39.53 65.68
N ASP A 1071 -85.83 39.18 66.63
CA ASP A 1071 -86.53 37.92 66.64
C ASP A 1071 -88.05 38.09 66.69
N ARG A 1072 -88.56 39.30 66.53
CA ARG A 1072 -89.99 39.51 66.70
C ARG A 1072 -90.77 39.41 65.40
N ALA A 1073 -90.49 40.28 64.45
CA ALA A 1073 -91.20 40.25 63.17
C ALA A 1073 -90.98 38.91 62.50
N ARG A 1074 -92.05 38.36 61.93
CA ARG A 1074 -91.99 37.08 61.25
C ARG A 1074 -91.64 37.29 59.78
N ILE A 1075 -90.59 36.62 59.32
CA ILE A 1075 -90.11 36.74 57.95
C ILE A 1075 -90.59 35.53 57.16
N PHE A 1076 -91.19 35.79 56.00
CA PHE A 1076 -91.59 34.75 55.06
C PHE A 1076 -90.79 34.95 53.78
N ARG A 1077 -90.12 33.91 53.32
CA ARG A 1077 -89.35 33.98 52.07
C ARG A 1077 -89.72 32.79 51.20
N ALA A 1078 -89.41 32.92 49.91
CA ALA A 1078 -89.53 31.77 49.03
C ALA A 1078 -88.43 30.76 49.32
N GLU A 1079 -88.65 29.52 48.93
CA GLU A 1079 -87.65 28.48 49.12
C GLU A 1079 -86.39 28.79 48.32
N LYS A 1080 -85.25 28.39 48.86
CA LYS A 1080 -83.97 28.72 48.24
C LYS A 1080 -83.86 28.25 46.81
N SER A 1081 -84.48 27.13 46.46
CA SER A 1081 -84.33 26.59 45.11
C SER A 1081 -84.95 27.48 44.05
N TYR A 1082 -85.77 28.46 44.45
CA TYR A 1082 -86.42 29.35 43.51
C TYR A 1082 -85.61 30.59 43.20
N ALA A 1083 -84.40 30.71 43.75
CA ALA A 1083 -83.61 31.91 43.57
C ALA A 1083 -83.38 32.18 42.08
N VAL A 1084 -83.60 33.42 41.66
CA VAL A 1084 -83.47 33.83 40.27
C VAL A 1084 -82.14 34.55 40.10
N GLN A 1085 -81.42 34.19 39.05
CA GLN A 1085 -80.12 34.78 38.76
C GLN A 1085 -80.11 35.57 37.46
N SER A 1086 -81.26 35.76 36.84
CA SER A 1086 -81.34 36.51 35.59
C SER A 1086 -82.80 36.80 35.29
N GLY A 1087 -83.01 37.79 34.43
CA GLY A 1087 -84.35 38.10 33.95
C GLY A 1087 -84.99 39.27 34.67
N ARG A 1088 -86.27 39.45 34.39
CA ARG A 1088 -87.07 40.54 34.93
C ARG A 1088 -88.29 39.95 35.60
N TRP A 1089 -88.36 40.07 36.93
CA TRP A 1089 -89.35 39.36 37.72
C TRP A 1089 -90.17 40.34 38.54
N TYR A 1090 -91.43 39.98 38.77
CA TYR A 1090 -92.42 40.86 39.38
C TYR A 1090 -93.30 40.05 40.32
N PHE A 1091 -93.60 40.61 41.48
CA PHE A 1091 -94.61 40.02 42.36
C PHE A 1091 -95.29 41.14 43.13
N GLU A 1092 -96.36 40.78 43.85
CA GLU A 1092 -97.20 41.77 44.52
C GLU A 1092 -97.37 41.41 45.98
N PHE A 1093 -97.57 42.43 46.81
CA PHE A 1093 -97.79 42.27 48.24
C PHE A 1093 -98.85 43.27 48.67
N GLU A 1094 -100.02 42.79 49.06
CA GLU A 1094 -101.11 43.64 49.50
C GLU A 1094 -101.07 43.75 51.02
N ALA A 1095 -101.11 44.98 51.51
CA ALA A 1095 -101.03 45.23 52.95
C ALA A 1095 -102.44 45.29 53.51
N VAL A 1096 -102.89 44.22 54.17
CA VAL A 1096 -104.23 44.23 54.74
C VAL A 1096 -104.29 45.18 55.93
N THR A 1097 -103.26 45.17 56.76
CA THR A 1097 -103.07 46.18 57.79
C THR A 1097 -102.08 47.22 57.30
N THR A 1098 -101.83 48.23 58.13
CA THR A 1098 -101.01 49.36 57.74
C THR A 1098 -99.86 49.60 58.70
N GLY A 1099 -99.36 48.56 59.32
CA GLY A 1099 -98.31 48.66 60.31
C GLY A 1099 -96.95 48.31 59.78
N GLU A 1100 -96.09 47.82 60.66
CA GLU A 1100 -94.71 47.51 60.29
C GLU A 1100 -94.68 46.28 59.39
N MET A 1101 -94.38 46.51 58.12
CA MET A 1101 -94.26 45.41 57.16
C MET A 1101 -93.23 45.81 56.11
N ARG A 1102 -92.38 44.86 55.76
CA ARG A 1102 -91.34 45.08 54.76
C ARG A 1102 -91.50 44.06 53.66
N VAL A 1103 -91.18 44.44 52.43
CA VAL A 1103 -91.33 43.53 51.30
C VAL A 1103 -90.26 43.82 50.26
N GLY A 1104 -89.68 42.77 49.70
CA GLY A 1104 -88.65 42.95 48.70
C GLY A 1104 -87.94 41.68 48.29
N TRP A 1105 -86.63 41.77 48.07
CA TRP A 1105 -85.85 40.66 47.57
C TRP A 1105 -84.73 40.33 48.54
N ALA A 1106 -84.46 39.05 48.72
CA ALA A 1106 -83.48 38.59 49.68
C ALA A 1106 -82.54 37.58 49.04
N ARG A 1107 -81.32 37.52 49.54
CA ARG A 1107 -80.40 36.51 49.08
C ARG A 1107 -80.70 35.17 49.75
N PRO A 1108 -80.32 34.06 49.12
CA PRO A 1108 -80.67 32.74 49.69
C PRO A 1108 -80.15 32.53 51.11
N GLU A 1109 -79.03 33.14 51.48
CA GLU A 1109 -78.44 32.95 52.80
C GLU A 1109 -78.97 33.96 53.81
N LEU A 1110 -80.18 34.46 53.60
CA LEU A 1110 -80.78 35.38 54.56
C LEU A 1110 -80.85 34.73 55.94
N ARG A 1111 -80.58 35.51 56.96
CA ARG A 1111 -80.65 34.99 58.31
C ARG A 1111 -82.01 35.24 58.92
N PRO A 1112 -82.48 34.38 59.82
CA PRO A 1112 -83.81 34.56 60.40
C PRO A 1112 -83.88 35.46 61.63
N ASP A 1113 -82.74 35.79 62.23
CA ASP A 1113 -82.71 36.56 63.47
C ASP A 1113 -82.28 38.01 63.26
N VAL A 1114 -82.26 38.48 62.02
CA VAL A 1114 -81.88 39.84 61.69
C VAL A 1114 -83.05 40.53 61.02
N GLU A 1115 -83.29 41.78 61.38
CA GLU A 1115 -84.34 42.56 60.74
C GLU A 1115 -84.10 42.61 59.23
N LEU A 1116 -85.17 42.48 58.47
CA LEU A 1116 -85.05 42.50 57.02
C LEU A 1116 -84.43 43.82 56.57
N GLY A 1117 -83.39 43.72 55.75
CA GLY A 1117 -82.75 44.90 55.22
C GLY A 1117 -81.79 45.59 56.18
N ALA A 1118 -81.61 45.06 57.38
CA ALA A 1118 -80.63 45.61 58.30
C ALA A 1118 -79.20 45.23 57.94
N ASP A 1119 -79.03 44.23 57.08
CA ASP A 1119 -77.71 43.86 56.58
C ASP A 1119 -77.73 43.84 55.06
N ASP A 1120 -76.68 43.31 54.44
CA ASP A 1120 -76.54 43.34 52.99
C ASP A 1120 -77.28 42.19 52.31
N LEU A 1121 -78.08 41.43 53.04
CA LEU A 1121 -78.70 40.24 52.50
C LEU A 1121 -80.12 40.46 52.00
N ALA A 1122 -80.64 41.68 52.04
CA ALA A 1122 -81.98 41.93 51.56
C ALA A 1122 -82.15 43.39 51.18
N TYR A 1123 -82.86 43.64 50.09
CA TYR A 1123 -83.26 44.97 49.66
C TYR A 1123 -84.77 45.00 49.76
N VAL A 1124 -85.33 45.80 50.67
CA VAL A 1124 -86.76 45.78 50.91
C VAL A 1124 -87.30 47.19 51.03
N PHE A 1125 -88.62 47.29 50.97
CA PHE A 1125 -89.35 48.53 51.13
C PHE A 1125 -90.26 48.40 52.34
N ASN A 1126 -90.21 49.39 53.22
CA ASN A 1126 -91.06 49.46 54.39
C ASN A 1126 -92.07 50.58 54.17
N GLY A 1127 -93.33 50.22 54.01
CA GLY A 1127 -94.37 51.18 53.70
C GLY A 1127 -95.10 51.76 54.89
N HIS A 1128 -94.66 51.46 56.11
CA HIS A 1128 -95.30 52.06 57.28
C HIS A 1128 -95.09 53.56 57.30
N ARG A 1129 -93.84 54.01 57.15
CA ARG A 1129 -93.52 55.42 57.01
C ARG A 1129 -92.96 55.76 55.64
N GLY A 1130 -92.46 54.78 54.90
CA GLY A 1130 -91.82 55.01 53.62
C GLY A 1130 -90.33 54.97 53.77
N GLN A 1131 -89.73 53.82 53.50
CA GLN A 1131 -88.30 53.64 53.67
C GLN A 1131 -87.83 52.53 52.75
N ARG A 1132 -86.57 52.60 52.34
CA ARG A 1132 -85.91 51.53 51.63
C ARG A 1132 -84.78 51.00 52.51
N TRP A 1133 -84.83 49.71 52.82
CA TRP A 1133 -83.90 49.09 53.75
C TRP A 1133 -82.90 48.24 52.99
N HIS A 1134 -81.62 48.59 53.13
CA HIS A 1134 -80.50 47.75 52.75
C HIS A 1134 -79.26 48.27 53.47
N LEU A 1135 -78.74 47.50 54.42
CA LEU A 1135 -77.65 47.97 55.28
C LEU A 1135 -78.01 49.29 55.93
N GLY A 1136 -79.25 49.41 56.38
CA GLY A 1136 -79.77 50.60 57.01
C GLY A 1136 -81.01 51.10 56.31
N SER A 1137 -81.51 52.23 56.81
CA SER A 1137 -82.77 52.81 56.36
C SER A 1137 -82.52 54.15 55.69
N GLU A 1138 -83.29 54.43 54.64
CA GLU A 1138 -83.27 55.71 53.96
C GLU A 1138 -84.71 56.06 53.60
N PRO A 1139 -85.07 57.35 53.62
CA PRO A 1139 -86.42 57.72 53.21
C PRO A 1139 -86.67 57.35 51.76
N PHE A 1140 -87.89 56.90 51.47
CA PHE A 1140 -88.22 56.50 50.11
C PHE A 1140 -89.72 56.26 50.02
N GLY A 1141 -90.32 56.73 48.93
CA GLY A 1141 -91.73 56.47 48.71
C GLY A 1141 -92.60 57.18 49.74
N ARG A 1142 -93.83 56.68 49.85
CA ARG A 1142 -94.84 57.22 50.75
C ARG A 1142 -95.46 56.09 51.56
N PRO A 1143 -96.04 56.39 52.72
CA PRO A 1143 -96.69 55.33 53.50
C PRO A 1143 -97.90 54.76 52.77
N TRP A 1144 -98.13 53.48 52.94
CA TRP A 1144 -99.25 52.79 52.33
C TRP A 1144 -100.49 52.90 53.22
N GLN A 1145 -101.61 52.44 52.67
CA GLN A 1145 -102.87 52.40 53.39
C GLN A 1145 -103.48 51.02 53.23
N SER A 1146 -104.46 50.72 54.07
CA SER A 1146 -105.06 49.40 54.05
C SER A 1146 -105.59 49.09 52.65
N GLY A 1147 -105.25 47.91 52.16
CA GLY A 1147 -105.66 47.48 50.83
C GLY A 1147 -104.68 47.82 49.73
N ASP A 1148 -103.62 48.58 50.02
CA ASP A 1148 -102.68 48.98 48.98
C ASP A 1148 -101.81 47.80 48.57
N VAL A 1149 -101.51 47.74 47.27
CA VAL A 1149 -100.70 46.68 46.70
C VAL A 1149 -99.34 47.26 46.31
N VAL A 1150 -98.29 46.68 46.86
CA VAL A 1150 -96.92 47.04 46.49
C VAL A 1150 -96.42 46.04 45.47
N GLY A 1151 -96.04 46.53 44.30
CA GLY A 1151 -95.42 45.70 43.27
C GLY A 1151 -93.91 45.80 43.38
N CYS A 1152 -93.27 44.64 43.48
CA CYS A 1152 -91.83 44.54 43.59
C CYS A 1152 -91.29 43.95 42.30
N MET A 1153 -90.38 44.66 41.67
CA MET A 1153 -89.75 44.24 40.43
C MET A 1153 -88.24 44.17 40.65
N ILE A 1154 -87.63 43.09 40.16
CA ILE A 1154 -86.18 42.99 40.10
C ILE A 1154 -85.80 42.81 38.64
N ASP A 1155 -84.84 43.61 38.18
CA ASP A 1155 -84.31 43.56 36.83
C ASP A 1155 -82.85 43.18 36.95
N LEU A 1156 -82.53 41.92 36.65
CA LEU A 1156 -81.16 41.43 36.79
C LEU A 1156 -80.33 41.63 35.54
N THR A 1157 -80.88 42.28 34.51
CA THR A 1157 -80.06 42.76 33.39
C THR A 1157 -79.49 44.14 33.68
N GLU A 1158 -80.32 45.05 34.19
CA GLU A 1158 -79.85 46.37 34.62
C GLU A 1158 -79.37 46.37 36.06
N ASN A 1159 -79.59 45.28 36.81
CA ASN A 1159 -79.20 45.19 38.20
C ASN A 1159 -79.89 46.28 39.03
N THR A 1160 -81.22 46.28 38.99
CA THR A 1160 -82.01 47.29 39.66
C THR A 1160 -83.22 46.66 40.33
N ILE A 1161 -83.79 47.39 41.29
CA ILE A 1161 -85.00 47.00 41.99
C ILE A 1161 -85.96 48.18 41.96
N ILE A 1162 -87.21 47.91 41.64
CA ILE A 1162 -88.23 48.95 41.50
C ILE A 1162 -89.43 48.58 42.36
N PHE A 1163 -90.02 49.58 42.99
CA PHE A 1163 -91.22 49.42 43.81
C PHE A 1163 -92.33 50.32 43.28
N THR A 1164 -93.52 49.76 43.15
CA THR A 1164 -94.70 50.50 42.76
C THR A 1164 -95.75 50.39 43.86
N LEU A 1165 -96.55 51.43 44.02
CA LEU A 1165 -97.65 51.44 44.97
C LEU A 1165 -98.93 51.74 44.19
N ASN A 1166 -99.78 50.73 44.04
CA ASN A 1166 -101.00 50.84 43.24
C ASN A 1166 -100.69 51.21 41.79
N GLY A 1167 -99.59 50.69 41.26
CA GLY A 1167 -99.22 50.89 39.88
C GLY A 1167 -98.34 52.09 39.62
N GLU A 1168 -98.11 52.93 40.62
CA GLU A 1168 -97.29 54.13 40.45
C GLU A 1168 -95.90 53.87 41.02
N VAL A 1169 -94.88 54.04 40.19
CA VAL A 1169 -93.50 53.81 40.61
C VAL A 1169 -93.17 54.75 41.75
N LEU A 1170 -92.64 54.21 42.85
CA LEU A 1170 -92.23 55.03 43.96
C LEU A 1170 -90.86 55.63 43.70
N MET A 1171 -90.70 56.89 44.09
CA MET A 1171 -89.49 57.66 43.80
C MET A 1171 -88.84 58.13 45.08
N SER A 1172 -87.51 58.10 45.09
CA SER A 1172 -86.75 58.64 46.20
C SER A 1172 -86.86 60.16 46.22
N ASP A 1173 -86.24 60.76 47.24
CA ASP A 1173 -86.24 62.22 47.33
C ASP A 1173 -85.51 62.84 46.13
N SER A 1174 -84.43 62.20 45.69
CA SER A 1174 -83.67 62.73 44.55
C SER A 1174 -84.45 62.62 43.26
N GLY A 1175 -85.57 61.90 43.25
CA GLY A 1175 -86.37 61.72 42.05
C GLY A 1175 -86.05 60.48 41.26
N SER A 1176 -85.06 59.70 41.66
CA SER A 1176 -84.74 58.46 40.95
C SER A 1176 -85.92 57.50 41.04
N GLU A 1177 -86.14 56.75 39.97
CA GLU A 1177 -87.23 55.79 39.90
C GLU A 1177 -86.79 54.37 40.23
N THR A 1178 -85.54 54.17 40.63
CA THR A 1178 -85.05 52.86 41.06
C THR A 1178 -84.67 52.93 42.52
N ALA A 1179 -85.27 52.05 43.33
CA ALA A 1179 -84.97 52.02 44.76
C ALA A 1179 -83.51 51.64 45.01
N PHE A 1180 -83.01 50.67 44.27
CA PHE A 1180 -81.63 50.22 44.39
C PHE A 1180 -81.06 50.01 43.00
N ARG A 1181 -79.74 50.10 42.90
CA ARG A 1181 -79.05 49.92 41.63
C ARG A 1181 -77.65 49.39 41.89
N ASP A 1182 -77.02 48.91 40.84
CA ASP A 1182 -75.69 48.32 40.92
C ASP A 1182 -75.66 47.19 41.94
N ILE A 1183 -76.59 46.25 41.77
CA ILE A 1183 -76.75 45.12 42.67
C ILE A 1183 -75.96 43.95 42.10
N GLU A 1184 -75.09 43.37 42.92
CA GLU A 1184 -74.38 42.18 42.50
C GLU A 1184 -75.30 40.97 42.55
N ILE A 1185 -75.38 40.25 41.44
CA ILE A 1185 -76.33 39.13 41.36
C ILE A 1185 -75.97 38.07 42.39
N GLY A 1186 -74.72 37.66 42.43
CA GLY A 1186 -74.32 36.64 43.38
C GLY A 1186 -75.09 35.35 43.14
N ASP A 1187 -75.73 34.84 44.20
CA ASP A 1187 -76.42 33.55 44.14
C ASP A 1187 -77.89 33.67 43.78
N GLY A 1188 -78.39 34.88 43.52
CA GLY A 1188 -79.76 35.08 43.12
C GLY A 1188 -80.58 35.72 44.22
N PHE A 1189 -81.86 35.89 43.93
CA PHE A 1189 -82.77 36.59 44.82
C PHE A 1189 -84.08 35.82 44.95
N LEU A 1190 -84.73 36.00 46.09
CA LEU A 1190 -85.99 35.37 46.41
C LEU A 1190 -86.97 36.42 46.89
N PRO A 1191 -88.25 36.30 46.58
CA PRO A 1191 -89.24 37.15 47.22
C PRO A 1191 -89.23 36.96 48.72
N VAL A 1192 -89.35 38.07 49.46
CA VAL A 1192 -89.29 38.06 50.91
C VAL A 1192 -90.20 39.14 51.46
N CYS A 1193 -90.78 38.86 52.62
CA CYS A 1193 -91.60 39.83 53.32
C CYS A 1193 -91.42 39.62 54.81
N SER A 1194 -91.73 40.64 55.59
CA SER A 1194 -91.60 40.62 57.03
C SER A 1194 -92.81 41.32 57.62
N LEU A 1195 -93.49 40.65 58.54
CA LEU A 1195 -94.71 41.16 59.16
C LEU A 1195 -94.45 41.36 60.63
N GLY A 1196 -94.70 42.56 61.15
CA GLY A 1196 -94.55 42.80 62.56
C GLY A 1196 -95.73 42.30 63.35
N PRO A 1197 -95.65 42.43 64.66
CA PRO A 1197 -96.74 41.95 65.50
C PRO A 1197 -98.09 42.55 65.13
N GLY A 1198 -99.06 41.70 64.86
CA GLY A 1198 -100.40 42.15 64.54
C GLY A 1198 -100.60 42.63 63.12
N GLN A 1199 -99.76 42.21 62.18
CA GLN A 1199 -99.83 42.66 60.80
C GLN A 1199 -100.31 41.52 59.90
N VAL A 1200 -100.94 41.87 58.78
CA VAL A 1200 -101.44 40.89 57.84
C VAL A 1200 -101.13 41.34 56.42
N GLY A 1201 -100.58 40.43 55.64
CA GLY A 1201 -100.25 40.71 54.25
C GLY A 1201 -100.74 39.61 53.35
N HIS A 1202 -100.74 39.89 52.05
CA HIS A 1202 -101.13 38.94 51.03
C HIS A 1202 -100.07 38.93 49.95
N LEU A 1203 -99.33 37.84 49.86
CA LEU A 1203 -98.21 37.72 48.92
C LEU A 1203 -98.71 36.99 47.67
N ASN A 1204 -98.70 37.69 46.54
CA ASN A 1204 -99.13 37.13 45.26
C ASN A 1204 -97.91 37.03 44.36
N LEU A 1205 -97.45 35.81 44.13
CA LEU A 1205 -96.28 35.58 43.29
C LEU A 1205 -96.62 35.46 41.82
N GLY A 1206 -97.90 35.43 41.48
CA GLY A 1206 -98.32 35.50 40.10
C GLY A 1206 -98.51 34.18 39.40
N GLN A 1207 -98.85 33.11 40.13
CA GLN A 1207 -99.18 31.86 39.46
C GLN A 1207 -100.42 32.03 38.59
N ASP A 1208 -101.41 32.75 39.08
CA ASP A 1208 -102.61 33.09 38.33
C ASP A 1208 -102.45 34.54 37.91
N VAL A 1209 -101.88 34.75 36.72
CA VAL A 1209 -101.56 36.09 36.23
C VAL A 1209 -102.81 36.96 36.24
N SER A 1210 -103.98 36.34 36.16
CA SER A 1210 -105.21 37.10 36.22
C SER A 1210 -105.43 37.71 37.61
N SER A 1211 -104.87 37.10 38.64
CA SER A 1211 -105.09 37.59 40.00
C SER A 1211 -104.31 38.87 40.28
N LEU A 1212 -103.19 39.08 39.60
CA LEU A 1212 -102.42 40.29 39.81
C LEU A 1212 -103.27 41.52 39.51
N ARG A 1213 -103.16 42.53 40.36
CA ARG A 1213 -104.04 43.69 40.27
C ARG A 1213 -103.43 44.88 39.55
N PHE A 1214 -102.11 45.00 39.53
CA PHE A 1214 -101.47 46.14 38.88
C PHE A 1214 -100.32 45.71 37.98
N PHE A 1215 -100.22 44.41 37.65
CA PHE A 1215 -99.18 43.97 36.75
C PHE A 1215 -99.35 44.57 35.36
N ALA A 1216 -100.58 44.60 34.86
CA ALA A 1216 -100.83 45.19 33.54
C ALA A 1216 -100.49 46.67 33.54
N ILE A 1217 -100.87 47.38 34.61
CA ILE A 1217 -100.69 48.84 34.65
C ILE A 1217 -99.21 49.19 34.61
N CYS A 1218 -98.38 48.44 35.35
CA CYS A 1218 -96.95 48.73 35.37
C CYS A 1218 -96.18 47.42 35.52
N GLY A 1219 -95.41 47.07 34.50
CA GLY A 1219 -94.52 45.93 34.55
C GLY A 1219 -94.68 45.00 33.37
N LEU A 1220 -95.92 44.82 32.92
CA LEU A 1220 -96.18 43.96 31.77
C LEU A 1220 -95.51 44.53 30.52
N GLN A 1221 -95.77 45.80 30.21
CA GLN A 1221 -95.18 46.40 29.03
C GLN A 1221 -93.68 46.57 29.18
N GLU A 1222 -93.22 46.88 30.40
CA GLU A 1222 -91.79 47.01 30.66
C GLU A 1222 -91.06 45.67 30.57
N GLY A 1223 -91.79 44.55 30.58
CA GLY A 1223 -91.18 43.28 30.27
C GLY A 1223 -90.87 42.41 31.46
N PHE A 1224 -91.61 42.55 32.56
CA PHE A 1224 -91.40 41.75 33.75
C PHE A 1224 -92.39 40.59 33.76
N GLU A 1225 -91.88 39.42 34.11
CA GLU A 1225 -92.72 38.24 34.21
C GLU A 1225 -93.12 38.01 35.66
N PRO A 1226 -94.35 37.59 35.93
CA PRO A 1226 -94.71 37.22 37.30
C PRO A 1226 -93.79 36.12 37.81
N PHE A 1227 -93.42 36.21 39.08
CA PHE A 1227 -92.36 35.34 39.60
C PHE A 1227 -92.68 33.87 39.34
N ALA A 1228 -93.87 33.43 39.74
CA ALA A 1228 -94.27 32.05 39.52
C ALA A 1228 -95.17 31.91 38.30
N ILE A 1229 -94.71 32.37 37.14
CA ILE A 1229 -95.60 32.47 35.99
C ILE A 1229 -95.93 31.08 35.44
N ASN A 1230 -94.91 30.24 35.24
CA ASN A 1230 -95.12 28.94 34.61
C ASN A 1230 -94.79 27.82 35.57
N MET A 1231 -95.21 27.95 36.83
CA MET A 1231 -95.05 26.90 37.81
C MET A 1231 -96.37 26.16 37.95
N GLN A 1232 -96.32 24.84 37.76
CA GLN A 1232 -97.53 24.03 37.86
C GLN A 1232 -98.00 23.85 39.29
N ARG A 1233 -97.18 24.25 40.27
CA ARG A 1233 -97.54 24.14 41.68
C ARG A 1233 -97.23 25.44 42.39
N PRO A 1234 -97.95 25.75 43.46
CA PRO A 1234 -97.64 26.97 44.22
C PRO A 1234 -96.23 26.93 44.77
N VAL A 1235 -95.63 28.10 44.89
CA VAL A 1235 -94.25 28.21 45.36
C VAL A 1235 -94.20 27.95 46.85
N THR A 1236 -93.31 27.08 47.27
CA THR A 1236 -93.14 26.76 48.68
C THR A 1236 -92.46 27.90 49.40
N THR A 1237 -92.90 28.16 50.63
CA THR A 1237 -92.36 29.25 51.42
C THR A 1237 -91.84 28.75 52.75
N TRP A 1238 -90.86 29.47 53.29
CA TRP A 1238 -90.33 29.21 54.60
C TRP A 1238 -90.56 30.46 55.45
N PHE A 1239 -90.65 30.27 56.76
CA PHE A 1239 -90.86 31.37 57.68
C PHE A 1239 -89.89 31.23 58.85
N SER A 1240 -89.62 32.37 59.49
CA SER A 1240 -88.71 32.40 60.62
C SER A 1240 -89.49 32.04 61.88
N LYS A 1241 -89.32 30.80 62.33
CA LYS A 1241 -89.99 30.28 63.51
C LYS A 1241 -89.22 30.69 64.75
N SER A 1242 -89.91 31.31 65.70
CA SER A 1242 -89.33 31.77 66.95
C SER A 1242 -89.42 30.73 68.05
N LEU A 1243 -88.96 29.51 67.78
CA LEU A 1243 -88.85 28.48 68.79
C LEU A 1243 -87.37 28.22 69.02
N PRO A 1244 -86.81 28.58 70.18
CA PRO A 1244 -85.38 28.41 70.37
C PRO A 1244 -84.95 26.95 70.20
N GLN A 1245 -83.82 26.76 69.52
CA GLN A 1245 -83.30 25.42 69.24
C GLN A 1245 -81.79 25.41 69.45
N PHE A 1246 -81.27 24.27 69.88
CA PHE A 1246 -79.83 24.14 70.11
C PHE A 1246 -79.14 23.81 68.79
N GLU A 1247 -78.09 24.57 68.48
CA GLU A 1247 -77.32 24.37 67.26
C GLU A 1247 -75.84 24.49 67.59
N PRO A 1248 -74.97 23.84 66.84
CA PRO A 1248 -73.53 23.92 67.12
C PRO A 1248 -73.04 25.35 67.11
N VAL A 1249 -72.14 25.68 68.03
CA VAL A 1249 -71.57 27.02 68.10
C VAL A 1249 -70.85 27.28 66.79
N PRO A 1250 -71.19 28.33 66.05
CA PRO A 1250 -70.54 28.55 64.76
C PRO A 1250 -69.03 28.71 64.91
N LEU A 1251 -68.30 28.17 63.93
CA LEU A 1251 -66.84 28.25 63.98
C LEU A 1251 -66.34 29.69 63.88
N GLU A 1252 -67.15 30.60 63.36
CA GLU A 1252 -66.76 31.99 63.18
C GLU A 1252 -67.62 32.94 64.00
N HIS A 1253 -68.20 32.47 65.09
CA HIS A 1253 -69.03 33.33 65.90
C HIS A 1253 -68.21 34.52 66.40
N PRO A 1254 -68.69 35.75 66.23
CA PRO A 1254 -67.87 36.91 66.58
C PRO A 1254 -67.55 37.03 68.06
N HIS A 1255 -68.32 36.41 68.95
CA HIS A 1255 -68.16 36.64 70.38
C HIS A 1255 -67.79 35.39 71.17
N TYR A 1256 -68.15 34.20 70.73
CA TYR A 1256 -67.94 32.99 71.50
C TYR A 1256 -67.02 32.05 70.74
N GLU A 1257 -66.09 31.42 71.46
CA GLU A 1257 -65.16 30.47 70.89
C GLU A 1257 -65.05 29.26 71.80
N VAL A 1258 -65.09 28.07 71.22
CA VAL A 1258 -64.96 26.82 71.96
C VAL A 1258 -63.65 26.16 71.55
N ALA A 1259 -62.85 25.77 72.54
CA ALA A 1259 -61.60 25.08 72.32
C ALA A 1259 -61.71 23.67 72.86
N ARG A 1260 -61.29 22.69 72.05
CA ARG A 1260 -61.27 21.30 72.46
C ARG A 1260 -59.88 21.00 73.02
N MET A 1261 -59.79 20.83 74.33
CA MET A 1261 -58.53 20.56 75.00
C MET A 1261 -58.36 19.06 75.17
N ASP A 1262 -57.20 18.54 74.78
CA ASP A 1262 -56.90 17.13 74.94
C ASP A 1262 -56.61 16.82 76.40
N GLY A 1263 -56.87 15.58 76.78
CA GLY A 1263 -56.59 15.16 78.15
C GLY A 1263 -55.10 14.94 78.36
N THR A 1264 -54.58 15.55 79.42
CA THR A 1264 -53.18 15.40 79.78
C THR A 1264 -53.02 14.32 80.83
N VAL A 1265 -51.81 14.19 81.40
CA VAL A 1265 -51.56 13.19 82.43
C VAL A 1265 -52.35 13.44 83.70
N ASP A 1266 -52.78 14.68 83.95
CA ASP A 1266 -53.53 15.00 85.16
C ASP A 1266 -54.85 15.70 84.86
N THR A 1267 -55.21 15.89 83.59
CA THR A 1267 -56.41 16.61 83.22
C THR A 1267 -57.21 15.78 82.22
N PRO A 1268 -58.54 15.75 82.35
CA PRO A 1268 -59.36 15.01 81.38
C PRO A 1268 -59.56 15.83 80.12
N PRO A 1269 -60.22 15.26 79.11
CA PRO A 1269 -60.61 16.07 77.96
C PRO A 1269 -61.58 17.16 78.38
N CYS A 1270 -61.49 18.30 77.71
CA CYS A 1270 -62.27 19.46 78.08
C CYS A 1270 -62.78 20.17 76.85
N LEU A 1271 -63.84 20.95 77.05
CA LEU A 1271 -64.39 21.86 76.06
C LEU A 1271 -64.54 23.21 76.74
N ARG A 1272 -63.64 24.14 76.45
CA ARG A 1272 -63.57 25.41 77.14
C ARG A 1272 -64.21 26.50 76.30
N LEU A 1273 -64.98 27.37 76.94
CA LEU A 1273 -65.63 28.49 76.28
C LEU A 1273 -64.92 29.78 76.68
N THR A 1274 -64.62 30.61 75.69
CA THR A 1274 -64.01 31.91 75.92
C THR A 1274 -64.80 32.98 75.18
N HIS A 1275 -64.87 34.15 75.79
CA HIS A 1275 -65.53 35.31 75.19
C HIS A 1275 -64.50 36.08 74.39
N ARG A 1276 -64.63 36.08 73.06
CA ARG A 1276 -63.60 36.69 72.22
C ARG A 1276 -63.48 38.19 72.48
N THR A 1277 -64.61 38.90 72.51
CA THR A 1277 -64.62 40.36 72.54
C THR A 1277 -64.96 40.88 73.93
N TRP A 1278 -64.49 40.21 74.97
CA TRP A 1278 -64.79 40.67 76.31
C TRP A 1278 -64.03 41.96 76.61
N GLY A 1279 -64.67 42.84 77.38
CA GLY A 1279 -64.05 44.07 77.82
C GLY A 1279 -64.10 45.16 76.76
N SER A 1280 -63.69 44.82 75.54
CA SER A 1280 -63.66 45.80 74.47
C SER A 1280 -65.06 46.36 74.22
N GLN A 1281 -65.10 47.44 73.44
CA GLN A 1281 -66.38 47.94 72.97
C GLN A 1281 -66.99 46.93 71.98
N ASN A 1282 -68.27 47.14 71.68
CA ASN A 1282 -69.13 46.27 70.90
C ASN A 1282 -69.25 44.89 71.53
N SER A 1283 -68.77 44.68 72.76
CA SER A 1283 -68.89 43.39 73.40
C SER A 1283 -70.35 43.05 73.63
N LEU A 1284 -70.68 41.77 73.46
CA LEU A 1284 -72.03 41.27 73.66
C LEU A 1284 -72.04 40.47 74.96
N VAL A 1285 -72.88 40.89 75.90
CA VAL A 1285 -72.99 40.25 77.21
C VAL A 1285 -74.47 39.95 77.43
N GLU A 1286 -74.83 38.67 77.30
CA GLU A 1286 -76.20 38.22 77.52
C GLU A 1286 -76.17 36.77 77.97
N MET A 1287 -77.30 36.32 78.49
CA MET A 1287 -77.39 34.94 78.94
C MET A 1287 -77.09 34.00 77.79
N LEU A 1288 -76.32 32.95 78.07
CA LEU A 1288 -75.88 31.99 77.08
C LEU A 1288 -76.27 30.61 77.58
N PHE A 1289 -77.02 29.87 76.76
CA PHE A 1289 -77.49 28.53 77.11
C PHE A 1289 -76.73 27.53 76.24
N LEU A 1290 -75.97 26.66 76.88
CA LEU A 1290 -75.11 25.71 76.20
C LEU A 1290 -75.48 24.30 76.63
N ARG A 1291 -75.38 23.36 75.70
CA ARG A 1291 -75.51 21.95 76.02
C ARG A 1291 -74.52 21.16 75.19
N LEU A 1292 -74.41 19.88 75.50
CA LEU A 1292 -73.57 18.99 74.71
C LEU A 1292 -74.43 18.25 73.69
N SER A 1293 -73.83 17.95 72.54
CA SER A 1293 -74.61 17.49 71.40
C SER A 1293 -75.25 16.12 71.64
N LEU A 1294 -74.76 15.34 72.61
CA LEU A 1294 -75.26 13.99 72.77
C LEU A 1294 -75.88 13.79 74.14
N PRO A 1295 -76.95 12.99 74.26
CA PRO A 1295 -77.55 12.74 75.57
C PRO A 1295 -77.06 11.48 76.24
N VAL A 1296 -77.32 11.37 77.54
CA VAL A 1296 -77.26 10.11 78.26
C VAL A 1296 -78.69 9.64 78.46
N GLN A 1297 -78.91 8.34 78.29
CA GLN A 1297 -80.23 7.75 78.37
C GLN A 1297 -80.32 6.84 79.58
N PHE A 1298 -81.35 7.05 80.40
CA PHE A 1298 -81.59 6.19 81.55
C PHE A 1298 -82.16 4.85 81.11
N HIS A 1299 -81.89 3.82 81.90
CA HIS A 1299 -82.24 2.46 81.50
C HIS A 1299 -83.75 2.29 81.41
N GLN A 1300 -84.16 1.32 80.61
CA GLN A 1300 -85.59 1.04 80.46
C GLN A 1300 -86.21 0.57 81.76
N HIS A 1301 -85.48 -0.26 82.52
CA HIS A 1301 -85.95 -0.77 83.79
C HIS A 1301 -84.97 -0.37 84.88
N PHE A 1302 -85.49 0.20 85.96
CA PHE A 1302 -84.67 0.65 87.07
C PHE A 1302 -84.44 -0.48 88.05
N ARG A 1303 -83.28 -0.45 88.70
CA ARG A 1303 -82.95 -1.46 89.70
C ARG A 1303 -84.00 -1.50 90.79
N CYS A 1304 -84.46 -2.69 91.13
CA CYS A 1304 -85.51 -2.83 92.14
C CYS A 1304 -85.00 -2.37 93.50
N THR A 1305 -85.68 -1.38 94.07
CA THR A 1305 -85.29 -0.82 95.36
C THR A 1305 -83.83 -0.40 95.35
N ASP A 1420 -54.09 4.97 97.62
CA ASP A 1420 -54.26 4.30 96.34
C ASP A 1420 -55.11 5.16 95.39
N ASN A 1421 -56.41 5.21 95.64
CA ASN A 1421 -57.34 5.98 94.83
C ASN A 1421 -57.41 5.44 93.40
N ARG A 1422 -57.15 4.15 93.24
CA ARG A 1422 -57.30 3.45 91.97
C ARG A 1422 -58.66 2.75 91.93
N ASP A 1423 -59.25 2.69 90.74
CA ASP A 1423 -60.55 2.05 90.60
C ASP A 1423 -60.44 0.56 90.91
N ASP A 1424 -61.45 0.03 91.58
CA ASP A 1424 -61.56 -1.41 91.77
C ASP A 1424 -62.16 -2.03 90.52
N PRO A 1425 -61.44 -2.92 89.82
CA PRO A 1425 -61.92 -3.39 88.50
C PRO A 1425 -63.37 -3.83 88.49
N GLU A 1426 -63.77 -4.67 89.45
CA GLU A 1426 -65.15 -5.15 89.45
C GLU A 1426 -66.13 -4.01 89.65
N ILE A 1427 -65.82 -3.09 90.57
CA ILE A 1427 -66.73 -1.98 90.83
C ILE A 1427 -66.88 -1.11 89.60
N ILE A 1428 -65.77 -0.75 88.97
CA ILE A 1428 -65.83 0.15 87.82
C ILE A 1428 -66.45 -0.54 86.61
N LEU A 1429 -66.32 -1.86 86.49
CA LEU A 1429 -66.93 -2.57 85.39
C LEU A 1429 -68.41 -2.88 85.62
N ASN A 1430 -68.88 -2.81 86.86
CA ASN A 1430 -70.29 -3.08 87.14
C ASN A 1430 -71.07 -1.84 87.57
N THR A 1431 -70.44 -0.66 87.62
CA THR A 1431 -71.14 0.54 88.04
C THR A 1431 -72.07 1.04 86.95
N THR A 1432 -73.14 1.71 87.36
CA THR A 1432 -74.06 2.37 86.45
C THR A 1432 -74.11 3.87 86.70
N THR A 1433 -73.12 4.42 87.40
CA THR A 1433 -73.06 5.84 87.73
C THR A 1433 -72.03 6.51 86.84
N TYR A 1434 -72.42 7.64 86.25
CA TYR A 1434 -71.57 8.40 85.36
C TYR A 1434 -71.45 9.82 85.87
N TYR A 1435 -70.38 10.49 85.45
CA TYR A 1435 -69.96 11.75 86.05
C TYR A 1435 -69.49 12.71 84.98
N TYR A 1436 -69.65 14.00 85.24
CA TYR A 1436 -69.00 15.03 84.42
C TYR A 1436 -68.98 16.32 85.22
N SER A 1437 -67.99 17.17 84.95
CA SER A 1437 -67.82 18.37 85.74
C SER A 1437 -67.82 19.62 84.87
N VAL A 1438 -68.08 20.75 85.51
CA VAL A 1438 -67.96 22.06 84.89
C VAL A 1438 -67.04 22.89 85.77
N ARG A 1439 -65.98 23.43 85.17
CA ARG A 1439 -65.08 24.33 85.88
C ARG A 1439 -65.46 25.76 85.50
N VAL A 1440 -65.79 26.56 86.51
CA VAL A 1440 -66.07 27.97 86.35
C VAL A 1440 -64.80 28.72 86.75
N PHE A 1441 -64.18 29.39 85.78
CA PHE A 1441 -62.88 29.99 86.00
C PHE A 1441 -62.97 31.15 86.96
N ALA A 1442 -61.86 31.40 87.67
CA ALA A 1442 -61.80 32.55 88.56
C ALA A 1442 -61.99 33.83 87.76
N GLY A 1443 -62.86 34.70 88.27
CA GLY A 1443 -63.27 35.91 87.58
C GLY A 1443 -64.65 35.79 86.96
N GLN A 1444 -65.08 34.56 86.66
CA GLN A 1444 -66.46 34.32 86.25
C GLN A 1444 -67.32 34.19 87.50
N GLU A 1445 -68.34 35.02 87.61
CA GLU A 1445 -69.14 35.05 88.82
C GLU A 1445 -69.92 33.74 88.94
N PRO A 1446 -69.74 32.97 90.01
CA PRO A 1446 -70.56 31.76 90.17
C PRO A 1446 -72.04 32.04 90.25
N SER A 1447 -72.43 33.22 90.72
CA SER A 1447 -73.85 33.57 90.79
C SER A 1447 -74.48 33.69 89.41
N CYS A 1448 -73.68 33.75 88.36
CA CYS A 1448 -74.16 33.88 86.99
C CYS A 1448 -73.99 32.58 86.20
N VAL A 1449 -74.01 31.44 86.89
CA VAL A 1449 -73.80 30.15 86.26
C VAL A 1449 -74.80 29.15 86.83
N TRP A 1450 -75.39 28.35 85.95
CA TRP A 1450 -76.24 27.22 86.33
C TRP A 1450 -75.71 25.99 85.62
N VAL A 1451 -75.53 24.90 86.36
CA VAL A 1451 -74.93 23.69 85.84
C VAL A 1451 -75.87 22.52 86.09
N GLY A 1452 -75.99 21.65 85.09
CA GLY A 1452 -76.84 20.48 85.24
C GLY A 1452 -77.19 19.82 83.92
N TRP A 1453 -78.46 19.49 83.72
CA TRP A 1453 -78.92 18.75 82.56
C TRP A 1453 -80.18 19.38 82.01
N VAL A 1454 -80.43 19.15 80.72
CA VAL A 1454 -81.69 19.52 80.09
C VAL A 1454 -82.20 18.32 79.32
N THR A 1455 -83.51 18.27 79.13
CA THR A 1455 -84.13 17.25 78.31
C THR A 1455 -84.25 17.72 76.88
N PRO A 1456 -84.63 16.85 75.95
CA PRO A 1456 -84.68 17.25 74.55
C PRO A 1456 -85.64 18.40 74.26
N ASP A 1457 -86.54 18.70 75.19
CA ASP A 1457 -87.59 19.68 74.95
C ASP A 1457 -87.40 20.98 75.70
N TYR A 1458 -86.17 21.39 75.98
CA TYR A 1458 -85.92 22.71 76.54
C TYR A 1458 -85.84 23.74 75.41
N HIS A 1459 -86.66 24.79 75.51
CA HIS A 1459 -86.77 25.78 74.44
C HIS A 1459 -86.89 27.19 74.99
N GLN A 1460 -86.29 27.47 76.15
CA GLN A 1460 -86.45 28.76 76.80
C GLN A 1460 -85.20 29.60 76.59
N HIS A 1461 -85.33 30.64 75.78
CA HIS A 1461 -84.27 31.64 75.58
C HIS A 1461 -84.55 32.83 76.49
N ASP A 1462 -84.44 32.60 77.79
CA ASP A 1462 -84.83 33.56 78.80
C ASP A 1462 -83.63 34.45 79.15
N MET A 1463 -83.71 35.73 78.82
CA MET A 1463 -82.61 36.65 79.07
C MET A 1463 -82.49 37.05 80.53
N SER A 1464 -83.49 36.73 81.35
CA SER A 1464 -83.41 36.96 82.79
C SER A 1464 -83.57 35.63 83.51
N PHE A 1465 -82.86 34.61 83.05
CA PHE A 1465 -83.06 33.26 83.57
C PHE A 1465 -82.71 33.18 85.05
N ASP A 1466 -83.46 32.34 85.74
CA ASP A 1466 -83.13 31.90 87.09
C ASP A 1466 -83.94 30.65 87.36
N LEU A 1467 -83.54 29.90 88.39
CA LEU A 1467 -84.11 28.57 88.58
C LEU A 1467 -85.61 28.59 88.82
N SER A 1468 -86.18 29.73 89.21
CA SER A 1468 -87.62 29.79 89.43
C SER A 1468 -88.40 29.77 88.12
N LYS A 1469 -87.73 29.96 86.98
CA LYS A 1469 -88.39 29.97 85.68
C LYS A 1469 -88.41 28.60 85.03
N VAL A 1470 -87.86 27.57 85.68
CA VAL A 1470 -87.81 26.24 85.09
C VAL A 1470 -89.21 25.65 85.05
N ARG A 1471 -89.58 25.08 83.91
CA ARG A 1471 -90.86 24.39 83.79
C ARG A 1471 -90.91 23.20 84.74
N ALA A 1472 -92.02 23.07 85.45
CA ALA A 1472 -92.20 21.95 86.36
C ALA A 1472 -93.69 21.70 86.53
N VAL A 1473 -94.04 20.43 86.76
CA VAL A 1473 -95.41 20.05 87.04
C VAL A 1473 -95.42 18.69 87.72
N THR A 1474 -96.32 18.51 88.68
CA THR A 1474 -96.47 17.25 89.38
C THR A 1474 -97.75 16.57 88.91
N VAL A 1475 -97.63 15.32 88.51
CA VAL A 1475 -98.79 14.50 88.14
C VAL A 1475 -99.03 13.52 89.28
N THR A 1476 -100.21 13.59 89.87
CA THR A 1476 -100.57 12.78 91.03
C THR A 1476 -101.71 11.86 90.65
N MET A 1477 -101.49 10.56 90.76
CA MET A 1477 -102.52 9.56 90.53
C MET A 1477 -102.90 8.93 91.86
N GLY A 1478 -104.21 8.83 92.10
CA GLY A 1478 -104.72 8.30 93.34
C GLY A 1478 -105.71 7.18 93.09
N ASP A 1479 -106.31 6.72 94.19
CA ASP A 1479 -107.32 5.67 94.15
C ASP A 1479 -108.70 6.30 94.01
N GLU A 1480 -109.74 5.46 94.02
CA GLU A 1480 -111.09 5.96 93.83
C GLU A 1480 -111.66 6.65 95.07
N GLN A 1481 -110.98 6.58 96.21
CA GLN A 1481 -111.37 7.30 97.42
C GLN A 1481 -110.23 8.20 97.88
N GLY A 1482 -109.48 8.76 96.94
CA GLY A 1482 -108.27 9.49 97.28
C GLY A 1482 -107.08 8.56 97.31
N ASN A 1483 -106.39 8.49 98.45
CA ASN A 1483 -105.31 7.53 98.62
C ASN A 1483 -104.28 7.64 97.50
N VAL A 1484 -103.58 8.77 97.45
CA VAL A 1484 -102.57 8.99 96.42
C VAL A 1484 -101.72 7.74 96.26
N HIS A 1485 -101.59 7.27 95.02
CA HIS A 1485 -100.77 6.11 94.71
C HIS A 1485 -99.44 6.48 94.09
N SER A 1486 -99.33 7.61 93.41
CA SER A 1486 -98.07 8.00 92.80
C SER A 1486 -98.07 9.51 92.57
N SER A 1487 -96.89 10.11 92.65
CA SER A 1487 -96.72 11.55 92.48
C SER A 1487 -95.38 11.78 91.78
N LEU A 1488 -95.43 12.05 90.48
CA LEU A 1488 -94.24 12.20 89.67
C LEU A 1488 -94.02 13.67 89.32
N LYS A 1489 -92.81 14.17 89.56
CA LYS A 1489 -92.45 15.51 89.17
C LYS A 1489 -91.78 15.49 87.80
N CYS A 1490 -92.25 16.34 86.89
CA CYS A 1490 -91.75 16.40 85.54
C CYS A 1490 -91.21 17.80 85.27
N SER A 1491 -90.05 17.86 84.62
CA SER A 1491 -89.41 19.11 84.26
C SER A 1491 -88.56 18.86 83.02
N ASN A 1492 -87.95 19.93 82.52
CA ASN A 1492 -87.04 19.83 81.40
C ASN A 1492 -85.66 20.40 81.69
N CYS A 1493 -85.39 20.79 82.93
CA CYS A 1493 -84.13 21.43 83.29
C CYS A 1493 -83.80 21.03 84.73
N TYR A 1494 -82.72 20.27 84.90
CA TYR A 1494 -82.26 19.82 86.21
C TYR A 1494 -80.89 20.43 86.45
N MET A 1495 -80.83 21.46 87.29
CA MET A 1495 -79.62 22.24 87.44
C MET A 1495 -79.46 22.70 88.88
N VAL A 1496 -78.23 23.08 89.22
CA VAL A 1496 -77.92 23.73 90.47
C VAL A 1496 -77.40 25.12 90.15
N TRP A 1497 -77.59 26.04 91.09
CA TRP A 1497 -77.16 27.41 90.93
C TRP A 1497 -75.76 27.57 91.50
N GLY A 1498 -74.87 28.19 90.72
CA GLY A 1498 -73.52 28.40 91.20
C GLY A 1498 -73.47 29.25 92.45
N GLY A 1499 -74.50 30.05 92.70
CA GLY A 1499 -74.54 30.88 93.89
C GLY A 1499 -74.73 30.10 95.17
N ASP A 1500 -75.24 28.87 95.08
CA ASP A 1500 -75.43 28.07 96.29
C ASP A 1500 -74.12 27.62 96.89
N PHE A 1501 -73.02 27.70 96.14
CA PHE A 1501 -71.73 27.23 96.60
C PHE A 1501 -70.76 28.37 96.90
N VAL A 1502 -71.21 29.61 96.88
CA VAL A 1502 -70.39 30.75 97.23
C VAL A 1502 -70.48 30.95 98.74
N SER A 1503 -69.34 30.92 99.41
CA SER A 1503 -69.32 31.10 100.85
C SER A 1503 -69.81 32.51 101.20
N PRO A 1504 -70.53 32.67 102.31
CA PRO A 1504 -71.02 34.02 102.65
C PRO A 1504 -69.90 35.03 102.82
N GLY A 1505 -68.76 34.62 103.36
CA GLY A 1505 -67.63 35.54 103.48
C GLY A 1505 -67.11 35.96 102.13
N GLN A 1506 -66.91 35.01 101.21
CA GLN A 1506 -66.43 35.35 99.88
C GLN A 1506 -67.50 36.09 99.09
N GLN A 1507 -68.76 35.98 99.49
CA GLN A 1507 -69.83 36.71 98.81
C GLN A 1507 -69.56 38.20 98.84
N GLY A 1508 -69.80 38.85 97.71
CA GLY A 1508 -69.50 40.26 97.57
C GLY A 1508 -68.07 40.56 97.17
N ARG A 1509 -67.24 39.54 96.98
CA ARG A 1509 -65.85 39.73 96.57
C ARG A 1509 -65.55 38.79 95.41
N ILE A 1510 -64.85 39.31 94.40
CA ILE A 1510 -64.47 38.47 93.27
C ILE A 1510 -63.46 37.45 93.73
N SER A 1511 -63.81 36.17 93.61
CA SER A 1511 -62.95 35.10 94.08
C SER A 1511 -61.76 34.91 93.13
N HIS A 1512 -60.71 34.29 93.65
CA HIS A 1512 -59.53 33.97 92.89
C HIS A 1512 -59.34 32.47 92.70
N THR A 1513 -60.39 31.68 92.91
CA THR A 1513 -60.34 30.24 92.74
C THR A 1513 -61.42 29.79 91.79
N ASP A 1514 -61.11 28.78 90.98
CA ASP A 1514 -62.09 28.14 90.12
C ASP A 1514 -63.08 27.35 90.97
N LEU A 1515 -64.32 27.28 90.50
CA LEU A 1515 -65.36 26.50 91.14
C LEU A 1515 -65.70 25.32 90.25
N VAL A 1516 -65.50 24.11 90.75
CA VAL A 1516 -65.76 22.90 89.98
C VAL A 1516 -67.04 22.27 90.52
N ILE A 1517 -68.05 22.17 89.66
CA ILE A 1517 -69.31 21.52 90.00
C ILE A 1517 -69.39 20.20 89.25
N GLY A 1518 -69.51 19.11 89.99
CA GLY A 1518 -69.60 17.77 89.41
C GLY A 1518 -71.02 17.25 89.47
N CYS A 1519 -71.44 16.61 88.39
CA CYS A 1519 -72.78 16.05 88.26
C CYS A 1519 -72.65 14.54 88.11
N LEU A 1520 -73.41 13.81 88.92
CA LEU A 1520 -73.46 12.36 88.89
C LEU A 1520 -74.87 11.89 88.56
N VAL A 1521 -74.97 10.92 87.66
CA VAL A 1521 -76.26 10.33 87.29
C VAL A 1521 -76.14 8.83 87.40
N ASP A 1522 -77.10 8.20 88.07
CA ASP A 1522 -77.17 6.74 88.17
C ASP A 1522 -78.19 6.26 87.14
N LEU A 1523 -77.70 5.75 86.01
CA LEU A 1523 -78.61 5.44 84.91
C LEU A 1523 -79.53 4.28 85.21
N ALA A 1524 -79.31 3.53 86.29
CA ALA A 1524 -80.13 2.38 86.62
C ALA A 1524 -81.13 2.66 87.75
N THR A 1525 -81.08 3.84 88.36
CA THR A 1525 -81.98 4.15 89.47
C THR A 1525 -82.69 5.48 89.25
N GLY A 1526 -82.19 6.29 88.33
CA GLY A 1526 -82.82 7.56 88.03
C GLY A 1526 -82.42 8.69 88.93
N LEU A 1527 -81.40 8.52 89.76
CA LEU A 1527 -80.99 9.53 90.72
C LEU A 1527 -79.90 10.43 90.14
N MET A 1528 -80.02 11.73 90.40
CA MET A 1528 -79.05 12.71 89.95
C MET A 1528 -78.60 13.54 91.14
N THR A 1529 -77.29 13.61 91.36
CA THR A 1529 -76.73 14.34 92.49
C THR A 1529 -75.60 15.26 92.01
N PHE A 1530 -75.22 16.19 92.87
CA PHE A 1530 -74.24 17.20 92.54
C PHE A 1530 -73.25 17.39 93.67
N THR A 1531 -72.03 17.78 93.31
CA THR A 1531 -71.00 18.12 94.26
C THR A 1531 -70.37 19.45 93.85
N ALA A 1532 -69.90 20.21 94.84
CA ALA A 1532 -69.23 21.48 94.60
C ALA A 1532 -67.88 21.45 95.29
N ASN A 1533 -66.80 21.44 94.49
CA ASN A 1533 -65.45 21.38 95.02
C ASN A 1533 -65.29 20.20 95.98
N GLY A 1534 -65.80 19.06 95.57
CA GLY A 1534 -65.70 17.84 96.37
C GLY A 1534 -66.85 17.58 97.31
N LYS A 1535 -67.29 18.62 98.02
CA LYS A 1535 -68.38 18.46 98.98
C LYS A 1535 -69.68 18.14 98.24
N GLU A 1536 -70.44 17.19 98.79
CA GLU A 1536 -71.74 16.85 98.22
C GLU A 1536 -72.77 17.90 98.59
N SER A 1537 -73.54 18.34 97.60
CA SER A 1537 -74.55 19.36 97.81
C SER A 1537 -75.86 18.72 98.24
N ASN A 1538 -76.83 19.55 98.61
CA ASN A 1538 -78.13 19.08 99.06
C ASN A 1538 -79.13 18.91 97.94
N THR A 1539 -78.80 19.34 96.73
CA THR A 1539 -79.72 19.23 95.60
C THR A 1539 -79.64 17.83 95.00
N PHE A 1540 -80.79 17.22 94.74
CA PHE A 1540 -80.86 15.94 94.08
C PHE A 1540 -82.17 15.87 93.31
N PHE A 1541 -82.16 15.09 92.24
CA PHE A 1541 -83.32 14.94 91.36
C PHE A 1541 -83.57 13.47 91.09
N GLN A 1542 -84.82 13.16 90.77
CA GLN A 1542 -85.25 11.81 90.40
C GLN A 1542 -85.98 11.88 89.07
N VAL A 1543 -85.53 11.09 88.10
CA VAL A 1543 -86.16 11.03 86.80
C VAL A 1543 -86.70 9.62 86.58
N GLU A 1544 -87.39 9.45 85.46
CA GLU A 1544 -88.04 8.20 85.12
C GLU A 1544 -87.21 7.42 84.11
N PRO A 1545 -87.45 6.13 83.98
CA PRO A 1545 -86.68 5.33 83.01
C PRO A 1545 -86.89 5.85 81.59
N ASN A 1546 -85.86 5.66 80.77
CA ASN A 1546 -85.81 6.03 79.35
C ASN A 1546 -85.64 7.53 79.18
N THR A 1547 -85.43 8.29 80.24
CA THR A 1547 -85.23 9.73 80.11
C THR A 1547 -83.93 10.03 79.40
N LYS A 1548 -83.93 11.08 78.58
CA LYS A 1548 -82.75 11.55 77.87
C LYS A 1548 -82.32 12.87 78.49
N LEU A 1549 -81.06 12.97 78.87
CA LEU A 1549 -80.52 14.18 79.48
C LEU A 1549 -79.27 14.63 78.76
N PHE A 1550 -79.22 15.91 78.41
CA PHE A 1550 -78.03 16.51 77.83
C PHE A 1550 -77.29 17.28 78.90
N PRO A 1551 -75.97 17.16 79.01
CA PRO A 1551 -75.23 18.06 79.89
C PRO A 1551 -75.41 19.50 79.43
N ALA A 1552 -75.62 20.41 80.38
CA ALA A 1552 -75.97 21.77 80.06
C ALA A 1552 -75.32 22.75 81.03
N VAL A 1553 -75.09 23.96 80.56
CA VAL A 1553 -74.58 25.06 81.36
C VAL A 1553 -75.22 26.34 80.88
N PHE A 1554 -75.84 27.08 81.79
CA PHE A 1554 -76.38 28.39 81.50
C PHE A 1554 -75.53 29.42 82.22
N VAL A 1555 -75.00 30.40 81.48
CA VAL A 1555 -74.03 31.32 82.03
C VAL A 1555 -74.24 32.71 81.47
N LEU A 1556 -74.07 33.71 82.32
CA LEU A 1556 -73.99 35.10 81.87
C LEU A 1556 -72.55 35.54 81.98
N PRO A 1557 -71.79 35.59 80.88
CA PRO A 1557 -70.34 35.80 80.99
C PRO A 1557 -69.99 37.07 81.74
N THR A 1558 -68.98 36.97 82.61
CA THR A 1558 -68.44 38.12 83.32
C THR A 1558 -66.93 38.18 83.21
N HIS A 1559 -66.34 37.46 82.26
CA HIS A 1559 -64.90 37.33 82.15
C HIS A 1559 -64.58 36.85 80.75
N GLN A 1560 -63.29 36.85 80.41
CA GLN A 1560 -62.88 36.34 79.10
C GLN A 1560 -62.89 34.82 79.08
N ASN A 1561 -62.57 34.18 80.20
CA ASN A 1561 -62.69 32.73 80.34
C ASN A 1561 -63.95 32.45 81.13
N VAL A 1562 -64.92 31.79 80.51
CA VAL A 1562 -66.24 31.66 81.11
C VAL A 1562 -66.38 30.34 81.86
N VAL A 1563 -66.33 29.22 81.15
CA VAL A 1563 -66.58 27.91 81.73
C VAL A 1563 -65.86 26.85 80.91
N GLN A 1564 -65.84 25.64 81.45
CA GLN A 1564 -65.14 24.53 80.81
C GLN A 1564 -65.84 23.23 81.16
N PHE A 1565 -66.40 22.55 80.16
CA PHE A 1565 -66.92 21.19 80.31
C PHE A 1565 -65.73 20.24 80.48
N GLU A 1566 -65.62 19.60 81.64
CA GLU A 1566 -64.58 18.60 81.86
C GLU A 1566 -65.22 17.22 81.82
N LEU A 1567 -64.84 16.42 80.81
CA LEU A 1567 -65.40 15.09 80.61
C LEU A 1567 -64.48 14.05 81.24
N GLY A 1568 -64.33 14.16 82.54
CA GLY A 1568 -63.47 13.27 83.29
C GLY A 1568 -64.26 12.20 84.02
N LYS A 1569 -63.66 11.67 85.09
CA LYS A 1569 -64.31 10.64 85.89
C LYS A 1569 -63.94 10.86 87.34
N GLN A 1570 -64.50 10.03 88.21
CA GLN A 1570 -64.14 9.96 89.61
C GLN A 1570 -63.73 8.53 89.93
N LYS A 1571 -63.38 8.29 91.19
CA LYS A 1571 -63.02 6.95 91.62
C LYS A 1571 -64.25 6.06 91.58
N ASN A 1572 -64.15 4.95 90.85
CA ASN A 1572 -65.21 3.96 90.72
C ASN A 1572 -66.44 4.49 90.00
N ILE A 1573 -66.32 5.60 89.27
CA ILE A 1573 -67.41 6.19 88.52
C ILE A 1573 -66.97 6.37 87.07
N MET A 1574 -67.85 6.04 86.14
CA MET A 1574 -67.50 6.04 84.73
C MET A 1574 -67.60 7.43 84.13
N PRO A 1575 -66.85 7.71 83.06
CA PRO A 1575 -66.99 8.98 82.36
C PRO A 1575 -68.19 9.00 81.44
N LEU A 1576 -68.49 10.18 80.90
CA LEU A 1576 -69.69 10.33 80.09
C LEU A 1576 -69.58 9.59 78.77
N SER A 1577 -68.38 9.42 78.23
CA SER A 1577 -68.22 8.70 76.97
C SER A 1577 -68.73 7.27 77.10
N ALA A 1578 -68.53 6.65 78.26
CA ALA A 1578 -69.01 5.29 78.48
C ALA A 1578 -70.52 5.19 78.46
N ALA A 1579 -71.23 6.24 78.86
CA ALA A 1579 -72.68 6.25 78.77
C ALA A 1579 -73.18 6.68 77.40
N MET A 1580 -72.41 7.50 76.69
CA MET A 1580 -72.87 8.04 75.42
C MET A 1580 -72.65 7.08 74.25
N PHE A 1581 -71.54 6.34 74.23
CA PHE A 1581 -71.17 5.53 73.08
C PHE A 1581 -71.18 4.06 73.46
N LEU A 1582 -71.83 3.26 72.60
CA LEU A 1582 -71.98 1.84 72.89
C LEU A 1582 -70.63 1.13 72.90
N SER A 1583 -69.77 1.43 71.94
CA SER A 1583 -68.48 0.73 71.86
C SER A 1583 -67.59 1.04 73.04
N GLU A 1584 -67.85 2.14 73.75
CA GLU A 1584 -67.07 2.54 74.91
C GLU A 1584 -67.79 2.22 76.22
N ARG A 1585 -68.81 1.36 76.18
CA ARG A 1585 -69.62 1.11 77.36
C ARG A 1585 -68.79 0.60 78.52
N LYS A 1586 -67.74 -0.16 78.24
CA LYS A 1586 -66.88 -0.72 79.29
C LYS A 1586 -65.50 -0.11 79.30
N ASN A 1587 -65.30 1.02 78.63
CA ASN A 1587 -64.00 1.66 78.59
C ASN A 1587 -63.97 2.77 79.63
N PRO A 1588 -63.21 2.63 80.72
CA PRO A 1588 -63.18 3.69 81.73
C PRO A 1588 -62.30 4.88 81.40
N ALA A 1589 -61.60 4.86 80.28
CA ALA A 1589 -60.75 5.99 79.91
C ALA A 1589 -61.61 7.13 79.39
N PRO A 1590 -61.52 8.33 79.96
CA PRO A 1590 -62.34 9.44 79.46
C PRO A 1590 -62.03 9.73 78.00
N GLN A 1591 -63.07 10.12 77.26
CA GLN A 1591 -62.96 10.39 75.84
C GLN A 1591 -63.85 11.56 75.46
N CYS A 1592 -63.52 12.20 74.35
CA CYS A 1592 -64.34 13.27 73.77
C CYS A 1592 -64.27 13.11 72.26
N PRO A 1593 -65.07 12.21 71.69
CA PRO A 1593 -65.01 11.97 70.25
C PRO A 1593 -65.52 13.17 69.48
N PRO A 1594 -65.27 13.23 68.18
CA PRO A 1594 -65.66 14.41 67.40
C PRO A 1594 -67.15 14.71 67.45
N ARG A 1595 -68.00 13.69 67.56
CA ARG A 1595 -69.44 13.95 67.59
C ARG A 1595 -69.82 14.81 68.79
N LEU A 1596 -69.17 14.61 69.92
CA LEU A 1596 -69.45 15.39 71.11
C LEU A 1596 -68.94 16.81 70.92
N GLU A 1597 -69.84 17.78 70.91
CA GLU A 1597 -69.47 19.18 70.75
C GLU A 1597 -70.43 20.05 71.53
N VAL A 1598 -70.09 21.32 71.63
CA VAL A 1598 -70.90 22.30 72.36
C VAL A 1598 -71.90 22.93 71.42
N GLN A 1599 -73.15 23.01 71.85
CA GLN A 1599 -74.21 23.66 71.11
C GLN A 1599 -74.78 24.78 71.97
N MET A 1600 -75.23 25.83 71.31
CA MET A 1600 -75.84 26.97 71.98
C MET A 1600 -77.27 27.14 71.51
N LEU A 1601 -78.08 27.77 72.34
CA LEU A 1601 -79.48 28.00 72.01
C LEU A 1601 -79.62 29.22 71.11
N MET A 1602 -80.18 29.01 69.90
CA MET A 1602 -80.48 30.05 68.94
C MET A 1602 -81.97 30.38 68.99
N PRO A 1603 -82.35 31.67 68.99
CA PRO A 1603 -83.76 32.00 69.21
C PRO A 1603 -84.67 31.75 68.02
N VAL A 1604 -84.17 31.84 66.79
CA VAL A 1604 -85.00 31.74 65.61
C VAL A 1604 -84.38 30.76 64.61
N SER A 1605 -85.23 30.11 63.82
CA SER A 1605 -84.77 29.17 62.81
C SER A 1605 -85.69 29.25 61.60
N TRP A 1606 -85.19 28.79 60.46
CA TRP A 1606 -86.03 28.70 59.28
C TRP A 1606 -86.85 27.41 59.31
N SER A 1607 -88.13 27.53 58.96
CA SER A 1607 -89.03 26.38 58.98
C SER A 1607 -89.91 26.42 57.74
N ARG A 1608 -90.12 25.25 57.15
CA ARG A 1608 -90.89 25.15 55.91
C ARG A 1608 -92.38 25.16 56.20
N MET A 1609 -93.11 26.07 55.55
CA MET A 1609 -94.55 26.10 55.72
C MET A 1609 -95.19 24.96 54.93
N PRO A 1610 -96.15 24.23 55.51
CA PRO A 1610 -96.83 23.19 54.73
C PRO A 1610 -97.53 23.77 53.51
N ASN A 1611 -97.65 22.95 52.47
CA ASN A 1611 -98.36 23.39 51.28
C ASN A 1611 -99.86 23.39 51.51
N HIS A 1612 -100.35 22.49 52.36
CA HIS A 1612 -101.77 22.40 52.68
C HIS A 1612 -101.96 22.38 54.19
N PHE A 1613 -103.12 22.85 54.63
CA PHE A 1613 -103.42 23.00 56.05
C PHE A 1613 -104.77 22.38 56.34
N LEU A 1614 -104.94 21.94 57.58
CA LEU A 1614 -106.22 21.37 57.99
C LEU A 1614 -107.32 22.41 57.85
N GLN A 1615 -108.45 21.98 57.33
CA GLN A 1615 -109.61 22.85 57.17
C GLN A 1615 -110.51 22.63 58.38
N VAL A 1616 -110.49 23.60 59.29
CA VAL A 1616 -111.25 23.54 60.54
C VAL A 1616 -112.42 24.50 60.43
N ASP A 1617 -113.62 24.01 60.76
CA ASP A 1617 -114.81 24.85 60.78
C ASP A 1617 -115.25 25.07 62.21
N THR A 1618 -115.31 26.33 62.63
CA THR A 1618 -115.75 26.69 63.97
C THR A 1618 -116.96 27.60 63.86
N ARG A 1619 -118.00 27.28 64.62
CA ARG A 1619 -119.21 28.10 64.60
C ARG A 1619 -119.90 28.02 65.95
N ARG A 1620 -120.98 28.77 66.09
CA ARG A 1620 -121.80 28.72 67.29
C ARG A 1620 -123.05 27.90 66.99
N ALA A 1621 -123.13 26.70 67.57
CA ALA A 1621 -124.25 25.83 67.30
C ALA A 1621 -125.55 26.35 67.88
N GLY A 1622 -125.50 27.17 68.91
CA GLY A 1622 -126.69 27.70 69.53
C GLY A 1622 -126.40 28.15 70.94
N GLU A 1623 -127.45 28.60 71.61
CA GLU A 1623 -127.32 29.05 72.99
C GLU A 1623 -127.24 27.91 73.99
N ARG A 1624 -127.64 26.71 73.60
CA ARG A 1624 -127.54 25.52 74.46
C ARG A 1624 -126.48 24.55 74.00
N LEU A 1625 -126.25 24.43 72.69
CA LEU A 1625 -125.33 23.43 72.19
C LEU A 1625 -123.88 23.85 72.41
N GLY A 1626 -123.59 25.13 72.25
CA GLY A 1626 -122.27 25.64 72.51
C GLY A 1626 -121.56 26.09 71.25
N TRP A 1627 -120.25 25.88 71.23
CA TRP A 1627 -119.41 26.28 70.11
C TRP A 1627 -118.81 25.06 69.44
N ALA A 1628 -119.19 24.81 68.19
CA ALA A 1628 -118.84 23.59 67.48
C ALA A 1628 -117.54 23.75 66.72
N VAL A 1629 -116.71 22.72 66.80
CA VAL A 1629 -115.46 22.59 66.05
C VAL A 1629 -115.53 21.32 65.24
N GLN A 1630 -115.20 21.41 63.94
CA GLN A 1630 -115.32 20.29 63.03
C GLN A 1630 -114.08 20.22 62.16
N CYS A 1631 -113.60 19.00 61.90
CA CYS A 1631 -112.48 18.79 60.99
C CYS A 1631 -112.63 17.39 60.40
N GLN A 1632 -112.81 17.31 59.08
CA GLN A 1632 -113.18 16.06 58.44
C GLN A 1632 -112.18 15.54 57.42
N GLU A 1633 -111.44 16.42 56.74
CA GLU A 1633 -110.58 15.98 55.64
C GLU A 1633 -109.20 15.60 56.18
N PRO A 1634 -108.75 14.36 55.97
CA PRO A 1634 -107.46 13.95 56.53
C PRO A 1634 -106.29 14.64 55.85
N LEU A 1635 -105.19 14.76 56.59
CA LEU A 1635 -103.96 15.34 56.08
C LEU A 1635 -102.79 14.68 56.76
N MET A 1636 -101.82 14.23 55.99
CA MET A 1636 -100.67 13.51 56.50
C MET A 1636 -99.40 14.11 55.95
N MET A 1637 -98.31 13.91 56.68
CA MET A 1637 -97.00 14.33 56.25
C MET A 1637 -96.01 13.22 56.51
N MET A 1638 -94.95 13.17 55.72
CA MET A 1638 -93.86 12.24 55.93
C MET A 1638 -92.84 12.91 56.84
N ALA A 1639 -92.72 12.41 58.07
CA ALA A 1639 -91.84 12.99 59.07
C ALA A 1639 -90.47 12.33 59.01
N LEU A 1640 -89.44 13.12 59.24
CA LEU A 1640 -88.08 12.65 59.41
C LEU A 1640 -87.67 12.93 60.85
N HIS A 1641 -87.25 11.89 61.56
CA HIS A 1641 -87.03 11.95 63.00
C HIS A 1641 -85.55 11.78 63.29
N ILE A 1642 -84.99 12.72 64.05
CA ILE A 1642 -83.61 12.63 64.52
C ILE A 1642 -83.65 11.90 65.87
N PRO A 1643 -83.11 10.69 65.97
CA PRO A 1643 -83.33 9.91 67.20
C PRO A 1643 -82.75 10.53 68.45
N GLU A 1644 -81.48 10.94 68.42
CA GLU A 1644 -80.85 11.43 69.64
C GLU A 1644 -81.49 12.70 70.18
N GLU A 1645 -82.09 13.51 69.30
CA GLU A 1645 -82.73 14.74 69.72
C GLU A 1645 -84.22 14.60 69.95
N ASN A 1646 -84.78 13.41 69.75
CA ASN A 1646 -86.20 13.16 69.96
C ASN A 1646 -87.05 14.26 69.34
N ARG A 1647 -86.74 14.56 68.08
CA ARG A 1647 -87.36 15.67 67.37
C ARG A 1647 -87.61 15.21 65.94
N CYS A 1648 -88.55 15.88 65.27
CA CYS A 1648 -88.86 15.52 63.90
C CYS A 1648 -89.11 16.79 63.08
N MET A 1649 -88.93 16.66 61.78
CA MET A 1649 -89.22 17.72 60.83
C MET A 1649 -89.96 17.10 59.65
N ASP A 1650 -90.46 17.95 58.77
CA ASP A 1650 -90.97 17.46 57.50
C ASP A 1650 -89.81 17.01 56.63
N ILE A 1651 -89.94 15.84 56.00
CA ILE A 1651 -88.89 15.37 55.14
C ILE A 1651 -88.65 16.33 53.98
N LEU A 1652 -89.64 17.16 53.67
CA LEU A 1652 -89.49 18.13 52.60
C LEU A 1652 -88.52 19.27 52.96
N GLU A 1653 -88.11 19.37 54.22
CA GLU A 1653 -87.09 20.33 54.60
C GLU A 1653 -85.70 19.94 54.11
N LEU A 1654 -85.52 18.69 53.68
CA LEU A 1654 -84.25 18.28 53.14
C LEU A 1654 -83.94 18.93 51.80
N SER A 1655 -84.90 19.62 51.19
CA SER A 1655 -84.60 20.40 50.01
C SER A 1655 -83.66 21.55 50.33
N GLU A 1656 -83.67 22.05 51.56
CA GLU A 1656 -82.77 23.10 51.99
C GLU A 1656 -81.70 22.62 52.95
N ARG A 1657 -81.96 21.58 53.73
CA ARG A 1657 -80.94 21.00 54.61
C ARG A 1657 -80.18 19.95 53.82
N LEU A 1658 -79.06 20.37 53.21
CA LEU A 1658 -78.40 19.55 52.20
C LEU A 1658 -77.50 18.48 52.78
N ASP A 1659 -76.92 18.71 53.96
CA ASP A 1659 -76.15 17.66 54.60
C ASP A 1659 -77.05 16.50 55.01
N LEU A 1660 -78.19 16.81 55.62
CA LEU A 1660 -79.15 15.77 55.96
C LEU A 1660 -79.68 15.08 54.72
N GLN A 1661 -79.90 15.84 53.65
CA GLN A 1661 -80.37 15.24 52.41
C GLN A 1661 -79.36 14.23 51.87
N ARG A 1662 -78.09 14.60 51.84
CA ARG A 1662 -77.06 13.69 51.35
C ARG A 1662 -76.96 12.45 52.23
N PHE A 1663 -76.95 12.64 53.55
CA PHE A 1663 -76.88 11.49 54.43
C PHE A 1663 -78.07 10.57 54.25
N HIS A 1664 -79.27 11.12 54.09
CA HIS A 1664 -80.45 10.27 53.96
C HIS A 1664 -80.48 9.56 52.61
N SER A 1665 -80.05 10.23 51.55
CA SER A 1665 -79.99 9.55 50.26
C SER A 1665 -79.01 8.39 50.30
N HIS A 1666 -77.86 8.59 50.96
CA HIS A 1666 -76.93 7.47 51.09
C HIS A 1666 -77.46 6.41 52.04
N THR A 1667 -78.29 6.78 53.00
CA THR A 1667 -78.98 5.78 53.81
C THR A 1667 -79.90 4.92 52.95
N LEU A 1668 -80.63 5.56 52.03
CA LEU A 1668 -81.48 4.78 51.12
C LEU A 1668 -80.65 3.87 50.24
N SER A 1669 -79.49 4.34 49.78
CA SER A 1669 -78.59 3.46 49.03
C SER A 1669 -78.15 2.28 49.87
N LEU A 1670 -77.83 2.51 51.15
CA LEU A 1670 -77.43 1.41 52.01
C LEU A 1670 -78.57 0.42 52.21
N TYR A 1671 -79.80 0.91 52.33
CA TYR A 1671 -80.95 0.02 52.38
C TYR A 1671 -81.03 -0.83 51.12
N ARG A 1672 -80.88 -0.20 49.96
CA ARG A 1672 -80.94 -0.93 48.70
C ARG A 1672 -79.84 -1.99 48.62
N SER A 1673 -78.68 -1.70 49.17
CA SER A 1673 -77.54 -2.60 49.08
C SER A 1673 -77.56 -3.74 50.09
N VAL A 1674 -78.14 -3.56 51.27
CA VAL A 1674 -78.19 -4.66 52.22
C VAL A 1674 -79.19 -5.73 51.79
N CYS A 1675 -80.09 -5.42 50.86
CA CYS A 1675 -81.05 -6.39 50.34
C CYS A 1675 -80.78 -6.75 48.89
N ALA A 1676 -79.66 -6.32 48.34
CA ALA A 1676 -79.41 -6.47 46.91
C ALA A 1676 -79.12 -7.92 46.54
N LEU A 1677 -79.59 -8.29 45.36
CA LEU A 1677 -79.27 -9.59 44.74
C LEU A 1677 -79.83 -10.75 45.54
N GLY A 1678 -81.09 -10.63 45.96
CA GLY A 1678 -81.84 -11.77 46.43
C GLY A 1678 -81.89 -11.98 47.93
N ASN A 1679 -81.50 -10.99 48.74
CA ASN A 1679 -81.57 -11.13 50.19
C ASN A 1679 -82.99 -10.79 50.64
N ASN A 1680 -83.91 -11.69 50.34
CA ASN A 1680 -85.31 -11.49 50.66
C ASN A 1680 -85.55 -11.39 52.16
N ARG A 1681 -84.74 -12.04 52.97
CA ARG A 1681 -84.86 -11.88 54.42
C ARG A 1681 -84.61 -10.44 54.84
N VAL A 1682 -83.55 -9.82 54.32
CA VAL A 1682 -83.29 -8.44 54.64
C VAL A 1682 -84.33 -7.52 54.02
N ALA A 1683 -84.88 -7.89 52.87
CA ALA A 1683 -85.97 -7.09 52.31
C ALA A 1683 -87.18 -7.10 53.24
N HIS A 1684 -87.52 -8.28 53.78
CA HIS A 1684 -88.58 -8.35 54.76
C HIS A 1684 -88.27 -7.49 55.97
N ALA A 1685 -87.03 -7.52 56.44
CA ALA A 1685 -86.65 -6.66 57.57
C ALA A 1685 -86.83 -5.18 57.23
N LEU A 1686 -86.42 -4.77 56.03
CA LEU A 1686 -86.54 -3.38 55.62
C LEU A 1686 -87.98 -2.94 55.48
N CYS A 1687 -88.88 -3.87 55.23
CA CYS A 1687 -90.30 -3.51 55.20
C CYS A 1687 -90.79 -2.97 56.53
N SER A 1688 -90.06 -3.21 57.61
CA SER A 1688 -90.42 -2.66 58.91
C SER A 1688 -89.89 -1.26 59.13
N HIS A 1689 -88.88 -0.84 58.38
CA HIS A 1689 -88.30 0.49 58.50
C HIS A 1689 -88.86 1.46 57.47
N VAL A 1690 -89.18 0.98 56.27
CA VAL A 1690 -89.84 1.79 55.26
C VAL A 1690 -91.04 0.99 54.79
N ASP A 1691 -92.22 1.33 55.28
CA ASP A 1691 -93.40 0.50 55.05
C ASP A 1691 -94.06 0.86 53.73
N GLN A 1692 -95.09 0.08 53.39
CA GLN A 1692 -95.74 0.20 52.10
C GLN A 1692 -96.40 1.57 51.94
N ALA A 1693 -97.02 2.07 53.01
CA ALA A 1693 -97.64 3.38 52.94
C ALA A 1693 -96.60 4.47 52.68
N GLN A 1694 -95.45 4.39 53.35
CA GLN A 1694 -94.39 5.35 53.12
C GLN A 1694 -93.93 5.31 51.67
N LEU A 1695 -93.68 4.11 51.13
CA LEU A 1695 -93.18 4.02 49.77
C LEU A 1695 -94.20 4.54 48.77
N LEU A 1696 -95.46 4.19 48.94
CA LEU A 1696 -96.48 4.64 48.00
C LEU A 1696 -96.72 6.14 48.10
N HIS A 1697 -96.56 6.72 49.29
CA HIS A 1697 -96.66 8.16 49.42
C HIS A 1697 -95.48 8.86 48.76
N ALA A 1698 -94.28 8.31 48.93
CA ALA A 1698 -93.10 8.91 48.31
C ALA A 1698 -93.19 8.86 46.80
N LEU A 1699 -93.78 7.78 46.26
CA LEU A 1699 -93.92 7.70 44.80
C LEU A 1699 -94.66 8.91 44.26
N GLU A 1700 -95.68 9.39 44.96
CA GLU A 1700 -96.53 10.47 44.48
C GLU A 1700 -96.10 11.84 44.96
N ASP A 1701 -95.26 11.93 45.99
CA ASP A 1701 -94.85 13.23 46.51
C ASP A 1701 -94.13 14.02 45.43
N ALA A 1702 -94.76 15.10 44.96
CA ALA A 1702 -94.20 15.93 43.90
C ALA A 1702 -93.20 16.95 44.40
N ARG A 1703 -93.16 17.22 45.70
CA ARG A 1703 -92.23 18.20 46.28
C ARG A 1703 -90.95 17.56 46.78
N LEU A 1704 -90.82 16.25 46.71
CA LEU A 1704 -89.66 15.59 47.26
C LEU A 1704 -88.41 15.97 46.46
N PRO A 1705 -87.29 16.26 47.11
CA PRO A 1705 -86.07 16.54 46.35
C PRO A 1705 -85.66 15.35 45.49
N GLY A 1706 -85.03 15.64 44.36
CA GLY A 1706 -84.81 14.67 43.33
C GLY A 1706 -84.06 13.44 43.77
N PRO A 1707 -82.95 13.61 44.49
CA PRO A 1707 -82.23 12.45 45.00
C PRO A 1707 -83.06 11.56 45.90
N LEU A 1708 -83.91 12.13 46.76
CA LEU A 1708 -84.75 11.32 47.61
C LEU A 1708 -85.85 10.63 46.82
N ARG A 1709 -86.42 11.32 45.83
CA ARG A 1709 -87.44 10.69 44.99
C ARG A 1709 -86.85 9.49 44.24
N ALA A 1710 -85.68 9.67 43.64
CA ALA A 1710 -85.03 8.58 42.95
C ALA A 1710 -84.68 7.45 43.92
N GLY A 1711 -84.19 7.81 45.11
CA GLY A 1711 -83.86 6.80 46.08
C GLY A 1711 -85.05 5.98 46.52
N TYR A 1712 -86.21 6.64 46.68
CA TYR A 1712 -87.39 5.91 47.14
C TYR A 1712 -87.99 5.04 46.04
N TYR A 1713 -87.97 5.50 44.79
CA TYR A 1713 -88.36 4.63 43.69
C TYR A 1713 -87.45 3.41 43.63
N ASP A 1714 -86.15 3.63 43.70
CA ASP A 1714 -85.20 2.52 43.64
C ASP A 1714 -85.37 1.60 44.85
N LEU A 1715 -85.69 2.15 46.02
CA LEU A 1715 -85.89 1.34 47.20
C LEU A 1715 -87.12 0.47 47.08
N LEU A 1716 -88.22 1.02 46.56
CA LEU A 1716 -89.39 0.19 46.30
C LEU A 1716 -89.03 -0.95 45.36
N ILE A 1717 -88.34 -0.64 44.27
CA ILE A 1717 -87.99 -1.68 43.31
C ILE A 1717 -87.12 -2.74 43.98
N SER A 1718 -86.11 -2.32 44.74
CA SER A 1718 -85.19 -3.27 45.35
C SER A 1718 -85.87 -4.15 46.38
N ILE A 1719 -86.74 -3.57 47.20
CA ILE A 1719 -87.39 -4.35 48.25
C ILE A 1719 -88.38 -5.33 47.66
N HIS A 1720 -89.19 -4.90 46.70
CA HIS A 1720 -90.36 -5.68 46.31
C HIS A 1720 -90.26 -6.34 44.94
N LEU A 1721 -89.54 -5.75 43.99
CA LEU A 1721 -89.62 -6.20 42.61
C LEU A 1721 -88.32 -6.72 42.02
N GLU A 1722 -87.16 -6.40 42.61
CA GLU A 1722 -85.90 -6.70 41.94
C GLU A 1722 -85.72 -8.19 41.73
N SER A 1723 -85.99 -9.00 42.75
CA SER A 1723 -85.76 -10.44 42.64
C SER A 1723 -86.66 -11.08 41.60
N ALA A 1724 -87.95 -10.76 41.65
CA ALA A 1724 -88.88 -11.32 40.67
C ALA A 1724 -88.52 -10.88 39.26
N CYS A 1725 -88.15 -9.61 39.09
CA CYS A 1725 -87.78 -9.13 37.77
C CYS A 1725 -86.54 -9.85 37.26
N ARG A 1726 -85.54 -10.04 38.11
CA ARG A 1726 -84.33 -10.73 37.68
C ARG A 1726 -84.62 -12.18 37.29
N SER A 1727 -85.41 -12.88 38.11
CA SER A 1727 -85.72 -14.27 37.80
C SER A 1727 -86.49 -14.38 36.49
N ARG A 1728 -87.45 -13.48 36.26
CA ARG A 1728 -88.18 -13.52 35.00
C ARG A 1728 -87.28 -13.17 33.82
N ARG A 1729 -86.40 -12.19 34.00
CA ARG A 1729 -85.51 -11.79 32.91
C ARG A 1729 -84.59 -12.93 32.51
N SER A 1730 -84.15 -13.71 33.49
CA SER A 1730 -83.30 -14.86 33.16
C SER A 1730 -84.03 -15.84 32.24
N MET A 1731 -85.32 -16.05 32.46
CA MET A 1731 -86.12 -16.98 31.69
C MET A 1731 -86.62 -16.41 30.37
N LEU A 1732 -86.61 -15.10 30.22
CA LEU A 1732 -87.20 -14.48 29.03
C LEU A 1732 -86.43 -14.75 27.75
N SER A 1733 -85.25 -15.38 27.83
CA SER A 1733 -84.47 -15.68 26.65
C SER A 1733 -84.72 -17.07 26.08
N GLU A 1734 -85.60 -17.86 26.70
CA GLU A 1734 -85.90 -19.21 26.25
C GLU A 1734 -87.38 -19.34 25.94
N TYR A 1735 -87.70 -20.17 24.95
CA TYR A 1735 -89.07 -20.33 24.46
C TYR A 1735 -89.45 -21.80 24.50
N ILE A 1736 -89.99 -22.24 25.63
CA ILE A 1736 -90.51 -23.59 25.78
C ILE A 1736 -92.02 -23.50 25.51
N VAL A 1737 -92.43 -23.89 24.30
CA VAL A 1737 -93.80 -23.71 23.84
C VAL A 1737 -94.55 -25.03 24.06
N PRO A 1738 -95.55 -25.08 24.93
CA PRO A 1738 -96.36 -26.30 25.03
C PRO A 1738 -97.33 -26.41 23.87
N LEU A 1739 -97.57 -27.64 23.43
CA LEU A 1739 -98.44 -27.89 22.28
C LEU A 1739 -99.88 -27.99 22.76
N THR A 1740 -100.46 -26.82 23.03
CA THR A 1740 -101.82 -26.67 23.51
C THR A 1740 -102.67 -26.00 22.46
N PRO A 1741 -103.99 -25.97 22.65
CA PRO A 1741 -104.86 -25.29 21.67
C PRO A 1741 -104.53 -23.81 21.50
N GLU A 1742 -104.11 -23.12 22.56
CA GLU A 1742 -103.73 -21.72 22.40
C GLU A 1742 -102.54 -21.58 21.48
N THR A 1743 -101.54 -22.45 21.65
CA THR A 1743 -100.42 -22.46 20.73
C THR A 1743 -100.88 -22.74 19.31
N ARG A 1744 -101.76 -23.73 19.14
CA ARG A 1744 -102.27 -24.02 17.81
C ARG A 1744 -102.94 -22.80 17.20
N ALA A 1745 -103.58 -21.99 18.02
CA ALA A 1745 -104.30 -20.82 17.51
C ALA A 1745 -103.36 -19.68 17.13
N ILE A 1746 -102.25 -19.53 17.86
CA ILE A 1746 -101.33 -18.43 17.58
C ILE A 1746 -101.01 -18.37 16.09
N THR A 1747 -100.95 -17.16 15.54
CA THR A 1747 -100.60 -16.93 14.14
C THR A 1747 -99.72 -15.70 14.01
N LEU A 1748 -98.93 -15.66 12.93
CA LEU A 1748 -97.96 -14.59 12.75
C LEU A 1748 -98.64 -13.23 12.70
N PHE A 1749 -99.63 -13.09 11.84
CA PHE A 1749 -100.30 -11.83 11.63
C PHE A 1749 -101.69 -11.86 12.25
N PRO A 1750 -102.22 -10.73 12.70
CA PRO A 1750 -103.53 -10.74 13.35
C PRO A 1750 -104.62 -11.08 12.36
N PRO A 1751 -105.59 -11.92 12.73
CA PRO A 1751 -106.73 -12.16 11.84
C PRO A 1751 -107.47 -10.86 11.57
N GLY A 1752 -107.44 -10.43 10.30
CA GLY A 1752 -107.99 -9.14 9.94
C GLY A 1752 -108.78 -9.22 8.64
N ARG A 1753 -109.58 -8.19 8.43
CA ARG A 1753 -110.40 -8.12 7.21
C ARG A 1753 -109.52 -8.14 5.97
N SER A 1754 -108.40 -7.42 5.99
CA SER A 1754 -107.49 -7.45 4.85
C SER A 1754 -107.03 -8.87 4.55
N ALA A 1755 -106.67 -9.62 5.58
CA ALA A 1755 -106.32 -11.02 5.45
C ALA A 1755 -106.06 -11.57 6.84
N GLU A 1756 -106.20 -12.89 6.97
CA GLU A 1756 -105.92 -13.53 8.25
C GLU A 1756 -104.43 -13.76 8.48
N ASP A 1757 -103.61 -13.69 7.43
CA ASP A 1757 -102.17 -13.79 7.57
C ASP A 1757 -101.52 -13.28 6.31
N GLY A 1758 -100.56 -12.36 6.45
CA GLY A 1758 -99.96 -11.69 5.32
C GLY A 1758 -100.02 -10.17 5.40
N PRO A 1759 -101.11 -9.60 5.93
CA PRO A 1759 -101.31 -8.15 5.77
C PRO A 1759 -100.21 -7.35 6.44
N ARG A 1760 -99.95 -6.16 5.88
CA ARG A 1760 -98.84 -5.34 6.37
C ARG A 1760 -98.97 -5.03 7.85
N ARG A 1761 -100.20 -4.88 8.34
CA ARG A 1761 -100.40 -4.42 9.70
C ARG A 1761 -100.11 -5.54 10.69
N HIS A 1762 -99.10 -5.34 11.53
CA HIS A 1762 -98.81 -6.24 12.63
C HIS A 1762 -99.82 -6.05 13.74
N GLY A 1763 -99.87 -7.00 14.65
CA GLY A 1763 -100.55 -6.77 15.90
C GLY A 1763 -99.71 -5.92 16.84
N LEU A 1764 -100.38 -5.33 17.81
CA LEU A 1764 -99.66 -4.48 18.76
C LEU A 1764 -98.63 -5.31 19.50
N PRO A 1765 -97.37 -4.88 19.57
CA PRO A 1765 -96.36 -5.68 20.25
C PRO A 1765 -96.68 -5.84 21.73
N GLY A 1766 -96.37 -7.03 22.27
CA GLY A 1766 -96.62 -7.30 23.66
C GLY A 1766 -98.07 -7.51 24.03
N VAL A 1767 -98.97 -7.47 23.06
CA VAL A 1767 -100.41 -7.66 23.28
C VAL A 1767 -100.84 -8.91 22.53
N GLY A 1768 -101.56 -9.78 23.21
CA GLY A 1768 -102.09 -10.97 22.59
C GLY A 1768 -101.83 -12.17 23.46
N VAL A 1769 -101.78 -13.33 22.82
CA VAL A 1769 -101.61 -14.60 23.51
C VAL A 1769 -100.17 -15.06 23.34
N THR A 1770 -99.53 -15.40 24.45
CA THR A 1770 -98.21 -16.01 24.46
C THR A 1770 -98.27 -17.25 25.33
N THR A 1771 -97.62 -18.32 24.89
CA THR A 1771 -97.71 -19.60 25.58
C THR A 1771 -96.38 -20.10 26.12
N SER A 1772 -95.29 -19.40 25.86
CA SER A 1772 -94.00 -19.83 26.39
C SER A 1772 -94.07 -19.97 27.90
N LEU A 1773 -93.49 -21.04 28.43
CA LEU A 1773 -93.55 -21.32 29.85
C LEU A 1773 -92.67 -20.33 30.61
N ARG A 1774 -93.25 -19.70 31.63
CA ARG A 1774 -92.50 -18.84 32.54
C ARG A 1774 -93.02 -19.08 33.95
N PRO A 1775 -92.18 -19.52 34.89
CA PRO A 1775 -92.67 -19.80 36.24
C PRO A 1775 -93.26 -18.56 36.90
N PRO A 1776 -94.25 -18.71 37.76
CA PRO A 1776 -94.91 -17.53 38.34
C PRO A 1776 -94.02 -16.82 39.36
N HIS A 1777 -94.52 -15.69 39.83
CA HIS A 1777 -93.89 -14.94 40.90
C HIS A 1777 -94.41 -15.43 42.25
N HIS A 1778 -93.52 -15.46 43.24
CA HIS A 1778 -93.87 -15.91 44.58
C HIS A 1778 -93.49 -14.82 45.57
N PHE A 1779 -94.46 -14.39 46.37
CA PHE A 1779 -94.25 -13.39 47.39
C PHE A 1779 -94.87 -13.87 48.69
N SER A 1780 -94.42 -13.28 49.80
CA SER A 1780 -95.03 -13.54 51.08
C SER A 1780 -95.40 -12.22 51.75
N PRO A 1781 -96.40 -12.20 52.61
CA PRO A 1781 -96.82 -10.95 53.23
C PRO A 1781 -95.83 -10.52 54.30
N PRO A 1782 -95.50 -9.23 54.39
CA PRO A 1782 -94.72 -8.77 55.53
C PRO A 1782 -95.55 -8.83 56.81
N CYS A 1783 -94.94 -9.32 57.88
CA CYS A 1783 -95.62 -9.41 59.17
C CYS A 1783 -94.58 -9.70 60.23
N PHE A 1784 -94.62 -8.94 61.31
CA PHE A 1784 -93.62 -9.02 62.36
C PHE A 1784 -94.25 -9.36 63.70
N VAL A 1785 -95.28 -10.22 63.67
CA VAL A 1785 -95.84 -10.81 64.87
C VAL A 1785 -95.94 -12.32 64.78
N VAL A 1786 -95.53 -12.92 63.66
CA VAL A 1786 -95.61 -14.36 63.49
C VAL A 1786 -94.54 -15.04 64.32
N ALA A 1787 -94.81 -16.26 64.76
CA ALA A 1787 -93.81 -17.02 65.48
C ALA A 1787 -92.61 -17.26 64.59
N LEU A 1788 -91.43 -17.05 65.15
CA LEU A 1788 -90.19 -17.23 64.40
C LEU A 1788 -89.91 -18.72 64.24
N PRO A 1789 -89.66 -19.23 63.03
CA PRO A 1789 -89.28 -20.64 62.91
C PRO A 1789 -88.07 -20.95 63.76
N ALA A 1790 -88.24 -21.82 64.76
CA ALA A 1790 -87.19 -22.15 65.71
C ALA A 1790 -86.39 -23.37 65.30
N ALA A 1791 -86.45 -23.75 64.02
CA ALA A 1791 -85.69 -24.88 63.53
C ALA A 1791 -84.22 -24.47 63.37
N GLY A 1792 -83.42 -25.35 62.79
CA GLY A 1792 -82.02 -25.06 62.60
C GLY A 1792 -81.82 -23.92 61.61
N ALA A 1793 -80.62 -23.33 61.66
CA ALA A 1793 -80.29 -22.26 60.74
C ALA A 1793 -79.75 -22.83 59.42
N THR A 1794 -79.90 -22.05 58.36
CA THR A 1794 -79.41 -22.41 57.03
C THR A 1794 -80.15 -23.61 56.43
N GLU A 1795 -81.28 -23.98 57.01
CA GLU A 1795 -82.06 -25.11 56.50
C GLU A 1795 -83.51 -24.72 56.25
N ALA A 1796 -83.93 -23.59 56.79
CA ALA A 1796 -85.30 -23.16 56.61
C ALA A 1796 -85.55 -22.81 55.14
N PRO A 1797 -86.78 -22.92 54.66
CA PRO A 1797 -87.06 -22.54 53.27
C PRO A 1797 -86.66 -21.09 53.02
N ALA A 1798 -86.09 -20.85 51.83
CA ALA A 1798 -85.66 -19.50 51.48
C ALA A 1798 -86.84 -18.53 51.54
N ARG A 1799 -86.59 -17.34 52.06
CA ARG A 1799 -87.64 -16.35 52.16
C ARG A 1799 -88.04 -15.87 50.78
N LEU A 1800 -89.33 -15.61 50.60
CA LEU A 1800 -89.83 -14.97 49.39
C LEU A 1800 -89.76 -13.46 49.54
N SER A 1801 -89.84 -12.78 48.41
CA SER A 1801 -89.83 -11.32 48.45
C SER A 1801 -91.11 -10.81 49.11
N PRO A 1802 -91.03 -9.77 49.92
CA PRO A 1802 -92.26 -9.22 50.53
C PRO A 1802 -93.23 -8.73 49.48
N ALA A 1803 -94.51 -8.96 49.71
CA ALA A 1803 -95.53 -8.65 48.74
C ALA A 1803 -95.95 -7.19 48.83
N ILE A 1804 -96.45 -6.67 47.72
CA ILE A 1804 -97.02 -5.32 47.65
C ILE A 1804 -98.14 -5.38 46.62
N PRO A 1805 -99.31 -4.79 46.87
CA PRO A 1805 -100.43 -4.95 45.93
C PRO A 1805 -100.08 -4.53 44.50
N LEU A 1806 -100.00 -5.52 43.63
CA LEU A 1806 -99.48 -5.29 42.28
C LEU A 1806 -100.46 -4.59 41.36
N GLU A 1807 -101.77 -4.86 41.48
CA GLU A 1807 -102.73 -4.16 40.64
C GLU A 1807 -102.74 -2.67 40.97
N ALA A 1808 -102.74 -2.31 42.25
CA ALA A 1808 -102.69 -0.92 42.63
C ALA A 1808 -101.37 -0.28 42.21
N LEU A 1809 -100.27 -1.00 42.38
CA LEU A 1809 -98.98 -0.46 41.95
C LEU A 1809 -98.96 -0.21 40.45
N ARG A 1810 -99.54 -1.13 39.67
CA ARG A 1810 -99.61 -0.95 38.22
C ARG A 1810 -100.40 0.30 37.87
N ASP A 1811 -101.58 0.45 38.47
CA ASP A 1811 -102.39 1.62 38.17
C ASP A 1811 -101.67 2.90 38.54
N LYS A 1812 -101.01 2.92 39.70
CA LYS A 1812 -100.29 4.11 40.11
C LYS A 1812 -99.16 4.43 39.14
N ALA A 1813 -98.42 3.42 38.72
CA ALA A 1813 -97.32 3.65 37.79
C ALA A 1813 -97.83 4.23 36.48
N LEU A 1814 -98.91 3.65 35.95
CA LEU A 1814 -99.46 4.14 34.70
C LEU A 1814 -99.93 5.58 34.84
N ARG A 1815 -100.63 5.90 35.93
CA ARG A 1815 -101.12 7.25 36.13
C ARG A 1815 -99.96 8.24 36.24
N MET A 1816 -98.92 7.88 36.98
CA MET A 1816 -97.78 8.78 37.13
C MET A 1816 -97.07 9.00 35.81
N LEU A 1817 -96.91 7.94 35.01
CA LEU A 1817 -96.29 8.13 33.70
C LEU A 1817 -97.13 9.05 32.81
N GLY A 1818 -98.45 8.88 32.83
CA GLY A 1818 -99.30 9.78 32.06
C GLY A 1818 -99.17 11.22 32.52
N GLU A 1819 -99.16 11.44 33.83
CA GLU A 1819 -98.98 12.80 34.35
C GLU A 1819 -97.63 13.37 33.94
N ALA A 1820 -96.57 12.57 33.98
CA ALA A 1820 -95.26 13.04 33.58
C ALA A 1820 -95.26 13.43 32.11
N VAL A 1821 -95.89 12.62 31.26
CA VAL A 1821 -95.94 12.96 29.85
C VAL A 1821 -96.65 14.29 29.64
N ARG A 1822 -97.80 14.47 30.31
CA ARG A 1822 -98.55 15.71 30.17
C ARG A 1822 -97.72 16.91 30.66
N ASP A 1823 -97.06 16.77 31.80
CA ASP A 1823 -96.28 17.88 32.34
C ASP A 1823 -95.12 18.23 31.42
N GLY A 1824 -94.43 17.22 30.91
CA GLY A 1824 -93.37 17.48 29.95
C GLY A 1824 -93.88 18.21 28.73
N GLY A 1825 -95.07 17.82 28.26
CA GLY A 1825 -95.67 18.54 27.16
C GLY A 1825 -95.98 19.98 27.51
N GLN A 1826 -96.31 20.24 28.76
CA GLN A 1826 -96.64 21.59 29.20
C GLN A 1826 -95.42 22.47 29.44
N HIS A 1827 -94.25 21.89 29.71
CA HIS A 1827 -93.00 22.65 29.89
C HIS A 1827 -93.11 23.65 31.03
N ALA A 1828 -93.27 23.11 32.24
CA ALA A 1828 -93.28 23.94 33.44
C ALA A 1828 -91.85 24.28 33.86
N ARG A 1829 -91.74 25.21 34.80
CA ARG A 1829 -90.44 25.64 35.33
C ARG A 1829 -90.11 24.99 36.68
N ASP A 1830 -90.98 24.12 37.20
CA ASP A 1830 -90.73 23.40 38.43
C ASP A 1830 -90.99 21.91 38.20
N PRO A 1831 -90.10 21.23 37.48
CA PRO A 1831 -90.29 19.80 37.25
C PRO A 1831 -90.28 19.04 38.57
N VAL A 1832 -91.10 17.98 38.63
CA VAL A 1832 -91.10 17.13 39.81
C VAL A 1832 -89.72 16.55 39.99
N GLY A 1833 -89.15 16.73 41.17
CA GLY A 1833 -87.80 16.30 41.46
C GLY A 1833 -86.74 17.31 41.15
N GLY A 1834 -87.10 18.42 40.50
CA GLY A 1834 -86.17 19.48 40.20
C GLY A 1834 -85.63 19.46 38.80
N SER A 1835 -85.88 18.40 38.03
CA SER A 1835 -85.39 18.33 36.66
C SER A 1835 -86.21 17.32 35.88
N VAL A 1836 -86.17 17.44 34.56
CA VAL A 1836 -86.88 16.50 33.70
C VAL A 1836 -86.34 15.09 33.91
N GLU A 1837 -85.03 14.94 34.08
CA GLU A 1837 -84.47 13.62 34.32
C GLU A 1837 -85.00 13.02 35.61
N PHE A 1838 -85.01 13.79 36.69
CA PHE A 1838 -85.51 13.31 37.97
C PHE A 1838 -87.01 13.11 37.97
N GLN A 1839 -87.73 13.72 37.04
CA GLN A 1839 -89.15 13.48 36.90
C GLN A 1839 -89.47 12.22 36.10
N PHE A 1840 -88.70 11.93 35.06
CA PHE A 1840 -89.02 10.85 34.14
C PHE A 1840 -88.31 9.54 34.44
N VAL A 1841 -87.03 9.58 34.82
CA VAL A 1841 -86.27 8.33 34.95
C VAL A 1841 -86.87 7.42 36.01
N PRO A 1842 -87.29 7.89 37.19
CA PRO A 1842 -87.85 6.96 38.18
C PRO A 1842 -89.12 6.24 37.72
N VAL A 1843 -90.10 7.00 37.19
CA VAL A 1843 -91.34 6.37 36.78
C VAL A 1843 -91.10 5.42 35.61
N LEU A 1844 -90.21 5.78 34.69
CA LEU A 1844 -89.89 4.88 33.60
C LEU A 1844 -89.21 3.62 34.09
N LYS A 1845 -88.33 3.72 35.10
CA LYS A 1845 -87.72 2.53 35.66
C LYS A 1845 -88.77 1.62 36.27
N LEU A 1846 -89.71 2.19 37.02
CA LEU A 1846 -90.76 1.38 37.62
C LEU A 1846 -91.61 0.70 36.54
N VAL A 1847 -91.95 1.44 35.49
CA VAL A 1847 -92.77 0.88 34.43
C VAL A 1847 -92.02 -0.23 33.71
N SER A 1848 -90.73 -0.04 33.45
CA SER A 1848 -89.94 -1.08 32.80
C SER A 1848 -89.87 -2.33 33.66
N THR A 1849 -89.66 -2.15 34.96
CA THR A 1849 -89.61 -3.31 35.85
C THR A 1849 -90.93 -4.07 35.82
N LEU A 1850 -92.04 -3.35 35.92
CA LEU A 1850 -93.33 -4.04 35.92
C LEU A 1850 -93.60 -4.71 34.59
N LEU A 1851 -93.22 -4.07 33.49
CA LEU A 1851 -93.38 -4.69 32.18
C LEU A 1851 -92.62 -5.99 32.09
N VAL A 1852 -91.35 -5.98 32.49
CA VAL A 1852 -90.54 -7.19 32.41
C VAL A 1852 -91.11 -8.28 33.29
N MET A 1853 -91.52 -7.91 34.51
CA MET A 1853 -92.22 -8.88 35.36
C MET A 1853 -93.47 -9.42 34.69
N GLY A 1854 -94.05 -8.66 33.77
CA GLY A 1854 -95.19 -9.15 33.02
C GLY A 1854 -96.49 -9.05 33.78
N VAL A 1855 -96.60 -8.05 34.65
CA VAL A 1855 -97.82 -7.86 35.43
C VAL A 1855 -98.86 -7.01 34.71
N PHE A 1856 -98.45 -6.21 33.74
CA PHE A 1856 -99.40 -5.34 33.04
C PHE A 1856 -100.34 -6.15 32.17
N SER A 1857 -101.62 -5.78 32.20
CA SER A 1857 -102.61 -6.43 31.36
C SER A 1857 -102.55 -5.87 29.94
N ASP A 1858 -103.38 -6.41 29.06
CA ASP A 1858 -103.37 -5.98 27.67
C ASP A 1858 -103.78 -4.53 27.54
N GLU A 1859 -104.79 -4.10 28.30
CA GLU A 1859 -105.19 -2.70 28.26
C GLU A 1859 -104.06 -1.79 28.75
N ASP A 1860 -103.37 -2.21 29.81
CA ASP A 1860 -102.25 -1.42 30.31
C ASP A 1860 -101.15 -1.31 29.26
N VAL A 1861 -100.86 -2.42 28.57
CA VAL A 1861 -99.82 -2.39 27.54
C VAL A 1861 -100.24 -1.49 26.40
N LYS A 1862 -101.53 -1.50 26.04
CA LYS A 1862 -102.01 -0.57 25.02
C LYS A 1862 -101.83 0.87 25.46
N GLN A 1863 -102.13 1.17 26.72
CA GLN A 1863 -101.94 2.53 27.22
C GLN A 1863 -100.47 2.93 27.14
N ILE A 1864 -99.58 2.03 27.53
CA ILE A 1864 -98.14 2.34 27.46
C ILE A 1864 -97.72 2.58 26.03
N LEU A 1865 -98.21 1.76 25.10
CA LEU A 1865 -97.85 1.93 23.70
C LEU A 1865 -98.34 3.27 23.17
N LYS A 1866 -99.56 3.67 23.55
CA LYS A 1866 -100.07 4.95 23.10
C LYS A 1866 -99.30 6.11 23.73
N MET A 1867 -98.86 5.96 24.98
CA MET A 1867 -98.01 7.00 25.56
C MET A 1867 -96.67 7.09 24.82
N ILE A 1868 -96.12 5.96 24.39
CA ILE A 1868 -94.86 5.99 23.65
C ILE A 1868 -95.05 6.65 22.30
N GLU A 1869 -96.09 6.26 21.56
CA GLU A 1869 -96.30 6.78 20.21
C GLU A 1869 -97.78 6.71 19.85
N PRO A 1870 -98.53 7.81 20.00
CA PRO A 1870 -99.98 7.72 19.77
C PRO A 1870 -100.36 7.32 18.36
N GLU A 1871 -99.59 7.72 17.35
CA GLU A 1871 -99.98 7.47 15.96
C GLU A 1871 -99.64 6.07 15.48
N VAL A 1872 -98.43 5.60 15.77
CA VAL A 1872 -98.02 4.29 15.29
C VAL A 1872 -98.88 3.20 15.93
N PHE A 1873 -99.12 3.31 17.23
CA PHE A 1873 -99.81 2.28 18.00
C PHE A 1873 -101.27 2.63 18.27
N ARG A 1874 -101.90 3.39 17.38
CA ARG A 1874 -103.33 3.62 17.48
C ARG A 1874 -104.08 2.31 17.34
N GLU A 1875 -105.18 2.20 18.06
CA GLU A 1875 -105.99 0.98 18.05
C GLU A 1875 -107.01 1.07 16.93
N GLU A 1876 -106.96 0.11 16.01
CA GLU A 1876 -107.86 0.11 14.87
C GLU A 1876 -109.30 -0.19 15.30
N LEU A 1923 -101.90 13.12 25.03
CA LEU A 1923 -102.30 13.90 23.86
C LEU A 1923 -101.68 13.29 22.61
N GLU A 1924 -101.45 14.12 21.59
CA GLU A 1924 -100.86 13.65 20.34
C GLU A 1924 -99.34 13.65 20.34
N GLU A 1925 -98.72 14.11 21.42
CA GLU A 1925 -97.26 14.13 21.54
C GLU A 1925 -96.82 12.89 22.31
N GLY A 1926 -95.87 12.15 21.74
CA GLY A 1926 -95.37 10.95 22.35
C GLY A 1926 -93.99 11.13 22.96
N LEU A 1927 -93.69 10.26 23.93
CA LEU A 1927 -92.40 10.31 24.59
C LEU A 1927 -91.26 10.32 23.59
N LEU A 1928 -91.33 9.45 22.59
CA LEU A 1928 -90.24 9.35 21.63
C LEU A 1928 -90.04 10.64 20.85
N GLN A 1929 -91.08 11.49 20.77
CA GLN A 1929 -91.00 12.73 20.02
C GLN A 1929 -90.76 13.94 20.92
N MET A 1930 -90.85 13.78 22.24
CA MET A 1930 -90.48 14.86 23.14
C MET A 1930 -88.97 15.01 23.20
N LYS A 1931 -88.52 16.22 23.53
CA LYS A 1931 -87.10 16.48 23.74
C LYS A 1931 -86.71 16.06 25.16
N LEU A 1932 -85.78 15.12 25.27
CA LEU A 1932 -85.51 14.51 26.55
C LEU A 1932 -84.02 14.36 26.79
N PRO A 1933 -83.58 14.32 28.05
CA PRO A 1933 -82.18 14.04 28.33
C PRO A 1933 -81.78 12.65 27.89
N GLU A 1934 -80.50 12.34 28.06
CA GLU A 1934 -79.99 11.06 27.58
C GLU A 1934 -80.38 9.91 28.49
N SER A 1935 -80.50 10.14 29.79
CA SER A 1935 -80.94 9.08 30.69
C SER A 1935 -82.38 8.68 30.39
N VAL A 1936 -83.24 9.65 30.13
CA VAL A 1936 -84.60 9.34 29.74
C VAL A 1936 -84.61 8.56 28.44
N LYS A 1937 -83.75 8.94 27.50
CA LYS A 1937 -83.64 8.18 26.26
C LYS A 1937 -83.21 6.75 26.53
N LEU A 1938 -82.34 6.55 27.54
CA LEU A 1938 -81.93 5.20 27.89
C LEU A 1938 -83.10 4.38 28.41
N GLN A 1939 -83.94 4.97 29.26
CA GLN A 1939 -85.11 4.24 29.74
C GLN A 1939 -86.07 3.93 28.58
N MET A 1940 -86.24 4.88 27.67
CA MET A 1940 -87.06 4.64 26.49
C MET A 1940 -86.50 3.49 25.68
N CYS A 1941 -85.18 3.41 25.57
CA CYS A 1941 -84.54 2.29 24.88
C CYS A 1941 -84.86 0.98 25.58
N HIS A 1942 -84.88 0.97 26.91
CA HIS A 1942 -85.26 -0.25 27.62
C HIS A 1942 -86.68 -0.68 27.28
N LEU A 1943 -87.61 0.28 27.25
CA LEU A 1943 -88.99 -0.07 26.88
C LEU A 1943 -89.05 -0.64 25.46
N LEU A 1944 -88.37 0.02 24.52
CA LEU A 1944 -88.35 -0.47 23.15
C LEU A 1944 -87.74 -1.86 23.07
N GLU A 1945 -86.71 -2.12 23.88
CA GLU A 1945 -86.10 -3.44 23.91
C GLU A 1945 -87.11 -4.48 24.36
N TYR A 1946 -87.90 -4.16 25.39
CA TYR A 1946 -88.92 -5.12 25.83
C TYR A 1946 -89.90 -5.42 24.71
N PHE A 1947 -90.34 -4.39 24.00
CA PHE A 1947 -91.35 -4.64 22.97
C PHE A 1947 -90.77 -5.39 21.78
N CYS A 1948 -89.52 -5.11 21.42
CA CYS A 1948 -88.86 -5.89 20.37
C CYS A 1948 -88.69 -7.35 20.78
N ASP A 1949 -88.36 -7.60 22.05
CA ASP A 1949 -88.30 -8.97 22.55
C ASP A 1949 -89.66 -9.65 22.47
N GLN A 1950 -90.73 -8.93 22.76
CA GLN A 1950 -92.06 -9.51 22.62
C GLN A 1950 -92.36 -9.87 21.17
N GLU A 1951 -91.96 -9.03 20.22
CA GLU A 1951 -92.16 -9.37 18.82
C GLU A 1951 -91.38 -10.63 18.45
N LEU A 1952 -90.13 -10.74 18.90
CA LEU A 1952 -89.35 -11.93 18.61
C LEU A 1952 -90.01 -13.17 19.20
N GLN A 1953 -90.49 -13.08 20.44
CA GLN A 1953 -91.17 -14.21 21.05
C GLN A 1953 -92.42 -14.59 20.27
N HIS A 1954 -93.16 -13.61 19.80
CA HIS A 1954 -94.35 -13.91 19.00
C HIS A 1954 -93.98 -14.63 17.73
N ARG A 1955 -92.91 -14.21 17.06
CA ARG A 1955 -92.48 -14.93 15.87
C ARG A 1955 -92.12 -16.37 16.19
N VAL A 1956 -91.39 -16.59 17.28
CA VAL A 1956 -90.98 -17.94 17.65
C VAL A 1956 -92.20 -18.81 17.90
N GLU A 1957 -93.17 -18.28 18.64
CA GLU A 1957 -94.37 -19.07 18.95
C GLU A 1957 -95.21 -19.35 17.72
N SER A 1958 -95.34 -18.38 16.80
CA SER A 1958 -96.05 -18.63 15.56
C SER A 1958 -95.37 -19.73 14.76
N LEU A 1959 -94.04 -19.69 14.70
CA LEU A 1959 -93.31 -20.74 14.00
C LEU A 1959 -93.55 -22.09 14.65
N ALA A 1960 -93.57 -22.14 15.97
CA ALA A 1960 -93.81 -23.41 16.65
C ALA A 1960 -95.21 -23.96 16.35
N ALA A 1961 -96.21 -23.09 16.35
CA ALA A 1961 -97.58 -23.54 16.05
C ALA A 1961 -97.67 -24.08 14.63
N PHE A 1962 -97.11 -23.34 13.67
CA PHE A 1962 -97.10 -23.84 12.30
C PHE A 1962 -96.34 -25.15 12.20
N ALA A 1963 -95.25 -25.27 12.96
CA ALA A 1963 -94.48 -26.51 12.94
C ALA A 1963 -95.33 -27.67 13.38
N GLU A 1964 -96.11 -27.48 14.45
CA GLU A 1964 -97.00 -28.53 14.91
C GLU A 1964 -97.95 -28.95 13.79
N CYS A 1965 -98.66 -27.99 13.20
CA CYS A 1965 -99.64 -28.34 12.19
C CYS A 1965 -98.99 -29.02 10.99
N TYR A 1966 -97.88 -28.46 10.51
CA TYR A 1966 -97.24 -28.98 9.31
C TYR A 1966 -96.66 -30.36 9.55
N VAL A 1967 -96.06 -30.60 10.72
CA VAL A 1967 -95.47 -31.90 10.99
C VAL A 1967 -96.58 -32.94 11.10
N ASP A 1968 -97.72 -32.56 11.67
CA ASP A 1968 -98.85 -33.48 11.66
C ASP A 1968 -99.24 -33.85 10.24
N LYS A 1969 -99.34 -32.86 9.36
CA LYS A 1969 -99.70 -33.15 7.97
C LYS A 1969 -98.68 -34.04 7.30
N MET A 1970 -97.39 -33.76 7.52
CA MET A 1970 -96.33 -34.55 6.89
C MET A 1970 -96.38 -36.00 7.35
N GLN A 1971 -96.55 -36.21 8.66
CA GLN A 1971 -96.63 -37.57 9.18
C GLN A 1971 -97.85 -38.29 8.60
N GLY A 1972 -98.99 -37.61 8.58
CA GLY A 1972 -100.17 -38.22 8.02
C GLY A 1972 -99.99 -38.62 6.57
N ASN A 1973 -99.28 -37.81 5.79
CA ASN A 1973 -99.05 -38.14 4.39
C ASN A 1973 -98.07 -39.30 4.26
N GLN A 1974 -97.03 -39.32 5.08
CA GLN A 1974 -96.05 -40.40 5.01
C GLN A 1974 -96.74 -41.72 5.34
N ARG A 1975 -97.68 -41.70 6.27
CA ARG A 1975 -98.41 -42.92 6.59
C ARG A 1975 -99.14 -43.46 5.36
N GLY A 1976 -99.83 -42.58 4.63
CA GLY A 1976 -100.53 -43.02 3.43
C GLY A 1976 -99.58 -43.53 2.37
N ARG A 1977 -98.45 -42.85 2.20
CA ARG A 1977 -97.47 -43.31 1.21
C ARG A 1977 -96.95 -44.68 1.57
N TYR A 1978 -96.66 -44.93 2.85
CA TYR A 1978 -96.23 -46.25 3.26
C TYR A 1978 -97.31 -47.29 3.01
N GLY A 1979 -98.55 -46.97 3.37
CA GLY A 1979 -99.63 -47.91 3.13
C GLY A 1979 -99.76 -48.29 1.68
N LEU A 1980 -99.66 -47.29 0.80
CA LEU A 1980 -99.79 -47.57 -0.64
C LEU A 1980 -98.58 -48.33 -1.16
N LEU A 1981 -97.38 -48.01 -0.67
CA LEU A 1981 -96.19 -48.72 -1.11
C LEU A 1981 -96.25 -50.18 -0.74
N MET A 1982 -96.58 -50.48 0.53
CA MET A 1982 -96.68 -51.87 0.95
C MET A 1982 -97.79 -52.59 0.18
N LYS A 1983 -98.92 -51.93 0.00
CA LYS A 1983 -100.04 -52.57 -0.71
C LYS A 1983 -99.65 -52.93 -2.14
N ALA A 1984 -98.67 -52.25 -2.71
CA ALA A 1984 -98.26 -52.54 -4.08
C ALA A 1984 -97.84 -54.00 -4.21
N PHE A 1985 -98.28 -54.65 -5.29
CA PHE A 1985 -97.92 -56.03 -5.55
C PHE A 1985 -96.57 -56.11 -6.28
N THR A 1986 -95.57 -55.40 -5.76
CA THR A 1986 -94.20 -55.54 -6.24
C THR A 1986 -94.07 -55.37 -7.75
N MET A 1987 -94.34 -54.17 -8.27
CA MET A 1987 -94.05 -53.91 -9.68
C MET A 1987 -92.60 -54.27 -9.97
N SER A 1988 -91.69 -53.74 -9.15
CA SER A 1988 -90.26 -54.01 -9.29
C SER A 1988 -89.66 -54.06 -7.90
N ALA A 1989 -88.91 -55.12 -7.62
CA ALA A 1989 -88.24 -55.22 -6.32
C ALA A 1989 -87.24 -54.08 -6.13
N ALA A 1990 -86.52 -53.73 -7.19
CA ALA A 1990 -85.59 -52.61 -7.11
C ALA A 1990 -86.33 -51.31 -6.81
N GLU A 1991 -87.47 -51.10 -7.45
CA GLU A 1991 -88.26 -49.90 -7.18
C GLU A 1991 -88.75 -49.89 -5.73
N THR A 1992 -89.19 -51.05 -5.23
CA THR A 1992 -89.65 -51.12 -3.85
C THR A 1992 -88.51 -50.80 -2.88
N ALA A 1993 -87.32 -51.34 -3.15
CA ALA A 1993 -86.17 -51.05 -2.29
C ALA A 1993 -85.83 -49.57 -2.33
N ARG A 1994 -85.82 -48.97 -3.53
CA ARG A 1994 -85.50 -47.55 -3.63
C ARG A 1994 -86.54 -46.69 -2.93
N ARG A 1995 -87.81 -47.11 -2.98
CA ARG A 1995 -88.85 -46.35 -2.27
C ARG A 1995 -88.70 -46.48 -0.77
N THR A 1996 -88.46 -47.69 -0.26
CA THR A 1996 -88.30 -47.89 1.17
C THR A 1996 -86.97 -47.36 1.68
N ARG A 1997 -86.06 -46.96 0.79
CA ARG A 1997 -84.85 -46.29 1.22
C ARG A 1997 -85.18 -45.09 2.11
N GLU A 1998 -86.27 -44.40 1.82
CA GLU A 1998 -86.70 -43.30 2.66
C GLU A 1998 -87.11 -43.78 4.05
N PHE A 1999 -87.99 -44.80 4.09
CA PHE A 1999 -88.58 -45.19 5.36
C PHE A 1999 -87.61 -45.99 6.22
N ARG A 2000 -86.46 -46.38 5.68
CA ARG A 2000 -85.45 -47.04 6.48
C ARG A 2000 -84.30 -46.09 6.74
N SER A 2001 -84.61 -44.83 7.02
CA SER A 2001 -83.66 -43.78 7.31
C SER A 2001 -84.03 -43.11 8.62
N PRO A 2002 -83.08 -42.44 9.27
CA PRO A 2002 -83.38 -41.76 10.55
C PRO A 2002 -84.45 -40.70 10.34
N PRO A 2003 -85.32 -40.49 11.34
CA PRO A 2003 -86.39 -39.49 11.16
C PRO A 2003 -85.90 -38.10 10.83
N GLN A 2004 -84.77 -37.67 11.40
CA GLN A 2004 -84.24 -36.36 11.09
C GLN A 2004 -83.88 -36.27 9.61
N GLU A 2005 -83.24 -37.31 9.09
CA GLU A 2005 -82.90 -37.33 7.67
C GLU A 2005 -84.16 -37.37 6.81
N GLN A 2006 -85.19 -38.09 7.25
CA GLN A 2006 -86.45 -38.09 6.53
C GLN A 2006 -87.04 -36.68 6.45
N ILE A 2007 -87.00 -35.95 7.56
CA ILE A 2007 -87.54 -34.59 7.57
C ILE A 2007 -86.72 -33.70 6.64
N ASN A 2008 -85.40 -33.83 6.70
CA ASN A 2008 -84.55 -33.03 5.81
C ASN A 2008 -84.90 -33.32 4.36
N MET A 2009 -85.05 -34.59 4.00
CA MET A 2009 -85.41 -34.93 2.63
C MET A 2009 -86.78 -34.37 2.26
N LEU A 2010 -87.73 -34.46 3.16
CA LEU A 2010 -89.09 -34.00 2.88
C LEU A 2010 -89.20 -32.48 2.79
N LEU A 2011 -88.23 -31.74 3.34
CA LEU A 2011 -88.27 -30.28 3.29
C LEU A 2011 -87.28 -29.70 2.29
N HIS A 2012 -86.86 -30.47 1.30
CA HIS A 2012 -85.83 -30.04 0.35
C HIS A 2012 -86.42 -29.55 -0.97
N PHE A 2013 -87.61 -28.97 -0.95
CA PHE A 2013 -88.26 -28.49 -2.15
C PHE A 2013 -88.29 -26.97 -2.24
N LYS A 2014 -87.36 -26.28 -1.58
CA LYS A 2014 -87.36 -24.83 -1.61
C LYS A 2014 -87.22 -24.30 -3.03
N ASN A 2015 -86.30 -24.89 -3.80
CA ASN A 2015 -86.04 -24.50 -5.18
C ASN A 2015 -86.62 -25.50 -6.18
N GLY A 2016 -87.74 -26.12 -5.83
CA GLY A 2016 -88.34 -27.10 -6.71
C GLY A 2016 -87.72 -28.47 -6.55
N ALA A 2017 -88.53 -29.50 -6.81
CA ALA A 2017 -88.08 -30.87 -6.70
C ALA A 2017 -89.14 -31.79 -7.28
N ASP A 2018 -88.69 -32.86 -7.93
CA ASP A 2018 -89.58 -33.85 -8.51
C ASP A 2018 -90.02 -34.84 -7.44
N GLU A 2019 -91.19 -35.46 -7.69
CA GLU A 2019 -91.82 -36.33 -6.69
C GLU A 2019 -90.93 -37.49 -6.29
N GLU A 2020 -89.84 -37.73 -7.03
CA GLU A 2020 -88.88 -38.74 -6.61
C GLU A 2020 -87.86 -38.18 -5.63
N GLU A 2021 -87.33 -36.99 -5.90
CA GLU A 2021 -86.43 -36.36 -4.94
C GLU A 2021 -87.15 -36.04 -3.64
N CYS A 2022 -88.38 -35.53 -3.73
CA CYS A 2022 -89.16 -35.13 -2.57
C CYS A 2022 -90.59 -35.60 -2.76
N PRO A 2023 -90.99 -36.72 -2.16
CA PRO A 2023 -92.34 -37.25 -2.40
C PRO A 2023 -93.45 -36.43 -1.77
N LEU A 2024 -93.14 -35.29 -1.16
CA LEU A 2024 -94.17 -34.51 -0.50
C LEU A 2024 -95.17 -33.98 -1.52
N PRO A 2025 -96.47 -34.02 -1.23
CA PRO A 2025 -97.45 -33.51 -2.20
C PRO A 2025 -97.31 -32.02 -2.45
N GLU A 2026 -97.80 -31.59 -3.61
CA GLU A 2026 -97.68 -30.19 -4.01
C GLU A 2026 -98.48 -29.28 -3.08
N GLU A 2027 -99.64 -29.71 -2.62
CA GLU A 2027 -100.42 -28.89 -1.70
C GLU A 2027 -99.65 -28.66 -0.40
N ILE A 2028 -99.03 -29.71 0.11
CA ILE A 2028 -98.28 -29.59 1.34
C ILE A 2028 -97.07 -28.69 1.13
N ARG A 2029 -96.44 -28.78 -0.04
CA ARG A 2029 -95.35 -27.87 -0.34
C ARG A 2029 -95.82 -26.42 -0.38
N GLN A 2030 -96.98 -26.18 -0.99
CA GLN A 2030 -97.48 -24.82 -1.12
C GLN A 2030 -97.81 -24.23 0.24
N GLU A 2031 -98.29 -25.05 1.17
CA GLU A 2031 -98.55 -24.55 2.51
C GLU A 2031 -97.29 -23.97 3.14
N LEU A 2032 -96.18 -24.71 3.08
CA LEU A 2032 -94.94 -24.22 3.64
C LEU A 2032 -94.44 -22.99 2.89
N VAL A 2033 -94.63 -22.97 1.58
CA VAL A 2033 -94.20 -21.80 0.80
C VAL A 2033 -94.93 -20.56 1.26
N ASN A 2034 -96.25 -20.67 1.45
CA ASN A 2034 -97.03 -19.54 1.90
C ASN A 2034 -96.59 -19.09 3.28
N PHE A 2035 -96.38 -20.04 4.19
CA PHE A 2035 -95.95 -19.64 5.53
C PHE A 2035 -94.58 -18.97 5.49
N HIS A 2036 -93.68 -19.46 4.66
CA HIS A 2036 -92.36 -18.83 4.56
C HIS A 2036 -92.49 -17.40 4.05
N GLN A 2037 -93.34 -17.19 3.05
CA GLN A 2037 -93.58 -15.82 2.58
C GLN A 2037 -94.11 -14.96 3.72
N ASP A 2038 -95.05 -15.48 4.50
CA ASP A 2038 -95.60 -14.71 5.61
C ASP A 2038 -94.53 -14.38 6.65
N LEU A 2039 -93.66 -15.33 6.95
CA LEU A 2039 -92.60 -15.09 7.93
C LEU A 2039 -91.63 -14.03 7.42
N LEU A 2040 -91.26 -14.09 6.14
CA LEU A 2040 -90.39 -13.06 5.60
C LEU A 2040 -91.05 -11.69 5.65
N ALA A 2041 -92.35 -11.63 5.30
CA ALA A 2041 -93.05 -10.36 5.37
C ALA A 2041 -93.08 -9.83 6.80
N HIS A 2042 -93.34 -10.70 7.77
CA HIS A 2042 -93.35 -10.26 9.16
C HIS A 2042 -92.00 -9.71 9.58
N CYS A 2043 -90.92 -10.41 9.22
CA CYS A 2043 -89.59 -9.93 9.53
C CYS A 2043 -89.20 -8.70 8.72
N GLY A 2044 -89.96 -8.37 7.68
CA GLY A 2044 -89.67 -7.23 6.85
C GLY A 2044 -88.80 -7.54 5.64
N ILE A 2045 -88.27 -8.76 5.56
CA ILE A 2045 -87.37 -9.11 4.47
C ILE A 2045 -88.10 -9.07 3.14
N GLN A 2046 -89.38 -9.47 3.14
CA GLN A 2046 -90.15 -9.56 1.91
C GLN A 2046 -90.72 -8.19 1.56
N LEU A 2047 -90.20 -7.59 0.51
CA LEU A 2047 -90.73 -6.33 -0.01
C LEU A 2047 -91.27 -6.55 -1.42
N GLU A 2089 -93.63 6.12 3.17
CA GLU A 2089 -94.35 6.94 4.15
C GLU A 2089 -93.38 7.45 5.22
N HIS A 2090 -93.34 8.76 5.41
CA HIS A 2090 -92.42 9.32 6.40
C HIS A 2090 -92.91 9.06 7.81
N LYS A 2091 -94.20 8.76 7.96
CA LYS A 2091 -94.72 8.28 9.25
C LYS A 2091 -94.32 6.82 9.43
N PRO A 2092 -93.72 6.44 10.56
CA PRO A 2092 -93.25 5.05 10.73
C PRO A 2092 -94.29 4.00 10.37
N GLN A 2093 -95.44 4.02 11.04
CA GLN A 2093 -96.54 3.09 10.78
C GLN A 2093 -96.21 1.65 11.17
N SER A 2094 -95.09 1.41 11.84
CA SER A 2094 -94.74 0.07 12.28
C SER A 2094 -93.71 0.17 13.39
N LEU A 2095 -93.62 -0.85 14.23
CA LEU A 2095 -92.64 -0.83 15.31
C LEU A 2095 -91.22 -0.79 14.78
N GLN A 2096 -90.93 -1.61 13.78
CA GLN A 2096 -89.58 -1.68 13.23
C GLN A 2096 -89.16 -0.32 12.66
N GLU A 2097 -90.02 0.26 11.83
CA GLU A 2097 -89.70 1.54 11.23
C GLU A 2097 -89.64 2.64 12.28
N LEU A 2098 -90.51 2.57 13.28
CA LEU A 2098 -90.48 3.55 14.36
C LEU A 2098 -89.14 3.51 15.10
N VAL A 2099 -88.68 2.31 15.44
CA VAL A 2099 -87.42 2.21 16.17
C VAL A 2099 -86.26 2.68 15.31
N SER A 2100 -86.22 2.27 14.05
CA SER A 2100 -85.15 2.70 13.17
C SER A 2100 -85.12 4.22 13.05
N HIS A 2101 -86.28 4.83 12.77
CA HIS A 2101 -86.34 6.26 12.61
C HIS A 2101 -85.93 6.98 13.89
N THR A 2102 -86.41 6.51 15.04
CA THR A 2102 -86.09 7.17 16.30
C THR A 2102 -84.59 7.12 16.58
N VAL A 2103 -83.98 5.96 16.40
CA VAL A 2103 -82.56 5.82 16.71
C VAL A 2103 -81.73 6.69 15.78
N VAL A 2104 -82.02 6.62 14.48
CA VAL A 2104 -81.25 7.42 13.52
C VAL A 2104 -81.46 8.90 13.80
N ARG A 2105 -82.67 9.31 14.14
CA ARG A 2105 -82.94 10.73 14.40
C ARG A 2105 -82.19 11.21 15.62
N TRP A 2106 -82.16 10.41 16.68
CA TRP A 2106 -81.41 10.82 17.86
C TRP A 2106 -79.93 10.99 17.53
N ALA A 2107 -79.35 10.00 16.83
CA ALA A 2107 -77.94 10.09 16.49
C ALA A 2107 -77.67 11.28 15.59
N GLN A 2108 -78.58 11.61 14.68
CA GLN A 2108 -78.42 12.76 13.82
C GLN A 2108 -78.56 14.07 14.58
N GLU A 2109 -79.43 14.12 15.57
CA GLU A 2109 -79.69 15.36 16.29
C GLU A 2109 -78.61 15.69 17.30
N ASP A 2110 -77.96 14.69 17.87
CA ASP A 2110 -76.95 15.02 18.89
C ASP A 2110 -75.78 14.05 18.78
N PHE A 2111 -74.63 14.50 19.27
CA PHE A 2111 -73.47 13.64 19.49
C PHE A 2111 -73.65 13.00 20.86
N VAL A 2112 -74.23 11.80 20.87
CA VAL A 2112 -74.60 11.16 22.13
C VAL A 2112 -73.37 10.93 22.98
N GLN A 2113 -73.44 11.33 24.24
CA GLN A 2113 -72.31 11.25 25.16
C GLN A 2113 -72.31 10.01 26.03
N SER A 2114 -73.46 9.39 26.23
CA SER A 2114 -73.53 8.23 27.10
C SER A 2114 -73.21 6.95 26.31
N PRO A 2115 -72.11 6.25 26.61
CA PRO A 2115 -71.84 5.00 25.89
C PRO A 2115 -72.91 3.95 26.08
N GLU A 2116 -73.56 3.90 27.24
CA GLU A 2116 -74.64 2.93 27.43
C GLU A 2116 -75.81 3.24 26.51
N LEU A 2117 -76.15 4.53 26.39
CA LEU A 2117 -77.20 4.93 25.46
C LEU A 2117 -76.82 4.58 24.04
N VAL A 2118 -75.58 4.84 23.65
CA VAL A 2118 -75.14 4.54 22.29
C VAL A 2118 -75.27 3.05 22.01
N ARG A 2119 -74.81 2.23 22.96
CA ARG A 2119 -74.86 0.78 22.77
C ARG A 2119 -76.31 0.31 22.64
N ALA A 2120 -77.20 0.81 23.49
CA ALA A 2120 -78.60 0.41 23.40
C ALA A 2120 -79.21 0.84 22.07
N MET A 2121 -78.94 2.07 21.65
CA MET A 2121 -79.47 2.56 20.39
C MET A 2121 -79.05 1.66 19.23
N PHE A 2122 -77.78 1.31 19.17
CA PHE A 2122 -77.32 0.55 18.01
C PHE A 2122 -77.69 -0.92 18.10
N SER A 2123 -77.84 -1.47 19.30
CA SER A 2123 -78.40 -2.82 19.41
C SER A 2123 -79.83 -2.83 18.87
N LEU A 2124 -80.64 -1.85 19.25
CA LEU A 2124 -82.00 -1.80 18.74
C LEU A 2124 -82.01 -1.65 17.22
N LEU A 2125 -81.16 -0.78 16.69
CA LEU A 2125 -81.12 -0.58 15.25
C LEU A 2125 -80.73 -1.85 14.51
N HIS A 2126 -79.75 -2.57 15.04
CA HIS A 2126 -79.34 -3.82 14.41
C HIS A 2126 -80.49 -4.82 14.41
N ARG A 2127 -81.20 -4.93 15.53
CA ARG A 2127 -82.33 -5.86 15.57
C ARG A 2127 -83.39 -5.47 14.55
N GLN A 2128 -83.65 -4.17 14.37
CA GLN A 2128 -84.63 -3.78 13.37
C GLN A 2128 -84.18 -4.11 11.97
N TYR A 2129 -82.90 -3.88 11.65
CA TYR A 2129 -82.46 -4.10 10.27
C TYR A 2129 -82.33 -5.57 9.93
N ASP A 2130 -81.87 -6.40 10.87
CA ASP A 2130 -81.71 -7.83 10.63
C ASP A 2130 -82.71 -8.59 11.51
N GLY A 2131 -83.94 -8.71 11.02
CA GLY A 2131 -84.96 -9.39 11.80
C GLY A 2131 -84.96 -10.89 11.63
N LEU A 2132 -84.54 -11.37 10.47
CA LEU A 2132 -84.45 -12.82 10.25
C LEU A 2132 -83.26 -13.40 10.99
N GLY A 2133 -82.15 -12.64 11.09
CA GLY A 2133 -81.02 -13.10 11.84
C GLY A 2133 -81.32 -13.23 13.33
N GLU A 2134 -82.12 -12.32 13.87
CA GLU A 2134 -82.52 -12.43 15.27
C GLU A 2134 -83.31 -13.72 15.51
N LEU A 2135 -84.25 -14.03 14.61
CA LEU A 2135 -84.98 -15.28 14.73
C LEU A 2135 -84.05 -16.47 14.61
N LEU A 2136 -83.09 -16.41 13.69
CA LEU A 2136 -82.16 -17.51 13.51
C LEU A 2136 -81.33 -17.76 14.75
N ARG A 2137 -80.85 -16.69 15.40
CA ARG A 2137 -80.06 -16.83 16.61
C ARG A 2137 -80.91 -17.14 17.83
N ALA A 2138 -82.22 -16.89 17.78
CA ALA A 2138 -83.10 -17.23 18.89
C ALA A 2138 -83.62 -18.66 18.84
N LEU A 2139 -83.80 -19.22 17.64
CA LEU A 2139 -84.39 -20.56 17.55
C LEU A 2139 -83.65 -21.61 18.36
N PRO A 2140 -82.32 -21.63 18.43
CA PRO A 2140 -81.63 -22.66 19.23
C PRO A 2140 -82.15 -22.79 20.65
N ARG A 2141 -82.78 -21.72 21.16
CA ARG A 2141 -83.32 -21.71 22.52
C ARG A 2141 -84.82 -21.98 22.55
N ALA A 2142 -85.42 -22.36 21.42
CA ALA A 2142 -86.82 -22.72 21.37
C ALA A 2142 -86.97 -24.23 21.46
N TYR A 2143 -88.11 -24.67 22.01
CA TYR A 2143 -88.32 -26.09 22.26
C TYR A 2143 -89.81 -26.32 22.50
N THR A 2144 -90.36 -27.33 21.87
CA THR A 2144 -91.76 -27.69 22.05
C THR A 2144 -91.86 -28.92 22.93
N ILE A 2145 -92.86 -28.92 23.82
CA ILE A 2145 -93.11 -30.04 24.72
C ILE A 2145 -94.58 -30.42 24.65
N SER A 2146 -94.88 -31.64 25.07
CA SER A 2146 -96.25 -32.09 25.15
C SER A 2146 -96.95 -31.46 26.34
N VAL A 2147 -98.28 -31.54 26.33
CA VAL A 2147 -99.06 -30.96 27.41
C VAL A 2147 -98.83 -31.71 28.72
N SER A 2148 -98.50 -32.99 28.65
CA SER A 2148 -98.31 -33.79 29.85
C SER A 2148 -97.00 -33.51 30.56
N SER A 2149 -96.08 -32.76 29.95
CA SER A 2149 -94.80 -32.43 30.56
C SER A 2149 -94.77 -31.04 31.16
N VAL A 2150 -95.87 -30.31 31.12
CA VAL A 2150 -95.84 -28.89 31.46
C VAL A 2150 -95.57 -28.69 32.95
N GLU A 2151 -96.25 -29.45 33.80
CA GLU A 2151 -96.06 -29.27 35.25
C GLU A 2151 -94.64 -29.58 35.68
N ASP A 2152 -94.10 -30.70 35.19
CA ASP A 2152 -92.73 -31.06 35.55
C ASP A 2152 -91.73 -30.08 34.96
N THR A 2153 -92.00 -29.56 33.76
CA THR A 2153 -91.12 -28.54 33.20
C THR A 2153 -91.15 -27.27 34.04
N MET A 2154 -92.32 -26.89 34.55
CA MET A 2154 -92.40 -25.72 35.41
C MET A 2154 -91.61 -25.92 36.69
N SER A 2155 -91.71 -27.10 37.30
CA SER A 2155 -90.93 -27.36 38.50
C SER A 2155 -89.44 -27.30 38.20
N LEU A 2156 -89.02 -27.90 37.09
CA LEU A 2156 -87.62 -27.85 36.69
C LEU A 2156 -87.17 -26.43 36.45
N LEU A 2157 -88.03 -25.61 35.84
CA LEU A 2157 -87.68 -24.22 35.59
C LEU A 2157 -87.51 -23.46 36.89
N GLU A 2158 -88.35 -23.73 37.88
CA GLU A 2158 -88.17 -23.08 39.18
C GLU A 2158 -86.84 -23.48 39.81
N CYS A 2159 -86.49 -24.76 39.76
CA CYS A 2159 -85.21 -25.19 40.33
C CYS A 2159 -84.04 -24.54 39.59
N LEU A 2160 -84.11 -24.50 38.26
CA LEU A 2160 -83.06 -23.87 37.49
C LEU A 2160 -82.97 -22.38 37.78
N GLY A 2161 -84.12 -21.74 38.04
CA GLY A 2161 -84.09 -20.34 38.43
C GLY A 2161 -83.37 -20.12 39.73
N GLN A 2162 -83.59 -21.00 40.71
CA GLN A 2162 -82.84 -20.88 41.95
C GLN A 2162 -81.35 -21.07 41.72
N ILE A 2163 -80.98 -22.09 40.93
CA ILE A 2163 -79.56 -22.32 40.68
C ILE A 2163 -78.94 -21.11 40.00
N ARG A 2164 -79.64 -20.54 39.01
CA ARG A 2164 -79.12 -19.36 38.32
C ARG A 2164 -79.01 -18.17 39.26
N SER A 2165 -79.98 -17.99 40.16
CA SER A 2165 -79.89 -16.93 41.14
C SER A 2165 -78.68 -17.07 42.04
N LEU A 2166 -78.22 -18.30 42.28
CA LEU A 2166 -77.04 -18.53 43.11
C LEU A 2166 -75.74 -18.17 42.40
N LEU A 2167 -75.79 -17.60 41.19
CA LEU A 2167 -74.57 -17.24 40.48
C LEU A 2167 -74.04 -15.86 40.86
N ILE A 2168 -74.80 -15.07 41.59
CA ILE A 2168 -74.43 -13.69 41.90
C ILE A 2168 -74.22 -13.48 43.39
N VAL A 2169 -74.03 -14.55 44.16
CA VAL A 2169 -73.86 -14.46 45.60
C VAL A 2169 -72.70 -15.36 46.01
N GLN A 2170 -71.85 -14.86 46.89
CA GLN A 2170 -70.80 -15.71 47.45
C GLN A 2170 -71.42 -16.90 48.17
N MET A 2171 -70.86 -18.07 47.93
CA MET A 2171 -71.43 -19.29 48.48
C MET A 2171 -71.30 -19.29 50.00
N GLY A 2172 -72.37 -19.73 50.67
CA GLY A 2172 -72.38 -19.89 52.10
C GLY A 2172 -73.15 -21.15 52.46
N PRO A 2173 -73.43 -21.35 53.75
CA PRO A 2173 -74.19 -22.56 54.13
C PRO A 2173 -75.59 -22.61 53.56
N GLN A 2174 -76.35 -21.51 53.66
CA GLN A 2174 -77.70 -21.51 53.12
C GLN A 2174 -77.69 -21.71 51.61
N GLU A 2175 -76.78 -21.03 50.91
CA GLU A 2175 -76.70 -21.17 49.46
C GLU A 2175 -76.30 -22.60 49.09
N GLU A 2176 -75.39 -23.20 49.86
CA GLU A 2176 -75.01 -24.59 49.61
C GLU A 2176 -76.21 -25.51 49.76
N ASN A 2177 -76.99 -25.34 50.81
CA ASN A 2177 -78.16 -26.18 51.00
C ASN A 2177 -79.16 -26.00 49.88
N LEU A 2178 -79.39 -24.74 49.47
CA LEU A 2178 -80.33 -24.49 48.38
C LEU A 2178 -79.86 -25.14 47.09
N MET A 2179 -78.56 -25.04 46.81
CA MET A 2179 -78.02 -25.63 45.59
C MET A 2179 -78.17 -27.14 45.61
N ILE A 2180 -77.86 -27.77 46.74
CA ILE A 2180 -77.98 -29.22 46.83
C ILE A 2180 -79.43 -29.66 46.64
N GLN A 2181 -80.36 -28.95 47.28
CA GLN A 2181 -81.77 -29.29 47.14
C GLN A 2181 -82.23 -29.14 45.70
N SER A 2182 -81.84 -28.05 45.03
CA SER A 2182 -82.25 -27.84 43.66
C SER A 2182 -81.69 -28.92 42.74
N ILE A 2183 -80.42 -29.28 42.95
CA ILE A 2183 -79.83 -30.34 42.15
C ILE A 2183 -80.57 -31.66 42.36
N GLY A 2184 -80.90 -31.97 43.61
CA GLY A 2184 -81.66 -33.19 43.86
C GLY A 2184 -83.00 -33.19 43.16
N ASN A 2185 -83.72 -32.06 43.23
CA ASN A 2185 -85.01 -32.00 42.58
C ASN A 2185 -84.88 -32.14 41.07
N ILE A 2186 -83.88 -31.50 40.47
CA ILE A 2186 -83.71 -31.62 39.03
C ILE A 2186 -83.40 -33.07 38.66
N MET A 2187 -82.51 -33.73 39.39
CA MET A 2187 -82.18 -35.11 39.09
C MET A 2187 -83.32 -36.07 39.35
N ASN A 2188 -84.28 -35.69 40.18
CA ASN A 2188 -85.48 -36.51 40.40
C ASN A 2188 -86.61 -36.17 39.45
N ASN A 2189 -86.50 -35.07 38.70
CA ASN A 2189 -87.50 -34.66 37.73
C ASN A 2189 -87.35 -35.52 36.46
N LYS A 2190 -88.48 -35.93 35.88
CA LYS A 2190 -88.44 -36.76 34.68
C LYS A 2190 -87.95 -35.97 33.47
N VAL A 2191 -88.36 -34.71 33.36
CA VAL A 2191 -88.00 -33.92 32.18
C VAL A 2191 -86.49 -33.82 32.04
N PHE A 2192 -85.76 -33.99 33.14
CA PHE A 2192 -84.30 -33.98 33.05
C PHE A 2192 -83.81 -35.11 32.15
N TYR A 2193 -84.40 -36.28 32.27
CA TYR A 2193 -83.95 -37.45 31.53
C TYR A 2193 -84.53 -37.52 30.12
N GLN A 2194 -85.78 -37.09 29.95
CA GLN A 2194 -86.45 -37.28 28.67
C GLN A 2194 -86.11 -36.19 27.68
N HIS A 2195 -85.59 -35.05 28.13
CA HIS A 2195 -85.33 -33.90 27.27
C HIS A 2195 -83.93 -33.37 27.50
N PRO A 2196 -82.92 -34.21 27.24
CA PRO A 2196 -81.54 -33.72 27.36
C PRO A 2196 -81.23 -32.57 26.42
N ASN A 2197 -81.85 -32.54 25.25
CA ASN A 2197 -81.65 -31.39 24.36
C ASN A 2197 -82.22 -30.12 24.98
N LEU A 2198 -83.36 -30.22 25.66
CA LEU A 2198 -83.88 -29.06 26.38
C LEU A 2198 -82.92 -28.63 27.49
N MET A 2199 -82.36 -29.59 28.23
CA MET A 2199 -81.41 -29.24 29.27
C MET A 2199 -80.20 -28.51 28.69
N ARG A 2200 -79.67 -29.02 27.58
CA ARG A 2200 -78.54 -28.36 26.93
C ARG A 2200 -78.92 -26.96 26.44
N ALA A 2201 -80.10 -26.80 25.85
CA ALA A 2201 -80.52 -25.49 25.40
C ALA A 2201 -80.65 -24.51 26.54
N LEU A 2202 -81.17 -24.97 27.68
CA LEU A 2202 -81.22 -24.14 28.88
C LEU A 2202 -79.85 -23.87 29.47
N GLY A 2203 -78.86 -24.69 29.16
CA GLY A 2203 -77.52 -24.46 29.67
C GLY A 2203 -77.35 -24.84 31.12
N MET A 2204 -78.08 -25.84 31.59
CA MET A 2204 -77.99 -26.26 32.98
C MET A 2204 -76.56 -26.64 33.34
N HIS A 2205 -75.93 -27.45 32.49
CA HIS A 2205 -74.60 -27.96 32.82
C HIS A 2205 -73.61 -26.81 32.98
N GLU A 2206 -73.69 -25.81 32.11
CA GLU A 2206 -72.76 -24.69 32.20
C GLU A 2206 -72.97 -23.90 33.48
N THR A 2207 -74.22 -23.67 33.89
CA THR A 2207 -74.47 -22.94 35.12
C THR A 2207 -73.95 -23.70 36.33
N VAL A 2208 -74.21 -25.01 36.38
CA VAL A 2208 -73.72 -25.80 37.51
C VAL A 2208 -72.20 -25.81 37.54
N MET A 2209 -71.58 -25.94 36.36
CA MET A 2209 -70.12 -25.90 36.29
C MET A 2209 -69.59 -24.57 36.78
N GLU A 2210 -70.25 -23.47 36.41
CA GLU A 2210 -69.80 -22.16 36.84
C GLU A 2210 -69.88 -22.02 38.36
N VAL A 2211 -70.97 -22.50 38.96
CA VAL A 2211 -71.09 -22.44 40.41
C VAL A 2211 -69.96 -23.24 41.07
N MET A 2212 -69.74 -24.46 40.57
CA MET A 2212 -68.71 -25.31 41.16
C MET A 2212 -67.35 -24.66 41.05
N VAL A 2213 -67.03 -24.12 39.88
CA VAL A 2213 -65.71 -23.53 39.67
C VAL A 2213 -65.56 -22.26 40.50
N ASN A 2214 -66.64 -21.49 40.67
CA ASN A 2214 -66.57 -20.34 41.57
C ASN A 2214 -66.14 -20.77 42.96
N VAL A 2215 -66.82 -21.75 43.54
CA VAL A 2215 -66.44 -22.15 44.90
C VAL A 2215 -65.04 -22.75 44.92
N LEU A 2216 -64.65 -23.49 43.88
CA LEU A 2216 -63.33 -24.09 43.88
C LEU A 2216 -62.24 -23.04 43.81
N GLY A 2217 -62.35 -22.12 42.84
CA GLY A 2217 -61.34 -21.08 42.69
C GLY A 2217 -61.27 -20.17 43.89
N GLY A 2218 -62.40 -19.82 44.48
CA GLY A 2218 -62.38 -19.01 45.68
C GLY A 2218 -61.53 -19.64 46.75
N GLY A 2219 -60.38 -19.03 47.04
CA GLY A 2219 -59.44 -19.61 47.97
C GLY A 2219 -58.89 -20.94 47.49
N GLU A 2220 -58.26 -20.93 46.31
CA GLU A 2220 -57.76 -22.17 45.73
C GLU A 2220 -56.70 -22.81 46.62
N SER A 2221 -55.79 -21.99 47.16
CA SER A 2221 -54.77 -22.53 48.06
C SER A 2221 -55.40 -23.07 49.33
N LYS A 2222 -56.36 -22.35 49.90
CA LYS A 2222 -57.03 -22.80 51.11
C LYS A 2222 -57.85 -24.05 50.82
N GLU A 2223 -57.96 -24.93 51.82
CA GLU A 2223 -58.81 -26.09 51.70
C GLU A 2223 -60.21 -25.63 51.31
N ILE A 2224 -60.67 -26.02 50.12
CA ILE A 2224 -61.92 -25.50 49.60
C ILE A 2224 -63.03 -25.82 50.59
N ARG A 2225 -63.94 -24.86 50.78
CA ARG A 2225 -65.07 -25.06 51.67
C ARG A 2225 -66.23 -25.66 50.90
N PHE A 2226 -67.25 -26.08 51.63
CA PHE A 2226 -68.46 -26.68 51.05
C PHE A 2226 -68.10 -27.87 50.16
N PRO A 2227 -67.42 -28.88 50.71
CA PRO A 2227 -67.15 -30.08 49.90
C PRO A 2227 -68.39 -30.76 49.38
N LYS A 2228 -69.48 -30.75 50.17
CA LYS A 2228 -70.69 -31.44 49.75
C LYS A 2228 -71.26 -30.82 48.48
N MET A 2229 -71.12 -29.52 48.30
CA MET A 2229 -71.67 -28.89 47.12
C MET A 2229 -70.93 -29.35 45.87
N VAL A 2230 -69.60 -29.49 45.95
CA VAL A 2230 -68.83 -29.96 44.79
C VAL A 2230 -69.14 -31.43 44.53
N THR A 2231 -69.32 -32.21 45.59
CA THR A 2231 -69.70 -33.60 45.42
C THR A 2231 -71.02 -33.70 44.66
N SER A 2232 -71.99 -32.88 45.05
CA SER A 2232 -73.24 -32.81 44.29
C SER A 2232 -73.00 -32.28 42.88
N CYS A 2233 -71.98 -31.44 42.71
CA CYS A 2233 -71.75 -30.82 41.41
C CYS A 2233 -71.35 -31.84 40.37
N CYS A 2234 -70.41 -32.77 40.67
CA CYS A 2234 -70.65 -33.98 39.87
C CYS A 2234 -72.00 -34.59 40.00
N ARG A 2235 -72.37 -35.16 41.14
CA ARG A 2235 -73.40 -36.20 41.04
C ARG A 2235 -74.31 -35.79 39.89
N PHE A 2236 -74.69 -34.51 39.89
CA PHE A 2236 -75.43 -33.94 38.77
C PHE A 2236 -74.67 -34.04 37.44
N LEU A 2237 -73.53 -33.34 37.30
CA LEU A 2237 -72.86 -33.26 36.00
C LEU A 2237 -72.29 -34.61 35.57
N CYS A 2238 -71.70 -35.32 36.51
CA CYS A 2238 -71.10 -36.61 36.24
C CYS A 2238 -72.19 -37.61 35.84
N TYR A 2239 -73.47 -37.30 36.13
CA TYR A 2239 -74.60 -38.05 35.56
C TYR A 2239 -75.08 -37.46 34.23
N PHE A 2240 -75.05 -36.14 34.14
CA PHE A 2240 -75.46 -35.45 32.92
C PHE A 2240 -74.71 -35.97 31.73
N CYS A 2241 -73.42 -36.26 31.92
CA CYS A 2241 -72.64 -36.84 30.84
C CYS A 2241 -73.20 -38.18 30.41
N ARG A 2242 -73.65 -39.00 31.36
CA ARG A 2242 -74.15 -40.33 31.05
C ARG A 2242 -75.55 -40.32 30.44
N ILE A 2243 -76.30 -39.26 30.62
CA ILE A 2243 -77.68 -39.27 30.11
C ILE A 2243 -77.70 -39.47 28.59
N SER A 2244 -76.84 -38.76 27.86
CA SER A 2244 -76.86 -38.87 26.40
C SER A 2244 -75.51 -38.51 25.82
N ARG A 2245 -75.26 -38.97 24.59
CA ARG A 2245 -73.98 -38.74 23.95
C ARG A 2245 -73.75 -37.26 23.64
N GLN A 2246 -74.80 -36.56 23.22
CA GLN A 2246 -74.66 -35.13 22.97
C GLN A 2246 -74.35 -34.38 24.26
N ASN A 2247 -74.94 -34.79 25.38
CA ASN A 2247 -74.56 -34.23 26.67
C ASN A 2247 -73.09 -34.49 26.96
N GLN A 2248 -72.63 -35.70 26.66
CA GLN A 2248 -71.22 -36.04 26.87
C GLN A 2248 -70.33 -35.15 26.03
N ARG A 2249 -70.70 -34.91 24.77
CA ARG A 2249 -69.91 -34.04 23.91
C ARG A 2249 -69.89 -32.62 24.45
N SER A 2250 -71.04 -32.13 24.89
CA SER A 2250 -71.11 -30.78 25.42
C SER A 2250 -70.21 -30.62 26.63
N MET A 2251 -70.19 -31.61 27.51
CA MET A 2251 -69.30 -31.53 28.67
C MET A 2251 -67.84 -31.69 28.27
N PHE A 2252 -67.57 -32.56 27.29
CA PHE A 2252 -66.21 -32.74 26.80
C PHE A 2252 -65.65 -31.44 26.24
N ASP A 2253 -66.52 -30.59 25.70
CA ASP A 2253 -66.06 -29.32 25.17
C ASP A 2253 -65.43 -28.44 26.24
N HIS A 2254 -65.66 -28.71 27.53
CA HIS A 2254 -65.06 -27.96 28.62
C HIS A 2254 -63.97 -28.75 29.34
N LEU A 2255 -63.29 -29.66 28.64
CA LEU A 2255 -62.34 -30.54 29.31
C LEU A 2255 -61.19 -29.76 29.94
N SER A 2256 -60.64 -28.80 29.20
CA SER A 2256 -59.51 -28.03 29.71
C SER A 2256 -59.90 -27.29 30.98
N TYR A 2257 -61.09 -26.68 30.99
CA TYR A 2257 -61.58 -26.01 32.19
C TYR A 2257 -61.59 -26.96 33.38
N LEU A 2258 -62.22 -28.11 33.21
CA LEU A 2258 -62.27 -29.09 34.30
C LEU A 2258 -60.88 -29.58 34.67
N LEU A 2259 -60.04 -29.85 33.68
CA LEU A 2259 -58.68 -30.26 34.00
C LEU A 2259 -57.90 -29.13 34.66
N GLU A 2260 -58.20 -27.88 34.29
CA GLU A 2260 -57.54 -26.76 34.94
C GLU A 2260 -57.89 -26.70 36.42
N ASN A 2261 -59.16 -26.95 36.76
CA ASN A 2261 -59.61 -26.87 38.14
C ASN A 2261 -59.51 -28.20 38.88
N SER A 2262 -59.00 -29.24 38.22
CA SER A 2262 -58.87 -30.55 38.84
C SER A 2262 -57.59 -30.70 39.65
N GLY A 2263 -56.74 -29.68 39.70
CA GLY A 2263 -55.51 -29.78 40.48
C GLY A 2263 -55.74 -29.97 41.95
N ILE A 2264 -56.93 -29.62 42.45
CA ILE A 2264 -57.27 -29.75 43.87
C ILE A 2264 -58.35 -30.81 44.00
N GLY A 2265 -58.44 -31.41 45.19
CA GLY A 2265 -59.44 -32.44 45.42
C GLY A 2265 -58.95 -33.48 46.42
N LEU A 2266 -59.14 -34.75 46.11
CA LEU A 2266 -58.69 -35.83 46.98
C LEU A 2266 -59.42 -35.78 48.32
N GLY A 2267 -59.12 -34.76 49.13
CA GLY A 2267 -59.82 -34.56 50.38
C GLY A 2267 -61.32 -34.48 50.19
N MET A 2268 -61.75 -34.31 48.94
CA MET A 2268 -63.16 -34.40 48.63
C MET A 2268 -63.76 -35.70 49.19
N GLN A 2269 -63.05 -36.81 49.00
CA GLN A 2269 -63.57 -38.12 49.36
C GLN A 2269 -64.94 -38.33 48.72
N GLY A 2270 -65.11 -37.81 47.53
CA GLY A 2270 -66.33 -37.96 46.78
C GLY A 2270 -66.07 -37.77 45.32
N SER A 2271 -67.08 -37.27 44.62
CA SER A 2271 -66.91 -36.99 43.20
C SER A 2271 -66.20 -35.65 43.01
N THR A 2272 -65.46 -35.53 41.91
CA THR A 2272 -64.58 -34.39 41.69
C THR A 2272 -64.61 -33.93 40.24
N PRO A 2273 -64.14 -32.72 39.95
CA PRO A 2273 -64.04 -32.31 38.53
C PRO A 2273 -63.21 -33.24 37.69
N LEU A 2274 -62.23 -33.93 38.28
CA LEU A 2274 -61.55 -34.98 37.53
C LEU A 2274 -62.50 -36.09 37.15
N ASP A 2275 -63.44 -36.43 38.03
CA ASP A 2275 -64.46 -37.41 37.67
C ASP A 2275 -65.37 -36.88 36.58
N VAL A 2276 -65.69 -35.57 36.60
CA VAL A 2276 -66.44 -35.00 35.49
C VAL A 2276 -65.68 -35.20 34.18
N ALA A 2277 -64.38 -34.95 34.22
CA ALA A 2277 -63.55 -35.08 32.99
C ALA A 2277 -63.61 -36.52 32.47
N ALA A 2278 -63.48 -37.50 33.36
CA ALA A 2278 -63.50 -38.92 32.95
C ALA A 2278 -64.86 -39.24 32.33
N ALA A 2279 -65.93 -38.72 32.92
CA ALA A 2279 -67.30 -39.02 32.44
C ALA A 2279 -67.43 -38.53 30.99
N SER A 2280 -66.87 -37.37 30.69
CA SER A 2280 -66.98 -36.79 29.34
C SER A 2280 -66.32 -37.71 28.29
N VAL A 2281 -65.17 -38.30 28.59
CA VAL A 2281 -64.46 -39.14 27.58
C VAL A 2281 -64.79 -40.63 27.71
N ILE A 2282 -65.60 -41.03 28.69
CA ILE A 2282 -65.79 -42.49 28.94
C ILE A 2282 -66.45 -43.23 27.77
N ASP A 2283 -66.00 -44.46 27.48
CA ASP A 2283 -66.60 -45.31 26.42
C ASP A 2283 -67.17 -44.49 25.25
N ASN A 2284 -66.44 -43.50 24.78
CA ASN A 2284 -66.88 -42.72 23.63
C ASN A 2284 -65.68 -42.63 22.68
N ASN A 2285 -65.69 -43.46 21.63
CA ASN A 2285 -64.55 -43.52 20.74
C ASN A 2285 -64.29 -42.18 20.06
N GLU A 2286 -65.35 -41.51 19.61
CA GLU A 2286 -65.18 -40.24 18.93
C GLU A 2286 -64.49 -39.22 19.82
N LEU A 2287 -64.93 -39.11 21.07
CA LEU A 2287 -64.34 -38.14 21.98
C LEU A 2287 -62.93 -38.55 22.39
N ALA A 2288 -62.72 -39.85 22.62
CA ALA A 2288 -61.38 -40.31 22.97
C ALA A 2288 -60.39 -39.99 21.85
N LEU A 2289 -60.84 -40.08 20.61
CA LEU A 2289 -60.00 -39.68 19.49
C LEU A 2289 -59.86 -38.17 19.35
N ALA A 2290 -60.87 -37.42 19.75
CA ALA A 2290 -60.80 -35.96 19.74
C ALA A 2290 -59.98 -35.39 20.88
N LEU A 2291 -59.58 -36.22 21.85
CA LEU A 2291 -58.77 -35.74 22.96
C LEU A 2291 -57.54 -34.99 22.46
N GLN A 2292 -56.96 -34.16 23.32
CA GLN A 2292 -55.83 -33.32 22.95
C GLN A 2292 -54.57 -33.66 23.72
N GLU A 2293 -53.45 -33.65 23.00
CA GLU A 2293 -52.17 -33.88 23.63
C GLU A 2293 -51.89 -32.87 24.73
N GLN A 2294 -52.40 -31.65 24.59
CA GLN A 2294 -52.23 -30.66 25.66
C GLN A 2294 -52.91 -31.12 26.95
N ASP A 2295 -54.14 -31.64 26.84
CA ASP A 2295 -54.84 -32.13 28.02
C ASP A 2295 -54.11 -33.32 28.63
N LEU A 2296 -53.66 -34.25 27.79
CA LEU A 2296 -52.92 -35.38 28.32
C LEU A 2296 -51.63 -34.94 29.01
N GLU A 2297 -50.94 -33.96 28.44
CA GLU A 2297 -49.73 -33.44 29.07
C GLU A 2297 -50.04 -32.75 30.39
N LYS A 2298 -51.16 -32.05 30.47
CA LYS A 2298 -51.56 -31.44 31.74
C LYS A 2298 -51.76 -32.50 32.81
N VAL A 2299 -52.48 -33.57 32.47
CA VAL A 2299 -52.72 -34.63 33.45
C VAL A 2299 -51.41 -35.30 33.84
N VAL A 2300 -50.51 -35.51 32.88
CA VAL A 2300 -49.24 -36.15 33.19
C VAL A 2300 -48.39 -35.25 34.08
N SER A 2301 -48.46 -33.94 33.89
CA SER A 2301 -47.73 -33.03 34.75
C SER A 2301 -48.28 -33.07 36.17
N TYR A 2302 -49.60 -33.13 36.31
CA TYR A 2302 -50.17 -33.31 37.65
C TYR A 2302 -49.67 -34.60 38.29
N LEU A 2303 -49.59 -35.68 37.50
CA LEU A 2303 -49.11 -36.95 38.03
C LEU A 2303 -47.66 -36.84 38.46
N ALA A 2304 -46.84 -36.12 37.69
CA ALA A 2304 -45.44 -35.93 38.08
C ALA A 2304 -45.36 -35.18 39.40
N GLY A 2305 -46.16 -34.14 39.55
CA GLY A 2305 -46.20 -33.44 40.82
C GLY A 2305 -46.57 -34.37 41.97
N CYS A 2306 -47.59 -35.20 41.76
CA CYS A 2306 -48.00 -36.15 42.80
C CYS A 2306 -46.91 -37.15 43.13
N GLY A 2307 -46.13 -37.57 42.14
CA GLY A 2307 -45.03 -38.48 42.36
C GLY A 2307 -43.81 -37.85 42.98
N LEU A 2308 -43.70 -36.53 42.95
CA LEU A 2308 -42.56 -35.85 43.56
C LEU A 2308 -42.83 -35.21 44.90
N GLN A 2309 -44.07 -34.86 45.24
CA GLN A 2309 -44.36 -34.13 46.46
C GLN A 2309 -45.40 -34.84 47.30
N SER A 2310 -45.31 -34.66 48.60
CA SER A 2310 -46.25 -35.26 49.54
C SER A 2310 -47.52 -34.42 49.63
N CYS A 2311 -48.55 -35.01 50.20
CA CYS A 2311 -49.84 -34.35 50.29
C CYS A 2311 -49.86 -33.40 51.47
N PRO A 2312 -50.00 -32.08 51.26
CA PRO A 2312 -50.00 -31.17 52.42
C PRO A 2312 -51.11 -31.47 53.41
N MET A 2313 -52.28 -31.89 52.92
CA MET A 2313 -53.38 -32.20 53.82
C MET A 2313 -53.04 -33.37 54.73
N LEU A 2314 -52.44 -34.42 54.15
CA LEU A 2314 -52.04 -35.55 54.98
C LEU A 2314 -50.97 -35.15 55.97
N LEU A 2315 -50.00 -34.33 55.54
CA LEU A 2315 -48.98 -33.88 56.46
C LEU A 2315 -49.60 -33.12 57.62
N ALA A 2316 -50.57 -32.24 57.33
CA ALA A 2316 -51.24 -31.50 58.39
C ALA A 2316 -51.99 -32.44 59.32
N LYS A 2317 -52.69 -33.42 58.75
CA LYS A 2317 -53.46 -34.36 59.56
C LYS A 2317 -52.53 -35.23 60.41
N GLY A 2318 -51.25 -35.27 60.06
CA GLY A 2318 -50.24 -35.90 60.88
C GLY A 2318 -49.66 -37.18 60.33
N TYR A 2319 -49.93 -37.52 59.08
CA TYR A 2319 -49.37 -38.72 58.50
C TYR A 2319 -47.85 -38.58 58.35
N PRO A 2320 -47.11 -39.68 58.31
CA PRO A 2320 -45.69 -39.59 58.01
C PRO A 2320 -45.47 -39.00 56.62
N ASP A 2321 -44.26 -38.46 56.43
CA ASP A 2321 -43.88 -37.86 55.16
C ASP A 2321 -43.13 -38.91 54.35
N ILE A 2322 -43.86 -39.63 53.49
CA ILE A 2322 -43.21 -40.63 52.65
C ILE A 2322 -42.52 -40.00 51.45
N GLY A 2323 -42.87 -38.77 51.10
CA GLY A 2323 -42.20 -38.06 50.03
C GLY A 2323 -42.94 -38.03 48.70
N TRP A 2324 -44.15 -38.56 48.63
CA TRP A 2324 -44.94 -38.47 47.41
C TRP A 2324 -46.41 -38.68 47.75
N ASN A 2325 -47.26 -38.60 46.72
CA ASN A 2325 -48.71 -38.54 46.89
C ASN A 2325 -49.38 -39.67 46.13
N PRO A 2326 -49.36 -40.89 46.66
CA PRO A 2326 -50.00 -42.00 45.94
C PRO A 2326 -51.47 -41.78 45.71
N CYS A 2327 -52.17 -41.13 46.65
CA CYS A 2327 -53.61 -40.99 46.52
C CYS A 2327 -53.98 -40.13 45.32
N GLY A 2328 -53.30 -38.99 45.15
CA GLY A 2328 -53.54 -38.16 43.97
C GLY A 2328 -53.05 -38.83 42.70
N GLY A 2329 -51.89 -39.49 42.78
CA GLY A 2329 -51.40 -40.19 41.61
C GLY A 2329 -52.40 -41.20 41.10
N GLU A 2330 -53.08 -41.89 42.01
CA GLU A 2330 -54.07 -42.87 41.60
C GLU A 2330 -55.21 -42.22 40.84
N ARG A 2331 -55.67 -41.05 41.29
CA ARG A 2331 -56.76 -40.37 40.58
C ARG A 2331 -56.33 -40.00 39.16
N TYR A 2332 -55.12 -39.47 39.02
CA TYR A 2332 -54.69 -39.06 37.68
C TYR A 2332 -54.49 -40.27 36.77
N LEU A 2333 -53.88 -41.32 37.30
CA LEU A 2333 -53.72 -42.56 36.49
C LEU A 2333 -55.11 -43.01 36.03
N ASP A 2334 -56.12 -42.90 36.90
CA ASP A 2334 -57.48 -43.38 36.56
C ASP A 2334 -58.08 -42.61 35.38
N PHE A 2335 -57.90 -41.29 35.33
CA PHE A 2335 -58.42 -40.50 34.18
C PHE A 2335 -57.73 -40.97 32.91
N LEU A 2336 -56.43 -41.21 32.99
CA LEU A 2336 -55.65 -41.65 31.80
C LEU A 2336 -56.19 -43.00 31.32
N ARG A 2337 -56.55 -43.90 32.25
CA ARG A 2337 -56.97 -45.26 31.83
C ARG A 2337 -58.21 -45.14 30.95
N PHE A 2338 -59.14 -44.27 31.32
CA PHE A 2338 -60.37 -44.10 30.51
C PHE A 2338 -60.02 -43.59 29.12
N ALA A 2339 -59.09 -42.62 29.03
CA ALA A 2339 -58.67 -42.10 27.71
C ALA A 2339 -57.97 -43.14 26.84
N VAL A 2340 -57.06 -43.92 27.41
CA VAL A 2340 -56.29 -44.98 26.65
C VAL A 2340 -57.20 -46.12 26.16
N PHE A 2341 -58.15 -46.57 26.98
CA PHE A 2341 -58.94 -47.76 26.60
C PHE A 2341 -60.40 -47.41 26.48
N VAL A 2342 -60.99 -47.71 25.33
CA VAL A 2342 -62.45 -47.46 25.12
C VAL A 2342 -63.10 -48.76 24.65
N ASN A 2343 -64.23 -49.14 25.23
CA ASN A 2343 -64.98 -50.34 24.76
C ASN A 2343 -64.07 -51.57 24.68
N GLY A 2344 -63.25 -51.81 25.71
CA GLY A 2344 -62.48 -53.03 25.73
C GLY A 2344 -61.37 -53.11 24.71
N GLU A 2345 -60.95 -51.98 24.15
CA GLU A 2345 -59.86 -51.95 23.20
C GLU A 2345 -59.03 -50.71 23.44
N SER A 2346 -57.74 -50.80 23.14
CA SER A 2346 -56.82 -49.70 23.37
C SER A 2346 -56.88 -48.71 22.21
N VAL A 2347 -56.94 -47.43 22.53
CA VAL A 2347 -56.92 -46.36 21.52
C VAL A 2347 -55.46 -46.03 21.26
N GLU A 2348 -54.89 -46.58 20.19
CA GLU A 2348 -53.46 -46.45 19.95
C GLU A 2348 -53.02 -44.99 19.96
N GLU A 2349 -53.82 -44.11 19.37
CA GLU A 2349 -53.43 -42.71 19.25
C GLU A 2349 -53.15 -42.10 20.62
N ASN A 2350 -54.03 -42.35 21.59
CA ASN A 2350 -53.83 -41.85 22.94
C ASN A 2350 -52.82 -42.66 23.72
N ALA A 2351 -52.77 -43.97 23.50
CA ALA A 2351 -51.88 -44.83 24.28
C ALA A 2351 -50.42 -44.48 24.02
N ASN A 2352 -50.05 -44.29 22.75
CA ASN A 2352 -48.67 -43.96 22.44
C ASN A 2352 -48.27 -42.62 23.05
N VAL A 2353 -49.15 -41.64 22.94
CA VAL A 2353 -48.87 -40.31 23.50
C VAL A 2353 -48.67 -40.42 25.01
N VAL A 2354 -49.56 -41.16 25.67
CA VAL A 2354 -49.48 -41.28 27.13
C VAL A 2354 -48.18 -41.95 27.53
N VAL A 2355 -47.82 -43.03 26.84
CA VAL A 2355 -46.59 -43.74 27.18
C VAL A 2355 -45.38 -42.83 27.01
N ARG A 2356 -45.35 -42.07 25.92
CA ARG A 2356 -44.21 -41.19 25.68
C ARG A 2356 -44.13 -40.10 26.75
N LEU A 2357 -45.27 -39.52 27.13
CA LEU A 2357 -45.23 -38.51 28.19
C LEU A 2357 -44.75 -39.10 29.50
N LEU A 2358 -45.24 -40.30 29.84
CA LEU A 2358 -44.82 -40.91 31.10
C LEU A 2358 -43.33 -41.18 31.12
N ILE A 2359 -42.78 -41.71 30.02
CA ILE A 2359 -41.34 -41.95 30.02
C ILE A 2359 -40.56 -40.65 30.02
N ARG A 2360 -41.09 -39.59 29.42
CA ARG A 2360 -40.40 -38.31 29.47
C ARG A 2360 -40.43 -37.68 30.86
N LYS A 2361 -41.36 -38.08 31.71
CA LYS A 2361 -41.38 -37.64 33.11
C LYS A 2361 -41.36 -38.86 34.02
N PRO A 2362 -40.17 -39.43 34.27
CA PRO A 2362 -40.09 -40.70 35.00
C PRO A 2362 -40.62 -40.65 36.42
N GLU A 2363 -40.73 -39.45 36.99
CA GLU A 2363 -41.27 -39.33 38.34
C GLU A 2363 -42.72 -39.80 38.43
N CYS A 2364 -43.41 -39.86 37.29
CA CYS A 2364 -44.78 -40.35 37.24
C CYS A 2364 -44.89 -41.84 37.53
N PHE A 2365 -43.78 -42.57 37.56
CA PHE A 2365 -43.81 -44.00 37.82
C PHE A 2365 -43.69 -44.34 39.30
N GLY A 2366 -43.51 -43.35 40.16
CA GLY A 2366 -43.37 -43.60 41.57
C GLY A 2366 -41.93 -43.89 41.94
N PRO A 2367 -41.59 -43.73 43.21
CA PRO A 2367 -40.19 -43.91 43.63
C PRO A 2367 -39.66 -45.32 43.42
N ALA A 2368 -40.54 -46.32 43.30
CA ALA A 2368 -40.10 -47.69 43.13
C ALA A 2368 -39.48 -47.94 41.76
N LEU A 2369 -40.11 -47.43 40.71
CA LEU A 2369 -39.64 -47.64 39.35
C LEU A 2369 -38.59 -46.63 38.93
N ARG A 2370 -37.96 -45.94 39.87
CA ARG A 2370 -36.86 -45.05 39.53
C ARG A 2370 -35.66 -45.86 39.06
N GLY A 2371 -34.90 -45.28 38.12
CA GLY A 2371 -33.78 -46.01 37.56
C GLY A 2371 -32.69 -46.29 38.57
N GLU A 2372 -32.25 -45.25 39.28
CA GLU A 2372 -31.08 -45.38 40.15
C GLU A 2372 -31.41 -46.04 41.47
N GLY A 2373 -32.25 -45.40 42.28
CA GLY A 2373 -32.53 -45.90 43.61
C GLY A 2373 -33.76 -46.78 43.68
N GLY A 2374 -34.35 -47.09 42.53
CA GLY A 2374 -35.56 -47.89 42.54
C GLY A 2374 -35.34 -49.27 43.14
N SER A 2375 -36.30 -49.70 43.93
CA SER A 2375 -36.27 -51.02 44.52
C SER A 2375 -37.00 -52.08 43.70
N GLY A 2376 -37.73 -51.66 42.67
CA GLY A 2376 -38.51 -52.59 41.88
C GLY A 2376 -39.94 -52.69 42.37
N LEU A 2377 -40.82 -53.14 41.47
CA LEU A 2377 -42.23 -53.20 41.80
C LEU A 2377 -42.51 -54.20 42.91
N LEU A 2378 -41.89 -55.38 42.84
CA LEU A 2378 -42.14 -56.39 43.86
C LEU A 2378 -41.66 -55.92 45.23
N ALA A 2379 -40.47 -55.33 45.28
CA ALA A 2379 -39.98 -54.81 46.55
C ALA A 2379 -40.87 -53.69 47.07
N ALA A 2380 -41.38 -52.85 46.16
CA ALA A 2380 -42.28 -51.78 46.57
C ALA A 2380 -43.54 -52.33 47.20
N ILE A 2381 -44.13 -53.36 46.58
CA ILE A 2381 -45.36 -53.94 47.13
C ILE A 2381 -45.09 -54.60 48.47
N GLU A 2382 -43.97 -55.30 48.60
CA GLU A 2382 -43.66 -55.94 49.87
C GLU A 2382 -43.44 -54.91 50.97
N GLU A 2383 -42.73 -53.83 50.65
CA GLU A 2383 -42.54 -52.75 51.61
C GLU A 2383 -43.87 -52.12 51.99
N ALA A 2384 -44.78 -51.97 51.03
CA ALA A 2384 -46.10 -51.45 51.34
C ALA A 2384 -46.85 -52.36 52.29
N ILE A 2385 -46.74 -53.68 52.08
CA ILE A 2385 -47.38 -54.62 52.99
C ILE A 2385 -46.82 -54.46 54.39
N ARG A 2386 -45.50 -54.34 54.52
CA ARG A 2386 -44.91 -54.14 55.83
C ARG A 2386 -45.38 -52.84 56.46
N ILE A 2387 -45.49 -51.77 55.66
CA ILE A 2387 -45.98 -50.51 56.18
C ILE A 2387 -47.39 -50.67 56.71
N SER A 2388 -48.24 -51.37 55.96
CA SER A 2388 -49.62 -51.59 56.41
C SER A 2388 -49.64 -52.37 57.72
N GLU A 2389 -48.81 -53.41 57.82
CA GLU A 2389 -48.78 -54.19 59.05
C GLU A 2389 -48.30 -53.37 60.24
N ASP A 2390 -47.36 -52.45 60.01
CA ASP A 2390 -46.78 -51.67 61.09
C ASP A 2390 -47.50 -50.35 61.24
N PRO A 2391 -48.19 -50.08 62.35
CA PRO A 2391 -48.73 -48.73 62.58
C PRO A 2391 -47.61 -47.73 62.84
N ALA A 2392 -47.95 -46.44 62.91
CA ALA A 2392 -46.97 -45.38 63.11
C ALA A 2392 -46.17 -45.13 61.84
N ARG A 2393 -46.38 -45.98 60.83
CA ARG A 2393 -45.89 -45.73 59.48
C ARG A 2393 -47.00 -45.81 58.45
N ASP A 2394 -48.13 -46.41 58.78
CA ASP A 2394 -49.27 -46.50 57.90
C ASP A 2394 -50.23 -45.32 58.06
N GLY A 2395 -50.22 -44.69 59.22
CA GLY A 2395 -51.09 -43.56 59.47
C GLY A 2395 -50.57 -42.68 60.59
N PRO A 2396 -51.37 -41.69 60.99
CA PRO A 2396 -50.92 -40.80 62.06
C PRO A 2396 -50.69 -41.51 63.37
N GLY A 2397 -51.43 -42.57 63.66
CA GLY A 2397 -51.28 -43.29 64.91
C GLY A 2397 -51.65 -42.45 66.12
N VAL A 2398 -52.76 -41.72 66.01
CA VAL A 2398 -53.21 -40.84 67.08
C VAL A 2398 -54.45 -41.42 67.76
N PRO A 2411 -61.36 -40.55 63.74
CA PRO A 2411 -61.12 -41.27 62.46
C PRO A 2411 -62.42 -41.75 61.83
N PRO A 2412 -63.09 -40.89 61.06
CA PRO A 2412 -64.39 -41.26 60.48
C PRO A 2412 -64.36 -42.54 59.68
N GLU A 2413 -63.53 -42.61 58.65
CA GLU A 2413 -63.43 -43.80 57.81
C GLU A 2413 -62.29 -44.71 58.29
N GLU A 2414 -62.31 -45.00 59.58
CA GLU A 2414 -61.30 -45.84 60.19
C GLU A 2414 -59.90 -45.37 59.79
N ASN A 2415 -59.57 -44.14 60.16
CA ASN A 2415 -58.29 -43.50 59.85
C ASN A 2415 -58.20 -43.00 58.41
N ARG A 2416 -59.34 -42.87 57.72
CA ARG A 2416 -59.30 -42.37 56.35
C ARG A 2416 -58.28 -43.10 55.49
N VAL A 2417 -57.11 -42.50 55.27
CA VAL A 2417 -56.14 -43.04 54.32
C VAL A 2417 -55.16 -43.94 55.05
N HIS A 2418 -54.86 -45.08 54.45
CA HIS A 2418 -53.83 -46.00 54.93
C HIS A 2418 -52.71 -45.98 53.90
N LEU A 2419 -51.49 -45.69 54.34
CA LEU A 2419 -50.41 -45.43 53.40
C LEU A 2419 -50.00 -46.70 52.64
N GLY A 2420 -49.98 -47.84 53.33
CA GLY A 2420 -49.61 -49.06 52.65
C GLY A 2420 -50.57 -49.36 51.52
N HIS A 2421 -51.86 -49.31 51.82
CA HIS A 2421 -52.87 -49.54 50.80
C HIS A 2421 -52.79 -48.50 49.70
N ALA A 2422 -52.51 -47.25 50.06
CA ALA A 2422 -52.41 -46.20 49.04
C ALA A 2422 -51.27 -46.49 48.08
N ILE A 2423 -50.12 -46.90 48.60
CA ILE A 2423 -48.98 -47.21 47.74
C ILE A 2423 -49.30 -48.38 46.83
N MET A 2424 -49.88 -49.44 47.40
CA MET A 2424 -50.24 -50.60 46.59
C MET A 2424 -51.24 -50.21 45.51
N SER A 2425 -52.21 -49.38 45.85
CA SER A 2425 -53.22 -48.96 44.89
C SER A 2425 -52.60 -48.11 43.79
N PHE A 2426 -51.67 -47.22 44.13
CA PHE A 2426 -51.01 -46.43 43.10
C PHE A 2426 -50.28 -47.34 42.11
N TYR A 2427 -49.52 -48.30 42.62
CA TYR A 2427 -48.75 -49.15 41.71
C TYR A 2427 -49.67 -50.05 40.90
N ALA A 2428 -50.76 -50.51 41.50
CA ALA A 2428 -51.73 -51.30 40.75
C ALA A 2428 -52.35 -50.47 39.63
N ALA A 2429 -52.69 -49.22 39.92
CA ALA A 2429 -53.28 -48.37 38.90
C ALA A 2429 -52.29 -48.08 37.79
N LEU A 2430 -51.02 -47.87 38.13
CA LEU A 2430 -50.01 -47.63 37.11
C LEU A 2430 -49.84 -48.85 36.22
N ILE A 2431 -49.75 -50.05 36.81
CA ILE A 2431 -49.61 -51.25 35.99
C ILE A 2431 -50.85 -51.45 35.13
N ASP A 2432 -52.03 -51.17 35.67
CA ASP A 2432 -53.25 -51.27 34.88
C ASP A 2432 -53.22 -50.32 33.70
N LEU A 2433 -52.78 -49.08 33.92
CA LEU A 2433 -52.72 -48.12 32.84
C LEU A 2433 -51.75 -48.55 31.76
N LEU A 2434 -50.58 -49.06 32.16
CA LEU A 2434 -49.61 -49.51 31.17
C LEU A 2434 -50.12 -50.72 30.40
N GLY A 2435 -50.75 -51.67 31.09
CA GLY A 2435 -51.32 -52.80 30.39
C GLY A 2435 -52.37 -52.39 29.38
N ARG A 2436 -53.19 -51.40 29.74
CA ARG A 2436 -54.19 -50.90 28.82
C ARG A 2436 -53.59 -50.09 27.68
N CYS A 2437 -52.44 -49.47 27.89
CA CYS A 2437 -51.72 -48.80 26.81
C CYS A 2437 -51.03 -49.80 25.88
N ALA A 2438 -50.86 -51.03 26.31
CA ALA A 2438 -50.21 -52.03 25.47
C ALA A 2438 -50.98 -52.19 24.15
N PRO A 2439 -50.29 -52.47 23.04
CA PRO A 2439 -50.99 -52.52 21.75
C PRO A 2439 -51.87 -53.75 21.61
N GLU A 2440 -52.65 -53.77 20.54
CA GLU A 2440 -53.56 -54.88 20.28
C GLU A 2440 -52.87 -56.00 19.52
N THR A 2441 -53.42 -57.20 19.67
CA THR A 2441 -52.81 -58.38 19.07
C THR A 2441 -52.84 -58.31 17.56
N HIS A 2442 -53.89 -57.74 16.97
CA HIS A 2442 -53.94 -57.66 15.51
C HIS A 2442 -52.85 -56.75 14.98
N LEU A 2443 -52.60 -55.62 15.65
CA LEU A 2443 -51.48 -54.77 15.26
C LEU A 2443 -50.16 -55.50 15.40
N ILE A 2444 -50.00 -56.25 16.50
CA ILE A 2444 -48.75 -57.00 16.67
C ILE A 2444 -48.58 -58.01 15.55
N GLN A 2445 -49.65 -58.72 15.19
CA GLN A 2445 -49.57 -59.70 14.11
C GLN A 2445 -49.23 -59.05 12.79
N ALA A 2446 -49.84 -57.90 12.50
CA ALA A 2446 -49.47 -57.15 11.32
C ALA A 2446 -48.06 -56.59 11.42
N GLY A 2447 -47.45 -56.64 12.60
CA GLY A 2447 -46.07 -56.24 12.74
C GLY A 2447 -45.82 -54.76 12.57
N LYS A 2448 -46.71 -53.93 13.10
CA LYS A 2448 -46.50 -52.49 13.03
C LYS A 2448 -45.29 -52.10 13.87
N GLY A 2449 -44.43 -51.27 13.29
CA GLY A 2449 -43.23 -50.86 14.00
C GLY A 2449 -43.55 -50.11 15.28
N GLU A 2450 -44.52 -49.20 15.22
CA GLU A 2450 -44.88 -48.43 16.40
C GLU A 2450 -45.43 -49.34 17.50
N ALA A 2451 -46.29 -50.28 17.13
CA ALA A 2451 -46.85 -51.19 18.12
C ALA A 2451 -45.75 -52.03 18.77
N LEU A 2452 -44.83 -52.54 17.95
CA LEU A 2452 -43.74 -53.34 18.50
C LEU A 2452 -42.87 -52.51 19.43
N ARG A 2453 -42.58 -51.27 19.04
CA ARG A 2453 -41.76 -50.39 19.87
C ARG A 2453 -42.44 -50.11 21.21
N ILE A 2454 -43.74 -49.84 21.18
CA ILE A 2454 -44.47 -49.55 22.41
C ILE A 2454 -44.46 -50.76 23.32
N ARG A 2455 -44.71 -51.95 22.76
CA ARG A 2455 -44.69 -53.15 23.59
C ARG A 2455 -43.31 -53.40 24.17
N ALA A 2456 -42.25 -53.16 23.39
CA ALA A 2456 -40.90 -53.32 23.93
C ALA A 2456 -40.65 -52.35 25.07
N ILE A 2457 -41.10 -51.10 24.94
CA ILE A 2457 -40.91 -50.13 26.00
C ILE A 2457 -41.62 -50.59 27.27
N LEU A 2458 -42.86 -51.07 27.14
CA LEU A 2458 -43.59 -51.51 28.31
C LEU A 2458 -42.91 -52.72 28.97
N ARG A 2459 -42.45 -53.67 28.14
CA ARG A 2459 -41.73 -54.82 28.66
C ARG A 2459 -40.47 -54.41 29.40
N SER A 2460 -39.77 -53.39 28.91
CA SER A 2460 -38.60 -52.89 29.60
C SER A 2460 -38.95 -52.19 30.91
N LEU A 2461 -40.08 -51.48 30.95
CA LEU A 2461 -40.49 -50.84 32.19
C LEU A 2461 -40.79 -51.87 33.28
N VAL A 2462 -41.57 -52.90 32.95
CA VAL A 2462 -42.05 -53.84 33.95
C VAL A 2462 -41.45 -55.21 33.70
N PRO A 2463 -40.61 -55.74 34.59
CA PRO A 2463 -40.13 -57.11 34.42
C PRO A 2463 -41.23 -58.14 34.66
N LEU A 2464 -41.05 -59.31 34.05
CA LEU A 2464 -42.04 -60.38 34.20
C LEU A 2464 -41.93 -61.03 35.57
N ASP A 2465 -40.72 -61.17 36.10
CA ASP A 2465 -40.55 -61.77 37.41
C ASP A 2465 -41.25 -60.96 38.50
N ASP A 2466 -41.23 -59.63 38.39
CA ASP A 2466 -41.95 -58.81 39.37
C ASP A 2466 -43.45 -59.06 39.31
N LEU A 2467 -44.00 -59.15 38.10
CA LEU A 2467 -45.43 -59.43 37.97
C LEU A 2467 -45.77 -60.77 38.59
N VAL A 2468 -44.97 -61.79 38.29
CA VAL A 2468 -45.23 -63.12 38.85
C VAL A 2468 -45.10 -63.10 40.36
N GLY A 2469 -44.11 -62.37 40.89
CA GLY A 2469 -43.96 -62.29 42.33
C GLY A 2469 -45.14 -61.65 43.01
N ILE A 2470 -45.63 -60.54 42.45
CA ILE A 2470 -46.80 -59.89 43.03
C ILE A 2470 -48.01 -60.81 42.95
N ILE A 2471 -48.19 -61.48 41.82
CA ILE A 2471 -49.30 -62.42 41.70
C ILE A 2471 -49.16 -63.56 42.70
N SER A 2472 -47.94 -63.92 43.06
CA SER A 2472 -47.71 -65.00 44.02
C SER A 2472 -47.77 -64.55 45.46
N LEU A 2473 -47.78 -63.24 45.73
CA LEU A 2473 -47.84 -62.79 47.11
C LEU A 2473 -49.11 -63.32 47.77
N PRO A 2474 -49.05 -63.75 49.02
CA PRO A 2474 -50.23 -64.31 49.66
C PRO A 2474 -51.21 -63.26 50.15
N LEU A 2475 -52.47 -63.62 50.17
CA LEU A 2475 -53.55 -62.78 50.67
C LEU A 2475 -53.99 -63.27 52.03
N GLN A 2476 -54.46 -62.34 52.86
CA GLN A 2476 -54.99 -62.68 54.17
C GLN A 2476 -56.46 -63.04 54.03
N ILE A 2477 -56.79 -64.29 54.35
CA ILE A 2477 -58.15 -64.79 54.15
C ILE A 2477 -58.91 -64.75 55.46
N PRO A 2478 -60.22 -64.56 55.45
CA PRO A 2478 -60.98 -64.61 56.70
C PRO A 2478 -60.85 -65.96 57.38
N THR A 2479 -60.78 -65.94 58.70
CA THR A 2479 -60.63 -67.15 59.49
C THR A 2479 -61.52 -67.07 60.72
N LEU A 2480 -61.73 -68.21 61.35
CA LEU A 2480 -62.54 -68.32 62.56
C LEU A 2480 -61.63 -68.63 63.73
N GLY A 2481 -61.41 -67.65 64.59
CA GLY A 2481 -60.63 -67.83 65.79
C GLY A 2481 -61.48 -67.68 67.05
N LYS A 2482 -60.83 -67.95 68.19
CA LYS A 2482 -61.49 -67.89 69.48
C LYS A 2482 -62.75 -68.74 69.42
N ASP A 2483 -63.92 -68.13 69.55
CA ASP A 2483 -65.19 -68.81 69.35
C ASP A 2483 -66.13 -67.87 68.62
N GLY A 2484 -66.31 -68.12 67.33
CA GLY A 2484 -67.12 -67.24 66.51
C GLY A 2484 -66.45 -65.93 66.16
N ALA A 2485 -65.14 -65.83 66.33
CA ALA A 2485 -64.42 -64.59 66.04
C ALA A 2485 -64.00 -64.63 64.58
N LEU A 2486 -64.71 -63.87 63.74
CA LEU A 2486 -64.33 -63.73 62.34
C LEU A 2486 -63.19 -62.73 62.24
N VAL A 2487 -61.98 -63.23 61.98
CA VAL A 2487 -60.83 -62.35 61.83
C VAL A 2487 -60.75 -61.91 60.38
N GLN A 2488 -61.51 -60.89 60.03
CA GLN A 2488 -61.56 -60.43 58.65
C GLN A 2488 -60.48 -59.38 58.42
N PRO A 2489 -59.74 -59.47 57.31
CA PRO A 2489 -58.79 -58.40 56.99
C PRO A 2489 -59.51 -57.10 56.69
N LYS A 2490 -58.86 -56.00 57.03
CA LYS A 2490 -59.38 -54.67 56.70
C LYS A 2490 -59.08 -54.40 55.23
N MET A 2491 -60.11 -54.49 54.39
CA MET A 2491 -59.88 -54.40 52.95
C MET A 2491 -59.27 -53.06 52.58
N SER A 2492 -59.72 -51.98 53.19
CA SER A 2492 -59.22 -50.65 52.86
C SER A 2492 -57.84 -50.38 53.42
N ALA A 2493 -57.18 -51.36 54.05
CA ALA A 2493 -55.88 -51.14 54.65
C ALA A 2493 -54.90 -52.28 54.41
N SER A 2494 -55.18 -53.16 53.46
CA SER A 2494 -54.34 -54.33 53.25
C SER A 2494 -54.20 -54.62 51.76
N PHE A 2495 -53.44 -55.67 51.47
CA PHE A 2495 -53.25 -56.13 50.10
C PHE A 2495 -54.49 -56.91 49.65
N VAL A 2496 -55.10 -56.49 48.55
CA VAL A 2496 -56.37 -57.05 48.12
C VAL A 2496 -56.25 -57.61 46.70
N PRO A 2497 -57.14 -58.51 46.28
CA PRO A 2497 -57.03 -59.08 44.93
C PRO A 2497 -57.17 -58.06 43.82
N ASP A 2498 -57.77 -56.91 44.07
CA ASP A 2498 -57.83 -55.88 43.06
C ASP A 2498 -56.45 -55.44 42.64
N HIS A 2499 -55.47 -55.57 43.53
CA HIS A 2499 -54.10 -55.21 43.18
C HIS A 2499 -53.50 -56.25 42.24
N LYS A 2500 -53.81 -57.53 42.44
CA LYS A 2500 -53.31 -58.57 41.56
C LYS A 2500 -54.02 -58.56 40.21
N ALA A 2501 -55.25 -58.05 40.17
CA ALA A 2501 -55.97 -58.01 38.89
C ALA A 2501 -55.23 -57.18 37.87
N SER A 2502 -54.67 -56.04 38.29
CA SER A 2502 -53.92 -55.20 37.37
C SER A 2502 -52.66 -55.91 36.88
N MET A 2503 -51.98 -56.63 37.77
CA MET A 2503 -50.80 -57.38 37.35
C MET A 2503 -51.18 -58.43 36.33
N VAL A 2504 -52.30 -59.12 36.54
CA VAL A 2504 -52.75 -60.12 35.58
C VAL A 2504 -53.06 -59.47 34.24
N LEU A 2505 -53.72 -58.32 34.25
CA LEU A 2505 -54.04 -57.63 33.00
C LEU A 2505 -52.77 -57.27 32.25
N PHE A 2506 -51.79 -56.69 32.95
CA PHE A 2506 -50.53 -56.34 32.30
C PHE A 2506 -49.84 -57.57 31.75
N LEU A 2507 -49.80 -58.65 32.54
CA LEU A 2507 -49.13 -59.87 32.09
C LEU A 2507 -49.78 -60.43 30.84
N ASP A 2508 -51.10 -60.41 30.79
CA ASP A 2508 -51.80 -60.99 29.64
C ASP A 2508 -51.72 -60.10 28.41
N ARG A 2509 -51.68 -58.78 28.57
CA ARG A 2509 -51.70 -57.90 27.41
C ARG A 2509 -50.32 -57.57 26.88
N VAL A 2510 -49.30 -57.49 27.74
CA VAL A 2510 -47.97 -57.07 27.32
C VAL A 2510 -47.10 -58.28 27.05
N TYR A 2511 -46.88 -59.10 28.08
CA TYR A 2511 -46.04 -60.27 27.91
C TYR A 2511 -46.80 -61.40 27.24
N GLY A 2512 -48.02 -61.67 27.68
CA GLY A 2512 -48.82 -62.72 27.10
C GLY A 2512 -48.31 -64.09 27.52
N ILE A 2513 -49.20 -65.07 27.60
CA ILE A 2513 -48.83 -66.44 27.91
C ILE A 2513 -48.86 -67.23 26.61
N GLU A 2514 -47.71 -67.77 26.24
CA GLU A 2514 -47.59 -68.53 25.00
C GLU A 2514 -46.83 -69.84 25.16
N ASN A 2515 -46.32 -70.14 26.35
CA ASN A 2515 -45.52 -71.34 26.58
C ASN A 2515 -46.16 -72.17 27.69
N GLN A 2516 -46.24 -73.48 27.46
CA GLN A 2516 -46.87 -74.35 28.43
C GLN A 2516 -46.12 -74.36 29.75
N ASP A 2517 -44.79 -74.33 29.70
CA ASP A 2517 -44.02 -74.32 30.95
C ASP A 2517 -44.33 -73.09 31.76
N PHE A 2518 -44.37 -71.92 31.13
CA PHE A 2518 -44.68 -70.70 31.85
C PHE A 2518 -46.11 -70.73 32.40
N LEU A 2519 -47.05 -71.24 31.60
CA LEU A 2519 -48.41 -71.34 32.08
C LEU A 2519 -48.49 -72.19 33.33
N LEU A 2520 -47.84 -73.36 33.30
CA LEU A 2520 -47.88 -74.24 34.46
C LEU A 2520 -47.19 -73.60 35.66
N HIS A 2521 -46.08 -72.90 35.43
CA HIS A 2521 -45.39 -72.25 36.54
C HIS A 2521 -46.26 -71.20 37.20
N VAL A 2522 -46.87 -70.32 36.39
CA VAL A 2522 -47.70 -69.27 36.97
C VAL A 2522 -48.93 -69.86 37.64
N LEU A 2523 -49.50 -70.92 37.07
CA LEU A 2523 -50.61 -71.59 37.73
C LEU A 2523 -50.19 -72.14 39.08
N ASP A 2524 -49.05 -72.82 39.12
CA ASP A 2524 -48.64 -73.48 40.36
C ASP A 2524 -48.35 -72.46 41.45
N VAL A 2525 -47.68 -71.36 41.10
CA VAL A 2525 -47.25 -70.41 42.13
C VAL A 2525 -48.31 -69.37 42.48
N GLY A 2526 -48.98 -68.77 41.48
CA GLY A 2526 -49.85 -67.65 41.76
C GLY A 2526 -51.34 -67.91 41.71
N PHE A 2527 -51.80 -68.64 40.69
CA PHE A 2527 -53.24 -68.74 40.47
C PHE A 2527 -53.86 -69.82 41.35
N LEU A 2528 -53.30 -71.02 41.32
CA LEU A 2528 -53.91 -72.13 42.05
C LEU A 2528 -54.08 -71.85 43.53
N PRO A 2529 -53.11 -71.27 44.23
CA PRO A 2529 -53.35 -70.94 45.65
C PRO A 2529 -54.54 -70.03 45.86
N ASP A 2530 -54.74 -69.04 44.99
CA ASP A 2530 -55.87 -68.14 45.15
C ASP A 2530 -57.19 -68.84 44.80
N MET A 2531 -57.17 -69.69 43.78
CA MET A 2531 -58.37 -70.47 43.48
C MET A 2531 -58.74 -71.36 44.65
N ARG A 2532 -57.74 -72.00 45.27
CA ARG A 2532 -58.02 -72.85 46.42
C ARG A 2532 -58.53 -72.03 47.59
N ALA A 2533 -57.98 -70.84 47.81
CA ALA A 2533 -58.48 -69.99 48.89
C ALA A 2533 -59.94 -69.59 48.65
N ALA A 2534 -60.26 -69.19 47.41
CA ALA A 2534 -61.63 -68.81 47.10
C ALA A 2534 -62.57 -70.00 47.26
N ALA A 2535 -62.13 -71.18 46.83
CA ALA A 2535 -62.96 -72.37 47.01
C ALA A 2535 -63.18 -72.68 48.48
N SER A 2536 -62.12 -72.58 49.30
CA SER A 2536 -62.25 -72.87 50.71
C SER A 2536 -63.12 -71.85 51.44
N LEU A 2537 -63.20 -70.62 50.94
CA LEU A 2537 -64.05 -69.60 51.53
C LEU A 2537 -65.49 -69.71 51.06
N ASP A 2538 -65.91 -70.86 50.55
CA ASP A 2538 -67.27 -71.05 50.08
C ASP A 2538 -68.20 -71.57 51.17
N THR A 2539 -67.72 -71.69 52.40
CA THR A 2539 -68.59 -72.12 53.50
C THR A 2539 -69.65 -71.06 53.77
N ALA A 2540 -70.72 -71.48 54.46
CA ALA A 2540 -71.82 -70.56 54.74
C ALA A 2540 -71.37 -69.37 55.57
N THR A 2541 -70.40 -69.57 56.46
CA THR A 2541 -69.95 -68.48 57.31
C THR A 2541 -69.14 -67.45 56.55
N PHE A 2542 -68.21 -67.92 55.70
CA PHE A 2542 -67.30 -67.04 54.98
C PHE A 2542 -67.79 -66.66 53.59
N SER A 2543 -68.91 -67.24 53.14
CA SER A 2543 -69.27 -67.12 51.72
C SER A 2543 -69.40 -65.66 51.29
N THR A 2544 -69.99 -64.81 52.13
CA THR A 2544 -70.30 -63.44 51.76
C THR A 2544 -69.32 -62.44 52.36
N THR A 2545 -68.21 -62.90 52.90
CA THR A 2545 -67.22 -61.98 53.45
C THR A 2545 -66.67 -61.09 52.34
N GLU A 2546 -66.15 -59.93 52.73
CA GLU A 2546 -65.62 -59.00 51.76
C GLU A 2546 -64.47 -59.61 50.99
N MET A 2547 -63.56 -60.30 51.68
CA MET A 2547 -62.44 -60.93 51.00
C MET A 2547 -62.91 -62.02 50.06
N ALA A 2548 -63.92 -62.79 50.47
CA ALA A 2548 -64.43 -63.84 49.60
C ALA A 2548 -65.03 -63.26 48.32
N LEU A 2549 -65.84 -62.20 48.45
CA LEU A 2549 -66.41 -61.58 47.26
C LEU A 2549 -65.34 -60.95 46.39
N ALA A 2550 -64.32 -60.33 47.00
CA ALA A 2550 -63.23 -59.77 46.22
C ALA A 2550 -62.47 -60.85 45.47
N LEU A 2551 -62.22 -61.99 46.11
CA LEU A 2551 -61.56 -63.09 45.44
C LEU A 2551 -62.40 -63.62 44.28
N ASN A 2552 -63.71 -63.71 44.47
CA ASN A 2552 -64.58 -64.14 43.38
C ASN A 2552 -64.48 -63.17 42.20
N ARG A 2553 -64.54 -61.87 42.48
CA ARG A 2553 -64.43 -60.89 41.40
C ARG A 2553 -63.09 -61.01 40.69
N TYR A 2554 -62.00 -61.15 41.45
CA TYR A 2554 -60.68 -61.26 40.85
C TYR A 2554 -60.60 -62.49 39.97
N LEU A 2555 -61.05 -63.64 40.47
CA LEU A 2555 -60.97 -64.87 39.68
C LEU A 2555 -61.81 -64.77 38.42
N CYS A 2556 -63.01 -64.22 38.52
CA CYS A 2556 -63.92 -64.22 37.39
C CYS A 2556 -63.66 -63.09 36.39
N LEU A 2557 -62.85 -62.09 36.75
CA LEU A 2557 -62.54 -61.01 35.85
C LEU A 2557 -61.14 -61.07 35.27
N ALA A 2558 -60.17 -61.65 35.98
CA ALA A 2558 -58.80 -61.66 35.49
C ALA A 2558 -58.28 -63.07 35.27
N VAL A 2559 -58.40 -63.92 36.29
CA VAL A 2559 -57.69 -65.20 36.27
C VAL A 2559 -58.35 -66.18 35.32
N LEU A 2560 -59.61 -66.52 35.59
CA LEU A 2560 -60.26 -67.58 34.82
C LEU A 2560 -60.35 -67.26 33.34
N PRO A 2561 -60.68 -66.05 32.92
CA PRO A 2561 -60.66 -65.75 31.48
C PRO A 2561 -59.31 -66.04 30.85
N LEU A 2562 -58.23 -65.74 31.57
CA LEU A 2562 -56.90 -65.99 31.03
C LEU A 2562 -56.65 -67.48 30.86
N ILE A 2563 -57.05 -68.30 31.83
CA ILE A 2563 -56.88 -69.75 31.70
C ILE A 2563 -57.75 -70.27 30.57
N THR A 2564 -58.94 -69.73 30.41
CA THR A 2564 -59.78 -70.12 29.28
C THR A 2564 -59.10 -69.81 27.96
N LYS A 2565 -58.48 -68.63 27.85
CA LYS A 2565 -57.77 -68.28 26.64
C LYS A 2565 -56.58 -69.19 26.40
N CYS A 2566 -55.90 -69.61 27.47
CA CYS A 2566 -54.72 -70.46 27.37
C CYS A 2566 -55.05 -71.94 27.43
N ALA A 2567 -56.33 -72.29 27.35
CA ALA A 2567 -56.71 -73.71 27.43
C ALA A 2567 -55.99 -74.57 26.42
N PRO A 2568 -55.83 -74.16 25.16
CA PRO A 2568 -55.17 -75.06 24.18
C PRO A 2568 -53.80 -75.52 24.61
N LEU A 2569 -53.13 -74.78 25.49
CA LEU A 2569 -51.79 -75.15 25.93
C LEU A 2569 -51.76 -76.32 26.89
N PHE A 2570 -52.92 -76.79 27.36
CA PHE A 2570 -52.97 -77.88 28.31
C PHE A 2570 -52.87 -79.25 27.65
N ALA A 2571 -52.88 -79.32 26.33
CA ALA A 2571 -52.70 -80.58 25.63
C ALA A 2571 -51.27 -81.07 25.85
N GLY A 2572 -51.13 -82.31 26.29
CA GLY A 2572 -49.82 -82.88 26.50
C GLY A 2572 -49.18 -82.57 27.82
N THR A 2573 -49.98 -82.22 28.84
CA THR A 2573 -49.47 -81.86 30.16
C THR A 2573 -49.42 -83.05 31.10
N GLU A 2574 -49.21 -84.25 30.57
CA GLU A 2574 -49.22 -85.44 31.40
C GLU A 2574 -48.19 -85.37 32.52
N HIS A 2575 -47.09 -84.66 32.30
CA HIS A 2575 -46.06 -84.60 33.33
C HIS A 2575 -46.60 -83.96 34.61
N ARG A 2576 -47.31 -82.84 34.48
CA ARG A 2576 -47.92 -82.19 35.65
C ARG A 2576 -49.35 -82.64 35.85
N ALA A 2577 -49.54 -83.96 35.87
CA ALA A 2577 -50.89 -84.53 35.96
C ALA A 2577 -51.55 -84.18 37.28
N ILE A 2578 -50.80 -84.24 38.38
CA ILE A 2578 -51.39 -83.96 39.69
C ILE A 2578 -51.86 -82.51 39.75
N MET A 2579 -51.04 -81.59 39.28
CA MET A 2579 -51.41 -80.18 39.28
C MET A 2579 -52.64 -79.95 38.41
N VAL A 2580 -52.68 -80.57 37.24
CA VAL A 2580 -53.82 -80.38 36.34
C VAL A 2580 -55.09 -80.91 36.99
N ASP A 2581 -55.00 -82.08 37.61
CA ASP A 2581 -56.17 -82.68 38.25
C ASP A 2581 -56.67 -81.79 39.38
N SER A 2582 -55.75 -81.27 40.19
CA SER A 2582 -56.15 -80.38 41.28
C SER A 2582 -56.80 -79.11 40.74
N MET A 2583 -56.26 -78.58 39.64
CA MET A 2583 -56.86 -77.40 39.04
C MET A 2583 -58.29 -77.69 38.60
N LEU A 2584 -58.50 -78.83 37.95
CA LEU A 2584 -59.86 -79.17 37.51
C LEU A 2584 -60.80 -79.30 38.70
N HIS A 2585 -60.36 -79.97 39.76
CA HIS A 2585 -61.21 -80.12 40.93
C HIS A 2585 -61.54 -78.77 41.54
N THR A 2586 -60.56 -77.88 41.64
CA THR A 2586 -60.81 -76.57 42.23
C THR A 2586 -61.78 -75.76 41.40
N VAL A 2587 -61.62 -75.80 40.07
CA VAL A 2587 -62.53 -75.05 39.22
C VAL A 2587 -63.94 -75.60 39.33
N TYR A 2588 -64.08 -76.92 39.39
CA TYR A 2588 -65.40 -77.52 39.54
C TYR A 2588 -66.03 -77.10 40.87
N ARG A 2589 -65.25 -77.13 41.94
CA ARG A 2589 -65.79 -76.74 43.24
C ARG A 2589 -66.20 -75.27 43.25
N LEU A 2590 -65.43 -74.42 42.58
CA LEU A 2590 -65.82 -73.02 42.45
C LEU A 2590 -67.13 -72.90 41.70
N SER A 2591 -67.29 -73.64 40.61
CA SER A 2591 -68.54 -73.59 39.85
C SER A 2591 -69.71 -74.00 40.74
N ARG A 2592 -69.51 -75.02 41.56
CA ARG A 2592 -70.53 -75.44 42.53
C ARG A 2592 -70.43 -74.59 43.80
N GLY A 2593 -70.58 -73.28 43.62
CA GLY A 2593 -70.38 -72.32 44.68
C GLY A 2593 -71.59 -71.44 44.89
N ARG A 2594 -71.87 -71.13 46.15
CA ARG A 2594 -72.95 -70.22 46.48
C ARG A 2594 -72.48 -68.78 46.39
N SER A 2595 -73.44 -67.86 46.45
CA SER A 2595 -73.13 -66.43 46.50
C SER A 2595 -72.34 -65.98 45.28
N LEU A 2596 -72.54 -66.64 44.14
CA LEU A 2596 -71.90 -66.28 42.89
C LEU A 2596 -72.94 -65.69 41.95
N THR A 2597 -72.61 -64.57 41.34
CA THR A 2597 -73.49 -63.98 40.36
C THR A 2597 -73.62 -64.89 39.15
N LYS A 2598 -74.67 -64.68 38.36
CA LYS A 2598 -74.89 -65.49 37.17
C LYS A 2598 -73.73 -65.34 36.19
N ALA A 2599 -73.26 -64.10 36.00
CA ALA A 2599 -72.13 -63.88 35.10
C ALA A 2599 -70.88 -64.59 35.59
N GLN A 2600 -70.63 -64.53 36.91
CA GLN A 2600 -69.47 -65.21 37.46
C GLN A 2600 -69.57 -66.71 37.24
N ARG A 2601 -70.74 -67.28 37.50
CA ARG A 2601 -70.92 -68.72 37.30
C ARG A 2601 -70.73 -69.08 35.83
N ASP A 2602 -71.21 -68.24 34.92
CA ASP A 2602 -71.02 -68.51 33.50
C ASP A 2602 -69.54 -68.50 33.15
N VAL A 2603 -68.78 -67.56 33.70
CA VAL A 2603 -67.35 -67.51 33.43
C VAL A 2603 -66.68 -68.79 33.92
N ILE A 2604 -67.00 -69.23 35.13
CA ILE A 2604 -66.37 -70.43 35.67
C ILE A 2604 -66.72 -71.64 34.80
N GLU A 2605 -67.99 -71.75 34.40
CA GLU A 2605 -68.40 -72.88 33.57
C GLU A 2605 -67.69 -72.86 32.23
N ASP A 2606 -67.55 -71.68 31.62
CA ASP A 2606 -66.81 -71.59 30.37
C ASP A 2606 -65.37 -72.03 30.54
N CYS A 2607 -64.74 -71.63 31.64
CA CYS A 2607 -63.37 -72.08 31.91
C CYS A 2607 -63.31 -73.59 31.99
N LEU A 2608 -64.23 -74.21 32.73
CA LEU A 2608 -64.20 -75.65 32.89
C LEU A 2608 -64.37 -76.36 31.55
N MET A 2609 -65.33 -75.91 30.74
CA MET A 2609 -65.56 -76.56 29.46
C MET A 2609 -64.35 -76.38 28.54
N ALA A 2610 -63.76 -75.19 28.54
CA ALA A 2610 -62.59 -74.95 27.69
C ALA A 2610 -61.45 -75.87 28.10
N LEU A 2611 -61.21 -76.01 29.40
CA LEU A 2611 -60.14 -76.90 29.85
C LEU A 2611 -60.41 -78.33 29.41
N CYS A 2612 -61.63 -78.83 29.67
CA CYS A 2612 -61.94 -80.21 29.32
C CYS A 2612 -61.95 -80.45 27.83
N ARG A 2613 -62.09 -79.40 27.00
CA ARG A 2613 -62.05 -79.59 25.57
C ARG A 2613 -60.66 -79.88 25.03
N TYR A 2614 -59.61 -79.68 25.83
CA TYR A 2614 -58.25 -79.90 25.39
C TYR A 2614 -57.47 -80.88 26.25
N ILE A 2615 -57.80 -81.02 27.53
CA ILE A 2615 -57.07 -81.97 28.37
C ILE A 2615 -57.29 -83.37 27.83
N ARG A 2616 -56.26 -84.22 27.96
CA ARG A 2616 -56.34 -85.57 27.45
C ARG A 2616 -57.43 -86.35 28.19
N PRO A 2617 -58.11 -87.27 27.50
CA PRO A 2617 -59.21 -88.00 28.15
C PRO A 2617 -58.78 -88.79 29.37
N SER A 2618 -57.55 -89.28 29.39
CA SER A 2618 -57.11 -90.08 30.53
C SER A 2618 -57.01 -89.25 31.79
N MET A 2619 -56.69 -87.96 31.66
CA MET A 2619 -56.50 -87.11 32.83
C MET A 2619 -57.81 -86.60 33.43
N LEU A 2620 -58.94 -86.86 32.78
CA LEU A 2620 -60.25 -86.45 33.29
C LEU A 2620 -60.90 -87.55 34.11
N GLN A 2621 -60.16 -88.60 34.45
CA GLN A 2621 -60.77 -89.72 35.17
C GLN A 2621 -61.28 -89.30 36.54
N HIS A 2622 -60.51 -88.48 37.27
CA HIS A 2622 -60.93 -88.10 38.61
C HIS A 2622 -62.12 -87.14 38.56
N LEU A 2623 -62.13 -86.23 37.59
CA LEU A 2623 -63.29 -85.38 37.42
C LEU A 2623 -64.53 -86.20 37.08
N LEU A 2624 -64.37 -87.22 36.23
CA LEU A 2624 -65.48 -88.11 35.95
C LEU A 2624 -65.93 -88.83 37.22
N ARG A 2625 -64.98 -89.20 38.06
CA ARG A 2625 -65.32 -89.82 39.35
C ARG A 2625 -66.17 -88.89 40.20
N ARG A 2626 -65.80 -87.61 40.27
CA ARG A 2626 -66.60 -86.66 41.04
C ARG A 2626 -67.99 -86.47 40.44
N LEU A 2627 -68.06 -86.39 39.12
CA LEU A 2627 -69.35 -86.19 38.47
C LEU A 2627 -70.24 -87.42 38.60
N VAL A 2628 -69.67 -88.62 38.68
CA VAL A 2628 -70.48 -89.81 38.87
C VAL A 2628 -71.28 -89.71 40.14
N PHE A 2629 -70.79 -89.01 41.15
CA PHE A 2629 -71.53 -88.79 42.37
C PHE A 2629 -72.43 -87.58 42.29
N ASP A 2630 -71.95 -86.46 41.76
CA ASP A 2630 -72.72 -85.23 41.77
C ASP A 2630 -73.87 -85.20 40.78
N VAL A 2631 -73.66 -85.67 39.55
CA VAL A 2631 -74.68 -85.49 38.50
C VAL A 2631 -75.96 -86.25 38.79
N PRO A 2632 -75.93 -87.52 39.18
CA PRO A 2632 -77.17 -88.30 39.28
C PRO A 2632 -78.29 -87.62 40.06
N ILE A 2633 -77.95 -86.67 40.92
CA ILE A 2633 -78.97 -85.98 41.71
C ILE A 2633 -79.93 -85.22 40.80
N LEU A 2634 -79.43 -84.73 39.67
CA LEU A 2634 -80.27 -84.02 38.69
C LEU A 2634 -80.95 -82.81 39.33
N ASN A 2635 -80.21 -82.13 40.21
CA ASN A 2635 -80.70 -80.87 40.77
C ASN A 2635 -80.32 -79.72 39.85
N GLU A 2636 -80.47 -78.49 40.32
CA GLU A 2636 -80.14 -77.34 39.50
C GLU A 2636 -78.66 -77.25 39.16
N PHE A 2637 -77.78 -77.69 40.05
CA PHE A 2637 -76.35 -77.64 39.83
C PHE A 2637 -75.86 -78.74 38.90
N ALA A 2638 -76.77 -79.53 38.33
CA ALA A 2638 -76.41 -80.59 37.39
C ALA A 2638 -76.62 -80.20 35.95
N LYS A 2639 -77.02 -78.96 35.66
CA LYS A 2639 -77.22 -78.55 34.27
C LYS A 2639 -75.90 -78.41 33.54
N MET A 2640 -74.88 -77.87 34.20
CA MET A 2640 -73.58 -77.71 33.53
C MET A 2640 -72.80 -79.02 33.48
N PRO A 2641 -72.74 -79.81 34.54
CA PRO A 2641 -72.05 -81.10 34.45
C PRO A 2641 -72.57 -81.95 33.30
N LEU A 2642 -73.88 -81.90 33.05
CA LEU A 2642 -74.45 -82.69 31.98
C LEU A 2642 -73.92 -82.25 30.62
N LYS A 2643 -73.85 -80.93 30.40
CA LYS A 2643 -73.26 -80.43 29.16
C LYS A 2643 -71.80 -80.81 29.04
N LEU A 2644 -71.07 -80.72 30.15
CA LEU A 2644 -69.65 -81.08 30.14
C LEU A 2644 -69.47 -82.52 29.72
N LEU A 2645 -70.26 -83.42 30.31
CA LEU A 2645 -70.17 -84.84 29.95
C LEU A 2645 -70.60 -85.08 28.52
N THR A 2646 -71.64 -84.40 28.05
CA THR A 2646 -72.05 -84.52 26.67
C THR A 2646 -70.89 -84.20 25.74
N ASN A 2647 -70.26 -83.04 25.93
CA ASN A 2647 -69.16 -82.66 25.06
C ASN A 2647 -68.00 -83.64 25.18
N HIS A 2648 -67.68 -84.05 26.42
CA HIS A 2648 -66.54 -84.92 26.63
C HIS A 2648 -66.72 -86.24 25.89
N TYR A 2649 -67.87 -86.87 26.05
CA TYR A 2649 -68.08 -88.17 25.43
C TYR A 2649 -68.26 -88.05 23.93
N GLU A 2650 -68.93 -87.00 23.45
CA GLU A 2650 -69.02 -86.81 22.02
C GLU A 2650 -67.65 -86.65 21.39
N ARG A 2651 -66.73 -85.97 22.08
CA ARG A 2651 -65.40 -85.76 21.53
C ARG A 2651 -64.52 -87.01 21.65
N CYS A 2652 -64.64 -87.77 22.75
CA CYS A 2652 -63.73 -88.88 23.03
C CYS A 2652 -64.43 -90.23 22.96
N TRP A 2653 -65.47 -90.38 22.14
CA TRP A 2653 -66.16 -91.66 22.06
C TRP A 2653 -65.22 -92.79 21.64
N LYS A 2654 -64.28 -92.52 20.73
CA LYS A 2654 -63.37 -93.56 20.29
C LYS A 2654 -62.50 -94.07 21.43
N TYR A 2655 -62.06 -93.18 22.31
CA TYR A 2655 -61.19 -93.59 23.41
C TYR A 2655 -61.86 -94.66 24.27
N TYR A 2656 -63.19 -94.70 24.29
CA TYR A 2656 -63.92 -95.65 25.11
C TYR A 2656 -64.51 -96.81 24.32
N CYS A 2657 -64.94 -96.57 23.08
CA CYS A 2657 -65.64 -97.59 22.30
C CYS A 2657 -64.65 -98.53 21.61
N LEU A 2658 -63.78 -97.99 20.78
CA LEU A 2658 -62.94 -98.82 19.94
C LEU A 2658 -62.00 -99.66 20.80
N PRO A 2659 -61.81 -100.95 20.48
CA PRO A 2659 -60.83 -101.74 21.24
C PRO A 2659 -59.42 -101.19 21.13
N THR A 2660 -59.06 -100.63 19.98
CA THR A 2660 -57.72 -100.06 19.84
C THR A 2660 -57.59 -98.76 20.60
N GLY A 2661 -58.68 -98.02 20.73
CA GLY A 2661 -58.67 -96.73 21.40
C GLY A 2661 -58.46 -95.59 20.41
N TRP A 2662 -58.34 -94.39 20.98
CA TRP A 2662 -58.13 -93.20 20.18
C TRP A 2662 -56.65 -93.05 19.86
N ALA A 2663 -56.36 -92.46 18.70
CA ALA A 2663 -54.98 -92.36 18.24
C ALA A 2663 -54.19 -91.38 19.10
N ASN A 2664 -53.02 -91.82 19.55
CA ASN A 2664 -52.11 -91.00 20.34
C ASN A 2664 -52.65 -90.67 21.72
N PHE A 2665 -53.86 -91.13 22.04
CA PHE A 2665 -54.41 -90.88 23.37
C PHE A 2665 -54.46 -92.16 24.19
N GLY A 2666 -54.42 -93.32 23.53
CA GLY A 2666 -54.46 -94.59 24.22
C GLY A 2666 -55.84 -95.22 24.19
N VAL A 2667 -56.12 -96.10 25.15
CA VAL A 2667 -57.39 -96.77 25.24
C VAL A 2667 -57.90 -96.69 26.66
N THR A 2668 -59.22 -96.73 26.80
CA THR A 2668 -59.83 -96.57 28.11
C THR A 2668 -59.40 -97.70 29.05
N SER A 2669 -59.61 -97.49 30.34
CA SER A 2669 -59.34 -98.47 31.35
C SER A 2669 -60.64 -99.05 31.90
N GLU A 2670 -60.51 -100.18 32.60
CA GLU A 2670 -61.68 -100.86 33.12
C GLU A 2670 -62.41 -99.96 34.12
N GLU A 2671 -61.66 -99.26 34.97
CA GLU A 2671 -62.29 -98.36 35.93
C GLU A 2671 -63.03 -97.23 35.23
N GLU A 2672 -62.45 -96.68 34.17
CA GLU A 2672 -63.12 -95.61 33.45
C GLU A 2672 -64.41 -96.10 32.81
N LEU A 2673 -64.38 -97.29 32.22
CA LEU A 2673 -65.61 -97.83 31.65
C LEU A 2673 -66.65 -98.11 32.73
N HIS A 2674 -66.22 -98.60 33.90
CA HIS A 2674 -67.15 -98.82 34.99
C HIS A 2674 -67.79 -97.52 35.44
N LEU A 2675 -67.00 -96.45 35.54
CA LEU A 2675 -67.56 -95.16 35.91
C LEU A 2675 -68.53 -94.67 34.85
N THR A 2676 -68.22 -94.90 33.58
CA THR A 2676 -69.13 -94.50 32.51
C THR A 2676 -70.46 -95.22 32.63
N ARG A 2677 -70.43 -96.53 32.86
CA ARG A 2677 -71.68 -97.27 33.01
C ARG A 2677 -72.46 -96.79 34.22
N LYS A 2678 -71.77 -96.56 35.34
CA LYS A 2678 -72.46 -96.07 36.53
C LYS A 2678 -73.10 -94.72 36.27
N LEU A 2679 -72.41 -93.84 35.57
CA LEU A 2679 -72.96 -92.54 35.21
C LEU A 2679 -74.22 -92.70 34.37
N PHE A 2680 -74.15 -93.53 33.32
CA PHE A 2680 -75.30 -93.70 32.45
C PHE A 2680 -76.50 -94.20 33.25
N TRP A 2681 -76.30 -95.23 34.05
CA TRP A 2681 -77.44 -95.82 34.75
C TRP A 2681 -77.97 -94.90 35.83
N GLY A 2682 -77.09 -94.15 36.52
CA GLY A 2682 -77.58 -93.20 37.50
C GLY A 2682 -78.43 -92.13 36.86
N ILE A 2683 -77.95 -91.55 35.76
CA ILE A 2683 -78.74 -90.52 35.08
C ILE A 2683 -80.06 -91.09 34.60
N PHE A 2684 -80.02 -92.29 34.00
CA PHE A 2684 -81.25 -92.88 33.48
C PHE A 2684 -82.26 -93.13 34.58
N ASP A 2685 -81.81 -93.74 35.69
CA ASP A 2685 -82.73 -94.03 36.78
C ASP A 2685 -83.32 -92.77 37.38
N SER A 2686 -82.47 -91.75 37.62
CA SER A 2686 -82.99 -90.52 38.19
C SER A 2686 -83.99 -89.84 37.25
N LEU A 2687 -83.66 -89.79 35.96
CA LEU A 2687 -84.55 -89.15 35.01
C LEU A 2687 -85.86 -89.91 34.88
N ALA A 2688 -85.84 -91.23 35.12
CA ALA A 2688 -87.06 -92.00 35.03
C ALA A 2688 -88.10 -91.55 36.04
N HIS A 2689 -87.67 -91.28 37.28
CA HIS A 2689 -88.58 -90.89 38.35
C HIS A 2689 -88.66 -89.39 38.53
N LYS A 2690 -87.88 -88.63 37.79
CA LYS A 2690 -87.92 -87.17 37.87
C LYS A 2690 -89.16 -86.66 37.17
N LYS A 2691 -89.87 -85.74 37.83
CA LYS A 2691 -91.04 -85.12 37.20
C LYS A 2691 -90.60 -84.35 35.96
N TYR A 2692 -91.46 -84.34 34.95
CA TYR A 2692 -91.11 -83.76 33.66
C TYR A 2692 -90.68 -82.31 33.84
N ASP A 2693 -89.54 -81.97 33.24
CA ASP A 2693 -89.04 -80.59 33.18
C ASP A 2693 -88.43 -80.38 31.81
N GLN A 2694 -88.92 -79.38 31.08
CA GLN A 2694 -88.53 -79.20 29.69
C GLN A 2694 -87.02 -79.06 29.55
N GLU A 2695 -86.43 -78.13 30.29
CA GLU A 2695 -84.99 -77.87 30.14
C GLU A 2695 -84.18 -79.06 30.62
N LEU A 2696 -84.57 -79.66 31.74
CA LEU A 2696 -83.82 -80.79 32.27
C LEU A 2696 -83.79 -81.94 31.26
N TYR A 2697 -84.93 -82.23 30.64
CA TYR A 2697 -84.96 -83.28 29.63
C TYR A 2697 -84.15 -82.90 28.40
N ARG A 2698 -84.33 -81.66 27.91
CA ARG A 2698 -83.60 -81.22 26.74
C ARG A 2698 -82.10 -81.27 26.94
N ILE A 2699 -81.64 -81.15 28.19
CA ILE A 2699 -80.22 -81.22 28.48
C ILE A 2699 -79.76 -82.63 28.78
N ALA A 2700 -80.59 -83.47 29.40
CA ALA A 2700 -80.16 -84.80 29.81
C ALA A 2700 -80.16 -85.77 28.64
N MET A 2701 -81.10 -85.64 27.71
CA MET A 2701 -81.17 -86.61 26.62
C MET A 2701 -79.87 -86.69 25.82
N PRO A 2702 -79.29 -85.57 25.36
CA PRO A 2702 -78.02 -85.68 24.63
C PRO A 2702 -76.91 -86.32 25.44
N CYS A 2703 -76.86 -86.06 26.75
CA CYS A 2703 -75.83 -86.68 27.58
C CYS A 2703 -76.00 -88.19 27.61
N LEU A 2704 -77.24 -88.66 27.77
CA LEU A 2704 -77.48 -90.09 27.76
C LEU A 2704 -77.08 -90.70 26.42
N CYS A 2705 -77.43 -90.02 25.32
CA CYS A 2705 -77.06 -90.54 24.01
C CYS A 2705 -75.55 -90.63 23.87
N ALA A 2706 -74.83 -89.59 24.31
CA ALA A 2706 -73.39 -89.59 24.18
C ALA A 2706 -72.76 -90.71 25.00
N ILE A 2707 -73.20 -90.89 26.24
CA ILE A 2707 -72.61 -91.93 27.08
C ILE A 2707 -72.91 -93.31 26.49
N ALA A 2708 -74.14 -93.52 26.03
CA ALA A 2708 -74.48 -94.81 25.46
C ALA A 2708 -73.67 -95.09 24.21
N GLY A 2709 -73.46 -94.08 23.37
CA GLY A 2709 -72.63 -94.26 22.18
C GLY A 2709 -71.17 -94.48 22.50
N ALA A 2710 -70.69 -93.95 23.62
CA ALA A 2710 -69.31 -94.17 24.02
C ALA A 2710 -69.09 -95.57 24.60
N LEU A 2711 -70.06 -96.08 25.34
CA LEU A 2711 -69.89 -97.40 25.96
C LEU A 2711 -69.83 -98.49 24.90
N PRO A 2712 -68.86 -99.40 24.95
CA PRO A 2712 -68.86 -100.54 24.04
C PRO A 2712 -70.11 -101.39 24.26
N PRO A 2713 -70.73 -101.89 23.19
CA PRO A 2713 -71.98 -102.63 23.38
C PRO A 2713 -71.85 -103.86 24.25
N ASP A 2714 -70.73 -104.57 24.17
CA ASP A 2714 -70.56 -105.83 24.89
C ASP A 2714 -69.70 -105.67 26.13
N TYR A 2715 -69.43 -104.44 26.57
CA TYR A 2715 -68.63 -104.24 27.77
C TYR A 2715 -69.27 -104.96 28.94
N VAL A 2716 -68.48 -105.75 29.65
CA VAL A 2716 -68.93 -106.50 30.82
C VAL A 2716 -68.28 -105.89 32.04
N ASP A 2717 -69.10 -105.48 33.01
CA ASP A 2717 -68.58 -104.82 34.20
C ASP A 2717 -67.99 -105.87 35.13
N ALA A 2718 -66.68 -105.78 35.38
CA ALA A 2718 -66.01 -106.78 36.22
C ALA A 2718 -66.60 -106.79 37.62
N SER A 2719 -66.89 -105.61 38.17
CA SER A 2719 -67.43 -105.49 39.52
C SER A 2719 -68.96 -105.49 39.53
N TYR A 2720 -69.57 -106.14 38.54
CA TYR A 2720 -71.03 -106.18 38.48
C TYR A 2720 -71.62 -106.71 39.77
N SER A 2721 -72.67 -106.05 40.24
CA SER A 2721 -73.39 -106.48 41.43
C SER A 2721 -74.85 -106.08 41.31
N SER A 2722 -75.70 -106.83 42.00
CA SER A 2722 -77.14 -106.58 41.99
C SER A 2722 -77.61 -105.78 43.20
N LYS A 2723 -76.71 -105.40 44.12
CA LYS A 2723 -77.14 -104.71 45.32
C LYS A 2723 -77.65 -103.31 45.02
N THR A 2724 -77.01 -102.61 44.09
CA THR A 2724 -77.35 -101.23 43.74
C THR A 2724 -77.77 -100.44 44.97
N GLU A 2725 -76.94 -100.47 46.01
CA GLU A 2725 -77.27 -99.82 47.27
C GLU A 2725 -76.67 -98.41 47.31
N LYS A 2726 -77.54 -97.42 47.48
CA LYS A 2726 -77.11 -96.02 47.52
C LYS A 2726 -76.27 -95.70 46.29
N ASN A 2735 -74.83 -85.23 50.36
CA ASN A 2735 -73.50 -85.40 50.95
C ASN A 2735 -73.10 -86.87 50.97
N PHE A 2736 -71.80 -87.13 50.88
CA PHE A 2736 -71.32 -88.50 50.91
C PHE A 2736 -71.67 -89.14 52.25
N ASP A 2737 -71.98 -90.43 52.21
CA ASP A 2737 -72.40 -91.15 53.41
C ASP A 2737 -71.25 -91.99 53.96
N PRO A 2738 -70.64 -91.59 55.07
CA PRO A 2738 -69.60 -92.42 55.69
C PRO A 2738 -70.10 -93.39 56.76
N ARG A 2739 -71.40 -93.58 56.88
CA ARG A 2739 -71.95 -94.34 57.98
C ARG A 2739 -71.59 -95.82 57.86
N PRO A 2740 -70.89 -96.42 58.83
CA PRO A 2740 -70.72 -97.88 58.82
C PRO A 2740 -71.85 -98.58 59.55
N VAL A 2741 -71.79 -99.91 59.62
CA VAL A 2741 -72.86 -100.67 60.27
C VAL A 2741 -72.65 -100.66 61.78
N GLU A 2742 -73.68 -101.15 62.49
CA GLU A 2742 -73.69 -101.12 63.96
C GLU A 2742 -72.78 -102.24 64.49
N THR A 2743 -71.51 -102.13 64.11
CA THR A 2743 -70.54 -103.16 64.44
C THR A 2743 -70.40 -103.31 65.95
N LEU A 2744 -69.98 -102.25 66.64
CA LEU A 2744 -69.81 -102.35 68.09
C LEU A 2744 -71.15 -102.56 68.79
N ASN A 2745 -72.25 -102.25 68.10
CA ASN A 2745 -73.56 -102.49 68.69
C ASN A 2745 -73.87 -103.98 68.78
N VAL A 2746 -73.62 -104.73 67.72
CA VAL A 2746 -73.93 -106.16 67.72
C VAL A 2746 -72.95 -106.89 68.64
N ILE A 2747 -73.28 -108.14 68.96
CA ILE A 2747 -72.50 -108.97 69.88
C ILE A 2747 -71.60 -109.90 69.09
N ILE A 2748 -70.60 -110.49 69.75
CA ILE A 2748 -69.62 -111.34 69.08
C ILE A 2748 -69.59 -112.72 69.71
N PRO A 2749 -69.47 -113.80 68.93
CA PRO A 2749 -69.27 -115.13 69.53
C PRO A 2749 -67.88 -115.26 70.17
N GLU A 2750 -67.80 -116.13 71.17
CA GLU A 2750 -66.52 -116.38 71.83
C GLU A 2750 -65.53 -117.05 70.88
N LYS A 2751 -66.03 -117.87 69.95
CA LYS A 2751 -65.16 -118.44 68.93
C LYS A 2751 -64.60 -117.33 68.04
N LEU A 2752 -65.42 -116.33 67.72
CA LEU A 2752 -64.92 -115.20 66.94
C LEU A 2752 -63.91 -114.40 67.76
N ASP A 2753 -64.09 -114.33 69.09
CA ASP A 2753 -63.07 -113.70 69.93
C ASP A 2753 -61.76 -114.47 69.89
N SER A 2754 -61.84 -115.80 69.91
CA SER A 2754 -60.63 -116.61 69.78
C SER A 2754 -59.94 -116.32 68.45
N PHE A 2755 -60.72 -116.19 67.37
CA PHE A 2755 -60.11 -115.80 66.10
C PHE A 2755 -59.52 -114.39 66.18
N ILE A 2756 -60.15 -113.50 66.93
CA ILE A 2756 -59.59 -112.16 67.09
C ILE A 2756 -58.19 -112.26 67.68
N ASN A 2757 -58.04 -113.09 68.72
CA ASN A 2757 -56.72 -113.32 69.28
C ASN A 2757 -55.77 -113.92 68.25
N LYS A 2758 -56.23 -114.94 67.52
CA LYS A 2758 -55.35 -115.62 66.58
C LYS A 2758 -54.89 -114.69 65.47
N PHE A 2759 -55.81 -113.86 64.95
CA PHE A 2759 -55.45 -112.92 63.90
C PHE A 2759 -54.59 -111.80 64.44
N ALA A 2760 -54.75 -111.47 65.73
CA ALA A 2760 -53.79 -110.58 66.37
C ALA A 2760 -52.39 -111.18 66.29
N GLU A 2761 -52.29 -112.48 66.62
CA GLU A 2761 -51.00 -113.16 66.47
C GLU A 2761 -50.47 -113.01 65.05
N TYR A 2762 -51.29 -113.38 64.07
CA TYR A 2762 -50.82 -113.44 62.70
C TYR A 2762 -50.42 -112.05 62.20
N THR A 2763 -51.23 -111.04 62.50
CA THR A 2763 -51.00 -109.71 61.94
C THR A 2763 -49.83 -109.02 62.64
N HIS A 2764 -49.68 -109.22 63.96
CA HIS A 2764 -48.50 -108.69 64.62
C HIS A 2764 -47.25 -109.34 64.07
N GLU A 2765 -47.29 -110.66 63.83
CA GLU A 2765 -46.15 -111.34 63.25
C GLU A 2765 -45.87 -110.87 61.83
N LYS A 2766 -46.93 -110.53 61.08
CA LYS A 2766 -46.74 -110.00 59.74
C LYS A 2766 -46.12 -108.62 59.77
N TRP A 2767 -46.54 -107.79 60.72
CA TRP A 2767 -45.92 -106.48 60.87
C TRP A 2767 -44.45 -106.63 61.23
N ALA A 2768 -44.12 -107.58 62.11
CA ALA A 2768 -42.73 -107.85 62.43
C ALA A 2768 -41.97 -108.40 61.23
N PHE A 2769 -42.65 -109.17 60.38
CA PHE A 2769 -42.00 -109.69 59.17
C PHE A 2769 -41.66 -108.58 58.20
N ASP A 2770 -42.60 -107.64 58.00
CA ASP A 2770 -42.31 -106.47 57.18
C ASP A 2770 -41.20 -105.64 57.83
N LYS A 2771 -41.18 -105.59 59.17
CA LYS A 2771 -40.09 -104.93 59.88
C LYS A 2771 -38.76 -105.60 59.54
N ILE A 2772 -38.74 -106.92 59.47
CA ILE A 2772 -37.53 -107.64 59.10
C ILE A 2772 -37.13 -107.30 57.66
N GLN A 2773 -38.11 -107.26 56.75
CA GLN A 2773 -37.81 -106.87 55.37
C GLN A 2773 -37.17 -105.49 55.33
N ASN A 2774 -37.68 -104.55 56.11
CA ASN A 2774 -37.09 -103.22 56.23
C ASN A 2774 -35.85 -103.21 57.11
N ASN A 2775 -35.50 -104.35 57.70
CA ASN A 2775 -34.42 -104.44 58.69
C ASN A 2775 -34.73 -103.54 59.89
N TRP A 2776 -35.81 -103.88 60.59
CA TRP A 2776 -36.18 -103.24 61.84
C TRP A 2776 -35.84 -104.18 62.99
N SER A 2777 -35.09 -103.68 63.97
CA SER A 2777 -34.68 -104.50 65.10
C SER A 2777 -35.52 -104.16 66.34
N TYR A 2778 -35.40 -105.02 67.35
CA TYR A 2778 -36.12 -104.85 68.61
C TYR A 2778 -35.39 -103.80 69.45
N GLY A 2779 -35.57 -102.54 69.08
CA GLY A 2779 -34.93 -101.43 69.75
C GLY A 2779 -35.79 -100.85 70.86
N GLU A 2780 -35.44 -99.62 71.24
CA GLU A 2780 -36.13 -98.96 72.35
C GLU A 2780 -37.34 -98.16 71.91
N ASN A 2781 -37.53 -97.93 70.62
CA ASN A 2781 -38.64 -97.11 70.15
C ASN A 2781 -38.90 -97.41 68.68
N ILE A 2782 -40.01 -96.88 68.17
CA ILE A 2782 -40.44 -97.16 66.80
C ILE A 2782 -39.76 -96.29 65.76
N ASP A 2783 -38.76 -95.50 66.16
CA ASP A 2783 -38.14 -94.54 65.25
C ASP A 2783 -37.78 -95.20 63.93
N GLU A 2784 -38.40 -94.74 62.84
CA GLU A 2784 -38.05 -95.25 61.52
C GLU A 2784 -36.63 -94.88 61.14
N GLU A 2785 -36.21 -93.66 61.50
CA GLU A 2785 -34.83 -93.27 61.23
C GLU A 2785 -33.84 -94.17 61.94
N LEU A 2786 -34.14 -94.56 63.19
CA LEU A 2786 -33.32 -95.53 63.89
C LEU A 2786 -33.59 -96.95 63.45
N LYS A 2787 -34.70 -97.19 62.73
CA LYS A 2787 -35.00 -98.48 62.15
C LYS A 2787 -35.08 -99.55 63.23
N THR A 2788 -35.98 -99.31 64.19
CA THR A 2788 -36.13 -100.16 65.35
C THR A 2788 -37.61 -100.25 65.74
N HIS A 2789 -37.93 -101.28 66.53
CA HIS A 2789 -39.27 -101.48 67.04
C HIS A 2789 -39.17 -101.72 68.55
N PRO A 2790 -39.97 -101.04 69.36
CA PRO A 2790 -39.95 -101.29 70.80
C PRO A 2790 -40.88 -102.39 71.25
N MET A 2791 -41.79 -102.84 70.39
CA MET A 2791 -42.81 -103.81 70.75
C MET A 2791 -42.58 -105.15 70.06
N LEU A 2792 -41.37 -105.37 69.54
CA LEU A 2792 -41.01 -106.60 68.85
C LEU A 2792 -40.76 -107.73 69.84
N ARG A 2793 -41.83 -108.32 70.37
CA ARG A 2793 -41.75 -109.41 71.32
C ARG A 2793 -42.75 -110.49 70.94
N PRO A 2794 -42.50 -111.73 71.35
CA PRO A 2794 -43.52 -112.77 71.17
C PRO A 2794 -44.79 -112.41 71.93
N TYR A 2795 -45.92 -112.87 71.42
CA TYR A 2795 -47.21 -112.34 71.88
C TYR A 2795 -47.34 -112.40 73.40
N LYS A 2796 -46.78 -113.43 74.03
CA LYS A 2796 -46.88 -113.55 75.48
C LYS A 2796 -46.29 -112.32 76.17
N THR A 2797 -45.05 -111.97 75.82
CA THR A 2797 -44.45 -110.76 76.39
C THR A 2797 -45.15 -109.51 75.87
N PHE A 2798 -45.52 -109.51 74.59
CA PHE A 2798 -46.31 -108.44 74.01
C PHE A 2798 -47.50 -108.15 74.93
N SER A 2799 -47.51 -106.94 75.51
CA SER A 2799 -48.31 -106.69 76.70
C SER A 2799 -49.79 -106.98 76.48
N GLU A 2800 -50.49 -107.31 77.55
CA GLU A 2800 -51.91 -107.59 77.46
C GLU A 2800 -52.68 -106.38 76.94
N LYS A 2801 -52.31 -105.18 77.39
CA LYS A 2801 -52.99 -103.98 76.92
C LYS A 2801 -52.72 -103.75 75.44
N ASP A 2802 -51.46 -103.91 75.02
CA ASP A 2802 -51.14 -103.77 73.60
C ASP A 2802 -51.74 -104.92 72.79
N LYS A 2803 -51.86 -106.11 73.40
CA LYS A 2803 -52.57 -107.20 72.74
C LYS A 2803 -54.02 -106.81 72.49
N GLU A 2804 -54.67 -106.22 73.50
CA GLU A 2804 -56.05 -105.78 73.32
C GLU A 2804 -56.16 -104.70 72.25
N ILE A 2805 -55.22 -103.76 72.23
CA ILE A 2805 -55.24 -102.71 71.21
C ILE A 2805 -55.10 -103.33 69.82
N TYR A 2806 -54.16 -104.25 69.66
CA TYR A 2806 -53.96 -104.89 68.37
C TYR A 2806 -55.16 -105.71 67.96
N ARG A 2807 -55.91 -106.24 68.94
CA ARG A 2807 -57.12 -106.99 68.64
C ARG A 2807 -58.27 -106.09 68.24
N TRP A 2808 -58.30 -104.87 68.78
CA TRP A 2808 -59.46 -103.99 68.64
C TRP A 2808 -59.90 -103.81 67.18
N PRO A 2809 -58.97 -103.58 66.25
CA PRO A 2809 -59.39 -103.57 64.83
C PRO A 2809 -60.07 -104.85 64.41
N ILE A 2810 -59.58 -105.99 64.90
CA ILE A 2810 -60.19 -107.27 64.59
C ILE A 2810 -61.55 -107.38 65.26
N LYS A 2811 -61.65 -106.88 66.50
CA LYS A 2811 -62.93 -106.85 67.19
C LYS A 2811 -63.96 -106.11 66.35
N GLU A 2812 -63.61 -104.91 65.89
CA GLU A 2812 -64.56 -104.11 65.11
C GLU A 2812 -64.89 -104.77 63.78
N SER A 2813 -63.88 -105.37 63.12
CA SER A 2813 -64.13 -106.02 61.84
C SER A 2813 -65.13 -107.16 62.00
N LEU A 2814 -64.89 -108.06 62.95
CA LEU A 2814 -65.80 -109.19 63.13
C LEU A 2814 -67.14 -108.73 63.68
N LYS A 2815 -67.13 -107.65 64.48
CA LYS A 2815 -68.38 -107.08 64.96
C LYS A 2815 -69.25 -106.61 63.81
N ALA A 2816 -68.67 -105.90 62.84
CA ALA A 2816 -69.41 -105.51 61.65
C ALA A 2816 -69.87 -106.75 60.88
N MET A 2817 -68.97 -107.74 60.76
CA MET A 2817 -69.33 -109.00 60.11
C MET A 2817 -70.63 -109.55 60.69
N ILE A 2818 -70.71 -109.63 62.01
CA ILE A 2818 -71.92 -110.14 62.65
C ILE A 2818 -73.09 -109.19 62.39
N ALA A 2819 -72.85 -107.89 62.48
CA ALA A 2819 -73.92 -106.92 62.30
C ALA A 2819 -74.59 -107.07 60.94
N TRP A 2820 -73.82 -107.51 59.93
CA TRP A 2820 -74.39 -107.79 58.61
C TRP A 2820 -75.16 -109.10 58.56
N GLU A 2821 -75.37 -109.78 59.68
CA GLU A 2821 -76.01 -111.09 59.69
C GLU A 2821 -75.21 -112.10 58.88
N TRP A 2822 -73.89 -111.96 58.88
CA TRP A 2822 -72.98 -112.85 58.17
C TRP A 2822 -72.67 -114.05 59.05
N THR A 2823 -73.24 -115.19 58.67
CA THR A 2823 -73.09 -116.41 59.46
C THR A 2823 -71.65 -116.89 59.47
N VAL A 2824 -71.00 -116.83 60.63
CA VAL A 2824 -69.63 -117.29 60.79
C VAL A 2824 -69.66 -118.67 61.42
N GLU A 2825 -68.99 -119.63 60.79
CA GLU A 2825 -69.02 -121.03 61.21
C GLU A 2825 -67.58 -121.53 61.33
N LYS A 2826 -67.16 -121.86 62.54
CA LYS A 2826 -65.83 -122.41 62.77
C LYS A 2826 -65.86 -123.92 62.61
N ALA A 2827 -64.99 -124.46 61.77
CA ALA A 2827 -64.83 -125.89 61.59
C ALA A 2827 -63.46 -126.41 61.99
N ARG A 2828 -62.39 -125.79 61.49
CA ARG A 2828 -61.02 -126.17 61.87
C ARG A 2828 -60.48 -125.21 62.92
N GLU A 2829 -59.19 -125.34 63.25
CA GLU A 2829 -58.59 -124.57 64.34
C GLU A 2829 -57.57 -123.59 63.78
N GLY A 2830 -57.29 -122.56 64.56
CA GLY A 2830 -56.31 -121.56 64.14
C GLY A 2830 -54.92 -122.16 64.07
N GLU A 2831 -54.08 -121.58 63.22
CA GLU A 2831 -52.72 -122.04 63.03
C GLU A 2831 -51.75 -120.87 62.90
N TYR A 2856 -38.25 -109.47 68.20
CA TYR A 2856 -38.35 -110.92 68.17
C TYR A 2856 -38.44 -111.44 66.74
N ASN A 2857 -38.45 -112.76 66.59
CA ASN A 2857 -38.49 -113.39 65.28
C ASN A 2857 -39.92 -113.45 64.77
N PRO A 2858 -40.23 -112.89 63.61
CA PRO A 2858 -41.60 -112.97 63.10
C PRO A 2858 -41.91 -114.35 62.53
N GLN A 2859 -43.02 -114.93 62.98
CA GLN A 2859 -43.52 -116.20 62.46
C GLN A 2859 -45.02 -116.06 62.18
N PRO A 2860 -45.37 -115.25 61.18
CA PRO A 2860 -46.79 -115.09 60.83
C PRO A 2860 -47.26 -116.25 59.97
N PRO A 2861 -48.36 -116.92 60.34
CA PRO A 2861 -48.92 -117.95 59.46
C PRO A 2861 -49.15 -117.43 58.06
N ASP A 2862 -48.44 -117.99 57.08
CA ASP A 2862 -48.55 -117.49 55.71
C ASP A 2862 -49.99 -117.61 55.23
N LEU A 2863 -50.49 -116.52 54.63
CA LEU A 2863 -51.88 -116.42 54.26
C LEU A 2863 -52.15 -116.70 52.78
N SER A 2864 -51.13 -116.57 51.92
CA SER A 2864 -51.37 -116.65 50.48
C SER A 2864 -51.67 -118.08 50.01
N VAL A 2865 -51.59 -119.06 50.91
CA VAL A 2865 -51.70 -120.45 50.50
C VAL A 2865 -53.04 -120.72 49.83
N VAL A 2866 -54.12 -120.19 50.39
CA VAL A 2866 -55.44 -120.30 49.76
C VAL A 2866 -55.77 -118.99 49.06
N THR A 2867 -56.61 -119.06 48.04
CA THR A 2867 -57.08 -117.89 47.32
C THR A 2867 -58.57 -117.74 47.56
N LEU A 2868 -58.99 -116.51 47.89
CA LEU A 2868 -60.40 -116.25 48.12
C LEU A 2868 -61.19 -116.58 46.86
N SER A 2869 -62.33 -117.24 47.04
CA SER A 2869 -63.21 -117.55 45.93
C SER A 2869 -63.88 -116.26 45.44
N ARG A 2870 -64.85 -116.40 44.54
CA ARG A 2870 -65.58 -115.23 44.07
C ARG A 2870 -66.40 -114.62 45.21
N GLU A 2871 -67.17 -115.46 45.90
CA GLU A 2871 -68.02 -114.96 46.97
C GLU A 2871 -67.18 -114.41 48.11
N LEU A 2872 -66.11 -115.12 48.48
CA LEU A 2872 -65.20 -114.59 49.51
C LEU A 2872 -64.52 -113.32 49.04
N GLN A 2873 -64.17 -113.23 47.75
CA GLN A 2873 -63.52 -112.03 47.25
C GLN A 2873 -64.43 -110.83 47.43
N ALA A 2874 -65.68 -110.93 46.98
CA ALA A 2874 -66.61 -109.82 47.16
C ALA A 2874 -66.91 -109.60 48.64
N MET A 2875 -66.84 -110.68 49.43
CA MET A 2875 -66.93 -110.57 50.88
C MET A 2875 -65.93 -109.55 51.39
N ALA A 2876 -64.67 -109.76 51.06
CA ALA A 2876 -63.60 -108.91 51.59
C ALA A 2876 -63.58 -107.56 50.90
N GLU A 2877 -64.07 -107.47 49.66
CA GLU A 2877 -64.26 -106.15 49.05
C GLU A 2877 -65.22 -105.31 49.86
N GLN A 2878 -66.37 -105.87 50.22
CA GLN A 2878 -67.35 -105.08 50.98
C GLN A 2878 -66.85 -104.83 52.39
N LEU A 2879 -66.07 -105.76 52.95
CA LEU A 2879 -65.46 -105.53 54.25
C LEU A 2879 -64.47 -104.38 54.20
N ALA A 2880 -63.67 -104.32 53.12
CA ALA A 2880 -62.76 -103.19 52.93
C ALA A 2880 -63.54 -101.90 52.75
N GLU A 2881 -64.68 -101.97 52.07
CA GLU A 2881 -65.52 -100.78 51.92
C GLU A 2881 -66.04 -100.31 53.28
N ASN A 2882 -66.40 -101.24 54.16
CA ASN A 2882 -66.87 -100.83 55.48
C ASN A 2882 -65.72 -100.31 56.35
N TYR A 2883 -64.53 -100.87 56.18
CA TYR A 2883 -63.37 -100.30 56.86
C TYR A 2883 -63.13 -98.87 56.39
N HIS A 2884 -63.25 -98.64 55.07
CA HIS A 2884 -63.17 -97.29 54.54
C HIS A 2884 -64.32 -96.43 55.05
N ASN A 2885 -65.46 -97.05 55.34
CA ASN A 2885 -66.61 -96.28 55.84
C ASN A 2885 -66.39 -95.85 57.29
N THR A 2886 -65.76 -96.71 58.09
CA THR A 2886 -65.37 -96.30 59.44
C THR A 2886 -64.30 -95.22 59.37
N TRP A 2887 -63.33 -95.39 58.48
CA TRP A 2887 -62.34 -94.34 58.23
C TRP A 2887 -63.03 -93.05 57.82
N GLY A 2888 -64.12 -93.17 57.07
CA GLY A 2888 -64.84 -91.99 56.60
C GLY A 2888 -65.69 -91.37 57.70
N ARG A 2889 -66.17 -92.18 58.64
CA ARG A 2889 -66.82 -91.63 59.82
C ARG A 2889 -65.83 -90.82 60.64
N LYS A 2890 -64.62 -91.36 60.82
CA LYS A 2890 -63.58 -90.60 61.50
C LYS A 2890 -63.25 -89.32 60.73
N LYS A 2891 -63.13 -89.44 59.41
CA LYS A 2891 -62.81 -88.28 58.59
C LYS A 2891 -63.94 -87.26 58.60
N LYS A 2892 -65.19 -87.73 58.72
CA LYS A 2892 -66.32 -86.82 58.82
C LYS A 2892 -66.31 -86.10 60.16
N GLN A 2893 -65.90 -86.79 61.22
CA GLN A 2893 -65.67 -86.11 62.49
C GLN A 2893 -64.60 -85.04 62.34
N GLU A 2894 -63.53 -85.36 61.62
CA GLU A 2894 -62.49 -84.36 61.36
C GLU A 2894 -63.03 -83.18 60.56
N LEU A 2895 -63.87 -83.46 59.56
CA LEU A 2895 -64.47 -82.40 58.76
C LEU A 2895 -65.37 -81.52 59.61
N GLU A 2896 -66.15 -82.12 60.51
CA GLU A 2896 -66.99 -81.35 61.42
C GLU A 2896 -66.13 -80.47 62.31
N ALA A 2897 -65.02 -81.01 62.81
CA ALA A 2897 -64.12 -80.22 63.63
C ALA A 2897 -63.55 -79.04 62.83
N LYS A 2898 -63.17 -79.28 61.58
CA LYS A 2898 -62.57 -78.24 60.75
C LYS A 2898 -63.59 -77.27 60.19
N GLY A 2899 -64.88 -77.58 60.28
CA GLY A 2899 -65.90 -76.73 59.68
C GLY A 2899 -66.00 -76.86 58.18
N GLY A 2900 -65.51 -77.96 57.62
CA GLY A 2900 -65.57 -78.18 56.20
C GLY A 2900 -64.43 -79.07 55.73
N GLY A 2901 -64.25 -79.10 54.41
CA GLY A 2901 -63.22 -79.91 53.79
C GLY A 2901 -63.79 -81.18 53.18
N SER A 2902 -63.05 -81.71 52.19
CA SER A 2902 -63.44 -82.92 51.50
C SER A 2902 -62.19 -83.79 51.29
N HIS A 2903 -62.23 -85.01 51.83
CA HIS A 2903 -61.11 -85.92 51.68
C HIS A 2903 -61.06 -86.45 50.26
N PRO A 2904 -59.86 -86.61 49.66
CA PRO A 2904 -59.81 -87.12 48.28
C PRO A 2904 -60.45 -88.49 48.11
N LEU A 2905 -60.34 -89.37 49.11
CA LEU A 2905 -60.89 -90.71 49.04
C LEU A 2905 -62.24 -90.84 49.74
N LEU A 2906 -63.03 -89.77 49.73
CA LEU A 2906 -64.35 -89.78 50.36
C LEU A 2906 -65.42 -90.22 49.34
N VAL A 2907 -65.19 -91.40 48.76
CA VAL A 2907 -66.07 -91.94 47.73
C VAL A 2907 -66.27 -93.44 47.96
N PRO A 2908 -67.29 -94.00 47.34
CA PRO A 2908 -67.54 -95.44 47.51
C PRO A 2908 -66.48 -96.31 46.87
N TYR A 2909 -66.46 -97.58 47.29
CA TYR A 2909 -65.45 -98.52 46.81
C TYR A 2909 -65.46 -98.63 45.29
N ASP A 2910 -66.65 -98.79 44.70
CA ASP A 2910 -66.75 -99.00 43.26
C ASP A 2910 -66.14 -97.81 42.52
N THR A 2911 -66.40 -96.60 43.01
CA THR A 2911 -65.76 -95.43 42.41
C THR A 2911 -64.25 -95.48 42.58
N LEU A 2912 -63.79 -95.87 43.76
CA LEU A 2912 -62.35 -95.88 44.01
C LEU A 2912 -61.63 -96.74 42.99
N THR A 2913 -60.51 -96.23 42.48
CA THR A 2913 -59.73 -96.99 41.52
C THR A 2913 -59.02 -98.16 42.21
N ALA A 2914 -58.51 -99.09 41.40
CA ALA A 2914 -58.07 -100.38 41.91
C ALA A 2914 -56.99 -100.23 42.98
N LYS A 2915 -56.00 -99.38 42.73
CA LYS A 2915 -54.87 -99.27 43.65
C LYS A 2915 -55.33 -98.79 45.03
N GLU A 2916 -56.14 -97.73 45.06
CA GLU A 2916 -56.68 -97.28 46.35
C GLU A 2916 -57.63 -98.32 46.92
N LYS A 2917 -58.41 -98.98 46.06
CA LYS A 2917 -59.15 -100.15 46.50
C LYS A 2917 -58.19 -101.17 47.11
N ALA A 2918 -57.13 -101.51 46.38
CA ALA A 2918 -56.19 -102.54 46.81
C ALA A 2918 -55.61 -102.24 48.19
N ARG A 2919 -55.45 -100.95 48.50
CA ARG A 2919 -54.91 -100.55 49.80
C ARG A 2919 -55.64 -101.25 50.95
N ASP A 2920 -56.95 -100.99 51.08
CA ASP A 2920 -57.72 -101.64 52.13
C ASP A 2920 -58.09 -103.08 51.76
N ARG A 2921 -58.00 -103.41 50.47
CA ARG A 2921 -58.21 -104.78 50.03
C ARG A 2921 -57.24 -105.72 50.70
N GLU A 2922 -55.98 -105.32 50.81
CA GLU A 2922 -54.99 -106.17 51.46
C GLU A 2922 -55.46 -106.56 52.85
N LYS A 2923 -55.81 -105.57 53.67
CA LYS A 2923 -56.16 -105.84 55.06
C LYS A 2923 -57.45 -106.66 55.15
N ALA A 2924 -58.47 -106.28 54.38
CA ALA A 2924 -59.74 -106.99 54.46
C ALA A 2924 -59.60 -108.44 54.02
N GLN A 2925 -58.91 -108.67 52.90
CA GLN A 2925 -58.74 -110.03 52.42
C GLN A 2925 -57.86 -110.83 53.37
N GLU A 2926 -56.89 -110.17 54.01
CA GLU A 2926 -56.03 -110.88 54.96
C GLU A 2926 -56.87 -111.38 56.13
N LEU A 2927 -57.75 -110.52 56.65
CA LEU A 2927 -58.63 -110.93 57.74
C LEU A 2927 -59.53 -112.09 57.33
N LEU A 2928 -60.18 -111.96 56.17
CA LEU A 2928 -61.09 -113.02 55.72
C LEU A 2928 -60.32 -114.32 55.52
N LYS A 2929 -59.11 -114.22 54.98
CA LYS A 2929 -58.32 -115.41 54.65
C LYS A 2929 -57.87 -116.13 55.91
N PHE A 2930 -57.48 -115.39 56.93
CA PHE A 2930 -57.14 -116.04 58.20
C PHE A 2930 -58.38 -116.62 58.85
N LEU A 2931 -59.54 -115.99 58.67
CA LEU A 2931 -60.79 -116.63 59.12
C LEU A 2931 -60.94 -117.99 58.45
N GLN A 2932 -60.73 -118.05 57.14
CA GLN A 2932 -60.90 -119.31 56.42
C GLN A 2932 -59.92 -120.37 56.94
N MET A 2933 -58.66 -119.99 57.16
CA MET A 2933 -57.72 -120.99 57.69
C MET A 2933 -58.13 -121.46 59.07
N ASN A 2934 -58.38 -120.52 59.99
CA ASN A 2934 -58.78 -120.89 61.34
C ASN A 2934 -60.12 -121.62 61.37
N GLY A 2935 -60.82 -121.69 60.23
CA GLY A 2935 -62.00 -122.51 60.10
C GLY A 2935 -63.30 -121.76 60.10
N TYR A 2936 -63.23 -120.43 60.26
CA TYR A 2936 -64.43 -119.62 60.38
C TYR A 2936 -65.00 -119.33 58.99
N ALA A 2937 -65.57 -120.35 58.36
CA ALA A 2937 -66.05 -120.27 56.98
C ALA A 2937 -67.34 -119.44 56.97
N VAL A 2938 -67.16 -118.12 56.97
CA VAL A 2938 -68.30 -117.22 57.01
C VAL A 2938 -69.01 -117.25 55.66
N THR A 2939 -70.34 -117.31 55.70
CA THR A 2939 -71.18 -117.31 54.51
C THR A 2939 -72.03 -116.06 54.50
N ARG A 2940 -72.11 -115.40 53.35
CA ARG A 2940 -72.85 -114.14 53.26
C ARG A 2940 -74.27 -114.36 52.73
N GLY A 2941 -74.40 -115.11 51.64
CA GLY A 2941 -75.70 -115.24 50.99
C GLY A 2941 -76.02 -114.04 50.14
N LEU A 2942 -75.24 -113.83 49.09
CA LEU A 2942 -75.38 -112.66 48.23
C LEU A 2942 -76.77 -112.62 47.58
N LYS A 2943 -77.01 -111.55 46.83
CA LYS A 2943 -78.17 -111.44 45.95
C LYS A 2943 -77.78 -111.22 44.51
N ASP A 2944 -76.57 -111.63 44.11
CA ASP A 2944 -76.05 -111.40 42.77
C ASP A 2944 -75.70 -112.68 42.02
N MET A 2945 -75.76 -113.84 42.67
CA MET A 2945 -75.41 -115.08 41.98
C MET A 2945 -76.45 -115.45 40.93
N GLU A 2946 -77.60 -114.77 40.91
CA GLU A 2946 -78.63 -115.09 39.93
C GLU A 2946 -78.08 -114.95 38.51
N LEU A 2947 -77.07 -114.10 38.33
CA LEU A 2947 -76.41 -113.93 37.04
C LEU A 2947 -75.17 -114.81 36.91
N ASP A 2948 -75.13 -115.94 37.62
CA ASP A 2948 -73.97 -116.83 37.57
C ASP A 2948 -73.49 -117.02 36.14
N THR A 2949 -72.19 -116.86 35.94
CA THR A 2949 -71.63 -116.75 34.61
C THR A 2949 -72.40 -115.66 33.86
N SER A 2950 -73.14 -116.04 32.81
CA SER A 2950 -74.06 -115.11 32.16
C SER A 2950 -73.37 -113.80 31.80
N SER A 2951 -72.14 -113.90 31.29
CA SER A 2951 -71.47 -112.70 30.80
C SER A 2951 -72.32 -112.01 29.73
N ILE A 2952 -73.12 -112.78 29.00
CA ILE A 2952 -74.06 -112.17 28.07
C ILE A 2952 -75.05 -111.29 28.83
N GLU A 2953 -75.58 -111.79 29.95
CA GLU A 2953 -76.46 -110.98 30.77
C GLU A 2953 -75.75 -109.76 31.36
N LYS A 2954 -74.45 -109.84 31.60
CA LYS A 2954 -73.71 -108.70 32.12
C LYS A 2954 -73.34 -107.69 31.05
N ARG A 2955 -73.37 -108.08 29.78
CA ARG A 2955 -73.08 -107.13 28.71
C ARG A 2955 -73.96 -105.89 28.83
N PHE A 2956 -73.39 -104.73 28.49
CA PHE A 2956 -74.13 -103.48 28.65
C PHE A 2956 -75.40 -103.46 27.81
N ALA A 2957 -75.29 -103.86 26.54
CA ALA A 2957 -76.46 -103.81 25.67
C ALA A 2957 -77.58 -104.68 26.21
N PHE A 2958 -77.23 -105.74 26.93
CA PHE A 2958 -78.24 -106.62 27.51
C PHE A 2958 -79.12 -105.87 28.49
N GLY A 2959 -78.51 -105.17 29.45
CA GLY A 2959 -79.30 -104.45 30.44
C GLY A 2959 -80.07 -103.30 29.82
N PHE A 2960 -79.45 -102.62 28.86
CA PHE A 2960 -80.14 -101.53 28.18
C PHE A 2960 -81.38 -102.04 27.48
N LEU A 2961 -81.26 -103.18 26.79
CA LEU A 2961 -82.41 -103.73 26.08
C LEU A 2961 -83.47 -104.24 27.06
N GLN A 2962 -83.04 -104.81 28.18
CA GLN A 2962 -84.01 -105.25 29.18
C GLN A 2962 -84.82 -104.06 29.69
N GLN A 2963 -84.15 -102.95 29.99
CA GLN A 2963 -84.85 -101.76 30.46
C GLN A 2963 -85.78 -101.24 29.37
N LEU A 2964 -85.33 -101.27 28.12
CA LEU A 2964 -86.17 -100.81 27.03
C LEU A 2964 -87.44 -101.65 26.93
N LEU A 2965 -87.31 -102.97 27.06
CA LEU A 2965 -88.47 -103.84 26.98
C LEU A 2965 -89.43 -103.59 28.14
N ARG A 2966 -88.89 -103.40 29.35
CA ARG A 2966 -89.75 -103.11 30.48
C ARG A 2966 -90.51 -101.81 30.25
N TRP A 2967 -89.84 -100.81 29.69
CA TRP A 2967 -90.52 -99.56 29.41
C TRP A 2967 -91.53 -99.71 28.28
N MET A 2968 -91.31 -100.65 27.36
CA MET A 2968 -92.34 -100.96 26.37
C MET A 2968 -93.58 -101.52 27.06
N ASP A 2969 -93.40 -102.37 28.07
CA ASP A 2969 -94.56 -102.85 28.82
C ASP A 2969 -95.29 -101.69 29.50
N ILE A 2970 -94.54 -100.82 30.16
CA ILE A 2970 -95.16 -99.66 30.81
C ILE A 2970 -95.90 -98.82 29.77
N SER A 2971 -95.32 -98.73 28.56
CA SER A 2971 -95.97 -98.00 27.49
C SER A 2971 -97.29 -98.65 27.09
N GLN A 2972 -97.32 -99.98 27.03
CA GLN A 2972 -98.57 -100.65 26.71
C GLN A 2972 -99.65 -100.30 27.72
N GLU A 2973 -99.31 -100.34 29.00
CA GLU A 2973 -100.29 -99.96 30.03
C GLU A 2973 -100.77 -98.52 29.84
N PHE A 2974 -99.85 -97.55 29.74
CA PHE A 2974 -100.36 -96.19 29.72
C PHE A 2974 -101.04 -95.85 28.39
N ILE A 2975 -100.66 -96.51 27.30
CA ILE A 2975 -101.34 -96.29 26.03
C ILE A 2975 -102.75 -96.87 26.10
N ALA A 2976 -102.91 -98.04 26.71
CA ALA A 2976 -104.25 -98.58 26.89
C ALA A 2976 -105.11 -97.63 27.70
N HIS A 2977 -104.55 -97.08 28.79
CA HIS A 2977 -105.31 -96.14 29.61
C HIS A 2977 -105.69 -94.89 28.80
N LEU A 2978 -104.74 -94.35 28.05
CA LEU A 2978 -104.99 -93.14 27.28
C LEU A 2978 -106.07 -93.39 26.24
N GLU A 2979 -106.00 -94.53 25.55
CA GLU A 2979 -107.02 -94.87 24.57
C GLU A 2979 -108.39 -95.02 25.23
N ALA A 2980 -108.44 -95.67 26.38
CA ALA A 2980 -109.72 -95.84 27.07
C ALA A 2980 -110.33 -94.50 27.43
N VAL A 2981 -109.52 -93.60 28.01
CA VAL A 2981 -110.06 -92.32 28.44
C VAL A 2981 -110.47 -91.48 27.24
N VAL A 2982 -109.71 -91.55 26.14
CA VAL A 2982 -110.11 -90.82 24.94
C VAL A 2982 -111.42 -91.36 24.41
N SER A 2983 -111.59 -92.68 24.40
CA SER A 2983 -112.83 -93.27 23.92
C SER A 2983 -114.01 -92.85 24.77
N SER A 2984 -113.84 -92.86 26.09
CA SER A 2984 -114.95 -92.52 26.99
C SER A 2984 -114.38 -91.92 28.27
N GLY A 2985 -115.20 -91.08 28.91
CA GLY A 2985 -114.82 -90.51 30.19
C GLY A 2985 -113.55 -89.68 30.14
N ARG A 2986 -113.63 -88.50 29.51
CA ARG A 2986 -112.46 -87.65 29.35
C ARG A 2986 -111.64 -87.59 30.63
N VAL A 2987 -110.33 -87.82 30.51
CA VAL A 2987 -109.40 -87.72 31.61
C VAL A 2987 -108.26 -86.80 31.19
N GLU A 2988 -108.03 -85.74 31.98
CA GLU A 2988 -106.94 -84.81 31.73
C GLU A 2988 -105.86 -84.87 32.78
N LYS A 2989 -106.12 -85.46 33.94
CA LYS A 2989 -105.09 -85.62 34.96
C LYS A 2989 -103.93 -86.45 34.44
N SER A 2990 -104.23 -87.51 33.68
CA SER A 2990 -103.21 -88.33 33.07
C SER A 2990 -102.20 -88.80 34.11
N PRO A 2991 -102.57 -89.77 34.96
CA PRO A 2991 -101.65 -90.20 36.02
C PRO A 2991 -100.34 -90.75 35.50
N HIS A 2992 -100.28 -91.16 34.23
CA HIS A 2992 -99.03 -91.56 33.59
C HIS A 2992 -98.47 -90.45 32.72
N GLU A 2993 -98.69 -89.19 33.08
CA GLU A 2993 -98.15 -88.08 32.29
C GLU A 2993 -96.63 -88.13 32.28
N GLN A 2994 -96.02 -88.37 33.44
CA GLN A 2994 -94.57 -88.45 33.52
C GLN A 2994 -94.05 -89.61 32.67
N GLU A 2995 -94.73 -90.75 32.72
CA GLU A 2995 -94.32 -91.88 31.90
C GLU A 2995 -94.40 -91.54 30.42
N ILE A 2996 -95.48 -90.88 30.01
CA ILE A 2996 -95.63 -90.48 28.62
C ILE A 2996 -94.46 -89.58 28.21
N LYS A 2997 -94.19 -88.56 29.02
CA LYS A 2997 -93.15 -87.60 28.65
C LYS A 2997 -91.79 -88.28 28.59
N PHE A 2998 -91.48 -89.12 29.56
CA PHE A 2998 -90.22 -89.84 29.53
C PHE A 2998 -90.11 -90.69 28.27
N PHE A 2999 -91.11 -91.52 28.00
CA PHE A 2999 -91.03 -92.43 26.87
C PHE A 2999 -90.88 -91.68 25.56
N ALA A 3000 -91.60 -90.57 25.41
CA ALA A 3000 -91.61 -89.86 24.13
C ALA A 3000 -90.48 -88.84 23.99
N LYS A 3001 -89.80 -88.47 25.07
CA LYS A 3001 -88.77 -87.45 25.00
C LYS A 3001 -87.37 -87.97 25.30
N ILE A 3002 -87.24 -89.18 25.85
CA ILE A 3002 -85.92 -89.72 26.19
C ILE A 3002 -85.70 -91.00 25.42
N LEU A 3003 -86.61 -91.96 25.60
CA LEU A 3003 -86.38 -93.29 25.05
C LEU A 3003 -86.33 -93.26 23.52
N LEU A 3004 -87.27 -92.58 22.89
CA LEU A 3004 -87.31 -92.61 21.43
C LEU A 3004 -86.06 -91.99 20.82
N PRO A 3005 -85.64 -90.78 21.18
CA PRO A 3005 -84.35 -90.29 20.67
C PRO A 3005 -83.19 -91.17 21.06
N LEU A 3006 -83.21 -91.69 22.29
CA LEU A 3006 -82.16 -92.60 22.71
C LEU A 3006 -82.11 -93.82 21.79
N ILE A 3007 -83.17 -94.62 21.80
CA ILE A 3007 -83.26 -95.78 20.92
C ILE A 3007 -82.75 -95.44 19.53
N ASN A 3008 -83.24 -94.34 18.97
CA ASN A 3008 -82.88 -93.98 17.61
C ASN A 3008 -81.37 -93.84 17.46
N GLN A 3009 -80.75 -93.02 18.31
CA GLN A 3009 -79.31 -92.80 18.18
C GLN A 3009 -78.52 -94.08 18.46
N TYR A 3010 -78.88 -94.79 19.52
CA TYR A 3010 -78.10 -95.95 19.92
C TYR A 3010 -78.11 -97.02 18.83
N PHE A 3011 -79.27 -97.29 18.25
CA PHE A 3011 -79.35 -98.34 17.24
C PHE A 3011 -78.99 -97.84 15.85
N THR A 3012 -78.86 -96.52 15.66
CA THR A 3012 -78.21 -96.04 14.45
C THR A 3012 -76.70 -96.24 14.55
N ASN A 3013 -76.12 -96.02 15.73
CA ASN A 3013 -74.68 -96.20 15.89
C ASN A 3013 -74.30 -97.67 15.89
N HIS A 3014 -74.80 -98.43 16.87
CA HIS A 3014 -74.39 -99.83 17.04
C HIS A 3014 -75.27 -100.77 16.22
N CYS A 3015 -75.41 -100.45 14.94
CA CYS A 3015 -76.15 -101.30 14.03
C CYS A 3015 -75.33 -102.50 13.59
N LEU A 3016 -74.05 -102.28 13.31
CA LEU A 3016 -73.21 -103.37 12.80
C LEU A 3016 -72.99 -104.44 13.85
N TYR A 3017 -72.89 -104.04 15.11
CA TYR A 3017 -72.69 -105.00 16.19
C TYR A 3017 -73.86 -105.97 16.27
N PHE A 3018 -75.08 -105.49 16.05
CA PHE A 3018 -76.25 -106.35 16.18
C PHE A 3018 -76.48 -107.22 14.96
N LEU A 3019 -75.88 -106.90 13.83
CA LEU A 3019 -76.02 -107.70 12.63
C LEU A 3019 -74.87 -108.66 12.40
N SER A 3020 -73.82 -108.58 13.21
CA SER A 3020 -72.66 -109.45 13.04
C SER A 3020 -72.95 -110.85 13.58
N THR A 3021 -72.30 -111.84 12.99
CA THR A 3021 -72.40 -113.23 13.39
C THR A 3021 -71.01 -113.81 13.59
N PRO A 3022 -70.90 -114.90 14.35
CA PRO A 3022 -69.57 -115.49 14.55
C PRO A 3022 -68.86 -115.82 13.25
N ALA A 3023 -69.59 -116.33 12.26
CA ALA A 3023 -68.98 -116.66 10.98
C ALA A 3023 -68.51 -115.41 10.26
N LYS A 3024 -69.30 -114.34 10.30
CA LYS A 3024 -69.00 -113.11 9.59
C LYS A 3024 -69.23 -111.93 10.53
N VAL A 3025 -68.14 -111.35 11.01
CA VAL A 3025 -68.19 -110.13 11.80
C VAL A 3025 -68.01 -108.96 10.84
N LEU A 3026 -69.08 -108.19 10.61
CA LEU A 3026 -69.05 -107.09 9.68
C LEU A 3026 -68.90 -105.74 10.38
N GLY A 3027 -68.53 -105.74 11.66
CA GLY A 3027 -68.28 -104.52 12.39
C GLY A 3027 -66.82 -104.42 12.81
N SER A 3028 -66.55 -103.38 13.60
CA SER A 3028 -65.18 -103.17 14.07
C SER A 3028 -64.72 -104.33 14.94
N GLY A 3029 -65.57 -104.79 15.85
CA GLY A 3029 -65.22 -105.88 16.74
C GLY A 3029 -66.37 -106.29 17.62
N GLY A 3030 -66.52 -107.57 17.87
CA GLY A 3030 -67.62 -108.04 18.69
C GLY A 3030 -68.88 -108.27 17.88
N HIS A 3031 -69.73 -109.15 18.39
CA HIS A 3031 -71.00 -109.48 17.76
C HIS A 3031 -72.04 -109.68 18.83
N ALA A 3032 -73.27 -109.26 18.56
CA ALA A 3032 -74.35 -109.42 19.51
C ALA A 3032 -74.65 -110.90 19.73
N SER A 3033 -74.97 -111.25 20.97
CA SER A 3033 -75.35 -112.61 21.29
C SER A 3033 -76.77 -112.88 20.78
N ASN A 3034 -77.13 -114.16 20.77
CA ASN A 3034 -78.47 -114.54 20.31
C ASN A 3034 -79.54 -113.92 21.21
N LYS A 3035 -79.27 -113.82 22.51
CA LYS A 3035 -80.24 -113.21 23.41
C LYS A 3035 -80.47 -111.74 23.06
N GLU A 3036 -79.39 -111.01 22.78
CA GLU A 3036 -79.54 -109.62 22.38
C GLU A 3036 -80.27 -109.51 21.05
N LYS A 3037 -79.94 -110.39 20.10
CA LYS A 3037 -80.63 -110.36 18.82
C LYS A 3037 -82.12 -110.61 18.98
N GLU A 3038 -82.49 -111.49 19.90
CA GLU A 3038 -83.91 -111.76 20.14
C GLU A 3038 -84.58 -110.59 20.86
N MET A 3039 -83.88 -109.97 21.80
CA MET A 3039 -84.47 -108.84 22.52
C MET A 3039 -84.72 -107.67 21.58
N ILE A 3040 -83.82 -107.44 20.63
CA ILE A 3040 -84.03 -106.34 19.69
C ILE A 3040 -85.25 -106.62 18.82
N THR A 3041 -85.46 -107.88 18.43
CA THR A 3041 -86.65 -108.24 17.66
C THR A 3041 -87.91 -108.05 18.50
N SER A 3042 -87.87 -108.45 19.77
CA SER A 3042 -89.02 -108.23 20.63
C SER A 3042 -89.31 -106.74 20.75
N LEU A 3043 -88.27 -105.92 20.87
CA LEU A 3043 -88.46 -104.47 20.94
C LEU A 3043 -89.14 -103.95 19.69
N PHE A 3044 -88.67 -104.37 18.52
CA PHE A 3044 -89.28 -103.90 17.28
C PHE A 3044 -90.74 -104.31 17.19
N CYS A 3045 -91.03 -105.58 17.45
CA CYS A 3045 -92.40 -106.05 17.35
C CYS A 3045 -93.31 -105.35 18.36
N LYS A 3046 -92.83 -105.17 19.59
CA LYS A 3046 -93.64 -104.52 20.61
C LYS A 3046 -93.92 -103.07 20.23
N LEU A 3047 -92.91 -102.36 19.73
CA LEU A 3047 -93.12 -100.97 19.34
C LEU A 3047 -94.11 -100.87 18.18
N ALA A 3048 -93.99 -101.77 17.20
CA ALA A 3048 -94.92 -101.76 16.08
C ALA A 3048 -96.35 -102.01 16.56
N ALA A 3049 -96.53 -103.00 17.44
CA ALA A 3049 -97.85 -103.27 17.98
C ALA A 3049 -98.39 -102.06 18.75
N LEU A 3050 -97.52 -101.42 19.53
CA LEU A 3050 -97.94 -100.25 20.29
C LEU A 3050 -98.45 -99.15 19.37
N VAL A 3051 -97.71 -98.87 18.29
CA VAL A 3051 -98.11 -97.79 17.40
C VAL A 3051 -99.24 -98.17 16.46
N ARG A 3052 -99.56 -99.46 16.35
CA ARG A 3052 -100.62 -99.89 15.45
C ARG A 3052 -101.93 -99.15 15.71
N HIS A 3053 -102.47 -98.52 14.67
CA HIS A 3053 -103.77 -97.85 14.74
C HIS A 3053 -103.81 -96.82 15.87
N ARG A 3054 -102.66 -96.23 16.21
CA ARG A 3054 -102.59 -95.28 17.30
C ARG A 3054 -101.67 -94.12 16.96
N VAL A 3055 -101.56 -93.76 15.67
CA VAL A 3055 -100.69 -92.68 15.27
C VAL A 3055 -101.16 -91.36 15.88
N SER A 3056 -102.48 -91.13 15.90
CA SER A 3056 -103.00 -89.88 16.44
C SER A 3056 -102.68 -89.74 17.91
N LEU A 3057 -102.78 -90.83 18.67
CA LEU A 3057 -102.51 -90.76 20.10
C LEU A 3057 -101.15 -90.15 20.39
N PHE A 3058 -100.12 -90.62 19.69
CA PHE A 3058 -98.80 -90.02 19.84
C PHE A 3058 -98.76 -88.61 19.25
N GLY A 3059 -99.46 -88.40 18.14
CA GLY A 3059 -99.54 -87.06 17.58
C GLY A 3059 -98.20 -86.62 17.03
N THR A 3060 -97.59 -85.64 17.70
CA THR A 3060 -96.33 -85.07 17.22
C THR A 3060 -95.14 -86.01 17.45
N ASP A 3061 -95.29 -87.05 18.25
CA ASP A 3061 -94.24 -88.04 18.43
C ASP A 3061 -94.40 -89.23 17.50
N ALA A 3062 -95.44 -89.25 16.67
CA ALA A 3062 -95.56 -90.31 15.68
C ALA A 3062 -94.37 -90.33 14.73
N PRO A 3063 -93.87 -89.21 14.22
CA PRO A 3063 -92.66 -89.26 13.40
C PRO A 3063 -91.48 -89.89 14.12
N ALA A 3064 -91.31 -89.60 15.41
CA ALA A 3064 -90.23 -90.21 16.16
C ALA A 3064 -90.43 -91.72 16.29
N VAL A 3065 -91.66 -92.16 16.53
CA VAL A 3065 -91.94 -93.59 16.62
C VAL A 3065 -91.63 -94.27 15.30
N VAL A 3066 -92.03 -93.64 14.19
CA VAL A 3066 -91.77 -94.22 12.88
C VAL A 3066 -90.28 -94.29 12.59
N ASN A 3067 -89.55 -93.25 12.96
CA ASN A 3067 -88.10 -93.27 12.76
C ASN A 3067 -87.46 -94.39 13.58
N CYS A 3068 -87.90 -94.56 14.83
CA CYS A 3068 -87.35 -95.63 15.65
C CYS A 3068 -87.66 -96.99 15.05
N LEU A 3069 -88.86 -97.16 14.49
CA LEU A 3069 -89.19 -98.41 13.82
C LEU A 3069 -88.29 -98.63 12.62
N HIS A 3070 -88.01 -97.58 11.85
CA HIS A 3070 -87.08 -97.70 10.73
C HIS A 3070 -85.73 -98.19 11.21
N ILE A 3071 -85.19 -97.57 12.26
CA ILE A 3071 -83.87 -97.93 12.75
C ILE A 3071 -83.85 -99.37 13.22
N LEU A 3072 -84.85 -99.77 14.00
CA LEU A 3072 -84.88 -101.13 14.52
C LEU A 3072 -84.99 -102.14 13.39
N ALA A 3073 -85.83 -101.85 12.39
CA ALA A 3073 -85.95 -102.75 11.25
C ALA A 3073 -84.62 -102.89 10.54
N ARG A 3074 -83.91 -101.78 10.33
CA ARG A 3074 -82.60 -101.87 9.70
C ARG A 3074 -81.56 -102.55 10.58
N SER A 3075 -81.82 -102.68 11.88
CA SER A 3075 -80.90 -103.35 12.79
C SER A 3075 -81.36 -104.75 13.19
N LEU A 3076 -82.40 -105.28 12.54
CA LEU A 3076 -82.95 -106.59 12.89
C LEU A 3076 -82.11 -107.72 12.28
N ASP A 3077 -81.80 -108.74 13.09
CA ASP A 3077 -81.17 -109.96 12.60
C ASP A 3077 -82.22 -111.07 12.51
N ALA A 3078 -83.06 -110.95 11.48
CA ALA A 3078 -84.18 -111.89 11.34
C ALA A 3078 -83.70 -113.30 11.08
N ARG A 3079 -82.61 -113.46 10.33
CA ARG A 3079 -82.13 -114.80 10.00
C ARG A 3079 -81.82 -115.60 11.26
N THR A 3080 -80.98 -115.04 12.12
CA THR A 3080 -80.63 -115.75 13.35
C THR A 3080 -81.85 -115.91 14.24
N VAL A 3081 -82.67 -114.86 14.36
CA VAL A 3081 -83.81 -114.94 15.26
C VAL A 3081 -84.74 -116.08 14.84
N MET A 3082 -84.99 -116.21 13.53
CA MET A 3082 -85.90 -117.24 13.06
C MET A 3082 -85.27 -118.62 13.10
N LYS A 3083 -83.99 -118.73 12.72
CA LYS A 3083 -83.35 -120.04 12.72
C LYS A 3083 -83.29 -120.62 14.13
N SER A 3084 -82.94 -119.81 15.12
CA SER A 3084 -82.84 -120.30 16.49
C SER A 3084 -83.26 -119.17 17.43
N GLY A 3085 -84.52 -119.18 17.82
CA GLY A 3085 -85.05 -118.20 18.73
C GLY A 3085 -86.24 -118.71 19.49
N PRO A 3086 -86.55 -118.11 20.63
CA PRO A 3086 -87.72 -118.55 21.40
C PRO A 3086 -89.01 -118.44 20.59
N GLU A 3087 -89.91 -119.39 20.82
CA GLU A 3087 -91.19 -119.39 20.13
C GLU A 3087 -91.92 -118.08 20.35
N ILE A 3088 -91.70 -117.43 21.49
CA ILE A 3088 -92.38 -116.17 21.78
C ILE A 3088 -91.91 -115.09 20.81
N VAL A 3089 -90.60 -114.99 20.58
CA VAL A 3089 -90.08 -113.98 19.66
C VAL A 3089 -90.49 -114.30 18.23
N LYS A 3090 -90.40 -115.57 17.85
CA LYS A 3090 -90.82 -115.93 16.49
C LYS A 3090 -92.29 -115.61 16.28
N ALA A 3091 -93.13 -115.89 17.29
CA ALA A 3091 -94.55 -115.58 17.19
C ALA A 3091 -94.77 -114.07 17.10
N GLY A 3092 -93.96 -113.30 17.83
CA GLY A 3092 -94.08 -111.86 17.73
C GLY A 3092 -93.83 -111.36 16.33
N LEU A 3093 -92.76 -111.85 15.70
CA LEU A 3093 -92.44 -111.43 14.34
C LEU A 3093 -93.53 -111.88 13.37
N ARG A 3094 -93.99 -113.12 13.48
CA ARG A 3094 -95.03 -113.61 12.59
C ARG A 3094 -96.31 -112.82 12.77
N SER A 3095 -96.66 -112.46 14.00
CA SER A 3095 -97.83 -111.64 14.25
C SER A 3095 -97.67 -110.26 13.64
N PHE A 3096 -96.47 -109.68 13.72
CA PHE A 3096 -96.25 -108.41 13.03
C PHE A 3096 -96.57 -108.53 11.55
N PHE A 3097 -96.03 -109.56 10.89
CA PHE A 3097 -96.27 -109.70 9.46
C PHE A 3097 -97.75 -109.93 9.16
N GLU A 3098 -98.42 -110.77 9.95
CA GLU A 3098 -99.82 -111.05 9.72
C GLU A 3098 -100.68 -109.80 9.91
N SER A 3099 -100.41 -109.04 10.97
CA SER A 3099 -101.16 -107.81 11.18
C SER A 3099 -100.92 -106.82 10.06
N ALA A 3100 -99.68 -106.72 9.58
CA ALA A 3100 -99.40 -105.83 8.45
C ALA A 3100 -100.21 -106.25 7.23
N SER A 3101 -100.26 -107.55 6.95
CA SER A 3101 -101.01 -108.01 5.79
C SER A 3101 -102.49 -107.68 5.94
N GLU A 3102 -103.05 -107.89 7.14
CA GLU A 3102 -104.46 -107.59 7.36
C GLU A 3102 -104.74 -106.11 7.19
N ASP A 3103 -103.89 -105.26 7.74
CA ASP A 3103 -104.09 -103.83 7.59
C ASP A 3103 -104.02 -103.41 6.13
N ILE A 3104 -103.07 -103.98 5.38
CA ILE A 3104 -102.97 -103.66 3.96
C ILE A 3104 -104.23 -104.09 3.23
N GLU A 3105 -104.75 -105.28 3.55
CA GLU A 3105 -105.95 -105.75 2.88
C GLU A 3105 -107.13 -104.81 3.15
N LYS A 3106 -107.31 -104.43 4.41
CA LYS A 3106 -108.42 -103.54 4.74
C LYS A 3106 -108.24 -102.18 4.07
N MET A 3107 -107.01 -101.66 4.04
CA MET A 3107 -106.75 -100.40 3.36
C MET A 3107 -107.10 -100.50 1.88
N VAL A 3108 -106.71 -101.60 1.24
CA VAL A 3108 -106.90 -101.70 -0.21
C VAL A 3108 -108.38 -101.85 -0.54
N GLU A 3109 -109.11 -102.65 0.24
CA GLU A 3109 -110.54 -102.79 -0.02
C GLU A 3109 -111.26 -101.46 0.19
N ASN A 3110 -110.88 -100.73 1.25
CA ASN A 3110 -111.48 -99.41 1.45
C ASN A 3110 -111.14 -98.47 0.30
N LEU A 3111 -109.89 -98.47 -0.15
CA LEU A 3111 -109.49 -97.57 -1.23
C LEU A 3111 -110.28 -97.85 -2.49
N ARG A 3112 -110.46 -99.12 -2.85
CA ARG A 3112 -111.30 -99.41 -3.99
C ARG A 3112 -112.78 -99.14 -3.72
N LEU A 3113 -113.18 -99.07 -2.46
CA LEU A 3113 -114.56 -98.74 -2.11
C LEU A 3113 -115.50 -99.85 -2.58
N LYS A 3124 -114.74 -94.10 12.07
CA LYS A 3124 -113.36 -93.65 12.20
C LYS A 3124 -112.38 -94.72 11.75
N GLY A 3125 -112.88 -95.94 11.54
CA GLY A 3125 -112.01 -97.03 11.12
C GLY A 3125 -111.30 -96.73 9.81
N VAL A 3126 -112.03 -96.20 8.84
CA VAL A 3126 -111.46 -95.95 7.52
C VAL A 3126 -110.33 -94.92 7.61
N GLY A 3127 -110.60 -93.79 8.26
CA GLY A 3127 -109.59 -92.76 8.37
C GLY A 3127 -108.39 -93.21 9.20
N GLN A 3128 -108.65 -93.93 10.29
CA GLN A 3128 -107.56 -94.42 11.12
C GLN A 3128 -106.67 -95.35 10.31
N ASN A 3129 -107.27 -96.29 9.57
CA ASN A 3129 -106.48 -97.19 8.75
C ASN A 3129 -105.69 -96.44 7.70
N LEU A 3130 -106.32 -95.49 7.02
CA LEU A 3130 -105.62 -94.78 5.96
C LEU A 3130 -104.42 -94.03 6.51
N THR A 3131 -104.62 -93.23 7.57
CA THR A 3131 -103.55 -92.43 8.13
C THR A 3131 -102.52 -93.27 8.88
N TYR A 3132 -102.83 -94.50 9.25
CA TYR A 3132 -101.83 -95.36 9.85
C TYR A 3132 -101.00 -96.07 8.78
N THR A 3133 -101.67 -96.70 7.80
CA THR A 3133 -100.93 -97.41 6.77
C THR A 3133 -100.08 -96.47 5.94
N THR A 3134 -100.59 -95.28 5.63
CA THR A 3134 -99.83 -94.38 4.77
C THR A 3134 -98.64 -93.76 5.49
N VAL A 3135 -98.65 -93.74 6.82
CA VAL A 3135 -97.65 -92.97 7.56
C VAL A 3135 -96.64 -93.88 8.24
N ALA A 3136 -97.10 -94.99 8.82
CA ALA A 3136 -96.24 -95.85 9.62
C ALA A 3136 -96.03 -97.20 8.94
N LEU A 3137 -97.09 -97.92 8.58
CA LEU A 3137 -96.93 -99.28 8.09
C LEU A 3137 -96.10 -99.32 6.81
N LEU A 3138 -96.58 -98.68 5.75
CA LEU A 3138 -95.94 -98.84 4.45
C LEU A 3138 -94.47 -98.46 4.49
N PRO A 3139 -94.07 -97.31 5.04
CA PRO A 3139 -92.62 -97.03 5.14
C PRO A 3139 -91.86 -98.09 5.92
N VAL A 3140 -92.39 -98.50 7.07
CA VAL A 3140 -91.69 -99.47 7.90
C VAL A 3140 -91.62 -100.82 7.21
N LEU A 3141 -92.73 -101.25 6.60
CA LEU A 3141 -92.72 -102.52 5.88
C LEU A 3141 -91.75 -102.47 4.72
N THR A 3142 -91.70 -101.36 4.00
CA THR A 3142 -90.76 -101.21 2.90
C THR A 3142 -89.33 -101.31 3.41
N THR A 3143 -89.02 -100.64 4.51
CA THR A 3143 -87.67 -100.70 5.06
C THR A 3143 -87.32 -102.11 5.49
N LEU A 3144 -88.26 -102.81 6.12
CA LEU A 3144 -87.99 -104.18 6.56
C LEU A 3144 -87.71 -105.09 5.38
N PHE A 3145 -88.54 -105.00 4.33
CA PHE A 3145 -88.31 -105.82 3.16
C PHE A 3145 -86.99 -105.49 2.49
N GLN A 3146 -86.66 -104.20 2.40
CA GLN A 3146 -85.39 -103.80 1.81
C GLN A 3146 -84.23 -104.38 2.61
N HIS A 3147 -84.31 -104.31 3.93
CA HIS A 3147 -83.25 -104.86 4.77
C HIS A 3147 -83.11 -106.36 4.56
N ILE A 3148 -84.22 -107.08 4.54
CA ILE A 3148 -84.17 -108.53 4.34
C ILE A 3148 -83.55 -108.86 3.00
N ALA A 3149 -83.96 -108.16 1.95
CA ALA A 3149 -83.41 -108.42 0.62
C ALA A 3149 -81.92 -108.10 0.57
N GLN A 3150 -81.52 -106.98 1.18
CA GLN A 3150 -80.11 -106.61 1.14
C GLN A 3150 -79.24 -107.63 1.85
N HIS A 3151 -79.67 -108.13 3.00
CA HIS A 3151 -78.86 -109.07 3.75
C HIS A 3151 -79.15 -110.53 3.38
N GLN A 3152 -80.00 -110.77 2.39
CA GLN A 3152 -80.23 -112.12 1.88
C GLN A 3152 -80.87 -113.01 2.94
N PHE A 3153 -81.71 -112.40 3.77
CA PHE A 3153 -82.45 -113.13 4.79
C PHE A 3153 -83.73 -113.74 4.27
N GLY A 3154 -84.11 -113.45 3.01
CA GLY A 3154 -85.41 -113.87 2.54
C GLY A 3154 -85.60 -115.37 2.59
N ASP A 3155 -84.58 -116.14 2.21
CA ASP A 3155 -84.69 -117.58 2.18
C ASP A 3155 -84.96 -118.18 3.56
N ASP A 3156 -84.62 -117.47 4.64
CA ASP A 3156 -84.76 -117.99 5.99
C ASP A 3156 -85.86 -117.33 6.80
N VAL A 3157 -86.25 -116.11 6.47
CA VAL A 3157 -87.25 -115.38 7.25
C VAL A 3157 -88.63 -115.63 6.67
N ILE A 3158 -88.78 -115.44 5.36
CA ILE A 3158 -90.08 -115.49 4.73
C ILE A 3158 -90.41 -116.93 4.37
N LEU A 3159 -90.95 -117.67 5.33
CA LEU A 3159 -91.36 -119.05 5.14
C LEU A 3159 -92.66 -119.31 5.87
N ASP A 3160 -93.41 -120.30 5.40
CA ASP A 3160 -94.63 -120.72 6.06
C ASP A 3160 -95.59 -119.54 6.27
N ASP A 3161 -95.92 -119.23 7.51
CA ASP A 3161 -96.92 -118.21 7.79
C ASP A 3161 -96.47 -116.84 7.28
N VAL A 3162 -95.18 -116.54 7.43
CA VAL A 3162 -94.65 -115.29 6.90
C VAL A 3162 -94.81 -115.27 5.38
N GLN A 3163 -94.59 -116.42 4.74
CA GLN A 3163 -94.78 -116.50 3.29
C GLN A 3163 -96.22 -116.23 2.90
N VAL A 3164 -97.17 -116.79 3.66
CA VAL A 3164 -98.58 -116.56 3.36
C VAL A 3164 -98.92 -115.09 3.51
N SER A 3165 -98.44 -114.47 4.59
CA SER A 3165 -98.71 -113.05 4.79
C SER A 3165 -98.13 -112.21 3.67
N CYS A 3166 -96.90 -112.54 3.24
CA CYS A 3166 -96.30 -111.81 2.15
C CYS A 3166 -97.07 -112.01 0.85
N TYR A 3167 -97.56 -113.22 0.58
CA TYR A 3167 -98.39 -113.44 -0.58
C TYR A 3167 -99.62 -112.54 -0.55
N ARG A 3168 -100.31 -112.52 0.58
CA ARG A 3168 -101.50 -111.69 0.70
C ARG A 3168 -101.18 -110.23 0.45
N THR A 3169 -100.15 -109.71 1.12
CA THR A 3169 -99.79 -108.31 0.93
C THR A 3169 -99.44 -108.02 -0.52
N LEU A 3170 -98.57 -108.85 -1.11
CA LEU A 3170 -98.11 -108.61 -2.47
C LEU A 3170 -99.27 -108.53 -3.43
N CYS A 3171 -100.14 -109.54 -3.41
CA CYS A 3171 -101.14 -109.60 -4.47
C CYS A 3171 -102.37 -108.77 -4.13
N SER A 3172 -102.53 -108.32 -2.89
CA SER A 3172 -103.48 -107.24 -2.64
C SER A 3172 -103.00 -105.93 -3.25
N ILE A 3173 -101.73 -105.59 -3.00
CA ILE A 3173 -101.18 -104.38 -3.61
C ILE A 3173 -101.30 -104.46 -5.13
N TYR A 3174 -101.02 -105.62 -5.70
CA TYR A 3174 -101.17 -105.75 -7.14
C TYR A 3174 -102.63 -105.61 -7.58
N SER A 3175 -103.56 -106.25 -6.86
CA SER A 3175 -104.97 -106.15 -7.24
C SER A 3175 -105.44 -104.71 -7.20
N LEU A 3176 -104.76 -103.85 -6.44
CA LEU A 3176 -105.07 -102.43 -6.51
C LEU A 3176 -104.52 -101.83 -7.79
N GLY A 3177 -104.93 -102.37 -8.94
CA GLY A 3177 -104.45 -101.86 -10.21
C GLY A 3177 -105.57 -101.37 -11.10
N THR A 3178 -106.74 -101.98 -11.00
CA THR A 3178 -107.87 -101.59 -11.85
C THR A 3178 -108.47 -100.27 -11.37
N THR A 3179 -108.36 -99.98 -10.09
CA THR A 3179 -108.97 -98.77 -9.54
C THR A 3179 -108.35 -97.53 -10.14
N ARG A 3180 -109.18 -96.49 -10.31
CA ARG A 3180 -108.73 -95.22 -10.87
C ARG A 3180 -109.08 -94.05 -9.95
N ASN A 3181 -109.22 -94.32 -8.66
CA ASN A 3181 -109.63 -93.28 -7.73
C ASN A 3181 -108.47 -92.34 -7.44
N PRO A 3182 -108.74 -91.06 -7.13
CA PRO A 3182 -107.64 -90.13 -6.83
C PRO A 3182 -106.79 -90.55 -5.65
N TYR A 3183 -107.37 -91.19 -4.62
CA TYR A 3183 -106.54 -91.69 -3.53
C TYR A 3183 -105.53 -92.71 -4.04
N VAL A 3184 -105.99 -93.60 -4.93
CA VAL A 3184 -105.06 -94.55 -5.55
C VAL A 3184 -103.99 -93.81 -6.33
N GLU A 3185 -104.39 -92.79 -7.09
CA GLU A 3185 -103.41 -92.03 -7.86
C GLU A 3185 -102.35 -91.44 -6.95
N LYS A 3186 -102.75 -90.98 -5.77
CA LYS A 3186 -101.80 -90.38 -4.84
C LYS A 3186 -100.93 -91.42 -4.16
N LEU A 3187 -101.47 -92.59 -3.86
CA LEU A 3187 -100.76 -93.60 -3.09
C LEU A 3187 -99.96 -94.57 -3.93
N ARG A 3188 -100.10 -94.54 -5.25
CA ARG A 3188 -99.41 -95.52 -6.10
C ARG A 3188 -97.91 -95.57 -5.88
N PRO A 3189 -97.19 -94.46 -5.75
CA PRO A 3189 -95.74 -94.53 -5.58
C PRO A 3189 -95.28 -95.38 -4.40
N ALA A 3190 -95.85 -95.14 -3.22
CA ALA A 3190 -95.44 -95.87 -2.03
C ALA A 3190 -95.77 -97.35 -2.16
N LEU A 3191 -96.97 -97.66 -2.68
CA LEU A 3191 -97.34 -99.05 -2.86
C LEU A 3191 -96.39 -99.74 -3.84
N GLY A 3192 -96.02 -99.05 -4.92
CA GLY A 3192 -95.09 -99.63 -5.86
C GLY A 3192 -93.72 -99.88 -5.26
N GLU A 3193 -93.23 -98.95 -4.45
CA GLU A 3193 -91.94 -99.16 -3.80
C GLU A 3193 -92.00 -100.35 -2.85
N CYS A 3194 -93.08 -100.46 -2.08
CA CYS A 3194 -93.23 -101.60 -1.19
C CYS A 3194 -93.27 -102.91 -1.97
N LEU A 3195 -93.99 -102.91 -3.09
CA LEU A 3195 -94.05 -104.12 -3.90
C LEU A 3195 -92.68 -104.46 -4.48
N ALA A 3196 -91.90 -103.45 -4.88
CA ALA A 3196 -90.57 -103.73 -5.40
C ALA A 3196 -89.69 -104.37 -4.35
N ARG A 3197 -89.69 -103.81 -3.14
CA ARG A 3197 -88.89 -104.39 -2.07
C ARG A 3197 -89.35 -105.81 -1.74
N LEU A 3198 -90.67 -106.02 -1.70
CA LEU A 3198 -91.17 -107.35 -1.39
C LEU A 3198 -90.84 -108.35 -2.49
N ALA A 3199 -90.85 -107.91 -3.74
CA ALA A 3199 -90.46 -108.80 -4.82
C ALA A 3199 -88.98 -109.13 -4.75
N ALA A 3200 -88.16 -108.18 -4.32
CA ALA A 3200 -86.76 -108.47 -4.10
C ALA A 3200 -86.53 -109.47 -2.96
N ALA A 3201 -87.34 -109.39 -1.90
CA ALA A 3201 -87.13 -110.23 -0.73
C ALA A 3201 -87.83 -111.58 -0.78
N MET A 3202 -88.87 -111.73 -1.58
CA MET A 3202 -89.69 -112.94 -1.55
C MET A 3202 -88.89 -114.14 -2.07
N PRO A 3203 -88.85 -115.25 -1.34
CA PRO A 3203 -88.02 -116.38 -1.77
C PRO A 3203 -88.71 -117.36 -2.70
N VAL A 3204 -89.86 -116.98 -3.26
CA VAL A 3204 -90.61 -117.84 -4.17
C VAL A 3204 -90.89 -117.06 -5.44
N ALA A 3205 -90.67 -117.70 -6.59
CA ALA A 3205 -90.92 -117.07 -7.88
C ALA A 3205 -92.41 -117.01 -8.15
N PHE A 3206 -93.08 -115.99 -7.60
CA PHE A 3206 -94.54 -115.93 -7.71
C PHE A 3206 -94.98 -115.71 -9.15
N LEU A 3207 -94.10 -115.23 -10.01
CA LEU A 3207 -94.44 -115.00 -11.41
C LEU A 3207 -94.18 -116.21 -12.28
N GLU A 3208 -93.64 -117.30 -11.72
CA GLU A 3208 -93.35 -118.52 -12.46
C GLU A 3208 -93.85 -119.70 -11.65
N PRO A 3209 -95.17 -119.82 -11.47
CA PRO A 3209 -95.71 -120.90 -10.62
C PRO A 3209 -95.57 -122.28 -11.22
N GLU A 3210 -95.18 -122.39 -12.49
CA GLU A 3210 -95.07 -123.70 -13.13
C GLU A 3210 -93.82 -124.46 -12.70
N LEU A 3211 -92.86 -123.78 -12.07
CA LEU A 3211 -91.62 -124.42 -11.62
C LEU A 3211 -91.50 -124.44 -10.10
N ASN A 3212 -92.62 -124.23 -9.38
CA ASN A 3212 -92.55 -124.12 -7.94
C ASN A 3212 -92.08 -125.43 -7.30
N GLU A 3213 -92.32 -126.55 -7.95
CA GLU A 3213 -91.93 -127.84 -7.37
C GLU A 3213 -90.42 -127.96 -7.22
N TYR A 3214 -89.65 -127.10 -7.89
CA TYR A 3214 -88.20 -127.05 -7.74
C TYR A 3214 -87.74 -126.12 -6.63
N ASN A 3215 -88.65 -125.39 -5.99
CA ASN A 3215 -88.27 -124.44 -4.95
C ASN A 3215 -88.22 -125.13 -3.60
N ALA A 3216 -87.11 -124.97 -2.88
CA ALA A 3216 -86.95 -125.55 -1.56
C ALA A 3216 -87.54 -124.69 -0.46
N CYS A 3217 -87.78 -123.41 -0.71
CA CYS A 3217 -88.34 -122.51 0.29
C CYS A 3217 -89.84 -122.36 0.18
N SER A 3218 -90.47 -122.93 -0.85
CA SER A 3218 -91.90 -122.78 -1.02
C SER A 3218 -92.65 -123.49 0.10
N VAL A 3219 -93.76 -122.89 0.54
CA VAL A 3219 -94.56 -123.53 1.57
C VAL A 3219 -95.14 -124.83 1.07
N TYR A 3220 -95.47 -124.91 -0.21
CA TYR A 3220 -95.98 -126.16 -0.78
C TYR A 3220 -94.94 -127.28 -0.72
N THR A 3221 -93.66 -126.94 -0.61
CA THR A 3221 -92.60 -127.93 -0.48
C THR A 3221 -92.28 -128.23 0.98
N THR A 3222 -92.25 -127.20 1.82
CA THR A 3222 -91.95 -127.42 3.24
C THR A 3222 -93.10 -128.15 3.92
N LYS A 3223 -94.29 -127.53 3.93
CA LYS A 3223 -95.45 -128.14 4.57
C LYS A 3223 -95.99 -129.28 3.72
N SER A 3224 -96.26 -130.41 4.37
CA SER A 3224 -96.77 -131.58 3.67
C SER A 3224 -98.20 -131.33 3.20
N PRO A 3225 -98.66 -132.07 2.18
CA PRO A 3225 -100.04 -131.87 1.73
C PRO A 3225 -101.06 -132.15 2.80
N ARG A 3226 -100.75 -133.02 3.75
CA ARG A 3226 -101.61 -133.17 4.92
C ARG A 3226 -101.67 -131.85 5.69
N GLU A 3227 -100.55 -131.18 5.83
CA GLU A 3227 -100.55 -129.78 6.26
C GLU A 3227 -101.04 -128.94 5.09
N ARG A 3228 -101.17 -127.62 5.31
CA ARG A 3228 -101.67 -126.69 4.32
C ARG A 3228 -103.17 -126.85 4.13
N ALA A 3229 -103.76 -127.88 4.75
CA ALA A 3229 -105.21 -127.98 4.81
C ALA A 3229 -105.73 -127.46 6.13
N ILE A 3230 -104.93 -127.58 7.20
CA ILE A 3230 -105.26 -126.93 8.45
C ILE A 3230 -105.39 -125.42 8.24
N LEU A 3231 -104.47 -124.85 7.46
CA LEU A 3231 -104.59 -123.46 7.05
C LEU A 3231 -105.50 -123.38 5.83
N GLY A 3232 -105.67 -122.20 5.27
CA GLY A 3232 -106.50 -122.00 4.10
C GLY A 3232 -105.78 -122.12 2.79
N LEU A 3233 -104.60 -122.71 2.76
CA LEU A 3233 -103.80 -122.74 1.55
C LEU A 3233 -104.54 -123.50 0.45
N PRO A 3234 -104.66 -122.94 -0.75
CA PRO A 3234 -105.28 -123.69 -1.85
C PRO A 3234 -104.49 -124.95 -2.17
N ASN A 3235 -105.04 -125.73 -3.11
CA ASN A 3235 -104.42 -126.99 -3.48
C ASN A 3235 -103.16 -126.79 -4.30
N SER A 3236 -103.18 -125.84 -5.25
CA SER A 3236 -102.07 -125.60 -6.15
C SER A 3236 -101.54 -124.19 -5.96
N VAL A 3237 -100.23 -124.03 -6.18
CA VAL A 3237 -99.60 -122.72 -5.99
C VAL A 3237 -100.22 -121.69 -6.91
N GLU A 3238 -100.68 -122.10 -8.10
CA GLU A 3238 -101.28 -121.15 -9.03
C GLU A 3238 -102.45 -120.44 -8.40
N GLU A 3239 -103.13 -121.09 -7.44
CA GLU A 3239 -104.31 -120.50 -6.84
C GLU A 3239 -104.00 -119.66 -5.62
N MET A 3240 -102.72 -119.50 -5.27
CA MET A 3240 -102.39 -118.66 -4.11
C MET A 3240 -103.07 -117.31 -4.24
N CYS A 3241 -102.95 -116.67 -5.40
CA CYS A 3241 -103.92 -115.68 -5.86
C CYS A 3241 -103.62 -115.41 -7.33
N PRO A 3242 -104.63 -115.50 -8.20
CA PRO A 3242 -104.37 -115.57 -9.64
C PRO A 3242 -104.30 -114.21 -10.33
N ASP A 3243 -104.65 -113.15 -9.63
CA ASP A 3243 -104.74 -111.83 -10.28
C ASP A 3243 -103.43 -111.49 -10.99
N ILE A 3244 -102.30 -111.89 -10.43
CA ILE A 3244 -101.00 -111.52 -11.02
C ILE A 3244 -100.75 -112.40 -12.24
N PRO A 3245 -100.50 -111.83 -13.42
CA PRO A 3245 -100.13 -112.66 -14.58
C PRO A 3245 -98.75 -113.26 -14.41
N VAL A 3246 -98.48 -114.27 -15.22
CA VAL A 3246 -97.17 -114.92 -15.20
C VAL A 3246 -96.14 -114.01 -15.86
N LEU A 3247 -94.87 -114.39 -15.70
CA LEU A 3247 -93.77 -113.56 -16.17
C LEU A 3247 -93.87 -113.34 -17.69
N GLU A 3248 -94.19 -114.39 -18.43
CA GLU A 3248 -94.30 -114.25 -19.88
C GLU A 3248 -95.39 -113.26 -20.26
N ARG A 3249 -96.55 -113.36 -19.62
CA ARG A 3249 -97.64 -112.44 -19.92
C ARG A 3249 -97.25 -111.01 -19.57
N LEU A 3250 -96.61 -110.81 -18.42
CA LEU A 3250 -96.23 -109.46 -18.02
C LEU A 3250 -95.24 -108.86 -19.01
N MET A 3251 -94.24 -109.65 -19.41
CA MET A 3251 -93.26 -109.15 -20.37
C MET A 3251 -93.93 -108.81 -21.69
N ALA A 3252 -94.83 -109.68 -22.16
CA ALA A 3252 -95.52 -109.42 -23.41
C ALA A 3252 -96.34 -108.14 -23.34
N GLU A 3253 -97.06 -107.95 -22.23
CA GLU A 3253 -97.89 -106.76 -22.09
C GLU A 3253 -97.03 -105.49 -22.06
N ILE A 3254 -95.94 -105.51 -21.29
CA ILE A 3254 -95.10 -104.33 -21.21
C ILE A 3254 -94.51 -104.01 -22.57
N GLY A 3255 -94.01 -105.03 -23.27
CA GLY A 3255 -93.45 -104.79 -24.59
C GLY A 3255 -94.49 -104.24 -25.56
N GLY A 3256 -95.68 -104.83 -25.57
CA GLY A 3256 -96.72 -104.36 -26.45
C GLY A 3256 -97.08 -102.92 -26.19
N LEU A 3257 -97.22 -102.55 -24.92
CA LEU A 3257 -97.57 -101.18 -24.59
C LEU A 3257 -96.45 -100.22 -24.99
N ALA A 3258 -95.20 -100.57 -24.70
CA ALA A 3258 -94.10 -99.70 -25.05
C ALA A 3258 -94.03 -99.49 -26.56
N GLU A 3259 -94.22 -100.56 -27.33
CA GLU A 3259 -94.22 -100.41 -28.78
C GLU A 3259 -95.39 -99.55 -29.25
N SER A 3260 -96.58 -99.77 -28.68
CA SER A 3260 -97.73 -98.98 -29.08
C SER A 3260 -97.57 -97.51 -28.70
N GLY A 3261 -96.67 -97.19 -27.78
CA GLY A 3261 -96.42 -95.81 -27.44
C GLY A 3261 -97.44 -95.21 -26.50
N ALA A 3262 -98.04 -96.01 -25.64
CA ALA A 3262 -99.00 -95.49 -24.68
C ALA A 3262 -98.33 -94.50 -23.74
N ARG A 3263 -99.13 -93.60 -23.18
CA ARG A 3263 -98.65 -92.57 -22.28
C ARG A 3263 -99.02 -92.90 -20.84
N TYR A 3264 -98.39 -92.17 -19.91
CA TYR A 3264 -98.55 -92.44 -18.49
C TYR A 3264 -100.02 -92.46 -18.12
N THR A 3265 -100.82 -91.61 -18.77
CA THR A 3265 -102.26 -91.59 -18.50
C THR A 3265 -102.90 -92.92 -18.87
N GLU A 3266 -102.39 -93.60 -19.89
CA GLU A 3266 -102.93 -94.89 -20.31
C GLU A 3266 -102.24 -96.07 -19.64
N MET A 3267 -101.14 -95.84 -18.93
CA MET A 3267 -100.46 -96.93 -18.22
C MET A 3267 -100.03 -96.49 -16.83
N PRO A 3268 -100.94 -95.99 -15.99
CA PRO A 3268 -100.48 -95.54 -14.66
C PRO A 3268 -100.08 -96.69 -13.76
N HIS A 3269 -100.89 -97.74 -13.71
CA HIS A 3269 -100.57 -98.88 -12.84
C HIS A 3269 -99.26 -99.53 -13.25
N VAL A 3270 -99.09 -99.79 -14.55
CA VAL A 3270 -97.89 -100.46 -15.01
C VAL A 3270 -96.65 -99.72 -14.52
N ILE A 3271 -96.50 -98.46 -14.94
CA ILE A 3271 -95.27 -97.72 -14.70
C ILE A 3271 -94.93 -97.65 -13.22
N GLU A 3272 -95.95 -97.50 -12.35
CA GLU A 3272 -95.69 -97.24 -10.95
C GLU A 3272 -95.66 -98.48 -10.07
N ILE A 3273 -96.18 -99.60 -10.54
CA ILE A 3273 -96.24 -100.81 -9.71
C ILE A 3273 -95.56 -101.98 -10.40
N THR A 3274 -95.98 -102.28 -11.63
CA THR A 3274 -95.53 -103.51 -12.27
C THR A 3274 -94.07 -103.42 -12.66
N LEU A 3275 -93.67 -102.29 -13.27
CA LEU A 3275 -92.27 -102.16 -13.67
C LEU A 3275 -91.34 -102.15 -12.46
N PRO A 3276 -91.61 -101.39 -11.41
CA PRO A 3276 -90.76 -101.49 -10.22
C PRO A 3276 -90.73 -102.89 -9.62
N MET A 3277 -91.85 -103.62 -9.67
CA MET A 3277 -91.84 -104.99 -9.18
C MET A 3277 -90.92 -105.87 -10.03
N LEU A 3278 -90.99 -105.71 -11.35
CA LEU A 3278 -90.19 -106.53 -12.25
C LEU A 3278 -88.70 -106.19 -12.16
N CYS A 3279 -88.36 -104.93 -11.99
CA CYS A 3279 -86.97 -104.51 -11.89
C CYS A 3279 -86.30 -105.04 -10.64
N SER A 3280 -87.06 -105.54 -9.68
CA SER A 3280 -86.50 -106.22 -8.51
C SER A 3280 -86.66 -107.72 -8.61
N TYR A 3281 -87.69 -108.19 -9.30
CA TYR A 3281 -87.88 -109.63 -9.47
C TYR A 3281 -86.81 -110.22 -10.36
N LEU A 3282 -86.57 -109.61 -11.51
CA LEU A 3282 -85.64 -110.20 -12.48
C LEU A 3282 -84.22 -110.28 -11.95
N PRO A 3283 -83.64 -109.22 -11.38
CA PRO A 3283 -82.28 -109.35 -10.85
C PRO A 3283 -82.12 -110.44 -9.81
N ARG A 3284 -83.11 -110.65 -8.96
CA ARG A 3284 -82.99 -111.63 -7.89
C ARG A 3284 -83.01 -113.05 -8.44
N TRP A 3285 -83.87 -113.32 -9.40
CA TRP A 3285 -84.03 -114.67 -9.92
C TRP A 3285 -83.09 -114.98 -11.06
N TRP A 3286 -82.42 -113.98 -11.62
CA TRP A 3286 -81.38 -114.25 -12.61
C TRP A 3286 -80.22 -115.01 -11.97
N GLU A 3287 -79.81 -114.60 -10.76
CA GLU A 3287 -78.68 -115.25 -10.11
C GLU A 3287 -78.99 -116.67 -9.69
N ARG A 3288 -80.26 -116.99 -9.43
CA ARG A 3288 -80.66 -118.31 -8.97
C ARG A 3288 -81.26 -119.16 -10.08
N GLY A 3289 -81.46 -118.61 -11.26
CA GLY A 3289 -81.92 -119.39 -12.39
C GLY A 3289 -80.75 -119.90 -13.21
N PRO A 3290 -81.04 -120.39 -14.42
CA PRO A 3290 -79.95 -120.83 -15.29
C PRO A 3290 -79.11 -119.65 -15.75
N GLU A 3291 -78.07 -119.89 -16.54
CA GLU A 3291 -77.26 -118.80 -17.06
C GLU A 3291 -76.72 -117.97 -15.90
N ALA A 3292 -76.38 -118.64 -14.80
CA ALA A 3292 -75.82 -117.98 -13.64
C ALA A 3292 -74.56 -118.71 -13.19
N PRO A 3293 -73.62 -118.02 -12.54
CA PRO A 3293 -72.42 -118.69 -12.04
C PRO A 3293 -72.79 -119.93 -11.26
N PRO A 3294 -72.36 -121.11 -11.72
CA PRO A 3294 -72.65 -122.35 -10.98
C PRO A 3294 -71.49 -122.75 -10.07
N PRO A 3295 -71.28 -122.09 -8.93
CA PRO A 3295 -70.27 -122.61 -8.00
C PRO A 3295 -70.77 -123.82 -7.23
N ALA A 3296 -72.02 -123.82 -6.81
CA ALA A 3296 -72.61 -124.91 -6.04
C ALA A 3296 -73.33 -125.93 -6.92
N LEU A 3297 -73.30 -125.75 -8.25
CA LEU A 3297 -73.94 -126.71 -9.14
C LEU A 3297 -73.45 -128.14 -8.91
N PRO A 3298 -72.14 -128.40 -8.74
CA PRO A 3298 -71.65 -129.79 -8.74
C PRO A 3298 -72.33 -130.69 -7.73
N ALA A 3299 -72.84 -130.12 -6.64
CA ALA A 3299 -73.51 -130.93 -5.63
C ALA A 3299 -74.89 -131.32 -6.11
N GLY A 3300 -74.95 -131.99 -7.26
CA GLY A 3300 -76.20 -132.38 -7.88
C GLY A 3300 -77.28 -131.33 -7.76
N ALA A 3301 -77.00 -130.12 -8.22
CA ALA A 3301 -77.97 -129.04 -8.07
C ALA A 3301 -79.27 -129.39 -8.81
N PRO A 3302 -80.43 -129.33 -8.16
CA PRO A 3302 -81.68 -129.55 -8.87
C PRO A 3302 -81.92 -128.44 -9.88
N PRO A 3303 -82.77 -128.66 -10.87
CA PRO A 3303 -83.01 -127.63 -11.88
C PRO A 3303 -83.53 -126.36 -11.24
N PRO A 3304 -83.18 -125.19 -11.78
CA PRO A 3304 -83.60 -123.94 -11.16
C PRO A 3304 -85.12 -123.79 -11.15
N CYS A 3305 -85.62 -123.08 -10.16
CA CYS A 3305 -87.04 -122.84 -10.01
C CYS A 3305 -87.53 -121.67 -10.86
N THR A 3306 -86.64 -121.02 -11.60
CA THR A 3306 -86.99 -119.89 -12.45
C THR A 3306 -86.37 -120.09 -13.83
N ALA A 3307 -86.86 -119.30 -14.79
CA ALA A 3307 -86.38 -119.35 -16.16
C ALA A 3307 -85.81 -118.02 -16.61
N VAL A 3308 -85.44 -117.15 -15.68
CA VAL A 3308 -84.96 -115.82 -16.03
C VAL A 3308 -83.54 -115.92 -16.57
N THR A 3309 -83.31 -115.33 -17.74
CA THR A 3309 -82.00 -115.21 -18.35
C THR A 3309 -81.66 -113.73 -18.52
N SER A 3310 -80.55 -113.46 -19.20
CA SER A 3310 -80.20 -112.08 -19.50
C SER A 3310 -81.13 -111.49 -20.55
N ASP A 3311 -81.78 -112.34 -21.34
CA ASP A 3311 -82.69 -111.83 -22.36
C ASP A 3311 -83.87 -111.10 -21.72
N HIS A 3312 -84.39 -111.63 -20.61
CA HIS A 3312 -85.48 -110.97 -19.92
C HIS A 3312 -85.08 -109.58 -19.47
N LEU A 3313 -83.91 -109.46 -18.82
CA LEU A 3313 -83.47 -108.16 -18.34
C LEU A 3313 -83.19 -107.20 -19.49
N ASN A 3314 -82.58 -107.68 -20.56
CA ASN A 3314 -82.31 -106.81 -21.70
C ASN A 3314 -83.61 -106.30 -22.32
N SER A 3315 -84.59 -107.18 -22.48
CA SER A 3315 -85.87 -106.77 -23.03
C SER A 3315 -86.56 -105.77 -22.12
N LEU A 3316 -86.51 -106.00 -20.81
CA LEU A 3316 -87.15 -105.08 -19.88
C LEU A 3316 -86.49 -103.71 -19.94
N LEU A 3317 -85.17 -103.66 -20.00
CA LEU A 3317 -84.49 -102.37 -20.09
C LEU A 3317 -84.83 -101.67 -21.40
N GLY A 3318 -84.88 -102.43 -22.50
CA GLY A 3318 -85.28 -101.82 -23.76
C GLY A 3318 -86.68 -101.24 -23.70
N ASN A 3319 -87.60 -101.97 -23.07
CA ASN A 3319 -88.97 -101.48 -22.97
C ASN A 3319 -89.05 -100.25 -22.09
N ILE A 3320 -88.30 -100.23 -20.99
CA ILE A 3320 -88.28 -99.05 -20.12
C ILE A 3320 -87.78 -97.84 -20.89
N LEU A 3321 -86.70 -98.01 -21.65
CA LEU A 3321 -86.18 -96.91 -22.44
C LEU A 3321 -87.19 -96.45 -23.47
N ARG A 3322 -87.87 -97.40 -24.12
CA ARG A 3322 -88.88 -97.03 -25.10
C ARG A 3322 -89.99 -96.22 -24.46
N ILE A 3323 -90.41 -96.61 -23.25
CA ILE A 3323 -91.48 -95.89 -22.56
C ILE A 3323 -91.04 -94.47 -22.23
N ILE A 3324 -89.82 -94.33 -21.72
CA ILE A 3324 -89.34 -92.99 -21.39
C ILE A 3324 -89.26 -92.14 -22.65
N VAL A 3325 -88.81 -92.71 -23.76
CA VAL A 3325 -88.74 -91.97 -25.01
C VAL A 3325 -90.14 -91.56 -25.46
N ASN A 3326 -91.10 -92.47 -25.36
CA ASN A 3326 -92.47 -92.15 -25.74
C ASN A 3326 -93.05 -91.03 -24.91
N ASN A 3327 -92.65 -90.91 -23.64
CA ASN A 3327 -93.15 -89.85 -22.78
C ASN A 3327 -92.16 -88.69 -22.67
N LEU A 3328 -91.17 -88.65 -23.54
CA LEU A 3328 -90.22 -87.54 -23.57
C LEU A 3328 -90.92 -86.25 -23.97
N GLY A 3329 -90.62 -85.16 -23.27
CA GLY A 3329 -91.09 -83.84 -23.63
C GLY A 3329 -92.41 -83.44 -22.99
N ILE A 3330 -93.09 -84.36 -22.31
CA ILE A 3330 -94.36 -84.02 -21.69
C ILE A 3330 -94.14 -82.99 -20.60
N ASP A 3331 -95.16 -82.16 -20.38
CA ASP A 3331 -95.01 -81.03 -19.45
C ASP A 3331 -94.80 -81.52 -18.02
N GLU A 3332 -95.54 -82.55 -17.61
CA GLU A 3332 -95.48 -83.03 -16.24
C GLU A 3332 -95.28 -84.54 -16.22
N ALA A 3333 -94.11 -84.97 -15.74
CA ALA A 3333 -93.87 -86.38 -15.50
C ALA A 3333 -92.89 -86.56 -14.35
N SER A 3334 -93.42 -86.73 -13.13
CA SER A 3334 -92.58 -86.95 -11.96
C SER A 3334 -92.21 -88.41 -11.78
N TRP A 3335 -92.83 -89.31 -12.54
CA TRP A 3335 -92.54 -90.73 -12.40
C TRP A 3335 -91.25 -91.13 -13.09
N MET A 3336 -90.69 -90.23 -13.91
CA MET A 3336 -89.49 -90.59 -14.68
C MET A 3336 -88.32 -90.90 -13.77
N LYS A 3337 -88.10 -90.06 -12.75
CA LYS A 3337 -86.99 -90.29 -11.84
C LYS A 3337 -87.17 -91.59 -11.07
N ARG A 3338 -88.38 -91.85 -10.60
CA ARG A 3338 -88.63 -93.10 -9.87
C ARG A 3338 -88.37 -94.30 -10.76
N LEU A 3339 -88.86 -94.25 -12.00
CA LEU A 3339 -88.67 -95.38 -12.90
C LEU A 3339 -87.19 -95.60 -13.19
N ALA A 3340 -86.44 -94.52 -13.40
CA ALA A 3340 -85.01 -94.66 -13.64
C ALA A 3340 -84.30 -95.29 -12.45
N VAL A 3341 -84.63 -94.82 -11.25
CA VAL A 3341 -84.00 -95.37 -10.06
C VAL A 3341 -84.33 -96.85 -9.92
N PHE A 3342 -85.58 -97.22 -10.17
CA PHE A 3342 -85.95 -98.62 -10.05
C PHE A 3342 -85.31 -99.48 -11.12
N ALA A 3343 -85.07 -98.92 -12.31
CA ALA A 3343 -84.50 -99.67 -13.41
C ALA A 3343 -82.99 -99.79 -13.32
N GLN A 3344 -82.33 -98.94 -12.55
CA GLN A 3344 -80.86 -98.96 -12.49
C GLN A 3344 -80.28 -100.35 -12.25
N PRO A 3345 -80.76 -101.14 -11.29
CA PRO A 3345 -80.12 -102.44 -11.02
C PRO A 3345 -80.08 -103.38 -12.21
N ILE A 3346 -81.07 -103.35 -13.11
CA ILE A 3346 -81.15 -104.31 -14.20
C ILE A 3346 -80.21 -103.97 -15.35
N VAL A 3347 -79.47 -102.87 -15.26
CA VAL A 3347 -78.65 -102.45 -16.39
C VAL A 3347 -77.33 -103.21 -16.46
N SER A 3348 -76.87 -103.80 -15.35
CA SER A 3348 -75.59 -104.49 -15.37
C SER A 3348 -75.59 -105.67 -16.33
N ARG A 3349 -76.77 -106.20 -16.67
CA ARG A 3349 -76.88 -107.33 -17.57
C ARG A 3349 -77.30 -106.93 -18.97
N ALA A 3350 -77.25 -105.65 -19.29
CA ALA A 3350 -77.62 -105.19 -20.62
C ALA A 3350 -76.64 -105.73 -21.65
N ARG A 3351 -77.16 -106.09 -22.81
CA ARG A 3351 -76.33 -106.66 -23.86
C ARG A 3351 -75.69 -105.57 -24.71
N PRO A 3352 -74.65 -105.90 -25.47
CA PRO A 3352 -73.99 -104.87 -26.29
C PRO A 3352 -74.89 -104.23 -27.32
N GLU A 3353 -75.86 -104.94 -27.88
CA GLU A 3353 -76.66 -104.39 -28.96
C GLU A 3353 -77.58 -103.28 -28.47
N LEU A 3354 -77.81 -103.19 -27.16
CA LEU A 3354 -78.67 -102.15 -26.63
C LEU A 3354 -78.16 -100.78 -27.04
N LEU A 3355 -76.84 -100.59 -27.05
CA LEU A 3355 -76.29 -99.28 -27.42
C LEU A 3355 -76.94 -98.76 -28.69
N ARG A 3356 -76.68 -99.43 -29.80
CA ARG A 3356 -77.19 -98.96 -31.09
C ARG A 3356 -78.70 -99.04 -31.14
N SER A 3357 -79.29 -100.09 -30.57
CA SER A 3357 -80.72 -100.30 -30.73
C SER A 3357 -81.53 -99.18 -30.06
N HIS A 3358 -81.19 -98.85 -28.81
CA HIS A 3358 -81.98 -97.90 -28.03
C HIS A 3358 -81.21 -96.64 -27.66
N PHE A 3359 -80.00 -96.76 -27.11
CA PHE A 3359 -79.38 -95.62 -26.45
C PHE A 3359 -79.02 -94.54 -27.46
N ILE A 3360 -78.53 -94.93 -28.64
CA ILE A 3360 -78.12 -93.95 -29.63
C ILE A 3360 -79.29 -93.08 -30.09
N PRO A 3361 -80.40 -93.65 -30.56
CA PRO A 3361 -81.52 -92.78 -30.98
C PRO A 3361 -82.05 -91.89 -29.86
N THR A 3362 -82.11 -92.40 -28.63
CA THR A 3362 -82.66 -91.62 -27.53
C THR A 3362 -81.81 -90.38 -27.27
N ILE A 3363 -80.50 -90.57 -27.10
CA ILE A 3363 -79.62 -89.44 -26.87
C ILE A 3363 -79.58 -88.54 -28.09
N GLY A 3364 -79.80 -89.12 -29.28
CA GLY A 3364 -79.89 -88.28 -30.47
C GLY A 3364 -81.05 -87.33 -30.41
N ARG A 3365 -82.22 -87.83 -30.02
CA ARG A 3365 -83.39 -86.97 -29.86
C ARG A 3365 -83.12 -85.91 -28.79
N LEU A 3366 -82.49 -86.31 -27.69
CA LEU A 3366 -82.21 -85.35 -26.63
C LEU A 3366 -81.29 -84.24 -27.13
N ARG A 3367 -80.25 -84.60 -27.88
CA ARG A 3367 -79.33 -83.61 -28.42
C ARG A 3367 -80.05 -82.68 -29.39
N LYS A 3368 -80.94 -83.23 -30.22
CA LYS A 3368 -81.68 -82.40 -31.16
C LYS A 3368 -82.54 -81.39 -30.41
N ARG A 3369 -83.22 -81.84 -29.36
CA ARG A 3369 -84.05 -80.92 -28.57
C ARG A 3369 -83.19 -79.85 -27.91
N ALA A 3370 -82.03 -80.24 -27.38
CA ALA A 3370 -81.15 -79.26 -26.77
C ALA A 3370 -80.71 -78.22 -27.79
N GLY A 3371 -80.42 -78.64 -29.00
CA GLY A 3371 -80.05 -77.71 -30.05
C GLY A 3371 -81.17 -76.73 -30.35
N LYS A 3372 -82.40 -77.24 -30.45
CA LYS A 3372 -83.54 -76.35 -30.70
C LYS A 3372 -83.68 -75.31 -29.59
N VAL A 3373 -83.60 -75.76 -28.34
CA VAL A 3373 -83.76 -74.82 -27.22
C VAL A 3373 -82.64 -73.79 -27.22
N VAL A 3374 -81.43 -74.21 -27.54
CA VAL A 3374 -80.31 -73.28 -27.57
C VAL A 3374 -80.51 -72.24 -28.67
N ALA A 3375 -81.02 -72.68 -29.83
CA ALA A 3375 -81.27 -71.73 -30.90
C ALA A 3375 -82.32 -70.70 -30.49
N GLU A 3376 -83.38 -71.16 -29.82
CA GLU A 3376 -84.38 -70.22 -29.34
C GLU A 3376 -83.78 -69.24 -28.34
N GLU A 3377 -82.94 -69.74 -27.43
CA GLU A 3377 -82.30 -68.86 -26.46
C GLU A 3377 -81.38 -67.86 -27.15
N GLU A 3378 -80.76 -68.25 -28.26
CA GLU A 3378 -79.93 -67.33 -29.01
C GLU A 3378 -80.76 -66.21 -29.63
N GLN A 3379 -81.85 -66.57 -30.30
CA GLN A 3379 -82.73 -65.54 -30.88
C GLN A 3379 -83.34 -64.66 -29.80
N LEU A 3380 -83.49 -65.16 -28.58
CA LEU A 3380 -83.99 -64.34 -27.49
C LEU A 3380 -83.07 -63.15 -27.26
N ARG A 3381 -81.75 -63.33 -27.44
CA ARG A 3381 -80.83 -62.20 -27.29
C ARG A 3381 -81.09 -61.14 -28.33
N LEU A 3382 -81.32 -61.54 -29.58
CA LEU A 3382 -81.68 -60.58 -30.61
C LEU A 3382 -82.99 -59.87 -30.31
N GLU A 3383 -83.94 -60.55 -29.69
CA GLU A 3383 -85.19 -59.91 -29.31
C GLU A 3383 -84.94 -58.81 -28.27
N ALA A 3384 -85.88 -57.87 -28.19
CA ALA A 3384 -85.73 -56.70 -27.33
C ALA A 3384 -85.96 -57.04 -25.86
N LYS A 3385 -85.99 -56.02 -25.01
CA LYS A 3385 -86.08 -56.20 -23.56
C LYS A 3385 -87.51 -56.43 -23.08
N ALA A 3386 -88.50 -56.28 -23.96
CA ALA A 3386 -89.90 -56.43 -23.56
C ALA A 3386 -90.40 -57.84 -23.86
N GLU A 3387 -90.34 -58.29 -25.11
CA GLU A 3387 -90.84 -59.63 -25.43
C GLU A 3387 -89.86 -60.71 -24.96
N ALA A 3388 -88.62 -60.33 -24.64
CA ALA A 3388 -87.63 -61.32 -24.22
C ALA A 3388 -88.06 -62.01 -22.94
N GLU A 3389 -88.71 -61.28 -22.03
CA GLU A 3389 -89.09 -61.86 -20.74
C GLU A 3389 -90.01 -63.05 -20.94
N GLU A 3390 -91.05 -62.89 -21.77
CA GLU A 3390 -91.93 -64.02 -22.07
C GLU A 3390 -91.15 -65.13 -22.78
N GLY A 3391 -90.31 -64.74 -23.75
CA GLY A 3391 -89.47 -65.73 -24.39
C GLY A 3391 -88.48 -66.36 -23.42
N GLU A 3392 -87.97 -65.57 -22.48
CA GLU A 3392 -87.08 -66.11 -21.47
C GLU A 3392 -87.77 -67.18 -20.64
N LEU A 3393 -89.02 -66.91 -20.23
CA LEU A 3393 -89.78 -67.91 -19.49
C LEU A 3393 -90.05 -69.15 -20.34
N LEU A 3394 -90.37 -68.95 -21.62
CA LEU A 3394 -90.64 -70.08 -22.50
C LEU A 3394 -89.42 -70.99 -22.61
N VAL A 3395 -88.25 -70.39 -22.89
CA VAL A 3395 -87.03 -71.20 -23.02
C VAL A 3395 -86.65 -71.78 -21.67
N ARG A 3396 -86.96 -71.09 -20.58
CA ARG A 3396 -86.74 -71.64 -19.25
C ARG A 3396 -87.52 -72.93 -19.08
N ASP A 3397 -88.79 -72.91 -19.47
CA ASP A 3397 -89.62 -74.12 -19.35
C ASP A 3397 -89.09 -75.24 -20.23
N GLU A 3398 -88.71 -74.91 -21.47
CA GLU A 3398 -88.18 -75.94 -22.36
C GLU A 3398 -86.90 -76.54 -21.81
N PHE A 3399 -85.98 -75.71 -21.30
CA PHE A 3399 -84.77 -76.23 -20.68
C PHE A 3399 -85.07 -77.03 -19.43
N SER A 3400 -86.11 -76.67 -18.67
CA SER A 3400 -86.46 -77.46 -17.50
C SER A 3400 -86.94 -78.85 -17.88
N VAL A 3401 -87.81 -78.95 -18.89
CA VAL A 3401 -88.26 -80.29 -19.31
C VAL A 3401 -87.10 -81.08 -19.91
N LEU A 3402 -86.23 -80.40 -20.65
CA LEU A 3402 -85.06 -81.09 -21.19
C LEU A 3402 -84.16 -81.60 -20.08
N CYS A 3403 -83.96 -80.81 -19.03
CA CYS A 3403 -83.14 -81.26 -17.91
C CYS A 3403 -83.80 -82.42 -17.18
N ARG A 3404 -85.13 -82.41 -17.09
CA ARG A 3404 -85.83 -83.55 -16.48
C ARG A 3404 -85.58 -84.81 -17.28
N ASP A 3405 -85.73 -84.74 -18.60
CA ASP A 3405 -85.47 -85.93 -19.42
C ASP A 3405 -84.02 -86.38 -19.29
N LEU A 3406 -83.10 -85.43 -19.25
CA LEU A 3406 -81.68 -85.77 -19.11
C LEU A 3406 -81.42 -86.45 -17.78
N TYR A 3407 -81.99 -85.94 -16.71
CA TYR A 3407 -81.76 -86.55 -15.40
C TYR A 3407 -82.52 -87.80 -15.21
N ALA A 3408 -83.46 -88.10 -16.09
CA ALA A 3408 -84.13 -89.40 -16.08
C ALA A 3408 -83.40 -90.45 -16.89
N LEU A 3409 -82.77 -90.07 -18.00
CA LEU A 3409 -82.12 -91.04 -18.87
C LEU A 3409 -80.63 -91.21 -18.60
N TYR A 3410 -79.92 -90.14 -18.24
CA TYR A 3410 -78.47 -90.24 -18.08
C TYR A 3410 -78.06 -91.26 -17.03
N PRO A 3411 -78.66 -91.28 -15.84
CA PRO A 3411 -78.21 -92.28 -14.85
C PRO A 3411 -78.26 -93.71 -15.36
N LEU A 3412 -79.22 -94.03 -16.23
CA LEU A 3412 -79.21 -95.33 -16.89
C LEU A 3412 -78.02 -95.43 -17.85
N LEU A 3413 -77.73 -94.36 -18.58
CA LEU A 3413 -76.63 -94.39 -19.53
C LEU A 3413 -75.30 -94.54 -18.82
N ILE A 3414 -75.13 -93.85 -17.68
CA ILE A 3414 -73.86 -93.90 -16.98
C ILE A 3414 -73.52 -95.34 -16.59
N ARG A 3415 -74.50 -96.06 -16.06
CA ARG A 3415 -74.26 -97.45 -15.67
C ARG A 3415 -73.92 -98.30 -16.89
N TYR A 3416 -74.59 -98.05 -18.01
CA TYR A 3416 -74.28 -98.80 -19.23
C TYR A 3416 -72.84 -98.57 -19.66
N VAL A 3417 -72.40 -97.32 -19.61
CA VAL A 3417 -71.02 -97.00 -19.99
C VAL A 3417 -70.04 -97.71 -19.05
N ASP A 3418 -70.31 -97.64 -17.75
CA ASP A 3418 -69.39 -98.24 -16.78
C ASP A 3418 -69.21 -99.73 -17.07
N ASN A 3419 -70.27 -100.40 -17.49
CA ASN A 3419 -70.23 -101.84 -17.73
C ASN A 3419 -69.75 -102.19 -19.12
N ASN A 3420 -69.42 -101.22 -19.96
CA ASN A 3420 -68.97 -101.48 -21.31
C ASN A 3420 -67.79 -100.62 -21.75
N ARG A 3421 -67.32 -99.71 -20.92
CA ARG A 3421 -66.21 -98.85 -21.31
C ARG A 3421 -64.97 -99.68 -21.59
N ALA A 3422 -64.72 -100.70 -20.76
CA ALA A 3422 -63.54 -101.54 -20.97
C ALA A 3422 -63.56 -102.17 -22.34
N HIS A 3423 -64.69 -102.77 -22.72
CA HIS A 3423 -64.79 -103.41 -24.02
C HIS A 3423 -64.67 -102.38 -25.14
N TRP A 3424 -65.32 -101.23 -24.97
CA TRP A 3424 -65.25 -100.21 -26.01
C TRP A 3424 -63.81 -99.74 -26.24
N LEU A 3425 -63.07 -99.54 -25.16
CA LEU A 3425 -61.69 -99.08 -25.28
C LEU A 3425 -60.80 -100.18 -25.84
N THR A 3426 -60.99 -101.43 -25.41
CA THR A 3426 -60.17 -102.52 -25.92
C THR A 3426 -60.38 -102.71 -27.41
N GLU A 3427 -61.63 -102.65 -27.85
CA GLU A 3427 -61.96 -102.78 -29.27
C GLU A 3427 -62.66 -101.51 -29.73
N PRO A 3428 -62.06 -100.69 -30.60
CA PRO A 3428 -62.72 -99.45 -31.00
C PRO A 3428 -64.10 -99.70 -31.58
N ASN A 3429 -65.04 -98.83 -31.23
CA ASN A 3429 -66.43 -99.00 -31.62
C ASN A 3429 -66.97 -97.70 -32.23
N PRO A 3430 -67.34 -97.69 -33.51
CA PRO A 3430 -67.92 -96.45 -34.09
C PRO A 3430 -69.18 -96.02 -33.37
N ASN A 3431 -69.98 -96.96 -32.88
CA ASN A 3431 -71.19 -96.59 -32.14
C ASN A 3431 -70.82 -95.86 -30.85
N ALA A 3432 -69.81 -96.36 -30.15
CA ALA A 3432 -69.36 -95.67 -28.95
C ALA A 3432 -68.81 -94.29 -29.28
N GLU A 3433 -68.11 -94.15 -30.41
CA GLU A 3433 -67.65 -92.84 -30.81
C GLU A 3433 -68.81 -91.90 -31.09
N GLU A 3434 -69.85 -92.39 -31.74
CA GLU A 3434 -71.04 -91.57 -31.99
C GLU A 3434 -71.70 -91.16 -30.68
N LEU A 3435 -71.79 -92.08 -29.72
CA LEU A 3435 -72.33 -91.73 -28.41
C LEU A 3435 -71.50 -90.65 -27.75
N PHE A 3436 -70.18 -90.75 -27.86
CA PHE A 3436 -69.33 -89.70 -27.32
C PHE A 3436 -69.63 -88.37 -27.98
N ARG A 3437 -69.78 -88.38 -29.31
CA ARG A 3437 -70.08 -87.14 -30.02
C ARG A 3437 -71.38 -86.52 -29.49
N MET A 3438 -72.41 -87.34 -29.33
CA MET A 3438 -73.70 -86.84 -28.87
C MET A 3438 -73.58 -86.25 -27.47
N VAL A 3439 -72.98 -87.00 -26.55
CA VAL A 3439 -72.88 -86.51 -25.17
C VAL A 3439 -72.04 -85.25 -25.12
N GLY A 3440 -70.95 -85.20 -25.88
CA GLY A 3440 -70.11 -84.01 -25.89
C GLY A 3440 -70.84 -82.81 -26.45
N GLU A 3441 -71.64 -83.01 -27.49
CA GLU A 3441 -72.42 -81.90 -28.04
C GLU A 3441 -73.40 -81.37 -27.01
N ILE A 3442 -74.07 -82.28 -26.29
CA ILE A 3442 -75.00 -81.83 -25.25
C ILE A 3442 -74.24 -81.06 -24.18
N PHE A 3443 -73.05 -81.53 -23.80
CA PHE A 3443 -72.28 -80.82 -22.79
C PHE A 3443 -71.82 -79.46 -23.29
N ILE A 3444 -71.50 -79.36 -24.57
CA ILE A 3444 -71.11 -78.08 -25.16
C ILE A 3444 -72.27 -77.10 -25.10
N TYR A 3445 -73.47 -77.57 -25.45
CA TYR A 3445 -74.66 -76.72 -25.30
C TYR A 3445 -74.83 -76.29 -23.86
N TRP A 3446 -74.66 -77.23 -22.92
CA TRP A 3446 -74.82 -76.91 -21.51
C TRP A 3446 -73.85 -75.81 -21.08
N SER A 3447 -72.60 -75.92 -21.51
CA SER A 3447 -71.61 -74.90 -21.15
C SER A 3447 -71.93 -73.56 -21.80
N LYS A 3448 -72.27 -73.57 -23.09
CA LYS A 3448 -72.53 -72.31 -23.78
C LYS A 3448 -73.72 -71.58 -23.17
N SER A 3449 -74.84 -72.26 -23.04
CA SER A 3449 -76.05 -71.60 -22.55
C SER A 3449 -75.95 -71.35 -21.05
N HIS A 3450 -76.72 -70.36 -20.59
CA HIS A 3450 -76.83 -70.07 -19.17
C HIS A 3450 -78.18 -70.45 -18.59
N ASN A 3451 -79.24 -70.43 -19.41
CA ASN A 3451 -80.52 -70.95 -18.98
C ASN A 3451 -80.44 -72.44 -18.69
N PHE A 3452 -79.65 -73.16 -19.48
CA PHE A 3452 -79.47 -74.60 -19.27
C PHE A 3452 -78.95 -74.88 -17.86
N LYS A 3453 -77.90 -74.17 -17.46
CA LYS A 3453 -77.32 -74.39 -16.14
C LYS A 3453 -78.32 -74.05 -15.04
N ARG A 3454 -79.03 -72.93 -15.20
CA ARG A 3454 -80.01 -72.54 -14.19
C ARG A 3454 -81.09 -73.59 -14.04
N GLU A 3455 -81.61 -74.09 -15.17
CA GLU A 3455 -82.69 -75.08 -15.12
C GLU A 3455 -82.19 -76.37 -14.49
N GLU A 3456 -80.98 -76.80 -14.83
CA GLU A 3456 -80.45 -78.03 -14.24
C GLU A 3456 -80.30 -77.88 -12.73
N GLN A 3457 -79.68 -76.77 -12.29
CA GLN A 3457 -79.47 -76.56 -10.87
C GLN A 3457 -80.82 -76.50 -10.14
N ASN A 3458 -81.77 -75.75 -10.70
CA ASN A 3458 -83.10 -75.73 -10.11
C ASN A 3458 -83.65 -77.14 -9.97
N PHE A 3459 -83.86 -77.83 -11.09
CA PHE A 3459 -84.47 -79.14 -11.06
C PHE A 3459 -83.83 -80.02 -9.99
N VAL A 3460 -82.50 -80.07 -9.95
CA VAL A 3460 -81.87 -80.95 -8.98
C VAL A 3460 -82.22 -80.52 -7.56
N VAL A 3461 -82.15 -79.23 -7.28
CA VAL A 3461 -82.42 -78.77 -5.91
C VAL A 3461 -83.88 -79.03 -5.54
N GLN A 3462 -84.80 -78.72 -6.45
CA GLN A 3462 -86.22 -78.89 -6.14
C GLN A 3462 -86.58 -80.34 -5.93
N ASN A 3463 -86.17 -81.23 -6.84
CA ASN A 3463 -86.51 -82.63 -6.74
C ASN A 3463 -85.67 -83.39 -5.73
N GLU A 3464 -84.64 -82.76 -5.17
CA GLU A 3464 -83.78 -83.42 -4.19
C GLU A 3464 -83.16 -84.69 -4.77
N ILE A 3465 -82.83 -84.63 -6.06
CA ILE A 3465 -82.22 -85.76 -6.75
C ILE A 3465 -80.75 -85.84 -6.33
N ASN A 3466 -80.36 -86.99 -5.78
CA ASN A 3466 -78.99 -87.19 -5.31
C ASN A 3466 -78.17 -87.77 -6.45
N ASN A 3467 -77.37 -86.93 -7.09
CA ASN A 3467 -76.52 -87.40 -8.19
C ASN A 3467 -75.52 -88.44 -7.71
N MET A 3468 -75.11 -88.34 -6.44
CA MET A 3468 -74.16 -89.29 -5.89
C MET A 3468 -74.75 -90.70 -5.87
N SER A 3469 -76.07 -90.80 -5.71
CA SER A 3469 -76.71 -92.12 -5.69
C SER A 3469 -76.49 -92.84 -7.02
N PHE A 3470 -76.64 -92.13 -8.13
CA PHE A 3470 -76.41 -92.75 -9.43
C PHE A 3470 -74.92 -92.93 -9.69
N LEU A 3471 -74.10 -91.94 -9.33
CA LEU A 3471 -72.68 -92.04 -9.62
C LEU A 3471 -72.03 -93.20 -8.88
N THR A 3472 -72.40 -93.40 -7.63
CA THR A 3472 -71.83 -94.48 -6.82
C THR A 3472 -72.74 -95.70 -6.81
N TYR A 3504 -76.38 -80.40 -7.59
CA TYR A 3504 -76.25 -79.32 -6.62
C TYR A 3504 -75.02 -78.47 -6.93
N SER A 3505 -73.97 -79.11 -7.44
CA SER A 3505 -72.73 -78.45 -7.79
C SER A 3505 -72.31 -78.84 -9.20
N VAL A 3506 -71.44 -78.02 -9.79
CA VAL A 3506 -70.98 -78.28 -11.16
C VAL A 3506 -70.32 -79.64 -11.25
N GLN A 3507 -69.54 -80.01 -10.23
CA GLN A 3507 -68.93 -81.33 -10.21
C GLN A 3507 -70.00 -82.42 -10.22
N THR A 3508 -71.07 -82.23 -9.45
CA THR A 3508 -72.11 -83.24 -9.36
C THR A 3508 -73.01 -83.27 -10.58
N SER A 3509 -72.98 -82.24 -11.42
CA SER A 3509 -73.86 -82.17 -12.58
C SER A 3509 -73.76 -83.44 -13.42
N LEU A 3510 -74.90 -84.10 -13.62
CA LEU A 3510 -74.90 -85.31 -14.44
C LEU A 3510 -74.40 -85.00 -15.85
N ILE A 3511 -74.69 -83.80 -16.35
CA ILE A 3511 -74.31 -83.45 -17.72
C ILE A 3511 -72.81 -83.52 -17.89
N VAL A 3512 -72.06 -83.02 -16.91
CA VAL A 3512 -70.60 -83.05 -16.99
C VAL A 3512 -70.07 -84.41 -16.57
N ALA A 3513 -70.73 -85.08 -15.63
CA ALA A 3513 -70.25 -86.38 -15.17
C ALA A 3513 -70.29 -87.40 -16.31
N THR A 3514 -71.39 -87.42 -17.06
CA THR A 3514 -71.49 -88.36 -18.18
C THR A 3514 -70.43 -88.06 -19.24
N LEU A 3515 -70.20 -86.78 -19.51
CA LEU A 3515 -69.17 -86.42 -20.47
C LEU A 3515 -67.79 -86.87 -20.00
N LYS A 3516 -67.50 -86.67 -18.71
CA LYS A 3516 -66.21 -87.08 -18.18
C LYS A 3516 -66.05 -88.59 -18.13
N LYS A 3517 -67.15 -89.34 -18.05
CA LYS A 3517 -67.08 -90.79 -18.11
C LYS A 3517 -67.00 -91.32 -19.53
N MET A 3518 -67.50 -90.59 -20.51
CA MET A 3518 -67.39 -90.99 -21.90
C MET A 3518 -66.13 -90.45 -22.59
N LEU A 3519 -65.45 -89.49 -21.97
CA LEU A 3519 -64.31 -88.82 -22.59
C LEU A 3519 -63.24 -89.80 -23.06
N PRO A 3520 -62.88 -90.81 -22.26
CA PRO A 3520 -61.86 -91.75 -22.71
C PRO A 3520 -62.15 -92.34 -24.08
N ILE A 3521 -63.42 -92.62 -24.37
CA ILE A 3521 -63.75 -93.15 -25.69
C ILE A 3521 -63.41 -92.14 -26.77
N GLY A 3522 -63.47 -90.86 -26.44
CA GLY A 3522 -63.14 -89.83 -27.41
C GLY A 3522 -61.65 -89.67 -27.58
N LEU A 3523 -60.93 -89.57 -26.47
CA LEU A 3523 -59.47 -89.50 -26.54
C LEU A 3523 -58.89 -90.71 -27.23
N ASN A 3524 -59.58 -91.85 -27.16
CA ASN A 3524 -59.11 -93.05 -27.86
C ASN A 3524 -59.19 -92.88 -29.37
N MET A 3525 -60.09 -92.03 -29.86
CA MET A 3525 -60.21 -91.82 -31.30
C MET A 3525 -58.93 -91.19 -31.86
N CYS A 3526 -58.38 -90.21 -31.15
CA CYS A 3526 -57.24 -89.46 -31.65
C CYS A 3526 -55.94 -90.22 -31.42
N ALA A 3527 -55.15 -90.37 -32.47
CA ALA A 3527 -53.82 -90.94 -32.32
C ALA A 3527 -52.93 -89.96 -31.55
N PRO A 3528 -51.90 -90.46 -30.86
CA PRO A 3528 -51.03 -89.54 -30.10
C PRO A 3528 -50.35 -88.50 -30.97
N THR A 3529 -50.09 -88.81 -32.24
CA THR A 3529 -49.47 -87.83 -33.13
C THR A 3529 -50.33 -86.57 -33.24
N ASP A 3530 -51.63 -86.70 -32.97
CA ASP A 3530 -52.54 -85.57 -33.13
C ASP A 3530 -52.65 -84.72 -31.87
N GLN A 3531 -51.87 -85.01 -30.84
CA GLN A 3531 -51.96 -84.24 -29.61
C GLN A 3531 -51.57 -82.79 -29.84
N ASP A 3532 -50.58 -82.57 -30.71
CA ASP A 3532 -50.18 -81.21 -31.03
C ASP A 3532 -51.31 -80.45 -31.71
N LEU A 3533 -51.94 -81.07 -32.70
CA LEU A 3533 -53.09 -80.43 -33.34
C LEU A 3533 -54.21 -80.20 -32.34
N ILE A 3534 -54.34 -81.09 -31.34
CA ILE A 3534 -55.37 -80.89 -30.33
C ILE A 3534 -55.08 -79.64 -29.52
N VAL A 3535 -53.82 -79.44 -29.13
CA VAL A 3535 -53.47 -78.22 -28.41
C VAL A 3535 -53.74 -77.00 -29.28
N LEU A 3536 -53.38 -77.08 -30.56
CA LEU A 3536 -53.58 -75.95 -31.46
C LEU A 3536 -55.07 -75.61 -31.61
N ALA A 3537 -55.90 -76.64 -31.77
CA ALA A 3537 -57.34 -76.42 -31.91
C ALA A 3537 -57.94 -75.86 -30.62
N LYS A 3538 -57.51 -76.36 -29.47
CA LYS A 3538 -57.95 -75.75 -28.22
C LYS A 3538 -57.53 -74.29 -28.17
N ALA A 3539 -56.34 -73.99 -28.66
CA ALA A 3539 -55.87 -72.61 -28.66
C ALA A 3539 -56.77 -71.71 -29.49
N ARG A 3540 -57.14 -72.12 -30.71
CA ARG A 3540 -58.07 -71.23 -31.41
C ARG A 3540 -59.42 -71.19 -30.72
N TYR A 3541 -60.04 -72.35 -30.48
CA TYR A 3541 -61.36 -72.31 -29.85
C TYR A 3541 -61.35 -71.35 -28.66
N ALA A 3542 -60.23 -71.28 -27.94
CA ALA A 3542 -60.07 -70.22 -26.94
C ALA A 3542 -60.06 -68.85 -27.61
N LEU A 3543 -59.47 -68.75 -28.79
CA LEU A 3543 -59.67 -67.52 -29.59
C LEU A 3543 -61.17 -67.30 -30.02
N LYS A 3544 -62.07 -68.23 -29.70
CA LYS A 3544 -63.50 -68.11 -30.01
C LYS A 3544 -63.81 -68.29 -31.49
N ASP A 3545 -63.14 -69.22 -32.16
CA ASP A 3545 -63.50 -69.50 -33.53
C ASP A 3545 -64.60 -70.56 -33.60
N THR A 3546 -65.20 -70.67 -34.79
CA THR A 3546 -66.27 -71.63 -35.05
C THR A 3546 -65.70 -72.97 -35.51
N ASP A 3547 -66.59 -73.96 -35.57
CA ASP A 3547 -66.17 -75.31 -35.93
C ASP A 3547 -65.60 -75.36 -37.34
N GLU A 3548 -66.23 -74.67 -38.30
CA GLU A 3548 -65.71 -74.68 -39.66
C GLU A 3548 -64.33 -74.03 -39.69
N GLU A 3549 -64.14 -72.94 -38.93
CA GLU A 3549 -62.83 -72.32 -38.84
C GLU A 3549 -61.79 -73.30 -38.34
N VAL A 3550 -62.02 -73.89 -37.15
CA VAL A 3550 -61.03 -74.78 -36.56
C VAL A 3550 -60.72 -75.91 -37.52
N ARG A 3551 -61.74 -76.44 -38.16
CA ARG A 3551 -61.53 -77.49 -39.16
C ARG A 3551 -60.64 -77.00 -40.29
N GLU A 3552 -60.85 -75.78 -40.75
CA GLU A 3552 -60.01 -75.25 -41.82
C GLU A 3552 -58.56 -75.10 -41.39
N PHE A 3553 -58.30 -74.57 -40.19
CA PHE A 3553 -56.91 -74.39 -39.75
C PHE A 3553 -56.24 -75.75 -39.63
N LEU A 3554 -56.94 -76.71 -39.06
CA LEU A 3554 -56.37 -78.05 -39.01
C LEU A 3554 -56.11 -78.59 -40.41
N GLN A 3555 -57.04 -78.40 -41.34
CA GLN A 3555 -56.84 -78.88 -42.69
C GLN A 3555 -55.58 -78.27 -43.31
N ASN A 3556 -55.40 -76.96 -43.12
CA ASN A 3556 -54.25 -76.31 -43.73
C ASN A 3556 -52.95 -76.72 -43.06
N ASN A 3557 -52.79 -76.38 -41.78
CA ASN A 3557 -51.56 -76.74 -41.11
C ASN A 3557 -51.70 -78.09 -40.43
N LEU A 3558 -52.12 -79.10 -41.19
CA LEU A 3558 -52.04 -80.49 -40.79
C LEU A 3558 -50.61 -81.02 -40.79
N ASN A 3559 -49.63 -80.16 -41.08
CA ASN A 3559 -48.21 -80.52 -41.05
C ASN A 3559 -47.56 -80.22 -39.71
N LEU A 3560 -48.30 -79.65 -38.76
CA LEU A 3560 -47.80 -79.42 -37.41
C LEU A 3560 -48.04 -80.62 -36.49
N GLN A 3561 -48.27 -81.79 -37.07
CA GLN A 3561 -48.50 -82.98 -36.27
C GLN A 3561 -47.26 -83.32 -35.46
N GLY A 3562 -47.48 -83.92 -34.29
CA GLY A 3562 -46.35 -84.38 -33.50
C GLY A 3562 -45.58 -85.47 -34.22
N LYS A 3563 -44.25 -85.38 -34.16
CA LYS A 3563 -43.37 -86.34 -34.81
C LYS A 3563 -42.95 -87.40 -33.81
N VAL A 3564 -42.71 -88.61 -34.32
CA VAL A 3564 -42.42 -89.76 -33.45
C VAL A 3564 -40.99 -89.65 -32.95
N GLU A 3565 -40.04 -89.44 -33.86
CA GLU A 3565 -38.64 -89.39 -33.50
C GLU A 3565 -38.35 -88.27 -32.51
N GLY A 3566 -39.24 -87.28 -32.44
CA GLY A 3566 -38.99 -86.14 -31.59
C GLY A 3566 -38.83 -86.50 -30.13
N SER A 3567 -39.74 -87.31 -29.59
CA SER A 3567 -39.70 -87.70 -28.20
C SER A 3567 -40.04 -89.18 -28.05
N PRO A 3568 -39.36 -89.90 -27.16
CA PRO A 3568 -39.65 -91.34 -27.03
C PRO A 3568 -41.07 -91.63 -26.56
N SER A 3569 -41.66 -90.74 -25.75
CA SER A 3569 -43.00 -91.01 -25.22
C SER A 3569 -43.96 -91.37 -26.34
N LEU A 3570 -43.98 -90.56 -27.40
CA LEU A 3570 -44.83 -90.86 -28.54
C LEU A 3570 -44.48 -92.23 -29.14
N ARG A 3571 -43.25 -92.70 -28.94
CA ARG A 3571 -42.87 -93.99 -29.50
C ARG A 3571 -43.70 -95.11 -28.88
N TRP A 3572 -43.73 -95.19 -27.56
CA TRP A 3572 -44.50 -96.26 -26.93
C TRP A 3572 -46.00 -96.00 -27.04
N GLN A 3573 -46.41 -94.72 -27.05
CA GLN A 3573 -47.81 -94.43 -27.28
C GLN A 3573 -48.26 -94.95 -28.64
N MET A 3574 -47.47 -94.69 -29.69
CA MET A 3574 -47.80 -95.18 -31.01
C MET A 3574 -47.71 -96.70 -31.08
N ALA A 3575 -46.78 -97.29 -30.33
CA ALA A 3575 -46.71 -98.74 -30.25
C ALA A 3575 -48.05 -99.31 -29.79
N LEU A 3576 -48.56 -98.79 -28.67
CA LEU A 3576 -49.85 -99.25 -28.16
C LEU A 3576 -50.96 -98.99 -29.18
N TYR A 3577 -50.97 -97.78 -29.75
CA TYR A 3577 -52.04 -97.41 -30.67
C TYR A 3577 -52.09 -98.36 -31.86
N ARG A 3578 -50.94 -98.59 -32.50
CA ARG A 3578 -50.90 -99.49 -33.65
C ARG A 3578 -51.18 -100.92 -33.23
N GLY A 3579 -50.80 -101.30 -32.02
CA GLY A 3579 -51.13 -102.63 -31.55
C GLY A 3579 -52.63 -102.85 -31.47
N VAL A 3580 -53.36 -101.83 -31.06
CA VAL A 3580 -54.82 -101.92 -31.03
C VAL A 3580 -55.32 -102.11 -32.45
N PRO A 3581 -56.06 -103.18 -32.76
CA PRO A 3581 -56.51 -103.39 -34.13
C PRO A 3581 -57.46 -102.29 -34.60
N GLY A 3582 -57.42 -102.01 -35.90
CA GLY A 3582 -58.29 -101.01 -36.50
C GLY A 3582 -57.74 -99.61 -36.42
N ARG A 3583 -57.19 -99.27 -35.26
CA ARG A 3583 -56.60 -97.95 -35.07
C ARG A 3583 -55.44 -97.73 -36.04
N GLU A 3584 -54.66 -98.79 -36.29
CA GLU A 3584 -53.59 -98.70 -37.27
C GLU A 3584 -54.11 -98.48 -38.68
N GLU A 3585 -55.25 -99.08 -39.03
CA GLU A 3585 -55.86 -98.88 -40.34
C GLU A 3585 -56.43 -97.49 -40.51
N ASP A 3586 -56.98 -96.91 -39.45
CA ASP A 3586 -57.53 -95.57 -39.51
C ASP A 3586 -56.38 -94.55 -39.46
N ALA A 3587 -56.73 -93.27 -39.29
CA ALA A 3587 -55.72 -92.21 -39.25
C ALA A 3587 -54.92 -92.15 -40.55
N ASP A 3588 -55.59 -92.40 -41.67
CA ASP A 3588 -54.95 -92.40 -42.99
C ASP A 3588 -55.56 -91.39 -43.94
N ASP A 3589 -56.63 -90.70 -43.54
CA ASP A 3589 -57.36 -89.77 -44.39
C ASP A 3589 -57.43 -88.43 -43.67
N PRO A 3590 -56.91 -87.34 -44.24
CA PRO A 3590 -56.78 -86.10 -43.45
C PRO A 3590 -58.11 -85.55 -42.97
N GLU A 3591 -59.20 -85.87 -43.67
CA GLU A 3591 -60.51 -85.45 -43.20
C GLU A 3591 -60.81 -86.06 -41.84
N LYS A 3592 -60.47 -87.34 -41.66
CA LYS A 3592 -60.65 -87.98 -40.35
C LYS A 3592 -59.97 -87.16 -39.27
N ILE A 3593 -58.72 -86.77 -39.50
CA ILE A 3593 -57.98 -86.03 -38.47
C ILE A 3593 -58.61 -84.68 -38.21
N VAL A 3594 -58.91 -83.92 -39.27
CA VAL A 3594 -59.45 -82.57 -39.07
C VAL A 3594 -60.78 -82.64 -38.36
N ARG A 3595 -61.51 -83.75 -38.51
CA ARG A 3595 -62.78 -83.93 -37.81
C ARG A 3595 -62.57 -84.29 -36.35
N ARG A 3596 -61.82 -85.36 -36.10
CA ARG A 3596 -61.70 -85.88 -34.74
C ARG A 3596 -60.99 -84.90 -33.83
N VAL A 3597 -59.92 -84.27 -34.35
CA VAL A 3597 -59.19 -83.30 -33.53
C VAL A 3597 -60.10 -82.15 -33.16
N GLN A 3598 -60.88 -81.65 -34.13
CA GLN A 3598 -61.79 -80.56 -33.84
C GLN A 3598 -62.78 -80.93 -32.74
N GLU A 3599 -63.42 -82.10 -32.88
CA GLU A 3599 -64.42 -82.50 -31.91
C GLU A 3599 -63.83 -82.65 -30.51
N VAL A 3600 -62.75 -83.42 -30.41
CA VAL A 3600 -62.16 -83.71 -29.11
C VAL A 3600 -61.61 -82.44 -28.49
N SER A 3601 -61.00 -81.58 -29.30
CA SER A 3601 -60.46 -80.32 -28.79
C SER A 3601 -61.56 -79.44 -28.25
N ALA A 3602 -62.70 -79.36 -28.95
CA ALA A 3602 -63.81 -78.58 -28.45
C ALA A 3602 -64.26 -79.10 -27.09
N VAL A 3603 -64.41 -80.41 -26.98
CA VAL A 3603 -64.87 -80.99 -25.72
C VAL A 3603 -63.89 -80.69 -24.60
N LEU A 3604 -62.59 -80.87 -24.86
CA LEU A 3604 -61.59 -80.62 -23.83
C LEU A 3604 -61.55 -79.15 -23.44
N TYR A 3605 -61.68 -78.25 -24.42
CA TYR A 3605 -61.72 -76.83 -24.13
C TYR A 3605 -62.83 -76.54 -23.12
N HIS A 3606 -64.04 -76.99 -23.43
CA HIS A 3606 -65.17 -76.63 -22.58
C HIS A 3606 -65.06 -77.32 -21.23
N LEU A 3607 -64.50 -78.53 -21.20
CA LEU A 3607 -64.21 -79.17 -19.92
C LEU A 3607 -63.26 -78.31 -19.09
N ASP A 3608 -62.24 -77.76 -19.75
CA ASP A 3608 -61.26 -76.92 -19.07
C ASP A 3608 -61.94 -75.71 -18.46
N GLN A 3609 -62.77 -75.01 -19.23
CA GLN A 3609 -63.47 -73.86 -18.69
C GLN A 3609 -64.40 -74.26 -17.55
N THR A 3610 -65.13 -75.35 -17.70
CA THR A 3610 -66.08 -75.75 -16.67
C THR A 3610 -65.36 -76.05 -15.36
N GLU A 3611 -64.24 -76.78 -15.42
CA GLU A 3611 -63.51 -77.06 -14.20
C GLU A 3611 -62.84 -75.81 -13.65
N HIS A 3612 -62.37 -74.92 -14.52
CA HIS A 3612 -61.72 -73.70 -14.06
C HIS A 3612 -62.74 -72.78 -13.41
N PRO A 3613 -62.35 -71.97 -12.41
CA PRO A 3613 -63.24 -71.00 -11.78
C PRO A 3613 -64.12 -70.24 -12.77
N ALA A 3635 -80.43 -50.58 9.94
CA ALA A 3635 -80.60 -51.40 8.74
C ALA A 3635 -82.04 -51.34 8.25
N CYS A 3636 -82.47 -52.39 7.54
CA CYS A 3636 -83.76 -52.34 6.87
C CYS A 3636 -84.89 -52.74 7.80
N PHE A 3637 -84.77 -53.89 8.46
CA PHE A 3637 -85.91 -54.45 9.18
C PHE A 3637 -86.42 -53.51 10.26
N ARG A 3638 -85.53 -52.73 10.89
CA ARG A 3638 -85.97 -51.82 11.93
C ARG A 3638 -87.01 -50.83 11.40
N MET A 3639 -86.75 -50.26 10.23
CA MET A 3639 -87.76 -49.45 9.56
C MET A 3639 -88.30 -48.36 10.47
N THR A 3640 -87.46 -47.40 10.85
CA THR A 3640 -87.87 -46.33 11.76
C THR A 3640 -88.60 -45.23 11.01
N PRO A 3641 -89.94 -45.17 11.06
CA PRO A 3641 -90.65 -44.18 10.28
C PRO A 3641 -90.88 -42.89 11.04
N LEU A 3642 -90.85 -41.75 10.34
CA LEU A 3642 -91.11 -40.49 11.00
C LEU A 3642 -92.53 -40.41 11.54
N TYR A 3643 -93.48 -41.07 10.88
CA TYR A 3643 -94.88 -40.94 11.30
C TYR A 3643 -95.15 -41.60 12.64
N ASN A 3644 -94.20 -42.34 13.20
CA ASN A 3644 -94.37 -42.93 14.52
C ASN A 3644 -93.85 -42.05 15.65
N LEU A 3645 -93.10 -41.00 15.33
CA LEU A 3645 -92.54 -40.16 16.37
C LEU A 3645 -93.65 -39.40 17.10
N PRO A 3646 -93.48 -39.09 18.38
CA PRO A 3646 -94.43 -38.21 19.05
C PRO A 3646 -94.41 -36.82 18.43
N THR A 3647 -95.55 -36.14 18.54
CA THR A 3647 -95.72 -34.87 17.84
C THR A 3647 -94.64 -33.87 18.21
N HIS A 3648 -94.26 -33.80 19.49
CA HIS A 3648 -93.31 -32.78 19.92
C HIS A 3648 -91.89 -33.09 19.44
N ARG A 3649 -91.50 -34.36 19.43
CA ARG A 3649 -90.20 -34.71 18.85
C ARG A 3649 -90.15 -34.34 17.38
N ALA A 3650 -91.22 -34.64 16.65
CA ALA A 3650 -91.29 -34.28 15.24
C ALA A 3650 -91.24 -32.76 15.07
N CYS A 3651 -91.90 -32.03 15.98
CA CYS A 3651 -91.89 -30.57 15.89
C CYS A 3651 -90.49 -30.03 16.07
N ASN A 3652 -89.75 -30.55 17.04
CA ASN A 3652 -88.38 -30.08 17.25
C ASN A 3652 -87.51 -30.40 16.06
N MET A 3653 -87.65 -31.62 15.52
CA MET A 3653 -86.89 -31.97 14.33
C MET A 3653 -87.23 -31.05 13.17
N PHE A 3654 -88.52 -30.75 12.99
CA PHE A 3654 -88.94 -29.86 11.93
C PHE A 3654 -88.35 -28.48 12.11
N LEU A 3655 -88.35 -27.97 13.34
CA LEU A 3655 -87.80 -26.64 13.58
C LEU A 3655 -86.33 -26.61 13.21
N GLU A 3656 -85.58 -27.62 13.63
CA GLU A 3656 -84.16 -27.66 13.30
C GLU A 3656 -83.97 -27.70 11.78
N SER A 3657 -84.68 -28.60 11.10
CA SER A 3657 -84.49 -28.75 9.66
C SER A 3657 -84.91 -27.49 8.91
N TYR A 3658 -86.03 -26.89 9.30
CA TYR A 3658 -86.52 -25.69 8.66
C TYR A 3658 -85.54 -24.54 8.83
N LYS A 3659 -85.03 -24.35 10.05
CA LYS A 3659 -84.04 -23.30 10.25
C LYS A 3659 -82.81 -23.56 9.39
N ALA A 3660 -82.36 -24.81 9.32
CA ALA A 3660 -81.16 -25.14 8.56
C ALA A 3660 -81.33 -24.92 7.06
N SER A 3661 -82.47 -25.31 6.49
CA SER A 3661 -82.60 -25.36 5.04
C SER A 3661 -83.32 -24.15 4.45
N TRP A 3662 -84.29 -23.58 5.15
CA TRP A 3662 -85.08 -22.48 4.61
C TRP A 3662 -84.66 -21.12 5.15
N ILE A 3663 -84.63 -20.96 6.47
CA ILE A 3663 -84.29 -19.66 7.04
C ILE A 3663 -82.83 -19.33 6.76
N LEU A 3664 -81.93 -20.27 7.05
CA LEU A 3664 -80.51 -19.98 6.90
C LEU A 3664 -80.13 -19.71 5.46
N THR A 3665 -80.71 -20.45 4.51
CA THR A 3665 -80.35 -20.26 3.11
C THR A 3665 -80.86 -18.93 2.56
N GLU A 3666 -81.86 -18.32 3.19
CA GLU A 3666 -82.40 -17.06 2.68
C GLU A 3666 -81.31 -16.00 2.63
N ASP A 3667 -81.28 -15.24 1.54
CA ASP A 3667 -80.27 -14.23 1.31
C ASP A 3667 -80.93 -12.85 1.38
N HIS A 3668 -80.55 -12.06 2.38
CA HIS A 3668 -81.03 -10.70 2.55
C HIS A 3668 -79.84 -9.77 2.64
N SER A 3669 -79.81 -8.77 1.76
CA SER A 3669 -78.69 -7.83 1.67
C SER A 3669 -79.16 -6.49 2.22
N PHE A 3670 -78.95 -6.30 3.52
CA PHE A 3670 -79.30 -5.05 4.19
C PHE A 3670 -78.10 -4.19 4.52
N GLU A 3671 -76.88 -4.69 4.33
CA GLU A 3671 -75.70 -3.98 4.82
C GLU A 3671 -75.50 -2.67 4.10
N ASP A 3672 -75.64 -2.67 2.77
CA ASP A 3672 -75.50 -1.43 2.02
C ASP A 3672 -76.54 -0.41 2.43
N ARG A 3673 -77.79 -0.84 2.56
CA ARG A 3673 -78.85 0.08 2.95
C ARG A 3673 -78.58 0.65 4.33
N MET A 3674 -78.13 -0.21 5.26
CA MET A 3674 -77.85 0.24 6.61
C MET A 3674 -76.74 1.29 6.63
N ILE A 3675 -75.63 1.01 5.96
CA ILE A 3675 -74.52 1.96 5.94
C ILE A 3675 -74.95 3.26 5.27
N ASP A 3676 -75.71 3.15 4.17
CA ASP A 3676 -76.16 4.36 3.48
C ASP A 3676 -77.06 5.20 4.37
N ASP A 3677 -77.96 4.55 5.12
CA ASP A 3677 -78.84 5.29 6.02
C ASP A 3677 -78.06 5.93 7.16
N LEU A 3678 -77.08 5.21 7.70
CA LEU A 3678 -76.33 5.72 8.85
C LEU A 3678 -75.35 6.81 8.47
N SER A 3679 -74.88 6.84 7.23
CA SER A 3679 -73.88 7.83 6.83
C SER A 3679 -74.46 9.18 6.48
N LYS A 3680 -75.77 9.37 6.63
CA LYS A 3680 -76.43 10.62 6.25
C LYS A 3680 -76.63 11.49 7.49
N ALA A 3681 -76.10 12.71 7.44
CA ALA A 3681 -76.49 13.72 8.40
C ALA A 3681 -77.89 14.23 8.06
N GLY A 3682 -78.59 14.73 9.07
CA GLY A 3682 -79.97 15.14 8.91
C GLY A 3682 -80.20 16.58 9.29
N GLU A 3683 -80.82 17.32 8.37
CA GLU A 3683 -81.21 18.70 8.63
C GLU A 3683 -80.05 19.52 9.16
N GLN A 3684 -78.86 19.33 8.57
CA GLN A 3684 -77.69 20.08 9.01
C GLN A 3684 -77.89 21.57 8.78
N GLU A 3685 -78.40 21.96 7.61
CA GLU A 3685 -78.62 23.37 7.33
C GLU A 3685 -79.67 23.95 8.26
N GLU A 3686 -80.76 23.20 8.50
CA GLU A 3686 -81.79 23.68 9.42
C GLU A 3686 -81.22 23.90 10.81
N GLU A 3687 -80.41 22.95 11.29
CA GLU A 3687 -79.72 23.12 12.56
C GLU A 3687 -78.68 24.23 12.51
N GLU A 3688 -78.28 24.66 11.31
CA GLU A 3688 -77.27 25.70 11.14
C GLU A 3688 -75.96 25.29 11.81
N GLU A 3689 -75.39 24.20 11.29
CA GLU A 3689 -74.14 23.68 11.83
C GLU A 3689 -72.97 24.50 11.29
N GLU A 3690 -73.02 25.81 11.51
CA GLU A 3690 -71.94 26.69 11.08
C GLU A 3690 -70.67 26.48 11.88
N VAL A 3691 -70.73 25.73 12.98
CA VAL A 3691 -69.52 25.40 13.73
C VAL A 3691 -68.54 24.73 12.79
N GLU A 3692 -67.27 25.13 12.89
CA GLU A 3692 -66.25 24.57 12.01
C GLU A 3692 -66.14 23.05 12.17
N GLU A 3693 -66.23 22.58 13.42
CA GLU A 3693 -66.19 21.14 13.71
C GLU A 3693 -67.61 20.61 13.72
N LYS A 3694 -68.02 20.01 12.60
CA LYS A 3694 -69.35 19.41 12.53
C LYS A 3694 -69.43 18.22 13.47
N LYS A 3695 -70.61 17.99 14.03
CA LYS A 3695 -70.80 16.85 14.90
C LYS A 3695 -70.75 15.56 14.08
N PRO A 3696 -70.22 14.48 14.62
CA PRO A 3696 -70.21 13.21 13.88
C PRO A 3696 -71.62 12.72 13.58
N ASP A 3697 -71.76 12.10 12.41
CA ASP A 3697 -73.02 11.49 12.01
C ASP A 3697 -73.14 10.10 12.63
N PRO A 3698 -74.30 9.45 12.50
CA PRO A 3698 -74.51 8.19 13.24
C PRO A 3698 -73.45 7.12 12.99
N LEU A 3699 -73.01 6.94 11.75
CA LEU A 3699 -71.98 5.94 11.47
C LEU A 3699 -70.67 6.31 12.14
N HIS A 3700 -70.32 7.60 12.09
CA HIS A 3700 -69.12 8.07 12.76
C HIS A 3700 -69.21 7.81 14.26
N GLN A 3701 -70.38 8.02 14.84
CA GLN A 3701 -70.55 7.79 16.28
C GLN A 3701 -70.43 6.31 16.62
N LEU A 3702 -70.96 5.45 15.76
CA LEU A 3702 -70.80 4.02 15.99
C LEU A 3702 -69.33 3.62 15.97
N VAL A 3703 -68.59 4.09 14.97
CA VAL A 3703 -67.18 3.76 14.89
C VAL A 3703 -66.44 4.31 16.10
N LEU A 3704 -66.80 5.52 16.54
CA LEU A 3704 -66.16 6.10 17.72
C LEU A 3704 -66.46 5.30 18.98
N HIS A 3705 -67.69 4.79 19.12
CA HIS A 3705 -68.02 3.98 20.27
C HIS A 3705 -67.18 2.71 20.31
N PHE A 3706 -67.03 2.05 19.17
CA PHE A 3706 -66.21 0.84 19.15
C PHE A 3706 -64.74 1.17 19.38
N SER A 3707 -64.26 2.32 18.90
CA SER A 3707 -62.90 2.74 19.20
C SER A 3707 -62.72 2.94 20.70
N ARG A 3708 -63.69 3.57 21.36
CA ARG A 3708 -63.59 3.77 22.80
C ARG A 3708 -63.57 2.44 23.53
N THR A 3709 -64.41 1.51 23.11
CA THR A 3709 -64.39 0.17 23.71
C THR A 3709 -63.02 -0.48 23.54
N ALA A 3710 -62.42 -0.34 22.37
CA ALA A 3710 -61.10 -0.91 22.14
C ALA A 3710 -60.03 -0.25 22.99
N LEU A 3711 -60.12 1.07 23.18
CA LEU A 3711 -59.11 1.81 23.93
C LEU A 3711 -59.26 1.70 25.43
N THR A 3712 -60.41 1.24 25.92
CA THR A 3712 -60.56 1.06 27.36
C THR A 3712 -59.50 0.10 27.89
N GLU A 3713 -58.91 0.45 29.02
CA GLU A 3713 -57.84 -0.35 29.61
C GLU A 3713 -58.44 -1.56 30.32
N LYS A 3714 -58.21 -2.74 29.75
CA LYS A 3714 -58.76 -3.98 30.28
C LYS A 3714 -57.70 -5.08 30.19
N SER A 3715 -57.90 -6.14 30.95
CA SER A 3715 -56.98 -7.27 30.90
C SER A 3715 -57.15 -8.05 29.60
N LYS A 3716 -58.38 -8.26 29.16
CA LYS A 3716 -58.66 -8.98 27.93
C LYS A 3716 -59.83 -8.33 27.21
N LEU A 3717 -59.93 -8.62 25.92
CA LEU A 3717 -61.03 -8.10 25.11
C LEU A 3717 -62.19 -9.09 25.16
N ASP A 3718 -63.31 -8.65 25.75
CA ASP A 3718 -64.48 -9.51 25.86
C ASP A 3718 -65.16 -9.66 24.50
N GLU A 3719 -65.64 -10.85 24.21
CA GLU A 3719 -66.40 -11.08 22.99
C GLU A 3719 -67.64 -10.21 23.00
N ASP A 3720 -67.89 -9.54 21.87
CA ASP A 3720 -68.97 -8.57 21.75
C ASP A 3720 -69.74 -8.85 20.48
N TYR A 3721 -70.93 -9.46 20.62
CA TYR A 3721 -71.74 -9.78 19.46
C TYR A 3721 -72.09 -8.54 18.67
N LEU A 3722 -72.31 -7.41 19.34
CA LEU A 3722 -72.66 -6.19 18.64
C LEU A 3722 -71.51 -5.72 17.76
N TYR A 3723 -70.29 -5.71 18.31
CA TYR A 3723 -69.15 -5.32 17.50
C TYR A 3723 -68.96 -6.27 16.34
N MET A 3724 -69.10 -7.57 16.58
CA MET A 3724 -68.90 -8.51 15.49
C MET A 3724 -69.94 -8.31 14.38
N ALA A 3725 -71.19 -8.09 14.74
CA ALA A 3725 -72.23 -7.88 13.74
C ALA A 3725 -71.98 -6.62 12.94
N TYR A 3726 -71.62 -5.53 13.62
CA TYR A 3726 -71.43 -4.28 12.89
C TYR A 3726 -70.15 -4.29 12.08
N ALA A 3727 -69.12 -5.00 12.54
CA ALA A 3727 -67.92 -5.17 11.73
C ALA A 3727 -68.24 -5.96 10.46
N ASP A 3728 -69.05 -7.01 10.58
CA ASP A 3728 -69.46 -7.73 9.38
C ASP A 3728 -70.26 -6.83 8.44
N ILE A 3729 -71.15 -6.01 8.97
CA ILE A 3729 -71.92 -5.11 8.13
C ILE A 3729 -70.99 -4.14 7.39
N MET A 3730 -70.05 -3.54 8.12
CA MET A 3730 -69.13 -2.60 7.50
C MET A 3730 -68.28 -3.28 6.44
N ALA A 3731 -67.81 -4.50 6.72
CA ALA A 3731 -67.01 -5.22 5.74
C ALA A 3731 -67.82 -5.53 4.49
N LYS A 3732 -69.06 -5.98 4.65
CA LYS A 3732 -69.89 -6.28 3.49
C LYS A 3732 -70.21 -5.04 2.69
N SER A 3733 -70.24 -3.87 3.33
CA SER A 3733 -70.58 -2.65 2.60
C SER A 3733 -69.57 -2.37 1.48
N CYS A 3734 -68.35 -2.86 1.62
CA CYS A 3734 -67.33 -2.72 0.58
C CYS A 3734 -67.29 -4.00 -0.23
N HIS A 3735 -67.93 -3.98 -1.39
CA HIS A 3735 -68.26 -5.22 -2.09
C HIS A 3735 -67.03 -5.96 -2.57
N LEU A 3736 -66.13 -5.27 -3.28
CA LEU A 3736 -65.05 -5.93 -4.00
C LEU A 3736 -65.61 -6.91 -5.02
N GLU A 3737 -66.35 -6.33 -5.97
CA GLU A 3737 -66.95 -7.11 -7.05
C GLU A 3737 -65.88 -7.63 -8.00
N VAL A 3752 -65.38 -13.30 -19.04
CA VAL A 3752 -65.86 -12.16 -19.81
C VAL A 3752 -64.75 -11.13 -19.96
N GLU A 3753 -64.99 -10.13 -20.80
CA GLU A 3753 -64.06 -9.03 -21.03
C GLU A 3753 -64.65 -7.76 -20.44
N VAL A 3754 -63.90 -7.12 -19.56
CA VAL A 3754 -64.33 -5.88 -18.91
C VAL A 3754 -63.57 -4.72 -19.55
N SER A 3755 -64.30 -3.74 -20.05
CA SER A 3755 -63.68 -2.58 -20.66
C SER A 3755 -62.85 -1.82 -19.63
N PHE A 3756 -61.83 -1.12 -20.12
CA PHE A 3756 -61.01 -0.30 -19.24
C PHE A 3756 -61.86 0.69 -18.46
N GLU A 3757 -62.86 1.27 -19.12
CA GLU A 3757 -63.76 2.19 -18.43
C GLU A 3757 -64.51 1.48 -17.30
N GLU A 3758 -65.01 0.28 -17.55
CA GLU A 3758 -65.75 -0.44 -16.52
C GLU A 3758 -64.85 -0.80 -15.36
N LYS A 3759 -63.62 -1.22 -15.64
CA LYS A 3759 -62.68 -1.54 -14.57
C LYS A 3759 -62.40 -0.32 -13.71
N GLU A 3760 -62.17 0.83 -14.36
CA GLU A 3760 -61.93 2.05 -13.60
C GLU A 3760 -63.15 2.45 -12.78
N MET A 3761 -64.34 2.28 -13.34
CA MET A 3761 -65.55 2.61 -12.60
C MET A 3761 -65.70 1.71 -11.36
N GLU A 3762 -65.40 0.42 -11.51
CA GLU A 3762 -65.44 -0.46 -10.34
C GLU A 3762 -64.42 -0.03 -9.30
N LYS A 3763 -63.22 0.33 -9.73
CA LYS A 3763 -62.21 0.79 -8.77
C LYS A 3763 -62.68 2.02 -8.03
N GLN A 3764 -63.29 2.97 -8.75
CA GLN A 3764 -63.76 4.19 -8.11
C GLN A 3764 -64.91 3.90 -7.15
N ARG A 3765 -65.82 3.00 -7.53
CA ARG A 3765 -66.91 2.63 -6.62
C ARG A 3765 -66.37 2.02 -5.34
N LEU A 3766 -65.41 1.11 -5.46
CA LEU A 3766 -64.82 0.52 -4.27
C LEU A 3766 -64.12 1.58 -3.42
N LEU A 3767 -63.44 2.53 -4.07
CA LEU A 3767 -62.77 3.58 -3.32
C LEU A 3767 -63.77 4.41 -2.55
N TYR A 3768 -64.91 4.74 -3.16
CA TYR A 3768 -65.93 5.51 -2.46
C TYR A 3768 -66.49 4.72 -1.29
N GLN A 3769 -66.79 3.44 -1.50
CA GLN A 3769 -67.33 2.62 -0.42
C GLN A 3769 -66.34 2.53 0.74
N GLN A 3770 -65.05 2.45 0.44
CA GLN A 3770 -64.05 2.37 1.49
C GLN A 3770 -63.85 3.72 2.18
N SER A 3771 -64.00 4.82 1.44
CA SER A 3771 -63.89 6.13 2.04
C SER A 3771 -65.04 6.39 2.99
N ARG A 3772 -66.22 5.84 2.70
CA ARG A 3772 -67.32 5.99 3.64
C ARG A 3772 -66.92 5.57 5.04
N LEU A 3773 -66.12 4.51 5.16
CA LEU A 3773 -65.68 4.02 6.46
C LEU A 3773 -64.41 4.69 6.95
N HIS A 3774 -63.37 4.80 6.12
CA HIS A 3774 -62.11 5.31 6.64
C HIS A 3774 -62.13 6.81 6.85
N ASN A 3775 -63.11 7.53 6.31
CA ASN A 3775 -63.31 8.92 6.67
C ASN A 3775 -63.93 9.09 8.04
N ARG A 3776 -64.35 7.99 8.67
CA ARG A 3776 -65.02 8.03 9.96
C ARG A 3776 -64.30 7.19 11.01
N GLY A 3777 -62.99 6.97 10.84
CA GLY A 3777 -62.17 6.36 11.86
C GLY A 3777 -62.06 4.85 11.81
N ALA A 3778 -62.54 4.22 10.75
CA ALA A 3778 -62.55 2.75 10.71
C ALA A 3778 -61.14 2.17 10.74
N ALA A 3779 -60.18 2.81 10.07
CA ALA A 3779 -58.82 2.28 10.04
C ALA A 3779 -58.21 2.27 11.44
N GLU A 3780 -58.30 3.39 12.14
CA GLU A 3780 -57.79 3.44 13.51
C GLU A 3780 -58.53 2.48 14.40
N MET A 3781 -59.84 2.31 14.18
CA MET A 3781 -60.58 1.32 14.97
C MET A 3781 -60.04 -0.08 14.75
N VAL A 3782 -59.75 -0.43 13.50
CA VAL A 3782 -59.21 -1.75 13.21
C VAL A 3782 -57.88 -1.95 13.92
N LEU A 3783 -56.99 -0.96 13.83
CA LEU A 3783 -55.70 -1.09 14.50
C LEU A 3783 -55.88 -1.24 16.00
N GLN A 3784 -56.77 -0.44 16.59
CA GLN A 3784 -56.98 -0.51 18.03
C GLN A 3784 -57.52 -1.87 18.45
N MET A 3785 -58.45 -2.42 17.68
CA MET A 3785 -59.00 -3.74 18.03
C MET A 3785 -57.95 -4.83 17.91
N ILE A 3786 -57.12 -4.78 16.87
CA ILE A 3786 -56.05 -5.76 16.75
C ILE A 3786 -55.12 -5.66 17.95
N SER A 3787 -54.77 -4.44 18.34
CA SER A 3787 -53.91 -4.26 19.51
C SER A 3787 -54.58 -4.78 20.77
N ALA A 3788 -55.89 -4.54 20.92
CA ALA A 3788 -56.60 -4.91 22.13
C ALA A 3788 -56.74 -6.41 22.27
N CYS A 3789 -56.84 -7.14 21.15
CA CYS A 3789 -56.97 -8.59 21.25
C CYS A 3789 -55.80 -9.23 21.97
N LYS A 3790 -54.65 -8.55 22.02
CA LYS A 3790 -53.48 -9.02 22.77
C LYS A 3790 -53.06 -10.43 22.35
N GLY A 3791 -53.12 -10.71 21.06
CA GLY A 3791 -52.62 -11.95 20.55
C GLY A 3791 -53.52 -13.15 20.74
N GLU A 3792 -54.75 -12.97 21.21
CA GLU A 3792 -55.69 -14.06 21.42
C GLU A 3792 -56.55 -14.23 20.17
N THR A 3793 -56.54 -15.43 19.60
CA THR A 3793 -57.38 -15.70 18.46
C THR A 3793 -58.85 -15.78 18.88
N GLY A 3794 -59.73 -15.63 17.90
CA GLY A 3794 -61.15 -15.72 18.17
C GLY A 3794 -61.96 -14.91 17.18
N ALA A 3795 -63.26 -14.89 17.43
CA ALA A 3795 -64.18 -14.23 16.53
C ALA A 3795 -63.95 -12.73 16.46
N MET A 3796 -63.60 -12.10 17.58
CA MET A 3796 -63.35 -10.65 17.55
C MET A 3796 -62.22 -10.30 16.61
N VAL A 3797 -61.08 -10.97 16.73
CA VAL A 3797 -59.96 -10.65 15.86
C VAL A 3797 -60.24 -11.09 14.44
N SER A 3798 -60.99 -12.18 14.24
CA SER A 3798 -61.35 -12.56 12.88
C SER A 3798 -62.17 -11.47 12.20
N SER A 3799 -63.17 -10.95 12.90
CA SER A 3799 -63.98 -9.87 12.34
C SER A 3799 -63.15 -8.61 12.11
N THR A 3800 -62.25 -8.30 13.04
CA THR A 3800 -61.40 -7.12 12.85
C THR A 3800 -60.53 -7.27 11.60
N LEU A 3801 -59.94 -8.45 11.40
CA LEU A 3801 -59.10 -8.66 10.23
C LEU A 3801 -59.91 -8.59 8.95
N LYS A 3802 -61.12 -9.16 8.96
CA LYS A 3802 -61.96 -9.09 7.77
C LYS A 3802 -62.32 -7.64 7.45
N LEU A 3803 -62.64 -6.84 8.47
CA LEU A 3803 -62.94 -5.44 8.23
C LEU A 3803 -61.72 -4.70 7.67
N GLY A 3804 -60.55 -4.96 8.25
CA GLY A 3804 -59.34 -4.33 7.73
C GLY A 3804 -59.08 -4.67 6.28
N ILE A 3805 -59.23 -5.95 5.93
CA ILE A 3805 -59.08 -6.36 4.55
C ILE A 3805 -60.10 -5.67 3.67
N SER A 3806 -61.34 -5.55 4.15
CA SER A 3806 -62.37 -4.93 3.33
C SER A 3806 -62.04 -3.47 3.02
N ILE A 3807 -61.52 -2.74 4.00
CA ILE A 3807 -61.20 -1.32 3.75
C ILE A 3807 -59.85 -1.15 3.08
N LEU A 3808 -59.00 -2.17 3.05
CA LEU A 3808 -57.71 -2.07 2.39
C LEU A 3808 -57.69 -2.65 0.99
N ASN A 3809 -58.74 -3.38 0.59
CA ASN A 3809 -58.72 -4.08 -0.70
C ASN A 3809 -58.35 -3.13 -1.83
N GLY A 3810 -57.57 -3.65 -2.77
CA GLY A 3810 -57.08 -2.86 -3.88
C GLY A 3810 -55.88 -2.02 -3.56
N GLY A 3811 -55.34 -2.13 -2.36
CA GLY A 3811 -54.20 -1.31 -1.96
C GLY A 3811 -54.58 0.14 -1.76
N ASN A 3812 -55.57 0.39 -0.90
CA ASN A 3812 -56.03 1.74 -0.65
C ASN A 3812 -54.92 2.58 -0.02
N ALA A 3813 -54.33 3.47 -0.80
CA ALA A 3813 -53.20 4.26 -0.32
C ALA A 3813 -53.61 5.18 0.81
N GLU A 3814 -54.81 5.75 0.74
CA GLU A 3814 -55.25 6.65 1.80
C GLU A 3814 -55.40 5.90 3.12
N VAL A 3815 -55.99 4.70 3.08
CA VAL A 3815 -56.12 3.90 4.29
C VAL A 3815 -54.74 3.50 4.81
N GLN A 3816 -53.84 3.13 3.91
CA GLN A 3816 -52.49 2.78 4.35
C GLN A 3816 -51.83 3.96 5.05
N GLN A 3817 -51.96 5.15 4.49
CA GLN A 3817 -51.38 6.34 5.10
C GLN A 3817 -51.98 6.61 6.46
N LYS A 3818 -53.30 6.48 6.59
CA LYS A 3818 -53.93 6.72 7.88
C LYS A 3818 -53.44 5.71 8.92
N MET A 3819 -53.36 4.44 8.54
CA MET A 3819 -52.87 3.43 9.47
C MET A 3819 -51.44 3.70 9.90
N LEU A 3820 -50.57 4.02 8.95
CA LEU A 3820 -49.17 4.27 9.28
C LEU A 3820 -49.03 5.49 10.16
N ASP A 3821 -49.77 6.56 9.87
CA ASP A 3821 -49.71 7.75 10.71
C ASP A 3821 -50.17 7.44 12.13
N TYR A 3822 -51.27 6.70 12.26
CA TYR A 3822 -51.75 6.37 13.60
C TYR A 3822 -50.71 5.56 14.37
N LEU A 3823 -50.13 4.55 13.72
CA LEU A 3823 -49.16 3.71 14.40
C LEU A 3823 -47.93 4.51 14.81
N LYS A 3824 -47.38 5.30 13.89
CA LYS A 3824 -46.18 6.07 14.19
C LYS A 3824 -46.43 7.18 15.19
N ASP A 3825 -47.67 7.65 15.32
CA ASP A 3825 -47.98 8.68 16.29
C ASP A 3825 -48.20 8.10 17.67
N LYS A 3826 -48.87 6.94 17.76
CA LYS A 3826 -49.10 6.35 19.07
C LYS A 3826 -47.84 5.69 19.63
N LYS A 3827 -47.03 5.06 18.78
CA LYS A 3827 -45.79 4.42 19.22
C LYS A 3827 -46.06 3.39 20.31
N GLU A 3828 -46.94 2.44 20.01
CA GLU A 3828 -47.29 1.38 20.95
C GLU A 3828 -46.84 0.03 20.40
N VAL A 3829 -46.16 -0.74 21.24
CA VAL A 3829 -45.60 -2.03 20.83
C VAL A 3829 -46.69 -3.08 20.83
N GLY A 3830 -47.86 -2.73 21.38
CA GLY A 3830 -48.93 -3.71 21.50
C GLY A 3830 -49.45 -4.23 20.17
N PHE A 3831 -49.52 -3.38 19.16
CA PHE A 3831 -50.06 -3.81 17.87
C PHE A 3831 -49.22 -4.94 17.27
N PHE A 3832 -47.91 -4.72 17.16
CA PHE A 3832 -47.07 -5.75 16.56
C PHE A 3832 -46.82 -6.92 17.50
N GLN A 3833 -46.88 -6.71 18.82
CA GLN A 3833 -46.84 -7.84 19.72
C GLN A 3833 -48.05 -8.75 19.49
N SER A 3834 -49.23 -8.16 19.32
CA SER A 3834 -50.43 -8.94 19.04
C SER A 3834 -50.31 -9.64 17.70
N ILE A 3835 -49.80 -8.96 16.68
CA ILE A 3835 -49.64 -9.59 15.37
C ILE A 3835 -48.70 -10.78 15.46
N GLN A 3836 -47.58 -10.62 16.17
CA GLN A 3836 -46.63 -11.71 16.30
C GLN A 3836 -47.25 -12.90 17.05
N ALA A 3837 -47.99 -12.62 18.12
CA ALA A 3837 -48.63 -13.71 18.85
C ALA A 3837 -49.63 -14.46 17.96
N LEU A 3838 -50.44 -13.73 17.19
CA LEU A 3838 -51.38 -14.39 16.30
C LEU A 3838 -50.65 -15.24 15.27
N MET A 3839 -49.56 -14.71 14.71
CA MET A 3839 -48.81 -15.48 13.73
C MET A 3839 -48.25 -16.74 14.34
N GLN A 3840 -47.79 -16.69 15.59
CA GLN A 3840 -47.29 -17.89 16.25
C GLN A 3840 -48.38 -18.89 16.56
N THR A 3841 -49.60 -18.43 16.84
CA THR A 3841 -50.71 -19.36 17.07
C THR A 3841 -51.21 -19.99 15.77
N CYS A 3842 -51.00 -19.36 14.63
CA CYS A 3842 -51.42 -19.94 13.36
C CYS A 3842 -50.86 -21.35 13.20
N SER A 3843 -51.69 -22.27 12.71
CA SER A 3843 -51.37 -23.69 12.70
C SER A 3843 -50.97 -24.17 11.31
N VAL A 3844 -50.48 -25.41 11.27
CA VAL A 3844 -49.99 -26.04 10.05
C VAL A 3844 -50.56 -27.45 9.96
N LEU A 3845 -50.14 -28.20 8.94
CA LEU A 3845 -50.61 -29.58 8.77
C LEU A 3845 -50.13 -30.43 9.93
N ASP A 3846 -51.03 -31.24 10.49
CA ASP A 3846 -50.74 -32.09 11.64
C ASP A 3846 -51.13 -33.52 11.33
N LEU A 3847 -50.14 -34.41 11.26
CA LEU A 3847 -50.40 -35.78 10.84
C LEU A 3847 -51.05 -36.60 11.94
N ASN A 3848 -50.75 -36.33 13.21
CA ASN A 3848 -51.47 -37.00 14.28
C ASN A 3848 -52.95 -36.66 14.22
N ALA A 3849 -53.27 -35.39 14.02
CA ALA A 3849 -54.66 -34.98 13.86
C ALA A 3849 -55.28 -35.65 12.63
N PHE A 3850 -54.51 -35.77 11.55
CA PHE A 3850 -55.03 -36.41 10.35
C PHE A 3850 -55.40 -37.86 10.61
N GLU A 3851 -54.50 -38.60 11.28
CA GLU A 3851 -54.80 -40.00 11.58
C GLU A 3851 -55.98 -40.14 12.53
N ARG A 3852 -56.06 -39.25 13.53
CA ARG A 3852 -57.21 -39.28 14.42
C ARG A 3852 -58.50 -39.06 13.65
N GLN A 3853 -58.50 -38.10 12.72
CA GLN A 3853 -59.70 -37.84 11.92
C GLN A 3853 -60.05 -39.03 11.04
N ASN A 3854 -59.04 -39.68 10.46
CA ASN A 3854 -59.30 -40.87 9.66
C ASN A 3854 -59.95 -41.96 10.49
N LYS A 3855 -59.43 -42.19 11.70
CA LYS A 3855 -60.04 -43.21 12.55
C LYS A 3855 -61.46 -42.83 12.95
N ALA A 3856 -61.69 -41.56 13.27
CA ALA A 3856 -63.03 -41.12 13.64
C ALA A 3856 -64.00 -41.33 12.49
N GLU A 3857 -63.60 -41.00 11.27
CA GLU A 3857 -64.46 -41.26 10.11
C GLU A 3857 -64.67 -42.76 9.92
N GLY A 3858 -63.62 -43.55 10.13
CA GLY A 3858 -63.75 -44.99 9.99
C GLY A 3858 -64.78 -45.57 10.94
N LEU A 3859 -64.88 -45.01 12.14
CA LEU A 3859 -65.91 -45.45 13.08
C LEU A 3859 -67.26 -45.50 12.39
N GLY A 3860 -67.90 -46.67 12.46
CA GLY A 3860 -69.08 -46.92 11.66
C GLY A 3860 -70.35 -46.32 12.24
N MET A 3861 -71.43 -46.47 11.47
CA MET A 3861 -72.75 -45.97 11.86
C MET A 3861 -73.61 -47.15 12.30
N VAL A 3862 -73.71 -47.31 13.63
CA VAL A 3862 -74.48 -48.41 14.18
C VAL A 3862 -75.89 -47.96 14.54
N ASN A 3863 -76.00 -46.86 15.29
CA ASN A 3863 -77.29 -46.37 15.75
C ASN A 3863 -77.79 -45.28 14.79
N GLU A 3864 -78.95 -44.72 15.10
CA GLU A 3864 -79.58 -43.76 14.20
C GLU A 3864 -78.89 -42.41 14.26
N ASP A 3865 -78.95 -41.67 13.15
CA ASP A 3865 -78.15 -40.46 12.99
C ASP A 3865 -78.38 -39.46 14.12
N GLY A 3866 -79.62 -39.32 14.57
CA GLY A 3866 -79.88 -38.40 15.67
C GLY A 3866 -79.14 -38.78 16.94
N THR A 3867 -79.22 -40.05 17.34
CA THR A 3867 -78.52 -40.48 18.55
C THR A 3867 -77.01 -40.38 18.39
N VAL A 3868 -76.49 -40.77 17.22
CA VAL A 3868 -75.06 -40.65 16.97
C VAL A 3868 -74.73 -39.22 16.58
N ILE A 3869 -73.43 -38.89 16.63
CA ILE A 3869 -72.98 -37.52 16.42
C ILE A 3869 -72.58 -37.27 14.97
N ASN A 3870 -72.77 -38.26 14.09
CA ASN A 3870 -72.48 -38.12 12.66
C ASN A 3870 -71.00 -37.83 12.40
N ARG A 3871 -70.16 -37.94 13.42
CA ARG A 3871 -68.73 -37.66 13.32
C ARG A 3871 -68.49 -36.35 12.56
N GLN A 3872 -69.37 -35.37 12.78
CA GLN A 3872 -69.29 -34.10 12.08
C GLN A 3872 -68.50 -33.09 12.89
N ASN A 3873 -67.55 -33.58 13.70
CA ASN A 3873 -66.64 -32.68 14.38
C ASN A 3873 -65.89 -31.84 13.36
N GLY A 3874 -65.73 -30.55 13.67
CA GLY A 3874 -65.04 -29.65 12.76
C GLY A 3874 -63.70 -30.20 12.34
N GLU A 3875 -63.18 -29.65 11.25
CA GLU A 3875 -61.91 -30.10 10.72
C GLU A 3875 -60.84 -30.02 11.79
N LYS A 3876 -60.07 -31.10 11.93
CA LYS A 3876 -58.99 -31.15 12.90
C LYS A 3876 -57.65 -30.74 12.32
N VAL A 3877 -57.50 -30.75 11.01
CA VAL A 3877 -56.26 -30.40 10.34
C VAL A 3877 -56.41 -29.01 9.72
N MET A 3878 -55.54 -28.09 10.10
CA MET A 3878 -55.57 -26.72 9.62
C MET A 3878 -56.98 -26.15 9.77
N ALA A 3879 -57.47 -26.21 11.00
CA ALA A 3879 -58.82 -25.75 11.29
C ALA A 3879 -58.98 -24.24 11.18
N ASP A 3880 -57.91 -23.49 11.35
CA ASP A 3880 -57.92 -22.03 11.28
C ASP A 3880 -57.27 -21.51 10.02
N ASP A 3881 -57.36 -22.26 8.92
CA ASP A 3881 -56.72 -21.84 7.68
C ASP A 3881 -57.31 -20.53 7.18
N GLU A 3882 -58.62 -20.36 7.34
CA GLU A 3882 -59.25 -19.11 6.95
C GLU A 3882 -58.68 -17.94 7.72
N PHE A 3883 -58.49 -18.09 9.03
CA PHE A 3883 -57.90 -17.03 9.83
C PHE A 3883 -56.46 -16.76 9.40
N THR A 3884 -55.69 -17.80 9.13
CA THR A 3884 -54.31 -17.61 8.70
C THR A 3884 -54.26 -16.82 7.40
N GLN A 3885 -55.11 -17.20 6.44
CA GLN A 3885 -55.15 -16.49 5.18
C GLN A 3885 -55.56 -15.05 5.39
N ASP A 3886 -56.52 -14.79 6.26
CA ASP A 3886 -56.94 -13.42 6.52
C ASP A 3886 -55.80 -12.60 7.14
N LEU A 3887 -55.08 -13.18 8.10
CA LEU A 3887 -53.99 -12.45 8.74
C LEU A 3887 -52.92 -12.08 7.72
N PHE A 3888 -52.52 -13.03 6.89
CA PHE A 3888 -51.44 -12.74 5.94
C PHE A 3888 -51.94 -11.86 4.80
N ARG A 3889 -53.23 -11.95 4.44
CA ARG A 3889 -53.78 -11.04 3.47
C ARG A 3889 -53.80 -9.62 3.99
N PHE A 3890 -54.14 -9.43 5.27
CA PHE A 3890 -54.09 -8.11 5.87
C PHE A 3890 -52.66 -7.56 5.84
N LEU A 3891 -51.68 -8.39 6.20
CA LEU A 3891 -50.30 -7.93 6.17
C LEU A 3891 -49.87 -7.58 4.75
N GLN A 3892 -50.28 -8.37 3.76
CA GLN A 3892 -49.95 -8.05 2.38
C GLN A 3892 -50.58 -6.73 1.96
N LEU A 3893 -51.86 -6.53 2.26
CA LEU A 3893 -52.54 -5.32 1.85
C LEU A 3893 -51.98 -4.08 2.53
N LEU A 3894 -51.32 -4.25 3.68
CA LEU A 3894 -50.63 -3.10 4.26
C LEU A 3894 -49.52 -2.59 3.34
N CYS A 3895 -48.92 -3.46 2.54
CA CYS A 3895 -47.83 -3.08 1.65
C CYS A 3895 -48.21 -3.03 0.19
N GLU A 3896 -49.44 -3.42 -0.17
CA GLU A 3896 -49.83 -3.45 -1.57
C GLU A 3896 -49.64 -2.09 -2.23
N GLY A 3897 -49.17 -2.11 -3.47
CA GLY A 3897 -48.81 -0.90 -4.17
C GLY A 3897 -47.39 -0.45 -3.95
N HIS A 3898 -46.56 -1.27 -3.32
CA HIS A 3898 -45.16 -0.93 -3.05
C HIS A 3898 -45.07 0.30 -2.16
N ASN A 3899 -45.82 0.27 -1.06
CA ASN A 3899 -45.75 1.32 -0.05
C ASN A 3899 -44.43 1.18 0.69
N ASN A 3900 -43.43 1.97 0.30
CA ASN A 3900 -42.10 1.80 0.85
C ASN A 3900 -42.07 2.10 2.34
N ASP A 3901 -42.80 3.14 2.77
CA ASP A 3901 -42.79 3.49 4.18
C ASP A 3901 -43.30 2.35 5.03
N PHE A 3902 -44.44 1.75 4.64
CA PHE A 3902 -45.03 0.75 5.50
C PHE A 3902 -44.26 -0.57 5.36
N GLN A 3903 -43.65 -0.79 4.19
CA GLN A 3903 -42.76 -1.95 4.03
C GLN A 3903 -41.58 -1.87 4.98
N ASN A 3904 -40.95 -0.69 5.10
CA ASN A 3904 -39.88 -0.52 6.07
C ASN A 3904 -40.40 -0.64 7.50
N TYR A 3905 -41.58 -0.08 7.76
CA TYR A 3905 -42.13 -0.13 9.10
C TYR A 3905 -42.39 -1.56 9.55
N LEU A 3906 -42.86 -2.42 8.65
CA LEU A 3906 -43.09 -3.81 9.02
C LEU A 3906 -41.80 -4.49 9.45
N ARG A 3907 -40.66 -4.01 8.97
CA ARG A 3907 -39.39 -4.61 9.36
C ARG A 3907 -38.89 -4.01 10.67
N THR A 3908 -38.87 -2.69 10.78
CA THR A 3908 -38.34 -2.04 11.96
C THR A 3908 -39.20 -0.83 12.31
N GLN A 3909 -39.64 -0.76 13.55
CA GLN A 3909 -40.44 0.37 14.05
C GLN A 3909 -39.51 1.27 14.84
N THR A 3910 -38.96 2.27 14.16
CA THR A 3910 -37.87 3.04 14.74
C THR A 3910 -38.28 3.78 16.00
N GLY A 3911 -39.51 4.31 16.02
CA GLY A 3911 -39.94 5.13 17.14
C GLY A 3911 -40.28 4.36 18.40
N ASN A 3912 -40.60 3.08 18.30
CA ASN A 3912 -41.03 2.31 19.46
C ASN A 3912 -39.84 1.94 20.32
N THR A 3913 -40.14 1.56 21.57
CA THR A 3913 -39.07 1.14 22.49
C THR A 3913 -38.49 -0.21 22.09
N THR A 3914 -39.31 -1.08 21.53
CA THR A 3914 -38.86 -2.36 21.01
C THR A 3914 -39.48 -2.58 19.64
N THR A 3915 -38.78 -3.35 18.81
CA THR A 3915 -39.22 -3.61 17.44
C THR A 3915 -39.41 -5.10 17.23
N ILE A 3916 -40.34 -5.43 16.33
CA ILE A 3916 -40.60 -6.80 15.92
C ILE A 3916 -40.49 -6.86 14.41
N ASN A 3917 -39.78 -7.86 13.91
CA ASN A 3917 -39.56 -8.01 12.47
C ASN A 3917 -40.64 -8.92 11.90
N ILE A 3918 -41.69 -8.31 11.35
CA ILE A 3918 -42.80 -9.09 10.80
C ILE A 3918 -42.36 -9.88 9.58
N ILE A 3919 -41.37 -9.39 8.83
CA ILE A 3919 -40.87 -10.15 7.69
C ILE A 3919 -40.31 -11.49 8.17
N ILE A 3920 -39.49 -11.44 9.22
CA ILE A 3920 -38.89 -12.67 9.73
C ILE A 3920 -39.96 -13.55 10.37
N CYS A 3921 -40.95 -12.94 11.03
CA CYS A 3921 -42.04 -13.76 11.58
C CYS A 3921 -42.76 -14.52 10.47
N THR A 3922 -43.01 -13.85 9.34
CA THR A 3922 -43.64 -14.51 8.20
C THR A 3922 -42.76 -15.62 7.66
N VAL A 3923 -41.46 -15.39 7.58
CA VAL A 3923 -40.55 -16.43 7.11
C VAL A 3923 -40.59 -17.64 8.04
N ASP A 3924 -40.64 -17.39 9.35
CA ASP A 3924 -40.69 -18.50 10.30
C ASP A 3924 -41.97 -19.30 10.15
N TYR A 3925 -43.11 -18.62 9.97
CA TYR A 3925 -44.33 -19.38 9.73
C TYR A 3925 -44.22 -20.18 8.44
N LEU A 3926 -43.64 -19.59 7.40
CA LEU A 3926 -43.48 -20.32 6.14
C LEU A 3926 -42.63 -21.56 6.34
N LEU A 3927 -41.59 -21.46 7.17
CA LEU A 3927 -40.75 -22.62 7.43
C LEU A 3927 -41.52 -23.72 8.16
N ARG A 3928 -42.32 -23.35 9.16
CA ARG A 3928 -43.15 -24.35 9.82
C ARG A 3928 -44.09 -25.03 8.84
N LEU A 3929 -44.72 -24.24 7.98
CA LEU A 3929 -45.65 -24.80 7.01
C LEU A 3929 -44.95 -25.73 6.02
N GLN A 3930 -43.76 -25.34 5.57
CA GLN A 3930 -43.00 -26.19 4.65
C GLN A 3930 -42.66 -27.52 5.31
N GLU A 3931 -42.23 -27.48 6.57
CA GLU A 3931 -41.92 -28.73 7.25
C GLU A 3931 -43.15 -29.61 7.38
N SER A 3932 -44.31 -29.02 7.69
CA SER A 3932 -45.54 -29.81 7.76
C SER A 3932 -45.88 -30.44 6.41
N ILE A 3933 -45.72 -29.69 5.32
CA ILE A 3933 -46.04 -30.22 4.01
C ILE A 3933 -45.06 -31.34 3.63
N SER A 3934 -43.80 -31.18 3.98
CA SER A 3934 -42.84 -32.27 3.75
C SER A 3934 -43.22 -33.52 4.51
N ASP A 3935 -43.66 -33.34 5.77
CA ASP A 3935 -44.13 -34.50 6.54
C ASP A 3935 -45.30 -35.17 5.84
N PHE A 3936 -46.25 -34.38 5.32
CA PHE A 3936 -47.39 -34.97 4.62
C PHE A 3936 -46.93 -35.75 3.40
N TYR A 3937 -46.01 -35.18 2.63
CA TYR A 3937 -45.51 -35.89 1.45
C TYR A 3937 -44.86 -37.21 1.84
N TRP A 3938 -44.04 -37.19 2.88
CA TRP A 3938 -43.40 -38.44 3.31
C TRP A 3938 -44.44 -39.44 3.78
N TYR A 3939 -45.49 -38.97 4.42
CA TYR A 3939 -46.57 -39.87 4.83
C TYR A 3939 -47.19 -40.55 3.62
N TYR A 3940 -47.41 -39.81 2.54
CA TYR A 3940 -48.11 -40.35 1.38
C TYR A 3940 -47.20 -40.95 0.32
N SER A 3941 -45.87 -40.88 0.49
CA SER A 3941 -44.98 -41.27 -0.60
C SER A 3941 -45.12 -42.75 -0.94
N GLY A 3942 -45.23 -43.60 0.07
CA GLY A 3942 -45.38 -45.02 -0.19
C GLY A 3942 -46.69 -45.35 -0.86
N LYS A 3943 -47.76 -44.66 -0.48
CA LYS A 3943 -49.08 -44.95 -1.03
C LYS A 3943 -49.11 -44.63 -2.52
N ASP A 3944 -49.98 -45.34 -3.24
CA ASP A 3944 -50.05 -45.18 -4.68
C ASP A 3944 -50.89 -43.97 -5.07
N VAL A 3945 -52.09 -43.86 -4.50
CA VAL A 3945 -53.00 -42.76 -4.81
C VAL A 3945 -53.37 -42.07 -3.52
N ILE A 3946 -53.37 -40.74 -3.55
CA ILE A 3946 -53.80 -39.95 -2.40
C ILE A 3946 -55.31 -39.88 -2.39
N GLU A 3947 -55.92 -40.19 -1.25
CA GLU A 3947 -57.37 -40.23 -1.17
C GLU A 3947 -57.94 -38.82 -1.08
N GLU A 3948 -59.28 -38.75 -1.00
CA GLU A 3948 -59.96 -37.47 -1.08
C GLU A 3948 -59.59 -36.57 0.10
N GLN A 3949 -59.56 -37.12 1.31
CA GLN A 3949 -59.27 -36.29 2.48
C GLN A 3949 -57.83 -35.79 2.44
N GLY A 3950 -56.89 -36.65 2.06
CA GLY A 3950 -55.52 -36.20 1.92
C GLY A 3950 -55.39 -35.11 0.87
N LYS A 3951 -56.09 -35.25 -0.25
CA LYS A 3951 -56.07 -34.21 -1.26
C LYS A 3951 -56.63 -32.90 -0.72
N ARG A 3952 -57.71 -32.99 0.05
CA ARG A 3952 -58.32 -31.78 0.60
C ARG A 3952 -57.36 -31.07 1.56
N ASN A 3953 -56.68 -31.83 2.40
CA ASN A 3953 -55.73 -31.21 3.33
C ASN A 3953 -54.54 -30.61 2.58
N PHE A 3954 -54.02 -31.32 1.58
CA PHE A 3954 -52.97 -30.75 0.74
C PHE A 3954 -53.42 -29.44 0.14
N SER A 3955 -54.65 -29.40 -0.36
CA SER A 3955 -55.13 -28.18 -1.02
C SER A 3955 -55.25 -27.03 -0.03
N LYS A 3956 -55.74 -27.29 1.19
CA LYS A 3956 -55.82 -26.22 2.17
C LYS A 3956 -54.42 -25.69 2.51
N ALA A 3957 -53.47 -26.58 2.74
CA ALA A 3957 -52.12 -26.14 3.05
C ALA A 3957 -51.53 -25.35 1.89
N MET A 3958 -51.80 -25.77 0.65
CA MET A 3958 -51.26 -25.06 -0.51
C MET A 3958 -51.87 -23.68 -0.66
N SER A 3959 -53.16 -23.54 -0.37
CA SER A 3959 -53.76 -22.20 -0.39
C SER A 3959 -53.09 -21.28 0.62
N VAL A 3960 -52.88 -21.79 1.84
CA VAL A 3960 -52.21 -20.97 2.84
C VAL A 3960 -50.80 -20.60 2.37
N ALA A 3961 -50.07 -21.56 1.81
CA ALA A 3961 -48.72 -21.28 1.34
C ALA A 3961 -48.72 -20.25 0.22
N LYS A 3962 -49.70 -20.33 -0.67
CA LYS A 3962 -49.83 -19.33 -1.72
C LYS A 3962 -50.00 -17.94 -1.13
N GLN A 3963 -50.86 -17.81 -0.12
CA GLN A 3963 -51.05 -16.51 0.50
C GLN A 3963 -49.76 -16.02 1.15
N VAL A 3964 -49.01 -16.92 1.80
CA VAL A 3964 -47.78 -16.51 2.45
C VAL A 3964 -46.75 -16.04 1.43
N PHE A 3965 -46.64 -16.75 0.30
CA PHE A 3965 -45.73 -16.33 -0.76
C PHE A 3965 -46.12 -14.96 -1.29
N ASN A 3966 -47.42 -14.73 -1.47
CA ASN A 3966 -47.87 -13.43 -1.94
C ASN A 3966 -47.53 -12.33 -0.93
N SER A 3967 -47.65 -12.63 0.36
CA SER A 3967 -47.30 -11.65 1.38
C SER A 3967 -45.82 -11.28 1.32
N LEU A 3968 -44.95 -12.29 1.20
CA LEU A 3968 -43.52 -12.00 1.12
C LEU A 3968 -43.20 -11.21 -0.14
N THR A 3969 -43.80 -11.58 -1.26
CA THR A 3969 -43.60 -10.84 -2.50
C THR A 3969 -44.00 -9.39 -2.33
N GLU A 3970 -45.13 -9.13 -1.68
CA GLU A 3970 -45.54 -7.75 -1.43
C GLU A 3970 -44.57 -7.04 -0.52
N TYR A 3971 -44.05 -7.72 0.50
CA TYR A 3971 -43.05 -7.10 1.37
C TYR A 3971 -41.87 -6.58 0.57
N ILE A 3972 -41.36 -7.36 -0.37
CA ILE A 3972 -40.08 -7.01 -0.97
C ILE A 3972 -40.21 -6.22 -2.26
N GLN A 3973 -41.34 -6.35 -2.96
CA GLN A 3973 -41.46 -5.73 -4.27
C GLN A 3973 -41.42 -4.20 -4.17
N GLY A 3974 -40.84 -3.57 -5.19
CA GLY A 3974 -40.82 -2.14 -5.29
C GLY A 3974 -39.52 -1.54 -5.78
N PRO A 3975 -38.37 -2.07 -5.35
CA PRO A 3975 -38.04 -3.01 -4.28
C PRO A 3975 -37.79 -2.28 -2.96
N CYS A 3976 -38.11 -2.94 -1.86
CA CYS A 3976 -37.67 -2.49 -0.54
C CYS A 3976 -36.34 -3.19 -0.28
N THR A 3977 -35.23 -2.45 -0.44
CA THR A 3977 -33.92 -3.08 -0.35
C THR A 3977 -33.65 -3.61 1.05
N GLY A 3978 -34.10 -2.87 2.07
CA GLY A 3978 -33.94 -3.37 3.43
C GLY A 3978 -34.62 -4.70 3.64
N ASN A 3979 -35.84 -4.84 3.13
CA ASN A 3979 -36.55 -6.11 3.25
C ASN A 3979 -35.89 -7.20 2.42
N GLN A 3980 -35.37 -6.84 1.25
CA GLN A 3980 -34.64 -7.81 0.44
C GLN A 3980 -33.44 -8.36 1.20
N GLN A 3981 -32.68 -7.48 1.86
CA GLN A 3981 -31.54 -7.93 2.65
C GLN A 3981 -31.99 -8.76 3.84
N SER A 3982 -33.03 -8.32 4.54
CA SER A 3982 -33.50 -9.05 5.70
C SER A 3982 -33.95 -10.46 5.32
N LEU A 3983 -34.55 -10.61 4.15
CA LEU A 3983 -34.96 -11.93 3.70
C LEU A 3983 -33.76 -12.75 3.25
N ALA A 3984 -32.82 -12.13 2.54
CA ALA A 3984 -31.65 -12.86 2.08
C ALA A 3984 -30.85 -13.42 3.23
N HIS A 3985 -30.82 -12.72 4.36
CA HIS A 3985 -30.08 -13.17 5.54
C HIS A 3985 -30.96 -13.90 6.53
N SER A 3986 -31.96 -14.63 6.06
CA SER A 3986 -32.92 -15.31 6.92
C SER A 3986 -32.99 -16.80 6.54
N ARG A 3987 -33.98 -17.48 7.11
CA ARG A 3987 -34.19 -18.90 6.86
C ARG A 3987 -35.05 -19.15 5.64
N LEU A 3988 -35.17 -18.16 4.75
CA LEU A 3988 -36.01 -18.33 3.57
C LEU A 3988 -35.43 -19.37 2.63
N TRP A 3989 -34.10 -19.40 2.48
CA TRP A 3989 -33.49 -20.31 1.53
C TRP A 3989 -33.75 -21.77 1.90
N ASP A 3990 -33.73 -22.08 3.20
CA ASP A 3990 -34.04 -23.43 3.64
C ASP A 3990 -35.47 -23.82 3.29
N ALA A 3991 -36.41 -22.88 3.50
CA ALA A 3991 -37.79 -23.13 3.12
C ALA A 3991 -37.92 -23.38 1.63
N VAL A 3992 -37.21 -22.60 0.82
CA VAL A 3992 -37.29 -22.78 -0.62
C VAL A 3992 -36.69 -24.12 -1.03
N VAL A 3993 -35.62 -24.55 -0.36
CA VAL A 3993 -35.03 -25.86 -0.67
C VAL A 3993 -36.01 -26.97 -0.37
N GLY A 3994 -36.63 -26.93 0.82
CA GLY A 3994 -37.61 -27.94 1.16
C GLY A 3994 -38.80 -27.94 0.20
N PHE A 3995 -39.27 -26.75 -0.16
CA PHE A 3995 -40.37 -26.64 -1.10
C PHE A 3995 -40.00 -27.21 -2.45
N LEU A 3996 -38.76 -26.97 -2.91
CA LEU A 3996 -38.35 -27.53 -4.19
C LEU A 3996 -38.35 -29.05 -4.15
N HIS A 3997 -37.87 -29.64 -3.05
CA HIS A 3997 -37.91 -31.09 -2.94
C HIS A 3997 -39.34 -31.60 -3.03
N VAL A 3998 -40.24 -30.99 -2.25
CA VAL A 3998 -41.63 -31.43 -2.25
C VAL A 3998 -42.24 -31.24 -3.63
N PHE A 3999 -41.96 -30.12 -4.29
CA PHE A 3999 -42.53 -29.84 -5.59
C PHE A 3999 -42.10 -30.90 -6.59
N ALA A 4000 -40.81 -31.20 -6.66
CA ALA A 4000 -40.35 -32.20 -7.62
C ALA A 4000 -41.03 -33.54 -7.38
N HIS A 4001 -41.01 -34.01 -6.14
CA HIS A 4001 -41.52 -35.37 -5.92
C HIS A 4001 -43.04 -35.42 -6.05
N MET A 4002 -43.75 -34.38 -5.63
CA MET A 4002 -45.20 -34.38 -5.79
C MET A 4002 -45.59 -34.25 -7.25
N MET A 4003 -44.84 -33.48 -8.04
CA MET A 4003 -45.09 -33.45 -9.48
C MET A 4003 -45.01 -34.85 -10.06
N MET A 4004 -43.89 -35.53 -9.79
CA MET A 4004 -43.71 -36.85 -10.38
C MET A 4004 -44.76 -37.83 -9.89
N LYS A 4005 -45.19 -37.72 -8.64
CA LYS A 4005 -46.19 -38.66 -8.13
C LYS A 4005 -47.58 -38.37 -8.68
N LEU A 4006 -48.01 -37.11 -8.65
CA LEU A 4006 -49.35 -36.76 -9.09
C LEU A 4006 -49.53 -36.92 -10.59
N ALA A 4007 -48.45 -36.82 -11.37
CA ALA A 4007 -48.61 -37.01 -12.81
C ALA A 4007 -49.00 -38.43 -13.18
N GLN A 4008 -48.90 -39.37 -12.24
CA GLN A 4008 -49.13 -40.77 -12.56
C GLN A 4008 -50.57 -41.22 -12.40
N ASP A 4009 -51.46 -40.36 -11.92
CA ASP A 4009 -52.88 -40.67 -11.87
C ASP A 4009 -53.68 -39.44 -12.23
N SER A 4010 -54.55 -39.56 -13.24
CA SER A 4010 -55.31 -38.42 -13.72
C SER A 4010 -56.43 -38.01 -12.77
N SER A 4011 -56.72 -38.80 -11.74
CA SER A 4011 -57.69 -38.38 -10.75
C SER A 4011 -57.16 -37.27 -9.85
N GLN A 4012 -55.85 -36.98 -9.91
CA GLN A 4012 -55.22 -35.94 -9.11
C GLN A 4012 -54.78 -34.75 -9.96
N ILE A 4013 -55.43 -34.54 -11.10
CA ILE A 4013 -55.01 -33.48 -12.01
C ILE A 4013 -55.26 -32.11 -11.39
N GLU A 4014 -56.35 -31.97 -10.64
CA GLU A 4014 -56.62 -30.69 -9.98
C GLU A 4014 -55.56 -30.37 -8.94
N LEU A 4015 -55.16 -31.37 -8.15
CA LEU A 4015 -54.09 -31.15 -7.19
C LEU A 4015 -52.79 -30.80 -7.90
N LEU A 4016 -52.50 -31.46 -9.02
CA LEU A 4016 -51.28 -31.14 -9.76
C LEU A 4016 -51.31 -29.70 -10.27
N LYS A 4017 -52.46 -29.26 -10.78
CA LYS A 4017 -52.57 -27.88 -11.26
C LYS A 4017 -52.36 -26.89 -10.13
N GLU A 4018 -52.96 -27.16 -8.96
CA GLU A 4018 -52.76 -26.27 -7.83
C GLU A 4018 -51.29 -26.25 -7.41
N LEU A 4019 -50.63 -27.40 -7.44
CA LEU A 4019 -49.22 -27.46 -7.07
C LEU A 4019 -48.37 -26.64 -8.04
N LEU A 4020 -48.65 -26.73 -9.33
CA LEU A 4020 -47.89 -25.95 -10.29
C LEU A 4020 -48.13 -24.45 -10.12
N ASP A 4021 -49.36 -24.05 -9.80
CA ASP A 4021 -49.62 -22.65 -9.50
C ASP A 4021 -48.82 -22.20 -8.27
N LEU A 4022 -48.74 -23.03 -7.25
CA LEU A 4022 -47.96 -22.68 -6.07
C LEU A 4022 -46.48 -22.53 -6.41
N GLN A 4023 -45.96 -23.44 -7.26
CA GLN A 4023 -44.59 -23.29 -7.72
C GLN A 4023 -44.40 -21.94 -8.42
N LYS A 4024 -45.35 -21.55 -9.25
CA LYS A 4024 -45.24 -20.27 -9.93
C LYS A 4024 -45.21 -19.12 -8.94
N ASP A 4025 -46.02 -19.19 -7.89
CA ASP A 4025 -46.00 -18.13 -6.88
C ASP A 4025 -44.65 -18.06 -6.16
N MET A 4026 -44.08 -19.22 -5.82
CA MET A 4026 -42.76 -19.22 -5.20
C MET A 4026 -41.71 -18.62 -6.14
N VAL A 4027 -41.79 -18.95 -7.43
CA VAL A 4027 -40.81 -18.41 -8.36
C VAL A 4027 -41.01 -16.91 -8.56
N VAL A 4028 -42.25 -16.43 -8.46
CA VAL A 4028 -42.48 -14.99 -8.52
C VAL A 4028 -41.82 -14.30 -7.33
N MET A 4029 -41.93 -14.91 -6.15
CA MET A 4029 -41.23 -14.36 -4.99
C MET A 4029 -39.72 -14.34 -5.22
N LEU A 4030 -39.18 -15.42 -5.77
CA LEU A 4030 -37.74 -15.46 -6.04
C LEU A 4030 -37.35 -14.37 -7.03
N LEU A 4031 -38.13 -14.17 -8.08
CA LEU A 4031 -37.83 -13.11 -9.04
C LEU A 4031 -37.94 -11.74 -8.40
N SER A 4032 -38.84 -11.56 -7.45
CA SER A 4032 -38.91 -10.30 -6.72
C SER A 4032 -37.66 -10.06 -5.90
N LEU A 4033 -37.06 -11.12 -5.37
CA LEU A 4033 -35.82 -10.96 -4.62
C LEU A 4033 -34.69 -10.40 -5.49
N LEU A 4034 -34.81 -10.47 -6.81
CA LEU A 4034 -33.77 -10.02 -7.71
C LEU A 4034 -34.03 -8.65 -8.31
N GLU A 4035 -35.06 -7.95 -7.87
CA GLU A 4035 -35.33 -6.62 -8.40
C GLU A 4035 -34.22 -5.65 -7.99
N GLY A 4036 -33.68 -4.93 -8.96
CA GLY A 4036 -32.59 -4.01 -8.68
C GLY A 4036 -31.25 -4.68 -8.48
N ASN A 4037 -31.15 -5.98 -8.67
CA ASN A 4037 -29.91 -6.69 -8.48
C ASN A 4037 -28.89 -6.28 -9.54
N VAL A 4038 -27.62 -6.23 -9.14
CA VAL A 4038 -26.54 -5.86 -10.05
C VAL A 4038 -25.82 -7.12 -10.52
N VAL A 4039 -24.98 -6.99 -11.54
CA VAL A 4039 -24.20 -8.12 -12.00
C VAL A 4039 -23.30 -8.62 -10.89
N ASN A 4040 -23.28 -9.93 -10.68
CA ASN A 4040 -22.57 -10.55 -9.56
C ASN A 4040 -23.07 -10.04 -8.22
N GLY A 4041 -24.37 -9.81 -8.11
CA GLY A 4041 -24.94 -9.35 -6.87
C GLY A 4041 -24.99 -10.44 -5.82
N MET A 4042 -25.01 -9.99 -4.56
CA MET A 4042 -24.94 -10.93 -3.45
C MET A 4042 -26.16 -11.85 -3.43
N ILE A 4043 -27.36 -11.29 -3.63
CA ILE A 4043 -28.56 -12.10 -3.60
C ILE A 4043 -28.60 -13.06 -4.78
N ALA A 4044 -28.10 -12.63 -5.94
CA ALA A 4044 -28.02 -13.53 -7.07
C ALA A 4044 -27.10 -14.72 -6.78
N ARG A 4045 -25.94 -14.45 -6.18
CA ARG A 4045 -25.05 -15.55 -5.84
C ARG A 4045 -25.68 -16.46 -4.80
N GLN A 4046 -26.39 -15.90 -3.82
CA GLN A 4046 -27.08 -16.73 -2.84
C GLN A 4046 -28.15 -17.59 -3.50
N MET A 4047 -28.89 -17.04 -4.46
CA MET A 4047 -29.89 -17.83 -5.17
C MET A 4047 -29.25 -18.97 -5.94
N VAL A 4048 -28.10 -18.72 -6.56
CA VAL A 4048 -27.40 -19.79 -7.26
C VAL A 4048 -26.94 -20.85 -6.28
N ASP A 4049 -26.46 -20.44 -5.10
CA ASP A 4049 -26.06 -21.42 -4.08
C ASP A 4049 -27.25 -22.26 -3.66
N MET A 4050 -28.40 -21.64 -3.46
CA MET A 4050 -29.61 -22.39 -3.09
C MET A 4050 -29.98 -23.38 -4.18
N LEU A 4051 -29.92 -22.98 -5.44
CA LEU A 4051 -30.22 -23.91 -6.52
C LEU A 4051 -29.25 -25.08 -6.53
N VAL A 4052 -27.95 -24.81 -6.37
CA VAL A 4052 -26.97 -25.88 -6.34
C VAL A 4052 -27.25 -26.82 -5.18
N GLU A 4053 -27.66 -26.28 -4.03
CA GLU A 4053 -28.02 -27.13 -2.91
C GLU A 4053 -29.22 -28.00 -3.25
N SER A 4054 -30.17 -27.47 -4.01
CA SER A 4054 -31.32 -28.25 -4.47
C SER A 4054 -31.09 -28.86 -5.85
N SER A 4055 -29.83 -29.14 -6.20
CA SER A 4055 -29.50 -29.59 -7.55
C SER A 4055 -30.39 -30.74 -8.01
N SER A 4056 -30.55 -31.77 -7.18
CA SER A 4056 -31.30 -32.95 -7.61
C SER A 4056 -32.75 -32.61 -7.93
N ASN A 4057 -33.39 -31.81 -7.06
CA ASN A 4057 -34.79 -31.51 -7.25
C ASN A 4057 -35.00 -30.53 -8.40
N VAL A 4058 -34.10 -29.58 -8.57
CA VAL A 4058 -34.16 -28.70 -9.73
C VAL A 4058 -34.03 -29.51 -11.00
N GLU A 4059 -33.11 -30.47 -11.03
CA GLU A 4059 -32.96 -31.34 -12.19
C GLU A 4059 -34.23 -32.14 -12.43
N MET A 4060 -34.87 -32.64 -11.38
CA MET A 4060 -36.10 -33.40 -11.55
C MET A 4060 -37.22 -32.53 -12.14
N ILE A 4061 -37.36 -31.30 -11.67
CA ILE A 4061 -38.39 -30.41 -12.20
C ILE A 4061 -38.12 -30.10 -13.67
N LEU A 4062 -36.88 -29.74 -13.99
CA LEU A 4062 -36.54 -29.46 -15.38
C LEU A 4062 -36.76 -30.68 -16.25
N LYS A 4063 -36.45 -31.87 -15.75
CA LYS A 4063 -36.71 -33.09 -16.50
C LYS A 4063 -38.19 -33.31 -16.74
N PHE A 4064 -39.02 -33.01 -15.75
CA PHE A 4064 -40.46 -33.11 -15.95
C PHE A 4064 -40.90 -32.24 -17.13
N PHE A 4065 -40.53 -30.96 -17.09
CA PHE A 4065 -40.94 -30.05 -18.15
C PHE A 4065 -40.40 -30.51 -19.51
N ASP A 4066 -39.12 -30.88 -19.55
CA ASP A 4066 -38.50 -31.30 -20.79
C ASP A 4066 -39.16 -32.55 -21.35
N MET A 4067 -39.43 -33.52 -20.47
CA MET A 4067 -40.04 -34.76 -20.90
C MET A 4067 -41.37 -34.52 -21.57
N PHE A 4068 -42.22 -33.71 -20.95
CA PHE A 4068 -43.54 -33.53 -21.57
C PHE A 4068 -43.52 -32.61 -22.78
N LEU A 4069 -42.64 -31.60 -22.81
CA LEU A 4069 -42.50 -30.82 -24.02
C LEU A 4069 -42.00 -31.67 -25.17
N LYS A 4070 -41.12 -32.65 -24.90
CA LYS A 4070 -40.68 -33.55 -25.95
C LYS A 4070 -41.77 -34.54 -26.34
N LEU A 4071 -42.60 -34.96 -25.40
CA LEU A 4071 -43.71 -35.84 -25.72
C LEU A 4071 -44.65 -35.20 -26.72
N LYS A 4072 -44.97 -33.91 -26.49
CA LYS A 4072 -45.87 -33.23 -27.42
C LYS A 4072 -45.34 -33.25 -28.84
N ASP A 4073 -44.02 -33.10 -29.00
CA ASP A 4073 -43.44 -33.11 -30.34
C ASP A 4073 -43.39 -34.51 -30.93
N ILE A 4074 -43.05 -35.50 -30.11
CA ILE A 4074 -42.93 -36.86 -30.64
C ILE A 4074 -44.30 -37.36 -31.10
N VAL A 4075 -45.35 -37.05 -30.34
CA VAL A 4075 -46.67 -37.55 -30.73
C VAL A 4075 -47.09 -36.99 -32.09
N GLY A 4076 -46.71 -35.74 -32.37
CA GLY A 4076 -46.97 -35.18 -33.69
C GLY A 4076 -46.03 -35.64 -34.77
N SER A 4077 -44.85 -36.13 -34.41
CA SER A 4077 -43.90 -36.59 -35.41
C SER A 4077 -44.48 -37.73 -36.24
N GLU A 4078 -44.12 -37.73 -37.53
CA GLU A 4078 -44.64 -38.75 -38.45
C GLU A 4078 -44.16 -40.14 -38.07
N ALA A 4079 -42.88 -40.28 -37.71
CA ALA A 4079 -42.36 -41.59 -37.35
C ALA A 4079 -43.13 -42.20 -36.19
N PHE A 4080 -43.72 -41.37 -35.33
CA PHE A 4080 -44.56 -41.89 -34.26
C PHE A 4080 -45.90 -42.37 -34.80
N GLN A 4081 -46.51 -41.59 -35.71
CA GLN A 4081 -47.81 -41.95 -36.26
C GLN A 4081 -47.76 -43.25 -37.05
N ASP A 4082 -46.57 -43.72 -37.43
CA ASP A 4082 -46.46 -45.00 -38.12
C ASP A 4082 -46.88 -46.17 -37.23
N TYR A 4083 -46.89 -45.97 -35.92
CA TYR A 4083 -47.31 -47.01 -34.99
C TYR A 4083 -48.78 -46.89 -34.59
N VAL A 4084 -49.41 -45.74 -34.84
CA VAL A 4084 -50.82 -45.56 -34.54
C VAL A 4084 -51.63 -46.08 -35.70
N THR A 4085 -51.94 -47.37 -35.68
CA THR A 4085 -52.63 -48.02 -36.80
C THR A 4085 -54.08 -48.34 -36.51
N ASP A 4086 -54.49 -48.33 -35.25
CA ASP A 4086 -55.89 -48.59 -34.93
C ASP A 4086 -56.77 -47.50 -35.53
N PRO A 4087 -57.97 -47.82 -35.99
CA PRO A 4087 -58.85 -46.77 -36.54
C PRO A 4087 -59.17 -45.66 -35.55
N ARG A 4088 -59.38 -45.99 -34.27
CA ARG A 4088 -59.77 -44.96 -33.31
C ARG A 4088 -58.69 -43.90 -33.16
N GLY A 4089 -57.43 -44.27 -33.42
CA GLY A 4089 -56.31 -43.39 -33.14
C GLY A 4089 -55.60 -43.65 -31.84
N LEU A 4090 -55.91 -44.76 -31.17
CA LEU A 4090 -55.25 -45.14 -29.93
C LEU A 4090 -54.06 -46.05 -30.25
N ILE A 4091 -53.15 -46.16 -29.28
CA ILE A 4091 -51.94 -46.95 -29.43
C ILE A 4091 -51.81 -47.86 -28.23
N SER A 4092 -51.52 -49.13 -28.47
CA SER A 4092 -51.31 -50.06 -27.38
C SER A 4092 -50.07 -49.66 -26.59
N LYS A 4093 -49.99 -50.14 -25.35
CA LYS A 4093 -48.82 -49.81 -24.54
C LYS A 4093 -47.54 -50.36 -25.16
N LYS A 4094 -47.59 -51.57 -25.71
CA LYS A 4094 -46.40 -52.15 -26.33
C LYS A 4094 -45.97 -51.35 -27.55
N ASP A 4095 -46.94 -50.94 -28.39
CA ASP A 4095 -46.60 -50.15 -29.56
C ASP A 4095 -46.08 -48.77 -29.17
N PHE A 4096 -46.65 -48.17 -28.13
CA PHE A 4096 -46.12 -46.91 -27.63
C PHE A 4096 -44.69 -47.07 -27.15
N GLN A 4097 -44.40 -48.16 -26.43
CA GLN A 4097 -43.04 -48.44 -26.01
C GLN A 4097 -42.11 -48.57 -27.22
N LYS A 4098 -42.56 -49.28 -28.25
CA LYS A 4098 -41.74 -49.46 -29.44
C LYS A 4098 -41.48 -48.12 -30.14
N ALA A 4099 -42.50 -47.29 -30.25
CA ALA A 4099 -42.33 -45.99 -30.91
C ALA A 4099 -41.35 -45.12 -30.14
N MET A 4100 -41.48 -45.08 -28.81
CA MET A 4100 -40.56 -44.26 -28.03
C MET A 4100 -39.15 -44.81 -28.10
N ASP A 4101 -39.00 -46.13 -28.12
CA ASP A 4101 -37.67 -46.72 -28.28
C ASP A 4101 -37.06 -46.31 -29.62
N SER A 4102 -37.85 -46.38 -30.69
CA SER A 4102 -37.33 -46.04 -32.01
C SER A 4102 -36.93 -44.58 -32.07
N GLN A 4103 -37.71 -43.70 -31.44
CA GLN A 4103 -37.38 -42.28 -31.50
C GLN A 4103 -36.03 -41.96 -30.87
N LYS A 4104 -35.53 -42.81 -29.97
CA LYS A 4104 -34.21 -42.64 -29.38
C LYS A 4104 -34.09 -41.27 -28.69
N GLN A 4105 -35.16 -40.86 -28.03
CA GLN A 4105 -35.18 -39.59 -27.32
C GLN A 4105 -35.39 -39.73 -25.82
N PHE A 4106 -35.70 -40.92 -25.33
CA PHE A 4106 -35.96 -41.16 -23.92
C PHE A 4106 -35.15 -42.37 -23.45
N THR A 4107 -34.86 -42.40 -22.15
CA THR A 4107 -34.29 -43.59 -21.55
C THR A 4107 -35.39 -44.57 -21.17
N GLY A 4108 -34.99 -45.79 -20.80
CA GLY A 4108 -35.93 -46.82 -20.46
C GLY A 4108 -36.80 -46.44 -19.28
N PRO A 4109 -36.17 -45.96 -18.20
CA PRO A 4109 -36.98 -45.48 -17.06
C PRO A 4109 -37.91 -44.35 -17.43
N GLU A 4110 -37.49 -43.44 -18.30
CA GLU A 4110 -38.36 -42.35 -18.72
C GLU A 4110 -39.56 -42.88 -19.49
N ILE A 4111 -39.35 -43.87 -20.35
CA ILE A 4111 -40.47 -44.45 -21.09
C ILE A 4111 -41.40 -45.19 -20.13
N GLN A 4112 -40.84 -45.85 -19.13
CA GLN A 4112 -41.69 -46.49 -18.12
C GLN A 4112 -42.54 -45.46 -17.38
N PHE A 4113 -41.95 -44.33 -17.02
CA PHE A 4113 -42.71 -43.27 -16.36
C PHE A 4113 -43.80 -42.73 -17.27
N LEU A 4114 -43.49 -42.54 -18.54
CA LEU A 4114 -44.51 -42.06 -19.48
C LEU A 4114 -45.65 -43.06 -19.60
N LEU A 4115 -45.31 -44.34 -19.66
CA LEU A 4115 -46.36 -45.36 -19.72
C LEU A 4115 -47.23 -45.34 -18.46
N SER A 4116 -46.60 -45.14 -17.30
CA SER A 4116 -47.36 -45.05 -16.07
C SER A 4116 -48.28 -43.83 -16.04
N CYS A 4117 -47.88 -42.73 -16.66
CA CYS A 4117 -48.72 -41.54 -16.74
C CYS A 4117 -49.74 -41.59 -17.87
N SER A 4118 -49.58 -42.53 -18.81
CA SER A 4118 -50.42 -42.54 -20.01
C SER A 4118 -51.90 -42.73 -19.74
N GLU A 4119 -52.28 -43.27 -18.57
CA GLU A 4119 -53.67 -43.57 -18.28
C GLU A 4119 -54.24 -44.55 -19.29
N ALA A 4120 -53.49 -45.62 -19.56
CA ALA A 4120 -53.94 -46.63 -20.50
C ALA A 4120 -55.25 -47.24 -20.03
N ASP A 4121 -56.14 -47.50 -20.99
CA ASP A 4121 -57.44 -48.07 -20.68
C ASP A 4121 -57.31 -49.57 -20.39
N GLU A 4122 -58.43 -50.18 -20.03
CA GLU A 4122 -58.43 -51.59 -19.64
C GLU A 4122 -57.86 -52.50 -20.73
N ASN A 4123 -57.94 -52.10 -21.99
CA ASN A 4123 -57.37 -52.85 -23.09
C ASN A 4123 -55.92 -52.44 -23.38
N GLU A 4124 -55.30 -51.69 -22.49
CA GLU A 4124 -53.92 -51.24 -22.65
C GLU A 4124 -53.76 -50.31 -23.85
N MET A 4125 -54.80 -49.58 -24.19
CA MET A 4125 -54.77 -48.60 -25.27
C MET A 4125 -54.65 -47.20 -24.70
N ILE A 4126 -53.85 -46.37 -25.35
CA ILE A 4126 -53.55 -45.01 -24.91
C ILE A 4126 -54.13 -44.04 -25.91
N ASN A 4127 -54.74 -42.97 -25.42
CA ASN A 4127 -55.15 -41.85 -26.26
C ASN A 4127 -53.98 -40.88 -26.32
N CYS A 4128 -53.19 -41.00 -27.38
CA CYS A 4128 -51.94 -40.23 -27.46
C CYS A 4128 -52.20 -38.74 -27.50
N GLU A 4129 -53.26 -38.31 -28.18
CA GLU A 4129 -53.56 -36.88 -28.25
C GLU A 4129 -53.78 -36.29 -26.87
N GLU A 4130 -54.68 -36.91 -26.10
CA GLU A 4130 -54.96 -36.42 -24.75
C GLU A 4130 -53.73 -36.53 -23.87
N PHE A 4131 -52.98 -37.63 -24.01
CA PHE A 4131 -51.78 -37.77 -23.21
C PHE A 4131 -50.79 -36.65 -23.48
N ALA A 4132 -50.59 -36.30 -24.74
CA ALA A 4132 -49.66 -35.23 -25.09
C ALA A 4132 -50.15 -33.87 -24.64
N ASN A 4133 -51.46 -33.62 -24.66
CA ASN A 4133 -51.98 -32.31 -24.32
C ASN A 4133 -52.38 -32.17 -22.84
N ARG A 4134 -52.25 -33.23 -22.04
CA ARG A 4134 -52.73 -33.15 -20.66
C ARG A 4134 -52.01 -32.09 -19.84
N PHE A 4135 -50.67 -32.06 -19.90
CA PHE A 4135 -49.89 -31.20 -19.03
C PHE A 4135 -49.41 -29.92 -19.70
N GLN A 4136 -49.83 -29.65 -20.94
CA GLN A 4136 -49.26 -28.50 -21.64
C GLN A 4136 -49.66 -27.19 -20.98
N GLU A 4137 -50.95 -26.94 -20.83
CA GLU A 4137 -51.43 -25.67 -20.31
C GLU A 4137 -51.25 -25.56 -18.80
N PRO A 4138 -51.46 -26.63 -18.04
CA PRO A 4138 -51.22 -26.54 -16.59
C PRO A 4138 -49.81 -26.12 -16.24
N ALA A 4139 -48.82 -26.55 -17.01
CA ALA A 4139 -47.42 -26.29 -16.70
C ALA A 4139 -46.83 -25.12 -17.47
N ARG A 4140 -47.66 -24.37 -18.21
CA ARG A 4140 -47.12 -23.30 -19.04
C ARG A 4140 -46.59 -22.14 -18.21
N ASP A 4141 -47.31 -21.74 -17.17
CA ASP A 4141 -46.92 -20.56 -16.42
C ASP A 4141 -45.65 -20.82 -15.60
N ILE A 4142 -45.62 -21.95 -14.88
CA ILE A 4142 -44.43 -22.27 -14.09
C ILE A 4142 -43.24 -22.51 -15.01
N GLY A 4143 -43.46 -23.13 -16.16
CA GLY A 4143 -42.35 -23.31 -17.10
C GLY A 4143 -41.77 -22.00 -17.57
N PHE A 4144 -42.63 -21.06 -17.95
CA PHE A 4144 -42.16 -19.76 -18.38
C PHE A 4144 -41.42 -19.04 -17.26
N ASN A 4145 -41.94 -19.12 -16.03
CA ASN A 4145 -41.30 -18.44 -14.93
C ASN A 4145 -39.95 -19.07 -14.59
N VAL A 4146 -39.83 -20.38 -14.71
CA VAL A 4146 -38.54 -21.03 -14.52
C VAL A 4146 -37.56 -20.57 -15.59
N ALA A 4147 -38.02 -20.46 -16.83
CA ALA A 4147 -37.15 -19.96 -17.89
C ALA A 4147 -36.69 -18.53 -17.59
N VAL A 4148 -37.61 -17.69 -17.11
CA VAL A 4148 -37.25 -16.32 -16.77
C VAL A 4148 -36.24 -16.28 -15.64
N LEU A 4149 -36.45 -17.11 -14.61
CA LEU A 4149 -35.52 -17.14 -13.49
C LEU A 4149 -34.13 -17.56 -13.94
N LEU A 4150 -34.05 -18.62 -14.75
CA LEU A 4150 -32.75 -19.08 -15.21
C LEU A 4150 -32.09 -18.04 -16.10
N THR A 4151 -32.84 -17.37 -16.97
CA THR A 4151 -32.26 -16.34 -17.82
C THR A 4151 -31.73 -15.18 -16.99
N ASN A 4152 -32.52 -14.72 -16.03
CA ASN A 4152 -32.11 -13.61 -15.17
C ASN A 4152 -30.84 -13.96 -14.42
N LEU A 4153 -30.81 -15.13 -13.78
CA LEU A 4153 -29.62 -15.53 -13.03
C LEU A 4153 -28.43 -15.68 -13.95
N SER A 4154 -28.61 -16.28 -15.12
CA SER A 4154 -27.51 -16.49 -16.03
C SER A 4154 -26.92 -15.16 -16.50
N GLU A 4155 -27.77 -14.19 -16.79
CA GLU A 4155 -27.28 -12.91 -17.27
C GLU A 4155 -26.70 -12.05 -16.17
N HIS A 4156 -27.05 -12.27 -14.91
CA HIS A 4156 -26.49 -11.47 -13.85
C HIS A 4156 -25.39 -12.17 -13.05
N VAL A 4157 -25.11 -13.43 -13.34
CA VAL A 4157 -23.96 -14.14 -12.77
C VAL A 4157 -23.23 -14.80 -13.93
N PRO A 4158 -22.54 -14.03 -14.77
CA PRO A 4158 -22.09 -14.58 -16.06
C PRO A 4158 -21.18 -15.79 -15.96
N HIS A 4159 -20.27 -15.82 -14.99
CA HIS A 4159 -19.26 -16.87 -14.91
C HIS A 4159 -19.62 -17.79 -13.74
N ASP A 4160 -20.38 -18.84 -14.05
CA ASP A 4160 -20.74 -19.82 -13.05
C ASP A 4160 -21.08 -21.15 -13.71
N PRO A 4161 -20.15 -22.10 -13.76
CA PRO A 4161 -20.47 -23.40 -14.38
C PRO A 4161 -21.60 -24.13 -13.67
N ARG A 4162 -21.80 -23.89 -12.39
CA ARG A 4162 -22.93 -24.50 -11.69
C ARG A 4162 -24.25 -24.05 -12.29
N LEU A 4163 -24.35 -22.78 -12.69
CA LEU A 4163 -25.52 -22.31 -13.40
C LEU A 4163 -25.52 -22.78 -14.84
N ARG A 4164 -24.34 -22.94 -15.44
CA ARG A 4164 -24.26 -23.40 -16.82
C ARG A 4164 -24.87 -24.80 -16.96
N ASN A 4165 -24.65 -25.66 -15.97
CA ASN A 4165 -25.24 -27.00 -16.04
C ASN A 4165 -26.75 -26.94 -16.05
N PHE A 4166 -27.34 -26.10 -15.20
CA PHE A 4166 -28.79 -25.95 -15.18
C PHE A 4166 -29.29 -25.41 -16.50
N LEU A 4167 -28.58 -24.45 -17.09
CA LEU A 4167 -29.02 -23.92 -18.38
C LEU A 4167 -28.98 -25.00 -19.46
N GLU A 4168 -27.93 -25.81 -19.48
CA GLU A 4168 -27.88 -26.90 -20.44
C GLU A 4168 -29.01 -27.89 -20.25
N LEU A 4169 -29.35 -28.20 -19.00
CA LEU A 4169 -30.48 -29.09 -18.74
C LEU A 4169 -31.82 -28.46 -19.08
N ALA A 4170 -31.93 -27.13 -19.04
CA ALA A 4170 -33.16 -26.44 -19.37
C ALA A 4170 -33.17 -25.94 -20.81
N GLU A 4171 -32.22 -26.38 -21.63
CA GLU A 4171 -32.15 -25.89 -23.01
C GLU A 4171 -33.49 -26.00 -23.72
N SER A 4172 -34.19 -27.12 -23.56
CA SER A 4172 -35.44 -27.32 -24.30
C SER A 4172 -36.50 -26.31 -23.86
N ILE A 4173 -36.59 -26.06 -22.55
CA ILE A 4173 -37.58 -25.11 -22.05
C ILE A 4173 -37.26 -23.70 -22.52
N LEU A 4174 -35.98 -23.31 -22.46
CA LEU A 4174 -35.60 -22.00 -22.94
C LEU A 4174 -35.85 -21.84 -24.42
N GLU A 4175 -35.56 -22.87 -25.20
CA GLU A 4175 -35.84 -22.83 -26.62
C GLU A 4175 -37.33 -22.70 -26.89
N TYR A 4176 -38.15 -23.45 -26.16
CA TYR A 4176 -39.59 -23.39 -26.36
C TYR A 4176 -40.15 -22.01 -26.02
N PHE A 4177 -39.68 -21.39 -24.95
CA PHE A 4177 -40.20 -20.10 -24.53
C PHE A 4177 -39.45 -18.93 -25.14
N ARG A 4178 -38.46 -19.18 -26.00
CA ARG A 4178 -37.70 -18.09 -26.59
C ARG A 4178 -38.58 -17.06 -27.27
N PRO A 4179 -39.54 -17.42 -28.13
CA PRO A 4179 -40.36 -16.38 -28.78
C PRO A 4179 -41.23 -15.60 -27.83
N TYR A 4180 -41.48 -16.08 -26.62
CA TYR A 4180 -42.36 -15.41 -25.68
C TYR A 4180 -41.64 -14.71 -24.55
N LEU A 4181 -40.32 -14.73 -24.51
CA LEU A 4181 -39.56 -14.05 -23.47
C LEU A 4181 -39.16 -12.67 -23.97
N GLY A 4182 -39.94 -11.65 -23.59
CA GLY A 4182 -39.60 -10.29 -23.93
C GLY A 4182 -38.57 -9.75 -22.96
N ARG A 4183 -37.63 -8.97 -23.49
CA ARG A 4183 -36.50 -8.46 -22.74
C ARG A 4183 -36.30 -7.00 -23.12
N ILE A 4184 -36.27 -6.12 -22.13
CA ILE A 4184 -35.99 -4.71 -22.38
C ILE A 4184 -35.05 -4.18 -21.32
N GLU A 4185 -34.55 -2.98 -21.54
CA GLU A 4185 -33.71 -2.28 -20.58
C GLU A 4185 -34.30 -0.91 -20.30
N ILE A 4186 -34.30 -0.51 -19.04
CA ILE A 4186 -34.82 0.78 -18.64
C ILE A 4186 -33.85 1.46 -17.67
N MET A 4187 -33.99 2.76 -17.54
CA MET A 4187 -33.30 3.52 -16.52
C MET A 4187 -34.20 3.56 -15.29
N GLY A 4188 -33.87 2.76 -14.29
CA GLY A 4188 -34.75 2.55 -13.15
C GLY A 4188 -34.59 3.60 -12.07
N ALA A 4189 -35.35 3.40 -10.99
CA ALA A 4189 -35.32 4.33 -9.87
C ALA A 4189 -33.96 4.36 -9.19
N SER A 4190 -33.13 3.33 -9.39
CA SER A 4190 -31.81 3.29 -8.80
C SER A 4190 -30.79 4.14 -9.54
N ARG A 4191 -31.19 4.80 -10.62
CA ARG A 4191 -30.28 5.52 -11.51
C ARG A 4191 -29.35 4.57 -12.25
N ARG A 4192 -29.66 3.28 -12.27
CA ARG A 4192 -28.90 2.29 -12.99
C ARG A 4192 -29.77 1.70 -14.10
N ILE A 4193 -29.12 1.20 -15.14
CA ILE A 4193 -29.82 0.49 -16.19
C ILE A 4193 -30.18 -0.90 -15.68
N GLU A 4194 -31.44 -1.29 -15.84
CA GLU A 4194 -31.95 -2.56 -15.37
C GLU A 4194 -32.59 -3.31 -16.53
N ARG A 4195 -32.38 -4.62 -16.54
CA ARG A 4195 -33.01 -5.50 -17.50
C ARG A 4195 -34.33 -6.02 -16.94
N ILE A 4196 -35.36 -6.00 -17.78
CA ILE A 4196 -36.70 -6.43 -17.42
C ILE A 4196 -37.11 -7.57 -18.33
N TYR A 4197 -37.59 -8.65 -17.74
CA TYR A 4197 -38.07 -9.83 -18.45
C TYR A 4197 -39.57 -9.94 -18.27
N PHE A 4198 -40.28 -10.21 -19.36
CA PHE A 4198 -41.73 -10.29 -19.29
C PHE A 4198 -42.22 -11.28 -20.35
N GLU A 4199 -43.52 -11.54 -20.34
CA GLU A 4199 -44.12 -12.48 -21.27
C GLU A 4199 -44.73 -11.73 -22.45
N ILE A 4200 -44.43 -12.22 -23.65
CA ILE A 4200 -45.06 -11.75 -24.88
C ILE A 4200 -46.10 -12.78 -25.27
N SER A 4201 -47.34 -12.33 -25.50
CA SER A 4201 -48.40 -13.24 -25.87
C SER A 4201 -48.29 -13.64 -27.34
N GLU A 4202 -48.77 -14.85 -27.64
CA GLU A 4202 -48.74 -15.34 -29.01
C GLU A 4202 -49.57 -14.45 -29.92
N THR A 4203 -50.75 -14.05 -29.47
CA THR A 4203 -51.60 -13.16 -30.27
C THR A 4203 -50.90 -11.84 -30.52
N ASN A 4204 -50.24 -11.29 -29.49
CA ASN A 4204 -49.53 -10.03 -29.66
C ASN A 4204 -48.44 -10.16 -30.71
N ARG A 4205 -47.66 -11.23 -30.64
CA ARG A 4205 -46.60 -11.40 -31.64
C ARG A 4205 -47.17 -11.55 -33.05
N ALA A 4206 -48.25 -12.33 -33.18
CA ALA A 4206 -48.85 -12.52 -34.50
C ALA A 4206 -49.32 -11.18 -35.07
N GLN A 4207 -50.05 -10.42 -34.26
CA GLN A 4207 -50.53 -9.12 -34.72
C GLN A 4207 -49.39 -8.20 -35.09
N TRP A 4208 -48.30 -8.23 -34.32
CA TRP A 4208 -47.14 -7.41 -34.65
C TRP A 4208 -46.56 -7.83 -36.01
N GLU A 4209 -46.53 -9.13 -36.28
CA GLU A 4209 -45.95 -9.62 -37.52
C GLU A 4209 -46.89 -9.51 -38.71
N MET A 4210 -48.14 -9.11 -38.50
CA MET A 4210 -49.04 -8.90 -39.64
C MET A 4210 -48.42 -7.88 -40.61
N PRO A 4211 -48.55 -8.09 -41.92
CA PRO A 4211 -47.81 -7.24 -42.87
C PRO A 4211 -48.18 -5.76 -42.82
N GLN A 4212 -49.44 -5.42 -42.56
CA GLN A 4212 -49.82 -4.02 -42.49
C GLN A 4212 -49.05 -3.31 -41.38
N VAL A 4213 -48.92 -3.99 -40.22
CA VAL A 4213 -48.16 -3.42 -39.12
C VAL A 4213 -46.71 -3.23 -39.50
N LYS A 4214 -46.16 -4.16 -40.28
CA LYS A 4214 -44.77 -4.02 -40.72
C LYS A 4214 -44.61 -2.81 -41.63
N GLU A 4215 -45.56 -2.59 -42.53
CA GLU A 4215 -45.50 -1.41 -43.39
C GLU A 4215 -45.59 -0.13 -42.56
N SER A 4216 -46.48 -0.11 -41.57
CA SER A 4216 -46.57 1.05 -40.69
C SER A 4216 -45.26 1.28 -39.96
N LYS A 4217 -44.63 0.20 -39.50
CA LYS A 4217 -43.35 0.33 -38.79
C LYS A 4217 -42.29 0.92 -39.70
N ARG A 4218 -42.21 0.44 -40.94
CA ARG A 4218 -41.21 0.98 -41.86
C ARG A 4218 -41.45 2.45 -42.13
N GLN A 4219 -42.71 2.83 -42.35
CA GLN A 4219 -43.02 4.23 -42.60
C GLN A 4219 -42.64 5.09 -41.40
N PHE A 4220 -42.96 4.61 -40.19
CA PHE A 4220 -42.64 5.37 -38.99
C PHE A 4220 -41.13 5.53 -38.83
N ILE A 4221 -40.38 4.46 -39.07
CA ILE A 4221 -38.93 4.54 -38.96
C ILE A 4221 -38.38 5.56 -39.95
N PHE A 4222 -38.86 5.51 -41.19
CA PHE A 4222 -38.41 6.47 -42.18
C PHE A 4222 -38.69 7.89 -41.72
N ASP A 4223 -39.92 8.15 -41.26
CA ASP A 4223 -40.29 9.50 -40.86
C ASP A 4223 -39.44 9.98 -39.68
N VAL A 4224 -39.24 9.12 -38.68
CA VAL A 4224 -38.45 9.53 -37.53
C VAL A 4224 -37.02 9.84 -37.94
N VAL A 4225 -36.42 8.98 -38.76
CA VAL A 4225 -35.02 9.17 -39.10
C VAL A 4225 -34.84 10.41 -39.95
N ASN A 4226 -35.78 10.69 -40.85
CA ASN A 4226 -35.61 11.86 -41.72
C ASN A 4226 -36.08 13.14 -41.04
N GLU A 4227 -37.38 13.27 -40.80
CA GLU A 4227 -37.96 14.48 -40.22
C GLU A 4227 -38.26 14.23 -38.74
N GLY A 4228 -37.20 14.26 -37.93
CA GLY A 4228 -37.35 13.98 -36.52
C GLY A 4228 -36.22 14.57 -35.72
N GLY A 4229 -36.52 14.92 -34.47
CA GLY A 4229 -35.52 15.42 -33.55
C GLY A 4229 -35.27 14.40 -32.44
N GLU A 4230 -34.01 14.31 -32.01
CA GLU A 4230 -33.65 13.36 -30.97
C GLU A 4230 -34.43 13.63 -29.68
N SER A 4231 -34.79 14.88 -29.43
CA SER A 4231 -35.53 15.21 -28.22
C SER A 4231 -36.93 14.60 -28.23
N GLU A 4232 -37.61 14.61 -29.37
CA GLU A 4232 -38.96 14.12 -29.48
C GLU A 4232 -39.03 12.71 -30.07
N LYS A 4233 -37.90 12.06 -30.28
CA LYS A 4233 -37.92 10.73 -30.88
C LYS A 4233 -38.75 9.76 -30.05
N MET A 4234 -38.55 9.77 -28.73
CA MET A 4234 -39.26 8.82 -27.88
C MET A 4234 -40.73 9.16 -27.77
N GLU A 4235 -41.06 10.45 -27.74
CA GLU A 4235 -42.47 10.85 -27.77
C GLU A 4235 -43.15 10.31 -29.02
N MET A 4236 -42.52 10.48 -30.18
CA MET A 4236 -43.11 9.98 -31.41
C MET A 4236 -43.18 8.46 -31.41
N PHE A 4237 -42.17 7.80 -30.82
CA PHE A 4237 -42.21 6.35 -30.75
C PHE A 4237 -43.39 5.86 -29.93
N VAL A 4238 -43.63 6.48 -28.77
CA VAL A 4238 -44.76 6.08 -27.95
C VAL A 4238 -46.08 6.36 -28.66
N SER A 4239 -46.14 7.48 -29.37
CA SER A 4239 -47.34 7.77 -30.15
C SER A 4239 -47.57 6.70 -31.21
N PHE A 4240 -46.51 6.26 -31.89
CA PHE A 4240 -46.63 5.20 -32.87
C PHE A 4240 -47.10 3.91 -32.22
N CYS A 4241 -46.59 3.61 -31.02
CA CYS A 4241 -47.04 2.42 -30.31
C CYS A 4241 -48.54 2.49 -30.01
N GLU A 4242 -49.02 3.65 -29.57
CA GLU A 4242 -50.44 3.81 -29.29
C GLU A 4242 -51.26 3.58 -30.56
N ASP A 4243 -50.86 4.21 -31.65
CA ASP A 4243 -51.59 4.05 -32.91
C ASP A 4243 -51.58 2.60 -33.35
N THR A 4244 -50.44 1.91 -33.19
CA THR A 4244 -50.36 0.52 -33.60
C THR A 4244 -51.25 -0.37 -32.74
N ILE A 4245 -51.35 -0.08 -31.44
CA ILE A 4245 -52.25 -0.86 -30.60
C ILE A 4245 -53.70 -0.67 -31.07
N PHE A 4246 -54.08 0.57 -31.37
CA PHE A 4246 -55.44 0.80 -31.85
C PHE A 4246 -55.68 0.07 -33.19
N GLU A 4247 -54.71 0.13 -34.09
CA GLU A 4247 -54.85 -0.55 -35.38
C GLU A 4247 -54.96 -2.06 -35.19
N MET A 4248 -54.20 -2.61 -34.24
CA MET A 4248 -54.31 -4.03 -33.94
C MET A 4248 -55.71 -4.37 -33.44
N GLN A 4249 -56.29 -3.52 -32.60
CA GLN A 4249 -57.66 -3.77 -32.16
C GLN A 4249 -58.63 -3.75 -33.33
N ILE A 4250 -58.45 -2.80 -34.26
CA ILE A 4250 -59.32 -2.76 -35.44
C ILE A 4250 -59.18 -4.03 -36.26
N ALA A 4251 -57.94 -4.48 -36.47
CA ALA A 4251 -57.72 -5.69 -37.26
C ALA A 4251 -58.36 -6.89 -36.58
N ALA A 4252 -58.22 -7.00 -35.26
CA ALA A 4252 -58.86 -8.09 -34.54
C ALA A 4252 -60.37 -8.03 -34.68
N GLN A 4253 -60.94 -6.83 -34.61
CA GLN A 4253 -62.38 -6.71 -34.73
C GLN A 4253 -62.87 -7.15 -36.10
N ILE A 4254 -62.15 -6.80 -37.17
CA ILE A 4254 -62.60 -7.18 -38.51
C ILE A 4254 -62.17 -8.58 -38.92
N SER A 4255 -61.32 -9.24 -38.14
CA SER A 4255 -60.88 -10.58 -38.51
C SER A 4255 -62.07 -11.53 -38.58
N GLU A 4256 -62.02 -12.43 -39.55
CA GLU A 4256 -63.13 -13.37 -39.75
C GLU A 4256 -63.22 -14.33 -38.58
N PRO A 4257 -64.42 -14.80 -38.22
CA PRO A 4257 -64.59 -15.75 -37.11
C PRO A 4257 -63.62 -16.92 -37.18
N PHE A 4538 -86.01 -9.06 -36.31
CA PHE A 4538 -85.33 -8.82 -37.59
C PHE A 4538 -84.09 -7.96 -37.38
N TRP A 4539 -84.13 -7.11 -36.35
CA TRP A 4539 -83.02 -6.19 -36.11
C TRP A 4539 -81.74 -6.95 -35.79
N GLY A 4540 -81.82 -8.01 -35.00
CA GLY A 4540 -80.62 -8.75 -34.64
C GLY A 4540 -79.98 -9.41 -35.84
N GLU A 4541 -80.78 -10.09 -36.66
CA GLU A 4541 -80.24 -10.74 -37.85
C GLU A 4541 -79.69 -9.72 -38.83
N LEU A 4542 -80.40 -8.61 -39.01
CA LEU A 4542 -79.91 -7.57 -39.90
C LEU A 4542 -78.58 -7.01 -39.41
N GLU A 4543 -78.45 -6.81 -38.11
CA GLU A 4543 -77.21 -6.32 -37.55
C GLU A 4543 -76.09 -7.32 -37.78
N VAL A 4544 -76.38 -8.61 -37.59
CA VAL A 4544 -75.35 -9.63 -37.80
C VAL A 4544 -74.85 -9.58 -39.24
N GLN A 4545 -75.79 -9.58 -40.19
CA GLN A 4545 -75.41 -9.56 -41.60
C GLN A 4545 -74.66 -8.28 -41.95
N ARG A 4546 -75.11 -7.14 -41.41
CA ARG A 4546 -74.46 -5.87 -41.70
C ARG A 4546 -73.02 -5.86 -41.19
N VAL A 4547 -72.82 -6.35 -39.96
CA VAL A 4547 -71.48 -6.38 -39.40
C VAL A 4547 -70.59 -7.30 -40.22
N LYS A 4548 -71.11 -8.46 -40.62
CA LYS A 4548 -70.29 -9.37 -41.42
C LYS A 4548 -69.93 -8.73 -42.76
N PHE A 4549 -70.87 -8.04 -43.39
CA PHE A 4549 -70.61 -7.43 -44.69
C PHE A 4549 -69.57 -6.32 -44.56
N LEU A 4550 -69.72 -5.46 -43.55
CA LEU A 4550 -68.74 -4.40 -43.35
C LEU A 4550 -67.37 -4.97 -43.02
N ASN A 4551 -67.31 -6.04 -42.25
CA ASN A 4551 -66.02 -6.68 -41.97
C ASN A 4551 -65.40 -7.22 -43.23
N TYR A 4552 -66.22 -7.82 -44.12
CA TYR A 4552 -65.70 -8.31 -45.39
C TYR A 4552 -65.11 -7.17 -46.21
N LEU A 4553 -65.83 -6.05 -46.28
CA LEU A 4553 -65.32 -4.90 -47.04
C LEU A 4553 -64.03 -4.38 -46.45
N SER A 4554 -63.97 -4.25 -45.12
CA SER A 4554 -62.74 -3.77 -44.49
C SER A 4554 -61.59 -4.73 -44.73
N ARG A 4555 -61.84 -6.03 -44.66
CA ARG A 4555 -60.79 -7.00 -44.92
C ARG A 4555 -60.27 -6.91 -46.34
N ASN A 4556 -61.15 -6.71 -47.31
CA ASN A 4556 -60.77 -6.69 -48.71
C ASN A 4556 -60.78 -5.28 -49.29
N PHE A 4557 -60.45 -4.29 -48.47
CA PHE A 4557 -60.41 -2.91 -48.95
C PHE A 4557 -59.40 -2.74 -50.08
N TYR A 4558 -58.20 -3.30 -49.94
CA TYR A 4558 -57.18 -3.11 -50.96
C TYR A 4558 -57.47 -3.92 -52.22
N THR A 4559 -57.99 -5.14 -52.05
CA THR A 4559 -58.40 -5.91 -53.22
C THR A 4559 -59.47 -5.16 -54.01
N LEU A 4560 -60.37 -4.48 -53.31
CA LEU A 4560 -61.39 -3.69 -54.00
C LEU A 4560 -60.76 -2.54 -54.77
N ARG A 4561 -59.75 -1.90 -54.20
CA ARG A 4561 -59.07 -0.81 -54.90
C ARG A 4561 -58.40 -1.32 -56.17
N PHE A 4562 -57.72 -2.46 -56.08
CA PHE A 4562 -57.10 -3.04 -57.26
C PHE A 4562 -58.14 -3.43 -58.30
N LEU A 4563 -59.27 -3.97 -57.85
CA LEU A 4563 -60.34 -4.31 -58.77
C LEU A 4563 -60.89 -3.09 -59.48
N ALA A 4564 -61.00 -1.97 -58.75
CA ALA A 4564 -61.44 -0.74 -59.38
C ALA A 4564 -60.45 -0.27 -60.43
N LEU A 4565 -59.15 -0.38 -60.14
CA LEU A 4565 -58.15 -0.01 -61.14
C LEU A 4565 -58.28 -0.87 -62.39
N PHE A 4566 -58.44 -2.18 -62.19
CA PHE A 4566 -58.58 -3.09 -63.32
C PHE A 4566 -59.82 -2.76 -64.14
N LEU A 4567 -60.93 -2.47 -63.46
CA LEU A 4567 -62.16 -2.13 -64.18
C LEU A 4567 -62.00 -0.85 -64.97
N ALA A 4568 -61.32 0.14 -64.40
CA ALA A 4568 -61.06 1.37 -65.14
C ALA A 4568 -60.25 1.09 -66.40
N PHE A 4569 -59.21 0.26 -66.28
CA PHE A 4569 -58.39 -0.04 -67.45
C PHE A 4569 -59.21 -0.78 -68.51
N ALA A 4570 -60.05 -1.72 -68.10
CA ALA A 4570 -60.90 -2.42 -69.07
C ALA A 4570 -61.86 -1.46 -69.76
N ILE A 4571 -62.48 -0.56 -69.00
CA ILE A 4571 -63.42 0.38 -69.59
C ILE A 4571 -62.71 1.26 -70.61
N ASN A 4572 -61.50 1.71 -70.29
CA ASN A 4572 -60.80 2.58 -71.23
C ASN A 4572 -60.34 1.81 -72.46
N PHE A 4573 -59.94 0.55 -72.28
CA PHE A 4573 -59.62 -0.27 -73.45
C PHE A 4573 -60.83 -0.37 -74.37
N ILE A 4574 -62.01 -0.55 -73.79
CA ILE A 4574 -63.22 -0.56 -74.62
C ILE A 4574 -63.41 0.79 -75.29
N LEU A 4575 -63.23 1.88 -74.55
CA LEU A 4575 -63.44 3.21 -75.11
C LEU A 4575 -62.55 3.46 -76.31
N LEU A 4576 -61.37 2.85 -76.33
CA LEU A 4576 -60.47 3.03 -77.47
C LEU A 4576 -61.13 2.72 -78.80
N PHE A 4577 -62.26 2.01 -78.82
CA PHE A 4577 -62.94 1.61 -80.04
C PHE A 4577 -64.04 2.59 -80.44
N TYR A 4578 -64.18 3.70 -79.74
CA TYR A 4578 -65.23 4.65 -80.06
C TYR A 4578 -64.96 5.33 -81.40
N LYS A 4579 -66.04 5.74 -82.05
CA LYS A 4579 -65.98 6.39 -83.35
C LYS A 4579 -67.08 7.44 -83.42
N VAL A 4580 -66.86 8.43 -84.28
CA VAL A 4580 -67.81 9.53 -84.45
C VAL A 4580 -68.26 9.56 -85.90
N SER A 4581 -69.52 9.95 -86.10
CA SER A 4581 -70.08 10.03 -87.44
C SER A 4581 -71.11 11.14 -87.50
N ASP A 4582 -71.40 11.58 -88.72
CA ASP A 4582 -72.46 12.57 -88.94
C ASP A 4582 -73.82 11.94 -89.14
N SER A 4583 -73.88 10.65 -89.42
CA SER A 4583 -75.12 9.90 -89.57
C SER A 4583 -75.23 8.84 -88.49
N PRO A 4584 -76.45 8.45 -88.12
CA PRO A 4584 -76.61 7.46 -87.04
C PRO A 4584 -75.94 6.16 -87.40
N PRO A 4585 -75.47 5.38 -86.40
CA PRO A 4585 -74.77 4.12 -86.65
C PRO A 4585 -75.47 3.23 -87.67
N ASN A 4624 -77.32 18.24 -87.80
CA ASN A 4624 -75.87 18.27 -87.97
C ASN A 4624 -75.17 17.65 -86.76
N MET A 4625 -75.95 17.26 -85.75
CA MET A 4625 -75.36 16.72 -84.53
C MET A 4625 -74.67 15.40 -84.82
N VAL A 4626 -73.67 15.08 -84.00
CA VAL A 4626 -72.77 13.95 -84.26
C VAL A 4626 -73.17 12.78 -83.38
N TYR A 4627 -72.90 11.58 -83.89
CA TYR A 4627 -73.18 10.33 -83.19
C TYR A 4627 -71.87 9.69 -82.77
N TYR A 4628 -71.78 9.29 -81.50
CA TYR A 4628 -70.66 8.51 -80.99
C TYR A 4628 -71.11 7.08 -80.80
N PHE A 4629 -70.34 6.14 -81.32
CA PHE A 4629 -70.68 4.72 -81.19
C PHE A 4629 -69.43 3.88 -81.30
N LEU A 4630 -69.45 2.72 -80.63
CA LEU A 4630 -68.36 1.78 -80.72
C LEU A 4630 -68.38 1.09 -82.08
N GLU A 4631 -67.21 0.92 -82.67
CA GLU A 4631 -67.06 0.28 -83.98
C GLU A 4631 -66.28 -1.01 -83.76
N GLU A 4632 -67.00 -2.09 -83.47
CA GLU A 4632 -66.41 -3.40 -83.27
C GLU A 4632 -67.28 -4.46 -83.92
N SER A 4633 -66.63 -5.54 -84.36
CA SER A 4633 -67.33 -6.55 -85.15
C SER A 4633 -68.19 -7.47 -84.29
N THR A 4634 -67.74 -7.78 -83.06
CA THR A 4634 -68.41 -8.81 -82.27
C THR A 4634 -69.83 -8.39 -81.91
N GLY A 4635 -70.04 -7.11 -81.59
CA GLY A 4635 -71.31 -6.65 -81.10
C GLY A 4635 -71.54 -6.86 -79.62
N TYR A 4636 -70.55 -7.36 -78.89
CA TYR A 4636 -70.67 -7.59 -77.46
C TYR A 4636 -70.02 -6.52 -76.60
N MET A 4637 -69.25 -5.60 -77.18
CA MET A 4637 -68.50 -4.65 -76.38
C MET A 4637 -69.43 -3.68 -75.66
N GLU A 4638 -70.46 -3.19 -76.35
CA GLU A 4638 -71.34 -2.20 -75.74
C GLU A 4638 -72.03 -2.75 -74.50
N PRO A 4639 -72.67 -3.92 -74.53
CA PRO A 4639 -73.17 -4.50 -73.28
C PRO A 4639 -72.07 -4.70 -72.25
N ALA A 4640 -70.90 -5.13 -72.70
CA ALA A 4640 -69.77 -5.24 -71.78
C ALA A 4640 -69.41 -3.89 -71.19
N LEU A 4641 -69.48 -2.83 -71.99
CA LEU A 4641 -69.20 -1.49 -71.47
C LEU A 4641 -70.20 -1.12 -70.38
N ARG A 4642 -71.48 -1.37 -70.61
CA ARG A 4642 -72.48 -1.03 -69.61
C ARG A 4642 -72.26 -1.82 -68.33
N CYS A 4643 -72.01 -3.12 -68.45
CA CYS A 4643 -71.78 -3.95 -67.26
C CYS A 4643 -70.56 -3.47 -66.50
N LEU A 4644 -69.47 -3.19 -67.21
CA LEU A 4644 -68.25 -2.74 -66.56
C LEU A 4644 -68.43 -1.40 -65.88
N SER A 4645 -69.17 -0.48 -66.51
CA SER A 4645 -69.40 0.82 -65.89
C SER A 4645 -70.18 0.68 -64.60
N LEU A 4646 -71.26 -0.11 -64.62
CA LEU A 4646 -72.04 -0.33 -63.41
C LEU A 4646 -71.17 -0.97 -62.32
N LEU A 4647 -70.40 -1.98 -62.69
CA LEU A 4647 -69.55 -2.65 -61.72
C LEU A 4647 -68.52 -1.69 -61.14
N HIS A 4648 -67.95 -0.82 -61.97
CA HIS A 4648 -66.95 0.13 -61.49
C HIS A 4648 -67.56 1.09 -60.48
N THR A 4649 -68.75 1.60 -60.77
CA THR A 4649 -69.40 2.49 -59.80
C THR A 4649 -69.69 1.76 -58.50
N LEU A 4650 -70.18 0.52 -58.58
CA LEU A 4650 -70.45 -0.24 -57.37
C LEU A 4650 -69.16 -0.43 -56.56
N VAL A 4651 -68.08 -0.78 -57.23
CA VAL A 4651 -66.82 -1.05 -56.52
C VAL A 4651 -66.28 0.22 -55.90
N ALA A 4652 -66.45 1.36 -56.57
CA ALA A 4652 -66.03 2.63 -55.96
C ALA A 4652 -66.82 2.91 -54.69
N PHE A 4653 -68.13 2.68 -54.72
CA PHE A 4653 -68.93 2.85 -53.52
C PHE A 4653 -68.44 1.94 -52.41
N LEU A 4654 -68.18 0.66 -52.74
CA LEU A 4654 -67.70 -0.28 -51.73
C LEU A 4654 -66.34 0.14 -51.19
N CYS A 4655 -65.49 0.73 -52.03
CA CYS A 4655 -64.21 1.24 -51.55
C CYS A 4655 -64.41 2.35 -50.54
N ILE A 4656 -65.36 3.25 -50.80
CA ILE A 4656 -65.65 4.32 -49.84
C ILE A 4656 -66.09 3.71 -48.52
N ILE A 4657 -67.00 2.74 -48.56
CA ILE A 4657 -67.48 2.13 -47.32
C ILE A 4657 -66.36 1.43 -46.59
N GLY A 4658 -65.54 0.67 -47.32
CA GLY A 4658 -64.43 -0.02 -46.69
C GLY A 4658 -63.45 0.93 -46.04
N TYR A 4659 -63.16 2.05 -46.70
CA TYR A 4659 -62.31 3.05 -46.08
C TYR A 4659 -62.94 3.60 -44.82
N ASN A 4660 -64.21 3.99 -44.90
CA ASN A 4660 -64.88 4.53 -43.72
C ASN A 4660 -64.86 3.57 -42.56
N CYS A 4661 -64.87 2.26 -42.82
CA CYS A 4661 -64.86 1.27 -41.75
C CYS A 4661 -63.47 0.85 -41.30
N LEU A 4662 -62.44 1.02 -42.12
CA LEU A 4662 -61.11 0.53 -41.81
C LEU A 4662 -60.13 1.61 -41.40
N LYS A 4663 -60.13 2.76 -42.06
CA LYS A 4663 -59.13 3.79 -41.82
C LYS A 4663 -59.65 4.98 -41.04
N VAL A 4664 -60.90 5.37 -41.23
CA VAL A 4664 -61.45 6.53 -40.51
C VAL A 4664 -61.31 6.36 -39.00
N PRO A 4665 -61.52 5.17 -38.42
CA PRO A 4665 -61.39 5.04 -36.96
C PRO A 4665 -60.04 5.52 -36.46
N LEU A 4666 -58.96 5.23 -37.18
CA LEU A 4666 -57.66 5.70 -36.74
C LEU A 4666 -57.53 7.20 -36.88
N VAL A 4667 -58.13 7.78 -37.92
CA VAL A 4667 -58.08 9.24 -38.05
C VAL A 4667 -58.74 9.90 -36.86
N ILE A 4668 -59.93 9.41 -36.48
CA ILE A 4668 -60.61 9.98 -35.33
C ILE A 4668 -59.82 9.71 -34.06
N PHE A 4669 -59.21 8.53 -33.94
CA PHE A 4669 -58.41 8.22 -32.77
C PHE A 4669 -57.26 9.21 -32.62
N LYS A 4670 -56.54 9.47 -33.71
CA LYS A 4670 -55.41 10.40 -33.65
C LYS A 4670 -55.88 11.81 -33.30
N ARG A 4671 -56.97 12.26 -33.94
CA ARG A 4671 -57.45 13.61 -33.65
C ARG A 4671 -57.86 13.75 -32.19
N GLU A 4672 -58.59 12.77 -31.66
CA GLU A 4672 -59.03 12.84 -30.27
C GLU A 4672 -57.84 12.76 -29.32
N LYS A 4673 -56.86 11.90 -29.63
CA LYS A 4673 -55.69 11.80 -28.78
C LYS A 4673 -54.94 13.12 -28.71
N GLU A 4674 -54.71 13.74 -29.86
CA GLU A 4674 -54.00 15.02 -29.88
C GLU A 4674 -54.79 16.07 -29.11
N LEU A 4675 -56.11 16.11 -29.30
CA LEU A 4675 -56.92 17.10 -28.61
C LEU A 4675 -56.86 16.89 -27.09
N ALA A 4676 -56.97 15.64 -26.65
CA ALA A 4676 -56.92 15.36 -25.22
C ALA A 4676 -55.59 15.76 -24.62
N ARG A 4677 -54.49 15.46 -25.30
CA ARG A 4677 -53.19 15.85 -24.78
C ARG A 4677 -53.05 17.36 -24.73
N LYS A 4678 -53.50 18.06 -25.79
CA LYS A 4678 -53.40 19.51 -25.80
C LYS A 4678 -54.27 20.13 -24.72
N LEU A 4679 -55.36 19.47 -24.34
CA LEU A 4679 -56.18 19.97 -23.23
C LEU A 4679 -55.48 19.76 -21.90
N GLU A 4680 -55.06 18.54 -21.62
CA GLU A 4680 -54.56 18.23 -20.28
C GLU A 4680 -53.21 18.88 -20.02
N PHE A 4681 -52.27 18.80 -20.96
CA PHE A 4681 -50.89 19.20 -20.71
C PHE A 4681 -50.54 20.58 -21.25
N ASP A 4682 -51.42 21.21 -22.03
CA ASP A 4682 -51.14 22.54 -22.56
C ASP A 4682 -52.24 23.55 -22.22
N GLY A 4683 -53.38 23.11 -21.71
CA GLY A 4683 -54.47 24.03 -21.47
C GLY A 4683 -54.83 24.80 -22.72
N LEU A 4684 -55.04 24.08 -23.82
CA LEU A 4684 -55.20 24.73 -25.11
C LEU A 4684 -56.39 25.69 -25.11
N TYR A 4685 -57.52 25.26 -24.56
CA TYR A 4685 -58.71 26.09 -24.50
C TYR A 4685 -58.97 26.64 -23.11
N ILE A 4686 -58.00 26.51 -22.21
CA ILE A 4686 -58.13 27.02 -20.85
C ILE A 4686 -57.14 28.15 -20.64
N THR A 4687 -55.85 27.84 -20.75
CA THR A 4687 -54.83 28.86 -20.51
C THR A 4687 -54.47 29.61 -21.79
N GLU A 4688 -54.51 28.92 -22.93
CA GLU A 4688 -54.21 29.53 -24.22
C GLU A 4688 -55.43 29.45 -25.13
N GLN A 4689 -55.27 29.82 -26.38
CA GLN A 4689 -56.33 29.73 -27.37
C GLN A 4689 -55.71 29.39 -28.71
N PRO A 4690 -56.49 28.82 -29.63
CA PRO A 4690 -55.98 28.63 -30.99
C PRO A 4690 -55.60 29.96 -31.61
N GLU A 4691 -54.93 29.88 -32.77
CA GLU A 4691 -54.25 31.02 -33.35
C GLU A 4691 -55.10 31.78 -34.37
N ASP A 4692 -56.40 31.52 -34.42
CA ASP A 4692 -57.31 32.25 -35.31
C ASP A 4692 -57.08 31.87 -36.77
N ASP A 4693 -56.08 31.04 -37.03
CA ASP A 4693 -55.86 30.47 -38.35
C ASP A 4693 -55.64 28.96 -38.28
N ASP A 4694 -55.48 28.41 -37.07
CA ASP A 4694 -55.44 26.97 -36.86
C ASP A 4694 -56.86 26.45 -37.02
N VAL A 4695 -57.19 26.07 -38.26
CA VAL A 4695 -58.55 25.63 -38.56
C VAL A 4695 -58.87 24.38 -37.75
N LYS A 4696 -57.90 23.50 -37.57
CA LYS A 4696 -58.12 22.31 -36.75
C LYS A 4696 -58.46 22.70 -35.32
N GLY A 4697 -57.73 23.66 -34.76
CA GLY A 4697 -58.01 24.10 -33.40
C GLY A 4697 -59.39 24.74 -33.28
N GLN A 4698 -59.76 25.56 -34.27
CA GLN A 4698 -61.07 26.18 -34.24
C GLN A 4698 -62.19 25.16 -34.38
N TRP A 4699 -61.99 24.13 -35.21
CA TRP A 4699 -63.03 23.14 -35.42
C TRP A 4699 -63.16 22.21 -34.22
N ASP A 4700 -62.05 21.89 -33.56
CA ASP A 4700 -62.10 21.02 -32.40
C ASP A 4700 -62.89 21.62 -31.26
N ARG A 4701 -63.15 22.92 -31.29
CA ARG A 4701 -63.98 23.54 -30.26
C ARG A 4701 -65.39 22.95 -30.23
N LEU A 4702 -65.83 22.33 -31.32
CA LEU A 4702 -67.18 21.79 -31.38
C LEU A 4702 -67.34 20.51 -30.58
N VAL A 4703 -66.26 19.80 -30.29
CA VAL A 4703 -66.35 18.49 -29.66
C VAL A 4703 -66.11 18.53 -28.16
N LEU A 4704 -65.67 19.66 -27.62
CA LEU A 4704 -65.23 19.70 -26.22
C LEU A 4704 -66.36 19.33 -25.27
N ASN A 4705 -67.55 19.87 -25.49
CA ASN A 4705 -68.66 19.69 -24.57
C ASN A 4705 -69.59 18.56 -24.98
N THR A 4706 -69.22 17.76 -25.96
CA THR A 4706 -70.08 16.67 -26.39
C THR A 4706 -70.05 15.55 -25.36
N PRO A 4707 -71.17 14.84 -25.14
CA PRO A 4707 -71.16 13.74 -24.18
C PRO A 4707 -70.21 12.63 -24.54
N SER A 4708 -69.84 12.48 -25.81
CA SER A 4708 -69.04 11.36 -26.27
C SER A 4708 -67.74 11.82 -26.94
N PHE A 4709 -67.06 12.79 -26.36
CA PHE A 4709 -65.89 13.34 -27.02
C PHE A 4709 -64.86 12.22 -27.21
N PRO A 4710 -64.35 11.61 -26.15
CA PRO A 4710 -63.39 10.52 -26.36
C PRO A 4710 -64.10 9.24 -26.74
N SER A 4711 -64.44 9.09 -28.01
CA SER A 4711 -65.15 7.91 -28.49
C SER A 4711 -64.22 6.81 -28.97
N ASN A 4712 -63.11 7.16 -29.61
CA ASN A 4712 -62.12 6.19 -30.07
C ASN A 4712 -60.88 6.16 -29.19
N TYR A 4713 -60.42 7.33 -28.76
CA TYR A 4713 -59.29 7.41 -27.84
C TYR A 4713 -59.62 6.68 -26.55
N TRP A 4714 -58.64 5.93 -26.03
CA TRP A 4714 -58.92 5.01 -24.93
C TRP A 4714 -59.30 5.74 -23.65
N ASP A 4715 -58.65 6.86 -23.37
CA ASP A 4715 -58.85 7.57 -22.10
C ASP A 4715 -60.25 8.16 -22.05
N LYS A 4716 -61.10 7.60 -21.22
CA LYS A 4716 -62.47 8.07 -21.05
C LYS A 4716 -62.62 9.02 -19.87
N PHE A 4717 -61.53 9.36 -19.18
CA PHE A 4717 -61.55 10.27 -18.04
C PHE A 4717 -60.71 11.51 -18.29
N VAL A 4718 -60.49 11.86 -19.55
CA VAL A 4718 -59.72 13.05 -19.85
C VAL A 4718 -60.41 14.29 -19.28
N LYS A 4719 -61.74 14.31 -19.32
CA LYS A 4719 -62.46 15.47 -18.80
C LYS A 4719 -62.25 15.61 -17.30
N ARG A 4720 -62.34 14.50 -16.56
CA ARG A 4720 -62.05 14.54 -15.13
C ARG A 4720 -60.62 15.00 -14.87
N LYS A 4721 -59.66 14.48 -15.64
CA LYS A 4721 -58.28 14.86 -15.42
C LYS A 4721 -58.08 16.36 -15.67
N VAL A 4722 -58.68 16.88 -16.73
CA VAL A 4722 -58.56 18.30 -17.03
C VAL A 4722 -59.20 19.14 -15.93
N LEU A 4723 -60.38 18.72 -15.46
CA LEU A 4723 -61.04 19.45 -14.39
C LEU A 4723 -60.14 19.50 -13.15
N ASP A 4724 -59.58 18.35 -12.76
CA ASP A 4724 -58.73 18.33 -11.59
C ASP A 4724 -57.47 19.16 -11.78
N LYS A 4725 -56.93 19.21 -13.01
CA LYS A 4725 -55.69 19.93 -13.21
C LYS A 4725 -55.91 21.44 -13.24
N HIS A 4726 -56.79 21.92 -14.13
CA HIS A 4726 -57.02 23.34 -14.31
C HIS A 4726 -58.26 23.86 -13.58
N GLY A 4727 -58.91 23.02 -12.78
CA GLY A 4727 -60.16 23.45 -12.17
C GLY A 4727 -59.99 24.63 -11.23
N ASP A 4728 -58.96 24.59 -10.40
CA ASP A 4728 -58.83 25.58 -9.33
C ASP A 4728 -58.46 26.96 -9.86
N ILE A 4729 -57.52 27.02 -10.81
CA ILE A 4729 -57.06 28.30 -11.32
C ILE A 4729 -58.01 28.91 -12.33
N PHE A 4730 -58.81 28.10 -13.02
CA PHE A 4730 -59.71 28.59 -14.04
C PHE A 4730 -61.18 28.59 -13.62
N GLY A 4731 -61.51 27.92 -12.53
CA GLY A 4731 -62.89 27.83 -12.08
C GLY A 4731 -63.50 26.50 -12.42
N ARG A 4732 -63.92 25.75 -11.40
CA ARG A 4732 -64.49 24.43 -11.65
C ARG A 4732 -65.78 24.54 -12.46
N GLU A 4733 -66.62 25.51 -12.16
CA GLU A 4733 -67.85 25.69 -12.92
C GLU A 4733 -67.55 26.06 -14.36
N ARG A 4734 -66.56 26.93 -14.57
CA ARG A 4734 -66.19 27.33 -15.92
C ARG A 4734 -65.67 26.13 -16.72
N ILE A 4735 -64.82 25.30 -16.09
CA ILE A 4735 -64.31 24.12 -16.78
C ILE A 4735 -65.44 23.16 -17.08
N ALA A 4736 -66.36 22.97 -16.14
CA ALA A 4736 -67.48 22.07 -16.37
C ALA A 4736 -68.34 22.55 -17.52
N GLU A 4737 -68.56 23.86 -17.62
CA GLU A 4737 -69.31 24.38 -18.76
C GLU A 4737 -68.54 24.17 -20.06
N LEU A 4738 -67.23 24.39 -20.04
CA LEU A 4738 -66.44 24.22 -21.26
C LEU A 4738 -66.46 22.78 -21.75
N LEU A 4739 -66.37 21.83 -20.83
CA LEU A 4739 -66.29 20.42 -21.18
C LEU A 4739 -67.63 19.72 -21.13
N GLY A 4740 -68.72 20.45 -20.88
CA GLY A 4740 -70.03 19.84 -20.89
C GLY A 4740 -70.19 18.76 -19.85
N MET A 4741 -69.74 19.02 -18.62
CA MET A 4741 -69.83 18.05 -17.53
C MET A 4741 -70.88 18.50 -16.54
N ASP A 4742 -71.51 17.52 -15.90
CA ASP A 4742 -72.51 17.78 -14.85
C ASP A 4742 -71.86 17.44 -13.52
N LEU A 4743 -71.36 18.47 -12.84
CA LEU A 4743 -70.61 18.26 -11.61
C LEU A 4743 -71.43 17.49 -10.57
N ALA A 4744 -72.69 17.90 -10.39
CA ALA A 4744 -73.52 17.28 -9.37
C ALA A 4744 -73.69 15.79 -9.62
N SER A 4745 -74.11 15.43 -10.84
CA SER A 4745 -74.37 14.03 -11.13
C SER A 4745 -73.08 13.21 -11.21
N LEU A 4746 -71.95 13.87 -11.44
CA LEU A 4746 -70.71 13.13 -11.65
C LEU A 4746 -70.19 12.56 -10.33
N GLU A 4747 -70.62 13.13 -9.21
CA GLU A 4747 -70.33 12.52 -7.92
C GLU A 4747 -71.26 11.33 -7.66
N ILE A 4748 -72.52 11.46 -8.07
CA ILE A 4748 -73.49 10.37 -7.90
C ILE A 4748 -73.02 9.13 -8.66
N THR A 4749 -72.53 9.34 -9.88
CA THR A 4749 -72.03 8.23 -10.67
C THR A 4749 -71.01 7.41 -9.90
N ALA A 4750 -70.02 8.09 -9.29
CA ALA A 4750 -69.05 7.39 -8.47
C ALA A 4750 -69.72 6.76 -7.24
N HIS A 4751 -70.76 7.42 -6.73
CA HIS A 4751 -71.40 6.93 -5.52
C HIS A 4751 -71.99 5.53 -5.72
N ASN A 4752 -72.67 5.31 -6.86
CA ASN A 4752 -73.34 4.02 -7.06
C ASN A 4752 -73.32 3.62 -8.52
N GLU A 4753 -73.78 2.39 -8.78
CA GLU A 4753 -73.72 1.80 -10.11
C GLU A 4753 -75.09 1.79 -10.78
N ARG A 4754 -75.16 2.38 -11.98
CA ARG A 4754 -76.42 2.51 -12.73
C ARG A 4754 -76.19 1.89 -14.11
N LYS A 4755 -76.82 0.74 -14.34
CA LYS A 4755 -76.77 0.08 -15.63
C LYS A 4755 -78.08 0.24 -16.36
N PRO A 4756 -78.13 0.98 -17.48
CA PRO A 4756 -79.41 1.15 -18.18
C PRO A 4756 -79.80 -0.06 -19.00
N ASP A 4757 -80.99 -0.04 -19.58
CA ASP A 4757 -81.50 -1.15 -20.39
C ASP A 4757 -82.01 -0.57 -21.71
N PRO A 4758 -81.10 -0.29 -22.65
CA PRO A 4758 -81.52 0.25 -23.95
C PRO A 4758 -81.91 -0.86 -24.90
N PRO A 4759 -83.16 -0.91 -25.35
CA PRO A 4759 -83.54 -1.89 -26.37
C PRO A 4759 -82.93 -1.54 -27.71
N PRO A 4760 -83.11 -2.39 -28.73
CA PRO A 4760 -82.62 -2.05 -30.07
C PRO A 4760 -83.50 -1.06 -30.82
N GLY A 4761 -84.46 -0.44 -30.14
CA GLY A 4761 -85.40 0.45 -30.80
C GLY A 4761 -84.73 1.58 -31.57
N LEU A 4762 -85.21 1.84 -32.78
CA LEU A 4762 -84.67 2.94 -33.57
C LEU A 4762 -84.89 4.27 -32.86
N LEU A 4763 -85.98 4.39 -32.09
CA LEU A 4763 -86.19 5.60 -31.30
C LEU A 4763 -85.08 5.76 -30.26
N THR A 4764 -84.71 4.66 -29.61
CA THR A 4764 -83.62 4.72 -28.63
C THR A 4764 -82.30 5.06 -29.31
N TRP A 4765 -82.07 4.50 -30.51
CA TRP A 4765 -80.86 4.82 -31.24
C TRP A 4765 -80.82 6.31 -31.60
N ILE A 4766 -81.96 6.86 -32.02
CA ILE A 4766 -82.04 8.30 -32.29
C ILE A 4766 -81.70 9.09 -31.04
N MET A 4767 -82.33 8.73 -29.91
CA MET A 4767 -82.04 9.41 -28.66
C MET A 4767 -80.56 9.31 -28.29
N SER A 4768 -79.89 8.21 -28.63
CA SER A 4768 -78.47 8.03 -28.35
C SER A 4768 -77.59 8.85 -29.29
N ILE A 4769 -78.06 9.14 -30.50
CA ILE A 4769 -77.28 9.92 -31.47
C ILE A 4769 -76.86 11.23 -30.83
N ASP A 4770 -75.60 11.62 -31.03
CA ASP A 4770 -75.05 12.88 -30.52
C ASP A 4770 -74.73 13.75 -31.72
N VAL A 4771 -75.63 14.69 -32.02
CA VAL A 4771 -75.57 15.40 -33.30
C VAL A 4771 -74.30 16.24 -33.40
N LYS A 4772 -73.94 16.95 -32.34
CA LYS A 4772 -72.79 17.83 -32.39
C LYS A 4772 -71.51 17.04 -32.66
N TYR A 4773 -71.34 15.91 -31.96
CA TYR A 4773 -70.17 15.07 -32.19
C TYR A 4773 -70.17 14.54 -33.61
N GLN A 4774 -71.34 14.17 -34.13
CA GLN A 4774 -71.40 13.67 -35.50
C GLN A 4774 -70.99 14.74 -36.50
N ILE A 4775 -71.42 15.98 -36.27
CA ILE A 4775 -71.02 17.07 -37.16
C ILE A 4775 -69.51 17.26 -37.13
N TRP A 4776 -68.94 17.25 -35.92
CA TRP A 4776 -67.49 17.40 -35.82
C TRP A 4776 -66.77 16.26 -36.54
N LYS A 4777 -67.26 15.04 -36.36
CA LYS A 4777 -66.64 13.88 -37.01
C LYS A 4777 -66.72 14.00 -38.52
N PHE A 4778 -67.88 14.41 -39.03
CA PHE A 4778 -68.03 14.54 -40.48
C PHE A 4778 -67.13 15.62 -41.03
N GLY A 4779 -66.94 16.70 -40.28
CA GLY A 4779 -65.98 17.71 -40.70
C GLY A 4779 -64.57 17.14 -40.80
N VAL A 4780 -64.16 16.39 -39.77
CA VAL A 4780 -62.83 15.77 -39.82
C VAL A 4780 -62.70 14.84 -41.02
N ILE A 4781 -63.71 14.00 -41.24
CA ILE A 4781 -63.63 13.01 -42.30
C ILE A 4781 -63.58 13.68 -43.67
N PHE A 4782 -64.46 14.66 -43.90
CA PHE A 4782 -64.51 15.36 -45.17
C PHE A 4782 -63.32 16.29 -45.36
N THR A 4783 -62.53 16.53 -44.32
CA THR A 4783 -61.25 17.19 -44.49
C THR A 4783 -60.10 16.22 -44.70
N ASP A 4784 -60.27 14.94 -44.36
CA ASP A 4784 -59.22 13.95 -44.58
C ASP A 4784 -58.97 13.77 -46.08
N ASN A 4785 -57.69 13.68 -46.45
CA ASN A 4785 -57.33 13.69 -47.87
C ASN A 4785 -57.74 12.41 -48.59
N SER A 4786 -57.44 11.26 -48.00
CA SER A 4786 -57.72 10.00 -48.69
C SER A 4786 -59.22 9.80 -48.88
N PHE A 4787 -60.01 10.18 -47.88
CA PHE A 4787 -61.46 10.06 -48.02
C PHE A 4787 -61.96 10.94 -49.15
N LEU A 4788 -61.44 12.17 -49.26
CA LEU A 4788 -61.83 13.05 -50.35
C LEU A 4788 -61.41 12.46 -51.69
N TYR A 4789 -60.23 11.86 -51.75
CA TYR A 4789 -59.81 11.22 -52.98
C TYR A 4789 -60.80 10.14 -53.41
N LEU A 4790 -61.18 9.28 -52.46
CA LEU A 4790 -62.13 8.21 -52.79
C LEU A 4790 -63.49 8.78 -53.17
N GLY A 4791 -63.92 9.85 -52.48
CA GLY A 4791 -65.19 10.47 -52.82
C GLY A 4791 -65.21 11.05 -54.22
N TRP A 4792 -64.12 11.70 -54.62
CA TRP A 4792 -64.04 12.24 -55.96
C TRP A 4792 -63.95 11.13 -56.99
N TYR A 4793 -63.30 10.02 -56.63
CA TYR A 4793 -63.31 8.84 -57.48
C TYR A 4793 -64.74 8.37 -57.73
N MET A 4794 -65.54 8.29 -56.67
CA MET A 4794 -66.93 7.85 -56.83
C MET A 4794 -67.73 8.84 -57.67
N VAL A 4795 -67.55 10.13 -57.42
CA VAL A 4795 -68.23 11.15 -58.21
C VAL A 4795 -67.86 11.00 -59.67
N MET A 4796 -66.58 10.74 -59.95
CA MET A 4796 -66.13 10.64 -61.33
C MET A 4796 -66.73 9.41 -62.00
N SER A 4797 -66.89 8.31 -61.25
CA SER A 4797 -67.58 7.15 -61.81
C SER A 4797 -69.03 7.47 -62.13
N LEU A 4798 -69.73 8.15 -61.23
CA LEU A 4798 -71.10 8.54 -61.51
C LEU A 4798 -71.18 9.40 -62.76
N LEU A 4799 -70.24 10.34 -62.91
CA LEU A 4799 -70.20 11.14 -64.13
C LEU A 4799 -69.93 10.28 -65.35
N GLY A 4800 -69.05 9.30 -65.22
CA GLY A 4800 -68.79 8.38 -66.32
C GLY A 4800 -70.07 7.72 -66.80
N HIS A 4801 -71.00 7.48 -65.89
CA HIS A 4801 -72.29 6.96 -66.33
C HIS A 4801 -73.02 7.97 -67.20
N TYR A 4802 -72.82 9.27 -66.94
CA TYR A 4802 -73.45 10.29 -67.77
C TYR A 4802 -72.77 10.36 -69.15
N ASN A 4803 -71.44 10.36 -69.16
CA ASN A 4803 -70.65 10.31 -70.37
C ASN A 4803 -69.49 9.36 -70.14
N ASN A 4804 -69.41 8.29 -70.95
CA ASN A 4804 -68.48 7.22 -70.67
C ASN A 4804 -67.04 7.71 -70.60
N PHE A 4805 -66.73 8.81 -71.29
CA PHE A 4805 -65.35 9.26 -71.34
C PHE A 4805 -64.86 9.80 -70.02
N PHE A 4806 -65.77 10.15 -69.10
CA PHE A 4806 -65.33 10.56 -67.77
C PHE A 4806 -64.62 9.42 -67.05
N PHE A 4807 -64.79 8.19 -67.51
CA PHE A 4807 -64.09 7.07 -66.91
C PHE A 4807 -62.59 7.13 -67.15
N ALA A 4808 -62.14 7.97 -68.08
CA ALA A 4808 -60.71 8.13 -68.31
C ALA A 4808 -60.02 8.75 -67.11
N ALA A 4809 -60.73 9.53 -66.29
CA ALA A 4809 -60.11 10.16 -65.14
C ALA A 4809 -59.61 9.13 -64.14
N HIS A 4810 -60.21 7.95 -64.13
CA HIS A 4810 -59.82 6.94 -63.17
C HIS A 4810 -58.49 6.29 -63.53
N LEU A 4811 -57.98 6.56 -64.73
CA LEU A 4811 -56.67 6.05 -65.10
C LEU A 4811 -55.57 6.75 -64.29
N LEU A 4812 -55.83 7.97 -63.85
CA LEU A 4812 -54.85 8.67 -63.03
C LEU A 4812 -54.64 7.97 -61.70
N ASP A 4813 -55.53 7.03 -61.36
CA ASP A 4813 -55.42 6.29 -60.12
C ASP A 4813 -54.11 5.52 -60.02
N ILE A 4814 -53.45 5.26 -61.16
CA ILE A 4814 -52.21 4.49 -61.12
C ILE A 4814 -51.17 5.17 -60.26
N ALA A 4815 -51.17 6.51 -60.27
CA ALA A 4815 -50.20 7.25 -59.46
C ALA A 4815 -50.33 6.87 -57.99
N MET A 4816 -51.56 6.82 -57.48
CA MET A 4816 -51.76 6.47 -56.08
C MET A 4816 -51.58 4.96 -55.85
N GLY A 4817 -52.00 4.15 -56.82
CA GLY A 4817 -51.94 2.72 -56.66
C GLY A 4817 -50.54 2.14 -56.70
N VAL A 4818 -49.88 2.27 -57.84
CA VAL A 4818 -48.57 1.66 -58.00
C VAL A 4818 -47.54 2.40 -57.16
N LYS A 4819 -46.71 1.62 -56.45
CA LYS A 4819 -45.69 2.22 -55.59
C LYS A 4819 -44.56 2.82 -56.41
N THR A 4820 -44.11 2.11 -57.45
CA THR A 4820 -43.01 2.61 -58.25
C THR A 4820 -43.38 3.93 -58.92
N LEU A 4821 -44.60 4.02 -59.45
CA LEU A 4821 -45.02 5.27 -60.08
C LEU A 4821 -45.14 6.38 -59.05
N ARG A 4822 -45.61 6.07 -57.85
CA ARG A 4822 -45.67 7.08 -56.80
C ARG A 4822 -44.28 7.61 -56.49
N THR A 4823 -43.30 6.71 -56.39
CA THR A 4823 -41.94 7.16 -56.12
C THR A 4823 -41.40 8.01 -57.27
N ILE A 4824 -41.68 7.62 -58.51
CA ILE A 4824 -41.21 8.40 -59.65
C ILE A 4824 -41.83 9.78 -59.64
N LEU A 4825 -43.13 9.87 -59.35
CA LEU A 4825 -43.81 11.16 -59.34
C LEU A 4825 -43.36 12.03 -58.18
N SER A 4826 -42.90 11.41 -57.09
CA SER A 4826 -42.35 12.20 -56.00
C SER A 4826 -41.16 13.02 -56.45
N SER A 4827 -40.45 12.59 -57.50
CA SER A 4827 -39.35 13.39 -58.02
C SER A 4827 -39.85 14.71 -58.58
N VAL A 4828 -40.97 14.68 -59.31
CA VAL A 4828 -41.54 15.92 -59.82
C VAL A 4828 -42.12 16.76 -58.68
N THR A 4829 -42.86 16.12 -57.77
CA THR A 4829 -43.57 16.88 -56.75
C THR A 4829 -42.68 17.38 -55.63
N HIS A 4830 -41.47 16.83 -55.49
CA HIS A 4830 -40.59 17.26 -54.41
C HIS A 4830 -40.21 18.72 -54.55
N ASN A 4831 -39.88 19.15 -55.77
CA ASN A 4831 -39.55 20.54 -56.06
C ASN A 4831 -40.67 21.23 -56.83
N GLY A 4832 -41.93 20.90 -56.54
CA GLY A 4832 -43.03 21.48 -57.27
C GLY A 4832 -43.09 22.99 -57.14
N LYS A 4833 -42.81 23.50 -55.94
CA LYS A 4833 -42.82 24.94 -55.74
C LYS A 4833 -41.76 25.61 -56.61
N GLN A 4834 -40.56 25.01 -56.66
CA GLN A 4834 -39.50 25.57 -57.50
C GLN A 4834 -39.87 25.49 -58.98
N LEU A 4835 -40.51 24.39 -59.40
CA LEU A 4835 -40.93 24.28 -60.80
C LEU A 4835 -41.94 25.36 -61.15
N VAL A 4836 -42.91 25.59 -60.28
CA VAL A 4836 -43.91 26.62 -60.56
C VAL A 4836 -43.26 27.99 -60.61
N MET A 4837 -42.33 28.26 -59.68
CA MET A 4837 -41.64 29.54 -59.70
C MET A 4837 -40.81 29.70 -60.97
N THR A 4838 -40.19 28.62 -61.43
CA THR A 4838 -39.43 28.69 -62.68
C THR A 4838 -40.33 28.99 -63.87
N VAL A 4839 -41.51 28.38 -63.90
CA VAL A 4839 -42.44 28.69 -64.99
C VAL A 4839 -42.86 30.15 -64.93
N GLY A 4840 -43.07 30.68 -63.72
CA GLY A 4840 -43.40 32.09 -63.59
C GLY A 4840 -42.28 32.99 -64.08
N LEU A 4841 -41.04 32.64 -63.73
CA LEU A 4841 -39.89 33.41 -64.22
C LEU A 4841 -39.82 33.36 -65.73
N LEU A 4842 -40.08 32.19 -66.32
CA LEU A 4842 -40.11 32.08 -67.77
C LEU A 4842 -41.16 33.02 -68.36
N ALA A 4843 -42.34 33.07 -67.74
CA ALA A 4843 -43.38 33.97 -68.22
C ALA A 4843 -42.91 35.42 -68.17
N VAL A 4844 -42.26 35.81 -67.09
CA VAL A 4844 -41.79 37.19 -66.96
C VAL A 4844 -40.75 37.51 -68.03
N VAL A 4845 -39.80 36.61 -68.25
CA VAL A 4845 -38.76 36.85 -69.24
C VAL A 4845 -39.37 36.96 -70.64
N VAL A 4846 -40.30 36.07 -70.95
CA VAL A 4846 -40.95 36.13 -72.25
C VAL A 4846 -41.72 37.43 -72.39
N TYR A 4847 -42.30 37.92 -71.30
CA TYR A 4847 -42.99 39.21 -71.34
C TYR A 4847 -42.01 40.35 -71.67
N LEU A 4848 -40.82 40.33 -71.07
CA LEU A 4848 -39.85 41.37 -71.39
C LEU A 4848 -39.46 41.32 -72.87
N TYR A 4849 -39.23 40.12 -73.38
CA TYR A 4849 -38.93 39.99 -74.81
C TYR A 4849 -40.10 40.49 -75.65
N THR A 4850 -41.33 40.23 -75.20
CA THR A 4850 -42.50 40.72 -75.93
C THR A 4850 -42.54 42.23 -75.96
N VAL A 4851 -42.19 42.88 -74.85
CA VAL A 4851 -42.18 44.33 -74.81
C VAL A 4851 -41.17 44.88 -75.80
N VAL A 4852 -39.97 44.31 -75.80
CA VAL A 4852 -38.94 44.77 -76.74
C VAL A 4852 -39.42 44.58 -78.17
N ALA A 4853 -39.98 43.43 -78.49
CA ALA A 4853 -40.44 43.17 -79.85
C ALA A 4853 -41.56 44.12 -80.23
N PHE A 4854 -42.51 44.36 -79.34
CA PHE A 4854 -43.63 45.25 -79.63
C PHE A 4854 -43.17 46.67 -79.88
N ASN A 4855 -42.10 47.11 -79.23
CA ASN A 4855 -41.61 48.46 -79.44
C ASN A 4855 -40.67 48.59 -80.63
N PHE A 4856 -39.96 47.53 -81.03
CA PHE A 4856 -38.90 47.70 -82.01
C PHE A 4856 -39.02 46.82 -83.25
N PHE A 4857 -39.49 45.59 -83.09
CA PHE A 4857 -39.44 44.58 -84.15
C PHE A 4857 -40.84 44.19 -84.61
N ARG A 4858 -41.73 45.15 -84.75
CA ARG A 4858 -43.11 44.82 -85.12
C ARG A 4858 -43.21 44.35 -86.57
N LYS A 4859 -42.35 44.86 -87.44
CA LYS A 4859 -42.47 44.55 -88.87
C LYS A 4859 -42.15 43.10 -89.18
N PHE A 4860 -41.45 42.39 -88.29
CA PHE A 4860 -41.01 41.03 -88.55
C PHE A 4860 -42.05 39.99 -88.15
N TYR A 4861 -43.18 40.40 -87.57
CA TYR A 4861 -44.16 39.48 -87.00
C TYR A 4861 -45.38 39.31 -87.89
N ASN A 4862 -45.18 39.30 -89.21
CA ASN A 4862 -46.26 39.05 -90.15
C ASN A 4862 -46.28 37.57 -90.49
N LYS A 4863 -47.40 36.91 -90.21
CA LYS A 4863 -47.54 35.46 -90.38
C LYS A 4863 -48.48 35.11 -91.52
N SER A 4864 -48.68 36.01 -92.47
CA SER A 4864 -49.56 35.78 -93.60
C SER A 4864 -48.76 35.86 -94.89
N GLU A 4865 -48.87 34.82 -95.71
CA GLU A 4865 -48.23 34.83 -97.03
C GLU A 4865 -48.97 35.74 -98.00
N ASP A 4866 -50.30 35.75 -97.94
CA ASP A 4866 -51.11 36.60 -98.81
C ASP A 4866 -50.75 38.06 -98.60
N GLU A 4867 -50.17 38.70 -99.62
CA GLU A 4867 -49.77 40.09 -99.50
C GLU A 4867 -50.97 41.02 -99.36
N ASP A 4868 -52.16 40.57 -99.77
CA ASP A 4868 -53.34 41.42 -99.68
C ASP A 4868 -53.80 41.57 -98.23
N GLU A 4869 -53.86 40.47 -97.49
CA GLU A 4869 -54.39 40.45 -96.13
C GLU A 4869 -53.28 40.03 -95.17
N PRO A 4870 -52.51 40.96 -94.63
CA PRO A 4870 -51.48 40.58 -93.65
C PRO A 4870 -52.10 40.17 -92.32
N ASP A 4871 -51.32 39.39 -91.57
CA ASP A 4871 -51.71 38.91 -90.25
C ASP A 4871 -50.58 39.22 -89.27
N MET A 4872 -50.61 40.44 -88.73
CA MET A 4872 -49.56 40.88 -87.83
C MET A 4872 -49.80 40.35 -86.43
N LYS A 4873 -48.79 39.68 -85.88
CA LYS A 4873 -48.90 39.05 -84.57
C LYS A 4873 -48.37 39.91 -83.45
N CYS A 4874 -47.87 41.11 -83.73
CA CYS A 4874 -47.33 41.97 -82.69
C CYS A 4874 -47.79 43.41 -82.86
N ASP A 4875 -49.00 43.61 -83.39
CA ASP A 4875 -49.61 44.93 -83.45
C ASP A 4875 -50.41 45.26 -82.20
N ASP A 4876 -50.40 44.38 -81.21
CA ASP A 4876 -50.99 44.67 -79.91
C ASP A 4876 -50.31 43.76 -78.89
N MET A 4877 -50.15 44.27 -77.67
CA MET A 4877 -49.32 43.58 -76.69
C MET A 4877 -49.90 42.23 -76.33
N MET A 4878 -51.22 42.12 -76.20
CA MET A 4878 -51.81 40.83 -75.83
C MET A 4878 -51.53 39.78 -76.88
N THR A 4879 -51.75 40.10 -78.14
CA THR A 4879 -51.48 39.16 -79.22
C THR A 4879 -49.99 38.82 -79.29
N CYS A 4880 -49.13 39.82 -79.13
CA CYS A 4880 -47.70 39.55 -79.20
C CYS A 4880 -47.25 38.64 -78.05
N TYR A 4881 -47.77 38.88 -76.84
CA TYR A 4881 -47.41 38.04 -75.71
C TYR A 4881 -47.89 36.62 -75.90
N LEU A 4882 -49.13 36.46 -76.37
CA LEU A 4882 -49.63 35.12 -76.65
C LEU A 4882 -48.77 34.43 -77.70
N PHE A 4883 -48.44 35.15 -78.77
CA PHE A 4883 -47.62 34.57 -79.82
C PHE A 4883 -46.28 34.11 -79.27
N HIS A 4884 -45.61 34.98 -78.51
CA HIS A 4884 -44.32 34.60 -77.95
C HIS A 4884 -44.45 33.36 -77.07
N MET A 4885 -45.33 33.41 -76.07
CA MET A 4885 -45.44 32.31 -75.12
C MET A 4885 -45.86 31.01 -75.78
N TYR A 4886 -46.63 31.07 -76.87
CA TYR A 4886 -47.17 29.88 -77.48
C TYR A 4886 -46.25 29.29 -78.55
N VAL A 4887 -45.57 30.13 -79.31
CA VAL A 4887 -44.77 29.66 -80.43
C VAL A 4887 -43.28 29.70 -80.10
N GLY A 4888 -42.76 30.80 -79.57
CA GLY A 4888 -41.33 30.90 -79.37
C GLY A 4888 -40.82 29.91 -78.33
N VAL A 4889 -41.60 29.70 -77.26
CA VAL A 4889 -41.16 28.78 -76.22
C VAL A 4889 -41.13 27.35 -76.75
N ARG A 4890 -42.09 26.97 -77.59
CA ARG A 4890 -42.14 25.63 -78.14
C ARG A 4890 -41.19 25.44 -79.33
N ALA A 4891 -40.73 26.51 -79.94
CA ALA A 4891 -39.84 26.39 -81.08
C ALA A 4891 -38.47 25.88 -80.63
N GLY A 4892 -37.86 25.06 -81.48
CA GLY A 4892 -36.55 24.51 -81.14
C GLY A 4892 -35.48 25.58 -80.99
N GLY A 4893 -35.47 26.55 -81.90
CA GLY A 4893 -34.52 27.63 -81.87
C GLY A 4893 -35.05 28.94 -81.34
N GLY A 4894 -36.21 28.94 -80.70
CA GLY A 4894 -36.76 30.17 -80.17
C GLY A 4894 -37.64 30.91 -81.16
N ILE A 4895 -37.84 32.19 -80.89
CA ILE A 4895 -38.75 33.00 -81.68
C ILE A 4895 -38.17 33.32 -83.05
N GLY A 4896 -36.85 33.20 -83.21
CA GLY A 4896 -36.24 33.45 -84.49
C GLY A 4896 -36.62 32.44 -85.54
N ASP A 4897 -36.97 31.23 -85.12
CA ASP A 4897 -37.45 30.23 -86.06
C ASP A 4897 -38.75 30.63 -86.72
N GLU A 4898 -39.57 31.44 -86.05
CA GLU A 4898 -40.95 31.66 -86.47
C GLU A 4898 -41.20 33.10 -86.90
N ILE A 4899 -40.26 34.01 -86.67
CA ILE A 4899 -40.41 35.37 -87.18
C ILE A 4899 -39.57 35.53 -88.44
N GLU A 4900 -39.79 36.65 -89.12
CA GLU A 4900 -39.21 36.86 -90.45
C GLU A 4900 -37.70 37.05 -90.37
N ASP A 4901 -37.02 36.65 -91.45
CA ASP A 4901 -35.57 36.70 -91.48
C ASP A 4901 -35.08 38.15 -91.41
N PRO A 4902 -34.12 38.46 -90.54
CA PRO A 4902 -33.68 39.85 -90.40
C PRO A 4902 -32.60 40.26 -91.38
N ALA A 4903 -32.05 39.33 -92.18
CA ALA A 4903 -30.93 39.66 -93.03
C ALA A 4903 -31.28 40.81 -93.97
N GLY A 4904 -30.37 41.77 -94.09
CA GLY A 4904 -30.53 42.90 -94.97
C GLY A 4904 -31.22 44.09 -94.34
N ASP A 4905 -31.68 43.98 -93.11
CA ASP A 4905 -32.39 45.07 -92.45
C ASP A 4905 -31.42 45.90 -91.63
N GLU A 4906 -31.77 47.18 -91.44
CA GLU A 4906 -30.92 48.07 -90.66
C GLU A 4906 -30.76 47.60 -89.22
N TYR A 4907 -31.72 46.85 -88.69
CA TYR A 4907 -31.65 46.31 -87.34
C TYR A 4907 -31.26 44.83 -87.34
N GLU A 4908 -30.45 44.40 -88.31
CA GLU A 4908 -30.12 42.98 -88.41
C GLU A 4908 -29.36 42.50 -87.18
N LEU A 4909 -28.34 43.25 -86.76
CA LEU A 4909 -27.57 42.82 -85.60
C LEU A 4909 -28.41 42.85 -84.34
N TYR A 4910 -29.27 43.85 -84.20
CA TYR A 4910 -30.17 43.89 -83.06
C TYR A 4910 -31.07 42.66 -83.04
N ARG A 4911 -31.59 42.28 -84.22
CA ARG A 4911 -32.49 41.13 -84.29
C ARG A 4911 -31.77 39.84 -83.98
N VAL A 4912 -30.54 39.67 -84.47
CA VAL A 4912 -29.83 38.43 -84.19
C VAL A 4912 -29.47 38.35 -82.71
N VAL A 4913 -29.11 39.47 -82.09
CA VAL A 4913 -28.87 39.46 -80.66
C VAL A 4913 -30.14 39.09 -79.91
N PHE A 4914 -31.27 39.67 -80.34
CA PHE A 4914 -32.56 39.36 -79.76
C PHE A 4914 -32.83 37.85 -79.81
N ASP A 4915 -32.71 37.26 -81.00
CA ASP A 4915 -33.02 35.84 -81.16
C ASP A 4915 -32.05 34.96 -80.39
N ILE A 4916 -30.76 35.27 -80.44
CA ILE A 4916 -29.76 34.43 -79.78
C ILE A 4916 -29.96 34.47 -78.28
N THR A 4917 -30.20 35.66 -77.72
CA THR A 4917 -30.42 35.75 -76.28
C THR A 4917 -31.72 35.06 -75.88
N PHE A 4918 -32.77 35.18 -76.69
CA PHE A 4918 -33.98 34.43 -76.40
C PHE A 4918 -33.70 32.93 -76.36
N PHE A 4919 -32.97 32.44 -77.36
CA PHE A 4919 -32.66 31.02 -77.42
C PHE A 4919 -31.85 30.58 -76.21
N PHE A 4920 -30.87 31.37 -75.80
CA PHE A 4920 -29.99 30.94 -74.72
C PHE A 4920 -30.64 31.07 -73.35
N PHE A 4921 -31.48 32.09 -73.13
CA PHE A 4921 -32.08 32.27 -71.82
C PHE A 4921 -33.35 31.46 -71.64
N VAL A 4922 -34.21 31.40 -72.65
CA VAL A 4922 -35.49 30.73 -72.50
C VAL A 4922 -35.38 29.25 -72.84
N ILE A 4923 -34.72 28.92 -73.94
CA ILE A 4923 -34.71 27.54 -74.41
C ILE A 4923 -33.62 26.70 -73.76
N VAL A 4924 -32.43 27.26 -73.53
CA VAL A 4924 -31.29 26.49 -73.06
C VAL A 4924 -31.21 26.48 -71.54
N ILE A 4925 -31.46 27.61 -70.89
CA ILE A 4925 -31.19 27.74 -69.46
C ILE A 4925 -32.42 27.41 -68.63
N LEU A 4926 -33.56 28.05 -68.90
CA LEU A 4926 -34.73 27.85 -68.05
C LEU A 4926 -35.22 26.40 -68.12
N LEU A 4927 -35.31 25.85 -69.34
CA LEU A 4927 -35.67 24.44 -69.45
C LEU A 4927 -34.62 23.56 -68.78
N ALA A 4928 -33.34 23.95 -68.88
CA ALA A 4928 -32.30 23.24 -68.16
C ALA A 4928 -32.51 23.35 -66.65
N ILE A 4929 -33.02 24.48 -66.19
CA ILE A 4929 -33.33 24.62 -64.76
C ILE A 4929 -34.40 23.63 -64.35
N ILE A 4930 -35.44 23.48 -65.18
CA ILE A 4930 -36.50 22.52 -64.86
C ILE A 4930 -35.93 21.11 -64.80
N GLN A 4931 -35.17 20.72 -65.81
CA GLN A 4931 -34.64 19.36 -65.84
C GLN A 4931 -33.69 19.12 -64.66
N GLY A 4932 -32.88 20.12 -64.32
CA GLY A 4932 -32.00 19.98 -63.18
C GLY A 4932 -32.75 19.87 -61.88
N LEU A 4933 -33.87 20.58 -61.75
CA LEU A 4933 -34.68 20.42 -60.55
C LEU A 4933 -35.17 18.99 -60.42
N ILE A 4934 -35.64 18.40 -61.52
CA ILE A 4934 -36.12 17.02 -61.46
C ILE A 4934 -34.98 16.08 -61.08
N ILE A 4935 -33.81 16.26 -61.70
CA ILE A 4935 -32.68 15.37 -61.43
C ILE A 4935 -32.23 15.50 -59.98
N ASP A 4936 -32.16 16.72 -59.47
CA ASP A 4936 -31.79 16.93 -58.08
C ASP A 4936 -32.80 16.30 -57.13
N ALA A 4937 -34.08 16.33 -57.50
CA ALA A 4937 -35.08 15.65 -56.69
C ALA A 4937 -34.81 14.15 -56.62
N PHE A 4938 -34.51 13.54 -57.77
CA PHE A 4938 -34.13 12.13 -57.75
C PHE A 4938 -32.99 11.88 -56.79
N GLY A 4939 -31.92 12.67 -56.93
CA GLY A 4939 -30.73 12.45 -56.10
C GLY A 4939 -31.04 12.62 -54.62
N GLU A 4940 -31.83 13.63 -54.27
CA GLU A 4940 -32.12 13.89 -52.87
C GLU A 4940 -32.97 12.79 -52.26
N LEU A 4941 -33.95 12.27 -53.00
CA LEU A 4941 -34.76 11.18 -52.48
C LEU A 4941 -33.91 9.94 -52.25
N ARG A 4942 -33.02 9.62 -53.21
CA ARG A 4942 -32.13 8.48 -52.99
C ARG A 4942 -31.26 8.72 -51.76
N ASP A 4943 -30.79 9.95 -51.58
CA ASP A 4943 -29.96 10.25 -50.41
C ASP A 4943 -30.74 10.04 -49.12
N GLN A 4944 -32.01 10.43 -49.09
CA GLN A 4944 -32.82 10.22 -47.91
C GLN A 4944 -32.94 8.74 -47.58
N GLN A 4945 -33.23 7.93 -48.60
CA GLN A 4945 -33.35 6.48 -48.36
C GLN A 4945 -32.04 5.91 -47.83
N GLU A 4946 -30.93 6.27 -48.46
CA GLU A 4946 -29.64 5.75 -48.02
C GLU A 4946 -29.32 6.20 -46.60
N GLN A 4947 -29.67 7.44 -46.25
CA GLN A 4947 -29.40 7.93 -44.91
C GLN A 4947 -30.18 7.14 -43.87
N VAL A 4948 -31.45 6.86 -44.17
CA VAL A 4948 -32.25 6.07 -43.23
C VAL A 4948 -31.64 4.69 -43.05
N LYS A 4949 -31.27 4.05 -44.16
CA LYS A 4949 -30.69 2.71 -44.07
C LYS A 4949 -29.41 2.73 -43.24
N GLU A 4950 -28.52 3.68 -43.52
CA GLU A 4950 -27.25 3.74 -42.82
C GLU A 4950 -27.46 4.01 -41.33
N ASP A 4951 -28.37 4.93 -41.00
CA ASP A 4951 -28.62 5.24 -39.60
C ASP A 4951 -29.13 4.00 -38.86
N MET A 4952 -30.06 3.28 -39.47
CA MET A 4952 -30.57 2.08 -38.80
C MET A 4952 -29.50 1.01 -38.66
N GLU A 4953 -28.60 0.90 -39.62
CA GLU A 4953 -27.58 -0.15 -39.57
C GLU A 4953 -26.34 0.22 -38.78
N THR A 4954 -26.19 1.47 -38.38
CA THR A 4954 -24.98 1.90 -37.67
C THR A 4954 -25.23 2.48 -36.29
N LYS A 4955 -26.45 2.38 -35.76
CA LYS A 4955 -26.77 3.04 -34.51
C LYS A 4955 -28.04 2.43 -33.93
N CYS A 4956 -28.07 2.29 -32.60
CA CYS A 4956 -29.26 1.75 -31.96
C CYS A 4956 -30.37 2.79 -31.94
N PHE A 4957 -31.57 2.36 -32.34
CA PHE A 4957 -32.69 3.28 -32.45
C PHE A 4957 -33.15 3.79 -31.10
N ILE A 4958 -32.89 3.04 -30.03
CA ILE A 4958 -33.37 3.41 -28.70
C ILE A 4958 -32.34 4.23 -27.95
N CYS A 4959 -31.17 3.67 -27.69
CA CYS A 4959 -30.18 4.35 -26.86
C CYS A 4959 -29.29 5.29 -27.65
N GLY A 4960 -29.16 5.08 -28.96
CA GLY A 4960 -28.37 5.95 -29.80
C GLY A 4960 -26.88 5.63 -29.84
N ILE A 4961 -26.42 4.63 -29.09
CA ILE A 4961 -25.02 4.25 -29.14
C ILE A 4961 -24.72 3.62 -30.50
N GLY A 4962 -23.54 3.90 -31.03
CA GLY A 4962 -23.18 3.40 -32.33
C GLY A 4962 -22.79 1.94 -32.33
N SER A 4963 -22.81 1.35 -33.52
CA SER A 4963 -22.46 -0.06 -33.64
C SER A 4963 -21.02 -0.30 -33.20
N ASP A 4964 -20.10 0.58 -33.60
CA ASP A 4964 -18.69 0.41 -33.27
C ASP A 4964 -18.48 -0.04 -31.83
N TYR A 4965 -19.21 0.55 -30.88
CA TYR A 4965 -19.05 0.15 -29.48
C TYR A 4965 -19.52 -1.28 -29.26
N PHE A 4966 -20.69 -1.63 -29.77
CA PHE A 4966 -21.27 -2.94 -29.50
C PHE A 4966 -20.46 -4.04 -30.17
N ASP A 4967 -19.96 -3.79 -31.38
CA ASP A 4967 -19.26 -4.79 -32.14
C ASP A 4967 -17.91 -5.17 -31.54
N THR A 4968 -17.52 -4.58 -30.41
CA THR A 4968 -16.34 -5.07 -29.70
C THR A 4968 -16.52 -6.52 -29.28
N THR A 4969 -17.77 -6.92 -29.04
CA THR A 4969 -18.15 -8.32 -28.83
C THR A 4969 -18.61 -8.92 -30.15
N PRO A 4970 -18.39 -10.21 -30.41
CA PRO A 4970 -18.79 -10.77 -31.70
C PRO A 4970 -20.28 -10.61 -31.97
N HIS A 4971 -20.62 -9.97 -33.09
CA HIS A 4971 -22.02 -9.71 -33.44
C HIS A 4971 -22.73 -8.93 -32.34
N GLY A 4972 -21.97 -8.05 -31.68
CA GLY A 4972 -22.51 -7.33 -30.56
C GLY A 4972 -23.68 -6.43 -30.93
N PHE A 4973 -23.57 -5.73 -32.05
CA PHE A 4973 -24.66 -4.83 -32.45
C PHE A 4973 -25.92 -5.61 -32.78
N GLU A 4974 -25.79 -6.72 -33.51
CA GLU A 4974 -26.97 -7.52 -33.81
C GLU A 4974 -27.60 -8.06 -32.54
N THR A 4975 -26.78 -8.58 -31.63
CA THR A 4975 -27.32 -9.07 -30.36
C THR A 4975 -28.02 -7.95 -29.60
N HIS A 4976 -27.41 -6.76 -29.56
CA HIS A 4976 -28.00 -5.65 -28.83
C HIS A 4976 -29.36 -5.25 -29.41
N THR A 4977 -29.44 -5.12 -30.73
CA THR A 4977 -30.66 -4.64 -31.35
C THR A 4977 -31.72 -5.72 -31.49
N LEU A 4978 -31.38 -6.98 -31.31
CA LEU A 4978 -32.37 -8.04 -31.36
C LEU A 4978 -32.82 -8.54 -30.00
N GLU A 4979 -31.98 -8.44 -28.97
CA GLU A 4979 -32.25 -9.05 -27.68
C GLU A 4979 -32.24 -8.09 -26.50
N GLU A 4980 -31.70 -6.87 -26.67
CA GLU A 4980 -31.54 -5.95 -25.56
C GLU A 4980 -32.40 -4.69 -25.73
N HIS A 4981 -32.30 -4.02 -26.86
CA HIS A 4981 -33.03 -2.78 -27.08
C HIS A 4981 -33.97 -2.89 -28.28
N ASN A 4982 -34.73 -3.97 -28.35
CA ASN A 4982 -35.64 -4.16 -29.48
C ASN A 4982 -36.88 -3.29 -29.32
N LEU A 4983 -37.11 -2.42 -30.30
CA LEU A 4983 -38.29 -1.54 -30.24
C LEU A 4983 -39.57 -2.34 -30.27
N ALA A 4984 -39.57 -3.47 -30.98
CA ALA A 4984 -40.71 -4.38 -30.91
C ALA A 4984 -40.93 -4.83 -29.48
N ASN A 4985 -39.85 -5.11 -28.76
CA ASN A 4985 -39.99 -5.51 -27.36
C ASN A 4985 -40.53 -4.39 -26.51
N TYR A 4986 -40.17 -3.15 -26.80
CA TYR A 4986 -40.77 -2.05 -26.04
C TYR A 4986 -42.27 -1.92 -26.31
N MET A 4987 -42.69 -2.10 -27.57
CA MET A 4987 -44.11 -2.10 -27.86
C MET A 4987 -44.82 -3.24 -27.12
N PHE A 4988 -44.22 -4.43 -27.15
CA PHE A 4988 -44.81 -5.56 -26.46
C PHE A 4988 -44.89 -5.31 -24.96
N PHE A 4989 -43.90 -4.63 -24.40
CA PHE A 4989 -43.95 -4.30 -22.98
C PHE A 4989 -45.09 -3.35 -22.68
N LEU A 4990 -45.32 -2.36 -23.54
CA LEU A 4990 -46.46 -1.48 -23.32
C LEU A 4990 -47.76 -2.26 -23.34
N MET A 4991 -47.92 -3.15 -24.31
CA MET A 4991 -49.14 -3.97 -24.37
C MET A 4991 -49.28 -4.82 -23.12
N TYR A 4992 -48.18 -5.42 -22.66
CA TYR A 4992 -48.20 -6.28 -21.49
C TYR A 4992 -48.59 -5.49 -20.24
N LEU A 4993 -48.04 -4.28 -20.08
CA LEU A 4993 -48.40 -3.44 -18.95
C LEU A 4993 -49.89 -3.08 -19.00
N ILE A 4994 -50.40 -2.73 -20.18
CA ILE A 4994 -51.81 -2.40 -20.28
C ILE A 4994 -52.67 -3.58 -19.87
N ASN A 4995 -52.30 -4.78 -20.31
CA ASN A 4995 -53.16 -5.94 -20.06
C ASN A 4995 -53.04 -6.45 -18.63
N LYS A 4996 -51.90 -6.26 -17.98
CA LYS A 4996 -51.72 -6.80 -16.64
C LYS A 4996 -52.43 -5.97 -15.58
N ASP A 4997 -52.92 -6.63 -14.54
CA ASP A 4997 -53.52 -5.92 -13.42
C ASP A 4997 -52.50 -5.07 -12.69
N GLU A 4998 -52.94 -3.92 -12.19
CA GLU A 4998 -52.02 -3.03 -11.49
C GLU A 4998 -51.59 -3.61 -10.15
N THR A 4999 -52.48 -4.30 -9.44
CA THR A 4999 -52.12 -4.92 -8.18
C THR A 4999 -51.14 -6.07 -8.36
N GLU A 5000 -50.92 -6.53 -9.58
CA GLU A 5000 -49.95 -7.56 -9.88
C GLU A 5000 -48.66 -7.02 -10.46
N HIS A 5001 -48.57 -5.73 -10.73
CA HIS A 5001 -47.34 -5.14 -11.24
C HIS A 5001 -46.19 -5.37 -10.27
N THR A 5002 -45.02 -5.66 -10.82
CA THR A 5002 -43.81 -5.69 -10.01
C THR A 5002 -43.35 -4.25 -9.78
N GLY A 5003 -42.25 -4.09 -9.04
CA GLY A 5003 -41.75 -2.75 -8.78
C GLY A 5003 -41.37 -2.01 -10.06
N GLN A 5004 -40.62 -2.68 -10.94
CA GLN A 5004 -40.20 -2.06 -12.18
C GLN A 5004 -41.38 -1.80 -13.11
N GLU A 5005 -42.33 -2.74 -13.18
CA GLU A 5005 -43.51 -2.53 -14.00
C GLU A 5005 -44.32 -1.35 -13.49
N SER A 5006 -44.47 -1.23 -12.17
CA SER A 5006 -45.19 -0.09 -11.61
C SER A 5006 -44.47 1.22 -11.92
N TYR A 5007 -43.14 1.22 -11.82
CA TYR A 5007 -42.37 2.40 -12.13
C TYR A 5007 -42.61 2.84 -13.57
N VAL A 5008 -42.49 1.91 -14.51
CA VAL A 5008 -42.68 2.25 -15.92
C VAL A 5008 -44.12 2.65 -16.19
N TRP A 5009 -45.08 2.01 -15.52
CA TRP A 5009 -46.49 2.33 -15.72
C TRP A 5009 -46.79 3.75 -15.25
N LYS A 5010 -46.25 4.13 -14.10
CA LYS A 5010 -46.44 5.50 -13.61
C LYS A 5010 -45.82 6.49 -14.57
N MET A 5011 -44.62 6.19 -15.08
CA MET A 5011 -44.01 7.09 -16.04
C MET A 5011 -44.85 7.20 -17.30
N TYR A 5012 -45.42 6.09 -17.77
CA TYR A 5012 -46.28 6.13 -18.94
C TYR A 5012 -47.50 7.02 -18.68
N GLN A 5013 -48.12 6.88 -17.52
CA GLN A 5013 -49.32 7.67 -17.23
C GLN A 5013 -48.98 9.14 -17.12
N GLU A 5014 -47.82 9.48 -16.57
CA GLU A 5014 -47.39 10.87 -16.48
C GLU A 5014 -46.77 11.38 -17.77
N ARG A 5015 -46.57 10.52 -18.77
CA ARG A 5015 -45.96 10.91 -20.04
C ARG A 5015 -44.53 11.38 -19.84
N CYS A 5016 -43.79 10.69 -19.00
CA CYS A 5016 -42.37 10.93 -18.81
C CYS A 5016 -41.59 9.80 -19.45
N TRP A 5017 -40.66 10.14 -20.34
CA TRP A 5017 -39.94 9.16 -21.14
C TRP A 5017 -38.51 8.97 -20.63
N ASP A 5018 -38.28 9.17 -19.34
CA ASP A 5018 -36.95 9.04 -18.78
C ASP A 5018 -36.53 7.59 -18.60
N PHE A 5019 -37.47 6.64 -18.60
CA PHE A 5019 -37.12 5.25 -18.40
C PHE A 5019 -36.46 4.67 -19.64
N PHE A 5020 -36.69 5.24 -20.81
CA PHE A 5020 -36.01 4.79 -22.00
C PHE A 5020 -34.51 5.02 -21.85
N PRO A 5021 -33.68 4.00 -22.06
CA PRO A 5021 -32.23 4.22 -21.97
C PRO A 5021 -31.75 5.12 -23.10
N ALA A 5022 -31.00 6.16 -22.73
CA ALA A 5022 -30.51 7.14 -23.68
C ALA A 5022 -29.02 7.33 -23.45
N GLY A 5023 -28.21 6.84 -24.38
CA GLY A 5023 -26.78 6.92 -24.25
C GLY A 5023 -26.18 5.94 -23.26
N ASP A 5024 -26.97 4.99 -22.77
CA ASP A 5024 -26.51 4.03 -21.77
C ASP A 5024 -27.12 2.68 -22.07
N CYS A 5025 -26.50 1.64 -21.51
CA CYS A 5025 -26.97 0.28 -21.73
C CYS A 5025 -26.45 -0.60 -20.59
N PHE A 5026 -26.96 -1.83 -20.56
CA PHE A 5026 -26.53 -2.78 -19.53
C PHE A 5026 -25.04 -3.08 -19.64
N ARG A 5027 -24.55 -3.28 -20.87
CA ARG A 5027 -23.13 -3.57 -21.05
C ARG A 5027 -22.27 -2.40 -20.60
N LYS A 5028 -22.66 -1.17 -20.95
CA LYS A 5028 -21.91 0.00 -20.49
C LYS A 5028 -21.96 0.11 -18.98
N GLN A 5029 -23.11 -0.17 -18.38
CA GLN A 5029 -23.24 -0.06 -16.93
C GLN A 5029 -22.32 -1.05 -16.22
N TYR A 5030 -22.24 -2.27 -16.72
CA TYR A 5030 -21.45 -3.32 -16.07
C TYR A 5030 -20.28 -3.75 -16.95
N GLU A 5031 -19.59 -2.79 -17.56
CA GLU A 5031 -18.48 -3.10 -18.44
C GLU A 5031 -17.43 -3.96 -17.74
N ASP A 5032 -16.96 -3.52 -16.58
CA ASP A 5032 -15.85 -4.22 -15.94
C ASP A 5032 -16.32 -5.53 -15.31
N GLN A 5033 -17.49 -5.53 -14.68
CA GLN A 5033 -18.00 -6.77 -14.11
C GLN A 5033 -18.26 -7.80 -15.19
N LEU A 5034 -18.81 -7.39 -16.33
CA LEU A 5034 -19.11 -8.33 -17.40
C LEU A 5034 -17.84 -8.79 -18.12
N SER A 5035 -16.78 -8.00 -18.04
CA SER A 5035 -15.53 -8.35 -18.72
C SER A 5035 -14.93 -9.63 -18.15
N GLY B 2 -95.32 -12.77 80.30
CA GLY B 2 -96.77 -12.65 80.30
C GLY B 2 -97.24 -11.47 79.48
N VAL B 3 -98.54 -11.40 79.24
CA VAL B 3 -99.16 -10.35 78.45
C VAL B 3 -100.18 -9.64 79.31
N GLN B 4 -100.13 -8.31 79.34
CA GLN B 4 -101.12 -7.49 80.03
C GLN B 4 -102.02 -6.83 79.01
N VAL B 5 -103.32 -6.87 79.26
CA VAL B 5 -104.32 -6.34 78.33
C VAL B 5 -104.99 -5.14 79.00
N GLU B 6 -105.04 -4.02 78.28
CA GLU B 6 -105.67 -2.80 78.77
C GLU B 6 -106.67 -2.32 77.72
N THR B 7 -107.94 -2.28 78.09
CA THR B 7 -108.96 -1.89 77.13
C THR B 7 -108.75 -0.44 76.67
N ILE B 8 -109.00 -0.19 75.39
CA ILE B 8 -109.02 1.15 74.84
C ILE B 8 -110.43 1.57 74.45
N SER B 9 -111.15 0.70 73.75
CA SER B 9 -112.55 0.90 73.44
C SER B 9 -113.27 -0.39 73.77
N PRO B 10 -114.49 -0.32 74.29
CA PRO B 10 -115.19 -1.55 74.65
C PRO B 10 -115.63 -2.35 73.43
N GLY B 11 -115.70 -3.66 73.61
CA GLY B 11 -116.24 -4.55 72.61
C GLY B 11 -117.69 -4.91 72.91
N ASP B 12 -118.16 -5.98 72.26
CA ASP B 12 -119.49 -6.47 72.56
C ASP B 12 -119.58 -7.00 73.99
N GLY B 13 -118.53 -7.66 74.45
CA GLY B 13 -118.45 -8.15 75.81
C GLY B 13 -118.74 -9.63 76.00
N ARG B 14 -119.27 -10.31 74.98
CA ARG B 14 -119.66 -11.70 75.10
C ARG B 14 -118.92 -12.61 74.13
N THR B 15 -118.73 -12.19 72.89
CA THR B 15 -118.13 -13.03 71.87
C THR B 15 -116.61 -13.01 72.02
N PHE B 16 -116.03 -14.10 72.51
CA PHE B 16 -114.60 -14.23 72.62
C PHE B 16 -114.09 -15.28 71.64
N PRO B 17 -112.87 -15.15 71.13
CA PRO B 17 -112.31 -16.20 70.28
C PRO B 17 -112.14 -17.51 71.04
N LYS B 18 -112.40 -18.62 70.35
CA LYS B 18 -112.16 -19.95 70.87
C LYS B 18 -111.18 -20.68 69.96
N ARG B 19 -110.54 -21.71 70.50
CA ARG B 19 -109.49 -22.41 69.76
C ARG B 19 -110.02 -22.90 68.42
N GLY B 20 -109.21 -22.70 67.39
CA GLY B 20 -109.55 -23.09 66.04
C GLY B 20 -110.26 -22.04 65.21
N GLN B 21 -110.55 -20.89 65.79
CA GLN B 21 -111.22 -19.81 65.07
C GLN B 21 -110.18 -18.88 64.44
N THR B 22 -110.61 -18.20 63.37
CA THR B 22 -109.74 -17.30 62.63
C THR B 22 -110.06 -15.87 63.05
N CYS B 23 -109.17 -15.27 63.84
CA CYS B 23 -109.33 -13.91 64.31
C CYS B 23 -108.82 -12.95 63.25
N VAL B 24 -109.60 -11.91 62.96
CA VAL B 24 -109.23 -10.85 62.04
C VAL B 24 -108.99 -9.59 62.86
N VAL B 25 -107.80 -9.02 62.75
CA VAL B 25 -107.41 -7.92 63.60
C VAL B 25 -106.75 -6.81 62.79
N HIS B 26 -106.73 -5.62 63.36
CA HIS B 26 -105.94 -4.50 62.88
C HIS B 26 -105.05 -4.04 64.03
N TYR B 27 -103.75 -3.99 63.81
CA TYR B 27 -102.82 -3.77 64.90
C TYR B 27 -101.74 -2.77 64.51
N THR B 28 -101.13 -2.17 65.52
CA THR B 28 -99.92 -1.37 65.36
C THR B 28 -98.96 -1.78 66.46
N GLY B 29 -97.74 -2.16 66.09
CA GLY B 29 -96.76 -2.65 67.04
C GLY B 29 -95.69 -1.59 67.30
N MET B 30 -95.29 -1.48 68.56
CA MET B 30 -94.25 -0.56 68.98
C MET B 30 -93.33 -1.25 69.97
N LEU B 31 -92.08 -0.79 70.02
CA LEU B 31 -91.20 -1.20 71.09
C LEU B 31 -91.50 -0.40 72.36
N GLU B 32 -91.03 -0.91 73.49
CA GLU B 32 -91.38 -0.29 74.77
C GLU B 32 -91.02 1.18 74.80
N ASP B 33 -89.97 1.58 74.09
CA ASP B 33 -89.55 2.98 74.08
C ASP B 33 -90.41 3.83 73.14
N GLY B 34 -91.39 3.25 72.46
CA GLY B 34 -92.29 3.99 71.61
C GLY B 34 -91.96 4.02 70.14
N LYS B 35 -91.05 3.16 69.67
CA LYS B 35 -90.68 3.12 68.27
C LYS B 35 -91.58 2.12 67.54
N LYS B 36 -92.26 2.61 66.50
CA LYS B 36 -93.12 1.75 65.70
C LYS B 36 -92.26 0.85 64.82
N PHE B 37 -92.66 -0.43 64.74
CA PHE B 37 -91.99 -1.37 63.86
C PHE B 37 -92.92 -2.14 62.95
N ASP B 38 -94.23 -2.15 63.21
CA ASP B 38 -95.17 -2.86 62.38
C ASP B 38 -96.55 -2.25 62.50
N SER B 39 -97.35 -2.39 61.44
CA SER B 39 -98.74 -1.95 61.47
C SER B 39 -99.49 -2.51 60.28
N SER B 40 -100.61 -3.20 60.53
CA SER B 40 -101.41 -3.71 59.44
C SER B 40 -102.14 -2.60 58.71
N ARG B 41 -102.38 -1.48 59.38
CA ARG B 41 -103.08 -0.37 58.73
C ARG B 41 -102.21 0.31 57.68
N ASP B 42 -100.89 0.23 57.82
CA ASP B 42 -100.02 0.75 56.76
C ASP B 42 -100.19 -0.04 55.48
N ARG B 43 -100.41 -1.35 55.57
CA ARG B 43 -100.68 -2.18 54.42
C ARG B 43 -102.15 -2.20 54.05
N ASN B 44 -103.01 -1.63 54.88
CA ASN B 44 -104.42 -1.44 54.55
C ASN B 44 -105.12 -2.77 54.38
N LYS B 45 -104.67 -3.78 55.11
CA LYS B 45 -105.21 -5.12 55.00
C LYS B 45 -105.26 -5.78 56.36
N PRO B 46 -106.43 -6.16 56.86
CA PRO B 46 -106.49 -6.80 58.19
C PRO B 46 -105.68 -8.08 58.22
N PHE B 47 -105.08 -8.35 59.37
CA PHE B 47 -104.28 -9.55 59.57
C PHE B 47 -105.14 -10.65 60.16
N LYS B 48 -105.09 -11.82 59.54
CA LYS B 48 -105.90 -12.97 59.93
C LYS B 48 -104.98 -14.06 60.49
N PHE B 49 -105.39 -14.66 61.60
CA PHE B 49 -104.62 -15.76 62.15
C PHE B 49 -105.54 -16.69 62.92
N THR B 50 -105.24 -17.98 62.84
CA THR B 50 -106.05 -19.00 63.50
C THR B 50 -105.52 -19.23 64.92
N LEU B 51 -106.43 -19.20 65.89
CA LEU B 51 -106.06 -19.35 67.28
C LEU B 51 -105.75 -20.81 67.58
N GLY B 52 -104.61 -21.06 68.22
CA GLY B 52 -104.23 -22.39 68.61
C GLY B 52 -103.28 -23.11 67.68
N LYS B 53 -102.92 -22.50 66.55
CA LYS B 53 -102.01 -23.11 65.59
C LYS B 53 -100.59 -22.60 65.73
N GLN B 54 -100.28 -21.85 66.79
CA GLN B 54 -98.93 -21.36 67.06
C GLN B 54 -98.38 -20.58 65.87
N GLU B 55 -99.23 -19.80 65.22
CA GLU B 55 -98.80 -18.96 64.12
C GLU B 55 -98.17 -17.65 64.58
N VAL B 56 -98.68 -17.08 65.67
CA VAL B 56 -98.21 -15.79 66.17
C VAL B 56 -97.50 -15.99 67.50
N ILE B 57 -96.92 -14.92 68.02
CA ILE B 57 -96.19 -15.02 69.27
C ILE B 57 -97.15 -15.37 70.41
N ARG B 58 -96.59 -15.88 71.51
CA ARG B 58 -97.39 -16.35 72.64
C ARG B 58 -98.18 -15.21 73.25
N GLY B 59 -97.56 -14.03 73.37
CA GLY B 59 -98.26 -12.89 73.91
C GLY B 59 -99.50 -12.57 73.11
N TRP B 60 -99.39 -12.60 71.79
CA TRP B 60 -100.57 -12.38 70.95
C TRP B 60 -101.60 -13.49 71.17
N GLU B 61 -101.14 -14.74 71.18
CA GLU B 61 -102.06 -15.86 71.32
C GLU B 61 -102.92 -15.69 72.56
N GLU B 62 -102.32 -15.25 73.67
CA GLU B 62 -103.07 -15.10 74.90
C GLU B 62 -103.90 -13.81 74.91
N GLY B 63 -103.27 -12.70 74.53
CA GLY B 63 -103.96 -11.42 74.62
C GLY B 63 -105.18 -11.34 73.75
N VAL B 64 -105.05 -11.74 72.48
CA VAL B 64 -106.20 -11.66 71.58
C VAL B 64 -107.31 -12.59 72.05
N ALA B 65 -106.95 -13.75 72.60
CA ALA B 65 -107.97 -14.62 73.18
C ALA B 65 -108.66 -13.96 74.35
N GLN B 66 -107.97 -13.10 75.07
CA GLN B 66 -108.56 -12.38 76.20
C GLN B 66 -109.48 -11.24 75.77
N MET B 67 -109.66 -11.01 74.47
CA MET B 67 -110.43 -9.89 73.96
C MET B 67 -111.77 -10.35 73.41
N SER B 68 -112.67 -9.41 73.22
CA SER B 68 -114.00 -9.65 72.66
C SER B 68 -114.12 -8.97 71.30
N VAL B 69 -115.11 -9.42 70.53
CA VAL B 69 -115.26 -8.93 69.16
C VAL B 69 -115.62 -7.46 69.19
N GLY B 70 -114.96 -6.69 68.33
CA GLY B 70 -115.15 -5.26 68.26
C GLY B 70 -114.33 -4.48 69.27
N GLN B 71 -113.58 -5.18 70.12
CA GLN B 71 -112.81 -4.51 71.16
C GLN B 71 -111.46 -4.06 70.65
N ARG B 72 -110.99 -2.94 71.17
CA ARG B 72 -109.65 -2.43 70.93
C ARG B 72 -108.91 -2.46 72.26
N ALA B 73 -107.66 -2.90 72.26
CA ALA B 73 -106.91 -3.04 73.49
C ALA B 73 -105.42 -2.87 73.23
N LYS B 74 -104.72 -2.47 74.28
CA LYS B 74 -103.27 -2.40 74.29
C LYS B 74 -102.73 -3.66 74.96
N LEU B 75 -101.82 -4.35 74.29
CA LEU B 75 -101.17 -5.54 74.81
C LEU B 75 -99.71 -5.19 75.11
N ILE B 76 -99.29 -5.42 76.34
CA ILE B 76 -97.91 -5.27 76.73
C ILE B 76 -97.35 -6.67 76.94
N ILE B 77 -96.37 -7.05 76.13
CA ILE B 77 -95.84 -8.41 76.09
C ILE B 77 -94.37 -8.38 76.45
N SER B 78 -93.97 -9.24 77.38
CA SER B 78 -92.58 -9.34 77.78
C SER B 78 -91.78 -10.12 76.75
N SER B 79 -90.45 -10.02 76.86
CA SER B 79 -89.57 -10.63 75.86
C SER B 79 -89.78 -12.12 75.76
N ASP B 80 -89.88 -12.82 76.90
CA ASP B 80 -90.00 -14.27 76.87
C ASP B 80 -91.28 -14.70 76.16
N TYR B 81 -92.30 -13.85 76.17
CA TYR B 81 -93.53 -14.14 75.45
C TYR B 81 -93.49 -13.67 74.00
N ALA B 82 -92.66 -12.68 73.68
CA ALA B 82 -92.65 -12.16 72.32
C ALA B 82 -91.59 -12.82 71.46
N TYR B 83 -90.31 -12.59 71.77
CA TYR B 83 -89.22 -13.13 70.95
C TYR B 83 -88.04 -13.61 71.77
N GLY B 84 -87.97 -13.28 73.05
CA GLY B 84 -86.90 -13.79 73.88
C GLY B 84 -85.56 -13.16 73.53
N ALA B 85 -84.49 -13.95 73.71
CA ALA B 85 -83.14 -13.42 73.52
C ALA B 85 -82.82 -13.21 72.05
N THR B 86 -83.26 -14.11 71.17
CA THR B 86 -82.88 -14.02 69.77
C THR B 86 -83.41 -12.73 69.15
N GLY B 87 -84.65 -12.38 69.46
CA GLY B 87 -85.28 -11.26 68.82
C GLY B 87 -85.66 -11.58 67.38
N HIS B 88 -85.93 -10.52 66.63
CA HIS B 88 -86.21 -10.63 65.21
C HIS B 88 -85.10 -9.92 64.45
N PRO B 89 -84.12 -10.63 63.89
CA PRO B 89 -82.93 -9.96 63.34
C PRO B 89 -83.23 -8.83 62.39
N GLY B 90 -82.78 -7.62 62.74
CA GLY B 90 -82.97 -6.45 61.93
C GLY B 90 -84.23 -5.66 62.21
N ILE B 91 -85.16 -6.22 62.99
CA ILE B 91 -86.43 -5.58 63.28
C ILE B 91 -86.58 -5.28 64.77
N ILE B 92 -86.45 -6.30 65.61
CA ILE B 92 -86.68 -6.19 67.05
C ILE B 92 -85.38 -6.53 67.76
N PRO B 93 -84.89 -5.69 68.66
CA PRO B 93 -83.63 -6.00 69.36
C PRO B 93 -83.80 -7.18 70.31
N PRO B 94 -82.70 -7.76 70.77
CA PRO B 94 -82.81 -8.83 71.77
C PRO B 94 -83.45 -8.33 73.06
N HIS B 95 -84.22 -9.21 73.68
CA HIS B 95 -84.84 -8.95 74.98
C HIS B 95 -85.60 -7.62 74.95
N ALA B 96 -86.64 -7.59 74.12
CA ALA B 96 -87.45 -6.40 73.91
C ALA B 96 -88.88 -6.66 74.30
N THR B 97 -89.47 -5.71 75.03
CA THR B 97 -90.88 -5.76 75.40
C THR B 97 -91.69 -5.03 74.33
N LEU B 98 -92.76 -5.66 73.86
CA LEU B 98 -93.52 -5.16 72.73
C LEU B 98 -94.87 -4.64 73.20
N VAL B 99 -95.23 -3.44 72.74
CA VAL B 99 -96.54 -2.86 72.99
C VAL B 99 -97.31 -2.84 71.68
N PHE B 100 -98.50 -3.43 71.70
CA PHE B 100 -99.34 -3.54 70.52
C PHE B 100 -100.66 -2.84 70.77
N ASP B 101 -101.23 -2.26 69.73
CA ASP B 101 -102.54 -1.63 69.77
C ASP B 101 -103.44 -2.43 68.83
N VAL B 102 -104.12 -3.43 69.36
CA VAL B 102 -104.87 -4.40 68.57
C VAL B 102 -106.35 -4.04 68.59
N GLU B 103 -107.03 -4.37 67.50
CA GLU B 103 -108.47 -4.23 67.40
C GLU B 103 -109.01 -5.49 66.74
N LEU B 104 -109.93 -6.16 67.41
CA LEU B 104 -110.50 -7.41 66.92
C LEU B 104 -111.71 -7.08 66.05
N LEU B 105 -111.52 -7.03 64.73
CA LEU B 105 -112.59 -6.58 63.85
C LEU B 105 -113.73 -7.58 63.78
N LYS B 106 -113.41 -8.85 63.59
CA LYS B 106 -114.43 -9.87 63.39
C LYS B 106 -113.82 -11.23 63.68
N LEU B 107 -114.69 -12.23 63.78
CA LEU B 107 -114.29 -13.61 64.03
C LEU B 107 -114.79 -14.49 62.91
N GLU B 108 -113.94 -15.37 62.41
CA GLU B 108 -114.32 -16.25 61.32
C GLU B 108 -113.47 -17.53 61.33
N GLY C 2 8.53 -124.77 7.69
CA GLY C 2 8.18 -125.93 6.90
C GLY C 2 6.85 -125.78 6.20
N VAL C 3 6.55 -126.69 5.28
CA VAL C 3 5.32 -126.66 4.52
C VAL C 3 4.58 -127.97 4.76
N GLN C 4 3.29 -127.87 5.06
CA GLN C 4 2.44 -129.04 5.23
C GLN C 4 1.51 -129.14 4.02
N VAL C 5 1.39 -130.34 3.47
CA VAL C 5 0.60 -130.58 2.27
C VAL C 5 -0.59 -131.46 2.65
N GLU C 6 -1.78 -131.03 2.27
CA GLU C 6 -3.02 -131.77 2.54
C GLU C 6 -3.78 -131.93 1.23
N THR C 7 -3.96 -133.18 0.81
CA THR C 7 -4.63 -133.42 -0.46
C THR C 7 -6.07 -132.92 -0.41
N ILE C 8 -6.53 -132.37 -1.54
CA ILE C 8 -7.91 -131.99 -1.73
C ILE C 8 -8.59 -132.89 -2.76
N SER C 9 -7.95 -133.10 -3.90
CA SER C 9 -8.39 -134.03 -4.90
C SER C 9 -7.19 -134.88 -5.30
N PRO C 10 -7.38 -136.16 -5.56
CA PRO C 10 -6.24 -137.01 -5.91
C PRO C 10 -5.68 -136.69 -7.29
N GLY C 11 -4.38 -136.90 -7.44
CA GLY C 11 -3.73 -136.81 -8.72
C GLY C 11 -3.56 -138.16 -9.37
N ASP C 12 -2.66 -138.21 -10.37
CA ASP C 12 -2.34 -139.50 -10.99
C ASP C 12 -1.66 -140.42 -9.99
N GLY C 13 -0.77 -139.88 -9.16
CA GLY C 13 -0.12 -140.64 -8.11
C GLY C 13 1.31 -141.04 -8.42
N ARG C 14 1.76 -140.91 -9.67
CA ARG C 14 3.09 -141.37 -10.06
C ARG C 14 3.97 -140.24 -10.59
N THR C 15 3.41 -139.34 -11.39
CA THR C 15 4.21 -138.30 -12.02
C THR C 15 4.44 -137.15 -11.05
N PHE C 16 5.66 -137.02 -10.54
CA PHE C 16 6.02 -135.92 -9.66
C PHE C 16 7.00 -134.99 -10.36
N PRO C 17 6.99 -133.70 -10.05
CA PRO C 17 7.99 -132.81 -10.63
C PRO C 17 9.39 -133.18 -10.18
N LYS C 18 10.35 -133.04 -11.09
CA LYS C 18 11.76 -133.22 -10.80
C LYS C 18 12.50 -131.92 -11.12
N ARG C 19 13.67 -131.76 -10.52
CA ARG C 19 14.43 -130.52 -10.65
C ARG C 19 14.65 -130.18 -12.11
N GLY C 20 14.44 -128.91 -12.45
CA GLY C 20 14.60 -128.43 -13.80
C GLY C 20 13.35 -128.46 -14.65
N GLN C 21 12.24 -128.98 -14.14
CA GLN C 21 11.00 -129.05 -14.88
C GLN C 21 10.16 -127.80 -14.62
N THR C 22 9.30 -127.48 -15.57
CA THR C 22 8.44 -126.31 -15.51
C THR C 22 7.06 -126.73 -15.07
N CYS C 23 6.71 -126.45 -13.81
CA CYS C 23 5.41 -126.79 -13.27
C CYS C 23 4.41 -125.71 -13.64
N VAL C 24 3.24 -126.13 -14.11
CA VAL C 24 2.13 -125.23 -14.43
C VAL C 24 1.04 -125.46 -13.40
N VAL C 25 0.64 -124.40 -12.70
CA VAL C 25 -0.27 -124.53 -11.57
C VAL C 25 -1.35 -123.47 -11.64
N HIS C 26 -2.44 -123.75 -10.94
CA HIS C 26 -3.48 -122.76 -10.66
C HIS C 26 -3.65 -122.70 -9.15
N TYR C 27 -3.53 -121.51 -8.57
CA TYR C 27 -3.46 -121.39 -7.12
C TYR C 27 -4.33 -120.23 -6.64
N THR C 28 -4.67 -120.29 -5.36
CA THR C 28 -5.29 -119.19 -4.65
C THR C 28 -4.61 -119.08 -3.30
N GLY C 29 -4.10 -117.89 -2.97
CA GLY C 29 -3.35 -117.66 -1.75
C GLY C 29 -4.18 -116.91 -0.73
N MET C 30 -4.07 -117.33 0.53
CA MET C 30 -4.76 -116.68 1.63
C MET C 30 -3.82 -116.56 2.82
N LEU C 31 -4.07 -115.57 3.65
CA LEU C 31 -3.39 -115.50 4.94
C LEU C 31 -4.07 -116.43 5.93
N GLU C 32 -3.35 -116.75 7.01
CA GLU C 32 -3.85 -117.73 7.96
C GLU C 32 -5.24 -117.38 8.46
N ASP C 33 -5.55 -116.09 8.60
CA ASP C 33 -6.86 -115.67 9.09
C ASP C 33 -7.93 -115.79 8.02
N GLY C 34 -7.58 -116.19 6.81
CA GLY C 34 -8.55 -116.41 5.75
C GLY C 34 -8.71 -115.30 4.76
N LYS C 35 -7.81 -114.32 4.73
CA LYS C 35 -7.89 -113.20 3.80
C LYS C 35 -7.17 -113.55 2.51
N LYS C 36 -7.89 -113.48 1.40
CA LYS C 36 -7.28 -113.74 0.10
C LYS C 36 -6.38 -112.58 -0.30
N PHE C 37 -5.20 -112.91 -0.84
CA PHE C 37 -4.29 -111.90 -1.34
C PHE C 37 -3.79 -112.16 -2.75
N ASP C 38 -3.95 -113.37 -3.28
CA ASP C 38 -3.50 -113.66 -4.63
C ASP C 38 -4.30 -114.84 -5.18
N SER C 39 -4.42 -114.87 -6.51
CA SER C 39 -5.06 -115.99 -7.19
C SER C 39 -4.77 -115.93 -8.69
N SER C 40 -4.25 -117.01 -9.25
CA SER C 40 -4.00 -117.05 -10.68
C SER C 40 -5.31 -117.16 -11.46
N ARG C 41 -6.35 -117.71 -10.85
CA ARG C 41 -7.63 -117.84 -11.54
C ARG C 41 -8.30 -116.50 -11.76
N ASP C 42 -8.00 -115.50 -10.92
CA ASP C 42 -8.52 -114.16 -11.17
C ASP C 42 -7.95 -113.58 -12.45
N ARG C 43 -6.67 -113.85 -12.74
CA ARG C 43 -6.06 -113.43 -13.98
C ARG C 43 -6.31 -114.40 -15.12
N ASN C 44 -6.88 -115.57 -14.82
CA ASN C 44 -7.33 -116.50 -15.86
C ASN C 44 -6.16 -117.04 -16.65
N LYS C 45 -5.01 -117.14 -16.01
CA LYS C 45 -3.79 -117.60 -16.67
C LYS C 45 -2.98 -118.47 -15.73
N PRO C 46 -2.72 -119.74 -16.07
CA PRO C 46 -1.92 -120.58 -15.18
C PRO C 46 -0.54 -120.00 -14.93
N PHE C 47 -0.03 -120.21 -13.73
CA PHE C 47 1.28 -119.72 -13.35
C PHE C 47 2.32 -120.82 -13.58
N LYS C 48 3.39 -120.47 -14.28
CA LYS C 48 4.44 -121.40 -14.63
C LYS C 48 5.72 -121.04 -13.89
N PHE C 49 6.40 -122.05 -13.35
CA PHE C 49 7.66 -121.80 -12.69
C PHE C 49 8.54 -123.05 -12.78
N THR C 50 9.84 -122.83 -12.92
CA THR C 50 10.80 -123.90 -13.04
C THR C 50 11.28 -124.32 -11.67
N LEU C 51 11.24 -125.62 -11.39
CA LEU C 51 11.63 -126.14 -10.09
C LEU C 51 13.15 -126.14 -9.97
N GLY C 52 13.65 -125.61 -8.87
CA GLY C 52 15.07 -125.60 -8.59
C GLY C 52 15.78 -124.31 -8.92
N LYS C 53 15.09 -123.31 -9.47
CA LYS C 53 15.72 -122.05 -9.84
C LYS C 53 15.44 -120.94 -8.83
N GLN C 54 14.89 -121.28 -7.66
CA GLN C 54 14.63 -120.31 -6.61
C GLN C 54 13.82 -119.12 -7.11
N GLU C 55 12.84 -119.42 -7.98
CA GLU C 55 11.93 -118.39 -8.45
C GLU C 55 10.81 -118.10 -7.47
N VAL C 56 10.32 -119.13 -6.77
CA VAL C 56 9.19 -118.98 -5.85
C VAL C 56 9.68 -119.19 -4.43
N ILE C 57 8.79 -118.96 -3.47
CA ILE C 57 9.16 -119.12 -2.07
C ILE C 57 9.50 -120.58 -1.77
N ARG C 58 10.23 -120.78 -0.67
CA ARG C 58 10.71 -122.11 -0.31
C ARG C 58 9.55 -123.06 -0.05
N GLY C 59 8.52 -122.57 0.64
CA GLY C 59 7.36 -123.40 0.89
C GLY C 59 6.75 -123.92 -0.39
N TRP C 60 6.63 -123.06 -1.40
CA TRP C 60 6.13 -123.51 -2.69
C TRP C 60 7.07 -124.53 -3.32
N GLU C 61 8.36 -124.22 -3.29
CA GLU C 61 9.34 -125.11 -3.92
C GLU C 61 9.22 -126.52 -3.38
N GLU C 62 9.02 -126.65 -2.07
CA GLU C 62 8.92 -127.99 -1.48
C GLU C 62 7.53 -128.59 -1.69
N GLY C 63 6.49 -127.81 -1.42
CA GLY C 63 5.14 -128.36 -1.48
C GLY C 63 4.76 -128.83 -2.87
N VAL C 64 5.02 -128.01 -3.88
CA VAL C 64 4.64 -128.40 -5.23
C VAL C 64 5.44 -129.62 -5.67
N ALA C 65 6.70 -129.71 -5.26
CA ALA C 65 7.48 -130.91 -5.54
C ALA C 65 6.88 -132.13 -4.88
N GLN C 66 6.23 -131.94 -3.73
CA GLN C 66 5.59 -133.04 -3.02
C GLN C 66 4.28 -133.49 -3.67
N MET C 67 3.85 -132.87 -4.76
CA MET C 67 2.57 -133.15 -5.39
C MET C 67 2.75 -133.92 -6.67
N SER C 68 1.66 -134.49 -7.15
CA SER C 68 1.62 -135.25 -8.39
C SER C 68 0.76 -134.53 -9.42
N VAL C 69 0.95 -134.90 -10.69
CA VAL C 69 0.27 -134.20 -11.77
C VAL C 69 -1.23 -134.43 -11.68
N GLY C 70 -2.00 -133.36 -11.84
CA GLY C 70 -3.43 -133.41 -11.72
C GLY C 70 -3.93 -133.29 -10.29
N GLN C 71 -3.03 -133.21 -9.32
CA GLN C 71 -3.42 -133.18 -7.92
C GLN C 71 -3.73 -131.75 -7.48
N ARG C 72 -4.69 -131.63 -6.58
CA ARG C 72 -5.02 -130.39 -5.91
C ARG C 72 -4.71 -130.57 -4.44
N ALA C 73 -4.08 -129.57 -3.82
CA ALA C 73 -3.67 -129.69 -2.43
C ALA C 73 -3.64 -128.33 -1.76
N LYS C 74 -3.79 -128.36 -0.44
CA LYS C 74 -3.63 -127.19 0.40
C LYS C 74 -2.23 -127.20 1.00
N LEU C 75 -1.51 -126.09 0.84
CA LEU C 75 -0.17 -125.93 1.39
C LEU C 75 -0.25 -124.91 2.52
N ILE C 76 0.20 -125.31 3.70
CA ILE C 76 0.32 -124.41 4.84
C ILE C 76 1.80 -124.15 5.04
N ILE C 77 2.22 -122.89 4.89
CA ILE C 77 3.63 -122.51 4.88
C ILE C 77 3.86 -121.53 6.01
N SER C 78 4.89 -121.78 6.81
CA SER C 78 5.25 -120.90 7.91
C SER C 78 6.00 -119.68 7.38
N SER C 79 6.12 -118.67 8.24
CA SER C 79 6.71 -117.41 7.82
C SER C 79 8.14 -117.59 7.33
N ASP C 80 8.95 -118.36 8.05
CA ASP C 80 10.35 -118.52 7.67
C ASP C 80 10.49 -119.15 6.30
N TYR C 81 9.51 -119.95 5.89
CA TYR C 81 9.50 -120.54 4.56
C TYR C 81 8.86 -119.62 3.52
N ALA C 82 7.97 -118.73 3.92
CA ALA C 82 7.28 -117.90 2.95
C ALA C 82 7.98 -116.56 2.72
N TYR C 83 7.99 -115.71 3.74
CA TYR C 83 8.57 -114.37 3.60
C TYR C 83 9.33 -113.91 4.84
N GLY C 84 9.19 -114.59 5.96
CA GLY C 84 9.97 -114.23 7.13
C GLY C 84 9.51 -112.91 7.73
N ALA C 85 10.45 -112.20 8.34
CA ALA C 85 10.13 -110.97 9.05
C ALA C 85 9.76 -109.84 8.10
N THR C 86 10.46 -109.73 6.97
CA THR C 86 10.25 -108.59 6.08
C THR C 86 8.82 -108.60 5.54
N GLY C 87 8.33 -109.76 5.13
CA GLY C 87 7.06 -109.84 4.47
C GLY C 87 7.13 -109.30 3.06
N HIS C 88 5.96 -109.05 2.50
CA HIS C 88 5.85 -108.41 1.19
C HIS C 88 5.21 -107.04 1.38
N PRO C 89 5.99 -105.95 1.35
CA PRO C 89 5.44 -104.64 1.71
C PRO C 89 4.15 -104.30 0.99
N GLY C 90 3.08 -104.08 1.76
CA GLY C 90 1.80 -103.70 1.23
C GLY C 90 0.88 -104.87 0.90
N ILE C 91 1.39 -106.09 0.88
CA ILE C 91 0.60 -107.27 0.51
C ILE C 91 0.49 -108.23 1.68
N ILE C 92 1.61 -108.68 2.23
CA ILE C 92 1.66 -109.69 3.27
C ILE C 92 2.28 -109.07 4.51
N PRO C 93 1.65 -109.17 5.68
CA PRO C 93 2.23 -108.58 6.89
C PRO C 93 3.48 -109.32 7.31
N PRO C 94 4.29 -108.73 8.20
CA PRO C 94 5.44 -109.44 8.74
C PRO C 94 5.04 -110.69 9.50
N HIS C 95 5.86 -111.73 9.39
CA HIS C 95 5.67 -112.97 10.13
C HIS C 95 4.26 -113.52 9.93
N ALA C 96 3.96 -113.87 8.68
CA ALA C 96 2.64 -114.34 8.29
C ALA C 96 2.73 -115.75 7.74
N THR C 97 1.81 -116.61 8.17
CA THR C 97 1.69 -117.96 7.65
C THR C 97 0.71 -117.95 6.48
N LEU C 98 1.11 -118.57 5.38
CA LEU C 98 0.36 -118.51 4.13
C LEU C 98 -0.31 -119.85 3.85
N VAL C 99 -1.59 -119.81 3.51
CA VAL C 99 -2.33 -120.99 3.09
C VAL C 99 -2.64 -120.85 1.61
N PHE C 100 -2.24 -121.85 0.83
CA PHE C 100 -2.41 -121.84 -0.62
C PHE C 100 -3.26 -123.03 -1.03
N ASP C 101 -4.06 -122.85 -2.06
CA ASP C 101 -4.87 -123.91 -2.65
C ASP C 101 -4.34 -124.12 -4.07
N VAL C 102 -3.40 -125.04 -4.22
CA VAL C 102 -2.67 -125.22 -5.47
C VAL C 102 -3.25 -126.42 -6.23
N GLU C 103 -3.17 -126.35 -7.54
CA GLU C 103 -3.54 -127.45 -8.42
C GLU C 103 -2.47 -127.56 -9.50
N LEU C 104 -1.86 -128.74 -9.61
CA LEU C 104 -0.79 -128.97 -10.58
C LEU C 104 -1.42 -129.42 -11.90
N LEU C 105 -1.61 -128.50 -12.83
CA LEU C 105 -2.33 -128.82 -14.05
C LEU C 105 -1.53 -129.75 -14.95
N LYS C 106 -0.25 -129.43 -15.17
CA LYS C 106 0.56 -130.20 -16.10
C LYS C 106 2.02 -129.93 -15.79
N LEU C 107 2.88 -130.74 -16.40
CA LEU C 107 4.33 -130.63 -16.24
C LEU C 107 4.96 -130.42 -17.60
N GLU C 108 5.89 -129.48 -17.68
CA GLU C 108 6.55 -129.19 -18.95
C GLU C 108 7.93 -128.58 -18.71
N GLY D 2 124.54 -3.54 -13.37
CA GLY D 2 125.52 -3.40 -14.42
C GLY D 2 125.07 -4.07 -15.71
N VAL D 3 125.81 -3.81 -16.79
CA VAL D 3 125.49 -4.36 -18.10
C VAL D 3 126.69 -5.16 -18.58
N GLN D 4 126.44 -6.37 -19.05
CA GLN D 4 127.48 -7.22 -19.63
C GLN D 4 127.28 -7.26 -21.14
N VAL D 5 128.36 -7.10 -21.88
CA VAL D 5 128.32 -7.04 -23.34
C VAL D 5 129.04 -8.28 -23.88
N GLU D 6 128.39 -9.00 -24.78
CA GLU D 6 128.95 -10.20 -25.40
C GLU D 6 128.84 -10.06 -26.92
N THR D 7 129.97 -10.00 -27.60
CA THR D 7 129.95 -9.82 -29.04
C THR D 7 129.23 -10.98 -29.72
N ILE D 8 128.48 -10.67 -30.77
CA ILE D 8 127.87 -11.67 -31.64
C ILE D 8 128.51 -11.66 -33.01
N SER D 9 128.68 -10.48 -33.60
CA SER D 9 129.39 -10.29 -34.85
C SER D 9 130.35 -9.13 -34.64
N PRO D 10 131.54 -9.18 -35.22
CA PRO D 10 132.50 -8.10 -35.01
C PRO D 10 132.09 -6.84 -35.74
N GLY D 11 132.48 -5.69 -35.17
CA GLY D 11 132.32 -4.41 -35.80
C GLY D 11 133.59 -3.96 -36.49
N ASP D 12 133.64 -2.65 -36.79
CA ASP D 12 134.86 -2.10 -37.35
C ASP D 12 136.01 -2.16 -36.35
N GLY D 13 135.72 -1.92 -35.08
CA GLY D 13 136.70 -2.03 -34.01
C GLY D 13 137.27 -0.72 -33.53
N ARG D 14 137.05 0.38 -34.25
CA ARG D 14 137.65 1.67 -33.89
C ARG D 14 136.61 2.75 -33.60
N THR D 15 135.53 2.81 -34.38
CA THR D 15 134.55 3.88 -34.23
C THR D 15 133.58 3.53 -33.10
N PHE D 16 133.71 4.23 -31.98
CA PHE D 16 132.81 4.06 -30.85
C PHE D 16 131.96 5.32 -30.67
N PRO D 17 130.73 5.18 -30.19
CA PRO D 17 129.93 6.38 -29.91
C PRO D 17 130.57 7.23 -28.82
N LYS D 18 130.46 8.55 -28.98
CA LYS D 18 130.87 9.51 -27.98
C LYS D 18 129.69 10.36 -27.56
N ARG D 19 129.79 10.96 -26.38
CA ARG D 19 128.67 11.71 -25.82
C ARG D 19 128.18 12.76 -26.80
N GLY D 20 126.86 12.85 -26.94
CA GLY D 20 126.24 13.79 -27.84
C GLY D 20 125.97 13.28 -29.23
N GLN D 21 126.37 12.06 -29.55
CA GLN D 21 126.15 11.48 -30.86
C GLN D 21 124.84 10.71 -30.88
N THR D 22 124.27 10.59 -32.07
CA THR D 22 122.99 9.91 -32.28
C THR D 22 123.27 8.50 -32.81
N CYS D 23 123.10 7.51 -31.94
CA CYS D 23 123.30 6.12 -32.31
C CYS D 23 122.04 5.57 -32.96
N VAL D 24 122.21 4.89 -34.07
CA VAL D 24 121.12 4.22 -34.78
C VAL D 24 121.31 2.72 -34.62
N VAL D 25 120.31 2.04 -34.09
CA VAL D 25 120.45 0.64 -33.72
C VAL D 25 119.23 -0.14 -34.18
N HIS D 26 119.43 -1.46 -34.30
CA HIS D 26 118.34 -2.41 -34.47
C HIS D 26 118.46 -3.43 -33.35
N TYR D 27 117.38 -3.61 -32.59
CA TYR D 27 117.46 -4.41 -31.36
C TYR D 27 116.26 -5.33 -31.24
N THR D 28 116.44 -6.35 -30.42
CA THR D 28 115.35 -7.23 -29.99
C THR D 28 115.53 -7.46 -28.50
N GLY D 29 114.49 -7.18 -27.72
CA GLY D 29 114.53 -7.28 -26.27
C GLY D 29 113.81 -8.51 -25.78
N MET D 30 114.39 -9.18 -24.79
CA MET D 30 113.80 -10.35 -24.17
C MET D 30 113.98 -10.27 -22.67
N LEU D 31 113.08 -10.93 -21.94
CA LEU D 31 113.28 -11.12 -20.52
C LEU D 31 114.23 -12.30 -20.29
N GLU D 32 114.79 -12.36 -19.09
CA GLU D 32 115.81 -13.37 -18.81
C GLU D 32 115.32 -14.77 -19.13
N ASP D 33 114.02 -15.03 -18.93
CA ASP D 33 113.48 -16.36 -19.20
C ASP D 33 113.28 -16.61 -20.70
N GLY D 34 113.57 -15.63 -21.55
CA GLY D 34 113.51 -15.82 -22.99
C GLY D 34 112.24 -15.33 -23.66
N LYS D 35 111.44 -14.52 -22.97
CA LYS D 35 110.20 -14.00 -23.54
C LYS D 35 110.48 -12.67 -24.23
N LYS D 36 110.15 -12.59 -25.51
CA LYS D 36 110.33 -11.35 -26.26
C LYS D 36 109.29 -10.33 -25.84
N PHE D 37 109.72 -9.08 -25.67
CA PHE D 37 108.80 -8.00 -25.35
C PHE D 37 108.94 -6.78 -26.26
N ASP D 38 110.04 -6.66 -27.00
CA ASP D 38 110.22 -5.52 -27.88
C ASP D 38 111.17 -5.91 -29.01
N SER D 39 111.01 -5.24 -30.15
CA SER D 39 111.92 -5.40 -31.27
C SER D 39 111.72 -4.30 -32.30
N SER D 40 112.79 -3.59 -32.65
CA SER D 40 112.66 -2.56 -33.67
C SER D 40 112.47 -3.15 -35.05
N ARG D 41 112.92 -4.39 -35.26
CA ARG D 41 112.77 -5.02 -36.56
C ARG D 41 111.32 -5.37 -36.85
N ASP D 42 110.50 -5.58 -35.82
CA ASP D 42 109.08 -5.79 -36.06
C ASP D 42 108.43 -4.54 -36.65
N ARG D 43 108.84 -3.36 -36.20
CA ARG D 43 108.36 -2.11 -36.76
C ARG D 43 109.14 -1.70 -38.00
N ASN D 44 110.24 -2.38 -38.32
CA ASN D 44 110.94 -2.19 -39.58
C ASN D 44 111.55 -0.79 -39.66
N LYS D 45 111.91 -0.25 -38.51
CA LYS D 45 112.45 1.11 -38.45
C LYS D 45 113.56 1.17 -37.40
N PRO D 46 114.79 1.52 -37.77
CA PRO D 46 115.86 1.60 -36.78
C PRO D 46 115.53 2.60 -35.69
N PHE D 47 115.96 2.30 -34.47
CA PHE D 47 115.74 3.16 -33.33
C PHE D 47 116.93 4.08 -33.14
N LYS D 48 116.66 5.38 -33.02
CA LYS D 48 117.70 6.39 -32.89
C LYS D 48 117.63 7.01 -31.50
N PHE D 49 118.79 7.19 -30.89
CA PHE D 49 118.83 7.83 -29.59
C PHE D 49 120.17 8.54 -29.41
N THR D 50 120.13 9.69 -28.75
CA THR D 50 121.33 10.48 -28.51
C THR D 50 121.99 10.06 -27.22
N LEU D 51 123.29 9.80 -27.28
CA LEU D 51 124.02 9.32 -26.12
C LEU D 51 124.27 10.48 -25.15
N GLY D 52 123.97 10.26 -23.88
CA GLY D 52 124.21 11.24 -22.85
C GLY D 52 123.03 12.09 -22.44
N LYS D 53 121.87 11.90 -23.07
CA LYS D 53 120.68 12.69 -22.75
C LYS D 53 119.69 11.93 -21.90
N GLN D 54 120.08 10.78 -21.36
CA GLN D 54 119.23 10.00 -20.47
C GLN D 54 117.88 9.70 -21.12
N GLU D 55 117.91 9.39 -22.41
CA GLU D 55 116.70 8.98 -23.12
C GLU D 55 116.38 7.51 -22.91
N VAL D 56 117.39 6.66 -22.82
CA VAL D 56 117.20 5.22 -22.70
C VAL D 56 117.66 4.77 -21.32
N ILE D 57 117.43 3.49 -21.02
CA ILE D 57 117.82 2.97 -19.72
C ILE D 57 119.34 3.00 -19.57
N ARG D 58 119.80 2.93 -18.32
CA ARG D 58 121.22 3.05 -18.02
C ARG D 58 122.01 1.91 -18.65
N GLY D 59 121.46 0.69 -18.58
CA GLY D 59 122.13 -0.43 -19.21
C GLY D 59 122.39 -0.20 -20.67
N TRP D 60 121.39 0.33 -21.38
CA TRP D 60 121.58 0.66 -22.79
C TRP D 60 122.64 1.75 -22.95
N GLU D 61 122.53 2.80 -22.15
CA GLU D 61 123.47 3.91 -22.26
C GLU D 61 124.91 3.43 -22.18
N GLU D 62 125.18 2.50 -21.27
CA GLU D 62 126.55 2.00 -21.11
C GLU D 62 126.90 0.97 -22.19
N GLY D 63 126.02 0.00 -22.42
CA GLY D 63 126.34 -1.07 -23.32
C GLY D 63 126.56 -0.59 -24.74
N VAL D 64 125.67 0.24 -25.26
CA VAL D 64 125.82 0.72 -26.63
C VAL D 64 127.07 1.56 -26.76
N ALA D 65 127.40 2.34 -25.73
CA ALA D 65 128.66 3.08 -25.75
C ALA D 65 129.85 2.15 -25.79
N GLN D 66 129.72 0.95 -25.21
CA GLN D 66 130.79 -0.03 -25.22
C GLN D 66 130.95 -0.74 -26.56
N MET D 67 130.13 -0.41 -27.57
CA MET D 67 130.12 -1.10 -28.84
C MET D 67 130.75 -0.23 -29.93
N SER D 68 131.07 -0.87 -31.04
CA SER D 68 131.65 -0.20 -32.20
C SER D 68 130.67 -0.26 -33.37
N VAL D 69 130.91 0.62 -34.35
CA VAL D 69 129.97 0.74 -35.47
C VAL D 69 129.98 -0.55 -36.28
N GLY D 70 128.79 -1.02 -36.64
CA GLY D 70 128.64 -2.26 -37.36
C GLY D 70 128.64 -3.49 -36.49
N GLN D 71 128.83 -3.32 -35.19
CA GLN D 71 128.91 -4.47 -34.28
C GLN D 71 127.53 -4.90 -33.83
N ARG D 72 127.38 -6.21 -33.62
CA ARG D 72 126.20 -6.80 -33.03
C ARG D 72 126.62 -7.42 -31.71
N ALA D 73 125.82 -7.22 -30.66
CA ALA D 73 126.18 -7.71 -29.34
C ALA D 73 124.94 -8.01 -28.52
N LYS D 74 125.12 -8.90 -27.56
CA LYS D 74 124.10 -9.22 -26.57
C LYS D 74 124.41 -8.43 -25.30
N LEU D 75 123.41 -7.70 -24.80
CA LEU D 75 123.53 -6.93 -23.57
C LEU D 75 122.67 -7.61 -22.51
N ILE D 76 123.28 -7.96 -21.39
CA ILE D 76 122.57 -8.49 -20.23
C ILE D 76 122.57 -7.39 -19.18
N ILE D 77 121.37 -6.90 -18.82
CA ILE D 77 121.21 -5.74 -17.96
C ILE D 77 120.44 -6.17 -16.72
N SER D 78 120.95 -5.82 -15.55
CA SER D 78 120.29 -6.12 -14.30
C SER D 78 119.13 -5.14 -14.06
N SER D 79 118.27 -5.51 -13.10
CA SER D 79 117.07 -4.72 -12.86
C SER D 79 117.41 -3.29 -12.48
N ASP D 80 118.38 -3.10 -11.59
CA ASP D 80 118.69 -1.74 -11.13
C ASP D 80 119.15 -0.86 -12.28
N TYR D 81 119.73 -1.45 -13.31
CA TYR D 81 120.12 -0.70 -14.49
C TYR D 81 119.01 -0.57 -15.52
N ALA D 82 118.04 -1.48 -15.52
CA ALA D 82 116.99 -1.42 -16.53
C ALA D 82 115.76 -0.67 -16.05
N TYR D 83 115.06 -1.22 -15.06
CA TYR D 83 113.83 -0.60 -14.59
C TYR D 83 113.65 -0.69 -13.08
N GLY D 84 114.45 -1.50 -12.38
CA GLY D 84 114.36 -1.53 -10.94
C GLY D 84 113.08 -2.19 -10.47
N ALA D 85 112.59 -1.75 -9.31
CA ALA D 85 111.43 -2.37 -8.68
C ALA D 85 110.14 -2.04 -9.43
N THR D 86 110.00 -0.81 -9.90
CA THR D 86 108.74 -0.41 -10.52
C THR D 86 108.46 -1.23 -11.77
N GLY D 87 109.47 -1.45 -12.59
CA GLY D 87 109.27 -2.13 -13.85
C GLY D 87 108.58 -1.21 -14.85
N HIS D 88 108.06 -1.84 -15.90
CA HIS D 88 107.28 -1.14 -16.91
C HIS D 88 105.86 -1.68 -16.87
N PRO D 89 104.91 -0.98 -16.23
CA PRO D 89 103.58 -1.57 -15.99
C PRO D 89 102.95 -2.18 -17.23
N GLY D 90 102.68 -3.48 -17.17
CA GLY D 90 102.04 -4.20 -18.25
C GLY D 90 102.98 -4.81 -19.26
N ILE D 91 104.26 -4.44 -19.23
CA ILE D 91 105.25 -4.91 -20.20
C ILE D 91 106.33 -5.74 -19.51
N ILE D 92 107.01 -5.16 -18.52
CA ILE D 92 108.15 -5.78 -17.86
C ILE D 92 107.79 -5.98 -16.39
N PRO D 93 107.95 -7.18 -15.84
CA PRO D 93 107.62 -7.38 -14.42
C PRO D 93 108.59 -6.65 -13.52
N PRO D 94 108.24 -6.49 -12.24
CA PRO D 94 109.20 -5.91 -11.29
C PRO D 94 110.45 -6.75 -11.16
N HIS D 95 111.58 -6.06 -10.98
CA HIS D 95 112.86 -6.71 -10.73
C HIS D 95 113.16 -7.76 -11.80
N ALA D 96 113.29 -7.29 -13.04
CA ALA D 96 113.50 -8.15 -14.19
C ALA D 96 114.83 -7.82 -14.86
N THR D 97 115.59 -8.86 -15.20
CA THR D 97 116.82 -8.72 -15.95
C THR D 97 116.51 -8.83 -17.44
N LEU D 98 117.04 -7.88 -18.22
CA LEU D 98 116.70 -7.77 -19.63
C LEU D 98 117.88 -8.19 -20.50
N VAL D 99 117.60 -9.03 -21.48
CA VAL D 99 118.59 -9.44 -22.47
C VAL D 99 118.21 -8.82 -23.81
N PHE D 100 119.14 -8.08 -24.40
CA PHE D 100 118.93 -7.38 -25.65
C PHE D 100 119.90 -7.88 -26.69
N ASP D 101 119.47 -7.91 -27.94
CA ASP D 101 120.30 -8.27 -29.07
C ASP D 101 120.41 -7.04 -29.96
N VAL D 102 121.43 -6.22 -29.71
CA VAL D 102 121.56 -4.91 -30.33
C VAL D 102 122.53 -4.99 -31.49
N GLU D 103 122.30 -4.15 -32.50
CA GLU D 103 123.21 -3.99 -33.63
C GLU D 103 123.35 -2.50 -33.90
N LEU D 104 124.58 -2.00 -33.88
CA LEU D 104 124.84 -0.58 -34.09
C LEU D 104 125.02 -0.33 -35.58
N LEU D 105 123.96 0.10 -36.26
CA LEU D 105 124.01 0.22 -37.72
C LEU D 105 124.92 1.35 -38.16
N LYS D 106 124.77 2.52 -37.55
CA LYS D 106 125.53 3.69 -37.98
C LYS D 106 125.53 4.71 -36.85
N LEU D 107 126.37 5.72 -37.01
CA LEU D 107 126.50 6.80 -36.04
C LEU D 107 126.22 8.12 -36.74
N GLU D 108 125.43 8.97 -36.09
CA GLU D 108 125.08 10.26 -36.67
C GLU D 108 124.73 11.26 -35.58
N GLY E 2 20.68 108.46 59.25
CA GLY E 2 20.57 109.88 58.99
C GLY E 2 20.98 110.23 57.57
N VAL E 3 20.70 111.47 57.17
CA VAL E 3 21.02 111.96 55.84
C VAL E 3 21.92 113.17 55.98
N GLN E 4 23.02 113.19 55.23
CA GLN E 4 23.93 114.33 55.19
C GLN E 4 23.74 115.04 53.85
N VAL E 5 23.64 116.37 53.91
CA VAL E 5 23.40 117.19 52.73
C VAL E 5 24.64 118.03 52.47
N GLU E 6 25.12 118.00 51.22
CA GLU E 6 26.31 118.76 50.82
C GLU E 6 25.96 119.55 49.57
N THR E 7 25.98 120.88 49.68
CA THR E 7 25.61 121.71 48.55
C THR E 7 26.56 121.48 47.37
N ILE E 8 26.00 121.50 46.16
CA ILE E 8 26.77 121.47 44.93
C ILE E 8 26.67 122.80 44.19
N SER E 9 25.47 123.32 44.05
CA SER E 9 25.23 124.64 43.49
C SER E 9 24.27 125.35 44.42
N PRO E 10 24.43 126.65 44.63
CA PRO E 10 23.54 127.36 45.55
C PRO E 10 22.14 127.50 44.98
N GLY E 11 21.16 127.55 45.89
CA GLY E 11 19.79 127.85 45.54
C GLY E 11 19.45 129.30 45.80
N ASP E 12 18.14 129.58 45.84
CA ASP E 12 17.71 130.93 46.19
C ASP E 12 18.08 131.27 47.63
N GLY E 13 17.97 130.30 48.53
CA GLY E 13 18.36 130.45 49.92
C GLY E 13 17.23 130.70 50.89
N ARG E 14 16.02 130.99 50.40
CA ARG E 14 14.90 131.33 51.27
C ARG E 14 13.73 130.37 51.12
N THR E 15 13.40 129.95 49.90
CA THR E 15 12.22 129.12 49.68
C THR E 15 12.56 127.67 49.97
N PHE E 16 12.04 127.15 51.08
CA PHE E 16 12.22 125.75 51.43
C PHE E 16 10.88 125.02 51.33
N PRO E 17 10.89 123.73 51.00
CA PRO E 17 9.63 122.97 51.01
C PRO E 17 9.04 122.90 52.40
N LYS E 18 7.71 122.97 52.47
CA LYS E 18 6.96 122.76 53.70
C LYS E 18 6.00 121.60 53.52
N ARG E 19 5.58 121.02 54.64
CA ARG E 19 4.75 119.82 54.61
C ARG E 19 3.52 120.05 53.74
N GLY E 20 3.21 119.06 52.90
CA GLY E 20 2.07 119.12 52.01
C GLY E 20 2.36 119.70 50.64
N GLN E 21 3.57 120.16 50.38
CA GLN E 21 3.93 120.72 49.10
C GLN E 21 4.48 119.64 48.18
N THR E 22 4.37 119.86 46.88
CA THR E 22 4.80 118.91 45.87
C THR E 22 6.15 119.37 45.32
N CYS E 23 7.22 118.69 45.73
CA CYS E 23 8.56 119.01 45.28
C CYS E 23 8.81 118.33 43.93
N VAL E 24 9.37 119.10 43.00
CA VAL E 24 9.76 118.59 41.69
C VAL E 24 11.28 118.59 41.63
N VAL E 25 11.87 117.43 41.36
CA VAL E 25 13.31 117.26 41.45
C VAL E 25 13.83 116.51 40.24
N HIS E 26 15.13 116.68 40.01
CA HIS E 26 15.88 115.86 39.07
C HIS E 26 17.04 115.24 39.83
N TYR E 27 17.16 113.91 39.79
CA TYR E 27 18.10 113.22 40.65
C TYR E 27 18.84 112.14 39.90
N THR E 28 19.98 111.75 40.46
CA THR E 28 20.74 110.59 40.01
C THR E 28 21.18 109.84 41.26
N GLY E 29 20.84 108.56 41.34
CA GLY E 29 21.14 107.74 42.51
C GLY E 29 22.30 106.81 42.24
N MET E 30 23.17 106.67 43.24
CA MET E 30 24.31 105.78 43.16
C MET E 30 24.45 105.04 44.49
N LEU E 31 25.04 103.85 44.42
CA LEU E 31 25.44 103.16 45.64
C LEU E 31 26.76 103.75 46.14
N GLU E 32 27.05 103.51 47.42
CA GLU E 32 28.22 104.13 48.03
C GLU E 32 29.49 103.83 47.26
N ASP E 33 29.57 102.66 46.62
CA ASP E 33 30.76 102.31 45.85
C ASP E 33 30.81 103.02 44.50
N GLY E 34 29.79 103.79 44.15
CA GLY E 34 29.78 104.56 42.94
C GLY E 34 29.02 103.96 41.77
N LYS E 35 28.19 102.95 42.00
CA LYS E 35 27.43 102.31 40.93
C LYS E 35 26.07 103.01 40.81
N LYS E 36 25.78 103.50 39.61
CA LYS E 36 24.50 104.14 39.36
C LYS E 36 23.39 103.08 39.29
N PHE E 37 22.26 103.39 39.92
CA PHE E 37 21.09 102.52 39.86
C PHE E 37 19.81 103.22 39.46
N ASP E 38 19.76 104.55 39.51
CA ASP E 38 18.56 105.27 39.12
C ASP E 38 18.93 106.68 38.69
N SER E 39 18.10 107.25 37.81
CA SER E 39 18.25 108.64 37.41
C SER E 39 17.00 109.12 36.68
N SER E 40 16.42 110.23 37.14
CA SER E 40 15.26 110.77 36.46
C SER E 40 15.64 111.41 35.13
N ARG E 41 16.88 111.85 34.98
CA ARG E 41 17.31 112.45 33.72
C ARG E 41 17.40 111.43 32.60
N ASP E 42 17.61 110.15 32.92
CA ASP E 42 17.56 109.12 31.89
C ASP E 42 16.17 109.01 31.29
N ARG E 43 15.13 109.14 32.11
CA ARG E 43 13.76 109.13 31.63
C ARG E 43 13.31 110.51 31.16
N ASN E 44 14.12 111.55 31.39
CA ASN E 44 13.86 112.87 30.81
C ASN E 44 12.58 113.47 31.37
N LYS E 45 12.24 113.11 32.60
CA LYS E 45 11.02 113.58 33.22
C LYS E 45 11.26 113.86 34.71
N PRO E 46 11.06 115.09 35.17
CA PRO E 46 11.28 115.38 36.59
C PRO E 46 10.38 114.52 37.48
N PHE E 47 10.90 114.15 38.63
CA PHE E 47 10.17 113.34 39.59
C PHE E 47 9.47 114.25 40.60
N LYS E 48 8.19 114.02 40.79
CA LYS E 48 7.37 114.83 41.68
C LYS E 48 6.93 113.99 42.88
N PHE E 49 7.02 114.58 44.06
CA PHE E 49 6.55 113.88 45.25
C PHE E 49 6.09 114.88 46.29
N THR E 50 5.05 114.52 47.03
CA THR E 50 4.48 115.39 48.05
C THR E 50 5.17 115.14 49.38
N LEU E 51 5.62 116.22 50.02
CA LEU E 51 6.34 116.12 51.28
C LEU E 51 5.38 115.81 52.41
N GLY E 52 5.71 114.82 53.21
CA GLY E 52 4.91 114.45 54.37
C GLY E 52 3.96 113.29 54.16
N LYS E 53 3.89 112.72 52.97
CA LYS E 53 2.99 111.61 52.68
C LYS E 53 3.70 110.27 52.66
N GLN E 54 4.94 110.22 53.12
CA GLN E 54 5.70 108.97 53.19
C GLN E 54 5.71 108.23 51.85
N GLU E 55 5.83 109.00 50.77
CA GLU E 55 5.96 108.41 49.44
C GLU E 55 7.38 107.96 49.14
N VAL E 56 8.38 108.70 49.62
CA VAL E 56 9.78 108.39 49.32
C VAL E 56 10.48 107.94 50.60
N ILE E 57 11.72 107.52 50.47
CA ILE E 57 12.47 107.05 51.63
C ILE E 57 12.69 108.20 52.61
N ARG E 58 12.99 107.82 53.86
CA ARG E 58 13.13 108.82 54.93
C ARG E 58 14.28 109.77 54.65
N GLY E 59 15.40 109.22 54.15
CA GLY E 59 16.52 110.08 53.82
C GLY E 59 16.13 111.16 52.83
N TRP E 60 15.37 110.79 51.79
CA TRP E 60 14.89 111.79 50.85
C TRP E 60 13.97 112.78 51.53
N GLU E 61 13.03 112.28 52.33
CA GLU E 61 12.06 113.16 52.98
C GLU E 61 12.77 114.25 53.77
N GLU E 62 13.85 113.90 54.47
CA GLU E 62 14.55 114.88 55.27
C GLU E 62 15.48 115.74 54.41
N GLY E 63 16.26 115.12 53.53
CA GLY E 63 17.25 115.86 52.78
C GLY E 63 16.62 116.90 51.87
N VAL E 64 15.60 116.51 51.11
CA VAL E 64 14.98 117.46 50.19
C VAL E 64 14.33 118.59 50.97
N ALA E 65 13.75 118.30 52.13
CA ALA E 65 13.21 119.35 52.97
C ALA E 65 14.30 120.31 53.43
N GLN E 66 15.53 119.80 53.59
CA GLN E 66 16.66 120.63 53.99
C GLN E 66 17.19 121.51 52.86
N MET E 67 16.61 121.44 51.67
CA MET E 67 17.13 122.15 50.51
C MET E 67 16.23 123.34 50.16
N SER E 68 16.76 124.22 49.33
CA SER E 68 16.04 125.40 48.86
C SER E 68 15.79 125.29 47.37
N VAL E 69 14.84 126.09 46.88
CA VAL E 69 14.44 126.00 45.48
C VAL E 69 15.59 126.42 44.58
N GLY E 70 15.83 125.65 43.53
CA GLY E 70 16.92 125.89 42.62
C GLY E 70 18.24 125.32 43.08
N GLN E 71 18.28 124.71 44.26
CA GLN E 71 19.53 124.20 44.81
C GLN E 71 19.80 122.79 44.30
N ARG E 72 21.09 122.49 44.13
CA ARG E 72 21.56 121.16 43.82
C ARG E 72 22.41 120.70 44.99
N ALA E 73 22.23 119.45 45.41
CA ALA E 73 22.93 118.95 46.58
C ALA E 73 23.15 117.44 46.47
N LYS E 74 24.18 116.98 47.17
CA LYS E 74 24.46 115.57 47.33
C LYS E 74 23.91 115.11 48.67
N LEU E 75 23.10 114.05 48.65
CA LEU E 75 22.53 113.46 49.85
C LEU E 75 23.20 112.11 50.07
N ILE E 76 23.78 111.93 51.25
CA ILE E 76 24.34 110.65 51.67
C ILE E 76 23.41 110.08 52.72
N ILE E 77 22.80 108.93 52.42
CA ILE E 77 21.74 108.35 53.25
C ILE E 77 22.20 106.97 53.72
N SER E 78 22.09 106.73 55.01
CA SER E 78 22.45 105.44 55.59
C SER E 78 21.35 104.42 55.31
N SER E 79 21.70 103.14 55.52
CA SER E 79 20.78 102.07 55.19
C SER E 79 19.48 102.18 55.96
N ASP E 80 19.56 102.45 57.26
CA ASP E 80 18.34 102.50 58.07
C ASP E 80 17.39 103.60 57.58
N TYR E 81 17.93 104.64 56.97
CA TYR E 81 17.09 105.69 56.39
C TYR E 81 16.66 105.38 54.97
N ALA E 82 17.41 104.56 54.24
CA ALA E 82 17.06 104.31 52.84
C ALA E 82 16.20 103.07 52.68
N TYR E 83 16.75 101.89 52.97
CA TYR E 83 16.03 100.65 52.77
C TYR E 83 16.28 99.62 53.86
N GLY E 84 17.28 99.81 54.70
CA GLY E 84 17.50 98.90 55.81
C GLY E 84 18.01 97.55 55.33
N ALA E 85 17.66 96.51 56.08
CA ALA E 85 18.17 95.18 55.80
C ALA E 85 17.57 94.59 54.53
N THR E 86 16.27 94.81 54.30
CA THR E 86 15.62 94.16 53.17
C THR E 86 16.22 94.63 51.85
N GLY E 87 16.48 95.92 51.73
CA GLY E 87 16.93 96.46 50.46
C GLY E 87 15.79 96.52 49.46
N HIS E 88 16.16 96.70 48.20
CA HIS E 88 15.22 96.65 47.10
C HIS E 88 15.56 95.45 46.23
N PRO E 89 14.82 94.34 46.34
CA PRO E 89 15.22 93.11 45.65
C PRO E 89 15.57 93.29 44.18
N GLY E 90 16.81 92.99 43.82
CA GLY E 90 17.28 93.07 42.45
C GLY E 90 17.87 94.40 42.07
N ILE E 91 17.72 95.43 42.88
CA ILE E 91 18.21 96.77 42.58
C ILE E 91 19.27 97.21 43.58
N ILE E 92 18.93 97.20 44.86
CA ILE E 92 19.80 97.72 45.91
C ILE E 92 20.13 96.57 46.85
N PRO E 93 21.41 96.30 47.15
CA PRO E 93 21.75 95.20 48.05
C PRO E 93 21.29 95.49 49.47
N PRO E 94 21.25 94.47 50.33
CA PRO E 94 20.94 94.71 51.74
C PRO E 94 21.98 95.61 52.40
N HIS E 95 21.50 96.46 53.32
CA HIS E 95 22.36 97.32 54.11
C HIS E 95 23.30 98.14 53.22
N ALA E 96 22.69 98.98 52.39
CA ALA E 96 23.41 99.80 51.43
C ALA E 96 23.21 101.27 51.71
N THR E 97 24.30 102.03 51.67
CA THR E 97 24.25 103.48 51.79
C THR E 97 24.11 104.10 50.41
N LEU E 98 23.17 105.03 50.26
CA LEU E 98 22.82 105.58 48.96
C LEU E 98 23.30 107.01 48.86
N VAL E 99 23.97 107.33 47.74
CA VAL E 99 24.38 108.69 47.43
C VAL E 99 23.54 109.20 46.28
N PHE E 100 22.89 110.33 46.47
CA PHE E 100 21.99 110.92 45.48
C PHE E 100 22.50 112.30 45.12
N ASP E 101 22.30 112.68 43.86
CA ASP E 101 22.63 114.01 43.35
C ASP E 101 21.31 114.66 42.95
N VAL E 102 20.70 115.39 43.88
CA VAL E 102 19.35 115.92 43.71
C VAL E 102 19.43 117.38 43.31
N GLU E 103 18.44 117.82 42.55
CA GLU E 103 18.28 119.23 42.20
C GLU E 103 16.80 119.57 42.34
N LEU E 104 16.50 120.57 43.15
CA LEU E 104 15.12 120.97 43.41
C LEU E 104 14.71 122.01 42.36
N LEU E 105 14.03 121.56 41.31
CA LEU E 105 13.74 122.47 40.19
C LEU E 105 12.72 123.52 40.58
N LYS E 106 11.63 123.10 41.21
CA LYS E 106 10.54 124.02 41.52
C LYS E 106 9.69 123.41 42.63
N LEU E 107 8.81 124.23 43.18
CA LEU E 107 7.89 123.82 44.24
C LEU E 107 6.47 124.06 43.78
N GLU E 108 5.60 123.08 44.02
CA GLU E 108 4.21 123.20 43.60
C GLU E 108 3.31 122.32 44.47
N GLU F 11 -19.21 -17.76 7.52
CA GLU F 11 -20.47 -18.01 8.18
C GLU F 11 -20.30 -19.13 9.21
N VAL F 12 -21.15 -19.13 10.24
CA VAL F 12 -21.02 -20.09 11.33
C VAL F 12 -21.07 -21.50 10.74
N GLN F 13 -20.13 -22.34 11.15
CA GLN F 13 -19.99 -23.65 10.52
C GLN F 13 -21.11 -24.58 10.93
N PHE F 14 -21.62 -25.34 9.96
CA PHE F 14 -22.69 -26.30 10.16
C PHE F 14 -22.17 -27.71 9.94
N LEU F 15 -22.80 -28.69 10.59
CA LEU F 15 -22.46 -30.08 10.36
C LEU F 15 -23.27 -30.62 9.18
N ARG F 16 -22.62 -31.43 8.35
CA ARG F 16 -23.26 -32.01 7.19
C ARG F 16 -22.95 -33.49 7.13
N THR F 17 -23.78 -34.23 6.41
CA THR F 17 -23.56 -35.66 6.28
C THR F 17 -22.25 -35.92 5.53
N ASP F 18 -21.65 -37.06 5.83
CA ASP F 18 -20.34 -37.51 5.37
C ASP F 18 -19.21 -36.84 6.15
N ASP F 19 -19.53 -35.94 7.08
CA ASP F 19 -18.51 -35.36 7.95
C ASP F 19 -18.13 -36.35 9.04
N GLU F 20 -17.02 -36.06 9.70
CA GLU F 20 -16.51 -36.89 10.79
C GLU F 20 -16.56 -36.10 12.09
N VAL F 21 -17.11 -36.74 13.13
CA VAL F 21 -17.33 -36.07 14.41
C VAL F 21 -16.91 -37.00 15.54
N VAL F 22 -16.73 -36.40 16.71
CA VAL F 22 -16.57 -37.13 17.96
C VAL F 22 -17.67 -36.69 18.91
N LEU F 23 -18.34 -37.64 19.54
CA LEU F 23 -19.37 -37.33 20.51
C LEU F 23 -18.71 -37.07 21.85
N GLN F 24 -18.84 -35.86 22.37
CA GLN F 24 -18.09 -35.42 23.54
C GLN F 24 -19.02 -34.96 24.64
N CYS F 25 -18.75 -35.42 25.86
CA CYS F 25 -19.45 -34.98 27.06
C CYS F 25 -18.43 -34.52 28.09
N SER F 26 -18.92 -33.88 29.15
CA SER F 26 -18.08 -33.37 30.22
C SER F 26 -18.64 -33.80 31.56
N ALA F 27 -17.75 -34.19 32.46
CA ALA F 27 -18.12 -34.63 33.81
C ALA F 27 -17.24 -33.94 34.83
N THR F 28 -17.82 -33.58 35.98
CA THR F 28 -17.07 -32.97 37.06
C THR F 28 -16.56 -34.06 37.98
N VAL F 29 -15.25 -34.23 38.04
CA VAL F 29 -14.61 -35.24 38.88
C VAL F 29 -13.58 -34.53 39.74
N LEU F 30 -13.64 -34.77 41.05
CA LEU F 30 -12.73 -34.15 42.01
C LEU F 30 -12.63 -32.64 41.78
N LYS F 31 -13.80 -32.01 41.61
CA LYS F 31 -13.88 -30.57 41.42
C LYS F 31 -13.03 -30.13 40.22
N GLU F 32 -13.12 -30.90 39.14
CA GLU F 32 -12.40 -30.56 37.91
C GLU F 32 -13.22 -31.05 36.72
N GLN F 33 -13.38 -30.19 35.72
CA GLN F 33 -14.11 -30.58 34.52
C GLN F 33 -13.23 -31.48 33.66
N LEU F 34 -13.79 -32.60 33.23
CA LEU F 34 -13.07 -33.60 32.45
C LEU F 34 -13.89 -33.93 31.20
N LYS F 35 -13.27 -33.83 30.03
CA LYS F 35 -13.94 -34.10 28.78
C LYS F 35 -13.70 -35.55 28.37
N LEU F 36 -14.74 -36.19 27.86
CA LEU F 36 -14.67 -37.58 27.42
C LEU F 36 -15.35 -37.73 26.07
N CYS F 37 -14.84 -38.66 25.28
CA CYS F 37 -15.37 -38.95 23.96
C CYS F 37 -15.92 -40.37 23.93
N LEU F 38 -17.04 -40.55 23.24
CA LEU F 38 -17.58 -41.87 23.03
C LEU F 38 -16.63 -42.68 22.14
N ALA F 39 -16.34 -43.91 22.55
CA ALA F 39 -15.39 -44.75 21.83
C ALA F 39 -15.87 -46.19 21.85
N ALA F 40 -15.35 -46.98 20.92
CA ALA F 40 -15.68 -48.39 20.84
C ALA F 40 -14.70 -49.07 19.89
N GLU F 41 -14.28 -50.29 20.25
CA GLU F 41 -13.37 -51.01 19.38
C GLU F 41 -14.08 -51.62 18.19
N GLY F 42 -15.29 -52.14 18.40
CA GLY F 42 -16.03 -52.81 17.34
C GLY F 42 -15.70 -54.28 17.24
N PHE F 43 -14.53 -54.62 16.71
CA PHE F 43 -14.12 -56.01 16.64
C PHE F 43 -13.68 -56.49 18.02
N GLY F 44 -14.34 -57.54 18.51
CA GLY F 44 -14.00 -58.14 19.78
C GLY F 44 -14.75 -57.54 20.96
N ASN F 45 -15.32 -56.35 20.79
CA ASN F 45 -16.04 -55.69 21.88
C ASN F 45 -16.95 -54.64 21.27
N ARG F 46 -18.25 -54.90 21.29
CA ARG F 46 -19.22 -53.98 20.72
C ARG F 46 -19.65 -52.90 21.70
N LEU F 47 -19.29 -53.02 22.98
CA LEU F 47 -19.76 -52.08 23.98
C LEU F 47 -18.97 -50.78 23.92
N CYS F 48 -19.68 -49.66 24.00
CA CYS F 48 -19.05 -48.35 23.99
C CYS F 48 -18.51 -48.02 25.38
N PHE F 49 -17.48 -47.17 25.38
CA PHE F 49 -16.91 -46.65 26.62
C PHE F 49 -16.52 -45.20 26.39
N LEU F 50 -15.94 -44.59 27.42
CA LEU F 50 -15.58 -43.18 27.38
C LEU F 50 -14.06 -43.04 27.45
N GLU F 51 -13.49 -42.38 26.46
CA GLU F 51 -12.06 -42.11 26.42
C GLU F 51 -11.83 -40.67 26.85
N PRO F 52 -11.12 -40.41 27.95
CA PRO F 52 -10.88 -39.03 28.34
C PRO F 52 -9.97 -38.32 27.36
N THR F 53 -10.15 -36.99 27.25
CA THR F 53 -9.38 -36.19 26.31
C THR F 53 -8.91 -34.88 26.93
N SER F 54 -9.04 -34.72 28.25
CA SER F 54 -8.62 -33.49 28.90
C SER F 54 -7.13 -33.45 29.18
N ASN F 55 -6.49 -34.62 29.31
CA ASN F 55 -5.06 -34.69 29.61
C ASN F 55 -4.22 -34.94 28.37
N ALA F 56 -4.65 -34.42 27.22
CA ALA F 56 -3.98 -34.72 25.97
C ALA F 56 -2.55 -34.19 25.96
N GLN F 57 -2.23 -33.22 26.81
CA GLN F 57 -0.87 -32.69 26.85
C GLN F 57 0.11 -33.73 27.38
N ASN F 58 -0.31 -34.55 28.34
CA ASN F 58 0.57 -35.52 28.98
C ASN F 58 0.37 -36.94 28.48
N VAL F 59 -0.85 -37.31 28.11
CA VAL F 59 -1.15 -38.67 27.65
C VAL F 59 -2.10 -38.56 26.46
N PRO F 60 -1.64 -38.81 25.24
CA PRO F 60 -2.52 -38.66 24.08
C PRO F 60 -3.70 -39.61 24.18
N PRO F 61 -4.89 -39.18 23.78
CA PRO F 61 -6.03 -40.08 23.77
C PRO F 61 -6.04 -40.97 22.54
N ASP F 62 -6.66 -42.13 22.69
CA ASP F 62 -6.81 -43.10 21.60
C ASP F 62 -7.96 -42.66 20.72
N LEU F 63 -7.70 -41.66 19.88
CA LEU F 63 -8.76 -41.01 19.10
C LEU F 63 -9.18 -41.80 17.87
N ALA F 64 -8.40 -42.80 17.46
CA ALA F 64 -8.73 -43.53 16.24
C ALA F 64 -10.08 -44.20 16.32
N ILE F 65 -10.52 -44.59 17.52
CA ILE F 65 -11.75 -45.34 17.69
C ILE F 65 -12.88 -44.47 18.22
N CYS F 66 -12.66 -43.16 18.33
CA CYS F 66 -13.70 -42.24 18.74
C CYS F 66 -14.36 -41.51 17.58
N CYS F 67 -13.95 -41.80 16.34
CA CYS F 67 -14.42 -41.06 15.19
C CYS F 67 -15.64 -41.75 14.58
N PHE F 68 -16.68 -40.97 14.32
CA PHE F 68 -17.89 -41.45 13.66
C PHE F 68 -18.16 -40.59 12.44
N ILE F 69 -18.79 -41.20 11.43
CA ILE F 69 -19.18 -40.52 10.20
C ILE F 69 -20.69 -40.37 10.22
N LEU F 70 -21.17 -39.17 9.93
CA LEU F 70 -22.60 -38.93 9.78
C LEU F 70 -23.07 -39.48 8.43
N GLU F 71 -23.53 -40.72 8.42
CA GLU F 71 -23.86 -41.37 7.15
C GLU F 71 -25.13 -40.79 6.55
N GLN F 72 -26.16 -40.59 7.37
CA GLN F 72 -27.45 -40.11 6.88
C GLN F 72 -28.13 -39.26 7.94
N SER F 73 -29.06 -38.41 7.49
CA SER F 73 -29.85 -37.56 8.37
C SER F 73 -31.20 -37.30 7.70
N LEU F 74 -32.22 -38.06 8.11
CA LEU F 74 -33.55 -37.90 7.59
C LEU F 74 -34.46 -37.26 8.63
N SER F 75 -35.63 -36.82 8.19
CA SER F 75 -36.69 -36.45 9.12
C SER F 75 -37.34 -37.72 9.65
N VAL F 76 -38.14 -37.57 10.71
CA VAL F 76 -38.72 -38.74 11.37
C VAL F 76 -39.64 -39.49 10.43
N ARG F 77 -40.50 -38.75 9.71
CA ARG F 77 -41.42 -39.41 8.79
C ARG F 77 -40.68 -40.06 7.63
N ALA F 78 -39.65 -39.39 7.12
CA ALA F 78 -38.84 -40.00 6.07
C ALA F 78 -38.21 -41.30 6.55
N LEU F 79 -37.72 -41.31 7.79
CA LEU F 79 -37.16 -42.53 8.35
C LEU F 79 -38.22 -43.61 8.48
N GLN F 80 -39.43 -43.24 8.89
CA GLN F 80 -40.50 -44.23 8.96
C GLN F 80 -40.76 -44.85 7.60
N GLU F 81 -40.83 -44.04 6.55
CA GLU F 81 -41.03 -44.59 5.22
C GLU F 81 -39.88 -45.50 4.82
N MET F 82 -38.64 -45.06 5.09
CA MET F 82 -37.48 -45.87 4.70
C MET F 82 -37.51 -47.21 5.39
N LEU F 83 -37.85 -47.24 6.69
CA LEU F 83 -37.95 -48.50 7.40
C LEU F 83 -39.09 -49.35 6.87
N ALA F 84 -40.21 -48.71 6.49
CA ALA F 84 -41.33 -49.44 5.93
C ALA F 84 -40.93 -50.15 4.65
N ASN F 85 -40.19 -49.46 3.79
CA ASN F 85 -39.71 -50.08 2.54
C ASN F 85 -38.53 -50.99 2.82
N HIS F 99 -24.64 -34.08 0.57
CA HIS F 99 -24.17 -33.55 1.84
C HIS F 99 -25.24 -32.69 2.48
N ARG F 100 -26.24 -33.34 3.06
CA ARG F 100 -27.33 -32.62 3.69
C ARG F 100 -26.87 -31.99 5.00
N THR F 101 -27.50 -30.88 5.35
CA THR F 101 -27.19 -30.18 6.60
C THR F 101 -28.10 -30.69 7.70
N LEU F 102 -27.51 -31.07 8.83
CA LEU F 102 -28.29 -31.62 9.92
C LEU F 102 -29.18 -30.56 10.54
N LEU F 103 -30.43 -30.93 10.82
CA LEU F 103 -31.38 -30.05 11.48
C LEU F 103 -31.90 -30.72 12.74
N TYR F 104 -32.13 -29.91 13.77
CA TYR F 104 -32.66 -30.43 15.02
C TYR F 104 -34.00 -31.10 14.77
N GLY F 105 -34.21 -32.24 15.40
CA GLY F 105 -35.40 -33.04 15.21
C GLY F 105 -35.24 -34.15 14.19
N HIS F 106 -34.17 -34.12 13.41
CA HIS F 106 -33.90 -35.18 12.45
C HIS F 106 -33.24 -36.37 13.13
N ALA F 107 -33.29 -37.51 12.47
CA ALA F 107 -32.65 -38.73 12.94
C ALA F 107 -31.38 -38.99 12.12
N ILE F 108 -30.29 -39.26 12.82
CA ILE F 108 -28.98 -39.43 12.18
C ILE F 108 -28.52 -40.87 12.35
N LEU F 109 -27.69 -41.29 11.41
CA LEU F 109 -27.03 -42.59 11.43
C LEU F 109 -25.53 -42.34 11.56
N LEU F 110 -24.90 -42.96 12.55
CA LEU F 110 -23.49 -42.73 12.84
C LEU F 110 -22.71 -44.02 12.60
N ARG F 111 -21.82 -44.01 11.62
CA ARG F 111 -21.01 -45.18 11.31
C ARG F 111 -19.65 -45.05 11.98
N HIS F 112 -19.22 -46.11 12.65
CA HIS F 112 -17.90 -46.12 13.25
C HIS F 112 -16.83 -46.15 12.18
N ALA F 113 -15.91 -45.19 12.22
CA ALA F 113 -14.94 -45.05 11.14
C ALA F 113 -14.06 -46.27 11.02
N HIS F 114 -13.59 -46.82 12.14
CA HIS F 114 -12.66 -47.93 12.09
C HIS F 114 -13.37 -49.22 11.67
N SER F 115 -14.35 -49.65 12.45
CA SER F 115 -14.98 -50.94 12.22
C SER F 115 -16.08 -50.90 11.17
N ARG F 116 -16.58 -49.71 10.84
CA ARG F 116 -17.67 -49.53 9.88
C ARG F 116 -18.99 -50.09 10.40
N MET F 117 -19.12 -50.26 11.71
CA MET F 117 -20.38 -50.59 12.35
C MET F 117 -21.09 -49.29 12.72
N TYR F 118 -22.30 -49.43 13.26
CA TYR F 118 -23.17 -48.29 13.52
C TYR F 118 -23.50 -48.18 14.99
N LEU F 119 -23.47 -46.96 15.51
CA LEU F 119 -23.81 -46.73 16.90
C LEU F 119 -25.29 -47.03 17.13
N SER F 120 -25.57 -47.98 18.01
CA SER F 120 -26.92 -48.47 18.21
C SER F 120 -27.22 -48.58 19.70
N CYS F 121 -28.51 -48.55 20.02
CA CYS F 121 -28.98 -48.81 21.38
C CYS F 121 -29.25 -50.30 21.50
N LEU F 122 -28.46 -50.98 22.34
CA LEU F 122 -28.57 -52.42 22.45
C LEU F 122 -29.74 -52.80 23.35
N THR F 123 -30.21 -54.04 23.18
CA THR F 123 -31.31 -54.57 23.97
C THR F 123 -30.84 -55.28 25.23
N THR F 124 -29.54 -55.27 25.51
CA THR F 124 -28.99 -55.85 26.72
C THR F 124 -28.63 -54.74 27.70
N SER F 125 -28.36 -55.13 28.93
CA SER F 125 -28.03 -54.15 29.97
C SER F 125 -27.16 -54.83 31.01
N ARG F 126 -25.97 -54.29 31.23
CA ARG F 126 -25.06 -54.79 32.26
C ARG F 126 -24.97 -53.85 33.45
N SER F 127 -25.72 -52.74 33.42
CA SER F 127 -25.67 -51.78 34.52
C SER F 127 -26.33 -52.36 35.76
N MET F 128 -25.78 -52.02 36.92
CA MET F 128 -26.38 -52.35 38.21
C MET F 128 -27.04 -51.17 38.89
N THR F 129 -26.57 -49.95 38.61
CA THR F 129 -27.15 -48.77 39.24
C THR F 129 -28.52 -48.46 38.67
N ASP F 130 -28.67 -48.52 37.35
CA ASP F 130 -29.92 -48.19 36.68
C ASP F 130 -30.60 -49.47 36.19
N LYS F 131 -31.85 -49.65 36.60
CA LYS F 131 -32.62 -50.81 36.18
C LYS F 131 -33.42 -50.56 34.91
N LEU F 132 -33.44 -49.33 34.40
CA LEU F 132 -34.19 -48.98 33.20
C LEU F 132 -33.27 -48.52 32.07
N ALA F 133 -31.99 -48.86 32.14
CA ALA F 133 -31.01 -48.42 31.16
C ALA F 133 -30.65 -49.57 30.22
N PHE F 134 -30.27 -49.21 29.00
CA PHE F 134 -29.81 -50.16 28.01
C PHE F 134 -28.35 -49.87 27.66
N ASP F 135 -27.65 -50.90 27.20
CA ASP F 135 -26.28 -50.73 26.75
C ASP F 135 -26.25 -50.02 25.40
N VAL F 136 -25.23 -49.20 25.21
CA VAL F 136 -24.97 -48.53 23.94
C VAL F 136 -23.72 -49.14 23.33
N GLY F 137 -23.83 -49.61 22.09
CA GLY F 137 -22.72 -50.25 21.45
C GLY F 137 -22.86 -50.20 19.94
N LEU F 138 -21.99 -50.93 19.27
CA LEU F 138 -21.94 -50.93 17.81
C LEU F 138 -22.69 -52.14 17.27
N GLN F 139 -23.29 -51.95 16.10
CA GLN F 139 -24.11 -52.97 15.46
C GLN F 139 -23.65 -53.11 14.02
N GLU F 140 -23.56 -54.36 13.55
CA GLU F 140 -22.89 -54.63 12.28
C GLU F 140 -23.60 -53.95 11.12
N ASP F 141 -24.91 -54.09 11.03
CA ASP F 141 -25.67 -53.57 9.91
C ASP F 141 -26.49 -52.36 10.34
N ALA F 142 -26.99 -51.62 9.35
CA ALA F 142 -27.80 -50.43 9.58
C ALA F 142 -29.29 -50.71 9.45
N THR F 143 -29.70 -51.96 9.65
CA THR F 143 -31.10 -52.34 9.53
C THR F 143 -31.82 -52.16 10.86
N GLY F 144 -33.06 -51.70 10.78
CA GLY F 144 -33.88 -51.47 11.96
C GLY F 144 -33.80 -50.03 12.41
N GLU F 145 -34.38 -49.78 13.58
CA GLU F 145 -34.37 -48.46 14.18
C GLU F 145 -33.39 -48.33 15.33
N ALA F 146 -32.70 -49.41 15.70
CA ALA F 146 -31.78 -49.34 16.84
C ALA F 146 -30.60 -48.42 16.56
N CYS F 147 -30.24 -48.23 15.30
CA CYS F 147 -29.06 -47.47 14.92
C CYS F 147 -29.37 -46.02 14.62
N TRP F 148 -30.59 -45.55 14.88
CA TRP F 148 -31.00 -44.20 14.53
C TRP F 148 -31.23 -43.37 15.78
N TRP F 149 -30.70 -42.17 15.79
CA TRP F 149 -30.78 -41.27 16.93
C TRP F 149 -31.32 -39.92 16.49
N THR F 150 -32.14 -39.32 17.33
CA THR F 150 -32.76 -38.02 17.05
C THR F 150 -32.07 -36.96 17.88
N MET F 151 -31.72 -35.85 17.23
CA MET F 151 -31.04 -34.75 17.89
C MET F 151 -32.05 -33.73 18.36
N HIS F 152 -31.82 -33.15 19.54
CA HIS F 152 -32.74 -32.16 20.07
C HIS F 152 -31.94 -31.04 20.72
N PRO F 153 -32.41 -29.80 20.64
CA PRO F 153 -31.67 -28.69 21.24
C PRO F 153 -31.54 -28.87 22.74
N ALA F 154 -30.39 -28.45 23.27
CA ALA F 154 -30.15 -28.52 24.70
C ALA F 154 -30.69 -27.30 25.44
N SER F 155 -30.84 -26.18 24.74
CA SER F 155 -31.28 -24.93 25.32
C SER F 155 -32.28 -24.25 24.40
N LYS F 156 -32.95 -23.23 24.93
CA LYS F 156 -33.92 -22.48 24.14
C LYS F 156 -33.25 -21.69 23.03
N GLN F 157 -31.93 -21.55 23.07
CA GLN F 157 -31.23 -20.76 22.05
C GLN F 157 -31.45 -21.35 20.67
N ARG F 158 -31.66 -22.66 20.58
CA ARG F 158 -32.00 -23.34 19.34
C ARG F 158 -33.33 -24.06 19.50
N SER F 159 -33.96 -24.34 18.36
CA SER F 159 -35.28 -24.95 18.33
C SER F 159 -35.36 -25.94 17.18
N GLU F 160 -36.39 -26.76 17.19
CA GLU F 160 -36.54 -27.80 16.17
C GLU F 160 -36.62 -27.16 14.79
N GLY F 161 -35.96 -27.79 13.82
CA GLY F 161 -35.88 -27.26 12.48
C GLY F 161 -34.69 -26.35 12.24
N GLU F 162 -34.04 -25.87 13.30
CA GLU F 162 -32.84 -25.07 13.12
C GLU F 162 -31.66 -25.96 12.74
N LYS F 163 -30.70 -25.38 12.04
CA LYS F 163 -29.51 -26.11 11.65
C LYS F 163 -28.64 -26.37 12.86
N VAL F 164 -28.10 -27.58 12.96
CA VAL F 164 -27.17 -27.92 14.02
C VAL F 164 -25.84 -27.23 13.75
N ARG F 165 -25.35 -26.48 14.73
CA ARG F 165 -24.16 -25.67 14.56
C ARG F 165 -22.98 -26.25 15.33
N VAL F 166 -21.81 -26.25 14.70
CA VAL F 166 -20.61 -26.76 15.35
C VAL F 166 -20.49 -26.18 16.74
N GLY F 167 -20.16 -27.03 17.70
CA GLY F 167 -19.99 -26.59 19.07
C GLY F 167 -21.28 -26.48 19.87
N ASP F 168 -22.40 -26.95 19.33
CA ASP F 168 -23.67 -26.88 20.02
C ASP F 168 -23.86 -28.09 20.91
N ASP F 169 -24.38 -27.86 22.11
CA ASP F 169 -24.77 -28.94 22.99
C ASP F 169 -26.14 -29.45 22.57
N LEU F 170 -26.24 -30.76 22.33
CA LEU F 170 -27.47 -31.36 21.87
C LEU F 170 -27.75 -32.63 22.66
N ILE F 171 -28.99 -33.07 22.63
CA ILE F 171 -29.44 -34.26 23.33
C ILE F 171 -29.80 -35.31 22.29
N LEU F 172 -29.29 -36.52 22.47
CA LEU F 172 -29.53 -37.60 21.52
C LEU F 172 -30.50 -38.60 22.14
N VAL F 173 -31.55 -38.94 21.39
CA VAL F 173 -32.58 -39.85 21.85
C VAL F 173 -32.66 -41.02 20.91
N SER F 174 -32.73 -42.22 21.47
CA SER F 174 -32.83 -43.41 20.64
C SER F 174 -34.21 -43.49 19.98
N VAL F 175 -34.22 -43.81 18.69
CA VAL F 175 -35.47 -43.96 17.99
C VAL F 175 -36.22 -45.23 18.39
N SER F 176 -35.49 -46.29 18.72
CA SER F 176 -36.13 -47.57 19.03
C SER F 176 -36.56 -47.68 20.48
N SER F 177 -35.87 -47.02 21.40
CA SER F 177 -36.15 -47.17 22.82
C SER F 177 -36.63 -45.90 23.49
N GLU F 178 -36.58 -44.76 22.81
CA GLU F 178 -36.99 -43.49 23.40
C GLU F 178 -36.16 -43.15 24.64
N ARG F 179 -34.89 -43.51 24.61
CA ARG F 179 -33.97 -43.28 25.72
C ARG F 179 -32.88 -42.30 25.30
N TYR F 180 -32.39 -41.54 26.25
CA TYR F 180 -31.33 -40.58 26.01
C TYR F 180 -29.97 -41.28 25.97
N LEU F 181 -29.05 -40.71 25.20
CA LEU F 181 -27.65 -41.08 25.33
C LEU F 181 -27.11 -40.46 26.60
N HIS F 182 -26.77 -41.30 27.58
CA HIS F 182 -26.59 -40.87 28.95
C HIS F 182 -25.19 -41.20 29.44
N LEU F 183 -24.62 -40.26 30.20
CA LEU F 183 -23.39 -40.49 30.94
C LEU F 183 -23.74 -40.84 32.37
N SER F 184 -23.34 -42.02 32.81
CA SER F 184 -23.69 -42.53 34.13
C SER F 184 -22.46 -42.50 35.03
N THR F 185 -22.53 -41.72 36.11
CA THR F 185 -21.47 -41.69 37.11
C THR F 185 -21.90 -42.36 38.41
N ALA F 186 -23.05 -43.04 38.42
CA ALA F 186 -23.55 -43.62 39.66
C ALA F 186 -22.54 -44.58 40.27
N SER F 187 -21.98 -45.47 39.46
CA SER F 187 -20.93 -46.34 39.95
C SER F 187 -19.63 -45.54 40.15
N GLY F 188 -18.57 -46.25 40.52
CA GLY F 188 -17.30 -45.58 40.74
C GLY F 188 -16.75 -44.92 39.50
N GLU F 189 -16.99 -45.50 38.33
CA GLU F 189 -16.38 -45.06 37.08
C GLU F 189 -17.44 -44.48 36.15
N LEU F 190 -16.97 -43.73 35.15
CA LEU F 190 -17.83 -43.10 34.16
C LEU F 190 -18.16 -44.10 33.07
N GLN F 191 -19.44 -44.25 32.76
CA GLN F 191 -19.90 -45.18 31.74
C GLN F 191 -21.00 -44.51 30.93
N VAL F 192 -21.23 -45.05 29.74
CA VAL F 192 -22.22 -44.52 28.80
C VAL F 192 -23.29 -45.56 28.58
N ASP F 193 -24.55 -45.16 28.70
CA ASP F 193 -25.67 -46.07 28.51
C ASP F 193 -26.84 -45.26 27.97
N ALA F 194 -27.94 -45.96 27.68
CA ALA F 194 -29.17 -45.34 27.23
C ALA F 194 -30.18 -45.41 28.37
N SER F 195 -30.48 -44.28 28.98
CA SER F 195 -31.37 -44.20 30.12
C SER F 195 -32.41 -43.10 29.87
N PHE F 196 -33.27 -42.90 30.85
CA PHE F 196 -34.30 -41.87 30.76
C PHE F 196 -33.83 -40.52 31.31
N MET F 197 -32.63 -40.46 31.88
CA MET F 197 -32.01 -39.19 32.20
C MET F 197 -31.20 -38.70 31.01
N GLN F 198 -31.18 -37.39 30.82
CA GLN F 198 -30.58 -36.78 29.65
C GLN F 198 -29.16 -36.28 29.96
N THR F 199 -28.35 -36.24 28.91
CA THR F 199 -26.98 -35.74 28.99
C THR F 199 -26.70 -34.88 27.77
N LEU F 200 -25.85 -33.87 27.95
CA LEU F 200 -25.53 -32.94 26.88
C LEU F 200 -24.26 -33.38 26.18
N TRP F 201 -24.33 -33.59 24.87
CA TRP F 201 -23.21 -34.01 24.07
C TRP F 201 -22.84 -32.93 23.06
N ASN F 202 -21.57 -32.92 22.68
CA ASN F 202 -21.05 -32.05 21.64
C ASN F 202 -20.57 -32.91 20.49
N MET F 203 -20.98 -32.56 19.27
CA MET F 203 -20.50 -33.26 18.07
C MET F 203 -19.41 -32.42 17.44
N ASN F 204 -18.22 -32.49 18.04
CA ASN F 204 -17.09 -31.73 17.54
C ASN F 204 -16.64 -32.30 16.20
N PRO F 205 -16.49 -31.48 15.16
CA PRO F 205 -16.09 -32.02 13.86
C PRO F 205 -14.61 -32.41 13.86
N ILE F 206 -14.32 -33.52 13.20
CA ILE F 206 -12.95 -33.95 12.97
C ILE F 206 -12.48 -33.57 11.57
N CYS F 207 -13.30 -33.84 10.57
CA CYS F 207 -12.98 -33.48 9.19
C CYS F 207 -14.28 -33.33 8.42
N SER F 208 -14.25 -32.47 7.40
CA SER F 208 -15.43 -32.21 6.60
C SER F 208 -15.25 -32.68 5.17
N GLY F 209 -14.21 -32.22 4.51
CA GLY F 209 -13.92 -32.59 3.13
C GLY F 209 -12.50 -32.19 2.78
N CYS F 210 -11.77 -33.12 2.20
CA CYS F 210 -10.34 -32.97 1.96
C CYS F 210 -10.07 -32.77 0.48
N GLU F 211 -9.26 -31.76 0.16
CA GLU F 211 -8.81 -31.55 -1.20
C GLU F 211 -8.06 -32.79 -1.69
N GLU F 212 -8.33 -33.19 -2.91
CA GLU F 212 -7.79 -34.45 -3.43
C GLU F 212 -6.27 -34.42 -3.41
N GLY F 213 -5.67 -35.48 -2.88
CA GLY F 213 -4.24 -35.67 -2.91
C GLY F 213 -3.47 -34.96 -1.81
N PHE F 214 -4.13 -34.42 -0.81
CA PHE F 214 -3.48 -33.67 0.25
C PHE F 214 -3.57 -34.43 1.57
N VAL F 215 -2.55 -34.29 2.39
CA VAL F 215 -2.47 -35.00 3.66
C VAL F 215 -3.29 -34.27 4.70
N THR F 216 -4.00 -35.03 5.52
CA THR F 216 -4.75 -34.51 6.64
C THR F 216 -4.36 -35.25 7.91
N GLY F 217 -4.57 -34.60 9.05
CA GLY F 217 -4.29 -35.24 10.32
C GLY F 217 -5.19 -36.43 10.56
N GLY F 218 -4.72 -37.30 11.45
CA GLY F 218 -5.47 -38.51 11.77
C GLY F 218 -5.41 -39.57 10.71
N HIS F 219 -4.50 -39.46 9.74
CA HIS F 219 -4.39 -40.42 8.65
C HIS F 219 -3.27 -41.41 8.94
N VAL F 220 -3.47 -42.64 8.46
CA VAL F 220 -2.47 -43.69 8.54
C VAL F 220 -1.72 -43.73 7.21
N LEU F 221 -0.40 -43.74 7.28
CA LEU F 221 0.42 -43.59 6.10
C LEU F 221 1.80 -44.19 6.35
N ARG F 222 2.58 -44.26 5.29
CA ARG F 222 3.97 -44.68 5.35
C ARG F 222 4.87 -43.49 5.07
N LEU F 223 6.00 -43.44 5.76
CA LEU F 223 6.98 -42.36 5.60
C LEU F 223 8.17 -42.92 4.84
N PHE F 224 8.25 -42.62 3.56
CA PHE F 224 9.30 -43.14 2.71
C PHE F 224 10.48 -42.19 2.65
N HIS F 225 11.68 -42.75 2.66
CA HIS F 225 12.89 -41.94 2.56
C HIS F 225 13.00 -41.38 1.15
N GLY F 226 12.67 -40.10 0.99
CA GLY F 226 12.61 -39.50 -0.32
C GLY F 226 11.75 -40.33 -1.25
N HIS F 227 12.34 -40.83 -2.34
CA HIS F 227 11.68 -41.74 -3.26
C HIS F 227 12.54 -42.98 -3.45
N MET F 228 13.20 -43.44 -2.39
CA MET F 228 14.21 -44.48 -2.48
C MET F 228 13.66 -45.86 -2.12
N ASP F 229 12.35 -46.00 -2.00
CA ASP F 229 11.75 -47.28 -1.62
C ASP F 229 12.30 -47.75 -0.27
N GLU F 230 12.36 -46.84 0.68
CA GLU F 230 12.79 -47.13 2.03
C GLU F 230 11.89 -46.37 3.00
N CYS F 231 11.27 -47.10 3.92
CA CYS F 231 10.28 -46.53 4.82
C CYS F 231 10.78 -46.54 6.25
N LEU F 232 10.23 -45.62 7.04
CA LEU F 232 10.46 -45.61 8.48
C LEU F 232 9.63 -46.72 9.13
N THR F 233 10.25 -47.47 10.03
CA THR F 233 9.60 -48.63 10.63
C THR F 233 10.25 -48.93 11.97
N ILE F 234 9.70 -49.91 12.67
CA ILE F 234 10.33 -50.46 13.87
C ILE F 234 10.73 -51.90 13.58
N SER F 235 11.40 -52.53 14.53
CA SER F 235 11.92 -53.87 14.29
C SER F 235 10.79 -54.89 14.21
N PRO F 236 11.06 -56.05 13.62
CA PRO F 236 10.01 -57.06 13.49
C PRO F 236 9.59 -57.59 14.85
N SER F 237 8.38 -58.14 14.91
CA SER F 237 7.89 -58.74 16.13
C SER F 237 8.85 -59.82 16.61
N ASP F 238 9.00 -59.93 17.93
CA ASP F 238 9.96 -60.85 18.54
C ASP F 238 11.39 -60.48 18.16
N SER F 239 11.77 -59.24 18.47
CA SER F 239 13.12 -58.75 18.27
C SER F 239 13.75 -58.43 19.63
N ASP F 240 15.09 -58.36 19.64
CA ASP F 240 15.81 -58.14 20.87
C ASP F 240 15.74 -56.70 21.37
N ASP F 241 15.40 -55.76 20.49
CA ASP F 241 15.34 -54.35 20.88
C ASP F 241 14.01 -53.96 21.49
N GLN F 242 13.11 -54.92 21.71
CA GLN F 242 11.80 -54.66 22.32
C GLN F 242 10.92 -53.79 21.44
N ARG F 243 11.22 -53.70 20.15
CA ARG F 243 10.45 -52.90 19.22
C ARG F 243 10.41 -51.44 19.67
N ARG F 244 11.53 -50.95 20.21
CA ARG F 244 11.63 -49.59 20.69
C ARG F 244 12.43 -48.67 19.79
N LEU F 245 13.19 -49.22 18.84
CA LEU F 245 14.07 -48.44 17.99
C LEU F 245 13.42 -48.23 16.63
N VAL F 246 13.86 -47.18 15.94
CA VAL F 246 13.30 -46.80 14.66
C VAL F 246 14.37 -46.96 13.59
N TYR F 247 13.97 -47.46 12.43
CA TYR F 247 14.91 -47.73 11.35
C TYR F 247 14.34 -47.23 10.03
N TYR F 248 15.25 -46.93 9.11
CA TYR F 248 14.95 -46.82 7.70
C TYR F 248 15.22 -48.19 7.11
N GLU F 249 14.19 -48.83 6.58
CA GLU F 249 14.31 -50.18 6.05
C GLU F 249 13.58 -50.28 4.72
N GLY F 250 14.09 -51.14 3.85
CA GLY F 250 13.52 -51.31 2.53
C GLY F 250 13.26 -52.79 2.23
N GLY F 251 12.51 -53.01 1.16
CA GLY F 251 12.19 -54.34 0.73
C GLY F 251 10.74 -54.70 1.00
N PRO F 252 10.47 -55.94 1.41
CA PRO F 252 9.08 -56.33 1.67
C PRO F 252 8.41 -55.55 2.80
N VAL F 253 9.19 -54.94 3.69
CA VAL F 253 8.58 -54.23 4.82
C VAL F 253 7.68 -53.12 4.34
N CYS F 254 7.94 -52.57 3.16
CA CYS F 254 7.12 -51.49 2.62
C CYS F 254 5.68 -51.91 2.36
N THR F 255 5.33 -53.18 2.53
CA THR F 255 3.96 -53.63 2.41
C THR F 255 3.43 -54.26 3.70
N HIS F 256 4.22 -54.27 4.77
CA HIS F 256 3.80 -54.83 6.04
C HIS F 256 3.19 -53.74 6.92
N ALA F 257 2.63 -54.18 8.05
CA ALA F 257 1.93 -53.28 8.96
C ALA F 257 2.84 -52.60 9.96
N ARG F 258 4.11 -52.99 10.06
CA ARG F 258 5.02 -52.35 11.00
C ARG F 258 5.58 -51.04 10.47
N SER F 259 5.27 -50.66 9.24
CA SER F 259 5.72 -49.39 8.67
C SER F 259 4.59 -48.38 8.57
N LEU F 260 3.49 -48.57 9.30
CA LEU F 260 2.33 -47.70 9.23
C LEU F 260 2.30 -46.79 10.45
N TRP F 261 2.12 -45.48 10.21
CA TRP F 261 2.09 -44.49 11.27
C TRP F 261 0.86 -43.61 11.11
N ARG F 262 0.28 -43.22 12.23
CA ARG F 262 -0.87 -42.33 12.26
C ARG F 262 -0.41 -40.95 12.69
N LEU F 263 -0.80 -39.94 11.92
CA LEU F 263 -0.44 -38.55 12.23
C LEU F 263 -1.53 -37.95 13.11
N GLU F 264 -1.15 -37.45 14.29
CA GLU F 264 -2.10 -36.97 15.28
C GLU F 264 -1.81 -35.53 15.67
N PRO F 265 -2.51 -34.54 15.12
CA PRO F 265 -2.29 -33.16 15.55
C PRO F 265 -2.63 -32.99 17.02
N LEU F 266 -1.99 -31.99 17.64
CA LEU F 266 -2.18 -31.73 19.06
C LEU F 266 -3.50 -31.02 19.32
N ARG F 267 -4.61 -31.60 18.89
CA ARG F 267 -5.92 -31.01 19.10
C ARG F 267 -6.96 -32.08 18.82
N ILE F 268 -8.14 -31.92 19.41
CA ILE F 268 -9.24 -32.83 19.13
C ILE F 268 -10.12 -32.28 18.03
N SER F 269 -10.54 -31.03 18.15
CA SER F 269 -11.38 -30.42 17.13
C SER F 269 -10.57 -30.17 15.87
N TRP F 270 -11.13 -30.57 14.73
CA TRP F 270 -10.51 -30.35 13.43
C TRP F 270 -9.14 -31.01 13.36
N SER F 271 -8.98 -32.11 14.09
CA SER F 271 -7.75 -32.88 14.00
C SER F 271 -7.61 -33.58 12.65
N GLY F 272 -8.66 -33.62 11.85
CA GLY F 272 -8.59 -34.19 10.53
C GLY F 272 -8.49 -33.15 9.45
N SER F 273 -8.14 -31.93 9.83
CA SER F 273 -7.97 -30.86 8.85
C SER F 273 -6.68 -31.08 8.07
N HIS F 274 -6.50 -30.27 7.02
CA HIS F 274 -5.30 -30.36 6.21
C HIS F 274 -4.06 -30.13 7.07
N LEU F 275 -3.03 -30.94 6.84
CA LEU F 275 -1.78 -30.77 7.53
C LEU F 275 -1.04 -29.57 6.97
N ARG F 276 -0.36 -28.83 7.84
CA ARG F 276 0.32 -27.60 7.47
C ARG F 276 1.79 -27.67 7.87
N TRP F 277 2.62 -26.97 7.10
CA TRP F 277 4.03 -26.89 7.44
C TRP F 277 4.22 -26.23 8.80
N GLY F 278 5.03 -26.88 9.64
CA GLY F 278 5.32 -26.34 10.96
C GLY F 278 4.27 -26.62 12.00
N GLN F 279 3.17 -27.25 11.65
CA GLN F 279 2.13 -27.57 12.63
C GLN F 279 2.60 -28.72 13.50
N PRO F 280 2.63 -28.56 14.82
CA PRO F 280 3.10 -29.66 15.68
C PRO F 280 2.12 -30.83 15.66
N LEU F 281 2.67 -32.03 15.83
CA LEU F 281 1.86 -33.23 15.81
C LEU F 281 2.65 -34.37 16.44
N ARG F 282 1.92 -35.42 16.82
CA ARG F 282 2.47 -36.67 17.28
C ARG F 282 2.42 -37.69 16.16
N ILE F 283 3.30 -38.69 16.23
CA ILE F 283 3.35 -39.76 15.24
C ILE F 283 3.23 -41.08 15.98
N ARG F 284 2.14 -41.80 15.75
CA ARG F 284 1.82 -43.00 16.49
C ARG F 284 2.10 -44.23 15.64
N HIS F 285 2.75 -45.22 16.20
CA HIS F 285 2.90 -46.50 15.52
C HIS F 285 1.63 -47.32 15.71
N VAL F 286 1.00 -47.70 14.61
CA VAL F 286 -0.36 -48.23 14.68
C VAL F 286 -0.38 -49.59 15.38
N THR F 287 0.48 -50.51 14.95
CA THR F 287 0.36 -51.89 15.44
C THR F 287 0.81 -52.04 16.89
N THR F 288 1.64 -51.13 17.41
CA THR F 288 2.05 -51.18 18.79
C THR F 288 1.44 -50.07 19.64
N GLY F 289 0.86 -49.05 19.02
CA GLY F 289 0.24 -47.98 19.78
C GLY F 289 1.23 -47.10 20.50
N ARG F 290 2.48 -47.10 20.10
CA ARG F 290 3.51 -46.30 20.73
C ARG F 290 3.80 -45.05 19.90
N TYR F 291 4.42 -44.07 20.53
CA TYR F 291 4.60 -42.75 19.94
C TYR F 291 6.08 -42.46 19.74
N LEU F 292 6.42 -42.00 18.54
CA LEU F 292 7.76 -41.52 18.27
C LEU F 292 8.10 -40.38 19.21
N GLY F 293 9.28 -40.43 19.81
CA GLY F 293 9.66 -39.43 20.78
C GLY F 293 11.14 -39.43 21.05
N LEU F 294 11.59 -38.36 21.70
CA LEU F 294 12.99 -38.19 22.06
C LEU F 294 13.14 -38.38 23.57
N THR F 295 13.95 -39.35 23.96
CA THR F 295 14.24 -39.60 25.37
C THR F 295 15.65 -39.11 25.68
N GLU F 296 15.82 -38.57 26.89
CA GLU F 296 17.10 -37.98 27.26
C GLU F 296 18.22 -39.02 27.32
N ASP F 297 17.90 -40.30 27.45
CA ASP F 297 18.90 -41.35 27.55
C ASP F 297 19.06 -42.14 26.26
N GLN F 298 17.96 -42.58 25.66
CA GLN F 298 18.01 -43.46 24.51
C GLN F 298 17.92 -42.73 23.18
N GLY F 299 17.77 -41.41 23.19
CA GLY F 299 17.62 -40.70 21.93
C GLY F 299 16.25 -40.95 21.33
N LEU F 300 16.22 -41.20 20.03
CA LEU F 300 14.96 -41.39 19.32
C LEU F 300 14.45 -42.81 19.54
N VAL F 301 13.24 -42.93 20.09
CA VAL F 301 12.61 -44.22 20.37
C VAL F 301 11.11 -44.08 20.15
N VAL F 302 10.37 -45.16 20.35
CA VAL F 302 8.91 -45.11 20.43
C VAL F 302 8.54 -45.37 21.88
N VAL F 303 7.85 -44.42 22.48
CA VAL F 303 7.54 -44.48 23.90
C VAL F 303 6.07 -44.88 24.07
N ASP F 304 5.73 -45.27 25.29
CA ASP F 304 4.34 -45.59 25.60
C ASP F 304 3.51 -44.32 25.69
N ALA F 305 2.20 -44.49 25.50
CA ALA F 305 1.29 -43.36 25.57
C ALA F 305 1.33 -42.70 26.95
N SER F 306 1.56 -43.50 28.00
CA SER F 306 1.62 -42.92 29.34
C SER F 306 2.79 -41.96 29.48
N LYS F 307 3.86 -42.18 28.72
CA LYS F 307 5.06 -41.35 28.81
C LYS F 307 5.17 -40.36 27.65
N ALA F 308 4.21 -40.40 26.73
CA ALA F 308 4.28 -39.57 25.52
C ALA F 308 3.71 -38.18 25.76
N HIS F 309 4.44 -37.36 26.52
CA HIS F 309 4.04 -35.97 26.66
C HIS F 309 4.51 -35.15 25.46
N THR F 310 3.93 -33.94 25.33
CA THR F 310 4.15 -33.16 24.12
C THR F 310 5.63 -32.84 23.93
N LYS F 311 6.32 -32.46 25.00
CA LYS F 311 7.72 -32.09 24.87
C LYS F 311 8.52 -33.23 24.27
N ALA F 312 8.26 -34.45 24.70
CA ALA F 312 9.00 -35.60 24.19
C ALA F 312 8.59 -36.00 22.79
N THR F 313 7.31 -35.88 22.45
CA THR F 313 6.77 -36.55 21.27
C THR F 313 6.15 -35.61 20.25
N SER F 314 6.39 -34.31 20.34
CA SER F 314 5.82 -33.35 19.40
C SER F 314 6.82 -33.10 18.27
N PHE F 315 6.39 -33.38 17.03
CA PHE F 315 7.19 -33.20 15.84
C PHE F 315 6.46 -32.26 14.88
N CYS F 316 7.16 -31.86 13.83
CA CYS F 316 6.57 -31.02 12.79
C CYS F 316 7.21 -31.33 11.45
N PHE F 317 6.50 -30.95 10.39
CA PHE F 317 6.98 -31.08 9.02
C PHE F 317 7.41 -29.73 8.50
N ARG F 318 8.58 -29.67 7.88
CA ARG F 318 9.19 -28.44 7.41
C ARG F 318 9.52 -28.59 5.94
N ILE F 319 9.26 -27.52 5.17
CA ILE F 319 9.57 -27.57 3.75
C ILE F 319 11.08 -27.52 3.51
N SER F 320 11.81 -26.83 4.37
CA SER F 320 13.25 -26.72 4.23
C SER F 320 13.87 -26.61 5.62
N LYS F 321 15.18 -26.85 5.68
CA LYS F 321 15.91 -26.87 6.93
C LYS F 321 16.33 -25.48 7.39
N GLU F 322 15.81 -24.43 6.75
CA GLU F 322 16.20 -23.08 7.13
C GLU F 322 15.66 -22.73 8.51
N LYS F 323 16.41 -21.91 9.24
CA LYS F 323 16.01 -21.47 10.56
C LYS F 323 15.08 -20.26 10.46
N LEU F 324 13.88 -20.53 9.94
CA LEU F 324 12.84 -19.53 9.80
C LEU F 324 11.53 -20.01 10.42
N ASP F 325 11.64 -20.92 11.40
CA ASP F 325 10.47 -21.39 12.14
C ASP F 325 9.99 -20.37 13.17
N VAL F 326 10.69 -19.25 13.33
CA VAL F 326 10.34 -18.23 14.31
C VAL F 326 8.90 -17.79 14.07
N ALA F 327 8.55 -17.51 12.83
CA ALA F 327 7.21 -17.04 12.50
C ALA F 327 6.18 -18.06 12.96
N PRO F 328 5.38 -17.76 13.98
CA PRO F 328 4.39 -18.72 14.46
C PRO F 328 3.07 -18.60 13.68
N LYS F 329 2.21 -19.59 13.89
CA LYS F 329 0.91 -19.63 13.24
C LYS F 329 -0.15 -20.00 14.26
N ARG F 330 -1.37 -19.54 14.01
CA ARG F 330 -2.51 -19.84 14.86
C ARG F 330 -3.36 -20.95 14.24
N ASP F 331 -4.12 -21.63 15.09
CA ASP F 331 -5.00 -22.68 14.62
C ASP F 331 -6.18 -22.08 13.86
N VAL F 332 -6.86 -22.93 13.10
CA VAL F 332 -8.00 -22.52 12.27
C VAL F 332 -9.17 -23.44 12.55
N GLU F 333 -10.37 -22.86 12.59
CA GLU F 333 -11.60 -23.64 12.80
C GLU F 333 -12.15 -24.04 11.45
N GLY F 334 -11.55 -25.08 10.87
CA GLY F 334 -11.97 -25.57 9.59
C GLY F 334 -10.90 -26.44 8.98
N MET F 335 -11.21 -26.95 7.79
CA MET F 335 -10.28 -27.84 7.11
C MET F 335 -8.98 -27.15 6.75
N GLY F 336 -8.95 -25.82 6.73
CA GLY F 336 -7.74 -25.08 6.49
C GLY F 336 -7.30 -25.15 5.04
N PRO F 337 -6.14 -24.57 4.75
CA PRO F 337 -5.63 -24.57 3.38
C PRO F 337 -4.78 -25.78 3.11
N PRO F 338 -4.92 -26.43 1.94
CA PRO F 338 -4.08 -27.59 1.65
C PRO F 338 -2.64 -27.17 1.40
N GLU F 339 -1.71 -27.81 2.12
CA GLU F 339 -0.30 -27.48 1.97
C GLU F 339 0.54 -28.68 1.55
N ILE F 340 0.37 -29.82 2.19
CA ILE F 340 1.23 -30.98 1.96
C ILE F 340 0.49 -32.00 1.12
N LYS F 341 1.18 -32.56 0.14
CA LYS F 341 0.61 -33.51 -0.81
C LYS F 341 1.25 -34.88 -0.64
N TYR F 342 0.48 -35.92 -0.97
CA TYR F 342 0.99 -37.28 -0.95
C TYR F 342 1.95 -37.50 -2.10
N GLY F 343 3.10 -38.09 -1.80
CA GLY F 343 4.05 -38.43 -2.83
C GLY F 343 4.88 -37.26 -3.31
N GLU F 344 4.21 -36.17 -3.69
CA GLU F 344 4.94 -35.04 -4.28
C GLU F 344 5.76 -34.31 -3.23
N SER F 345 5.11 -33.74 -2.23
CA SER F 345 5.81 -32.93 -1.25
C SER F 345 6.89 -33.73 -0.55
N LEU F 346 8.05 -33.11 -0.39
CA LEU F 346 9.16 -33.70 0.37
C LEU F 346 9.31 -32.91 1.65
N CYS F 347 9.19 -33.58 2.79
CA CYS F 347 9.09 -32.94 4.09
C CYS F 347 10.22 -33.39 5.00
N PHE F 348 10.83 -32.44 5.70
CA PHE F 348 11.79 -32.73 6.75
C PHE F 348 11.05 -32.81 8.08
N VAL F 349 11.38 -33.79 8.90
CA VAL F 349 10.76 -33.96 10.20
C VAL F 349 11.67 -33.33 11.24
N GLN F 350 11.10 -32.48 12.08
CA GLN F 350 11.86 -31.78 13.11
C GLN F 350 11.19 -32.01 14.46
N HIS F 351 12.00 -32.32 15.47
CA HIS F 351 11.51 -32.37 16.83
C HIS F 351 11.32 -30.95 17.33
N VAL F 352 10.10 -30.61 17.73
CA VAL F 352 9.77 -29.22 18.03
C VAL F 352 10.56 -28.71 19.21
N ALA F 353 10.55 -29.45 20.32
CA ALA F 353 11.13 -28.95 21.56
C ALA F 353 12.62 -28.70 21.41
N SER F 354 13.33 -29.65 20.80
CA SER F 354 14.79 -29.55 20.71
C SER F 354 15.27 -28.95 19.40
N GLY F 355 14.43 -28.93 18.37
CA GLY F 355 14.83 -28.43 17.07
C GLY F 355 15.65 -29.40 16.25
N LEU F 356 15.88 -30.61 16.74
CA LEU F 356 16.69 -31.57 16.01
C LEU F 356 15.96 -32.07 14.78
N TRP F 357 16.71 -32.66 13.86
CA TRP F 357 16.17 -33.14 12.60
C TRP F 357 16.21 -34.66 12.57
N LEU F 358 15.15 -35.27 12.06
CA LEU F 358 15.10 -36.71 11.91
C LEU F 358 15.97 -37.14 10.74
N THR F 359 16.99 -37.94 11.02
CA THR F 359 17.94 -38.37 10.01
C THR F 359 18.27 -39.83 10.27
N TYR F 360 19.30 -40.33 9.58
CA TYR F 360 19.76 -41.69 9.78
C TYR F 360 21.15 -41.68 10.40
N ALA F 361 21.35 -42.60 11.35
CA ALA F 361 22.65 -42.74 11.97
C ALA F 361 23.68 -43.18 10.95
N ALA F 362 24.91 -42.72 11.13
CA ALA F 362 26.00 -43.11 10.24
C ALA F 362 26.09 -44.62 10.18
N PRO F 363 25.99 -45.24 8.99
CA PRO F 363 25.83 -46.70 8.94
C PRO F 363 26.94 -47.42 9.67
N ASP F 364 26.58 -48.12 10.74
CA ASP F 364 27.59 -48.76 11.58
C ASP F 364 28.33 -49.82 10.77
N PRO F 365 29.62 -50.01 10.99
CA PRO F 365 30.39 -50.98 10.20
C PRO F 365 30.06 -52.41 10.60
N LYS F 366 30.45 -53.33 9.71
CA LYS F 366 30.26 -54.78 9.86
C LYS F 366 28.81 -55.19 9.66
N ALA F 367 27.88 -54.23 9.67
CA ALA F 367 26.48 -54.57 9.45
C ALA F 367 26.20 -54.70 7.96
N LEU F 368 26.72 -53.77 7.17
CA LEU F 368 26.69 -53.93 5.72
C LEU F 368 27.48 -55.17 5.31
N ARG F 369 28.55 -55.48 6.03
CA ARG F 369 29.34 -56.66 5.70
C ARG F 369 28.53 -57.94 5.92
N LEU F 370 27.82 -58.04 7.05
CA LEU F 370 26.94 -59.18 7.25
C LEU F 370 25.83 -59.19 6.19
N GLY F 371 25.27 -58.03 5.87
CA GLY F 371 24.21 -57.93 4.89
C GLY F 371 23.06 -57.07 5.34
N VAL F 372 23.15 -56.52 6.55
CA VAL F 372 22.09 -55.68 7.09
C VAL F 372 21.94 -54.44 6.22
N LEU F 373 20.71 -54.11 5.86
CA LEU F 373 20.42 -52.98 4.98
C LEU F 373 19.40 -52.04 5.61
N LYS F 374 19.34 -52.02 6.94
CA LYS F 374 18.48 -51.10 7.67
C LYS F 374 19.37 -50.13 8.45
N LYS F 375 19.02 -48.85 8.40
CA LYS F 375 19.81 -47.80 9.04
C LYS F 375 19.05 -47.27 10.24
N LYS F 376 19.66 -47.33 11.41
CA LYS F 376 19.01 -46.78 12.59
C LYS F 376 18.75 -45.29 12.39
N ALA F 377 17.55 -44.84 12.73
CA ALA F 377 17.19 -43.45 12.64
C ALA F 377 17.53 -42.74 13.94
N MET F 378 17.99 -41.50 13.82
CA MET F 378 18.40 -40.71 14.96
C MET F 378 17.92 -39.28 14.77
N LEU F 379 17.98 -38.51 15.84
CA LEU F 379 17.72 -37.07 15.81
C LEU F 379 19.05 -36.36 15.95
N HIS F 380 19.38 -35.53 14.97
CA HIS F 380 20.68 -34.89 14.89
C HIS F 380 20.54 -33.38 14.76
N GLN F 381 21.62 -32.67 15.07
CA GLN F 381 21.59 -31.22 15.04
C GLN F 381 21.58 -30.68 13.62
N GLU F 382 22.24 -31.36 12.69
CA GLU F 382 22.30 -30.92 11.30
C GLU F 382 21.65 -31.93 10.35
N GLY F 383 22.04 -33.20 10.41
CA GLY F 383 21.49 -34.19 9.51
C GLY F 383 22.21 -34.22 8.17
N HIS F 384 21.50 -34.71 7.15
CA HIS F 384 22.03 -34.84 5.80
C HIS F 384 21.05 -34.22 4.82
N MET F 385 21.55 -33.97 3.61
CA MET F 385 20.74 -33.29 2.61
C MET F 385 19.56 -34.14 2.16
N ASP F 386 19.66 -35.46 2.29
CA ASP F 386 18.62 -36.38 1.83
C ASP F 386 17.71 -36.83 2.97
N ASP F 387 17.46 -35.96 3.94
CA ASP F 387 16.61 -36.28 5.08
C ASP F 387 15.13 -36.17 4.78
N ALA F 388 14.75 -35.59 3.64
CA ALA F 388 13.35 -35.37 3.35
C ALA F 388 12.62 -36.70 3.20
N LEU F 389 11.39 -36.76 3.72
CA LEU F 389 10.55 -37.94 3.65
C LEU F 389 9.35 -37.65 2.76
N SER F 390 8.89 -38.68 2.07
CA SER F 390 7.67 -38.59 1.27
C SER F 390 6.56 -39.36 1.96
N LEU F 391 5.41 -38.74 2.09
CA LEU F 391 4.26 -39.35 2.76
C LEU F 391 3.45 -40.11 1.73
N THR F 392 3.24 -41.40 1.97
CA THR F 392 2.52 -42.27 1.06
C THR F 392 1.26 -42.80 1.71
N ARG F 393 0.16 -42.76 0.97
CA ARG F 393 -1.12 -43.24 1.47
C ARG F 393 -1.15 -44.76 1.53
N CYS F 394 -1.88 -45.29 2.50
CA CYS F 394 -2.11 -46.72 2.63
C CYS F 394 -3.59 -47.02 2.44
N GLN F 395 -3.87 -48.25 2.02
CA GLN F 395 -5.25 -48.64 1.77
C GLN F 395 -6.03 -48.78 3.07
N GLN F 396 -7.34 -48.52 2.97
CA GLN F 396 -8.21 -48.64 4.13
C GLN F 396 -8.14 -50.03 4.72
N GLU F 397 -8.04 -51.05 3.86
CA GLU F 397 -7.91 -52.41 4.35
C GLU F 397 -6.64 -52.58 5.18
N GLU F 398 -5.53 -52.00 4.72
CA GLU F 398 -4.29 -52.09 5.48
C GLU F 398 -4.40 -51.40 6.83
N SER F 399 -4.96 -50.19 6.85
CA SER F 399 -5.06 -49.47 8.12
C SER F 399 -5.98 -50.18 9.10
N GLN F 400 -7.11 -50.69 8.61
CA GLN F 400 -8.02 -51.44 9.47
C GLN F 400 -7.33 -52.68 10.02
N ALA F 401 -6.59 -53.39 9.16
CA ALA F 401 -5.88 -54.58 9.62
C ALA F 401 -4.86 -54.22 10.70
N ALA F 402 -4.16 -53.10 10.53
CA ALA F 402 -3.17 -52.70 11.53
C ALA F 402 -3.82 -52.44 12.88
N ARG F 403 -4.92 -51.69 12.89
CA ARG F 403 -5.59 -51.42 14.15
C ARG F 403 -6.14 -52.70 14.77
N MET F 404 -6.68 -53.61 13.94
CA MET F 404 -7.16 -54.88 14.46
C MET F 404 -6.03 -55.69 15.07
N ILE F 405 -4.86 -55.68 14.43
CA ILE F 405 -3.71 -56.38 14.99
C ILE F 405 -3.35 -55.81 16.35
N TYR F 406 -3.35 -54.49 16.47
CA TYR F 406 -3.01 -53.88 17.76
C TYR F 406 -3.97 -54.35 18.84
N SER F 407 -5.27 -54.20 18.61
CA SER F 407 -6.24 -54.56 19.66
C SER F 407 -6.23 -56.05 19.95
N THR F 408 -6.16 -56.89 18.91
CA THR F 408 -6.17 -58.34 19.11
C THR F 408 -4.93 -58.80 19.85
N ALA F 409 -3.76 -58.25 19.52
CA ALA F 409 -2.56 -58.60 20.25
C ALA F 409 -2.70 -58.25 21.72
N GLY F 410 -3.23 -57.06 22.02
CA GLY F 410 -3.44 -56.70 23.41
C GLY F 410 -4.34 -57.70 24.12
N LEU F 411 -5.47 -58.04 23.49
CA LEU F 411 -6.43 -58.93 24.14
C LEU F 411 -5.83 -60.31 24.37
N TYR F 412 -5.17 -60.88 23.37
CA TYR F 412 -4.67 -62.24 23.51
C TYR F 412 -3.49 -62.29 24.47
N ASN F 413 -2.67 -61.25 24.50
CA ASN F 413 -1.60 -61.21 25.50
C ASN F 413 -2.19 -61.16 26.90
N GLN F 414 -3.25 -60.38 27.10
CA GLN F 414 -3.91 -60.37 28.40
C GLN F 414 -4.45 -61.75 28.75
N PHE F 415 -5.02 -62.45 27.77
CA PHE F 415 -5.51 -63.81 27.99
C PHE F 415 -4.39 -64.75 28.41
N ILE F 416 -3.26 -64.68 27.72
CA ILE F 416 -2.13 -65.56 28.03
C ILE F 416 -1.59 -65.26 29.42
N LYS F 417 -1.52 -63.97 29.79
CA LYS F 417 -1.09 -63.63 31.14
C LYS F 417 -2.06 -64.17 32.17
N GLY F 418 -3.36 -64.08 31.90
CA GLY F 418 -4.33 -64.65 32.81
C GLY F 418 -4.12 -66.13 33.01
N LEU F 419 -3.89 -66.87 31.92
CA LEU F 419 -3.65 -68.30 32.05
C LEU F 419 -2.38 -68.57 32.86
N ASP F 420 -1.29 -67.86 32.56
CA ASP F 420 -0.07 -68.06 33.32
C ASP F 420 -0.24 -67.70 34.79
N SER F 421 -1.22 -66.86 35.12
CA SER F 421 -1.42 -66.47 36.51
C SER F 421 -1.70 -67.69 37.39
N PHE F 422 -2.54 -68.61 36.91
CA PHE F 422 -2.86 -69.82 37.65
C PHE F 422 -2.29 -71.06 36.97
N SER F 423 -1.27 -70.88 36.12
CA SER F 423 -0.63 -72.00 35.42
C SER F 423 -0.56 -73.25 36.29
N GLY F 424 0.00 -73.12 37.50
CA GLY F 424 0.22 -74.28 38.34
C GLY F 424 -0.27 -74.16 39.77
N LYS F 425 -1.43 -73.52 39.96
CA LYS F 425 -1.97 -73.23 41.29
C LYS F 425 -3.38 -73.80 41.40
N PRO F 426 -3.52 -75.05 41.84
CA PRO F 426 -4.87 -75.61 42.00
C PRO F 426 -5.69 -74.80 43.00
N ARG F 427 -6.98 -74.66 42.71
CA ARG F 427 -7.87 -73.88 43.54
C ARG F 427 -8.52 -74.70 44.65
N GLY F 428 -8.37 -76.02 44.64
CA GLY F 428 -9.06 -76.86 45.60
C GLY F 428 -10.55 -76.68 45.48
N SER F 429 -11.16 -76.02 46.47
CA SER F 429 -12.57 -75.68 46.44
C SER F 429 -12.82 -74.19 46.52
N GLY F 430 -11.77 -73.37 46.59
CA GLY F 430 -11.92 -71.95 46.76
C GLY F 430 -11.94 -71.19 45.45
N PRO F 431 -11.60 -69.90 45.49
CA PRO F 431 -11.63 -69.08 44.28
C PRO F 431 -10.55 -69.50 43.31
N PRO F 432 -10.72 -69.21 42.01
CA PRO F 432 -9.77 -69.69 41.01
C PRO F 432 -8.31 -69.40 41.33
N ALA F 433 -8.05 -68.44 42.22
CA ALA F 433 -6.69 -68.11 42.65
C ALA F 433 -5.86 -67.59 41.47
N GLY F 434 -6.37 -66.52 40.86
CA GLY F 434 -5.65 -65.88 39.79
C GLY F 434 -6.38 -64.62 39.35
N SER F 435 -5.96 -64.10 38.21
CA SER F 435 -6.64 -62.95 37.61
C SER F 435 -7.78 -63.42 36.72
N ALA F 436 -8.80 -62.58 36.61
CA ALA F 436 -9.96 -62.92 35.81
C ALA F 436 -9.60 -63.01 34.34
N LEU F 437 -10.30 -63.88 33.62
CA LEU F 437 -10.01 -64.11 32.21
C LEU F 437 -11.00 -63.35 31.33
N PRO F 438 -10.55 -62.73 30.25
CA PRO F 438 -11.49 -62.08 29.32
C PRO F 438 -12.16 -63.08 28.39
N ILE F 439 -12.98 -63.96 28.96
CA ILE F 439 -13.59 -65.04 28.19
C ILE F 439 -14.50 -64.48 27.12
N GLU F 440 -15.36 -63.54 27.48
CA GLU F 440 -16.34 -63.01 26.53
C GLU F 440 -15.63 -62.27 25.40
N GLY F 441 -14.66 -61.44 25.75
CA GLY F 441 -13.91 -60.72 24.73
C GLY F 441 -13.17 -61.66 23.80
N VAL F 442 -12.54 -62.69 24.36
CA VAL F 442 -11.80 -63.63 23.53
C VAL F 442 -12.73 -64.35 22.58
N ILE F 443 -13.89 -64.80 23.07
CA ILE F 443 -14.83 -65.53 22.21
C ILE F 443 -15.31 -64.62 21.09
N LEU F 444 -15.72 -63.40 21.43
CA LEU F 444 -16.24 -62.49 20.42
C LEU F 444 -15.16 -62.15 19.40
N SER F 445 -13.94 -61.91 19.86
CA SER F 445 -12.85 -61.57 18.96
C SER F 445 -12.54 -62.73 18.01
N LEU F 446 -12.53 -63.96 18.53
CA LEU F 446 -12.27 -65.10 17.67
C LEU F 446 -13.34 -65.26 16.62
N GLN F 447 -14.61 -65.10 17.01
CA GLN F 447 -15.68 -65.19 16.01
C GLN F 447 -15.54 -64.09 14.97
N ASP F 448 -15.24 -62.87 15.40
CA ASP F 448 -15.08 -61.76 14.46
C ASP F 448 -13.94 -62.02 13.49
N LEU F 449 -12.82 -62.55 13.98
CA LEU F 449 -11.69 -62.79 13.10
C LEU F 449 -11.94 -63.96 12.16
N ILE F 450 -12.67 -64.99 12.60
CA ILE F 450 -13.04 -66.06 11.69
C ILE F 450 -13.90 -65.50 10.55
N GLY F 451 -14.88 -64.68 10.88
CA GLY F 451 -15.66 -64.04 9.84
C GLY F 451 -14.82 -63.15 8.94
N TYR F 452 -13.84 -62.46 9.54
CA TYR F 452 -12.94 -61.58 8.79
C TYR F 452 -12.14 -62.36 7.77
N PHE F 453 -11.65 -63.54 8.15
CA PHE F 453 -10.81 -64.36 7.28
C PHE F 453 -11.62 -65.39 6.49
N GLU F 454 -12.94 -65.30 6.53
CA GLU F 454 -13.77 -66.23 5.77
C GLU F 454 -13.38 -66.22 4.29
N PRO F 455 -13.16 -67.38 3.67
CA PRO F 455 -12.84 -67.40 2.24
C PRO F 455 -14.03 -66.98 1.41
N PRO F 456 -13.80 -66.45 0.21
CA PRO F 456 -14.92 -65.93 -0.60
C PRO F 456 -15.86 -67.03 -1.05
N SER F 457 -17.12 -66.65 -1.24
CA SER F 457 -18.14 -67.60 -1.66
C SER F 457 -17.84 -68.15 -3.05
N GLU F 458 -18.10 -69.44 -3.23
CA GLU F 458 -17.79 -70.08 -4.51
C GLU F 458 -18.69 -69.57 -5.63
N GLU F 459 -19.92 -69.17 -5.31
CA GLU F 459 -20.87 -68.71 -6.33
C GLU F 459 -20.71 -67.20 -6.55
N LEU F 460 -19.54 -66.82 -7.05
CA LEU F 460 -19.23 -65.43 -7.35
C LEU F 460 -18.61 -65.34 -8.74
N GLN F 461 -18.79 -64.19 -9.37
CA GLN F 461 -18.15 -63.94 -10.64
C GLN F 461 -16.63 -64.00 -10.48
N HIS F 462 -15.96 -64.55 -11.49
CA HIS F 462 -14.53 -64.81 -11.40
C HIS F 462 -13.75 -63.59 -10.95
N GLU F 463 -14.05 -62.43 -11.53
CA GLU F 463 -13.30 -61.22 -11.19
C GLU F 463 -13.45 -60.87 -9.72
N GLU F 464 -14.69 -60.87 -9.21
CA GLU F 464 -14.91 -60.53 -7.82
C GLU F 464 -14.24 -61.55 -6.90
N LYS F 465 -14.33 -62.82 -7.25
CA LYS F 465 -13.68 -63.84 -6.44
C LYS F 465 -12.18 -63.63 -6.40
N GLN F 466 -11.58 -63.29 -7.54
CA GLN F 466 -10.12 -63.07 -7.56
C GLN F 466 -9.73 -61.87 -6.72
N THR F 467 -10.50 -60.78 -6.81
CA THR F 467 -10.17 -59.62 -5.98
C THR F 467 -10.30 -59.94 -4.50
N LYS F 468 -11.35 -60.67 -4.12
CA LYS F 468 -11.51 -61.04 -2.72
C LYS F 468 -10.40 -61.97 -2.27
N LEU F 469 -9.96 -62.88 -3.14
CA LEU F 469 -8.85 -63.77 -2.80
C LEU F 469 -7.57 -62.98 -2.60
N ARG F 470 -7.31 -62.00 -3.45
CA ARG F 470 -6.12 -61.17 -3.28
C ARG F 470 -6.17 -60.44 -1.94
N SER F 471 -7.31 -59.86 -1.61
CA SER F 471 -7.45 -59.16 -0.33
C SER F 471 -7.25 -60.11 0.84
N LEU F 472 -7.83 -61.31 0.75
CA LEU F 472 -7.69 -62.28 1.83
C LEU F 472 -6.24 -62.69 2.03
N ARG F 473 -5.53 -62.95 0.93
CA ARG F 473 -4.12 -63.32 1.04
C ARG F 473 -3.33 -62.19 1.67
N ASN F 474 -3.59 -60.95 1.27
CA ASN F 474 -2.85 -59.83 1.84
C ASN F 474 -3.11 -59.71 3.33
N ARG F 475 -4.36 -59.89 3.76
CA ARG F 475 -4.67 -59.78 5.17
C ARG F 475 -4.02 -60.89 5.98
N GLN F 476 -4.05 -62.12 5.45
CA GLN F 476 -3.36 -63.22 6.12
C GLN F 476 -1.89 -62.93 6.28
N SER F 477 -1.26 -62.41 5.22
CA SER F 477 0.15 -62.08 5.30
C SER F 477 0.41 -60.98 6.34
N LEU F 478 -0.44 -59.96 6.38
CA LEU F 478 -0.25 -58.89 7.36
C LEU F 478 -0.30 -59.43 8.78
N PHE F 479 -1.32 -60.25 9.08
CA PHE F 479 -1.43 -60.80 10.43
C PHE F 479 -0.24 -61.69 10.76
N GLN F 480 0.16 -62.55 9.83
CA GLN F 480 1.29 -63.44 10.12
C GLN F 480 2.56 -62.64 10.35
N GLU F 481 2.81 -61.62 9.52
CA GLU F 481 4.02 -60.83 9.68
C GLU F 481 4.03 -60.09 11.00
N GLU F 482 2.88 -59.59 11.45
CA GLU F 482 2.82 -58.98 12.76
C GLU F 482 2.84 -60.01 13.88
N GLY F 483 2.73 -61.29 13.57
CA GLY F 483 2.98 -62.32 14.56
C GLY F 483 1.75 -62.82 15.27
N MET F 484 0.58 -62.71 14.64
CA MET F 484 -0.64 -63.21 15.26
C MET F 484 -0.71 -64.73 15.25
N LEU F 485 -0.05 -65.36 14.28
CA LEU F 485 -0.02 -66.82 14.25
C LEU F 485 0.65 -67.38 15.49
N SER F 486 1.80 -66.82 15.87
CA SER F 486 2.48 -67.28 17.07
C SER F 486 1.62 -67.05 18.31
N LEU F 487 0.88 -65.95 18.34
CA LEU F 487 0.02 -65.68 19.47
C LEU F 487 -1.10 -66.71 19.58
N VAL F 488 -1.72 -67.06 18.46
CA VAL F 488 -2.76 -68.08 18.48
C VAL F 488 -2.18 -69.42 18.92
N LEU F 489 -0.99 -69.75 18.42
CA LEU F 489 -0.36 -71.00 18.83
C LEU F 489 -0.05 -71.01 20.32
N ASN F 490 0.38 -69.87 20.86
CA ASN F 490 0.66 -69.79 22.29
C ASN F 490 -0.62 -69.99 23.11
N CYS F 491 -1.71 -69.35 22.69
CA CYS F 491 -2.98 -69.56 23.38
C CYS F 491 -3.37 -71.04 23.33
N ILE F 492 -3.19 -71.66 22.17
CA ILE F 492 -3.54 -73.07 22.03
C ILE F 492 -2.69 -73.92 22.97
N ASP F 493 -1.40 -73.59 23.09
CA ASP F 493 -0.53 -74.34 24.01
C ASP F 493 -1.02 -74.24 25.44
N ARG F 494 -1.27 -73.01 25.89
CA ARG F 494 -1.68 -72.83 27.29
C ARG F 494 -2.98 -73.57 27.57
N LEU F 495 -3.93 -73.52 26.63
CA LEU F 495 -5.19 -74.21 26.85
C LEU F 495 -5.06 -75.72 26.68
N ASN F 496 -4.10 -76.19 25.88
CA ASN F 496 -3.89 -77.61 25.67
C ASN F 496 -3.26 -78.27 26.88
N VAL F 497 -2.51 -77.52 27.68
CA VAL F 497 -1.96 -78.10 28.91
C VAL F 497 -3.03 -78.89 29.65
N TYR F 498 -4.28 -78.44 29.58
CA TYR F 498 -5.38 -79.13 30.24
C TYR F 498 -6.04 -80.12 29.30
N THR F 499 -6.46 -81.26 29.84
CA THR F 499 -6.98 -82.35 29.01
C THR F 499 -8.48 -82.32 28.86
N THR F 500 -9.21 -81.60 29.71
CA THR F 500 -10.66 -81.54 29.61
C THR F 500 -11.17 -80.33 30.37
N ALA F 501 -12.45 -80.06 30.22
CA ALA F 501 -13.05 -78.88 30.85
C ALA F 501 -12.98 -78.98 32.37
N ALA F 502 -13.19 -80.18 32.92
CA ALA F 502 -13.11 -80.33 34.37
C ALA F 502 -11.69 -80.13 34.88
N HIS F 503 -10.71 -80.66 34.16
CA HIS F 503 -9.32 -80.43 34.54
C HIS F 503 -8.99 -78.96 34.48
N PHE F 504 -9.53 -78.24 33.49
CA PHE F 504 -9.35 -76.80 33.44
C PHE F 504 -10.03 -76.11 34.62
N ALA F 505 -11.24 -76.54 34.95
CA ALA F 505 -11.97 -75.95 36.06
C ALA F 505 -11.24 -76.11 37.37
N GLU F 506 -10.47 -77.19 37.53
CA GLU F 506 -9.70 -77.35 38.75
C GLU F 506 -8.71 -76.22 38.98
N PHE F 507 -8.35 -75.47 37.94
CA PHE F 507 -7.42 -74.35 38.07
C PHE F 507 -8.04 -73.00 37.79
N ALA F 508 -9.08 -72.93 36.96
CA ALA F 508 -9.68 -71.66 36.57
C ALA F 508 -11.06 -71.43 37.13
N GLY F 509 -11.73 -72.46 37.60
CA GLY F 509 -13.08 -72.32 38.10
C GLY F 509 -14.11 -72.78 37.10
N GLU F 510 -15.30 -73.13 37.61
CA GLU F 510 -16.32 -73.70 36.75
C GLU F 510 -16.83 -72.69 35.73
N GLU F 511 -16.97 -71.43 36.14
CA GLU F 511 -17.47 -70.41 35.22
C GLU F 511 -16.55 -70.28 34.01
N ALA F 512 -15.23 -70.18 34.26
CA ALA F 512 -14.30 -70.12 33.14
C ALA F 512 -14.31 -71.41 32.35
N ALA F 513 -14.38 -72.55 33.02
CA ALA F 513 -14.33 -73.83 32.34
C ALA F 513 -15.55 -74.06 31.46
N GLU F 514 -16.64 -73.34 31.70
CA GLU F 514 -17.81 -73.49 30.85
C GLU F 514 -17.56 -73.06 29.41
N SER F 515 -16.46 -72.35 29.14
CA SER F 515 -16.15 -71.89 27.80
C SER F 515 -14.87 -72.48 27.24
N TRP F 516 -14.24 -73.42 27.94
CA TRP F 516 -12.95 -73.96 27.50
C TRP F 516 -13.07 -74.62 26.14
N LYS F 517 -14.05 -75.51 25.97
CA LYS F 517 -14.19 -76.23 24.71
C LYS F 517 -14.47 -75.27 23.57
N GLU F 518 -15.36 -74.31 23.79
CA GLU F 518 -15.68 -73.34 22.74
C GLU F 518 -14.46 -72.54 22.34
N ILE F 519 -13.68 -72.09 23.33
CA ILE F 519 -12.50 -71.28 23.01
C ILE F 519 -11.49 -72.11 22.24
N VAL F 520 -11.30 -73.37 22.64
CA VAL F 520 -10.33 -74.21 21.93
C VAL F 520 -10.76 -74.41 20.48
N ASN F 521 -12.03 -74.73 20.27
CA ASN F 521 -12.51 -74.93 18.90
C ASN F 521 -12.40 -73.66 18.07
N LEU F 522 -12.72 -72.52 18.67
CA LEU F 522 -12.62 -71.25 17.95
C LEU F 522 -11.17 -70.94 17.60
N LEU F 523 -10.24 -71.23 18.51
CA LEU F 523 -8.84 -71.00 18.20
C LEU F 523 -8.37 -71.86 17.03
N TYR F 524 -8.78 -73.13 17.00
CA TYR F 524 -8.39 -73.97 15.87
C TYR F 524 -9.03 -73.49 14.57
N GLU F 525 -10.29 -73.06 14.62
CA GLU F 525 -10.92 -72.52 13.42
C GLU F 525 -10.20 -71.28 12.94
N LEU F 526 -9.78 -70.40 13.85
CA LEU F 526 -9.04 -69.22 13.46
C LEU F 526 -7.70 -69.59 12.84
N LEU F 527 -7.02 -70.59 13.40
CA LEU F 527 -5.75 -71.02 12.82
C LEU F 527 -5.94 -71.51 11.39
N ALA F 528 -6.98 -72.33 11.18
CA ALA F 528 -7.26 -72.80 9.83
C ALA F 528 -7.59 -71.66 8.89
N SER F 529 -8.38 -70.69 9.35
CA SER F 529 -8.71 -69.55 8.51
C SER F 529 -7.48 -68.71 8.20
N LEU F 530 -6.54 -68.62 9.14
CA LEU F 530 -5.33 -67.84 8.97
C LEU F 530 -4.36 -68.46 7.98
N ILE F 531 -4.27 -69.78 7.91
CA ILE F 531 -3.32 -70.41 7.01
C ILE F 531 -3.95 -70.91 5.72
N ARG F 532 -5.26 -71.04 5.62
CA ARG F 532 -5.87 -71.69 4.47
C ARG F 532 -5.48 -70.99 3.17
N GLY F 533 -5.02 -71.76 2.20
CA GLY F 533 -4.69 -71.24 0.90
C GLY F 533 -3.44 -70.38 0.84
N ASN F 534 -2.69 -70.30 1.92
CA ASN F 534 -1.53 -69.42 2.02
C ASN F 534 -0.29 -70.29 2.13
N ARG F 535 0.48 -70.36 1.04
CA ARG F 535 1.67 -71.20 1.03
C ARG F 535 2.67 -70.74 2.08
N THR F 536 2.87 -69.44 2.21
CA THR F 536 3.86 -68.92 3.15
C THR F 536 3.49 -69.29 4.58
N ASN F 537 2.24 -69.06 4.96
CA ASN F 537 1.81 -69.39 6.32
C ASN F 537 1.86 -70.90 6.55
N CYS F 538 1.42 -71.68 5.57
CA CYS F 538 1.41 -73.13 5.76
C CYS F 538 2.82 -73.68 5.90
N ALA F 539 3.79 -73.13 5.18
CA ALA F 539 5.15 -73.65 5.24
C ALA F 539 5.77 -73.47 6.62
N LEU F 540 5.21 -72.60 7.46
CA LEU F 540 5.78 -72.38 8.78
C LEU F 540 5.69 -73.62 9.66
N PHE F 541 4.83 -74.57 9.33
CA PHE F 541 4.66 -75.77 10.13
C PHE F 541 5.70 -76.84 9.83
N SER F 542 6.53 -76.65 8.80
CA SER F 542 7.54 -77.66 8.50
C SER F 542 8.52 -77.83 9.65
N THR F 543 8.64 -76.82 10.51
CA THR F 543 9.55 -76.91 11.65
C THR F 543 8.90 -77.55 12.86
N ASN F 544 7.59 -77.38 13.04
CA ASN F 544 6.89 -77.85 14.24
C ASN F 544 5.68 -78.69 13.83
N LEU F 545 5.90 -79.61 12.89
CA LEU F 545 4.83 -80.52 12.51
C LEU F 545 4.41 -81.42 13.66
N ASP F 546 5.36 -81.87 14.49
CA ASP F 546 5.00 -82.69 15.64
C ASP F 546 3.99 -81.98 16.53
N TRP F 547 4.13 -80.66 16.67
CA TRP F 547 3.18 -79.89 17.47
C TRP F 547 1.75 -80.13 17.00
N LEU F 548 1.56 -80.25 15.70
CA LEU F 548 0.21 -80.41 15.15
C LEU F 548 -0.22 -81.86 15.15
N VAL F 549 0.66 -82.76 14.70
CA VAL F 549 0.27 -84.17 14.60
C VAL F 549 0.02 -84.78 15.97
N SER F 550 0.75 -84.35 16.99
CA SER F 550 0.57 -84.91 18.32
C SER F 550 -0.78 -84.56 18.93
N LYS F 551 -1.51 -83.63 18.34
CA LYS F 551 -2.80 -83.20 18.86
C LYS F 551 -3.98 -83.83 18.14
N LEU F 552 -3.75 -84.71 17.16
CA LEU F 552 -4.85 -85.21 16.35
C LEU F 552 -5.83 -86.02 17.18
N ASP F 553 -5.37 -86.67 18.25
CA ASP F 553 -6.23 -87.53 19.04
C ASP F 553 -6.94 -86.81 20.18
N ARG F 554 -6.69 -85.51 20.36
CA ARG F 554 -7.46 -84.75 21.33
C ARG F 554 -8.93 -84.75 20.93
N LEU F 555 -9.80 -85.02 21.89
CA LEU F 555 -11.20 -85.26 21.58
C LEU F 555 -12.05 -84.00 21.58
N GLU F 556 -11.55 -82.88 22.09
CA GLU F 556 -12.38 -81.68 22.18
C GLU F 556 -12.52 -80.99 20.82
N ALA F 557 -11.47 -81.01 20.00
CA ALA F 557 -11.47 -80.28 18.74
C ALA F 557 -10.85 -81.12 17.62
N SER F 558 -11.25 -82.39 17.54
CA SER F 558 -10.64 -83.29 16.58
C SER F 558 -10.85 -82.80 15.15
N SER F 559 -12.08 -82.40 14.82
CA SER F 559 -12.38 -81.97 13.46
C SER F 559 -11.60 -80.71 13.10
N GLY F 560 -11.50 -79.76 14.04
CA GLY F 560 -10.75 -78.55 13.76
C GLY F 560 -9.27 -78.82 13.56
N ILE F 561 -8.69 -79.68 14.40
CA ILE F 561 -7.27 -80.01 14.25
C ILE F 561 -7.04 -80.70 12.92
N LEU F 562 -7.94 -81.60 12.53
CA LEU F 562 -7.81 -82.26 11.24
C LEU F 562 -7.92 -81.26 10.11
N GLU F 563 -8.81 -80.27 10.23
CA GLU F 563 -8.92 -79.25 9.19
C GLU F 563 -7.64 -78.45 9.06
N VAL F 564 -7.01 -78.11 10.19
CA VAL F 564 -5.74 -77.38 10.14
C VAL F 564 -4.69 -78.20 9.42
N LEU F 565 -4.60 -79.49 9.78
CA LEU F 565 -3.61 -80.36 9.13
C LEU F 565 -3.89 -80.47 7.64
N TYR F 566 -5.16 -80.57 7.27
CA TYR F 566 -5.54 -80.66 5.87
C TYR F 566 -5.08 -79.44 5.11
N CYS F 567 -5.33 -78.25 5.66
CA CYS F 567 -4.89 -77.04 4.98
C CYS F 567 -3.37 -77.01 4.81
N VAL F 568 -2.64 -77.34 5.87
CA VAL F 568 -1.19 -77.32 5.79
C VAL F 568 -0.69 -78.25 4.70
N LEU F 569 -1.19 -79.49 4.69
CA LEU F 569 -0.72 -80.46 3.70
C LEU F 569 -1.17 -80.12 2.30
N ILE F 570 -2.34 -79.49 2.14
CA ILE F 570 -2.80 -79.12 0.82
C ILE F 570 -1.90 -78.04 0.24
N GLU F 571 -1.39 -77.13 1.06
CA GLU F 571 -0.66 -76.00 0.51
C GLU F 571 0.86 -76.12 0.52
N SER F 572 1.45 -76.86 1.44
CA SER F 572 2.90 -76.79 1.62
C SER F 572 3.61 -78.07 1.20
N PRO F 573 4.36 -78.07 0.10
CA PRO F 573 5.24 -79.21 -0.18
C PRO F 573 6.36 -79.39 0.83
N GLU F 574 6.77 -78.32 1.51
CA GLU F 574 7.86 -78.43 2.47
C GLU F 574 7.50 -79.37 3.62
N VAL F 575 6.26 -79.29 4.10
CA VAL F 575 5.80 -80.22 5.12
C VAL F 575 5.78 -81.63 4.58
N LEU F 576 5.30 -81.80 3.34
CA LEU F 576 5.28 -83.11 2.72
C LEU F 576 6.66 -83.72 2.67
N ASN F 577 7.69 -82.91 2.51
CA ASN F 577 9.05 -83.43 2.41
C ASN F 577 9.70 -83.71 3.75
N ILE F 578 9.02 -83.45 4.86
CA ILE F 578 9.52 -83.80 6.18
C ILE F 578 8.59 -84.73 6.93
N ILE F 579 7.44 -85.07 6.35
CA ILE F 579 6.58 -86.08 6.97
C ILE F 579 7.37 -87.35 7.24
N GLN F 580 7.01 -88.06 8.30
CA GLN F 580 7.72 -89.26 8.73
C GLN F 580 6.74 -90.39 9.04
N GLU F 581 7.31 -91.57 9.32
CA GLU F 581 6.51 -92.76 9.56
C GLU F 581 5.63 -92.60 10.80
N ASN F 582 6.14 -92.00 11.86
CA ASN F 582 5.33 -91.82 13.05
C ASN F 582 4.16 -90.89 12.79
N HIS F 583 4.37 -89.86 11.97
CA HIS F 583 3.27 -88.98 11.60
C HIS F 583 2.21 -89.75 10.82
N ILE F 584 2.64 -90.54 9.84
CA ILE F 584 1.68 -91.31 9.06
C ILE F 584 0.93 -92.29 9.94
N LYS F 585 1.63 -92.90 10.89
CA LYS F 585 0.99 -93.86 11.79
C LYS F 585 -0.03 -93.18 12.68
N SER F 586 0.26 -91.97 13.15
CA SER F 586 -0.74 -91.23 13.92
C SER F 586 -1.97 -90.92 13.07
N ILE F 587 -1.75 -90.53 11.81
CA ILE F 587 -2.89 -90.22 10.96
C ILE F 587 -3.73 -91.46 10.71
N ILE F 588 -3.10 -92.63 10.57
CA ILE F 588 -3.86 -93.87 10.39
C ILE F 588 -4.59 -94.26 11.68
N SER F 589 -3.93 -94.06 12.82
CA SER F 589 -4.60 -94.31 14.09
C SER F 589 -5.81 -93.43 14.26
N LEU F 590 -5.81 -92.26 13.60
CA LEU F 590 -7.04 -91.46 13.57
C LEU F 590 -8.20 -92.24 12.96
N LEU F 591 -7.97 -92.89 11.82
CA LEU F 591 -8.99 -93.75 11.24
C LEU F 591 -9.39 -94.84 12.21
N ASP F 592 -8.39 -95.45 12.85
CA ASP F 592 -8.67 -96.58 13.73
C ASP F 592 -9.56 -96.18 14.91
N LYS F 593 -9.30 -95.01 15.49
CA LYS F 593 -9.93 -94.64 16.76
C LYS F 593 -11.14 -93.73 16.62
N HIS F 594 -11.29 -93.01 15.50
CA HIS F 594 -12.42 -92.12 15.34
C HIS F 594 -13.45 -92.59 14.33
N GLY F 595 -13.16 -93.64 13.57
CA GLY F 595 -14.11 -94.19 12.63
C GLY F 595 -13.75 -93.85 11.19
N ARG F 596 -14.62 -94.28 10.29
CA ARG F 596 -14.40 -94.14 8.85
C ARG F 596 -14.82 -92.75 8.43
N ASN F 597 -13.86 -91.83 8.39
CA ASN F 597 -14.08 -90.45 7.99
C ASN F 597 -13.29 -90.18 6.72
N HIS F 598 -14.00 -89.78 5.66
CA HIS F 598 -13.34 -89.58 4.37
C HIS F 598 -12.35 -88.42 4.39
N LYS F 599 -12.49 -87.49 5.33
CA LYS F 599 -11.52 -86.40 5.43
C LYS F 599 -10.15 -86.93 5.81
N VAL F 600 -10.11 -88.02 6.57
CA VAL F 600 -8.82 -88.61 6.92
C VAL F 600 -8.13 -89.18 5.69
N LEU F 601 -8.90 -89.80 4.78
CA LEU F 601 -8.32 -90.29 3.54
C LEU F 601 -7.86 -89.14 2.66
N ASP F 602 -8.66 -88.07 2.62
CA ASP F 602 -8.26 -86.87 1.90
C ASP F 602 -6.93 -86.35 2.42
N VAL F 603 -6.76 -86.32 3.74
CA VAL F 603 -5.48 -85.95 4.32
C VAL F 603 -4.41 -86.95 3.91
N LEU F 604 -4.75 -88.24 3.91
CA LEU F 604 -3.75 -89.27 3.73
C LEU F 604 -3.08 -89.15 2.37
N CYS F 605 -3.84 -88.85 1.32
CA CYS F 605 -3.20 -88.54 0.04
C CYS F 605 -3.36 -87.10 -0.39
N SER F 606 -3.39 -86.18 0.56
CA SER F 606 -2.70 -84.92 0.37
C SER F 606 -1.20 -85.08 0.59
N LEU F 607 -0.79 -86.16 1.26
CA LEU F 607 0.61 -86.51 1.44
C LEU F 607 1.19 -87.22 0.23
N CYS F 608 0.36 -87.85 -0.59
CA CYS F 608 0.85 -88.68 -1.68
C CYS F 608 1.35 -87.83 -2.84
N VAL F 609 0.68 -86.72 -3.15
CA VAL F 609 1.06 -85.86 -4.27
C VAL F 609 0.72 -84.42 -3.91
N CYS F 610 1.55 -83.49 -4.38
CA CYS F 610 1.34 -82.06 -4.17
C CYS F 610 1.85 -81.29 -5.37
N ASN F 611 0.97 -80.53 -6.01
CA ASN F 611 1.34 -79.70 -7.17
C ASN F 611 1.91 -80.55 -8.30
N GLY F 612 1.36 -81.75 -8.47
CA GLY F 612 1.80 -82.62 -9.54
C GLY F 612 3.14 -83.30 -9.31
N VAL F 613 3.61 -83.34 -8.08
CA VAL F 613 4.86 -84.01 -7.72
C VAL F 613 4.56 -85.01 -6.60
N ALA F 614 5.05 -86.23 -6.76
CA ALA F 614 4.76 -87.30 -5.82
C ALA F 614 5.93 -87.51 -4.86
N VAL F 615 5.60 -87.92 -3.63
CA VAL F 615 6.60 -88.23 -2.62
C VAL F 615 6.56 -89.74 -2.43
N ARG F 616 7.56 -90.42 -3.00
CA ARG F 616 7.59 -91.87 -2.98
C ARG F 616 7.65 -92.41 -1.55
N SER F 617 8.41 -91.75 -0.68
CA SER F 617 8.51 -92.21 0.69
C SER F 617 7.15 -92.21 1.38
N ASN F 618 6.38 -91.12 1.20
CA ASN F 618 5.06 -91.05 1.81
C ASN F 618 4.13 -92.10 1.21
N GLN F 619 4.17 -92.27 -0.11
CA GLN F 619 3.34 -93.29 -0.75
C GLN F 619 3.65 -94.67 -0.18
N ASP F 620 4.94 -95.01 -0.09
CA ASP F 620 5.35 -96.31 0.41
C ASP F 620 4.93 -96.50 1.86
N LEU F 621 5.10 -95.47 2.68
CA LEU F 621 4.74 -95.60 4.09
C LEU F 621 3.24 -95.81 4.26
N ILE F 622 2.43 -95.05 3.52
CA ILE F 622 0.99 -95.26 3.61
C ILE F 622 0.63 -96.66 3.17
N THR F 623 1.20 -97.12 2.05
CA THR F 623 0.88 -98.45 1.55
C THR F 623 1.27 -99.53 2.56
N GLU F 624 2.43 -99.40 3.17
CA GLU F 624 2.93 -100.42 4.09
C GLU F 624 2.21 -100.41 5.42
N ASN F 625 1.67 -99.27 5.86
CA ASN F 625 1.05 -99.18 7.17
C ASN F 625 -0.47 -99.25 7.14
N LEU F 626 -1.10 -99.09 5.99
CA LEU F 626 -2.56 -99.07 5.93
C LEU F 626 -3.16 -100.28 5.23
N LEU F 627 -2.57 -100.75 4.15
CA LEU F 627 -3.21 -101.77 3.32
C LEU F 627 -3.10 -103.18 3.89
N PRO F 628 -1.91 -103.67 4.23
CA PRO F 628 -1.76 -105.12 4.48
C PRO F 628 -2.64 -105.66 5.59
N GLY F 629 -2.96 -104.84 6.60
CA GLY F 629 -3.81 -105.31 7.67
C GLY F 629 -5.20 -105.72 7.19
N ARG F 630 -5.74 -105.00 6.21
CA ARG F 630 -7.05 -105.30 5.64
C ARG F 630 -8.14 -105.27 6.72
N GLU F 631 -7.99 -104.34 7.66
CA GLU F 631 -8.94 -104.21 8.76
C GLU F 631 -9.61 -102.85 8.85
N LEU F 632 -9.12 -101.84 8.16
CA LEU F 632 -9.66 -100.49 8.26
C LEU F 632 -10.45 -100.09 7.01
N LEU F 633 -9.88 -100.30 5.84
CA LEU F 633 -10.58 -100.03 4.59
C LEU F 633 -11.56 -101.15 4.30
N LEU F 634 -12.63 -100.81 3.57
CA LEU F 634 -13.60 -101.81 3.16
C LEU F 634 -13.01 -102.67 2.04
N GLN F 635 -13.20 -103.98 2.15
CA GLN F 635 -12.60 -104.94 1.23
C GLN F 635 -13.64 -105.39 0.20
N THR F 636 -13.15 -105.75 -0.98
CA THR F 636 -14.01 -106.17 -2.07
C THR F 636 -13.46 -107.44 -2.71
N ASN F 637 -14.36 -108.21 -3.33
CA ASN F 637 -14.00 -109.45 -3.97
C ASN F 637 -15.20 -109.96 -4.75
N LEU F 638 -14.94 -110.79 -5.76
CA LEU F 638 -16.00 -111.45 -6.52
C LEU F 638 -16.28 -112.80 -5.89
N ILE F 639 -17.55 -113.07 -5.60
CA ILE F 639 -17.94 -114.28 -4.91
C ILE F 639 -19.09 -114.93 -5.66
N ASN F 640 -19.24 -116.24 -5.46
CA ASN F 640 -20.30 -117.01 -6.10
C ASN F 640 -21.60 -116.86 -5.33
N TYR F 641 -22.71 -116.82 -6.05
CA TYR F 641 -24.01 -116.97 -5.42
C TYR F 641 -24.21 -118.42 -4.99
N VAL F 642 -24.78 -118.61 -3.81
CA VAL F 642 -25.03 -119.93 -3.25
C VAL F 642 -26.50 -120.01 -2.87
N THR F 643 -27.10 -121.18 -3.11
CA THR F 643 -28.49 -121.42 -2.76
C THR F 643 -28.62 -122.79 -2.12
N SER F 644 -29.75 -123.00 -1.45
CA SER F 644 -30.01 -124.23 -0.70
C SER F 644 -31.31 -124.85 -1.18
N ILE F 645 -31.37 -126.18 -1.12
CA ILE F 645 -32.55 -126.92 -1.50
C ILE F 645 -32.79 -128.00 -0.47
N ARG F 646 -34.06 -128.23 -0.15
CA ARG F 646 -34.45 -129.22 0.84
C ARG F 646 -35.68 -129.98 0.36
N PRO F 647 -35.86 -131.22 0.81
CA PRO F 647 -37.17 -131.84 0.72
C PRO F 647 -38.05 -131.40 1.88
N ASN F 648 -39.36 -131.44 1.66
CA ASN F 648 -40.27 -131.00 2.71
C ASN F 648 -40.38 -132.08 3.79
N ILE F 649 -39.28 -132.33 4.48
CA ILE F 649 -39.21 -133.32 5.55
C ILE F 649 -38.74 -132.59 6.81
N PHE F 650 -39.53 -132.68 7.87
CA PHE F 650 -39.26 -131.94 9.11
C PHE F 650 -39.41 -132.87 10.29
N VAL F 651 -38.34 -133.00 11.08
CA VAL F 651 -38.30 -133.91 12.21
C VAL F 651 -37.70 -133.18 13.39
N GLY F 652 -38.24 -133.43 14.58
CA GLY F 652 -37.77 -132.79 15.79
C GLY F 652 -38.03 -133.67 16.98
N ARG F 653 -37.79 -133.12 18.17
CA ARG F 653 -38.06 -133.79 19.42
C ARG F 653 -38.75 -132.85 20.38
N ALA F 654 -39.72 -133.36 21.12
CA ALA F 654 -40.35 -132.64 22.22
C ALA F 654 -40.94 -133.67 23.16
N GLU F 655 -41.12 -133.29 24.42
CA GLU F 655 -41.67 -134.19 25.41
C GLU F 655 -43.10 -134.54 25.03
N GLY F 656 -43.35 -135.82 24.76
CA GLY F 656 -44.65 -136.25 24.32
C GLY F 656 -44.91 -136.09 22.84
N SER F 657 -43.87 -135.90 22.04
CA SER F 657 -44.03 -135.74 20.60
C SER F 657 -44.34 -137.08 19.95
N THR F 658 -45.02 -137.00 18.81
CA THR F 658 -45.42 -138.19 18.05
C THR F 658 -44.40 -138.58 17.00
N GLN F 659 -43.25 -137.92 16.97
CA GLN F 659 -42.27 -138.09 15.91
C GLN F 659 -41.16 -139.04 16.34
N TYR F 660 -40.72 -139.87 15.40
CA TYR F 660 -39.59 -140.75 15.66
C TYR F 660 -38.32 -139.92 15.84
N GLY F 661 -37.27 -140.57 16.33
CA GLY F 661 -36.08 -139.85 16.75
C GLY F 661 -34.86 -139.98 15.86
N LYS F 662 -34.74 -141.08 15.14
CA LYS F 662 -33.55 -141.37 14.35
C LYS F 662 -33.91 -141.37 12.87
N TRP F 663 -33.16 -140.62 12.07
CA TRP F 663 -33.47 -140.45 10.66
C TRP F 663 -32.20 -140.55 9.82
N TYR F 664 -32.36 -140.92 8.56
CA TYR F 664 -31.26 -141.23 7.68
C TYR F 664 -31.61 -140.83 6.25
N PHE F 665 -30.63 -140.32 5.52
CA PHE F 665 -30.84 -140.02 4.10
C PHE F 665 -29.50 -140.01 3.40
N GLU F 666 -29.54 -139.90 2.07
CA GLU F 666 -28.32 -139.93 1.27
C GLU F 666 -28.38 -138.90 0.15
N VAL F 667 -27.21 -138.51 -0.32
CA VAL F 667 -27.08 -137.62 -1.47
C VAL F 667 -26.00 -138.20 -2.37
N MET F 668 -26.33 -138.38 -3.65
CA MET F 668 -25.38 -138.86 -4.64
C MET F 668 -25.01 -137.73 -5.60
N VAL F 669 -23.72 -137.56 -5.83
CA VAL F 669 -23.22 -136.47 -6.66
C VAL F 669 -22.97 -137.00 -8.07
N ASP F 670 -23.68 -136.47 -9.05
CA ASP F 670 -23.51 -136.90 -10.43
C ASP F 670 -22.46 -136.10 -11.16
N GLU F 671 -22.54 -134.77 -11.11
CA GLU F 671 -21.58 -133.90 -11.77
C GLU F 671 -21.22 -132.75 -10.85
N VAL F 672 -19.95 -132.35 -10.88
CA VAL F 672 -19.47 -131.21 -10.13
C VAL F 672 -18.32 -130.58 -10.91
N ALA F 673 -18.47 -129.30 -11.27
CA ALA F 673 -17.40 -128.57 -11.90
C ALA F 673 -16.61 -127.83 -10.82
N PRO F 674 -15.39 -128.25 -10.50
CA PRO F 674 -14.69 -127.64 -9.36
C PRO F 674 -14.52 -126.14 -9.47
N PHE F 675 -14.26 -125.63 -10.67
CA PHE F 675 -13.90 -124.23 -10.85
C PHE F 675 -14.68 -123.66 -12.04
N LEU F 676 -16.00 -123.84 -12.03
CA LEU F 676 -16.83 -123.23 -13.05
C LEU F 676 -16.54 -121.74 -13.17
N THR F 677 -16.33 -121.07 -12.05
CA THR F 677 -15.89 -119.69 -12.01
C THR F 677 -14.55 -119.63 -11.27
N ALA F 678 -14.07 -118.41 -11.03
CA ALA F 678 -12.78 -118.24 -10.38
C ALA F 678 -12.77 -118.73 -8.94
N GLN F 679 -13.92 -118.68 -8.26
CA GLN F 679 -14.02 -119.18 -6.91
C GLN F 679 -14.43 -120.64 -6.92
N ALA F 680 -13.88 -121.40 -5.98
CA ALA F 680 -14.15 -122.83 -5.92
C ALA F 680 -15.63 -123.10 -5.75
N THR F 681 -16.11 -124.13 -6.43
CA THR F 681 -17.52 -124.49 -6.35
C THR F 681 -17.89 -124.92 -4.94
N HIS F 682 -19.07 -124.51 -4.51
CA HIS F 682 -19.58 -124.78 -3.17
C HIS F 682 -20.57 -125.93 -3.27
N LEU F 683 -20.39 -126.95 -2.41
CA LEU F 683 -21.30 -128.08 -2.36
C LEU F 683 -21.19 -128.72 -0.98
N ARG F 684 -22.26 -128.62 -0.19
CA ARG F 684 -22.29 -129.14 1.17
C ARG F 684 -23.60 -129.84 1.43
N VAL F 685 -23.56 -130.88 2.26
CA VAL F 685 -24.72 -131.69 2.58
C VAL F 685 -24.86 -131.77 4.10
N GLY F 686 -26.08 -131.66 4.61
CA GLY F 686 -26.25 -131.83 6.04
C GLY F 686 -27.65 -131.56 6.52
N TRP F 687 -27.75 -131.08 7.75
CA TRP F 687 -29.02 -130.81 8.40
C TRP F 687 -29.10 -129.36 8.82
N ALA F 688 -30.33 -128.84 8.92
CA ALA F 688 -30.54 -127.46 9.31
C ALA F 688 -31.81 -127.35 10.15
N LEU F 689 -31.82 -126.38 11.05
CA LEU F 689 -32.97 -126.16 11.93
C LEU F 689 -33.96 -125.21 11.26
N SER F 690 -35.24 -125.56 11.34
CA SER F 690 -36.25 -124.81 10.60
C SER F 690 -36.26 -123.34 10.98
N GLU F 691 -36.35 -123.04 12.27
CA GLU F 691 -36.39 -121.65 12.73
C GLU F 691 -34.97 -121.18 12.94
N GLY F 692 -34.43 -120.47 11.95
CA GLY F 692 -33.11 -119.88 12.08
C GLY F 692 -32.25 -120.02 10.86
N TYR F 693 -32.40 -121.09 10.10
CA TYR F 693 -31.61 -121.28 8.88
C TYR F 693 -32.34 -120.58 7.74
N SER F 694 -31.96 -119.33 7.49
CA SER F 694 -32.54 -118.53 6.42
C SER F 694 -31.43 -117.80 5.70
N PRO F 695 -30.68 -118.49 4.85
CA PRO F 695 -29.62 -117.82 4.09
C PRO F 695 -30.16 -117.13 2.85
N TYR F 696 -30.08 -115.80 2.82
CA TYR F 696 -30.60 -115.05 1.69
C TYR F 696 -29.54 -114.94 0.60
N PRO F 697 -29.95 -114.85 -0.67
CA PRO F 697 -28.96 -114.71 -1.74
C PRO F 697 -28.14 -113.44 -1.57
N GLY F 698 -26.85 -113.54 -1.88
CA GLY F 698 -25.98 -112.40 -1.88
C GLY F 698 -25.07 -112.31 -0.68
N GLY F 699 -25.14 -111.20 0.04
CA GLY F 699 -24.27 -110.99 1.18
C GLY F 699 -24.71 -111.75 2.41
N GLY F 700 -23.85 -111.75 3.42
CA GLY F 700 -24.12 -112.45 4.65
C GLY F 700 -22.91 -112.50 5.56
N GLU F 701 -22.79 -113.57 6.34
CA GLU F 701 -21.68 -113.70 7.25
C GLU F 701 -20.37 -113.95 6.49
N GLY F 702 -19.29 -113.43 7.03
CA GLY F 702 -18.00 -113.65 6.41
C GLY F 702 -17.89 -112.98 5.07
N TRP F 703 -17.70 -113.78 4.02
CA TRP F 703 -17.58 -113.28 2.66
C TRP F 703 -18.74 -113.72 1.78
N GLY F 704 -19.92 -113.88 2.38
CA GLY F 704 -21.09 -114.23 1.62
C GLY F 704 -21.08 -115.69 1.21
N GLY F 705 -21.95 -116.02 0.27
CA GLY F 705 -22.06 -117.39 -0.20
C GLY F 705 -22.37 -118.33 0.92
N ASN F 706 -23.35 -117.98 1.76
CA ASN F 706 -23.64 -118.74 2.95
C ASN F 706 -24.50 -119.96 2.60
N GLY F 707 -24.11 -121.12 3.14
CA GLY F 707 -24.85 -122.34 2.93
C GLY F 707 -24.95 -123.15 4.19
N VAL F 708 -24.86 -124.47 4.08
CA VAL F 708 -24.99 -125.34 5.24
C VAL F 708 -23.73 -125.21 6.09
N GLY F 709 -23.92 -124.94 7.38
CA GLY F 709 -22.79 -124.79 8.27
C GLY F 709 -22.19 -123.41 8.31
N ASP F 710 -22.84 -122.40 7.73
CA ASP F 710 -22.36 -121.03 7.81
C ASP F 710 -23.01 -120.25 8.94
N ASP F 711 -23.85 -120.90 9.73
CA ASP F 711 -24.38 -120.34 10.97
C ASP F 711 -24.48 -121.47 11.98
N LEU F 712 -24.99 -121.16 13.16
CA LEU F 712 -25.14 -122.15 14.21
C LEU F 712 -26.51 -122.82 14.18
N TYR F 713 -27.22 -122.72 13.06
CA TYR F 713 -28.49 -123.41 12.86
C TYR F 713 -28.36 -124.56 11.87
N SER F 714 -27.19 -124.79 11.30
CA SER F 714 -27.00 -125.81 10.30
C SER F 714 -25.66 -126.49 10.50
N TYR F 715 -25.57 -127.74 10.05
CA TYR F 715 -24.41 -128.59 10.27
C TYR F 715 -24.17 -129.35 8.99
N GLY F 716 -23.01 -129.14 8.37
CA GLY F 716 -22.78 -129.63 7.03
C GLY F 716 -21.46 -130.37 6.91
N PHE F 717 -21.33 -131.09 5.81
CA PHE F 717 -20.15 -131.85 5.45
C PHE F 717 -19.85 -131.54 3.99
N ASP F 718 -18.57 -131.34 3.67
CA ASP F 718 -18.20 -131.03 2.30
C ASP F 718 -17.19 -131.99 1.70
N GLY F 719 -16.93 -133.13 2.33
CA GLY F 719 -15.98 -134.09 1.80
C GLY F 719 -14.68 -134.09 2.58
N LEU F 720 -14.20 -132.90 2.93
CA LEU F 720 -13.01 -132.74 3.75
C LEU F 720 -13.28 -132.10 5.10
N HIS F 721 -14.33 -131.30 5.23
CA HIS F 721 -14.55 -130.49 6.42
C HIS F 721 -15.95 -130.70 6.95
N LEU F 722 -16.06 -130.61 8.27
CA LEU F 722 -17.31 -130.42 8.96
C LEU F 722 -17.52 -128.92 9.17
N TRP F 723 -18.65 -128.41 8.72
CA TRP F 723 -18.93 -126.99 8.69
C TRP F 723 -20.01 -126.67 9.71
N THR F 724 -19.71 -125.71 10.58
CA THR F 724 -20.74 -125.16 11.47
C THR F 724 -20.25 -123.82 12.00
N GLY F 725 -21.20 -122.91 12.22
CA GLY F 725 -20.84 -121.59 12.69
C GLY F 725 -19.89 -120.86 11.78
N HIS F 726 -19.97 -121.11 10.48
CA HIS F 726 -19.08 -120.50 9.49
C HIS F 726 -17.63 -120.92 9.69
N VAL F 727 -17.39 -121.99 10.45
CA VAL F 727 -16.05 -122.51 10.67
C VAL F 727 -15.97 -123.90 10.07
N ALA F 728 -14.88 -124.17 9.36
CA ALA F 728 -14.62 -125.46 8.74
C ALA F 728 -13.56 -126.19 9.54
N ARG F 729 -13.86 -127.41 9.96
CA ARG F 729 -12.92 -128.22 10.71
C ARG F 729 -12.58 -129.46 9.92
N PRO F 730 -11.31 -129.69 9.56
CA PRO F 730 -10.97 -130.89 8.79
C PRO F 730 -11.36 -132.15 9.53
N VAL F 731 -11.91 -133.11 8.80
CA VAL F 731 -12.37 -134.37 9.36
C VAL F 731 -11.77 -135.51 8.54
N THR F 732 -11.26 -136.52 9.23
CA THR F 732 -10.56 -137.61 8.59
C THR F 732 -11.53 -138.66 8.07
N SER F 733 -11.25 -139.19 6.90
CA SER F 733 -11.98 -140.31 6.33
C SER F 733 -11.08 -141.00 5.34
N PRO F 734 -11.31 -142.28 5.04
CA PRO F 734 -10.44 -142.98 4.08
C PRO F 734 -10.51 -142.36 2.70
N GLY F 735 -9.36 -142.02 2.15
CA GLY F 735 -9.31 -141.40 0.83
C GLY F 735 -9.99 -140.05 0.77
N GLN F 736 -9.77 -139.20 1.76
CA GLN F 736 -10.36 -137.87 1.81
C GLN F 736 -10.30 -137.19 0.45
N HIS F 737 -11.38 -136.54 0.07
CA HIS F 737 -11.39 -135.70 -1.12
C HIS F 737 -12.65 -134.87 -1.14
N LEU F 738 -12.54 -133.67 -1.68
CA LEU F 738 -13.70 -132.82 -1.85
C LEU F 738 -14.75 -133.55 -2.68
N LEU F 739 -16.01 -133.38 -2.31
CA LEU F 739 -17.11 -134.07 -2.99
C LEU F 739 -16.93 -134.03 -4.50
N ALA F 740 -16.94 -135.20 -5.11
CA ALA F 740 -16.69 -135.37 -6.55
C ALA F 740 -17.75 -136.30 -7.11
N PRO F 741 -17.85 -136.37 -8.44
CA PRO F 741 -18.88 -137.23 -9.04
C PRO F 741 -18.78 -138.66 -8.56
N GLU F 742 -19.94 -139.31 -8.44
CA GLU F 742 -20.07 -140.69 -7.97
C GLU F 742 -19.79 -140.83 -6.48
N ASP F 743 -19.92 -139.75 -5.71
CA ASP F 743 -19.78 -139.80 -4.27
C ASP F 743 -21.16 -139.91 -3.64
N VAL F 744 -21.27 -140.76 -2.63
CA VAL F 744 -22.51 -140.96 -1.90
C VAL F 744 -22.27 -140.55 -0.46
N VAL F 745 -22.96 -139.50 -0.02
CA VAL F 745 -22.90 -139.02 1.34
C VAL F 745 -24.13 -139.51 2.08
N SER F 746 -23.92 -140.23 3.17
CA SER F 746 -24.99 -140.70 4.04
C SER F 746 -25.00 -139.84 5.29
N CYS F 747 -26.17 -139.31 5.64
CA CYS F 747 -26.33 -138.48 6.83
C CYS F 747 -27.30 -139.14 7.77
N CYS F 748 -26.91 -139.23 9.04
CA CYS F 748 -27.73 -139.83 10.09
C CYS F 748 -27.91 -138.83 11.22
N LEU F 749 -29.15 -138.63 11.64
CA LEU F 749 -29.48 -137.72 12.73
C LEU F 749 -30.17 -138.50 13.83
N ASP F 750 -29.57 -138.50 15.01
CA ASP F 750 -30.13 -139.15 16.19
C ASP F 750 -30.52 -138.04 17.17
N LEU F 751 -31.82 -137.76 17.26
CA LEU F 751 -32.27 -136.66 18.08
C LEU F 751 -32.18 -136.95 19.58
N SER F 752 -31.93 -138.19 19.96
CA SER F 752 -31.90 -138.54 21.38
C SER F 752 -30.62 -138.08 22.07
N VAL F 753 -29.50 -138.04 21.36
CA VAL F 753 -28.21 -137.73 21.97
C VAL F 753 -28.15 -136.24 22.32
N PRO F 754 -28.35 -135.31 21.37
CA PRO F 754 -28.51 -135.43 19.93
C PRO F 754 -27.19 -135.46 19.20
N SER F 755 -27.16 -136.04 18.00
CA SER F 755 -25.93 -136.21 17.27
C SER F 755 -26.22 -136.27 15.77
N ILE F 756 -25.27 -135.79 14.98
CA ILE F 756 -25.33 -135.85 13.52
C ILE F 756 -24.03 -136.49 13.05
N SER F 757 -24.13 -137.53 12.23
CA SER F 757 -22.97 -138.26 11.76
C SER F 757 -23.07 -138.49 10.26
N PHE F 758 -21.90 -138.71 9.65
CA PHE F 758 -21.81 -138.82 8.20
C PHE F 758 -21.06 -140.09 7.83
N ARG F 759 -21.29 -140.53 6.60
CA ARG F 759 -20.55 -141.63 5.99
C ARG F 759 -20.29 -141.25 4.55
N ILE F 760 -19.08 -141.50 4.07
CA ILE F 760 -18.69 -141.16 2.70
C ILE F 760 -18.41 -142.46 1.95
N ASN F 761 -19.22 -142.74 0.94
CA ASN F 761 -19.08 -143.97 0.14
C ASN F 761 -19.06 -145.19 1.04
N GLY F 762 -19.80 -145.13 2.15
CA GLY F 762 -19.91 -146.21 3.09
C GLY F 762 -18.88 -146.18 4.19
N CYS F 763 -17.79 -145.43 4.00
CA CYS F 763 -16.79 -145.32 5.05
C CYS F 763 -17.22 -144.29 6.09
N PRO F 764 -16.91 -144.50 7.37
CA PRO F 764 -17.30 -143.51 8.38
C PRO F 764 -16.46 -142.25 8.27
N VAL F 765 -17.10 -141.11 8.54
CA VAL F 765 -16.42 -139.84 8.69
C VAL F 765 -16.11 -139.65 10.17
N GLN F 766 -14.84 -139.52 10.50
CA GLN F 766 -14.38 -139.52 11.89
C GLN F 766 -14.62 -138.15 12.54
N GLY F 767 -15.89 -137.80 12.67
CA GLY F 767 -16.28 -136.56 13.29
C GLY F 767 -17.79 -136.47 13.45
N VAL F 768 -18.26 -135.80 14.49
CA VAL F 768 -19.69 -135.72 14.76
C VAL F 768 -20.03 -134.36 15.35
N PHE F 769 -21.23 -133.90 15.04
CA PHE F 769 -21.87 -132.80 15.76
C PHE F 769 -22.72 -133.39 16.87
N GLU F 770 -22.76 -132.71 18.01
CA GLU F 770 -23.56 -133.19 19.12
C GLU F 770 -23.90 -132.03 20.05
N SER F 771 -24.80 -132.31 20.99
CA SER F 771 -25.19 -131.37 22.03
C SER F 771 -25.53 -130.01 21.42
N PHE F 772 -26.43 -130.02 20.45
CA PHE F 772 -26.89 -128.80 19.81
C PHE F 772 -28.34 -128.52 20.18
N ASN F 773 -28.79 -127.32 19.85
CA ASN F 773 -30.13 -126.89 20.23
C ASN F 773 -31.18 -127.73 19.53
N LEU F 774 -32.29 -127.96 20.22
CA LEU F 774 -33.36 -128.82 19.74
C LEU F 774 -34.70 -128.09 19.70
N ASP F 775 -34.67 -126.76 19.65
CA ASP F 775 -35.89 -125.97 19.69
C ASP F 775 -36.38 -125.64 18.27
N GLY F 776 -36.69 -126.70 17.54
CA GLY F 776 -37.18 -126.53 16.19
C GLY F 776 -37.26 -127.87 15.48
N LEU F 777 -37.50 -127.80 14.18
CA LEU F 777 -37.55 -128.97 13.32
C LEU F 777 -36.34 -129.00 12.41
N PHE F 778 -35.77 -130.18 12.22
CA PHE F 778 -34.64 -130.36 11.34
C PHE F 778 -35.10 -130.88 9.99
N PHE F 779 -34.40 -130.47 8.94
CA PHE F 779 -34.68 -130.98 7.61
C PHE F 779 -33.37 -131.28 6.89
N PRO F 780 -33.36 -132.27 6.00
CA PRO F 780 -32.19 -132.45 5.14
C PRO F 780 -31.99 -131.25 4.24
N VAL F 781 -30.73 -130.92 3.97
CA VAL F 781 -30.44 -129.73 3.18
C VAL F 781 -29.14 -129.94 2.42
N VAL F 782 -29.10 -129.38 1.21
CA VAL F 782 -27.90 -129.32 0.40
C VAL F 782 -27.74 -127.88 -0.05
N SER F 783 -26.53 -127.34 0.10
CA SER F 783 -26.22 -126.00 -0.37
C SER F 783 -25.17 -126.10 -1.46
N PHE F 784 -25.25 -125.20 -2.44
CA PHE F 784 -24.39 -125.32 -3.60
C PHE F 784 -24.30 -123.97 -4.32
N SER F 785 -23.28 -123.87 -5.15
CA SER F 785 -23.18 -122.84 -6.16
C SER F 785 -23.42 -123.48 -7.53
N ALA F 786 -23.38 -122.65 -8.58
CA ALA F 786 -23.65 -123.15 -9.91
C ALA F 786 -22.58 -124.15 -10.33
N GLY F 787 -22.97 -125.07 -11.19
CA GLY F 787 -22.08 -126.10 -11.68
C GLY F 787 -22.20 -127.44 -11.00
N ILE F 788 -23.38 -127.81 -10.52
CA ILE F 788 -23.57 -129.04 -9.75
C ILE F 788 -24.80 -129.77 -10.23
N LYS F 789 -24.80 -131.07 -9.94
CA LYS F 789 -25.92 -131.97 -10.24
C LYS F 789 -25.88 -133.07 -9.19
N VAL F 790 -26.90 -133.12 -8.33
CA VAL F 790 -26.94 -134.09 -7.24
C VAL F 790 -28.32 -134.72 -7.19
N ARG F 791 -28.45 -135.76 -6.38
CA ARG F 791 -29.70 -136.48 -6.22
C ARG F 791 -29.90 -136.82 -4.76
N PHE F 792 -31.07 -136.46 -4.24
CA PHE F 792 -31.52 -136.84 -2.91
C PHE F 792 -32.05 -138.27 -2.98
N LEU F 793 -31.52 -139.14 -2.14
CA LEU F 793 -32.07 -140.48 -1.94
C LEU F 793 -32.68 -140.54 -0.55
N LEU F 794 -33.99 -140.81 -0.51
CA LEU F 794 -34.75 -140.77 0.73
C LEU F 794 -35.37 -142.11 1.09
N GLY F 795 -35.08 -143.17 0.34
CA GLY F 795 -35.64 -144.47 0.60
C GLY F 795 -37.01 -144.64 -0.06
N GLY F 796 -37.54 -145.85 0.09
CA GLY F 796 -38.84 -146.15 -0.50
C GLY F 796 -38.82 -145.92 -1.99
N ARG F 797 -39.87 -145.28 -2.49
CA ARG F 797 -39.98 -144.94 -3.91
C ARG F 797 -39.38 -143.58 -4.23
N HIS F 798 -38.62 -143.01 -3.30
CA HIS F 798 -38.06 -141.68 -3.46
C HIS F 798 -36.54 -141.72 -3.42
N GLY F 799 -35.95 -142.69 -4.12
CA GLY F 799 -34.51 -142.85 -4.14
C GLY F 799 -34.06 -144.02 -3.31
N GLU F 800 -33.55 -145.05 -3.97
CA GLU F 800 -33.10 -146.24 -3.28
C GLU F 800 -31.70 -146.03 -2.71
N PHE F 801 -31.53 -146.35 -1.43
CA PHE F 801 -30.25 -146.15 -0.78
C PHE F 801 -29.18 -147.05 -1.38
N LYS F 802 -27.97 -146.53 -1.48
CA LYS F 802 -26.82 -147.35 -1.87
C LYS F 802 -26.18 -148.06 -0.69
N PHE F 803 -26.50 -147.66 0.54
CA PHE F 803 -25.98 -148.30 1.73
C PHE F 803 -27.11 -148.46 2.74
N LEU F 804 -26.98 -149.48 3.57
CA LEU F 804 -28.04 -149.80 4.52
C LEU F 804 -28.04 -148.79 5.65
N PRO F 805 -29.19 -148.22 6.01
CA PRO F 805 -29.24 -147.32 7.16
C PRO F 805 -28.77 -148.03 8.41
N PRO F 806 -28.03 -147.36 9.29
CA PRO F 806 -27.58 -148.01 10.52
C PRO F 806 -28.76 -148.44 11.36
N PRO F 807 -28.61 -149.48 12.18
CA PRO F 807 -29.76 -150.02 12.92
C PRO F 807 -30.53 -148.98 13.72
N GLY F 808 -31.84 -148.93 13.52
CA GLY F 808 -32.71 -148.05 14.26
C GLY F 808 -33.06 -146.76 13.56
N TYR F 809 -32.29 -146.37 12.54
CA TYR F 809 -32.56 -145.14 11.81
C TYR F 809 -33.62 -145.38 10.75
N ALA F 810 -34.50 -144.40 10.58
CA ALA F 810 -35.62 -144.55 9.68
C ALA F 810 -35.39 -143.81 8.37
N PRO F 811 -35.85 -144.35 7.24
CA PRO F 811 -35.75 -143.61 5.99
C PRO F 811 -36.45 -142.27 6.08
N CYS F 812 -35.84 -141.25 5.47
CA CYS F 812 -36.36 -139.89 5.63
C CYS F 812 -37.69 -139.72 4.91
N HIS F 813 -37.98 -140.54 3.92
CA HIS F 813 -39.24 -140.38 3.19
C HIS F 813 -40.44 -140.62 4.09
N GLU F 814 -40.26 -141.36 5.16
CA GLU F 814 -41.35 -141.65 6.08
C GLU F 814 -41.79 -140.46 6.86
N ALA F 815 -41.07 -139.35 6.83
CA ALA F 815 -41.39 -138.19 7.65
C ALA F 815 -42.30 -137.20 6.95
N VAL F 816 -42.69 -137.46 5.70
CA VAL F 816 -43.58 -136.54 5.00
C VAL F 816 -44.95 -136.56 5.67
N LEU F 817 -45.50 -135.38 5.92
CA LEU F 817 -46.71 -135.28 6.71
C LEU F 817 -47.92 -135.75 5.91
N PRO F 818 -49.02 -136.09 6.60
CA PRO F 818 -50.16 -136.69 5.89
C PRO F 818 -50.72 -135.83 4.78
N ARG F 819 -50.81 -134.52 4.97
CA ARG F 819 -51.45 -133.63 4.01
C ARG F 819 -50.45 -132.96 3.08
N GLU F 820 -49.31 -133.61 2.81
CA GLU F 820 -48.28 -133.06 1.95
C GLU F 820 -47.83 -134.12 0.96
N ARG F 821 -47.18 -133.66 -0.10
CA ARG F 821 -46.58 -134.54 -1.09
C ARG F 821 -45.09 -134.22 -1.17
N LEU F 822 -44.27 -135.26 -1.16
CA LEU F 822 -42.82 -135.07 -1.13
C LEU F 822 -42.35 -134.35 -2.39
N HIS F 823 -41.47 -133.36 -2.20
CA HIS F 823 -40.87 -132.64 -3.32
C HIS F 823 -39.75 -131.77 -2.77
N LEU F 824 -38.92 -131.28 -3.67
CA LEU F 824 -37.82 -130.39 -3.30
C LEU F 824 -38.28 -128.95 -3.41
N GLN F 825 -37.83 -128.12 -2.49
CA GLN F 825 -38.24 -126.73 -2.42
C GLN F 825 -37.09 -125.85 -1.95
N PRO F 826 -37.10 -124.58 -2.30
CA PRO F 826 -36.15 -123.64 -1.71
C PRO F 826 -36.55 -123.29 -0.28
N ILE F 827 -35.67 -122.56 0.41
CA ILE F 827 -35.85 -122.21 1.80
C ILE F 827 -35.95 -120.69 1.92
N LYS F 828 -37.03 -120.22 2.53
CA LYS F 828 -37.20 -118.81 2.87
C LYS F 828 -37.06 -117.91 1.64
N GLU F 829 -37.74 -118.32 0.56
CA GLU F 829 -37.70 -117.55 -0.66
C GLU F 829 -38.62 -116.35 -0.56
N TYR F 830 -38.12 -115.18 -0.96
CA TYR F 830 -38.94 -113.99 -1.06
C TYR F 830 -39.34 -113.69 -2.49
N ARG F 831 -39.05 -114.58 -3.43
CA ARG F 831 -39.28 -114.30 -4.84
C ARG F 831 -39.25 -115.62 -5.59
N ARG F 832 -40.06 -115.70 -6.65
CA ARG F 832 -40.22 -116.91 -7.44
C ARG F 832 -40.47 -116.52 -8.89
N GLU F 833 -40.42 -117.50 -9.77
CA GLU F 833 -40.84 -117.28 -11.15
C GLU F 833 -42.32 -117.63 -11.31
N GLY F 834 -42.97 -117.00 -12.28
CA GLY F 834 -44.36 -117.26 -12.54
C GLY F 834 -44.72 -116.96 -13.98
N PRO F 835 -45.94 -117.31 -14.38
CA PRO F 835 -46.26 -117.33 -15.81
C PRO F 835 -45.98 -116.01 -16.52
N ARG F 836 -46.25 -114.89 -15.87
CA ARG F 836 -46.08 -113.58 -16.48
C ARG F 836 -44.85 -112.84 -15.99
N GLY F 837 -44.05 -113.43 -15.11
CA GLY F 837 -42.90 -112.76 -14.58
C GLY F 837 -42.59 -113.17 -13.16
N PRO F 838 -41.72 -112.41 -12.49
CA PRO F 838 -41.39 -112.76 -11.10
C PRO F 838 -42.56 -112.48 -10.16
N HIS F 839 -42.75 -113.40 -9.22
CA HIS F 839 -43.73 -113.26 -8.15
C HIS F 839 -42.99 -112.92 -6.86
N LEU F 840 -43.45 -111.89 -6.18
CA LEU F 840 -42.97 -111.61 -4.83
C LEU F 840 -43.73 -112.44 -3.83
N VAL F 841 -43.02 -112.98 -2.84
CA VAL F 841 -43.57 -113.94 -1.89
C VAL F 841 -43.36 -113.41 -0.48
N GLY F 842 -44.40 -113.49 0.35
CA GLY F 842 -44.31 -113.10 1.73
C GLY F 842 -43.74 -114.21 2.57
N PRO F 843 -43.59 -113.96 3.88
CA PRO F 843 -43.03 -114.98 4.76
C PRO F 843 -43.87 -116.24 4.76
N SER F 844 -43.21 -117.37 4.95
CA SER F 844 -43.89 -118.65 5.00
C SER F 844 -44.13 -119.06 6.45
N ARG F 845 -45.35 -119.50 6.74
CA ARG F 845 -45.68 -120.00 8.06
C ARG F 845 -45.10 -121.40 8.23
N CYS F 846 -44.35 -121.60 9.30
CA CYS F 846 -43.65 -122.85 9.55
C CYS F 846 -44.21 -123.54 10.79
N LEU F 847 -44.08 -124.86 10.80
CA LEU F 847 -44.46 -125.64 11.97
C LEU F 847 -43.37 -125.54 13.03
N SER F 848 -43.72 -125.95 14.25
CA SER F 848 -42.79 -125.99 15.35
C SER F 848 -42.75 -127.39 15.93
N HIS F 849 -41.63 -127.74 16.57
CA HIS F 849 -41.49 -129.08 17.12
C HIS F 849 -42.58 -129.37 18.15
N LEU F 850 -43.17 -128.32 18.74
CA LEU F 850 -44.27 -128.49 19.67
C LEU F 850 -45.61 -128.69 18.99
N ASP F 851 -45.67 -128.53 17.67
CA ASP F 851 -46.90 -128.78 16.93
C ASP F 851 -47.17 -130.27 16.75
N PHE F 852 -46.25 -131.13 17.18
CA PHE F 852 -46.42 -132.57 17.10
C PHE F 852 -46.72 -133.19 18.45
N VAL F 853 -47.04 -132.38 19.46
CA VAL F 853 -47.37 -132.87 20.79
C VAL F 853 -48.88 -132.79 20.95
N PRO F 854 -49.59 -133.92 20.98
CA PRO F 854 -51.04 -133.85 21.20
C PRO F 854 -51.35 -133.32 22.58
N CYS F 855 -52.27 -132.34 22.62
CA CYS F 855 -52.60 -131.63 23.86
C CYS F 855 -54.11 -131.66 24.05
N PRO F 856 -54.70 -132.83 24.40
CA PRO F 856 -56.13 -132.90 24.66
C PRO F 856 -56.51 -132.29 25.99
N VAL F 857 -57.73 -131.78 26.10
CA VAL F 857 -58.24 -131.12 27.35
C VAL F 857 -58.32 -132.17 28.46
N ASP F 858 -58.04 -131.76 29.70
CA ASP F 858 -58.16 -132.69 30.86
C ASP F 858 -59.61 -133.17 30.93
N THR F 859 -59.84 -134.48 31.10
CA THR F 859 -61.18 -135.05 31.21
C THR F 859 -61.16 -136.19 32.23
N ILE F 860 -60.52 -135.97 33.38
CA ILE F 860 -60.49 -136.98 34.43
C ILE F 860 -61.16 -136.41 35.67
N GLN F 861 -60.90 -135.13 35.95
CA GLN F 861 -61.52 -134.43 37.10
C GLN F 861 -63.02 -134.31 36.80
N ILE F 862 -63.38 -134.39 35.52
CA ILE F 862 -64.82 -134.32 35.11
C ILE F 862 -65.51 -135.53 35.73
N VAL F 863 -66.74 -135.38 36.22
CA VAL F 863 -67.54 -136.51 36.77
C VAL F 863 -68.87 -136.49 36.00
N LEU F 864 -69.23 -137.59 35.33
CA LEU F 864 -70.42 -137.58 34.46
C LEU F 864 -71.69 -137.35 35.30
N PRO F 865 -72.68 -136.56 34.82
CA PRO F 865 -73.92 -136.41 35.54
C PRO F 865 -74.60 -137.77 35.51
N PRO F 866 -75.55 -138.06 36.43
CA PRO F 866 -76.18 -139.36 36.50
C PRO F 866 -76.91 -139.65 35.20
N HIS F 867 -77.64 -138.65 34.68
CA HIS F 867 -78.40 -138.85 33.42
C HIS F 867 -77.41 -139.15 32.31
N LEU F 868 -76.27 -138.44 32.32
CA LEU F 868 -75.23 -138.68 31.30
C LEU F 868 -74.69 -140.12 31.44
N GLU F 869 -74.49 -140.57 32.67
CA GLU F 869 -73.89 -141.91 32.88
C GLU F 869 -74.84 -142.98 32.32
N ARG F 870 -76.15 -142.73 32.39
CA ARG F 870 -77.13 -143.72 31.89
C ARG F 870 -76.95 -143.90 30.37
N ILE F 871 -76.72 -142.81 29.66
CA ILE F 871 -76.52 -142.88 28.17
C ILE F 871 -75.09 -143.39 27.91
N ARG F 872 -74.18 -143.18 28.86
CA ARG F 872 -72.75 -143.56 28.65
C ARG F 872 -72.61 -145.05 28.30
N GLU F 873 -73.26 -145.92 29.08
CA GLU F 873 -73.17 -147.38 28.81
C GLU F 873 -73.64 -147.64 27.38
N LYS F 874 -74.77 -147.04 27.00
CA LYS F 874 -75.33 -147.24 25.65
C LYS F 874 -74.34 -146.73 24.61
N LEU F 875 -73.70 -145.58 24.88
CA LEU F 875 -72.77 -144.97 23.90
C LEU F 875 -71.64 -145.95 23.56
N ALA F 876 -71.02 -146.56 24.57
CA ALA F 876 -69.85 -147.43 24.31
C ALA F 876 -70.23 -148.55 23.36
N GLU F 877 -71.35 -149.24 23.61
CA GLU F 877 -71.73 -150.41 22.78
C GLU F 877 -72.42 -149.96 21.48
N ASN F 878 -73.29 -148.96 21.54
CA ASN F 878 -74.07 -148.52 20.34
C ASN F 878 -73.08 -148.01 19.29
N ILE F 879 -72.05 -147.28 19.72
CA ILE F 879 -71.00 -146.80 18.78
C ILE F 879 -70.41 -148.02 18.05
N HIS F 880 -70.10 -149.09 18.80
CA HIS F 880 -69.60 -150.33 18.14
C HIS F 880 -70.62 -150.77 17.10
N GLU F 881 -71.91 -150.71 17.46
CA GLU F 881 -72.98 -151.14 16.54
C GLU F 881 -72.85 -150.39 15.21
N LEU F 882 -72.81 -149.07 15.26
CA LEU F 882 -72.74 -148.28 14.00
C LEU F 882 -71.44 -148.64 13.28
N TRP F 883 -70.35 -148.79 14.03
CA TRP F 883 -69.05 -149.18 13.41
C TRP F 883 -69.23 -150.47 12.64
N ALA F 884 -69.81 -151.49 13.26
CA ALA F 884 -69.93 -152.82 12.63
C ALA F 884 -70.72 -152.69 11.33
N LEU F 885 -71.78 -151.87 11.35
CA LEU F 885 -72.61 -151.67 10.13
C LEU F 885 -71.71 -151.03 9.08
N THR F 886 -70.86 -150.09 9.50
CA THR F 886 -69.93 -149.44 8.55
C THR F 886 -68.86 -150.43 8.15
N ARG F 887 -68.45 -151.31 9.07
CA ARG F 887 -67.35 -152.25 8.78
C ARG F 887 -67.78 -153.27 7.72
N ILE F 888 -69.00 -153.82 7.84
CA ILE F 888 -69.51 -154.73 6.77
C ILE F 888 -69.66 -153.88 5.49
N GLU F 889 -70.14 -152.65 5.63
CA GLU F 889 -70.22 -151.74 4.45
C GLU F 889 -68.80 -151.60 3.87
N GLN F 890 -67.77 -151.76 4.71
CA GLN F 890 -66.36 -151.68 4.23
C GLN F 890 -66.05 -153.03 3.57
N GLY F 891 -66.89 -154.04 3.80
CA GLY F 891 -66.64 -155.39 3.25
C GLY F 891 -66.04 -156.24 4.34
N TRP F 892 -65.77 -155.63 5.49
CA TRP F 892 -65.19 -156.38 6.63
C TRP F 892 -66.18 -157.43 7.13
N THR F 893 -65.68 -158.61 7.48
CA THR F 893 -66.52 -159.66 8.07
C THR F 893 -65.71 -160.15 9.24
N TYR F 894 -66.33 -160.76 10.25
CA TYR F 894 -65.50 -161.11 11.42
C TYR F 894 -64.43 -162.08 10.96
N GLY F 895 -63.20 -161.88 11.45
CA GLY F 895 -62.10 -162.79 11.12
C GLY F 895 -61.65 -163.49 12.38
N PRO F 896 -61.65 -164.83 12.45
CA PRO F 896 -61.15 -165.51 13.63
C PRO F 896 -59.74 -165.00 13.73
N VAL F 897 -59.08 -164.89 12.57
CA VAL F 897 -57.70 -164.32 12.52
C VAL F 897 -57.74 -163.10 11.60
N ARG F 898 -57.17 -161.97 12.03
CA ARG F 898 -57.13 -160.77 11.17
C ARG F 898 -56.29 -161.07 9.91
N ASP F 899 -56.72 -160.57 8.75
CA ASP F 899 -55.93 -160.74 7.51
C ASP F 899 -56.20 -159.54 6.61
N ASP F 900 -55.15 -158.95 6.05
CA ASP F 900 -55.32 -157.75 5.18
C ASP F 900 -56.04 -158.16 3.90
N ASN F 901 -55.67 -159.31 3.33
CA ASN F 901 -56.38 -159.83 2.13
C ASN F 901 -57.82 -160.15 2.53
N LYS F 902 -57.99 -160.75 3.71
CA LYS F 902 -59.34 -161.15 4.20
C LYS F 902 -60.22 -159.91 4.38
N ARG F 903 -59.66 -158.81 4.88
CA ARG F 903 -60.52 -157.66 5.25
C ARG F 903 -61.46 -158.21 6.34
N LEU F 904 -60.93 -159.12 7.17
CA LEU F 904 -61.74 -159.75 8.24
C LEU F 904 -61.13 -159.33 9.59
N HIS F 905 -61.96 -158.88 10.53
CA HIS F 905 -61.38 -158.35 11.79
C HIS F 905 -61.70 -159.25 12.98
N PRO F 906 -60.68 -159.65 13.76
CA PRO F 906 -60.90 -160.44 14.97
C PRO F 906 -61.71 -159.56 15.88
N CYS F 907 -61.37 -158.27 15.91
CA CYS F 907 -62.08 -157.30 16.78
C CYS F 907 -63.43 -156.96 16.16
N LEU F 908 -63.89 -157.76 15.19
CA LEU F 908 -65.24 -157.53 14.65
C LEU F 908 -66.12 -158.56 15.36
N VAL F 909 -67.13 -158.13 16.11
CA VAL F 909 -67.95 -159.06 16.94
C VAL F 909 -68.85 -158.17 17.81
N ASN F 910 -69.40 -158.74 18.88
CA ASN F 910 -70.33 -157.97 19.77
C ASN F 910 -69.49 -157.27 20.84
N PHE F 911 -70.03 -156.26 21.52
CA PHE F 911 -69.17 -155.51 22.48
C PHE F 911 -68.68 -156.48 23.57
N HIS F 912 -69.57 -157.36 24.03
CA HIS F 912 -69.17 -158.37 25.04
C HIS F 912 -68.31 -159.42 24.34
N SER F 913 -68.66 -159.78 23.10
CA SER F 913 -67.86 -160.75 22.31
C SER F 913 -66.44 -160.22 22.15
N LEU F 914 -66.29 -158.92 21.93
CA LEU F 914 -64.97 -158.28 21.69
C LEU F 914 -64.13 -158.42 22.96
N PRO F 915 -62.78 -158.52 22.85
CA PRO F 915 -61.96 -158.79 24.02
C PRO F 915 -62.17 -157.68 25.00
N GLU F 916 -62.18 -158.02 26.29
CA GLU F 916 -62.52 -157.01 27.32
C GLU F 916 -61.52 -155.84 27.31
N PRO F 917 -60.19 -156.03 27.16
CA PRO F 917 -59.30 -154.87 27.19
C PRO F 917 -59.60 -153.91 26.04
N GLU F 918 -59.84 -154.45 24.84
CA GLU F 918 -60.21 -153.59 23.69
C GLU F 918 -61.59 -152.97 23.97
N ARG F 919 -62.51 -153.78 24.48
CA ARG F 919 -63.87 -153.28 24.80
C ARG F 919 -63.76 -152.16 25.83
N ASN F 920 -62.82 -152.30 26.77
CA ASN F 920 -62.66 -151.30 27.86
C ASN F 920 -62.28 -149.95 27.24
N TYR F 921 -61.41 -149.98 26.24
CA TYR F 921 -61.00 -148.71 25.56
C TYR F 921 -62.24 -148.09 24.90
N ASN F 922 -63.10 -148.95 24.35
CA ASN F 922 -64.35 -148.43 23.73
C ASN F 922 -65.24 -147.82 24.81
N LEU F 923 -65.48 -148.54 25.91
CA LEU F 923 -66.40 -148.04 26.96
C LEU F 923 -65.83 -146.74 27.56
N GLN F 924 -64.52 -146.71 27.80
CA GLN F 924 -63.91 -145.51 28.42
C GLN F 924 -64.09 -144.34 27.45
N MET F 925 -63.99 -144.62 26.14
CA MET F 925 -64.14 -143.56 25.12
C MET F 925 -65.56 -142.96 25.20
N SER F 926 -66.60 -143.80 25.27
CA SER F 926 -67.98 -143.25 25.25
C SER F 926 -68.20 -142.36 26.47
N GLY F 927 -67.71 -142.79 27.64
CA GLY F 927 -67.82 -141.94 28.85
C GLY F 927 -67.01 -140.69 28.61
N GLU F 928 -65.84 -140.84 28.00
CA GLU F 928 -64.93 -139.69 27.78
C GLU F 928 -65.64 -138.62 26.95
N THR F 929 -66.48 -139.01 25.99
CA THR F 929 -67.07 -137.97 25.13
C THR F 929 -67.92 -137.06 26.00
N LEU F 930 -68.67 -137.64 26.94
CA LEU F 930 -69.54 -136.82 27.82
C LEU F 930 -68.66 -135.91 28.67
N LYS F 931 -67.59 -136.44 29.25
CA LYS F 931 -66.68 -135.62 30.08
C LYS F 931 -66.07 -134.52 29.20
N THR F 932 -65.79 -134.86 27.94
CA THR F 932 -65.17 -133.89 27.02
C THR F 932 -66.11 -132.73 26.89
N LEU F 933 -67.40 -133.03 26.72
CA LEU F 933 -68.42 -131.96 26.56
C LEU F 933 -68.42 -131.09 27.82
N LEU F 934 -68.33 -131.73 28.99
CA LEU F 934 -68.36 -130.97 30.26
C LEU F 934 -67.12 -130.05 30.30
N ALA F 935 -65.97 -130.56 29.86
CA ALA F 935 -64.74 -129.73 29.82
C ALA F 935 -64.97 -128.61 28.81
N LEU F 936 -65.48 -128.94 27.63
CA LEU F 936 -65.83 -127.92 26.61
C LEU F 936 -66.68 -126.85 27.31
N GLY F 937 -67.55 -127.25 28.24
CA GLY F 937 -68.41 -126.27 28.93
C GLY F 937 -69.79 -126.27 28.34
N CYS F 938 -70.02 -127.03 27.26
CA CYS F 938 -71.40 -127.15 26.74
C CYS F 938 -72.22 -127.85 27.81
N HIS F 939 -73.49 -127.46 27.99
CA HIS F 939 -74.27 -128.03 29.12
C HIS F 939 -75.34 -128.97 28.57
N VAL F 940 -75.40 -130.19 29.10
CA VAL F 940 -76.36 -131.21 28.59
C VAL F 940 -77.28 -131.68 29.72
N GLY F 941 -78.59 -131.49 29.57
CA GLY F 941 -79.59 -132.00 30.53
C GLY F 941 -80.77 -132.48 29.69
N MET F 942 -81.45 -133.56 30.07
CA MET F 942 -82.48 -134.09 29.15
C MET F 942 -83.80 -133.34 29.32
N ALA F 943 -84.26 -132.66 28.26
CA ALA F 943 -85.57 -131.99 28.32
C ALA F 943 -86.68 -133.03 28.47
N ASP F 944 -86.58 -134.15 27.73
CA ASP F 944 -87.58 -135.24 27.92
C ASP F 944 -86.86 -136.56 28.18
N GLU F 945 -87.24 -137.28 29.24
CA GLU F 945 -86.64 -138.63 29.47
C GLU F 945 -87.35 -139.63 28.54
N LYS F 946 -88.64 -139.41 28.27
CA LYS F 946 -89.43 -140.35 27.44
C LYS F 946 -88.84 -140.43 26.02
N ALA F 947 -88.42 -139.28 25.47
CA ALA F 947 -87.89 -139.27 24.08
C ALA F 947 -86.65 -140.15 24.03
N GLU F 948 -85.82 -140.07 25.07
CA GLU F 948 -84.58 -140.89 25.14
C GLU F 948 -84.99 -142.36 25.16
N ASP F 949 -86.06 -142.67 25.89
CA ASP F 949 -86.50 -144.08 26.02
C ASP F 949 -86.88 -144.62 24.64
N ASN F 950 -87.52 -143.79 23.80
CA ASN F 950 -87.97 -144.24 22.45
C ASN F 950 -86.76 -144.46 21.54
N LEU F 951 -86.37 -145.71 21.28
CA LEU F 951 -85.25 -145.92 20.32
C LEU F 951 -85.67 -146.90 19.21
N LYS F 952 -85.20 -146.66 17.99
CA LYS F 952 -85.52 -147.55 16.84
C LYS F 952 -84.23 -147.91 16.10
N LYS F 953 -83.39 -148.75 16.71
CA LYS F 953 -82.08 -149.11 16.08
C LYS F 953 -82.34 -149.78 14.73
N THR F 954 -81.55 -149.41 13.71
CA THR F 954 -81.74 -149.99 12.36
C THR F 954 -81.46 -151.48 12.41
N LYS F 955 -82.26 -152.26 11.68
CA LYS F 955 -82.05 -153.74 11.63
C LYS F 955 -80.78 -154.07 10.84
N LEU F 956 -80.38 -155.34 10.82
CA LEU F 956 -79.12 -155.73 10.13
C LEU F 956 -79.40 -156.74 9.01
N PRO F 957 -78.88 -156.52 7.77
CA PRO F 957 -79.04 -157.49 6.71
C PRO F 957 -78.12 -158.67 6.96
N LYS F 958 -78.38 -159.81 6.32
CA LYS F 958 -77.58 -161.05 6.58
C LYS F 958 -76.18 -160.90 5.98
N THR F 959 -76.05 -160.31 4.80
CA THR F 959 -74.72 -160.07 4.23
C THR F 959 -73.96 -159.19 5.20
N TYR F 960 -74.68 -158.28 5.87
CA TYR F 960 -74.06 -157.33 6.83
C TYR F 960 -73.45 -158.12 7.99
N MET F 961 -74.10 -159.19 8.43
CA MET F 961 -73.62 -159.91 9.65
C MET F 961 -72.20 -160.47 9.40
N MET F 962 -71.34 -160.40 10.41
CA MET F 962 -69.94 -160.87 10.32
C MET F 962 -69.89 -162.41 10.26
N SER F 963 -68.79 -162.98 9.78
CA SER F 963 -68.66 -164.46 9.81
C SER F 963 -69.13 -164.98 11.18
N ASN F 964 -68.72 -164.33 12.28
CA ASN F 964 -69.16 -164.73 13.65
C ASN F 964 -70.70 -164.71 13.63
N GLY F 965 -71.31 -163.77 12.91
CA GLY F 965 -72.79 -163.77 12.78
C GLY F 965 -73.36 -162.61 13.57
N TYR F 966 -72.50 -161.90 14.31
CA TYR F 966 -72.98 -160.72 15.07
C TYR F 966 -73.46 -159.69 14.07
N LYS F 967 -74.56 -159.01 14.40
CA LYS F 967 -75.13 -158.00 13.47
C LYS F 967 -74.98 -156.63 14.14
N PRO F 968 -74.35 -155.65 13.47
CA PRO F 968 -74.29 -154.30 14.01
C PRO F 968 -75.70 -153.78 14.17
N ALA F 969 -76.01 -153.22 15.34
CA ALA F 969 -77.35 -152.61 15.52
C ALA F 969 -77.17 -151.21 16.10
N PRO F 970 -76.66 -150.23 15.31
CA PRO F 970 -76.55 -148.88 15.81
C PRO F 970 -77.96 -148.43 16.05
N LEU F 971 -78.20 -147.68 17.13
CA LEU F 971 -79.57 -147.12 17.33
C LEU F 971 -79.81 -146.12 16.18
N ASP F 972 -81.06 -145.98 15.72
CA ASP F 972 -81.32 -145.10 14.54
C ASP F 972 -82.11 -143.87 14.99
N LEU F 973 -81.67 -142.67 14.57
CA LEU F 973 -82.33 -141.41 14.99
C LEU F 973 -82.35 -140.40 13.82
N SER F 974 -83.29 -140.55 12.88
CA SER F 974 -83.40 -139.66 11.70
C SER F 974 -83.72 -138.21 12.10
N HIS F 975 -84.54 -138.01 13.13
CA HIS F 975 -85.05 -136.67 13.51
C HIS F 975 -84.00 -135.63 13.90
N VAL F 976 -82.92 -136.01 14.60
CA VAL F 976 -81.98 -134.99 15.16
C VAL F 976 -81.31 -134.12 14.08
N ARG F 977 -81.12 -132.81 14.37
CA ARG F 977 -80.56 -131.83 13.40
C ARG F 977 -79.46 -130.98 14.07
N LEU F 978 -78.60 -130.33 13.28
CA LEU F 978 -77.49 -129.58 13.93
C LEU F 978 -77.60 -128.08 13.63
N THR F 979 -76.71 -127.29 14.22
CA THR F 979 -76.70 -125.82 14.03
C THR F 979 -75.26 -125.47 13.77
N PRO F 980 -74.91 -124.31 13.19
CA PRO F 980 -73.53 -124.06 12.83
C PRO F 980 -72.67 -124.11 14.08
N ALA F 981 -73.12 -123.57 15.20
CA ALA F 981 -72.38 -123.68 16.48
C ALA F 981 -72.28 -125.14 16.90
N GLN F 982 -73.37 -125.90 16.78
CA GLN F 982 -73.38 -127.33 17.19
C GLN F 982 -72.41 -128.15 16.33
N THR F 983 -72.37 -127.91 15.01
CA THR F 983 -71.45 -128.60 14.08
C THR F 983 -70.04 -128.21 14.45
N THR F 984 -69.81 -126.96 14.80
CA THR F 984 -68.48 -126.45 15.20
C THR F 984 -68.08 -127.17 16.46
N LEU F 985 -69.02 -127.40 17.39
CA LEU F 985 -68.73 -128.06 18.68
C LEU F 985 -68.40 -129.54 18.43
N VAL F 986 -68.89 -130.15 17.34
CA VAL F 986 -68.65 -131.59 17.00
C VAL F 986 -67.23 -131.71 16.41
N ASP F 987 -66.77 -130.67 15.71
CA ASP F 987 -65.40 -130.61 15.15
C ASP F 987 -64.42 -130.53 16.32
N ARG F 988 -64.75 -129.73 17.35
CA ARG F 988 -63.91 -129.62 18.56
C ARG F 988 -63.89 -130.98 19.26
N LEU F 989 -65.04 -131.67 19.32
CA LEU F 989 -65.16 -132.99 19.98
C LEU F 989 -64.27 -134.01 19.26
N ALA F 990 -64.20 -133.97 17.93
CA ALA F 990 -63.41 -134.94 17.12
C ALA F 990 -61.92 -134.68 17.32
N GLU F 991 -61.50 -133.42 17.48
CA GLU F 991 -60.12 -133.05 17.75
C GLU F 991 -59.66 -133.61 19.08
N ASN F 992 -60.46 -133.42 20.13
CA ASN F 992 -60.05 -133.89 21.45
C ASN F 992 -59.96 -135.41 21.49
N GLY F 993 -60.90 -136.10 20.86
CA GLY F 993 -60.85 -137.55 20.85
C GLY F 993 -59.58 -138.06 20.20
N HIS F 994 -59.28 -137.52 19.02
CA HIS F 994 -58.08 -137.94 18.32
C HIS F 994 -56.83 -137.62 19.12
N ASN F 995 -56.79 -136.44 19.74
CA ASN F 995 -55.61 -136.08 20.52
C ASN F 995 -55.44 -136.99 21.72
N VAL F 996 -56.54 -137.37 22.38
CA VAL F 996 -56.45 -138.29 23.50
C VAL F 996 -55.90 -139.63 23.02
N TRP F 997 -56.41 -140.13 21.91
CA TRP F 997 -55.91 -141.39 21.37
C TRP F 997 -54.43 -141.29 21.04
N ALA F 998 -54.02 -140.17 20.44
CA ALA F 998 -52.63 -139.97 20.07
C ALA F 998 -51.73 -139.94 21.30
N ARG F 999 -52.17 -139.24 22.34
CA ARG F 999 -51.38 -139.20 23.57
C ARG F 999 -51.23 -140.60 24.15
N ASP F 1000 -52.31 -141.38 24.16
CA ASP F 1000 -52.21 -142.74 24.68
C ASP F 1000 -51.24 -143.58 23.87
N ARG F 1001 -51.30 -143.48 22.55
CA ARG F 1001 -50.41 -144.28 21.72
C ARG F 1001 -48.96 -143.84 21.88
N VAL F 1002 -48.72 -142.53 22.02
CA VAL F 1002 -47.37 -142.06 22.24
C VAL F 1002 -46.85 -142.60 23.56
N ALA F 1003 -47.69 -142.59 24.60
CA ALA F 1003 -47.26 -143.15 25.88
C ALA F 1003 -46.92 -144.63 25.72
N GLN F 1004 -47.72 -145.37 24.96
CA GLN F 1004 -47.41 -146.78 24.72
C GLN F 1004 -46.13 -146.94 23.92
N GLY F 1005 -45.76 -145.95 23.13
CA GLY F 1005 -44.48 -145.95 22.46
C GLY F 1005 -44.55 -145.90 20.94
N TRP F 1006 -45.69 -145.49 20.41
CA TRP F 1006 -45.84 -145.39 18.97
C TRP F 1006 -45.29 -144.07 18.45
N SER F 1007 -45.11 -143.99 17.13
CA SER F 1007 -44.65 -142.77 16.48
C SER F 1007 -45.28 -142.69 15.10
N TYR F 1008 -45.04 -141.57 14.43
CA TYR F 1008 -45.62 -141.32 13.12
C TYR F 1008 -44.74 -141.91 12.02
N SER F 1009 -45.37 -142.37 10.95
CA SER F 1009 -44.65 -142.87 9.78
C SER F 1009 -45.59 -142.85 8.60
N ALA F 1010 -45.12 -142.33 7.47
CA ALA F 1010 -45.97 -142.24 6.28
C ALA F 1010 -46.40 -143.63 5.82
N VAL F 1011 -45.64 -144.67 6.14
CA VAL F 1011 -45.97 -146.05 5.79
C VAL F 1011 -46.19 -146.82 7.09
N GLN F 1012 -47.35 -147.44 7.21
CA GLN F 1012 -47.70 -148.12 8.44
C GLN F 1012 -46.80 -149.32 8.67
N ASP F 1013 -46.43 -149.54 9.95
CA ASP F 1013 -45.63 -150.68 10.35
C ASP F 1013 -46.08 -151.08 11.77
N ILE F 1014 -47.01 -152.03 11.83
CA ILE F 1014 -47.56 -152.42 13.12
C ILE F 1014 -46.51 -153.05 14.02
N PRO F 1015 -45.68 -153.98 13.57
CA PRO F 1015 -44.65 -154.53 14.45
C PRO F 1015 -43.72 -153.48 15.00
N ALA F 1016 -43.45 -152.42 14.25
CA ALA F 1016 -42.56 -151.35 14.68
C ALA F 1016 -43.27 -150.24 15.43
N ARG F 1017 -44.59 -150.34 15.59
CA ARG F 1017 -45.36 -149.33 16.31
C ARG F 1017 -45.23 -147.96 15.63
N ARG F 1018 -45.49 -147.94 14.32
CA ARG F 1018 -45.47 -146.72 13.54
C ARG F 1018 -46.81 -146.62 12.82
N ASN F 1019 -47.46 -145.47 12.92
CA ASN F 1019 -48.80 -145.31 12.38
C ASN F 1019 -48.87 -144.11 11.45
N PRO F 1020 -49.57 -144.21 10.31
CA PRO F 1020 -49.72 -143.05 9.43
C PRO F 1020 -50.65 -141.98 9.99
N ARG F 1021 -51.36 -142.25 11.06
CA ARG F 1021 -52.31 -141.31 11.62
C ARG F 1021 -51.87 -140.71 12.94
N LEU F 1022 -50.69 -141.06 13.43
CA LEU F 1022 -50.27 -140.61 14.75
C LEU F 1022 -49.70 -139.20 14.70
N VAL F 1023 -50.56 -138.23 14.38
CA VAL F 1023 -50.19 -136.82 14.51
C VAL F 1023 -51.33 -136.07 15.17
N PRO F 1024 -51.03 -134.90 15.72
CA PRO F 1024 -52.11 -134.07 16.27
C PRO F 1024 -53.18 -133.80 15.22
N TYR F 1025 -54.42 -133.78 15.67
CA TYR F 1025 -55.58 -133.67 14.78
C TYR F 1025 -55.41 -132.57 13.74
N ARG F 1026 -54.71 -131.49 14.10
CA ARG F 1026 -54.60 -130.36 13.19
C ARG F 1026 -53.90 -130.74 11.89
N LEU F 1027 -52.90 -131.62 11.95
CA LEU F 1027 -52.09 -131.97 10.80
C LEU F 1027 -52.63 -133.17 10.05
N LEU F 1028 -53.79 -133.68 10.43
CA LEU F 1028 -54.35 -134.85 9.77
C LEU F 1028 -54.88 -134.48 8.40
N ASP F 1029 -54.92 -135.49 7.52
CA ASP F 1029 -55.47 -135.28 6.19
C ASP F 1029 -56.98 -135.09 6.26
N GLU F 1030 -57.54 -134.54 5.17
CA GLU F 1030 -58.94 -134.18 5.19
C GLU F 1030 -59.85 -135.41 5.30
N ALA F 1031 -59.47 -136.51 4.66
CA ALA F 1031 -60.31 -137.69 4.68
C ALA F 1031 -60.50 -138.22 6.10
N THR F 1032 -59.40 -138.36 6.84
CA THR F 1032 -59.49 -138.86 8.21
C THR F 1032 -60.26 -137.89 9.10
N LYS F 1033 -60.01 -136.59 8.91
CA LYS F 1033 -60.77 -135.58 9.65
C LYS F 1033 -62.26 -135.78 9.40
N ARG F 1034 -62.65 -135.96 8.14
CA ARG F 1034 -64.06 -136.12 7.81
C ARG F 1034 -64.63 -137.36 8.45
N SER F 1035 -63.89 -138.47 8.42
CA SER F 1035 -64.38 -139.71 9.01
C SER F 1035 -64.62 -139.55 10.50
N ASN F 1036 -63.64 -138.97 11.20
CA ASN F 1036 -63.78 -138.77 12.65
C ASN F 1036 -64.94 -137.85 12.96
N ARG F 1037 -65.07 -136.76 12.20
CA ARG F 1037 -66.17 -135.83 12.40
C ARG F 1037 -67.50 -136.52 12.15
N ASP F 1038 -67.55 -137.41 11.17
CA ASP F 1038 -68.78 -138.14 10.90
C ASP F 1038 -69.18 -139.00 12.09
N SER F 1039 -68.23 -139.76 12.62
CA SER F 1039 -68.55 -140.60 13.77
C SER F 1039 -69.03 -139.76 14.94
N LEU F 1040 -68.30 -138.68 15.24
CA LEU F 1040 -68.66 -137.86 16.40
C LEU F 1040 -70.00 -137.17 16.19
N CYS F 1041 -70.29 -136.73 14.96
CA CYS F 1041 -71.55 -136.05 14.72
C CYS F 1041 -72.71 -137.01 14.81
N GLN F 1042 -72.51 -138.27 14.37
CA GLN F 1042 -73.54 -139.28 14.60
C GLN F 1042 -73.81 -139.43 16.10
N ALA F 1043 -72.74 -139.52 16.90
CA ALA F 1043 -72.85 -139.71 18.36
C ALA F 1043 -73.47 -138.47 19.01
N VAL F 1044 -73.10 -137.27 18.55
CA VAL F 1044 -73.63 -136.00 19.11
C VAL F 1044 -75.14 -136.01 18.89
N ARG F 1045 -75.55 -136.44 17.69
CA ARG F 1045 -76.98 -136.46 17.31
C ARG F 1045 -77.75 -137.43 18.23
N THR F 1046 -77.20 -138.60 18.57
CA THR F 1046 -77.95 -139.59 19.36
C THR F 1046 -78.29 -138.97 20.69
N LEU F 1047 -77.34 -138.27 21.33
CA LEU F 1047 -77.59 -137.56 22.61
C LEU F 1047 -78.62 -136.44 22.39
N LEU F 1048 -78.50 -135.72 21.28
CA LEU F 1048 -79.40 -134.57 20.99
C LEU F 1048 -80.83 -135.09 20.87
N GLY F 1049 -81.01 -136.24 20.22
CA GLY F 1049 -82.35 -136.81 19.97
C GLY F 1049 -82.93 -137.40 21.24
N TYR F 1050 -82.09 -137.86 22.17
CA TYR F 1050 -82.59 -138.51 23.40
C TYR F 1050 -83.43 -137.46 24.07
N GLY F 1051 -82.97 -136.21 23.99
CA GLY F 1051 -83.68 -135.08 24.60
C GLY F 1051 -82.67 -134.26 25.34
N TYR F 1052 -81.49 -134.83 25.57
CA TYR F 1052 -80.47 -134.11 26.36
C TYR F 1052 -80.17 -132.89 25.50
N ASN F 1053 -80.05 -131.72 26.10
CA ASN F 1053 -79.85 -130.47 25.32
C ASN F 1053 -78.35 -130.26 25.15
N ILE F 1054 -77.85 -130.03 23.94
CA ILE F 1054 -76.42 -129.67 23.76
C ILE F 1054 -76.43 -128.17 23.40
N GLU F 1055 -75.66 -127.37 24.12
CA GLU F 1055 -75.59 -125.91 23.87
C GLU F 1055 -74.12 -125.60 23.64
N PRO F 1056 -73.65 -125.34 22.40
CA PRO F 1056 -72.22 -125.16 22.21
C PRO F 1056 -71.72 -124.15 23.23
N PRO F 1057 -70.54 -124.36 23.85
CA PRO F 1057 -70.08 -123.46 24.89
C PRO F 1057 -69.76 -122.11 24.29
N ASP F 1058 -70.01 -121.04 25.04
CA ASP F 1058 -69.71 -119.66 24.55
C ASP F 1058 -68.27 -119.61 24.03
N GLN F 1059 -67.98 -118.73 23.07
CA GLN F 1059 -66.66 -118.59 22.49
C GLN F 1059 -65.95 -117.41 23.14
N GLU F 1060 -64.75 -117.67 23.64
CA GLU F 1060 -63.96 -116.65 24.33
C GLU F 1060 -63.00 -116.02 23.35
N PRO F 1061 -62.98 -114.69 23.19
CA PRO F 1061 -62.08 -114.07 22.21
C PRO F 1061 -60.64 -114.49 22.43
N SER F 1062 -59.97 -114.86 21.34
CA SER F 1062 -58.61 -115.36 21.39
C SER F 1062 -57.79 -114.73 20.27
N GLN F 1063 -56.51 -114.50 20.55
CA GLN F 1063 -55.58 -113.93 19.60
C GLN F 1063 -54.34 -114.81 19.53
N VAL F 1064 -53.93 -115.16 18.30
CA VAL F 1064 -52.75 -116.00 18.12
C VAL F 1064 -51.48 -115.17 18.17
N ASP F 1065 -51.43 -114.07 17.41
CA ASP F 1065 -50.26 -113.20 17.37
C ASP F 1065 -48.98 -114.02 17.20
N SER F 1066 -48.99 -114.89 16.18
CA SER F 1066 -47.89 -115.84 15.99
C SER F 1066 -46.54 -115.14 15.99
N GLN F 1067 -46.47 -113.96 15.37
CA GLN F 1067 -45.24 -113.20 15.25
C GLN F 1067 -45.52 -111.72 15.47
N SER F 1068 -44.46 -110.91 15.35
CA SER F 1068 -44.59 -109.48 15.51
C SER F 1068 -45.04 -108.85 14.20
N ARG F 1069 -46.20 -108.19 14.23
CA ARG F 1069 -46.75 -107.61 13.00
C ARG F 1069 -45.83 -106.56 12.43
N GLY F 1070 -45.21 -105.74 13.29
CA GLY F 1070 -44.32 -104.71 12.79
C GLY F 1070 -43.12 -105.25 12.04
N ASP F 1071 -42.79 -106.53 12.25
CA ASP F 1071 -41.66 -107.17 11.61
C ASP F 1071 -42.05 -108.43 10.83
N ARG F 1072 -43.34 -108.68 10.64
CA ARG F 1072 -43.75 -109.92 10.01
C ARG F 1072 -43.93 -109.79 8.51
N ALA F 1073 -44.88 -108.96 8.07
CA ALA F 1073 -45.11 -108.80 6.65
C ALA F 1073 -43.86 -108.29 5.96
N ARG F 1074 -43.56 -108.86 4.79
CA ARG F 1074 -42.38 -108.46 4.03
C ARG F 1074 -42.73 -107.31 3.10
N ILE F 1075 -41.97 -106.23 3.20
CA ILE F 1075 -42.19 -105.03 2.39
C ILE F 1075 -41.19 -105.01 1.25
N PHE F 1076 -41.67 -104.81 0.04
CA PHE F 1076 -40.84 -104.62 -1.15
C PHE F 1076 -41.09 -103.22 -1.68
N ARG F 1077 -40.03 -102.46 -1.87
CA ARG F 1077 -40.13 -101.11 -2.41
C ARG F 1077 -39.15 -100.95 -3.56
N ALA F 1078 -39.39 -99.95 -4.40
CA ALA F 1078 -38.40 -99.59 -5.38
C ALA F 1078 -37.20 -98.90 -4.72
N GLU F 1079 -36.07 -98.91 -5.42
CA GLU F 1079 -34.87 -98.28 -4.89
C GLU F 1079 -35.09 -96.78 -4.75
N LYS F 1080 -34.45 -96.18 -3.75
CA LYS F 1080 -34.66 -94.77 -3.44
C LYS F 1080 -34.37 -93.86 -4.63
N SER F 1081 -33.42 -94.22 -5.48
CA SER F 1081 -33.04 -93.33 -6.57
C SER F 1081 -34.14 -93.17 -7.61
N TYR F 1082 -35.17 -94.01 -7.56
CA TYR F 1082 -36.27 -93.95 -8.51
C TYR F 1082 -37.40 -93.04 -8.05
N ALA F 1083 -37.26 -92.39 -6.90
CA ALA F 1083 -38.34 -91.57 -6.37
C ALA F 1083 -38.76 -90.52 -7.37
N VAL F 1084 -40.06 -90.38 -7.59
CA VAL F 1084 -40.63 -89.44 -8.55
C VAL F 1084 -41.15 -88.24 -7.79
N GLN F 1085 -40.82 -87.05 -8.28
CA GLN F 1085 -41.25 -85.80 -7.66
C GLN F 1085 -42.19 -84.99 -8.54
N SER F 1086 -42.63 -85.55 -9.66
CA SER F 1086 -43.54 -84.85 -10.56
C SER F 1086 -44.08 -85.84 -11.57
N GLY F 1087 -45.20 -85.46 -12.18
CA GLY F 1087 -45.77 -86.25 -13.27
C GLY F 1087 -46.92 -87.12 -12.82
N ARG F 1088 -47.33 -87.98 -13.75
CA ARG F 1088 -48.45 -88.90 -13.55
C ARG F 1088 -47.97 -90.32 -13.82
N TRP F 1089 -47.93 -91.14 -12.78
CA TRP F 1089 -47.29 -92.44 -12.84
C TRP F 1089 -48.27 -93.54 -12.46
N TYR F 1090 -48.07 -94.71 -13.06
CA TYR F 1090 -49.00 -95.82 -12.96
C TYR F 1090 -48.22 -97.12 -12.87
N PHE F 1091 -48.68 -98.02 -12.00
CA PHE F 1091 -48.14 -99.37 -11.98
C PHE F 1091 -49.23 -100.33 -11.53
N GLU F 1092 -48.96 -101.63 -11.65
CA GLU F 1092 -49.95 -102.65 -11.39
C GLU F 1092 -49.44 -103.67 -10.38
N PHE F 1093 -50.36 -104.26 -9.64
CA PHE F 1093 -50.05 -105.29 -8.65
C PHE F 1093 -51.14 -106.34 -8.71
N GLU F 1094 -50.79 -107.53 -9.16
CA GLU F 1094 -51.74 -108.64 -9.26
C GLU F 1094 -51.64 -109.50 -8.00
N ALA F 1095 -52.79 -109.76 -7.38
CA ALA F 1095 -52.83 -110.52 -6.14
C ALA F 1095 -53.04 -112.00 -6.49
N VAL F 1096 -51.97 -112.79 -6.42
CA VAL F 1096 -52.11 -114.21 -6.72
C VAL F 1096 -52.90 -114.91 -5.62
N THR F 1097 -52.62 -114.56 -4.37
CA THR F 1097 -53.44 -114.96 -3.24
C THR F 1097 -54.37 -113.82 -2.86
N THR F 1098 -55.22 -114.06 -1.87
CA THR F 1098 -56.27 -113.11 -1.50
C THR F 1098 -56.19 -112.74 -0.02
N GLY F 1099 -55.00 -112.74 0.56
CA GLY F 1099 -54.82 -112.47 1.97
C GLY F 1099 -54.34 -111.07 2.23
N GLU F 1100 -53.60 -110.91 3.33
CA GLU F 1100 -53.14 -109.60 3.77
C GLU F 1100 -52.05 -109.10 2.82
N MET F 1101 -52.39 -108.10 2.01
CA MET F 1101 -51.43 -107.50 1.10
C MET F 1101 -51.80 -106.04 0.93
N ARG F 1102 -50.78 -105.19 0.94
CA ARG F 1102 -50.96 -103.75 0.79
C ARG F 1102 -50.13 -103.29 -0.39
N VAL F 1103 -50.61 -102.29 -1.12
CA VAL F 1103 -49.90 -101.79 -2.29
C VAL F 1103 -50.15 -100.30 -2.45
N GLY F 1104 -49.11 -99.55 -2.79
CA GLY F 1104 -49.26 -98.13 -2.96
C GLY F 1104 -47.96 -97.38 -3.13
N TRP F 1105 -47.87 -96.19 -2.55
CA TRP F 1105 -46.73 -95.31 -2.72
C TRP F 1105 -46.11 -94.99 -1.37
N ALA F 1106 -44.78 -94.95 -1.33
CA ALA F 1106 -44.07 -94.73 -0.09
C ALA F 1106 -43.01 -93.65 -0.27
N ARG F 1107 -42.70 -92.96 0.81
CA ARG F 1107 -41.63 -91.99 0.77
C ARG F 1107 -40.28 -92.69 0.87
N PRO F 1108 -39.21 -92.07 0.37
CA PRO F 1108 -37.91 -92.75 0.37
C PRO F 1108 -37.43 -93.17 1.75
N GLU F 1109 -37.81 -92.45 2.80
CA GLU F 1109 -37.36 -92.75 4.16
C GLU F 1109 -38.29 -93.72 4.87
N LEU F 1110 -39.01 -94.55 4.12
CA LEU F 1110 -39.87 -95.56 4.72
C LEU F 1110 -39.07 -96.46 5.65
N ARG F 1111 -39.65 -96.80 6.77
CA ARG F 1111 -38.97 -97.67 7.71
C ARG F 1111 -39.37 -99.12 7.47
N PRO F 1112 -38.48 -100.07 7.76
CA PRO F 1112 -38.77 -101.48 7.50
C PRO F 1112 -39.50 -102.21 8.62
N ASP F 1113 -39.58 -101.63 9.82
CA ASP F 1113 -40.16 -102.30 10.97
C ASP F 1113 -41.53 -101.75 11.33
N VAL F 1114 -42.15 -100.98 10.44
CA VAL F 1114 -43.48 -100.41 10.67
C VAL F 1114 -44.42 -100.93 9.60
N GLU F 1115 -45.64 -101.28 10.00
CA GLU F 1115 -46.64 -101.70 9.05
C GLU F 1115 -46.85 -100.63 7.98
N LEU F 1116 -46.99 -101.06 6.74
CA LEU F 1116 -47.18 -100.11 5.66
C LEU F 1116 -48.43 -99.29 5.90
N GLY F 1117 -48.29 -97.96 5.82
CA GLY F 1117 -49.41 -97.08 6.00
C GLY F 1117 -49.81 -96.84 7.43
N ALA F 1118 -49.11 -97.42 8.39
CA ALA F 1118 -49.38 -97.13 9.79
C ALA F 1118 -48.84 -95.79 10.23
N ASP F 1119 -47.94 -95.19 9.45
CA ASP F 1119 -47.44 -93.85 9.73
C ASP F 1119 -47.62 -92.97 8.50
N ASP F 1120 -47.03 -91.79 8.49
CA ASP F 1120 -47.22 -90.83 7.42
C ASP F 1120 -46.30 -91.08 6.23
N LEU F 1121 -45.58 -92.20 6.21
CA LEU F 1121 -44.58 -92.44 5.19
C LEU F 1121 -45.08 -93.29 4.03
N ALA F 1122 -46.36 -93.66 4.01
CA ALA F 1122 -46.86 -94.47 2.90
C ALA F 1122 -48.38 -94.30 2.80
N TYR F 1123 -48.86 -94.22 1.57
CA TYR F 1123 -50.28 -94.23 1.26
C TYR F 1123 -50.54 -95.51 0.48
N VAL F 1124 -51.28 -96.46 1.06
CA VAL F 1124 -51.44 -97.77 0.43
C VAL F 1124 -52.90 -98.20 0.50
N PHE F 1125 -53.21 -99.22 -0.28
CA PHE F 1125 -54.52 -99.84 -0.32
C PHE F 1125 -54.36 -101.29 0.10
N ASN F 1126 -55.21 -101.73 1.03
CA ASN F 1126 -55.25 -103.11 1.50
C ASN F 1126 -56.54 -103.72 0.97
N GLY F 1127 -56.41 -104.68 0.05
CA GLY F 1127 -57.54 -105.29 -0.60
C GLY F 1127 -58.06 -106.54 0.05
N HIS F 1128 -57.54 -106.91 1.22
CA HIS F 1128 -58.07 -108.09 1.90
C HIS F 1128 -59.52 -107.87 2.34
N ARG F 1129 -59.78 -106.74 3.01
CA ARG F 1129 -61.13 -106.33 3.35
C ARG F 1129 -61.56 -105.05 2.65
N GLY F 1130 -60.62 -104.26 2.16
CA GLY F 1130 -60.90 -102.99 1.53
C GLY F 1130 -60.63 -101.87 2.50
N GLN F 1131 -59.44 -101.28 2.39
CA GLN F 1131 -59.02 -100.24 3.30
C GLN F 1131 -57.99 -99.37 2.62
N ARG F 1132 -57.93 -98.10 3.02
CA ARG F 1132 -56.85 -97.21 2.61
C ARG F 1132 -56.05 -96.84 3.85
N TRP F 1133 -54.75 -97.12 3.82
CA TRP F 1133 -53.89 -96.95 4.97
C TRP F 1133 -52.99 -95.74 4.77
N HIS F 1134 -53.14 -94.77 5.67
CA HIS F 1134 -52.18 -93.67 5.84
C HIS F 1134 -52.40 -93.08 7.22
N LEU F 1135 -51.44 -93.24 8.13
CA LEU F 1135 -51.63 -92.84 9.52
C LEU F 1135 -52.89 -93.45 10.10
N GLY F 1136 -53.13 -94.71 9.77
CA GLY F 1136 -54.31 -95.43 10.22
C GLY F 1136 -55.08 -96.01 9.06
N SER F 1137 -56.19 -96.65 9.39
CA SER F 1137 -57.01 -97.37 8.43
C SER F 1137 -58.38 -96.72 8.31
N GLU F 1138 -58.90 -96.71 7.08
CA GLU F 1138 -60.24 -96.24 6.80
C GLU F 1138 -60.86 -97.17 5.76
N PRO F 1139 -62.17 -97.42 5.83
CA PRO F 1139 -62.79 -98.25 4.80
C PRO F 1139 -62.66 -97.62 3.42
N PHE F 1140 -62.45 -98.45 2.41
CA PHE F 1140 -62.27 -97.95 1.05
C PHE F 1140 -62.29 -99.12 0.08
N GLY F 1141 -62.99 -98.95 -1.04
CA GLY F 1141 -62.98 -99.97 -2.05
C GLY F 1141 -63.66 -101.24 -1.59
N ARG F 1142 -63.35 -102.33 -2.30
CA ARG F 1142 -63.91 -103.64 -2.04
C ARG F 1142 -62.79 -104.68 -1.98
N PRO F 1143 -63.03 -105.81 -1.32
CA PRO F 1143 -62.00 -106.84 -1.27
C PRO F 1143 -61.72 -107.42 -2.65
N TRP F 1144 -60.47 -107.77 -2.89
CA TRP F 1144 -60.05 -108.36 -4.15
C TRP F 1144 -60.24 -109.87 -4.13
N GLN F 1145 -60.03 -110.48 -5.28
CA GLN F 1145 -60.09 -111.92 -5.44
C GLN F 1145 -58.85 -112.38 -6.18
N SER F 1146 -58.59 -113.68 -6.11
CA SER F 1146 -57.40 -114.23 -6.74
C SER F 1146 -57.36 -113.85 -8.21
N GLY F 1147 -56.21 -113.34 -8.65
CA GLY F 1147 -56.02 -112.91 -10.02
C GLY F 1147 -56.36 -111.45 -10.29
N ASP F 1148 -56.90 -110.75 -9.31
CA ASP F 1148 -57.28 -109.36 -9.52
C ASP F 1148 -56.04 -108.47 -9.59
N VAL F 1149 -56.11 -107.46 -10.46
CA VAL F 1149 -55.02 -106.52 -10.67
C VAL F 1149 -55.44 -105.18 -10.10
N VAL F 1150 -54.63 -104.66 -9.17
CA VAL F 1150 -54.82 -103.33 -8.62
C VAL F 1150 -53.89 -102.37 -9.35
N GLY F 1151 -54.47 -101.35 -9.98
CA GLY F 1151 -53.71 -100.30 -10.60
C GLY F 1151 -53.54 -99.13 -9.64
N CYS F 1152 -52.30 -98.73 -9.44
CA CYS F 1152 -51.97 -97.63 -8.54
C CYS F 1152 -51.48 -96.47 -9.39
N MET F 1153 -52.12 -95.32 -9.23
CA MET F 1153 -51.77 -94.11 -9.95
C MET F 1153 -51.44 -93.02 -8.93
N ILE F 1154 -50.36 -92.30 -9.18
CA ILE F 1154 -50.04 -91.09 -8.44
C ILE F 1154 -50.00 -89.93 -9.41
N ASP F 1155 -50.70 -88.86 -9.08
CA ASP F 1155 -50.74 -87.63 -9.88
C ASP F 1155 -50.12 -86.54 -9.02
N LEU F 1156 -48.88 -86.16 -9.33
CA LEU F 1156 -48.18 -85.17 -8.53
C LEU F 1156 -48.41 -83.76 -9.03
N THR F 1157 -49.26 -83.56 -10.02
CA THR F 1157 -49.76 -82.23 -10.37
C THR F 1157 -50.98 -81.87 -9.54
N GLU F 1158 -51.94 -82.78 -9.43
CA GLU F 1158 -53.09 -82.60 -8.56
C GLU F 1158 -52.83 -83.05 -7.14
N ASN F 1159 -51.70 -83.71 -6.88
CA ASN F 1159 -51.37 -84.23 -5.56
C ASN F 1159 -52.44 -85.22 -5.08
N THR F 1160 -52.64 -86.27 -5.86
CA THR F 1160 -53.66 -87.25 -5.57
C THR F 1160 -53.15 -88.65 -5.86
N ILE F 1161 -53.83 -89.64 -5.26
CA ILE F 1161 -53.54 -91.05 -5.47
C ILE F 1161 -54.84 -91.75 -5.80
N ILE F 1162 -54.82 -92.58 -6.83
CA ILE F 1162 -56.01 -93.28 -7.32
C ILE F 1162 -55.72 -94.77 -7.37
N PHE F 1163 -56.71 -95.57 -7.01
CA PHE F 1163 -56.63 -97.03 -7.07
C PHE F 1163 -57.75 -97.57 -7.94
N THR F 1164 -57.40 -98.48 -8.83
CA THR F 1164 -58.36 -99.18 -9.66
C THR F 1164 -58.26 -100.68 -9.41
N LEU F 1165 -59.39 -101.37 -9.52
CA LEU F 1165 -59.44 -102.82 -9.39
C LEU F 1165 -60.03 -103.39 -10.68
N ASN F 1166 -59.19 -104.03 -11.49
CA ASN F 1166 -59.59 -104.54 -12.79
C ASN F 1166 -60.10 -103.42 -13.69
N GLY F 1167 -59.48 -102.24 -13.60
CA GLY F 1167 -59.81 -101.13 -14.46
C GLY F 1167 -60.88 -100.20 -13.93
N GLU F 1168 -61.54 -100.55 -12.85
CA GLU F 1168 -62.61 -99.75 -12.27
C GLU F 1168 -62.05 -98.97 -11.08
N VAL F 1169 -62.19 -97.65 -11.13
CA VAL F 1169 -61.70 -96.78 -10.06
C VAL F 1169 -62.42 -97.13 -8.78
N LEU F 1170 -61.66 -97.38 -7.72
CA LEU F 1170 -62.26 -97.66 -6.42
C LEU F 1170 -62.68 -96.38 -5.73
N MET F 1171 -63.83 -96.41 -5.08
CA MET F 1171 -64.43 -95.23 -4.49
C MET F 1171 -64.62 -95.42 -3.00
N SER F 1172 -64.39 -94.36 -2.24
CA SER F 1172 -64.66 -94.36 -0.82
C SER F 1172 -66.17 -94.39 -0.56
N ASP F 1173 -66.52 -94.46 0.72
CA ASP F 1173 -67.95 -94.43 1.08
C ASP F 1173 -68.59 -93.12 0.65
N SER F 1174 -67.86 -92.02 0.79
CA SER F 1174 -68.40 -90.71 0.42
C SER F 1174 -68.59 -90.58 -1.09
N GLY F 1175 -68.05 -91.53 -1.87
CA GLY F 1175 -68.16 -91.48 -3.31
C GLY F 1175 -67.01 -90.81 -4.02
N SER F 1176 -66.03 -90.28 -3.28
CA SER F 1176 -64.87 -89.68 -3.91
C SER F 1176 -64.09 -90.72 -4.70
N GLU F 1177 -63.53 -90.31 -5.82
CA GLU F 1177 -62.76 -91.20 -6.68
C GLU F 1177 -61.26 -91.11 -6.44
N THR F 1178 -60.82 -90.34 -5.46
CA THR F 1178 -59.41 -90.25 -5.09
C THR F 1178 -59.23 -90.81 -3.69
N ALA F 1179 -58.34 -91.81 -3.56
CA ALA F 1179 -58.10 -92.40 -2.25
C ALA F 1179 -57.46 -91.39 -1.30
N PHE F 1180 -56.53 -90.60 -1.79
CA PHE F 1180 -55.86 -89.58 -1.01
C PHE F 1180 -55.75 -88.30 -1.83
N ARG F 1181 -55.65 -87.18 -1.14
CA ARG F 1181 -55.54 -85.88 -1.80
C ARG F 1181 -54.77 -84.93 -0.90
N ASP F 1182 -54.32 -83.83 -1.49
CA ASP F 1182 -53.54 -82.81 -0.78
C ASP F 1182 -52.29 -83.46 -0.16
N ILE F 1183 -51.55 -84.15 -1.01
CA ILE F 1183 -50.35 -84.87 -0.60
C ILE F 1183 -49.16 -83.96 -0.84
N GLU F 1184 -48.35 -83.76 0.19
CA GLU F 1184 -47.12 -82.98 0.03
C GLU F 1184 -46.08 -83.82 -0.69
N ILE F 1185 -45.52 -83.28 -1.77
CA ILE F 1185 -44.58 -84.05 -2.58
C ILE F 1185 -43.36 -84.42 -1.77
N GLY F 1186 -42.75 -83.44 -1.11
CA GLY F 1186 -41.57 -83.74 -0.31
C GLY F 1186 -40.45 -84.27 -1.20
N ASP F 1187 -39.92 -85.43 -0.82
CA ASP F 1187 -38.78 -86.03 -1.50
C ASP F 1187 -39.17 -86.99 -2.61
N GLY F 1188 -40.45 -87.18 -2.86
CA GLY F 1188 -40.91 -88.06 -3.92
C GLY F 1188 -41.52 -89.33 -3.37
N PHE F 1189 -41.92 -90.19 -4.31
CA PHE F 1189 -42.63 -91.42 -3.97
C PHE F 1189 -42.06 -92.57 -4.77
N LEU F 1190 -42.18 -93.76 -4.19
CA LEU F 1190 -41.72 -95.01 -4.77
C LEU F 1190 -42.84 -96.02 -4.73
N PRO F 1191 -42.95 -96.90 -5.73
CA PRO F 1191 -43.87 -98.03 -5.61
C PRO F 1191 -43.48 -98.91 -4.44
N VAL F 1192 -44.49 -99.38 -3.71
CA VAL F 1192 -44.28 -100.18 -2.51
C VAL F 1192 -45.40 -101.18 -2.38
N CYS F 1193 -45.07 -102.34 -1.83
CA CYS F 1193 -46.05 -103.37 -1.54
C CYS F 1193 -45.62 -104.12 -0.29
N SER F 1194 -46.57 -104.77 0.34
CA SER F 1194 -46.34 -105.51 1.58
C SER F 1194 -47.14 -106.79 1.50
N LEU F 1195 -46.47 -107.92 1.71
CA LEU F 1195 -47.07 -109.24 1.62
C LEU F 1195 -47.03 -109.89 2.99
N GLY F 1196 -48.17 -110.34 3.48
CA GLY F 1196 -48.20 -111.03 4.75
C GLY F 1196 -47.78 -112.47 4.61
N PRO F 1197 -47.74 -113.17 5.74
CA PRO F 1197 -47.33 -114.57 5.70
C PRO F 1197 -48.18 -115.40 4.75
N GLY F 1198 -47.52 -116.08 3.81
CA GLY F 1198 -48.21 -116.95 2.88
C GLY F 1198 -48.90 -116.26 1.73
N GLN F 1199 -48.47 -115.05 1.37
CA GLN F 1199 -49.11 -114.28 0.31
C GLN F 1199 -48.18 -114.18 -0.89
N VAL F 1200 -48.76 -114.03 -2.08
CA VAL F 1200 -48.01 -113.93 -3.32
C VAL F 1200 -48.59 -112.82 -4.18
N GLY F 1201 -47.71 -111.96 -4.68
CA GLY F 1201 -48.12 -110.88 -5.53
C GLY F 1201 -47.23 -110.79 -6.76
N HIS F 1202 -47.68 -110.03 -7.74
CA HIS F 1202 -46.94 -109.79 -8.96
C HIS F 1202 -46.91 -108.29 -9.22
N LEU F 1203 -45.73 -107.70 -9.10
CA LEU F 1203 -45.58 -106.25 -9.24
C LEU F 1203 -45.11 -105.96 -10.66
N ASN F 1204 -45.94 -105.25 -11.42
CA ASN F 1204 -45.62 -104.88 -12.80
C ASN F 1204 -45.45 -103.36 -12.84
N LEU F 1205 -44.21 -102.92 -13.00
CA LEU F 1205 -43.92 -101.50 -13.05
C LEU F 1205 -44.03 -100.91 -14.45
N GLY F 1206 -44.25 -101.75 -15.46
CA GLY F 1206 -44.57 -101.27 -16.78
C GLY F 1206 -43.39 -101.09 -17.71
N GLN F 1207 -42.30 -101.83 -17.53
CA GLN F 1207 -41.22 -101.77 -18.50
C GLN F 1207 -41.68 -102.25 -19.86
N ASP F 1208 -42.48 -103.31 -19.89
CA ASP F 1208 -43.09 -103.83 -21.10
C ASP F 1208 -44.55 -103.38 -21.07
N VAL F 1209 -44.82 -102.21 -21.65
CA VAL F 1209 -46.14 -101.60 -21.60
C VAL F 1209 -47.19 -102.57 -22.13
N SER F 1210 -46.77 -103.50 -22.98
CA SER F 1210 -47.70 -104.51 -23.48
C SER F 1210 -48.15 -105.46 -22.38
N SER F 1211 -47.33 -105.64 -21.35
CA SER F 1211 -47.67 -106.60 -20.30
C SER F 1211 -48.76 -106.07 -19.38
N LEU F 1212 -48.88 -104.76 -19.25
CA LEU F 1212 -49.92 -104.19 -18.41
C LEU F 1212 -51.30 -104.64 -18.89
N ARG F 1213 -52.16 -105.00 -17.94
CA ARG F 1213 -53.44 -105.61 -18.30
C ARG F 1213 -54.60 -104.63 -18.29
N PHE F 1214 -54.53 -103.55 -17.53
CA PHE F 1214 -55.63 -102.59 -17.47
C PHE F 1214 -55.14 -101.15 -17.63
N PHE F 1215 -53.91 -100.95 -18.08
CA PHE F 1215 -53.43 -99.59 -18.30
C PHE F 1215 -54.22 -98.89 -19.38
N ALA F 1216 -54.51 -99.59 -20.47
CA ALA F 1216 -55.30 -99.00 -21.55
C ALA F 1216 -56.70 -98.65 -21.08
N ILE F 1217 -57.30 -99.55 -20.30
CA ILE F 1217 -58.69 -99.35 -19.88
C ILE F 1217 -58.82 -98.11 -19.01
N CYS F 1218 -57.88 -97.91 -18.09
CA CYS F 1218 -57.92 -96.75 -17.20
C CYS F 1218 -56.51 -96.29 -16.90
N GLY F 1219 -56.18 -95.07 -17.35
CA GLY F 1219 -54.92 -94.44 -17.03
C GLY F 1219 -54.19 -93.92 -18.25
N LEU F 1220 -54.26 -94.68 -19.34
CA LEU F 1220 -53.61 -94.25 -20.57
C LEU F 1220 -54.23 -92.95 -21.09
N GLN F 1221 -55.55 -92.92 -21.23
CA GLN F 1221 -56.21 -91.72 -21.73
C GLN F 1221 -56.12 -90.59 -20.71
N GLU F 1222 -56.19 -90.91 -19.43
CA GLU F 1222 -56.07 -89.90 -18.38
C GLU F 1222 -54.66 -89.33 -18.30
N GLY F 1223 -53.68 -89.97 -18.93
CA GLY F 1223 -52.37 -89.37 -19.07
C GLY F 1223 -51.32 -89.85 -18.12
N PHE F 1224 -51.43 -91.08 -17.63
CA PHE F 1224 -50.46 -91.65 -16.72
C PHE F 1224 -49.47 -92.51 -17.48
N GLU F 1225 -48.20 -92.37 -17.14
CA GLU F 1225 -47.16 -93.16 -17.78
C GLU F 1225 -46.80 -94.35 -16.89
N PRO F 1226 -46.55 -95.52 -17.46
CA PRO F 1226 -46.06 -96.63 -16.64
C PRO F 1226 -44.78 -96.23 -15.93
N PHE F 1227 -44.64 -96.68 -14.68
CA PHE F 1227 -43.56 -96.17 -13.84
C PHE F 1227 -42.21 -96.35 -14.52
N ALA F 1228 -41.90 -97.57 -14.95
CA ALA F 1228 -40.64 -97.83 -15.62
C ALA F 1228 -40.80 -97.85 -17.14
N ILE F 1229 -41.34 -96.77 -17.72
CA ILE F 1229 -41.71 -96.81 -19.12
C ILE F 1229 -40.47 -96.83 -20.02
N ASN F 1230 -39.53 -95.93 -19.76
CA ASN F 1230 -38.36 -95.80 -20.64
C ASN F 1230 -37.08 -96.14 -19.90
N MET F 1231 -37.12 -97.20 -19.12
CA MET F 1231 -35.94 -97.71 -18.44
C MET F 1231 -35.39 -98.89 -19.22
N GLN F 1232 -34.13 -98.81 -19.61
CA GLN F 1232 -33.51 -99.89 -20.37
C GLN F 1232 -33.21 -101.11 -19.52
N ARG F 1233 -33.35 -101.01 -18.20
CA ARG F 1233 -33.11 -102.12 -17.30
C ARG F 1233 -34.24 -102.22 -16.30
N PRO F 1234 -34.53 -103.43 -15.78
CA PRO F 1234 -35.57 -103.56 -14.77
C PRO F 1234 -35.24 -102.73 -13.54
N VAL F 1235 -36.29 -102.26 -12.87
CA VAL F 1235 -36.12 -101.42 -11.69
C VAL F 1235 -35.67 -102.27 -10.51
N THR F 1236 -34.61 -101.83 -9.85
CA THR F 1236 -34.08 -102.54 -8.69
C THR F 1236 -35.01 -102.35 -7.50
N THR F 1237 -35.17 -103.42 -6.71
CA THR F 1237 -36.06 -103.40 -5.57
C THR F 1237 -35.29 -103.77 -4.31
N TRP F 1238 -35.79 -103.26 -3.19
CA TRP F 1238 -35.29 -103.62 -1.87
C TRP F 1238 -36.43 -104.23 -1.09
N PHE F 1239 -36.08 -105.09 -0.13
CA PHE F 1239 -37.08 -105.74 0.70
C PHE F 1239 -36.65 -105.64 2.16
N SER F 1240 -37.63 -105.76 3.05
CA SER F 1240 -37.38 -105.68 4.48
C SER F 1240 -36.98 -107.06 4.98
N LYS F 1241 -35.68 -107.25 5.18
CA LYS F 1241 -35.12 -108.50 5.65
C LYS F 1241 -35.24 -108.58 7.17
N SER F 1242 -35.83 -109.68 7.64
CA SER F 1242 -36.04 -109.92 9.07
C SER F 1242 -34.88 -110.68 9.70
N LEU F 1243 -33.66 -110.21 9.49
CA LEU F 1243 -32.50 -110.77 10.17
C LEU F 1243 -31.98 -109.72 11.14
N PRO F 1244 -32.10 -109.92 12.45
CA PRO F 1244 -31.68 -108.87 13.38
C PRO F 1244 -30.22 -108.50 13.21
N GLN F 1245 -29.94 -107.20 13.27
CA GLN F 1245 -28.59 -106.68 13.08
C GLN F 1245 -28.32 -105.59 14.10
N PHE F 1246 -27.07 -105.48 14.51
CA PHE F 1246 -26.68 -104.46 15.49
C PHE F 1246 -26.43 -103.13 14.77
N GLU F 1247 -27.05 -102.06 15.26
CA GLU F 1247 -26.90 -100.74 14.69
C GLU F 1247 -26.75 -99.73 15.82
N PRO F 1248 -26.07 -98.61 15.57
CA PRO F 1248 -25.89 -97.62 16.64
C PRO F 1248 -27.23 -97.14 17.18
N VAL F 1249 -27.28 -96.93 18.50
CA VAL F 1249 -28.50 -96.45 19.14
C VAL F 1249 -28.81 -95.08 18.54
N PRO F 1250 -30.01 -94.87 17.97
CA PRO F 1250 -30.28 -93.58 17.34
C PRO F 1250 -30.19 -92.44 18.35
N LEU F 1251 -29.67 -91.30 17.88
CA LEU F 1251 -29.53 -90.15 18.76
C LEU F 1251 -30.86 -89.62 19.25
N GLU F 1252 -31.95 -89.92 18.56
CA GLU F 1252 -33.28 -89.43 18.91
C GLU F 1252 -34.23 -90.56 19.26
N HIS F 1253 -33.71 -91.70 19.71
CA HIS F 1253 -34.58 -92.80 20.05
C HIS F 1253 -35.55 -92.37 21.15
N PRO F 1254 -36.86 -92.60 20.97
CA PRO F 1254 -37.82 -92.09 21.95
C PRO F 1254 -37.69 -92.68 23.34
N HIS F 1255 -37.09 -93.86 23.49
CA HIS F 1255 -37.10 -94.56 24.77
C HIS F 1255 -35.73 -94.78 25.38
N TYR F 1256 -34.66 -94.87 24.58
CA TYR F 1256 -33.34 -95.21 25.08
C TYR F 1256 -32.38 -94.07 24.81
N GLU F 1257 -31.53 -93.78 25.80
CA GLU F 1257 -30.53 -92.73 25.68
C GLU F 1257 -29.22 -93.24 26.24
N VAL F 1258 -28.13 -92.99 25.51
CA VAL F 1258 -26.79 -93.38 25.94
C VAL F 1258 -26.00 -92.12 26.22
N ALA F 1259 -25.37 -92.07 27.39
CA ALA F 1259 -24.53 -90.95 27.79
C ALA F 1259 -23.08 -91.42 27.88
N ARG F 1260 -22.17 -90.66 27.29
CA ARG F 1260 -20.75 -90.95 27.35
C ARG F 1260 -20.17 -90.17 28.53
N MET F 1261 -19.82 -90.88 29.60
CA MET F 1261 -19.27 -90.25 30.79
C MET F 1261 -17.75 -90.29 30.73
N ASP F 1262 -17.12 -89.15 30.97
CA ASP F 1262 -15.68 -89.08 30.99
C ASP F 1262 -15.14 -89.71 32.27
N GLY F 1263 -13.90 -90.20 32.19
CA GLY F 1263 -13.28 -90.78 33.35
C GLY F 1263 -12.81 -89.72 34.33
N THR F 1264 -13.19 -89.90 35.60
CA THR F 1264 -12.78 -88.98 36.65
C THR F 1264 -11.55 -89.52 37.37
N VAL F 1265 -11.18 -88.88 38.48
CA VAL F 1265 -10.01 -89.33 39.25
C VAL F 1265 -10.22 -90.70 39.88
N ASP F 1266 -11.46 -91.13 40.08
CA ASP F 1266 -11.74 -92.43 40.66
C ASP F 1266 -12.66 -93.30 39.82
N THR F 1267 -13.07 -92.84 38.64
CA THR F 1267 -14.01 -93.55 37.79
C THR F 1267 -13.44 -93.66 36.38
N PRO F 1268 -13.61 -94.80 35.73
CA PRO F 1268 -13.13 -94.94 34.35
C PRO F 1268 -14.13 -94.33 33.38
N PRO F 1269 -13.80 -94.28 32.09
CA PRO F 1269 -14.80 -93.89 31.10
C PRO F 1269 -15.96 -94.87 31.10
N CYS F 1270 -17.15 -94.35 30.83
CA CYS F 1270 -18.37 -95.15 30.92
C CYS F 1270 -19.31 -94.80 29.78
N LEU F 1271 -20.20 -95.73 29.50
CA LEU F 1271 -21.31 -95.55 28.57
C LEU F 1271 -22.57 -96.01 29.29
N ARG F 1272 -23.38 -95.06 29.75
CA ARG F 1272 -24.52 -95.36 30.59
C ARG F 1272 -25.79 -95.32 29.77
N LEU F 1273 -26.68 -96.29 30.01
CA LEU F 1273 -27.97 -96.36 29.35
C LEU F 1273 -29.07 -95.97 30.31
N THR F 1274 -29.96 -95.10 29.85
CA THR F 1274 -31.11 -94.67 30.64
C THR F 1274 -32.38 -94.83 29.81
N HIS F 1275 -33.46 -95.20 30.48
CA HIS F 1275 -34.77 -95.32 29.85
C HIS F 1275 -35.47 -93.97 29.95
N ARG F 1276 -35.67 -93.30 28.81
CA ARG F 1276 -36.22 -91.95 28.84
C ARG F 1276 -37.63 -91.93 29.41
N THR F 1277 -38.49 -92.82 28.93
CA THR F 1277 -39.92 -92.78 29.24
C THR F 1277 -40.31 -93.84 30.26
N TRP F 1278 -39.44 -94.11 31.22
CA TRP F 1278 -39.77 -95.11 32.23
C TRP F 1278 -40.87 -94.61 33.14
N GLY F 1279 -41.72 -95.54 33.57
CA GLY F 1279 -42.78 -95.22 34.50
C GLY F 1279 -43.98 -94.60 33.85
N SER F 1280 -43.76 -93.57 33.04
CA SER F 1280 -44.86 -92.87 32.39
C SER F 1280 -45.65 -93.82 31.51
N GLN F 1281 -46.81 -93.35 31.07
CA GLN F 1281 -47.56 -94.08 30.06
C GLN F 1281 -46.80 -94.06 28.73
N ASN F 1282 -47.24 -94.90 27.80
CA ASN F 1282 -46.62 -95.18 26.52
C ASN F 1282 -45.20 -95.72 26.69
N SER F 1283 -44.77 -96.05 27.90
CA SER F 1283 -43.43 -96.59 28.10
C SER F 1283 -43.29 -97.93 27.39
N LEU F 1284 -42.11 -98.16 26.82
CA LEU F 1284 -41.80 -99.39 26.11
C LEU F 1284 -40.86 -100.20 26.98
N VAL F 1285 -41.27 -101.41 27.34
CA VAL F 1285 -40.49 -102.30 28.20
C VAL F 1285 -40.39 -103.64 27.48
N GLU F 1286 -39.21 -103.92 26.92
CA GLU F 1286 -38.95 -105.16 26.23
C GLU F 1286 -37.48 -105.48 26.33
N MET F 1287 -37.13 -106.72 26.01
CA MET F 1287 -35.73 -107.13 26.05
C MET F 1287 -34.91 -106.26 25.11
N LEU F 1288 -33.74 -105.85 25.57
CA LEU F 1288 -32.85 -104.96 24.84
C LEU F 1288 -31.50 -105.63 24.75
N PHE F 1289 -31.00 -105.79 23.53
CA PHE F 1289 -29.72 -106.44 23.27
C PHE F 1289 -28.73 -105.38 22.82
N LEU F 1290 -27.68 -105.16 23.60
CA LEU F 1290 -26.70 -104.12 23.35
C LEU F 1290 -25.33 -104.74 23.21
N ARG F 1291 -24.51 -104.16 22.34
CA ARG F 1291 -23.11 -104.53 22.24
C ARG F 1291 -22.29 -103.27 21.99
N LEU F 1292 -20.98 -103.43 22.06
CA LEU F 1292 -20.09 -102.33 21.72
C LEU F 1292 -19.62 -102.47 20.27
N SER F 1293 -19.39 -101.32 19.63
CA SER F 1293 -19.20 -101.31 18.19
C SER F 1293 -17.92 -102.04 17.76
N LEU F 1294 -16.97 -102.24 18.66
CA LEU F 1294 -15.70 -102.81 18.23
C LEU F 1294 -15.42 -104.13 18.94
N PRO F 1295 -14.79 -105.09 18.27
CA PRO F 1295 -14.46 -106.36 18.93
C PRO F 1295 -13.06 -106.41 19.50
N VAL F 1296 -12.82 -107.39 20.36
CA VAL F 1296 -11.48 -107.83 20.73
C VAL F 1296 -11.21 -109.12 19.99
N GLN F 1297 -10.00 -109.27 19.48
CA GLN F 1297 -9.62 -110.42 18.66
C GLN F 1297 -8.58 -111.24 19.41
N PHE F 1298 -8.84 -112.55 19.52
CA PHE F 1298 -7.88 -113.44 20.14
C PHE F 1298 -6.71 -113.71 19.20
N HIS F 1299 -5.56 -114.01 19.78
CA HIS F 1299 -4.34 -114.13 19.00
C HIS F 1299 -4.41 -115.32 18.05
N GLN F 1300 -3.63 -115.22 16.97
CA GLN F 1300 -3.59 -116.29 15.99
C GLN F 1300 -3.06 -117.58 16.59
N HIS F 1301 -2.04 -117.47 17.45
CA HIS F 1301 -1.43 -118.62 18.10
C HIS F 1301 -1.54 -118.46 19.60
N PHE F 1302 -2.04 -119.48 20.28
CA PHE F 1302 -2.21 -119.44 21.73
C PHE F 1302 -0.93 -119.88 22.41
N ARG F 1303 -0.70 -119.32 23.60
CA ARG F 1303 0.47 -119.69 24.39
C ARG F 1303 0.47 -121.19 24.66
N CYS F 1304 1.63 -121.82 24.44
CA CYS F 1304 1.73 -123.26 24.62
C CYS F 1304 1.54 -123.62 26.08
N THR F 1305 0.55 -124.46 26.35
CA THR F 1305 0.22 -124.88 27.71
C THR F 1305 0.03 -123.65 28.61
N ASP F 1420 -0.37 -100.67 48.36
CA ASP F 1420 0.09 -100.09 47.11
C ASP F 1420 -1.00 -100.18 46.03
N ASN F 1421 -1.22 -101.38 45.51
CA ASN F 1421 -2.23 -101.62 44.47
C ASN F 1421 -1.89 -100.87 43.19
N ARG F 1422 -0.61 -100.63 42.95
CA ARG F 1422 -0.12 -100.04 41.71
C ARG F 1422 0.36 -101.15 40.78
N ASP F 1423 0.17 -100.93 39.49
CA ASP F 1423 0.59 -101.93 38.50
C ASP F 1423 2.10 -102.10 38.53
N ASP F 1424 2.55 -103.34 38.38
CA ASP F 1424 3.97 -103.60 38.20
C ASP F 1424 4.33 -103.38 36.73
N PRO F 1425 5.21 -102.44 36.40
CA PRO F 1425 5.42 -102.08 34.99
C PRO F 1425 5.63 -103.26 34.07
N GLU F 1426 6.51 -104.19 34.44
CA GLU F 1426 6.78 -105.33 33.57
C GLU F 1426 5.54 -106.19 33.39
N ILE F 1427 4.80 -106.43 34.48
CA ILE F 1427 3.61 -107.26 34.40
C ILE F 1427 2.57 -106.62 33.50
N ILE F 1428 2.30 -105.33 33.70
CA ILE F 1428 1.28 -104.67 32.92
C ILE F 1428 1.70 -104.50 31.47
N LEU F 1429 2.99 -104.38 31.19
CA LEU F 1429 3.46 -104.27 29.81
C LEU F 1429 3.56 -105.61 29.11
N ASN F 1430 3.57 -106.73 29.84
CA ASN F 1430 3.66 -108.04 29.21
C ASN F 1430 2.38 -108.86 29.36
N THR F 1431 1.33 -108.32 29.98
CA THR F 1431 0.10 -109.07 30.15
C THR F 1431 -0.67 -109.15 28.85
N THR F 1432 -1.44 -110.23 28.71
CA THR F 1432 -2.35 -110.41 27.58
C THR F 1432 -3.80 -110.53 28.05
N THR F 1433 -4.09 -110.11 29.27
CA THR F 1433 -5.41 -110.19 29.85
C THR F 1433 -6.04 -108.81 29.86
N TYR F 1434 -7.28 -108.72 29.38
CA TYR F 1434 -8.01 -107.46 29.30
C TYR F 1434 -9.32 -107.60 30.06
N TYR F 1435 -9.86 -106.46 30.46
CA TYR F 1435 -10.96 -106.41 31.42
C TYR F 1435 -11.96 -105.34 31.02
N TYR F 1436 -13.22 -105.57 31.39
CA TYR F 1436 -14.23 -104.52 31.30
C TYR F 1436 -15.39 -104.90 32.21
N SER F 1437 -16.11 -103.90 32.72
CA SER F 1437 -17.16 -104.18 33.69
C SER F 1437 -18.49 -103.60 33.23
N VAL F 1438 -19.55 -104.13 33.81
CA VAL F 1438 -20.91 -103.60 33.65
C VAL F 1438 -21.46 -103.33 35.04
N ARG F 1439 -21.90 -102.11 35.27
CA ARG F 1439 -22.55 -101.75 36.51
C ARG F 1439 -24.06 -101.78 36.28
N VAL F 1440 -24.76 -102.59 37.06
CA VAL F 1440 -26.21 -102.64 37.04
C VAL F 1440 -26.69 -101.81 38.23
N PHE F 1441 -27.38 -100.72 37.93
CA PHE F 1441 -27.74 -99.77 38.97
C PHE F 1441 -28.77 -100.34 39.92
N ALA F 1442 -28.75 -99.85 41.16
CA ALA F 1442 -29.74 -100.27 42.13
C ALA F 1442 -31.14 -99.89 41.63
N GLY F 1443 -32.06 -100.85 41.71
CA GLY F 1443 -33.39 -100.72 41.16
C GLY F 1443 -33.56 -101.48 39.86
N GLN F 1444 -32.48 -101.71 39.13
CA GLN F 1444 -32.50 -102.59 37.98
C GLN F 1444 -32.35 -104.03 38.47
N GLU F 1445 -33.30 -104.88 38.14
CA GLU F 1445 -33.29 -106.24 38.65
C GLU F 1445 -32.11 -106.99 38.05
N PRO F 1446 -31.19 -107.52 38.87
CA PRO F 1446 -30.11 -108.33 38.29
C PRO F 1446 -30.60 -109.57 37.57
N SER F 1447 -31.76 -110.11 37.96
CA SER F 1447 -32.31 -111.26 37.27
C SER F 1447 -32.70 -110.96 35.83
N CYS F 1448 -32.77 -109.69 35.46
CA CYS F 1448 -33.15 -109.28 34.12
C CYS F 1448 -31.96 -108.74 33.34
N VAL F 1449 -30.75 -109.22 33.64
CA VAL F 1449 -29.53 -108.74 33.01
C VAL F 1449 -28.64 -109.93 32.70
N TRP F 1450 -28.06 -109.93 31.50
CA TRP F 1450 -27.04 -110.90 31.11
C TRP F 1450 -25.84 -110.12 30.60
N VAL F 1451 -24.65 -110.46 31.08
CA VAL F 1451 -23.44 -109.72 30.78
C VAL F 1451 -22.41 -110.68 30.20
N GLY F 1452 -21.70 -110.25 29.17
CA GLY F 1452 -20.67 -111.07 28.57
C GLY F 1452 -20.24 -110.61 27.20
N TRP F 1453 -20.14 -111.55 26.25
CA TRP F 1453 -19.65 -111.27 24.92
C TRP F 1453 -20.53 -111.94 23.88
N VAL F 1454 -20.52 -111.40 22.67
CA VAL F 1454 -21.15 -112.03 21.51
C VAL F 1454 -20.14 -112.05 20.38
N THR F 1455 -20.33 -112.99 19.48
CA THR F 1455 -19.51 -113.07 18.28
C THR F 1455 -20.20 -112.30 17.15
N PRO F 1456 -19.52 -112.12 16.03
CA PRO F 1456 -20.10 -111.31 14.95
C PRO F 1456 -21.41 -111.86 14.40
N ASP F 1457 -21.73 -113.12 14.69
CA ASP F 1457 -22.87 -113.79 14.09
C ASP F 1457 -24.03 -114.00 15.05
N TYR F 1458 -24.19 -113.14 16.05
CA TYR F 1458 -25.38 -113.20 16.91
C TYR F 1458 -26.52 -112.45 16.24
N HIS F 1459 -27.66 -113.10 16.07
CA HIS F 1459 -28.78 -112.51 15.35
C HIS F 1459 -30.11 -112.88 15.99
N GLN F 1460 -30.14 -113.06 17.30
CA GLN F 1460 -31.35 -113.50 17.99
C GLN F 1460 -32.01 -112.32 18.70
N HIS F 1461 -33.16 -111.90 18.18
CA HIS F 1461 -33.99 -110.89 18.82
C HIS F 1461 -35.09 -111.58 19.61
N ASP F 1462 -34.67 -112.26 20.67
CA ASP F 1462 -35.55 -113.12 21.45
C ASP F 1462 -36.18 -112.32 22.58
N MET F 1463 -37.50 -112.13 22.52
CA MET F 1463 -38.19 -111.33 23.53
C MET F 1463 -38.38 -112.08 24.84
N SER F 1464 -38.11 -113.38 24.87
CA SER F 1464 -38.13 -114.16 26.11
C SER F 1464 -36.77 -114.77 26.34
N PHE F 1465 -35.72 -113.97 26.18
CA PHE F 1465 -34.36 -114.50 26.20
C PHE F 1465 -34.04 -115.09 27.57
N ASP F 1466 -33.24 -116.16 27.55
CA ASP F 1466 -32.58 -116.69 28.72
C ASP F 1466 -31.44 -117.57 28.24
N LEU F 1467 -30.51 -117.88 29.13
CA LEU F 1467 -29.27 -118.52 28.70
C LEU F 1467 -29.49 -119.87 28.04
N SER F 1468 -30.64 -120.51 28.26
CA SER F 1468 -30.91 -121.79 27.63
C SER F 1468 -31.17 -121.66 26.14
N LYS F 1469 -31.40 -120.45 25.64
CA LYS F 1469 -31.67 -120.22 24.23
C LYS F 1469 -30.42 -119.92 23.43
N VAL F 1470 -29.25 -119.90 24.07
CA VAL F 1470 -28.01 -119.58 23.36
C VAL F 1470 -27.65 -120.72 22.42
N ARG F 1471 -27.30 -120.37 21.19
CA ARG F 1471 -26.84 -121.37 20.23
C ARG F 1471 -25.56 -122.03 20.73
N ALA F 1472 -25.50 -123.35 20.64
CA ALA F 1472 -24.31 -124.09 21.04
C ALA F 1472 -24.26 -125.40 20.29
N VAL F 1473 -23.06 -125.88 20.03
CA VAL F 1473 -22.86 -127.18 19.39
C VAL F 1473 -21.45 -127.64 19.67
N THR F 1474 -21.28 -128.94 19.89
CA THR F 1474 -19.97 -129.54 20.12
C THR F 1474 -19.56 -130.33 18.89
N VAL F 1475 -18.38 -130.07 18.39
CA VAL F 1475 -17.80 -130.81 17.27
C VAL F 1475 -16.73 -131.73 17.86
N THR F 1476 -16.90 -133.03 17.68
CA THR F 1476 -16.00 -134.03 18.24
C THR F 1476 -15.34 -134.78 17.10
N MET F 1477 -14.01 -134.73 17.06
CA MET F 1477 -13.22 -135.48 16.10
C MET F 1477 -12.48 -136.59 16.82
N GLY F 1478 -12.56 -137.79 16.26
CA GLY F 1478 -11.95 -138.97 16.86
C GLY F 1478 -11.03 -139.69 15.88
N ASP F 1479 -10.54 -140.83 16.32
CA ASP F 1479 -9.67 -141.66 15.52
C ASP F 1479 -10.52 -142.67 14.74
N GLU F 1480 -9.86 -143.56 14.00
CA GLU F 1480 -10.58 -144.52 13.17
C GLU F 1480 -11.18 -145.67 13.98
N GLN F 1481 -10.85 -145.80 15.26
CA GLN F 1481 -11.47 -146.77 16.14
C GLN F 1481 -12.10 -146.08 17.35
N GLY F 1482 -12.67 -144.90 17.12
CA GLY F 1482 -13.15 -144.08 18.21
C GLY F 1482 -12.05 -143.18 18.75
N ASN F 1483 -11.72 -143.31 20.03
CA ASN F 1483 -10.60 -142.58 20.59
C ASN F 1483 -10.70 -141.08 20.30
N VAL F 1484 -11.71 -140.42 20.88
CA VAL F 1484 -11.90 -138.99 20.67
C VAL F 1484 -10.57 -138.28 20.78
N HIS F 1485 -10.25 -137.47 19.77
CA HIS F 1485 -9.03 -136.68 19.76
C HIS F 1485 -9.25 -135.21 20.09
N SER F 1486 -10.45 -134.69 19.83
CA SER F 1486 -10.71 -133.29 20.13
C SER F 1486 -12.21 -133.08 20.25
N SER F 1487 -12.62 -132.13 21.11
CA SER F 1487 -14.02 -131.84 21.34
C SER F 1487 -14.14 -130.33 21.58
N LEU F 1488 -14.57 -129.59 20.57
CA LEU F 1488 -14.65 -128.14 20.63
C LEU F 1488 -16.10 -127.69 20.76
N LYS F 1489 -16.36 -126.83 21.73
CA LYS F 1489 -17.68 -126.24 21.89
C LYS F 1489 -17.73 -124.90 21.17
N CYS F 1490 -18.75 -124.71 20.35
CA CYS F 1490 -18.93 -123.50 19.56
C CYS F 1490 -20.25 -122.85 19.92
N SER F 1491 -20.21 -121.53 20.07
CA SER F 1491 -21.38 -120.73 20.38
C SER F 1491 -21.17 -119.33 19.84
N ASN F 1492 -22.19 -118.49 19.99
CA ASN F 1492 -22.09 -117.10 19.59
C ASN F 1492 -22.41 -116.13 20.72
N CYS F 1493 -22.59 -116.62 21.94
CA CYS F 1493 -22.96 -115.78 23.08
C CYS F 1493 -22.33 -116.37 24.32
N TYR F 1494 -21.41 -115.63 24.93
CA TYR F 1494 -20.72 -116.06 26.15
C TYR F 1494 -21.07 -115.06 27.24
N MET F 1495 -21.97 -115.46 28.14
CA MET F 1495 -22.53 -114.52 29.11
C MET F 1495 -22.77 -115.21 30.43
N VAL F 1496 -22.91 -114.40 31.47
CA VAL F 1496 -23.34 -114.85 32.79
C VAL F 1496 -24.67 -114.18 33.10
N TRP F 1497 -25.46 -114.83 33.91
CA TRP F 1497 -26.77 -114.33 34.30
C TRP F 1497 -26.64 -113.52 35.58
N GLY F 1498 -27.20 -112.31 35.59
CA GLY F 1498 -27.15 -111.49 36.78
C GLY F 1498 -27.80 -112.14 37.98
N GLY F 1499 -28.71 -113.08 37.75
CA GLY F 1499 -29.36 -113.77 38.84
C GLY F 1499 -28.46 -114.71 39.60
N ASP F 1500 -27.35 -115.15 39.00
CA ASP F 1500 -26.44 -116.03 39.69
C ASP F 1500 -25.72 -115.35 40.84
N PHE F 1501 -25.73 -114.02 40.88
CA PHE F 1501 -25.02 -113.27 41.89
C PHE F 1501 -25.94 -112.59 42.90
N VAL F 1502 -27.23 -112.90 42.86
CA VAL F 1502 -28.17 -112.38 43.84
C VAL F 1502 -28.19 -113.33 45.03
N SER F 1503 -27.89 -112.79 46.21
CA SER F 1503 -27.88 -113.62 47.40
C SER F 1503 -29.29 -114.15 47.68
N PRO F 1504 -29.42 -115.38 48.19
CA PRO F 1504 -30.76 -115.90 48.45
C PRO F 1504 -31.56 -115.05 49.42
N GLY F 1505 -30.91 -114.46 50.42
CA GLY F 1505 -31.62 -113.57 51.33
C GLY F 1505 -32.14 -112.34 50.64
N GLN F 1506 -31.29 -111.69 49.83
CA GLN F 1506 -31.72 -110.51 49.10
C GLN F 1506 -32.72 -110.87 48.01
N GLN F 1507 -32.75 -112.13 47.59
CA GLN F 1507 -33.71 -112.57 46.58
C GLN F 1507 -35.13 -112.28 47.06
N GLY F 1508 -35.96 -111.80 46.14
CA GLY F 1508 -37.31 -111.39 46.47
C GLY F 1508 -37.43 -109.99 47.02
N ARG F 1509 -36.33 -109.25 47.15
CA ARG F 1509 -36.36 -107.89 47.64
C ARG F 1509 -35.55 -107.01 46.69
N ILE F 1510 -36.07 -105.83 46.38
CA ILE F 1510 -35.34 -104.91 45.53
C ILE F 1510 -34.12 -104.40 46.28
N SER F 1511 -32.94 -104.68 45.73
CA SER F 1511 -31.70 -104.29 46.38
C SER F 1511 -31.46 -102.79 46.26
N HIS F 1512 -30.62 -102.29 47.16
CA HIS F 1512 -30.22 -100.88 47.16
C HIS F 1512 -28.75 -100.70 46.82
N THR F 1513 -28.12 -101.71 46.23
CA THR F 1513 -26.72 -101.64 45.85
C THR F 1513 -26.57 -101.99 44.38
N ASP F 1514 -25.63 -101.31 43.72
CA ASP F 1514 -25.27 -101.63 42.35
C ASP F 1514 -24.54 -102.96 42.31
N LEU F 1515 -24.72 -103.69 41.21
CA LEU F 1515 -24.03 -104.95 41.00
C LEU F 1515 -23.05 -104.77 39.85
N VAL F 1516 -21.76 -104.96 40.14
CA VAL F 1516 -20.72 -104.77 39.14
C VAL F 1516 -20.24 -106.15 38.71
N ILE F 1517 -20.39 -106.47 37.44
CA ILE F 1517 -19.91 -107.72 36.87
C ILE F 1517 -18.73 -107.41 35.96
N GLY F 1518 -17.58 -108.00 36.26
CA GLY F 1518 -16.37 -107.79 35.50
C GLY F 1518 -16.07 -108.99 34.63
N CYS F 1519 -15.63 -108.74 33.40
CA CYS F 1519 -15.31 -109.77 32.43
C CYS F 1519 -13.84 -109.65 32.09
N LEU F 1520 -13.13 -110.78 32.16
CA LEU F 1520 -11.72 -110.87 31.83
C LEU F 1520 -11.52 -111.84 30.67
N VAL F 1521 -10.71 -111.44 29.71
CA VAL F 1521 -10.38 -112.29 28.56
C VAL F 1521 -8.86 -112.34 28.43
N ASP F 1522 -8.31 -113.54 28.30
CA ASP F 1522 -6.88 -113.72 28.04
C ASP F 1522 -6.69 -113.97 26.56
N LEU F 1523 -6.27 -112.94 25.82
CA LEU F 1523 -6.25 -113.04 24.37
C LEU F 1523 -5.22 -114.03 23.85
N ALA F 1524 -4.30 -114.51 24.70
CA ALA F 1524 -3.26 -115.43 24.28
C ALA F 1524 -3.54 -116.87 24.67
N THR F 1525 -4.61 -117.14 25.42
CA THR F 1525 -4.90 -118.50 25.85
C THR F 1525 -6.35 -118.89 25.53
N GLY F 1526 -7.18 -117.90 25.23
CA GLY F 1526 -8.56 -118.17 24.89
C GLY F 1526 -9.49 -118.32 26.06
N LEU F 1527 -9.07 -117.99 27.26
CA LEU F 1527 -9.87 -118.17 28.46
C LEU F 1527 -10.65 -116.91 28.79
N MET F 1528 -11.90 -117.10 29.20
CA MET F 1528 -12.78 -115.99 29.57
C MET F 1528 -13.37 -116.29 30.94
N THR F 1529 -13.21 -115.36 31.87
CA THR F 1529 -13.69 -115.52 33.24
C THR F 1529 -14.47 -114.30 33.67
N PHE F 1530 -15.22 -114.45 34.77
CA PHE F 1530 -16.11 -113.40 35.25
C PHE F 1530 -15.99 -113.26 36.75
N THR F 1531 -16.23 -112.05 37.23
CA THR F 1531 -16.29 -111.75 38.65
C THR F 1531 -17.54 -110.93 38.94
N ALA F 1532 -18.09 -111.09 40.15
CA ALA F 1532 -19.26 -110.35 40.58
C ALA F 1532 -18.94 -109.66 41.90
N ASN F 1533 -18.86 -108.34 41.86
CA ASN F 1533 -18.52 -107.54 43.03
C ASN F 1533 -17.22 -108.05 43.67
N GLY F 1534 -16.23 -108.27 42.82
CA GLY F 1534 -14.92 -108.71 43.28
C GLY F 1534 -14.73 -110.21 43.34
N LYS F 1535 -15.72 -110.93 43.86
CA LYS F 1535 -15.60 -112.38 43.96
C LYS F 1535 -15.58 -113.01 42.58
N GLU F 1536 -14.70 -114.00 42.40
CA GLU F 1536 -14.64 -114.72 41.14
C GLU F 1536 -15.77 -115.73 41.06
N SER F 1537 -16.45 -115.74 39.92
CA SER F 1537 -17.58 -116.64 39.71
C SER F 1537 -17.09 -117.99 39.18
N ASN F 1538 -18.01 -118.94 39.09
CA ASN F 1538 -17.69 -120.29 38.62
C ASN F 1538 -17.82 -120.45 37.12
N THR F 1539 -18.36 -119.45 36.43
CA THR F 1539 -18.53 -119.54 34.98
C THR F 1539 -17.23 -119.18 34.28
N PHE F 1540 -16.85 -120.00 33.30
CA PHE F 1540 -15.68 -119.73 32.48
C PHE F 1540 -15.91 -120.34 31.11
N PHE F 1541 -15.29 -119.73 30.10
CA PHE F 1541 -15.44 -120.17 28.72
C PHE F 1541 -14.06 -120.29 28.07
N GLN F 1542 -14.00 -121.13 27.04
CA GLN F 1542 -12.80 -121.32 26.25
C GLN F 1542 -13.15 -121.13 24.78
N VAL F 1543 -12.43 -120.24 24.10
CA VAL F 1543 -12.64 -119.99 22.69
C VAL F 1543 -11.37 -120.35 21.92
N GLU F 1544 -11.45 -120.28 20.61
CA GLU F 1544 -10.38 -120.65 19.72
C GLU F 1544 -9.62 -119.43 19.24
N PRO F 1545 -8.40 -119.62 18.74
CA PRO F 1545 -7.64 -118.47 18.25
C PRO F 1545 -8.35 -117.78 17.10
N ASN F 1546 -8.11 -116.47 16.99
CA ASN F 1546 -8.66 -115.58 15.96
C ASN F 1546 -10.13 -115.27 16.20
N THR F 1547 -10.70 -115.69 17.33
CA THR F 1547 -12.09 -115.38 17.61
C THR F 1547 -12.28 -113.89 17.84
N LYS F 1548 -13.41 -113.37 17.40
CA LYS F 1548 -13.79 -111.97 17.59
C LYS F 1548 -14.94 -111.92 18.57
N LEU F 1549 -14.79 -111.12 19.62
CA LEU F 1549 -15.81 -110.99 20.66
C LEU F 1549 -16.16 -109.53 20.87
N PHE F 1550 -17.45 -109.22 20.87
CA PHE F 1550 -17.93 -107.89 21.20
C PHE F 1550 -18.43 -107.88 22.63
N PRO F 1551 -18.08 -106.88 23.44
CA PRO F 1551 -18.75 -106.74 24.74
C PRO F 1551 -20.24 -106.56 24.55
N ALA F 1552 -21.03 -107.25 25.37
CA ALA F 1552 -22.48 -107.27 25.18
C ALA F 1552 -23.20 -107.27 26.52
N VAL F 1553 -24.42 -106.75 26.51
CA VAL F 1553 -25.31 -106.75 27.66
C VAL F 1553 -26.73 -106.93 27.15
N PHE F 1554 -27.43 -107.93 27.68
CA PHE F 1554 -28.85 -108.13 27.40
C PHE F 1554 -29.62 -107.81 28.65
N VAL F 1555 -30.59 -106.90 28.55
CA VAL F 1555 -31.27 -106.39 29.73
C VAL F 1555 -32.74 -106.17 29.43
N LEU F 1556 -33.59 -106.48 30.39
CA LEU F 1556 -34.99 -106.09 30.35
C LEU F 1556 -35.19 -104.96 31.35
N PRO F 1557 -35.26 -103.70 30.91
CA PRO F 1557 -35.23 -102.59 31.86
C PRO F 1557 -36.33 -102.67 32.91
N THR F 1558 -35.97 -102.38 34.15
CA THR F 1558 -36.91 -102.30 35.26
C THR F 1558 -36.75 -101.00 36.04
N HIS F 1559 -36.08 -100.01 35.46
CA HIS F 1559 -35.74 -98.79 36.17
C HIS F 1559 -35.41 -97.73 35.14
N GLN F 1560 -35.26 -96.49 35.60
CA GLN F 1560 -34.87 -95.42 34.69
C GLN F 1560 -33.38 -95.48 34.37
N ASN F 1561 -32.56 -95.92 35.32
CA ASN F 1561 -31.14 -96.16 35.08
C ASN F 1561 -30.95 -97.66 34.95
N VAL F 1562 -30.53 -98.11 33.76
CA VAL F 1562 -30.53 -99.53 33.47
C VAL F 1562 -29.16 -100.15 33.74
N VAL F 1563 -28.15 -99.74 32.98
CA VAL F 1563 -26.82 -100.36 33.05
C VAL F 1563 -25.78 -99.34 32.60
N GLN F 1564 -24.52 -99.70 32.80
CA GLN F 1564 -23.42 -98.81 32.45
C GLN F 1564 -22.20 -99.65 32.09
N PHE F 1565 -21.75 -99.54 30.84
CA PHE F 1565 -20.48 -100.12 30.41
C PHE F 1565 -19.36 -99.32 31.03
N GLU F 1566 -18.55 -99.92 31.88
CA GLU F 1566 -17.38 -99.26 32.46
C GLU F 1566 -16.14 -99.82 31.79
N LEU F 1567 -15.43 -98.96 31.06
CA LEU F 1567 -14.25 -99.38 30.31
C LEU F 1567 -13.00 -99.04 31.13
N GLY F 1568 -12.92 -99.69 32.29
CA GLY F 1568 -11.81 -99.46 33.19
C GLY F 1568 -10.79 -100.58 33.13
N LYS F 1569 -10.03 -100.76 34.21
CA LYS F 1569 -9.02 -101.79 34.29
C LYS F 1569 -8.99 -102.34 35.71
N GLN F 1570 -8.15 -103.34 35.91
CA GLN F 1570 -7.84 -103.87 37.23
C GLN F 1570 -6.33 -103.80 37.44
N LYS F 1571 -5.90 -104.27 38.59
CA LYS F 1571 -4.46 -104.28 38.87
C LYS F 1571 -3.78 -105.31 37.97
N ASN F 1572 -2.78 -104.86 37.22
CA ASN F 1572 -1.98 -105.69 36.33
C ASN F 1572 -2.79 -106.23 35.16
N ILE F 1573 -3.94 -105.64 34.86
CA ILE F 1573 -4.80 -106.06 33.75
C ILE F 1573 -5.09 -104.85 32.89
N MET F 1574 -5.03 -105.02 31.58
CA MET F 1574 -5.16 -103.92 30.64
C MET F 1574 -6.62 -103.58 30.38
N PRO F 1575 -6.91 -102.34 30.00
CA PRO F 1575 -8.27 -101.98 29.62
C PRO F 1575 -8.59 -102.41 28.20
N LEU F 1576 -9.86 -102.28 27.83
CA LEU F 1576 -10.30 -102.76 26.53
C LEU F 1576 -9.73 -101.94 25.38
N SER F 1577 -9.45 -100.66 25.62
CA SER F 1577 -8.89 -99.84 24.56
C SER F 1577 -7.55 -100.39 24.09
N ALA F 1578 -6.76 -100.93 25.00
CA ALA F 1578 -5.47 -101.52 24.66
C ALA F 1578 -5.61 -102.73 23.75
N ALA F 1579 -6.70 -103.49 23.87
CA ALA F 1579 -6.93 -104.61 22.98
C ALA F 1579 -7.61 -104.19 21.69
N MET F 1580 -8.39 -103.11 21.71
CA MET F 1580 -9.15 -102.71 20.54
C MET F 1580 -8.33 -101.89 19.55
N PHE F 1581 -7.44 -101.03 20.02
CA PHE F 1581 -6.75 -100.09 19.15
C PHE F 1581 -5.26 -100.38 19.15
N LEU F 1582 -4.68 -100.45 17.95
CA LEU F 1582 -3.27 -100.82 17.82
C LEU F 1582 -2.36 -99.76 18.45
N SER F 1583 -2.65 -98.48 18.22
CA SER F 1583 -1.80 -97.43 18.75
C SER F 1583 -1.81 -97.40 20.27
N GLU F 1584 -2.83 -97.96 20.91
CA GLU F 1584 -2.94 -97.99 22.35
C GLU F 1584 -2.58 -99.35 22.93
N ARG F 1585 -1.90 -100.19 22.15
CA ARG F 1585 -1.62 -101.56 22.59
C ARG F 1585 -0.84 -101.59 23.89
N LYS F 1586 0.04 -100.61 24.12
CA LYS F 1586 0.85 -100.57 25.32
C LYS F 1586 0.47 -99.41 26.23
N ASN F 1587 -0.70 -98.81 26.04
CA ASN F 1587 -1.14 -97.70 26.86
C ASN F 1587 -2.08 -98.23 27.94
N PRO F 1588 -1.69 -98.26 29.21
CA PRO F 1588 -2.58 -98.79 30.24
C PRO F 1588 -3.65 -97.82 30.71
N ALA F 1589 -3.68 -96.59 30.21
CA ALA F 1589 -4.70 -95.64 30.62
C ALA F 1589 -6.01 -95.98 29.93
N PRO F 1590 -7.10 -96.19 30.67
CA PRO F 1590 -8.39 -96.49 30.03
C PRO F 1590 -8.82 -95.38 29.09
N GLN F 1591 -9.44 -95.76 27.98
CA GLN F 1591 -9.89 -94.82 26.97
C GLN F 1591 -11.22 -95.27 26.39
N CYS F 1592 -11.94 -94.32 25.80
CA CYS F 1592 -13.18 -94.60 25.08
C CYS F 1592 -13.22 -93.66 23.88
N PRO F 1593 -12.52 -94.02 22.80
CA PRO F 1593 -12.47 -93.14 21.64
C PRO F 1593 -13.83 -93.04 20.97
N PRO F 1594 -14.02 -92.06 20.08
CA PRO F 1594 -15.34 -91.87 19.47
C PRO F 1594 -15.85 -93.09 18.72
N ARG F 1595 -14.98 -93.90 18.13
CA ARG F 1595 -15.44 -95.07 17.39
C ARG F 1595 -16.19 -96.03 18.28
N LEU F 1596 -15.74 -96.18 19.53
CA LEU F 1596 -16.39 -97.06 20.48
C LEU F 1596 -17.73 -96.47 20.89
N GLU F 1597 -18.82 -97.15 20.57
CA GLU F 1597 -20.15 -96.69 20.92
C GLU F 1597 -21.05 -97.88 21.16
N VAL F 1598 -22.23 -97.60 21.68
CA VAL F 1598 -23.21 -98.64 22.01
C VAL F 1598 -24.11 -98.85 20.81
N GLN F 1599 -24.32 -100.12 20.45
CA GLN F 1599 -25.22 -100.52 19.39
C GLN F 1599 -26.29 -101.43 19.97
N MET F 1600 -27.48 -101.35 19.40
CA MET F 1600 -28.60 -102.18 19.81
C MET F 1600 -29.05 -103.05 18.65
N LEU F 1601 -29.68 -104.17 18.98
CA LEU F 1601 -30.16 -105.10 17.97
C LEU F 1601 -31.49 -104.61 17.40
N MET F 1602 -31.54 -104.38 16.08
CA MET F 1602 -32.74 -104.00 15.34
C MET F 1602 -33.28 -105.21 14.61
N PRO F 1603 -34.59 -105.46 14.65
CA PRO F 1603 -35.10 -106.72 14.08
C PRO F 1603 -35.15 -106.77 12.56
N VAL F 1604 -35.33 -105.63 11.88
CA VAL F 1604 -35.51 -105.63 10.43
C VAL F 1604 -34.59 -104.58 9.81
N SER F 1605 -34.18 -104.85 8.57
CA SER F 1605 -33.32 -103.93 7.83
C SER F 1605 -33.70 -103.96 6.36
N TRP F 1606 -33.31 -102.91 5.63
CA TRP F 1606 -33.52 -102.89 4.19
C TRP F 1606 -32.38 -103.64 3.51
N SER F 1607 -32.73 -104.47 2.53
CA SER F 1607 -31.75 -105.27 1.80
C SER F 1607 -32.08 -105.25 0.33
N ARG F 1608 -31.04 -105.13 -0.51
CA ARG F 1608 -31.23 -105.02 -1.94
C ARG F 1608 -31.43 -106.40 -2.55
N MET F 1609 -32.51 -106.58 -3.31
CA MET F 1609 -32.74 -107.84 -3.99
C MET F 1609 -31.82 -107.95 -5.20
N PRO F 1610 -31.18 -109.09 -5.44
CA PRO F 1610 -30.36 -109.23 -6.64
C PRO F 1610 -31.20 -109.06 -7.90
N ASN F 1611 -30.55 -108.59 -8.96
CA ASN F 1611 -31.26 -108.45 -10.23
C ASN F 1611 -31.45 -109.80 -10.90
N HIS F 1612 -30.54 -110.74 -10.67
CA HIS F 1612 -30.62 -112.07 -11.23
C HIS F 1612 -30.44 -113.11 -10.14
N PHE F 1613 -31.02 -114.29 -10.35
CA PHE F 1613 -31.02 -115.35 -9.37
C PHE F 1613 -30.58 -116.64 -10.01
N LEU F 1614 -30.01 -117.53 -9.21
CA LEU F 1614 -29.59 -118.83 -9.71
C LEU F 1614 -30.80 -119.59 -10.24
N GLN F 1615 -30.63 -120.23 -11.40
CA GLN F 1615 -31.68 -121.03 -12.01
C GLN F 1615 -31.45 -122.47 -11.59
N VAL F 1616 -32.27 -122.95 -10.66
CA VAL F 1616 -32.16 -124.29 -10.11
C VAL F 1616 -33.30 -125.12 -10.68
N ASP F 1617 -32.97 -126.31 -11.19
CA ASP F 1617 -33.97 -127.24 -11.69
C ASP F 1617 -34.05 -128.44 -10.74
N THR F 1618 -35.25 -128.67 -10.20
CA THR F 1618 -35.50 -129.78 -9.30
C THR F 1618 -36.58 -130.66 -9.90
N ARG F 1619 -36.33 -131.96 -9.95
CA ARG F 1619 -37.32 -132.89 -10.49
C ARG F 1619 -37.18 -134.23 -9.81
N ARG F 1620 -38.06 -135.16 -10.17
CA ARG F 1620 -37.98 -136.53 -9.68
C ARG F 1620 -37.40 -137.40 -10.79
N ALA F 1621 -36.17 -137.87 -10.60
CA ALA F 1621 -35.52 -138.66 -11.63
C ALA F 1621 -36.16 -140.03 -11.81
N GLY F 1622 -36.81 -140.54 -10.78
CA GLY F 1622 -37.44 -141.85 -10.87
C GLY F 1622 -37.64 -142.42 -9.48
N GLU F 1623 -38.16 -143.65 -9.45
CA GLU F 1623 -38.41 -144.32 -8.19
C GLU F 1623 -37.14 -144.89 -7.57
N ARG F 1624 -36.07 -145.05 -8.35
CA ARG F 1624 -34.79 -145.53 -7.84
C ARG F 1624 -33.73 -144.45 -7.79
N LEU F 1625 -33.75 -143.51 -8.72
CA LEU F 1625 -32.69 -142.52 -8.80
C LEU F 1625 -32.86 -141.44 -7.73
N GLY F 1626 -34.08 -141.06 -7.42
CA GLY F 1626 -34.35 -140.11 -6.37
C GLY F 1626 -34.85 -138.78 -6.90
N TRP F 1627 -34.44 -137.72 -6.21
CA TRP F 1627 -34.86 -136.37 -6.55
C TRP F 1627 -33.65 -135.55 -6.99
N ALA F 1628 -33.64 -135.15 -8.24
CA ALA F 1628 -32.48 -134.50 -8.85
C ALA F 1628 -32.54 -132.99 -8.69
N VAL F 1629 -31.38 -132.41 -8.36
CA VAL F 1629 -31.16 -130.97 -8.26
C VAL F 1629 -30.03 -130.62 -9.22
N GLN F 1630 -30.24 -129.59 -10.04
CA GLN F 1630 -29.28 -129.20 -11.06
C GLN F 1630 -29.14 -127.69 -11.07
N CYS F 1631 -27.90 -127.21 -11.24
CA CYS F 1631 -27.64 -125.78 -11.38
C CYS F 1631 -26.38 -125.62 -12.20
N GLN F 1632 -26.49 -125.00 -13.38
CA GLN F 1632 -25.40 -124.98 -14.35
C GLN F 1632 -24.89 -123.60 -14.69
N GLU F 1633 -25.71 -122.56 -14.65
CA GLU F 1633 -25.30 -121.24 -15.12
C GLU F 1633 -24.64 -120.47 -13.99
N PRO F 1634 -23.38 -120.04 -14.13
CA PRO F 1634 -22.72 -119.34 -13.03
C PRO F 1634 -23.30 -117.96 -12.79
N LEU F 1635 -23.15 -117.50 -11.55
CA LEU F 1635 -23.61 -116.18 -11.15
C LEU F 1635 -22.68 -115.67 -10.05
N MET F 1636 -22.19 -114.44 -10.23
CA MET F 1636 -21.24 -113.86 -9.30
C MET F 1636 -21.72 -112.47 -8.89
N MET F 1637 -21.25 -112.03 -7.74
CA MET F 1637 -21.52 -110.69 -7.25
C MET F 1637 -20.23 -110.10 -6.69
N MET F 1638 -20.13 -108.78 -6.75
CA MET F 1638 -19.03 -108.07 -6.13
C MET F 1638 -19.41 -107.75 -4.70
N ALA F 1639 -18.75 -108.40 -3.75
CA ALA F 1639 -19.05 -108.24 -2.34
C ALA F 1639 -18.20 -107.13 -1.73
N LEU F 1640 -18.79 -106.38 -0.81
CA LEU F 1640 -18.09 -105.42 0.01
C LEU F 1640 -18.11 -105.91 1.45
N HIS F 1641 -16.94 -106.04 2.05
CA HIS F 1641 -16.77 -106.70 3.33
C HIS F 1641 -16.35 -105.69 4.38
N ILE F 1642 -17.09 -105.63 5.48
CA ILE F 1642 -16.73 -104.81 6.63
C ILE F 1642 -15.84 -105.65 7.55
N PRO F 1643 -14.55 -105.33 7.70
CA PRO F 1643 -13.66 -106.27 8.39
C PRO F 1643 -14.02 -106.50 9.85
N GLU F 1644 -14.23 -105.44 10.63
CA GLU F 1644 -14.45 -105.62 12.06
C GLU F 1644 -15.73 -106.38 12.36
N GLU F 1645 -16.72 -106.32 11.49
CA GLU F 1645 -17.98 -107.02 11.69
C GLU F 1645 -18.03 -108.38 11.01
N ASN F 1646 -16.98 -108.77 10.29
CA ASN F 1646 -16.92 -110.06 9.62
C ASN F 1646 -18.22 -110.32 8.86
N ARG F 1647 -18.63 -109.33 8.08
CA ARG F 1647 -19.89 -109.35 7.38
C ARG F 1647 -19.68 -108.73 6.00
N CYS F 1648 -20.56 -109.07 5.06
CA CYS F 1648 -20.45 -108.53 3.71
C CYS F 1648 -21.83 -108.20 3.18
N MET F 1649 -21.85 -107.30 2.21
CA MET F 1649 -23.04 -106.92 1.48
C MET F 1649 -22.72 -106.87 0.00
N ASP F 1650 -23.74 -106.71 -0.82
CA ASP F 1650 -23.50 -106.40 -2.22
C ASP F 1650 -22.99 -104.97 -2.35
N ILE F 1651 -21.96 -104.78 -3.15
CA ILE F 1651 -21.43 -103.43 -3.34
C ILE F 1651 -22.49 -102.53 -3.95
N LEU F 1652 -23.51 -103.09 -4.59
CA LEU F 1652 -24.57 -102.29 -5.16
C LEU F 1652 -25.48 -101.68 -4.11
N GLU F 1653 -25.36 -102.07 -2.85
CA GLU F 1653 -26.09 -101.42 -1.77
C GLU F 1653 -25.56 -100.04 -1.46
N LEU F 1654 -24.36 -99.70 -1.95
CA LEU F 1654 -23.83 -98.36 -1.73
C LEU F 1654 -24.60 -97.31 -2.50
N SER F 1655 -25.50 -97.69 -3.40
CA SER F 1655 -26.38 -96.71 -4.02
C SER F 1655 -27.32 -96.08 -3.01
N GLU F 1656 -27.65 -96.79 -1.93
CA GLU F 1656 -28.48 -96.26 -0.87
C GLU F 1656 -27.72 -95.98 0.42
N ARG F 1657 -26.63 -96.70 0.68
CA ARG F 1657 -25.81 -96.42 1.85
C ARG F 1657 -24.76 -95.39 1.44
N LEU F 1658 -25.08 -94.12 1.67
CA LEU F 1658 -24.31 -93.03 1.07
C LEU F 1658 -23.04 -92.69 1.85
N ASP F 1659 -23.02 -92.90 3.17
CA ASP F 1659 -21.79 -92.70 3.91
C ASP F 1659 -20.74 -93.73 3.51
N LEU F 1660 -21.14 -94.99 3.40
CA LEU F 1660 -20.23 -96.02 2.93
C LEU F 1660 -19.80 -95.74 1.50
N GLN F 1661 -20.72 -95.27 0.66
CA GLN F 1661 -20.37 -94.95 -0.71
C GLN F 1661 -19.29 -93.86 -0.77
N ARG F 1662 -19.46 -92.80 0.01
CA ARG F 1662 -18.47 -91.72 0.01
C ARG F 1662 -17.13 -92.22 0.53
N PHE F 1663 -17.15 -92.99 1.63
CA PHE F 1663 -15.89 -93.50 2.16
C PHE F 1663 -15.19 -94.39 1.16
N HIS F 1664 -15.95 -95.24 0.45
CA HIS F 1664 -15.31 -96.17 -0.48
C HIS F 1664 -14.79 -95.44 -1.72
N SER F 1665 -15.51 -94.43 -2.20
CA SER F 1665 -15.01 -93.65 -3.33
C SER F 1665 -13.71 -92.94 -2.96
N HIS F 1666 -13.65 -92.39 -1.75
CA HIS F 1666 -12.40 -91.77 -1.33
C HIS F 1666 -11.31 -92.81 -1.08
N THR F 1667 -11.67 -94.03 -0.70
CA THR F 1667 -10.70 -95.11 -0.66
C THR F 1667 -10.11 -95.39 -2.03
N LEU F 1668 -10.96 -95.41 -3.05
CA LEU F 1668 -10.46 -95.60 -4.41
C LEU F 1668 -9.55 -94.46 -4.82
N SER F 1669 -9.90 -93.23 -4.44
CA SER F 1669 -9.00 -92.10 -4.71
C SER F 1669 -7.66 -92.30 -4.01
N LEU F 1670 -7.67 -92.78 -2.77
CA LEU F 1670 -6.41 -93.02 -2.06
C LEU F 1670 -5.59 -94.09 -2.75
N TYR F 1671 -6.25 -95.15 -3.24
CA TYR F 1671 -5.55 -96.15 -4.04
C TYR F 1671 -4.89 -95.51 -5.26
N ARG F 1672 -5.64 -94.68 -5.98
CA ARG F 1672 -5.09 -94.02 -7.15
C ARG F 1672 -3.90 -93.14 -6.82
N SER F 1673 -3.92 -92.50 -5.65
CA SER F 1673 -2.88 -91.57 -5.26
C SER F 1673 -1.63 -92.24 -4.68
N VAL F 1674 -1.76 -93.39 -4.04
CA VAL F 1674 -0.55 -94.04 -3.53
C VAL F 1674 0.28 -94.65 -4.64
N CYS F 1675 -0.29 -94.82 -5.83
CA CYS F 1675 0.45 -95.34 -6.97
C CYS F 1675 0.66 -94.29 -8.05
N ALA F 1676 0.34 -93.04 -7.78
CA ALA F 1676 0.33 -92.00 -8.80
C ALA F 1676 1.74 -91.62 -9.23
N LEU F 1677 1.89 -91.33 -10.52
CA LEU F 1677 3.12 -90.77 -11.06
C LEU F 1677 4.28 -91.76 -10.97
N GLY F 1678 4.03 -93.00 -11.34
CA GLY F 1678 5.09 -93.95 -11.60
C GLY F 1678 5.48 -94.87 -10.48
N ASN F 1679 4.68 -94.98 -9.41
CA ASN F 1679 4.99 -95.90 -8.32
C ASN F 1679 4.50 -97.30 -8.70
N ASN F 1680 5.21 -97.91 -9.63
CA ASN F 1680 4.83 -99.22 -10.13
C ASN F 1680 4.89 -100.29 -9.06
N ARG F 1681 5.75 -100.14 -8.06
CA ARG F 1681 5.78 -101.08 -6.95
C ARG F 1681 4.46 -101.05 -6.19
N VAL F 1682 3.95 -99.86 -5.89
CA VAL F 1682 2.67 -99.76 -5.21
C VAL F 1682 1.54 -100.20 -6.11
N ALA F 1683 1.66 -100.00 -7.42
CA ALA F 1683 0.64 -100.51 -8.33
C ALA F 1683 0.59 -102.03 -8.27
N HIS F 1684 1.75 -102.67 -8.27
CA HIS F 1684 1.80 -104.12 -8.10
C HIS F 1684 1.15 -104.54 -6.78
N ALA F 1685 1.44 -103.80 -5.71
CA ALA F 1685 0.80 -104.11 -4.43
C ALA F 1685 -0.71 -103.99 -4.52
N LEU F 1686 -1.21 -102.94 -5.16
CA LEU F 1686 -2.65 -102.73 -5.27
C LEU F 1686 -3.32 -103.79 -6.12
N CYS F 1687 -2.58 -104.43 -7.03
CA CYS F 1687 -3.15 -105.53 -7.78
C CYS F 1687 -3.58 -106.68 -6.89
N SER F 1688 -3.10 -106.74 -5.66
CA SER F 1688 -3.52 -107.77 -4.71
C SER F 1688 -4.78 -107.39 -3.95
N HIS F 1689 -5.13 -106.11 -3.90
CA HIS F 1689 -6.33 -105.65 -3.22
C HIS F 1689 -7.50 -105.46 -4.17
N VAL F 1690 -7.24 -105.04 -5.40
CA VAL F 1690 -8.27 -104.94 -6.44
C VAL F 1690 -7.73 -105.68 -7.65
N ASP F 1691 -8.18 -106.90 -7.86
CA ASP F 1691 -7.58 -107.75 -8.87
C ASP F 1691 -8.22 -107.50 -10.24
N GLN F 1692 -7.64 -108.16 -11.24
CA GLN F 1692 -8.03 -107.93 -12.62
C GLN F 1692 -9.49 -108.30 -12.85
N ALA F 1693 -9.94 -109.42 -12.26
CA ALA F 1693 -11.33 -109.81 -12.40
C ALA F 1693 -12.26 -108.76 -11.81
N GLN F 1694 -11.92 -108.24 -10.63
CA GLN F 1694 -12.73 -107.18 -10.03
C GLN F 1694 -12.81 -105.97 -10.95
N LEU F 1695 -11.67 -105.52 -11.46
CA LEU F 1695 -11.67 -104.32 -12.28
C LEU F 1695 -12.48 -104.52 -13.55
N LEU F 1696 -12.30 -105.67 -14.21
CA LEU F 1696 -13.03 -105.92 -15.45
C LEU F 1696 -14.51 -106.09 -15.22
N HIS F 1697 -14.91 -106.63 -14.06
CA HIS F 1697 -16.32 -106.73 -13.73
C HIS F 1697 -16.91 -105.36 -13.45
N ALA F 1698 -16.17 -104.51 -12.74
CA ALA F 1698 -16.65 -103.16 -12.45
C ALA F 1698 -16.81 -102.35 -13.73
N LEU F 1699 -15.92 -102.55 -14.69
CA LEU F 1699 -16.05 -101.83 -15.96
C LEU F 1699 -17.41 -102.04 -16.59
N GLU F 1700 -17.94 -103.26 -16.50
CA GLU F 1700 -19.20 -103.61 -17.15
C GLU F 1700 -20.42 -103.48 -16.25
N ASP F 1701 -20.25 -103.39 -14.94
CA ASP F 1701 -21.38 -103.30 -14.03
C ASP F 1701 -22.20 -102.05 -14.35
N ALA F 1702 -23.41 -102.24 -14.86
CA ALA F 1702 -24.28 -101.13 -15.23
C ALA F 1702 -25.06 -100.56 -14.06
N ARG F 1703 -25.14 -101.27 -12.94
CA ARG F 1703 -25.87 -100.81 -11.77
C ARG F 1703 -24.99 -100.09 -10.76
N LEU F 1704 -23.70 -100.02 -11.00
CA LEU F 1704 -22.79 -99.42 -10.04
C LEU F 1704 -23.09 -97.94 -9.89
N PRO F 1705 -23.11 -97.39 -8.68
CA PRO F 1705 -23.30 -95.95 -8.53
C PRO F 1705 -22.19 -95.18 -9.22
N GLY F 1706 -22.52 -93.99 -9.71
CA GLY F 1706 -21.67 -93.25 -10.61
C GLY F 1706 -20.29 -92.97 -10.06
N PRO F 1707 -20.20 -92.48 -8.82
CA PRO F 1707 -18.88 -92.25 -8.23
C PRO F 1707 -18.02 -93.49 -8.17
N LEU F 1708 -18.60 -94.65 -7.85
CA LEU F 1708 -17.82 -95.87 -7.80
C LEU F 1708 -17.42 -96.33 -9.19
N ARG F 1709 -18.31 -96.18 -10.17
CA ARG F 1709 -17.96 -96.54 -11.54
C ARG F 1709 -16.80 -95.70 -12.05
N ALA F 1710 -16.87 -94.38 -11.83
CA ALA F 1710 -15.78 -93.50 -12.22
C ALA F 1710 -14.51 -93.84 -11.47
N GLY F 1711 -14.62 -94.13 -10.18
CA GLY F 1711 -13.44 -94.47 -9.40
C GLY F 1711 -12.78 -95.74 -9.88
N TYR F 1712 -13.58 -96.74 -10.29
CA TYR F 1712 -12.99 -98.00 -10.73
C TYR F 1712 -12.37 -97.87 -12.12
N TYR F 1713 -12.99 -97.11 -13.02
CA TYR F 1713 -12.33 -96.83 -14.29
C TYR F 1713 -11.01 -96.11 -14.07
N ASP F 1714 -11.00 -95.08 -13.22
CA ASP F 1714 -9.78 -94.35 -12.94
C ASP F 1714 -8.76 -95.23 -12.26
N LEU F 1715 -9.20 -96.14 -11.40
CA LEU F 1715 -8.27 -97.04 -10.73
C LEU F 1715 -7.62 -98.01 -11.69
N LEU F 1716 -8.40 -98.57 -12.62
CA LEU F 1716 -7.80 -99.40 -13.65
C LEU F 1716 -6.75 -98.62 -14.42
N ILE F 1717 -7.09 -97.40 -14.84
CA ILE F 1717 -6.13 -96.61 -15.61
C ILE F 1717 -4.88 -96.34 -14.79
N SER F 1718 -5.03 -95.95 -13.53
CA SER F 1718 -3.89 -95.61 -12.70
C SER F 1718 -3.00 -96.81 -12.45
N ILE F 1719 -3.59 -97.96 -12.16
CA ILE F 1719 -2.79 -99.14 -11.85
C ILE F 1719 -2.06 -99.65 -13.08
N HIS F 1720 -2.74 -99.72 -14.22
CA HIS F 1720 -2.19 -100.48 -15.34
C HIS F 1720 -1.72 -99.63 -16.51
N LEU F 1721 -2.30 -98.45 -16.75
CA LEU F 1721 -2.06 -97.73 -17.99
C LEU F 1721 -1.42 -96.37 -17.82
N GLU F 1722 -1.49 -95.76 -16.64
CA GLU F 1722 -1.09 -94.36 -16.51
C GLU F 1722 0.38 -94.15 -16.87
N SER F 1723 1.26 -95.02 -16.37
CA SER F 1723 2.69 -94.83 -16.60
C SER F 1723 3.05 -94.98 -18.07
N ALA F 1724 2.54 -96.05 -18.70
CA ALA F 1724 2.82 -96.25 -20.12
C ALA F 1724 2.27 -95.10 -20.95
N CYS F 1725 1.05 -94.66 -20.63
CA CYS F 1725 0.46 -93.56 -21.38
C CYS F 1725 1.28 -92.29 -21.24
N ARG F 1726 1.74 -91.99 -20.02
CA ARG F 1726 2.55 -90.79 -19.81
C ARG F 1726 3.87 -90.87 -20.57
N SER F 1727 4.54 -92.01 -20.50
CA SER F 1727 5.82 -92.16 -21.19
C SER F 1727 5.64 -92.02 -22.70
N ARG F 1728 4.58 -92.61 -23.26
CA ARG F 1728 4.34 -92.47 -24.69
C ARG F 1728 3.97 -91.04 -25.06
N ARG F 1729 3.18 -90.37 -24.22
CA ARG F 1729 2.78 -89.01 -24.51
C ARG F 1729 3.98 -88.08 -24.52
N SER F 1730 4.96 -88.33 -23.64
CA SER F 1730 6.16 -87.51 -23.66
C SER F 1730 6.88 -87.61 -24.99
N MET F 1731 6.92 -88.79 -25.59
CA MET F 1731 7.62 -89.03 -26.85
C MET F 1731 6.81 -88.63 -28.07
N LEU F 1732 5.49 -88.48 -27.94
CA LEU F 1732 4.65 -88.23 -29.09
C LEU F 1732 4.87 -86.86 -29.73
N SER F 1733 5.67 -85.99 -29.13
CA SER F 1733 5.93 -84.67 -29.68
C SER F 1733 7.18 -84.61 -30.55
N GLU F 1734 7.90 -85.73 -30.71
CA GLU F 1734 9.12 -85.77 -31.50
C GLU F 1734 8.97 -86.79 -32.62
N TYR F 1735 9.62 -86.52 -33.76
CA TYR F 1735 9.49 -87.35 -34.96
C TYR F 1735 10.89 -87.74 -35.42
N ILE F 1736 11.38 -88.86 -34.90
CA ILE F 1736 12.64 -89.44 -35.36
C ILE F 1736 12.29 -90.49 -36.41
N VAL F 1737 12.45 -90.15 -37.67
CA VAL F 1737 12.01 -90.97 -38.79
C VAL F 1737 13.21 -91.77 -39.30
N PRO F 1738 13.22 -93.09 -39.18
CA PRO F 1738 14.29 -93.87 -39.80
C PRO F 1738 14.10 -93.98 -41.29
N LEU F 1739 15.21 -93.98 -42.03
CA LEU F 1739 15.19 -94.02 -43.49
C LEU F 1739 15.12 -95.47 -43.95
N THR F 1740 13.93 -96.03 -43.83
CA THR F 1740 13.63 -97.41 -44.18
C THR F 1740 12.69 -97.46 -45.39
N PRO F 1741 12.50 -98.64 -45.97
CA PRO F 1741 11.57 -98.73 -47.11
C PRO F 1741 10.15 -98.28 -46.77
N GLU F 1742 9.68 -98.54 -45.55
CA GLU F 1742 8.34 -98.07 -45.19
C GLU F 1742 8.28 -96.55 -45.23
N THR F 1743 9.30 -95.89 -44.70
CA THR F 1743 9.36 -94.44 -44.79
C THR F 1743 9.38 -94.00 -46.25
N ARG F 1744 10.18 -94.66 -47.07
CA ARG F 1744 10.22 -94.30 -48.49
C ARG F 1744 8.84 -94.43 -49.12
N ALA F 1745 8.05 -95.40 -48.66
CA ALA F 1745 6.74 -95.63 -49.25
C ALA F 1745 5.72 -94.58 -48.80
N ILE F 1746 5.83 -94.10 -47.55
CA ILE F 1746 4.85 -93.14 -47.04
C ILE F 1746 4.66 -92.00 -48.03
N THR F 1747 3.41 -91.57 -48.21
CA THR F 1747 3.06 -90.46 -49.08
C THR F 1747 1.97 -89.61 -48.46
N LEU F 1748 1.92 -88.34 -48.86
CA LEU F 1748 0.99 -87.40 -48.24
C LEU F 1748 -0.45 -87.85 -48.40
N PHE F 1749 -0.85 -88.14 -49.62
CA PHE F 1749 -2.23 -88.50 -49.93
C PHE F 1749 -2.32 -90.00 -50.23
N PRO F 1750 -3.46 -90.63 -49.95
CA PRO F 1750 -3.56 -92.07 -50.17
C PRO F 1750 -3.52 -92.38 -51.65
N PRO F 1751 -2.81 -93.42 -52.06
CA PRO F 1751 -2.86 -93.84 -53.47
C PRO F 1751 -4.28 -94.21 -53.86
N GLY F 1752 -4.86 -93.43 -54.77
CA GLY F 1752 -6.25 -93.60 -55.12
C GLY F 1752 -6.47 -93.47 -56.61
N ARG F 1753 -7.63 -93.96 -57.05
CA ARG F 1753 -7.98 -93.90 -58.46
C ARG F 1753 -7.98 -92.46 -58.97
N SER F 1754 -8.52 -91.53 -58.17
CA SER F 1754 -8.51 -90.13 -58.57
C SER F 1754 -7.08 -89.66 -58.84
N ALA F 1755 -6.16 -90.00 -57.95
CA ALA F 1755 -4.75 -89.71 -58.13
C ALA F 1755 -3.98 -90.34 -56.98
N GLU F 1756 -2.69 -90.59 -57.21
CA GLU F 1756 -1.86 -91.15 -56.16
C GLU F 1756 -1.37 -90.09 -55.17
N ASP F 1757 -1.46 -88.81 -55.53
CA ASP F 1757 -1.12 -87.73 -54.61
C ASP F 1757 -1.69 -86.43 -55.16
N GLY F 1758 -2.41 -85.71 -54.32
CA GLY F 1758 -3.13 -84.53 -54.75
C GLY F 1758 -4.62 -84.54 -54.44
N PRO F 1759 -5.27 -85.70 -54.50
CA PRO F 1759 -6.74 -85.70 -54.48
C PRO F 1759 -7.28 -85.16 -53.15
N ARG F 1760 -8.47 -84.57 -53.21
CA ARG F 1760 -9.03 -83.92 -52.05
C ARG F 1760 -9.17 -84.88 -50.87
N ARG F 1761 -9.45 -86.15 -51.15
CA ARG F 1761 -9.75 -87.10 -50.08
C ARG F 1761 -8.48 -87.49 -49.34
N HIS F 1762 -8.41 -87.14 -48.05
CA HIS F 1762 -7.34 -87.60 -47.19
C HIS F 1762 -7.54 -89.07 -46.84
N GLY F 1763 -6.50 -89.69 -46.32
CA GLY F 1763 -6.65 -90.96 -45.67
C GLY F 1763 -7.24 -90.79 -44.27
N LEU F 1764 -7.80 -91.87 -43.76
CA LEU F 1764 -8.40 -91.80 -42.43
C LEU F 1764 -7.33 -91.44 -41.41
N PRO F 1765 -7.55 -90.44 -40.56
CA PRO F 1765 -6.51 -90.07 -39.59
C PRO F 1765 -6.22 -91.20 -38.62
N GLY F 1766 -4.94 -91.33 -38.25
CA GLY F 1766 -4.52 -92.35 -37.33
C GLY F 1766 -4.50 -93.75 -37.90
N VAL F 1767 -4.80 -93.92 -39.19
CA VAL F 1767 -4.81 -95.21 -39.85
C VAL F 1767 -3.75 -95.19 -40.94
N GLY F 1768 -2.92 -96.21 -40.99
CA GLY F 1768 -1.91 -96.33 -42.00
C GLY F 1768 -0.58 -96.68 -41.40
N VAL F 1769 0.48 -96.33 -42.11
CA VAL F 1769 1.84 -96.66 -41.71
C VAL F 1769 2.49 -95.41 -41.12
N THR F 1770 3.06 -95.56 -39.93
CA THR F 1770 3.86 -94.52 -39.30
C THR F 1770 5.18 -95.15 -38.87
N THR F 1771 6.27 -94.42 -39.07
CA THR F 1771 7.60 -94.96 -38.82
C THR F 1771 8.37 -94.22 -37.73
N SER F 1772 7.81 -93.15 -37.18
CA SER F 1772 8.50 -92.44 -36.11
C SER F 1772 8.82 -93.40 -34.97
N LEU F 1773 10.04 -93.28 -34.43
CA LEU F 1773 10.48 -94.18 -33.38
C LEU F 1773 9.75 -93.86 -32.08
N ARG F 1774 9.19 -94.89 -31.46
CA ARG F 1774 8.58 -94.78 -30.15
C ARG F 1774 8.91 -96.04 -29.36
N PRO F 1775 9.58 -95.93 -28.22
CA PRO F 1775 9.96 -97.14 -27.47
C PRO F 1775 8.75 -97.93 -27.03
N PRO F 1776 8.85 -99.25 -26.94
CA PRO F 1776 7.67 -100.06 -26.61
C PRO F 1776 7.25 -99.91 -25.16
N HIS F 1777 6.12 -100.54 -24.86
CA HIS F 1777 5.64 -100.60 -23.49
C HIS F 1777 6.19 -101.84 -22.80
N HIS F 1778 6.50 -101.71 -21.52
CA HIS F 1778 7.06 -102.80 -20.72
C HIS F 1778 6.18 -103.03 -19.50
N PHE F 1779 5.72 -104.25 -19.32
CA PHE F 1779 4.89 -104.63 -18.20
C PHE F 1779 5.45 -105.92 -17.60
N SER F 1780 5.08 -106.18 -16.35
CA SER F 1780 5.41 -107.43 -15.71
C SER F 1780 4.15 -108.05 -15.13
N PRO F 1781 4.09 -109.37 -15.01
CA PRO F 1781 2.87 -110.01 -14.50
C PRO F 1781 2.75 -109.82 -13.00
N PRO F 1782 1.55 -109.55 -12.49
CA PRO F 1782 1.35 -109.56 -11.05
C PRO F 1782 1.46 -110.98 -10.51
N CYS F 1783 2.18 -111.14 -9.41
CA CYS F 1783 2.33 -112.45 -8.79
C CYS F 1783 2.91 -112.25 -7.39
N PHE F 1784 2.31 -112.87 -6.40
CA PHE F 1784 2.67 -112.68 -5.01
C PHE F 1784 3.08 -113.99 -4.36
N VAL F 1785 3.76 -114.84 -5.14
CA VAL F 1785 4.41 -116.03 -4.61
C VAL F 1785 5.87 -116.13 -5.04
N VAL F 1786 6.36 -115.18 -5.83
CA VAL F 1786 7.74 -115.21 -6.29
C VAL F 1786 8.68 -114.87 -5.14
N ALA F 1787 9.89 -115.41 -5.18
CA ALA F 1787 10.89 -115.06 -4.19
C ALA F 1787 11.19 -113.56 -4.26
N LEU F 1788 11.23 -112.93 -3.11
CA LEU F 1788 11.51 -111.50 -3.05
C LEU F 1788 12.98 -111.25 -3.29
N PRO F 1789 13.36 -110.36 -4.22
CA PRO F 1789 14.79 -110.06 -4.39
C PRO F 1789 15.40 -109.58 -3.07
N ALA F 1790 16.34 -110.36 -2.54
CA ALA F 1790 16.95 -110.08 -1.24
C ALA F 1790 18.22 -109.25 -1.36
N ALA F 1791 18.42 -108.57 -2.49
CA ALA F 1791 19.57 -107.72 -2.67
C ALA F 1791 19.36 -106.42 -1.88
N GLY F 1792 20.30 -105.48 -2.07
CA GLY F 1792 20.19 -104.21 -1.37
C GLY F 1792 18.97 -103.42 -1.82
N ALA F 1793 18.58 -102.45 -0.99
CA ALA F 1793 17.47 -101.59 -1.33
C ALA F 1793 17.95 -100.42 -2.18
N THR F 1794 17.01 -99.86 -2.97
CA THR F 1794 17.26 -98.71 -3.83
C THR F 1794 18.25 -99.01 -4.95
N GLU F 1795 18.51 -100.30 -5.22
CA GLU F 1795 19.44 -100.67 -6.28
C GLU F 1795 18.81 -101.68 -7.23
N ALA F 1796 17.70 -102.28 -6.81
CA ALA F 1796 17.04 -103.28 -7.65
C ALA F 1796 16.48 -102.59 -8.90
N PRO F 1797 16.33 -103.31 -10.01
CA PRO F 1797 15.73 -102.70 -11.20
C PRO F 1797 14.34 -102.16 -10.90
N ALA F 1798 14.04 -101.00 -11.47
CA ALA F 1798 12.73 -100.38 -11.25
C ALA F 1798 11.62 -101.31 -11.68
N ARG F 1799 10.56 -101.37 -10.89
CA ARG F 1799 9.43 -102.23 -11.21
C ARG F 1799 8.72 -101.71 -12.45
N LEU F 1800 8.25 -102.64 -13.27
CA LEU F 1800 7.39 -102.30 -14.39
C LEU F 1800 5.94 -102.27 -13.94
N SER F 1801 5.10 -101.63 -14.75
CA SER F 1801 3.68 -101.58 -14.45
C SER F 1801 3.08 -102.98 -14.53
N PRO F 1802 2.17 -103.34 -13.63
CA PRO F 1802 1.53 -104.65 -13.73
C PRO F 1802 0.76 -104.79 -15.04
N ALA F 1803 0.83 -105.98 -15.61
CA ALA F 1803 0.24 -106.23 -16.91
C ALA F 1803 -1.25 -106.55 -16.79
N ILE F 1804 -1.98 -106.29 -17.87
CA ILE F 1804 -3.39 -106.64 -17.98
C ILE F 1804 -3.64 -106.94 -19.45
N PRO F 1805 -4.37 -108.01 -19.80
CA PRO F 1805 -4.51 -108.35 -21.22
C PRO F 1805 -5.06 -107.23 -22.07
N LEU F 1806 -4.19 -106.70 -22.93
CA LEU F 1806 -4.50 -105.47 -23.66
C LEU F 1806 -5.45 -105.69 -24.83
N GLU F 1807 -5.37 -106.83 -25.52
CA GLU F 1807 -6.33 -107.08 -26.60
C GLU F 1807 -7.75 -107.21 -26.06
N ALA F 1808 -7.92 -107.95 -24.97
CA ALA F 1808 -9.24 -108.07 -24.35
C ALA F 1808 -9.70 -106.72 -23.82
N LEU F 1809 -8.81 -105.96 -23.20
CA LEU F 1809 -9.19 -104.65 -22.71
C LEU F 1809 -9.64 -103.74 -23.85
N ARG F 1810 -8.92 -103.78 -24.98
CA ARG F 1810 -9.31 -102.99 -26.13
C ARG F 1810 -10.69 -103.36 -26.63
N ASP F 1811 -10.94 -104.67 -26.78
CA ASP F 1811 -12.25 -105.09 -27.27
C ASP F 1811 -13.35 -104.65 -26.31
N LYS F 1812 -13.11 -104.80 -25.01
CA LYS F 1812 -14.13 -104.41 -24.03
C LYS F 1812 -14.39 -102.91 -24.10
N ALA F 1813 -13.34 -102.10 -24.21
CA ALA F 1813 -13.52 -100.66 -24.28
C ALA F 1813 -14.32 -100.27 -25.51
N LEU F 1814 -14.00 -100.87 -26.66
CA LEU F 1814 -14.74 -100.55 -27.88
C LEU F 1814 -16.20 -100.95 -27.75
N ARG F 1815 -16.46 -102.14 -27.21
CA ARG F 1815 -17.85 -102.59 -27.07
C ARG F 1815 -18.62 -101.67 -26.13
N MET F 1816 -18.01 -101.28 -25.02
CA MET F 1816 -18.69 -100.40 -24.07
C MET F 1816 -18.98 -99.04 -24.68
N LEU F 1817 -18.03 -98.49 -25.45
CA LEU F 1817 -18.27 -97.21 -26.10
C LEU F 1817 -19.42 -97.33 -27.11
N GLY F 1818 -19.46 -98.42 -27.87
CA GLY F 1818 -20.58 -98.60 -28.79
C GLY F 1818 -21.91 -98.71 -28.08
N GLU F 1819 -21.95 -99.45 -26.97
CA GLU F 1819 -23.18 -99.55 -26.20
C GLU F 1819 -23.59 -98.19 -25.64
N ALA F 1820 -22.63 -97.40 -25.18
CA ALA F 1820 -22.95 -96.08 -24.65
C ALA F 1820 -23.53 -95.19 -25.74
N VAL F 1821 -22.94 -95.24 -26.94
CA VAL F 1821 -23.46 -94.44 -28.04
C VAL F 1821 -24.90 -94.84 -28.35
N ARG F 1822 -25.15 -96.14 -28.43
CA ARG F 1822 -26.51 -96.60 -28.72
C ARG F 1822 -27.49 -96.16 -27.64
N ASP F 1823 -27.11 -96.31 -26.36
CA ASP F 1823 -28.00 -95.94 -25.27
C ASP F 1823 -28.29 -94.44 -25.28
N GLY F 1824 -27.26 -93.63 -25.50
CA GLY F 1824 -27.48 -92.20 -25.60
C GLY F 1824 -28.43 -91.86 -26.74
N GLY F 1825 -28.30 -92.56 -27.86
CA GLY F 1825 -29.23 -92.37 -28.95
C GLY F 1825 -30.65 -92.76 -28.56
N GLN F 1826 -30.79 -93.75 -27.68
CA GLN F 1826 -32.11 -94.21 -27.26
C GLN F 1826 -32.75 -93.32 -26.20
N HIS F 1827 -31.96 -92.56 -25.45
CA HIS F 1827 -32.49 -91.61 -24.45
C HIS F 1827 -33.34 -92.33 -23.39
N ALA F 1828 -32.69 -93.18 -22.62
CA ALA F 1828 -33.34 -93.86 -21.51
C ALA F 1828 -33.40 -92.93 -20.29
N ARG F 1829 -34.18 -93.35 -19.29
CA ARG F 1829 -34.31 -92.59 -18.06
C ARG F 1829 -33.46 -93.14 -16.92
N ASP F 1830 -32.67 -94.19 -17.16
CA ASP F 1830 -31.76 -94.74 -16.17
C ASP F 1830 -30.38 -94.89 -16.80
N PRO F 1831 -29.67 -93.78 -17.01
CA PRO F 1831 -28.33 -93.88 -17.57
C PRO F 1831 -27.40 -94.68 -16.66
N VAL F 1832 -26.50 -95.42 -17.28
CA VAL F 1832 -25.50 -96.16 -16.51
C VAL F 1832 -24.69 -95.17 -15.69
N GLY F 1833 -24.63 -95.39 -14.39
CA GLY F 1833 -23.97 -94.51 -13.48
C GLY F 1833 -24.84 -93.40 -12.93
N GLY F 1834 -26.06 -93.27 -13.43
CA GLY F 1834 -27.00 -92.29 -12.94
C GLY F 1834 -27.08 -91.02 -13.76
N SER F 1835 -26.18 -90.83 -14.72
CA SER F 1835 -26.22 -89.63 -15.56
C SER F 1835 -25.45 -89.90 -16.84
N VAL F 1836 -25.73 -89.07 -17.84
CA VAL F 1836 -25.03 -89.18 -19.12
C VAL F 1836 -23.55 -88.95 -18.92
N GLU F 1837 -23.18 -87.99 -18.08
CA GLU F 1837 -21.76 -87.74 -17.83
C GLU F 1837 -21.08 -88.96 -17.21
N PHE F 1838 -21.70 -89.57 -16.20
CA PHE F 1838 -21.14 -90.74 -15.55
C PHE F 1838 -21.17 -91.97 -16.44
N GLN F 1839 -22.00 -91.97 -17.47
CA GLN F 1839 -22.01 -93.05 -18.45
C GLN F 1839 -20.93 -92.90 -19.51
N PHE F 1840 -20.67 -91.69 -19.97
CA PHE F 1840 -19.77 -91.46 -21.09
C PHE F 1840 -18.34 -91.12 -20.70
N VAL F 1841 -18.14 -90.30 -19.67
CA VAL F 1841 -16.78 -89.84 -19.37
C VAL F 1841 -15.83 -90.99 -19.05
N PRO F 1842 -16.20 -91.99 -18.25
CA PRO F 1842 -15.25 -93.07 -17.96
C PRO F 1842 -14.81 -93.86 -19.18
N VAL F 1843 -15.76 -94.31 -20.01
CA VAL F 1843 -15.38 -95.10 -21.18
C VAL F 1843 -14.58 -94.26 -22.15
N LEU F 1844 -14.92 -92.99 -22.31
CA LEU F 1844 -14.13 -92.12 -23.18
C LEU F 1844 -12.72 -91.93 -22.64
N LYS F 1845 -12.57 -91.80 -21.33
CA LYS F 1845 -11.22 -91.70 -20.76
C LYS F 1845 -10.42 -92.96 -21.05
N LEU F 1846 -11.03 -94.13 -20.87
CA LEU F 1846 -10.31 -95.37 -21.14
C LEU F 1846 -9.92 -95.45 -22.62
N VAL F 1847 -10.83 -95.09 -23.51
CA VAL F 1847 -10.54 -95.16 -24.94
C VAL F 1847 -9.44 -94.18 -25.31
N SER F 1848 -9.46 -92.96 -24.74
CA SER F 1848 -8.41 -92.00 -25.02
C SER F 1848 -7.06 -92.51 -24.54
N THR F 1849 -7.02 -93.09 -23.34
CA THR F 1849 -5.77 -93.63 -22.82
C THR F 1849 -5.23 -94.71 -23.75
N LEU F 1850 -6.08 -95.64 -24.16
CA LEU F 1850 -5.61 -96.71 -25.02
C LEU F 1850 -5.16 -96.19 -26.37
N LEU F 1851 -5.88 -95.20 -26.92
CA LEU F 1851 -5.48 -94.59 -28.17
C LEU F 1851 -4.09 -93.99 -28.06
N VAL F 1852 -3.87 -93.19 -27.02
CA VAL F 1852 -2.56 -92.55 -26.87
C VAL F 1852 -1.46 -93.58 -26.69
N MET F 1853 -1.72 -94.61 -25.88
CA MET F 1853 -0.78 -95.72 -25.78
C MET F 1853 -0.53 -96.36 -27.13
N GLY F 1854 -1.49 -96.27 -28.05
CA GLY F 1854 -1.28 -96.77 -29.39
C GLY F 1854 -1.47 -98.26 -29.50
N VAL F 1855 -2.35 -98.82 -28.69
CA VAL F 1855 -2.63 -100.25 -28.71
C VAL F 1855 -3.72 -100.62 -29.71
N PHE F 1856 -4.56 -99.68 -30.10
CA PHE F 1856 -5.65 -100.00 -31.02
C PHE F 1856 -5.11 -100.29 -32.41
N SER F 1857 -5.66 -101.33 -33.03
CA SER F 1857 -5.29 -101.67 -34.41
C SER F 1857 -6.02 -100.76 -35.39
N ASP F 1858 -5.72 -100.95 -36.67
CA ASP F 1858 -6.32 -100.10 -37.70
C ASP F 1858 -7.84 -100.28 -37.75
N GLU F 1859 -8.32 -101.52 -37.64
CA GLU F 1859 -9.75 -101.76 -37.61
C GLU F 1859 -10.39 -101.08 -36.41
N ASP F 1860 -9.74 -101.16 -35.25
CA ASP F 1860 -10.27 -100.51 -34.05
C ASP F 1860 -10.35 -99.00 -34.26
N VAL F 1861 -9.31 -98.42 -34.86
CA VAL F 1861 -9.32 -96.99 -35.09
C VAL F 1861 -10.42 -96.60 -36.07
N LYS F 1862 -10.65 -97.43 -37.07
CA LYS F 1862 -11.76 -97.17 -37.99
C LYS F 1862 -13.10 -97.22 -37.26
N GLN F 1863 -13.27 -98.19 -36.36
CA GLN F 1863 -14.50 -98.25 -35.59
C GLN F 1863 -14.69 -97.01 -34.73
N ILE F 1864 -13.62 -96.54 -34.09
CA ILE F 1864 -13.71 -95.34 -33.27
C ILE F 1864 -14.06 -94.14 -34.13
N LEU F 1865 -13.45 -94.03 -35.31
CA LEU F 1865 -13.75 -92.92 -36.20
C LEU F 1865 -15.21 -92.94 -36.64
N LYS F 1866 -15.73 -94.13 -36.95
CA LYS F 1866 -17.14 -94.22 -37.34
C LYS F 1866 -18.07 -93.90 -36.17
N MET F 1867 -17.70 -94.28 -34.95
CA MET F 1867 -18.49 -93.89 -33.80
C MET F 1867 -18.48 -92.37 -33.62
N ILE F 1868 -17.34 -91.74 -33.87
CA ILE F 1868 -17.27 -90.28 -33.75
C ILE F 1868 -18.13 -89.60 -34.81
N GLU F 1869 -18.01 -90.03 -36.06
CA GLU F 1869 -18.72 -89.39 -37.16
C GLU F 1869 -18.92 -90.37 -38.29
N PRO F 1870 -20.10 -91.02 -38.39
CA PRO F 1870 -20.27 -92.06 -39.41
C PRO F 1870 -20.11 -91.55 -40.84
N GLU F 1871 -20.51 -90.32 -41.13
CA GLU F 1871 -20.52 -89.84 -42.51
C GLU F 1871 -19.15 -89.36 -42.97
N VAL F 1872 -18.47 -88.57 -42.15
CA VAL F 1872 -17.18 -88.02 -42.56
C VAL F 1872 -16.16 -89.14 -42.74
N PHE F 1873 -16.13 -90.09 -41.81
CA PHE F 1873 -15.14 -91.14 -41.80
C PHE F 1873 -15.68 -92.47 -42.33
N ARG F 1874 -16.62 -92.42 -43.26
CA ARG F 1874 -17.06 -93.61 -43.95
C ARG F 1874 -15.90 -94.22 -44.74
N GLU F 1875 -15.87 -95.54 -44.82
CA GLU F 1875 -14.81 -96.24 -45.51
C GLU F 1875 -15.19 -96.41 -46.97
N GLU F 1876 -14.38 -95.88 -47.87
CA GLU F 1876 -14.66 -95.93 -49.30
C GLU F 1876 -14.52 -97.36 -49.82
N LEU F 1923 -25.16 -96.44 -35.24
CA LEU F 1923 -26.14 -96.03 -36.25
C LEU F 1923 -25.61 -94.82 -37.02
N GLU F 1924 -26.51 -94.00 -37.54
CA GLU F 1924 -26.14 -92.81 -38.30
C GLU F 1924 -25.91 -91.59 -37.43
N GLU F 1925 -26.12 -91.69 -36.12
CA GLU F 1925 -25.90 -90.58 -35.20
C GLU F 1925 -24.52 -90.74 -34.58
N GLY F 1926 -23.72 -89.67 -34.63
CA GLY F 1926 -22.38 -89.68 -34.10
C GLY F 1926 -22.27 -88.92 -32.80
N LEU F 1927 -21.25 -89.29 -32.03
CA LEU F 1927 -21.01 -88.63 -30.74
C LEU F 1927 -20.97 -87.11 -30.90
N LEU F 1928 -20.25 -86.62 -31.91
CA LEU F 1928 -20.13 -85.19 -32.08
C LEU F 1928 -21.46 -84.52 -32.35
N GLN F 1929 -22.46 -85.26 -32.82
CA GLN F 1929 -23.76 -84.70 -33.13
C GLN F 1929 -24.80 -84.97 -32.04
N MET F 1930 -24.48 -85.82 -31.08
CA MET F 1930 -25.37 -86.01 -29.93
C MET F 1930 -25.27 -84.81 -28.99
N LYS F 1931 -26.34 -84.58 -28.24
CA LYS F 1931 -26.35 -83.54 -27.22
C LYS F 1931 -25.69 -84.08 -25.96
N LEU F 1932 -24.61 -83.43 -25.51
CA LEU F 1932 -23.80 -84.00 -24.45
C LEU F 1932 -23.41 -82.93 -23.44
N PRO F 1933 -23.13 -83.33 -22.20
CA PRO F 1933 -22.62 -82.37 -21.23
C PRO F 1933 -21.23 -81.86 -21.63
N GLU F 1934 -20.72 -80.93 -20.83
CA GLU F 1934 -19.45 -80.30 -21.17
C GLU F 1934 -18.26 -81.21 -20.90
N SER F 1935 -18.34 -82.05 -19.87
CA SER F 1935 -17.24 -82.99 -19.62
C SER F 1935 -17.11 -84.00 -20.75
N VAL F 1936 -18.24 -84.49 -21.25
CA VAL F 1936 -18.20 -85.39 -22.40
C VAL F 1936 -17.60 -84.67 -23.60
N LYS F 1937 -17.96 -83.40 -23.79
CA LYS F 1937 -17.36 -82.62 -24.86
C LYS F 1937 -15.85 -82.50 -24.67
N LEU F 1938 -15.40 -82.40 -23.42
CA LEU F 1938 -13.97 -82.34 -23.17
C LEU F 1938 -13.27 -83.63 -23.57
N GLN F 1939 -13.87 -84.77 -23.26
CA GLN F 1939 -13.27 -86.04 -23.68
C GLN F 1939 -13.26 -86.16 -25.21
N MET F 1940 -14.35 -85.72 -25.85
CA MET F 1940 -14.38 -85.70 -27.31
C MET F 1940 -13.27 -84.82 -27.87
N CYS F 1941 -13.01 -83.69 -27.22
CA CYS F 1941 -11.91 -82.83 -27.63
C CYS F 1941 -10.58 -83.56 -27.51
N HIS F 1942 -10.41 -84.36 -26.46
CA HIS F 1942 -9.17 -85.14 -26.34
C HIS F 1942 -9.01 -86.11 -27.50
N LEU F 1943 -10.10 -86.80 -27.88
CA LEU F 1943 -10.02 -87.71 -29.02
C LEU F 1943 -9.66 -86.96 -30.29
N LEU F 1944 -10.32 -85.82 -30.53
CA LEU F 1944 -10.02 -85.03 -31.72
C LEU F 1944 -8.57 -84.55 -31.70
N GLU F 1945 -8.06 -84.20 -30.52
CA GLU F 1945 -6.66 -83.81 -30.42
C GLU F 1945 -5.74 -84.93 -30.83
N TYR F 1946 -6.03 -86.15 -30.39
CA TYR F 1946 -5.21 -87.29 -30.79
C TYR F 1946 -5.20 -87.43 -32.31
N PHE F 1947 -6.37 -87.32 -32.93
CA PHE F 1947 -6.41 -87.55 -34.38
C PHE F 1947 -5.74 -86.42 -35.14
N CYS F 1948 -5.87 -85.19 -34.66
CA CYS F 1948 -5.14 -84.08 -35.28
C CYS F 1948 -3.63 -84.26 -35.15
N ASP F 1949 -3.17 -84.74 -33.99
CA ASP F 1949 -1.76 -85.06 -33.83
C ASP F 1949 -1.31 -86.14 -34.79
N GLN F 1950 -2.15 -87.15 -35.02
CA GLN F 1950 -1.80 -88.16 -36.01
C GLN F 1950 -1.67 -87.56 -37.41
N GLU F 1951 -2.57 -86.65 -37.77
CA GLU F 1951 -2.45 -86.00 -39.07
C GLU F 1951 -1.14 -85.21 -39.18
N LEU F 1952 -0.78 -84.48 -38.13
CA LEU F 1952 0.47 -83.74 -38.15
C LEU F 1952 1.66 -84.67 -38.29
N GLN F 1953 1.65 -85.78 -37.56
CA GLN F 1953 2.74 -86.75 -37.67
C GLN F 1953 2.82 -87.32 -39.08
N HIS F 1954 1.68 -87.59 -39.69
CA HIS F 1954 1.68 -88.11 -41.05
C HIS F 1954 2.29 -87.10 -42.02
N ARG F 1955 1.95 -85.82 -41.85
CA ARG F 1955 2.57 -84.81 -42.71
C ARG F 1955 4.07 -84.77 -42.52
N VAL F 1956 4.54 -84.83 -41.28
CA VAL F 1956 5.98 -84.78 -41.02
C VAL F 1956 6.68 -85.96 -41.68
N GLU F 1957 6.10 -87.16 -41.54
CA GLU F 1957 6.74 -88.33 -42.13
C GLU F 1957 6.71 -88.32 -43.65
N SER F 1958 5.63 -87.84 -44.25
CA SER F 1958 5.61 -87.69 -45.70
C SER F 1958 6.68 -86.73 -46.16
N LEU F 1959 6.83 -85.61 -45.46
CA LEU F 1959 7.88 -84.67 -45.81
C LEU F 1959 9.26 -85.30 -45.68
N ALA F 1960 9.48 -86.10 -44.65
CA ALA F 1960 10.77 -86.76 -44.49
C ALA F 1960 11.05 -87.74 -45.63
N ALA F 1961 10.04 -88.51 -46.04
CA ALA F 1961 10.24 -89.45 -47.14
C ALA F 1961 10.57 -88.72 -48.43
N PHE F 1962 9.81 -87.67 -48.74
CA PHE F 1962 10.12 -86.89 -49.92
C PHE F 1962 11.51 -86.28 -49.82
N ALA F 1963 11.89 -85.85 -48.62
CA ALA F 1963 13.22 -85.26 -48.44
C ALA F 1963 14.28 -86.28 -48.80
N GLU F 1964 14.11 -87.53 -48.35
CA GLU F 1964 15.07 -88.56 -48.70
C GLU F 1964 15.19 -88.69 -50.21
N CYS F 1965 14.06 -88.88 -50.89
CA CYS F 1965 14.12 -89.10 -52.34
C CYS F 1965 14.73 -87.90 -53.06
N TYR F 1966 14.29 -86.70 -52.69
CA TYR F 1966 14.74 -85.50 -53.39
C TYR F 1966 16.22 -85.24 -53.14
N VAL F 1967 16.69 -85.44 -51.91
CA VAL F 1967 18.09 -85.20 -51.63
C VAL F 1967 18.96 -86.21 -52.36
N ASP F 1968 18.48 -87.45 -52.48
CA ASP F 1968 19.21 -88.40 -53.31
C ASP F 1968 19.33 -87.90 -54.74
N LYS F 1969 18.22 -87.42 -55.31
CA LYS F 1969 18.27 -86.91 -56.68
C LYS F 1969 19.22 -85.72 -56.81
N MET F 1970 19.17 -84.80 -55.85
CA MET F 1970 20.01 -83.62 -55.90
C MET F 1970 21.48 -84.00 -55.85
N GLN F 1971 21.84 -84.91 -54.94
CA GLN F 1971 23.22 -85.34 -54.84
C GLN F 1971 23.67 -86.03 -56.12
N GLY F 1972 22.83 -86.91 -56.67
CA GLY F 1972 23.18 -87.57 -57.91
C GLY F 1972 23.40 -86.59 -59.05
N ASN F 1973 22.61 -85.52 -59.10
CA ASN F 1973 22.79 -84.53 -60.14
C ASN F 1973 24.07 -83.72 -59.93
N GLN F 1974 24.35 -83.35 -58.68
CA GLN F 1974 25.55 -82.58 -58.40
C GLN F 1974 26.78 -83.38 -58.78
N ARG F 1975 26.74 -84.69 -58.56
CA ARG F 1975 27.87 -85.53 -58.97
C ARG F 1975 28.12 -85.43 -60.46
N GLY F 1976 27.06 -85.52 -61.27
CA GLY F 1976 27.23 -85.40 -62.70
C GLY F 1976 27.73 -84.03 -63.12
N ARG F 1977 27.22 -82.99 -62.48
CA ARG F 1977 27.68 -81.64 -62.80
C ARG F 1977 29.16 -81.49 -62.50
N TYR F 1978 29.61 -82.03 -61.36
CA TYR F 1978 31.02 -81.98 -61.04
C TYR F 1978 31.85 -82.75 -62.05
N GLY F 1979 31.38 -83.95 -62.41
CA GLY F 1979 32.11 -84.74 -63.39
C GLY F 1979 32.27 -84.00 -64.70
N LEU F 1980 31.20 -83.36 -65.16
CA LEU F 1980 31.26 -82.65 -66.43
C LEU F 1980 32.12 -81.39 -66.31
N LEU F 1981 32.06 -80.69 -65.17
CA LEU F 1981 32.87 -79.50 -65.00
C LEU F 1981 34.35 -79.84 -65.02
N MET F 1982 34.76 -80.86 -64.25
CA MET F 1982 36.16 -81.26 -64.24
C MET F 1982 36.60 -81.73 -65.62
N LYS F 1983 35.75 -82.53 -66.28
CA LYS F 1983 36.11 -83.04 -67.60
C LYS F 1983 36.34 -81.91 -68.61
N ALA F 1984 35.75 -80.75 -68.37
CA ALA F 1984 35.92 -79.62 -69.29
C ALA F 1984 37.39 -79.27 -69.44
N PHE F 1985 37.81 -79.04 -70.68
CA PHE F 1985 39.19 -78.65 -70.95
C PHE F 1985 39.38 -77.15 -70.79
N THR F 1986 38.91 -76.61 -69.67
CA THR F 1986 39.19 -75.22 -69.30
C THR F 1986 38.85 -74.23 -70.41
N MET F 1987 37.57 -74.08 -70.74
CA MET F 1987 37.17 -73.01 -71.65
C MET F 1987 37.71 -71.68 -71.13
N SER F 1988 37.43 -71.39 -69.86
CA SER F 1988 37.90 -70.17 -69.21
C SER F 1988 38.22 -70.50 -67.76
N ALA F 1989 39.42 -70.11 -67.32
CA ALA F 1989 39.78 -70.34 -65.92
C ALA F 1989 38.86 -69.58 -64.99
N ALA F 1990 38.47 -68.36 -65.35
CA ALA F 1990 37.53 -67.60 -64.54
C ALA F 1990 36.18 -68.31 -64.46
N GLU F 1991 35.72 -68.85 -65.58
CA GLU F 1991 34.46 -69.59 -65.57
C GLU F 1991 34.56 -70.84 -64.69
N THR F 1992 35.69 -71.54 -64.77
CA THR F 1992 35.88 -72.72 -63.94
C THR F 1992 35.87 -72.36 -62.46
N ALA F 1993 36.54 -71.27 -62.10
CA ALA F 1993 36.54 -70.82 -60.71
C ALA F 1993 35.14 -70.46 -60.26
N ARG F 1994 34.39 -69.72 -61.09
CA ARG F 1994 33.04 -69.32 -60.72
C ARG F 1994 32.14 -70.53 -60.58
N ARG F 1995 32.33 -71.56 -61.41
CA ARG F 1995 31.54 -72.77 -61.31
C ARG F 1995 31.87 -73.53 -60.03
N THR F 1996 33.16 -73.71 -59.74
CA THR F 1996 33.58 -74.41 -58.53
C THR F 1996 33.33 -73.61 -57.26
N ARG F 1997 32.95 -72.34 -57.39
CA ARG F 1997 32.54 -71.58 -56.22
C ARG F 1997 31.44 -72.30 -55.46
N GLU F 1998 30.55 -72.98 -56.18
CA GLU F 1998 29.51 -73.77 -55.52
C GLU F 1998 30.12 -74.94 -54.75
N PHE F 1999 30.97 -75.72 -55.42
CA PHE F 1999 31.44 -76.97 -54.82
C PHE F 1999 32.47 -76.73 -53.73
N ARG F 2000 32.95 -75.50 -53.59
CA ARG F 2000 33.87 -75.18 -52.51
C ARG F 2000 33.15 -74.35 -51.45
N SER F 2001 31.91 -74.72 -51.17
CA SER F 2001 31.06 -74.06 -50.18
C SER F 2001 30.51 -75.10 -49.22
N PRO F 2002 30.10 -74.68 -48.02
CA PRO F 2002 29.55 -75.63 -47.05
C PRO F 2002 28.31 -76.33 -47.60
N PRO F 2003 28.10 -77.61 -47.26
CA PRO F 2003 26.95 -78.32 -47.81
C PRO F 2003 25.61 -77.66 -47.53
N GLN F 2004 25.45 -77.06 -46.35
CA GLN F 2004 24.19 -76.38 -46.05
C GLN F 2004 23.97 -75.22 -47.00
N GLU F 2005 25.03 -74.44 -47.26
CA GLU F 2005 24.91 -73.35 -48.20
C GLU F 2005 24.63 -73.86 -49.60
N GLN F 2006 25.24 -74.99 -49.98
CA GLN F 2006 24.95 -75.58 -51.28
C GLN F 2006 23.49 -75.94 -51.40
N ILE F 2007 22.91 -76.53 -50.34
CA ILE F 2007 21.50 -76.90 -50.38
C ILE F 2007 20.63 -75.65 -50.49
N ASN F 2008 20.96 -74.62 -49.72
CA ASN F 2008 20.21 -73.38 -49.79
C ASN F 2008 20.23 -72.82 -51.21
N MET F 2009 21.41 -72.81 -51.82
CA MET F 2009 21.52 -72.30 -53.19
C MET F 2009 20.70 -73.15 -54.15
N LEU F 2010 20.76 -74.48 -53.99
CA LEU F 2010 20.07 -75.38 -54.90
C LEU F 2010 18.55 -75.35 -54.73
N LEU F 2011 18.04 -74.85 -53.60
CA LEU F 2011 16.60 -74.79 -53.37
C LEU F 2011 16.06 -73.37 -53.50
N HIS F 2012 16.75 -72.47 -54.21
CA HIS F 2012 16.36 -71.07 -54.31
C HIS F 2012 15.63 -70.75 -55.60
N PHE F 2013 14.87 -71.71 -56.13
CA PHE F 2013 14.14 -71.51 -57.37
C PHE F 2013 12.64 -71.38 -57.17
N LYS F 2014 12.19 -70.98 -55.98
CA LYS F 2014 10.76 -70.90 -55.71
C LYS F 2014 10.09 -69.93 -56.67
N ASN F 2015 10.71 -68.77 -56.88
CA ASN F 2015 10.18 -67.73 -57.76
C ASN F 2015 10.93 -67.67 -59.08
N GLY F 2016 11.42 -68.80 -59.55
CA GLY F 2016 12.17 -68.83 -60.79
C GLY F 2016 13.64 -68.49 -60.59
N ALA F 2017 14.47 -69.04 -61.46
CA ALA F 2017 15.91 -68.80 -61.38
C ALA F 2017 16.57 -69.36 -62.62
N ASP F 2018 17.60 -68.67 -63.09
CA ASP F 2018 18.36 -69.10 -64.25
C ASP F 2018 19.40 -70.13 -63.85
N GLU F 2019 19.80 -70.96 -64.82
CA GLU F 2019 20.67 -72.09 -64.56
C GLU F 2019 22.01 -71.66 -63.96
N GLU F 2020 22.31 -70.37 -63.97
CA GLU F 2020 23.50 -69.88 -63.30
C GLU F 2020 23.25 -69.60 -61.83
N GLU F 2021 22.12 -68.97 -61.50
CA GLU F 2021 21.76 -68.77 -60.10
C GLU F 2021 21.51 -70.09 -59.41
N CYS F 2022 20.81 -71.00 -60.08
CA CYS F 2022 20.45 -72.30 -59.52
C CYS F 2022 20.67 -73.37 -60.58
N PRO F 2023 21.79 -74.10 -60.54
CA PRO F 2023 22.07 -75.08 -61.59
C PRO F 2023 21.17 -76.30 -61.57
N LEU F 2024 20.19 -76.36 -60.68
CA LEU F 2024 19.35 -77.54 -60.57
C LEU F 2024 18.54 -77.73 -61.86
N PRO F 2025 18.42 -78.95 -62.38
CA PRO F 2025 17.65 -79.14 -63.61
C PRO F 2025 16.17 -78.82 -63.43
N GLU F 2026 15.52 -78.51 -64.56
CA GLU F 2026 14.12 -78.11 -64.53
C GLU F 2026 13.23 -79.25 -64.07
N GLU F 2027 13.53 -80.49 -64.44
CA GLU F 2027 12.73 -81.62 -63.99
C GLU F 2027 12.79 -81.75 -62.48
N ILE F 2028 13.99 -81.59 -61.91
CA ILE F 2028 14.14 -81.70 -60.48
C ILE F 2028 13.42 -80.55 -59.79
N ARG F 2029 13.45 -79.36 -60.39
CA ARG F 2029 12.68 -78.25 -59.83
C ARG F 2029 11.18 -78.55 -59.84
N GLN F 2030 10.69 -79.12 -60.94
CA GLN F 2030 9.27 -79.39 -61.06
C GLN F 2030 8.82 -80.41 -60.04
N GLU F 2031 9.67 -81.39 -59.74
CA GLU F 2031 9.32 -82.36 -58.71
C GLU F 2031 9.02 -81.68 -57.38
N LEU F 2032 9.92 -80.78 -56.95
CA LEU F 2032 9.69 -80.09 -55.69
C LEU F 2032 8.47 -79.19 -55.78
N VAL F 2033 8.24 -78.56 -56.93
CA VAL F 2033 7.08 -77.70 -57.08
C VAL F 2033 5.80 -78.51 -56.89
N ASN F 2034 5.73 -79.68 -57.51
CA ASN F 2034 4.55 -80.54 -57.36
C ASN F 2034 4.36 -80.96 -55.92
N PHE F 2035 5.45 -81.36 -55.25
CA PHE F 2035 5.30 -81.78 -53.86
C PHE F 2035 4.85 -80.63 -52.99
N HIS F 2036 5.36 -79.42 -53.24
CA HIS F 2036 4.92 -78.28 -52.45
C HIS F 2036 3.44 -78.00 -52.65
N GLN F 2037 2.97 -78.11 -53.89
CA GLN F 2037 1.54 -77.97 -54.12
C GLN F 2037 0.75 -79.02 -53.35
N ASP F 2038 1.23 -80.26 -53.36
CA ASP F 2038 0.53 -81.31 -52.63
C ASP F 2038 0.51 -81.03 -51.14
N LEU F 2039 1.61 -80.56 -50.59
CA LEU F 2039 1.66 -80.26 -49.16
C LEU F 2039 0.71 -79.13 -48.80
N LEU F 2040 0.67 -78.08 -49.62
CA LEU F 2040 -0.29 -77.01 -49.37
C LEU F 2040 -1.72 -77.51 -49.44
N ALA F 2041 -2.02 -78.34 -50.43
CA ALA F 2041 -3.37 -78.90 -50.53
C ALA F 2041 -3.71 -79.74 -49.30
N HIS F 2042 -2.77 -80.55 -48.84
CA HIS F 2042 -3.02 -81.36 -47.65
C HIS F 2042 -3.29 -80.48 -46.45
N CYS F 2043 -2.49 -79.43 -46.26
CA CYS F 2043 -2.71 -78.52 -45.15
C CYS F 2043 -3.95 -77.65 -45.35
N GLY F 2044 -4.55 -77.66 -46.54
CA GLY F 2044 -5.72 -76.87 -46.82
C GLY F 2044 -5.44 -75.48 -47.35
N ILE F 2045 -4.17 -75.07 -47.36
CA ILE F 2045 -3.84 -73.71 -47.79
C ILE F 2045 -4.16 -73.53 -49.26
N GLN F 2046 -3.96 -74.57 -50.06
CA GLN F 2046 -4.16 -74.47 -51.50
C GLN F 2046 -5.63 -74.67 -51.83
N LEU F 2047 -6.28 -73.60 -52.26
CA LEU F 2047 -7.66 -73.68 -52.73
C LEU F 2047 -7.71 -73.29 -54.21
N GLU F 2089 -19.88 -77.28 -49.41
CA GLU F 2089 -20.67 -78.39 -48.86
C GLU F 2089 -20.88 -78.20 -47.36
N HIS F 2090 -22.14 -78.21 -46.93
CA HIS F 2090 -22.41 -78.03 -45.51
C HIS F 2090 -22.05 -79.27 -44.71
N LYS F 2091 -21.93 -80.42 -45.38
CA LYS F 2091 -21.38 -81.61 -44.75
C LYS F 2091 -19.86 -81.46 -44.66
N PRO F 2092 -19.25 -81.67 -43.47
CA PRO F 2092 -17.80 -81.45 -43.36
C PRO F 2092 -16.98 -82.13 -44.43
N GLN F 2093 -17.08 -83.46 -44.54
CA GLN F 2093 -16.38 -84.24 -45.56
C GLN F 2093 -14.86 -84.27 -45.34
N SER F 2094 -14.37 -83.76 -44.22
CA SER F 2094 -12.93 -83.81 -43.92
C SER F 2094 -12.75 -83.61 -42.44
N LEU F 2095 -11.61 -84.08 -41.92
CA LEU F 2095 -11.34 -83.94 -40.49
C LEU F 2095 -11.23 -82.46 -40.10
N GLN F 2096 -10.51 -81.68 -40.89
CA GLN F 2096 -10.31 -80.27 -40.58
C GLN F 2096 -11.65 -79.53 -40.53
N GLU F 2097 -12.46 -79.71 -41.58
CA GLU F 2097 -13.75 -79.04 -41.62
C GLU F 2097 -14.68 -79.55 -40.54
N LEU F 2098 -14.61 -80.85 -40.23
CA LEU F 2098 -15.43 -81.40 -39.16
C LEU F 2098 -15.08 -80.76 -37.83
N VAL F 2099 -13.80 -80.65 -37.52
CA VAL F 2099 -13.40 -80.06 -36.24
C VAL F 2099 -13.80 -78.59 -36.18
N SER F 2100 -13.56 -77.85 -37.26
CA SER F 2100 -13.93 -76.43 -37.25
C SER F 2100 -15.43 -76.26 -37.04
N HIS F 2101 -16.24 -77.02 -37.80
CA HIS F 2101 -17.68 -76.89 -37.67
C HIS F 2101 -18.14 -77.28 -36.29
N THR F 2102 -17.61 -78.37 -35.73
CA THR F 2102 -18.05 -78.81 -34.41
C THR F 2102 -17.74 -77.76 -33.36
N VAL F 2103 -16.52 -77.22 -33.37
CA VAL F 2103 -16.12 -76.27 -32.34
C VAL F 2103 -16.99 -75.01 -32.45
N VAL F 2104 -17.13 -74.48 -33.67
CA VAL F 2104 -17.91 -73.27 -33.84
C VAL F 2104 -19.36 -73.51 -33.45
N ARG F 2105 -19.91 -74.68 -33.79
CA ARG F 2105 -21.29 -74.98 -33.46
C ARG F 2105 -21.49 -75.07 -31.96
N TRP F 2106 -20.57 -75.71 -31.24
CA TRP F 2106 -20.70 -75.76 -29.79
C TRP F 2106 -20.68 -74.36 -29.19
N ALA F 2107 -19.71 -73.54 -29.61
CA ALA F 2107 -19.63 -72.19 -29.08
C ALA F 2107 -20.87 -71.38 -29.40
N GLN F 2108 -21.45 -71.57 -30.59
CA GLN F 2108 -22.67 -70.89 -30.96
C GLN F 2108 -23.88 -71.38 -30.17
N GLU F 2109 -23.93 -72.67 -29.86
CA GLU F 2109 -25.09 -73.24 -29.19
C GLU F 2109 -25.12 -72.94 -27.71
N ASP F 2110 -23.96 -72.79 -27.07
CA ASP F 2110 -23.99 -72.55 -25.63
C ASP F 2110 -22.87 -71.59 -25.24
N PHE F 2111 -23.08 -70.94 -24.11
CA PHE F 2111 -22.04 -70.16 -23.43
C PHE F 2111 -21.25 -71.14 -22.57
N VAL F 2112 -20.17 -71.67 -23.12
CA VAL F 2112 -19.43 -72.75 -22.45
C VAL F 2112 -18.90 -72.25 -21.12
N GLN F 2113 -19.14 -73.03 -20.07
CA GLN F 2113 -18.77 -72.65 -18.71
C GLN F 2113 -17.45 -73.23 -18.26
N SER F 2114 -16.98 -74.31 -18.87
CA SER F 2114 -15.74 -74.93 -18.44
C SER F 2114 -14.55 -74.28 -19.14
N PRO F 2115 -13.66 -73.59 -18.41
CA PRO F 2115 -12.49 -73.01 -19.08
C PRO F 2115 -11.59 -74.03 -19.76
N GLU F 2116 -11.49 -75.25 -19.19
CA GLU F 2116 -10.70 -76.28 -19.85
C GLU F 2116 -11.30 -76.67 -21.18
N LEU F 2117 -12.62 -76.81 -21.23
CA LEU F 2117 -13.29 -77.10 -22.48
C LEU F 2117 -13.08 -75.97 -23.48
N VAL F 2118 -13.19 -74.73 -23.02
CA VAL F 2118 -13.01 -73.60 -23.93
C VAL F 2118 -11.60 -73.61 -24.51
N ARG F 2119 -10.61 -73.83 -23.66
CA ARG F 2119 -9.22 -73.84 -24.12
C ARG F 2119 -8.99 -74.95 -25.13
N ALA F 2120 -9.51 -76.15 -24.86
CA ALA F 2120 -9.35 -77.25 -25.81
C ALA F 2120 -10.03 -76.95 -27.13
N MET F 2121 -11.26 -76.41 -27.08
CA MET F 2121 -11.98 -76.08 -28.29
C MET F 2121 -11.19 -75.12 -29.15
N PHE F 2122 -10.65 -74.05 -28.55
CA PHE F 2122 -9.99 -73.04 -29.37
C PHE F 2122 -8.60 -73.47 -29.79
N SER F 2123 -7.92 -74.32 -29.02
CA SER F 2123 -6.68 -74.91 -29.52
C SER F 2123 -6.94 -75.74 -30.76
N LEU F 2124 -7.98 -76.57 -30.73
CA LEU F 2124 -8.31 -77.37 -31.90
C LEU F 2124 -8.66 -76.49 -33.08
N LEU F 2125 -9.45 -75.44 -32.85
CA LEU F 2125 -9.84 -74.56 -33.95
C LEU F 2125 -8.63 -73.87 -34.56
N HIS F 2126 -7.69 -73.42 -33.73
CA HIS F 2126 -6.49 -72.79 -34.25
C HIS F 2126 -5.68 -73.76 -35.09
N ARG F 2127 -5.54 -75.01 -34.62
CA ARG F 2127 -4.81 -75.98 -35.42
C ARG F 2127 -5.48 -76.21 -36.76
N GLN F 2128 -6.81 -76.27 -36.79
CA GLN F 2128 -7.49 -76.45 -38.07
C GLN F 2128 -7.26 -75.27 -39.01
N TYR F 2129 -7.34 -74.05 -38.50
CA TYR F 2129 -7.24 -72.90 -39.38
C TYR F 2129 -5.81 -72.66 -39.86
N ASP F 2130 -4.81 -72.88 -39.02
CA ASP F 2130 -3.42 -72.68 -39.39
C ASP F 2130 -2.72 -74.04 -39.40
N GLY F 2131 -2.84 -74.76 -40.52
CA GLY F 2131 -2.24 -76.07 -40.62
C GLY F 2131 -0.79 -76.05 -41.04
N LEU F 2132 -0.41 -75.05 -41.83
CA LEU F 2132 1.00 -74.93 -42.22
C LEU F 2132 1.84 -74.41 -41.07
N GLY F 2133 1.27 -73.55 -40.23
CA GLY F 2133 2.01 -73.09 -39.06
C GLY F 2133 2.28 -74.20 -38.08
N GLU F 2134 1.33 -75.13 -37.93
CA GLU F 2134 1.57 -76.27 -37.06
C GLU F 2134 2.73 -77.12 -37.55
N LEU F 2135 2.78 -77.36 -38.87
CA LEU F 2135 3.91 -78.09 -39.43
C LEU F 2135 5.21 -77.33 -39.24
N LEU F 2136 5.17 -76.01 -39.41
CA LEU F 2136 6.37 -75.20 -39.24
C LEU F 2136 6.90 -75.27 -37.82
N ARG F 2137 6.01 -75.20 -36.83
CA ARG F 2137 6.43 -75.29 -35.44
C ARG F 2137 6.76 -76.70 -35.00
N ALA F 2138 6.31 -77.72 -35.74
CA ALA F 2138 6.65 -79.11 -35.42
C ALA F 2138 7.95 -79.57 -36.03
N LEU F 2139 8.33 -79.03 -37.19
CA LEU F 2139 9.54 -79.51 -37.87
C LEU F 2139 10.80 -79.44 -37.00
N PRO F 2140 11.02 -78.42 -36.19
CA PRO F 2140 12.24 -78.38 -35.37
C PRO F 2140 12.47 -79.64 -34.56
N ARG F 2141 11.40 -80.39 -34.29
CA ARG F 2141 11.48 -81.62 -33.52
C ARG F 2141 11.52 -82.86 -34.40
N ALA F 2142 11.65 -82.71 -35.70
CA ALA F 2142 11.78 -83.83 -36.61
C ALA F 2142 13.25 -84.09 -36.93
N TYR F 2143 13.57 -85.33 -37.22
CA TYR F 2143 14.96 -85.73 -37.41
C TYR F 2143 14.99 -87.09 -38.10
N THR F 2144 15.82 -87.22 -39.13
CA THR F 2144 15.99 -88.47 -39.85
C THR F 2144 17.28 -89.13 -39.44
N ILE F 2145 17.26 -90.46 -39.31
CA ILE F 2145 18.42 -91.24 -38.94
C ILE F 2145 18.56 -92.40 -39.89
N SER F 2146 19.76 -92.95 -39.97
CA SER F 2146 20.01 -94.12 -40.78
C SER F 2146 19.44 -95.36 -40.10
N VAL F 2147 19.30 -96.44 -40.89
CA VAL F 2147 18.76 -97.67 -40.34
C VAL F 2147 19.70 -98.28 -39.31
N SER F 2148 21.00 -98.05 -39.43
CA SER F 2148 21.97 -98.63 -38.52
C SER F 2148 21.98 -97.97 -37.14
N SER F 2149 21.31 -96.84 -36.97
CA SER F 2149 21.27 -96.14 -35.69
C SER F 2149 19.99 -96.40 -34.92
N VAL F 2150 19.10 -97.24 -35.44
CA VAL F 2150 17.76 -97.34 -34.87
C VAL F 2150 17.80 -97.97 -33.49
N GLU F 2151 18.56 -99.06 -33.33
CA GLU F 2151 18.59 -99.76 -32.05
C GLU F 2151 19.17 -98.87 -30.95
N ASP F 2152 20.28 -98.20 -31.25
CA ASP F 2152 20.89 -97.33 -30.26
C ASP F 2152 20.01 -96.12 -29.97
N THR F 2153 19.30 -95.60 -30.98
CA THR F 2153 18.36 -94.52 -30.73
C THR F 2153 17.23 -94.97 -29.83
N MET F 2154 16.75 -96.20 -30.01
CA MET F 2154 15.69 -96.71 -29.14
C MET F 2154 16.18 -96.83 -27.70
N SER F 2155 17.39 -97.34 -27.51
CA SER F 2155 17.93 -97.42 -26.15
C SER F 2155 18.07 -96.03 -25.54
N LEU F 2156 18.57 -95.07 -26.31
CA LEU F 2156 18.69 -93.71 -25.82
C LEU F 2156 17.33 -93.12 -25.48
N LEU F 2157 16.32 -93.43 -26.29
CA LEU F 2157 14.98 -92.93 -26.03
C LEU F 2157 14.42 -93.52 -24.74
N GLU F 2158 14.69 -94.79 -24.47
CA GLU F 2158 14.26 -95.37 -23.20
C GLU F 2158 14.92 -94.68 -22.03
N CYS F 2159 16.24 -94.44 -22.11
CA CYS F 2159 16.92 -93.76 -21.03
C CYS F 2159 16.37 -92.35 -20.83
N LEU F 2160 16.14 -91.63 -21.92
CA LEU F 2160 15.58 -90.28 -21.81
C LEU F 2160 14.18 -90.32 -21.24
N GLY F 2161 13.41 -91.36 -21.56
CA GLY F 2161 12.10 -91.50 -20.97
C GLY F 2161 12.17 -91.67 -19.46
N GLN F 2162 13.12 -92.46 -18.99
CA GLN F 2162 13.28 -92.59 -17.54
C GLN F 2162 13.66 -91.25 -16.91
N ILE F 2163 14.60 -90.54 -17.52
CA ILE F 2163 15.02 -89.25 -16.98
C ILE F 2163 13.84 -88.29 -16.93
N ARG F 2164 13.04 -88.25 -18.00
CA ARG F 2164 11.88 -87.37 -18.03
C ARG F 2164 10.86 -87.77 -16.98
N SER F 2165 10.65 -89.07 -16.78
CA SER F 2165 9.74 -89.53 -15.74
C SER F 2165 10.20 -89.07 -14.36
N LEU F 2166 11.50 -88.91 -14.15
CA LEU F 2166 12.00 -88.45 -12.86
C LEU F 2166 11.77 -86.96 -12.62
N LEU F 2167 11.06 -86.26 -13.49
CA LEU F 2167 10.79 -84.85 -13.30
C LEU F 2167 9.57 -84.57 -12.43
N ILE F 2168 8.76 -85.59 -12.11
CA ILE F 2168 7.51 -85.40 -11.40
C ILE F 2168 7.54 -86.09 -10.05
N VAL F 2169 8.71 -86.44 -9.54
CA VAL F 2169 8.84 -87.14 -8.27
C VAL F 2169 9.96 -86.49 -7.47
N GLN F 2170 9.72 -86.29 -6.17
CA GLN F 2170 10.77 -85.81 -5.29
C GLN F 2170 11.94 -86.79 -5.31
N MET F 2171 13.14 -86.25 -5.41
CA MET F 2171 14.32 -87.10 -5.52
C MET F 2171 14.54 -87.89 -4.24
N GLY F 2172 14.88 -89.16 -4.40
CA GLY F 2172 15.23 -90.02 -3.28
C GLY F 2172 16.40 -90.91 -3.67
N PRO F 2173 16.72 -91.90 -2.85
CA PRO F 2173 17.84 -92.79 -3.21
C PRO F 2173 17.59 -93.60 -4.47
N GLN F 2174 16.41 -94.21 -4.61
CA GLN F 2174 16.13 -94.99 -5.81
C GLN F 2174 16.13 -94.11 -7.05
N GLU F 2175 15.51 -92.93 -6.95
CA GLU F 2175 15.49 -92.02 -8.10
C GLU F 2175 16.89 -91.56 -8.45
N GLU F 2176 17.72 -91.30 -7.44
CA GLU F 2176 19.11 -90.91 -7.69
C GLU F 2176 19.85 -92.01 -8.44
N ASN F 2177 19.70 -93.25 -8.00
CA ASN F 2177 20.37 -94.36 -8.67
C ASN F 2177 19.88 -94.50 -10.12
N LEU F 2178 18.57 -94.38 -10.32
CA LEU F 2178 18.04 -94.49 -11.68
C LEU F 2178 18.58 -93.38 -12.56
N MET F 2179 18.64 -92.16 -12.04
CA MET F 2179 19.14 -91.02 -12.81
C MET F 2179 20.61 -91.24 -13.18
N ILE F 2180 21.42 -91.68 -12.22
CA ILE F 2180 22.83 -91.90 -12.51
C ILE F 2180 23.00 -92.99 -13.56
N GLN F 2181 22.25 -94.09 -13.44
CA GLN F 2181 22.36 -95.15 -14.42
C GLN F 2181 21.95 -94.68 -15.81
N SER F 2182 20.86 -93.92 -15.90
CA SER F 2182 20.41 -93.44 -17.21
C SER F 2182 21.43 -92.50 -17.81
N ILE F 2183 22.01 -91.62 -17.00
CA ILE F 2183 23.03 -90.72 -17.51
C ILE F 2183 24.24 -91.50 -18.03
N GLY F 2184 24.66 -92.52 -17.27
CA GLY F 2184 25.77 -93.33 -17.74
C GLY F 2184 25.47 -94.01 -19.06
N ASN F 2185 24.27 -94.58 -19.19
CA ASN F 2185 23.91 -95.25 -20.44
C ASN F 2185 23.88 -94.27 -21.61
N ILE F 2186 23.33 -93.08 -21.39
CA ILE F 2186 23.29 -92.09 -22.46
C ILE F 2186 24.70 -91.70 -22.87
N MET F 2187 25.58 -91.45 -21.91
CA MET F 2187 26.94 -91.05 -22.23
C MET F 2187 27.74 -92.19 -22.85
N ASN F 2188 27.33 -93.43 -22.67
CA ASN F 2188 27.98 -94.55 -23.33
C ASN F 2188 27.34 -94.90 -24.67
N ASN F 2189 26.19 -94.33 -24.98
CA ASN F 2189 25.52 -94.54 -26.26
C ASN F 2189 26.20 -93.72 -27.34
N LYS F 2190 26.36 -94.32 -28.53
CA LYS F 2190 27.02 -93.61 -29.63
C LYS F 2190 26.17 -92.48 -30.17
N VAL F 2191 24.85 -92.68 -30.25
CA VAL F 2191 23.98 -91.66 -30.83
C VAL F 2191 24.10 -90.35 -30.06
N PHE F 2192 24.52 -90.42 -28.81
CA PHE F 2192 24.72 -89.18 -28.04
C PHE F 2192 25.79 -88.31 -28.70
N TYR F 2193 26.86 -88.92 -29.17
CA TYR F 2193 27.99 -88.17 -29.74
C TYR F 2193 27.77 -87.83 -31.21
N GLN F 2194 27.13 -88.72 -31.97
CA GLN F 2194 27.06 -88.51 -33.41
C GLN F 2194 25.90 -87.61 -33.80
N HIS F 2195 24.93 -87.39 -32.92
CA HIS F 2195 23.73 -86.63 -33.24
C HIS F 2195 23.46 -85.59 -32.15
N PRO F 2196 24.40 -84.67 -31.95
CA PRO F 2196 24.15 -83.59 -30.97
C PRO F 2196 22.95 -82.74 -31.32
N ASN F 2197 22.66 -82.55 -32.61
CA ASN F 2197 21.46 -81.82 -32.99
C ASN F 2197 20.21 -82.58 -32.56
N LEU F 2198 20.21 -83.91 -32.69
CA LEU F 2198 19.10 -84.69 -32.18
C LEU F 2198 18.97 -84.55 -30.67
N MET F 2199 20.09 -84.57 -29.94
CA MET F 2199 20.03 -84.39 -28.50
C MET F 2199 19.43 -83.05 -28.14
N ARG F 2200 19.86 -81.98 -28.82
CA ARG F 2200 19.30 -80.66 -28.57
C ARG F 2200 17.81 -80.60 -28.90
N ALA F 2201 17.39 -81.21 -30.02
CA ALA F 2201 15.99 -81.22 -30.37
C ALA F 2201 15.16 -81.95 -29.32
N LEU F 2202 15.67 -83.07 -28.80
CA LEU F 2202 15.01 -83.78 -27.71
C LEU F 2202 15.03 -82.98 -26.41
N GLY F 2203 15.95 -82.04 -26.25
CA GLY F 2203 15.99 -81.26 -25.03
C GLY F 2203 16.58 -81.98 -23.86
N MET F 2204 17.51 -82.90 -24.09
CA MET F 2204 18.12 -83.66 -23.02
C MET F 2204 18.76 -82.73 -21.98
N HIS F 2205 19.54 -81.76 -22.46
CA HIS F 2205 20.28 -80.90 -21.55
C HIS F 2205 19.34 -80.14 -20.63
N GLU F 2206 18.23 -79.65 -21.18
CA GLU F 2206 17.28 -78.90 -20.36
C GLU F 2206 16.63 -79.78 -19.30
N THR F 2207 16.28 -81.01 -19.65
CA THR F 2207 15.68 -81.90 -18.65
C THR F 2207 16.67 -82.23 -17.54
N VAL F 2208 17.92 -82.53 -17.90
CA VAL F 2208 18.91 -82.84 -16.87
C VAL F 2208 19.15 -81.63 -15.99
N MET F 2209 19.23 -80.44 -16.60
CA MET F 2209 19.40 -79.22 -15.83
C MET F 2209 18.24 -79.02 -14.87
N GLU F 2210 17.02 -79.27 -15.34
CA GLU F 2210 15.86 -79.10 -14.47
C GLU F 2210 15.91 -80.04 -13.28
N VAL F 2211 16.30 -81.30 -13.51
CA VAL F 2211 16.41 -82.25 -12.40
C VAL F 2211 17.45 -81.76 -11.39
N MET F 2212 18.61 -81.36 -11.90
CA MET F 2212 19.68 -80.90 -11.02
C MET F 2212 19.24 -79.70 -10.21
N VAL F 2213 18.60 -78.73 -10.85
CA VAL F 2213 18.19 -77.52 -10.16
C VAL F 2213 17.08 -77.82 -9.17
N ASN F 2214 16.19 -78.76 -9.49
CA ASN F 2214 15.20 -79.17 -8.50
C ASN F 2214 15.87 -79.65 -7.23
N VAL F 2215 16.79 -80.59 -7.35
CA VAL F 2215 17.42 -81.10 -6.12
C VAL F 2215 18.23 -80.01 -5.43
N LEU F 2216 18.87 -79.12 -6.18
CA LEU F 2216 19.67 -78.07 -5.55
C LEU F 2216 18.79 -77.09 -4.78
N GLY F 2217 17.75 -76.58 -5.43
CA GLY F 2217 16.87 -75.63 -4.78
C GLY F 2217 16.14 -76.23 -3.59
N GLY F 2218 15.71 -77.48 -3.71
CA GLY F 2218 15.06 -78.13 -2.58
C GLY F 2218 15.96 -78.09 -1.36
N GLY F 2219 15.57 -77.29 -0.36
CA GLY F 2219 16.41 -77.11 0.81
C GLY F 2219 17.72 -76.45 0.47
N GLU F 2220 17.66 -75.25 -0.12
CA GLU F 2220 18.88 -74.56 -0.54
C GLU F 2220 19.78 -74.26 0.65
N SER F 2221 19.20 -73.81 1.77
CA SER F 2221 19.99 -73.53 2.97
C SER F 2221 20.60 -74.81 3.52
N LYS F 2222 19.81 -75.88 3.55
CA LYS F 2222 20.31 -77.15 4.06
C LYS F 2222 21.37 -77.71 3.12
N GLU F 2223 22.34 -78.42 3.69
CA GLU F 2223 23.34 -79.10 2.87
C GLU F 2223 22.63 -79.99 1.86
N ILE F 2224 22.77 -79.67 0.58
CA ILE F 2224 22.00 -80.36 -0.45
C ILE F 2224 22.28 -81.85 -0.35
N ARG F 2225 21.23 -82.66 -0.53
CA ARG F 2225 21.36 -84.09 -0.49
C ARG F 2225 21.67 -84.62 -1.88
N PHE F 2226 22.02 -85.89 -1.97
CA PHE F 2226 22.34 -86.55 -3.22
C PHE F 2226 23.46 -85.81 -3.97
N PRO F 2227 24.62 -85.63 -3.35
CA PRO F 2227 25.73 -84.98 -4.06
C PRO F 2227 26.14 -85.73 -5.33
N LYS F 2228 26.06 -87.06 -5.31
CA LYS F 2228 26.50 -87.83 -6.46
C LYS F 2228 25.65 -87.52 -7.68
N MET F 2229 24.36 -87.23 -7.48
CA MET F 2229 23.51 -86.96 -8.63
C MET F 2229 23.91 -85.65 -9.30
N VAL F 2230 24.25 -84.62 -8.51
CA VAL F 2230 24.69 -83.36 -9.08
C VAL F 2230 26.05 -83.51 -9.76
N THR F 2231 26.93 -84.32 -9.17
CA THR F 2231 28.21 -84.59 -9.80
C THR F 2231 28.00 -85.23 -11.17
N SER F 2232 27.10 -86.21 -11.24
CA SER F 2232 26.74 -86.76 -12.54
C SER F 2232 26.08 -85.72 -13.43
N CYS F 2233 25.37 -84.76 -12.83
CA CYS F 2233 24.63 -83.78 -13.61
C CYS F 2233 25.57 -82.88 -14.42
N CYS F 2234 26.66 -82.35 -13.83
CA CYS F 2234 27.71 -82.12 -14.85
C CYS F 2234 28.11 -83.33 -15.62
N ARG F 2235 28.76 -84.32 -15.04
CA ARG F 2235 29.61 -85.14 -15.90
C ARG F 2235 28.92 -85.20 -17.26
N PHE F 2236 27.61 -85.44 -17.23
CA PHE F 2236 26.78 -85.36 -18.43
C PHE F 2236 26.82 -83.97 -19.07
N LEU F 2237 26.31 -82.93 -18.40
CA LEU F 2237 26.16 -81.62 -19.06
C LEU F 2237 27.51 -80.98 -19.34
N CYS F 2238 28.41 -81.09 -18.38
CA CYS F 2238 29.74 -80.49 -18.51
C CYS F 2238 30.50 -81.19 -19.64
N TYR F 2239 30.04 -82.39 -20.08
CA TYR F 2239 30.52 -83.01 -21.33
C TYR F 2239 29.70 -82.59 -22.54
N PHE F 2240 28.40 -82.45 -22.35
CA PHE F 2240 27.49 -82.04 -23.41
C PHE F 2240 27.97 -80.74 -24.04
N CYS F 2241 28.47 -79.82 -23.22
CA CYS F 2241 29.02 -78.59 -23.75
C CYS F 2241 30.19 -78.86 -24.67
N ARG F 2242 31.05 -79.82 -24.33
CA ARG F 2242 32.24 -80.11 -25.13
C ARG F 2242 31.94 -80.88 -26.40
N ILE F 2243 30.80 -81.55 -26.49
CA ILE F 2243 30.54 -82.36 -27.68
C ILE F 2243 30.54 -81.49 -28.93
N SER F 2244 29.87 -80.33 -28.91
CA SER F 2244 29.78 -79.50 -30.10
C SER F 2244 29.56 -78.05 -29.71
N ARG F 2245 29.89 -77.15 -30.66
CA ARG F 2245 29.78 -75.72 -30.39
C ARG F 2245 28.32 -75.30 -30.22
N GLN F 2246 27.42 -75.86 -31.02
CA GLN F 2246 26.01 -75.53 -30.86
C GLN F 2246 25.49 -75.99 -29.51
N ASN F 2247 25.96 -77.15 -29.03
CA ASN F 2247 25.63 -77.57 -27.67
C ASN F 2247 26.15 -76.57 -26.66
N GLN F 2248 27.37 -76.08 -26.87
CA GLN F 2248 27.94 -75.08 -25.97
C GLN F 2248 27.09 -73.82 -25.96
N ARG F 2249 26.65 -73.37 -27.13
CA ARG F 2249 25.80 -72.18 -27.20
C ARG F 2249 24.48 -72.42 -26.48
N SER F 2250 23.87 -73.59 -26.68
CA SER F 2250 22.61 -73.89 -26.03
C SER F 2250 22.75 -73.86 -24.52
N MET F 2251 23.84 -74.41 -23.99
CA MET F 2251 24.05 -74.37 -22.55
C MET F 2251 24.38 -72.96 -22.09
N PHE F 2252 25.15 -72.21 -22.89
CA PHE F 2252 25.47 -70.83 -22.54
C PHE F 2252 24.20 -69.99 -22.41
N ASP F 2253 23.17 -70.33 -23.18
CA ASP F 2253 21.92 -69.59 -23.08
C ASP F 2253 21.29 -69.66 -21.69
N HIS F 2254 21.70 -70.60 -20.86
CA HIS F 2254 21.19 -70.72 -19.49
C HIS F 2254 22.23 -70.31 -18.45
N LEU F 2255 23.14 -69.39 -18.80
CA LEU F 2255 24.23 -69.07 -17.90
C LEU F 2255 23.73 -68.46 -16.60
N SER F 2256 22.77 -67.53 -16.68
CA SER F 2256 22.26 -66.89 -15.48
C SER F 2256 21.64 -67.90 -14.54
N TYR F 2257 20.87 -68.84 -15.09
CA TYR F 2257 20.29 -69.91 -14.28
C TYR F 2257 21.37 -70.67 -13.52
N LEU F 2258 22.39 -71.13 -14.23
CA LEU F 2258 23.47 -71.86 -13.58
C LEU F 2258 24.21 -70.98 -12.60
N LEU F 2259 24.48 -69.73 -12.97
CA LEU F 2259 25.13 -68.83 -12.02
C LEU F 2259 24.23 -68.53 -10.84
N GLU F 2260 22.92 -68.49 -11.05
CA GLU F 2260 21.99 -68.29 -9.93
C GLU F 2260 22.08 -69.43 -8.94
N ASN F 2261 22.17 -70.67 -9.44
CA ASN F 2261 22.20 -71.85 -8.57
C ASN F 2261 23.62 -72.26 -8.19
N SER F 2262 24.63 -71.52 -8.63
CA SER F 2262 26.02 -71.83 -8.31
C SER F 2262 26.47 -71.28 -6.96
N GLY F 2263 25.61 -70.57 -6.24
CA GLY F 2263 26.00 -70.04 -4.95
C GLY F 2263 26.34 -71.11 -3.93
N ILE F 2264 25.88 -72.34 -4.14
CA ILE F 2264 26.14 -73.44 -3.23
C ILE F 2264 27.03 -74.45 -3.94
N GLY F 2265 27.75 -75.25 -3.17
CA GLY F 2265 28.65 -76.24 -3.73
C GLY F 2265 29.86 -76.49 -2.87
N LEU F 2266 31.04 -76.52 -3.48
CA LEU F 2266 32.28 -76.72 -2.74
C LEU F 2266 32.29 -78.09 -2.07
N GLY F 2267 31.45 -78.27 -1.05
CA GLY F 2267 31.31 -79.56 -0.40
C GLY F 2267 30.97 -80.65 -1.39
N MET F 2268 30.58 -80.26 -2.60
CA MET F 2268 30.41 -81.24 -3.67
C MET F 2268 31.65 -82.09 -3.82
N GLN F 2269 32.83 -81.48 -3.78
CA GLN F 2269 34.09 -82.16 -4.05
C GLN F 2269 34.00 -82.92 -5.37
N GLY F 2270 33.32 -82.32 -6.32
CA GLY F 2270 33.18 -82.89 -7.64
C GLY F 2270 32.83 -81.80 -8.62
N SER F 2271 32.09 -82.18 -9.66
CA SER F 2271 31.67 -81.20 -10.64
C SER F 2271 30.44 -80.45 -10.14
N THR F 2272 30.30 -79.20 -10.57
CA THR F 2272 29.28 -78.32 -10.02
C THR F 2272 28.64 -77.46 -11.11
N PRO F 2273 27.49 -76.85 -10.84
CA PRO F 2273 26.90 -75.93 -11.83
C PRO F 2273 27.85 -74.80 -12.22
N LEU F 2274 28.74 -74.38 -11.33
CA LEU F 2274 29.78 -73.45 -11.74
C LEU F 2274 30.67 -74.05 -12.81
N ASP F 2275 30.97 -75.35 -12.70
CA ASP F 2275 31.73 -76.01 -13.76
C ASP F 2275 30.92 -76.08 -15.05
N VAL F 2276 29.61 -76.28 -14.95
CA VAL F 2276 28.77 -76.21 -16.16
C VAL F 2276 28.92 -74.84 -16.80
N ALA F 2277 28.89 -73.80 -15.99
CA ALA F 2277 28.98 -72.42 -16.54
C ALA F 2277 30.30 -72.22 -17.27
N ALA F 2278 31.39 -72.69 -16.66
CA ALA F 2278 32.73 -72.54 -17.29
C ALA F 2278 32.77 -73.29 -18.61
N ALA F 2279 32.16 -74.47 -18.65
CA ALA F 2279 32.19 -75.31 -19.87
C ALA F 2279 31.50 -74.56 -21.01
N SER F 2280 30.41 -73.86 -20.69
CA SER F 2280 29.64 -73.13 -21.73
C SER F 2280 30.51 -72.03 -22.38
N VAL F 2281 31.31 -71.30 -21.60
CA VAL F 2281 32.11 -70.17 -22.16
C VAL F 2281 33.53 -70.59 -22.54
N ILE F 2282 33.93 -71.84 -22.30
CA ILE F 2282 35.37 -72.21 -22.48
C ILE F 2282 35.83 -72.10 -23.95
N ASP F 2283 37.06 -71.63 -24.16
CA ASP F 2283 37.67 -71.52 -25.51
C ASP F 2283 36.63 -71.27 -26.61
N ASN F 2284 35.71 -70.34 -26.38
CA ASN F 2284 34.72 -69.98 -27.40
C ASN F 2284 34.70 -68.47 -27.46
N ASN F 2285 35.36 -67.90 -28.47
CA ASN F 2285 35.49 -66.46 -28.54
C ASN F 2285 34.13 -65.78 -28.68
N GLU F 2286 33.25 -66.35 -29.51
CA GLU F 2286 31.94 -65.74 -29.72
C GLU F 2286 31.17 -65.66 -28.40
N LEU F 2287 31.16 -66.75 -27.63
CA LEU F 2287 30.41 -66.76 -26.38
C LEU F 2287 31.08 -65.87 -25.34
N ALA F 2288 32.42 -65.90 -25.28
CA ALA F 2288 33.12 -65.04 -24.34
C ALA F 2288 32.82 -63.57 -24.61
N LEU F 2289 32.66 -63.21 -25.87
CA LEU F 2289 32.26 -61.85 -26.22
C LEU F 2289 30.79 -61.59 -25.95
N ALA F 2290 29.94 -62.61 -26.06
CA ALA F 2290 28.53 -62.48 -25.75
C ALA F 2290 28.25 -62.44 -24.25
N LEU F 2291 29.25 -62.72 -23.41
CA LEU F 2291 29.05 -62.70 -21.97
C LEU F 2291 28.43 -61.37 -21.53
N GLN F 2292 27.82 -61.37 -20.35
CA GLN F 2292 27.12 -60.21 -19.85
C GLN F 2292 27.75 -59.65 -18.58
N GLU F 2293 27.81 -58.32 -18.51
CA GLU F 2293 28.33 -57.66 -17.32
C GLU F 2293 27.53 -58.03 -16.09
N GLN F 2294 26.23 -58.31 -16.25
CA GLN F 2294 25.43 -58.74 -15.11
C GLN F 2294 25.94 -60.07 -14.56
N ASP F 2295 26.24 -61.03 -15.44
CA ASP F 2295 26.77 -62.31 -14.97
C ASP F 2295 28.13 -62.14 -14.32
N LEU F 2296 29.00 -61.33 -14.92
CA LEU F 2296 30.29 -61.10 -14.29
C LEU F 2296 30.14 -60.43 -12.93
N GLU F 2297 29.21 -59.49 -12.80
CA GLU F 2297 28.97 -58.86 -11.51
C GLU F 2297 28.43 -59.85 -10.48
N LYS F 2298 27.57 -60.77 -10.93
CA LYS F 2298 27.09 -61.81 -10.02
C LYS F 2298 28.24 -62.65 -9.48
N VAL F 2299 29.13 -63.08 -10.37
CA VAL F 2299 30.25 -63.90 -9.93
C VAL F 2299 31.17 -63.10 -8.99
N VAL F 2300 31.38 -61.83 -9.30
CA VAL F 2300 32.25 -61.00 -8.46
C VAL F 2300 31.62 -60.80 -7.09
N SER F 2301 30.28 -60.68 -7.03
CA SER F 2301 29.62 -60.55 -5.74
C SER F 2301 29.77 -61.82 -4.93
N TYR F 2302 29.64 -62.98 -5.57
CA TYR F 2302 29.90 -64.23 -4.86
C TYR F 2302 31.32 -64.26 -4.32
N LEU F 2303 32.29 -63.80 -5.13
CA LEU F 2303 33.67 -63.78 -4.67
C LEU F 2303 33.85 -62.84 -3.48
N ALA F 2304 33.17 -61.70 -3.49
CA ALA F 2304 33.24 -60.79 -2.36
C ALA F 2304 32.70 -61.45 -1.10
N GLY F 2305 31.57 -62.14 -1.23
CA GLY F 2305 31.05 -62.89 -0.09
C GLY F 2305 32.06 -63.90 0.43
N CYS F 2306 32.69 -64.65 -0.48
CA CYS F 2306 33.68 -65.63 -0.07
C CYS F 2306 34.88 -64.99 0.61
N GLY F 2307 35.27 -63.80 0.18
CA GLY F 2307 36.36 -63.09 0.81
C GLY F 2307 36.03 -62.43 2.12
N LEU F 2308 34.73 -62.26 2.41
CA LEU F 2308 34.32 -61.66 3.68
C LEU F 2308 33.83 -62.63 4.74
N GLN F 2309 33.34 -63.82 4.36
CA GLN F 2309 32.74 -64.74 5.32
C GLN F 2309 33.39 -66.10 5.26
N SER F 2310 33.39 -66.79 6.40
CA SER F 2310 33.96 -68.12 6.49
C SER F 2310 32.96 -69.16 6.00
N CYS F 2311 33.46 -70.36 5.76
CA CYS F 2311 32.61 -71.43 5.23
C CYS F 2311 31.83 -72.09 6.35
N PRO F 2312 30.50 -72.01 6.36
CA PRO F 2312 29.75 -72.64 7.45
C PRO F 2312 30.01 -74.13 7.56
N MET F 2313 30.18 -74.81 6.43
CA MET F 2313 30.42 -76.25 6.46
C MET F 2313 31.75 -76.56 7.15
N LEU F 2314 32.79 -75.80 6.82
CA LEU F 2314 34.08 -76.00 7.50
C LEU F 2314 33.97 -75.70 8.98
N LEU F 2315 33.26 -74.63 9.34
CA LEU F 2315 33.09 -74.32 10.75
C LEU F 2315 32.41 -75.47 11.48
N ALA F 2316 31.36 -76.03 10.86
CA ALA F 2316 30.67 -77.17 11.46
C ALA F 2316 31.60 -78.37 11.60
N LYS F 2317 32.38 -78.65 10.57
CA LYS F 2317 33.30 -79.79 10.59
C LYS F 2317 34.39 -79.57 11.63
N GLY F 2318 34.57 -78.32 12.06
CA GLY F 2318 35.46 -78.02 13.18
C GLY F 2318 36.73 -77.30 12.81
N TYR F 2319 36.86 -76.80 11.59
CA TYR F 2319 38.04 -76.06 11.21
C TYR F 2319 38.11 -74.74 11.98
N PRO F 2320 39.30 -74.18 12.14
CA PRO F 2320 39.40 -72.84 12.73
C PRO F 2320 38.67 -71.82 11.87
N ASP F 2321 38.31 -70.71 12.50
CA ASP F 2321 37.60 -69.62 11.82
C ASP F 2321 38.65 -68.60 11.39
N ILE F 2322 39.12 -68.71 10.16
CA ILE F 2322 40.09 -67.74 9.65
C ILE F 2322 39.43 -66.46 9.20
N GLY F 2323 38.13 -66.47 8.96
CA GLY F 2323 37.39 -65.26 8.62
C GLY F 2323 37.07 -65.09 7.16
N TRP F 2324 37.40 -66.05 6.30
CA TRP F 2324 37.03 -65.97 4.90
C TRP F 2324 37.05 -67.37 4.30
N ASN F 2325 36.72 -67.45 3.01
CA ASN F 2325 36.45 -68.72 2.33
C ASN F 2325 37.36 -68.87 1.13
N PRO F 2326 38.63 -69.22 1.33
CA PRO F 2326 39.53 -69.37 0.16
C PRO F 2326 39.05 -70.42 -0.81
N CYS F 2327 38.44 -71.49 -0.34
CA CYS F 2327 38.05 -72.58 -1.22
C CYS F 2327 36.99 -72.14 -2.22
N GLY F 2328 35.96 -71.44 -1.76
CA GLY F 2328 34.97 -70.90 -2.67
C GLY F 2328 35.52 -69.78 -3.53
N GLY F 2329 36.36 -68.94 -2.95
CA GLY F 2329 36.97 -67.88 -3.74
C GLY F 2329 37.74 -68.44 -4.91
N GLU F 2330 38.43 -69.57 -4.70
CA GLU F 2330 39.18 -70.18 -5.79
C GLU F 2330 38.26 -70.61 -6.92
N ARG F 2331 37.11 -71.20 -6.60
CA ARG F 2331 36.19 -71.62 -7.64
C ARG F 2331 35.71 -70.43 -8.46
N TYR F 2332 35.35 -69.34 -7.79
CA TYR F 2332 34.85 -68.19 -8.53
C TYR F 2332 35.93 -67.55 -9.38
N LEU F 2333 37.13 -67.43 -8.82
CA LEU F 2333 38.27 -66.88 -9.62
C LEU F 2333 38.43 -67.75 -10.86
N ASP F 2334 38.28 -69.07 -10.71
CA ASP F 2334 38.50 -70.00 -11.85
C ASP F 2334 37.50 -69.75 -12.99
N PHE F 2335 36.23 -69.51 -12.68
CA PHE F 2335 35.22 -69.23 -13.73
C PHE F 2335 35.62 -67.95 -14.45
N LEU F 2336 36.07 -66.95 -13.70
CA LEU F 2336 36.46 -65.65 -14.29
C LEU F 2336 37.65 -65.87 -15.23
N ARG F 2337 38.58 -66.74 -14.87
CA ARG F 2337 39.80 -66.90 -15.71
C ARG F 2337 39.38 -67.39 -17.10
N PHE F 2338 38.44 -68.31 -17.16
CA PHE F 2338 37.98 -68.83 -18.48
C PHE F 2338 37.34 -67.70 -19.28
N ALA F 2339 36.53 -66.86 -18.65
CA ALA F 2339 35.91 -65.72 -19.36
C ALA F 2339 36.93 -64.69 -19.87
N VAL F 2340 37.91 -64.32 -19.04
CA VAL F 2340 38.95 -63.31 -19.41
C VAL F 2340 39.87 -63.81 -20.55
N PHE F 2341 40.27 -65.08 -20.51
CA PHE F 2341 41.27 -65.57 -21.51
C PHE F 2341 40.68 -66.65 -22.36
N VAL F 2342 40.74 -66.47 -23.68
CA VAL F 2342 40.24 -67.51 -24.62
C VAL F 2342 41.35 -67.83 -25.62
N ASN F 2343 41.63 -69.11 -25.87
CA ASN F 2343 42.63 -69.49 -26.90
C ASN F 2343 43.95 -68.76 -26.70
N GLY F 2344 44.46 -68.72 -25.47
CA GLY F 2344 45.78 -68.17 -25.24
C GLY F 2344 45.89 -66.68 -25.44
N GLU F 2345 44.77 -65.96 -25.43
CA GLU F 2345 44.79 -64.51 -25.57
C GLU F 2345 43.73 -63.92 -24.66
N SER F 2346 43.98 -62.70 -24.19
CA SER F 2346 43.07 -62.05 -23.27
C SER F 2346 41.95 -61.36 -24.03
N VAL F 2347 40.72 -61.54 -23.56
CA VAL F 2347 39.54 -60.88 -24.15
C VAL F 2347 39.41 -59.54 -23.46
N GLU F 2348 39.91 -58.47 -24.10
CA GLU F 2348 39.96 -57.17 -23.46
C GLU F 2348 38.59 -56.75 -22.92
N GLU F 2349 37.53 -57.00 -23.67
CA GLU F 2349 36.21 -56.55 -23.27
C GLU F 2349 35.83 -57.10 -21.90
N ASN F 2350 36.07 -58.39 -21.68
CA ASN F 2350 35.78 -58.99 -20.38
C ASN F 2350 36.84 -58.67 -19.33
N ALA F 2351 38.10 -58.56 -19.74
CA ALA F 2351 39.18 -58.34 -18.77
C ALA F 2351 39.03 -56.98 -18.09
N ASN F 2352 38.74 -55.94 -18.87
CA ASN F 2352 38.58 -54.62 -18.26
C ASN F 2352 37.41 -54.59 -17.29
N VAL F 2353 36.29 -55.19 -17.68
CA VAL F 2353 35.12 -55.23 -16.82
C VAL F 2353 35.45 -55.96 -15.52
N VAL F 2354 36.12 -57.10 -15.63
CA VAL F 2354 36.44 -57.90 -14.45
C VAL F 2354 37.35 -57.12 -13.52
N VAL F 2355 38.37 -56.47 -14.08
CA VAL F 2355 39.30 -55.72 -13.25
C VAL F 2355 38.57 -54.60 -12.52
N ARG F 2356 37.69 -53.89 -13.23
CA ARG F 2356 36.97 -52.80 -12.59
C ARG F 2356 36.06 -53.29 -11.49
N LEU F 2357 35.35 -54.41 -11.71
CA LEU F 2357 34.51 -54.96 -10.65
C LEU F 2357 35.35 -55.35 -9.44
N LEU F 2358 36.48 -56.01 -9.67
CA LEU F 2358 37.31 -56.45 -8.55
C LEU F 2358 37.81 -55.26 -7.75
N ILE F 2359 38.27 -54.20 -8.41
CA ILE F 2359 38.73 -53.04 -7.65
C ILE F 2359 37.57 -52.35 -6.95
N ARG F 2360 36.37 -52.36 -7.53
CA ARG F 2360 35.23 -51.78 -6.84
C ARG F 2360 34.79 -52.58 -5.63
N LYS F 2361 35.15 -53.86 -5.54
CA LYS F 2361 34.90 -54.67 -4.36
C LYS F 2361 36.22 -55.25 -3.84
N PRO F 2362 36.99 -54.46 -3.09
CA PRO F 2362 38.34 -54.88 -2.71
C PRO F 2362 38.38 -56.15 -1.86
N GLU F 2363 37.28 -56.51 -1.23
CA GLU F 2363 37.25 -57.73 -0.44
C GLU F 2363 37.50 -58.97 -1.28
N CYS F 2364 37.30 -58.87 -2.60
CA CYS F 2364 37.57 -59.97 -3.51
C CYS F 2364 39.04 -60.30 -3.63
N PHE F 2365 39.93 -59.47 -3.12
CA PHE F 2365 41.36 -59.71 -3.21
C PHE F 2365 41.91 -60.50 -2.03
N GLY F 2366 41.08 -60.80 -1.04
CA GLY F 2366 41.53 -61.53 0.13
C GLY F 2366 42.09 -60.59 1.17
N PRO F 2367 42.15 -61.06 2.42
CA PRO F 2367 42.60 -60.18 3.51
C PRO F 2367 44.03 -59.70 3.36
N ALA F 2368 44.86 -60.38 2.58
CA ALA F 2368 46.25 -59.99 2.42
C ALA F 2368 46.41 -58.70 1.63
N LEU F 2369 45.67 -58.57 0.53
CA LEU F 2369 45.78 -57.41 -0.33
C LEU F 2369 44.89 -56.26 0.12
N ARG F 2370 44.44 -56.26 1.37
CA ARG F 2370 43.69 -55.14 1.90
C ARG F 2370 44.61 -53.93 2.04
N GLY F 2371 44.04 -52.75 1.83
CA GLY F 2371 44.84 -51.54 1.88
C GLY F 2371 45.41 -51.27 3.26
N GLU F 2372 44.56 -51.27 4.28
CA GLU F 2372 44.97 -50.84 5.60
C GLU F 2372 45.75 -51.91 6.35
N GLY F 2373 45.09 -53.03 6.64
CA GLY F 2373 45.71 -54.06 7.44
C GLY F 2373 46.41 -55.14 6.64
N GLY F 2374 46.46 -54.97 5.33
CA GLY F 2374 47.06 -55.99 4.49
C GLY F 2374 48.52 -56.22 4.82
N SER F 2375 48.90 -57.49 4.83
CA SER F 2375 50.29 -57.87 5.06
C SER F 2375 51.09 -58.04 3.78
N GLY F 2376 50.44 -58.01 2.63
CA GLY F 2376 51.12 -58.21 1.37
C GLY F 2376 51.06 -59.67 0.93
N LEU F 2377 51.26 -59.87 -0.37
CA LEU F 2377 51.14 -61.21 -0.94
C LEU F 2377 52.22 -62.14 -0.39
N LEU F 2378 53.46 -61.65 -0.33
CA LEU F 2378 54.55 -62.49 0.16
C LEU F 2378 54.34 -62.90 1.61
N ALA F 2379 53.95 -61.94 2.44
CA ALA F 2379 53.68 -62.24 3.84
C ALA F 2379 52.52 -63.22 3.95
N ALA F 2380 51.49 -63.05 3.12
CA ALA F 2380 50.37 -63.97 3.14
C ALA F 2380 50.80 -65.39 2.82
N ILE F 2381 51.63 -65.55 1.79
CA ILE F 2381 52.07 -66.89 1.42
C ILE F 2381 52.94 -67.50 2.51
N GLU F 2382 53.83 -66.70 3.12
CA GLU F 2382 54.66 -67.23 4.19
C GLU F 2382 53.82 -67.65 5.39
N GLU F 2383 52.84 -66.83 5.74
CA GLU F 2383 51.94 -67.19 6.84
C GLU F 2383 51.16 -68.45 6.50
N ALA F 2384 50.75 -68.62 5.24
CA ALA F 2384 50.07 -69.84 4.85
C ALA F 2384 50.99 -71.05 5.00
N ILE F 2385 52.25 -70.90 4.64
CA ILE F 2385 53.21 -72.00 4.82
C ILE F 2385 53.31 -72.36 6.30
N ARG F 2386 53.41 -71.36 7.17
CA ARG F 2386 53.49 -71.64 8.60
C ARG F 2386 52.21 -72.33 9.09
N ILE F 2387 51.05 -71.89 8.59
CA ILE F 2387 49.80 -72.54 8.97
C ILE F 2387 49.82 -74.00 8.56
N SER F 2388 50.28 -74.29 7.34
CA SER F 2388 50.34 -75.66 6.88
C SER F 2388 51.27 -76.49 7.76
N GLU F 2389 52.43 -75.93 8.12
CA GLU F 2389 53.36 -76.66 8.96
C GLU F 2389 52.79 -76.93 10.34
N ASP F 2390 52.00 -75.99 10.87
CA ASP F 2390 51.46 -76.12 12.22
C ASP F 2390 50.07 -76.73 12.18
N PRO F 2391 49.85 -77.92 12.73
CA PRO F 2391 48.48 -78.41 12.88
C PRO F 2391 47.71 -77.63 13.92
N ALA F 2392 46.41 -77.88 14.04
CA ALA F 2392 45.54 -77.16 14.95
C ALA F 2392 45.25 -75.75 14.44
N ARG F 2393 45.92 -75.37 13.35
CA ARG F 2393 45.57 -74.17 12.60
C ARG F 2393 45.35 -74.46 11.13
N ASP F 2394 45.81 -75.60 10.64
CA ASP F 2394 45.59 -76.01 9.26
C ASP F 2394 44.33 -76.82 9.08
N GLY F 2395 43.85 -77.46 10.14
CA GLY F 2395 42.65 -78.26 10.07
C GLY F 2395 42.02 -78.46 11.43
N PRO F 2396 40.96 -79.28 11.48
CA PRO F 2396 40.30 -79.51 12.77
C PRO F 2396 41.21 -80.12 13.82
N GLY F 2397 42.17 -80.94 13.42
CA GLY F 2397 43.06 -81.59 14.37
C GLY F 2397 42.34 -82.55 15.27
N VAL F 2398 41.44 -83.35 14.70
CA VAL F 2398 40.65 -84.30 15.48
C VAL F 2398 41.11 -85.72 15.20
N PRO F 2411 38.69 -88.91 8.23
CA PRO F 2411 39.25 -88.02 7.22
C PRO F 2411 39.45 -88.72 5.87
N PRO F 2412 38.39 -88.76 5.04
CA PRO F 2412 38.48 -89.51 3.78
C PRO F 2412 39.64 -89.07 2.89
N GLU F 2413 39.69 -87.78 2.53
CA GLU F 2413 40.78 -87.27 1.68
C GLU F 2413 41.89 -86.68 2.53
N GLU F 2414 42.34 -87.47 3.51
CA GLU F 2414 43.42 -87.05 4.41
C GLU F 2414 43.11 -85.66 4.96
N ASN F 2415 42.00 -85.55 5.69
CA ASN F 2415 41.53 -84.30 6.29
C ASN F 2415 40.87 -83.37 5.29
N ARG F 2416 40.47 -83.86 4.12
CA ARG F 2416 39.81 -83.01 3.13
C ARG F 2416 40.58 -81.71 2.89
N VAL F 2417 40.14 -80.61 3.49
CA VAL F 2417 40.69 -79.31 3.18
C VAL F 2417 41.82 -78.99 4.14
N HIS F 2418 42.90 -78.44 3.61
CA HIS F 2418 44.02 -77.93 4.40
C HIS F 2418 44.04 -76.42 4.21
N LEU F 2419 44.00 -75.68 5.32
CA LEU F 2419 43.79 -74.24 5.22
C LEU F 2419 45.00 -73.54 4.61
N GLY F 2420 46.20 -73.96 4.94
CA GLY F 2420 47.36 -73.33 4.36
C GLY F 2420 47.38 -73.46 2.86
N HIS F 2421 47.16 -74.68 2.38
CA HIS F 2421 47.11 -74.91 0.95
C HIS F 2421 45.95 -74.16 0.32
N ALA F 2422 44.82 -74.07 1.00
CA ALA F 2422 43.67 -73.35 0.46
C ALA F 2422 43.99 -71.87 0.28
N ILE F 2423 44.65 -71.27 1.26
CA ILE F 2423 45.01 -69.86 1.17
C ILE F 2423 45.99 -69.65 0.02
N MET F 2424 47.03 -70.49 -0.05
CA MET F 2424 47.99 -70.35 -1.13
C MET F 2424 47.31 -70.52 -2.49
N SER F 2425 46.39 -71.47 -2.61
CA SER F 2425 45.71 -71.69 -3.87
C SER F 2425 44.83 -70.51 -4.23
N PHE F 2426 44.15 -69.92 -3.25
CA PHE F 2426 43.34 -68.74 -3.55
C PHE F 2426 44.21 -67.62 -4.10
N TYR F 2427 45.33 -67.34 -3.44
CA TYR F 2427 46.16 -66.23 -3.91
C TYR F 2427 46.79 -66.55 -5.26
N ALA F 2428 47.16 -67.80 -5.48
CA ALA F 2428 47.68 -68.19 -6.79
C ALA F 2428 46.64 -67.99 -7.87
N ALA F 2429 45.39 -68.38 -7.59
CA ALA F 2429 44.33 -68.21 -8.57
C ALA F 2429 44.06 -66.75 -8.85
N LEU F 2430 44.10 -65.92 -7.80
CA LEU F 2430 43.89 -64.49 -8.00
C LEU F 2430 44.99 -63.88 -8.86
N ILE F 2431 46.24 -64.21 -8.58
CA ILE F 2431 47.33 -63.68 -9.38
C ILE F 2431 47.25 -64.19 -10.81
N ASP F 2432 46.85 -65.45 -11.00
CA ASP F 2432 46.66 -65.98 -12.34
C ASP F 2432 45.58 -65.20 -13.08
N LEU F 2433 44.46 -64.93 -12.41
CA LEU F 2433 43.38 -64.20 -13.06
C LEU F 2433 43.82 -62.80 -13.45
N LEU F 2434 44.55 -62.11 -12.57
CA LEU F 2434 45.00 -60.77 -12.90
C LEU F 2434 46.02 -60.79 -14.04
N GLY F 2435 46.93 -61.75 -14.04
CA GLY F 2435 47.88 -61.86 -15.13
C GLY F 2435 47.17 -62.10 -16.46
N ARG F 2436 46.13 -62.91 -16.45
CA ARG F 2436 45.36 -63.17 -17.65
C ARG F 2436 44.50 -61.98 -18.06
N CYS F 2437 44.10 -61.13 -17.12
CA CYS F 2437 43.43 -59.89 -17.45
C CYS F 2437 44.38 -58.83 -17.99
N ALA F 2438 45.68 -59.01 -17.78
CA ALA F 2438 46.63 -58.04 -18.29
C ALA F 2438 46.51 -57.90 -19.81
N PRO F 2439 46.73 -56.71 -20.36
CA PRO F 2439 46.52 -56.52 -21.80
C PRO F 2439 47.57 -57.20 -22.65
N GLU F 2440 47.32 -57.21 -23.95
CA GLU F 2440 48.24 -57.85 -24.89
C GLU F 2440 49.34 -56.90 -25.34
N THR F 2441 50.46 -57.50 -25.77
CA THR F 2441 51.63 -56.71 -26.12
C THR F 2441 51.36 -55.83 -27.34
N HIS F 2442 50.55 -56.31 -28.29
CA HIS F 2442 50.29 -55.50 -29.47
C HIS F 2442 49.49 -54.25 -29.10
N LEU F 2443 48.51 -54.39 -28.20
CA LEU F 2443 47.79 -53.22 -27.72
C LEU F 2443 48.74 -52.27 -27.00
N ILE F 2444 49.63 -52.81 -26.17
CA ILE F 2444 50.58 -51.95 -25.47
C ILE F 2444 51.46 -51.20 -26.47
N GLN F 2445 51.94 -51.89 -27.50
CA GLN F 2445 52.77 -51.25 -28.51
C GLN F 2445 52.01 -50.15 -29.24
N ALA F 2446 50.75 -50.43 -29.60
CA ALA F 2446 49.92 -49.40 -30.19
C ALA F 2446 49.60 -48.29 -29.20
N GLY F 2447 49.90 -48.49 -27.92
CA GLY F 2447 49.74 -47.43 -26.94
C GLY F 2447 48.31 -47.07 -26.65
N LYS F 2448 47.42 -48.05 -26.57
CA LYS F 2448 46.04 -47.77 -26.22
C LYS F 2448 45.94 -47.27 -24.80
N GLY F 2449 45.20 -46.19 -24.61
CA GLY F 2449 45.07 -45.61 -23.27
C GLY F 2449 44.45 -46.58 -22.28
N GLU F 2450 43.41 -47.29 -22.71
CA GLU F 2450 42.75 -48.24 -21.82
C GLU F 2450 43.69 -49.37 -21.43
N ALA F 2451 44.44 -49.91 -22.39
CA ALA F 2451 45.38 -50.97 -22.09
C ALA F 2451 46.45 -50.51 -21.12
N LEU F 2452 46.99 -49.31 -21.35
CA LEU F 2452 48.01 -48.79 -20.44
C LEU F 2452 47.44 -48.58 -19.05
N ARG F 2453 46.22 -48.06 -18.95
CA ARG F 2453 45.61 -47.85 -17.65
C ARG F 2453 45.40 -49.17 -16.92
N ILE F 2454 44.92 -50.19 -17.63
CA ILE F 2454 44.69 -51.48 -16.99
C ILE F 2454 46.00 -52.07 -16.50
N ARG F 2455 47.05 -52.00 -17.32
CA ARG F 2455 48.34 -52.52 -16.88
C ARG F 2455 48.87 -51.76 -15.68
N ALA F 2456 48.70 -50.45 -15.65
CA ALA F 2456 49.12 -49.67 -14.49
C ALA F 2456 48.36 -50.09 -13.25
N ILE F 2457 47.06 -50.31 -13.37
CA ILE F 2457 46.28 -50.74 -12.21
C ILE F 2457 46.78 -52.07 -11.69
N LEU F 2458 47.04 -53.02 -12.59
CA LEU F 2458 47.52 -54.33 -12.15
C LEU F 2458 48.89 -54.22 -11.49
N ARG F 2459 49.78 -53.41 -12.07
CA ARG F 2459 51.09 -53.19 -11.47
C ARG F 2459 50.97 -52.58 -10.08
N SER F 2460 50.02 -51.67 -9.89
CA SER F 2460 49.79 -51.11 -8.56
C SER F 2460 49.24 -52.12 -7.59
N LEU F 2461 48.38 -53.03 -8.06
CA LEU F 2461 47.85 -54.05 -7.17
C LEU F 2461 48.95 -54.98 -6.67
N VAL F 2462 49.79 -55.48 -7.57
CA VAL F 2462 50.77 -56.50 -7.23
C VAL F 2462 52.18 -55.93 -7.36
N PRO F 2463 52.94 -55.80 -6.27
CA PRO F 2463 54.33 -55.37 -6.40
C PRO F 2463 55.20 -56.45 -7.04
N LEU F 2464 56.29 -56.01 -7.65
CA LEU F 2464 57.21 -56.94 -8.30
C LEU F 2464 58.04 -57.70 -7.27
N ASP F 2465 58.43 -57.04 -6.18
CA ASP F 2465 59.22 -57.69 -5.16
C ASP F 2465 58.46 -58.85 -4.53
N ASP F 2466 57.15 -58.71 -4.35
CA ASP F 2466 56.37 -59.82 -3.81
C ASP F 2466 56.37 -61.02 -4.75
N LEU F 2467 56.22 -60.77 -6.05
CA LEU F 2467 56.26 -61.86 -7.02
C LEU F 2467 57.60 -62.56 -6.98
N VAL F 2468 58.68 -61.78 -6.96
CA VAL F 2468 60.02 -62.39 -6.93
C VAL F 2468 60.21 -63.16 -5.64
N GLY F 2469 59.71 -62.64 -4.52
CA GLY F 2469 59.86 -63.35 -3.26
C GLY F 2469 59.13 -64.68 -3.27
N ILE F 2470 57.90 -64.69 -3.77
CA ILE F 2470 57.16 -65.94 -3.83
C ILE F 2470 57.87 -66.93 -4.76
N ILE F 2471 58.34 -66.44 -5.91
CA ILE F 2471 59.08 -67.32 -6.82
C ILE F 2471 60.34 -67.85 -6.17
N SER F 2472 60.93 -67.09 -5.26
CA SER F 2472 62.15 -67.50 -4.57
C SER F 2472 61.89 -68.39 -3.36
N LEU F 2473 60.64 -68.49 -2.90
CA LEU F 2473 60.37 -69.32 -1.74
C LEU F 2473 60.78 -70.76 -2.04
N PRO F 2474 61.37 -71.47 -1.08
CA PRO F 2474 61.83 -72.83 -1.36
C PRO F 2474 60.71 -73.85 -1.30
N LEU F 2475 60.87 -74.91 -2.09
CA LEU F 2475 59.94 -76.02 -2.13
C LEU F 2475 60.54 -77.21 -1.38
N GLN F 2476 59.66 -78.02 -0.81
CA GLN F 2476 60.08 -79.24 -0.12
C GLN F 2476 60.20 -80.36 -1.15
N ILE F 2477 61.41 -80.88 -1.32
CA ILE F 2477 61.66 -81.89 -2.35
C ILE F 2477 61.68 -83.27 -1.72
N PRO F 2478 61.29 -84.32 -2.45
CA PRO F 2478 61.38 -85.66 -1.88
C PRO F 2478 62.81 -86.01 -1.52
N THR F 2479 62.98 -86.74 -0.42
CA THR F 2479 64.29 -87.13 0.06
C THR F 2479 64.23 -88.58 0.55
N LEU F 2480 65.41 -89.17 0.71
CA LEU F 2480 65.54 -90.54 1.19
C LEU F 2480 66.15 -90.49 2.59
N GLY F 2481 65.33 -90.78 3.59
CA GLY F 2481 65.78 -90.87 4.96
C GLY F 2481 65.67 -92.28 5.52
N LYS F 2482 66.18 -92.43 6.73
CA LYS F 2482 66.20 -93.71 7.42
C LYS F 2482 66.83 -94.74 6.48
N ASP F 2483 66.06 -95.74 6.04
CA ASP F 2483 66.51 -96.69 5.04
C ASP F 2483 65.34 -96.95 4.10
N GLY F 2484 65.39 -96.36 2.91
CA GLY F 2484 64.30 -96.50 1.97
C GLY F 2484 63.08 -95.69 2.32
N ALA F 2485 63.20 -94.72 3.23
CA ALA F 2485 62.06 -93.91 3.64
C ALA F 2485 61.97 -92.72 2.70
N LEU F 2486 61.01 -92.76 1.78
CA LEU F 2486 60.75 -91.63 0.89
C LEU F 2486 59.93 -90.60 1.66
N VAL F 2487 60.57 -89.50 2.04
CA VAL F 2487 59.86 -88.43 2.75
C VAL F 2487 59.26 -87.51 1.72
N GLN F 2488 58.10 -87.87 1.20
CA GLN F 2488 57.46 -87.07 0.17
C GLN F 2488 56.57 -86.01 0.80
N PRO F 2489 56.62 -84.77 0.32
CA PRO F 2489 55.69 -83.76 0.81
C PRO F 2489 54.26 -84.10 0.41
N LYS F 2490 53.31 -83.72 1.27
CA LYS F 2490 51.90 -83.89 0.96
C LYS F 2490 51.49 -82.76 0.02
N MET F 2491 51.31 -83.11 -1.25
CA MET F 2491 51.06 -82.08 -2.26
C MET F 2491 49.80 -81.29 -1.95
N SER F 2492 48.75 -81.96 -1.50
CA SER F 2492 47.48 -81.31 -1.22
C SER F 2492 47.50 -80.50 0.07
N ALA F 2493 48.64 -80.38 0.74
CA ALA F 2493 48.71 -79.68 2.02
C ALA F 2493 49.94 -78.81 2.15
N SER F 2494 50.64 -78.51 1.06
CA SER F 2494 51.89 -77.77 1.14
C SER F 2494 51.99 -76.80 -0.03
N PHE F 2495 53.09 -76.06 -0.04
CA PHE F 2495 53.40 -75.13 -1.13
C PHE F 2495 53.91 -75.90 -2.33
N VAL F 2496 53.27 -75.73 -3.47
CA VAL F 2496 53.57 -76.53 -4.66
C VAL F 2496 53.94 -75.64 -5.82
N PRO F 2497 54.64 -76.16 -6.85
CA PRO F 2497 55.04 -75.30 -7.97
C PRO F 2497 53.88 -74.71 -8.74
N ASP F 2498 52.69 -75.30 -8.65
CA ASP F 2498 51.53 -74.70 -9.31
C ASP F 2498 51.25 -73.31 -8.76
N HIS F 2499 51.66 -73.04 -7.52
CA HIS F 2499 51.48 -71.71 -6.95
C HIS F 2499 52.46 -70.73 -7.57
N LYS F 2500 53.68 -71.16 -7.83
CA LYS F 2500 54.67 -70.29 -8.46
C LYS F 2500 54.38 -70.08 -9.93
N ALA F 2501 53.68 -71.02 -10.57
CA ALA F 2501 53.37 -70.85 -11.98
C ALA F 2501 52.53 -69.61 -12.22
N SER F 2502 51.55 -69.35 -11.35
CA SER F 2502 50.73 -68.16 -11.49
C SER F 2502 51.56 -66.90 -11.31
N MET F 2503 52.47 -66.90 -10.35
CA MET F 2503 53.34 -65.74 -10.17
C MET F 2503 54.19 -65.49 -11.41
N VAL F 2504 54.71 -66.56 -12.00
CA VAL F 2504 55.50 -66.40 -13.23
C VAL F 2504 54.64 -65.84 -14.35
N LEU F 2505 53.41 -66.33 -14.49
CA LEU F 2505 52.52 -65.83 -15.53
C LEU F 2505 52.26 -64.34 -15.35
N PHE F 2506 51.95 -63.92 -14.12
CA PHE F 2506 51.71 -62.51 -13.84
C PHE F 2506 52.95 -61.69 -14.13
N LEU F 2507 54.11 -62.17 -13.69
CA LEU F 2507 55.34 -61.43 -13.90
C LEU F 2507 55.63 -61.25 -15.38
N ASP F 2508 55.40 -62.29 -16.18
CA ASP F 2508 55.71 -62.21 -17.60
C ASP F 2508 54.70 -61.38 -18.37
N ARG F 2509 53.43 -61.38 -17.95
CA ARG F 2509 52.42 -60.66 -18.72
C ARG F 2509 52.24 -59.22 -18.30
N VAL F 2510 52.42 -58.90 -17.03
CA VAL F 2510 52.16 -57.55 -16.52
C VAL F 2510 53.45 -56.75 -16.49
N TYR F 2511 54.42 -57.22 -15.69
CA TYR F 2511 55.67 -56.49 -15.58
C TYR F 2511 56.57 -56.77 -16.78
N GLY F 2512 56.71 -58.04 -17.16
CA GLY F 2512 57.54 -58.38 -18.28
C GLY F 2512 59.01 -58.29 -17.93
N ILE F 2513 59.85 -59.11 -18.55
CA ILE F 2513 61.29 -59.05 -18.37
C ILE F 2513 61.89 -58.35 -19.57
N GLU F 2514 62.54 -57.23 -19.33
CA GLU F 2514 63.15 -56.44 -20.40
C GLU F 2514 64.57 -55.99 -20.10
N ASN F 2515 65.09 -56.28 -18.91
CA ASN F 2515 66.41 -55.84 -18.51
C ASN F 2515 67.28 -57.04 -18.15
N GLN F 2516 68.52 -57.03 -18.63
CA GLN F 2516 69.41 -58.16 -18.39
C GLN F 2516 69.70 -58.32 -16.91
N ASP F 2517 69.87 -57.22 -16.18
CA ASP F 2517 70.14 -57.32 -14.75
C ASP F 2517 68.98 -58.00 -14.03
N PHE F 2518 67.75 -57.60 -14.34
CA PHE F 2518 66.60 -58.22 -13.69
C PHE F 2518 66.49 -59.69 -14.07
N LEU F 2519 66.74 -60.01 -15.34
CA LEU F 2519 66.69 -61.40 -15.76
C LEU F 2519 67.68 -62.24 -14.97
N LEU F 2520 68.92 -61.74 -14.85
CA LEU F 2520 69.92 -62.49 -14.12
C LEU F 2520 69.57 -62.62 -12.65
N HIS F 2521 69.02 -61.56 -12.06
CA HIS F 2521 68.64 -61.61 -10.65
C HIS F 2521 67.55 -62.65 -10.42
N VAL F 2522 66.50 -62.64 -11.23
CA VAL F 2522 65.42 -63.58 -11.03
C VAL F 2522 65.90 -65.00 -11.31
N LEU F 2523 66.77 -65.18 -12.30
CA LEU F 2523 67.33 -66.50 -12.53
C LEU F 2523 68.12 -66.97 -11.32
N ASP F 2524 68.97 -66.12 -10.77
CA ASP F 2524 69.83 -66.52 -9.68
C ASP F 2524 69.03 -66.88 -8.45
N VAL F 2525 68.00 -66.10 -8.12
CA VAL F 2525 67.27 -66.30 -6.88
C VAL F 2525 66.13 -67.32 -7.00
N GLY F 2526 65.32 -67.24 -8.05
CA GLY F 2526 64.12 -68.05 -8.10
C GLY F 2526 64.13 -69.23 -9.04
N PHE F 2527 64.64 -69.06 -10.26
CA PHE F 2527 64.50 -70.10 -11.28
C PHE F 2527 65.58 -71.16 -11.14
N LEU F 2528 66.83 -70.75 -11.07
CA LEU F 2528 67.92 -71.73 -11.06
C LEU F 2528 67.81 -72.71 -9.92
N PRO F 2529 67.49 -72.31 -8.68
CA PRO F 2529 67.32 -73.31 -7.62
C PRO F 2529 66.26 -74.36 -7.96
N ASP F 2530 65.15 -73.97 -8.56
CA ASP F 2530 64.12 -74.94 -8.91
C ASP F 2530 64.55 -75.82 -10.07
N MET F 2531 65.26 -75.25 -11.05
CA MET F 2531 65.81 -76.09 -12.11
C MET F 2531 66.77 -77.12 -11.56
N ARG F 2532 67.63 -76.70 -10.63
CA ARG F 2532 68.57 -77.64 -10.03
C ARG F 2532 67.84 -78.70 -9.23
N ALA F 2533 66.79 -78.33 -8.51
CA ALA F 2533 66.02 -79.33 -7.76
C ALA F 2533 65.38 -80.33 -8.70
N ALA F 2534 64.78 -79.86 -9.79
CA ALA F 2534 64.16 -80.76 -10.75
C ALA F 2534 65.19 -81.68 -11.39
N ALA F 2535 66.37 -81.14 -11.70
CA ALA F 2535 67.43 -81.96 -12.27
C ALA F 2535 67.89 -83.02 -11.28
N SER F 2536 68.05 -82.63 -10.01
CA SER F 2536 68.50 -83.58 -9.00
C SER F 2536 67.46 -84.66 -8.71
N LEU F 2537 66.19 -84.37 -8.92
CA LEU F 2537 65.13 -85.36 -8.73
C LEU F 2537 64.95 -86.25 -9.95
N ASP F 2538 65.95 -86.35 -10.81
CA ASP F 2538 65.87 -87.18 -12.00
C ASP F 2538 66.38 -88.60 -11.76
N THR F 2539 66.73 -88.94 -10.52
CA THR F 2539 67.16 -90.30 -10.23
C THR F 2539 66.00 -91.27 -10.41
N ALA F 2540 66.33 -92.56 -10.55
CA ALA F 2540 65.30 -93.57 -10.77
C ALA F 2540 64.31 -93.64 -9.61
N THR F 2541 64.78 -93.38 -8.39
CA THR F 2541 63.88 -93.47 -7.24
C THR F 2541 62.91 -92.30 -7.19
N PHE F 2542 63.39 -91.08 -7.44
CA PHE F 2542 62.57 -89.88 -7.31
C PHE F 2542 61.95 -89.45 -8.64
N SER F 2543 62.27 -90.11 -9.74
CA SER F 2543 61.92 -89.57 -11.05
C SER F 2543 60.42 -89.35 -11.19
N THR F 2544 59.61 -90.28 -10.69
CA THR F 2544 58.16 -90.25 -10.89
C THR F 2544 57.41 -89.75 -9.66
N THR F 2545 58.11 -89.19 -8.68
CA THR F 2545 57.43 -88.67 -7.51
C THR F 2545 56.50 -87.54 -7.91
N GLU F 2546 55.49 -87.30 -7.07
CA GLU F 2546 54.52 -86.25 -7.37
C GLU F 2546 55.21 -84.89 -7.46
N MET F 2547 56.12 -84.60 -6.52
CA MET F 2547 56.81 -83.33 -6.54
C MET F 2547 57.69 -83.21 -7.78
N ALA F 2548 58.34 -84.29 -8.18
CA ALA F 2548 59.18 -84.25 -9.37
C ALA F 2548 58.35 -83.96 -10.61
N LEU F 2549 57.21 -84.64 -10.76
CA LEU F 2549 56.35 -84.38 -11.91
C LEU F 2549 55.79 -82.97 -11.88
N ALA F 2550 55.41 -82.47 -10.70
CA ALA F 2550 54.93 -81.10 -10.59
C ALA F 2550 56.01 -80.10 -10.98
N LEU F 2551 57.25 -80.34 -10.54
CA LEU F 2551 58.35 -79.45 -10.92
C LEU F 2551 58.57 -79.48 -12.42
N ASN F 2552 58.49 -80.67 -13.03
CA ASN F 2552 58.63 -80.74 -14.48
C ASN F 2552 57.55 -79.93 -15.17
N ARG F 2553 56.30 -80.08 -14.74
CA ARG F 2553 55.22 -79.30 -15.34
C ARG F 2553 55.46 -77.81 -15.18
N TYR F 2554 55.84 -77.39 -13.99
CA TYR F 2554 56.08 -75.97 -13.73
C TYR F 2554 57.19 -75.44 -14.64
N LEU F 2555 58.31 -76.15 -14.72
CA LEU F 2555 59.41 -75.69 -15.53
C LEU F 2555 59.04 -75.63 -17.01
N CYS F 2556 58.32 -76.63 -17.50
CA CYS F 2556 58.03 -76.70 -18.92
C CYS F 2556 56.85 -75.86 -19.34
N LEU F 2557 56.04 -75.37 -18.41
CA LEU F 2557 54.89 -74.53 -18.75
C LEU F 2557 55.10 -73.06 -18.42
N ALA F 2558 55.91 -72.72 -17.42
CA ALA F 2558 56.06 -71.33 -17.03
C ALA F 2558 57.50 -70.85 -17.18
N VAL F 2559 58.44 -71.58 -16.61
CA VAL F 2559 59.80 -71.06 -16.46
C VAL F 2559 60.53 -71.09 -17.80
N LEU F 2560 60.72 -72.27 -18.35
CA LEU F 2560 61.56 -72.40 -19.55
C LEU F 2560 61.04 -71.59 -20.72
N PRO F 2561 59.74 -71.56 -21.02
CA PRO F 2561 59.26 -70.69 -22.09
C PRO F 2561 59.67 -69.23 -21.89
N LEU F 2562 59.64 -68.77 -20.64
CA LEU F 2562 60.02 -67.39 -20.37
C LEU F 2562 61.50 -67.15 -20.66
N ILE F 2563 62.36 -68.09 -20.26
CA ILE F 2563 63.78 -67.95 -20.55
C ILE F 2563 64.02 -68.00 -22.05
N THR F 2564 63.28 -68.86 -22.75
CA THR F 2564 63.39 -68.90 -24.21
C THR F 2564 63.02 -67.55 -24.81
N LYS F 2565 61.94 -66.93 -24.32
CA LYS F 2565 61.55 -65.63 -24.82
C LYS F 2565 62.59 -64.57 -24.51
N CYS F 2566 63.25 -64.67 -23.35
CA CYS F 2566 64.24 -63.70 -22.93
C CYS F 2566 65.65 -64.07 -23.36
N ALA F 2567 65.80 -65.08 -24.22
CA ALA F 2567 67.13 -65.50 -24.64
C ALA F 2567 67.95 -64.37 -25.22
N PRO F 2568 67.42 -63.48 -26.05
CA PRO F 2568 68.26 -62.42 -26.63
C PRO F 2568 68.99 -61.59 -25.60
N LEU F 2569 68.49 -61.51 -24.37
CA LEU F 2569 69.11 -60.71 -23.33
C LEU F 2569 70.38 -61.31 -22.77
N PHE F 2570 70.73 -62.54 -23.15
CA PHE F 2570 71.91 -63.19 -22.63
C PHE F 2570 73.19 -62.79 -23.37
N ALA F 2571 73.07 -62.02 -24.45
CA ALA F 2571 74.25 -61.53 -25.15
C ALA F 2571 74.98 -60.52 -24.27
N GLY F 2572 76.27 -60.74 -24.07
CA GLY F 2572 77.06 -59.82 -23.28
C GLY F 2572 77.01 -60.07 -21.79
N THR F 2573 76.69 -61.30 -21.36
CA THR F 2573 76.57 -61.64 -19.95
C THR F 2573 77.88 -62.21 -19.40
N GLU F 2574 79.02 -61.78 -19.94
CA GLU F 2574 80.30 -62.35 -19.51
C GLU F 2574 80.53 -62.17 -18.03
N HIS F 2575 79.98 -61.10 -17.43
CA HIS F 2575 80.21 -60.87 -16.01
C HIS F 2575 79.66 -62.02 -15.16
N ARG F 2576 78.45 -62.48 -15.46
CA ARG F 2576 77.86 -63.61 -14.74
C ARG F 2576 78.11 -64.92 -15.48
N ALA F 2577 79.38 -65.15 -15.83
CA ALA F 2577 79.74 -66.30 -16.63
C ALA F 2577 79.47 -67.60 -15.89
N ILE F 2578 79.79 -67.64 -14.59
CA ILE F 2578 79.60 -68.87 -13.82
C ILE F 2578 78.11 -69.23 -13.76
N MET F 2579 77.27 -68.23 -13.49
CA MET F 2579 75.83 -68.48 -13.43
C MET F 2579 75.30 -68.94 -14.77
N VAL F 2580 75.75 -68.31 -15.85
CA VAL F 2580 75.27 -68.70 -17.18
C VAL F 2580 75.69 -70.14 -17.49
N ASP F 2581 76.93 -70.50 -17.17
CA ASP F 2581 77.41 -71.84 -17.44
C ASP F 2581 76.61 -72.87 -16.64
N SER F 2582 76.35 -72.57 -15.36
CA SER F 2582 75.57 -73.49 -14.55
C SER F 2582 74.16 -73.63 -15.10
N MET F 2583 73.57 -72.53 -15.57
CA MET F 2583 72.24 -72.61 -16.16
C MET F 2583 72.25 -73.52 -17.38
N LEU F 2584 73.25 -73.36 -18.25
CA LEU F 2584 73.32 -74.22 -19.43
C LEU F 2584 73.46 -75.68 -19.05
N HIS F 2585 74.32 -75.98 -18.08
CA HIS F 2585 74.49 -77.36 -17.65
C HIS F 2585 73.19 -77.93 -17.09
N THR F 2586 72.48 -77.14 -16.28
CA THR F 2586 71.24 -77.62 -15.69
C THR F 2586 70.19 -77.88 -16.76
N VAL F 2587 70.07 -76.98 -17.74
CA VAL F 2587 69.09 -77.18 -18.79
C VAL F 2587 69.43 -78.42 -19.61
N TYR F 2588 70.71 -78.62 -19.89
CA TYR F 2588 71.11 -79.81 -20.63
C TYR F 2588 70.79 -81.08 -19.85
N ARG F 2589 71.07 -81.09 -18.56
CA ARG F 2589 70.77 -82.25 -17.74
C ARG F 2589 69.28 -82.51 -17.69
N LEU F 2590 68.46 -81.46 -17.61
CA LEU F 2590 67.02 -81.63 -17.66
C LEU F 2590 66.60 -82.26 -18.98
N SER F 2591 67.16 -81.78 -20.10
CA SER F 2591 66.82 -82.34 -21.39
C SER F 2591 67.16 -83.83 -21.43
N ARG F 2592 68.30 -84.20 -20.87
CA ARG F 2592 68.68 -85.61 -20.74
C ARG F 2592 68.03 -86.23 -19.51
N GLY F 2593 66.70 -86.17 -19.49
CA GLY F 2593 65.93 -86.60 -18.33
C GLY F 2593 64.91 -87.65 -18.69
N ARG F 2594 64.73 -88.61 -17.78
CA ARG F 2594 63.72 -89.64 -17.95
C ARG F 2594 62.36 -89.13 -17.47
N SER F 2595 61.32 -89.89 -17.78
CA SER F 2595 59.97 -89.60 -17.29
C SER F 2595 59.49 -88.23 -17.72
N LEU F 2596 59.97 -87.76 -18.87
CA LEU F 2596 59.54 -86.49 -19.44
C LEU F 2596 58.69 -86.75 -20.66
N THR F 2597 57.56 -86.06 -20.75
CA THR F 2597 56.71 -86.18 -21.93
C THR F 2597 57.44 -85.62 -23.15
N LYS F 2598 56.96 -86.00 -24.33
CA LYS F 2598 57.57 -85.51 -25.56
C LYS F 2598 57.46 -84.00 -25.65
N ALA F 2599 56.31 -83.44 -25.30
CA ALA F 2599 56.14 -81.99 -25.35
C ALA F 2599 57.10 -81.31 -24.38
N GLN F 2600 57.24 -81.86 -23.18
CA GLN F 2600 58.16 -81.29 -22.20
C GLN F 2600 59.59 -81.31 -22.73
N ARG F 2601 60.00 -82.43 -23.30
CA ARG F 2601 61.36 -82.53 -23.84
C ARG F 2601 61.55 -81.54 -24.98
N ASP F 2602 60.53 -81.36 -25.82
CA ASP F 2602 60.64 -80.38 -26.89
C ASP F 2602 60.81 -78.97 -26.34
N VAL F 2603 60.08 -78.65 -25.28
CA VAL F 2603 60.21 -77.33 -24.68
C VAL F 2603 61.63 -77.12 -24.15
N ILE F 2604 62.17 -78.12 -23.45
CA ILE F 2604 63.52 -77.98 -22.91
C ILE F 2604 64.53 -77.82 -24.03
N GLU F 2605 64.39 -78.61 -25.09
CA GLU F 2605 65.33 -78.51 -26.21
C GLU F 2605 65.24 -77.15 -26.87
N ASP F 2606 64.03 -76.63 -27.04
CA ASP F 2606 63.89 -75.29 -27.62
C ASP F 2606 64.57 -74.25 -26.75
N CYS F 2607 64.42 -74.37 -25.42
CA CYS F 2607 65.10 -73.43 -24.53
C CYS F 2607 66.61 -73.50 -24.72
N LEU F 2608 67.16 -74.71 -24.78
CA LEU F 2608 68.60 -74.86 -24.92
C LEU F 2608 69.10 -74.25 -26.21
N MET F 2609 68.41 -74.52 -27.32
CA MET F 2609 68.84 -73.98 -28.61
C MET F 2609 68.72 -72.47 -28.62
N ALA F 2610 67.64 -71.92 -28.06
CA ALA F 2610 67.49 -70.47 -28.01
C ALA F 2610 68.61 -69.83 -27.22
N LEU F 2611 68.96 -70.41 -26.07
CA LEU F 2611 70.05 -69.85 -25.28
C LEU F 2611 71.35 -69.88 -26.07
N CYS F 2612 71.69 -71.03 -26.64
CA CYS F 2612 72.95 -71.15 -27.36
C CYS F 2612 72.98 -70.30 -28.62
N ARG F 2613 71.83 -69.88 -29.15
CA ARG F 2613 71.83 -69.01 -30.32
C ARG F 2613 72.27 -67.59 -30.01
N TYR F 2614 72.33 -67.21 -28.74
CA TYR F 2614 72.70 -65.85 -28.37
C TYR F 2614 73.89 -65.77 -27.42
N ILE F 2615 74.14 -66.79 -26.61
CA ILE F 2615 75.29 -66.74 -25.71
C ILE F 2615 76.56 -66.67 -26.54
N ARG F 2616 77.56 -65.96 -26.01
CA ARG F 2616 78.81 -65.80 -26.74
C ARG F 2616 79.50 -67.14 -26.93
N PRO F 2617 80.21 -67.33 -28.04
CA PRO F 2617 80.83 -68.65 -28.28
C PRO F 2617 81.85 -69.04 -27.22
N SER F 2618 82.52 -68.09 -26.60
CA SER F 2618 83.52 -68.44 -25.59
C SER F 2618 82.87 -69.06 -24.36
N MET F 2619 81.65 -68.66 -24.03
CA MET F 2619 80.99 -69.15 -22.83
C MET F 2619 80.38 -70.53 -22.99
N LEU F 2620 80.36 -71.07 -24.21
CA LEU F 2620 79.84 -72.41 -24.45
C LEU F 2620 80.91 -73.48 -24.39
N GLN F 2621 82.11 -73.14 -23.90
CA GLN F 2621 83.20 -74.09 -23.88
C GLN F 2621 82.90 -75.29 -23.00
N HIS F 2622 82.31 -75.06 -21.83
CA HIS F 2622 82.04 -76.17 -20.92
C HIS F 2622 80.91 -77.05 -21.43
N LEU F 2623 79.89 -76.44 -22.05
CA LEU F 2623 78.86 -77.25 -22.67
C LEU F 2623 79.43 -78.08 -23.81
N LEU F 2624 80.35 -77.51 -24.59
CA LEU F 2624 81.01 -78.28 -25.62
C LEU F 2624 81.81 -79.43 -25.01
N ARG F 2625 82.43 -79.18 -23.86
CA ARG F 2625 83.15 -80.23 -23.15
C ARG F 2625 82.22 -81.37 -22.77
N ARG F 2626 81.04 -81.05 -22.25
CA ARG F 2626 80.08 -82.11 -21.90
C ARG F 2626 79.61 -82.87 -23.13
N LEU F 2627 79.34 -82.14 -24.23
CA LEU F 2627 78.87 -82.79 -25.43
C LEU F 2627 79.94 -83.65 -26.07
N VAL F 2628 81.22 -83.30 -25.91
CA VAL F 2628 82.29 -84.12 -26.45
C VAL F 2628 82.24 -85.52 -25.89
N PHE F 2629 81.75 -85.67 -24.65
CA PHE F 2629 81.59 -86.98 -24.06
C PHE F 2629 80.24 -87.60 -24.39
N ASP F 2630 79.16 -86.84 -24.33
CA ASP F 2630 77.83 -87.42 -24.51
C ASP F 2630 77.49 -87.77 -25.95
N VAL F 2631 77.83 -86.90 -26.91
CA VAL F 2631 77.37 -87.09 -28.28
C VAL F 2631 77.95 -88.33 -28.94
N PRO F 2632 79.25 -88.60 -28.86
CA PRO F 2632 79.84 -89.70 -29.64
C PRO F 2632 79.11 -91.04 -29.51
N ILE F 2633 78.33 -91.22 -28.44
CA ILE F 2633 77.61 -92.47 -28.26
C ILE F 2633 76.60 -92.68 -29.38
N LEU F 2634 76.04 -91.59 -29.91
CA LEU F 2634 75.09 -91.65 -31.02
C LEU F 2634 73.90 -92.52 -30.66
N ASN F 2635 73.45 -92.41 -29.41
CA ASN F 2635 72.21 -93.06 -28.99
C ASN F 2635 71.03 -92.17 -29.28
N GLU F 2636 69.85 -92.51 -28.75
CA GLU F 2636 68.67 -91.70 -29.00
C GLU F 2636 68.77 -90.31 -28.41
N PHE F 2637 69.45 -90.14 -27.29
CA PHE F 2637 69.59 -88.85 -26.65
C PHE F 2637 70.63 -87.95 -27.33
N ALA F 2638 71.19 -88.40 -28.45
CA ALA F 2638 72.15 -87.61 -29.20
C ALA F 2638 71.55 -86.90 -30.40
N LYS F 2639 70.23 -87.00 -30.61
CA LYS F 2639 69.62 -86.34 -31.76
C LYS F 2639 69.59 -84.83 -31.57
N MET F 2640 69.31 -84.37 -30.35
CA MET F 2640 69.27 -82.92 -30.13
C MET F 2640 70.65 -82.32 -29.98
N PRO F 2641 71.58 -82.93 -29.25
CA PRO F 2641 72.94 -82.38 -29.19
C PRO F 2641 73.54 -82.17 -30.56
N LEU F 2642 73.26 -83.08 -31.49
CA LEU F 2642 73.81 -82.95 -32.83
C LEU F 2642 73.27 -81.71 -33.52
N LYS F 2643 71.97 -81.46 -33.41
CA LYS F 2643 71.40 -80.23 -33.97
C LYS F 2643 71.98 -79.00 -33.31
N LEU F 2644 72.15 -79.05 -31.98
CA LEU F 2644 72.72 -77.92 -31.26
C LEU F 2644 74.11 -77.60 -31.78
N LEU F 2645 74.95 -78.62 -31.94
CA LEU F 2645 76.30 -78.42 -32.44
C LEU F 2645 76.28 -77.92 -33.88
N THR F 2646 75.39 -78.46 -34.71
CA THR F 2646 75.28 -77.99 -36.07
C THR F 2646 75.01 -76.49 -36.10
N ASN F 2647 74.00 -76.04 -35.36
CA ASN F 2647 73.69 -74.62 -35.35
C ASN F 2647 74.84 -73.80 -34.78
N HIS F 2648 75.45 -74.28 -33.70
CA HIS F 2648 76.51 -73.53 -33.05
C HIS F 2648 77.67 -73.30 -34.01
N TYR F 2649 78.13 -74.36 -34.66
CA TYR F 2649 79.30 -74.23 -35.52
C TYR F 2649 78.96 -73.49 -36.80
N GLU F 2650 77.76 -73.70 -37.35
CA GLU F 2650 77.37 -72.93 -38.52
C GLU F 2650 77.35 -71.44 -38.21
N ARG F 2651 76.91 -71.06 -37.01
CA ARG F 2651 76.85 -69.65 -36.65
C ARG F 2651 78.21 -69.08 -36.30
N CYS F 2652 79.07 -69.86 -35.65
CA CYS F 2652 80.34 -69.34 -35.12
C CYS F 2652 81.55 -69.94 -35.83
N TRP F 2653 81.43 -70.29 -37.12
CA TRP F 2653 82.58 -70.87 -37.81
C TRP F 2653 83.76 -69.92 -37.84
N LYS F 2654 83.52 -68.62 -37.99
CA LYS F 2654 84.63 -67.67 -38.03
C LYS F 2654 85.41 -67.66 -36.71
N TYR F 2655 84.71 -67.77 -35.59
CA TYR F 2655 85.40 -67.74 -34.30
C TYR F 2655 86.46 -68.83 -34.19
N TYR F 2656 86.29 -69.93 -34.93
CA TYR F 2656 87.22 -71.04 -34.88
C TYR F 2656 88.16 -71.11 -36.08
N CYS F 2657 87.70 -70.72 -37.26
CA CYS F 2657 88.48 -70.88 -38.49
C CYS F 2657 89.47 -69.73 -38.65
N LEU F 2658 88.96 -68.51 -38.73
CA LEU F 2658 89.80 -67.38 -39.08
C LEU F 2658 90.88 -67.16 -38.03
N PRO F 2659 92.13 -66.87 -38.42
CA PRO F 2659 93.15 -66.57 -37.41
C PRO F 2659 92.81 -65.34 -36.59
N THR F 2660 92.17 -64.34 -37.20
CA THR F 2660 91.80 -63.15 -36.44
C THR F 2660 90.64 -63.43 -35.50
N GLY F 2661 89.76 -64.36 -35.87
CA GLY F 2661 88.59 -64.67 -35.08
C GLY F 2661 87.38 -63.88 -35.53
N TRP F 2662 86.31 -64.05 -34.78
CA TRP F 2662 85.06 -63.35 -35.06
C TRP F 2662 85.10 -61.96 -34.45
N ALA F 2663 84.41 -61.01 -35.09
CA ALA F 2663 84.47 -59.63 -34.66
C ALA F 2663 83.74 -59.45 -33.34
N ASN F 2664 84.42 -58.78 -32.39
CA ASN F 2664 83.85 -58.46 -31.08
C ASN F 2664 83.62 -59.69 -30.22
N PHE F 2665 83.93 -60.88 -30.75
CA PHE F 2665 83.78 -62.10 -29.95
C PHE F 2665 85.14 -62.69 -29.58
N GLY F 2666 86.19 -62.32 -30.30
CA GLY F 2666 87.51 -62.81 -30.02
C GLY F 2666 87.91 -63.93 -30.95
N VAL F 2667 88.85 -64.77 -30.51
CA VAL F 2667 89.34 -65.89 -31.30
C VAL F 2667 89.36 -67.13 -30.42
N THR F 2668 89.22 -68.28 -31.07
CA THR F 2668 89.15 -69.53 -30.34
C THR F 2668 90.44 -69.79 -29.56
N SER F 2669 90.35 -70.71 -28.62
CA SER F 2669 91.50 -71.13 -27.84
C SER F 2669 91.94 -72.53 -28.25
N GLU F 2670 93.15 -72.88 -27.85
CA GLU F 2670 93.69 -74.18 -28.22
C GLU F 2670 92.84 -75.31 -27.66
N GLU F 2671 92.38 -75.16 -26.41
CA GLU F 2671 91.54 -76.19 -25.82
C GLU F 2671 90.22 -76.33 -26.58
N GLU F 2672 89.63 -75.20 -26.99
CA GLU F 2672 88.38 -75.27 -27.75
C GLU F 2672 88.59 -75.97 -29.08
N LEU F 2673 89.68 -75.66 -29.78
CA LEU F 2673 89.95 -76.35 -31.04
C LEU F 2673 90.21 -77.83 -30.82
N HIS F 2674 90.90 -78.19 -29.73
CA HIS F 2674 91.11 -79.60 -29.43
C HIS F 2674 89.80 -80.32 -29.18
N LEU F 2675 88.89 -79.68 -28.44
CA LEU F 2675 87.59 -80.29 -28.21
C LEU F 2675 86.82 -80.43 -29.52
N THR F 2676 86.93 -79.44 -30.40
CA THR F 2676 86.26 -79.53 -31.69
C THR F 2676 86.77 -80.71 -32.51
N ARG F 2677 88.10 -80.88 -32.54
CA ARG F 2677 88.66 -82.02 -33.28
C ARG F 2677 88.21 -83.34 -32.66
N LYS F 2678 88.25 -83.43 -31.33
CA LYS F 2678 87.81 -84.66 -30.68
C LYS F 2678 86.36 -84.96 -30.99
N LEU F 2679 85.50 -83.94 -30.98
CA LEU F 2679 84.10 -84.13 -31.34
C LEU F 2679 83.96 -84.65 -32.76
N PHE F 2680 84.64 -84.02 -33.70
CA PHE F 2680 84.52 -84.46 -35.09
C PHE F 2680 84.93 -85.91 -35.23
N TRP F 2681 86.08 -86.27 -34.67
CA TRP F 2681 86.57 -87.63 -34.88
C TRP F 2681 85.73 -88.64 -34.13
N GLY F 2682 85.23 -88.30 -32.94
CA GLY F 2682 84.34 -89.22 -32.25
C GLY F 2682 83.08 -89.49 -33.02
N ILE F 2683 82.44 -88.43 -33.53
CA ILE F 2683 81.22 -88.62 -34.31
C ILE F 2683 81.52 -89.43 -35.56
N PHE F 2684 82.62 -89.11 -36.25
CA PHE F 2684 82.94 -89.83 -37.48
C PHE F 2684 83.17 -91.31 -37.22
N ASP F 2685 83.99 -91.62 -36.21
CA ASP F 2685 84.28 -93.02 -35.90
C ASP F 2685 83.02 -93.77 -35.51
N SER F 2686 82.19 -93.19 -34.64
CA SER F 2686 80.97 -93.88 -34.24
C SER F 2686 80.05 -94.11 -35.42
N LEU F 2687 79.86 -93.09 -36.25
CA LEU F 2687 78.98 -93.22 -37.40
C LEU F 2687 79.51 -94.23 -38.40
N ALA F 2688 80.83 -94.42 -38.44
CA ALA F 2688 81.40 -95.40 -39.38
C ALA F 2688 80.92 -96.81 -39.05
N HIS F 2689 80.88 -97.18 -37.77
CA HIS F 2689 80.50 -98.52 -37.36
C HIS F 2689 79.05 -98.62 -36.95
N LYS F 2690 78.32 -97.51 -36.97
CA LYS F 2690 76.90 -97.51 -36.64
C LYS F 2690 76.11 -98.09 -37.81
N LYS F 2691 75.19 -99.01 -37.50
CA LYS F 2691 74.31 -99.54 -38.54
C LYS F 2691 73.48 -98.43 -39.14
N TYR F 2692 73.20 -98.54 -40.43
CA TYR F 2692 72.51 -97.46 -41.13
C TYR F 2692 71.19 -97.15 -40.48
N ASP F 2693 70.95 -95.86 -40.25
CA ASP F 2693 69.67 -95.36 -39.74
C ASP F 2693 69.38 -94.05 -40.45
N GLN F 2694 68.22 -93.97 -41.11
CA GLN F 2694 67.93 -92.84 -41.98
C GLN F 2694 68.00 -91.53 -41.21
N GLU F 2695 67.28 -91.43 -40.09
CA GLU F 2695 67.22 -90.18 -39.34
C GLU F 2695 68.58 -89.85 -38.73
N LEU F 2696 69.26 -90.86 -38.17
CA LEU F 2696 70.54 -90.61 -37.55
C LEU F 2696 71.54 -90.05 -38.56
N TYR F 2697 71.57 -90.63 -39.76
CA TYR F 2697 72.47 -90.11 -40.79
C TYR F 2697 72.05 -88.72 -41.24
N ARG F 2698 70.76 -88.52 -41.50
CA ARG F 2698 70.27 -87.22 -41.93
C ARG F 2698 70.59 -86.13 -40.92
N ILE F 2699 70.70 -86.47 -39.64
CA ILE F 2699 71.02 -85.50 -38.62
C ILE F 2699 72.52 -85.37 -38.39
N ALA F 2700 73.28 -86.45 -38.53
CA ALA F 2700 74.71 -86.40 -38.22
C ALA F 2700 75.51 -85.77 -39.35
N MET F 2701 75.12 -85.97 -40.60
CA MET F 2701 75.92 -85.44 -41.69
C MET F 2701 76.08 -83.92 -41.61
N PRO F 2702 75.02 -83.13 -41.43
CA PRO F 2702 75.22 -81.68 -41.32
C PRO F 2702 76.13 -81.29 -40.17
N CYS F 2703 76.05 -82.00 -39.04
CA CYS F 2703 76.92 -81.70 -37.92
C CYS F 2703 78.38 -81.91 -38.28
N LEU F 2704 78.67 -83.03 -38.95
CA LEU F 2704 80.04 -83.29 -39.38
C LEU F 2704 80.51 -82.22 -40.34
N CYS F 2705 79.67 -81.83 -41.28
CA CYS F 2705 80.05 -80.78 -42.22
C CYS F 2705 80.35 -79.48 -41.49
N ALA F 2706 79.51 -79.11 -40.53
CA ALA F 2706 79.71 -77.86 -39.81
C ALA F 2706 81.02 -77.88 -39.02
N ILE F 2707 81.28 -78.97 -38.31
CA ILE F 2707 82.50 -79.05 -37.52
C ILE F 2707 83.73 -79.01 -38.42
N ALA F 2708 83.69 -79.75 -39.52
CA ALA F 2708 84.82 -79.75 -40.44
C ALA F 2708 85.06 -78.36 -41.02
N GLY F 2709 83.99 -77.66 -41.38
CA GLY F 2709 84.14 -76.31 -41.89
C GLY F 2709 84.61 -75.32 -40.86
N ALA F 2710 84.32 -75.57 -39.58
CA ALA F 2710 84.80 -74.69 -38.52
C ALA F 2710 86.28 -74.92 -38.20
N LEU F 2711 86.73 -76.16 -38.26
CA LEU F 2711 88.12 -76.45 -37.93
C LEU F 2711 89.07 -75.84 -38.96
N PRO F 2712 90.11 -75.13 -38.54
CA PRO F 2712 91.12 -74.66 -39.50
C PRO F 2712 91.78 -75.82 -40.20
N PRO F 2713 92.03 -75.73 -41.50
CA PRO F 2713 92.59 -76.89 -42.21
C PRO F 2713 93.93 -77.35 -41.68
N ASP F 2714 94.79 -76.43 -41.24
CA ASP F 2714 96.14 -76.78 -40.81
C ASP F 2714 96.28 -76.80 -39.29
N TYR F 2715 95.18 -76.78 -38.56
CA TYR F 2715 95.26 -76.82 -37.10
C TYR F 2715 96.02 -78.07 -36.67
N VAL F 2716 97.01 -77.88 -35.80
CA VAL F 2716 97.83 -78.97 -35.28
C VAL F 2716 97.49 -79.12 -33.81
N ASP F 2717 97.09 -80.33 -33.43
CA ASP F 2717 96.68 -80.59 -32.05
C ASP F 2717 97.92 -80.71 -31.16
N ALA F 2718 98.06 -79.79 -30.22
CA ALA F 2718 99.24 -79.78 -29.36
C ALA F 2718 99.36 -81.08 -28.57
N SER F 2719 98.23 -81.57 -28.07
CA SER F 2719 98.19 -82.80 -27.28
C SER F 2719 97.97 -84.04 -28.13
N TYR F 2720 98.38 -83.99 -29.39
CA TYR F 2720 98.18 -85.14 -30.29
C TYR F 2720 98.78 -86.39 -29.69
N SER F 2721 98.04 -87.49 -29.78
CA SER F 2721 98.51 -88.79 -29.31
C SER F 2721 97.88 -89.88 -30.16
N SER F 2722 98.57 -91.02 -30.25
CA SER F 2722 98.09 -92.15 -31.01
C SER F 2722 97.40 -93.21 -30.16
N LYS F 2723 97.29 -93.00 -28.84
CA LYS F 2723 96.71 -94.02 -27.99
C LYS F 2723 95.21 -94.19 -28.24
N THR F 2724 94.50 -93.08 -28.49
CA THR F 2724 93.06 -93.08 -28.69
C THR F 2724 92.38 -94.12 -27.79
N GLU F 2725 92.67 -94.05 -26.49
CA GLU F 2725 92.15 -95.03 -25.54
C GLU F 2725 90.87 -94.49 -24.90
N LYS F 2726 89.79 -95.25 -25.06
CA LYS F 2726 88.49 -94.86 -24.52
C LYS F 2726 88.14 -93.45 -24.96
N ASN F 2735 78.63 -94.15 -18.84
CA ASN F 2735 79.08 -93.44 -17.65
C ASN F 2735 80.58 -93.19 -17.69
N PHE F 2736 81.03 -92.09 -17.08
CA PHE F 2736 82.44 -91.79 -17.04
C PHE F 2736 83.19 -92.89 -16.30
N ASP F 2737 84.40 -93.19 -16.76
CA ASP F 2737 85.21 -94.27 -16.18
C ASP F 2737 86.27 -93.69 -15.25
N PRO F 2738 86.13 -93.84 -13.94
CA PRO F 2738 87.17 -93.39 -13.01
C PRO F 2738 88.19 -94.47 -12.63
N ARG F 2739 88.19 -95.61 -13.31
CA ARG F 2739 88.99 -96.74 -12.89
C ARG F 2739 90.48 -96.44 -13.08
N PRO F 2740 91.30 -96.48 -12.02
CA PRO F 2740 92.75 -96.40 -12.21
C PRO F 2740 93.36 -97.78 -12.41
N VAL F 2741 94.69 -97.83 -12.58
CA VAL F 2741 95.36 -99.10 -12.81
C VAL F 2741 95.58 -99.83 -11.49
N GLU F 2742 95.98 -101.10 -11.59
CA GLU F 2742 96.15 -101.97 -10.42
C GLU F 2742 97.46 -101.60 -9.71
N THR F 2743 97.50 -100.34 -9.27
CA THR F 2743 98.70 -99.80 -8.65
C THR F 2743 99.06 -100.57 -7.38
N LEU F 2744 98.17 -100.59 -6.38
CA LEU F 2744 98.48 -101.31 -5.16
C LEU F 2744 98.58 -102.81 -5.40
N ASN F 2745 98.02 -103.28 -6.51
CA ASN F 2745 98.12 -104.71 -6.84
C ASN F 2745 99.55 -105.08 -7.22
N VAL F 2746 100.18 -104.28 -8.08
CA VAL F 2746 101.54 -104.61 -8.53
C VAL F 2746 102.52 -104.40 -7.38
N ILE F 2747 103.75 -104.92 -7.56
CA ILE F 2747 104.80 -104.86 -6.54
C ILE F 2747 105.75 -103.71 -6.85
N ILE F 2748 106.55 -103.31 -5.88
CA ILE F 2748 107.45 -102.16 -6.02
C ILE F 2748 108.90 -102.59 -5.76
N PRO F 2749 109.87 -102.09 -6.53
CA PRO F 2749 111.27 -102.34 -6.19
C PRO F 2749 111.69 -101.60 -4.93
N GLU F 2750 112.70 -102.16 -4.24
CA GLU F 2750 113.22 -101.52 -3.04
C GLU F 2750 113.90 -100.19 -3.37
N LYS F 2751 114.51 -100.11 -4.55
CA LYS F 2751 115.07 -98.82 -4.98
C LYS F 2751 113.95 -97.79 -5.17
N LEU F 2752 112.81 -98.22 -5.70
CA LEU F 2752 111.67 -97.31 -5.81
C LEU F 2752 111.15 -96.93 -4.43
N ASP F 2753 111.24 -97.85 -3.46
CA ASP F 2753 110.88 -97.49 -2.08
C ASP F 2753 111.83 -96.44 -1.52
N SER F 2754 113.12 -96.58 -1.81
CA SER F 2754 114.08 -95.57 -1.39
C SER F 2754 113.74 -94.21 -2.01
N PHE F 2755 113.34 -94.20 -3.28
CA PHE F 2755 112.89 -92.94 -3.86
C PHE F 2755 111.62 -92.45 -3.19
N ILE F 2756 110.74 -93.37 -2.77
CA ILE F 2756 109.53 -92.94 -2.07
C ILE F 2756 109.93 -92.15 -0.83
N ASN F 2757 110.90 -92.68 -0.08
CA ASN F 2757 111.40 -91.96 1.09
C ASN F 2757 111.99 -90.61 0.67
N LYS F 2758 112.83 -90.61 -0.36
CA LYS F 2758 113.51 -89.37 -0.75
C LYS F 2758 112.51 -88.31 -1.20
N PHE F 2759 111.50 -88.70 -1.97
CA PHE F 2759 110.50 -87.75 -2.43
C PHE F 2759 109.59 -87.33 -1.28
N ALA F 2760 109.43 -88.19 -0.28
CA ALA F 2760 108.78 -87.74 0.95
C ALA F 2760 109.57 -86.60 1.57
N GLU F 2761 110.90 -86.76 1.64
CA GLU F 2761 111.76 -85.67 2.12
C GLU F 2761 111.49 -84.41 1.31
N TYR F 2762 111.61 -84.52 -0.01
CA TYR F 2762 111.55 -83.33 -0.86
C TYR F 2762 110.20 -82.65 -0.75
N THR F 2763 109.12 -83.42 -0.78
CA THR F 2763 107.78 -82.85 -0.83
C THR F 2763 107.36 -82.28 0.52
N HIS F 2764 107.77 -82.94 1.61
CA HIS F 2764 107.51 -82.35 2.93
C HIS F 2764 108.28 -81.04 3.07
N GLU F 2765 109.53 -81.01 2.59
CA GLU F 2765 110.29 -79.77 2.65
C GLU F 2765 109.68 -78.69 1.76
N LYS F 2766 109.09 -79.09 0.62
CA LYS F 2766 108.43 -78.12 -0.24
C LYS F 2766 107.18 -77.56 0.41
N TRP F 2767 106.42 -78.44 1.10
CA TRP F 2767 105.25 -77.96 1.82
C TRP F 2767 105.67 -76.99 2.92
N ALA F 2768 106.76 -77.29 3.62
CA ALA F 2768 107.28 -76.36 4.61
C ALA F 2768 107.79 -75.07 3.97
N PHE F 2769 108.33 -75.15 2.75
CA PHE F 2769 108.79 -73.95 2.06
C PHE F 2769 107.61 -73.05 1.69
N ASP F 2770 106.53 -73.64 1.18
CA ASP F 2770 105.32 -72.88 0.93
C ASP F 2770 104.76 -72.32 2.23
N LYS F 2771 104.88 -73.08 3.32
CA LYS F 2771 104.50 -72.58 4.64
C LYS F 2771 105.31 -71.34 5.00
N ILE F 2772 106.61 -71.35 4.69
CA ILE F 2772 107.45 -70.18 4.93
C ILE F 2772 106.97 -69.00 4.08
N GLN F 2773 106.67 -69.26 2.81
CA GLN F 2773 106.16 -68.18 1.96
C GLN F 2773 104.90 -67.58 2.55
N ASN F 2774 104.01 -68.41 3.07
CA ASN F 2774 102.81 -67.93 3.76
C ASN F 2774 103.10 -67.45 5.17
N ASN F 2775 104.35 -67.56 5.62
CA ASN F 2775 104.73 -67.27 7.00
C ASN F 2775 103.97 -68.19 7.96
N TRP F 2776 104.22 -69.48 7.84
CA TRP F 2776 103.70 -70.48 8.76
C TRP F 2776 104.82 -70.94 9.68
N SER F 2777 104.58 -70.87 10.99
CA SER F 2777 105.59 -71.24 11.97
C SER F 2777 105.30 -72.63 12.54
N TYR F 2778 106.28 -73.17 13.26
CA TYR F 2778 106.16 -74.48 13.89
C TYR F 2778 105.37 -74.34 15.18
N GLY F 2779 104.05 -74.20 15.02
CA GLY F 2779 103.16 -74.02 16.14
C GLY F 2779 102.59 -75.34 16.66
N GLU F 2780 101.50 -75.22 17.41
CA GLU F 2780 100.89 -76.39 18.03
C GLU F 2780 99.86 -77.09 17.14
N ASN F 2781 99.43 -76.46 16.05
CA ASN F 2781 98.41 -77.04 15.21
C ASN F 2781 98.47 -76.41 13.82
N ILE F 2782 97.71 -76.99 12.89
CA ILE F 2782 97.74 -76.55 11.49
C ILE F 2782 96.86 -75.34 11.22
N ASP F 2783 96.29 -74.73 12.26
CA ASP F 2783 95.33 -73.64 12.07
C ASP F 2783 95.85 -72.60 11.09
N GLU F 2784 95.17 -72.45 9.96
CA GLU F 2784 95.55 -71.42 8.99
C GLU F 2784 95.36 -70.03 9.58
N GLU F 2785 94.28 -69.85 10.34
CA GLU F 2785 94.05 -68.55 10.98
C GLU F 2785 95.20 -68.21 11.94
N LEU F 2786 95.68 -69.20 12.69
CA LEU F 2786 96.85 -69.01 13.53
C LEU F 2786 98.15 -69.03 12.73
N LYS F 2787 98.11 -69.52 11.50
CA LYS F 2787 99.26 -69.48 10.60
C LYS F 2787 100.44 -70.24 11.21
N THR F 2788 100.19 -71.51 11.52
CA THR F 2788 101.15 -72.35 12.19
C THR F 2788 101.06 -73.78 11.65
N HIS F 2789 102.12 -74.55 11.90
CA HIS F 2789 102.17 -75.95 11.50
C HIS F 2789 102.63 -76.75 12.72
N PRO F 2790 101.94 -77.86 13.05
CA PRO F 2790 102.38 -78.70 14.17
C PRO F 2790 103.38 -79.76 13.78
N MET F 2791 103.57 -80.01 12.49
CA MET F 2791 104.41 -81.10 12.01
C MET F 2791 105.66 -80.58 11.32
N LEU F 2792 106.00 -79.30 11.56
CA LEU F 2792 107.17 -78.67 10.96
C LEU F 2792 108.43 -79.10 11.67
N ARG F 2793 108.92 -80.31 11.38
CA ARG F 2793 110.12 -80.85 11.98
C ARG F 2793 110.98 -81.48 10.90
N PRO F 2794 112.29 -81.59 11.11
CA PRO F 2794 113.13 -82.36 10.19
C PRO F 2794 112.67 -83.80 10.15
N TYR F 2795 112.89 -84.45 9.02
CA TYR F 2795 112.23 -85.73 8.76
C TYR F 2795 112.46 -86.73 9.88
N LYS F 2796 113.65 -86.70 10.50
CA LYS F 2796 113.94 -87.63 11.58
C LYS F 2796 112.92 -87.50 12.71
N THR F 2797 112.71 -86.28 13.21
CA THR F 2797 111.69 -86.06 14.23
C THR F 2797 110.30 -86.27 13.67
N PHE F 2798 110.07 -85.81 12.44
CA PHE F 2798 108.82 -86.07 11.73
C PHE F 2798 108.48 -87.54 11.84
N SER F 2799 107.38 -87.84 12.53
CA SER F 2799 107.16 -89.17 13.08
C SER F 2799 107.18 -90.25 12.01
N GLU F 2800 107.54 -91.47 12.41
CA GLU F 2800 107.59 -92.58 11.47
C GLU F 2800 106.22 -92.83 10.86
N LYS F 2801 105.16 -92.75 11.66
CA LYS F 2801 103.82 -92.95 11.13
C LYS F 2801 103.44 -91.85 10.15
N ASP F 2802 103.73 -90.59 10.50
CA ASP F 2802 103.46 -89.50 9.57
C ASP F 2802 104.39 -89.57 8.36
N LYS F 2803 105.61 -90.08 8.55
CA LYS F 2803 106.49 -90.33 7.40
C LYS F 2803 105.85 -91.33 6.45
N GLU F 2804 105.31 -92.42 7.00
CA GLU F 2804 104.64 -93.42 6.17
C GLU F 2804 103.43 -92.82 5.46
N ILE F 2805 102.65 -92.01 6.15
CA ILE F 2805 101.49 -91.37 5.54
C ILE F 2805 101.93 -90.48 4.38
N TYR F 2806 102.96 -89.65 4.61
CA TYR F 2806 103.45 -88.76 3.57
C TYR F 2806 104.01 -89.55 2.39
N ARG F 2807 104.54 -90.75 2.65
CA ARG F 2807 105.05 -91.59 1.57
C ARG F 2807 103.93 -92.25 0.78
N TRP F 2808 102.80 -92.53 1.43
CA TRP F 2808 101.75 -93.34 0.83
C TRP F 2808 101.33 -92.82 -0.55
N PRO F 2809 101.12 -91.52 -0.73
CA PRO F 2809 100.85 -91.03 -2.09
C PRO F 2809 101.95 -91.40 -3.05
N ILE F 2810 103.21 -91.34 -2.60
CA ILE F 2810 104.33 -91.71 -3.46
C ILE F 2810 104.31 -93.22 -3.71
N LYS F 2811 103.97 -94.00 -2.68
CA LYS F 2811 103.84 -95.43 -2.86
C LYS F 2811 102.83 -95.75 -3.96
N GLU F 2812 101.65 -95.13 -3.90
CA GLU F 2812 100.63 -95.41 -4.90
C GLU F 2812 101.05 -94.92 -6.28
N SER F 2813 101.70 -93.75 -6.35
CA SER F 2813 102.14 -93.24 -7.64
C SER F 2813 103.12 -94.19 -8.31
N LEU F 2814 104.17 -94.59 -7.59
CA LEU F 2814 105.15 -95.49 -8.19
C LEU F 2814 104.56 -96.88 -8.41
N LYS F 2815 103.62 -97.29 -7.56
CA LYS F 2815 102.93 -98.55 -7.78
C LYS F 2815 102.19 -98.57 -9.10
N ALA F 2816 101.45 -97.49 -9.39
CA ALA F 2816 100.81 -97.37 -10.70
C ALA F 2816 101.85 -97.34 -11.81
N MET F 2817 102.94 -96.61 -11.60
CA MET F 2817 104.03 -96.57 -12.56
C MET F 2817 104.45 -97.99 -12.95
N ILE F 2818 104.69 -98.83 -11.95
CA ILE F 2818 105.08 -100.21 -12.23
C ILE F 2818 103.95 -100.96 -12.92
N ALA F 2819 102.71 -100.74 -12.45
CA ALA F 2819 101.58 -101.46 -13.01
C ALA F 2819 101.44 -101.21 -14.51
N TRP F 2820 101.86 -100.03 -14.97
CA TRP F 2820 101.87 -99.73 -16.40
C TRP F 2820 103.03 -100.37 -17.14
N GLU F 2821 103.82 -101.23 -16.48
CA GLU F 2821 105.00 -101.83 -17.09
C GLU F 2821 106.01 -100.75 -17.50
N TRP F 2822 106.07 -99.68 -16.71
CA TRP F 2822 106.98 -98.56 -16.94
C TRP F 2822 108.32 -98.91 -16.30
N THR F 2823 109.31 -99.19 -17.14
CA THR F 2823 110.63 -99.60 -16.67
C THR F 2823 111.31 -98.45 -15.94
N VAL F 2824 111.51 -98.60 -14.63
CA VAL F 2824 112.19 -97.61 -13.81
C VAL F 2824 113.62 -98.08 -13.60
N GLU F 2825 114.59 -97.21 -13.91
CA GLU F 2825 116.01 -97.55 -13.86
C GLU F 2825 116.73 -96.47 -13.04
N LYS F 2826 117.28 -96.87 -11.90
CA LYS F 2826 118.05 -95.94 -11.07
C LYS F 2826 119.52 -95.96 -11.51
N ALA F 2827 120.06 -94.77 -11.80
CA ALA F 2827 121.47 -94.62 -12.13
C ALA F 2827 122.23 -93.76 -11.12
N ARG F 2828 121.73 -92.58 -10.80
CA ARG F 2828 122.35 -91.71 -9.79
C ARG F 2828 121.63 -91.84 -8.46
N GLU F 2829 122.00 -91.01 -7.49
CA GLU F 2829 121.48 -91.12 -6.14
C GLU F 2829 120.61 -89.92 -5.80
N GLY F 2830 119.74 -90.11 -4.82
CA GLY F 2830 118.86 -89.01 -4.41
C GLY F 2830 119.65 -87.88 -3.79
N GLU F 2831 119.09 -86.67 -3.88
CA GLU F 2831 119.73 -85.47 -3.35
C GLU F 2831 118.72 -84.56 -2.68
N TYR F 2856 110.31 -76.19 11.45
CA TYR F 2856 111.72 -76.32 11.08
C TYR F 2856 112.02 -75.58 9.79
N ASN F 2857 113.30 -75.57 9.42
CA ASN F 2857 113.73 -74.85 8.22
C ASN F 2857 113.52 -75.72 6.99
N PRO F 2858 112.76 -75.26 5.99
CA PRO F 2858 112.56 -76.09 4.78
C PRO F 2858 113.79 -76.07 3.89
N GLN F 2859 114.24 -77.26 3.50
CA GLN F 2859 115.35 -77.43 2.56
C GLN F 2859 114.95 -78.45 1.51
N PRO F 2860 113.97 -78.12 0.66
CA PRO F 2860 113.56 -79.05 -0.39
C PRO F 2860 114.51 -78.98 -1.57
N PRO F 2861 115.04 -80.13 -2.03
CA PRO F 2861 115.85 -80.11 -3.25
C PRO F 2861 115.12 -79.45 -4.40
N ASP F 2862 115.65 -78.33 -4.89
CA ASP F 2862 114.97 -77.60 -5.95
C ASP F 2862 114.80 -78.48 -7.17
N LEU F 2863 113.58 -78.48 -7.73
CA LEU F 2863 113.21 -79.39 -8.80
C LEU F 2863 113.25 -78.75 -10.18
N SER F 2864 113.18 -77.42 -10.27
CA SER F 2864 113.03 -76.77 -11.57
C SER F 2864 114.32 -76.81 -12.39
N VAL F 2865 115.41 -77.32 -11.82
CA VAL F 2865 116.71 -77.23 -12.49
C VAL F 2865 116.67 -77.94 -13.84
N VAL F 2866 116.06 -79.11 -13.89
CA VAL F 2866 115.88 -79.81 -15.17
C VAL F 2866 114.45 -79.61 -15.65
N THR F 2867 114.26 -79.70 -16.96
CA THR F 2867 112.96 -79.59 -17.59
C THR F 2867 112.60 -80.94 -18.21
N LEU F 2868 111.39 -81.42 -17.93
CA LEU F 2868 110.94 -82.67 -18.51
C LEU F 2868 110.96 -82.60 -20.02
N SER F 2869 111.47 -83.65 -20.66
CA SER F 2869 111.49 -83.73 -22.10
C SER F 2869 110.07 -83.91 -22.63
N ARG F 2870 109.94 -84.18 -23.92
CA ARG F 2870 108.61 -84.44 -24.47
C ARG F 2870 108.04 -85.74 -23.92
N GLU F 2871 108.83 -86.82 -23.98
CA GLU F 2871 108.36 -88.12 -23.50
C GLU F 2871 108.09 -88.07 -21.99
N LEU F 2872 109.00 -87.45 -21.23
CA LEU F 2872 108.76 -87.28 -19.80
C LEU F 2872 107.55 -86.40 -19.54
N GLN F 2873 107.36 -85.37 -20.36
CA GLN F 2873 106.22 -84.49 -20.14
C GLN F 2873 104.92 -85.26 -20.29
N ALA F 2874 104.77 -86.02 -21.37
CA ALA F 2874 103.56 -86.82 -21.54
C ALA F 2874 103.50 -87.92 -20.48
N MET F 2875 104.66 -88.38 -20.02
CA MET F 2875 104.73 -89.31 -18.89
C MET F 2875 103.95 -88.74 -17.71
N ALA F 2876 104.31 -87.53 -17.30
CA ALA F 2876 103.71 -86.95 -16.11
C ALA F 2876 102.29 -86.45 -16.39
N GLU F 2877 101.97 -86.12 -17.64
CA GLU F 2877 100.58 -85.85 -17.98
C GLU F 2877 99.70 -87.07 -17.72
N GLN F 2878 100.13 -88.24 -18.18
CA GLN F 2878 99.30 -89.42 -17.98
C GLN F 2878 99.32 -89.84 -16.52
N LEU F 2879 100.43 -89.58 -15.82
CA LEU F 2879 100.46 -89.84 -14.38
C LEU F 2879 99.48 -88.94 -13.64
N ALA F 2880 99.41 -87.67 -14.03
CA ALA F 2880 98.42 -86.78 -13.44
C ALA F 2880 97.01 -87.23 -13.78
N GLU F 2881 96.81 -87.76 -14.99
CA GLU F 2881 95.50 -88.30 -15.34
C GLU F 2881 95.14 -89.48 -14.46
N ASN F 2882 96.11 -90.34 -14.14
CA ASN F 2882 95.80 -91.47 -13.28
C ASN F 2882 95.58 -91.02 -11.83
N TYR F 2883 96.29 -89.98 -11.40
CA TYR F 2883 96.00 -89.42 -10.08
C TYR F 2883 94.58 -88.88 -10.04
N HIS F 2884 94.17 -88.21 -11.12
CA HIS F 2884 92.78 -87.76 -11.23
C HIS F 2884 91.83 -88.94 -11.31
N ASN F 2885 92.29 -90.07 -11.85
CA ASN F 2885 91.43 -91.25 -11.94
C ASN F 2885 91.24 -91.90 -10.58
N THR F 2886 92.28 -91.91 -9.76
CA THR F 2886 92.12 -92.35 -8.38
C THR F 2886 91.21 -91.40 -7.60
N TRP F 2887 91.41 -90.10 -7.80
CA TRP F 2887 90.50 -89.10 -7.24
C TRP F 2887 89.08 -89.36 -7.71
N GLY F 2888 88.93 -89.81 -8.96
CA GLY F 2888 87.61 -90.06 -9.49
C GLY F 2888 87.01 -91.35 -8.98
N ARG F 2889 87.85 -92.33 -8.65
CA ARG F 2889 87.37 -93.53 -7.99
C ARG F 2889 86.83 -93.17 -6.60
N LYS F 2890 87.56 -92.32 -5.87
CA LYS F 2890 87.06 -91.84 -4.59
C LYS F 2890 85.77 -91.07 -4.77
N LYS F 2891 85.73 -90.20 -5.79
CA LYS F 2891 84.53 -89.39 -6.03
C LYS F 2891 83.37 -90.27 -6.48
N LYS F 2892 83.65 -91.37 -7.16
CA LYS F 2892 82.60 -92.31 -7.55
C LYS F 2892 82.08 -93.04 -6.33
N GLN F 2893 82.95 -93.36 -5.38
CA GLN F 2893 82.49 -93.90 -4.12
C GLN F 2893 81.57 -92.89 -3.41
N GLU F 2894 81.96 -91.60 -3.45
CA GLU F 2894 81.10 -90.57 -2.87
C GLU F 2894 79.77 -90.49 -3.58
N LEU F 2895 79.78 -90.59 -4.91
CA LEU F 2895 78.54 -90.56 -5.68
C LEU F 2895 77.65 -91.75 -5.34
N GLU F 2896 78.25 -92.93 -5.18
CA GLU F 2896 77.48 -94.09 -4.78
C GLU F 2896 76.86 -93.89 -3.40
N ALA F 2897 77.63 -93.30 -2.49
CA ALA F 2897 77.10 -93.01 -1.17
C ALA F 2897 75.93 -92.04 -1.25
N LYS F 2898 76.06 -91.00 -2.08
CA LYS F 2898 75.03 -89.99 -2.21
C LYS F 2898 73.84 -90.44 -3.05
N GLY F 2899 73.95 -91.55 -3.77
CA GLY F 2899 72.89 -91.98 -4.66
C GLY F 2899 72.81 -91.18 -5.94
N GLY F 2900 73.90 -90.52 -6.32
CA GLY F 2900 73.90 -89.73 -7.54
C GLY F 2900 74.90 -88.59 -7.44
N GLY F 2901 74.79 -87.67 -8.39
CA GLY F 2901 75.65 -86.51 -8.47
C GLY F 2901 76.72 -86.67 -9.53
N SER F 2902 77.24 -85.53 -10.00
CA SER F 2902 78.27 -85.49 -11.01
C SER F 2902 79.28 -84.41 -10.64
N HIS F 2903 80.54 -84.81 -10.46
CA HIS F 2903 81.59 -83.85 -10.13
C HIS F 2903 81.93 -83.00 -11.35
N PRO F 2904 82.20 -81.71 -11.18
CA PRO F 2904 82.52 -80.88 -12.35
C PRO F 2904 83.74 -81.36 -13.12
N LEU F 2905 84.74 -81.90 -12.42
CA LEU F 2905 85.98 -82.36 -13.05
C LEU F 2905 85.97 -83.87 -13.30
N LEU F 2906 84.81 -84.46 -13.54
CA LEU F 2906 84.69 -85.89 -13.79
C LEU F 2906 84.83 -86.19 -15.29
N VAL F 2907 85.95 -85.72 -15.85
CA VAL F 2907 86.20 -85.85 -17.28
C VAL F 2907 87.66 -86.22 -17.50
N PRO F 2908 87.99 -86.71 -18.70
CA PRO F 2908 89.38 -87.09 -18.99
C PRO F 2908 90.31 -85.88 -19.06
N TYR F 2909 91.62 -86.18 -18.96
CA TYR F 2909 92.63 -85.13 -18.96
C TYR F 2909 92.54 -84.26 -20.20
N ASP F 2910 92.44 -84.89 -21.38
CA ASP F 2910 92.43 -84.13 -22.62
C ASP F 2910 91.27 -83.14 -22.64
N THR F 2911 90.10 -83.57 -22.16
CA THR F 2911 88.98 -82.65 -22.05
C THR F 2911 89.28 -81.54 -21.06
N LEU F 2912 89.89 -81.87 -19.93
CA LEU F 2912 90.16 -80.86 -18.91
C LEU F 2912 90.97 -79.72 -19.50
N THR F 2913 90.58 -78.49 -19.17
CA THR F 2913 91.32 -77.33 -19.64
C THR F 2913 92.65 -77.22 -18.92
N ALA F 2914 93.54 -76.37 -19.45
CA ALA F 2914 94.94 -76.38 -19.05
C ALA F 2914 95.11 -76.12 -17.55
N LYS F 2915 94.39 -75.13 -17.02
CA LYS F 2915 94.58 -74.76 -15.62
C LYS F 2915 94.21 -75.91 -14.68
N GLU F 2916 93.06 -76.53 -14.91
CA GLU F 2916 92.69 -77.71 -14.11
C GLU F 2916 93.64 -78.86 -14.39
N LYS F 2917 94.05 -79.02 -15.65
CA LYS F 2917 95.15 -79.93 -15.94
C LYS F 2917 96.38 -79.56 -15.12
N ALA F 2918 96.77 -78.29 -15.16
CA ALA F 2918 97.98 -77.83 -14.48
C ALA F 2918 97.96 -78.16 -13.00
N ARG F 2919 96.77 -78.15 -12.40
CA ARG F 2919 96.63 -78.45 -10.98
C ARG F 2919 97.35 -79.75 -10.61
N ASP F 2920 96.91 -80.87 -11.20
CA ASP F 2920 97.56 -82.15 -10.92
C ASP F 2920 98.86 -82.29 -11.70
N ARG F 2921 99.03 -81.48 -12.76
CA ARG F 2921 100.28 -81.47 -13.50
C ARG F 2921 101.45 -81.12 -12.59
N GLU F 2922 101.26 -80.13 -11.71
CA GLU F 2922 102.33 -79.77 -10.80
C GLU F 2922 102.83 -80.98 -10.02
N LYS F 2923 101.91 -81.69 -9.37
CA LYS F 2923 102.29 -82.80 -8.52
C LYS F 2923 102.92 -83.93 -9.34
N ALA F 2924 102.29 -84.29 -10.46
CA ALA F 2924 102.79 -85.41 -11.25
C ALA F 2924 104.19 -85.10 -11.81
N GLN F 2925 104.37 -83.91 -12.36
CA GLN F 2925 105.66 -83.55 -12.91
C GLN F 2925 106.70 -83.43 -11.80
N GLU F 2926 106.29 -82.99 -10.61
CA GLU F 2926 107.23 -82.89 -9.51
C GLU F 2926 107.76 -84.27 -9.14
N LEU F 2927 106.85 -85.25 -9.06
CA LEU F 2927 107.25 -86.63 -8.77
C LEU F 2927 108.20 -87.16 -9.83
N LEU F 2928 107.82 -87.01 -11.11
CA LEU F 2928 108.65 -87.53 -12.18
C LEU F 2928 110.03 -86.85 -12.17
N LYS F 2929 110.05 -85.55 -11.89
CA LYS F 2929 111.29 -84.78 -11.94
C LYS F 2929 112.23 -85.18 -10.82
N PHE F 2930 111.70 -85.43 -9.62
CA PHE F 2930 112.55 -85.93 -8.55
C PHE F 2930 113.02 -87.34 -8.85
N LEU F 2931 112.19 -88.15 -9.54
CA LEU F 2931 112.68 -89.44 -10.01
C LEU F 2931 113.91 -89.25 -10.89
N GLN F 2932 113.82 -88.32 -11.83
CA GLN F 2932 114.95 -88.08 -12.75
C GLN F 2932 116.20 -87.66 -11.98
N MET F 2933 116.05 -86.75 -11.01
CA MET F 2933 117.24 -86.34 -10.26
C MET F 2933 117.81 -87.51 -9.47
N ASN F 2934 116.98 -88.20 -8.70
CA ASN F 2934 117.46 -89.33 -7.92
C ASN F 2934 117.96 -90.47 -8.79
N GLY F 2935 117.78 -90.38 -10.11
CA GLY F 2935 118.40 -91.29 -11.05
C GLY F 2935 117.45 -92.30 -11.63
N TYR F 2936 116.18 -92.28 -11.22
CA TYR F 2936 115.22 -93.28 -11.65
C TYR F 2936 114.67 -92.90 -13.02
N ALA F 2937 115.50 -93.05 -14.05
CA ALA F 2937 115.16 -92.64 -15.41
C ALA F 2937 114.15 -93.63 -15.98
N VAL F 2938 112.89 -93.43 -15.62
CA VAL F 2938 111.83 -94.32 -16.07
C VAL F 2938 111.58 -94.10 -17.55
N THR F 2939 111.44 -95.20 -18.30
CA THR F 2939 111.16 -95.19 -19.72
C THR F 2939 109.80 -95.81 -19.97
N ARG F 2940 108.99 -95.17 -20.80
CA ARG F 2940 107.63 -95.65 -21.05
C ARG F 2940 107.56 -96.49 -22.31
N GLY F 2941 108.13 -96.01 -23.41
CA GLY F 2941 107.98 -96.68 -24.69
C GLY F 2941 106.64 -96.39 -25.32
N LEU F 2942 106.41 -95.13 -25.68
CA LEU F 2942 105.14 -94.68 -26.22
C LEU F 2942 104.80 -95.42 -27.51
N LYS F 2943 103.62 -95.13 -28.05
CA LYS F 2943 103.22 -95.55 -29.38
C LYS F 2943 102.88 -94.36 -30.27
N ASP F 2944 103.41 -93.18 -29.98
CA ASP F 2944 103.08 -91.96 -30.72
C ASP F 2944 104.30 -91.31 -31.37
N MET F 2945 105.51 -91.79 -31.11
CA MET F 2945 106.68 -91.17 -31.70
C MET F 2945 106.75 -91.40 -33.21
N GLU F 2946 105.91 -92.29 -33.74
CA GLU F 2946 105.93 -92.56 -35.17
C GLU F 2946 105.70 -91.29 -35.97
N LEU F 2947 105.00 -90.32 -35.38
CA LEU F 2947 104.77 -89.02 -36.00
C LEU F 2947 105.79 -87.98 -35.57
N ASP F 2948 107.00 -88.42 -35.19
CA ASP F 2948 108.05 -87.51 -34.76
C ASP F 2948 108.12 -86.29 -35.67
N THR F 2949 108.14 -85.11 -35.05
CA THR F 2949 107.94 -83.87 -35.79
C THR F 2949 106.66 -84.00 -36.61
N SER F 2950 106.78 -84.00 -37.93
CA SER F 2950 105.65 -84.32 -38.79
C SER F 2950 104.42 -83.48 -38.44
N SER F 2951 104.64 -82.19 -38.17
CA SER F 2951 103.50 -81.31 -37.95
C SER F 2951 102.56 -81.34 -39.14
N ILE F 2952 103.09 -81.60 -40.34
CA ILE F 2952 102.23 -81.79 -41.49
C ILE F 2952 101.31 -82.98 -41.27
N GLU F 2953 101.87 -84.09 -40.78
CA GLU F 2953 101.05 -85.25 -40.46
C GLU F 2953 100.04 -84.96 -39.35
N LYS F 2954 100.35 -84.05 -38.44
CA LYS F 2954 99.42 -83.70 -37.38
C LYS F 2954 98.34 -82.72 -37.83
N ARG F 2955 98.54 -82.02 -38.95
CA ARG F 2955 97.52 -81.12 -39.45
C ARG F 2955 96.19 -81.84 -39.60
N PHE F 2956 95.10 -81.13 -39.33
CA PHE F 2956 93.78 -81.75 -39.37
C PHE F 2956 93.46 -82.29 -40.76
N ALA F 2957 93.70 -81.47 -41.80
CA ALA F 2957 93.36 -81.90 -43.15
C ALA F 2957 94.11 -83.17 -43.52
N PHE F 2958 95.30 -83.37 -42.96
CA PHE F 2958 96.08 -84.56 -43.24
C PHE F 2958 95.34 -85.81 -42.80
N GLY F 2959 94.88 -85.85 -41.55
CA GLY F 2959 94.17 -87.03 -41.06
C GLY F 2959 92.85 -87.23 -41.78
N PHE F 2960 92.15 -86.14 -42.05
CA PHE F 2960 90.89 -86.24 -42.78
C PHE F 2960 91.12 -86.86 -44.15
N LEU F 2961 92.15 -86.42 -44.85
CA LEU F 2961 92.42 -86.96 -46.18
C LEU F 2961 92.89 -88.41 -46.10
N GLN F 2962 93.66 -88.76 -45.06
CA GLN F 2962 94.07 -90.14 -44.90
C GLN F 2962 92.85 -91.04 -44.72
N GLN F 2963 91.91 -90.62 -43.88
CA GLN F 2963 90.69 -91.41 -43.68
C GLN F 2963 89.89 -91.50 -44.97
N LEU F 2964 89.83 -90.40 -45.73
CA LEU F 2964 89.11 -90.42 -46.98
C LEU F 2964 89.73 -91.42 -47.95
N LEU F 2965 91.05 -91.46 -48.03
CA LEU F 2965 91.72 -92.40 -48.92
C LEU F 2965 91.48 -93.84 -48.48
N ARG F 2966 91.54 -94.11 -47.18
CA ARG F 2966 91.26 -95.45 -46.70
C ARG F 2966 89.85 -95.86 -47.07
N TRP F 2967 88.89 -94.94 -46.94
CA TRP F 2967 87.52 -95.27 -47.31
C TRP F 2967 87.37 -95.43 -48.81
N MET F 2968 88.22 -94.77 -49.60
CA MET F 2968 88.22 -95.04 -51.03
C MET F 2968 88.67 -96.47 -51.31
N ASP F 2969 89.66 -96.95 -50.56
CA ASP F 2969 90.06 -98.35 -50.71
C ASP F 2969 88.89 -99.29 -50.36
N ILE F 2970 88.25 -99.03 -49.22
CA ILE F 2970 87.09 -99.85 -48.84
C ILE F 2970 86.03 -99.79 -49.92
N SER F 2971 85.87 -98.62 -50.54
CA SER F 2971 84.92 -98.48 -51.63
C SER F 2971 85.30 -99.34 -52.81
N GLN F 2972 86.58 -99.39 -53.14
CA GLN F 2972 87.01 -100.25 -54.24
C GLN F 2972 86.64 -101.69 -53.98
N GLU F 2973 86.89 -102.17 -52.76
CA GLU F 2973 86.50 -103.55 -52.43
C GLU F 2973 84.99 -103.76 -52.56
N PHE F 2974 84.18 -102.92 -51.94
CA PHE F 2974 82.75 -103.25 -51.98
C PHE F 2974 82.15 -103.00 -53.36
N ILE F 2975 82.72 -102.09 -54.15
CA ILE F 2975 82.24 -101.89 -55.51
C ILE F 2975 82.59 -103.09 -56.37
N ALA F 2976 83.79 -103.64 -56.19
CA ALA F 2976 84.15 -104.86 -56.91
C ALA F 2976 83.18 -105.98 -56.56
N HIS F 2977 82.87 -106.13 -55.28
CA HIS F 2977 81.94 -107.18 -54.87
C HIS F 2977 80.56 -106.96 -55.48
N LEU F 2978 80.07 -105.72 -55.44
CA LEU F 2978 78.74 -105.42 -55.97
C LEU F 2978 78.68 -105.69 -57.46
N GLU F 2979 79.73 -105.29 -58.19
CA GLU F 2979 79.77 -105.56 -59.62
C GLU F 2979 79.79 -107.05 -59.90
N ALA F 2980 80.58 -107.81 -59.13
CA ALA F 2980 80.64 -109.25 -59.34
C ALA F 2980 79.28 -109.89 -59.13
N VAL F 2981 78.60 -109.53 -58.04
CA VAL F 2981 77.31 -110.15 -57.75
C VAL F 2981 76.27 -109.74 -58.78
N VAL F 2982 76.31 -108.49 -59.24
CA VAL F 2982 75.38 -108.07 -60.28
C VAL F 2982 75.64 -108.85 -61.56
N SER F 2983 76.91 -109.04 -61.92
CA SER F 2983 77.23 -109.79 -63.13
C SER F 2983 76.75 -111.23 -63.03
N SER F 2984 76.97 -111.87 -61.89
CA SER F 2984 76.58 -113.26 -61.72
C SER F 2984 76.23 -113.53 -60.26
N GLY F 2985 75.38 -114.53 -60.04
CA GLY F 2985 75.04 -114.95 -58.70
C GLY F 2985 74.41 -113.85 -57.87
N ARG F 2986 73.17 -113.49 -58.17
CA ARG F 2986 72.48 -112.40 -57.47
C ARG F 2986 72.72 -112.49 -55.97
N VAL F 2987 73.13 -111.36 -55.38
CA VAL F 2987 73.33 -111.25 -53.94
C VAL F 2987 72.54 -110.05 -53.45
N GLU F 2988 71.65 -110.27 -52.49
CA GLU F 2988 70.87 -109.19 -51.88
C GLU F 2988 71.22 -108.93 -50.43
N LYS F 2989 71.93 -109.86 -49.77
CA LYS F 2989 72.35 -109.63 -48.40
C LYS F 2989 73.29 -108.43 -48.33
N SER F 2990 74.18 -108.28 -49.31
CA SER F 2990 75.06 -107.12 -49.39
C SER F 2990 75.82 -106.95 -48.06
N PRO F 2991 76.82 -107.79 -47.79
CA PRO F 2991 77.52 -107.69 -46.50
C PRO F 2991 78.18 -106.35 -46.28
N HIS F 2992 78.44 -105.58 -47.34
CA HIS F 2992 78.94 -104.21 -47.23
C HIS F 2992 77.82 -103.19 -47.39
N GLU F 2993 76.60 -103.53 -46.98
CA GLU F 2993 75.49 -102.57 -47.08
C GLU F 2993 75.77 -101.34 -46.24
N GLN F 2994 76.26 -101.54 -45.02
CA GLN F 2994 76.57 -100.42 -44.15
C GLN F 2994 77.66 -99.55 -44.75
N GLU F 2995 78.68 -100.18 -45.32
CA GLU F 2995 79.75 -99.43 -45.97
C GLU F 2995 79.21 -98.61 -47.13
N ILE F 2996 78.35 -99.22 -47.94
CA ILE F 2996 77.75 -98.49 -49.06
C ILE F 2996 77.00 -97.28 -48.55
N LYS F 2997 76.14 -97.47 -47.55
CA LYS F 2997 75.32 -96.37 -47.06
C LYS F 2997 76.17 -95.27 -46.48
N PHE F 2998 77.18 -95.63 -45.68
CA PHE F 2998 78.07 -94.62 -45.14
C PHE F 2998 78.75 -93.84 -46.25
N PHE F 2999 79.38 -94.54 -47.20
CA PHE F 2999 80.14 -93.85 -48.22
C PHE F 2999 79.25 -92.93 -49.05
N ALA F 3000 78.04 -93.35 -49.36
CA ALA F 3000 77.18 -92.59 -50.24
C ALA F 3000 76.33 -91.54 -49.53
N LYS F 3001 76.21 -91.60 -48.19
CA LYS F 3001 75.36 -90.68 -47.47
C LYS F 3001 76.12 -89.75 -46.53
N ILE F 3002 77.39 -90.02 -46.26
CA ILE F 3002 78.17 -89.19 -45.34
C ILE F 3002 79.37 -88.63 -46.09
N LEU F 3003 80.20 -89.50 -46.65
CA LEU F 3003 81.46 -89.06 -47.22
C LEU F 3003 81.24 -88.12 -48.40
N LEU F 3004 80.35 -88.48 -49.32
CA LEU F 3004 80.17 -87.65 -50.50
C LEU F 3004 79.67 -86.25 -50.16
N PRO F 3005 78.59 -86.08 -49.40
CA PRO F 3005 78.24 -84.71 -48.98
C PRO F 3005 79.35 -84.04 -48.18
N LEU F 3006 80.01 -84.79 -47.31
CA LEU F 3006 81.13 -84.24 -46.55
C LEU F 3006 82.20 -83.73 -47.49
N ILE F 3007 82.83 -84.63 -48.24
CA ILE F 3007 83.84 -84.24 -49.22
C ILE F 3007 83.40 -82.99 -49.98
N ASN F 3008 82.17 -83.01 -50.50
CA ASN F 3008 81.69 -81.91 -51.32
C ASN F 3008 81.78 -80.59 -50.54
N GLN F 3009 81.18 -80.54 -49.36
CA GLN F 3009 81.17 -79.29 -48.60
C GLN F 3009 82.57 -78.88 -48.18
N TYR F 3010 83.35 -79.82 -47.67
CA TYR F 3010 84.67 -79.49 -47.14
C TYR F 3010 85.56 -78.91 -48.22
N PHE F 3011 85.57 -79.52 -49.40
CA PHE F 3011 86.45 -79.03 -50.45
C PHE F 3011 85.84 -77.91 -51.26
N THR F 3012 84.55 -77.63 -51.09
CA THR F 3012 84.01 -76.37 -51.59
C THR F 3012 84.46 -75.22 -50.70
N ASN F 3013 84.48 -75.42 -49.38
CA ASN F 3013 84.90 -74.37 -48.47
C ASN F 3013 86.40 -74.14 -48.54
N HIS F 3014 87.20 -75.16 -48.20
CA HIS F 3014 88.65 -74.99 -48.10
C HIS F 3014 89.33 -75.26 -49.43
N CYS F 3015 88.82 -74.61 -50.47
CA CYS F 3015 89.43 -74.72 -51.79
C CYS F 3015 90.67 -73.86 -51.91
N LEU F 3016 90.62 -72.64 -51.37
CA LEU F 3016 91.74 -71.71 -51.51
C LEU F 3016 92.96 -72.22 -50.76
N TYR F 3017 92.75 -72.84 -49.60
CA TYR F 3017 93.86 -73.37 -48.82
C TYR F 3017 94.66 -74.40 -49.61
N PHE F 3018 93.96 -75.24 -50.39
CA PHE F 3018 94.64 -76.31 -51.11
C PHE F 3018 95.30 -75.83 -52.39
N LEU F 3019 94.92 -74.66 -52.89
CA LEU F 3019 95.53 -74.10 -54.09
C LEU F 3019 96.62 -73.09 -53.80
N SER F 3020 96.81 -72.70 -52.54
CA SER F 3020 97.82 -71.71 -52.19
C SER F 3020 99.21 -72.33 -52.20
N THR F 3021 100.20 -71.49 -52.50
CA THR F 3021 101.60 -71.89 -52.51
C THR F 3021 102.42 -70.91 -51.68
N PRO F 3022 103.60 -71.31 -51.22
CA PRO F 3022 104.41 -70.38 -50.41
C PRO F 3022 104.67 -69.07 -51.11
N ALA F 3023 104.93 -69.11 -52.41
CA ALA F 3023 105.17 -67.88 -53.17
C ALA F 3023 103.93 -67.01 -53.22
N LYS F 3024 102.77 -67.63 -53.44
CA LYS F 3024 101.51 -66.91 -53.60
C LYS F 3024 100.45 -67.59 -52.74
N VAL F 3025 100.11 -66.96 -51.62
CA VAL F 3025 99.01 -67.41 -50.78
C VAL F 3025 97.77 -66.64 -51.21
N LEU F 3026 96.83 -67.33 -51.85
CA LEU F 3026 95.62 -66.71 -52.37
C LEU F 3026 94.41 -66.93 -51.47
N GLY F 3027 94.63 -67.38 -50.24
CA GLY F 3027 93.58 -67.56 -49.26
C GLY F 3027 93.76 -66.61 -48.09
N SER F 3028 92.89 -66.80 -47.09
CA SER F 3028 92.95 -65.96 -45.89
C SER F 3028 94.27 -66.15 -45.16
N GLY F 3029 94.71 -67.39 -45.01
CA GLY F 3029 95.95 -67.68 -44.32
C GLY F 3029 96.27 -69.16 -44.33
N GLY F 3030 97.55 -69.48 -44.49
CA GLY F 3030 97.95 -70.87 -44.54
C GLY F 3030 97.88 -71.43 -45.94
N HIS F 3031 98.67 -72.47 -46.19
CA HIS F 3031 98.72 -73.13 -47.48
C HIS F 3031 98.90 -74.63 -47.25
N ALA F 3032 98.26 -75.43 -48.09
CA ALA F 3032 98.37 -76.87 -47.97
C ALA F 3032 99.81 -77.31 -48.25
N SER F 3033 100.26 -78.31 -47.51
CA SER F 3033 101.58 -78.88 -47.74
C SER F 3033 101.56 -79.74 -49.00
N ASN F 3034 102.76 -80.09 -49.47
CA ASN F 3034 102.85 -80.92 -50.66
C ASN F 3034 102.21 -82.28 -50.44
N LYS F 3035 102.32 -82.82 -49.23
CA LYS F 3035 101.69 -84.11 -48.94
C LYS F 3035 100.18 -84.01 -49.06
N GLU F 3036 99.59 -82.93 -48.53
CA GLU F 3036 98.14 -82.75 -48.66
C GLU F 3036 97.75 -82.56 -50.11
N LYS F 3037 98.53 -81.78 -50.87
CA LYS F 3037 98.24 -81.59 -52.28
C LYS F 3037 98.29 -82.90 -53.04
N GLU F 3038 99.21 -83.78 -52.69
CA GLU F 3038 99.28 -85.08 -53.34
C GLU F 3038 98.13 -85.99 -52.93
N MET F 3039 97.75 -85.94 -51.65
CA MET F 3039 96.64 -86.79 -51.20
C MET F 3039 95.34 -86.38 -51.86
N ILE F 3040 95.12 -85.09 -52.06
CA ILE F 3040 93.90 -84.66 -52.72
C ILE F 3040 93.87 -85.15 -54.16
N THR F 3041 95.02 -85.14 -54.84
CA THR F 3041 95.09 -85.68 -56.20
C THR F 3041 94.83 -87.17 -56.21
N SER F 3042 95.39 -87.91 -55.25
CA SER F 3042 95.10 -89.32 -55.16
C SER F 3042 93.62 -89.57 -54.95
N LEU F 3043 92.99 -88.76 -54.10
CA LEU F 3043 91.55 -88.88 -53.87
C LEU F 3043 90.77 -88.68 -55.16
N PHE F 3044 91.10 -87.63 -55.90
CA PHE F 3044 90.38 -87.36 -57.14
C PHE F 3044 90.55 -88.51 -58.12
N CYS F 3045 91.78 -88.96 -58.33
CA CYS F 3045 92.03 -90.04 -59.29
C CYS F 3045 91.33 -91.33 -58.85
N LYS F 3046 91.40 -91.66 -57.56
CA LYS F 3046 90.76 -92.87 -57.08
C LYS F 3046 89.25 -92.81 -57.25
N LEU F 3047 88.64 -91.66 -56.95
CA LEU F 3047 87.20 -91.54 -57.11
C LEU F 3047 86.80 -91.66 -58.58
N ALA F 3048 87.57 -91.03 -59.47
CA ALA F 3048 87.28 -91.13 -60.89
C ALA F 3048 87.36 -92.58 -61.36
N ALA F 3049 88.42 -93.29 -60.95
CA ALA F 3049 88.54 -94.69 -61.34
C ALA F 3049 87.38 -95.51 -60.78
N LEU F 3050 86.99 -95.24 -59.54
CA LEU F 3050 85.88 -95.97 -58.94
C LEU F 3050 84.60 -95.77 -59.75
N VAL F 3051 84.29 -94.54 -60.14
CA VAL F 3051 83.06 -94.29 -60.87
C VAL F 3051 83.14 -94.67 -62.34
N ARG F 3052 84.34 -94.93 -62.86
CA ARG F 3052 84.48 -95.28 -64.27
C ARG F 3052 83.58 -96.46 -64.65
N HIS F 3053 82.74 -96.25 -65.66
CA HIS F 3053 81.90 -97.31 -66.21
C HIS F 3053 81.03 -97.95 -65.14
N ARG F 3054 80.68 -97.19 -64.10
CA ARG F 3054 79.90 -97.73 -63.00
C ARG F 3054 78.86 -96.73 -62.52
N VAL F 3055 78.37 -95.87 -63.43
CA VAL F 3055 77.38 -94.88 -63.03
C VAL F 3055 76.10 -95.56 -62.56
N SER F 3056 75.68 -96.61 -63.25
CA SER F 3056 74.44 -97.30 -62.86
C SER F 3056 74.55 -97.89 -61.48
N LEU F 3057 75.70 -98.46 -61.14
CA LEU F 3057 75.86 -99.09 -59.83
C LEU F 3057 75.50 -98.12 -58.72
N PHE F 3058 76.03 -96.90 -58.78
CA PHE F 3058 75.66 -95.90 -57.79
C PHE F 3058 74.22 -95.45 -57.97
N GLY F 3059 73.76 -95.36 -59.21
CA GLY F 3059 72.36 -95.03 -59.43
C GLY F 3059 72.06 -93.61 -59.04
N THR F 3060 71.28 -93.45 -57.96
CA THR F 3060 70.86 -92.12 -57.52
C THR F 3060 71.97 -91.34 -56.85
N ASP F 3061 73.08 -91.98 -56.49
CA ASP F 3061 74.24 -91.29 -55.95
C ASP F 3061 75.26 -90.92 -57.00
N ALA F 3062 75.01 -91.27 -58.27
CA ALA F 3062 75.90 -90.85 -59.35
C ALA F 3062 75.98 -89.34 -59.44
N PRO F 3063 74.89 -88.58 -59.33
CA PRO F 3063 75.03 -87.12 -59.31
C PRO F 3063 75.91 -86.62 -58.19
N ALA F 3064 75.83 -87.23 -57.00
CA ALA F 3064 76.69 -86.82 -55.90
C ALA F 3064 78.15 -87.13 -56.21
N VAL F 3065 78.42 -88.29 -56.80
CA VAL F 3065 79.80 -88.63 -57.16
C VAL F 3065 80.33 -87.64 -58.18
N VAL F 3066 79.51 -87.28 -59.17
CA VAL F 3066 79.95 -86.34 -60.19
C VAL F 3066 80.21 -84.97 -59.59
N ASN F 3067 79.35 -84.53 -58.66
CA ASN F 3067 79.58 -83.25 -58.01
C ASN F 3067 80.86 -83.26 -57.21
N CYS F 3068 81.12 -84.36 -56.50
CA CYS F 3068 82.37 -84.46 -55.75
C CYS F 3068 83.57 -84.41 -56.66
N LEU F 3069 83.48 -85.07 -57.83
CA LEU F 3069 84.57 -85.00 -58.78
C LEU F 3069 84.78 -83.58 -59.29
N HIS F 3070 83.68 -82.86 -59.54
CA HIS F 3070 83.79 -81.45 -59.93
C HIS F 3070 84.55 -80.67 -58.87
N ILE F 3071 84.16 -80.82 -57.61
CA ILE F 3071 84.78 -80.05 -56.54
C ILE F 3071 86.25 -80.38 -56.42
N LEU F 3072 86.60 -81.67 -56.45
CA LEU F 3072 87.99 -82.06 -56.32
C LEU F 3072 88.81 -81.53 -57.49
N ALA F 3073 88.27 -81.62 -58.70
CA ALA F 3073 88.99 -81.08 -59.86
C ALA F 3073 89.23 -79.60 -59.70
N ARG F 3074 88.23 -78.85 -59.24
CA ARG F 3074 88.43 -77.43 -59.01
C ARG F 3074 89.38 -77.14 -57.86
N SER F 3075 89.63 -78.12 -56.99
CA SER F 3075 90.55 -77.93 -55.87
C SER F 3075 91.91 -78.61 -56.09
N LEU F 3076 92.18 -79.09 -57.30
CA LEU F 3076 93.42 -79.81 -57.59
C LEU F 3076 94.58 -78.84 -57.82
N ASP F 3077 95.73 -79.11 -57.20
CA ASP F 3077 96.96 -78.37 -57.48
C ASP F 3077 97.88 -79.22 -58.36
N ALA F 3078 97.50 -79.29 -59.64
CA ALA F 3078 98.21 -80.15 -60.57
C ALA F 3078 99.64 -79.68 -60.78
N ARG F 3079 99.87 -78.37 -60.79
CA ARG F 3079 101.21 -77.85 -61.05
C ARG F 3079 102.20 -78.37 -60.02
N THR F 3080 101.91 -78.17 -58.74
CA THR F 3080 102.81 -78.65 -57.69
C THR F 3080 102.90 -80.16 -57.72
N VAL F 3081 101.76 -80.85 -57.87
CA VAL F 3081 101.78 -82.30 -57.82
C VAL F 3081 102.69 -82.86 -58.90
N MET F 3082 102.62 -82.30 -60.11
CA MET F 3082 103.41 -82.81 -61.22
C MET F 3082 104.87 -82.39 -61.09
N LYS F 3083 105.13 -81.15 -60.69
CA LYS F 3083 106.52 -80.69 -60.58
C LYS F 3083 107.28 -81.49 -59.54
N SER F 3084 106.66 -81.75 -58.39
CA SER F 3084 107.34 -82.50 -57.32
C SER F 3084 106.29 -83.33 -56.60
N GLY F 3085 106.16 -84.58 -57.00
CA GLY F 3085 105.23 -85.48 -56.38
C GLY F 3085 105.65 -86.93 -56.56
N PRO F 3086 105.16 -87.82 -55.70
CA PRO F 3086 105.52 -89.23 -55.83
C PRO F 3086 105.10 -89.80 -57.19
N GLU F 3087 105.92 -90.70 -57.70
CA GLU F 3087 105.64 -91.33 -58.98
C GLU F 3087 104.27 -92.00 -58.96
N ILE F 3088 103.83 -92.46 -57.79
CA ILE F 3088 102.52 -93.11 -57.71
C ILE F 3088 101.41 -92.10 -58.01
N VAL F 3089 101.49 -90.91 -57.42
CA VAL F 3089 100.45 -89.91 -57.66
C VAL F 3089 100.51 -89.41 -59.10
N LYS F 3090 101.72 -89.17 -59.62
CA LYS F 3090 101.83 -88.74 -61.00
C LYS F 3090 101.27 -89.80 -61.94
N ALA F 3091 101.55 -91.07 -61.67
CA ALA F 3091 101.00 -92.14 -62.49
C ALA F 3091 99.50 -92.20 -62.39
N GLY F 3092 98.94 -91.94 -61.20
CA GLY F 3092 97.49 -91.91 -61.07
C GLY F 3092 96.87 -90.85 -61.94
N LEU F 3093 97.44 -89.65 -61.94
CA LEU F 3093 96.89 -88.57 -62.77
C LEU F 3093 97.03 -88.89 -64.25
N ARG F 3094 98.21 -89.40 -64.66
CA ARG F 3094 98.41 -89.75 -66.06
C ARG F 3094 97.45 -90.85 -66.49
N SER F 3095 97.21 -91.84 -65.62
CA SER F 3095 96.26 -92.88 -65.94
C SER F 3095 94.85 -92.34 -66.05
N PHE F 3096 94.48 -91.37 -65.21
CA PHE F 3096 93.18 -90.73 -65.38
C PHE F 3096 93.06 -90.14 -66.77
N PHE F 3097 94.06 -89.37 -67.19
CA PHE F 3097 93.98 -88.72 -68.50
C PHE F 3097 93.94 -89.76 -69.62
N GLU F 3098 94.76 -90.80 -69.53
CA GLU F 3098 94.79 -91.82 -70.58
C GLU F 3098 93.46 -92.56 -70.66
N SER F 3099 92.88 -92.93 -69.52
CA SER F 3099 91.60 -93.60 -69.53
C SER F 3099 90.52 -92.70 -70.10
N ALA F 3100 90.55 -91.41 -69.76
CA ALA F 3100 89.57 -90.48 -70.33
C ALA F 3100 89.70 -90.44 -71.85
N SER F 3101 90.93 -90.36 -72.36
CA SER F 3101 91.11 -90.33 -73.79
C SER F 3101 90.57 -91.60 -74.45
N GLU F 3102 90.86 -92.76 -73.84
CA GLU F 3102 90.38 -94.02 -74.42
C GLU F 3102 88.87 -94.08 -74.43
N ASP F 3103 88.24 -93.66 -73.34
CA ASP F 3103 86.78 -93.67 -73.29
C ASP F 3103 86.19 -92.73 -74.33
N ILE F 3104 86.80 -91.57 -74.52
CA ILE F 3104 86.32 -90.63 -75.52
C ILE F 3104 86.45 -91.24 -76.91
N GLU F 3105 87.57 -91.90 -77.18
CA GLU F 3105 87.76 -92.52 -78.49
C GLU F 3105 86.71 -93.58 -78.76
N LYS F 3106 86.45 -94.44 -77.77
CA LYS F 3106 85.46 -95.49 -77.96
C LYS F 3106 84.07 -94.88 -78.14
N MET F 3107 83.75 -93.85 -77.37
CA MET F 3107 82.47 -93.18 -77.51
C MET F 3107 82.31 -92.60 -78.90
N VAL F 3108 83.37 -91.97 -79.42
CA VAL F 3108 83.25 -91.27 -80.71
C VAL F 3108 83.12 -92.29 -81.84
N GLU F 3109 83.90 -93.37 -81.78
CA GLU F 3109 83.78 -94.38 -82.84
C GLU F 3109 82.40 -95.02 -82.81
N ASN F 3110 81.87 -95.30 -81.62
CA ASN F 3110 80.51 -95.84 -81.54
C ASN F 3110 79.50 -94.85 -82.07
N LEU F 3111 79.64 -93.58 -81.73
CA LEU F 3111 78.68 -92.57 -82.19
C LEU F 3111 78.66 -92.48 -83.70
N ARG F 3112 79.83 -92.49 -84.33
CA ARG F 3112 79.84 -92.50 -85.78
C ARG F 3112 79.38 -93.84 -86.35
N LEU F 3113 79.42 -94.91 -85.56
CA LEU F 3113 78.93 -96.21 -86.00
C LEU F 3113 79.80 -96.75 -87.12
N LYS F 3124 76.20 -104.44 -73.85
CA LYS F 3124 76.00 -103.38 -72.87
C LYS F 3124 77.14 -102.37 -72.89
N GLY F 3125 78.22 -102.71 -73.58
CA GLY F 3125 79.36 -101.81 -73.63
C GLY F 3125 79.01 -100.45 -74.21
N VAL F 3126 78.25 -100.45 -75.31
CA VAL F 3126 77.92 -99.20 -75.99
C VAL F 3126 77.10 -98.30 -75.07
N GLY F 3127 76.04 -98.85 -74.48
CA GLY F 3127 75.19 -98.04 -73.61
C GLY F 3127 75.92 -97.57 -72.37
N GLN F 3128 76.74 -98.46 -71.79
CA GLN F 3128 77.49 -98.09 -70.60
C GLN F 3128 78.44 -96.94 -70.92
N ASN F 3129 79.17 -97.04 -72.03
CA ASN F 3129 80.07 -95.96 -72.41
C ASN F 3129 79.31 -94.67 -72.67
N LEU F 3130 78.19 -94.74 -73.38
CA LEU F 3130 77.47 -93.52 -73.70
C LEU F 3130 76.99 -92.84 -72.42
N THR F 3131 76.32 -93.57 -71.54
CA THR F 3131 75.78 -93.00 -70.32
C THR F 3131 76.84 -92.64 -69.30
N TYR F 3132 78.06 -93.18 -69.42
CA TYR F 3132 79.14 -92.76 -68.55
C TYR F 3132 79.82 -91.50 -69.07
N THR F 3133 80.19 -91.49 -70.34
CA THR F 3133 80.88 -90.33 -70.89
C THR F 3133 79.97 -89.10 -70.89
N THR F 3134 78.69 -89.28 -71.19
CA THR F 3134 77.81 -88.13 -71.28
C THR F 3134 77.48 -87.55 -69.92
N VAL F 3135 77.63 -88.33 -68.84
CA VAL F 3135 77.13 -87.92 -67.54
C VAL F 3135 78.26 -87.55 -66.59
N ALA F 3136 79.36 -88.31 -66.61
CA ALA F 3136 80.44 -88.11 -65.65
C ALA F 3136 81.71 -87.62 -66.33
N LEU F 3137 82.20 -88.30 -67.37
CA LEU F 3137 83.49 -87.95 -67.94
C LEU F 3137 83.49 -86.53 -68.49
N LEU F 3138 82.65 -86.27 -69.49
CA LEU F 3138 82.73 -85.00 -70.20
C LEU F 3138 82.59 -83.81 -69.26
N PRO F 3139 81.61 -83.76 -68.37
CA PRO F 3139 81.56 -82.63 -67.42
C PRO F 3139 82.81 -82.52 -66.56
N VAL F 3140 83.29 -83.65 -66.02
CA VAL F 3140 84.46 -83.61 -65.15
C VAL F 3140 85.70 -83.22 -65.93
N LEU F 3141 85.87 -83.78 -67.14
CA LEU F 3141 87.02 -83.41 -67.95
C LEU F 3141 86.97 -81.93 -68.32
N THR F 3142 85.79 -81.43 -68.65
CA THR F 3142 85.64 -80.01 -68.96
C THR F 3142 86.03 -79.15 -67.77
N THR F 3143 85.57 -79.52 -66.57
CA THR F 3143 85.90 -78.75 -65.38
C THR F 3143 87.40 -78.79 -65.11
N LEU F 3144 88.02 -79.96 -65.29
CA LEU F 3144 89.46 -80.06 -65.04
C LEU F 3144 90.24 -79.19 -66.01
N PHE F 3145 89.89 -79.23 -67.30
CA PHE F 3145 90.58 -78.41 -68.27
C PHE F 3145 90.36 -76.93 -67.98
N GLN F 3146 89.13 -76.55 -67.63
CA GLN F 3146 88.87 -75.16 -67.30
C GLN F 3146 89.71 -74.71 -66.11
N HIS F 3147 89.82 -75.55 -65.09
CA HIS F 3147 90.61 -75.21 -63.92
C HIS F 3147 92.08 -75.04 -64.30
N ILE F 3148 92.62 -75.97 -65.09
CA ILE F 3148 94.02 -75.89 -65.50
C ILE F 3148 94.26 -74.61 -66.28
N ALA F 3149 93.37 -74.29 -67.23
CA ALA F 3149 93.54 -73.09 -68.02
C ALA F 3149 93.45 -71.84 -67.15
N GLN F 3150 92.50 -71.80 -66.23
CA GLN F 3150 92.34 -70.63 -65.39
C GLN F 3150 93.57 -70.39 -64.52
N HIS F 3151 94.14 -71.43 -63.95
CA HIS F 3151 95.30 -71.26 -63.08
C HIS F 3151 96.62 -71.35 -63.81
N GLN F 3152 96.60 -71.48 -65.13
CA GLN F 3152 97.82 -71.42 -65.94
C GLN F 3152 98.73 -72.61 -65.63
N PHE F 3153 98.12 -73.74 -65.32
CA PHE F 3153 98.85 -74.97 -65.06
C PHE F 3153 99.18 -75.73 -66.33
N GLY F 3154 98.67 -75.29 -67.49
CA GLY F 3154 98.82 -76.09 -68.70
C GLY F 3154 100.27 -76.35 -69.05
N ASP F 3155 101.12 -75.33 -68.92
CA ASP F 3155 102.52 -75.48 -69.29
C ASP F 3155 103.25 -76.52 -68.46
N ASP F 3156 102.74 -76.85 -67.28
CA ASP F 3156 103.41 -77.78 -66.37
C ASP F 3156 102.70 -79.12 -66.21
N VAL F 3157 101.39 -79.18 -66.46
CA VAL F 3157 100.64 -80.42 -66.27
C VAL F 3157 100.59 -81.20 -67.56
N ILE F 3158 100.21 -80.54 -68.65
CA ILE F 3158 99.97 -81.23 -69.91
C ILE F 3158 101.29 -81.35 -70.67
N LEU F 3159 102.05 -82.39 -70.35
CA LEU F 3159 103.32 -82.67 -70.99
C LEU F 3159 103.48 -84.17 -71.19
N ASP F 3160 104.26 -84.54 -72.20
CA ASP F 3160 104.57 -85.94 -72.46
C ASP F 3160 103.31 -86.78 -72.60
N ASP F 3161 103.11 -87.76 -71.72
CA ASP F 3161 101.99 -88.68 -71.87
C ASP F 3161 100.66 -87.94 -71.76
N VAL F 3162 100.58 -86.99 -70.84
CA VAL F 3162 99.36 -86.19 -70.73
C VAL F 3162 99.13 -85.43 -72.03
N GLN F 3163 100.20 -84.93 -72.64
CA GLN F 3163 100.06 -84.24 -73.92
C GLN F 3163 99.52 -85.17 -75.00
N VAL F 3164 100.03 -86.40 -75.04
CA VAL F 3164 99.56 -87.35 -76.04
C VAL F 3164 98.07 -87.65 -75.82
N SER F 3165 97.68 -87.86 -74.57
CA SER F 3165 96.28 -88.14 -74.27
C SER F 3165 95.40 -86.96 -74.68
N CYS F 3166 95.85 -85.73 -74.39
CA CYS F 3166 95.08 -84.56 -74.78
C CYS F 3166 94.99 -84.44 -76.30
N TYR F 3167 96.07 -84.74 -77.02
CA TYR F 3167 96.01 -84.74 -78.47
C TYR F 3167 94.94 -85.70 -78.96
N ARG F 3168 94.96 -86.93 -78.44
CA ARG F 3168 93.99 -87.92 -78.88
C ARG F 3168 92.56 -87.45 -78.60
N THR F 3169 92.31 -86.98 -77.38
CA THR F 3169 90.96 -86.50 -77.04
C THR F 3169 90.54 -85.36 -77.96
N LEU F 3170 91.40 -84.36 -78.09
CA LEU F 3170 91.07 -83.17 -78.87
C LEU F 3170 90.70 -83.55 -80.29
N CYS F 3171 91.55 -84.31 -80.97
CA CYS F 3171 91.31 -84.50 -82.39
C CYS F 3171 90.35 -85.65 -82.66
N SER F 3172 90.05 -86.48 -81.66
CA SER F 3172 88.89 -87.36 -81.79
C SER F 3172 87.59 -86.54 -81.74
N ILE F 3173 87.48 -85.64 -80.77
CA ILE F 3173 86.30 -84.78 -80.71
C ILE F 3173 86.17 -84.00 -82.00
N TYR F 3174 87.28 -83.48 -82.52
CA TYR F 3174 87.19 -82.77 -83.80
C TYR F 3174 86.77 -83.70 -84.94
N SER F 3175 87.35 -84.89 -85.02
CA SER F 3175 86.99 -85.81 -86.10
C SER F 3175 85.51 -86.14 -86.06
N LEU F 3176 84.87 -85.98 -84.89
CA LEU F 3176 83.43 -86.14 -84.85
C LEU F 3176 82.76 -84.91 -85.44
N GLY F 3177 83.07 -84.59 -86.69
CA GLY F 3177 82.48 -83.44 -87.35
C GLY F 3177 81.70 -83.80 -88.60
N THR F 3178 82.14 -84.85 -89.30
CA THR F 3178 81.47 -85.23 -90.53
C THR F 3178 80.14 -85.93 -90.25
N THR F 3179 80.04 -86.58 -89.09
CA THR F 3179 78.85 -87.34 -88.77
C THR F 3179 77.63 -86.42 -88.66
N ARG F 3180 76.48 -86.94 -89.06
CA ARG F 3180 75.23 -86.20 -89.01
C ARG F 3180 74.15 -86.96 -88.23
N ASN F 3181 74.55 -87.85 -87.34
CA ASN F 3181 73.60 -88.67 -86.63
C ASN F 3181 72.89 -87.85 -85.55
N PRO F 3182 71.64 -88.19 -85.21
CA PRO F 3182 70.94 -87.42 -84.16
C PRO F 3182 71.64 -87.45 -82.81
N TYR F 3183 72.30 -88.55 -82.45
CA TYR F 3183 73.06 -88.55 -81.20
C TYR F 3183 74.15 -87.49 -81.24
N VAL F 3184 74.83 -87.37 -82.38
CA VAL F 3184 75.83 -86.31 -82.53
C VAL F 3184 75.16 -84.95 -82.41
N GLU F 3185 74.01 -84.78 -83.04
CA GLU F 3185 73.31 -83.50 -82.96
C GLU F 3185 73.02 -83.14 -81.51
N LYS F 3186 72.66 -84.14 -80.70
CA LYS F 3186 72.33 -83.89 -79.30
C LYS F 3186 73.58 -83.63 -78.46
N LEU F 3187 74.69 -84.30 -78.76
CA LEU F 3187 75.88 -84.22 -77.94
C LEU F 3187 76.85 -83.13 -78.35
N ARG F 3188 76.62 -82.46 -79.48
CA ARG F 3188 77.57 -81.47 -79.96
C ARG F 3188 77.88 -80.38 -78.93
N PRO F 3189 76.92 -79.82 -78.21
CA PRO F 3189 77.23 -78.75 -77.27
C PRO F 3189 78.29 -79.11 -76.23
N ALA F 3190 78.12 -80.25 -75.56
CA ALA F 3190 79.06 -80.65 -74.52
C ALA F 3190 80.43 -80.92 -75.10
N LEU F 3191 80.49 -81.59 -76.25
CA LEU F 3191 81.77 -81.85 -76.89
C LEU F 3191 82.46 -80.55 -77.26
N GLY F 3192 81.71 -79.59 -77.77
CA GLY F 3192 82.30 -78.31 -78.12
C GLY F 3192 82.83 -77.56 -76.92
N GLU F 3193 82.09 -77.60 -75.81
CA GLU F 3193 82.59 -76.95 -74.59
C GLU F 3193 83.87 -77.60 -74.10
N CYS F 3194 83.91 -78.94 -74.11
CA CYS F 3194 85.12 -79.64 -73.70
C CYS F 3194 86.28 -79.27 -74.61
N LEU F 3195 86.04 -79.20 -75.92
CA LEU F 3195 87.10 -78.83 -76.84
C LEU F 3195 87.57 -77.40 -76.60
N ALA F 3196 86.66 -76.48 -76.28
CA ALA F 3196 87.06 -75.12 -76.00
C ALA F 3196 87.96 -75.05 -74.78
N ARG F 3197 87.57 -75.73 -73.70
CA ARG F 3197 88.40 -75.74 -72.50
C ARG F 3197 89.76 -76.38 -72.77
N LEU F 3198 89.77 -77.47 -73.53
CA LEU F 3198 91.04 -78.14 -73.83
C LEU F 3198 91.93 -77.26 -74.71
N ALA F 3199 91.33 -76.53 -75.64
CA ALA F 3199 92.12 -75.61 -76.46
C ALA F 3199 92.69 -74.48 -75.62
N ALA F 3200 91.94 -74.02 -74.63
CA ALA F 3200 92.46 -73.03 -73.71
C ALA F 3200 93.61 -73.56 -72.87
N ALA F 3201 93.56 -74.82 -72.47
CA ALA F 3201 94.56 -75.39 -71.57
C ALA F 3201 95.77 -75.99 -72.26
N MET F 3202 95.67 -76.38 -73.53
CA MET F 3202 96.72 -77.11 -74.20
C MET F 3202 97.94 -76.22 -74.41
N PRO F 3203 99.15 -76.66 -74.01
CA PRO F 3203 100.32 -75.79 -74.11
C PRO F 3203 101.05 -75.87 -75.44
N VAL F 3204 100.44 -76.44 -76.47
CA VAL F 3204 101.04 -76.55 -77.79
C VAL F 3204 100.07 -76.00 -78.81
N ALA F 3205 100.58 -75.18 -79.73
CA ALA F 3205 99.75 -74.59 -80.77
C ALA F 3205 99.42 -75.64 -81.83
N PHE F 3206 98.40 -76.45 -81.57
CA PHE F 3206 98.10 -77.57 -82.47
C PHE F 3206 97.63 -77.07 -83.83
N LEU F 3207 97.18 -75.83 -83.93
CA LEU F 3207 96.72 -75.27 -85.19
C LEU F 3207 97.84 -74.62 -85.99
N GLU F 3208 99.05 -74.55 -85.44
CA GLU F 3208 100.20 -73.95 -86.11
C GLU F 3208 101.40 -74.89 -85.97
N PRO F 3209 101.33 -76.07 -86.59
CA PRO F 3209 102.41 -77.05 -86.43
C PRO F 3209 103.71 -76.65 -87.11
N GLU F 3210 103.71 -75.60 -87.93
CA GLU F 3210 104.93 -75.20 -88.62
C GLU F 3210 105.92 -74.48 -87.72
N LEU F 3211 105.49 -74.03 -86.55
CA LEU F 3211 106.35 -73.33 -85.60
C LEU F 3211 106.60 -74.13 -84.33
N ASN F 3212 106.30 -75.43 -84.35
CA ASN F 3212 106.40 -76.22 -83.12
C ASN F 3212 107.83 -76.29 -82.60
N GLU F 3213 108.82 -76.16 -83.48
CA GLU F 3213 110.22 -76.24 -83.04
C GLU F 3213 110.57 -75.10 -82.09
N TYR F 3214 109.77 -74.05 -82.02
CA TYR F 3214 109.96 -72.97 -81.08
C TYR F 3214 109.26 -73.20 -79.74
N ASN F 3215 108.50 -74.27 -79.60
CA ASN F 3215 107.77 -74.53 -78.37
C ASN F 3215 108.62 -75.31 -77.39
N ALA F 3216 108.73 -74.82 -76.16
CA ALA F 3216 109.50 -75.50 -75.13
C ALA F 3216 108.71 -76.58 -74.41
N CYS F 3217 107.38 -76.56 -74.50
CA CYS F 3217 106.55 -77.56 -73.84
C CYS F 3217 106.16 -78.71 -74.75
N SER F 3218 106.48 -78.64 -76.04
CA SER F 3218 106.09 -79.69 -76.96
C SER F 3218 106.83 -80.98 -76.64
N VAL F 3219 106.12 -82.10 -76.79
CA VAL F 3219 106.75 -83.40 -76.54
C VAL F 3219 107.88 -83.63 -77.53
N TYR F 3220 107.73 -83.15 -78.76
CA TYR F 3220 108.81 -83.29 -79.74
C TYR F 3220 110.07 -82.54 -79.33
N THR F 3221 109.95 -81.55 -78.45
CA THR F 3221 111.10 -80.82 -77.93
C THR F 3221 111.64 -81.43 -76.64
N THR F 3222 110.74 -81.85 -75.74
CA THR F 3222 111.19 -82.45 -74.50
C THR F 3222 111.81 -83.82 -74.74
N LYS F 3223 111.03 -84.75 -75.29
CA LYS F 3223 111.53 -86.09 -75.55
C LYS F 3223 112.44 -86.09 -76.77
N SER F 3224 113.59 -86.73 -76.62
CA SER F 3224 114.57 -86.79 -77.70
C SER F 3224 114.05 -87.68 -78.83
N PRO F 3225 114.57 -87.48 -80.05
CA PRO F 3225 114.11 -88.32 -81.17
C PRO F 3225 114.36 -89.80 -80.93
N ARG F 3226 115.39 -90.13 -80.17
CA ARG F 3226 115.55 -91.52 -79.75
C ARG F 3226 114.36 -91.97 -78.92
N GLU F 3227 113.88 -91.10 -78.02
CA GLU F 3227 112.57 -91.28 -77.42
C GLU F 3227 111.51 -90.96 -78.46
N ARG F 3228 110.24 -91.13 -78.10
CA ARG F 3228 109.11 -90.91 -79.00
C ARG F 3228 109.02 -92.02 -80.04
N ALA F 3229 110.02 -92.91 -80.07
CA ALA F 3229 109.90 -94.12 -80.87
C ALA F 3229 109.48 -95.29 -80.00
N ILE F 3230 109.86 -95.28 -78.72
CA ILE F 3230 109.34 -96.25 -77.78
C ILE F 3230 107.82 -96.15 -77.73
N LEU F 3231 107.30 -94.93 -77.72
CA LEU F 3231 105.86 -94.71 -77.84
C LEU F 3231 105.50 -94.73 -79.32
N GLY F 3232 104.23 -94.49 -79.63
CA GLY F 3232 103.75 -94.46 -81.00
C GLY F 3232 103.81 -93.11 -81.66
N LEU F 3233 104.57 -92.17 -81.13
CA LEU F 3233 104.56 -90.81 -81.65
C LEU F 3233 105.06 -90.81 -83.10
N PRO F 3234 104.32 -90.18 -84.01
CA PRO F 3234 104.82 -90.06 -85.40
C PRO F 3234 106.14 -89.31 -85.46
N ASN F 3235 106.68 -89.23 -86.67
CA ASN F 3235 107.98 -88.58 -86.85
C ASN F 3235 107.86 -87.06 -86.75
N SER F 3236 106.82 -86.48 -87.34
CA SER F 3236 106.64 -85.04 -87.38
C SER F 3236 105.35 -84.65 -86.66
N VAL F 3237 105.36 -83.46 -86.07
CA VAL F 3237 104.21 -83.00 -85.30
C VAL F 3237 102.97 -82.90 -86.19
N GLU F 3238 103.16 -82.60 -87.47
CA GLU F 3238 102.02 -82.50 -88.37
C GLU F 3238 101.22 -83.79 -88.39
N GLU F 3239 101.87 -84.92 -88.14
CA GLU F 3239 101.19 -86.21 -88.22
C GLU F 3239 100.57 -86.62 -86.90
N MET F 3240 100.66 -85.80 -85.85
CA MET F 3240 100.04 -86.17 -84.59
C MET F 3240 98.60 -86.58 -84.80
N CYS F 3241 97.84 -85.76 -85.53
CA CYS F 3241 96.67 -86.23 -86.27
C CYS F 3241 96.25 -85.12 -87.22
N PRO F 3242 96.08 -85.43 -88.51
CA PRO F 3242 95.99 -84.37 -89.52
C PRO F 3242 94.59 -83.84 -89.77
N ASP F 3243 93.57 -84.49 -89.20
CA ASP F 3243 92.20 -84.12 -89.51
C ASP F 3243 91.96 -82.63 -89.27
N ILE F 3244 92.60 -82.06 -88.26
CA ILE F 3244 92.36 -80.65 -87.93
C ILE F 3244 93.10 -79.77 -88.93
N PRO F 3245 92.43 -78.85 -89.62
CA PRO F 3245 93.14 -77.92 -90.50
C PRO F 3245 93.97 -76.93 -89.69
N VAL F 3246 94.89 -76.27 -90.39
CA VAL F 3246 95.72 -75.27 -89.76
C VAL F 3246 94.92 -74.00 -89.52
N LEU F 3247 95.50 -73.08 -88.74
CA LEU F 3247 94.79 -71.87 -88.35
C LEU F 3247 94.36 -71.06 -89.56
N GLU F 3248 95.25 -70.94 -90.56
CA GLU F 3248 94.91 -70.17 -91.74
C GLU F 3248 93.71 -70.77 -92.46
N ARG F 3249 93.72 -72.09 -92.63
CA ARG F 3249 92.62 -72.76 -93.31
C ARG F 3249 91.32 -72.58 -92.54
N LEU F 3250 91.37 -72.73 -91.21
CA LEU F 3250 90.16 -72.59 -90.42
C LEU F 3250 89.60 -71.17 -90.53
N MET F 3251 90.47 -70.16 -90.44
CA MET F 3251 90.01 -68.79 -90.54
C MET F 3251 89.41 -68.54 -91.92
N ALA F 3252 90.05 -69.04 -92.97
CA ALA F 3252 89.53 -68.85 -94.31
C ALA F 3252 88.16 -69.50 -94.47
N GLU F 3253 88.01 -70.72 -93.95
CA GLU F 3253 86.73 -71.41 -94.09
C GLU F 3253 85.63 -70.67 -93.33
N ILE F 3254 85.91 -70.24 -92.10
CA ILE F 3254 84.90 -69.56 -91.32
C ILE F 3254 84.49 -68.26 -92.01
N GLY F 3255 85.47 -67.49 -92.48
CA GLY F 3255 85.15 -66.26 -93.18
C GLY F 3255 84.33 -66.50 -94.43
N GLY F 3256 84.73 -67.49 -95.23
CA GLY F 3256 83.99 -67.79 -96.45
C GLY F 3256 82.56 -68.16 -96.16
N LEU F 3257 82.34 -69.01 -95.14
CA LEU F 3257 80.98 -69.41 -94.80
C LEU F 3257 80.16 -68.23 -94.32
N ALA F 3258 80.74 -67.40 -93.44
CA ALA F 3258 80.01 -66.26 -92.92
C ALA F 3258 79.61 -65.32 -94.05
N GLU F 3259 80.53 -65.06 -94.98
CA GLU F 3259 80.20 -64.22 -96.12
C GLU F 3259 79.12 -64.85 -96.98
N SER F 3260 79.22 -66.14 -97.24
CA SER F 3260 78.22 -66.81 -98.06
C SER F 3260 76.86 -66.83 -97.38
N GLY F 3261 76.80 -66.63 -96.07
CA GLY F 3261 75.54 -66.56 -95.39
C GLY F 3261 74.90 -67.90 -95.09
N ALA F 3262 75.72 -68.93 -94.91
CA ALA F 3262 75.19 -70.24 -94.58
C ALA F 3262 74.44 -70.20 -93.25
N ARG F 3263 73.52 -71.15 -93.09
CA ARG F 3263 72.68 -71.23 -91.90
C ARG F 3263 73.15 -72.39 -91.01
N TYR F 3264 72.65 -72.39 -89.78
CA TYR F 3264 73.07 -73.36 -88.78
C TYR F 3264 72.91 -74.77 -89.33
N THR F 3265 71.87 -74.99 -90.13
CA THR F 3265 71.68 -76.30 -90.73
C THR F 3265 72.83 -76.68 -91.64
N GLU F 3266 73.43 -75.70 -92.31
CA GLU F 3266 74.57 -75.95 -93.20
C GLU F 3266 75.91 -75.84 -92.51
N MET F 3267 75.95 -75.36 -91.26
CA MET F 3267 77.20 -75.28 -90.53
C MET F 3267 77.03 -75.72 -89.09
N PRO F 3268 76.51 -76.93 -88.82
CA PRO F 3268 76.31 -77.32 -87.42
C PRO F 3268 77.61 -77.58 -86.69
N HIS F 3269 78.54 -78.30 -87.32
CA HIS F 3269 79.81 -78.61 -86.66
C HIS F 3269 80.60 -77.35 -86.38
N VAL F 3270 80.70 -76.46 -87.37
CA VAL F 3270 81.49 -75.24 -87.18
C VAL F 3270 81.02 -74.50 -85.94
N ILE F 3271 79.75 -74.07 -85.95
CA ILE F 3271 79.25 -73.18 -84.92
C ILE F 3271 79.42 -73.78 -83.53
N GLU F 3272 79.23 -75.08 -83.38
CA GLU F 3272 79.19 -75.70 -82.06
C GLU F 3272 80.53 -76.24 -81.58
N ILE F 3273 81.49 -76.45 -82.48
CA ILE F 3273 82.76 -77.05 -82.07
C ILE F 3273 83.92 -76.14 -82.48
N THR F 3274 84.00 -75.78 -83.77
CA THR F 3274 85.18 -75.10 -84.26
C THR F 3274 85.26 -73.69 -83.71
N LEU F 3275 84.15 -72.94 -83.76
CA LEU F 3275 84.18 -71.57 -83.27
C LEU F 3275 84.47 -71.53 -81.77
N PRO F 3276 83.83 -72.32 -80.93
CA PRO F 3276 84.21 -72.35 -79.51
C PRO F 3276 85.66 -72.73 -79.30
N MET F 3277 86.20 -73.64 -80.10
CA MET F 3277 87.61 -73.99 -79.98
C MET F 3277 88.50 -72.80 -80.31
N LEU F 3278 88.16 -72.07 -81.37
CA LEU F 3278 88.97 -70.94 -81.79
C LEU F 3278 88.88 -69.77 -80.82
N CYS F 3279 87.71 -69.53 -80.24
CA CYS F 3279 87.53 -68.45 -79.29
C CYS F 3279 88.32 -68.65 -78.01
N SER F 3280 88.81 -69.85 -77.77
CA SER F 3280 89.71 -70.12 -76.66
C SER F 3280 91.15 -70.27 -77.11
N TYR F 3281 91.37 -70.72 -78.35
CA TYR F 3281 92.72 -70.85 -78.87
C TYR F 3281 93.35 -69.48 -79.09
N LEU F 3282 92.64 -68.58 -79.76
CA LEU F 3282 93.24 -67.30 -80.12
C LEU F 3282 93.60 -66.47 -78.90
N PRO F 3283 92.73 -66.28 -77.91
CA PRO F 3283 93.13 -65.50 -76.73
C PRO F 3283 94.37 -66.03 -76.04
N ARG F 3284 94.52 -67.35 -75.95
CA ARG F 3284 95.65 -67.91 -75.22
C ARG F 3284 96.96 -67.68 -75.95
N TRP F 3285 96.96 -67.83 -77.27
CA TRP F 3285 98.18 -67.71 -78.03
C TRP F 3285 98.49 -66.29 -78.47
N TRP F 3286 97.53 -65.37 -78.35
CA TRP F 3286 97.83 -63.98 -78.58
C TRP F 3286 98.84 -63.44 -77.57
N GLU F 3287 98.66 -63.80 -76.30
CA GLU F 3287 99.55 -63.30 -75.26
C GLU F 3287 100.96 -63.87 -75.38
N ARG F 3288 101.10 -65.06 -75.96
CA ARG F 3288 102.39 -65.71 -76.07
C ARG F 3288 103.00 -65.60 -77.46
N GLY F 3289 102.27 -65.03 -78.42
CA GLY F 3289 102.82 -64.79 -79.73
C GLY F 3289 103.39 -63.39 -79.83
N PRO F 3290 103.66 -62.93 -81.04
CA PRO F 3290 104.14 -61.55 -81.21
C PRO F 3290 103.05 -60.56 -80.87
N GLU F 3291 103.35 -59.27 -80.97
CA GLU F 3291 102.35 -58.25 -80.70
C GLU F 3291 101.77 -58.46 -79.31
N ALA F 3292 102.62 -58.86 -78.36
CA ALA F 3292 102.20 -59.05 -76.99
C ALA F 3292 103.17 -58.33 -76.06
N PRO F 3293 102.72 -57.92 -74.87
CA PRO F 3293 103.63 -57.27 -73.92
C PRO F 3293 104.89 -58.09 -73.75
N PRO F 3294 106.05 -57.54 -74.11
CA PRO F 3294 107.32 -58.25 -73.92
C PRO F 3294 108.01 -57.87 -72.61
N PRO F 3295 107.54 -58.33 -71.45
CA PRO F 3295 108.34 -58.09 -70.24
C PRO F 3295 109.54 -59.01 -70.13
N ALA F 3296 109.40 -60.27 -70.52
CA ALA F 3296 110.49 -61.25 -70.45
C ALA F 3296 111.25 -61.36 -71.76
N LEU F 3297 110.91 -60.55 -72.77
CA LEU F 3297 111.63 -60.58 -74.03
C LEU F 3297 113.13 -60.41 -73.85
N PRO F 3298 113.62 -59.46 -73.02
CA PRO F 3298 115.05 -59.12 -73.02
C PRO F 3298 115.96 -60.32 -72.77
N ALA F 3299 115.47 -61.33 -72.07
CA ALA F 3299 116.29 -62.51 -71.80
C ALA F 3299 116.41 -63.36 -73.06
N GLY F 3300 116.90 -62.76 -74.14
CA GLY F 3300 117.00 -63.44 -75.42
C GLY F 3300 115.83 -64.33 -75.72
N ALA F 3301 114.62 -63.77 -75.71
CA ALA F 3301 113.44 -64.60 -75.92
C ALA F 3301 113.49 -65.22 -77.31
N PRO F 3302 113.33 -66.54 -77.43
CA PRO F 3302 113.26 -67.15 -78.77
C PRO F 3302 112.01 -66.70 -79.49
N PRO F 3303 111.97 -66.81 -80.81
CA PRO F 3303 110.78 -66.37 -81.55
C PRO F 3303 109.54 -67.11 -81.08
N PRO F 3304 108.39 -66.44 -81.09
CA PRO F 3304 107.17 -67.09 -80.59
C PRO F 3304 106.81 -68.31 -81.42
N CYS F 3305 106.16 -69.27 -80.77
CA CYS F 3305 105.72 -70.50 -81.42
C CYS F 3305 104.39 -70.33 -82.13
N THR F 3306 103.79 -69.14 -82.10
CA THR F 3306 102.52 -68.88 -82.76
C THR F 3306 102.63 -67.58 -83.55
N ALA F 3307 101.66 -67.38 -84.44
CA ALA F 3307 101.60 -66.19 -85.27
C ALA F 3307 100.33 -65.38 -85.05
N VAL F 3308 99.66 -65.59 -83.92
CA VAL F 3308 98.38 -64.94 -83.67
C VAL F 3308 98.62 -63.48 -83.31
N THR F 3309 97.93 -62.58 -84.00
CA THR F 3309 97.93 -61.16 -83.72
C THR F 3309 96.52 -60.71 -83.38
N SER F 3310 96.34 -59.40 -83.24
CA SER F 3310 94.99 -58.88 -83.01
C SER F 3310 94.14 -58.98 -84.26
N ASP F 3311 94.76 -59.08 -85.44
CA ASP F 3311 93.99 -59.21 -86.67
C ASP F 3311 93.18 -60.49 -86.67
N HIS F 3312 93.77 -61.58 -86.19
CA HIS F 3312 93.04 -62.85 -86.12
C HIS F 3312 91.80 -62.71 -85.27
N LEU F 3313 91.94 -62.16 -84.07
CA LEU F 3313 90.80 -62.01 -83.18
C LEU F 3313 89.76 -61.06 -83.74
N ASN F 3314 90.18 -59.96 -84.35
CA ASN F 3314 89.22 -59.04 -84.95
C ASN F 3314 88.44 -59.71 -86.07
N SER F 3315 89.14 -60.44 -86.93
CA SER F 3315 88.46 -61.14 -88.02
C SER F 3315 87.49 -62.18 -87.49
N LEU F 3316 87.90 -62.92 -86.45
CA LEU F 3316 87.02 -63.94 -85.90
C LEU F 3316 85.77 -63.30 -85.31
N LEU F 3317 85.92 -62.19 -84.59
CA LEU F 3317 84.74 -61.53 -84.03
C LEU F 3317 83.84 -61.01 -85.13
N GLY F 3318 84.42 -60.44 -86.18
CA GLY F 3318 83.61 -59.99 -87.30
C GLY F 3318 82.84 -61.12 -87.93
N ASN F 3319 83.48 -62.28 -88.10
CA ASN F 3319 82.81 -63.43 -88.69
C ASN F 3319 81.70 -63.94 -87.79
N ILE F 3320 81.95 -63.97 -86.48
CA ILE F 3320 80.91 -64.42 -85.55
C ILE F 3320 79.70 -63.50 -85.64
N LEU F 3321 79.94 -62.19 -85.67
CA LEU F 3321 78.83 -61.25 -85.78
C LEU F 3321 78.09 -61.44 -87.10
N ARG F 3322 78.83 -61.66 -88.19
CA ARG F 3322 78.19 -61.89 -89.48
C ARG F 3322 77.31 -63.12 -89.43
N ILE F 3323 77.78 -64.18 -88.78
CA ILE F 3323 77.01 -65.41 -88.70
C ILE F 3323 75.73 -65.18 -87.90
N ILE F 3324 75.84 -64.49 -86.77
CA ILE F 3324 74.64 -64.22 -85.98
C ILE F 3324 73.66 -63.39 -86.78
N VAL F 3325 74.15 -62.41 -87.53
CA VAL F 3325 73.26 -61.59 -88.33
C VAL F 3325 72.59 -62.43 -89.41
N ASN F 3326 73.35 -63.32 -90.06
CA ASN F 3326 72.78 -64.17 -91.08
C ASN F 3326 71.69 -65.08 -90.52
N ASN F 3327 71.81 -65.49 -89.26
CA ASN F 3327 70.81 -66.35 -88.64
C ASN F 3327 69.84 -65.56 -87.76
N LEU F 3328 69.83 -64.24 -87.89
CA LEU F 3328 68.89 -63.41 -87.15
C LEU F 3328 67.47 -63.67 -87.63
N GLY F 3329 66.53 -63.79 -86.68
CA GLY F 3329 65.12 -63.90 -86.98
C GLY F 3329 64.61 -65.31 -87.13
N ILE F 3330 65.50 -66.31 -87.16
CA ILE F 3330 65.05 -67.69 -87.32
C ILE F 3330 64.21 -68.09 -86.13
N ASP F 3331 63.27 -69.00 -86.35
CA ASP F 3331 62.33 -69.38 -85.31
C ASP F 3331 63.01 -70.07 -84.15
N GLU F 3332 63.96 -70.95 -84.42
CA GLU F 3332 64.63 -71.74 -83.40
C GLU F 3332 66.13 -71.66 -83.56
N ALA F 3333 66.80 -71.02 -82.60
CA ALA F 3333 68.25 -71.03 -82.55
C ALA F 3333 68.73 -70.92 -81.11
N SER F 3334 68.97 -72.06 -80.46
CA SER F 3334 69.46 -72.09 -79.10
C SER F 3334 70.98 -71.97 -79.03
N TRP F 3335 71.66 -72.06 -80.16
CA TRP F 3335 73.12 -71.98 -80.17
C TRP F 3335 73.61 -70.55 -80.06
N MET F 3336 72.71 -69.57 -80.23
CA MET F 3336 73.14 -68.18 -80.24
C MET F 3336 73.75 -67.78 -78.90
N LYS F 3337 73.09 -68.15 -77.79
CA LYS F 3337 73.60 -67.79 -76.48
C LYS F 3337 74.95 -68.46 -76.22
N ARG F 3338 75.09 -69.73 -76.58
CA ARG F 3338 76.36 -70.41 -76.39
C ARG F 3338 77.46 -69.74 -77.18
N LEU F 3339 77.18 -69.40 -78.44
CA LEU F 3339 78.20 -68.78 -79.27
C LEU F 3339 78.60 -67.42 -78.71
N ALA F 3340 77.63 -66.65 -78.24
CA ALA F 3340 77.95 -65.35 -77.65
C ALA F 3340 78.82 -65.51 -76.42
N VAL F 3341 78.48 -66.46 -75.55
CA VAL F 3341 79.27 -66.67 -74.35
C VAL F 3341 80.69 -67.09 -74.72
N PHE F 3342 80.83 -67.98 -75.70
CA PHE F 3342 82.17 -68.41 -76.10
C PHE F 3342 82.96 -67.30 -76.75
N ALA F 3343 82.29 -66.39 -77.46
CA ALA F 3343 82.97 -65.32 -78.15
C ALA F 3343 83.34 -64.15 -77.25
N GLN F 3344 82.70 -64.03 -76.09
CA GLN F 3344 82.95 -62.88 -75.22
C GLN F 3344 84.44 -62.62 -74.98
N PRO F 3345 85.26 -63.60 -74.63
CA PRO F 3345 86.67 -63.31 -74.30
C PRO F 3345 87.44 -62.63 -75.41
N ILE F 3346 87.14 -62.91 -76.69
CA ILE F 3346 87.93 -62.37 -77.79
C ILE F 3346 87.59 -60.92 -78.11
N VAL F 3347 86.63 -60.32 -77.40
CA VAL F 3347 86.20 -58.98 -77.76
C VAL F 3347 87.15 -57.91 -77.23
N SER F 3348 87.93 -58.21 -76.19
CA SER F 3348 88.81 -57.19 -75.61
C SER F 3348 89.84 -56.70 -76.61
N ARG F 3349 90.13 -57.48 -77.65
CA ARG F 3349 91.11 -57.09 -78.66
C ARG F 3349 90.46 -56.59 -79.94
N ALA F 3350 89.17 -56.30 -79.91
CA ALA F 3350 88.49 -55.80 -81.10
C ALA F 3350 89.03 -54.42 -81.47
N ARG F 3351 89.16 -54.19 -82.77
CA ARG F 3351 89.72 -52.93 -83.24
C ARG F 3351 88.63 -51.86 -83.35
N PRO F 3352 89.02 -50.59 -83.43
CA PRO F 3352 88.00 -49.53 -83.51
C PRO F 3352 87.09 -49.61 -84.72
N GLU F 3353 87.58 -50.10 -85.85
CA GLU F 3353 86.77 -50.09 -87.07
C GLU F 3353 85.60 -51.07 -86.98
N LEU F 3354 85.66 -52.02 -86.05
CA LEU F 3354 84.56 -52.97 -85.91
C LEU F 3354 83.24 -52.26 -85.67
N LEU F 3355 83.26 -51.18 -84.90
CA LEU F 3355 82.03 -50.46 -84.63
C LEU F 3355 81.25 -50.21 -85.91
N ARG F 3356 81.80 -49.37 -86.79
CA ARG F 3356 81.09 -49.01 -88.01
C ARG F 3356 80.94 -50.21 -88.93
N SER F 3357 81.95 -51.08 -89.00
CA SER F 3357 81.90 -52.15 -89.99
C SER F 3357 80.78 -53.14 -89.69
N HIS F 3358 80.66 -53.58 -88.44
CA HIS F 3358 79.71 -54.63 -88.08
C HIS F 3358 78.65 -54.16 -87.09
N PHE F 3359 79.02 -53.51 -85.99
CA PHE F 3359 78.09 -53.34 -84.90
C PHE F 3359 76.95 -52.40 -85.29
N ILE F 3360 77.26 -51.34 -86.03
CA ILE F 3360 76.22 -50.38 -86.39
C ILE F 3360 75.15 -51.01 -87.25
N PRO F 3361 75.46 -51.66 -88.37
CA PRO F 3361 74.39 -52.28 -89.17
C PRO F 3361 73.58 -53.33 -88.40
N THR F 3362 74.23 -54.12 -87.55
CA THR F 3362 73.52 -55.16 -86.82
C THR F 3362 72.47 -54.57 -85.90
N ILE F 3363 72.88 -53.62 -85.06
CA ILE F 3363 71.94 -52.99 -84.15
C ILE F 3363 70.91 -52.19 -84.94
N GLY F 3364 71.29 -51.69 -86.12
CA GLY F 3364 70.30 -51.03 -86.96
C GLY F 3364 69.19 -51.98 -87.39
N ARG F 3365 69.56 -53.17 -87.84
CA ARG F 3365 68.55 -54.16 -88.20
C ARG F 3365 67.71 -54.52 -86.99
N LEU F 3366 68.33 -54.67 -85.83
CA LEU F 3366 67.58 -55.02 -84.63
C LEU F 3366 66.57 -53.94 -84.30
N ARG F 3367 66.98 -52.67 -84.38
CA ARG F 3367 66.07 -51.57 -84.09
C ARG F 3367 64.93 -51.53 -85.10
N LYS F 3368 65.22 -51.79 -86.37
CA LYS F 3368 64.17 -51.80 -87.38
C LYS F 3368 63.15 -52.88 -87.07
N ARG F 3369 63.62 -54.07 -86.70
CA ARG F 3369 62.70 -55.15 -86.37
C ARG F 3369 61.86 -54.80 -85.15
N ALA F 3370 62.50 -54.19 -84.14
CA ALA F 3370 61.75 -53.79 -82.95
C ALA F 3370 60.66 -52.79 -83.31
N GLY F 3371 60.96 -51.85 -84.20
CA GLY F 3371 59.97 -50.90 -84.66
C GLY F 3371 58.80 -51.58 -85.33
N LYS F 3372 59.09 -52.55 -86.21
CA LYS F 3372 58.02 -53.28 -86.88
C LYS F 3372 57.13 -53.99 -85.87
N VAL F 3373 57.73 -54.69 -84.91
CA VAL F 3373 56.95 -55.43 -83.93
C VAL F 3373 56.11 -54.47 -83.09
N VAL F 3374 56.67 -53.31 -82.74
CA VAL F 3374 55.91 -52.36 -81.94
C VAL F 3374 54.73 -51.82 -82.74
N ALA F 3375 54.92 -51.57 -84.04
CA ALA F 3375 53.82 -51.10 -84.86
C ALA F 3375 52.70 -52.14 -84.92
N GLU F 3376 53.07 -53.41 -85.08
CA GLU F 3376 52.06 -54.46 -85.07
C GLU F 3376 51.33 -54.51 -83.75
N GLU F 3377 52.06 -54.39 -82.64
CA GLU F 3377 51.43 -54.40 -81.33
C GLU F 3377 50.49 -53.20 -81.16
N GLU F 3378 50.83 -52.07 -81.77
CA GLU F 3378 49.96 -50.90 -81.72
C GLU F 3378 48.65 -51.17 -82.47
N GLN F 3379 48.75 -51.67 -83.70
CA GLN F 3379 47.54 -51.99 -84.45
C GLN F 3379 46.71 -53.07 -83.76
N LEU F 3380 47.35 -53.93 -82.98
CA LEU F 3380 46.61 -54.93 -82.22
C LEU F 3380 45.60 -54.27 -81.29
N ARG F 3381 45.96 -53.12 -80.72
CA ARG F 3381 45.03 -52.40 -79.86
C ARG F 3381 43.80 -51.95 -80.63
N LEU F 3382 44.00 -51.42 -81.84
CA LEU F 3382 42.88 -51.06 -82.68
C LEU F 3382 42.01 -52.26 -83.03
N GLU F 3383 42.61 -53.43 -83.21
CA GLU F 3383 41.84 -54.64 -83.49
C GLU F 3383 40.94 -54.99 -82.30
N ALA F 3384 39.89 -55.75 -82.59
CA ALA F 3384 38.87 -56.06 -81.59
C ALA F 3384 39.36 -57.14 -80.62
N LYS F 3385 38.46 -57.61 -79.75
CA LYS F 3385 38.82 -58.53 -78.68
C LYS F 3385 38.89 -59.98 -79.15
N ALA F 3386 38.48 -60.26 -80.38
CA ALA F 3386 38.46 -61.64 -80.89
C ALA F 3386 39.73 -61.94 -81.69
N GLU F 3387 40.02 -61.18 -82.74
CA GLU F 3387 41.21 -61.46 -83.54
C GLU F 3387 42.48 -60.99 -82.82
N ALA F 3388 42.34 -60.15 -81.79
CA ALA F 3388 43.51 -59.65 -81.09
C ALA F 3388 44.29 -60.80 -80.43
N GLU F 3389 43.59 -61.81 -79.94
CA GLU F 3389 44.27 -62.90 -79.24
C GLU F 3389 45.28 -63.59 -80.15
N GLU F 3390 44.85 -63.93 -81.37
CA GLU F 3390 45.78 -64.51 -82.33
C GLU F 3390 46.89 -63.53 -82.68
N GLY F 3391 46.53 -62.26 -82.90
CA GLY F 3391 47.54 -61.25 -83.13
C GLY F 3391 48.43 -61.05 -81.92
N GLU F 3392 47.85 -61.16 -80.71
CA GLU F 3392 48.66 -61.04 -79.50
C GLU F 3392 49.70 -62.15 -79.44
N LEU F 3393 49.30 -63.39 -79.78
CA LEU F 3393 50.25 -64.49 -79.81
C LEU F 3393 51.31 -64.27 -80.89
N LEU F 3394 50.91 -63.77 -82.05
CA LEU F 3394 51.86 -63.52 -83.13
C LEU F 3394 52.92 -62.51 -82.69
N VAL F 3395 52.48 -61.38 -82.15
CA VAL F 3395 53.43 -60.36 -81.72
C VAL F 3395 54.25 -60.87 -80.53
N ARG F 3396 53.65 -61.72 -79.70
CA ARG F 3396 54.41 -62.34 -78.62
C ARG F 3396 55.57 -63.13 -79.18
N ASP F 3397 55.32 -63.93 -80.21
CA ASP F 3397 56.37 -64.74 -80.82
C ASP F 3397 57.45 -63.85 -81.45
N GLU F 3398 57.02 -62.80 -82.14
CA GLU F 3398 58.00 -61.91 -82.76
C GLU F 3398 58.86 -61.22 -81.71
N PHE F 3399 58.25 -60.73 -80.63
CA PHE F 3399 59.01 -60.14 -79.55
C PHE F 3399 59.93 -61.15 -78.86
N SER F 3400 59.51 -62.42 -78.78
CA SER F 3400 60.38 -63.43 -78.20
C SER F 3400 61.62 -63.66 -79.05
N VAL F 3401 61.46 -63.78 -80.36
CA VAL F 3401 62.64 -63.97 -81.22
C VAL F 3401 63.51 -62.72 -81.20
N LEU F 3402 62.89 -61.54 -81.16
CA LEU F 3402 63.67 -60.30 -81.06
C LEU F 3402 64.46 -60.26 -79.77
N CYS F 3403 63.84 -60.67 -78.66
CA CYS F 3403 64.55 -60.69 -77.38
C CYS F 3403 65.68 -61.71 -77.41
N ARG F 3404 65.48 -62.84 -78.09
CA ARG F 3404 66.57 -63.81 -78.22
C ARG F 3404 67.75 -63.20 -78.96
N ASP F 3405 67.48 -62.55 -80.09
CA ASP F 3405 68.57 -61.92 -80.83
C ASP F 3405 69.25 -60.84 -80.00
N LEU F 3406 68.47 -60.07 -79.25
CA LEU F 3406 69.05 -59.02 -78.40
C LEU F 3406 69.93 -59.63 -77.32
N TYR F 3407 69.48 -60.69 -76.69
CA TYR F 3407 70.27 -61.29 -75.63
C TYR F 3407 71.42 -62.08 -76.16
N ALA F 3408 71.45 -62.35 -77.45
CA ALA F 3408 72.61 -62.96 -78.08
C ALA F 3408 73.65 -61.94 -78.51
N LEU F 3409 73.24 -60.76 -78.97
CA LEU F 3409 74.18 -59.78 -79.48
C LEU F 3409 74.60 -58.74 -78.46
N TYR F 3410 73.71 -58.32 -77.56
CA TYR F 3410 74.04 -57.25 -76.63
C TYR F 3410 75.25 -57.58 -75.76
N PRO F 3411 75.34 -58.76 -75.15
CA PRO F 3411 76.51 -59.03 -74.29
C PRO F 3411 77.83 -58.84 -75.01
N LEU F 3412 77.88 -59.13 -76.31
CA LEU F 3412 79.08 -58.79 -77.08
C LEU F 3412 79.24 -57.28 -77.20
N LEU F 3413 78.13 -56.56 -77.42
CA LEU F 3413 78.21 -55.11 -77.55
C LEU F 3413 78.65 -54.46 -76.26
N ILE F 3414 78.14 -54.95 -75.12
CA ILE F 3414 78.50 -54.34 -73.84
C ILE F 3414 80.00 -54.36 -73.62
N ARG F 3415 80.63 -55.50 -73.90
CA ARG F 3415 82.07 -55.61 -73.73
C ARG F 3415 82.80 -54.66 -74.67
N TYR F 3416 82.31 -54.52 -75.90
CA TYR F 3416 82.93 -53.61 -76.84
C TYR F 3416 82.87 -52.17 -76.33
N VAL F 3417 81.72 -51.78 -75.78
CA VAL F 3417 81.57 -50.43 -75.25
C VAL F 3417 82.53 -50.22 -74.09
N ASP F 3418 82.59 -51.19 -73.18
CA ASP F 3418 83.45 -51.04 -72.01
C ASP F 3418 84.90 -50.81 -72.42
N ASN F 3419 85.34 -51.45 -73.49
CA ASN F 3419 86.73 -51.36 -73.94
C ASN F 3419 86.96 -50.16 -74.84
N ASN F 3420 85.94 -49.36 -75.14
CA ASN F 3420 86.11 -48.21 -76.02
C ASN F 3420 85.37 -46.97 -75.54
N ARG F 3421 84.66 -47.03 -74.42
CA ARG F 3421 83.94 -45.85 -73.94
C ARG F 3421 84.91 -44.73 -73.61
N ALA F 3422 86.06 -45.07 -73.02
CA ALA F 3422 87.02 -44.03 -72.67
C ALA F 3422 87.47 -43.27 -73.91
N HIS F 3423 87.83 -44.00 -74.96
CA HIS F 3423 88.27 -43.34 -76.19
C HIS F 3423 87.13 -42.54 -76.82
N TRP F 3424 85.93 -43.10 -76.82
CA TRP F 3424 84.80 -42.39 -77.42
C TRP F 3424 84.54 -41.08 -76.69
N LEU F 3425 84.60 -41.09 -75.36
CA LEU F 3425 84.34 -39.88 -74.59
C LEU F 3425 85.48 -38.88 -74.76
N THR F 3426 86.73 -39.36 -74.75
CA THR F 3426 87.86 -38.46 -74.91
C THR F 3426 87.83 -37.76 -76.27
N GLU F 3427 87.51 -38.50 -77.32
CA GLU F 3427 87.40 -37.94 -78.67
C GLU F 3427 85.99 -38.18 -79.17
N PRO F 3428 85.18 -37.14 -79.37
CA PRO F 3428 83.80 -37.37 -79.83
C PRO F 3428 83.77 -38.17 -81.12
N ASN F 3429 82.81 -39.09 -81.21
CA ASN F 3429 82.71 -40.00 -82.34
C ASN F 3429 81.28 -40.01 -82.88
N PRO F 3430 81.04 -39.56 -84.11
CA PRO F 3430 79.67 -39.63 -84.65
C PRO F 3430 79.14 -41.05 -84.71
N ASN F 3431 80.00 -42.04 -84.96
CA ASN F 3431 79.55 -43.42 -84.98
C ASN F 3431 79.07 -43.85 -83.60
N ALA F 3432 79.79 -43.47 -82.56
CA ALA F 3432 79.34 -43.78 -81.21
C ALA F 3432 78.04 -43.08 -80.90
N GLU F 3433 77.87 -41.84 -81.37
CA GLU F 3433 76.59 -41.16 -81.17
C GLU F 3433 75.46 -41.89 -81.87
N GLU F 3434 75.70 -42.38 -83.08
CA GLU F 3434 74.68 -43.15 -83.80
C GLU F 3434 74.34 -44.44 -83.05
N LEU F 3435 75.36 -45.11 -82.50
CA LEU F 3435 75.11 -46.30 -81.70
C LEU F 3435 74.26 -45.97 -80.49
N PHE F 3436 74.54 -44.83 -79.84
CA PHE F 3436 73.71 -44.42 -78.72
C PHE F 3436 72.28 -44.20 -79.16
N ARG F 3437 72.09 -43.55 -80.32
CA ARG F 3437 70.74 -43.32 -80.81
C ARG F 3437 70.01 -44.64 -81.01
N MET F 3438 70.68 -45.61 -81.62
CA MET F 3438 70.03 -46.90 -81.88
C MET F 3438 69.66 -47.60 -80.58
N VAL F 3439 70.60 -47.68 -79.65
CA VAL F 3439 70.34 -48.39 -78.40
C VAL F 3439 69.23 -47.68 -77.63
N GLY F 3440 69.24 -46.34 -77.62
CA GLY F 3440 68.21 -45.60 -76.92
C GLY F 3440 66.85 -45.80 -77.54
N GLU F 3441 66.79 -45.86 -78.88
CA GLU F 3441 65.51 -46.11 -79.53
C GLU F 3441 64.98 -47.48 -79.16
N ILE F 3442 65.85 -48.48 -79.14
CA ILE F 3442 65.42 -49.83 -78.75
C ILE F 3442 64.91 -49.81 -77.31
N PHE F 3443 65.59 -49.09 -76.43
CA PHE F 3443 65.16 -49.02 -75.04
C PHE F 3443 63.83 -48.29 -74.91
N ILE F 3444 63.61 -47.27 -75.75
CA ILE F 3444 62.34 -46.56 -75.73
C ILE F 3444 61.22 -47.48 -76.15
N TYR F 3445 61.44 -48.27 -77.20
CA TYR F 3445 60.46 -49.27 -77.60
C TYR F 3445 60.19 -50.24 -76.45
N TRP F 3446 61.25 -50.70 -75.80
CA TRP F 3446 61.10 -51.63 -74.70
C TRP F 3446 60.23 -51.05 -73.59
N SER F 3447 60.47 -49.79 -73.25
CA SER F 3447 59.68 -49.15 -72.20
C SER F 3447 58.24 -48.96 -72.63
N LYS F 3448 58.01 -48.49 -73.86
CA LYS F 3448 56.65 -48.23 -74.32
C LYS F 3448 55.83 -49.51 -74.36
N SER F 3449 56.34 -50.54 -75.03
CA SER F 3449 55.58 -51.76 -75.18
C SER F 3449 55.55 -52.55 -73.88
N HIS F 3450 54.52 -53.39 -73.75
CA HIS F 3450 54.40 -54.30 -72.63
C HIS F 3450 54.64 -55.75 -73.01
N ASN F 3451 54.36 -56.12 -74.26
CA ASN F 3451 54.72 -57.45 -74.74
C ASN F 3451 56.24 -57.62 -74.75
N PHE F 3452 56.96 -56.54 -75.07
CA PHE F 3452 58.42 -56.60 -75.08
C PHE F 3452 58.96 -57.02 -73.72
N LYS F 3453 58.48 -56.37 -72.66
CA LYS F 3453 58.96 -56.68 -71.33
C LYS F 3453 58.62 -58.12 -70.95
N ARG F 3454 57.39 -58.55 -71.26
CA ARG F 3454 56.99 -59.91 -70.93
C ARG F 3454 57.87 -60.92 -71.64
N GLU F 3455 58.13 -60.71 -72.93
CA GLU F 3455 58.94 -61.65 -73.68
C GLU F 3455 60.37 -61.69 -73.15
N GLU F 3456 60.93 -60.52 -72.82
CA GLU F 3456 62.29 -60.50 -72.29
C GLU F 3456 62.36 -61.26 -70.97
N GLN F 3457 61.44 -60.97 -70.05
CA GLN F 3457 61.43 -61.62 -68.75
C GLN F 3457 61.27 -63.13 -68.92
N ASN F 3458 60.32 -63.54 -69.76
CA ASN F 3458 60.16 -64.96 -70.05
C ASN F 3458 61.48 -65.55 -70.52
N PHE F 3459 61.97 -65.10 -71.68
CA PHE F 3459 63.18 -65.68 -72.25
C PHE F 3459 64.27 -65.83 -71.20
N VAL F 3460 64.53 -64.77 -70.42
CA VAL F 3460 65.63 -64.88 -69.46
C VAL F 3460 65.33 -65.97 -68.43
N VAL F 3461 64.11 -66.01 -67.92
CA VAL F 3461 63.79 -67.01 -66.90
C VAL F 3461 63.87 -68.43 -67.48
N GLN F 3462 63.32 -68.62 -68.67
CA GLN F 3462 63.30 -69.96 -69.26
C GLN F 3462 64.70 -70.45 -69.58
N ASN F 3463 65.51 -69.62 -70.24
CA ASN F 3463 66.84 -70.02 -70.64
C ASN F 3463 67.85 -69.98 -69.49
N GLU F 3464 67.47 -69.43 -68.33
CA GLU F 3464 68.37 -69.35 -67.20
C GLU F 3464 69.63 -68.57 -67.56
N ILE F 3465 69.45 -67.54 -68.38
CA ILE F 3465 70.57 -66.70 -68.81
C ILE F 3465 70.93 -65.77 -67.66
N ASN F 3466 72.18 -65.82 -67.22
CA ASN F 3466 72.64 -65.00 -66.11
C ASN F 3466 73.20 -63.70 -66.67
N ASN F 3467 72.41 -62.63 -66.56
CA ASN F 3467 72.86 -61.33 -67.05
C ASN F 3467 74.10 -60.85 -66.30
N MET F 3468 74.22 -61.25 -65.04
CA MET F 3468 75.37 -60.85 -64.25
C MET F 3468 76.66 -61.41 -64.84
N SER F 3469 76.58 -62.58 -65.49
CA SER F 3469 77.77 -63.17 -66.09
C SER F 3469 78.34 -62.26 -67.16
N PHE F 3470 77.48 -61.68 -67.99
CA PHE F 3470 77.95 -60.77 -69.03
C PHE F 3470 78.34 -59.42 -68.43
N LEU F 3471 77.53 -58.92 -67.49
CA LEU F 3471 77.80 -57.60 -66.92
C LEU F 3471 79.14 -57.56 -66.19
N THR F 3472 79.45 -58.61 -65.44
CA THR F 3472 80.69 -58.68 -64.68
C THR F 3472 81.74 -59.48 -65.43
N TYR F 3504 66.11 -61.23 -65.12
CA TYR F 3504 65.20 -61.63 -64.06
C TYR F 3504 64.50 -60.42 -63.45
N SER F 3505 65.23 -59.30 -63.39
CA SER F 3505 64.73 -58.06 -62.83
C SER F 3505 64.99 -56.91 -63.81
N VAL F 3506 64.24 -55.82 -63.62
CA VAL F 3506 64.38 -54.67 -64.50
C VAL F 3506 65.81 -54.14 -64.46
N GLN F 3507 66.42 -54.13 -63.27
CA GLN F 3507 67.82 -53.71 -63.19
C GLN F 3507 68.72 -54.62 -64.00
N THR F 3508 68.46 -55.92 -63.95
CA THR F 3508 69.31 -56.87 -64.67
C THR F 3508 69.04 -56.88 -66.17
N SER F 3509 67.92 -56.32 -66.62
CA SER F 3509 67.57 -56.34 -68.04
C SER F 3509 68.72 -55.84 -68.89
N LEU F 3510 69.18 -56.67 -69.84
CA LEU F 3510 70.24 -56.25 -70.73
C LEU F 3510 69.83 -55.01 -71.51
N ILE F 3511 68.54 -54.89 -71.84
CA ILE F 3511 68.09 -53.76 -72.65
C ILE F 3511 68.37 -52.46 -71.94
N VAL F 3512 68.12 -52.40 -70.63
CA VAL F 3512 68.35 -51.17 -69.89
C VAL F 3512 69.83 -51.05 -69.52
N ALA F 3513 70.50 -52.17 -69.26
CA ALA F 3513 71.90 -52.11 -68.88
C ALA F 3513 72.75 -51.53 -70.01
N THR F 3514 72.52 -51.98 -71.24
CA THR F 3514 73.27 -51.45 -72.37
C THR F 3514 73.00 -49.97 -72.56
N LEU F 3515 71.74 -49.55 -72.40
CA LEU F 3515 71.43 -48.13 -72.51
C LEU F 3515 72.14 -47.32 -71.44
N LYS F 3516 72.15 -47.83 -70.21
CA LYS F 3516 72.82 -47.13 -69.13
C LYS F 3516 74.33 -47.10 -69.30
N LYS F 3517 74.91 -48.07 -70.00
CA LYS F 3517 76.33 -48.05 -70.29
C LYS F 3517 76.68 -47.16 -71.48
N MET F 3518 75.75 -46.96 -72.42
CA MET F 3518 75.99 -46.07 -73.54
C MET F 3518 75.56 -44.64 -73.26
N LEU F 3519 74.80 -44.39 -72.20
CA LEU F 3519 74.24 -43.08 -71.92
C LEU F 3519 75.30 -41.98 -71.87
N PRO F 3520 76.45 -42.21 -71.23
CA PRO F 3520 77.48 -41.16 -71.20
C PRO F 3520 77.82 -40.63 -72.58
N ILE F 3521 77.87 -41.50 -73.59
CA ILE F 3521 78.16 -41.03 -74.93
C ILE F 3521 77.09 -40.07 -75.41
N GLY F 3522 75.86 -40.24 -74.92
CA GLY F 3522 74.78 -39.36 -75.30
C GLY F 3522 74.83 -38.04 -74.57
N LEU F 3523 75.00 -38.11 -73.25
CA LEU F 3523 75.14 -36.89 -72.46
C LEU F 3523 76.33 -36.07 -72.94
N ASN F 3524 77.34 -36.72 -73.49
CA ASN F 3524 78.49 -36.00 -74.02
C ASN F 3524 78.12 -35.16 -75.23
N MET F 3525 77.08 -35.57 -75.97
CA MET F 3525 76.66 -34.80 -77.14
C MET F 3525 76.18 -33.42 -76.74
N CYS F 3526 75.40 -33.33 -75.67
CA CYS F 3526 74.77 -32.08 -75.28
C CYS F 3526 75.76 -31.21 -74.50
N ALA F 3527 75.88 -29.95 -74.93
CA ALA F 3527 76.65 -29.00 -74.16
C ALA F 3527 75.94 -28.67 -72.85
N PRO F 3528 76.67 -28.28 -71.82
CA PRO F 3528 76.01 -27.96 -70.54
C PRO F 3528 74.98 -26.86 -70.64
N THR F 3529 75.15 -25.93 -71.58
CA THR F 3529 74.17 -24.86 -71.74
C THR F 3529 72.80 -25.42 -72.07
N ASP F 3530 72.75 -26.64 -72.61
CA ASP F 3530 71.48 -27.23 -73.04
C ASP F 3530 70.81 -28.01 -71.93
N GLN F 3531 71.33 -28.00 -70.72
CA GLN F 3531 70.74 -28.75 -69.63
C GLN F 3531 69.34 -28.23 -69.32
N ASP F 3532 69.17 -26.92 -69.40
CA ASP F 3532 67.85 -26.33 -69.16
C ASP F 3532 66.84 -26.81 -70.20
N LEU F 3533 67.23 -26.78 -71.48
CA LEU F 3533 66.35 -27.29 -72.51
C LEU F 3533 66.08 -28.78 -72.31
N ILE F 3534 67.05 -29.51 -71.76
CA ILE F 3534 66.84 -30.93 -71.48
C ILE F 3534 65.76 -31.11 -70.43
N VAL F 3535 65.81 -30.31 -69.37
CA VAL F 3535 64.76 -30.39 -68.35
C VAL F 3535 63.41 -30.03 -68.95
N LEU F 3536 63.38 -29.01 -69.79
CA LEU F 3536 62.12 -28.58 -70.42
C LEU F 3536 61.55 -29.68 -71.31
N ALA F 3537 62.41 -30.31 -72.10
CA ALA F 3537 61.96 -31.38 -72.99
C ALA F 3537 61.48 -32.59 -72.20
N LYS F 3538 62.18 -32.95 -71.13
CA LYS F 3538 61.68 -34.00 -70.26
C LYS F 3538 60.32 -33.62 -69.70
N ALA F 3539 60.14 -32.35 -69.35
CA ALA F 3539 58.86 -31.91 -68.81
C ALA F 3539 57.74 -32.11 -69.81
N ARG F 3540 57.93 -31.71 -71.08
CA ARG F 3540 56.82 -32.01 -71.99
C ARG F 3540 56.66 -33.51 -72.20
N TYR F 3541 57.73 -34.20 -72.59
CA TYR F 3541 57.57 -35.63 -72.82
C TYR F 3541 56.79 -36.28 -71.69
N ALA F 3542 56.99 -35.80 -70.46
CA ALA F 3542 56.10 -36.20 -69.37
C ALA F 3542 54.69 -35.73 -69.62
N LEU F 3543 54.51 -34.55 -70.21
CA LEU F 3543 53.18 -34.18 -70.72
C LEU F 3543 52.69 -35.14 -71.88
N LYS F 3544 53.49 -36.10 -72.31
CA LYS F 3544 53.11 -37.08 -73.34
C LYS F 3544 53.05 -36.47 -74.74
N ASP F 3545 53.97 -35.57 -75.07
CA ASP F 3545 54.02 -35.09 -76.45
C ASP F 3545 54.87 -35.98 -77.33
N THR F 3546 54.74 -35.78 -78.63
CA THR F 3546 55.48 -36.54 -79.63
C THR F 3546 56.82 -35.87 -79.94
N ASP F 3547 57.65 -36.59 -80.69
CA ASP F 3547 58.98 -36.11 -81.01
C ASP F 3547 58.94 -34.82 -81.82
N GLU F 3548 58.04 -34.75 -82.81
CA GLU F 3548 57.95 -33.53 -83.60
C GLU F 3548 57.52 -32.37 -82.73
N GLU F 3549 56.59 -32.61 -81.80
CA GLU F 3549 56.19 -31.56 -80.85
C GLU F 3549 57.38 -31.06 -80.05
N VAL F 3550 58.07 -31.96 -79.34
CA VAL F 3550 59.17 -31.56 -78.48
C VAL F 3550 60.20 -30.80 -79.30
N ARG F 3551 60.47 -31.28 -80.51
CA ARG F 3551 61.40 -30.58 -81.38
C ARG F 3551 60.92 -29.18 -81.69
N GLU F 3552 59.62 -29.01 -81.93
CA GLU F 3552 59.10 -27.68 -82.22
C GLU F 3552 59.24 -26.74 -81.01
N PHE F 3553 58.91 -27.21 -79.81
CA PHE F 3553 59.00 -26.33 -78.64
C PHE F 3553 60.45 -25.94 -78.41
N LEU F 3554 61.36 -26.88 -78.55
CA LEU F 3554 62.77 -26.52 -78.45
C LEU F 3554 63.16 -25.51 -79.51
N GLN F 3555 62.71 -25.71 -80.75
CA GLN F 3555 63.02 -24.78 -81.82
C GLN F 3555 62.54 -23.37 -81.47
N ASN F 3556 61.32 -23.26 -80.97
CA ASN F 3556 60.77 -21.95 -80.67
C ASN F 3556 61.46 -21.32 -79.48
N ASN F 3557 61.32 -21.92 -78.30
CA ASN F 3557 61.95 -21.32 -77.13
C ASN F 3557 63.34 -21.91 -76.93
N LEU F 3558 64.16 -21.85 -77.98
CA LEU F 3558 65.59 -22.09 -77.89
C LEU F 3558 66.32 -20.95 -77.18
N ASN F 3559 65.60 -19.95 -76.68
CA ASN F 3559 66.17 -18.85 -75.94
C ASN F 3559 66.16 -19.08 -74.43
N LEU F 3560 65.61 -20.21 -73.98
CA LEU F 3560 65.64 -20.58 -72.57
C LEU F 3560 66.88 -21.37 -72.20
N GLN F 3561 67.92 -21.28 -73.02
CA GLN F 3561 69.16 -21.99 -72.76
C GLN F 3561 69.80 -21.47 -71.46
N GLY F 3562 70.49 -22.37 -70.77
CA GLY F 3562 71.23 -21.95 -69.59
C GLY F 3562 72.32 -20.95 -69.94
N LYS F 3563 72.43 -19.91 -69.12
CA LYS F 3563 73.42 -18.87 -69.32
C LYS F 3563 74.66 -19.15 -68.49
N VAL F 3564 75.82 -18.73 -68.99
CA VAL F 3564 77.10 -19.05 -68.37
C VAL F 3564 77.28 -18.18 -67.13
N GLU F 3565 77.10 -16.87 -67.29
CA GLU F 3565 77.32 -15.94 -66.19
C GLU F 3565 76.39 -16.25 -65.02
N GLY F 3566 75.29 -16.95 -65.28
CA GLY F 3566 74.31 -17.20 -64.23
C GLY F 3566 74.89 -17.94 -63.04
N SER F 3567 75.62 -19.02 -63.29
CA SER F 3567 76.19 -19.84 -62.22
C SER F 3567 77.61 -20.25 -62.59
N PRO F 3568 78.54 -20.27 -61.63
CA PRO F 3568 79.91 -20.66 -61.97
C PRO F 3568 80.04 -22.09 -62.44
N SER F 3569 79.19 -23.00 -61.97
CA SER F 3569 79.31 -24.40 -62.35
C SER F 3569 79.37 -24.55 -63.87
N LEU F 3570 78.44 -23.90 -64.57
CA LEU F 3570 78.45 -23.93 -66.02
C LEU F 3570 79.76 -23.37 -66.57
N ARG F 3571 80.44 -22.52 -65.81
CA ARG F 3571 81.69 -21.94 -66.29
C ARG F 3571 82.74 -23.03 -66.49
N TRP F 3572 82.99 -23.84 -65.47
CA TRP F 3572 84.00 -24.88 -65.60
C TRP F 3572 83.50 -26.01 -66.49
N GLN F 3573 82.19 -26.27 -66.48
CA GLN F 3573 81.65 -27.26 -67.40
C GLN F 3573 81.92 -26.85 -68.85
N MET F 3574 81.65 -25.58 -69.19
CA MET F 3574 81.91 -25.10 -70.53
C MET F 3574 83.40 -25.07 -70.83
N ALA F 3575 84.22 -24.78 -69.82
CA ALA F 3575 85.65 -24.84 -70.01
C ALA F 3575 86.07 -26.23 -70.50
N LEU F 3576 85.63 -27.27 -69.79
CA LEU F 3576 85.94 -28.63 -70.21
C LEU F 3576 85.39 -28.91 -71.60
N TYR F 3577 84.13 -28.53 -71.84
CA TYR F 3577 83.48 -28.83 -73.10
C TYR F 3577 84.25 -28.23 -74.27
N ARG F 3578 84.57 -26.93 -74.17
CA ARG F 3578 85.31 -26.28 -75.24
C ARG F 3578 86.72 -26.81 -75.35
N GLY F 3579 87.31 -27.24 -74.23
CA GLY F 3579 88.63 -27.84 -74.30
C GLY F 3579 88.61 -29.11 -75.14
N VAL F 3580 87.55 -29.89 -75.02
CA VAL F 3580 87.43 -31.11 -75.84
C VAL F 3580 87.35 -30.67 -77.31
N PRO F 3581 88.25 -31.15 -78.18
CA PRO F 3581 88.20 -30.71 -79.58
C PRO F 3581 86.93 -31.16 -80.28
N GLY F 3582 86.48 -30.34 -81.24
CA GLY F 3582 85.30 -30.66 -82.02
C GLY F 3582 84.02 -30.19 -81.36
N ARG F 3583 83.91 -30.41 -80.06
CA ARG F 3583 82.73 -29.98 -79.31
C ARG F 3583 82.58 -28.46 -79.39
N GLU F 3584 83.70 -27.73 -79.36
CA GLU F 3584 83.65 -26.28 -79.51
C GLU F 3584 83.17 -25.88 -80.90
N GLU F 3585 83.54 -26.63 -81.93
CA GLU F 3585 83.08 -26.33 -83.28
C GLU F 3585 81.60 -26.63 -83.47
N ASP F 3586 81.09 -27.67 -82.82
CA ASP F 3586 79.69 -28.01 -82.93
C ASP F 3586 78.87 -27.07 -82.04
N ALA F 3587 77.58 -27.37 -81.84
CA ALA F 3587 76.69 -26.54 -81.04
C ALA F 3587 76.60 -25.13 -81.60
N ASP F 3588 76.60 -25.02 -82.94
CA ASP F 3588 76.51 -23.73 -83.62
C ASP F 3588 75.31 -23.62 -84.54
N ASP F 3589 74.52 -24.68 -84.69
CA ASP F 3589 73.39 -24.73 -85.60
C ASP F 3589 72.16 -25.15 -84.81
N PRO F 3590 71.10 -24.33 -84.76
CA PRO F 3590 70.01 -24.62 -83.81
C PRO F 3590 69.33 -25.96 -84.07
N GLU F 3591 69.39 -26.46 -85.30
CA GLU F 3591 68.84 -27.78 -85.60
C GLU F 3591 69.57 -28.85 -84.79
N LYS F 3592 70.90 -28.73 -84.70
CA LYS F 3592 71.65 -29.67 -83.89
C LYS F 3592 71.11 -29.71 -82.47
N ILE F 3593 70.88 -28.55 -81.87
CA ILE F 3593 70.41 -28.51 -80.49
C ILE F 3593 69.02 -29.11 -80.38
N VAL F 3594 68.10 -28.69 -81.25
CA VAL F 3594 66.72 -29.19 -81.11
C VAL F 3594 66.67 -30.70 -81.33
N ARG F 3595 67.63 -31.25 -82.08
CA ARG F 3595 67.69 -32.69 -82.28
C ARG F 3595 68.28 -33.40 -81.05
N ARG F 3596 69.48 -32.99 -80.64
CA ARG F 3596 70.18 -33.71 -79.59
C ARG F 3596 69.43 -33.61 -78.26
N VAL F 3597 68.92 -32.42 -77.94
CA VAL F 3597 68.19 -32.26 -76.69
C VAL F 3597 66.97 -33.16 -76.69
N GLN F 3598 66.24 -33.20 -77.80
CA GLN F 3598 65.06 -34.05 -77.88
C GLN F 3598 65.44 -35.51 -77.63
N GLU F 3599 66.45 -36.01 -78.33
CA GLU F 3599 66.83 -37.41 -78.21
C GLU F 3599 67.23 -37.75 -76.78
N VAL F 3600 68.17 -36.97 -76.23
CA VAL F 3600 68.72 -37.27 -74.92
C VAL F 3600 67.63 -37.13 -73.86
N SER F 3601 66.78 -36.12 -73.99
CA SER F 3601 65.70 -35.92 -73.03
C SER F 3601 64.73 -37.08 -73.06
N ALA F 3602 64.40 -37.58 -74.24
CA ALA F 3602 63.52 -38.75 -74.32
C ALA F 3602 64.14 -39.93 -73.58
N VAL F 3603 65.42 -40.18 -73.84
CA VAL F 3603 66.08 -41.32 -73.21
C VAL F 3603 66.09 -41.16 -71.69
N LEU F 3604 66.42 -39.97 -71.21
CA LEU F 3604 66.47 -39.75 -69.76
C LEU F 3604 65.09 -39.88 -69.14
N TYR F 3605 64.06 -39.37 -69.82
CA TYR F 3605 62.70 -39.51 -69.34
C TYR F 3605 62.37 -40.98 -69.10
N HIS F 3606 62.58 -41.80 -70.13
CA HIS F 3606 62.17 -43.19 -70.02
C HIS F 3606 63.05 -43.92 -69.00
N LEU F 3607 64.32 -43.55 -68.90
CA LEU F 3607 65.15 -44.10 -67.84
C LEU F 3607 64.57 -43.77 -66.48
N ASP F 3608 64.10 -42.53 -66.31
CA ASP F 3608 63.52 -42.09 -65.05
C ASP F 3608 62.30 -42.94 -64.71
N GLN F 3609 61.39 -43.13 -65.66
CA GLN F 3609 60.22 -43.97 -65.40
C GLN F 3609 60.61 -45.40 -65.09
N THR F 3610 61.56 -45.96 -65.85
CA THR F 3610 61.95 -47.35 -65.64
C THR F 3610 62.52 -47.55 -64.24
N GLU F 3611 63.39 -46.65 -63.79
CA GLU F 3611 63.94 -46.77 -62.45
C GLU F 3611 62.89 -46.49 -61.39
N HIS F 3612 61.98 -45.57 -61.65
CA HIS F 3612 60.94 -45.24 -60.67
C HIS F 3612 59.97 -46.41 -60.55
N PRO F 3613 59.37 -46.64 -59.37
CA PRO F 3613 58.37 -47.69 -59.19
C PRO F 3613 57.36 -47.78 -60.33
N ALA F 3635 38.56 -73.31 -47.58
CA ALA F 3635 39.18 -72.79 -48.79
C ALA F 3635 38.84 -73.66 -49.99
N CYS F 3636 39.70 -73.65 -51.01
CA CYS F 3636 39.37 -74.29 -52.26
C CYS F 3636 39.71 -75.78 -52.25
N PHE F 3637 40.94 -76.13 -51.86
CA PHE F 3637 41.41 -77.50 -52.05
C PHE F 3637 40.55 -78.50 -51.28
N ARG F 3638 40.01 -78.11 -50.14
CA ARG F 3638 39.18 -79.03 -49.36
C ARG F 3638 37.99 -79.51 -50.19
N MET F 3639 37.31 -78.60 -50.87
CA MET F 3639 36.28 -78.97 -51.83
C MET F 3639 35.25 -79.89 -51.18
N THR F 3640 34.48 -79.38 -50.22
CA THR F 3640 33.50 -80.19 -49.50
C THR F 3640 32.20 -80.29 -50.32
N PRO F 3641 31.95 -81.41 -51.01
CA PRO F 3641 30.76 -81.47 -51.86
C PRO F 3641 29.57 -82.04 -51.13
N LEU F 3642 28.37 -81.55 -51.44
CA LEU F 3642 27.17 -82.08 -50.82
C LEU F 3642 26.95 -83.54 -51.18
N TYR F 3643 27.37 -83.96 -52.37
CA TYR F 3643 27.08 -85.33 -52.80
C TYR F 3643 27.85 -86.38 -52.02
N ASN F 3644 28.81 -85.96 -51.18
CA ASN F 3644 29.53 -86.91 -50.33
C ASN F 3644 28.89 -87.11 -48.97
N LEU F 3645 27.93 -86.27 -48.59
CA LEU F 3645 27.33 -86.38 -47.27
C LEU F 3645 26.52 -87.66 -47.17
N PRO F 3646 26.41 -88.26 -45.98
CA PRO F 3646 25.48 -89.38 -45.81
C PRO F 3646 24.04 -88.93 -46.03
N THR F 3647 23.22 -89.89 -46.45
CA THR F 3647 21.86 -89.55 -46.88
C THR F 3647 21.08 -88.86 -45.77
N HIS F 3648 21.25 -89.30 -44.52
CA HIS F 3648 20.45 -88.72 -43.43
C HIS F 3648 20.91 -87.31 -43.07
N ARG F 3649 22.21 -87.04 -43.11
CA ARG F 3649 22.68 -85.68 -42.89
C ARG F 3649 22.13 -84.75 -43.97
N ALA F 3650 22.17 -85.20 -45.22
CA ALA F 3650 21.61 -84.41 -46.31
C ALA F 3650 20.12 -84.21 -46.12
N CYS F 3651 19.41 -85.23 -45.64
CA CYS F 3651 17.98 -85.10 -45.42
C CYS F 3651 17.68 -84.05 -44.37
N ASN F 3652 18.44 -84.05 -43.27
CA ASN F 3652 18.21 -83.04 -42.23
C ASN F 3652 18.51 -81.64 -42.76
N MET F 3653 19.61 -81.50 -43.51
CA MET F 3653 19.92 -80.20 -44.10
C MET F 3653 18.80 -79.77 -45.04
N PHE F 3654 18.30 -80.68 -45.85
CA PHE F 3654 17.22 -80.36 -46.77
C PHE F 3654 15.97 -79.92 -46.01
N LEU F 3655 15.64 -80.63 -44.94
CA LEU F 3655 14.46 -80.25 -44.17
C LEU F 3655 14.60 -78.84 -43.62
N GLU F 3656 15.75 -78.53 -43.06
CA GLU F 3656 15.97 -77.19 -42.53
C GLU F 3656 15.85 -76.15 -43.64
N SER F 3657 16.52 -76.37 -44.77
CA SER F 3657 16.52 -75.38 -45.84
C SER F 3657 15.12 -75.22 -46.43
N TYR F 3658 14.42 -76.33 -46.63
CA TYR F 3658 13.08 -76.29 -47.20
C TYR F 3658 12.12 -75.55 -46.28
N LYS F 3659 12.17 -75.83 -44.97
CA LYS F 3659 11.33 -75.10 -44.05
C LYS F 3659 11.66 -73.61 -44.08
N ALA F 3660 12.94 -73.26 -44.13
CA ALA F 3660 13.34 -71.86 -44.12
C ALA F 3660 12.91 -71.11 -45.37
N SER F 3661 13.04 -71.72 -46.55
CA SER F 3661 12.88 -70.98 -47.80
C SER F 3661 11.51 -71.15 -48.44
N TRP F 3662 10.90 -72.32 -48.33
CA TRP F 3662 9.62 -72.59 -49.00
C TRP F 3662 8.43 -72.50 -48.05
N ILE F 3663 8.44 -73.25 -46.95
CA ILE F 3663 7.30 -73.24 -46.04
C ILE F 3663 7.17 -71.88 -45.37
N LEU F 3664 8.27 -71.37 -44.82
CA LEU F 3664 8.19 -70.12 -44.07
C LEU F 3664 7.78 -68.95 -44.95
N THR F 3665 8.29 -68.90 -46.18
CA THR F 3665 7.98 -67.79 -47.07
C THR F 3665 6.53 -67.80 -47.54
N GLU F 3666 5.86 -68.95 -47.48
CA GLU F 3666 4.49 -69.03 -47.94
C GLU F 3666 3.60 -68.06 -47.16
N ASP F 3667 2.72 -67.37 -47.88
CA ASP F 3667 1.84 -66.37 -47.28
C ASP F 3667 0.41 -66.88 -47.34
N HIS F 3668 -0.17 -67.11 -46.17
CA HIS F 3668 -1.56 -67.54 -46.04
C HIS F 3668 -2.28 -66.57 -45.11
N SER F 3669 -3.36 -65.99 -45.60
CA SER F 3669 -4.12 -64.99 -44.86
C SER F 3669 -5.44 -65.63 -44.41
N PHE F 3670 -5.43 -66.21 -43.21
CA PHE F 3670 -6.61 -66.82 -42.64
C PHE F 3670 -7.23 -66.01 -41.51
N GLU F 3671 -6.58 -64.92 -41.09
CA GLU F 3671 -7.02 -64.23 -39.89
C GLU F 3671 -8.39 -63.58 -40.09
N ASP F 3672 -8.58 -62.92 -41.23
CA ASP F 3672 -9.86 -62.30 -41.51
C ASP F 3672 -10.97 -63.34 -41.58
N ARG F 3673 -10.73 -64.44 -42.27
CA ARG F 3673 -11.73 -65.49 -42.37
C ARG F 3673 -12.06 -66.05 -40.99
N MET F 3674 -11.04 -66.27 -40.17
CA MET F 3674 -11.26 -66.82 -38.83
C MET F 3674 -12.11 -65.88 -37.99
N ILE F 3675 -11.76 -64.59 -37.96
CA ILE F 3675 -12.52 -63.65 -37.15
C ILE F 3675 -13.94 -63.53 -37.68
N ASP F 3676 -14.10 -63.51 -39.00
CA ASP F 3676 -15.43 -63.41 -39.58
C ASP F 3676 -16.29 -64.62 -39.22
N ASP F 3677 -15.69 -65.82 -39.26
CA ASP F 3677 -16.44 -67.02 -38.89
C ASP F 3677 -16.79 -67.03 -37.41
N LEU F 3678 -15.87 -66.59 -36.56
CA LEU F 3678 -16.10 -66.62 -35.12
C LEU F 3678 -17.07 -65.56 -34.65
N SER F 3679 -17.19 -64.45 -35.38
CA SER F 3679 -18.06 -63.36 -34.94
C SER F 3679 -19.52 -63.56 -35.29
N LYS F 3680 -19.89 -64.70 -35.86
CA LYS F 3680 -21.25 -64.94 -36.29
C LYS F 3680 -21.98 -65.78 -35.25
N ALA F 3681 -23.10 -65.28 -34.76
CA ALA F 3681 -24.03 -66.11 -34.01
C ALA F 3681 -24.79 -67.01 -34.97
N GLY F 3682 -25.25 -68.14 -34.46
CA GLY F 3682 -25.88 -69.15 -35.30
C GLY F 3682 -27.28 -69.48 -34.84
N GLU F 3683 -28.21 -69.42 -35.78
CA GLU F 3683 -29.60 -69.82 -35.53
C GLU F 3683 -30.15 -69.15 -34.29
N GLN F 3684 -29.85 -67.85 -34.13
CA GLN F 3684 -30.36 -67.13 -32.96
C GLN F 3684 -31.87 -67.08 -32.97
N GLU F 3685 -32.48 -66.78 -34.12
CA GLU F 3685 -33.94 -66.72 -34.18
C GLU F 3685 -34.55 -68.10 -33.93
N GLU F 3686 -33.95 -69.15 -34.49
CA GLU F 3686 -34.46 -70.50 -34.25
C GLU F 3686 -34.40 -70.85 -32.77
N GLU F 3687 -33.29 -70.52 -32.12
CA GLU F 3687 -33.18 -70.70 -30.68
C GLU F 3687 -34.11 -69.77 -29.91
N GLU F 3688 -34.63 -68.73 -30.56
CA GLU F 3688 -35.51 -67.76 -29.92
C GLU F 3688 -34.82 -67.11 -28.73
N GLU F 3689 -33.73 -66.40 -29.02
CA GLU F 3689 -32.96 -65.72 -27.99
C GLU F 3689 -33.66 -64.43 -27.59
N GLU F 3690 -34.93 -64.52 -27.19
CA GLU F 3690 -35.68 -63.36 -26.75
C GLU F 3690 -35.17 -62.81 -25.42
N VAL F 3691 -34.31 -63.55 -24.73
CA VAL F 3691 -33.70 -63.03 -23.51
C VAL F 3691 -33.00 -61.71 -23.83
N GLU F 3692 -33.18 -60.72 -22.95
CA GLU F 3692 -32.60 -59.41 -23.19
C GLU F 3692 -31.09 -59.49 -23.29
N GLU F 3693 -30.47 -60.31 -22.44
CA GLU F 3693 -29.02 -60.51 -22.46
C GLU F 3693 -28.72 -61.69 -23.37
N LYS F 3694 -28.34 -61.42 -24.61
CA LYS F 3694 -27.96 -62.47 -25.54
C LYS F 3694 -26.68 -63.15 -25.06
N LYS F 3695 -26.57 -64.44 -25.34
CA LYS F 3695 -25.36 -65.15 -24.97
C LYS F 3695 -24.20 -64.70 -25.85
N PRO F 3696 -22.98 -64.63 -25.32
CA PRO F 3696 -21.84 -64.26 -26.15
C PRO F 3696 -21.62 -65.24 -27.30
N ASP F 3697 -21.18 -64.71 -28.43
CA ASP F 3697 -20.83 -65.51 -29.59
C ASP F 3697 -19.41 -66.04 -29.43
N PRO F 3698 -18.97 -66.95 -30.32
CA PRO F 3698 -17.67 -67.60 -30.09
C PRO F 3698 -16.49 -66.65 -29.90
N LEU F 3699 -16.41 -65.59 -30.69
CA LEU F 3699 -15.30 -64.64 -30.51
C LEU F 3699 -15.39 -63.95 -29.17
N HIS F 3700 -16.60 -63.56 -28.76
CA HIS F 3700 -16.79 -62.98 -27.44
C HIS F 3700 -16.35 -63.93 -26.34
N GLN F 3701 -16.67 -65.22 -26.49
CA GLN F 3701 -16.28 -66.20 -25.49
C GLN F 3701 -14.76 -66.38 -25.44
N LEU F 3702 -14.11 -66.34 -26.60
CA LEU F 3702 -12.65 -66.43 -26.61
C LEU F 3702 -12.03 -65.24 -25.86
N VAL F 3703 -12.51 -64.03 -26.16
CA VAL F 3703 -12.00 -62.85 -25.47
C VAL F 3703 -12.25 -62.94 -23.99
N LEU F 3704 -13.44 -63.42 -23.60
CA LEU F 3704 -13.76 -63.58 -22.18
C LEU F 3704 -12.85 -64.60 -21.50
N HIS F 3705 -12.53 -65.69 -22.19
CA HIS F 3705 -11.63 -66.68 -21.61
C HIS F 3705 -10.26 -66.08 -21.35
N PHE F 3706 -9.73 -65.32 -22.31
CA PHE F 3706 -8.43 -64.72 -22.08
C PHE F 3706 -8.49 -63.64 -21.00
N SER F 3707 -9.60 -62.93 -20.90
CA SER F 3707 -9.77 -61.98 -19.80
C SER F 3707 -9.74 -62.69 -18.46
N ARG F 3708 -10.43 -63.82 -18.36
CA ARG F 3708 -10.41 -64.58 -17.12
C ARG F 3708 -9.01 -65.06 -16.77
N THR F 3709 -8.28 -65.54 -17.78
CA THR F 3709 -6.90 -65.95 -17.54
C THR F 3709 -6.07 -64.77 -17.02
N ALA F 3710 -6.27 -63.59 -17.60
CA ALA F 3710 -5.54 -62.41 -17.15
C ALA F 3710 -5.92 -62.01 -15.72
N LEU F 3711 -7.19 -62.13 -15.36
CA LEU F 3711 -7.66 -61.72 -14.05
C LEU F 3711 -7.37 -62.73 -12.96
N THR F 3712 -7.04 -63.97 -13.31
CA THR F 3712 -6.70 -64.94 -12.27
C THR F 3712 -5.53 -64.44 -11.44
N GLU F 3713 -5.63 -64.62 -10.13
CA GLU F 3713 -4.61 -64.13 -9.21
C GLU F 3713 -3.43 -65.09 -9.22
N LYS F 3714 -2.31 -64.63 -9.78
CA LYS F 3714 -1.10 -65.43 -9.91
C LYS F 3714 0.11 -64.58 -9.59
N SER F 3715 1.22 -65.24 -9.30
CA SER F 3715 2.47 -64.52 -9.04
C SER F 3715 3.04 -63.93 -10.33
N LYS F 3716 2.98 -64.69 -11.42
CA LYS F 3716 3.50 -64.22 -12.70
C LYS F 3716 2.59 -64.72 -13.81
N LEU F 3717 2.68 -64.06 -14.96
CA LEU F 3717 1.91 -64.45 -16.13
C LEU F 3717 2.70 -65.47 -16.94
N ASP F 3718 2.19 -66.69 -17.03
CA ASP F 3718 2.86 -67.75 -17.78
C ASP F 3718 2.72 -67.51 -19.26
N GLU F 3719 3.79 -67.79 -20.00
CA GLU F 3719 3.73 -67.69 -21.45
C GLU F 3719 2.68 -68.65 -21.99
N ASP F 3720 1.84 -68.17 -22.90
CA ASP F 3720 0.71 -68.93 -23.41
C ASP F 3720 0.70 -68.82 -24.93
N TYR F 3721 1.14 -69.89 -25.60
CA TYR F 3721 1.18 -69.88 -27.05
C TYR F 3721 -0.20 -69.64 -27.65
N LEU F 3722 -1.25 -70.17 -27.02
CA LEU F 3722 -2.60 -69.97 -27.53
C LEU F 3722 -2.99 -68.51 -27.49
N TYR F 3723 -2.74 -67.84 -26.37
CA TYR F 3723 -3.05 -66.43 -26.28
C TYR F 3723 -2.25 -65.64 -27.30
N MET F 3724 -0.97 -65.95 -27.44
CA MET F 3724 -0.16 -65.19 -28.38
C MET F 3724 -0.66 -65.37 -29.81
N ALA F 3725 -1.01 -66.61 -30.19
CA ALA F 3725 -1.51 -66.84 -31.54
C ALA F 3725 -2.82 -66.11 -31.78
N TYR F 3726 -3.74 -66.16 -30.83
CA TYR F 3726 -5.03 -65.52 -31.06
C TYR F 3726 -4.93 -64.00 -30.98
N ALA F 3727 -4.01 -63.48 -30.17
CA ALA F 3727 -3.77 -62.05 -30.17
C ALA F 3727 -3.20 -61.59 -31.52
N ASP F 3728 -2.29 -62.37 -32.10
CA ASP F 3728 -1.80 -62.04 -33.43
C ASP F 3728 -2.92 -62.08 -34.45
N ILE F 3729 -3.81 -63.07 -34.37
CA ILE F 3729 -4.92 -63.17 -35.31
C ILE F 3729 -5.81 -61.93 -35.18
N MET F 3730 -6.16 -61.57 -33.95
CA MET F 3730 -7.02 -60.42 -33.74
C MET F 3730 -6.36 -59.14 -34.24
N ALA F 3731 -5.06 -58.98 -33.98
CA ALA F 3731 -4.37 -57.80 -34.46
C ALA F 3731 -4.33 -57.74 -35.98
N LYS F 3732 -4.08 -58.86 -36.64
CA LYS F 3732 -4.05 -58.86 -38.09
C LYS F 3732 -5.43 -58.59 -38.68
N SER F 3733 -6.49 -58.93 -37.95
CA SER F 3733 -7.83 -58.73 -38.49
C SER F 3733 -8.10 -57.24 -38.76
N CYS F 3734 -7.41 -56.34 -38.05
CA CYS F 3734 -7.53 -54.90 -38.27
C CYS F 3734 -6.38 -54.46 -39.15
N HIS F 3735 -6.65 -54.30 -40.44
CA HIS F 3735 -5.58 -54.23 -41.43
C HIS F 3735 -4.72 -52.97 -41.25
N LEU F 3736 -5.35 -51.80 -41.17
CA LEU F 3736 -4.63 -50.53 -41.27
C LEU F 3736 -3.90 -50.44 -42.61
N GLU F 3737 -4.69 -50.45 -43.67
CA GLU F 3737 -4.17 -50.35 -45.02
C GLU F 3737 -3.63 -48.94 -45.27
N VAL F 3752 0.57 -42.36 -54.93
CA VAL F 3752 -0.72 -42.23 -55.60
C VAL F 3752 -1.59 -41.21 -54.89
N GLU F 3753 -2.71 -40.85 -55.50
CA GLU F 3753 -3.67 -39.91 -54.93
C GLU F 3753 -4.93 -40.68 -54.55
N VAL F 3754 -5.33 -40.56 -53.30
CA VAL F 3754 -6.52 -41.22 -52.78
C VAL F 3754 -7.62 -40.17 -52.64
N SER F 3755 -8.76 -40.43 -53.26
CA SER F 3755 -9.88 -39.50 -53.17
C SER F 3755 -10.36 -39.40 -51.73
N PHE F 3756 -10.96 -38.25 -51.40
CA PHE F 3756 -11.52 -38.07 -50.07
C PHE F 3756 -12.52 -39.17 -49.74
N GLU F 3757 -13.32 -39.57 -50.71
CA GLU F 3757 -14.27 -40.65 -50.50
C GLU F 3757 -13.56 -41.95 -50.15
N GLU F 3758 -12.49 -42.26 -50.87
CA GLU F 3758 -11.75 -43.50 -50.61
C GLU F 3758 -11.11 -43.47 -49.24
N LYS F 3759 -10.55 -42.33 -48.85
CA LYS F 3759 -9.95 -42.21 -47.53
C LYS F 3759 -10.99 -42.43 -46.44
N GLU F 3760 -12.17 -41.81 -46.60
CA GLU F 3760 -13.23 -42.00 -45.62
C GLU F 3760 -13.70 -43.45 -45.58
N MET F 3761 -13.79 -44.10 -46.74
CA MET F 3761 -14.19 -45.50 -46.77
C MET F 3761 -13.18 -46.38 -46.05
N GLU F 3762 -11.89 -46.12 -46.24
CA GLU F 3762 -10.88 -46.87 -45.50
C GLU F 3762 -11.01 -46.64 -44.00
N LYS F 3763 -11.24 -45.40 -43.60
CA LYS F 3763 -11.40 -45.12 -42.17
C LYS F 3763 -12.59 -45.88 -41.60
N GLN F 3764 -13.71 -45.90 -42.34
CA GLN F 3764 -14.88 -46.61 -41.85
C GLN F 3764 -14.65 -48.11 -41.79
N ARG F 3765 -13.96 -48.66 -42.79
CA ARG F 3765 -13.65 -50.09 -42.75
C ARG F 3765 -12.81 -50.44 -41.54
N LEU F 3766 -11.78 -49.63 -41.27
CA LEU F 3766 -10.96 -49.89 -40.09
C LEU F 3766 -11.78 -49.76 -38.82
N LEU F 3767 -12.67 -48.78 -38.76
CA LEU F 3767 -13.51 -48.63 -37.58
C LEU F 3767 -14.39 -49.86 -37.36
N TYR F 3768 -14.95 -50.40 -38.44
CA TYR F 3768 -15.77 -51.60 -38.30
C TYR F 3768 -14.93 -52.78 -37.84
N GLN F 3769 -13.75 -52.96 -38.43
CA GLN F 3769 -12.89 -54.06 -38.03
C GLN F 3769 -12.51 -53.95 -36.56
N GLN F 3770 -12.27 -52.73 -36.08
CA GLN F 3770 -11.90 -52.55 -34.69
C GLN F 3770 -13.09 -52.72 -33.77
N SER F 3771 -14.29 -52.35 -34.23
CA SER F 3771 -15.49 -52.55 -33.43
C SER F 3771 -15.79 -54.03 -33.27
N ARG F 3772 -15.47 -54.84 -34.28
CA ARG F 3772 -15.67 -56.28 -34.12
C ARG F 3772 -15.01 -56.79 -32.85
N LEU F 3773 -13.84 -56.26 -32.51
CA LEU F 3773 -13.11 -56.69 -31.32
C LEU F 3773 -13.52 -55.93 -30.07
N HIS F 3774 -13.57 -54.59 -30.13
CA HIS F 3774 -13.80 -53.85 -28.90
C HIS F 3774 -15.26 -53.92 -28.44
N ASN F 3775 -16.17 -54.36 -29.30
CA ASN F 3775 -17.52 -54.65 -28.85
C ASN F 3775 -17.60 -55.95 -28.07
N ARG F 3776 -16.51 -56.72 -28.02
CA ARG F 3776 -16.48 -58.02 -27.36
C ARG F 3776 -15.42 -58.09 -26.27
N GLY F 3777 -15.02 -56.95 -25.71
CA GLY F 3777 -14.16 -56.92 -24.55
C GLY F 3777 -12.68 -56.86 -24.81
N ALA F 3778 -12.25 -56.66 -26.06
CA ALA F 3778 -10.83 -56.71 -26.38
C ALA F 3778 -10.05 -55.62 -25.69
N ALA F 3779 -10.61 -54.41 -25.55
CA ALA F 3779 -9.89 -53.33 -24.90
C ALA F 3779 -9.61 -53.65 -23.43
N GLU F 3780 -10.62 -54.08 -22.70
CA GLU F 3780 -10.43 -54.46 -21.32
C GLU F 3780 -9.46 -55.64 -21.21
N MET F 3781 -9.53 -56.57 -22.16
CA MET F 3781 -8.59 -57.69 -22.15
C MET F 3781 -7.16 -57.19 -22.29
N VAL F 3782 -6.93 -56.23 -23.19
CA VAL F 3782 -5.59 -55.70 -23.38
C VAL F 3782 -5.09 -55.04 -22.10
N LEU F 3783 -5.94 -54.22 -21.47
CA LEU F 3783 -5.53 -53.58 -20.23
C LEU F 3783 -5.21 -54.61 -19.16
N GLN F 3784 -6.05 -55.64 -19.03
CA GLN F 3784 -5.83 -56.66 -18.02
C GLN F 3784 -4.54 -57.40 -18.25
N MET F 3785 -4.23 -57.73 -19.51
CA MET F 3785 -2.99 -58.45 -19.79
C MET F 3785 -1.76 -57.58 -19.51
N ILE F 3786 -1.82 -56.29 -19.86
CA ILE F 3786 -0.71 -55.41 -19.54
C ILE F 3786 -0.52 -55.35 -18.03
N SER F 3787 -1.61 -55.23 -17.28
CA SER F 3787 -1.50 -55.22 -15.83
C SER F 3787 -0.93 -56.53 -15.30
N ALA F 3788 -1.34 -57.65 -15.87
CA ALA F 3788 -0.93 -58.96 -15.37
C ALA F 3788 0.54 -59.24 -15.64
N CYS F 3789 1.09 -58.69 -16.73
CA CYS F 3789 2.50 -58.93 -17.01
C CYS F 3789 3.40 -58.44 -15.89
N LYS F 3790 2.92 -57.49 -15.07
CA LYS F 3790 3.66 -57.01 -13.90
C LYS F 3790 5.05 -56.50 -14.27
N GLY F 3791 5.14 -55.80 -15.40
CA GLY F 3791 6.38 -55.16 -15.76
C GLY F 3791 7.43 -56.06 -16.36
N GLU F 3792 7.12 -57.31 -16.65
CA GLU F 3792 8.08 -58.25 -17.22
C GLU F 3792 7.95 -58.23 -18.74
N THR F 3793 9.05 -57.95 -19.42
CA THR F 3793 9.04 -57.96 -20.87
C THR F 3793 8.95 -59.40 -21.38
N GLY F 3794 8.54 -59.54 -22.63
CA GLY F 3794 8.44 -60.84 -23.24
C GLY F 3794 7.40 -60.88 -24.33
N ALA F 3795 7.21 -62.08 -24.87
CA ALA F 3795 6.30 -62.27 -25.98
C ALA F 3795 4.86 -61.96 -25.61
N MET F 3796 4.44 -62.30 -24.39
CA MET F 3796 3.07 -62.03 -24.00
C MET F 3796 2.76 -60.53 -24.04
N VAL F 3797 3.61 -59.71 -23.42
CA VAL F 3797 3.36 -58.29 -23.42
C VAL F 3797 3.56 -57.70 -24.81
N SER F 3798 4.49 -58.23 -25.60
CA SER F 3798 4.63 -57.75 -26.96
C SER F 3798 3.34 -57.97 -27.77
N SER F 3799 2.76 -59.17 -27.67
CA SER F 3799 1.52 -59.43 -28.37
C SER F 3799 0.39 -58.57 -27.83
N THR F 3800 0.33 -58.37 -26.52
CA THR F 3800 -0.70 -57.51 -25.96
C THR F 3800 -0.60 -56.09 -26.50
N LEU F 3801 0.63 -55.55 -26.54
CA LEU F 3801 0.81 -54.20 -27.05
C LEU F 3801 0.45 -54.10 -28.51
N LYS F 3802 0.82 -55.11 -29.31
CA LYS F 3802 0.46 -55.08 -30.72
C LYS F 3802 -1.05 -55.13 -30.90
N LEU F 3803 -1.74 -55.94 -30.12
CA LEU F 3803 -3.20 -55.97 -30.19
C LEU F 3803 -3.81 -54.62 -29.81
N GLY F 3804 -3.30 -54.02 -28.74
CA GLY F 3804 -3.80 -52.72 -28.33
C GLY F 3804 -3.61 -51.68 -29.41
N ILE F 3805 -2.43 -51.65 -30.03
CA ILE F 3805 -2.18 -50.73 -31.14
C ILE F 3805 -3.14 -51.01 -32.28
N SER F 3806 -3.39 -52.29 -32.58
CA SER F 3806 -4.26 -52.61 -33.70
C SER F 3806 -5.66 -52.10 -33.47
N ILE F 3807 -6.18 -52.22 -32.25
CA ILE F 3807 -7.54 -51.75 -31.99
C ILE F 3807 -7.61 -50.25 -31.72
N LEU F 3808 -6.47 -49.60 -31.46
CA LEU F 3808 -6.46 -48.16 -31.24
C LEU F 3808 -6.06 -47.35 -32.47
N ASN F 3809 -5.56 -48.00 -33.52
CA ASN F 3809 -5.05 -47.27 -34.68
C ASN F 3809 -6.07 -46.26 -35.19
N GLY F 3810 -5.56 -45.10 -35.60
CA GLY F 3810 -6.40 -44.03 -36.06
C GLY F 3810 -7.00 -43.19 -34.96
N GLY F 3811 -6.66 -43.46 -33.70
CA GLY F 3811 -7.23 -42.74 -32.59
C GLY F 3811 -8.68 -43.09 -32.35
N ASN F 3812 -8.97 -44.37 -32.18
CA ASN F 3812 -10.33 -44.83 -31.98
C ASN F 3812 -10.90 -44.27 -30.68
N ALA F 3813 -11.79 -43.29 -30.80
CA ALA F 3813 -12.32 -42.61 -29.62
C ALA F 3813 -13.14 -43.56 -28.77
N GLU F 3814 -13.89 -44.47 -29.39
CA GLU F 3814 -14.70 -45.40 -28.61
C GLU F 3814 -13.81 -46.33 -27.80
N VAL F 3815 -12.74 -46.84 -28.39
CA VAL F 3815 -11.82 -47.69 -27.65
C VAL F 3815 -11.14 -46.90 -26.53
N GLN F 3816 -10.75 -45.66 -26.80
CA GLN F 3816 -10.15 -44.84 -25.76
C GLN F 3816 -11.11 -44.67 -24.59
N GLN F 3817 -12.38 -44.38 -24.89
CA GLN F 3817 -13.37 -44.21 -23.84
C GLN F 3817 -13.54 -45.49 -23.04
N LYS F 3818 -13.62 -46.64 -23.71
CA LYS F 3818 -13.77 -47.89 -22.98
C LYS F 3818 -12.57 -48.15 -22.07
N MET F 3819 -11.36 -47.92 -22.58
CA MET F 3819 -10.19 -48.13 -21.76
C MET F 3819 -10.17 -47.21 -20.54
N LEU F 3820 -10.48 -45.93 -20.76
CA LEU F 3820 -10.46 -44.98 -19.65
C LEU F 3820 -11.52 -45.33 -18.62
N ASP F 3821 -12.72 -45.69 -19.06
CA ASP F 3821 -13.76 -46.08 -18.12
C ASP F 3821 -13.35 -47.30 -17.32
N TYR F 3822 -12.77 -48.31 -17.98
CA TYR F 3822 -12.35 -49.49 -17.24
C TYR F 3822 -11.29 -49.13 -16.20
N LEU F 3823 -10.30 -48.34 -16.58
CA LEU F 3823 -9.24 -48.00 -15.65
C LEU F 3823 -9.78 -47.21 -14.48
N LYS F 3824 -10.59 -46.19 -14.74
CA LYS F 3824 -11.11 -45.34 -13.67
C LYS F 3824 -12.12 -46.07 -12.80
N ASP F 3825 -12.74 -47.13 -13.31
CA ASP F 3825 -13.69 -47.90 -12.51
C ASP F 3825 -12.97 -48.93 -11.64
N LYS F 3826 -11.92 -49.56 -12.17
CA LYS F 3826 -11.20 -50.55 -11.38
C LYS F 3826 -10.29 -49.90 -10.34
N LYS F 3827 -9.67 -48.77 -10.68
CA LYS F 3827 -8.79 -48.06 -9.75
C LYS F 3827 -7.68 -48.96 -9.23
N GLU F 3828 -6.92 -49.54 -10.15
CA GLU F 3828 -5.82 -50.43 -9.81
C GLU F 3828 -4.50 -49.80 -10.26
N VAL F 3829 -3.53 -49.79 -9.35
CA VAL F 3829 -2.24 -49.17 -9.61
C VAL F 3829 -1.37 -50.10 -10.44
N GLY F 3830 -1.81 -51.35 -10.60
CA GLY F 3830 -1.02 -52.33 -11.30
C GLY F 3830 -0.75 -51.99 -12.75
N PHE F 3831 -1.73 -51.41 -13.44
CA PHE F 3831 -1.56 -51.12 -14.86
C PHE F 3831 -0.40 -50.15 -15.08
N PHE F 3832 -0.43 -49.01 -14.39
CA PHE F 3832 0.62 -48.03 -14.58
C PHE F 3832 1.93 -48.43 -13.91
N GLN F 3833 1.88 -49.24 -12.86
CA GLN F 3833 3.13 -49.80 -12.34
C GLN F 3833 3.80 -50.68 -13.39
N SER F 3834 3.01 -51.51 -14.08
CA SER F 3834 3.56 -52.35 -15.13
C SER F 3834 4.10 -51.51 -16.28
N ILE F 3835 3.36 -50.46 -16.66
CA ILE F 3835 3.83 -49.60 -17.74
C ILE F 3835 5.16 -48.96 -17.38
N GLN F 3836 5.27 -48.45 -16.15
CA GLN F 3836 6.50 -47.82 -15.70
C GLN F 3836 7.66 -48.81 -15.69
N ALA F 3837 7.42 -50.02 -15.21
CA ALA F 3837 8.49 -51.02 -15.21
C ALA F 3837 8.95 -51.36 -16.63
N LEU F 3838 8.01 -51.52 -17.55
CA LEU F 3838 8.39 -51.79 -18.93
C LEU F 3838 9.21 -50.63 -19.51
N MET F 3839 8.78 -49.40 -19.24
CA MET F 3839 9.52 -48.26 -19.74
C MET F 3839 10.93 -48.21 -19.18
N GLN F 3840 11.11 -48.58 -17.91
CA GLN F 3840 12.44 -48.61 -17.34
C GLN F 3840 13.30 -49.73 -17.91
N THR F 3841 12.70 -50.86 -18.28
CA THR F 3841 13.47 -51.92 -18.92
C THR F 3841 13.84 -51.60 -20.35
N CYS F 3842 13.09 -50.74 -21.02
CA CYS F 3842 13.45 -50.36 -22.39
C CYS F 3842 14.89 -49.88 -22.48
N SER F 3843 15.59 -50.31 -23.52
CA SER F 3843 17.04 -50.13 -23.62
C SER F 3843 17.39 -49.01 -24.60
N VAL F 3844 18.68 -48.64 -24.59
CA VAL F 3844 19.21 -47.56 -25.42
C VAL F 3844 20.49 -48.04 -26.10
N LEU F 3845 21.17 -47.14 -26.81
CA LEU F 3845 22.41 -47.49 -27.48
C LEU F 3845 23.48 -47.82 -26.44
N ASP F 3846 24.20 -48.92 -26.68
CA ASP F 3846 25.22 -49.39 -25.75
C ASP F 3846 26.52 -49.60 -26.51
N LEU F 3847 27.54 -48.79 -26.17
CA LEU F 3847 28.79 -48.83 -26.91
C LEU F 3847 29.64 -50.05 -26.58
N ASN F 3848 29.58 -50.53 -25.34
CA ASN F 3848 30.26 -51.78 -25.01
C ASN F 3848 29.70 -52.92 -25.84
N ALA F 3849 28.37 -53.00 -25.94
CA ALA F 3849 27.75 -54.01 -26.77
C ALA F 3849 28.14 -53.83 -28.23
N PHE F 3850 28.24 -52.57 -28.68
CA PHE F 3850 28.63 -52.32 -30.07
C PHE F 3850 30.03 -52.84 -30.35
N GLU F 3851 30.98 -52.55 -29.45
CA GLU F 3851 32.34 -53.03 -29.65
C GLU F 3851 32.42 -54.54 -29.58
N ARG F 3852 31.67 -55.15 -28.66
CA ARG F 3852 31.63 -56.61 -28.61
C ARG F 3852 31.12 -57.19 -29.91
N GLN F 3853 30.07 -56.60 -30.47
CA GLN F 3853 29.52 -57.09 -31.73
C GLN F 3853 30.51 -56.91 -32.87
N ASN F 3854 31.23 -55.79 -32.88
CA ASN F 3854 32.25 -55.59 -33.92
C ASN F 3854 33.33 -56.65 -33.82
N LYS F 3855 33.80 -56.96 -32.61
CA LYS F 3855 34.81 -58.00 -32.47
C LYS F 3855 34.27 -59.36 -32.88
N ALA F 3856 33.02 -59.67 -32.51
CA ALA F 3856 32.45 -60.95 -32.90
C ALA F 3856 32.36 -61.08 -34.41
N GLU F 3857 31.93 -60.01 -35.09
CA GLU F 3857 31.91 -60.04 -36.55
C GLU F 3857 33.31 -60.18 -37.12
N GLY F 3858 34.27 -59.48 -36.51
CA GLY F 3858 35.65 -59.59 -36.98
C GLY F 3858 36.18 -61.00 -36.92
N LEU F 3859 35.78 -61.76 -35.90
CA LEU F 3859 36.17 -63.16 -35.82
C LEU F 3859 35.93 -63.85 -37.16
N GLY F 3860 36.98 -64.46 -37.69
CA GLY F 3860 36.94 -64.97 -39.05
C GLY F 3860 36.24 -66.31 -39.19
N MET F 3861 36.11 -66.74 -40.44
CA MET F 3861 35.48 -68.01 -40.78
C MET F 3861 36.56 -69.02 -41.14
N VAL F 3862 36.87 -69.89 -40.18
CA VAL F 3862 37.91 -70.89 -40.39
C VAL F 3862 37.28 -72.22 -40.81
N ASN F 3863 36.30 -72.69 -40.06
CA ASN F 3863 35.68 -73.98 -40.32
C ASN F 3863 34.41 -73.77 -41.16
N GLU F 3864 33.72 -74.86 -41.46
CA GLU F 3864 32.56 -74.80 -42.36
C GLU F 3864 31.36 -74.21 -41.65
N ASP F 3865 30.48 -73.57 -42.42
CA ASP F 3865 29.40 -72.77 -41.86
C ASP F 3865 28.53 -73.57 -40.89
N GLY F 3866 28.26 -74.84 -41.21
CA GLY F 3866 27.46 -75.65 -40.31
C GLY F 3866 28.11 -75.80 -38.94
N THR F 3867 29.40 -76.16 -38.91
CA THR F 3867 30.08 -76.33 -37.64
C THR F 3867 30.19 -74.99 -36.89
N VAL F 3868 30.51 -73.92 -37.60
CA VAL F 3868 30.57 -72.60 -36.97
C VAL F 3868 29.17 -72.05 -36.81
N ILE F 3869 29.05 -71.02 -35.97
CA ILE F 3869 27.75 -70.45 -35.61
C ILE F 3869 27.38 -69.27 -36.51
N ASN F 3870 28.21 -68.95 -37.50
CA ASN F 3870 27.93 -67.87 -38.45
C ASN F 3870 27.84 -66.51 -37.77
N ARG F 3871 28.22 -66.44 -36.49
CA ARG F 3871 28.14 -65.21 -35.71
C ARG F 3871 26.79 -64.51 -35.93
N GLN F 3872 25.73 -65.30 -36.06
CA GLN F 3872 24.41 -64.76 -36.32
C GLN F 3872 23.65 -64.54 -35.03
N ASN F 3873 24.37 -64.28 -33.95
CA ASN F 3873 23.72 -63.89 -32.70
C ASN F 3873 22.87 -62.65 -32.92
N GLY F 3874 21.67 -62.65 -32.33
CA GLY F 3874 20.79 -61.51 -32.50
C GLY F 3874 21.48 -60.20 -32.18
N GLU F 3875 20.87 -59.12 -32.65
CA GLU F 3875 21.44 -57.80 -32.45
C GLU F 3875 21.67 -57.56 -30.96
N LYS F 3876 22.86 -57.06 -30.63
CA LYS F 3876 23.21 -56.76 -29.24
C LYS F 3876 22.92 -55.32 -28.87
N VAL F 3877 22.79 -54.43 -29.84
CA VAL F 3877 22.55 -53.01 -29.60
C VAL F 3877 21.09 -52.72 -29.90
N MET F 3878 20.38 -52.18 -28.92
CA MET F 3878 18.96 -51.86 -29.07
C MET F 3878 18.20 -53.05 -29.63
N ALA F 3879 18.34 -54.19 -28.94
CA ALA F 3879 17.73 -55.43 -29.39
C ALA F 3879 16.21 -55.41 -29.27
N ASP F 3880 15.66 -54.60 -28.36
CA ASP F 3880 14.21 -54.51 -28.16
C ASP F 3880 13.64 -53.21 -28.69
N ASP F 3881 14.23 -52.68 -29.76
CA ASP F 3881 13.75 -51.41 -30.31
C ASP F 3881 12.32 -51.54 -30.80
N GLU F 3882 11.96 -52.69 -31.37
CA GLU F 3882 10.59 -52.90 -31.80
C GLU F 3882 9.63 -52.83 -30.62
N PHE F 3883 10.00 -53.45 -29.50
CA PHE F 3883 9.14 -53.39 -28.33
C PHE F 3883 9.03 -51.97 -27.79
N THR F 3884 10.15 -51.24 -27.78
CA THR F 3884 10.11 -49.86 -27.30
C THR F 3884 9.17 -49.02 -28.16
N GLN F 3885 9.30 -49.16 -29.48
CA GLN F 3885 8.42 -48.42 -30.37
C GLN F 3885 6.97 -48.80 -30.16
N ASP F 3886 6.69 -50.09 -29.96
CA ASP F 3886 5.31 -50.51 -29.71
C ASP F 3886 4.78 -49.91 -28.42
N LEU F 3887 5.57 -49.92 -27.36
CA LEU F 3887 5.11 -49.37 -26.08
C LEU F 3887 4.78 -47.89 -26.22
N PHE F 3888 5.67 -47.13 -26.84
CA PHE F 3888 5.42 -45.69 -26.93
C PHE F 3888 4.33 -45.38 -27.96
N ARG F 3889 4.18 -46.22 -28.99
CA ARG F 3889 3.07 -46.05 -29.91
C ARG F 3889 1.74 -46.30 -29.21
N PHE F 3890 1.69 -47.31 -28.35
CA PHE F 3890 0.47 -47.55 -27.58
C PHE F 3890 0.15 -46.36 -26.70
N LEU F 3891 1.15 -45.82 -26.01
CA LEU F 3891 0.91 -44.67 -25.16
C LEU F 3891 0.45 -43.47 -25.98
N GLN F 3892 1.03 -43.26 -27.16
CA GLN F 3892 0.58 -42.16 -28.02
C GLN F 3892 -0.86 -42.36 -28.46
N LEU F 3893 -1.21 -43.57 -28.89
CA LEU F 3893 -2.55 -43.83 -29.37
C LEU F 3893 -3.58 -43.69 -28.27
N LEU F 3894 -3.17 -43.85 -27.01
CA LEU F 3894 -4.12 -43.58 -25.93
C LEU F 3894 -4.57 -42.12 -25.94
N CYS F 3895 -3.73 -41.20 -26.42
CA CYS F 3895 -4.04 -39.78 -26.43
C CYS F 3895 -4.36 -39.23 -27.81
N GLU F 3896 -4.19 -40.04 -28.86
CA GLU F 3896 -4.41 -39.53 -30.22
C GLU F 3896 -5.80 -38.93 -30.36
N GLY F 3897 -5.87 -37.82 -31.09
CA GLY F 3897 -7.09 -37.06 -31.21
C GLY F 3897 -7.29 -36.01 -30.14
N HIS F 3898 -6.28 -35.75 -29.32
CA HIS F 3898 -6.36 -34.77 -28.25
C HIS F 3898 -7.43 -35.15 -27.24
N ASN F 3899 -7.38 -36.41 -26.80
CA ASN F 3899 -8.27 -36.88 -25.74
C ASN F 3899 -7.82 -36.26 -24.43
N ASN F 3900 -8.50 -35.19 -24.02
CA ASN F 3900 -8.06 -34.44 -22.86
C ASN F 3900 -8.15 -35.29 -21.59
N ASP F 3901 -9.22 -36.06 -21.46
CA ASP F 3901 -9.38 -36.87 -20.26
C ASP F 3901 -8.23 -37.84 -20.09
N PHE F 3902 -7.87 -38.55 -21.16
CA PHE F 3902 -6.87 -39.57 -21.01
C PHE F 3902 -5.48 -38.95 -20.94
N GLN F 3903 -5.31 -37.78 -21.57
CA GLN F 3903 -4.07 -37.01 -21.42
C GLN F 3903 -3.85 -36.62 -19.97
N ASN F 3904 -4.88 -36.13 -19.30
CA ASN F 3904 -4.76 -35.81 -17.88
C ASN F 3904 -4.54 -37.07 -17.05
N TYR F 3905 -5.23 -38.15 -17.41
CA TYR F 3905 -5.09 -39.39 -16.65
C TYR F 3905 -3.67 -39.93 -16.72
N LEU F 3906 -3.03 -39.84 -17.87
CA LEU F 3906 -1.65 -40.30 -17.98
C LEU F 3906 -0.72 -39.55 -17.04
N ARG F 3907 -1.09 -38.31 -16.68
CA ARG F 3907 -0.26 -37.55 -15.76
C ARG F 3907 -0.59 -37.87 -14.31
N THR F 3908 -1.86 -37.85 -13.96
CA THR F 3908 -2.27 -38.10 -12.59
C THR F 3908 -3.54 -38.94 -12.57
N GLN F 3909 -3.52 -40.02 -11.80
CA GLN F 3909 -4.67 -40.91 -11.64
C GLN F 3909 -5.31 -40.56 -10.30
N THR F 3910 -6.30 -39.67 -10.33
CA THR F 3910 -6.82 -39.09 -9.11
C THR F 3910 -7.43 -40.13 -8.19
N GLY F 3911 -8.14 -41.11 -8.77
CA GLY F 3911 -8.86 -42.08 -7.95
C GLY F 3911 -7.99 -43.12 -7.28
N ASN F 3912 -6.80 -43.38 -7.81
CA ASN F 3912 -5.96 -44.44 -7.27
C ASN F 3912 -5.30 -44.01 -5.97
N THR F 3913 -4.81 -45.00 -5.22
CA THR F 3913 -4.13 -44.70 -3.97
C THR F 3913 -2.77 -44.05 -4.22
N THR F 3914 -2.10 -44.44 -5.30
CA THR F 3914 -0.86 -43.83 -5.72
C THR F 3914 -0.90 -43.54 -7.20
N THR F 3915 -0.15 -42.53 -7.63
CA THR F 3915 -0.14 -42.08 -9.01
C THR F 3915 1.26 -42.19 -9.58
N ILE F 3916 1.32 -42.44 -10.89
CA ILE F 3916 2.57 -42.47 -11.63
C ILE F 3916 2.45 -41.51 -12.80
N ASN F 3917 3.46 -40.68 -12.98
CA ASN F 3917 3.46 -39.67 -14.04
C ASN F 3917 4.11 -40.26 -15.29
N ILE F 3918 3.29 -40.75 -16.21
CA ILE F 3918 3.80 -41.36 -17.42
C ILE F 3918 4.49 -40.33 -18.31
N ILE F 3919 4.06 -39.07 -18.25
CA ILE F 3919 4.73 -38.04 -19.03
C ILE F 3919 6.18 -37.92 -18.58
N ILE F 3920 6.41 -37.87 -17.27
CA ILE F 3920 7.77 -37.76 -16.77
C ILE F 3920 8.55 -39.04 -17.02
N CYS F 3921 7.90 -40.19 -16.94
CA CYS F 3921 8.59 -41.43 -17.28
C CYS F 3921 9.08 -41.40 -18.73
N THR F 3922 8.24 -40.91 -19.64
CA THR F 3922 8.65 -40.78 -21.04
C THR F 3922 9.80 -39.81 -21.19
N VAL F 3923 9.76 -38.69 -20.46
CA VAL F 3923 10.86 -37.73 -20.53
C VAL F 3923 12.15 -38.38 -20.05
N ASP F 3924 12.08 -39.18 -18.98
CA ASP F 3924 13.27 -39.82 -18.46
C ASP F 3924 13.85 -40.81 -19.47
N TYR F 3925 12.99 -41.59 -20.12
CA TYR F 3925 13.50 -42.47 -21.17
C TYR F 3925 14.14 -41.67 -22.29
N LEU F 3926 13.52 -40.55 -22.68
CA LEU F 3926 14.10 -39.74 -23.73
C LEU F 3926 15.47 -39.22 -23.33
N LEU F 3927 15.64 -38.86 -22.07
CA LEU F 3927 16.94 -38.39 -21.60
C LEU F 3927 17.99 -39.49 -21.67
N ARG F 3928 17.63 -40.71 -21.25
CA ARG F 3928 18.57 -41.82 -21.39
C ARG F 3928 18.96 -42.03 -22.85
N LEU F 3929 17.99 -42.00 -23.74
CA LEU F 3929 18.26 -42.22 -25.16
C LEU F 3929 19.14 -41.12 -25.72
N GLN F 3930 18.89 -39.86 -25.33
CA GLN F 3930 19.71 -38.76 -25.80
C GLN F 3930 21.15 -38.93 -25.34
N GLU F 3931 21.35 -39.32 -24.09
CA GLU F 3931 22.71 -39.53 -23.61
C GLU F 3931 23.40 -40.65 -24.37
N SER F 3932 22.68 -41.73 -24.68
CA SER F 3932 23.29 -42.80 -25.46
C SER F 3932 23.67 -42.32 -26.85
N ILE F 3933 22.82 -41.52 -27.49
CA ILE F 3933 23.12 -41.04 -28.83
C ILE F 3933 24.31 -40.07 -28.80
N SER F 3934 24.40 -39.25 -27.76
CA SER F 3934 25.58 -38.39 -27.63
C SER F 3934 26.84 -39.22 -27.47
N ASP F 3935 26.77 -40.29 -26.68
CA ASP F 3935 27.93 -41.18 -26.56
C ASP F 3935 28.31 -41.75 -27.91
N PHE F 3936 27.34 -42.17 -28.71
CA PHE F 3936 27.65 -42.71 -30.02
C PHE F 3936 28.31 -41.67 -30.91
N TYR F 3937 27.80 -40.43 -30.89
CA TYR F 3937 28.42 -39.39 -31.68
C TYR F 3937 29.86 -39.16 -31.26
N TRP F 3938 30.10 -39.09 -29.95
CA TRP F 3938 31.47 -38.89 -29.49
C TRP F 3938 32.37 -40.04 -29.90
N TYR F 3939 31.83 -41.26 -29.89
CA TYR F 3939 32.60 -42.41 -30.35
C TYR F 3939 33.01 -42.24 -31.80
N TYR F 3940 32.11 -41.75 -32.65
CA TYR F 3940 32.38 -41.66 -34.08
C TYR F 3940 32.97 -40.33 -34.53
N SER F 3941 33.12 -39.36 -33.64
CA SER F 3941 33.50 -38.01 -34.07
C SER F 3941 34.88 -38.00 -34.71
N GLY F 3942 35.83 -38.72 -34.13
CA GLY F 3942 37.16 -38.76 -34.70
C GLY F 3942 37.21 -39.44 -36.05
N LYS F 3943 36.41 -40.49 -36.22
CA LYS F 3943 36.41 -41.25 -37.46
C LYS F 3943 35.91 -40.39 -38.61
N ASP F 3944 36.38 -40.71 -39.82
CA ASP F 3944 36.02 -39.90 -40.98
C ASP F 3944 34.66 -40.31 -41.54
N VAL F 3945 34.43 -41.60 -41.74
CA VAL F 3945 33.19 -42.10 -42.29
C VAL F 3945 32.61 -43.14 -41.32
N ILE F 3946 31.31 -43.06 -41.08
CA ILE F 3946 30.62 -44.03 -40.26
C ILE F 3946 30.32 -45.25 -41.10
N GLU F 3947 30.68 -46.42 -40.59
CA GLU F 3947 30.51 -47.65 -41.35
C GLU F 3947 29.05 -48.10 -41.33
N GLU F 3948 28.79 -49.22 -42.01
CA GLU F 3948 27.43 -49.67 -42.21
C GLU F 3948 26.74 -50.01 -40.89
N GLN F 3949 27.45 -50.72 -40.01
CA GLN F 3949 26.83 -51.13 -38.75
C GLN F 3949 26.56 -49.93 -37.86
N GLY F 3950 27.49 -48.99 -37.80
CA GLY F 3950 27.25 -47.77 -37.05
C GLY F 3950 26.06 -46.99 -37.60
N LYS F 3951 25.94 -46.91 -38.92
CA LYS F 3951 24.79 -46.25 -39.51
C LYS F 3951 23.50 -46.96 -39.14
N ARG F 3952 23.52 -48.30 -39.15
CA ARG F 3952 22.31 -49.05 -38.82
C ARG F 3952 21.89 -48.80 -37.38
N ASN F 3953 22.85 -48.78 -36.46
CA ASN F 3953 22.51 -48.52 -35.07
C ASN F 3953 22.01 -47.09 -34.87
N PHE F 3954 22.65 -46.12 -35.52
CA PHE F 3954 22.15 -44.76 -35.47
C PHE F 3954 20.72 -44.69 -35.95
N SER F 3955 20.42 -45.40 -37.05
CA SER F 3955 19.07 -45.35 -37.61
C SER F 3955 18.05 -45.96 -36.65
N LYS F 3956 18.39 -47.08 -36.02
CA LYS F 3956 17.46 -47.67 -35.06
C LYS F 3956 17.19 -46.73 -33.90
N ALA F 3957 18.25 -46.13 -33.35
CA ALA F 3957 18.07 -45.19 -32.25
C ALA F 3957 17.22 -44.00 -32.69
N MET F 3958 17.43 -43.52 -33.91
CA MET F 3958 16.69 -42.36 -34.39
C MET F 3958 15.21 -42.70 -34.60
N SER F 3959 14.91 -43.91 -35.06
CA SER F 3959 13.50 -44.31 -35.16
C SER F 3959 12.84 -44.33 -33.79
N VAL F 3960 13.53 -44.89 -32.80
CA VAL F 3960 12.96 -44.89 -31.45
C VAL F 3960 12.74 -43.46 -30.96
N ALA F 3961 13.73 -42.59 -31.19
CA ALA F 3961 13.60 -41.20 -30.72
C ALA F 3961 12.44 -40.49 -31.42
N LYS F 3962 12.25 -40.77 -32.71
CA LYS F 3962 11.12 -40.21 -33.44
C LYS F 3962 9.81 -40.63 -32.79
N GLN F 3963 9.69 -41.91 -32.45
CA GLN F 3963 8.46 -42.36 -31.80
C GLN F 3963 8.26 -41.67 -30.45
N VAL F 3964 9.34 -41.49 -29.69
CA VAL F 3964 9.22 -40.86 -28.37
C VAL F 3964 8.79 -39.40 -28.52
N PHE F 3965 9.35 -38.70 -29.50
CA PHE F 3965 8.94 -37.31 -29.74
C PHE F 3965 7.46 -37.25 -30.13
N ASN F 3966 7.02 -38.19 -30.97
CA ASN F 3966 5.61 -38.22 -31.34
C ASN F 3966 4.73 -38.47 -30.12
N SER F 3967 5.16 -39.35 -29.22
CA SER F 3967 4.38 -39.61 -28.02
C SER F 3967 4.26 -38.36 -27.15
N LEU F 3968 5.36 -37.64 -26.95
CA LEU F 3968 5.28 -36.42 -26.15
C LEU F 3968 4.39 -35.38 -26.81
N THR F 3969 4.52 -35.23 -28.13
CA THR F 3969 3.67 -34.31 -28.86
C THR F 3969 2.19 -34.65 -28.67
N GLU F 3970 1.86 -35.94 -28.74
CA GLU F 3970 0.48 -36.35 -28.51
C GLU F 3970 0.04 -36.07 -27.08
N TYR F 3971 0.94 -36.27 -26.11
CA TYR F 3971 0.58 -35.95 -24.73
C TYR F 3971 0.14 -34.50 -24.60
N ILE F 3972 0.88 -33.57 -25.21
CA ILE F 3972 0.64 -32.17 -24.88
C ILE F 3972 -0.32 -31.48 -25.85
N GLN F 3973 -0.46 -31.99 -27.06
CA GLN F 3973 -1.25 -31.28 -28.07
C GLN F 3973 -2.72 -31.24 -27.66
N GLY F 3974 -3.38 -30.15 -28.02
CA GLY F 3974 -4.81 -30.00 -27.82
C GLY F 3974 -5.26 -28.63 -27.35
N PRO F 3975 -4.50 -27.97 -26.47
CA PRO F 3975 -3.40 -28.38 -25.59
C PRO F 3975 -3.89 -28.92 -24.27
N CYS F 3976 -3.15 -29.85 -23.69
CA CYS F 3976 -3.35 -30.24 -22.30
C CYS F 3976 -2.44 -29.36 -21.47
N THR F 3977 -3.01 -28.34 -20.82
CA THR F 3977 -2.18 -27.36 -20.13
C THR F 3977 -1.44 -27.99 -18.96
N GLY F 3978 -2.09 -28.91 -18.26
CA GLY F 3978 -1.41 -29.60 -17.18
C GLY F 3978 -0.17 -30.34 -17.65
N ASN F 3979 -0.29 -31.03 -18.79
CA ASN F 3979 0.86 -31.74 -19.34
C ASN F 3979 1.92 -30.77 -19.83
N GLN F 3980 1.49 -29.65 -20.41
CA GLN F 3980 2.44 -28.63 -20.82
C GLN F 3980 3.27 -28.14 -19.64
N GLN F 3981 2.61 -27.85 -18.52
CA GLN F 3981 3.33 -27.42 -17.33
C GLN F 3981 4.23 -28.52 -16.79
N SER F 3982 3.74 -29.75 -16.74
CA SER F 3982 4.53 -30.86 -16.22
C SER F 3982 5.78 -31.06 -17.05
N LEU F 3983 5.68 -30.87 -18.37
CA LEU F 3983 6.87 -31.00 -19.22
C LEU F 3983 7.79 -29.80 -19.06
N ALA F 3984 7.23 -28.60 -18.97
CA ALA F 3984 8.07 -27.42 -18.81
C ALA F 3984 8.89 -27.47 -17.54
N HIS F 3985 8.35 -28.08 -16.48
CA HIS F 3985 9.06 -28.18 -15.22
C HIS F 3985 9.77 -29.52 -15.06
N SER F 3986 10.27 -30.09 -16.16
CA SER F 3986 10.91 -31.40 -16.14
C SER F 3986 12.29 -31.31 -16.77
N ARG F 3987 12.89 -32.47 -17.01
CA ARG F 3987 14.22 -32.57 -17.60
C ARG F 3987 14.17 -32.57 -19.12
N LEU F 3988 13.07 -32.09 -19.71
CA LEU F 3988 12.96 -32.09 -21.16
C LEU F 3988 13.94 -31.11 -21.79
N TRP F 3989 14.15 -29.96 -21.16
CA TRP F 3989 15.01 -28.94 -21.76
C TRP F 3989 16.45 -29.45 -21.88
N ASP F 3990 16.93 -30.20 -20.90
CA ASP F 3990 18.27 -30.78 -20.99
C ASP F 3990 18.37 -31.75 -22.15
N ALA F 3991 17.34 -32.58 -22.34
CA ALA F 3991 17.33 -33.50 -23.47
C ALA F 3991 17.34 -32.74 -24.79
N VAL F 3992 16.60 -31.64 -24.87
CA VAL F 3992 16.57 -30.87 -26.11
C VAL F 3992 17.91 -30.22 -26.36
N VAL F 3993 18.59 -29.76 -25.31
CA VAL F 3993 19.92 -29.17 -25.47
C VAL F 3993 20.91 -30.21 -26.00
N GLY F 3994 20.93 -31.40 -25.39
CA GLY F 3994 21.80 -32.44 -25.88
C GLY F 3994 21.49 -32.82 -27.32
N PHE F 3995 20.21 -32.94 -27.64
CA PHE F 3995 19.81 -33.28 -29.00
C PHE F 3995 20.25 -32.21 -29.98
N LEU F 3996 20.16 -30.93 -29.60
CA LEU F 3996 20.60 -29.88 -30.49
C LEU F 3996 22.09 -29.98 -30.76
N HIS F 3997 22.87 -30.25 -29.72
CA HIS F 3997 24.31 -30.44 -29.93
C HIS F 3997 24.57 -31.56 -30.92
N VAL F 3998 23.95 -32.71 -30.69
CA VAL F 3998 24.17 -33.86 -31.57
C VAL F 3998 23.69 -33.54 -32.98
N PHE F 3999 22.56 -32.87 -33.12
CA PHE F 3999 22.03 -32.55 -34.44
C PHE F 3999 22.99 -31.67 -35.21
N ALA F 4000 23.49 -30.60 -34.58
CA ALA F 4000 24.41 -29.71 -35.28
C ALA F 4000 25.64 -30.47 -35.74
N HIS F 4001 26.28 -31.21 -34.83
CA HIS F 4001 27.55 -31.81 -35.21
C HIS F 4001 27.37 -32.96 -36.19
N MET F 4002 26.29 -33.73 -36.04
CA MET F 4002 26.04 -34.81 -37.00
C MET F 4002 25.66 -34.26 -38.37
N MET F 4003 24.92 -33.16 -38.42
CA MET F 4003 24.67 -32.52 -39.71
C MET F 4003 25.97 -32.18 -40.40
N MET F 4004 26.85 -31.47 -39.69
CA MET F 4004 28.09 -31.04 -40.31
C MET F 4004 28.96 -32.22 -40.71
N LYS F 4005 28.94 -33.31 -39.93
CA LYS F 4005 29.77 -34.45 -40.27
C LYS F 4005 29.21 -35.25 -41.45
N LEU F 4006 27.92 -35.54 -41.42
CA LEU F 4006 27.31 -36.36 -42.46
C LEU F 4006 27.23 -35.62 -43.79
N ALA F 4007 27.20 -34.30 -43.79
CA ALA F 4007 27.18 -33.59 -45.06
C ALA F 4007 28.46 -33.76 -45.86
N GLN F 4008 29.52 -34.28 -45.24
CA GLN F 4008 30.82 -34.33 -45.90
C GLN F 4008 31.05 -35.62 -46.67
N ASP F 4009 30.14 -36.58 -46.62
CA ASP F 4009 30.24 -37.78 -47.46
C ASP F 4009 28.86 -38.15 -47.95
N SER F 4010 28.71 -38.26 -49.27
CA SER F 4010 27.41 -38.55 -49.87
C SER F 4010 26.96 -39.98 -49.66
N SER F 4011 27.82 -40.87 -49.17
CA SER F 4011 27.39 -42.21 -48.84
C SER F 4011 26.50 -42.24 -47.60
N GLN F 4012 26.41 -41.15 -46.85
CA GLN F 4012 25.60 -41.06 -45.65
C GLN F 4012 24.39 -40.14 -45.84
N ILE F 4013 23.93 -39.98 -47.09
CA ILE F 4013 22.84 -39.06 -47.37
C ILE F 4013 21.54 -39.56 -46.74
N GLU F 4014 21.34 -40.88 -46.73
CA GLU F 4014 20.13 -41.42 -46.11
C GLU F 4014 20.12 -41.16 -44.62
N LEU F 4015 21.26 -41.34 -43.95
CA LEU F 4015 21.34 -41.04 -42.53
C LEU F 4015 21.09 -39.55 -42.29
N LEU F 4016 21.64 -38.68 -43.15
CA LEU F 4016 21.41 -37.26 -43.00
C LEU F 4016 19.93 -36.91 -43.14
N LYS F 4017 19.25 -37.52 -44.11
CA LYS F 4017 17.83 -37.26 -44.29
C LYS F 4017 17.04 -37.71 -43.07
N GLU F 4018 17.35 -38.88 -42.53
CA GLU F 4018 16.67 -39.34 -41.34
C GLU F 4018 16.92 -38.40 -40.17
N LEU F 4019 18.15 -37.91 -40.04
CA LEU F 4019 18.47 -36.97 -38.95
C LEU F 4019 17.67 -35.69 -39.07
N LEU F 4020 17.55 -35.17 -40.29
CA LEU F 4020 16.78 -33.94 -40.48
C LEU F 4020 15.30 -34.17 -40.18
N ASP F 4021 14.77 -35.34 -40.55
CA ASP F 4021 13.39 -35.65 -40.18
C ASP F 4021 13.22 -35.70 -38.66
N LEU F 4022 14.20 -36.28 -37.96
CA LEU F 4022 14.13 -36.32 -36.50
C LEU F 4022 14.16 -34.91 -35.91
N GLN F 4023 15.00 -34.04 -36.47
CA GLN F 4023 15.02 -32.65 -36.03
C GLN F 4023 13.64 -32.02 -36.21
N LYS F 4024 12.99 -32.29 -37.34
CA LYS F 4024 11.67 -31.74 -37.57
C LYS F 4024 10.67 -32.24 -36.54
N ASP F 4025 10.76 -33.51 -36.18
CA ASP F 4025 9.86 -34.03 -35.15
C ASP F 4025 10.09 -33.35 -33.80
N MET F 4026 11.36 -33.16 -33.43
CA MET F 4026 11.64 -32.45 -32.18
C MET F 4026 11.10 -31.02 -32.22
N VAL F 4027 11.24 -30.35 -33.35
CA VAL F 4027 10.73 -28.98 -33.45
C VAL F 4027 9.21 -28.95 -33.43
N VAL F 4028 8.56 -30.00 -33.95
CA VAL F 4028 7.11 -30.06 -33.85
C VAL F 4028 6.69 -30.21 -32.40
N MET F 4029 7.43 -31.01 -31.63
CA MET F 4029 7.14 -31.10 -30.20
C MET F 4029 7.33 -29.74 -29.52
N LEU F 4030 8.40 -29.03 -29.86
CA LEU F 4030 8.62 -27.72 -29.28
C LEU F 4030 7.49 -26.76 -29.63
N LEU F 4031 7.03 -26.78 -30.87
CA LEU F 4031 5.92 -25.92 -31.26
C LEU F 4031 4.63 -26.31 -30.54
N SER F 4032 4.45 -27.60 -30.26
CA SER F 4032 3.30 -28.02 -29.47
C SER F 4032 3.36 -27.47 -28.05
N LEU F 4033 4.56 -27.35 -27.50
CA LEU F 4033 4.69 -26.78 -26.17
C LEU F 4033 4.20 -25.33 -26.11
N LEU F 4034 4.08 -24.66 -27.25
CA LEU F 4034 3.68 -23.25 -27.29
C LEU F 4034 2.22 -23.05 -27.65
N GLU F 4035 1.43 -24.11 -27.74
CA GLU F 4035 0.01 -23.96 -28.06
C GLU F 4035 -0.70 -23.26 -26.92
N GLY F 4036 -1.44 -22.21 -27.23
CA GLY F 4036 -2.15 -21.45 -26.23
C GLY F 4036 -1.27 -20.51 -25.43
N ASN F 4037 0.00 -20.39 -25.79
CA ASN F 4037 0.91 -19.52 -25.06
C ASN F 4037 0.52 -18.06 -25.26
N VAL F 4038 0.72 -17.26 -24.21
CA VAL F 4038 0.41 -15.84 -24.24
C VAL F 4038 1.69 -15.05 -24.45
N VAL F 4039 1.56 -13.75 -24.76
CA VAL F 4039 2.74 -12.91 -24.92
C VAL F 4039 3.49 -12.86 -23.61
N ASN F 4040 4.82 -13.03 -23.69
CA ASN F 4040 5.67 -13.14 -22.52
C ASN F 4040 5.27 -14.30 -21.63
N GLY F 4041 4.86 -15.41 -22.24
CA GLY F 4041 4.49 -16.58 -21.47
C GLY F 4041 5.68 -17.28 -20.87
N MET F 4042 5.41 -18.01 -19.79
CA MET F 4042 6.48 -18.66 -19.05
C MET F 4042 7.20 -19.70 -19.91
N ILE F 4043 6.44 -20.52 -20.63
CA ILE F 4043 7.05 -21.56 -21.46
C ILE F 4043 7.83 -20.94 -22.60
N ALA F 4044 7.34 -19.83 -23.15
CA ALA F 4044 8.09 -19.15 -24.21
C ALA F 4044 9.42 -18.64 -23.68
N ARG F 4045 9.43 -18.05 -22.49
CA ARG F 4045 10.67 -17.57 -21.92
C ARG F 4045 11.61 -18.74 -21.62
N GLN F 4046 11.08 -19.85 -21.14
CA GLN F 4046 11.91 -21.03 -20.91
C GLN F 4046 12.51 -21.55 -22.21
N MET F 4047 11.73 -21.54 -23.29
CA MET F 4047 12.26 -21.99 -24.57
C MET F 4047 13.38 -21.07 -25.05
N VAL F 4048 13.22 -19.77 -24.85
CA VAL F 4048 14.29 -18.84 -25.22
C VAL F 4048 15.53 -19.10 -24.38
N ASP F 4049 15.35 -19.38 -23.08
CA ASP F 4049 16.49 -19.71 -22.24
C ASP F 4049 17.20 -20.96 -22.74
N MET F 4050 16.43 -21.98 -23.12
CA MET F 4050 17.03 -23.20 -23.65
C MET F 4050 17.81 -22.92 -24.92
N LEU F 4051 17.26 -22.10 -25.82
CA LEU F 4051 17.98 -21.76 -27.04
C LEU F 4051 19.28 -21.03 -26.72
N VAL F 4052 19.24 -20.06 -25.81
CA VAL F 4052 20.44 -19.34 -25.44
C VAL F 4052 21.48 -20.29 -24.85
N GLU F 4053 21.02 -21.26 -24.05
CA GLU F 4053 21.95 -22.25 -23.53
C GLU F 4053 22.58 -23.07 -24.64
N SER F 4054 21.81 -23.36 -25.70
CA SER F 4054 22.33 -24.07 -26.87
C SER F 4054 22.79 -23.10 -27.96
N SER F 4055 23.20 -21.90 -27.58
CA SER F 4055 23.53 -20.85 -28.57
C SER F 4055 24.46 -21.36 -29.66
N SER F 4056 25.55 -22.03 -29.30
CA SER F 4056 26.53 -22.43 -30.29
C SER F 4056 25.93 -23.41 -31.30
N ASN F 4057 25.17 -24.39 -30.81
CA ASN F 4057 24.64 -25.40 -31.70
C ASN F 4057 23.49 -24.85 -32.55
N VAL F 4058 22.68 -23.97 -31.99
CA VAL F 4058 21.65 -23.30 -32.78
C VAL F 4058 22.30 -22.48 -33.88
N GLU F 4059 23.38 -21.78 -33.56
CA GLU F 4059 24.11 -21.02 -34.57
C GLU F 4059 24.66 -21.95 -35.65
N MET F 4060 25.19 -23.10 -35.26
CA MET F 4060 25.72 -24.03 -36.26
C MET F 4060 24.63 -24.55 -37.19
N ILE F 4061 23.46 -24.88 -36.65
CA ILE F 4061 22.35 -25.36 -37.48
C ILE F 4061 21.90 -24.26 -38.45
N LEU F 4062 21.71 -23.05 -37.93
CA LEU F 4062 21.31 -21.95 -38.78
C LEU F 4062 22.35 -21.68 -39.86
N LYS F 4063 23.62 -21.79 -39.51
CA LYS F 4063 24.68 -21.61 -40.50
C LYS F 4063 24.64 -22.68 -41.57
N PHE F 4064 24.35 -23.92 -41.20
CA PHE F 4064 24.20 -24.97 -42.20
C PHE F 4064 23.12 -24.59 -43.22
N PHE F 4065 21.93 -24.25 -42.72
CA PHE F 4065 20.84 -23.92 -43.62
C PHE F 4065 21.19 -22.71 -44.49
N ASP F 4066 21.75 -21.67 -43.86
CA ASP F 4066 22.09 -20.45 -44.60
C ASP F 4066 23.14 -20.73 -45.66
N MET F 4067 24.16 -21.51 -45.30
CA MET F 4067 25.24 -21.80 -46.23
C MET F 4067 24.71 -22.49 -47.48
N PHE F 4068 23.85 -23.49 -47.31
CA PHE F 4068 23.40 -24.19 -48.51
C PHE F 4068 22.34 -23.42 -49.29
N LEU F 4069 21.49 -22.64 -48.62
CA LEU F 4069 20.58 -21.78 -49.35
C LEU F 4069 21.35 -20.74 -50.16
N LYS F 4070 22.47 -20.25 -49.63
CA LYS F 4070 23.30 -19.31 -50.39
C LYS F 4070 24.04 -20.01 -51.52
N LEU F 4071 24.45 -21.26 -51.32
CA LEU F 4071 25.11 -22.00 -52.38
C LEU F 4071 24.19 -22.16 -53.59
N LYS F 4072 22.91 -22.47 -53.33
CA LYS F 4072 22.00 -22.64 -54.46
C LYS F 4072 21.90 -21.37 -55.29
N ASP F 4073 21.95 -20.20 -54.65
CA ASP F 4073 21.86 -18.95 -55.39
C ASP F 4073 23.16 -18.63 -56.10
N ILE F 4074 24.30 -18.88 -55.45
CA ILE F 4074 25.57 -18.55 -56.07
C ILE F 4074 25.80 -19.40 -57.32
N VAL F 4075 25.43 -20.68 -57.25
CA VAL F 4075 25.67 -21.54 -58.40
C VAL F 4075 24.87 -21.06 -59.61
N GLY F 4076 23.67 -20.54 -59.38
CA GLY F 4076 22.91 -19.94 -60.47
C GLY F 4076 23.37 -18.57 -60.90
N SER F 4077 24.08 -17.85 -60.03
CA SER F 4077 24.54 -16.52 -60.38
C SER F 4077 25.46 -16.55 -61.60
N GLU F 4078 25.35 -15.51 -62.43
CA GLU F 4078 26.15 -15.44 -63.66
C GLU F 4078 27.63 -15.34 -63.35
N ALA F 4079 28.01 -14.54 -62.36
CA ALA F 4079 29.43 -14.38 -62.04
C ALA F 4079 30.04 -15.72 -61.67
N PHE F 4080 29.26 -16.65 -61.15
CA PHE F 4080 29.77 -17.99 -60.88
C PHE F 4080 29.97 -18.78 -62.16
N GLN F 4081 28.99 -18.70 -63.08
CA GLN F 4081 29.08 -19.44 -64.33
C GLN F 4081 30.26 -19.00 -65.19
N ASP F 4082 30.85 -17.84 -64.91
CA ASP F 4082 32.02 -17.42 -65.65
C ASP F 4082 33.22 -18.32 -65.40
N TYR F 4083 33.21 -19.10 -64.32
CA TYR F 4083 34.28 -20.04 -64.02
C TYR F 4083 33.99 -21.45 -64.51
N VAL F 4084 32.74 -21.76 -64.84
CA VAL F 4084 32.37 -23.07 -65.36
C VAL F 4084 32.60 -23.06 -66.87
N THR F 4085 33.83 -23.39 -67.28
CA THR F 4085 34.23 -23.32 -68.68
C THR F 4085 34.35 -24.68 -69.35
N ASP F 4086 34.44 -25.75 -68.57
CA ASP F 4086 34.53 -27.08 -69.16
C ASP F 4086 33.24 -27.39 -69.92
N PRO F 4087 33.31 -28.11 -71.04
CA PRO F 4087 32.07 -28.45 -71.76
C PRO F 4087 31.07 -29.23 -70.93
N ARG F 4088 31.52 -30.17 -70.10
CA ARG F 4088 30.58 -30.99 -69.35
C ARG F 4088 29.73 -30.15 -68.41
N GLY F 4089 30.25 -29.01 -67.97
CA GLY F 4089 29.59 -28.22 -66.95
C GLY F 4089 30.13 -28.43 -65.55
N LEU F 4090 31.25 -29.12 -65.41
CA LEU F 4090 31.90 -29.32 -64.12
C LEU F 4090 32.92 -28.22 -63.87
N ILE F 4091 33.29 -28.06 -62.61
CA ILE F 4091 34.23 -27.03 -62.19
C ILE F 4091 35.31 -27.68 -61.34
N SER F 4092 36.56 -27.35 -61.61
CA SER F 4092 37.65 -27.87 -60.81
C SER F 4092 37.54 -27.31 -59.40
N LYS F 4093 38.19 -27.99 -58.45
CA LYS F 4093 38.16 -27.51 -57.06
C LYS F 4093 38.80 -26.14 -56.95
N LYS F 4094 39.92 -25.92 -57.64
CA LYS F 4094 40.58 -24.62 -57.58
C LYS F 4094 39.70 -23.52 -58.17
N ASP F 4095 39.05 -23.79 -59.29
CA ASP F 4095 38.17 -22.79 -59.89
C ASP F 4095 36.95 -22.53 -59.01
N PHE F 4096 36.41 -23.57 -58.38
CA PHE F 4096 35.32 -23.39 -57.44
C PHE F 4096 35.77 -22.50 -56.27
N GLN F 4097 36.97 -22.75 -55.75
CA GLN F 4097 37.50 -21.91 -54.70
C GLN F 4097 37.61 -20.46 -55.16
N LYS F 4098 38.12 -20.25 -56.38
CA LYS F 4098 38.26 -18.90 -56.91
C LYS F 4098 36.90 -18.21 -57.04
N ALA F 4099 35.90 -18.94 -57.55
CA ALA F 4099 34.58 -18.35 -57.73
C ALA F 4099 33.98 -17.96 -56.40
N MET F 4100 34.09 -18.84 -55.40
CA MET F 4100 33.53 -18.51 -54.09
C MET F 4100 34.27 -17.36 -53.44
N ASP F 4101 35.60 -17.29 -53.63
CA ASP F 4101 36.35 -16.15 -53.13
C ASP F 4101 35.87 -14.85 -53.77
N SER F 4102 35.68 -14.88 -55.09
CA SER F 4102 35.24 -13.66 -55.79
C SER F 4102 33.87 -13.22 -55.33
N GLN F 4103 32.96 -14.17 -55.09
CA GLN F 4103 31.61 -13.81 -54.67
C GLN F 4103 31.60 -13.08 -53.33
N LYS F 4104 32.63 -13.24 -52.51
CA LYS F 4104 32.74 -12.52 -51.24
C LYS F 4104 31.51 -12.75 -50.36
N GLN F 4105 31.02 -13.98 -50.36
CA GLN F 4105 29.87 -14.36 -49.56
C GLN F 4105 30.17 -15.41 -48.50
N PHE F 4106 31.36 -16.00 -48.52
CA PHE F 4106 31.73 -17.05 -47.57
C PHE F 4106 33.11 -16.73 -46.99
N THR F 4107 33.35 -17.26 -45.79
CA THR F 4107 34.68 -17.20 -45.21
C THR F 4107 35.52 -18.37 -45.73
N GLY F 4108 36.81 -18.31 -45.45
CA GLY F 4108 37.73 -19.33 -45.90
C GLY F 4108 37.38 -20.70 -45.38
N PRO F 4109 37.15 -20.81 -44.07
CA PRO F 4109 36.70 -22.10 -43.51
C PRO F 4109 35.41 -22.59 -44.12
N GLU F 4110 34.47 -21.68 -44.41
CA GLU F 4110 33.21 -22.10 -45.02
C GLU F 4110 33.44 -22.64 -46.42
N ILE F 4111 34.33 -22.02 -47.18
CA ILE F 4111 34.63 -22.52 -48.52
C ILE F 4111 35.34 -23.86 -48.43
N GLN F 4112 36.20 -24.04 -47.44
CA GLN F 4112 36.84 -25.34 -47.24
C GLN F 4112 35.79 -26.41 -46.93
N PHE F 4113 34.82 -26.09 -46.08
CA PHE F 4113 33.76 -27.05 -45.77
C PHE F 4113 32.94 -27.37 -47.02
N LEU F 4114 32.63 -26.36 -47.83
CA LEU F 4114 31.88 -26.61 -49.05
C LEU F 4114 32.67 -27.50 -49.99
N LEU F 4115 33.97 -27.26 -50.11
CA LEU F 4115 34.80 -28.13 -50.94
C LEU F 4115 34.80 -29.55 -50.43
N SER F 4116 34.87 -29.73 -49.10
CA SER F 4116 34.82 -31.06 -48.53
C SER F 4116 33.49 -31.77 -48.78
N CYS F 4117 32.39 -31.02 -48.85
CA CYS F 4117 31.08 -31.59 -49.16
C CYS F 4117 30.83 -31.76 -50.64
N SER F 4118 31.65 -31.14 -51.50
CA SER F 4118 31.37 -31.11 -52.93
C SER F 4118 31.37 -32.47 -53.59
N GLU F 4119 32.00 -33.48 -52.98
CA GLU F 4119 32.11 -34.80 -53.60
C GLU F 4119 32.85 -34.71 -54.93
N ALA F 4120 33.98 -34.01 -54.91
CA ALA F 4120 34.78 -33.86 -56.12
C ALA F 4120 35.24 -35.23 -56.62
N ASP F 4121 35.23 -35.40 -57.93
CA ASP F 4121 35.64 -36.66 -58.53
C ASP F 4121 37.16 -36.80 -58.51
N GLU F 4122 37.63 -37.95 -59.00
CA GLU F 4122 39.06 -38.24 -58.95
C GLU F 4122 39.89 -37.18 -59.66
N ASN F 4123 39.32 -36.50 -60.66
CA ASN F 4123 40.01 -35.42 -61.35
C ASN F 4123 39.79 -34.07 -60.68
N GLU F 4124 39.27 -34.04 -59.46
CA GLU F 4124 39.02 -32.81 -58.73
C GLU F 4124 37.98 -31.93 -59.42
N MET F 4125 37.05 -32.55 -60.13
CA MET F 4125 35.96 -31.84 -60.79
C MET F 4125 34.68 -32.01 -60.00
N ILE F 4126 33.91 -30.93 -59.90
CA ILE F 4126 32.69 -30.90 -59.11
C ILE F 4126 31.51 -30.71 -60.05
N ASN F 4127 30.43 -31.44 -59.79
CA ASN F 4127 29.16 -31.23 -60.48
C ASN F 4127 28.38 -30.21 -59.68
N CYS F 4128 28.48 -28.95 -60.10
CA CYS F 4128 27.92 -27.86 -59.31
C CYS F 4128 26.41 -27.97 -59.19
N GLU F 4129 25.73 -28.41 -60.25
CA GLU F 4129 24.28 -28.53 -60.20
C GLU F 4129 23.85 -29.51 -59.11
N GLU F 4130 24.40 -30.72 -59.12
CA GLU F 4130 24.06 -31.70 -58.11
C GLU F 4130 24.49 -31.23 -56.72
N PHE F 4131 25.65 -30.59 -56.63
CA PHE F 4131 26.08 -30.10 -55.32
C PHE F 4131 25.10 -29.09 -54.76
N ALA F 4132 24.62 -28.17 -55.60
CA ALA F 4132 23.68 -27.16 -55.14
C ALA F 4132 22.32 -27.75 -54.78
N ASN F 4133 21.88 -28.78 -55.50
CA ASN F 4133 20.56 -29.36 -55.26
C ASN F 4133 20.55 -30.53 -54.29
N ARG F 4134 21.71 -30.95 -53.78
CA ARG F 4134 21.74 -32.14 -52.94
C ARG F 4134 20.92 -31.98 -51.66
N PHE F 4135 21.08 -30.87 -50.94
CA PHE F 4135 20.48 -30.69 -49.63
C PHE F 4135 19.21 -29.86 -49.65
N GLN F 4136 18.71 -29.45 -50.81
CA GLN F 4136 17.59 -28.53 -50.84
C GLN F 4136 16.33 -29.17 -50.28
N GLU F 4137 15.92 -30.30 -50.83
CA GLU F 4137 14.66 -30.92 -50.44
C GLU F 4137 14.78 -31.65 -49.11
N PRO F 4138 15.89 -32.33 -48.83
CA PRO F 4138 16.03 -32.98 -47.52
C PRO F 4138 15.88 -32.02 -46.36
N ALA F 4139 16.34 -30.79 -46.49
CA ALA F 4139 16.35 -29.83 -45.41
C ALA F 4139 15.19 -28.84 -45.47
N ARG F 4140 14.24 -29.05 -46.36
CA ARG F 4140 13.17 -28.07 -46.53
C ARG F 4140 12.23 -28.06 -45.32
N ASP F 4141 11.85 -29.24 -44.83
CA ASP F 4141 10.86 -29.31 -43.77
C ASP F 4141 11.41 -28.78 -42.45
N ILE F 4142 12.62 -29.22 -42.09
CA ILE F 4142 13.21 -28.74 -40.84
C ILE F 4142 13.51 -27.25 -40.93
N GLY F 4143 13.93 -26.78 -42.11
CA GLY F 4143 14.16 -25.35 -42.27
C GLY F 4143 12.91 -24.53 -42.06
N PHE F 4144 11.80 -24.97 -42.66
CA PHE F 4144 10.54 -24.26 -42.49
C PHE F 4144 10.10 -24.30 -41.03
N ASN F 4145 10.27 -25.44 -40.36
CA ASN F 4145 9.83 -25.53 -38.98
C ASN F 4145 10.70 -24.67 -38.06
N VAL F 4146 11.99 -24.57 -38.36
CA VAL F 4146 12.84 -23.67 -37.59
C VAL F 4146 12.41 -22.22 -37.81
N ALA F 4147 12.07 -21.86 -39.04
CA ALA F 4147 11.56 -20.52 -39.29
C ALA F 4147 10.28 -20.25 -38.51
N VAL F 4148 9.38 -21.24 -38.49
CA VAL F 4148 8.13 -21.07 -37.74
C VAL F 4148 8.41 -20.91 -36.26
N LEU F 4149 9.31 -21.73 -35.71
CA LEU F 4149 9.63 -21.63 -34.30
C LEU F 4149 10.20 -20.27 -33.95
N LEU F 4150 11.14 -19.79 -34.76
CA LEU F 4150 11.74 -18.48 -34.49
C LEU F 4150 10.70 -17.37 -34.61
N THR F 4151 9.82 -17.45 -35.60
CA THR F 4151 8.79 -16.42 -35.75
C THR F 4151 7.84 -16.43 -34.56
N ASN F 4152 7.39 -17.61 -34.15
CA ASN F 4152 6.48 -17.73 -33.02
C ASN F 4152 7.11 -17.15 -31.75
N LEU F 4153 8.35 -17.56 -31.47
CA LEU F 4153 9.02 -17.06 -30.28
C LEU F 4153 9.23 -15.56 -30.35
N SER F 4154 9.63 -15.05 -31.52
CA SER F 4154 9.90 -13.63 -31.66
C SER F 4154 8.63 -12.82 -31.44
N GLU F 4155 7.50 -13.29 -31.96
CA GLU F 4155 6.27 -12.55 -31.82
C GLU F 4155 5.64 -12.67 -30.45
N HIS F 4156 5.98 -13.72 -29.68
CA HIS F 4156 5.42 -13.85 -28.35
C HIS F 4156 6.37 -13.45 -27.22
N VAL F 4157 7.62 -13.12 -27.54
CA VAL F 4157 8.56 -12.56 -26.57
C VAL F 4157 9.17 -11.32 -27.22
N PRO F 4158 8.41 -10.23 -27.35
CA PRO F 4158 8.85 -9.14 -28.24
C PRO F 4158 10.19 -8.53 -27.88
N HIS F 4159 10.48 -8.35 -26.59
CA HIS F 4159 11.67 -7.64 -26.15
C HIS F 4159 12.67 -8.66 -25.61
N ASP F 4160 13.55 -9.14 -26.48
CA ASP F 4160 14.59 -10.07 -26.07
C ASP F 4160 15.74 -10.02 -27.06
N PRO F 4161 16.82 -9.29 -26.77
CA PRO F 4161 17.95 -9.25 -27.70
C PRO F 4161 18.59 -10.61 -27.91
N ARG F 4162 18.49 -11.52 -26.94
CA ARG F 4162 19.01 -12.86 -27.15
C ARG F 4162 18.29 -13.55 -28.29
N LEU F 4163 16.97 -13.34 -28.42
CA LEU F 4163 16.24 -13.85 -29.57
C LEU F 4163 16.52 -13.03 -30.82
N ARG F 4164 16.78 -11.74 -30.64
CA ARG F 4164 17.06 -10.88 -31.80
C ARG F 4164 18.32 -11.36 -32.53
N ASN F 4165 19.32 -11.80 -31.78
CA ASN F 4165 20.54 -12.30 -32.43
C ASN F 4165 20.25 -13.52 -33.28
N PHE F 4166 19.44 -14.45 -32.77
CA PHE F 4166 19.07 -15.63 -33.54
C PHE F 4166 18.30 -15.24 -34.79
N LEU F 4167 17.39 -14.27 -34.67
CA LEU F 4167 16.64 -13.85 -35.85
C LEU F 4167 17.55 -13.23 -36.90
N GLU F 4168 18.51 -12.41 -36.48
CA GLU F 4168 19.46 -11.85 -37.43
C GLU F 4168 20.28 -12.93 -38.10
N LEU F 4169 20.70 -13.95 -37.36
CA LEU F 4169 21.43 -15.06 -37.97
C LEU F 4169 20.56 -15.91 -38.89
N ALA F 4170 19.26 -15.97 -38.65
CA ALA F 4170 18.33 -16.73 -39.48
C ALA F 4170 17.66 -15.87 -40.53
N GLU F 4171 18.13 -14.64 -40.74
CA GLU F 4171 17.49 -13.75 -41.71
C GLU F 4171 17.29 -14.43 -43.06
N SER F 4172 18.30 -15.14 -43.55
CA SER F 4172 18.20 -15.73 -44.88
C SER F 4172 17.11 -16.80 -44.93
N ILE F 4173 17.02 -17.63 -43.90
CA ILE F 4173 16.01 -18.68 -43.87
C ILE F 4173 14.61 -18.07 -43.79
N LEU F 4174 14.44 -17.06 -42.94
CA LEU F 4174 13.15 -16.40 -42.84
C LEU F 4174 12.76 -15.73 -44.14
N GLU F 4175 13.72 -15.09 -44.81
CA GLU F 4175 13.44 -14.48 -46.10
C GLU F 4175 13.05 -15.52 -47.13
N TYR F 4176 13.76 -16.66 -47.16
CA TYR F 4176 13.45 -17.70 -48.12
C TYR F 4176 12.06 -18.28 -47.91
N PHE F 4177 11.67 -18.50 -46.65
CA PHE F 4177 10.37 -19.09 -46.36
C PHE F 4177 9.26 -18.07 -46.19
N ARG F 4178 9.55 -16.79 -46.37
CA ARG F 4178 8.52 -15.77 -46.20
C ARG F 4178 7.29 -16.03 -47.04
N PRO F 4179 7.38 -16.32 -48.34
CA PRO F 4179 6.16 -16.55 -49.13
C PRO F 4179 5.38 -17.78 -48.71
N TYR F 4180 5.98 -18.71 -47.98
CA TYR F 4180 5.30 -19.94 -47.59
C TYR F 4180 4.87 -20.00 -46.14
N LEU F 4181 5.10 -18.94 -45.36
CA LEU F 4181 4.68 -18.91 -43.96
C LEU F 4181 3.32 -18.23 -43.87
N GLY F 4182 2.26 -19.03 -43.82
CA GLY F 4182 0.93 -18.49 -43.62
C GLY F 4182 0.69 -18.20 -42.14
N ARG F 4183 0.00 -17.09 -41.90
CA ARG F 4183 -0.22 -16.59 -40.55
C ARG F 4183 -1.67 -16.14 -40.46
N ILE F 4184 -2.41 -16.65 -39.48
CA ILE F 4184 -3.78 -16.21 -39.25
C ILE F 4184 -4.01 -16.05 -37.76
N GLU F 4185 -5.15 -15.44 -37.42
CA GLU F 4185 -5.58 -15.29 -36.04
C GLU F 4185 -6.96 -15.87 -35.88
N ILE F 4186 -7.19 -16.59 -34.78
CA ILE F 4186 -8.49 -17.19 -34.51
C ILE F 4186 -8.87 -16.94 -33.06
N MET F 4187 -10.16 -17.05 -32.78
CA MET F 4187 -10.66 -17.06 -31.42
C MET F 4187 -10.68 -18.51 -30.94
N GLY F 4188 -9.70 -18.87 -30.11
CA GLY F 4188 -9.49 -20.26 -29.74
C GLY F 4188 -10.35 -20.70 -28.58
N ALA F 4189 -10.14 -21.97 -28.19
CA ALA F 4189 -10.90 -22.55 -27.09
C ALA F 4189 -10.61 -21.85 -25.77
N SER F 4190 -9.52 -21.10 -25.66
CA SER F 4190 -9.19 -20.39 -24.45
C SER F 4190 -9.98 -19.10 -24.28
N ARG F 4191 -10.82 -18.74 -25.26
CA ARG F 4191 -11.49 -17.46 -25.31
C ARG F 4191 -10.52 -16.31 -25.57
N ARG F 4192 -9.30 -16.62 -26.00
CA ARG F 4192 -8.31 -15.63 -26.35
C ARG F 4192 -8.01 -15.71 -27.84
N ILE F 4193 -7.56 -14.60 -28.40
CA ILE F 4193 -7.11 -14.59 -29.78
C ILE F 4193 -5.73 -15.24 -29.85
N GLU F 4194 -5.58 -16.18 -30.77
CA GLU F 4194 -4.34 -16.93 -30.93
C GLU F 4194 -3.85 -16.81 -32.36
N ARG F 4195 -2.54 -16.70 -32.51
CA ARG F 4195 -1.90 -16.70 -33.81
C ARG F 4195 -1.53 -18.11 -34.21
N ILE F 4196 -1.81 -18.45 -35.46
CA ILE F 4196 -1.55 -19.77 -36.02
C ILE F 4196 -0.61 -19.62 -37.20
N TYR F 4197 0.45 -20.41 -37.21
CA TYR F 4197 1.43 -20.43 -38.28
C TYR F 4197 1.33 -21.76 -39.01
N PHE F 4198 1.36 -21.71 -40.34
CA PHE F 4198 1.22 -22.93 -41.13
C PHE F 4198 1.97 -22.75 -42.44
N GLU F 4199 2.03 -23.82 -43.22
CA GLU F 4199 2.73 -23.81 -44.49
C GLU F 4199 1.76 -23.57 -45.63
N ILE F 4200 2.12 -22.65 -46.52
CA ILE F 4200 1.40 -22.42 -47.77
C ILE F 4200 2.20 -23.09 -48.88
N SER F 4201 1.53 -23.92 -49.67
CA SER F 4201 2.22 -24.62 -50.74
C SER F 4201 2.43 -23.68 -51.93
N GLU F 4202 3.50 -23.95 -52.68
CA GLU F 4202 3.81 -23.15 -53.86
C GLU F 4202 2.70 -23.25 -54.90
N THR F 4203 2.18 -24.45 -55.12
CA THR F 4203 1.09 -24.62 -56.06
C THR F 4203 -0.14 -23.84 -55.60
N ASN F 4204 -0.44 -23.88 -54.31
CA ASN F 4204 -1.59 -23.16 -53.79
C ASN F 4204 -1.44 -21.66 -54.03
N ARG F 4205 -0.25 -21.11 -53.75
CA ARG F 4205 -0.05 -19.69 -53.98
C ARG F 4205 -0.18 -19.34 -55.46
N ALA F 4206 0.40 -20.17 -56.33
CA ALA F 4206 0.31 -19.88 -57.76
C ALA F 4206 -1.13 -19.88 -58.23
N GLN F 4207 -1.90 -20.90 -57.84
CA GLN F 4207 -3.29 -20.96 -58.23
C GLN F 4207 -4.07 -19.77 -57.69
N TRP F 4208 -3.77 -19.34 -56.46
CA TRP F 4208 -4.44 -18.17 -55.92
C TRP F 4208 -4.12 -16.93 -56.75
N GLU F 4209 -2.88 -16.81 -57.21
CA GLU F 4209 -2.46 -15.64 -57.97
C GLU F 4209 -2.88 -15.69 -59.43
N MET F 4210 -3.43 -16.81 -59.90
CA MET F 4210 -3.92 -16.85 -61.27
C MET F 4210 -4.95 -15.73 -61.50
N PRO F 4211 -4.93 -15.08 -62.67
CA PRO F 4211 -5.79 -13.89 -62.84
C PRO F 4211 -7.28 -14.14 -62.72
N GLN F 4212 -7.77 -15.30 -63.16
CA GLN F 4212 -9.20 -15.58 -63.04
C GLN F 4212 -9.62 -15.57 -61.57
N VAL F 4213 -8.80 -16.17 -60.71
CA VAL F 4213 -9.09 -16.18 -59.29
C VAL F 4213 -9.10 -14.77 -58.73
N LYS F 4214 -8.21 -13.91 -59.23
CA LYS F 4214 -8.19 -12.53 -58.77
C LYS F 4214 -9.47 -11.81 -59.16
N GLU F 4215 -9.95 -12.04 -60.38
CA GLU F 4215 -11.21 -11.43 -60.80
C GLU F 4215 -12.36 -11.93 -59.94
N SER F 4216 -12.39 -13.23 -59.65
CA SER F 4216 -13.43 -13.76 -58.77
C SER F 4216 -13.35 -13.12 -57.39
N LYS F 4217 -12.14 -12.93 -56.87
CA LYS F 4217 -11.98 -12.30 -55.57
C LYS F 4217 -12.52 -10.88 -55.57
N ARG F 4218 -12.19 -10.11 -56.62
CA ARG F 4218 -12.68 -8.74 -56.68
C ARG F 4218 -14.20 -8.70 -56.74
N GLN F 4219 -14.80 -9.58 -57.57
CA GLN F 4219 -16.25 -9.62 -57.66
C GLN F 4219 -16.87 -9.97 -56.32
N PHE F 4220 -16.30 -10.95 -55.63
CA PHE F 4220 -16.83 -11.36 -54.33
C PHE F 4220 -16.74 -10.23 -53.32
N ILE F 4221 -15.61 -9.52 -53.30
CA ILE F 4221 -15.45 -8.41 -52.36
C ILE F 4221 -16.48 -7.35 -52.64
N PHE F 4222 -16.67 -7.01 -53.92
CA PHE F 4222 -17.68 -6.02 -54.27
C PHE F 4222 -19.06 -6.45 -53.78
N ASP F 4223 -19.44 -7.70 -54.06
CA ASP F 4223 -20.76 -8.17 -53.68
C ASP F 4223 -20.95 -8.14 -52.18
N VAL F 4224 -19.95 -8.61 -51.43
CA VAL F 4224 -20.06 -8.62 -49.97
C VAL F 4224 -20.21 -7.21 -49.43
N VAL F 4225 -19.38 -6.29 -49.92
CA VAL F 4225 -19.40 -4.95 -49.36
C VAL F 4225 -20.71 -4.24 -49.69
N ASN F 4226 -21.24 -4.47 -50.89
CA ASN F 4226 -22.47 -3.77 -51.26
C ASN F 4226 -23.71 -4.48 -50.74
N GLU F 4227 -24.00 -5.67 -51.26
CA GLU F 4227 -25.20 -6.41 -50.88
C GLU F 4227 -24.82 -7.54 -49.92
N GLY F 4228 -24.57 -7.15 -48.67
CA GLY F 4228 -24.14 -8.12 -47.67
C GLY F 4228 -24.42 -7.64 -46.28
N GLY F 4229 -24.66 -8.60 -45.38
CA GLY F 4229 -24.88 -8.31 -43.97
C GLY F 4229 -23.69 -8.80 -43.14
N GLU F 4230 -23.36 -8.03 -42.11
CA GLU F 4230 -22.24 -8.40 -41.26
C GLU F 4230 -22.45 -9.77 -40.63
N SER F 4231 -23.70 -10.15 -40.37
CA SER F 4231 -23.98 -11.44 -39.76
C SER F 4231 -23.60 -12.61 -40.68
N GLU F 4232 -23.87 -12.48 -41.97
CA GLU F 4232 -23.60 -13.54 -42.93
C GLU F 4232 -22.31 -13.33 -43.71
N LYS F 4233 -21.53 -12.30 -43.37
CA LYS F 4233 -20.30 -12.03 -44.13
C LYS F 4233 -19.37 -13.24 -44.11
N MET F 4234 -19.18 -13.86 -42.95
CA MET F 4234 -18.24 -14.97 -42.86
C MET F 4234 -18.78 -16.22 -43.53
N GLU F 4235 -20.10 -16.42 -43.45
CA GLU F 4235 -20.71 -17.53 -44.19
C GLU F 4235 -20.46 -17.37 -45.69
N MET F 4236 -20.68 -16.18 -46.21
CA MET F 4236 -20.43 -15.95 -47.64
C MET F 4236 -18.96 -16.08 -47.97
N PHE F 4237 -18.07 -15.65 -47.07
CA PHE F 4237 -16.65 -15.80 -47.30
C PHE F 4237 -16.25 -17.26 -47.41
N VAL F 4238 -16.75 -18.10 -46.51
CA VAL F 4238 -16.41 -19.51 -46.57
C VAL F 4238 -16.98 -20.15 -47.82
N SER F 4239 -18.19 -19.72 -48.22
CA SER F 4239 -18.75 -20.23 -49.46
C SER F 4239 -17.87 -19.85 -50.66
N PHE F 4240 -17.38 -18.61 -50.67
CA PHE F 4240 -16.48 -18.18 -51.73
C PHE F 4240 -15.21 -19.01 -51.73
N CYS F 4241 -14.67 -19.32 -50.55
CA CYS F 4241 -13.48 -20.15 -50.47
C CYS F 4241 -13.75 -21.53 -51.06
N GLU F 4242 -14.90 -22.13 -50.75
CA GLU F 4242 -15.24 -23.43 -51.31
C GLU F 4242 -15.30 -23.37 -52.83
N ASP F 4243 -16.00 -22.37 -53.35
CA ASP F 4243 -16.12 -22.24 -54.80
C ASP F 4243 -14.76 -22.03 -55.44
N THR F 4244 -13.89 -21.24 -54.80
CA THR F 4244 -12.56 -21.00 -55.35
C THR F 4244 -11.73 -22.27 -55.35
N ILE F 4245 -11.84 -23.10 -54.32
CA ILE F 4245 -11.12 -24.36 -54.30
C ILE F 4245 -11.58 -25.24 -55.46
N PHE F 4246 -12.89 -25.31 -55.67
CA PHE F 4246 -13.39 -26.12 -56.78
C PHE F 4246 -12.90 -25.57 -58.13
N GLU F 4247 -12.91 -24.25 -58.29
CA GLU F 4247 -12.43 -23.65 -59.52
C GLU F 4247 -10.95 -23.92 -59.73
N MET F 4248 -10.17 -23.89 -58.66
CA MET F 4248 -8.76 -24.22 -58.76
C MET F 4248 -8.57 -25.66 -59.22
N GLN F 4249 -9.39 -26.58 -58.71
CA GLN F 4249 -9.30 -27.96 -59.18
C GLN F 4249 -9.62 -28.05 -60.66
N ILE F 4250 -10.64 -27.32 -61.11
CA ILE F 4250 -10.97 -27.33 -62.55
C ILE F 4250 -9.80 -26.80 -63.38
N ALA F 4251 -9.21 -25.70 -62.93
CA ALA F 4251 -8.09 -25.12 -63.66
C ALA F 4251 -6.92 -26.08 -63.72
N ALA F 4252 -6.62 -26.76 -62.61
CA ALA F 4252 -5.55 -27.74 -62.61
C ALA F 4252 -5.86 -28.88 -63.57
N GLN F 4253 -7.12 -29.33 -63.60
CA GLN F 4253 -7.48 -30.42 -64.50
C GLN F 4253 -7.30 -30.03 -65.95
N ILE F 4254 -7.67 -28.80 -66.33
CA ILE F 4254 -7.55 -28.40 -67.72
C ILE F 4254 -6.17 -27.88 -68.09
N SER F 4255 -5.28 -27.68 -67.11
CA SER F 4255 -3.95 -27.17 -67.42
C SER F 4255 -3.21 -28.15 -68.34
N GLU F 4256 -2.45 -27.58 -69.26
CA GLU F 4256 -1.73 -28.40 -70.23
C GLU F 4256 -0.64 -29.20 -69.54
N PRO F 4257 -0.31 -30.42 -70.02
CA PRO F 4257 0.73 -31.24 -69.41
C PRO F 4257 2.02 -30.47 -69.14
N PHE F 4538 -9.01 -48.72 -79.62
CA PHE F 4538 -9.31 -47.41 -80.21
C PHE F 4538 -9.93 -46.48 -79.18
N TRP F 4539 -10.63 -47.08 -78.21
CA TRP F 4539 -11.33 -46.28 -77.21
C TRP F 4539 -10.34 -45.46 -76.38
N GLY F 4540 -9.22 -46.06 -75.98
CA GLY F 4540 -8.27 -45.33 -75.17
C GLY F 4540 -7.67 -44.14 -75.89
N GLU F 4541 -7.24 -44.34 -77.13
CA GLU F 4541 -6.66 -43.24 -77.91
C GLU F 4541 -7.71 -42.17 -78.19
N LEU F 4542 -8.94 -42.58 -78.51
CA LEU F 4542 -10.00 -41.61 -78.75
C LEU F 4542 -10.27 -40.79 -77.49
N GLU F 4543 -10.29 -41.45 -76.33
CA GLU F 4543 -10.50 -40.74 -75.08
C GLU F 4543 -9.37 -39.74 -74.82
N VAL F 4544 -8.13 -40.16 -75.09
CA VAL F 4544 -7.00 -39.25 -74.88
C VAL F 4544 -7.17 -38.01 -75.73
N GLN F 4545 -7.43 -38.21 -77.03
CA GLN F 4545 -7.58 -37.06 -77.93
C GLN F 4545 -8.77 -36.20 -77.53
N ARG F 4546 -9.87 -36.82 -77.14
CA ARG F 4546 -11.06 -36.06 -76.76
C ARG F 4546 -10.78 -35.21 -75.53
N VAL F 4547 -10.11 -35.78 -74.53
CA VAL F 4547 -9.80 -35.02 -73.33
C VAL F 4547 -8.87 -33.86 -73.66
N LYS F 4548 -7.86 -34.12 -74.49
CA LYS F 4548 -6.95 -33.03 -74.86
C LYS F 4548 -7.69 -31.92 -75.58
N PHE F 4549 -8.60 -32.27 -76.49
CA PHE F 4549 -9.33 -31.27 -77.26
C PHE F 4549 -10.25 -30.46 -76.36
N LEU F 4550 -10.97 -31.12 -75.47
CA LEU F 4550 -11.84 -30.40 -74.54
C LEU F 4550 -11.03 -29.51 -73.61
N ASN F 4551 -9.86 -29.97 -73.17
CA ASN F 4551 -9.01 -29.13 -72.34
C ASN F 4551 -8.54 -27.90 -73.12
N TYR F 4552 -8.20 -28.07 -74.39
CA TYR F 4552 -7.81 -26.93 -75.21
C TYR F 4552 -8.95 -25.92 -75.31
N LEU F 4553 -10.16 -26.40 -75.55
CA LEU F 4553 -11.31 -25.50 -75.65
C LEU F 4553 -11.54 -24.77 -74.34
N SER F 4554 -11.48 -25.49 -73.22
CA SER F 4554 -11.68 -24.85 -71.93
C SER F 4554 -10.61 -23.82 -71.65
N ARG F 4555 -9.35 -24.12 -72.00
CA ARG F 4555 -8.27 -23.18 -71.79
C ARG F 4555 -8.47 -21.92 -72.62
N ASN F 4556 -8.93 -22.05 -73.86
CA ASN F 4556 -9.07 -20.91 -74.76
C ASN F 4556 -10.52 -20.53 -74.95
N PHE F 4557 -11.34 -20.69 -73.90
CA PHE F 4557 -12.75 -20.30 -74.00
C PHE F 4557 -12.90 -18.82 -74.30
N TYR F 4558 -12.15 -17.96 -73.61
CA TYR F 4558 -12.32 -16.52 -73.81
C TYR F 4558 -11.73 -16.06 -75.14
N THR F 4559 -10.60 -16.64 -75.54
CA THR F 4559 -10.06 -16.32 -76.86
C THR F 4559 -11.06 -16.69 -77.95
N LEU F 4560 -11.78 -17.80 -77.78
CA LEU F 4560 -12.79 -18.18 -78.75
C LEU F 4560 -13.93 -17.17 -78.79
N ARG F 4561 -14.32 -16.65 -77.63
CA ARG F 4561 -15.38 -15.64 -77.60
C ARG F 4561 -14.94 -14.37 -78.33
N PHE F 4562 -13.70 -13.93 -78.09
CA PHE F 4562 -13.21 -12.76 -78.80
C PHE F 4562 -13.11 -13.02 -80.29
N LEU F 4563 -12.70 -14.23 -80.68
CA LEU F 4563 -12.64 -14.57 -82.10
C LEU F 4563 -14.02 -14.53 -82.72
N ALA F 4564 -15.04 -15.00 -81.99
CA ALA F 4564 -16.41 -14.93 -82.50
C ALA F 4564 -16.83 -13.48 -82.70
N LEU F 4565 -16.50 -12.61 -81.75
CA LEU F 4565 -16.84 -11.19 -81.90
C LEU F 4565 -16.18 -10.62 -83.14
N PHE F 4566 -14.89 -10.92 -83.33
CA PHE F 4566 -14.16 -10.42 -84.50
C PHE F 4566 -14.79 -10.93 -85.79
N LEU F 4567 -15.16 -12.21 -85.82
CA LEU F 4567 -15.77 -12.76 -87.02
C LEU F 4567 -17.11 -12.11 -87.32
N ALA F 4568 -17.89 -11.84 -86.28
CA ALA F 4568 -19.16 -11.14 -86.50
C ALA F 4568 -18.93 -9.76 -87.09
N PHE F 4569 -17.94 -9.03 -86.56
CA PHE F 4569 -17.66 -7.70 -87.10
C PHE F 4569 -17.21 -7.77 -88.55
N ALA F 4570 -16.37 -8.75 -88.89
CA ALA F 4570 -15.93 -8.89 -90.28
C ALA F 4570 -17.11 -9.22 -91.19
N ILE F 4571 -17.98 -10.12 -90.76
CA ILE F 4571 -19.13 -10.49 -91.57
C ILE F 4571 -20.01 -9.28 -91.82
N ASN F 4572 -20.23 -8.47 -90.79
CA ASN F 4572 -21.10 -7.30 -90.98
C ASN F 4572 -20.43 -6.25 -91.85
N PHE F 4573 -19.12 -6.08 -91.72
CA PHE F 4573 -18.42 -5.19 -92.63
C PHE F 4573 -18.62 -5.63 -94.08
N ILE F 4574 -18.54 -6.94 -94.33
CA ILE F 4574 -18.83 -7.42 -95.68
C ILE F 4574 -20.27 -7.12 -96.06
N LEU F 4575 -21.21 -7.36 -95.14
CA LEU F 4575 -22.62 -7.14 -95.45
C LEU F 4575 -22.89 -5.70 -95.86
N LEU F 4576 -22.11 -4.76 -95.33
CA LEU F 4576 -22.31 -3.36 -95.69
C LEU F 4576 -22.26 -3.13 -97.20
N PHE F 4577 -21.75 -4.07 -97.98
CA PHE F 4577 -21.63 -3.92 -99.42
C PHE F 4577 -22.80 -4.52 -100.18
N TYR F 4578 -23.82 -4.99 -99.48
CA TYR F 4578 -24.96 -5.62 -100.15
C TYR F 4578 -25.75 -4.58 -100.93
N LYS F 4579 -26.41 -5.05 -101.99
CA LYS F 4579 -27.21 -4.20 -102.86
C LYS F 4579 -28.41 -5.00 -103.34
N VAL F 4580 -29.46 -4.28 -103.71
CA VAL F 4580 -30.70 -4.88 -104.17
C VAL F 4580 -30.99 -4.41 -105.57
N SER F 4581 -31.59 -5.28 -106.38
CA SER F 4581 -31.92 -4.94 -107.75
C SER F 4581 -33.17 -5.70 -108.17
N ASP F 4582 -33.82 -5.20 -109.23
CA ASP F 4582 -34.98 -5.87 -109.80
C ASP F 4582 -34.59 -6.89 -110.86
N SER F 4583 -33.37 -6.83 -111.36
CA SER F 4583 -32.86 -7.78 -112.34
C SER F 4583 -31.70 -8.57 -111.75
N PRO F 4584 -31.44 -9.79 -112.21
CA PRO F 4584 -30.37 -10.59 -111.63
C PRO F 4584 -29.03 -9.90 -111.80
N PRO F 4585 -28.07 -10.15 -110.89
CA PRO F 4585 -26.76 -9.50 -110.93
C PRO F 4585 -26.13 -9.51 -112.33
N ASN F 4624 -41.13 -10.19 -110.54
CA ASN F 4624 -40.95 -8.93 -109.84
C ASN F 4624 -40.08 -9.10 -108.60
N MET F 4625 -39.69 -10.34 -108.31
CA MET F 4625 -38.92 -10.60 -107.12
C MET F 4625 -37.55 -9.93 -107.20
N VAL F 4626 -36.98 -9.62 -106.05
CA VAL F 4626 -35.77 -8.81 -105.96
C VAL F 4626 -34.57 -9.70 -105.73
N TYR F 4627 -33.41 -9.24 -106.20
CA TYR F 4627 -32.14 -9.93 -106.05
C TYR F 4627 -31.26 -9.15 -105.09
N TYR F 4628 -30.70 -9.84 -104.11
CA TYR F 4628 -29.70 -9.27 -103.22
C TYR F 4628 -28.33 -9.83 -103.60
N PHE F 4629 -27.35 -8.93 -103.76
CA PHE F 4629 -26.02 -9.36 -104.13
C PHE F 4629 -25.00 -8.33 -103.68
N LEU F 4630 -23.79 -8.79 -103.37
CA LEU F 4630 -22.71 -7.89 -103.00
C LEU F 4630 -22.22 -7.15 -104.24
N GLU F 4631 -21.95 -5.87 -104.08
CA GLU F 4631 -21.47 -5.01 -105.17
C GLU F 4631 -20.05 -4.56 -104.81
N GLU F 4632 -19.07 -5.37 -105.20
CA GLU F 4632 -17.67 -5.08 -104.95
C GLU F 4632 -16.85 -5.45 -106.18
N SER F 4633 -15.75 -4.72 -106.38
CA SER F 4633 -14.96 -4.87 -107.59
C SER F 4633 -14.09 -6.12 -107.58
N THR F 4634 -13.56 -6.49 -106.40
CA THR F 4634 -12.55 -7.55 -106.35
C THR F 4634 -13.13 -8.89 -106.78
N GLY F 4635 -14.37 -9.18 -106.39
CA GLY F 4635 -14.95 -10.48 -106.64
C GLY F 4635 -14.59 -11.53 -105.62
N TYR F 4636 -13.86 -11.19 -104.56
CA TYR F 4636 -13.45 -12.13 -103.54
C TYR F 4636 -14.29 -12.06 -102.28
N MET F 4637 -15.15 -11.05 -102.13
CA MET F 4637 -15.87 -10.87 -100.87
C MET F 4637 -16.87 -11.99 -100.64
N GLU F 4638 -17.60 -12.39 -101.67
CA GLU F 4638 -18.61 -13.43 -101.49
C GLU F 4638 -18.01 -14.74 -101.00
N PRO F 4639 -16.97 -15.29 -101.62
CA PRO F 4639 -16.32 -16.46 -101.02
C PRO F 4639 -15.82 -16.18 -99.60
N ALA F 4640 -15.29 -14.98 -99.38
CA ALA F 4640 -14.88 -14.61 -98.03
C ALA F 4640 -16.07 -14.62 -97.09
N LEU F 4641 -17.23 -14.14 -97.56
CA LEU F 4641 -18.42 -14.16 -96.73
C LEU F 4641 -18.81 -15.58 -96.35
N ARG F 4642 -18.78 -16.50 -97.32
CA ARG F 4642 -19.13 -17.88 -97.01
C ARG F 4642 -18.16 -18.49 -96.00
N CYS F 4643 -16.86 -18.28 -96.23
CA CYS F 4643 -15.87 -18.82 -95.31
C CYS F 4643 -16.05 -18.26 -93.91
N LEU F 4644 -16.26 -16.95 -93.81
CA LEU F 4644 -16.41 -16.32 -92.51
C LEU F 4644 -17.67 -16.80 -91.80
N SER F 4645 -18.75 -17.00 -92.54
CA SER F 4645 -19.98 -17.48 -91.92
C SER F 4645 -19.81 -18.87 -91.37
N LEU F 4646 -19.19 -19.77 -92.15
CA LEU F 4646 -18.95 -21.12 -91.66
C LEU F 4646 -18.05 -21.09 -90.43
N LEU F 4647 -16.99 -20.28 -90.48
CA LEU F 4647 -16.08 -20.20 -89.35
C LEU F 4647 -16.78 -19.67 -88.12
N HIS F 4648 -17.65 -18.68 -88.29
CA HIS F 4648 -18.36 -18.11 -87.15
C HIS F 4648 -19.27 -19.15 -86.50
N THR F 4649 -20.00 -19.92 -87.31
CA THR F 4649 -20.83 -20.96 -86.73
C THR F 4649 -19.99 -21.99 -86.00
N LEU F 4650 -18.87 -22.41 -86.58
CA LEU F 4650 -18.01 -23.36 -85.91
C LEU F 4650 -17.52 -22.81 -84.57
N VAL F 4651 -17.10 -21.55 -84.56
CA VAL F 4651 -16.54 -20.97 -83.34
C VAL F 4651 -17.63 -20.83 -82.27
N ALA F 4652 -18.86 -20.52 -82.69
CA ALA F 4652 -19.95 -20.48 -81.72
C ALA F 4652 -20.19 -21.85 -81.09
N PHE F 4653 -20.16 -22.89 -81.91
CA PHE F 4653 -20.29 -24.24 -81.37
C PHE F 4653 -19.17 -24.54 -80.38
N LEU F 4654 -17.94 -24.20 -80.75
CA LEU F 4654 -16.81 -24.45 -79.85
C LEU F 4654 -16.95 -23.64 -78.56
N CYS F 4655 -17.50 -22.43 -78.64
CA CYS F 4655 -17.74 -21.66 -77.43
C CYS F 4655 -18.73 -22.35 -76.52
N ILE F 4656 -19.79 -22.93 -77.09
CA ILE F 4656 -20.74 -23.67 -76.28
C ILE F 4656 -20.05 -24.84 -75.59
N ILE F 4657 -19.24 -25.59 -76.33
CA ILE F 4657 -18.57 -26.74 -75.74
C ILE F 4657 -17.60 -26.29 -74.64
N GLY F 4658 -16.83 -25.24 -74.91
CA GLY F 4658 -15.90 -24.74 -73.91
C GLY F 4658 -16.60 -24.28 -72.65
N TYR F 4659 -17.73 -23.61 -72.80
CA TYR F 4659 -18.51 -23.23 -71.62
C TYR F 4659 -18.98 -24.46 -70.86
N ASN F 4660 -19.57 -25.42 -71.57
CA ASN F 4660 -20.05 -26.62 -70.91
C ASN F 4660 -18.94 -27.34 -70.15
N CYS F 4661 -17.70 -27.25 -70.63
CA CYS F 4661 -16.59 -27.92 -69.95
C CYS F 4661 -15.91 -27.09 -68.89
N LEU F 4662 -16.02 -25.76 -68.93
CA LEU F 4662 -15.29 -24.89 -68.02
C LEU F 4662 -16.14 -24.28 -66.92
N LYS F 4663 -17.36 -23.85 -67.22
CA LYS F 4663 -18.19 -23.12 -66.26
C LYS F 4663 -19.33 -23.94 -65.70
N VAL F 4664 -19.93 -24.82 -66.49
CA VAL F 4664 -21.04 -25.63 -66.00
C VAL F 4664 -20.67 -26.41 -64.74
N PRO F 4665 -19.46 -26.98 -64.63
CA PRO F 4665 -19.13 -27.73 -63.42
C PRO F 4665 -19.33 -26.92 -62.15
N LEU F 4666 -18.97 -25.63 -62.18
CA LEU F 4666 -19.16 -24.81 -60.99
C LEU F 4666 -20.64 -24.55 -60.74
N VAL F 4667 -21.44 -24.41 -61.79
CA VAL F 4667 -22.87 -24.21 -61.59
C VAL F 4667 -23.46 -25.42 -60.88
N ILE F 4668 -23.12 -26.62 -61.35
CA ILE F 4668 -23.63 -27.83 -60.70
C ILE F 4668 -23.08 -27.94 -59.29
N PHE F 4669 -21.82 -27.57 -59.08
CA PHE F 4669 -21.24 -27.63 -57.75
C PHE F 4669 -22.01 -26.74 -56.78
N LYS F 4670 -22.30 -25.50 -57.19
CA LYS F 4670 -23.02 -24.58 -56.32
C LYS F 4670 -24.43 -25.10 -56.04
N ARG F 4671 -25.12 -25.58 -57.07
CA ARG F 4671 -26.48 -26.07 -56.86
C ARG F 4671 -26.49 -27.25 -55.89
N GLU F 4672 -25.57 -28.20 -56.08
CA GLU F 4672 -25.52 -29.36 -55.20
C GLU F 4672 -25.13 -28.97 -53.78
N LYS F 4673 -24.20 -28.03 -53.64
CA LYS F 4673 -23.80 -27.59 -52.31
C LYS F 4673 -24.97 -26.96 -51.58
N GLU F 4674 -25.70 -26.07 -52.25
CA GLU F 4674 -26.84 -25.42 -51.62
C GLU F 4674 -27.90 -26.46 -51.24
N LEU F 4675 -28.15 -27.41 -52.13
CA LEU F 4675 -29.16 -28.43 -51.84
C LEU F 4675 -28.74 -29.27 -50.64
N ALA F 4676 -27.48 -29.68 -50.59
CA ALA F 4676 -27.01 -30.50 -49.47
C ALA F 4676 -27.13 -29.76 -48.15
N ARG F 4677 -26.75 -28.48 -48.14
CA ARG F 4677 -26.87 -27.71 -46.90
C ARG F 4677 -28.32 -27.55 -46.49
N LYS F 4678 -29.20 -27.27 -47.45
CA LYS F 4678 -30.62 -27.12 -47.12
C LYS F 4678 -31.22 -28.42 -46.64
N LEU F 4679 -30.68 -29.56 -47.08
CA LEU F 4679 -31.16 -30.84 -46.57
C LEU F 4679 -30.67 -31.06 -45.15
N GLU F 4680 -29.37 -30.94 -44.91
CA GLU F 4680 -28.82 -31.34 -43.62
C GLU F 4680 -29.22 -30.36 -42.52
N PHE F 4681 -29.11 -29.06 -42.76
CA PHE F 4681 -29.26 -28.08 -41.69
C PHE F 4681 -30.63 -27.40 -41.66
N ASP F 4682 -31.48 -27.62 -42.66
CA ASP F 4682 -32.82 -27.03 -42.66
C ASP F 4682 -33.92 -28.06 -42.82
N GLY F 4683 -33.60 -29.30 -43.14
CA GLY F 4683 -34.64 -30.30 -43.38
C GLY F 4683 -35.62 -29.81 -44.44
N LEU F 4684 -35.08 -29.37 -45.58
CA LEU F 4684 -35.92 -28.71 -46.58
C LEU F 4684 -37.03 -29.63 -47.06
N TYR F 4685 -36.71 -30.89 -47.36
CA TYR F 4685 -37.70 -31.85 -47.82
C TYR F 4685 -38.10 -32.84 -46.75
N ILE F 4686 -37.70 -32.60 -45.50
CA ILE F 4686 -38.05 -33.47 -44.38
C ILE F 4686 -38.98 -32.73 -43.43
N THR F 4687 -38.50 -31.64 -42.84
CA THR F 4687 -39.30 -30.91 -41.88
C THR F 4687 -40.15 -29.83 -42.56
N GLU F 4688 -39.63 -29.23 -43.62
CA GLU F 4688 -40.34 -28.21 -44.36
C GLU F 4688 -40.57 -28.67 -45.80
N GLN F 4689 -41.07 -27.77 -46.64
CA GLN F 4689 -41.29 -28.06 -48.04
C GLN F 4689 -41.02 -26.79 -48.84
N PRO F 4690 -40.70 -26.91 -50.12
CA PRO F 4690 -40.62 -25.72 -50.96
C PRO F 4690 -41.94 -24.97 -50.99
N GLU F 4691 -41.92 -23.76 -51.54
CA GLU F 4691 -43.01 -22.81 -51.40
C GLU F 4691 -44.01 -22.86 -52.55
N ASP F 4692 -43.97 -23.91 -53.38
CA ASP F 4692 -44.93 -24.08 -54.46
C ASP F 4692 -44.72 -23.06 -55.57
N ASP F 4693 -43.78 -22.12 -55.38
CA ASP F 4693 -43.36 -21.20 -56.42
C ASP F 4693 -41.84 -21.15 -56.54
N ASP F 4694 -41.13 -21.75 -55.59
CA ASP F 4694 -39.68 -21.91 -55.68
C ASP F 4694 -39.40 -22.99 -56.71
N VAL F 4695 -39.25 -22.55 -57.97
CA VAL F 4695 -39.06 -23.50 -59.05
C VAL F 4695 -37.79 -24.30 -58.84
N LYS F 4696 -36.75 -23.66 -58.31
CA LYS F 4696 -35.51 -24.38 -58.02
C LYS F 4696 -35.76 -25.47 -56.99
N GLY F 4697 -36.52 -25.16 -55.94
CA GLY F 4697 -36.81 -26.17 -54.93
C GLY F 4697 -37.63 -27.31 -55.48
N GLN F 4698 -38.62 -27.00 -56.33
CA GLN F 4698 -39.43 -28.04 -56.92
C GLN F 4698 -38.61 -28.92 -57.87
N TRP F 4699 -37.69 -28.32 -58.62
CA TRP F 4699 -36.90 -29.09 -59.58
C TRP F 4699 -35.85 -29.94 -58.87
N ASP F 4700 -35.29 -29.44 -57.78
CA ASP F 4700 -34.28 -30.21 -57.05
C ASP F 4700 -34.85 -31.49 -56.46
N ARG F 4701 -36.18 -31.62 -56.39
CA ARG F 4701 -36.76 -32.86 -55.92
C ARG F 4701 -36.40 -34.05 -56.80
N LEU F 4702 -36.01 -33.79 -58.05
CA LEU F 4702 -35.69 -34.87 -58.97
C LEU F 4702 -34.36 -35.55 -58.66
N VAL F 4703 -33.46 -34.86 -57.96
CA VAL F 4703 -32.11 -35.38 -57.76
C VAL F 4703 -31.91 -36.05 -56.41
N LEU F 4704 -32.88 -35.97 -55.51
CA LEU F 4704 -32.67 -36.42 -54.15
C LEU F 4704 -32.36 -37.91 -54.10
N ASN F 4705 -33.10 -38.71 -54.84
CA ASN F 4705 -32.97 -40.17 -54.77
C ASN F 4705 -32.05 -40.73 -55.85
N THR F 4706 -31.35 -39.90 -56.58
CA THR F 4706 -30.47 -40.40 -57.62
C THR F 4706 -29.23 -41.03 -57.00
N PRO F 4707 -28.69 -42.10 -57.60
CA PRO F 4707 -27.48 -42.70 -57.04
C PRO F 4707 -26.28 -41.78 -57.00
N SER F 4708 -26.25 -40.74 -57.83
CA SER F 4708 -25.09 -39.88 -57.97
C SER F 4708 -25.42 -38.43 -57.68
N PHE F 4709 -26.21 -38.17 -56.64
CA PHE F 4709 -26.64 -36.79 -56.39
C PHE F 4709 -25.43 -35.91 -56.19
N PRO F 4710 -24.60 -36.14 -55.16
CA PRO F 4710 -23.42 -35.29 -55.00
C PRO F 4710 -22.31 -35.71 -55.95
N SER F 4711 -22.39 -35.25 -57.20
CA SER F 4711 -21.41 -35.59 -58.22
C SER F 4711 -20.25 -34.62 -58.29
N ASN F 4712 -20.51 -33.32 -58.11
CA ASN F 4712 -19.46 -32.31 -58.09
C ASN F 4712 -19.13 -31.82 -56.69
N TYR F 4713 -20.15 -31.65 -55.85
CA TYR F 4713 -19.93 -31.27 -54.47
C TYR F 4713 -19.10 -32.33 -53.76
N TRP F 4714 -18.15 -31.88 -52.94
CA TRP F 4714 -17.15 -32.79 -52.41
C TRP F 4714 -17.76 -33.81 -51.45
N ASP F 4715 -18.72 -33.40 -50.63
CA ASP F 4715 -19.27 -34.26 -49.59
C ASP F 4715 -20.06 -35.40 -50.23
N LYS F 4716 -19.53 -36.61 -50.16
CA LYS F 4716 -20.19 -37.79 -50.71
C LYS F 4716 -20.98 -38.55 -49.67
N PHE F 4717 -21.05 -38.05 -48.43
CA PHE F 4717 -21.80 -38.70 -47.36
C PHE F 4717 -22.92 -37.81 -46.83
N VAL F 4718 -23.39 -36.88 -47.65
CA VAL F 4718 -24.49 -36.01 -47.22
C VAL F 4718 -25.72 -36.84 -46.92
N LYS F 4719 -25.96 -37.90 -47.70
CA LYS F 4719 -27.13 -38.73 -47.46
C LYS F 4719 -27.04 -39.44 -46.11
N ARG F 4720 -25.87 -40.00 -45.79
CA ARG F 4720 -25.69 -40.60 -44.47
C ARG F 4720 -25.87 -39.57 -43.37
N LYS F 4721 -25.32 -38.36 -43.54
CA LYS F 4721 -25.46 -37.36 -42.50
C LYS F 4721 -26.92 -36.98 -42.29
N VAL F 4722 -27.67 -36.82 -43.39
CA VAL F 4722 -29.08 -36.48 -43.28
C VAL F 4722 -29.84 -37.60 -42.60
N LEU F 4723 -29.57 -38.84 -42.98
CA LEU F 4723 -30.24 -39.97 -42.34
C LEU F 4723 -29.98 -39.98 -40.85
N ASP F 4724 -28.73 -39.80 -40.43
CA ASP F 4724 -28.42 -39.80 -39.02
C ASP F 4724 -29.06 -38.63 -38.29
N LYS F 4725 -29.19 -37.48 -38.95
CA LYS F 4725 -29.73 -36.31 -38.27
C LYS F 4725 -31.25 -36.40 -38.14
N HIS F 4726 -31.97 -36.57 -39.24
CA HIS F 4726 -33.43 -36.58 -39.24
C HIS F 4726 -34.02 -37.99 -39.26
N GLY F 4727 -33.20 -39.03 -39.15
CA GLY F 4727 -33.73 -40.37 -39.30
C GLY F 4727 -34.73 -40.73 -38.21
N ASP F 4728 -34.43 -40.38 -36.97
CA ASP F 4728 -35.25 -40.86 -35.85
C ASP F 4728 -36.60 -40.18 -35.80
N ILE F 4729 -36.63 -38.86 -36.01
CA ILE F 4729 -37.88 -38.12 -35.91
C ILE F 4729 -38.77 -38.27 -37.13
N PHE F 4730 -38.18 -38.55 -38.30
CA PHE F 4730 -38.94 -38.66 -39.53
C PHE F 4730 -39.11 -40.09 -40.02
N GLY F 4731 -38.35 -41.03 -39.48
CA GLY F 4731 -38.43 -42.42 -39.91
C GLY F 4731 -37.26 -42.78 -40.79
N ARG F 4732 -36.46 -43.75 -40.36
CA ARG F 4732 -35.28 -44.13 -41.15
C ARG F 4732 -35.69 -44.69 -42.50
N GLU F 4733 -36.74 -45.51 -42.54
CA GLU F 4733 -37.20 -46.05 -43.82
C GLU F 4733 -37.70 -44.94 -44.72
N ARG F 4734 -38.43 -43.97 -44.16
CA ARG F 4734 -38.94 -42.85 -44.95
C ARG F 4734 -37.79 -42.03 -45.53
N ILE F 4735 -36.77 -41.76 -44.71
CA ILE F 4735 -35.63 -40.99 -45.20
C ILE F 4735 -34.89 -41.78 -46.28
N ALA F 4736 -34.73 -43.08 -46.08
CA ALA F 4736 -34.05 -43.90 -47.07
C ALA F 4736 -34.81 -43.89 -48.39
N GLU F 4737 -36.13 -43.95 -48.34
CA GLU F 4737 -36.92 -43.86 -49.57
C GLU F 4737 -36.75 -42.49 -50.22
N LEU F 4738 -36.76 -41.43 -49.41
CA LEU F 4738 -36.64 -40.09 -49.98
C LEU F 4738 -35.30 -39.90 -50.66
N LEU F 4739 -34.22 -40.40 -50.06
CA LEU F 4739 -32.88 -40.19 -50.57
C LEU F 4739 -32.39 -41.35 -51.42
N GLY F 4740 -33.23 -42.33 -51.71
CA GLY F 4740 -32.85 -43.43 -52.57
C GLY F 4740 -31.67 -44.22 -52.04
N MET F 4741 -31.70 -44.55 -50.76
CA MET F 4741 -30.62 -45.31 -50.13
C MET F 4741 -31.09 -46.72 -49.83
N ASP F 4742 -30.16 -47.66 -49.88
CA ASP F 4742 -30.42 -49.06 -49.56
C ASP F 4742 -29.81 -49.34 -48.18
N LEU F 4743 -30.66 -49.28 -47.15
CA LEU F 4743 -30.17 -49.41 -45.78
C LEU F 4743 -29.42 -50.71 -45.58
N ALA F 4744 -29.99 -51.82 -46.06
CA ALA F 4744 -29.37 -53.12 -45.84
C ALA F 4744 -27.97 -53.18 -46.43
N SER F 4745 -27.84 -52.82 -47.71
CA SER F 4745 -26.54 -52.93 -48.37
C SER F 4745 -25.56 -51.89 -47.86
N LEU F 4746 -26.06 -50.80 -47.28
CA LEU F 4746 -25.18 -49.71 -46.87
C LEU F 4746 -24.37 -50.09 -45.64
N GLU F 4747 -24.84 -51.08 -44.88
CA GLU F 4747 -24.02 -51.62 -43.79
C GLU F 4747 -22.97 -52.58 -44.35
N ILE F 4748 -23.34 -53.34 -45.37
CA ILE F 4748 -22.41 -54.28 -45.99
C ILE F 4748 -21.22 -53.52 -46.57
N THR F 4749 -21.51 -52.40 -47.24
CA THR F 4749 -20.44 -51.58 -47.81
C THR F 4749 -19.38 -51.26 -46.76
N ALA F 4750 -19.82 -50.78 -45.59
CA ALA F 4750 -18.88 -50.51 -44.52
C ALA F 4750 -18.21 -51.80 -44.04
N HIS F 4751 -18.94 -52.91 -44.09
CA HIS F 4751 -18.40 -54.17 -43.58
C HIS F 4751 -17.16 -54.60 -44.35
N ASN F 4752 -17.19 -54.49 -45.69
CA ASN F 4752 -16.06 -54.98 -46.48
C ASN F 4752 -15.85 -54.12 -47.72
N GLU F 4753 -14.75 -54.40 -48.43
CA GLU F 4753 -14.33 -53.59 -49.57
C GLU F 4753 -14.63 -54.31 -50.88
N ARG F 4754 -15.37 -53.64 -51.77
CA ARG F 4754 -15.79 -54.21 -53.06
C ARG F 4754 -15.33 -53.24 -54.15
N LYS F 4755 -14.33 -53.69 -54.92
CA LYS F 4755 -13.83 -52.91 -56.05
C LYS F 4755 -14.29 -53.55 -57.35
N PRO F 4756 -15.17 -52.89 -58.13
CA PRO F 4756 -15.62 -53.51 -59.38
C PRO F 4756 -14.61 -53.40 -60.50
N ASP F 4757 -14.88 -54.02 -61.62
CA ASP F 4757 -13.99 -54.01 -62.79
C ASP F 4757 -14.79 -53.62 -64.02
N PRO F 4758 -15.06 -52.33 -64.20
CA PRO F 4758 -15.82 -51.88 -65.37
C PRO F 4758 -14.92 -51.69 -66.57
N PRO F 4759 -15.13 -52.44 -67.65
CA PRO F 4759 -14.34 -52.20 -68.87
C PRO F 4759 -14.77 -50.90 -69.53
N PRO F 4760 -14.10 -50.49 -70.61
CA PRO F 4760 -14.53 -49.29 -71.34
C PRO F 4760 -15.74 -49.52 -72.24
N GLY F 4761 -16.41 -50.67 -72.13
CA GLY F 4761 -17.51 -50.99 -73.01
C GLY F 4761 -18.61 -49.95 -73.02
N LEU F 4762 -19.09 -49.61 -74.22
CA LEU F 4762 -20.19 -48.66 -74.32
C LEU F 4762 -21.44 -49.19 -73.62
N LEU F 4763 -21.62 -50.50 -73.60
CA LEU F 4763 -22.73 -51.08 -72.85
C LEU F 4763 -22.59 -50.78 -71.36
N THR F 4764 -21.37 -50.92 -70.84
CA THR F 4764 -21.13 -50.61 -69.44
C THR F 4764 -21.35 -49.13 -69.16
N TRP F 4765 -20.93 -48.28 -70.10
CA TRP F 4765 -21.15 -46.84 -69.93
C TRP F 4765 -22.64 -46.53 -69.91
N ILE F 4766 -23.42 -47.18 -70.78
CA ILE F 4766 -24.87 -47.01 -70.76
C ILE F 4766 -25.43 -47.45 -69.42
N MET F 4767 -25.03 -48.63 -68.94
CA MET F 4767 -25.48 -49.09 -67.64
C MET F 4767 -25.10 -48.13 -66.52
N SER F 4768 -23.97 -47.43 -66.64
CA SER F 4768 -23.56 -46.45 -65.64
C SER F 4768 -24.34 -45.15 -65.73
N ILE F 4769 -24.84 -44.80 -66.90
CA ILE F 4769 -25.62 -43.57 -67.08
C ILE F 4769 -26.76 -43.55 -66.08
N ASP F 4770 -26.97 -42.40 -65.45
CA ASP F 4770 -28.06 -42.17 -64.49
C ASP F 4770 -29.02 -41.17 -65.10
N VAL F 4771 -30.12 -41.68 -65.66
CA VAL F 4771 -30.97 -40.86 -66.51
C VAL F 4771 -31.61 -39.73 -65.72
N LYS F 4772 -32.11 -40.02 -64.51
CA LYS F 4772 -32.80 -39.01 -63.73
C LYS F 4772 -31.86 -37.85 -63.38
N TYR F 4773 -30.65 -38.18 -62.94
CA TYR F 4773 -29.68 -37.15 -62.63
C TYR F 4773 -29.34 -36.33 -63.86
N GLN F 4774 -29.22 -36.99 -65.01
CA GLN F 4774 -28.92 -36.27 -66.24
C GLN F 4774 -30.04 -35.31 -66.60
N ILE F 4775 -31.29 -35.72 -66.42
CA ILE F 4775 -32.41 -34.82 -66.69
C ILE F 4775 -32.36 -33.62 -65.77
N TRP F 4776 -32.11 -33.85 -64.49
CA TRP F 4776 -32.01 -32.74 -63.55
C TRP F 4776 -30.89 -31.79 -63.95
N LYS F 4777 -29.73 -32.35 -64.31
CA LYS F 4777 -28.60 -31.53 -64.70
C LYS F 4777 -28.92 -30.71 -65.94
N PHE F 4778 -29.57 -31.31 -66.93
CA PHE F 4778 -29.90 -30.59 -68.14
C PHE F 4778 -30.90 -29.48 -67.86
N GLY F 4779 -31.84 -29.71 -66.95
CA GLY F 4779 -32.72 -28.65 -66.54
C GLY F 4779 -31.96 -27.48 -65.94
N VAL F 4780 -31.03 -27.77 -65.03
CA VAL F 4780 -30.23 -26.70 -64.42
C VAL F 4780 -29.47 -25.95 -65.50
N ILE F 4781 -28.82 -26.68 -66.41
CA ILE F 4781 -27.97 -26.03 -67.40
C ILE F 4781 -28.80 -25.16 -68.34
N PHE F 4782 -29.92 -25.69 -68.83
CA PHE F 4782 -30.78 -24.95 -69.74
C PHE F 4782 -31.54 -23.84 -69.03
N THR F 4783 -31.51 -23.79 -67.70
CA THR F 4783 -31.99 -22.63 -66.98
C THR F 4783 -30.89 -21.62 -66.70
N ASP F 4784 -29.61 -22.01 -66.77
CA ASP F 4784 -28.52 -21.08 -66.54
C ASP F 4784 -28.49 -20.01 -67.62
N ASN F 4785 -28.25 -18.76 -67.22
CA ASN F 4785 -28.41 -17.64 -68.15
C ASN F 4785 -27.30 -17.61 -69.21
N SER F 4786 -26.05 -17.77 -68.79
CA SER F 4786 -24.95 -17.66 -69.74
C SER F 4786 -25.01 -18.77 -70.79
N PHE F 4787 -25.37 -19.98 -70.36
CA PHE F 4787 -25.50 -21.07 -71.32
C PHE F 4787 -26.59 -20.77 -72.34
N LEU F 4788 -27.71 -20.23 -71.88
CA LEU F 4788 -28.78 -19.86 -72.81
C LEU F 4788 -28.33 -18.77 -73.76
N TYR F 4789 -27.55 -17.81 -73.26
CA TYR F 4789 -27.02 -16.77 -74.13
C TYR F 4789 -26.16 -17.37 -75.23
N LEU F 4790 -25.26 -18.28 -74.88
CA LEU F 4790 -24.41 -18.91 -75.88
C LEU F 4790 -25.23 -19.76 -76.84
N GLY F 4791 -26.25 -20.45 -76.33
CA GLY F 4791 -27.09 -21.26 -77.20
C GLY F 4791 -27.84 -20.42 -78.21
N TRP F 4792 -28.37 -19.28 -77.78
CA TRP F 4792 -29.06 -18.40 -78.72
C TRP F 4792 -28.08 -17.78 -79.70
N TYR F 4793 -26.85 -17.51 -79.25
CA TYR F 4793 -25.82 -17.09 -80.18
C TYR F 4793 -25.61 -18.12 -81.29
N MET F 4794 -25.51 -19.39 -80.91
CA MET F 4794 -25.32 -20.44 -81.90
C MET F 4794 -26.52 -20.55 -82.83
N VAL F 4795 -27.72 -20.48 -82.28
CA VAL F 4795 -28.93 -20.52 -83.09
C VAL F 4795 -28.92 -19.37 -84.09
N MET F 4796 -28.50 -18.20 -83.64
CA MET F 4796 -28.51 -17.03 -84.50
C MET F 4796 -27.49 -17.17 -85.62
N SER F 4797 -26.35 -17.80 -85.33
CA SER F 4797 -25.38 -18.09 -86.39
C SER F 4797 -25.96 -19.06 -87.42
N LEU F 4798 -26.61 -20.11 -86.94
CA LEU F 4798 -27.25 -21.04 -87.88
C LEU F 4798 -28.26 -20.32 -88.76
N LEU F 4799 -29.06 -19.43 -88.16
CA LEU F 4799 -30.00 -18.66 -88.96
C LEU F 4799 -29.27 -17.76 -89.95
N GLY F 4800 -28.16 -17.17 -89.53
CA GLY F 4800 -27.37 -16.36 -90.45
C GLY F 4800 -26.97 -17.14 -91.69
N HIS F 4801 -26.76 -18.44 -91.53
CA HIS F 4801 -26.51 -19.26 -92.72
C HIS F 4801 -27.73 -19.29 -93.63
N TYR F 4802 -28.93 -19.22 -93.06
CA TYR F 4802 -30.15 -19.18 -93.87
C TYR F 4802 -30.28 -17.83 -94.58
N ASN F 4803 -30.09 -16.75 -93.83
CA ASN F 4803 -30.06 -15.39 -94.36
C ASN F 4803 -28.93 -14.64 -93.71
N ASN F 4804 -27.98 -14.15 -94.52
CA ASN F 4804 -26.73 -13.62 -93.97
C ASN F 4804 -26.99 -12.47 -93.01
N PHE F 4805 -28.11 -11.77 -93.16
CA PHE F 4805 -28.35 -10.60 -92.34
C PHE F 4805 -28.64 -10.95 -90.89
N PHE F 4806 -28.98 -12.20 -90.61
CA PHE F 4806 -29.15 -12.61 -89.22
C PHE F 4806 -27.83 -12.51 -88.46
N PHE F 4807 -26.71 -12.43 -89.17
CA PHE F 4807 -25.43 -12.27 -88.51
C PHE F 4807 -25.30 -10.92 -87.83
N ALA F 4808 -26.17 -9.97 -88.16
CA ALA F 4808 -26.14 -8.68 -87.50
C ALA F 4808 -26.48 -8.80 -86.02
N ALA F 4809 -27.24 -9.80 -85.63
CA ALA F 4809 -27.62 -9.95 -84.23
C ALA F 4809 -26.40 -10.17 -83.35
N HIS F 4810 -25.33 -10.72 -83.92
CA HIS F 4810 -24.16 -11.02 -83.12
C HIS F 4810 -23.37 -9.76 -82.78
N LEU F 4811 -23.71 -8.64 -83.40
CA LEU F 4811 -23.06 -7.38 -83.05
C LEU F 4811 -23.47 -6.94 -81.65
N LEU F 4812 -24.65 -7.35 -81.19
CA LEU F 4812 -25.08 -6.99 -79.84
C LEU F 4812 -24.18 -7.64 -78.80
N ASP F 4813 -23.36 -8.60 -79.22
CA ASP F 4813 -22.44 -9.28 -78.32
C ASP F 4813 -21.48 -8.32 -77.63
N ILE F 4814 -21.28 -7.13 -78.21
CA ILE F 4814 -20.32 -6.18 -77.65
C ILE F 4814 -20.73 -5.81 -76.23
N ALA F 4815 -22.03 -5.74 -75.97
CA ALA F 4815 -22.51 -5.40 -74.63
C ALA F 4815 -21.97 -6.38 -73.60
N MET F 4816 -22.04 -7.68 -73.90
CA MET F 4816 -21.53 -8.68 -72.96
C MET F 4816 -20.01 -8.73 -72.97
N GLY F 4817 -19.41 -8.55 -74.14
CA GLY F 4817 -17.97 -8.67 -74.27
C GLY F 4817 -17.19 -7.55 -73.61
N VAL F 4818 -17.37 -6.32 -74.12
CA VAL F 4818 -16.59 -5.20 -73.64
C VAL F 4818 -17.04 -4.82 -72.23
N LYS F 4819 -16.07 -4.61 -71.34
CA LYS F 4819 -16.38 -4.26 -69.97
C LYS F 4819 -16.90 -2.83 -69.85
N THR F 4820 -16.27 -1.89 -70.57
CA THR F 4820 -16.70 -0.51 -70.49
C THR F 4820 -18.14 -0.35 -70.98
N LEU F 4821 -18.49 -1.03 -72.07
CA LEU F 4821 -19.85 -0.94 -72.57
C LEU F 4821 -20.83 -1.58 -71.60
N ARG F 4822 -20.44 -2.68 -70.97
CA ARG F 4822 -21.30 -3.30 -69.97
C ARG F 4822 -21.56 -2.33 -68.82
N THR F 4823 -20.52 -1.64 -68.36
CA THR F 4823 -20.72 -0.67 -67.29
C THR F 4823 -21.62 0.48 -67.74
N ILE F 4824 -21.43 0.96 -68.96
CA ILE F 4824 -22.28 2.05 -69.46
C ILE F 4824 -23.73 1.61 -69.53
N LEU F 4825 -23.97 0.39 -70.01
CA LEU F 4825 -25.34 -0.10 -70.14
C LEU F 4825 -25.98 -0.38 -68.80
N SER F 4826 -25.16 -0.68 -67.78
CA SER F 4826 -25.70 -0.83 -66.44
C SER F 4826 -26.38 0.44 -65.96
N SER F 4827 -25.99 1.60 -66.48
CA SER F 4827 -26.67 2.83 -66.12
C SER F 4827 -28.11 2.82 -66.59
N VAL F 4828 -28.35 2.33 -67.81
CA VAL F 4828 -29.71 2.24 -68.30
C VAL F 4828 -30.47 1.14 -67.57
N THR F 4829 -29.86 -0.02 -67.38
CA THR F 4829 -30.57 -1.15 -66.82
C THR F 4829 -30.78 -1.06 -65.32
N HIS F 4830 -30.04 -0.19 -64.63
CA HIS F 4830 -30.18 -0.09 -63.18
C HIS F 4830 -31.57 0.37 -62.78
N ASN F 4831 -32.10 1.37 -63.49
CA ASN F 4831 -33.45 1.87 -63.28
C ASN F 4831 -34.40 1.46 -64.39
N GLY F 4832 -34.22 0.24 -64.93
CA GLY F 4832 -35.06 -0.18 -66.04
C GLY F 4832 -36.53 -0.24 -65.66
N LYS F 4833 -36.83 -0.69 -64.45
CA LYS F 4833 -38.22 -0.74 -64.01
C LYS F 4833 -38.82 0.66 -63.98
N GLN F 4834 -38.06 1.63 -63.45
CA GLN F 4834 -38.55 3.00 -63.42
C GLN F 4834 -38.71 3.57 -64.82
N LEU F 4835 -37.80 3.24 -65.74
CA LEU F 4835 -37.94 3.72 -67.10
C LEU F 4835 -39.20 3.16 -67.76
N VAL F 4836 -39.47 1.87 -67.57
CA VAL F 4836 -40.67 1.27 -68.15
C VAL F 4836 -41.92 1.91 -67.55
N MET F 4837 -41.91 2.12 -66.23
CA MET F 4837 -43.05 2.75 -65.60
C MET F 4837 -43.25 4.17 -66.12
N THR F 4838 -42.17 4.90 -66.36
CA THR F 4838 -42.27 6.25 -66.90
C THR F 4838 -42.86 6.23 -68.30
N VAL F 4839 -42.46 5.26 -69.13
CA VAL F 4839 -43.04 5.16 -70.46
C VAL F 4839 -44.53 4.86 -70.36
N GLY F 4840 -44.92 4.00 -69.42
CA GLY F 4840 -46.33 3.73 -69.23
C GLY F 4840 -47.10 4.97 -68.80
N LEU F 4841 -46.53 5.75 -67.89
CA LEU F 4841 -47.17 7.00 -67.47
C LEU F 4841 -47.31 7.95 -68.66
N LEU F 4842 -46.28 8.03 -69.50
CA LEU F 4842 -46.37 8.84 -70.70
C LEU F 4842 -47.52 8.38 -71.59
N ALA F 4843 -47.67 7.07 -71.74
CA ALA F 4843 -48.77 6.56 -72.55
C ALA F 4843 -50.12 6.97 -71.96
N VAL F 4844 -50.26 6.89 -70.64
CA VAL F 4844 -51.53 7.26 -70.01
C VAL F 4844 -51.82 8.74 -70.21
N VAL F 4845 -50.81 9.59 -70.02
CA VAL F 4845 -51.02 11.03 -70.18
C VAL F 4845 -51.41 11.36 -71.62
N VAL F 4846 -50.72 10.74 -72.58
CA VAL F 4846 -51.05 10.99 -73.98
C VAL F 4846 -52.46 10.51 -74.27
N TYR F 4847 -52.88 9.42 -73.61
CA TYR F 4847 -54.25 8.96 -73.79
C TYR F 4847 -55.26 9.98 -73.29
N LEU F 4848 -54.99 10.60 -72.13
CA LEU F 4848 -55.89 11.63 -71.63
C LEU F 4848 -55.99 12.79 -72.60
N TYR F 4849 -54.83 13.24 -73.12
CA TYR F 4849 -54.85 14.30 -74.11
C TYR F 4849 -55.63 13.88 -75.35
N THR F 4850 -55.50 12.61 -75.75
CA THR F 4850 -56.25 12.11 -76.89
C THR F 4850 -57.75 12.17 -76.65
N VAL F 4851 -58.18 11.83 -75.43
CA VAL F 4851 -59.60 11.89 -75.12
C VAL F 4851 -60.11 13.31 -75.23
N VAL F 4852 -59.37 14.27 -74.66
CA VAL F 4852 -59.79 15.66 -74.73
C VAL F 4852 -59.86 16.11 -76.18
N ALA F 4853 -58.86 15.78 -76.98
CA ALA F 4853 -58.86 16.19 -78.38
C ALA F 4853 -60.01 15.55 -79.15
N PHE F 4854 -60.27 14.27 -78.91
CA PHE F 4854 -61.35 13.59 -79.60
C PHE F 4854 -62.70 14.17 -79.27
N ASN F 4855 -62.89 14.67 -78.05
CA ASN F 4855 -64.16 15.26 -77.69
C ASN F 4855 -64.30 16.72 -78.07
N PHE F 4856 -63.21 17.48 -78.20
CA PHE F 4856 -63.34 18.93 -78.35
C PHE F 4856 -62.64 19.51 -79.57
N PHE F 4857 -61.51 18.97 -79.97
CA PHE F 4857 -60.65 19.59 -80.98
C PHE F 4857 -60.53 18.71 -82.22
N ARG F 4858 -61.63 18.11 -82.65
CA ARG F 4858 -61.56 17.20 -83.78
C ARG F 4858 -61.31 17.94 -85.10
N LYS F 4859 -61.80 19.18 -85.21
CA LYS F 4859 -61.70 19.90 -86.48
C LYS F 4859 -60.26 20.26 -86.82
N PHE F 4860 -59.35 20.28 -85.86
CA PHE F 4860 -57.99 20.71 -86.09
C PHE F 4860 -57.07 19.59 -86.56
N TYR F 4861 -57.57 18.36 -86.65
CA TYR F 4861 -56.74 17.20 -86.94
C TYR F 4861 -56.88 16.73 -88.37
N ASN F 4862 -57.02 17.65 -89.31
CA ASN F 4862 -57.06 17.32 -90.72
C ASN F 4862 -55.66 17.43 -91.30
N LYS F 4863 -55.14 16.32 -91.84
CA LYS F 4863 -53.77 16.24 -92.34
C LYS F 4863 -53.71 16.13 -93.85
N SER F 4864 -54.76 16.57 -94.55
CA SER F 4864 -54.81 16.51 -96.01
C SER F 4864 -54.93 17.92 -96.56
N GLU F 4865 -54.04 18.26 -97.50
CA GLU F 4865 -54.13 19.54 -98.17
C GLU F 4865 -55.25 19.56 -99.20
N ASP F 4866 -55.46 18.44 -99.89
CA ASP F 4866 -56.53 18.35 -100.88
C ASP F 4866 -57.88 18.58 -100.23
N GLU F 4867 -58.54 19.68 -100.59
CA GLU F 4867 -59.84 20.00 -100.00
C GLU F 4867 -60.91 19.00 -100.39
N ASP F 4868 -60.70 18.25 -101.48
CA ASP F 4868 -61.71 17.29 -101.90
C ASP F 4868 -61.74 16.07 -100.99
N GLU F 4869 -60.56 15.54 -100.64
CA GLU F 4869 -60.46 14.31 -99.85
C GLU F 4869 -59.75 14.62 -98.54
N PRO F 4870 -60.46 14.98 -97.48
CA PRO F 4870 -59.83 15.21 -96.19
C PRO F 4870 -59.33 13.92 -95.56
N ASP F 4871 -58.34 14.07 -94.67
CA ASP F 4871 -57.77 12.96 -93.93
C ASP F 4871 -57.78 13.31 -92.44
N MET F 4872 -58.90 13.02 -91.79
CA MET F 4872 -59.06 13.39 -90.39
C MET F 4872 -58.38 12.34 -89.51
N LYS F 4873 -57.51 12.80 -88.62
CA LYS F 4873 -56.73 11.91 -87.76
C LYS F 4873 -57.35 11.72 -86.39
N CYS F 4874 -58.48 12.36 -86.11
CA CYS F 4874 -59.12 12.23 -84.80
C CYS F 4874 -60.62 12.01 -84.91
N ASP F 4875 -61.06 11.35 -85.99
CA ASP F 4875 -62.46 10.97 -86.12
C ASP F 4875 -62.74 9.61 -85.51
N ASP F 4876 -61.75 8.98 -84.89
CA ASP F 4876 -61.95 7.76 -84.12
C ASP F 4876 -60.82 7.67 -83.10
N MET F 4877 -61.14 7.11 -81.93
CA MET F 4877 -60.21 7.18 -80.81
C MET F 4877 -58.91 6.43 -81.12
N MET F 4878 -59.00 5.28 -81.78
CA MET F 4878 -57.78 4.52 -82.07
C MET F 4878 -56.85 5.32 -82.96
N THR F 4879 -57.36 5.89 -84.03
CA THR F 4879 -56.54 6.70 -84.92
C THR F 4879 -55.99 7.92 -84.21
N CYS F 4880 -56.81 8.58 -83.39
CA CYS F 4880 -56.34 9.76 -82.68
C CYS F 4880 -55.24 9.40 -81.69
N TYR F 4881 -55.38 8.29 -80.98
CA TYR F 4881 -54.36 7.88 -80.03
C TYR F 4881 -53.06 7.52 -80.74
N LEU F 4882 -53.16 6.79 -81.85
CA LEU F 4882 -51.95 6.49 -82.61
C LEU F 4882 -51.29 7.76 -83.10
N PHE F 4883 -52.09 8.70 -83.62
CA PHE F 4883 -51.53 9.96 -84.11
C PHE F 4883 -50.81 10.69 -83.00
N HIS F 4884 -51.44 10.82 -81.84
CA HIS F 4884 -50.80 11.52 -80.74
C HIS F 4884 -49.50 10.84 -80.36
N MET F 4885 -49.55 9.54 -80.05
CA MET F 4885 -48.37 8.85 -79.56
C MET F 4885 -47.24 8.82 -80.58
N TYR F 4886 -47.57 8.85 -81.87
CA TYR F 4886 -46.55 8.71 -82.90
C TYR F 4886 -45.98 10.05 -83.35
N VAL F 4887 -46.81 11.10 -83.40
CA VAL F 4887 -46.36 12.37 -83.94
C VAL F 4887 -46.12 13.38 -82.83
N GLY F 4888 -47.05 13.55 -81.89
CA GLY F 4888 -46.91 14.59 -80.90
C GLY F 4888 -45.73 14.35 -79.97
N VAL F 4889 -45.51 13.09 -79.60
CA VAL F 4889 -44.40 12.78 -78.71
C VAL F 4889 -43.07 13.05 -79.38
N ARG F 4890 -42.95 12.75 -80.68
CA ARG F 4890 -41.72 12.96 -81.40
C ARG F 4890 -41.54 14.41 -81.85
N ALA F 4891 -42.60 15.20 -81.87
CA ALA F 4891 -42.48 16.58 -82.30
C ALA F 4891 -41.71 17.40 -81.27
N GLY F 4892 -40.93 18.36 -81.76
CA GLY F 4892 -40.15 19.19 -80.86
C GLY F 4892 -41.01 20.01 -79.92
N GLY F 4893 -42.08 20.60 -80.45
CA GLY F 4893 -42.99 21.42 -79.68
C GLY F 4893 -44.29 20.74 -79.30
N GLY F 4894 -44.39 19.43 -79.44
CA GLY F 4894 -45.60 18.72 -79.09
C GLY F 4894 -46.58 18.64 -80.24
N ILE F 4895 -47.84 18.37 -79.88
CA ILE F 4895 -48.88 18.13 -80.87
C ILE F 4895 -49.28 19.42 -81.58
N GLY F 4896 -48.97 20.57 -80.98
CA GLY F 4896 -49.30 21.83 -81.60
C GLY F 4896 -48.50 22.09 -82.86
N ASP F 4897 -47.31 21.50 -82.96
CA ASP F 4897 -46.53 21.62 -84.18
C ASP F 4897 -47.20 20.97 -85.37
N GLU F 4898 -48.03 19.96 -85.14
CA GLU F 4898 -48.52 19.10 -86.21
C GLU F 4898 -50.03 19.22 -86.42
N ILE F 4899 -50.75 19.89 -85.53
CA ILE F 4899 -52.17 20.13 -85.76
C ILE F 4899 -52.36 21.56 -86.24
N GLU F 4900 -53.58 21.84 -86.70
CA GLU F 4900 -53.86 23.09 -87.40
C GLU F 4900 -53.80 24.28 -86.44
N ASP F 4901 -53.46 25.43 -86.99
CA ASP F 4901 -53.28 26.63 -86.18
C ASP F 4901 -54.62 27.06 -85.57
N PRO F 4902 -54.66 27.33 -84.27
CA PRO F 4902 -55.94 27.68 -83.63
C PRO F 4902 -56.30 29.15 -83.72
N ALA F 4903 -55.42 30.00 -84.23
CA ALA F 4903 -55.68 31.44 -84.22
C ALA F 4903 -56.98 31.76 -84.94
N GLY F 4904 -57.80 32.61 -84.33
CA GLY F 4904 -59.05 33.05 -84.90
C GLY F 4904 -60.23 32.19 -84.56
N ASP F 4905 -60.04 31.08 -83.86
CA ASP F 4905 -61.13 30.17 -83.52
C ASP F 4905 -61.69 30.52 -82.15
N GLU F 4906 -62.97 30.19 -81.95
CA GLU F 4906 -63.60 30.47 -80.67
C GLU F 4906 -62.93 29.73 -79.52
N TYR F 4907 -62.27 28.60 -79.79
CA TYR F 4907 -61.56 27.84 -78.78
C TYR F 4907 -60.05 28.09 -78.84
N GLU F 4908 -59.63 29.29 -79.24
CA GLU F 4908 -58.21 29.54 -79.41
C GLU F 4908 -57.46 29.42 -78.09
N LEU F 4909 -57.98 30.03 -77.03
CA LEU F 4909 -57.29 29.96 -75.75
C LEU F 4909 -57.28 28.54 -75.21
N TYR F 4910 -58.38 27.80 -75.39
CA TYR F 4910 -58.40 26.41 -74.98
C TYR F 4910 -57.34 25.62 -75.72
N ARG F 4911 -57.20 25.86 -77.02
CA ARG F 4911 -56.23 25.12 -77.82
C ARG F 4911 -54.80 25.47 -77.42
N VAL F 4912 -54.51 26.74 -77.14
CA VAL F 4912 -53.15 27.09 -76.76
C VAL F 4912 -52.82 26.50 -75.39
N VAL F 4913 -53.79 26.49 -74.48
CA VAL F 4913 -53.56 25.84 -73.19
C VAL F 4913 -53.29 24.36 -73.39
N PHE F 4914 -54.09 23.73 -74.25
CA PHE F 4914 -53.90 22.32 -74.59
C PHE F 4914 -52.47 22.06 -75.07
N ASP F 4915 -52.03 22.83 -76.06
CA ASP F 4915 -50.72 22.60 -76.65
C ASP F 4915 -49.60 22.90 -75.66
N ILE F 4916 -49.71 23.99 -74.91
CA ILE F 4916 -48.65 24.36 -73.98
C ILE F 4916 -48.52 23.32 -72.88
N THR F 4917 -49.65 22.86 -72.34
CA THR F 4917 -49.59 21.84 -71.30
C THR F 4917 -49.06 20.52 -71.84
N PHE F 4918 -49.44 20.16 -73.07
CA PHE F 4918 -48.85 18.97 -73.66
C PHE F 4918 -47.34 19.10 -73.77
N PHE F 4919 -46.87 20.25 -74.26
CA PHE F 4919 -45.45 20.47 -74.40
C PHE F 4919 -44.73 20.39 -73.06
N PHE F 4920 -45.30 20.98 -72.01
CA PHE F 4920 -44.60 21.04 -70.74
C PHE F 4920 -44.65 19.73 -69.99
N PHE F 4921 -45.74 18.97 -70.09
CA PHE F 4921 -45.86 17.73 -69.34
C PHE F 4921 -45.22 16.55 -70.08
N VAL F 4922 -45.43 16.45 -71.38
CA VAL F 4922 -44.95 15.28 -72.13
C VAL F 4922 -43.53 15.49 -72.63
N ILE F 4923 -43.24 16.67 -73.19
CA ILE F 4923 -41.95 16.89 -73.84
C ILE F 4923 -40.88 17.34 -72.85
N VAL F 4924 -41.22 18.19 -71.89
CA VAL F 4924 -40.23 18.80 -71.02
C VAL F 4924 -40.01 17.98 -69.76
N ILE F 4925 -41.07 17.46 -69.16
CA ILE F 4925 -40.96 16.84 -67.84
C ILE F 4925 -40.72 15.33 -67.94
N LEU F 4926 -41.56 14.61 -68.68
CA LEU F 4926 -41.43 13.15 -68.70
C LEU F 4926 -40.10 12.73 -69.32
N LEU F 4927 -39.73 13.33 -70.45
CA LEU F 4927 -38.41 13.05 -71.01
C LEU F 4927 -37.32 13.46 -70.05
N ALA F 4928 -37.50 14.58 -69.34
CA ALA F 4928 -36.56 14.95 -68.31
C ALA F 4928 -36.50 13.90 -67.20
N ILE F 4929 -37.64 13.27 -66.89
CA ILE F 4929 -37.63 12.21 -65.90
C ILE F 4929 -36.76 11.05 -66.38
N ILE F 4930 -36.89 10.69 -67.65
CA ILE F 4930 -36.07 9.60 -68.20
C ILE F 4930 -34.58 9.95 -68.10
N GLN F 4931 -34.22 11.14 -68.55
CA GLN F 4931 -32.82 11.52 -68.53
C GLN F 4931 -32.29 11.57 -67.11
N GLY F 4932 -33.09 12.09 -66.17
CA GLY F 4932 -32.67 12.13 -64.79
C GLY F 4932 -32.51 10.75 -64.19
N LEU F 4933 -33.35 9.81 -64.59
CA LEU F 4933 -33.18 8.43 -64.13
C LEU F 4933 -31.83 7.89 -64.57
N ILE F 4934 -31.47 8.13 -65.83
CA ILE F 4934 -30.18 7.65 -66.32
C ILE F 4934 -29.03 8.29 -65.56
N ILE F 4935 -29.11 9.62 -65.36
CA ILE F 4935 -28.03 10.32 -64.67
C ILE F 4935 -27.89 9.84 -63.23
N ASP F 4936 -29.02 9.66 -62.55
CA ASP F 4936 -28.98 9.15 -61.19
C ASP F 4936 -28.40 7.75 -61.14
N ALA F 4937 -28.67 6.94 -62.14
CA ALA F 4937 -28.06 5.61 -62.20
C ALA F 4937 -26.54 5.73 -62.27
N PHE F 4938 -26.04 6.60 -63.14
CA PHE F 4938 -24.60 6.84 -63.19
C PHE F 4938 -24.05 7.19 -61.82
N GLY F 4939 -24.68 8.18 -61.17
CA GLY F 4939 -24.18 8.63 -59.88
C GLY F 4939 -24.19 7.53 -58.83
N GLU F 4940 -25.26 6.73 -58.81
CA GLU F 4940 -25.37 5.69 -57.80
C GLU F 4940 -24.36 4.59 -58.02
N LEU F 4941 -24.09 4.22 -59.27
CA LEU F 4941 -23.08 3.20 -59.52
C LEU F 4941 -21.70 3.70 -59.10
N ARG F 4942 -21.38 4.95 -59.42
CA ARG F 4942 -20.10 5.48 -58.96
C ARG F 4942 -20.04 5.48 -57.43
N ASP F 4943 -21.15 5.82 -56.78
CA ASP F 4943 -21.16 5.82 -55.32
C ASP F 4943 -20.91 4.42 -54.78
N GLN F 4944 -21.49 3.40 -55.40
CA GLN F 4944 -21.24 2.04 -54.94
C GLN F 4944 -19.77 1.69 -55.05
N GLN F 4945 -19.15 2.00 -56.19
CA GLN F 4945 -17.73 1.69 -56.34
C GLN F 4945 -16.89 2.41 -55.29
N GLU F 4946 -17.16 3.70 -55.09
CA GLU F 4946 -16.40 4.46 -54.11
C GLU F 4946 -16.60 3.91 -52.70
N GLN F 4947 -17.82 3.49 -52.37
CA GLN F 4947 -18.08 2.94 -51.05
C GLN F 4947 -17.30 1.66 -50.83
N VAL F 4948 -17.25 0.79 -51.83
CA VAL F 4948 -16.48 -0.44 -51.69
C VAL F 4948 -15.01 -0.12 -51.47
N LYS F 4949 -14.47 0.80 -52.27
CA LYS F 4949 -13.06 1.15 -52.13
C LYS F 4949 -12.77 1.70 -50.74
N GLU F 4950 -13.61 2.63 -50.28
CA GLU F 4950 -13.38 3.24 -48.98
C GLU F 4950 -13.48 2.23 -47.85
N ASP F 4951 -14.47 1.34 -47.93
CA ASP F 4951 -14.62 0.33 -46.89
C ASP F 4951 -13.41 -0.57 -46.83
N MET F 4952 -12.91 -1.01 -48.00
CA MET F 4952 -11.74 -1.87 -47.98
C MET F 4952 -10.51 -1.14 -47.46
N GLU F 4953 -10.38 0.15 -47.74
CA GLU F 4953 -9.19 0.89 -47.35
C GLU F 4953 -9.26 1.45 -45.93
N THR F 4954 -10.42 1.40 -45.26
CA THR F 4954 -10.55 1.98 -43.94
C THR F 4954 -10.99 1.00 -42.87
N LYS F 4955 -11.01 -0.30 -43.15
CA LYS F 4955 -11.54 -1.26 -42.21
C LYS F 4955 -11.04 -2.66 -42.57
N CYS F 4956 -10.76 -3.47 -41.56
CA CYS F 4956 -10.32 -4.83 -41.83
C CYS F 4956 -11.50 -5.70 -42.24
N PHE F 4957 -11.32 -6.46 -43.32
CA PHE F 4957 -12.41 -7.25 -43.87
C PHE F 4957 -12.80 -8.39 -42.95
N ILE F 4958 -11.89 -8.83 -42.09
CA ILE F 4958 -12.14 -9.99 -41.23
C ILE F 4958 -12.69 -9.56 -39.88
N CYS F 4959 -11.93 -8.79 -39.12
CA CYS F 4959 -12.34 -8.44 -37.76
C CYS F 4959 -13.23 -7.21 -37.71
N GLY F 4960 -13.18 -6.34 -38.71
CA GLY F 4960 -14.02 -5.17 -38.76
C GLY F 4960 -13.48 -3.97 -38.02
N ILE F 4961 -12.34 -4.09 -37.36
CA ILE F 4961 -11.75 -2.93 -36.68
C ILE F 4961 -11.25 -1.93 -37.72
N GLY F 4962 -11.43 -0.65 -37.42
CA GLY F 4962 -11.06 0.39 -38.36
C GLY F 4962 -9.57 0.62 -38.41
N SER F 4963 -9.14 1.28 -39.50
CA SER F 4963 -7.73 1.57 -39.67
C SER F 4963 -7.21 2.46 -38.55
N ASP F 4964 -7.99 3.48 -38.17
CA ASP F 4964 -7.56 4.42 -37.13
C ASP F 4964 -6.89 3.73 -35.95
N TYR F 4965 -7.46 2.61 -35.49
CA TYR F 4965 -6.87 1.89 -34.36
C TYR F 4965 -5.50 1.33 -34.73
N PHE F 4966 -5.41 0.65 -35.87
CA PHE F 4966 -4.18 -0.04 -36.23
C PHE F 4966 -3.06 0.96 -36.53
N ASP F 4967 -3.39 2.07 -37.17
CA ASP F 4967 -2.40 3.05 -37.57
C ASP F 4967 -1.75 3.77 -36.41
N THR F 4968 -2.11 3.45 -35.17
CA THR F 4968 -1.35 3.97 -34.03
C THR F 4968 0.08 3.49 -34.08
N THR F 4969 0.33 2.33 -34.67
CA THR F 4969 1.65 1.83 -34.99
C THR F 4969 2.00 2.20 -36.43
N PRO F 4970 3.27 2.48 -36.75
CA PRO F 4970 3.58 2.87 -38.12
C PRO F 4970 3.16 1.84 -39.16
N HIS F 4971 2.33 2.25 -40.11
CA HIS F 4971 1.83 1.34 -41.14
C HIS F 4971 1.09 0.16 -40.52
N GLY F 4972 0.43 0.43 -39.39
CA GLY F 4972 -0.21 -0.64 -38.65
C GLY F 4972 -1.32 -1.32 -39.42
N PHE F 4973 -2.14 -0.54 -40.13
CA PHE F 4973 -3.23 -1.14 -40.89
C PHE F 4973 -2.70 -2.01 -42.02
N GLU F 4974 -1.69 -1.53 -42.75
CA GLU F 4974 -1.12 -2.34 -43.82
C GLU F 4974 -0.52 -3.63 -43.27
N THR F 4975 0.22 -3.52 -42.16
CA THR F 4975 0.78 -4.72 -41.56
C THR F 4975 -0.32 -5.68 -41.14
N HIS F 4976 -1.39 -5.16 -40.53
CA HIS F 4976 -2.46 -6.01 -40.06
C HIS F 4976 -3.14 -6.74 -41.20
N THR F 4977 -3.46 -6.04 -42.28
CA THR F 4977 -4.20 -6.63 -43.38
C THR F 4977 -3.32 -7.46 -44.31
N LEU F 4978 -2.00 -7.35 -44.22
CA LEU F 4978 -1.13 -8.18 -45.02
C LEU F 4978 -0.53 -9.36 -44.29
N GLU F 4979 -0.37 -9.29 -42.96
CA GLU F 4979 0.35 -10.29 -42.22
C GLU F 4979 -0.43 -10.91 -41.08
N GLU F 4980 -1.55 -10.34 -40.67
CA GLU F 4980 -2.29 -10.81 -39.51
C GLU F 4980 -3.67 -11.34 -39.88
N HIS F 4981 -4.47 -10.56 -40.61
CA HIS F 4981 -5.82 -10.96 -40.95
C HIS F 4981 -6.02 -11.02 -42.46
N ASN F 4982 -5.08 -11.65 -43.16
CA ASN F 4982 -5.18 -11.74 -44.61
C ASN F 4982 -6.21 -12.79 -45.03
N LEU F 4983 -7.22 -12.37 -45.78
CA LEU F 4983 -8.26 -13.30 -46.21
C LEU F 4983 -7.68 -14.36 -47.13
N ALA F 4984 -6.66 -14.00 -47.92
CA ALA F 4984 -5.94 -15.01 -48.68
C ALA F 4984 -5.33 -16.05 -47.76
N ASN F 4985 -4.81 -15.61 -46.61
CA ASN F 4985 -4.25 -16.56 -45.66
C ASN F 4985 -5.31 -17.45 -45.07
N TYR F 4986 -6.52 -16.92 -44.84
CA TYR F 4986 -7.60 -17.79 -44.37
C TYR F 4986 -7.98 -18.85 -45.41
N MET F 4987 -8.04 -18.46 -46.68
CA MET F 4987 -8.29 -19.44 -47.73
C MET F 4987 -7.18 -20.50 -47.76
N PHE F 4988 -5.93 -20.05 -47.68
CA PHE F 4988 -4.82 -20.99 -47.68
C PHE F 4988 -4.89 -21.93 -46.49
N PHE F 4989 -5.33 -21.43 -45.33
CA PHE F 4989 -5.47 -22.27 -44.16
C PHE F 4989 -6.55 -23.33 -44.38
N LEU F 4990 -7.66 -22.96 -45.01
CA LEU F 4990 -8.67 -23.96 -45.30
C LEU F 4990 -8.10 -25.06 -46.22
N MET F 4991 -7.37 -24.65 -47.26
CA MET F 4991 -6.78 -25.64 -48.15
C MET F 4991 -5.80 -26.53 -47.39
N TYR F 4992 -4.98 -25.94 -46.53
CA TYR F 4992 -4.00 -26.68 -45.77
C TYR F 4992 -4.67 -27.69 -44.84
N LEU F 4993 -5.75 -27.28 -44.17
CA LEU F 4993 -6.47 -28.20 -43.30
C LEU F 4993 -7.06 -29.35 -44.10
N ILE F 4994 -7.63 -29.05 -45.27
CA ILE F 4994 -8.20 -30.11 -46.09
C ILE F 4994 -7.11 -31.12 -46.48
N ASN F 4995 -5.94 -30.62 -46.86
CA ASN F 4995 -4.90 -31.50 -47.36
C ASN F 4995 -4.20 -32.28 -46.26
N LYS F 4996 -4.12 -31.73 -45.06
CA LYS F 4996 -3.38 -32.40 -43.99
C LYS F 4996 -4.17 -33.55 -43.39
N ASP F 4997 -3.47 -34.59 -42.95
CA ASP F 4997 -4.11 -35.71 -42.27
C ASP F 4997 -4.69 -35.25 -40.94
N GLU F 4998 -5.82 -35.85 -40.57
CA GLU F 4998 -6.46 -35.47 -39.30
C GLU F 4998 -5.65 -35.94 -38.09
N THR F 4999 -5.01 -37.11 -38.18
CA THR F 4999 -4.19 -37.58 -37.07
C THR F 4999 -2.93 -36.75 -36.89
N GLU F 5000 -2.62 -35.86 -37.84
CA GLU F 5000 -1.48 -34.96 -37.73
C GLU F 5000 -1.89 -33.55 -37.35
N HIS F 5001 -3.18 -33.26 -37.26
CA HIS F 5001 -3.63 -31.93 -36.87
C HIS F 5001 -3.10 -31.59 -35.48
N THR F 5002 -2.71 -30.34 -35.30
CA THR F 5002 -2.41 -29.82 -33.98
C THR F 5002 -3.71 -29.52 -33.25
N GLY F 5003 -3.61 -29.06 -32.01
CA GLY F 5003 -4.80 -28.73 -31.26
C GLY F 5003 -5.63 -27.65 -31.91
N GLN F 5004 -4.98 -26.55 -32.32
CA GLN F 5004 -5.69 -25.46 -32.96
C GLN F 5004 -6.24 -25.86 -34.33
N GLU F 5005 -5.47 -26.62 -35.09
CA GLU F 5005 -5.96 -27.10 -36.38
C GLU F 5005 -7.18 -27.99 -36.20
N SER F 5006 -7.15 -28.88 -35.21
CA SER F 5006 -8.31 -29.73 -34.95
C SER F 5006 -9.51 -28.90 -34.53
N TYR F 5007 -9.29 -27.89 -33.69
CA TYR F 5007 -10.39 -27.02 -33.28
C TYR F 5007 -11.04 -26.36 -34.49
N VAL F 5008 -10.22 -25.75 -35.35
CA VAL F 5008 -10.77 -25.06 -36.52
C VAL F 5008 -11.41 -26.05 -37.47
N TRP F 5009 -10.85 -27.25 -37.60
CA TRP F 5009 -11.41 -28.26 -38.49
C TRP F 5009 -12.79 -28.70 -38.02
N LYS F 5010 -12.93 -28.93 -36.72
CA LYS F 5010 -14.22 -29.30 -36.18
C LYS F 5010 -15.23 -28.18 -36.39
N MET F 5011 -14.82 -26.93 -36.18
CA MET F 5011 -15.73 -25.82 -36.41
C MET F 5011 -16.14 -25.76 -37.89
N TYR F 5012 -15.20 -26.01 -38.79
CA TYR F 5012 -15.53 -26.03 -40.22
C TYR F 5012 -16.55 -27.10 -40.53
N GLN F 5013 -16.35 -28.30 -39.98
CA GLN F 5013 -17.26 -29.40 -40.26
C GLN F 5013 -18.65 -29.13 -39.69
N GLU F 5014 -18.73 -28.48 -38.54
CA GLU F 5014 -20.02 -28.12 -37.95
C GLU F 5014 -20.59 -26.85 -38.53
N ARG F 5015 -19.85 -26.15 -39.38
CA ARG F 5015 -20.30 -24.88 -39.98
C ARG F 5015 -20.52 -23.82 -38.92
N CYS F 5016 -19.61 -23.74 -37.96
CA CYS F 5016 -19.61 -22.70 -36.94
C CYS F 5016 -18.46 -21.74 -37.24
N TRP F 5017 -18.77 -20.46 -37.36
CA TRP F 5017 -17.79 -19.46 -37.78
C TRP F 5017 -17.33 -18.60 -36.61
N ASP F 5018 -17.33 -19.17 -35.40
CA ASP F 5018 -16.92 -18.42 -34.23
C ASP F 5018 -15.41 -18.25 -34.13
N PHE F 5019 -14.64 -19.07 -34.84
CA PHE F 5019 -13.19 -18.97 -34.76
C PHE F 5019 -12.66 -17.73 -35.48
N PHE F 5020 -13.43 -17.21 -36.44
CA PHE F 5020 -13.03 -15.98 -37.09
C PHE F 5020 -13.00 -14.84 -36.08
N PRO F 5021 -11.90 -14.10 -35.98
CA PRO F 5021 -11.90 -12.97 -35.03
C PRO F 5021 -12.85 -11.87 -35.49
N ALA F 5022 -13.69 -11.43 -34.57
CA ALA F 5022 -14.71 -10.43 -34.86
C ALA F 5022 -14.63 -9.35 -33.80
N GLY F 5023 -14.16 -8.18 -34.17
CA GLY F 5023 -13.99 -7.09 -33.24
C GLY F 5023 -12.82 -7.24 -32.30
N ASP F 5024 -11.94 -8.21 -32.55
CA ASP F 5024 -10.80 -8.46 -31.67
C ASP F 5024 -9.60 -8.84 -32.51
N CYS F 5025 -8.42 -8.72 -31.92
CA CYS F 5025 -7.19 -9.04 -32.63
C CYS F 5025 -6.11 -9.33 -31.60
N PHE F 5026 -4.98 -9.82 -32.10
CA PHE F 5026 -3.83 -10.13 -31.23
C PHE F 5026 -3.33 -8.87 -30.52
N ARG F 5027 -3.22 -7.76 -31.26
CA ARG F 5027 -2.75 -6.52 -30.66
C ARG F 5027 -3.71 -6.04 -29.58
N LYS F 5028 -5.00 -6.09 -29.84
CA LYS F 5028 -5.98 -5.69 -28.83
C LYS F 5028 -5.89 -6.61 -27.62
N GLN F 5029 -5.73 -7.91 -27.85
CA GLN F 5029 -5.66 -8.86 -26.74
C GLN F 5029 -4.46 -8.57 -25.84
N TYR F 5030 -3.31 -8.27 -26.43
CA TYR F 5030 -2.09 -8.07 -25.67
C TYR F 5030 -1.60 -6.63 -25.81
N GLU F 5031 -2.52 -5.67 -25.71
CA GLU F 5031 -2.15 -4.27 -25.84
C GLU F 5031 -1.05 -3.86 -24.86
N ASP F 5032 -1.26 -4.14 -23.57
CA ASP F 5032 -0.32 -3.65 -22.57
C ASP F 5032 0.97 -4.47 -22.59
N GLN F 5033 0.87 -5.79 -22.75
CA GLN F 5033 2.07 -6.60 -22.83
C GLN F 5033 2.91 -6.22 -24.04
N LEU F 5034 2.27 -5.98 -25.18
CA LEU F 5034 3.02 -5.64 -26.38
C LEU F 5034 3.56 -4.22 -26.33
N SER F 5035 2.97 -3.37 -25.52
CA SER F 5035 3.40 -1.97 -25.42
C SER F 5035 4.82 -1.88 -24.87
N GLU G 11 15.47 -20.79 -8.35
CA GLU G 11 15.60 -22.22 -8.58
C GLU G 11 16.87 -22.72 -7.88
N VAL G 12 16.87 -24.01 -7.54
CA VAL G 12 17.97 -24.61 -6.79
C VAL G 12 19.26 -24.36 -7.56
N GLN G 13 20.29 -23.89 -6.86
CA GLN G 13 21.51 -23.46 -7.54
C GLN G 13 22.31 -24.66 -8.03
N PHE G 14 22.84 -24.53 -9.24
CA PHE G 14 23.65 -25.57 -9.88
C PHE G 14 25.08 -25.07 -10.03
N LEU G 15 26.03 -26.02 -10.06
CA LEU G 15 27.41 -25.68 -10.33
C LEU G 15 27.66 -25.66 -11.83
N ARG G 16 28.44 -24.69 -12.29
CA ARG G 16 28.77 -24.55 -13.70
C ARG G 16 30.26 -24.33 -13.85
N THR G 17 30.76 -24.63 -15.04
CA THR G 17 32.18 -24.43 -15.30
C THR G 17 32.53 -22.96 -15.21
N ASP G 18 33.78 -22.70 -14.85
CA ASP G 18 34.36 -21.38 -14.56
C ASP G 18 33.97 -20.91 -13.17
N ASP G 19 33.17 -21.65 -12.43
CA ASP G 19 32.87 -21.31 -11.05
C ASP G 19 34.04 -21.69 -10.15
N GLU G 20 34.01 -21.17 -8.93
CA GLU G 20 35.04 -21.42 -7.94
C GLU G 20 34.44 -22.20 -6.77
N VAL G 21 35.11 -23.28 -6.37
CA VAL G 21 34.60 -24.17 -5.35
C VAL G 21 35.72 -24.55 -4.39
N VAL G 22 35.31 -25.05 -3.23
CA VAL G 22 36.21 -25.68 -2.27
C VAL G 22 35.73 -27.11 -2.06
N LEU G 23 36.65 -28.07 -2.13
CA LEU G 23 36.32 -29.47 -1.87
C LEU G 23 36.34 -29.69 -0.37
N GLN G 24 35.20 -30.05 0.21
CA GLN G 24 35.03 -30.10 1.66
C GLN G 24 34.59 -31.49 2.10
N CYS G 25 35.24 -32.00 3.14
CA CYS G 25 34.85 -33.24 3.79
C CYS G 25 34.69 -33.00 5.28
N SER G 26 34.14 -34.00 5.97
CA SER G 26 33.90 -33.90 7.41
C SER G 26 34.42 -35.16 8.08
N ALA G 27 35.05 -35.00 9.23
CA ALA G 27 35.60 -36.10 10.00
C ALA G 27 35.18 -35.96 11.45
N THR G 28 34.90 -37.08 12.12
CA THR G 28 34.56 -37.08 13.53
C THR G 28 35.83 -37.26 14.34
N VAL G 29 36.20 -36.24 15.10
CA VAL G 29 37.40 -36.25 15.94
C VAL G 29 36.98 -35.89 17.35
N LEU G 30 37.36 -36.73 18.32
CA LEU G 30 37.02 -36.52 19.73
C LEU G 30 35.53 -36.24 19.89
N LYS G 31 34.72 -37.04 19.22
CA LYS G 31 33.27 -36.93 19.29
C LYS G 31 32.81 -35.52 18.90
N GLU G 32 33.41 -35.00 17.84
CA GLU G 32 33.02 -33.68 17.32
C GLU G 32 33.22 -33.67 15.82
N GLN G 33 32.23 -33.17 15.09
CA GLN G 33 32.34 -33.08 13.64
C GLN G 33 33.24 -31.91 13.28
N LEU G 34 34.20 -32.15 12.40
CA LEU G 34 35.18 -31.16 11.99
C LEU G 34 35.22 -31.12 10.46
N LYS G 35 35.06 -29.93 9.89
CA LYS G 35 35.06 -29.74 8.45
C LYS G 35 36.46 -29.38 7.99
N LEU G 36 36.87 -29.96 6.86
CA LEU G 36 38.18 -29.71 6.28
C LEU G 36 38.04 -29.48 4.79
N CYS G 37 38.93 -28.65 4.26
CA CYS G 37 38.96 -28.31 2.85
C CYS G 37 40.27 -28.80 2.24
N LEU G 38 40.18 -29.31 1.01
CA LEU G 38 41.38 -29.69 0.27
C LEU G 38 42.19 -28.45 -0.06
N ALA G 39 43.49 -28.50 0.20
CA ALA G 39 44.36 -27.36 0.00
C ALA G 39 45.70 -27.83 -0.54
N ALA G 40 46.43 -26.90 -1.14
CA ALA G 40 47.76 -27.20 -1.67
C ALA G 40 48.44 -25.88 -2.00
N GLU G 41 49.75 -25.81 -1.71
CA GLU G 41 50.48 -24.59 -2.04
C GLU G 41 50.81 -24.50 -3.52
N GLY G 42 51.17 -25.62 -4.13
CA GLY G 42 51.57 -25.63 -5.53
C GLY G 42 53.05 -25.38 -5.72
N PHE G 43 53.49 -24.14 -5.55
CA PHE G 43 54.91 -23.82 -5.63
C PHE G 43 55.62 -24.31 -4.37
N GLY G 44 56.62 -25.17 -4.56
CA GLY G 44 57.42 -25.68 -3.48
C GLY G 44 56.87 -26.94 -2.84
N ASN G 45 55.60 -27.24 -3.05
CA ASN G 45 54.99 -28.43 -2.46
C ASN G 45 53.74 -28.77 -3.26
N ARG G 46 53.80 -29.84 -4.04
CA ARG G 46 52.67 -30.26 -4.86
C ARG G 46 51.68 -31.12 -4.11
N LEU G 47 52.01 -31.59 -2.91
CA LEU G 47 51.16 -32.51 -2.20
C LEU G 47 49.99 -31.76 -1.54
N CYS G 48 48.81 -32.34 -1.65
CA CYS G 48 47.61 -31.76 -1.05
C CYS G 48 47.55 -32.11 0.42
N PHE G 49 46.88 -31.25 1.18
CA PHE G 49 46.62 -31.48 2.60
C PHE G 49 45.23 -30.97 2.92
N LEU G 50 44.85 -31.07 4.19
CA LEU G 50 43.52 -30.69 4.64
C LEU G 50 43.63 -29.50 5.58
N GLU G 51 42.93 -28.43 5.24
CA GLU G 51 42.88 -27.24 6.08
C GLU G 51 41.56 -27.22 6.83
N PRO G 52 41.56 -27.29 8.16
CA PRO G 52 40.29 -27.25 8.89
C PRO G 52 39.61 -25.91 8.75
N THR G 53 38.27 -25.92 8.82
CA THR G 53 37.48 -24.71 8.66
C THR G 53 36.35 -24.63 9.68
N SER G 54 36.35 -25.49 10.69
CA SER G 54 35.29 -25.49 11.69
C SER G 54 35.52 -24.44 12.78
N ASN G 55 36.77 -24.06 13.01
CA ASN G 55 37.10 -23.08 14.05
C ASN G 55 37.30 -21.69 13.48
N ALA G 56 36.58 -21.34 12.41
CA ALA G 56 36.82 -20.06 11.74
C ALA G 56 36.51 -18.88 12.65
N GLN G 57 35.73 -19.08 13.70
CA GLN G 57 35.43 -17.98 14.60
C GLN G 57 36.66 -17.54 15.38
N ASN G 58 37.52 -18.48 15.75
CA ASN G 58 38.68 -18.19 16.57
C ASN G 58 39.98 -18.13 15.79
N VAL G 59 40.11 -18.92 14.72
CA VAL G 59 41.33 -18.96 13.92
C VAL G 59 40.93 -19.01 12.45
N PRO G 60 41.08 -17.94 11.69
CA PRO G 60 40.66 -17.97 10.29
C PRO G 60 41.41 -19.03 9.51
N PRO G 61 40.76 -19.74 8.60
CA PRO G 61 41.47 -20.71 7.77
C PRO G 61 42.17 -20.03 6.60
N ASP G 62 43.24 -20.67 6.14
CA ASP G 62 44.03 -20.20 5.01
C ASP G 62 43.30 -20.60 3.73
N LEU G 63 42.25 -19.85 3.40
CA LEU G 63 41.35 -20.22 2.30
C LEU G 63 41.90 -19.87 0.93
N ALA G 64 42.94 -19.05 0.84
CA ALA G 64 43.44 -18.64 -0.46
C ALA G 64 43.91 -19.82 -1.29
N ILE G 65 44.38 -20.88 -0.66
CA ILE G 65 44.95 -22.02 -1.37
C ILE G 65 44.00 -23.21 -1.41
N CYS G 66 42.76 -23.03 -0.94
CA CYS G 66 41.75 -24.07 -1.02
C CYS G 66 40.79 -23.88 -2.19
N CYS G 67 40.97 -22.85 -3.00
CA CYS G 67 40.02 -22.51 -4.06
C CYS G 67 40.44 -23.18 -5.36
N PHE G 68 39.48 -23.83 -6.01
CA PHE G 68 39.68 -24.45 -7.31
C PHE G 68 38.63 -23.91 -8.27
N ILE G 69 39.00 -23.86 -9.55
CA ILE G 69 38.12 -23.43 -10.63
C ILE G 69 37.75 -24.64 -11.44
N LEU G 70 36.45 -24.81 -11.71
CA LEU G 70 35.98 -25.86 -12.60
C LEU G 70 36.28 -25.49 -14.05
N GLU G 71 37.43 -25.91 -14.57
CA GLU G 71 37.84 -25.47 -15.89
C GLU G 71 36.99 -26.12 -16.97
N GLN G 72 36.75 -27.42 -16.87
CA GLN G 72 36.03 -28.15 -17.90
C GLN G 72 35.22 -29.27 -17.26
N SER G 73 34.19 -29.72 -17.99
CA SER G 73 33.35 -30.84 -17.57
C SER G 73 32.80 -31.53 -18.82
N LEU G 74 33.45 -32.62 -19.22
CA LEU G 74 33.02 -33.40 -20.36
C LEU G 74 32.39 -34.72 -19.91
N SER G 75 31.72 -35.38 -20.85
CA SER G 75 31.34 -36.76 -20.63
C SER G 75 32.54 -37.66 -20.82
N VAL G 76 32.40 -38.92 -20.40
CA VAL G 76 33.55 -39.83 -20.43
C VAL G 76 34.02 -40.07 -21.85
N ARG G 77 33.07 -40.30 -22.77
CA ARG G 77 33.45 -40.55 -24.16
C ARG G 77 34.05 -39.30 -24.79
N ALA G 78 33.50 -38.12 -24.48
CA ALA G 78 34.07 -36.89 -24.99
C ALA G 78 35.50 -36.72 -24.50
N LEU G 79 35.75 -37.05 -23.22
CA LEU G 79 37.11 -36.97 -22.70
C LEU G 79 38.02 -37.96 -23.41
N GLN G 80 37.53 -39.17 -23.69
CA GLN G 80 38.34 -40.13 -24.44
C GLN G 80 38.73 -39.57 -25.80
N GLU G 81 37.79 -38.97 -26.51
CA GLU G 81 38.13 -38.38 -27.80
C GLU G 81 39.14 -37.25 -27.65
N MET G 82 38.93 -36.40 -26.64
CA MET G 82 39.84 -35.28 -26.45
C MET G 82 41.25 -35.76 -26.18
N LEU G 83 41.39 -36.79 -25.34
CA LEU G 83 42.71 -37.35 -25.07
C LEU G 83 43.29 -38.01 -26.32
N ALA G 84 42.45 -38.65 -27.12
CA ALA G 84 42.93 -39.28 -28.35
C ALA G 84 43.51 -38.23 -29.29
N ASN G 85 42.84 -37.09 -29.42
CA ASN G 85 43.35 -36.01 -30.27
C ASN G 85 44.46 -35.26 -29.55
N HIS G 99 29.72 -21.89 -20.17
CA HIS G 99 29.43 -22.23 -18.79
C HIS G 99 28.52 -23.44 -18.72
N ARG G 100 29.07 -24.62 -18.95
CA ARG G 100 28.28 -25.84 -18.92
C ARG G 100 27.91 -26.19 -17.49
N THR G 101 26.77 -26.85 -17.34
CA THR G 101 26.30 -27.30 -16.04
C THR G 101 26.80 -28.71 -15.78
N LEU G 102 27.41 -28.91 -14.61
CA LEU G 102 27.97 -30.21 -14.28
C LEU G 102 26.88 -31.24 -14.09
N LEU G 103 27.09 -32.43 -14.64
CA LEU G 103 26.17 -33.54 -14.50
C LEU G 103 26.91 -34.73 -13.89
N TYR G 104 26.22 -35.49 -13.05
CA TYR G 104 26.81 -36.67 -12.46
C TYR G 104 27.23 -37.64 -13.54
N GLY G 105 28.40 -38.24 -13.38
CA GLY G 105 28.98 -39.13 -14.36
C GLY G 105 29.96 -38.46 -15.30
N HIS G 106 29.99 -37.13 -15.32
CA HIS G 106 30.94 -36.39 -16.14
C HIS G 106 32.30 -36.32 -15.45
N ALA G 107 33.32 -36.03 -16.23
CA ALA G 107 34.67 -35.84 -15.73
C ALA G 107 35.01 -34.35 -15.71
N ILE G 108 35.53 -33.88 -14.58
CA ILE G 108 35.82 -32.47 -14.40
C ILE G 108 37.32 -32.25 -14.28
N LEU G 109 37.74 -31.05 -14.64
CA LEU G 109 39.11 -30.59 -14.51
C LEU G 109 39.11 -29.44 -13.50
N LEU G 110 39.94 -29.54 -12.47
CA LEU G 110 39.97 -28.55 -11.39
C LEU G 110 41.32 -27.86 -11.39
N ARG G 111 41.32 -26.56 -11.67
CA ARG G 111 42.55 -25.76 -11.69
C ARG G 111 42.72 -25.05 -10.36
N HIS G 112 43.91 -25.16 -9.79
CA HIS G 112 44.20 -24.44 -8.55
C HIS G 112 44.25 -22.95 -8.82
N ALA G 113 43.45 -22.19 -8.07
CA ALA G 113 43.32 -20.76 -8.35
C ALA G 113 44.64 -20.02 -8.20
N HIS G 114 45.39 -20.34 -7.13
CA HIS G 114 46.62 -19.60 -6.87
C HIS G 114 47.72 -19.99 -7.85
N SER G 115 48.09 -21.26 -7.88
CA SER G 115 49.23 -21.69 -8.67
C SER G 115 48.88 -21.97 -10.13
N ARG G 116 47.60 -22.14 -10.43
CA ARG G 116 47.13 -22.44 -11.78
C ARG G 116 47.54 -23.83 -12.23
N MET G 117 47.87 -24.71 -11.29
CA MET G 117 48.08 -26.12 -11.56
C MET G 117 46.75 -26.86 -11.41
N TYR G 118 46.77 -28.16 -11.69
CA TYR G 118 45.56 -28.96 -11.76
C TYR G 118 45.60 -30.08 -10.74
N LEU G 119 44.47 -30.30 -10.07
CA LEU G 119 44.37 -31.39 -9.11
C LEU G 119 44.47 -32.73 -9.82
N SER G 120 45.48 -33.51 -9.47
CA SER G 120 45.78 -34.75 -10.17
C SER G 120 46.04 -35.86 -9.18
N CYS G 121 45.86 -37.09 -9.63
CA CYS G 121 46.21 -38.28 -8.87
C CYS G 121 47.65 -38.65 -9.21
N LEU G 122 48.54 -38.53 -8.22
CA LEU G 122 49.95 -38.76 -8.48
C LEU G 122 50.26 -40.24 -8.50
N THR G 123 51.38 -40.58 -9.14
CA THR G 123 51.83 -41.97 -9.24
C THR G 123 52.77 -42.35 -8.10
N THR G 124 53.01 -41.46 -7.14
CA THR G 124 53.80 -41.76 -5.97
C THR G 124 52.89 -41.99 -4.78
N SER G 125 53.48 -42.52 -3.71
CA SER G 125 52.72 -42.80 -2.49
C SER G 125 53.65 -42.74 -1.30
N ARG G 126 53.33 -41.88 -0.34
CA ARG G 126 54.09 -41.76 0.90
C ARG G 126 53.33 -42.35 2.08
N SER G 127 52.14 -42.89 1.85
CA SER G 127 51.35 -43.45 2.95
C SER G 127 51.97 -44.74 3.45
N MET G 128 51.88 -44.96 4.76
CA MET G 128 52.28 -46.20 5.38
C MET G 128 51.11 -47.08 5.79
N THR G 129 49.95 -46.47 6.06
CA THR G 129 48.79 -47.25 6.48
C THR G 129 48.20 -48.03 5.30
N ASP G 130 48.07 -47.38 4.14
CA ASP G 130 47.47 -47.97 2.96
C ASP G 130 48.55 -48.30 1.94
N LYS G 131 48.60 -49.56 1.53
CA LYS G 131 49.56 -50.00 0.52
C LYS G 131 49.02 -49.89 -0.91
N LEU G 132 47.75 -49.54 -1.07
CA LEU G 132 47.14 -49.43 -2.39
C LEU G 132 46.69 -48.01 -2.69
N ALA G 133 47.21 -47.02 -1.97
CA ALA G 133 46.80 -45.64 -2.12
C ALA G 133 47.86 -44.86 -2.90
N PHE G 134 47.41 -43.81 -3.57
CA PHE G 134 48.28 -42.90 -4.29
C PHE G 134 48.16 -41.51 -3.69
N ASP G 135 49.22 -40.73 -3.86
CA ASP G 135 49.21 -39.34 -3.42
C ASP G 135 48.33 -38.49 -4.34
N VAL G 136 47.67 -37.51 -3.75
CA VAL G 136 46.88 -36.52 -4.49
C VAL G 136 47.59 -35.19 -4.38
N GLY G 137 47.87 -34.58 -5.53
CA GLY G 137 48.59 -33.33 -5.55
C GLY G 137 48.31 -32.56 -6.82
N LEU G 138 49.07 -31.49 -7.00
CA LEU G 138 48.90 -30.60 -8.14
C LEU G 138 49.89 -30.96 -9.24
N GLN G 139 49.46 -30.75 -10.48
CA GLN G 139 50.25 -31.08 -11.65
C GLN G 139 50.28 -29.87 -12.57
N GLU G 140 51.45 -29.59 -13.14
CA GLU G 140 51.65 -28.31 -13.82
C GLU G 140 50.72 -28.16 -15.02
N ASP G 141 50.64 -29.19 -15.87
CA ASP G 141 49.88 -29.12 -17.09
C ASP G 141 48.62 -29.98 -16.98
N ALA G 142 47.69 -29.78 -17.92
CA ALA G 142 46.44 -30.50 -17.95
C ALA G 142 46.46 -31.64 -18.96
N THR G 143 47.65 -32.16 -19.27
CA THR G 143 47.79 -33.24 -20.24
C THR G 143 47.68 -34.59 -19.55
N GLY G 144 47.03 -35.53 -20.22
CA GLY G 144 46.84 -36.86 -19.70
C GLY G 144 45.49 -37.00 -19.01
N GLU G 145 45.32 -38.14 -18.35
CA GLU G 145 44.09 -38.42 -17.62
C GLU G 145 44.27 -38.30 -16.11
N ALA G 146 45.49 -38.00 -15.63
CA ALA G 146 45.71 -37.93 -14.20
C ALA G 146 44.95 -36.77 -13.56
N CYS G 147 44.66 -35.73 -14.33
CA CYS G 147 44.04 -34.52 -13.81
C CYS G 147 42.53 -34.51 -13.96
N TRP G 148 41.92 -35.64 -14.34
CA TRP G 148 40.49 -35.70 -14.59
C TRP G 148 39.82 -36.58 -13.56
N TRP G 149 38.71 -36.09 -13.01
CA TRP G 149 37.97 -36.79 -11.97
C TRP G 149 36.51 -36.89 -12.38
N THR G 150 35.90 -38.03 -12.05
CA THR G 150 34.50 -38.31 -12.36
C THR G 150 33.68 -38.17 -11.10
N MET G 151 32.55 -37.46 -11.21
CA MET G 151 31.66 -37.25 -10.07
C MET G 151 30.56 -38.30 -10.08
N HIS G 152 30.20 -38.77 -8.89
CA HIS G 152 29.16 -39.77 -8.79
C HIS G 152 28.27 -39.46 -7.60
N PRO G 153 26.97 -39.73 -7.69
CA PRO G 153 26.07 -39.43 -6.57
C PRO G 153 26.47 -40.20 -5.33
N ALA G 154 26.30 -39.58 -4.18
CA ALA G 154 26.59 -40.22 -2.91
C ALA G 154 25.41 -41.03 -2.38
N SER G 155 24.20 -40.68 -2.81
CA SER G 155 22.98 -41.33 -2.35
C SER G 155 22.04 -41.57 -3.52
N LYS G 156 21.01 -42.38 -3.28
CA LYS G 156 20.02 -42.65 -4.32
C LYS G 156 19.21 -41.42 -4.67
N GLN G 157 19.28 -40.36 -3.86
CA GLN G 157 18.48 -39.18 -4.13
C GLN G 157 18.84 -38.56 -5.48
N ARG G 158 20.08 -38.74 -5.92
CA ARG G 158 20.53 -38.32 -7.24
C ARG G 158 21.06 -39.53 -8.00
N SER G 159 21.09 -39.39 -9.32
CA SER G 159 21.48 -40.47 -10.22
C SER G 159 22.29 -39.90 -11.37
N GLU G 160 22.94 -40.79 -12.12
CA GLU G 160 23.79 -40.36 -13.21
C GLU G 160 22.97 -39.58 -14.24
N GLY G 161 23.56 -38.52 -14.76
CA GLY G 161 22.89 -37.64 -15.69
C GLY G 161 22.14 -36.49 -15.03
N GLU G 162 21.91 -36.56 -13.72
CA GLU G 162 21.28 -35.45 -13.02
C GLU G 162 22.29 -34.31 -12.84
N LYS G 163 21.77 -33.10 -12.75
CA LYS G 163 22.62 -31.94 -12.51
C LYS G 163 23.17 -31.96 -11.10
N VAL G 164 24.45 -31.63 -10.96
CA VAL G 164 25.05 -31.53 -9.64
C VAL G 164 24.55 -30.25 -8.98
N ARG G 165 24.02 -30.39 -7.76
CA ARG G 165 23.38 -29.30 -7.07
C ARG G 165 24.23 -28.83 -5.90
N VAL G 166 24.32 -27.51 -5.74
CA VAL G 166 25.09 -26.93 -4.64
C VAL G 166 24.73 -27.63 -3.34
N GLY G 167 25.74 -27.96 -2.55
CA GLY G 167 25.51 -28.61 -1.27
C GLY G 167 25.31 -30.11 -1.35
N ASP G 168 25.52 -30.73 -2.51
CA ASP G 168 25.35 -32.16 -2.67
C ASP G 168 26.63 -32.88 -2.29
N ASP G 169 26.48 -34.00 -1.58
CA ASP G 169 27.60 -34.89 -1.31
C ASP G 169 27.84 -35.77 -2.52
N LEU G 170 29.07 -35.77 -3.02
CA LEU G 170 29.42 -36.52 -4.21
C LEU G 170 30.72 -37.27 -3.98
N ILE G 171 30.96 -38.28 -4.80
CA ILE G 171 32.14 -39.11 -4.72
C ILE G 171 32.98 -38.84 -5.96
N LEU G 172 34.26 -38.60 -5.77
CA LEU G 172 35.17 -38.28 -6.87
C LEU G 172 36.08 -39.48 -7.12
N VAL G 173 36.15 -39.91 -8.39
CA VAL G 173 36.94 -41.06 -8.78
C VAL G 173 37.96 -40.62 -9.81
N SER G 174 39.20 -41.07 -9.63
CA SER G 174 40.24 -40.72 -10.58
C SER G 174 40.02 -41.45 -11.90
N VAL G 175 40.16 -40.71 -13.00
CA VAL G 175 40.02 -41.33 -14.31
C VAL G 175 41.21 -42.22 -14.66
N SER G 176 42.40 -41.89 -14.19
CA SER G 176 43.60 -42.64 -14.56
C SER G 176 43.83 -43.85 -13.66
N SER G 177 43.42 -43.79 -12.40
CA SER G 177 43.70 -44.86 -11.46
C SER G 177 42.47 -45.57 -10.94
N GLU G 178 41.27 -45.08 -11.23
CA GLU G 178 40.04 -45.71 -10.75
C GLU G 178 40.00 -45.75 -9.22
N ARG G 179 40.54 -44.71 -8.59
CA ARG G 179 40.60 -44.61 -7.15
C ARG G 179 39.76 -43.43 -6.67
N TYR G 180 39.20 -43.56 -5.48
CA TYR G 180 38.40 -42.50 -4.88
C TYR G 180 39.29 -41.42 -4.28
N LEU G 181 38.77 -40.19 -4.27
CA LEU G 181 39.36 -39.15 -3.43
C LEU G 181 39.01 -39.43 -1.99
N HIS G 182 40.00 -39.77 -1.18
CA HIS G 182 39.79 -40.41 0.10
C HIS G 182 40.39 -39.58 1.22
N LEU G 183 39.66 -39.53 2.34
CA LEU G 183 40.17 -38.96 3.59
C LEU G 183 40.64 -40.11 4.46
N SER G 184 41.92 -40.10 4.81
CA SER G 184 42.53 -41.17 5.57
C SER G 184 42.81 -40.70 6.99
N THR G 185 42.18 -41.35 7.97
CA THR G 185 42.44 -41.09 9.38
C THR G 185 43.20 -42.23 10.04
N ALA G 186 43.70 -43.18 9.27
CA ALA G 186 44.35 -44.35 9.86
C ALA G 186 45.52 -43.93 10.74
N SER G 187 46.38 -43.05 10.23
CA SER G 187 47.46 -42.52 11.05
C SER G 187 46.89 -41.56 12.09
N GLY G 188 47.79 -40.94 12.84
CA GLY G 188 47.36 -40.01 13.88
C GLY G 188 46.64 -38.80 13.33
N GLU G 189 47.02 -38.34 12.15
CA GLU G 189 46.51 -37.11 11.58
C GLU G 189 45.66 -37.39 10.34
N LEU G 190 44.87 -36.38 9.96
CA LEU G 190 43.99 -36.48 8.81
C LEU G 190 44.78 -36.14 7.55
N GLN G 191 44.69 -37.01 6.55
CA GLN G 191 45.39 -36.83 5.28
C GLN G 191 44.46 -37.22 4.14
N VAL G 192 44.80 -36.74 2.95
CA VAL G 192 44.01 -36.96 1.75
C VAL G 192 44.84 -37.74 0.76
N ASP G 193 44.27 -38.81 0.21
CA ASP G 193 44.96 -39.66 -0.75
C ASP G 193 43.91 -40.25 -1.69
N ALA G 194 44.40 -41.01 -2.67
CA ALA G 194 43.55 -41.71 -3.61
C ALA G 194 43.61 -43.19 -3.30
N SER G 195 42.54 -43.73 -2.74
CA SER G 195 42.47 -45.12 -2.33
C SER G 195 41.21 -45.76 -2.90
N PHE G 196 41.01 -47.03 -2.57
CA PHE G 196 39.83 -47.76 -3.02
C PHE G 196 38.66 -47.63 -2.05
N MET G 197 38.86 -46.99 -0.90
CA MET G 197 37.74 -46.62 -0.05
C MET G 197 37.23 -45.24 -0.45
N GLN G 198 35.92 -45.06 -0.32
CA GLN G 198 35.27 -43.85 -0.80
C GLN G 198 35.03 -42.87 0.34
N THR G 199 34.98 -41.58 -0.02
CA THR G 199 34.72 -40.50 0.91
C THR G 199 33.75 -39.53 0.26
N LEU G 200 32.91 -38.90 1.08
CA LEU G 200 31.90 -37.97 0.59
C LEU G 200 32.44 -36.55 0.67
N TRP G 201 32.46 -35.85 -0.46
CA TRP G 201 32.94 -34.48 -0.55
C TRP G 201 31.82 -33.54 -0.93
N ASN G 202 31.94 -32.29 -0.51
CA ASN G 202 31.03 -31.22 -0.88
C ASN G 202 31.80 -30.21 -1.70
N MET G 203 31.25 -29.81 -2.85
CA MET G 203 31.84 -28.75 -3.66
C MET G 203 31.09 -27.46 -3.38
N ASN G 204 31.42 -26.86 -2.25
CA ASN G 204 30.78 -25.61 -1.85
C ASN G 204 31.24 -24.48 -2.79
N PRO G 205 30.32 -23.71 -3.37
CA PRO G 205 30.74 -22.66 -4.29
C PRO G 205 31.34 -21.48 -3.54
N ILE G 206 32.40 -20.90 -4.11
CA ILE G 206 33.00 -19.68 -3.60
C ILE G 206 32.50 -18.47 -4.38
N CYS G 207 32.52 -18.55 -5.70
CA CYS G 207 32.03 -17.47 -6.54
C CYS G 207 31.59 -18.06 -7.87
N SER G 208 30.62 -17.41 -8.50
CA SER G 208 30.08 -17.89 -9.76
C SER G 208 30.38 -16.92 -10.90
N GLY G 209 30.00 -15.67 -10.74
CA GLY G 209 30.22 -14.65 -11.75
C GLY G 209 30.00 -13.28 -11.15
N CYS G 210 30.96 -12.38 -11.38
CA CYS G 210 30.99 -11.08 -10.73
C CYS G 210 30.64 -9.98 -11.72
N GLU G 211 29.73 -9.11 -11.33
CA GLU G 211 29.42 -7.93 -12.12
C GLU G 211 30.68 -7.10 -12.32
N GLU G 212 30.88 -6.61 -13.54
CA GLU G 212 32.12 -5.94 -13.88
C GLU G 212 32.33 -4.71 -13.01
N GLY G 213 33.53 -4.59 -12.45
CA GLY G 213 33.92 -3.42 -11.70
C GLY G 213 33.49 -3.40 -10.25
N PHE G 214 32.99 -4.51 -9.71
CA PHE G 214 32.49 -4.57 -8.35
C PHE G 214 33.40 -5.44 -7.49
N VAL G 215 33.52 -5.08 -6.23
CA VAL G 215 34.40 -5.79 -5.31
C VAL G 215 33.69 -7.05 -4.79
N THR G 216 34.44 -8.13 -4.69
CA THR G 216 33.96 -9.37 -4.12
C THR G 216 34.91 -9.83 -3.03
N GLY G 217 34.39 -10.64 -2.11
CA GLY G 217 35.23 -11.19 -1.06
C GLY G 217 36.29 -12.11 -1.61
N GLY G 218 37.33 -12.30 -0.80
CA GLY G 218 38.44 -13.14 -1.21
C GLY G 218 39.36 -12.52 -2.23
N HIS G 219 39.25 -11.22 -2.47
CA HIS G 219 40.07 -10.54 -3.46
C HIS G 219 41.26 -9.86 -2.80
N VAL G 220 42.35 -9.79 -3.53
CA VAL G 220 43.55 -9.07 -3.10
C VAL G 220 43.53 -7.70 -3.74
N LEU G 221 43.76 -6.66 -2.94
CA LEU G 221 43.58 -5.30 -3.39
C LEU G 221 44.40 -4.36 -2.53
N ARG G 222 44.45 -3.10 -2.95
CA ARG G 222 45.08 -2.04 -2.19
C ARG G 222 44.01 -1.09 -1.67
N LEU G 223 44.23 -0.58 -0.47
CA LEU G 223 43.30 0.35 0.16
C LEU G 223 43.94 1.74 0.14
N PHE G 224 43.48 2.57 -0.80
CA PHE G 224 44.04 3.90 -0.98
C PHE G 224 43.28 4.92 -0.18
N HIS G 225 44.01 5.87 0.40
CA HIS G 225 43.39 6.95 1.17
C HIS G 225 42.67 7.89 0.22
N GLY G 226 41.35 7.77 0.15
CA GLY G 226 40.58 8.52 -0.82
C GLY G 226 41.14 8.33 -2.21
N HIS G 227 41.58 9.41 -2.84
CA HIS G 227 42.26 9.37 -4.13
C HIS G 227 43.57 10.12 -4.04
N MET G 228 44.26 10.01 -2.91
CA MET G 228 45.42 10.83 -2.61
C MET G 228 46.74 10.13 -2.90
N ASP G 229 46.69 8.98 -3.58
CA ASP G 229 47.90 8.21 -3.86
C ASP G 229 48.63 7.84 -2.57
N GLU G 230 47.86 7.37 -1.59
CA GLU G 230 48.39 6.92 -0.32
C GLU G 230 47.64 5.66 0.09
N CYS G 231 48.38 4.59 0.34
CA CYS G 231 47.78 3.28 0.60
C CYS G 231 48.06 2.85 2.03
N LEU G 232 47.18 1.99 2.53
CA LEU G 232 47.39 1.33 3.80
C LEU G 232 48.44 0.23 3.65
N THR G 233 49.39 0.17 4.57
CA THR G 233 50.50 -0.76 4.46
C THR G 233 51.08 -1.03 5.84
N ILE G 234 52.04 -1.93 5.89
CA ILE G 234 52.82 -2.15 7.10
C ILE G 234 54.26 -1.73 6.81
N SER G 235 55.11 -1.78 7.83
CA SER G 235 56.46 -1.28 7.67
C SER G 235 57.28 -2.19 6.77
N PRO G 236 58.39 -1.69 6.22
CA PRO G 236 59.20 -2.51 5.33
C PRO G 236 59.84 -3.66 6.08
N SER G 237 60.20 -4.70 5.33
CA SER G 237 60.87 -5.85 5.91
C SER G 237 62.13 -5.41 6.63
N ASP G 238 62.43 -6.05 7.75
CA ASP G 238 63.56 -5.69 8.60
C ASP G 238 63.37 -4.28 9.18
N SER G 239 62.26 -4.10 9.89
CA SER G 239 61.95 -2.86 10.59
C SER G 239 61.92 -3.13 12.10
N ASP G 240 62.05 -2.06 12.87
CA ASP G 240 62.11 -2.19 14.32
C ASP G 240 60.75 -2.46 14.95
N ASP G 241 59.66 -2.19 14.24
CA ASP G 241 58.33 -2.38 14.80
C ASP G 241 57.82 -3.80 14.61
N GLN G 242 58.64 -4.71 14.08
CA GLN G 242 58.28 -6.11 13.88
C GLN G 242 57.17 -6.27 12.84
N ARG G 243 56.97 -5.26 12.00
CA ARG G 243 55.94 -5.31 10.98
C ARG G 243 54.56 -5.54 11.59
N ARG G 244 54.33 -4.92 12.76
CA ARG G 244 53.06 -5.06 13.47
C ARG G 244 52.18 -3.83 13.38
N LEU G 245 52.70 -2.69 12.95
CA LEU G 245 51.96 -1.45 12.92
C LEU G 245 51.47 -1.16 11.50
N VAL G 246 50.43 -0.36 11.40
CA VAL G 246 49.80 -0.04 10.13
C VAL G 246 49.98 1.44 9.86
N TYR G 247 50.26 1.79 8.60
CA TYR G 247 50.52 3.15 8.22
C TYR G 247 49.77 3.49 6.94
N TYR G 248 49.50 4.77 6.78
CA TYR G 248 49.16 5.36 5.49
C TYR G 248 50.47 5.86 4.91
N GLU G 249 50.87 5.32 3.78
CA GLU G 249 52.13 5.65 3.16
C GLU G 249 51.95 5.84 1.66
N GLY G 250 52.76 6.72 1.09
CA GLY G 250 52.67 7.03 -0.33
C GLY G 250 54.03 6.92 -0.99
N GLY G 251 53.99 6.92 -2.33
CA GLY G 251 55.20 6.85 -3.12
C GLY G 251 55.36 5.50 -3.78
N PRO G 252 56.58 4.99 -3.85
CA PRO G 252 56.79 3.69 -4.52
C PRO G 252 56.08 2.54 -3.84
N VAL G 253 55.71 2.67 -2.56
CA VAL G 253 55.07 1.55 -1.87
C VAL G 253 53.78 1.15 -2.54
N CYS G 254 53.13 2.08 -3.24
CA CYS G 254 51.88 1.79 -3.92
C CYS G 254 52.04 0.75 -5.03
N THR G 255 53.25 0.31 -5.33
CA THR G 255 53.47 -0.76 -6.30
C THR G 255 54.17 -1.96 -5.69
N HIS G 256 54.44 -1.95 -4.38
CA HIS G 256 55.09 -3.06 -3.72
C HIS G 256 54.05 -4.03 -3.14
N ALA G 257 54.54 -5.15 -2.65
CA ALA G 257 53.68 -6.21 -2.14
C ALA G 257 53.27 -6.03 -0.69
N ARG G 258 53.86 -5.08 0.04
CA ARG G 258 53.50 -4.86 1.43
C ARG G 258 52.24 -4.04 1.59
N SER G 259 51.65 -3.55 0.49
CA SER G 259 50.41 -2.81 0.54
C SER G 259 49.22 -3.61 0.01
N LEU G 260 49.34 -4.92 -0.07
CA LEU G 260 48.30 -5.78 -0.61
C LEU G 260 47.56 -6.47 0.53
N TRP G 261 46.23 -6.43 0.48
CA TRP G 261 45.39 -7.03 1.51
C TRP G 261 44.32 -7.88 0.85
N ARG G 262 43.99 -8.99 1.51
CA ARG G 262 42.95 -9.90 1.05
C ARG G 262 41.72 -9.70 1.92
N LEU G 263 40.57 -9.53 1.28
CA LEU G 263 39.31 -9.35 2.01
C LEU G 263 38.67 -10.71 2.21
N GLU G 264 38.39 -11.07 3.47
CA GLU G 264 37.90 -12.41 3.81
C GLU G 264 36.60 -12.32 4.57
N PRO G 265 35.45 -12.53 3.93
CA PRO G 265 34.19 -12.53 4.67
C PRO G 265 34.15 -13.67 5.68
N LEU G 266 33.35 -13.46 6.74
CA LEU G 266 33.26 -14.44 7.81
C LEU G 266 32.39 -15.62 7.41
N ARG G 267 32.73 -16.29 6.33
CA ARG G 267 31.99 -17.45 5.87
C ARG G 267 32.84 -18.18 4.85
N ILE G 268 32.58 -19.47 4.68
CA ILE G 268 33.27 -20.24 3.66
C ILE G 268 32.45 -20.28 2.38
N SER G 269 31.18 -20.62 2.49
CA SER G 269 30.33 -20.68 1.31
C SER G 269 30.04 -19.28 0.81
N TRP G 270 30.19 -19.08 -0.50
CA TRP G 270 29.90 -17.81 -1.14
C TRP G 270 30.75 -16.69 -0.55
N SER G 271 31.94 -17.04 -0.09
CA SER G 271 32.88 -16.03 0.38
C SER G 271 33.41 -15.16 -0.75
N GLY G 272 33.17 -15.55 -2.00
CA GLY G 272 33.57 -14.75 -3.13
C GLY G 272 32.42 -13.98 -3.74
N SER G 273 31.33 -13.85 -2.99
CA SER G 273 30.19 -13.09 -3.46
C SER G 273 30.49 -11.60 -3.40
N HIS G 274 29.59 -10.81 -3.98
CA HIS G 274 29.76 -9.36 -3.96
C HIS G 274 29.83 -8.86 -2.53
N LEU G 275 30.75 -7.93 -2.29
CA LEU G 275 30.86 -7.31 -1.00
C LEU G 275 29.73 -6.32 -0.78
N ARG G 276 29.22 -6.25 0.44
CA ARG G 276 28.08 -5.43 0.77
C ARG G 276 28.42 -4.47 1.90
N TRP G 277 27.76 -3.32 1.90
CA TRP G 277 27.94 -2.36 2.99
C TRP G 277 27.50 -2.98 4.31
N GLY G 278 28.36 -2.86 5.32
CA GLY G 278 28.05 -3.35 6.64
C GLY G 278 28.31 -4.84 6.83
N GLN G 279 28.72 -5.54 5.79
CA GLN G 279 29.00 -6.97 5.93
C GLN G 279 30.31 -7.17 6.67
N PRO G 280 30.33 -7.90 7.77
CA PRO G 280 31.59 -8.08 8.51
C PRO G 280 32.59 -8.91 7.71
N LEU G 281 33.87 -8.62 7.93
CA LEU G 281 34.92 -9.33 7.22
C LEU G 281 36.25 -9.12 7.94
N ARG G 282 37.21 -9.98 7.63
CA ARG G 282 38.57 -9.86 8.07
C ARG G 282 39.42 -9.29 6.94
N ILE G 283 40.54 -8.67 7.30
CA ILE G 283 41.46 -8.10 6.33
C ILE G 283 42.84 -8.69 6.60
N ARG G 284 43.35 -9.47 5.65
CA ARG G 284 44.57 -10.23 5.83
C ARG G 284 45.70 -9.56 5.06
N HIS G 285 46.85 -9.41 5.69
CA HIS G 285 48.04 -8.95 4.99
C HIS G 285 48.67 -10.12 4.26
N VAL G 286 48.81 -10.01 2.94
CA VAL G 286 49.13 -11.17 2.12
C VAL G 286 50.55 -11.67 2.40
N THR G 287 51.53 -10.76 2.37
CA THR G 287 52.92 -11.22 2.43
C THR G 287 53.32 -11.70 3.81
N THR G 288 52.62 -11.30 4.87
CA THR G 288 52.92 -11.78 6.20
C THR G 288 51.85 -12.71 6.75
N GLY G 289 50.68 -12.77 6.12
CA GLY G 289 49.64 -13.66 6.59
C GLY G 289 49.02 -13.25 7.90
N ARG G 290 49.17 -11.99 8.29
CA ARG G 290 48.61 -11.49 9.54
C ARG G 290 47.33 -10.72 9.28
N TYR G 291 46.54 -10.53 10.33
CA TYR G 291 45.21 -9.97 10.22
C TYR G 291 45.12 -8.65 10.95
N LEU G 292 44.56 -7.65 10.27
CA LEU G 292 44.26 -6.38 10.91
C LEU G 292 43.32 -6.60 12.08
N GLY G 293 43.63 -6.00 13.22
CA GLY G 293 42.82 -6.23 14.41
C GLY G 293 43.08 -5.19 15.47
N LEU G 294 42.19 -5.15 16.45
CA LEU G 294 42.29 -4.22 17.57
C LEU G 294 42.70 -4.99 18.81
N THR G 295 43.82 -4.61 19.40
CA THR G 295 44.29 -5.21 20.65
C THR G 295 44.07 -4.23 21.79
N GLU G 296 43.73 -4.76 22.96
CA GLU G 296 43.39 -3.91 24.09
C GLU G 296 44.58 -3.10 24.58
N ASP G 297 45.80 -3.50 24.25
CA ASP G 297 47.00 -2.80 24.69
C ASP G 297 47.63 -1.95 23.60
N GLN G 298 47.82 -2.51 22.40
CA GLN G 298 48.54 -1.84 21.33
C GLN G 298 47.64 -1.10 20.37
N GLY G 299 46.32 -1.16 20.55
CA GLY G 299 45.43 -0.51 19.59
C GLY G 299 45.39 -1.29 18.28
N LEU G 300 45.46 -0.56 17.18
CA LEU G 300 45.37 -1.17 15.86
C LEU G 300 46.71 -1.78 15.47
N VAL G 301 46.71 -3.08 15.20
CA VAL G 301 47.91 -3.81 14.81
C VAL G 301 47.52 -4.89 13.81
N VAL G 302 48.50 -5.66 13.35
CA VAL G 302 48.23 -6.89 12.59
C VAL G 302 48.62 -8.05 13.49
N VAL G 303 47.66 -8.92 13.77
CA VAL G 303 47.86 -10.01 14.71
C VAL G 303 48.05 -11.31 13.94
N ASP G 304 48.54 -12.32 14.64
CA ASP G 304 48.69 -13.63 14.05
C ASP G 304 47.32 -14.31 13.89
N ALA G 305 47.27 -15.26 12.96
CA ALA G 305 46.03 -15.98 12.72
C ALA G 305 45.58 -16.73 13.98
N SER G 306 46.52 -17.20 14.79
CA SER G 306 46.14 -17.90 16.02
C SER G 306 45.40 -16.99 16.98
N LYS G 307 45.67 -15.70 16.94
CA LYS G 307 45.06 -14.73 17.84
C LYS G 307 43.97 -13.92 17.17
N ALA G 308 43.72 -14.16 15.88
CA ALA G 308 42.78 -13.35 15.12
C ALA G 308 41.35 -13.89 15.26
N HIS G 309 40.75 -13.70 16.44
CA HIS G 309 39.36 -14.05 16.60
C HIS G 309 38.46 -12.93 16.06
N THR G 310 37.18 -13.25 15.87
CA THR G 310 36.29 -12.33 15.18
C THR G 310 36.17 -11.01 15.92
N LYS G 311 36.05 -11.07 17.25
CA LYS G 311 35.87 -9.84 18.01
C LYS G 311 37.03 -8.89 17.76
N ALA G 312 38.25 -9.40 17.72
CA ALA G 312 39.42 -8.56 17.51
C ALA G 312 39.57 -8.09 16.08
N THR G 313 39.22 -8.93 15.10
CA THR G 313 39.63 -8.71 13.72
C THR G 313 38.48 -8.56 12.74
N SER G 314 37.26 -8.36 13.20
CA SER G 314 36.11 -8.22 12.31
C SER G 314 35.86 -6.75 12.02
N PHE G 315 35.91 -6.39 10.73
CA PHE G 315 35.70 -5.02 10.26
C PHE G 315 34.55 -5.01 9.27
N CYS G 316 34.12 -3.81 8.90
CA CYS G 316 33.07 -3.65 7.90
C CYS G 316 33.30 -2.36 7.13
N PHE G 317 32.68 -2.28 5.96
CA PHE G 317 32.71 -1.11 5.10
C PHE G 317 31.37 -0.40 5.20
N ARG G 318 31.42 0.93 5.38
CA ARG G 318 30.24 1.74 5.59
C ARG G 318 30.24 2.88 4.57
N ILE G 319 29.06 3.16 4.01
CA ILE G 319 28.96 4.24 3.04
C ILE G 319 29.12 5.60 3.72
N SER G 320 28.66 5.73 4.96
CA SER G 320 28.75 6.98 5.68
C SER G 320 28.92 6.67 7.16
N LYS G 321 29.37 7.68 7.91
CA LYS G 321 29.66 7.54 9.32
C LYS G 321 28.42 7.67 10.20
N GLU G 322 27.23 7.69 9.60
CA GLU G 322 26.02 7.85 10.38
C GLU G 322 25.77 6.62 11.25
N LYS G 323 25.18 6.84 12.42
CA LYS G 323 24.87 5.75 13.34
C LYS G 323 23.52 5.13 12.96
N LEU G 324 23.54 4.44 11.82
CA LEU G 324 22.38 3.72 11.31
C LEU G 324 22.73 2.28 10.98
N ASP G 325 23.77 1.75 11.63
CA ASP G 325 24.15 0.35 11.47
C ASP G 325 23.21 -0.59 12.22
N VAL G 326 22.25 -0.06 12.96
CA VAL G 326 21.32 -0.88 13.75
C VAL G 326 20.63 -1.88 12.83
N ALA G 327 20.14 -1.42 11.69
CA ALA G 327 19.44 -2.28 10.76
C ALA G 327 20.34 -3.44 10.34
N PRO G 328 20.06 -4.66 10.77
CA PRO G 328 20.91 -5.80 10.39
C PRO G 328 20.49 -6.40 9.05
N LYS G 329 21.36 -7.27 8.54
CA LYS G 329 21.11 -7.95 7.27
C LYS G 329 21.45 -9.43 7.42
N ARG G 330 20.78 -10.25 6.61
CA ARG G 330 21.01 -11.68 6.59
C ARG G 330 21.88 -12.05 5.40
N ASP G 331 22.55 -13.19 5.51
CA ASP G 331 23.37 -13.68 4.43
C ASP G 331 22.51 -14.16 3.27
N VAL G 332 23.14 -14.32 2.11
CA VAL G 332 22.46 -14.72 0.89
C VAL G 332 23.22 -15.88 0.26
N GLU G 333 22.48 -16.85 -0.28
CA GLU G 333 23.07 -18.00 -0.95
C GLU G 333 23.21 -17.67 -2.43
N GLY G 334 24.24 -16.91 -2.75
CA GLY G 334 24.48 -16.52 -4.12
C GLY G 334 25.42 -15.34 -4.17
N MET G 335 25.73 -14.91 -5.39
CA MET G 335 26.65 -13.81 -5.58
C MET G 335 26.12 -12.50 -5.00
N GLY G 336 24.82 -12.41 -4.73
CA GLY G 336 24.26 -11.25 -4.09
C GLY G 336 24.19 -10.06 -5.02
N PRO G 337 23.76 -8.91 -4.48
CA PRO G 337 23.66 -7.71 -5.29
C PRO G 337 24.96 -6.91 -5.26
N PRO G 338 25.40 -6.38 -6.40
CA PRO G 338 26.63 -5.58 -6.38
C PRO G 338 26.41 -4.25 -5.68
N GLU G 339 27.27 -3.95 -4.71
CA GLU G 339 27.14 -2.71 -3.96
C GLU G 339 28.39 -1.83 -4.06
N ILE G 340 29.56 -2.40 -3.86
CA ILE G 340 30.80 -1.63 -3.79
C ILE G 340 31.58 -1.78 -5.08
N LYS G 341 32.11 -0.67 -5.57
CA LYS G 341 32.82 -0.62 -6.85
C LYS G 341 34.29 -0.27 -6.62
N TYR G 342 35.14 -0.74 -7.52
CA TYR G 342 36.55 -0.42 -7.48
C TYR G 342 36.77 1.03 -7.90
N GLY G 343 37.56 1.76 -7.12
CA GLY G 343 37.91 3.12 -7.47
C GLY G 343 36.82 4.11 -7.16
N GLU G 344 35.60 3.86 -7.63
CA GLU G 344 34.53 4.83 -7.47
C GLU G 344 34.07 4.92 -6.02
N SER G 345 33.54 3.83 -5.47
CA SER G 345 32.98 3.87 -4.14
C SER G 345 34.03 4.30 -3.12
N LEU G 346 33.62 5.17 -2.21
CA LEU G 346 34.46 5.59 -1.10
C LEU G 346 33.88 5.00 0.18
N CYS G 347 34.67 4.21 0.89
CA CYS G 347 34.19 3.39 1.99
C CYS G 347 34.93 3.76 3.27
N PHE G 348 34.18 3.88 4.37
CA PHE G 348 34.75 4.04 5.70
C PHE G 348 34.89 2.66 6.32
N VAL G 349 36.02 2.41 6.97
CA VAL G 349 36.25 1.13 7.63
C VAL G 349 35.91 1.28 9.10
N GLN G 350 35.10 0.37 9.62
CA GLN G 350 34.67 0.41 11.01
C GLN G 350 34.97 -0.92 11.66
N HIS G 351 35.53 -0.88 12.87
CA HIS G 351 35.68 -2.08 13.67
C HIS G 351 34.32 -2.45 14.24
N VAL G 352 33.85 -3.67 13.94
CA VAL G 352 32.48 -4.04 14.25
C VAL G 352 32.26 -4.06 15.75
N ALA G 353 33.13 -4.76 16.49
CA ALA G 353 32.89 -4.98 17.91
C ALA G 353 32.85 -3.68 18.69
N SER G 354 33.81 -2.79 18.42
CA SER G 354 33.93 -1.56 19.18
C SER G 354 33.24 -0.38 18.53
N GLY G 355 32.95 -0.45 17.23
CA GLY G 355 32.35 0.66 16.52
C GLY G 355 33.32 1.75 16.14
N LEU G 356 34.61 1.61 16.42
CA LEU G 356 35.58 2.64 16.12
C LEU G 356 35.79 2.74 14.61
N TRP G 357 36.36 3.86 14.18
CA TRP G 357 36.59 4.15 12.78
C TRP G 357 38.09 4.12 12.48
N LEU G 358 38.45 3.53 11.35
CA LEU G 358 39.83 3.50 10.92
C LEU G 358 40.23 4.87 10.40
N THR G 359 41.20 5.49 11.04
CA THR G 359 41.64 6.83 10.68
C THR G 359 43.16 6.89 10.81
N TYR G 360 43.71 8.10 10.74
CA TYR G 360 45.15 8.30 10.89
C TYR G 360 45.43 9.04 12.18
N ALA G 361 46.47 8.61 12.87
CA ALA G 361 46.89 9.29 14.08
C ALA G 361 47.35 10.71 13.76
N ALA G 362 47.11 11.62 14.69
CA ALA G 362 47.54 13.00 14.52
C ALA G 362 49.03 13.04 14.23
N PRO G 363 49.46 13.62 13.11
CA PRO G 363 50.86 13.45 12.68
C PRO G 363 51.83 13.88 13.76
N ASP G 364 52.60 12.94 14.28
CA ASP G 364 53.49 13.24 15.39
C ASP G 364 54.54 14.26 14.95
N PRO G 365 54.95 15.16 15.83
CA PRO G 365 55.92 16.20 15.45
C PRO G 365 57.32 15.63 15.29
N LYS G 366 58.16 16.43 14.62
CA LYS G 366 59.57 16.11 14.36
C LYS G 366 59.72 15.04 13.29
N ALA G 367 58.64 14.32 12.96
CA ALA G 367 58.74 13.31 11.93
C ALA G 367 58.63 13.94 10.56
N LEU G 368 57.70 14.88 10.40
CA LEU G 368 57.66 15.69 9.19
C LEU G 368 58.93 16.51 9.06
N ARG G 369 59.49 16.95 10.19
CA ARG G 369 60.74 17.72 10.15
C ARG G 369 61.89 16.87 9.61
N LEU G 370 62.02 15.63 10.09
CA LEU G 370 63.03 14.75 9.52
C LEU G 370 62.74 14.46 8.05
N GLY G 371 61.47 14.26 7.70
CA GLY G 371 61.10 13.98 6.33
C GLY G 371 60.13 12.82 6.20
N VAL G 372 59.76 12.22 7.33
CA VAL G 372 58.85 11.08 7.33
C VAL G 372 57.50 11.54 6.80
N LEU G 373 56.94 10.76 5.87
CA LEU G 373 55.67 11.09 5.22
C LEU G 373 54.68 9.94 5.33
N LYS G 374 54.82 9.11 6.36
CA LYS G 374 53.89 8.04 6.64
C LYS G 374 53.17 8.34 7.96
N LYS G 375 51.86 8.16 7.97
CA LYS G 375 51.04 8.48 9.13
C LYS G 375 50.55 7.18 9.77
N LYS G 376 50.86 6.98 11.04
CA LYS G 376 50.38 5.79 11.72
C LYS G 376 48.86 5.78 11.71
N ALA G 377 48.28 4.63 11.39
CA ALA G 377 46.85 4.45 11.38
C ALA G 377 46.37 3.99 12.75
N MET G 378 45.21 4.50 13.15
CA MET G 378 44.65 4.21 14.45
C MET G 378 43.15 3.99 14.31
N LEU G 379 42.55 3.45 15.35
CA LEU G 379 41.10 3.33 15.46
C LEU G 379 40.62 4.37 16.46
N HIS G 380 39.73 5.24 16.03
CA HIS G 380 39.29 6.37 16.83
C HIS G 380 37.77 6.39 16.94
N GLN G 381 37.28 7.13 17.93
CA GLN G 381 35.85 7.18 18.18
C GLN G 381 35.13 8.04 17.15
N GLU G 382 35.78 9.09 16.64
CA GLU G 382 35.19 9.97 15.64
C GLU G 382 35.94 9.95 14.32
N GLY G 383 37.26 10.17 14.35
CA GLY G 383 38.02 10.20 13.12
C GLY G 383 37.98 11.56 12.45
N HIS G 384 38.23 11.56 11.14
CA HIS G 384 38.26 12.77 10.33
C HIS G 384 37.37 12.60 9.12
N MET G 385 37.04 13.71 8.48
CA MET G 385 36.12 13.67 7.35
C MET G 385 36.72 12.95 6.15
N ASP G 386 38.05 12.89 6.06
CA ASP G 386 38.72 12.27 4.92
C ASP G 386 39.17 10.85 5.23
N ASP G 387 38.41 10.11 6.03
CA ASP G 387 38.74 8.76 6.40
C ASP G 387 38.37 7.73 5.34
N ALA G 388 37.60 8.12 4.33
CA ALA G 388 37.13 7.16 3.34
C ALA G 388 38.31 6.60 2.56
N LEU G 389 38.24 5.30 2.26
CA LEU G 389 39.26 4.60 1.50
C LEU G 389 38.68 4.16 0.16
N SER G 390 39.52 4.14 -0.85
CA SER G 390 39.15 3.64 -2.17
C SER G 390 39.83 2.30 -2.40
N LEU G 391 39.05 1.31 -2.83
CA LEU G 391 39.56 -0.03 -3.06
C LEU G 391 40.05 -0.13 -4.49
N THR G 392 41.32 -0.49 -4.67
CA THR G 392 41.94 -0.58 -5.98
C THR G 392 42.35 -2.01 -6.27
N ARG G 393 42.05 -2.47 -7.48
CA ARG G 393 42.39 -3.82 -7.90
C ARG G 393 43.89 -3.95 -8.17
N CYS G 394 44.41 -5.14 -7.91
CA CYS G 394 45.80 -5.47 -8.21
C CYS G 394 45.85 -6.57 -9.26
N GLN G 395 46.94 -6.61 -10.00
CA GLN G 395 47.09 -7.60 -11.06
C GLN G 395 47.27 -9.00 -10.49
N GLN G 396 46.80 -9.99 -11.26
CA GLN G 396 46.95 -11.38 -10.85
C GLN G 396 48.40 -11.73 -10.61
N GLU G 397 49.30 -11.20 -11.44
CA GLU G 397 50.72 -11.44 -11.23
C GLU G 397 51.18 -10.91 -9.89
N GLU G 398 50.73 -9.71 -9.51
CA GLU G 398 51.11 -9.15 -8.22
C GLU G 398 50.58 -10.00 -7.07
N SER G 399 49.32 -10.42 -7.13
CA SER G 399 48.76 -11.19 -6.03
C SER G 399 49.45 -12.55 -5.91
N GLN G 400 49.71 -13.21 -7.05
CA GLN G 400 50.42 -14.47 -7.02
C GLN G 400 51.81 -14.30 -6.43
N ALA G 401 52.51 -13.23 -6.83
CA ALA G 401 53.84 -12.99 -6.29
C ALA G 401 53.79 -12.76 -4.78
N ALA G 402 52.77 -12.05 -4.30
CA ALA G 402 52.67 -11.81 -2.86
C ALA G 402 52.49 -13.12 -2.10
N ARG G 403 51.58 -13.98 -2.57
CA ARG G 403 51.38 -15.26 -1.89
C ARG G 403 52.64 -16.12 -1.96
N MET G 404 53.33 -16.11 -3.11
CA MET G 404 54.58 -16.86 -3.21
C MET G 404 55.61 -16.35 -2.24
N ILE G 405 55.71 -15.03 -2.08
CA ILE G 405 56.64 -14.45 -1.12
C ILE G 405 56.32 -14.94 0.28
N TYR G 406 55.04 -14.94 0.64
CA TYR G 406 54.66 -15.39 1.98
C TYR G 406 55.11 -16.83 2.21
N SER G 407 54.74 -17.74 1.31
CA SER G 407 55.08 -19.14 1.54
C SER G 407 56.59 -19.38 1.49
N THR G 408 57.28 -18.75 0.53
CA THR G 408 58.72 -18.95 0.40
C THR G 408 59.47 -18.41 1.61
N ALA G 409 59.05 -17.25 2.11
CA ALA G 409 59.68 -16.71 3.31
C ALA G 409 59.50 -17.67 4.48
N GLY G 410 58.30 -18.21 4.65
CA GLY G 410 58.10 -19.19 5.70
C GLY G 410 59.03 -20.37 5.58
N LEU G 411 59.11 -20.93 4.37
CA LEU G 411 59.93 -22.13 4.17
C LEU G 411 61.40 -21.86 4.42
N TYR G 412 61.92 -20.76 3.87
CA TYR G 412 63.35 -20.50 4.01
C TYR G 412 63.71 -20.10 5.44
N ASN G 413 62.81 -19.41 6.13
CA ASN G 413 63.06 -19.14 7.54
C ASN G 413 63.11 -20.43 8.35
N GLN G 414 62.21 -21.36 8.04
CA GLN G 414 62.27 -22.66 8.71
C GLN G 414 63.59 -23.36 8.42
N PHE G 415 64.06 -23.29 7.18
CA PHE G 415 65.34 -23.88 6.81
C PHE G 415 66.49 -23.26 7.60
N ILE G 416 66.50 -21.94 7.70
CA ILE G 416 67.58 -21.25 8.42
C ILE G 416 67.55 -21.62 9.90
N LYS G 417 66.35 -21.70 10.49
CA LYS G 417 66.26 -22.13 11.88
C LYS G 417 66.77 -23.55 12.04
N GLY G 418 66.45 -24.43 11.11
CA GLY G 418 66.98 -25.79 11.17
C GLY G 418 68.49 -25.80 11.16
N LEU G 419 69.10 -25.01 10.28
CA LEU G 419 70.56 -24.96 10.24
C LEU G 419 71.14 -24.42 11.55
N ASP G 420 70.56 -23.33 12.07
CA ASP G 420 71.04 -22.80 13.33
C ASP G 420 70.85 -23.78 14.48
N SER G 421 69.92 -24.73 14.35
CA SER G 421 69.69 -25.67 15.43
C SER G 421 70.96 -26.48 15.73
N PHE G 422 71.67 -26.93 14.70
CA PHE G 422 72.91 -27.66 14.87
C PHE G 422 74.12 -26.86 14.40
N SER G 423 73.99 -25.54 14.34
CA SER G 423 75.08 -24.67 13.92
C SER G 423 76.44 -25.17 14.42
N GLY G 424 76.55 -25.43 15.73
CA GLY G 424 77.84 -25.79 16.30
C GLY G 424 77.82 -27.03 17.18
N LYS G 425 77.05 -28.05 16.81
CA LYS G 425 76.86 -29.25 17.62
C LYS G 425 77.22 -30.47 16.80
N PRO G 426 78.47 -30.92 16.83
CA PRO G 426 78.84 -32.13 16.08
C PRO G 426 78.05 -33.34 16.57
N ARG G 427 77.68 -34.19 15.64
CA ARG G 427 76.89 -35.38 15.95
C ARG G 427 77.74 -36.58 16.31
N GLY G 428 79.06 -36.51 16.12
CA GLY G 428 79.89 -37.67 16.34
C GLY G 428 79.47 -38.81 15.43
N SER G 429 78.86 -39.85 16.01
CA SER G 429 78.32 -40.96 15.25
C SER G 429 76.82 -41.14 15.46
N GLY G 430 76.20 -40.28 16.27
CA GLY G 430 74.80 -40.44 16.61
C GLY G 430 73.88 -39.65 15.69
N PRO G 431 72.68 -39.34 16.17
CA PRO G 431 71.71 -38.62 15.35
C PRO G 431 72.17 -37.19 15.10
N PRO G 432 71.68 -36.56 14.02
CA PRO G 432 72.16 -35.22 13.67
C PRO G 432 72.14 -34.21 14.80
N ALA G 433 71.35 -34.48 15.84
CA ALA G 433 71.30 -33.61 17.03
C ALA G 433 70.76 -32.24 16.66
N GLY G 434 69.56 -32.23 16.09
CA GLY G 434 68.89 -31.00 15.76
C GLY G 434 67.50 -31.27 15.25
N SER G 435 66.90 -30.23 14.68
CA SER G 435 65.59 -30.37 14.04
C SER G 435 65.76 -30.80 12.58
N ALA G 436 64.76 -31.53 12.08
CA ALA G 436 64.82 -32.02 10.71
C ALA G 436 64.77 -30.86 9.73
N LEU G 437 65.42 -31.06 8.59
CA LEU G 437 65.50 -30.01 7.58
C LEU G 437 64.50 -30.25 6.46
N PRO G 438 63.81 -29.23 5.97
CA PRO G 438 62.91 -29.41 4.82
C PRO G 438 63.66 -29.46 3.50
N ILE G 439 64.48 -30.50 3.32
CA ILE G 439 65.35 -30.59 2.15
C ILE G 439 64.52 -30.67 0.87
N GLU G 440 63.51 -31.54 0.87
CA GLU G 440 62.72 -31.74 -0.34
C GLU G 440 61.95 -30.48 -0.70
N GLY G 441 61.33 -29.86 0.29
CA GLY G 441 60.61 -28.62 0.04
C GLY G 441 61.52 -27.53 -0.46
N VAL G 442 62.70 -27.39 0.13
CA VAL G 442 63.62 -26.35 -0.29
C VAL G 442 64.06 -26.59 -1.72
N ILE G 443 64.39 -27.82 -2.08
CA ILE G 443 64.85 -28.11 -3.43
C ILE G 443 63.74 -27.81 -4.43
N LEU G 444 62.52 -28.29 -4.15
CA LEU G 444 61.42 -28.06 -5.08
C LEU G 444 61.13 -26.58 -5.21
N SER G 445 61.14 -25.84 -4.10
CA SER G 445 60.86 -24.43 -4.15
C SER G 445 61.91 -23.67 -4.95
N LEU G 446 63.18 -24.03 -4.77
CA LEU G 446 64.23 -23.36 -5.53
C LEU G 446 64.09 -23.64 -7.02
N GLN G 447 63.78 -24.88 -7.39
CA GLN G 447 63.58 -25.17 -8.81
C GLN G 447 62.39 -24.38 -9.35
N ASP G 448 61.29 -24.34 -8.60
CA ASP G 448 60.11 -23.61 -9.04
C ASP G 448 60.42 -22.14 -9.23
N LEU G 449 61.16 -21.53 -8.30
CA LEU G 449 61.46 -20.11 -8.41
C LEU G 449 62.44 -19.82 -9.54
N ILE G 450 63.39 -20.73 -9.79
CA ILE G 450 64.26 -20.53 -10.95
C ILE G 450 63.44 -20.53 -12.23
N GLY G 451 62.52 -21.49 -12.36
CA GLY G 451 61.64 -21.47 -13.52
C GLY G 451 60.78 -20.22 -13.58
N TYR G 452 60.34 -19.76 -12.41
CA TYR G 452 59.51 -18.55 -12.33
C TYR G 452 60.27 -17.33 -12.85
N PHE G 453 61.55 -17.21 -12.49
CA PHE G 453 62.36 -16.07 -12.87
C PHE G 453 63.14 -16.31 -14.16
N GLU G 454 62.86 -17.40 -14.87
CA GLU G 454 63.55 -17.66 -16.13
C GLU G 454 63.41 -16.48 -17.08
N PRO G 455 64.49 -16.01 -17.69
CA PRO G 455 64.37 -14.91 -18.65
C PRO G 455 63.67 -15.37 -19.91
N PRO G 456 63.03 -14.45 -20.64
CA PRO G 456 62.24 -14.86 -21.81
C PRO G 456 63.12 -15.41 -22.92
N SER G 457 62.53 -16.29 -23.72
CA SER G 457 63.25 -16.92 -24.81
C SER G 457 63.65 -15.89 -25.87
N GLU G 458 64.86 -16.06 -26.41
CA GLU G 458 65.36 -15.10 -27.38
C GLU G 458 64.57 -15.13 -28.69
N GLU G 459 64.04 -16.29 -29.05
CA GLU G 459 63.31 -16.44 -30.31
C GLU G 459 61.83 -16.12 -30.11
N LEU G 460 61.56 -14.87 -29.77
CA LEU G 460 60.21 -14.37 -29.56
C LEU G 460 60.04 -13.05 -30.31
N GLN G 461 58.80 -12.77 -30.68
CA GLN G 461 58.48 -11.49 -31.29
C GLN G 461 58.81 -10.37 -30.32
N HIS G 462 59.31 -9.26 -30.85
CA HIS G 462 59.80 -8.17 -30.02
C HIS G 462 58.77 -7.74 -28.97
N GLU G 463 57.51 -7.60 -29.38
CA GLU G 463 56.49 -7.13 -28.45
C GLU G 463 56.31 -8.09 -27.29
N GLU G 464 56.19 -9.38 -27.59
CA GLU G 464 56.01 -10.37 -26.53
C GLU G 464 57.23 -10.41 -25.62
N LYS G 465 58.42 -10.33 -26.20
CA LYS G 465 59.62 -10.34 -25.38
C LYS G 465 59.65 -9.13 -24.45
N GLN G 466 59.26 -7.96 -24.96
CA GLN G 466 59.26 -6.77 -24.11
C GLN G 466 58.26 -6.89 -22.98
N THR G 467 57.06 -7.40 -23.27
CA THR G 467 56.08 -7.57 -22.20
C THR G 467 56.57 -8.55 -21.15
N LYS G 468 57.18 -9.66 -21.58
CA LYS G 468 57.70 -10.62 -20.62
C LYS G 468 58.84 -10.03 -19.81
N LEU G 469 59.68 -9.20 -20.44
CA LEU G 469 60.76 -8.56 -19.71
C LEU G 469 60.22 -7.59 -18.67
N ARG G 470 59.18 -6.84 -19.02
CA ARG G 470 58.57 -5.95 -18.04
C ARG G 470 58.02 -6.73 -16.85
N SER G 471 57.32 -7.83 -17.12
CA SER G 471 56.79 -8.64 -16.04
C SER G 471 57.90 -9.21 -15.18
N LEU G 472 58.98 -9.68 -15.81
CA LEU G 472 60.09 -10.26 -15.06
C LEU G 472 60.74 -9.21 -14.16
N ARG G 473 60.96 -8.01 -14.69
CA ARG G 473 61.54 -6.95 -13.87
C ARG G 473 60.64 -6.62 -12.69
N ASN G 474 59.34 -6.54 -12.92
CA ASN G 474 58.43 -6.23 -11.83
C ASN G 474 58.46 -7.31 -10.76
N ARG G 475 58.50 -8.58 -11.16
CA ARG G 475 58.53 -9.66 -10.19
C ARG G 475 59.83 -9.65 -9.39
N GLN G 476 60.96 -9.41 -10.07
CA GLN G 476 62.23 -9.32 -9.35
C GLN G 476 62.19 -8.19 -8.34
N SER G 477 61.63 -7.04 -8.72
CA SER G 477 61.54 -5.93 -7.79
C SER G 477 60.64 -6.27 -6.60
N LEU G 478 59.51 -6.95 -6.86
CA LEU G 478 58.62 -7.31 -5.75
C LEU G 478 59.33 -8.21 -4.75
N PHE G 479 60.02 -9.25 -5.25
CA PHE G 479 60.72 -10.15 -4.34
C PHE G 479 61.81 -9.42 -3.58
N GLN G 480 62.60 -8.59 -4.26
CA GLN G 480 63.68 -7.89 -3.56
C GLN G 480 63.12 -6.95 -2.49
N GLU G 481 62.05 -6.22 -2.82
CA GLU G 481 61.47 -5.30 -1.86
C GLU G 481 60.93 -6.04 -0.64
N GLU G 482 60.32 -7.20 -0.84
CA GLU G 482 59.88 -7.99 0.30
C GLU G 482 61.05 -8.69 1.00
N GLY G 483 62.25 -8.64 0.44
CA GLY G 483 63.42 -9.07 1.17
C GLY G 483 63.81 -10.51 0.94
N MET G 484 63.45 -11.08 -0.20
CA MET G 484 63.83 -12.46 -0.49
C MET G 484 65.31 -12.58 -0.84
N LEU G 485 65.91 -11.51 -1.37
CA LEU G 485 67.33 -11.54 -1.66
C LEU G 485 68.15 -11.75 -0.40
N SER G 486 67.81 -11.02 0.67
CA SER G 486 68.53 -11.19 1.93
C SER G 486 68.34 -12.59 2.47
N LEU G 487 67.15 -13.16 2.30
CA LEU G 487 66.90 -14.51 2.77
C LEU G 487 67.76 -15.53 2.02
N VAL G 488 67.86 -15.38 0.70
CA VAL G 488 68.70 -16.28 -0.07
C VAL G 488 70.16 -16.14 0.35
N LEU G 489 70.60 -14.90 0.56
CA LEU G 489 71.98 -14.69 1.00
C LEU G 489 72.22 -15.31 2.36
N ASN G 490 71.24 -15.23 3.27
CA ASN G 490 71.40 -15.84 4.58
C ASN G 490 71.50 -17.35 4.47
N CYS G 491 70.66 -17.96 3.64
CA CYS G 491 70.76 -19.40 3.43
C CYS G 491 72.14 -19.76 2.89
N ILE G 492 72.63 -18.97 1.93
CA ILE G 492 73.94 -19.24 1.35
C ILE G 492 75.02 -19.13 2.42
N ASP G 493 74.92 -18.15 3.31
CA ASP G 493 75.90 -18.02 4.39
C ASP G 493 75.91 -19.25 5.28
N ARG G 494 74.73 -19.66 5.74
CA ARG G 494 74.67 -20.80 6.66
C ARG G 494 75.24 -22.04 6.00
N LEU G 495 74.92 -22.26 4.72
CA LEU G 495 75.44 -23.45 4.05
C LEU G 495 76.91 -23.31 3.69
N ASN G 496 77.40 -22.09 3.50
CA ASN G 496 78.81 -21.86 3.18
C ASN G 496 79.71 -22.10 4.37
N VAL G 497 79.20 -21.91 5.59
CA VAL G 497 80.01 -22.22 6.77
C VAL G 497 80.72 -23.56 6.61
N TYR G 498 80.07 -24.51 5.93
CA TYR G 498 80.66 -25.82 5.70
C TYR G 498 81.41 -25.85 4.37
N THR G 499 82.53 -26.56 4.34
CA THR G 499 83.42 -26.55 3.18
C THR G 499 83.14 -27.68 2.21
N THR G 500 82.43 -28.72 2.62
CA THR G 500 82.14 -29.84 1.73
C THR G 500 80.98 -30.63 2.29
N ALA G 501 80.49 -31.58 1.49
CA ALA G 501 79.34 -32.37 1.88
C ALA G 501 79.64 -33.21 3.11
N ALA G 502 80.86 -33.76 3.21
CA ALA G 502 81.20 -34.55 4.39
C ALA G 502 81.29 -33.69 5.63
N HIS G 503 81.87 -32.49 5.51
CA HIS G 503 81.91 -31.57 6.65
C HIS G 503 80.50 -31.21 7.07
N PHE G 504 79.59 -31.03 6.11
CA PHE G 504 78.20 -30.79 6.45
C PHE G 504 77.58 -31.99 7.15
N ALA G 505 77.86 -33.19 6.65
CA ALA G 505 77.31 -34.41 7.23
C ALA G 505 77.76 -34.59 8.66
N GLU G 506 78.94 -34.12 9.02
CA GLU G 506 79.38 -34.22 10.40
C GLU G 506 78.45 -33.49 11.37
N PHE G 507 77.63 -32.56 10.89
CA PHE G 507 76.70 -31.82 11.73
C PHE G 507 75.25 -32.09 11.42
N ALA G 508 74.91 -32.45 10.18
CA ALA G 508 73.52 -32.64 9.78
C ALA G 508 73.16 -34.09 9.48
N GLY G 509 74.13 -34.96 9.28
CA GLY G 509 73.85 -36.33 8.95
C GLY G 509 74.02 -36.60 7.47
N GLU G 510 74.25 -37.87 7.13
CA GLU G 510 74.53 -38.23 5.75
C GLU G 510 73.34 -38.00 4.85
N GLU G 511 72.14 -38.28 5.34
CA GLU G 511 70.94 -38.09 4.52
C GLU G 511 70.79 -36.64 4.10
N ALA G 512 70.92 -35.72 5.06
CA ALA G 512 70.87 -34.30 4.72
C ALA G 512 72.02 -33.92 3.82
N ALA G 513 73.22 -34.43 4.10
CA ALA G 513 74.39 -34.04 3.34
C ALA G 513 74.31 -34.51 1.89
N GLU G 514 73.47 -35.50 1.60
CA GLU G 514 73.33 -35.96 0.23
C GLU G 514 72.76 -34.90 -0.69
N SER G 515 72.19 -33.82 -0.15
CA SER G 515 71.61 -32.76 -0.95
C SER G 515 72.32 -31.41 -0.80
N TRP G 516 73.43 -31.36 -0.05
CA TRP G 516 74.09 -30.10 0.22
C TRP G 516 74.54 -29.42 -1.07
N LYS G 517 75.25 -30.16 -1.93
CA LYS G 517 75.76 -29.58 -3.16
C LYS G 517 74.62 -29.09 -4.04
N GLU G 518 73.58 -29.89 -4.19
CA GLU G 518 72.45 -29.50 -5.02
C GLU G 518 71.80 -28.23 -4.49
N ILE G 519 71.60 -28.15 -3.17
CA ILE G 519 70.94 -26.98 -2.60
C ILE G 519 71.82 -25.74 -2.80
N VAL G 520 73.13 -25.87 -2.63
CA VAL G 520 74.01 -24.72 -2.80
C VAL G 520 73.95 -24.23 -4.24
N ASN G 521 74.04 -25.15 -5.20
CA ASN G 521 73.98 -24.76 -6.60
C ASN G 521 72.65 -24.12 -6.96
N LEU G 522 71.55 -24.68 -6.45
CA LEU G 522 70.23 -24.11 -6.72
C LEU G 522 70.10 -22.71 -6.11
N LEU G 523 70.65 -22.50 -4.91
CA LEU G 523 70.60 -21.18 -4.31
C LEU G 523 71.36 -20.17 -5.15
N TYR G 524 72.54 -20.54 -5.66
CA TYR G 524 73.27 -19.60 -6.51
C TYR G 524 72.54 -19.33 -7.81
N GLU G 525 71.93 -20.36 -8.40
CA GLU G 525 71.15 -20.14 -9.61
C GLU G 525 69.97 -19.22 -9.35
N LEU G 526 69.30 -19.37 -8.21
CA LEU G 526 68.20 -18.48 -7.87
C LEU G 526 68.69 -17.06 -7.68
N LEU G 527 69.84 -16.88 -7.04
CA LEU G 527 70.38 -15.53 -6.87
C LEU G 527 70.65 -14.88 -8.22
N ALA G 528 71.26 -15.63 -9.14
CA ALA G 528 71.51 -15.09 -10.46
C ALA G 528 70.21 -14.76 -11.18
N SER G 529 69.20 -15.62 -11.07
CA SER G 529 67.92 -15.34 -11.71
C SER G 529 67.26 -14.11 -11.10
N LEU G 530 67.43 -13.90 -9.79
CA LEU G 530 66.83 -12.79 -9.09
C LEU G 530 67.45 -11.45 -9.45
N ILE G 531 68.75 -11.41 -9.72
CA ILE G 531 69.40 -10.14 -10.02
C ILE G 531 69.63 -9.91 -11.51
N ARG G 532 69.54 -10.93 -12.36
CA ARG G 532 69.93 -10.78 -13.75
C ARG G 532 69.13 -9.68 -14.43
N GLY G 533 69.83 -8.76 -15.10
CA GLY G 533 69.20 -7.71 -15.85
C GLY G 533 68.55 -6.62 -15.02
N ASN G 534 68.71 -6.65 -13.71
CA ASN G 534 68.04 -5.72 -12.81
C ASN G 534 69.10 -4.81 -12.18
N ARG G 535 69.14 -3.56 -12.63
CA ARG G 535 70.15 -2.64 -12.13
C ARG G 535 69.99 -2.41 -10.63
N THR G 536 68.76 -2.26 -10.16
CA THR G 536 68.52 -2.00 -8.74
C THR G 536 69.02 -3.15 -7.89
N ASN G 537 68.65 -4.38 -8.25
CA ASN G 537 69.09 -5.53 -7.47
C ASN G 537 70.60 -5.70 -7.54
N CYS G 538 71.18 -5.52 -8.72
CA CYS G 538 72.62 -5.70 -8.87
C CYS G 538 73.39 -4.67 -8.06
N ALA G 539 72.90 -3.43 -7.98
CA ALA G 539 73.63 -2.40 -7.27
C ALA G 539 73.73 -2.69 -5.77
N LEU G 540 72.90 -3.60 -5.25
CA LEU G 540 72.94 -3.91 -3.82
C LEU G 540 74.26 -4.54 -3.41
N PHE G 541 75.01 -5.09 -4.36
CA PHE G 541 76.27 -5.76 -4.05
C PHE G 541 77.44 -4.80 -3.90
N SER G 542 77.24 -3.51 -4.22
CA SER G 542 78.34 -2.56 -4.09
C SER G 542 78.82 -2.45 -2.64
N THR G 543 77.96 -2.81 -1.69
CA THR G 543 78.33 -2.75 -0.28
C THR G 543 79.02 -4.01 0.20
N ASN G 544 78.68 -5.17 -0.36
CA ASN G 544 79.18 -6.45 0.10
C ASN G 544 79.77 -7.24 -1.08
N LEU G 545 80.58 -6.56 -1.89
CA LEU G 545 81.27 -7.24 -2.97
C LEU G 545 82.24 -8.29 -2.46
N ASP G 546 82.92 -8.04 -1.35
CA ASP G 546 83.83 -9.05 -0.79
C ASP G 546 83.09 -10.35 -0.52
N TRP G 547 81.84 -10.24 -0.06
CA TRP G 547 81.04 -11.44 0.18
C TRP G 547 81.00 -12.34 -1.05
N LEU G 548 80.92 -11.74 -2.22
CA LEU G 548 80.79 -12.52 -3.46
C LEU G 548 82.15 -12.94 -3.99
N VAL G 549 83.11 -12.01 -4.02
CA VAL G 549 84.42 -12.32 -4.60
C VAL G 549 85.15 -13.37 -3.77
N SER G 550 84.98 -13.34 -2.44
CA SER G 550 85.68 -14.30 -1.60
C SER G 550 85.21 -15.73 -1.80
N LYS G 551 84.10 -15.94 -2.51
CA LYS G 551 83.55 -17.26 -2.74
C LYS G 551 83.90 -17.83 -4.12
N LEU G 552 84.66 -17.11 -4.93
CA LEU G 552 84.88 -17.55 -6.30
C LEU G 552 85.64 -18.87 -6.36
N ASP G 553 86.48 -19.16 -5.37
CA ASP G 553 87.30 -20.36 -5.39
C ASP G 553 86.64 -21.55 -4.73
N ARG G 554 85.42 -21.40 -4.20
CA ARG G 554 84.68 -22.55 -3.71
C ARG G 554 84.41 -23.51 -4.87
N LEU G 555 84.67 -24.79 -4.64
CA LEU G 555 84.65 -25.75 -5.73
C LEU G 555 83.29 -26.38 -5.97
N GLU G 556 82.34 -26.21 -5.05
CA GLU G 556 81.05 -26.88 -5.23
C GLU G 556 80.16 -26.17 -6.26
N ALA G 557 80.24 -24.85 -6.32
CA ALA G 557 79.36 -24.06 -7.19
C ALA G 557 80.13 -22.96 -7.89
N SER G 558 81.30 -23.30 -8.43
CA SER G 558 82.15 -22.27 -9.03
C SER G 558 81.45 -21.59 -10.20
N SER G 559 80.83 -22.38 -11.09
CA SER G 559 80.19 -21.80 -12.25
C SER G 559 79.02 -20.90 -11.86
N GLY G 560 78.23 -21.31 -10.87
CA GLY G 560 77.12 -20.48 -10.43
C GLY G 560 77.59 -19.18 -9.80
N ILE G 561 78.63 -19.25 -8.96
CA ILE G 561 79.14 -18.04 -8.34
C ILE G 561 79.69 -17.09 -9.41
N LEU G 562 80.38 -17.63 -10.40
CA LEU G 562 80.88 -16.81 -11.49
C LEU G 562 79.73 -16.18 -12.27
N GLU G 563 78.64 -16.93 -12.48
CA GLU G 563 77.48 -16.37 -13.18
C GLU G 563 76.88 -15.22 -12.40
N VAL G 564 76.79 -15.35 -11.08
CA VAL G 564 76.26 -14.27 -10.26
C VAL G 564 77.14 -13.02 -10.39
N LEU G 565 78.46 -13.22 -10.30
CA LEU G 565 79.37 -12.08 -10.43
C LEU G 565 79.25 -11.44 -11.80
N TYR G 566 79.10 -12.27 -12.84
CA TYR G 566 78.95 -11.75 -14.19
C TYR G 566 77.73 -10.88 -14.31
N CYS G 567 76.60 -11.34 -13.77
CA CYS G 567 75.38 -10.53 -13.83
C CYS G 567 75.57 -9.21 -13.10
N VAL G 568 76.14 -9.25 -11.90
CA VAL G 568 76.33 -8.04 -11.13
C VAL G 568 77.18 -7.03 -11.91
N LEU G 569 78.31 -7.49 -12.44
CA LEU G 569 79.20 -6.58 -13.15
C LEU G 569 78.61 -6.10 -14.47
N ILE G 570 77.81 -6.92 -15.13
CA ILE G 570 77.20 -6.50 -16.37
C ILE G 570 76.20 -5.38 -16.12
N GLU G 571 75.49 -5.42 -15.00
CA GLU G 571 74.42 -4.45 -14.81
C GLU G 571 74.77 -3.23 -13.96
N SER G 572 75.71 -3.33 -13.03
CA SER G 572 75.89 -2.26 -12.04
C SER G 572 77.19 -1.50 -12.24
N PRO G 573 77.16 -0.25 -12.69
CA PRO G 573 78.39 0.58 -12.64
C PRO G 573 78.86 0.89 -11.23
N GLU G 574 77.96 0.87 -10.25
CA GLU G 574 78.36 1.19 -8.88
C GLU G 574 79.37 0.18 -8.35
N VAL G 575 79.17 -1.10 -8.65
CA VAL G 575 80.15 -2.12 -8.27
C VAL G 575 81.46 -1.88 -9.00
N LEU G 576 81.38 -1.56 -10.29
CA LEU G 576 82.59 -1.27 -11.06
C LEU G 576 83.39 -0.15 -10.42
N ASN G 577 82.73 0.81 -9.82
CA ASN G 577 83.43 1.95 -9.23
C ASN G 577 83.98 1.67 -7.84
N ILE G 578 83.77 0.48 -7.29
CA ILE G 578 84.36 0.11 -6.02
C ILE G 578 85.23 -1.13 -6.13
N ILE G 579 85.31 -1.75 -7.31
CA ILE G 579 86.24 -2.85 -7.50
C ILE G 579 87.65 -2.42 -7.08
N GLN G 580 88.43 -3.37 -6.57
CA GLN G 580 89.77 -3.11 -6.06
C GLN G 580 90.77 -4.15 -6.60
N GLU G 581 92.05 -3.90 -6.27
CA GLU G 581 93.12 -4.74 -6.77
C GLU G 581 93.00 -6.16 -6.25
N ASN G 582 92.62 -6.34 -4.99
CA ASN G 582 92.48 -7.70 -4.46
C ASN G 582 91.36 -8.44 -5.16
N HIS G 583 90.27 -7.75 -5.49
CA HIS G 583 89.19 -8.38 -6.24
C HIS G 583 89.68 -8.82 -7.62
N ILE G 584 90.39 -7.94 -8.31
CA ILE G 584 90.89 -8.29 -9.63
C ILE G 584 91.86 -9.46 -9.54
N LYS G 585 92.69 -9.47 -8.50
CA LYS G 585 93.65 -10.55 -8.33
C LYS G 585 92.95 -11.88 -8.07
N SER G 586 91.86 -11.86 -7.29
CA SER G 586 91.09 -13.08 -7.09
C SER G 586 90.49 -13.56 -8.41
N ILE G 587 89.97 -12.64 -9.22
CA ILE G 587 89.39 -13.05 -10.49
C ILE G 587 90.44 -13.64 -11.41
N ILE G 588 91.66 -13.11 -11.38
CA ILE G 588 92.74 -13.67 -12.20
C ILE G 588 93.17 -15.03 -11.66
N SER G 589 93.23 -15.16 -10.33
CA SER G 589 93.55 -16.45 -9.75
C SER G 589 92.52 -17.49 -10.13
N LEU G 590 91.29 -17.06 -10.43
CA LEU G 590 90.31 -17.99 -10.99
C LEU G 590 90.82 -18.61 -12.29
N LEU G 591 91.34 -17.78 -13.20
CA LEU G 591 91.95 -18.32 -14.41
C LEU G 591 93.09 -19.25 -14.07
N ASP G 592 93.92 -18.85 -13.11
CA ASP G 592 95.09 -19.65 -12.79
C ASP G 592 94.72 -21.03 -12.27
N LYS G 593 93.70 -21.12 -11.43
CA LYS G 593 93.40 -22.34 -10.69
C LYS G 593 92.31 -23.19 -11.32
N HIS G 594 91.44 -22.64 -12.17
CA HIS G 594 90.37 -23.40 -12.76
C HIS G 594 90.54 -23.68 -14.24
N GLY G 595 91.51 -23.05 -14.89
CA GLY G 595 91.78 -23.29 -16.29
C GLY G 595 91.31 -22.15 -17.17
N ARG G 596 91.49 -22.34 -18.47
CA ARG G 596 91.20 -21.32 -19.47
C ARG G 596 89.71 -21.34 -19.77
N ASN G 597 88.96 -20.50 -19.08
CA ASN G 597 87.52 -20.36 -19.25
C ASN G 597 87.21 -18.98 -19.77
N HIS G 598 86.57 -18.90 -20.94
CA HIS G 598 86.30 -17.61 -21.56
C HIS G 598 85.32 -16.77 -20.76
N LYS G 599 84.51 -17.39 -19.90
CA LYS G 599 83.61 -16.62 -19.06
C LYS G 599 84.38 -15.75 -18.08
N VAL G 600 85.56 -16.20 -17.66
CA VAL G 600 86.37 -15.40 -16.77
C VAL G 600 86.88 -14.16 -17.48
N LEU G 601 87.25 -14.28 -18.75
CA LEU G 601 87.65 -13.10 -19.52
C LEU G 601 86.48 -12.16 -19.74
N ASP G 602 85.31 -12.73 -20.01
CA ASP G 602 84.10 -11.92 -20.12
C ASP G 602 83.86 -11.13 -18.86
N VAL G 603 84.03 -11.77 -17.70
CA VAL G 603 83.94 -11.05 -16.43
C VAL G 603 85.02 -9.99 -16.35
N LEU G 604 86.24 -10.34 -16.79
CA LEU G 604 87.38 -9.45 -16.57
C LEU G 604 87.18 -8.11 -17.25
N CYS G 605 86.64 -8.10 -18.47
CA CYS G 605 86.26 -6.83 -19.07
C CYS G 605 84.77 -6.64 -19.22
N SER G 606 83.98 -7.17 -18.30
CA SER G 606 82.84 -6.43 -17.81
C SER G 606 83.25 -5.35 -16.82
N LEU G 607 84.46 -5.47 -16.26
CA LEU G 607 85.04 -4.45 -15.40
C LEU G 607 85.66 -3.31 -16.17
N CYS G 608 86.04 -3.54 -17.42
CA CYS G 608 86.79 -2.55 -18.18
C CYS G 608 85.88 -1.42 -18.66
N VAL G 609 84.65 -1.73 -19.07
CA VAL G 609 83.72 -0.73 -19.58
C VAL G 609 82.30 -1.13 -19.20
N CYS G 610 81.46 -0.14 -18.92
CA CYS G 610 80.05 -0.39 -18.60
C CYS G 610 79.22 0.78 -19.12
N ASN G 611 78.25 0.48 -19.98
CA ASN G 611 77.35 1.49 -20.54
C ASN G 611 78.12 2.57 -21.28
N GLY G 612 79.19 2.18 -21.97
CA GLY G 612 79.97 3.11 -22.74
C GLY G 612 80.86 4.03 -21.94
N VAL G 613 81.14 3.70 -20.68
CA VAL G 613 82.04 4.46 -19.83
C VAL G 613 83.11 3.52 -19.30
N ALA G 614 84.36 3.94 -19.38
CA ALA G 614 85.49 3.12 -19.00
C ALA G 614 86.00 3.48 -17.62
N VAL G 615 86.52 2.48 -16.90
CA VAL G 615 87.10 2.68 -15.58
C VAL G 615 88.60 2.47 -15.74
N ARG G 616 89.35 3.58 -15.76
CA ARG G 616 90.77 3.51 -16.02
C ARG G 616 91.50 2.72 -14.95
N SER G 617 91.07 2.84 -13.69
CA SER G 617 91.73 2.10 -12.63
C SER G 617 91.60 0.59 -12.85
N ASN G 618 90.40 0.13 -13.21
CA ASN G 618 90.21 -1.29 -13.46
C ASN G 618 91.02 -1.74 -14.67
N GLN G 619 91.02 -0.94 -15.74
CA GLN G 619 91.81 -1.29 -16.91
C GLN G 619 93.28 -1.44 -16.55
N ASP G 620 93.82 -0.47 -15.82
CA ASP G 620 95.22 -0.49 -15.44
C ASP G 620 95.54 -1.69 -14.56
N LEU G 621 94.67 -1.99 -13.59
CA LEU G 621 94.92 -3.10 -12.70
C LEU G 621 94.92 -4.43 -13.46
N ILE G 622 93.95 -4.62 -14.36
CA ILE G 622 93.95 -5.84 -15.15
C ILE G 622 95.21 -5.94 -15.98
N THR G 623 95.60 -4.84 -16.64
CA THR G 623 96.79 -4.88 -17.48
C THR G 623 98.04 -5.20 -16.66
N GLU G 624 98.17 -4.61 -15.48
CA GLU G 624 99.36 -4.80 -14.67
C GLU G 624 99.42 -6.17 -14.02
N ASN G 625 98.28 -6.79 -13.75
CA ASN G 625 98.27 -8.06 -13.03
C ASN G 625 98.10 -9.28 -13.93
N LEU G 626 97.70 -9.11 -15.18
CA LEU G 626 97.45 -10.25 -16.04
C LEU G 626 98.45 -10.38 -17.18
N LEU G 627 98.86 -9.29 -17.81
CA LEU G 627 99.65 -9.37 -19.03
C LEU G 627 101.12 -9.69 -18.79
N PRO G 628 101.82 -8.95 -17.93
CA PRO G 628 103.30 -9.05 -17.94
C PRO G 628 103.84 -10.44 -17.66
N GLY G 629 103.12 -11.24 -16.87
CA GLY G 629 103.59 -12.59 -16.59
C GLY G 629 103.72 -13.44 -17.83
N ARG G 630 102.81 -13.27 -18.79
CA ARG G 630 102.83 -14.02 -20.04
C ARG G 630 102.77 -15.52 -19.79
N GLU G 631 102.01 -15.92 -18.78
CA GLU G 631 101.88 -17.32 -18.41
C GLU G 631 100.46 -17.85 -18.45
N LEU G 632 99.45 -17.00 -18.53
CA LEU G 632 98.06 -17.43 -18.49
C LEU G 632 97.38 -17.32 -19.86
N LEU G 633 97.52 -16.18 -20.51
CA LEU G 633 96.98 -16.01 -21.86
C LEU G 633 97.90 -16.69 -22.87
N LEU G 634 97.31 -17.10 -23.99
CA LEU G 634 98.09 -17.69 -25.06
C LEU G 634 98.88 -16.61 -25.79
N GLN G 635 100.14 -16.88 -26.07
CA GLN G 635 101.05 -15.91 -26.65
C GLN G 635 101.20 -16.16 -28.15
N THR G 636 101.47 -15.09 -28.89
CA THR G 636 101.61 -15.17 -30.33
C THR G 636 102.85 -14.42 -30.78
N ASN G 637 103.39 -14.82 -31.93
CA ASN G 637 104.58 -14.21 -32.49
C ASN G 637 104.79 -14.75 -33.89
N LEU G 638 105.51 -13.99 -34.71
CA LEU G 638 105.89 -14.44 -36.05
C LEU G 638 107.26 -15.09 -35.97
N ILE G 639 107.36 -16.31 -36.51
CA ILE G 639 108.58 -17.09 -36.42
C ILE G 639 108.95 -17.61 -37.80
N ASN G 640 110.23 -17.90 -37.97
CA ASN G 640 110.74 -18.43 -39.24
C ASN G 640 110.50 -19.93 -39.33
N TYR G 641 110.19 -20.39 -40.53
CA TYR G 641 110.22 -21.83 -40.79
C TYR G 641 111.67 -22.30 -40.84
N VAL G 642 111.93 -23.47 -40.26
CA VAL G 642 113.25 -24.06 -40.21
C VAL G 642 113.16 -25.48 -40.76
N THR G 643 114.18 -25.88 -41.52
CA THR G 643 114.25 -27.21 -42.07
C THR G 643 115.66 -27.76 -41.91
N SER G 644 115.78 -29.08 -42.05
CA SER G 644 117.04 -29.79 -41.84
C SER G 644 117.39 -30.58 -43.08
N ILE G 645 118.68 -30.72 -43.33
CA ILE G 645 119.19 -31.50 -44.45
C ILE G 645 120.35 -32.35 -43.96
N ARG G 646 120.42 -33.58 -44.47
CA ARG G 646 121.46 -34.53 -44.09
C ARG G 646 121.95 -35.27 -45.33
N PRO G 647 123.20 -35.73 -45.31
CA PRO G 647 123.58 -36.78 -46.25
C PRO G 647 123.18 -38.15 -45.73
N ASN G 648 122.99 -39.09 -46.66
CA ASN G 648 122.56 -40.41 -46.24
C ASN G 648 123.74 -41.18 -45.66
N ILE G 649 124.24 -40.71 -44.53
CA ILE G 649 125.36 -41.32 -43.82
C ILE G 649 124.89 -41.64 -42.41
N PHE G 650 124.99 -42.91 -42.02
CA PHE G 650 124.47 -43.38 -40.75
C PHE G 650 125.52 -44.23 -40.06
N VAL G 651 125.91 -43.85 -38.85
CA VAL G 651 126.95 -44.52 -38.10
C VAL G 651 126.48 -44.68 -36.67
N GLY G 652 126.80 -45.83 -36.08
CA GLY G 652 126.41 -46.12 -34.71
C GLY G 652 127.39 -47.08 -34.08
N ARG G 653 127.04 -47.55 -32.89
CA ARG G 653 127.82 -48.54 -32.16
C ARG G 653 126.91 -49.61 -31.60
N ALA G 654 127.36 -50.86 -31.68
CA ALA G 654 126.71 -51.96 -31.00
C ALA G 654 127.75 -53.05 -30.80
N GLU G 655 127.51 -53.91 -29.82
CA GLU G 655 128.45 -54.98 -29.50
C GLU G 655 128.52 -55.93 -30.68
N GLY G 656 129.70 -56.04 -31.29
CA GLY G 656 129.87 -56.86 -32.47
C GLY G 656 129.48 -56.19 -33.77
N SER G 657 129.34 -54.87 -33.78
CA SER G 657 128.97 -54.15 -34.99
C SER G 657 130.15 -54.09 -35.95
N THR G 658 129.82 -53.97 -37.23
CA THR G 658 130.82 -53.90 -38.29
C THR G 658 131.22 -52.48 -38.63
N GLN G 659 130.75 -51.50 -37.87
CA GLN G 659 130.93 -50.10 -38.21
C GLN G 659 132.09 -49.49 -37.41
N TYR G 660 132.84 -48.63 -38.07
CA TYR G 660 133.91 -47.90 -37.40
C TYR G 660 133.31 -46.93 -36.37
N GLY G 661 134.18 -46.41 -35.51
CA GLY G 661 133.70 -45.66 -34.37
C GLY G 661 133.90 -44.16 -34.41
N LYS G 662 134.91 -43.68 -35.14
CA LYS G 662 135.26 -42.27 -35.15
C LYS G 662 135.02 -41.71 -36.53
N TRP G 663 134.30 -40.59 -36.61
CA TRP G 663 133.89 -40.00 -37.88
C TRP G 663 134.07 -38.49 -37.84
N TYR G 664 134.25 -37.91 -39.02
CA TYR G 664 134.61 -36.50 -39.16
C TYR G 664 133.97 -35.94 -40.42
N PHE G 665 133.52 -34.70 -40.35
CA PHE G 665 133.02 -34.02 -41.55
C PHE G 665 133.11 -32.52 -41.35
N GLU G 666 132.83 -31.76 -42.41
CA GLU G 666 132.95 -30.32 -42.37
C GLU G 666 131.78 -29.67 -43.10
N VAL G 667 131.51 -28.42 -42.73
CA VAL G 667 130.50 -27.60 -43.40
C VAL G 667 131.11 -26.23 -43.62
N MET G 668 131.07 -25.76 -44.87
CA MET G 668 131.56 -24.44 -45.21
C MET G 668 130.39 -23.52 -45.55
N VAL G 669 130.38 -22.33 -44.97
CA VAL G 669 129.29 -21.38 -45.14
C VAL G 669 129.66 -20.39 -46.23
N ASP G 670 128.90 -20.35 -47.32
CA ASP G 670 129.17 -19.44 -48.41
C ASP G 670 128.45 -18.11 -48.24
N GLU G 671 127.14 -18.14 -47.98
CA GLU G 671 126.35 -16.94 -47.80
C GLU G 671 125.40 -17.13 -46.64
N VAL G 672 125.20 -16.07 -45.85
CA VAL G 672 124.25 -16.07 -44.76
C VAL G 672 123.70 -14.66 -44.61
N ALA G 673 122.39 -14.51 -44.74
CA ALA G 673 121.75 -13.22 -44.49
C ALA G 673 121.28 -13.19 -43.04
N PRO G 674 121.92 -12.41 -42.17
CA PRO G 674 121.58 -12.49 -40.74
C PRO G 674 120.12 -12.21 -40.44
N PHE G 675 119.50 -11.28 -41.15
CA PHE G 675 118.16 -10.81 -40.82
C PHE G 675 117.33 -10.71 -42.10
N LEU G 676 117.31 -11.80 -42.88
CA LEU G 676 116.46 -11.84 -44.05
C LEU G 676 115.02 -11.47 -43.69
N THR G 677 114.54 -11.93 -42.54
CA THR G 677 113.26 -11.52 -41.99
C THR G 677 113.50 -10.87 -40.63
N ALA G 678 112.41 -10.57 -39.92
CA ALA G 678 112.53 -9.88 -38.64
C ALA G 678 113.20 -10.75 -37.58
N GLN G 679 113.07 -12.06 -37.67
CA GLN G 679 113.71 -12.98 -36.75
C GLN G 679 115.08 -13.36 -37.27
N ALA G 680 116.04 -13.51 -36.36
CA ALA G 680 117.41 -13.82 -36.74
C ALA G 680 117.46 -15.13 -37.50
N THR G 681 118.31 -15.17 -38.52
CA THR G 681 118.46 -16.39 -39.32
C THR G 681 119.01 -17.52 -38.49
N HIS G 682 118.49 -18.71 -38.73
CA HIS G 682 118.85 -19.92 -38.01
C HIS G 682 119.81 -20.72 -38.87
N LEU G 683 120.95 -21.13 -38.28
CA LEU G 683 121.93 -21.95 -38.97
C LEU G 683 122.75 -22.69 -37.94
N ARG G 684 122.60 -24.01 -37.89
CA ARG G 684 123.27 -24.86 -36.92
C ARG G 684 123.79 -26.11 -37.59
N VAL G 685 124.93 -26.61 -37.10
CA VAL G 685 125.59 -27.79 -37.67
C VAL G 685 125.84 -28.79 -36.55
N GLY G 686 125.62 -30.06 -36.80
CA GLY G 686 125.95 -31.05 -35.79
C GLY G 686 125.53 -32.45 -36.15
N TRP G 687 125.20 -33.22 -35.12
CA TRP G 687 124.83 -34.63 -35.28
C TRP G 687 123.45 -34.87 -34.71
N ALA G 688 122.77 -35.89 -35.22
CA ALA G 688 121.43 -36.23 -34.75
C ALA G 688 121.25 -37.73 -34.79
N LEU G 689 120.41 -38.24 -33.88
CA LEU G 689 120.14 -39.66 -33.79
C LEU G 689 118.97 -40.02 -34.69
N SER G 690 119.12 -41.13 -35.43
CA SER G 690 118.14 -41.48 -36.45
C SER G 690 116.75 -41.64 -35.87
N GLU G 691 116.61 -42.45 -34.82
CA GLU G 691 115.30 -42.68 -34.22
C GLU G 691 115.09 -41.63 -33.13
N GLY G 692 114.34 -40.59 -33.49
CA GLY G 692 113.98 -39.58 -32.53
C GLY G 692 114.09 -38.16 -33.03
N TYR G 693 115.02 -37.89 -33.93
CA TYR G 693 115.16 -36.55 -34.51
C TYR G 693 114.22 -36.44 -35.69
N SER G 694 113.02 -35.92 -35.43
CA SER G 694 112.00 -35.74 -36.46
C SER G 694 111.36 -34.37 -36.26
N PRO G 695 112.04 -33.30 -36.66
CA PRO G 695 111.45 -31.97 -36.53
C PRO G 695 110.52 -31.65 -37.70
N TYR G 696 109.24 -31.51 -37.41
CA TYR G 696 108.27 -31.23 -38.47
C TYR G 696 108.18 -29.72 -38.72
N PRO G 697 107.87 -29.31 -39.94
CA PRO G 697 107.74 -27.88 -40.21
C PRO G 697 106.65 -27.24 -39.37
N GLY G 698 106.90 -26.03 -38.90
CA GLY G 698 105.91 -25.27 -38.18
C GLY G 698 106.12 -25.23 -36.69
N GLY G 699 105.12 -25.66 -35.93
CA GLY G 699 105.19 -25.61 -34.49
C GLY G 699 106.03 -26.73 -33.91
N GLY G 700 106.30 -26.61 -32.61
CA GLY G 700 107.11 -27.59 -31.92
C GLY G 700 107.45 -27.15 -30.51
N GLU G 701 108.62 -27.55 -30.03
CA GLU G 701 109.04 -27.19 -28.69
C GLU G 701 109.38 -25.71 -28.61
N GLY G 702 109.11 -25.12 -27.46
CA GLY G 702 109.45 -23.72 -27.26
C GLY G 702 108.62 -22.81 -28.15
N TRP G 703 109.30 -22.10 -29.04
CA TRP G 703 108.65 -21.16 -29.96
C TRP G 703 108.80 -21.63 -31.41
N GLY G 704 108.84 -22.94 -31.63
CA GLY G 704 108.91 -23.46 -32.97
C GLY G 704 110.29 -23.27 -33.57
N GLY G 705 110.35 -23.45 -34.88
CA GLY G 705 111.62 -23.32 -35.59
C GLY G 705 112.64 -24.28 -35.05
N ASN G 706 112.25 -25.53 -34.87
CA ASN G 706 113.12 -26.51 -34.23
C ASN G 706 114.13 -27.06 -35.23
N GLY G 707 115.39 -27.11 -34.81
CA GLY G 707 116.45 -27.64 -35.64
C GLY G 707 117.39 -28.51 -34.84
N VAL G 708 118.69 -28.43 -35.14
CA VAL G 708 119.68 -29.26 -34.45
C VAL G 708 119.85 -28.72 -33.03
N GLY G 709 119.72 -29.61 -32.06
CA GLY G 709 119.87 -29.22 -30.67
C GLY G 709 118.61 -28.69 -30.03
N ASP G 710 117.45 -28.83 -30.66
CA ASP G 710 116.19 -28.43 -30.07
C ASP G 710 115.47 -29.58 -29.38
N ASP G 711 116.08 -30.75 -29.35
CA ASP G 711 115.62 -31.87 -28.55
C ASP G 711 116.84 -32.59 -28.01
N LEU G 712 116.61 -33.70 -27.30
CA LEU G 712 117.70 -34.48 -26.74
C LEU G 712 118.14 -35.60 -27.67
N TYR G 713 117.79 -35.52 -28.95
CA TYR G 713 118.25 -36.45 -29.96
C TYR G 713 119.26 -35.83 -30.91
N SER G 714 119.59 -34.56 -30.74
CA SER G 714 120.49 -33.87 -31.64
C SER G 714 121.38 -32.93 -30.85
N TYR G 715 122.56 -32.66 -31.40
CA TYR G 715 123.60 -31.89 -30.74
C TYR G 715 124.22 -30.97 -31.77
N GLY G 716 124.11 -29.66 -31.56
CA GLY G 716 124.45 -28.71 -32.60
C GLY G 716 125.36 -27.62 -32.09
N PHE G 717 125.94 -26.91 -33.05
CA PHE G 717 126.81 -25.77 -32.82
C PHE G 717 126.36 -24.66 -33.75
N ASP G 718 126.32 -23.43 -33.24
CA ASP G 718 125.89 -22.31 -34.06
C ASP G 718 126.91 -21.18 -34.15
N GLY G 719 128.15 -21.40 -33.73
CA GLY G 719 129.16 -20.37 -33.80
C GLY G 719 129.46 -19.77 -32.44
N LEU G 720 128.41 -19.53 -31.66
CA LEU G 720 128.56 -19.04 -30.29
C LEU G 720 128.06 -20.02 -29.24
N HIS G 721 127.14 -20.90 -29.58
CA HIS G 721 126.47 -21.73 -28.59
C HIS G 721 126.53 -23.19 -29.01
N LEU G 722 126.60 -24.05 -28.00
CA LEU G 722 126.30 -25.46 -28.11
C LEU G 722 124.84 -25.67 -27.77
N TRP G 723 124.10 -26.30 -28.68
CA TRP G 723 122.66 -26.45 -28.58
C TRP G 723 122.32 -27.90 -28.31
N THR G 724 121.53 -28.13 -27.26
CA THR G 724 120.96 -29.44 -27.02
C THR G 724 119.79 -29.30 -26.07
N GLY G 725 118.78 -30.15 -26.24
CA GLY G 725 117.61 -30.08 -25.41
C GLY G 725 116.92 -28.73 -25.45
N HIS G 726 116.98 -28.05 -26.59
CA HIS G 726 116.39 -26.72 -26.76
C HIS G 726 117.05 -25.69 -25.85
N VAL G 727 118.23 -25.98 -25.32
CA VAL G 727 118.98 -25.06 -24.48
C VAL G 727 120.27 -24.72 -25.20
N ALA G 728 120.61 -23.43 -25.20
CA ALA G 728 121.83 -22.92 -25.80
C ALA G 728 122.81 -22.55 -24.69
N ARG G 729 124.01 -23.10 -24.77
CA ARG G 729 125.04 -22.82 -23.79
C ARG G 729 126.21 -22.15 -24.47
N PRO G 730 126.58 -20.92 -24.09
CA PRO G 730 127.70 -20.25 -24.75
C PRO G 730 128.98 -21.06 -24.62
N VAL G 731 129.75 -21.12 -25.70
CA VAL G 731 130.98 -21.87 -25.76
C VAL G 731 132.08 -20.97 -26.30
N THR G 732 133.24 -21.02 -25.65
CA THR G 732 134.34 -20.12 -25.99
C THR G 732 135.14 -20.66 -27.15
N SER G 733 135.55 -19.76 -28.04
CA SER G 733 136.46 -20.08 -29.13
C SER G 733 137.14 -18.79 -29.54
N PRO G 734 138.32 -18.86 -30.16
CA PRO G 734 139.02 -17.64 -30.57
C PRO G 734 138.21 -16.86 -31.59
N GLY G 735 137.99 -15.58 -31.32
CA GLY G 735 137.21 -14.75 -32.22
C GLY G 735 135.78 -15.19 -32.39
N GLN G 736 135.11 -15.55 -31.31
CA GLN G 736 133.72 -16.00 -31.35
C GLN G 736 132.89 -15.12 -32.27
N HIS G 737 132.04 -15.75 -33.05
CA HIS G 737 131.07 -15.01 -33.85
C HIS G 737 130.05 -15.99 -34.41
N LEU G 738 128.82 -15.51 -34.56
CA LEU G 738 127.79 -16.32 -35.19
C LEU G 738 128.24 -16.71 -36.59
N LEU G 739 127.93 -17.95 -36.97
CA LEU G 739 128.35 -18.47 -38.27
C LEU G 739 128.13 -17.45 -39.37
N ALA G 740 129.20 -17.14 -40.09
CA ALA G 740 129.22 -16.12 -41.12
C ALA G 740 129.90 -16.68 -42.36
N PRO G 741 129.77 -16.00 -43.51
CA PRO G 741 130.38 -16.51 -44.73
C PRO G 741 131.86 -16.77 -44.57
N GLU G 742 132.34 -17.81 -45.26
CA GLU G 742 133.73 -18.27 -45.23
C GLU G 742 134.10 -18.92 -43.91
N ASP G 743 133.12 -19.42 -43.15
CA ASP G 743 133.38 -20.15 -41.92
C ASP G 743 133.37 -21.64 -42.22
N VAL G 744 134.32 -22.37 -41.64
CA VAL G 744 134.42 -23.81 -41.80
C VAL G 744 134.23 -24.44 -40.44
N VAL G 745 133.17 -25.21 -40.28
CA VAL G 745 132.88 -25.93 -39.06
C VAL G 745 133.27 -27.38 -39.26
N SER G 746 134.15 -27.88 -38.41
CA SER G 746 134.56 -29.28 -38.41
C SER G 746 133.88 -29.98 -37.25
N CYS G 747 133.23 -31.10 -37.53
CA CYS G 747 132.55 -31.88 -36.50
C CYS G 747 133.17 -33.27 -36.43
N CYS G 748 133.49 -33.69 -35.21
CA CYS G 748 134.09 -35.00 -34.95
C CYS G 748 133.23 -35.75 -33.95
N LEU G 749 132.90 -36.99 -34.28
CA LEU G 749 132.09 -37.86 -33.43
C LEU G 749 132.90 -39.09 -33.09
N ASP G 750 133.14 -39.31 -31.80
CA ASP G 750 133.85 -40.49 -31.30
C ASP G 750 132.85 -41.32 -30.53
N LEU G 751 132.37 -42.41 -31.14
CA LEU G 751 131.33 -43.21 -30.52
C LEU G 751 131.82 -44.02 -29.33
N SER G 752 133.14 -44.09 -29.12
CA SER G 752 133.67 -44.92 -28.04
C SER G 752 133.50 -44.27 -26.67
N VAL G 753 133.54 -42.94 -26.60
CA VAL G 753 133.51 -42.25 -25.31
C VAL G 753 132.11 -42.32 -24.70
N PRO G 754 131.04 -41.89 -25.40
CA PRO G 754 130.94 -41.18 -26.67
C PRO G 754 131.08 -39.68 -26.51
N SER G 755 131.49 -39.00 -27.56
CA SER G 755 131.75 -37.56 -27.49
C SER G 755 131.58 -36.93 -28.86
N ILE G 756 131.14 -35.67 -28.86
CA ILE G 756 131.01 -34.87 -30.07
C ILE G 756 131.76 -33.58 -29.84
N SER G 757 132.66 -33.24 -30.75
CA SER G 757 133.49 -32.06 -30.61
C SER G 757 133.51 -31.27 -31.91
N PHE G 758 133.82 -29.98 -31.79
CA PHE G 758 133.76 -29.05 -32.91
C PHE G 758 135.06 -28.28 -33.02
N ARG G 759 135.30 -27.78 -34.23
CA ARG G 759 136.40 -26.88 -34.52
C ARG G 759 135.88 -25.80 -35.45
N ILE G 760 136.25 -24.55 -35.19
CA ILE G 760 135.79 -23.42 -36.00
C ILE G 760 137.01 -22.82 -36.69
N ASN G 761 137.04 -22.89 -38.02
CA ASN G 761 138.15 -22.38 -38.81
C ASN G 761 139.47 -22.95 -38.32
N GLY G 762 139.44 -24.19 -37.85
CA GLY G 762 140.61 -24.88 -37.37
C GLY G 762 140.89 -24.67 -35.89
N CYS G 763 140.29 -23.65 -35.28
CA CYS G 763 140.47 -23.45 -33.85
C CYS G 763 139.53 -24.37 -33.07
N PRO G 764 139.95 -24.88 -31.91
CA PRO G 764 139.06 -25.73 -31.13
C PRO G 764 137.93 -24.93 -30.49
N VAL G 765 136.76 -25.56 -30.42
CA VAL G 765 135.64 -25.03 -29.66
C VAL G 765 135.69 -25.64 -28.27
N GLN G 766 135.80 -24.78 -27.25
CA GLN G 766 136.04 -25.24 -25.88
C GLN G 766 134.76 -25.74 -25.23
N GLY G 767 134.24 -26.82 -25.78
CA GLY G 767 133.04 -27.45 -25.26
C GLY G 767 132.75 -28.75 -25.97
N VAL G 768 132.16 -29.72 -25.27
CA VAL G 768 131.90 -31.03 -25.85
C VAL G 768 130.58 -31.59 -25.31
N PHE G 769 129.91 -32.36 -26.15
CA PHE G 769 128.83 -33.23 -25.72
C PHE G 769 129.43 -34.60 -25.43
N GLU G 770 128.91 -35.27 -24.41
CA GLU G 770 129.40 -36.60 -24.06
C GLU G 770 128.34 -37.36 -23.29
N SER G 771 128.60 -38.65 -23.11
CA SER G 771 127.74 -39.53 -22.32
C SER G 771 126.29 -39.38 -22.72
N PHE G 772 126.03 -39.54 -24.02
CA PHE G 772 124.68 -39.48 -24.55
C PHE G 772 124.24 -40.86 -25.02
N ASN G 773 122.95 -40.98 -25.30
CA ASN G 773 122.38 -42.25 -25.67
C ASN G 773 122.94 -42.73 -27.00
N LEU G 774 123.10 -44.06 -27.12
CA LEU G 774 123.71 -44.68 -28.28
C LEU G 774 122.78 -45.71 -28.93
N ASP G 775 121.48 -45.58 -28.69
CA ASP G 775 120.52 -46.57 -29.20
C ASP G 775 119.94 -46.12 -30.54
N GLY G 776 120.84 -45.98 -31.51
CA GLY G 776 120.41 -45.59 -32.84
C GLY G 776 121.62 -45.29 -33.71
N LEU G 777 121.35 -44.73 -34.87
CA LEU G 777 122.38 -44.33 -35.82
C LEU G 777 122.46 -42.81 -35.87
N PHE G 778 123.68 -42.30 -35.93
CA PHE G 778 123.93 -40.87 -36.02
C PHE G 778 124.19 -40.48 -37.47
N PHE G 779 123.74 -39.29 -37.83
CA PHE G 779 124.03 -38.75 -39.16
C PHE G 779 124.43 -37.29 -39.04
N PRO G 780 125.28 -36.81 -39.95
CA PRO G 780 125.53 -35.36 -40.01
C PRO G 780 124.26 -34.62 -40.38
N VAL G 781 124.10 -33.43 -39.81
CA VAL G 781 122.88 -32.66 -40.05
C VAL G 781 123.18 -31.18 -39.96
N VAL G 782 122.48 -30.41 -40.80
CA VAL G 782 122.50 -28.96 -40.75
C VAL G 782 121.05 -28.50 -40.74
N SER G 783 120.72 -27.58 -39.83
CA SER G 783 119.40 -27.00 -39.77
C SER G 783 119.51 -25.51 -40.06
N PHE G 784 118.49 -24.97 -40.71
CA PHE G 784 118.58 -23.60 -41.18
C PHE G 784 117.20 -23.03 -41.45
N SER G 785 117.13 -21.72 -41.51
CA SER G 785 116.01 -20.99 -42.06
C SER G 785 116.41 -20.42 -43.42
N ALA G 786 115.47 -19.74 -44.07
CA ALA G 786 115.75 -19.19 -45.39
C ALA G 786 116.84 -18.13 -45.31
N GLY G 787 117.57 -17.98 -46.40
CA GLY G 787 118.64 -17.02 -46.49
C GLY G 787 120.03 -17.59 -46.27
N ILE G 788 120.27 -18.85 -46.63
CA ILE G 788 121.55 -19.50 -46.36
C ILE G 788 122.02 -20.25 -47.59
N LYS G 789 123.32 -20.49 -47.61
CA LYS G 789 123.99 -21.26 -48.66
C LYS G 789 125.21 -21.90 -48.01
N VAL G 790 125.22 -23.23 -47.91
CA VAL G 790 126.31 -23.94 -47.25
C VAL G 790 126.72 -25.11 -48.12
N ARG G 791 127.84 -25.74 -47.74
CA ARG G 791 128.37 -26.88 -48.46
C ARG G 791 128.87 -27.93 -47.49
N PHE G 792 128.40 -29.15 -47.66
CA PHE G 792 128.88 -30.31 -46.92
C PHE G 792 130.18 -30.77 -47.56
N LEU G 793 131.23 -30.88 -46.75
CA LEU G 793 132.49 -31.50 -47.17
C LEU G 793 132.63 -32.82 -46.42
N LEU G 794 132.70 -33.91 -47.17
CA LEU G 794 132.71 -35.24 -46.61
C LEU G 794 133.98 -36.02 -46.94
N GLY G 795 134.96 -35.39 -47.58
CA GLY G 795 136.18 -36.06 -47.95
C GLY G 795 136.06 -36.79 -49.27
N GLY G 796 137.18 -37.38 -49.69
CA GLY G 796 137.19 -38.10 -50.96
C GLY G 796 136.77 -37.20 -52.10
N ARG G 797 135.92 -37.73 -52.97
CA ARG G 797 135.39 -36.97 -54.10
C ARG G 797 134.11 -36.22 -53.75
N HIS G 798 133.79 -36.12 -52.47
CA HIS G 798 132.55 -35.51 -52.01
C HIS G 798 132.83 -34.31 -51.12
N GLY G 799 133.77 -33.48 -51.55
CA GLY G 799 134.14 -32.31 -50.77
C GLY G 799 135.47 -32.48 -50.09
N GLU G 800 136.47 -31.72 -50.52
CA GLU G 800 137.79 -31.82 -49.95
C GLU G 800 137.87 -31.02 -48.66
N PHE G 801 138.39 -31.64 -47.60
CA PHE G 801 138.47 -30.98 -46.31
C PHE G 801 139.44 -29.81 -46.36
N LYS G 802 139.10 -28.73 -45.65
CA LYS G 802 140.02 -27.62 -45.48
C LYS G 802 140.97 -27.82 -44.31
N PHE G 803 140.69 -28.78 -43.43
CA PHE G 803 141.55 -29.09 -42.30
C PHE G 803 141.67 -30.61 -42.16
N LEU G 804 142.80 -31.04 -41.63
CA LEU G 804 143.08 -32.46 -41.53
C LEU G 804 142.23 -33.08 -40.43
N PRO G 805 141.55 -34.20 -40.68
CA PRO G 805 140.81 -34.86 -39.62
C PRO G 805 141.74 -35.26 -38.49
N PRO G 806 141.32 -35.14 -37.24
CA PRO G 806 142.18 -35.51 -36.13
C PRO G 806 142.53 -36.99 -36.20
N PRO G 807 143.68 -37.39 -35.66
CA PRO G 807 144.13 -38.78 -35.83
C PRO G 807 143.10 -39.82 -35.43
N GLY G 808 142.82 -40.77 -36.31
CA GLY G 808 141.93 -41.86 -36.04
C GLY G 808 140.52 -41.67 -36.56
N TYR G 809 140.12 -40.44 -36.85
CA TYR G 809 138.78 -40.17 -37.35
C TYR G 809 138.71 -40.42 -38.85
N ALA G 810 137.60 -40.97 -39.29
CA ALA G 810 137.45 -41.37 -40.68
C ALA G 810 136.59 -40.38 -41.45
N PRO G 811 136.90 -40.12 -42.72
CA PRO G 811 136.03 -39.26 -43.52
C PRO G 811 134.62 -39.83 -43.58
N CYS G 812 133.63 -38.93 -43.53
CA CYS G 812 132.24 -39.38 -43.43
C CYS G 812 131.78 -40.03 -44.73
N HIS G 813 132.41 -39.72 -45.86
CA HIS G 813 131.97 -40.30 -47.11
C HIS G 813 132.14 -41.81 -47.12
N GLU G 814 133.03 -42.34 -46.31
CA GLU G 814 133.26 -43.77 -46.25
C GLU G 814 132.14 -44.52 -45.64
N ALA G 815 131.15 -43.87 -45.03
CA ALA G 815 130.08 -44.55 -44.34
C ALA G 815 128.88 -44.84 -45.22
N VAL G 816 128.91 -44.43 -46.49
CA VAL G 816 127.78 -44.69 -47.38
C VAL G 816 127.69 -46.19 -47.62
N LEU G 817 126.48 -46.73 -47.50
CA LEU G 817 126.29 -48.17 -47.54
C LEU G 817 126.47 -48.70 -48.95
N PRO G 818 126.72 -50.01 -49.10
CA PRO G 818 127.05 -50.55 -50.43
C PRO G 818 125.97 -50.31 -51.47
N ARG G 819 124.70 -50.43 -51.11
CA ARG G 819 123.60 -50.34 -52.06
C ARG G 819 122.98 -48.95 -52.11
N GLU G 820 123.75 -47.92 -51.80
CA GLU G 820 123.26 -46.55 -51.80
C GLU G 820 124.23 -45.66 -52.54
N ARG G 821 123.75 -44.48 -52.93
CA ARG G 821 124.57 -43.46 -53.55
C ARG G 821 124.47 -42.19 -52.72
N LEU G 822 125.62 -41.58 -52.45
CA LEU G 822 125.66 -40.42 -51.57
C LEU G 822 124.86 -39.27 -52.17
N HIS G 823 124.05 -38.63 -51.32
CA HIS G 823 123.29 -37.45 -51.73
C HIS G 823 122.68 -36.82 -50.48
N LEU G 824 122.21 -35.59 -50.64
CA LEU G 824 121.55 -34.88 -49.55
C LEU G 824 120.04 -35.11 -49.62
N GLN G 825 119.43 -35.24 -48.46
CA GLN G 825 118.01 -35.57 -48.37
C GLN G 825 117.39 -34.87 -47.16
N PRO G 826 116.09 -34.60 -47.20
CA PRO G 826 115.40 -34.13 -46.01
C PRO G 826 115.18 -35.29 -45.03
N ILE G 827 114.69 -34.94 -43.84
CA ILE G 827 114.50 -35.89 -42.75
C ILE G 827 113.02 -35.96 -42.42
N LYS G 828 112.46 -37.17 -42.45
CA LYS G 828 111.11 -37.44 -42.00
C LYS G 828 110.09 -36.57 -42.73
N GLU G 829 110.24 -36.50 -44.05
CA GLU G 829 109.33 -35.72 -44.86
C GLU G 829 108.03 -36.46 -45.07
N TYR G 830 106.91 -35.76 -44.88
CA TYR G 830 105.60 -36.32 -45.19
C TYR G 830 105.06 -35.79 -46.50
N ARG G 831 105.86 -35.05 -47.27
CA ARG G 831 105.36 -34.40 -48.47
C ARG G 831 106.56 -33.99 -49.31
N ARG G 832 106.38 -34.03 -50.63
CA ARG G 832 107.43 -33.76 -51.59
C ARG G 832 106.83 -33.09 -52.81
N GLU G 833 107.68 -32.58 -53.68
CA GLU G 833 107.22 -32.10 -54.98
C GLU G 833 107.31 -33.22 -56.02
N GLY G 834 106.47 -33.15 -57.04
CA GLY G 834 106.48 -34.14 -58.09
C GLY G 834 105.94 -33.56 -59.39
N PRO G 835 106.05 -34.34 -60.47
CA PRO G 835 105.83 -33.76 -61.80
C PRO G 835 104.49 -33.06 -61.94
N ARG G 836 103.43 -33.61 -61.36
CA ARG G 836 102.09 -33.06 -61.50
C ARG G 836 101.62 -32.30 -60.26
N GLY G 837 102.43 -32.21 -59.22
CA GLY G 837 102.02 -31.55 -58.01
C GLY G 837 102.66 -32.15 -56.78
N PRO G 838 102.14 -31.81 -55.61
CA PRO G 838 102.71 -32.37 -54.37
C PRO G 838 102.38 -33.84 -54.23
N HIS G 839 103.37 -34.60 -53.77
CA HIS G 839 103.23 -36.01 -53.44
C HIS G 839 103.18 -36.15 -51.92
N LEU G 840 102.19 -36.87 -51.43
CA LEU G 840 102.16 -37.25 -50.03
C LEU G 840 103.01 -38.50 -49.82
N VAL G 841 103.76 -38.53 -48.74
CA VAL G 841 104.73 -39.58 -48.47
C VAL G 841 104.44 -40.20 -47.12
N GLY G 842 104.46 -41.53 -47.06
CA GLY G 842 104.28 -42.24 -45.83
C GLY G 842 105.56 -42.34 -45.05
N PRO G 843 105.51 -42.97 -43.88
CA PRO G 843 106.72 -43.07 -43.04
C PRO G 843 107.82 -43.82 -43.76
N SER G 844 109.05 -43.45 -43.46
CA SER G 844 110.21 -44.10 -44.06
C SER G 844 110.77 -45.15 -43.11
N ARG G 845 111.04 -46.34 -43.67
CA ARG G 845 111.66 -47.39 -42.89
C ARG G 845 113.15 -47.09 -42.70
N CYS G 846 113.59 -47.13 -41.45
CA CYS G 846 114.96 -46.76 -41.10
C CYS G 846 115.71 -47.97 -40.56
N LEU G 847 117.02 -47.94 -40.73
CA LEU G 847 117.88 -48.96 -40.16
C LEU G 847 118.09 -48.70 -38.68
N SER G 848 118.59 -49.71 -37.99
CA SER G 848 118.92 -49.60 -36.58
C SER G 848 120.38 -49.98 -36.37
N HIS G 849 120.97 -49.47 -35.29
CA HIS G 849 122.38 -49.75 -35.04
C HIS G 849 122.63 -51.24 -34.90
N LEU G 850 121.60 -52.01 -34.54
CA LEU G 850 121.71 -53.46 -34.45
C LEU G 850 121.61 -54.14 -35.81
N ASP G 851 121.28 -53.42 -36.86
CA ASP G 851 121.24 -53.99 -38.19
C ASP G 851 122.63 -54.17 -38.78
N PHE G 852 123.67 -53.73 -38.09
CA PHE G 852 125.04 -53.89 -38.53
C PHE G 852 125.78 -54.95 -37.74
N VAL G 853 125.07 -55.76 -36.96
CA VAL G 853 125.67 -56.83 -36.17
C VAL G 853 125.39 -58.14 -36.89
N PRO G 854 126.40 -58.79 -37.48
CA PRO G 854 126.14 -60.08 -38.12
C PRO G 854 125.74 -61.12 -37.10
N CYS G 855 124.66 -61.84 -37.38
CA CYS G 855 124.07 -62.80 -36.44
C CYS G 855 123.89 -64.14 -37.16
N PRO G 856 125.00 -64.87 -37.43
CA PRO G 856 124.89 -66.18 -38.05
C PRO G 856 124.40 -67.23 -37.08
N VAL G 857 123.72 -68.27 -37.59
CA VAL G 857 123.17 -69.37 -36.75
C VAL G 857 124.33 -70.15 -36.11
N ASP G 858 124.14 -70.62 -34.88
CA ASP G 858 125.18 -71.45 -34.20
C ASP G 858 125.44 -72.69 -35.06
N THR G 859 126.70 -73.03 -35.31
CA THR G 859 127.08 -74.21 -36.10
C THR G 859 128.33 -74.85 -35.50
N ILE G 860 128.36 -74.98 -34.17
CA ILE G 860 129.50 -75.63 -33.52
C ILE G 860 128.99 -76.87 -32.77
N GLN G 861 127.82 -76.76 -32.16
CA GLN G 861 127.18 -77.91 -31.46
C GLN G 861 126.80 -78.94 -32.53
N ILE G 862 126.66 -78.48 -33.78
CA ILE G 862 126.31 -79.40 -34.89
C ILE G 862 127.48 -80.38 -35.03
N VAL G 863 127.21 -81.66 -35.30
CA VAL G 863 128.26 -82.69 -35.54
C VAL G 863 127.94 -83.31 -36.91
N LEU G 864 128.88 -83.25 -37.86
CA LEU G 864 128.57 -83.71 -39.23
C LEU G 864 128.26 -85.21 -39.23
N PRO G 865 127.28 -85.69 -40.02
CA PRO G 865 127.04 -87.12 -40.13
C PRO G 865 128.26 -87.72 -40.80
N PRO G 866 128.52 -89.03 -40.65
CA PRO G 866 129.71 -89.64 -41.22
C PRO G 866 129.70 -89.50 -42.73
N HIS G 867 128.55 -89.73 -43.35
CA HIS G 867 128.46 -89.63 -44.83
C HIS G 867 128.77 -88.18 -45.21
N LEU G 868 128.24 -87.24 -44.43
CA LEU G 868 128.50 -85.79 -44.71
C LEU G 868 130.00 -85.52 -44.57
N GLU G 869 130.65 -86.09 -43.55
CA GLU G 869 132.08 -85.80 -43.31
C GLU G 869 132.90 -86.29 -44.51
N ARG G 870 132.48 -87.38 -45.14
CA ARG G 870 133.22 -87.93 -46.30
C ARG G 870 133.23 -86.91 -47.44
N ILE G 871 132.11 -86.25 -47.66
CA ILE G 871 132.01 -85.22 -48.75
C ILE G 871 132.70 -83.94 -48.25
N ARG G 872 132.75 -83.74 -46.93
CA ARG G 872 133.31 -82.48 -46.38
C ARG G 872 134.75 -82.24 -46.86
N GLU G 873 135.60 -83.25 -46.78
CA GLU G 873 137.01 -83.10 -47.22
C GLU G 873 137.01 -82.66 -48.68
N LYS G 874 136.20 -83.32 -49.51
CA LYS G 874 136.13 -82.99 -50.95
C LYS G 874 135.64 -81.55 -51.13
N LEU G 875 134.65 -81.14 -50.32
CA LEU G 875 134.06 -79.78 -50.45
C LEU G 875 135.16 -78.72 -50.28
N ALA G 876 135.98 -78.83 -49.24
CA ALA G 876 136.98 -77.77 -48.94
C ALA G 876 137.89 -77.57 -50.15
N GLU G 877 138.43 -78.66 -50.71
CA GLU G 877 139.40 -78.55 -51.82
C GLU G 877 138.70 -78.32 -53.17
N ASN G 878 137.59 -79.02 -53.42
CA ASN G 878 136.88 -78.92 -54.73
C ASN G 878 136.40 -77.48 -54.91
N ILE G 879 135.89 -76.87 -53.84
CA ILE G 879 135.46 -75.44 -53.92
C ILE G 879 136.65 -74.59 -54.39
N HIS G 880 137.85 -74.84 -53.83
CA HIS G 880 139.05 -74.10 -54.30
C HIS G 880 139.19 -74.34 -55.81
N GLU G 881 138.98 -75.58 -56.24
CA GLU G 881 139.12 -75.94 -57.67
C GLU G 881 138.23 -75.02 -58.51
N LEU G 882 136.95 -74.94 -58.19
CA LEU G 882 136.02 -74.11 -59.00
C LEU G 882 136.48 -72.66 -58.91
N TRP G 883 136.89 -72.22 -57.72
CA TRP G 883 137.38 -70.83 -57.56
C TRP G 883 138.52 -70.59 -58.53
N ALA G 884 139.51 -71.47 -58.56
CA ALA G 884 140.72 -71.26 -59.40
C ALA G 884 140.30 -71.13 -60.87
N LEU G 885 139.34 -71.96 -61.28
CA LEU G 885 138.85 -71.91 -62.69
C LEU G 885 138.22 -70.53 -62.90
N THR G 886 137.48 -70.04 -61.90
CA THR G 886 136.87 -68.71 -62.00
C THR G 886 137.95 -67.66 -61.91
N ARG G 887 138.99 -67.91 -61.11
CA ARG G 887 140.04 -66.89 -60.90
C ARG G 887 140.84 -66.67 -62.20
N ILE G 888 141.20 -67.75 -62.90
CA ILE G 888 141.88 -67.58 -64.22
C ILE G 888 140.86 -66.92 -65.16
N GLU G 889 139.60 -67.31 -65.08
CA GLU G 889 138.55 -66.65 -65.89
C GLU G 889 138.55 -65.16 -65.53
N GLN G 890 138.97 -64.82 -64.31
CA GLN G 890 139.04 -63.40 -63.88
C GLN G 890 140.33 -62.83 -64.48
N GLY G 891 141.22 -63.69 -64.97
CA GLY G 891 142.50 -63.23 -65.54
C GLY G 891 143.57 -63.42 -64.50
N TRP G 892 143.17 -63.84 -63.30
CA TRP G 892 144.13 -64.08 -62.21
C TRP G 892 145.08 -65.23 -62.57
N THR G 893 146.36 -65.08 -62.24
CA THR G 893 147.34 -66.15 -62.44
C THR G 893 148.10 -66.21 -61.14
N TYR G 894 148.73 -67.33 -60.81
CA TYR G 894 149.36 -67.36 -59.46
C TYR G 894 150.41 -66.27 -59.41
N GLY G 895 150.45 -65.55 -58.29
CA GLY G 895 151.49 -64.51 -58.11
C GLY G 895 152.39 -64.92 -56.98
N PRO G 896 153.73 -65.02 -57.19
CA PRO G 896 154.62 -65.34 -56.09
C PRO G 896 154.34 -64.23 -55.12
N VAL G 897 154.19 -63.01 -55.64
CA VAL G 897 153.84 -61.84 -54.78
C VAL G 897 152.51 -61.29 -55.31
N ARG G 898 151.55 -61.01 -54.42
CA ARG G 898 150.26 -60.42 -54.86
C ARG G 898 150.52 -59.03 -55.45
N ASP G 899 149.81 -58.67 -56.52
CA ASP G 899 149.93 -57.31 -57.10
C ASP G 899 148.60 -56.95 -57.73
N ASP G 900 148.11 -55.73 -57.47
CA ASP G 900 146.79 -55.31 -58.02
C ASP G 900 146.92 -55.17 -59.54
N ASN G 901 148.02 -54.57 -60.01
CA ASN G 901 148.27 -54.48 -61.48
C ASN G 901 148.42 -55.89 -62.04
N LYS G 902 149.13 -56.75 -61.31
CA LYS G 902 149.37 -58.15 -61.77
C LYS G 902 148.06 -58.91 -61.87
N ARG G 903 147.13 -58.70 -60.93
CA ARG G 903 145.93 -59.55 -60.91
C ARG G 903 146.47 -60.97 -60.67
N LEU G 904 147.54 -61.07 -59.89
CA LEU G 904 148.18 -62.39 -59.61
C LEU G 904 148.03 -62.66 -58.11
N HIS G 905 147.59 -63.87 -57.73
CA HIS G 905 147.32 -64.12 -56.30
C HIS G 905 148.32 -65.11 -55.70
N PRO G 906 148.97 -64.75 -54.58
CA PRO G 906 149.86 -65.67 -53.89
C PRO G 906 149.00 -66.83 -53.44
N CYS G 907 147.79 -66.51 -52.97
CA CYS G 907 146.84 -67.55 -52.49
C CYS G 907 146.22 -68.26 -53.70
N LEU G 908 146.81 -68.11 -54.88
CA LEU G 908 146.31 -68.88 -56.04
C LEU G 908 147.28 -70.04 -56.17
N VAL G 909 146.80 -71.28 -56.05
CA VAL G 909 147.69 -72.48 -56.05
C VAL G 909 146.80 -73.68 -55.68
N ASN G 910 147.42 -74.78 -55.25
CA ASN G 910 146.64 -76.01 -54.92
C ASN G 910 146.21 -75.92 -53.45
N PHE G 911 145.24 -76.71 -53.00
CA PHE G 911 144.76 -76.55 -51.60
C PHE G 911 145.92 -76.83 -50.66
N HIS G 912 146.70 -77.86 -50.96
CA HIS G 912 147.90 -78.18 -50.12
C HIS G 912 148.97 -77.12 -50.39
N SER G 913 149.10 -76.70 -51.66
CA SER G 913 150.07 -75.63 -52.02
C SER G 913 149.75 -74.35 -51.24
N LEU G 914 148.46 -74.05 -51.08
CA LEU G 914 148.01 -72.80 -50.40
C LEU G 914 148.44 -72.87 -48.94
N PRO G 915 148.73 -71.72 -48.27
CA PRO G 915 149.27 -71.75 -46.93
C PRO G 915 148.28 -72.44 -46.04
N GLU G 916 148.78 -73.23 -45.08
CA GLU G 916 147.87 -74.06 -44.26
C GLU G 916 146.88 -73.18 -43.47
N PRO G 917 147.25 -72.02 -42.87
CA PRO G 917 146.26 -71.27 -42.12
C PRO G 917 145.12 -70.81 -43.02
N GLU G 918 145.45 -70.32 -44.21
CA GLU G 918 144.40 -69.90 -45.18
C GLU G 918 143.62 -71.15 -45.62
N ARG G 919 144.34 -72.24 -45.89
CA ARG G 919 143.67 -73.50 -46.32
C ARG G 919 142.74 -73.96 -45.20
N ASN G 920 143.14 -73.76 -43.94
CA ASN G 920 142.33 -74.22 -42.79
C ASN G 920 140.98 -73.49 -42.80
N TYR G 921 141.01 -72.19 -43.13
CA TYR G 921 139.74 -71.41 -43.19
C TYR G 921 138.87 -71.99 -44.29
N ASN G 922 139.49 -72.41 -45.39
CA ASN G 922 138.72 -73.03 -46.49
C ASN G 922 138.12 -74.35 -46.02
N LEU G 923 138.94 -75.22 -45.41
CA LEU G 923 138.44 -76.56 -44.99
C LEU G 923 137.34 -76.38 -43.94
N GLN G 924 137.54 -75.46 -42.99
CA GLN G 924 136.54 -75.27 -41.92
C GLN G 924 135.24 -74.80 -42.56
N MET G 925 135.36 -73.97 -43.61
CA MET G 925 134.16 -73.45 -44.31
C MET G 925 133.37 -74.60 -44.93
N SER G 926 134.04 -75.53 -45.63
CA SER G 926 133.29 -76.61 -46.33
C SER G 926 132.55 -77.47 -45.29
N GLY G 927 133.20 -77.78 -44.18
CA GLY G 927 132.51 -78.52 -43.10
C GLY G 927 131.37 -77.68 -42.58
N GLU G 928 131.62 -76.38 -42.43
CA GLU G 928 130.60 -75.45 -41.87
C GLU G 928 129.33 -75.49 -42.74
N THR G 929 129.46 -75.63 -44.06
CA THR G 929 128.24 -75.56 -44.87
C THR G 929 127.33 -76.70 -44.48
N LEU G 930 127.90 -77.89 -44.27
CA LEU G 930 127.09 -79.07 -43.90
C LEU G 930 126.44 -78.82 -42.53
N LYS G 931 127.21 -78.32 -41.57
CA LYS G 931 126.65 -78.03 -40.23
C LYS G 931 125.55 -76.97 -40.39
N THR G 932 125.76 -76.01 -41.28
CA THR G 932 124.78 -74.93 -41.49
C THR G 932 123.48 -75.57 -41.89
N LEU G 933 123.55 -76.52 -42.83
CA LEU G 933 122.33 -77.20 -43.32
C LEU G 933 121.65 -77.88 -42.14
N LEU G 934 122.44 -78.54 -41.28
CA LEU G 934 121.86 -79.27 -40.13
C LEU G 934 121.15 -78.25 -39.22
N ALA G 935 121.77 -77.08 -39.01
CA ALA G 935 121.14 -76.02 -38.19
C ALA G 935 119.87 -75.55 -38.90
N LEU G 936 119.97 -75.31 -40.21
CA LEU G 936 118.78 -74.95 -41.02
C LEU G 936 117.70 -75.99 -40.73
N GLY G 937 118.08 -77.25 -40.56
CA GLY G 937 117.08 -78.30 -40.30
C GLY G 937 116.79 -79.09 -41.56
N CYS G 938 117.35 -78.67 -42.70
CA CYS G 938 117.19 -79.48 -43.93
C CYS G 938 117.89 -80.82 -43.67
N HIS G 939 117.34 -81.92 -44.17
CA HIS G 939 117.93 -83.25 -43.82
C HIS G 939 118.62 -83.84 -45.06
N VAL G 940 119.88 -84.25 -44.89
CA VAL G 940 120.65 -84.77 -46.05
C VAL G 940 121.13 -86.20 -45.76
N GLY G 941 120.72 -87.17 -46.59
CA GLY G 941 121.20 -88.56 -46.49
C GLY G 941 121.38 -89.05 -47.91
N MET G 942 122.38 -89.88 -48.21
CA MET G 942 122.62 -90.20 -49.64
C MET G 942 121.71 -91.34 -50.10
N ALA G 943 120.84 -91.05 -51.07
CA ALA G 943 119.98 -92.11 -51.65
C ALA G 943 120.85 -93.14 -52.35
N ASP G 944 121.86 -92.69 -53.12
CA ASP G 944 122.80 -93.65 -53.74
C ASP G 944 124.25 -93.30 -53.38
N GLU G 945 125.04 -94.25 -52.88
CA GLU G 945 126.47 -93.97 -52.63
C GLU G 945 127.23 -94.05 -53.97
N LYS G 946 126.77 -94.92 -54.88
CA LYS G 946 127.47 -95.12 -56.18
C LYS G 946 127.45 -93.81 -56.99
N ALA G 947 126.32 -93.09 -56.97
CA ALA G 947 126.20 -91.86 -57.78
C ALA G 947 127.25 -90.87 -57.28
N GLU G 948 127.43 -90.79 -55.96
CA GLU G 948 128.43 -89.87 -55.37
C GLU G 948 129.81 -90.28 -55.88
N ASP G 949 130.05 -91.59 -55.95
CA ASP G 949 131.39 -92.09 -56.37
C ASP G 949 131.67 -91.62 -57.80
N ASN G 950 130.66 -91.61 -58.67
CA ASN G 950 130.85 -91.20 -60.10
C ASN G 950 131.13 -89.70 -60.18
N LEU G 951 132.38 -89.29 -60.41
CA LEU G 951 132.63 -87.84 -60.58
C LEU G 951 133.38 -87.57 -61.90
N LYS G 952 133.05 -86.46 -62.57
CA LYS G 952 133.73 -86.10 -63.84
C LYS G 952 134.19 -84.63 -63.76
N LYS G 953 135.22 -84.34 -62.97
CA LYS G 953 135.69 -82.95 -62.80
C LYS G 953 136.12 -82.38 -64.16
N THR G 954 135.74 -81.14 -64.45
CA THR G 954 136.11 -80.52 -65.75
C THR G 954 137.62 -80.39 -65.85
N LYS G 955 138.17 -80.65 -67.03
CA LYS G 955 139.64 -80.52 -67.25
C LYS G 955 140.05 -79.04 -67.23
N LEU G 956 141.36 -78.77 -67.25
CA LEU G 956 141.84 -77.38 -67.17
C LEU G 956 142.64 -76.98 -68.43
N PRO G 957 142.34 -75.84 -69.08
CA PRO G 957 143.12 -75.39 -70.22
C PRO G 957 144.46 -74.84 -69.72
N LYS G 958 145.44 -74.73 -70.61
CA LYS G 958 146.81 -74.31 -70.19
C LYS G 958 146.81 -72.81 -69.83
N THR G 959 146.10 -71.98 -70.59
CA THR G 959 145.99 -70.56 -70.24
C THR G 959 145.36 -70.48 -68.87
N TYR G 960 144.45 -71.40 -68.57
CA TYR G 960 143.75 -71.42 -67.25
C TYR G 960 144.76 -71.64 -66.14
N MET G 961 145.77 -72.49 -66.36
CA MET G 961 146.70 -72.82 -65.26
C MET G 961 147.44 -71.57 -64.76
N MET G 962 147.64 -71.47 -63.45
CA MET G 962 148.30 -70.29 -62.82
C MET G 962 149.80 -70.30 -63.14
N SER G 963 150.47 -69.14 -63.01
CA SER G 963 151.94 -69.13 -63.19
C SER G 963 152.56 -70.34 -62.47
N ASN G 964 152.13 -70.63 -61.25
CA ASN G 964 152.63 -71.81 -60.47
C ASN G 964 152.38 -73.03 -61.36
N GLY G 965 151.27 -73.07 -62.09
CA GLY G 965 151.02 -74.18 -63.03
C GLY G 965 149.90 -75.05 -62.50
N TYR G 966 149.43 -74.76 -61.29
CA TYR G 966 148.31 -75.53 -60.71
C TYR G 966 147.09 -75.29 -61.60
N LYS G 967 146.31 -76.34 -61.81
CA LYS G 967 145.11 -76.20 -62.67
C LYS G 967 143.87 -76.42 -61.80
N PRO G 968 142.92 -75.46 -61.78
CA PRO G 968 141.68 -75.67 -61.06
C PRO G 968 140.98 -76.88 -61.62
N ALA G 969 140.53 -77.79 -60.75
CA ALA G 969 139.76 -78.94 -61.25
C ALA G 969 138.49 -79.07 -60.41
N PRO G 970 137.50 -78.16 -60.57
CA PRO G 970 136.26 -78.28 -59.84
C PRO G 970 135.64 -79.56 -60.36
N LEU G 971 135.01 -80.35 -59.48
CA LEU G 971 134.27 -81.54 -60.00
C LEU G 971 133.11 -81.02 -60.85
N ASP G 972 132.72 -81.74 -61.91
CA ASP G 972 131.67 -81.23 -62.82
C ASP G 972 130.40 -82.07 -62.66
N LEU G 973 129.24 -81.41 -62.53
CA LEU G 973 127.96 -82.13 -62.31
C LEU G 973 126.82 -81.41 -63.06
N SER G 974 126.70 -81.63 -64.37
CA SER G 974 125.64 -80.99 -65.22
C SER G 974 124.23 -81.42 -64.79
N HIS G 975 124.05 -82.67 -64.39
CA HIS G 975 122.70 -83.25 -64.12
C HIS G 975 121.90 -82.57 -63.00
N VAL G 976 122.52 -82.13 -61.91
CA VAL G 976 121.75 -81.64 -60.72
C VAL G 976 120.85 -80.44 -61.04
N ARG G 977 119.64 -80.39 -60.44
CA ARG G 977 118.63 -79.31 -60.71
C ARG G 977 118.06 -78.77 -59.39
N LEU G 978 117.45 -77.58 -59.39
CA LEU G 978 116.97 -77.04 -58.10
C LEU G 978 115.44 -76.88 -58.11
N THR G 979 114.88 -76.46 -56.98
CA THR G 979 113.42 -76.27 -56.84
C THR G 979 113.26 -74.93 -56.17
N PRO G 980 112.10 -74.26 -56.20
CA PRO G 980 112.03 -72.92 -55.66
C PRO G 980 112.37 -72.96 -54.18
N ALA G 981 111.91 -73.96 -53.43
CA ALA G 981 112.30 -74.10 -52.02
C ALA G 981 113.80 -74.35 -51.90
N GLN G 982 114.37 -75.19 -52.77
CA GLN G 982 115.82 -75.52 -52.74
C GLN G 982 116.65 -74.26 -53.03
N THR G 983 116.26 -73.44 -54.01
CA THR G 983 116.95 -72.19 -54.36
C THR G 983 116.84 -71.25 -53.20
N THR G 984 115.68 -71.20 -52.54
CA THR G 984 115.44 -70.34 -51.36
C THR G 984 116.38 -70.78 -50.27
N LEU G 985 116.57 -72.09 -50.11
CA LEU G 985 117.44 -72.65 -49.04
C LEU G 985 118.91 -72.30 -49.34
N VAL G 986 119.28 -72.10 -50.61
CA VAL G 986 120.69 -71.76 -51.03
C VAL G 986 120.93 -70.29 -50.73
N ASP G 987 119.91 -69.44 -50.81
CA ASP G 987 119.98 -68.00 -50.47
C ASP G 987 120.20 -67.90 -48.97
N ARG G 988 119.51 -68.72 -48.17
CA ARG G 988 119.69 -68.76 -46.70
C ARG G 988 121.11 -69.22 -46.40
N LEU G 989 121.62 -70.20 -47.14
CA LEU G 989 122.97 -70.76 -46.94
C LEU G 989 124.02 -69.66 -47.22
N ALA G 990 123.82 -68.83 -48.23
CA ALA G 990 124.78 -67.76 -48.61
C ALA G 990 124.78 -66.66 -47.55
N GLU G 991 123.64 -66.35 -46.94
CA GLU G 991 123.51 -65.37 -45.88
C GLU G 991 124.31 -65.81 -44.66
N ASN G 992 124.14 -67.05 -44.23
CA ASN G 992 124.83 -67.53 -43.04
C ASN G 992 126.34 -67.55 -43.25
N GLY G 993 126.80 -67.97 -44.43
CA GLY G 993 128.22 -68.00 -44.68
C GLY G 993 128.82 -66.62 -44.59
N HIS G 994 128.19 -65.65 -45.25
CA HIS G 994 128.69 -64.29 -45.22
C HIS G 994 128.67 -63.73 -43.80
N ASN G 995 127.61 -64.01 -43.06
CA ASN G 995 127.53 -63.50 -41.69
C ASN G 995 128.61 -64.11 -40.81
N VAL G 996 128.90 -65.40 -40.98
CA VAL G 996 129.97 -66.01 -40.21
C VAL G 996 131.30 -65.35 -40.54
N TRP G 997 131.55 -65.13 -41.83
CA TRP G 997 132.80 -64.48 -42.21
C TRP G 997 132.88 -63.08 -41.62
N ALA G 998 131.77 -62.35 -41.65
CA ALA G 998 131.74 -60.99 -41.12
C ALA G 998 132.00 -60.99 -39.62
N ARG G 999 131.39 -61.92 -38.90
CA ARG G 999 131.63 -62.01 -37.46
C ARG G 999 133.10 -62.29 -37.18
N ASP G 1000 133.71 -63.21 -37.94
CA ASP G 1000 135.11 -63.50 -37.73
C ASP G 1000 135.98 -62.27 -37.99
N ARG G 1001 135.70 -61.55 -39.07
CA ARG G 1001 136.52 -60.37 -39.38
C ARG G 1001 136.32 -59.28 -38.35
N VAL G 1002 135.10 -59.11 -37.85
CA VAL G 1002 134.87 -58.12 -36.80
C VAL G 1002 135.65 -58.49 -35.56
N ALA G 1003 135.65 -59.77 -35.20
CA ALA G 1003 136.43 -60.21 -34.05
C ALA G 1003 137.91 -59.92 -34.27
N GLN G 1004 138.41 -60.15 -35.49
CA GLN G 1004 139.81 -59.83 -35.77
C GLN G 1004 140.06 -58.33 -35.71
N GLY G 1005 139.04 -57.52 -35.94
CA GLY G 1005 139.16 -56.08 -35.75
C GLY G 1005 138.89 -55.26 -37.00
N TRP G 1006 138.24 -55.84 -38.00
CA TRP G 1006 137.93 -55.11 -39.22
C TRP G 1006 136.65 -54.30 -39.06
N SER G 1007 136.43 -53.39 -40.00
CA SER G 1007 135.23 -52.57 -40.01
C SER G 1007 134.87 -52.27 -41.46
N TYR G 1008 133.72 -51.63 -41.64
CA TYR G 1008 133.23 -51.32 -42.98
C TYR G 1008 133.79 -49.99 -43.46
N SER G 1009 134.00 -49.89 -44.77
CA SER G 1009 134.44 -48.66 -45.39
C SER G 1009 134.13 -48.72 -46.87
N ALA G 1010 133.54 -47.66 -47.40
CA ALA G 1010 133.18 -47.65 -48.82
C ALA G 1010 134.40 -47.80 -49.71
N VAL G 1011 135.58 -47.42 -49.22
CA VAL G 1011 136.83 -47.55 -49.95
C VAL G 1011 137.72 -48.52 -49.20
N GLN G 1012 138.17 -49.56 -49.88
CA GLN G 1012 138.96 -50.60 -49.22
C GLN G 1012 140.29 -50.05 -48.75
N ASP G 1013 140.73 -50.52 -47.58
CA ASP G 1013 142.03 -50.16 -47.02
C ASP G 1013 142.53 -51.36 -46.21
N ILE G 1014 143.33 -52.20 -46.88
CA ILE G 1014 143.79 -53.43 -46.24
C ILE G 1014 144.69 -53.13 -45.04
N PRO G 1015 145.67 -52.23 -45.12
CA PRO G 1015 146.48 -51.95 -43.93
C PRO G 1015 145.67 -51.47 -42.76
N ALA G 1016 144.57 -50.77 -43.00
CA ALA G 1016 143.72 -50.23 -41.95
C ALA G 1016 142.62 -51.20 -41.53
N ARG G 1017 142.53 -52.36 -42.17
CA ARG G 1017 141.52 -53.36 -41.83
C ARG G 1017 140.11 -52.79 -42.04
N ARG G 1018 139.88 -52.24 -43.22
CA ARG G 1018 138.57 -51.71 -43.61
C ARG G 1018 138.18 -52.36 -44.92
N ASN G 1019 136.98 -52.89 -44.98
CA ASN G 1019 136.54 -53.65 -46.14
C ASN G 1019 135.24 -53.11 -46.69
N PRO G 1020 135.08 -53.01 -48.02
CA PRO G 1020 133.80 -52.56 -48.58
C PRO G 1020 132.68 -53.58 -48.46
N ARG G 1021 132.98 -54.81 -48.05
CA ARG G 1021 131.98 -55.86 -47.96
C ARG G 1021 131.65 -56.25 -46.55
N LEU G 1022 132.23 -55.59 -45.55
CA LEU G 1022 132.03 -56.01 -44.16
C LEU G 1022 130.72 -55.46 -43.60
N VAL G 1023 129.60 -55.92 -44.15
CA VAL G 1023 128.29 -55.62 -43.58
C VAL G 1023 127.47 -56.90 -43.54
N PRO G 1024 126.44 -56.92 -42.71
CA PRO G 1024 125.54 -58.08 -42.72
C PRO G 1024 124.97 -58.31 -44.10
N TYR G 1025 124.82 -59.59 -44.45
CA TYR G 1025 124.42 -59.99 -45.79
C TYR G 1025 123.23 -59.20 -46.32
N ARG G 1026 122.33 -58.78 -45.43
CA ARG G 1026 121.13 -58.10 -45.86
C ARG G 1026 121.43 -56.80 -46.58
N LEU G 1027 122.45 -56.07 -46.13
CA LEU G 1027 122.77 -54.76 -46.67
C LEU G 1027 123.76 -54.80 -47.82
N LEU G 1028 124.13 -56.00 -48.27
CA LEU G 1028 125.11 -56.12 -49.33
C LEU G 1028 124.49 -55.72 -50.66
N ASP G 1029 125.35 -55.30 -51.58
CA ASP G 1029 124.90 -54.94 -52.92
C ASP G 1029 124.49 -56.20 -53.69
N GLU G 1030 123.72 -55.99 -54.77
CA GLU G 1030 123.15 -57.13 -55.48
C GLU G 1030 124.23 -57.98 -56.14
N ALA G 1031 125.29 -57.35 -56.65
CA ALA G 1031 126.32 -58.10 -57.34
C ALA G 1031 127.00 -59.11 -56.42
N THR G 1032 127.40 -58.66 -55.23
CA THR G 1032 128.05 -59.56 -54.28
C THR G 1032 127.10 -60.65 -53.83
N LYS G 1033 125.84 -60.29 -53.57
CA LYS G 1033 124.84 -61.29 -53.22
C LYS G 1033 124.76 -62.36 -54.30
N ARG G 1034 124.72 -61.94 -55.56
CA ARG G 1034 124.61 -62.90 -56.66
C ARG G 1034 125.84 -63.80 -56.72
N SER G 1035 127.03 -63.22 -56.54
CA SER G 1035 128.24 -64.03 -56.58
C SER G 1035 128.24 -65.09 -55.49
N ASN G 1036 127.92 -64.68 -54.26
CA ASN G 1036 127.90 -65.62 -53.14
C ASN G 1036 126.85 -66.71 -53.38
N ARG G 1037 125.67 -66.30 -53.84
CA ARG G 1037 124.61 -67.28 -54.13
C ARG G 1037 125.05 -68.24 -55.21
N ASP G 1038 125.78 -67.75 -56.21
CA ASP G 1038 126.28 -68.62 -57.27
C ASP G 1038 127.22 -69.68 -56.70
N SER G 1039 128.19 -69.25 -55.89
CA SER G 1039 129.11 -70.22 -55.32
C SER G 1039 128.36 -71.26 -54.48
N LEU G 1040 127.45 -70.79 -53.62
CA LEU G 1040 126.75 -71.72 -52.74
C LEU G 1040 125.85 -72.65 -53.53
N CYS G 1041 125.21 -72.15 -54.59
CA CYS G 1041 124.31 -72.99 -55.37
C CYS G 1041 125.10 -74.03 -56.14
N GLN G 1042 126.29 -73.68 -56.62
CA GLN G 1042 127.15 -74.69 -57.22
C GLN G 1042 127.46 -75.78 -56.21
N ALA G 1043 127.82 -75.41 -54.98
CA ALA G 1043 128.17 -76.36 -53.91
C ALA G 1043 126.95 -77.17 -53.50
N VAL G 1044 125.78 -76.55 -53.42
CA VAL G 1044 124.52 -77.25 -53.02
C VAL G 1044 124.28 -78.33 -54.06
N ARG G 1045 124.47 -77.99 -55.34
CA ARG G 1045 124.23 -78.93 -56.45
C ARG G 1045 125.18 -80.14 -56.35
N THR G 1046 126.45 -79.94 -55.98
CA THR G 1046 127.41 -81.06 -55.98
C THR G 1046 126.93 -82.08 -54.98
N LEU G 1047 126.47 -81.66 -53.80
CA LEU G 1047 125.91 -82.57 -52.78
C LEU G 1047 124.63 -83.22 -53.31
N LEU G 1048 123.79 -82.44 -54.00
CA LEU G 1048 122.49 -82.94 -54.51
C LEU G 1048 122.77 -84.05 -55.52
N GLY G 1049 123.79 -83.88 -56.37
CA GLY G 1049 124.10 -84.85 -57.44
C GLY G 1049 124.76 -86.08 -56.87
N TYR G 1050 125.46 -85.98 -55.73
CA TYR G 1050 126.18 -87.12 -55.16
C TYR G 1050 125.12 -88.14 -54.89
N GLY G 1051 123.95 -87.67 -54.46
CA GLY G 1051 122.82 -88.55 -54.16
C GLY G 1051 122.26 -88.13 -52.83
N TYR G 1052 123.03 -87.32 -52.08
CA TYR G 1052 122.58 -86.93 -50.74
C TYR G 1052 121.32 -86.13 -51.01
N ASN G 1053 120.27 -86.33 -50.24
CA ASN G 1053 118.98 -85.65 -50.50
C ASN G 1053 118.97 -84.34 -49.74
N ILE G 1054 118.67 -83.21 -50.39
CA ILE G 1054 118.50 -81.93 -49.65
C ILE G 1054 116.99 -81.65 -49.66
N GLU G 1055 116.41 -81.40 -48.49
CA GLU G 1055 114.96 -81.15 -48.37
C GLU G 1055 114.85 -79.80 -47.64
N PRO G 1056 114.51 -78.69 -48.32
CA PRO G 1056 114.53 -77.41 -47.62
C PRO G 1056 113.74 -77.54 -46.34
N PRO G 1057 114.21 -76.97 -45.21
CA PRO G 1057 113.54 -77.15 -43.93
C PRO G 1057 112.19 -76.48 -43.97
N ASP G 1058 111.20 -77.06 -43.31
CA ASP G 1058 109.83 -76.48 -43.26
C ASP G 1058 109.92 -75.01 -42.84
N GLN G 1059 108.99 -74.18 -43.28
CA GLN G 1059 108.98 -72.75 -42.97
C GLN G 1059 108.02 -72.50 -41.81
N GLU G 1060 108.51 -71.84 -40.78
CA GLU G 1060 107.73 -71.55 -39.58
C GLU G 1060 107.12 -70.16 -39.71
N PRO G 1061 105.81 -70.01 -39.55
CA PRO G 1061 105.21 -68.68 -39.72
C PRO G 1061 105.87 -67.65 -38.80
N SER G 1062 106.18 -66.50 -39.37
CA SER G 1062 106.89 -65.45 -38.65
C SER G 1062 106.25 -64.10 -38.96
N GLN G 1063 106.26 -63.22 -37.96
CA GLN G 1063 105.72 -61.87 -38.09
C GLN G 1063 106.76 -60.87 -37.61
N VAL G 1064 107.01 -59.85 -38.43
CA VAL G 1064 107.98 -58.82 -38.07
C VAL G 1064 107.37 -57.78 -37.14
N ASP G 1065 106.20 -57.24 -37.51
CA ASP G 1065 105.53 -56.22 -36.71
C ASP G 1065 106.50 -55.13 -36.28
N SER G 1066 107.21 -54.58 -37.27
CA SER G 1066 108.28 -53.63 -36.98
C SER G 1066 107.80 -52.50 -36.09
N GLN G 1067 106.57 -52.03 -36.31
CA GLN G 1067 106.01 -50.93 -35.56
C GLN G 1067 104.55 -51.21 -35.25
N SER G 1068 103.90 -50.25 -34.59
CA SER G 1068 102.49 -50.38 -34.25
C SER G 1068 101.64 -49.94 -35.44
N ARG G 1069 100.82 -50.87 -35.95
CA ARG G 1069 100.01 -50.57 -37.13
C ARG G 1069 99.04 -49.42 -36.86
N GLY G 1070 98.45 -49.39 -35.66
CA GLY G 1070 97.50 -48.34 -35.34
C GLY G 1070 98.13 -46.96 -35.37
N ASP G 1071 99.45 -46.88 -35.27
CA ASP G 1071 100.17 -45.60 -35.27
C ASP G 1071 101.24 -45.53 -36.36
N ARG G 1072 101.26 -46.48 -37.29
CA ARG G 1072 102.34 -46.49 -38.27
C ARG G 1072 101.98 -45.75 -39.55
N ALA G 1073 100.97 -46.22 -40.27
CA ALA G 1073 100.59 -45.58 -41.51
C ALA G 1073 100.19 -44.13 -41.25
N ARG G 1074 100.65 -43.24 -42.12
CA ARG G 1074 100.33 -41.82 -41.99
C ARG G 1074 99.03 -41.50 -42.70
N ILE G 1075 98.10 -40.88 -41.99
CA ILE G 1075 96.78 -40.54 -42.52
C ILE G 1075 96.77 -39.07 -42.86
N PHE G 1076 96.33 -38.74 -44.07
CA PHE G 1076 96.13 -37.37 -44.51
C PHE G 1076 94.64 -37.18 -44.80
N ARG G 1077 94.03 -36.18 -44.20
CA ARG G 1077 92.63 -35.88 -44.43
C ARG G 1077 92.47 -34.40 -44.76
N ALA G 1078 91.34 -34.07 -45.38
CA ALA G 1078 91.01 -32.66 -45.54
C ALA G 1078 90.61 -32.05 -44.18
N GLU G 1079 90.70 -30.73 -44.10
CA GLU G 1079 90.33 -30.04 -42.88
C GLU G 1079 88.84 -30.22 -42.60
N LYS G 1080 88.49 -30.26 -41.31
CA LYS G 1080 87.11 -30.55 -40.92
C LYS G 1080 86.11 -29.58 -41.53
N SER G 1081 86.50 -28.31 -41.74
CA SER G 1081 85.54 -27.33 -42.22
C SER G 1081 85.08 -27.62 -43.64
N TYR G 1082 85.75 -28.51 -44.35
CA TYR G 1082 85.40 -28.84 -45.72
C TYR G 1082 84.40 -29.98 -45.82
N ALA G 1083 83.93 -30.51 -44.70
CA ALA G 1083 83.04 -31.66 -44.72
C ALA G 1083 81.81 -31.36 -45.56
N VAL G 1084 81.45 -32.29 -46.44
CA VAL G 1084 80.32 -32.12 -47.35
C VAL G 1084 79.16 -32.94 -46.80
N GLN G 1085 77.98 -32.34 -46.78
CA GLN G 1085 76.77 -32.97 -46.28
C GLN G 1085 75.72 -33.18 -47.36
N SER G 1086 76.06 -32.91 -48.61
CA SER G 1086 75.11 -33.10 -49.71
C SER G 1086 75.87 -33.00 -51.02
N GLY G 1087 75.25 -33.51 -52.07
CA GLY G 1087 75.79 -33.39 -53.41
C GLY G 1087 76.53 -34.61 -53.88
N ARG G 1088 77.19 -34.44 -55.02
CA ARG G 1088 77.94 -35.50 -55.67
C ARG G 1088 79.36 -35.03 -55.90
N TRP G 1089 80.32 -35.64 -55.20
CA TRP G 1089 81.68 -35.15 -55.14
C TRP G 1089 82.66 -36.22 -55.60
N TYR G 1090 83.76 -35.76 -56.21
CA TYR G 1090 84.71 -36.62 -56.87
C TYR G 1090 86.11 -36.12 -56.61
N PHE G 1091 87.04 -37.03 -56.35
CA PHE G 1091 88.45 -36.67 -56.30
C PHE G 1091 89.28 -37.86 -56.74
N GLU G 1092 90.59 -37.64 -56.93
CA GLU G 1092 91.47 -38.64 -57.49
C GLU G 1092 92.67 -38.86 -56.59
N PHE G 1093 93.21 -40.08 -56.63
CA PHE G 1093 94.39 -40.45 -55.87
C PHE G 1093 95.25 -41.35 -56.74
N GLU G 1094 96.41 -40.87 -57.13
CA GLU G 1094 97.34 -41.62 -57.96
C GLU G 1094 98.35 -42.33 -57.08
N ALA G 1095 98.52 -43.63 -57.28
CA ALA G 1095 99.43 -44.42 -56.46
C ALA G 1095 100.79 -44.46 -57.14
N VAL G 1096 101.74 -43.67 -56.64
CA VAL G 1096 103.07 -43.68 -57.24
C VAL G 1096 103.78 -44.99 -56.93
N THR G 1097 103.65 -45.48 -55.71
CA THR G 1097 104.06 -46.83 -55.34
C THR G 1097 102.85 -47.75 -55.35
N THR G 1098 103.08 -49.02 -55.08
CA THR G 1098 102.05 -50.04 -55.19
C THR G 1098 101.88 -50.83 -53.90
N GLY G 1099 102.14 -50.21 -52.76
CA GLY G 1099 102.09 -50.86 -51.48
C GLY G 1099 100.83 -50.57 -50.72
N GLU G 1100 100.93 -50.62 -49.39
CA GLU G 1100 99.77 -50.42 -48.52
C GLU G 1100 99.32 -48.97 -48.57
N MET G 1101 98.19 -48.72 -49.21
CA MET G 1101 97.63 -47.39 -49.28
C MET G 1101 96.12 -47.50 -49.34
N ARG G 1102 95.44 -46.65 -48.59
CA ARG G 1102 93.98 -46.64 -48.53
C ARG G 1102 93.50 -45.26 -48.91
N VAL G 1103 92.35 -45.17 -49.58
CA VAL G 1103 91.82 -43.88 -50.01
C VAL G 1103 90.31 -43.92 -49.99
N GLY G 1104 89.68 -42.85 -49.52
CA GLY G 1104 88.24 -42.80 -49.47
C GLY G 1104 87.68 -41.62 -48.72
N TRP G 1105 86.61 -41.83 -47.98
CA TRP G 1105 85.90 -40.76 -47.29
C TRP G 1105 85.86 -41.03 -45.80
N ALA G 1106 86.02 -39.98 -45.01
CA ALA G 1106 86.08 -40.11 -43.56
C ALA G 1106 85.16 -39.10 -42.90
N ARG G 1107 84.67 -39.45 -41.73
CA ARG G 1107 83.88 -38.51 -40.96
C ARG G 1107 84.78 -37.52 -40.25
N PRO G 1108 84.28 -36.33 -39.93
CA PRO G 1108 85.14 -35.31 -39.32
C PRO G 1108 85.80 -35.74 -38.02
N GLU G 1109 85.18 -36.64 -37.25
CA GLU G 1109 85.72 -37.08 -35.98
C GLU G 1109 86.62 -38.31 -36.12
N LEU G 1110 87.23 -38.47 -37.29
CA LEU G 1110 88.17 -39.58 -37.50
C LEU G 1110 89.29 -39.51 -36.47
N ARG G 1111 89.68 -40.66 -35.97
CA ARG G 1111 90.76 -40.71 -35.00
C ARG G 1111 92.10 -40.94 -35.70
N PRO G 1112 93.19 -40.44 -35.15
CA PRO G 1112 94.50 -40.59 -35.80
C PRO G 1112 95.24 -41.88 -35.47
N ASP G 1113 94.83 -42.61 -34.43
CA ASP G 1113 95.54 -43.79 -33.97
C ASP G 1113 94.84 -45.09 -34.36
N VAL G 1114 93.87 -45.03 -35.27
CA VAL G 1114 93.15 -46.21 -35.73
C VAL G 1114 93.37 -46.36 -37.22
N GLU G 1115 93.58 -47.61 -37.66
CA GLU G 1115 93.72 -47.87 -39.08
C GLU G 1115 92.50 -47.38 -39.83
N LEU G 1116 92.74 -46.78 -41.00
CA LEU G 1116 91.63 -46.25 -41.77
C LEU G 1116 90.67 -47.37 -42.14
N GLY G 1117 89.39 -47.14 -41.87
CA GLY G 1117 88.36 -48.11 -42.19
C GLY G 1117 88.25 -49.27 -41.22
N ALA G 1118 89.06 -49.29 -40.17
CA ALA G 1118 88.93 -50.31 -39.14
C ALA G 1118 87.75 -50.07 -38.22
N ASP G 1119 87.19 -48.86 -38.21
CA ASP G 1119 86.00 -48.56 -37.44
C ASP G 1119 84.95 -47.93 -38.36
N ASP G 1120 83.87 -47.40 -37.80
CA ASP G 1120 82.77 -46.88 -38.58
C ASP G 1120 82.99 -45.45 -39.05
N LEU G 1121 84.19 -44.91 -38.89
CA LEU G 1121 84.45 -43.51 -39.18
C LEU G 1121 85.06 -43.28 -40.56
N ALA G 1122 85.23 -44.32 -41.37
CA ALA G 1122 85.79 -44.13 -42.70
C ALA G 1122 85.39 -45.27 -43.61
N TYR G 1123 85.07 -44.95 -44.86
CA TYR G 1123 84.82 -45.92 -45.91
C TYR G 1123 85.94 -45.72 -46.92
N VAL G 1124 86.83 -46.71 -47.07
CA VAL G 1124 88.00 -46.54 -47.92
C VAL G 1124 88.21 -47.78 -48.77
N PHE G 1125 89.06 -47.62 -49.78
CA PHE G 1125 89.47 -48.68 -50.67
C PHE G 1125 90.97 -48.88 -50.53
N ASN G 1126 91.39 -50.12 -50.35
CA ASN G 1126 92.79 -50.51 -50.27
C ASN G 1126 93.13 -51.26 -51.54
N GLY G 1127 93.97 -50.66 -52.39
CA GLY G 1127 94.31 -51.23 -53.67
C GLY G 1127 95.54 -52.09 -53.69
N HIS G 1128 96.15 -52.38 -52.54
CA HIS G 1128 97.30 -53.26 -52.52
C HIS G 1128 96.91 -54.67 -52.95
N ARG G 1129 95.86 -55.22 -52.34
CA ARG G 1129 95.30 -56.49 -52.75
C ARG G 1129 93.89 -56.37 -53.31
N GLY G 1130 93.20 -55.28 -53.01
CA GLY G 1130 91.82 -55.09 -53.44
C GLY G 1130 90.90 -55.38 -52.28
N GLN G 1131 90.48 -54.33 -51.58
CA GLN G 1131 89.65 -54.47 -50.40
C GLN G 1131 88.86 -53.19 -50.20
N ARG G 1132 87.69 -53.31 -49.59
CA ARG G 1132 86.92 -52.16 -49.13
C ARG G 1132 86.84 -52.23 -47.61
N TRP G 1133 87.31 -51.17 -46.96
CA TRP G 1133 87.42 -51.13 -45.51
C TRP G 1133 86.34 -50.24 -44.93
N HIS G 1134 85.49 -50.83 -44.10
CA HIS G 1134 84.59 -50.11 -43.21
C HIS G 1134 84.15 -51.07 -42.12
N LEU G 1135 84.58 -50.83 -40.88
CA LEU G 1135 84.33 -51.78 -39.79
C LEU G 1135 84.82 -53.17 -40.16
N GLY G 1136 85.98 -53.23 -40.81
CA GLY G 1136 86.56 -54.47 -41.25
C GLY G 1136 86.86 -54.45 -42.74
N SER G 1137 87.37 -55.57 -43.23
CA SER G 1137 87.82 -55.71 -44.60
C SER G 1137 86.95 -56.70 -45.36
N GLU G 1138 86.70 -56.42 -46.63
CA GLU G 1138 85.99 -57.32 -47.53
C GLU G 1138 86.68 -57.25 -48.88
N PRO G 1139 86.74 -58.35 -49.62
CA PRO G 1139 87.33 -58.30 -50.96
C PRO G 1139 86.54 -57.36 -51.86
N PHE G 1140 87.26 -56.63 -52.72
CA PHE G 1140 86.61 -55.67 -53.60
C PHE G 1140 87.63 -55.18 -54.62
N GLY G 1141 87.21 -55.07 -55.87
CA GLY G 1141 88.08 -54.52 -56.87
C GLY G 1141 89.28 -55.41 -57.16
N ARG G 1142 90.30 -54.80 -57.74
CA ARG G 1142 91.53 -55.46 -58.12
C ARG G 1142 92.73 -54.65 -57.64
N PRO G 1143 93.89 -55.28 -57.46
CA PRO G 1143 95.06 -54.51 -57.04
C PRO G 1143 95.49 -53.51 -58.10
N TRP G 1144 95.99 -52.37 -57.65
CA TRP G 1144 96.47 -51.33 -58.54
C TRP G 1144 97.92 -51.56 -58.92
N GLN G 1145 98.40 -50.74 -59.84
CA GLN G 1145 99.78 -50.77 -60.29
C GLN G 1145 100.33 -49.35 -60.26
N SER G 1146 101.65 -49.24 -60.31
CA SER G 1146 102.28 -47.94 -60.25
C SER G 1146 101.72 -47.03 -61.33
N GLY G 1147 101.34 -45.82 -60.93
CA GLY G 1147 100.77 -44.84 -61.84
C GLY G 1147 99.26 -44.89 -61.95
N ASP G 1148 98.61 -45.87 -61.34
CA ASP G 1148 97.17 -45.99 -61.45
C ASP G 1148 96.47 -44.91 -60.64
N VAL G 1149 95.36 -44.40 -61.17
CA VAL G 1149 94.58 -43.34 -60.54
C VAL G 1149 93.28 -43.95 -60.06
N VAL G 1150 93.01 -43.83 -58.76
CA VAL G 1150 91.75 -44.23 -58.17
C VAL G 1150 90.86 -43.01 -58.04
N GLY G 1151 89.69 -43.07 -58.67
CA GLY G 1151 88.69 -42.03 -58.53
C GLY G 1151 87.70 -42.41 -57.44
N CYS G 1152 87.53 -41.51 -56.49
CA CYS G 1152 86.62 -41.70 -55.37
C CYS G 1152 85.44 -40.75 -55.55
N MET G 1153 84.23 -41.32 -55.56
CA MET G 1153 83.00 -40.56 -55.70
C MET G 1153 82.13 -40.82 -54.48
N ILE G 1154 81.56 -39.77 -53.93
CA ILE G 1154 80.52 -39.89 -52.92
C ILE G 1154 79.26 -39.22 -53.46
N ASP G 1155 78.14 -39.94 -53.37
CA ASP G 1155 76.83 -39.45 -53.79
C ASP G 1155 75.96 -39.40 -52.54
N LEU G 1156 75.74 -38.20 -52.02
CA LEU G 1156 74.99 -38.04 -50.79
C LEU G 1156 73.50 -37.87 -51.04
N THR G 1157 73.04 -37.98 -52.29
CA THR G 1157 71.62 -38.11 -52.57
C THR G 1157 71.19 -39.57 -52.54
N GLU G 1158 71.96 -40.46 -53.17
CA GLU G 1158 71.72 -41.89 -53.10
C GLU G 1158 72.39 -42.53 -51.89
N ASN G 1159 73.24 -41.80 -51.17
CA ASN G 1159 73.96 -42.34 -50.03
C ASN G 1159 74.83 -43.53 -50.44
N THR G 1160 75.73 -43.27 -51.40
CA THR G 1160 76.58 -44.33 -51.93
C THR G 1160 78.00 -43.80 -52.15
N ILE G 1161 78.93 -44.74 -52.24
CA ILE G 1161 80.33 -44.46 -52.52
C ILE G 1161 80.78 -45.36 -53.66
N ILE G 1162 81.46 -44.77 -54.63
CA ILE G 1162 81.90 -45.48 -55.83
C ILE G 1162 83.40 -45.28 -56.00
N PHE G 1163 84.08 -46.34 -56.43
CA PHE G 1163 85.51 -46.31 -56.71
C PHE G 1163 85.76 -46.73 -58.15
N THR G 1164 86.58 -45.97 -58.86
CA THR G 1164 87.01 -46.29 -60.20
C THR G 1164 88.53 -46.44 -60.23
N LEU G 1165 89.02 -47.31 -61.09
CA LEU G 1165 90.44 -47.50 -61.30
C LEU G 1165 90.75 -47.25 -62.77
N ASN G 1166 91.39 -46.12 -63.07
CA ASN G 1166 91.66 -45.71 -64.44
C ASN G 1166 90.38 -45.54 -65.24
N GLY G 1167 89.33 -45.04 -64.59
CA GLY G 1167 88.07 -44.75 -65.23
C GLY G 1167 87.07 -45.88 -65.24
N GLU G 1168 87.46 -47.07 -64.82
CA GLU G 1168 86.58 -48.24 -64.81
C GLU G 1168 86.05 -48.45 -63.39
N VAL G 1169 84.73 -48.46 -63.24
CA VAL G 1169 84.10 -48.64 -61.95
C VAL G 1169 84.51 -50.00 -61.39
N LEU G 1170 85.00 -50.02 -60.16
CA LEU G 1170 85.35 -51.27 -59.51
C LEU G 1170 84.12 -51.95 -58.96
N MET G 1171 84.06 -53.27 -59.09
CA MET G 1171 82.90 -54.05 -58.73
C MET G 1171 83.25 -55.09 -57.68
N SER G 1172 82.34 -55.30 -56.74
CA SER G 1172 82.49 -56.34 -55.75
C SER G 1172 82.32 -57.71 -56.41
N ASP G 1173 82.50 -58.76 -55.60
CA ASP G 1173 82.31 -60.11 -56.11
C ASP G 1173 80.87 -60.32 -56.57
N SER G 1174 79.91 -59.77 -55.82
CA SER G 1174 78.51 -59.92 -56.18
C SER G 1174 78.16 -59.18 -57.46
N GLY G 1175 79.06 -58.33 -57.96
CA GLY G 1175 78.80 -57.58 -59.18
C GLY G 1175 78.23 -56.20 -58.95
N SER G 1176 77.96 -55.82 -57.71
CA SER G 1176 77.46 -54.48 -57.43
C SER G 1176 78.50 -53.44 -57.82
N GLU G 1177 78.04 -52.30 -58.33
CA GLU G 1177 78.91 -51.22 -58.75
C GLU G 1177 79.09 -50.14 -57.69
N THR G 1178 78.53 -50.33 -56.50
CA THR G 1178 78.71 -49.40 -55.40
C THR G 1178 79.47 -50.10 -54.28
N ALA G 1179 80.59 -49.51 -53.86
CA ALA G 1179 81.38 -50.09 -52.79
C ALA G 1179 80.61 -50.10 -51.48
N PHE G 1180 79.92 -49.01 -51.19
CA PHE G 1180 79.12 -48.88 -49.98
C PHE G 1180 77.78 -48.25 -50.33
N ARG G 1181 76.78 -48.52 -49.51
CA ARG G 1181 75.44 -47.98 -49.71
C ARG G 1181 74.75 -47.83 -48.37
N ASP G 1182 73.65 -47.09 -48.38
CA ASP G 1182 72.88 -46.81 -47.16
C ASP G 1182 73.77 -46.20 -46.09
N ILE G 1183 74.45 -45.13 -46.47
CA ILE G 1183 75.40 -44.43 -45.61
C ILE G 1183 74.66 -43.28 -44.95
N GLU G 1184 74.72 -43.22 -43.62
CA GLU G 1184 74.12 -42.10 -42.91
C GLU G 1184 75.01 -40.87 -43.05
N ILE G 1185 74.42 -39.77 -43.50
CA ILE G 1185 75.21 -38.57 -43.76
C ILE G 1185 75.87 -38.07 -42.48
N GLY G 1186 75.09 -37.91 -41.43
CA GLY G 1186 75.67 -37.43 -40.18
C GLY G 1186 76.24 -36.05 -40.35
N ASP G 1187 77.51 -35.89 -39.97
CA ASP G 1187 78.18 -34.59 -39.99
C ASP G 1187 78.92 -34.31 -41.29
N GLY G 1188 78.88 -35.21 -42.25
CA GLY G 1188 79.53 -35.01 -43.54
C GLY G 1188 80.76 -35.88 -43.69
N PHE G 1189 81.41 -35.70 -44.84
CA PHE G 1189 82.54 -36.53 -45.21
C PHE G 1189 83.66 -35.65 -45.74
N LEU G 1190 84.89 -36.14 -45.58
CA LEU G 1190 86.10 -35.48 -46.03
C LEU G 1190 86.93 -36.47 -46.83
N PRO G 1191 87.63 -36.02 -47.87
CA PRO G 1191 88.62 -36.89 -48.51
C PRO G 1191 89.70 -37.29 -47.52
N VAL G 1192 90.10 -38.55 -47.60
CA VAL G 1192 91.07 -39.12 -46.68
C VAL G 1192 91.90 -40.16 -47.41
N CYS G 1193 93.16 -40.27 -47.01
CA CYS G 1193 94.06 -41.28 -47.54
C CYS G 1193 95.01 -41.70 -46.44
N SER G 1194 95.59 -42.88 -46.59
CA SER G 1194 96.52 -43.45 -45.62
C SER G 1194 97.64 -44.10 -46.39
N LEU G 1195 98.88 -43.74 -46.06
CA LEU G 1195 100.06 -44.24 -46.74
C LEU G 1195 100.88 -45.03 -45.74
N GLY G 1196 101.22 -46.28 -46.08
CA GLY G 1196 102.05 -47.08 -45.22
C GLY G 1196 103.51 -46.72 -45.37
N PRO G 1197 104.34 -47.38 -44.59
CA PRO G 1197 105.78 -47.10 -44.66
C PRO G 1197 106.34 -47.26 -46.06
N GLY G 1198 106.98 -46.22 -46.56
CA GLY G 1198 107.61 -46.27 -47.87
C GLY G 1198 106.68 -46.12 -49.05
N GLN G 1199 105.51 -45.51 -48.86
CA GLN G 1199 104.52 -45.36 -49.92
C GLN G 1199 104.41 -43.90 -50.33
N VAL G 1200 104.01 -43.68 -51.58
CA VAL G 1200 103.87 -42.34 -52.13
C VAL G 1200 102.58 -42.24 -52.93
N GLY G 1201 101.80 -41.19 -52.66
CA GLY G 1201 100.56 -40.98 -53.38
C GLY G 1201 100.46 -39.54 -53.83
N HIS G 1202 99.51 -39.30 -54.72
CA HIS G 1202 99.24 -37.96 -55.23
C HIS G 1202 97.74 -37.72 -55.13
N LEU G 1203 97.35 -36.81 -54.25
CA LEU G 1203 95.94 -36.53 -53.99
C LEU G 1203 95.54 -35.31 -54.80
N ASN G 1204 94.62 -35.49 -55.74
CA ASN G 1204 94.12 -34.42 -56.59
C ASN G 1204 92.66 -34.18 -56.23
N LEU G 1205 92.40 -33.06 -55.57
CA LEU G 1205 91.04 -32.73 -55.17
C LEU G 1205 90.27 -31.97 -56.23
N GLY G 1206 90.91 -31.61 -57.33
CA GLY G 1206 90.23 -31.06 -58.48
C GLY G 1206 90.11 -29.56 -58.52
N GLN G 1207 91.02 -28.82 -57.90
CA GLN G 1207 91.00 -27.36 -58.05
C GLN G 1207 91.22 -26.97 -59.50
N ASP G 1208 92.14 -27.65 -60.18
CA ASP G 1208 92.39 -27.46 -61.61
C ASP G 1208 91.73 -28.64 -62.31
N VAL G 1209 90.48 -28.46 -62.70
CA VAL G 1209 89.68 -29.53 -63.30
C VAL G 1209 90.40 -30.11 -64.50
N SER G 1210 91.27 -29.32 -65.12
CA SER G 1210 92.04 -29.83 -66.25
C SER G 1210 93.05 -30.88 -65.80
N SER G 1211 93.49 -30.83 -64.55
CA SER G 1211 94.51 -31.76 -64.08
C SER G 1211 93.95 -33.16 -63.87
N LEU G 1212 92.66 -33.28 -63.58
CA LEU G 1212 92.05 -34.59 -63.39
C LEU G 1212 92.23 -35.43 -64.64
N ARG G 1213 92.57 -36.70 -64.45
CA ARG G 1213 92.93 -37.57 -65.57
C ARG G 1213 91.79 -38.47 -66.04
N PHE G 1214 90.84 -38.80 -65.17
CA PHE G 1214 89.75 -39.67 -65.57
C PHE G 1214 88.39 -39.13 -65.13
N PHE G 1215 88.32 -37.85 -64.76
CA PHE G 1215 87.04 -37.27 -64.39
C PHE G 1215 86.09 -37.24 -65.57
N ALA G 1216 86.58 -36.87 -66.74
CA ALA G 1216 85.74 -36.85 -67.94
C ALA G 1216 85.25 -38.25 -68.29
N ILE G 1217 86.13 -39.24 -68.19
CA ILE G 1217 85.79 -40.60 -68.59
C ILE G 1217 84.66 -41.15 -67.73
N CYS G 1218 84.74 -40.90 -66.42
CA CYS G 1218 83.71 -41.42 -65.50
C CYS G 1218 83.51 -40.43 -64.37
N GLY G 1219 82.31 -39.84 -64.31
CA GLY G 1219 81.92 -38.97 -63.21
C GLY G 1219 81.37 -37.65 -63.67
N LEU G 1220 81.96 -37.10 -64.75
CA LEU G 1220 81.47 -35.82 -65.27
C LEU G 1220 80.04 -35.96 -65.78
N GLN G 1221 79.79 -36.95 -66.64
CA GLN G 1221 78.45 -37.13 -67.17
C GLN G 1221 77.49 -37.61 -66.09
N GLU G 1222 77.96 -38.44 -65.16
CA GLU G 1222 77.13 -38.89 -64.06
C GLU G 1222 76.80 -37.78 -63.09
N GLY G 1223 77.49 -36.65 -63.16
CA GLY G 1223 77.07 -35.47 -62.42
C GLY G 1223 77.84 -35.20 -61.15
N PHE G 1224 79.09 -35.63 -61.06
CA PHE G 1224 79.92 -35.41 -59.89
C PHE G 1224 80.81 -34.20 -60.11
N GLU G 1225 80.91 -33.36 -59.10
CA GLU G 1225 81.76 -32.19 -59.16
C GLU G 1225 83.10 -32.48 -58.48
N PRO G 1226 84.20 -31.99 -59.02
CA PRO G 1226 85.47 -32.13 -58.31
C PRO G 1226 85.37 -31.50 -56.93
N PHE G 1227 85.99 -32.14 -55.94
CA PHE G 1227 85.77 -31.72 -54.56
C PHE G 1227 86.06 -30.25 -54.37
N ALA G 1228 87.25 -29.80 -54.78
CA ALA G 1228 87.61 -28.39 -54.65
C ALA G 1228 87.40 -27.65 -55.96
N ILE G 1229 86.19 -27.68 -56.52
CA ILE G 1229 85.98 -27.16 -57.87
C ILE G 1229 86.07 -25.65 -57.87
N ASN G 1230 85.37 -24.99 -56.96
CA ASN G 1230 85.30 -23.53 -56.98
C ASN G 1230 85.93 -22.94 -55.73
N MET G 1231 87.07 -23.47 -55.33
CA MET G 1231 87.83 -22.95 -54.21
C MET G 1231 88.97 -22.09 -54.77
N GLN G 1232 89.03 -20.84 -54.34
CA GLN G 1232 90.09 -19.95 -54.80
C GLN G 1232 91.44 -20.27 -54.19
N ARG G 1233 91.49 -21.13 -53.20
CA ARG G 1233 92.74 -21.52 -52.56
C ARG G 1233 92.79 -23.04 -52.43
N PRO G 1234 94.00 -23.62 -52.42
CA PRO G 1234 94.11 -25.06 -52.21
C PRO G 1234 93.50 -25.48 -50.88
N VAL G 1235 92.97 -26.70 -50.84
CA VAL G 1235 92.33 -27.21 -49.65
C VAL G 1235 93.38 -27.57 -48.62
N THR G 1236 93.20 -27.08 -47.39
CA THR G 1236 94.12 -27.37 -46.31
C THR G 1236 93.96 -28.81 -45.84
N THR G 1237 95.08 -29.45 -45.52
CA THR G 1237 95.07 -30.84 -45.10
C THR G 1237 95.72 -30.98 -43.73
N TRP G 1238 95.29 -32.01 -43.01
CA TRP G 1238 95.89 -32.40 -41.74
C TRP G 1238 96.42 -33.80 -41.88
N PHE G 1239 97.43 -34.13 -41.10
CA PHE G 1239 98.04 -35.45 -41.11
C PHE G 1239 98.20 -35.94 -39.68
N SER G 1240 98.28 -37.26 -39.56
CA SER G 1240 98.43 -37.90 -38.25
C SER G 1240 99.90 -37.93 -37.90
N LYS G 1241 100.31 -37.02 -37.03
CA LYS G 1241 101.69 -36.89 -36.58
C LYS G 1241 101.95 -37.89 -35.45
N SER G 1242 102.99 -38.69 -35.62
CA SER G 1242 103.38 -39.70 -34.64
C SER G 1242 104.39 -39.16 -33.63
N LEU G 1243 104.09 -38.04 -33.01
CA LEU G 1243 104.90 -37.52 -31.92
C LEU G 1243 104.08 -37.62 -30.65
N PRO G 1244 104.43 -38.49 -29.71
CA PRO G 1244 103.59 -38.65 -28.52
C PRO G 1244 103.43 -37.34 -27.75
N GLN G 1245 102.21 -37.10 -27.29
CA GLN G 1245 101.87 -35.87 -26.57
C GLN G 1245 100.97 -36.20 -25.39
N PHE G 1246 101.11 -35.42 -24.33
CA PHE G 1246 100.30 -35.63 -23.15
C PHE G 1246 98.95 -34.93 -23.30
N GLU G 1247 97.87 -35.67 -23.06
CA GLU G 1247 96.52 -35.15 -23.17
C GLU G 1247 95.70 -35.64 -21.99
N PRO G 1248 94.68 -34.90 -21.58
CA PRO G 1248 93.87 -35.33 -20.43
C PRO G 1248 93.27 -36.72 -20.66
N VAL G 1249 93.23 -37.52 -19.60
CA VAL G 1249 92.66 -38.85 -19.68
C VAL G 1249 91.19 -38.70 -20.08
N PRO G 1250 90.73 -39.31 -21.17
CA PRO G 1250 89.33 -39.11 -21.57
C PRO G 1250 88.37 -39.57 -20.49
N LEU G 1251 87.28 -38.83 -20.35
CA LEU G 1251 86.28 -39.16 -19.34
C LEU G 1251 85.62 -40.50 -19.60
N GLU G 1252 85.66 -40.99 -20.84
CA GLU G 1252 85.03 -42.26 -21.21
C GLU G 1252 86.03 -43.28 -21.69
N HIS G 1253 87.28 -43.19 -21.25
CA HIS G 1253 88.29 -44.14 -21.69
C HIS G 1253 87.86 -45.54 -21.29
N PRO G 1254 87.86 -46.51 -22.21
CA PRO G 1254 87.33 -47.84 -21.86
C PRO G 1254 88.12 -48.58 -20.80
N HIS G 1255 89.38 -48.24 -20.56
CA HIS G 1255 90.24 -49.02 -19.68
C HIS G 1255 90.74 -48.27 -18.46
N TYR G 1256 90.88 -46.96 -18.52
CA TYR G 1256 91.48 -46.20 -17.43
C TYR G 1256 90.47 -45.21 -16.88
N GLU G 1257 90.46 -45.07 -15.55
CA GLU G 1257 89.56 -44.15 -14.88
C GLU G 1257 90.33 -43.44 -13.78
N VAL G 1258 90.16 -42.13 -13.70
CA VAL G 1258 90.80 -41.31 -12.67
C VAL G 1258 89.72 -40.78 -11.75
N ALA G 1259 89.93 -40.94 -10.45
CA ALA G 1259 89.01 -40.44 -9.43
C ALA G 1259 89.70 -39.35 -8.63
N ARG G 1260 89.02 -38.24 -8.45
CA ARG G 1260 89.53 -37.13 -7.64
C ARG G 1260 89.00 -37.31 -6.22
N MET G 1261 89.89 -37.69 -5.31
CA MET G 1261 89.52 -37.92 -3.92
C MET G 1261 89.78 -36.65 -3.11
N ASP G 1262 88.78 -36.23 -2.34
CA ASP G 1262 88.94 -35.07 -1.49
C ASP G 1262 89.81 -35.41 -0.28
N GLY G 1263 90.46 -34.39 0.26
CA GLY G 1263 91.30 -34.59 1.43
C GLY G 1263 90.45 -34.72 2.69
N THR G 1264 90.73 -35.79 3.45
CA THR G 1264 90.03 -36.03 4.70
C THR G 1264 90.84 -35.47 5.87
N VAL G 1265 90.42 -35.79 7.09
CA VAL G 1265 91.13 -35.33 8.28
C VAL G 1265 92.53 -35.92 8.40
N ASP G 1266 92.78 -37.07 7.76
CA ASP G 1266 94.09 -37.70 7.83
C ASP G 1266 94.69 -37.99 6.46
N THR G 1267 94.02 -37.61 5.37
CA THR G 1267 94.47 -37.91 4.03
C THR G 1267 94.47 -36.63 3.20
N PRO G 1268 95.49 -36.43 2.36
CA PRO G 1268 95.51 -35.25 1.50
C PRO G 1268 94.63 -35.46 0.27
N PRO G 1269 94.47 -34.44 -0.56
CA PRO G 1269 93.81 -34.65 -1.85
C PRO G 1269 94.59 -35.64 -2.69
N CYS G 1270 93.86 -36.42 -3.48
CA CYS G 1270 94.48 -37.49 -4.26
C CYS G 1270 93.84 -37.57 -5.63
N LEU G 1271 94.58 -38.17 -6.55
CA LEU G 1271 94.11 -38.51 -7.88
C LEU G 1271 94.46 -39.98 -8.11
N ARG G 1272 93.47 -40.85 -8.01
CA ARG G 1272 93.69 -42.29 -8.05
C ARG G 1272 93.36 -42.83 -9.42
N LEU G 1273 94.20 -43.74 -9.92
CA LEU G 1273 93.99 -44.39 -11.19
C LEU G 1273 93.57 -45.84 -10.97
N THR G 1274 92.52 -46.25 -11.68
CA THR G 1274 92.03 -47.62 -11.62
C THR G 1274 91.88 -48.16 -13.03
N HIS G 1275 92.16 -49.45 -13.17
CA HIS G 1275 92.00 -50.15 -14.45
C HIS G 1275 90.58 -50.71 -14.50
N ARG G 1276 89.75 -50.17 -15.39
CA ARG G 1276 88.35 -50.57 -15.42
C ARG G 1276 88.19 -52.05 -15.76
N THR G 1277 88.87 -52.50 -16.81
CA THR G 1277 88.65 -53.83 -17.36
C THR G 1277 89.76 -54.80 -16.97
N TRP G 1278 90.28 -54.68 -15.76
CA TRP G 1278 91.35 -55.57 -15.34
C TRP G 1278 90.82 -56.98 -15.14
N GLY G 1279 91.64 -57.96 -15.47
CA GLY G 1279 91.29 -59.35 -15.25
C GLY G 1279 90.41 -59.91 -16.34
N SER G 1280 89.33 -59.21 -16.65
CA SER G 1280 88.40 -59.69 -17.66
C SER G 1280 89.09 -59.85 -19.00
N GLN G 1281 88.40 -60.51 -19.93
CA GLN G 1281 88.87 -60.56 -21.30
C GLN G 1281 88.78 -59.18 -21.92
N ASN G 1282 89.42 -59.03 -23.08
CA ASN G 1282 89.62 -57.78 -23.81
C ASN G 1282 90.38 -56.76 -22.98
N SER G 1283 90.94 -57.14 -21.82
CA SER G 1283 91.69 -56.20 -21.01
C SER G 1283 92.94 -55.72 -21.76
N LEU G 1284 93.26 -54.45 -21.60
CA LEU G 1284 94.43 -53.84 -22.23
C LEU G 1284 95.48 -53.62 -21.15
N VAL G 1285 96.64 -54.23 -21.34
CA VAL G 1285 97.74 -54.15 -20.38
C VAL G 1285 98.98 -53.71 -21.16
N GLU G 1286 99.36 -52.44 -20.99
CA GLU G 1286 100.53 -51.88 -21.64
C GLU G 1286 101.08 -50.75 -20.79
N MET G 1287 102.30 -50.36 -21.08
CA MET G 1287 102.92 -49.27 -20.35
C MET G 1287 102.07 -48.01 -20.46
N LEU G 1288 101.91 -47.31 -19.34
CA LEU G 1288 101.08 -46.13 -19.25
C LEU G 1288 101.93 -45.00 -18.69
N PHE G 1289 102.00 -43.89 -19.41
CA PHE G 1289 102.80 -42.74 -19.02
C PHE G 1289 101.85 -41.63 -18.61
N LEU G 1290 101.90 -41.22 -17.35
CA LEU G 1290 101.00 -40.23 -16.79
C LEU G 1290 101.80 -39.06 -16.24
N ARG G 1291 101.24 -37.86 -16.36
CA ARG G 1291 101.80 -36.69 -15.72
C ARG G 1291 100.66 -35.81 -15.21
N LEU G 1292 101.02 -34.80 -14.45
CA LEU G 1292 100.04 -33.83 -14.00
C LEU G 1292 100.05 -32.62 -14.92
N SER G 1293 98.88 -32.00 -15.07
CA SER G 1293 98.71 -31.00 -16.12
C SER G 1293 99.56 -29.75 -15.89
N LEU G 1294 100.02 -29.51 -14.66
CA LEU G 1294 100.72 -28.27 -14.39
C LEU G 1294 102.14 -28.52 -13.92
N PRO G 1295 103.10 -27.65 -14.29
CA PRO G 1295 104.47 -27.85 -13.83
C PRO G 1295 104.82 -27.04 -12.58
N VAL G 1296 105.93 -27.40 -11.95
CA VAL G 1296 106.61 -26.55 -10.98
C VAL G 1296 107.82 -25.96 -11.67
N GLN G 1297 108.08 -24.69 -11.42
CA GLN G 1297 109.15 -23.96 -12.08
C GLN G 1297 110.22 -23.59 -11.06
N PHE G 1298 111.47 -23.92 -11.36
CA PHE G 1298 112.57 -23.56 -10.50
C PHE G 1298 112.89 -22.08 -10.65
N HIS G 1299 113.44 -21.50 -9.58
CA HIS G 1299 113.64 -20.06 -9.54
C HIS G 1299 114.66 -19.62 -10.58
N GLN G 1300 114.55 -18.35 -10.98
CA GLN G 1300 115.47 -17.79 -11.95
C GLN G 1300 116.90 -17.78 -11.41
N HIS G 1301 117.06 -17.45 -10.13
CA HIS G 1301 118.36 -17.40 -9.49
C HIS G 1301 118.38 -18.35 -8.31
N PHE G 1302 119.40 -19.20 -8.26
CA PHE G 1302 119.52 -20.18 -7.19
C PHE G 1302 120.24 -19.58 -6.00
N ARG G 1303 119.89 -20.05 -4.81
CA ARG G 1303 120.53 -19.58 -3.59
C ARG G 1303 122.03 -19.80 -3.66
N CYS G 1304 122.79 -18.77 -3.31
CA CYS G 1304 124.24 -18.86 -3.38
C CYS G 1304 124.76 -19.90 -2.39
N THR G 1305 125.47 -20.91 -2.90
CA THR G 1305 126.00 -21.98 -2.08
C THR G 1305 124.90 -22.60 -1.24
N ASP G 1420 104.91 -33.40 18.83
CA ASP G 1420 104.24 -32.26 18.19
C ASP G 1420 104.03 -32.51 16.70
N ASN G 1421 105.10 -32.44 15.93
CA ASN G 1421 105.04 -32.67 14.48
C ASN G 1421 104.19 -31.60 13.79
N ARG G 1422 104.12 -30.42 14.38
CA ARG G 1422 103.45 -29.26 13.78
C ARG G 1422 104.49 -28.39 13.09
N ASP G 1423 104.08 -27.77 11.99
CA ASP G 1423 104.99 -26.91 11.24
C ASP G 1423 105.39 -25.71 12.09
N ASP G 1424 106.65 -25.32 11.98
CA ASP G 1424 107.11 -24.07 12.59
C ASP G 1424 106.76 -22.92 11.66
N PRO G 1425 105.92 -21.96 12.08
CA PRO G 1425 105.42 -20.95 11.14
C PRO G 1425 106.49 -20.29 10.29
N GLU G 1426 107.58 -19.84 10.91
CA GLU G 1426 108.62 -19.17 10.15
C GLU G 1426 109.25 -20.12 9.13
N ILE G 1427 109.52 -21.36 9.53
CA ILE G 1427 110.15 -22.31 8.62
C ILE G 1427 109.23 -22.60 7.44
N ILE G 1428 107.96 -22.86 7.70
CA ILE G 1428 107.05 -23.21 6.63
C ILE G 1428 106.75 -22.02 5.74
N LEU G 1429 106.80 -20.80 6.27
CA LEU G 1429 106.58 -19.61 5.45
C LEU G 1429 107.83 -19.18 4.69
N ASN G 1430 109.01 -19.65 5.06
CA ASN G 1430 110.23 -19.28 4.35
C ASN G 1430 110.86 -20.44 3.58
N THR G 1431 110.26 -21.61 3.59
CA THR G 1431 110.82 -22.76 2.89
C THR G 1431 110.61 -22.63 1.40
N THR G 1432 111.54 -23.21 0.64
CA THR G 1432 111.42 -23.29 -0.82
C THR G 1432 111.38 -24.74 -1.29
N THR G 1433 111.08 -25.68 -0.39
CA THR G 1433 111.04 -27.10 -0.70
C THR G 1433 109.59 -27.54 -0.78
N TYR G 1434 109.25 -28.26 -1.84
CA TYR G 1434 107.90 -28.74 -2.08
C TYR G 1434 107.93 -30.26 -2.24
N TYR G 1435 106.78 -30.87 -2.01
CA TYR G 1435 106.70 -32.31 -1.85
C TYR G 1435 105.44 -32.85 -2.53
N TYR G 1436 105.52 -34.09 -2.99
CA TYR G 1436 104.34 -34.81 -3.43
C TYR G 1436 104.64 -36.30 -3.44
N SER G 1437 103.62 -37.13 -3.24
CA SER G 1437 103.86 -38.56 -3.11
C SER G 1437 103.04 -39.34 -4.13
N VAL G 1438 103.47 -40.57 -4.37
CA VAL G 1438 102.72 -41.54 -5.16
C VAL G 1438 102.56 -42.78 -4.31
N ARG G 1439 101.32 -43.23 -4.14
CA ARG G 1439 101.03 -44.47 -3.44
C ARG G 1439 100.80 -45.55 -4.49
N VAL G 1440 101.59 -46.61 -4.42
CA VAL G 1440 101.42 -47.78 -5.27
C VAL G 1440 100.68 -48.82 -4.43
N PHE G 1441 99.47 -49.16 -4.84
CA PHE G 1441 98.62 -50.01 -4.04
C PHE G 1441 99.15 -51.42 -3.97
N ALA G 1442 98.84 -52.11 -2.87
CA ALA G 1442 99.21 -53.50 -2.75
C ALA G 1442 98.58 -54.32 -3.86
N GLY G 1443 99.38 -55.16 -4.50
CA GLY G 1443 98.98 -55.91 -5.67
C GLY G 1443 99.53 -55.33 -6.95
N GLN G 1444 99.83 -54.03 -6.97
CA GLN G 1444 100.54 -53.41 -8.08
C GLN G 1444 102.03 -53.64 -7.88
N GLU G 1445 102.68 -54.26 -8.85
CA GLU G 1445 104.07 -54.62 -8.70
C GLU G 1445 104.91 -53.36 -8.65
N PRO G 1446 105.68 -53.11 -7.59
CA PRO G 1446 106.56 -51.94 -7.59
C PRO G 1446 107.60 -51.97 -8.70
N SER G 1447 108.00 -53.16 -9.14
CA SER G 1447 108.96 -53.25 -10.23
C SER G 1447 108.42 -52.72 -11.54
N CYS G 1448 107.12 -52.50 -11.63
CA CYS G 1448 106.48 -52.00 -12.84
C CYS G 1448 106.03 -50.55 -12.68
N VAL G 1449 106.72 -49.78 -11.85
CA VAL G 1449 106.36 -48.40 -11.57
C VAL G 1449 107.62 -47.55 -11.54
N TRP G 1450 107.56 -46.38 -12.18
CA TRP G 1450 108.61 -45.37 -12.10
C TRP G 1450 107.95 -44.07 -11.67
N VAL G 1451 108.53 -43.40 -10.68
CA VAL G 1451 107.95 -42.20 -10.09
C VAL G 1451 108.98 -41.08 -10.15
N GLY G 1452 108.53 -39.88 -10.49
CA GLY G 1452 109.41 -38.74 -10.55
C GLY G 1452 108.84 -37.56 -11.31
N TRP G 1453 109.65 -36.98 -12.20
CA TRP G 1453 109.28 -35.78 -12.93
C TRP G 1453 109.67 -35.92 -14.39
N VAL G 1454 108.98 -35.17 -15.25
CA VAL G 1454 109.35 -35.04 -16.65
C VAL G 1454 109.37 -33.56 -17.00
N THR G 1455 110.15 -33.22 -18.00
CA THR G 1455 110.19 -31.87 -18.52
C THR G 1455 109.20 -31.72 -19.66
N PRO G 1456 108.97 -30.51 -20.13
CA PRO G 1456 107.94 -30.31 -21.17
C PRO G 1456 108.21 -31.08 -22.46
N ASP G 1457 109.44 -31.56 -22.65
CA ASP G 1457 109.83 -32.17 -23.91
C ASP G 1457 110.00 -33.67 -23.84
N TYR G 1458 109.26 -34.36 -22.97
CA TYR G 1458 109.26 -35.81 -22.96
C TYR G 1458 108.25 -36.32 -24.00
N HIS G 1459 108.70 -37.17 -24.92
CA HIS G 1459 107.85 -37.62 -26.02
C HIS G 1459 108.09 -39.10 -26.33
N GLN G 1460 108.43 -39.90 -25.32
CA GLN G 1460 108.77 -41.31 -25.54
C GLN G 1460 107.61 -42.20 -25.12
N HIS G 1461 106.96 -42.80 -26.11
CA HIS G 1461 105.92 -43.80 -25.88
C HIS G 1461 106.54 -45.19 -26.00
N ASP G 1462 107.41 -45.50 -25.05
CA ASP G 1462 108.22 -46.71 -25.09
C ASP G 1462 107.49 -47.85 -24.39
N MET G 1463 107.09 -48.87 -25.14
CA MET G 1463 106.34 -49.97 -24.57
C MET G 1463 107.22 -50.93 -23.78
N SER G 1464 108.54 -50.79 -23.85
CA SER G 1464 109.45 -51.58 -23.03
C SER G 1464 110.29 -50.63 -22.19
N PHE G 1465 109.65 -49.64 -21.57
CA PHE G 1465 110.37 -48.60 -20.88
C PHE G 1465 111.18 -49.15 -19.71
N ASP G 1466 112.34 -48.54 -19.50
CA ASP G 1466 113.12 -48.73 -18.28
C ASP G 1466 114.09 -47.56 -18.20
N LEU G 1467 114.66 -47.35 -17.01
CA LEU G 1467 115.41 -46.13 -16.77
C LEU G 1467 116.62 -45.99 -17.69
N SER G 1468 117.10 -47.07 -18.30
CA SER G 1468 118.23 -46.97 -19.20
C SER G 1468 117.87 -46.31 -20.53
N LYS G 1469 116.58 -46.15 -20.81
CA LYS G 1469 116.12 -45.54 -22.05
C LYS G 1469 115.92 -44.04 -21.92
N VAL G 1470 116.16 -43.46 -20.75
CA VAL G 1470 115.95 -42.04 -20.55
C VAL G 1470 116.99 -41.25 -21.31
N ARG G 1471 116.55 -40.21 -22.03
CA ARG G 1471 117.47 -39.33 -22.73
C ARG G 1471 118.38 -38.62 -21.74
N ALA G 1472 119.66 -38.58 -22.04
CA ALA G 1472 120.61 -37.90 -21.18
C ALA G 1472 121.81 -37.48 -22.01
N VAL G 1473 122.43 -36.37 -21.63
CA VAL G 1473 123.65 -35.91 -22.28
C VAL G 1473 124.36 -34.94 -21.35
N THR G 1474 125.68 -35.00 -21.32
CA THR G 1474 126.50 -34.10 -20.52
C THR G 1474 127.17 -33.09 -21.43
N VAL G 1475 127.03 -31.81 -21.10
CA VAL G 1475 127.71 -30.73 -21.82
C VAL G 1475 128.84 -30.26 -20.92
N THR G 1476 130.07 -30.35 -21.41
CA THR G 1476 131.26 -30.01 -20.65
C THR G 1476 131.94 -28.83 -21.33
N MET G 1477 132.09 -27.73 -20.60
CA MET G 1477 132.82 -26.57 -21.06
C MET G 1477 134.12 -26.45 -20.29
N GLY G 1478 135.21 -26.23 -21.02
CA GLY G 1478 136.53 -26.15 -20.42
C GLY G 1478 137.25 -24.87 -20.83
N ASP G 1479 138.50 -24.79 -20.41
CA ASP G 1479 139.35 -23.65 -20.73
C ASP G 1479 140.10 -23.92 -22.03
N GLU G 1480 140.97 -23.00 -22.42
CA GLU G 1480 141.70 -23.15 -23.68
C GLU G 1480 142.84 -24.15 -23.59
N GLN G 1481 143.18 -24.65 -22.41
CA GLN G 1481 144.16 -25.71 -22.25
C GLN G 1481 143.54 -26.89 -21.50
N GLY G 1482 142.27 -27.16 -21.78
CA GLY G 1482 141.53 -28.16 -21.02
C GLY G 1482 140.89 -27.54 -19.79
N ASN G 1483 141.23 -28.03 -18.60
CA ASN G 1483 140.76 -27.41 -17.37
C ASN G 1483 139.24 -27.26 -17.37
N VAL G 1484 138.52 -28.37 -17.35
CA VAL G 1484 137.06 -28.35 -17.34
C VAL G 1484 136.58 -27.29 -16.36
N HIS G 1485 135.71 -26.41 -16.84
CA HIS G 1485 135.11 -25.37 -15.99
C HIS G 1485 133.69 -25.68 -15.57
N SER G 1486 132.95 -26.47 -16.36
CA SER G 1486 131.58 -26.80 -16.00
C SER G 1486 131.17 -28.07 -16.71
N SER G 1487 130.29 -28.84 -16.07
CA SER G 1487 129.82 -30.11 -16.62
C SER G 1487 128.36 -30.27 -16.20
N LEU G 1488 127.43 -30.00 -17.11
CA LEU G 1488 126.01 -30.02 -16.82
C LEU G 1488 125.37 -31.25 -17.45
N LYS G 1489 124.60 -32.00 -16.66
CA LYS G 1489 123.85 -33.12 -17.16
C LYS G 1489 122.43 -32.68 -17.51
N CYS G 1490 121.98 -33.02 -18.70
CA CYS G 1490 120.67 -32.64 -19.20
C CYS G 1490 119.87 -33.89 -19.53
N SER G 1491 118.61 -33.88 -19.13
CA SER G 1491 117.69 -34.98 -19.39
C SER G 1491 116.28 -34.42 -19.43
N ASN G 1492 115.33 -35.29 -19.73
CA ASN G 1492 113.92 -34.92 -19.72
C ASN G 1492 113.08 -35.78 -18.81
N CYS G 1493 113.69 -36.68 -18.03
CA CYS G 1493 112.95 -37.60 -17.17
C CYS G 1493 113.79 -37.85 -15.92
N TYR G 1494 113.29 -37.42 -14.77
CA TYR G 1494 113.97 -37.60 -13.49
C TYR G 1494 113.08 -38.47 -12.62
N MET G 1495 113.45 -39.75 -12.48
CA MET G 1495 112.57 -40.72 -11.86
C MET G 1495 113.39 -41.72 -11.06
N VAL G 1496 112.72 -42.40 -10.15
CA VAL G 1496 113.26 -43.54 -9.42
C VAL G 1496 112.44 -44.76 -9.80
N TRP G 1497 113.06 -45.92 -9.73
CA TRP G 1497 112.42 -47.19 -10.06
C TRP G 1497 111.82 -47.79 -8.80
N GLY G 1498 110.55 -48.18 -8.88
CA GLY G 1498 109.91 -48.80 -7.74
C GLY G 1498 110.60 -50.06 -7.27
N GLY G 1499 111.36 -50.71 -8.16
CA GLY G 1499 112.07 -51.91 -7.79
C GLY G 1499 113.23 -51.67 -6.85
N ASP G 1500 113.74 -50.44 -6.80
CA ASP G 1500 114.86 -50.15 -5.90
C ASP G 1500 114.44 -50.20 -4.43
N PHE G 1501 113.14 -50.17 -4.15
CA PHE G 1501 112.64 -50.16 -2.78
C PHE G 1501 111.98 -51.45 -2.37
N VAL G 1502 112.07 -52.50 -3.19
CA VAL G 1502 111.55 -53.81 -2.84
C VAL G 1502 112.63 -54.57 -2.09
N SER G 1503 112.31 -54.99 -0.86
CA SER G 1503 113.27 -55.72 -0.07
C SER G 1503 113.62 -57.03 -0.75
N PRO G 1504 114.87 -57.50 -0.65
CA PRO G 1504 115.21 -58.77 -1.31
C PRO G 1504 114.37 -59.94 -0.83
N GLY G 1505 114.03 -59.97 0.47
CA GLY G 1505 113.18 -61.03 0.96
C GLY G 1505 111.79 -60.99 0.36
N GLN G 1506 111.19 -59.81 0.31
CA GLN G 1506 109.86 -59.67 -0.28
C GLN G 1506 109.92 -59.86 -1.79
N GLN G 1507 111.10 -59.70 -2.39
CA GLN G 1507 111.25 -59.90 -3.83
C GLN G 1507 110.82 -61.32 -4.21
N GLY G 1508 110.09 -61.42 -5.31
CA GLY G 1508 109.53 -62.69 -5.73
C GLY G 1508 108.22 -63.06 -5.08
N ARG G 1509 107.68 -62.19 -4.22
CA ARG G 1509 106.40 -62.45 -3.57
C ARG G 1509 105.54 -61.20 -3.70
N ILE G 1510 104.26 -61.38 -4.01
CA ILE G 1510 103.36 -60.25 -4.10
C ILE G 1510 103.15 -59.68 -2.71
N SER G 1511 103.52 -58.41 -2.54
CA SER G 1511 103.42 -57.77 -1.23
C SER G 1511 101.97 -57.44 -0.90
N HIS G 1512 101.72 -57.25 0.40
CA HIS G 1512 100.41 -56.87 0.90
C HIS G 1512 100.41 -55.47 1.49
N THR G 1513 101.42 -54.66 1.18
CA THR G 1513 101.51 -53.30 1.69
C THR G 1513 101.69 -52.32 0.53
N ASP G 1514 101.07 -51.15 0.67
CA ASP G 1514 101.26 -50.07 -0.29
C ASP G 1514 102.67 -49.53 -0.17
N LEU G 1515 103.22 -49.06 -1.29
CA LEU G 1515 104.53 -48.43 -1.32
C LEU G 1515 104.36 -46.96 -1.64
N VAL G 1516 104.77 -46.09 -0.73
CA VAL G 1516 104.62 -44.66 -0.89
C VAL G 1516 105.98 -44.08 -1.22
N ILE G 1517 106.10 -43.48 -2.41
CA ILE G 1517 107.33 -42.81 -2.83
C ILE G 1517 107.09 -41.32 -2.82
N GLY G 1518 107.88 -40.59 -2.04
CA GLY G 1518 107.76 -39.14 -1.93
C GLY G 1518 108.87 -38.46 -2.68
N CYS G 1519 108.52 -37.38 -3.37
CA CYS G 1519 109.46 -36.59 -4.17
C CYS G 1519 109.53 -35.20 -3.58
N LEU G 1520 110.74 -34.72 -3.35
CA LEU G 1520 111.00 -33.38 -2.82
C LEU G 1520 111.83 -32.60 -3.83
N VAL G 1521 111.44 -31.36 -4.06
CA VAL G 1521 112.17 -30.46 -4.95
C VAL G 1521 112.43 -29.15 -4.21
N ASP G 1522 113.68 -28.68 -4.24
CA ASP G 1522 114.03 -27.40 -3.67
C ASP G 1522 114.11 -26.38 -4.80
N LEU G 1523 113.07 -25.56 -4.95
CA LEU G 1523 112.98 -24.70 -6.12
C LEU G 1523 114.05 -23.60 -6.13
N ALA G 1524 114.76 -23.39 -5.03
CA ALA G 1524 115.77 -22.35 -4.96
C ALA G 1524 117.19 -22.87 -5.09
N THR G 1525 117.39 -24.18 -5.14
CA THR G 1525 118.73 -24.74 -5.24
C THR G 1525 118.85 -25.74 -6.38
N GLY G 1526 117.72 -26.20 -6.90
CA GLY G 1526 117.72 -27.12 -8.01
C GLY G 1526 117.90 -28.57 -7.64
N LEU G 1527 117.78 -28.91 -6.36
CA LEU G 1527 118.00 -30.27 -5.89
C LEU G 1527 116.68 -31.04 -5.83
N MET G 1528 116.73 -32.29 -6.26
CA MET G 1528 115.56 -33.17 -6.23
C MET G 1528 115.95 -34.45 -5.53
N THR G 1529 115.18 -34.84 -4.52
CA THR G 1529 115.44 -36.03 -3.73
C THR G 1529 114.18 -36.86 -3.58
N PHE G 1530 114.36 -38.11 -3.16
CA PHE G 1530 113.27 -39.06 -3.08
C PHE G 1530 113.34 -39.84 -1.78
N THR G 1531 112.18 -40.26 -1.29
CA THR G 1531 112.06 -41.13 -0.13
C THR G 1531 111.11 -42.27 -0.45
N ALA G 1532 111.34 -43.41 0.17
CA ALA G 1532 110.49 -44.58 0.01
C ALA G 1532 110.04 -45.06 1.37
N ASN G 1533 108.75 -44.92 1.65
CA ASN G 1533 108.18 -45.30 2.93
C ASN G 1533 108.95 -44.64 4.07
N GLY G 1534 109.21 -43.35 3.92
CA GLY G 1534 109.89 -42.58 4.95
C GLY G 1534 111.40 -42.53 4.80
N LYS G 1535 112.03 -43.66 4.52
CA LYS G 1535 113.48 -43.70 4.38
C LYS G 1535 113.92 -42.91 3.16
N GLU G 1536 115.00 -42.14 3.33
CA GLU G 1536 115.56 -41.38 2.22
C GLU G 1536 116.36 -42.31 1.31
N SER G 1537 116.12 -42.19 0.01
CA SER G 1537 116.80 -43.01 -0.97
C SER G 1537 118.12 -42.37 -1.38
N ASN G 1538 118.90 -43.12 -2.16
CA ASN G 1538 120.21 -42.65 -2.61
C ASN G 1538 120.15 -41.88 -3.93
N THR G 1539 119.00 -41.86 -4.58
CA THR G 1539 118.87 -41.16 -5.86
C THR G 1539 118.62 -39.68 -5.61
N PHE G 1540 119.36 -38.84 -6.34
CA PHE G 1540 119.16 -37.40 -6.29
C PHE G 1540 119.55 -36.81 -7.63
N PHE G 1541 118.92 -35.68 -7.96
CA PHE G 1541 119.14 -35.01 -9.24
C PHE G 1541 119.38 -33.53 -9.02
N GLN G 1542 120.08 -32.92 -9.95
CA GLN G 1542 120.35 -31.48 -9.95
C GLN G 1542 119.91 -30.91 -11.28
N VAL G 1543 119.06 -29.88 -11.24
CA VAL G 1543 118.60 -29.22 -12.44
C VAL G 1543 119.05 -27.76 -12.41
N GLU G 1544 118.79 -27.05 -13.48
CA GLU G 1544 119.21 -25.68 -13.67
C GLU G 1544 118.06 -24.73 -13.38
N PRO G 1545 118.36 -23.45 -13.12
CA PRO G 1545 117.29 -22.50 -12.86
C PRO G 1545 116.35 -22.37 -14.05
N ASN G 1546 115.09 -22.05 -13.75
CA ASN G 1546 114.01 -21.84 -14.71
C ASN G 1546 113.50 -23.17 -15.28
N THR G 1547 113.98 -24.30 -14.79
CA THR G 1547 113.50 -25.58 -15.29
C THR G 1547 112.04 -25.79 -14.93
N LYS G 1548 111.31 -26.43 -15.82
CA LYS G 1548 109.90 -26.78 -15.61
C LYS G 1548 109.80 -28.29 -15.46
N LEU G 1549 109.18 -28.74 -14.39
CA LEU G 1549 109.03 -30.16 -14.11
C LEU G 1549 107.58 -30.51 -13.85
N PHE G 1550 107.08 -31.54 -14.52
CA PHE G 1550 105.74 -32.05 -14.28
C PHE G 1550 105.85 -33.29 -13.41
N PRO G 1551 105.02 -33.44 -12.37
CA PRO G 1551 104.96 -34.74 -11.68
C PRO G 1551 104.53 -35.82 -12.64
N ALA G 1552 105.19 -36.98 -12.57
CA ALA G 1552 104.97 -38.03 -13.55
C ALA G 1552 105.03 -39.40 -12.88
N VAL G 1553 104.33 -40.35 -13.48
CA VAL G 1553 104.35 -41.75 -13.07
C VAL G 1553 104.24 -42.62 -14.32
N PHE G 1554 105.18 -43.53 -14.49
CA PHE G 1554 105.13 -44.52 -15.56
C PHE G 1554 104.86 -45.88 -14.92
N VAL G 1555 103.81 -46.55 -15.38
CA VAL G 1555 103.36 -47.77 -14.72
C VAL G 1555 102.88 -48.77 -15.75
N LEU G 1556 103.18 -50.04 -15.52
CA LEU G 1556 102.58 -51.13 -16.27
C LEU G 1556 101.58 -51.81 -15.36
N PRO G 1557 100.27 -51.57 -15.52
CA PRO G 1557 99.31 -52.04 -14.52
C PRO G 1557 99.37 -53.55 -14.32
N THR G 1558 99.30 -53.96 -13.06
CA THR G 1558 99.22 -55.38 -12.70
C THR G 1558 98.07 -55.65 -11.73
N HIS G 1559 97.13 -54.71 -11.62
CA HIS G 1559 96.07 -54.80 -10.62
C HIS G 1559 94.96 -53.87 -11.04
N GLN G 1560 93.82 -53.97 -10.35
CA GLN G 1560 92.72 -53.06 -10.65
C GLN G 1560 92.96 -51.67 -10.08
N ASN G 1561 93.63 -51.59 -8.94
CA ASN G 1561 94.06 -50.31 -8.37
C ASN G 1561 95.54 -50.15 -8.66
N VAL G 1562 95.89 -49.14 -9.46
CA VAL G 1562 97.25 -49.04 -9.97
C VAL G 1562 98.09 -48.11 -9.10
N VAL G 1563 97.75 -46.83 -9.06
CA VAL G 1563 98.56 -45.83 -8.36
C VAL G 1563 97.67 -44.68 -7.94
N GLN G 1564 98.24 -43.78 -7.13
CA GLN G 1564 97.49 -42.66 -6.61
C GLN G 1564 98.45 -41.50 -6.37
N PHE G 1565 98.25 -40.40 -7.09
CA PHE G 1565 98.95 -39.14 -6.84
C PHE G 1565 98.41 -38.55 -5.55
N GLU G 1566 99.25 -38.43 -4.52
CA GLU G 1566 98.85 -37.80 -3.27
C GLU G 1566 99.50 -36.42 -3.20
N LEU G 1567 98.67 -35.37 -3.22
CA LEU G 1567 99.16 -34.00 -3.24
C LEU G 1567 99.13 -33.45 -1.80
N GLY G 1568 99.93 -34.09 -0.96
CA GLY G 1568 99.99 -33.71 0.44
C GLY G 1568 101.23 -32.91 0.75
N LYS G 1569 101.67 -32.94 2.01
CA LYS G 1569 102.84 -32.21 2.45
C LYS G 1569 103.57 -33.04 3.49
N GLN G 1570 104.70 -32.53 3.93
CA GLN G 1570 105.44 -33.08 5.06
C GLN G 1570 105.63 -31.98 6.10
N LYS G 1571 106.31 -32.31 7.18
CA LYS G 1571 106.58 -31.33 8.21
C LYS G 1571 107.56 -30.30 7.67
N ASN G 1572 107.18 -29.03 7.74
CA ASN G 1572 108.00 -27.89 7.31
C ASN G 1572 108.26 -27.89 5.81
N ILE G 1573 107.46 -28.62 5.03
CA ILE G 1573 107.60 -28.68 3.58
C ILE G 1573 106.26 -28.36 2.96
N MET G 1574 106.26 -27.55 1.91
CA MET G 1574 105.04 -27.05 1.31
C MET G 1574 104.45 -28.06 0.33
N PRO G 1575 103.14 -28.02 0.11
CA PRO G 1575 102.53 -28.89 -0.90
C PRO G 1575 102.72 -28.32 -2.30
N LEU G 1576 102.35 -29.14 -3.30
CA LEU G 1576 102.58 -28.76 -4.68
C LEU G 1576 101.72 -27.59 -5.11
N SER G 1577 100.54 -27.43 -4.52
CA SER G 1577 99.68 -26.31 -4.89
C SER G 1577 100.35 -24.99 -4.61
N ALA G 1578 101.13 -24.91 -3.53
CA ALA G 1578 101.85 -23.69 -3.19
C ALA G 1578 102.90 -23.32 -4.23
N ALA G 1579 103.50 -24.31 -4.90
CA ALA G 1579 104.44 -24.04 -5.97
C ALA G 1579 103.76 -23.81 -7.31
N MET G 1580 102.58 -24.40 -7.52
CA MET G 1580 101.92 -24.32 -8.81
C MET G 1580 101.12 -23.04 -8.97
N PHE G 1581 100.47 -22.55 -7.92
CA PHE G 1581 99.54 -21.43 -8.04
C PHE G 1581 100.06 -20.23 -7.26
N LEU G 1582 100.05 -19.06 -7.90
CA LEU G 1582 100.60 -17.87 -7.28
C LEU G 1582 99.79 -17.46 -6.05
N SER G 1583 98.46 -17.49 -6.15
CA SER G 1583 97.64 -17.06 -5.04
C SER G 1583 97.81 -17.95 -3.82
N GLU G 1584 98.28 -19.18 -4.00
CA GLU G 1584 98.48 -20.12 -2.91
C GLU G 1584 99.95 -20.23 -2.52
N ARG G 1585 100.77 -19.27 -2.92
CA ARG G 1585 102.21 -19.36 -2.67
C ARG G 1585 102.53 -19.49 -1.19
N LYS G 1586 101.73 -18.87 -0.32
CA LYS G 1586 101.97 -18.91 1.10
C LYS G 1586 100.90 -19.70 1.85
N ASN G 1587 100.12 -20.51 1.15
CA ASN G 1587 99.06 -21.29 1.77
C ASN G 1587 99.59 -22.71 1.99
N PRO G 1588 99.84 -23.14 3.23
CA PRO G 1588 100.35 -24.50 3.45
C PRO G 1588 99.29 -25.58 3.40
N ALA G 1589 98.03 -25.25 3.22
CA ALA G 1589 96.99 -26.28 3.16
C ALA G 1589 97.03 -26.95 1.80
N PRO G 1590 97.17 -28.28 1.73
CA PRO G 1590 97.19 -28.95 0.43
C PRO G 1590 95.91 -28.69 -0.35
N GLN G 1591 96.04 -28.58 -1.66
CA GLN G 1591 94.92 -28.29 -2.55
C GLN G 1591 95.08 -29.05 -3.85
N CYS G 1592 93.97 -29.25 -4.54
CA CYS G 1592 93.95 -29.85 -5.88
C CYS G 1592 92.88 -29.13 -6.68
N PRO G 1593 93.19 -27.96 -7.22
CA PRO G 1593 92.18 -27.19 -7.94
C PRO G 1593 91.79 -27.89 -9.23
N PRO G 1594 90.69 -27.47 -9.86
CA PRO G 1594 90.22 -28.17 -11.06
C PRO G 1594 91.24 -28.21 -12.19
N ARG G 1595 92.09 -27.19 -12.32
CA ARG G 1595 93.06 -27.19 -13.41
C ARG G 1595 94.01 -28.37 -13.30
N LEU G 1596 94.39 -28.74 -12.08
CA LEU G 1596 95.29 -29.87 -11.86
C LEU G 1596 94.55 -31.17 -12.17
N GLU G 1597 95.00 -31.89 -13.18
CA GLU G 1597 94.40 -33.15 -13.57
C GLU G 1597 95.46 -34.08 -14.12
N VAL G 1598 95.07 -35.33 -14.32
CA VAL G 1598 95.99 -36.35 -14.81
C VAL G 1598 95.90 -36.39 -16.33
N GLN G 1599 97.06 -36.42 -16.97
CA GLN G 1599 97.17 -36.54 -18.42
C GLN G 1599 97.98 -37.79 -18.74
N MET G 1600 97.65 -38.42 -19.85
CA MET G 1600 98.34 -39.61 -20.32
C MET G 1600 98.98 -39.32 -21.67
N LEU G 1601 100.02 -40.09 -21.99
CA LEU G 1601 100.72 -39.92 -23.25
C LEU G 1601 99.97 -40.65 -24.36
N MET G 1602 99.56 -39.90 -25.40
CA MET G 1602 98.92 -40.42 -26.60
C MET G 1602 99.92 -40.48 -27.73
N PRO G 1603 99.97 -41.58 -28.49
CA PRO G 1603 101.06 -41.73 -29.48
C PRO G 1603 100.89 -40.88 -30.73
N VAL G 1604 99.66 -40.58 -31.15
CA VAL G 1604 99.44 -39.87 -32.41
C VAL G 1604 98.48 -38.71 -32.19
N SER G 1605 98.63 -37.66 -33.00
CA SER G 1605 97.77 -36.50 -32.93
C SER G 1605 97.55 -35.94 -34.32
N TRP G 1606 96.48 -35.16 -34.48
CA TRP G 1606 96.25 -34.47 -35.74
C TRP G 1606 97.06 -33.18 -35.79
N SER G 1607 97.69 -32.94 -36.94
CA SER G 1607 98.53 -31.76 -37.12
C SER G 1607 98.27 -31.15 -38.49
N ARG G 1608 98.20 -29.83 -38.54
CA ARG G 1608 97.88 -29.13 -39.77
C ARG G 1608 99.12 -29.00 -40.64
N MET G 1609 99.03 -29.44 -41.90
CA MET G 1609 100.15 -29.28 -42.82
C MET G 1609 100.22 -27.85 -43.28
N PRO G 1610 101.41 -27.25 -43.33
CA PRO G 1610 101.52 -25.88 -43.86
C PRO G 1610 101.06 -25.81 -45.31
N ASN G 1611 100.55 -24.65 -45.70
CA ASN G 1611 100.15 -24.46 -47.09
C ASN G 1611 101.36 -24.29 -48.00
N HIS G 1612 102.44 -23.73 -47.48
CA HIS G 1612 103.66 -23.53 -48.24
C HIS G 1612 104.85 -24.07 -47.46
N PHE G 1613 105.88 -24.48 -48.19
CA PHE G 1613 107.05 -25.10 -47.61
C PHE G 1613 108.31 -24.43 -48.13
N LEU G 1614 109.36 -24.48 -47.34
CA LEU G 1614 110.64 -23.92 -47.75
C LEU G 1614 111.13 -24.62 -49.01
N GLN G 1615 111.62 -23.84 -49.96
CA GLN G 1615 112.17 -24.37 -51.20
C GLN G 1615 113.68 -24.49 -51.02
N VAL G 1616 114.14 -25.72 -50.85
CA VAL G 1616 115.54 -26.02 -50.60
C VAL G 1616 116.11 -26.65 -51.86
N ASP G 1617 117.26 -26.14 -52.31
CA ASP G 1617 117.95 -26.70 -53.46
C ASP G 1617 119.23 -27.39 -52.99
N THR G 1618 119.35 -28.67 -53.27
CA THR G 1618 120.52 -29.45 -52.91
C THR G 1618 121.13 -30.03 -54.18
N ARG G 1619 122.45 -29.86 -54.33
CA ARG G 1619 123.13 -30.39 -55.51
C ARG G 1619 124.56 -30.73 -55.14
N ARG G 1620 125.29 -31.27 -56.11
CA ARG G 1620 126.70 -31.57 -55.94
C ARG G 1620 127.49 -30.49 -56.68
N ALA G 1621 128.17 -29.63 -55.91
CA ALA G 1621 128.91 -28.53 -56.52
C ALA G 1621 130.13 -29.01 -57.30
N GLY G 1622 130.66 -30.17 -56.94
CA GLY G 1622 131.83 -30.69 -57.62
C GLY G 1622 132.55 -31.69 -56.74
N GLU G 1623 133.67 -32.19 -57.25
CA GLU G 1623 134.46 -33.15 -56.51
C GLU G 1623 135.30 -32.52 -55.41
N ARG G 1624 135.52 -31.20 -55.45
CA ARG G 1624 136.25 -30.49 -54.42
C ARG G 1624 135.35 -29.61 -53.56
N LEU G 1625 134.31 -29.04 -54.14
CA LEU G 1625 133.49 -28.09 -53.41
C LEU G 1625 132.55 -28.79 -52.43
N GLY G 1626 132.03 -29.94 -52.81
CA GLY G 1626 131.19 -30.74 -51.94
C GLY G 1626 129.74 -30.77 -52.38
N TRP G 1627 128.86 -30.80 -51.39
CA TRP G 1627 127.43 -30.86 -51.64
C TRP G 1627 126.75 -29.60 -51.14
N ALA G 1628 126.20 -28.82 -52.06
CA ALA G 1628 125.66 -27.50 -51.76
C ALA G 1628 124.19 -27.57 -51.37
N VAL G 1629 123.85 -26.80 -50.34
CA VAL G 1629 122.47 -26.61 -49.86
C VAL G 1629 122.18 -25.12 -49.91
N GLN G 1630 121.03 -24.77 -50.48
CA GLN G 1630 120.67 -23.37 -50.68
C GLN G 1630 119.20 -23.17 -50.31
N CYS G 1631 118.90 -22.05 -49.65
CA CYS G 1631 117.52 -21.69 -49.34
C CYS G 1631 117.45 -20.17 -49.25
N GLN G 1632 116.67 -19.55 -50.14
CA GLN G 1632 116.69 -18.11 -50.29
C GLN G 1632 115.37 -17.41 -50.00
N GLU G 1633 114.23 -18.06 -50.23
CA GLU G 1633 112.95 -17.38 -50.12
C GLU G 1633 112.44 -17.48 -48.69
N PRO G 1634 112.18 -16.36 -48.01
CA PRO G 1634 111.75 -16.43 -46.61
C PRO G 1634 110.34 -16.97 -46.48
N LEU G 1635 110.08 -17.56 -45.31
CA LEU G 1635 108.76 -18.10 -44.99
C LEU G 1635 108.55 -17.97 -43.49
N MET G 1636 107.40 -17.42 -43.11
CA MET G 1636 107.09 -17.17 -41.72
C MET G 1636 105.72 -17.72 -41.39
N MET G 1637 105.50 -18.00 -40.11
CA MET G 1637 104.22 -18.44 -39.62
C MET G 1637 103.91 -17.69 -38.33
N MET G 1638 102.62 -17.52 -38.06
CA MET G 1638 102.17 -16.96 -36.80
C MET G 1638 101.99 -18.09 -35.81
N ALA G 1639 102.85 -18.13 -34.79
CA ALA G 1639 102.83 -19.19 -33.81
C ALA G 1639 101.96 -18.81 -32.63
N LEU G 1640 101.25 -19.79 -32.08
CA LEU G 1640 100.52 -19.66 -30.83
C LEU G 1640 101.18 -20.55 -29.79
N HIS G 1641 101.58 -19.96 -28.67
CA HIS G 1641 102.41 -20.60 -27.68
C HIS G 1641 101.63 -20.82 -26.40
N ILE G 1642 101.60 -22.06 -25.93
CA ILE G 1642 101.00 -22.40 -24.64
C ILE G 1642 102.08 -22.26 -23.57
N PRO G 1643 101.98 -21.30 -22.66
CA PRO G 1643 103.13 -21.02 -21.78
C PRO G 1643 103.49 -22.17 -20.87
N GLU G 1644 102.53 -22.75 -20.15
CA GLU G 1644 102.85 -23.77 -19.17
C GLU G 1644 103.45 -25.02 -19.80
N GLU G 1645 103.12 -25.32 -21.05
CA GLU G 1645 103.64 -26.49 -21.74
C GLU G 1645 104.87 -26.20 -22.57
N ASN G 1646 105.32 -24.95 -22.63
CA ASN G 1646 106.51 -24.57 -23.39
C ASN G 1646 106.47 -25.17 -24.79
N ARG G 1647 105.32 -25.01 -25.44
CA ARG G 1647 105.06 -25.62 -26.73
C ARG G 1647 104.31 -24.61 -27.59
N CYS G 1648 104.39 -24.79 -28.91
CA CYS G 1648 103.70 -23.89 -29.82
C CYS G 1648 103.10 -24.67 -30.96
N MET G 1649 102.08 -24.07 -31.58
CA MET G 1649 101.43 -24.61 -32.76
C MET G 1649 101.24 -23.47 -33.75
N ASP G 1650 100.82 -23.81 -34.96
CA ASP G 1650 100.37 -22.77 -35.87
C ASP G 1650 99.03 -22.22 -35.41
N ILE G 1651 98.89 -20.90 -35.43
CA ILE G 1651 97.63 -20.31 -35.03
C ILE G 1651 96.50 -20.77 -35.93
N LEU G 1652 96.82 -21.24 -37.14
CA LEU G 1652 95.79 -21.72 -38.04
C LEU G 1652 95.19 -23.06 -37.59
N GLU G 1653 95.76 -23.71 -36.59
CA GLU G 1653 95.15 -24.90 -36.02
C GLU G 1653 93.92 -24.58 -35.19
N LEU G 1654 93.70 -23.32 -34.84
CA LEU G 1654 92.51 -22.95 -34.11
C LEU G 1654 91.25 -23.08 -34.95
N SER G 1655 91.38 -23.29 -36.26
CA SER G 1655 90.21 -23.59 -37.06
C SER G 1655 89.57 -24.92 -36.66
N GLU G 1656 90.36 -25.84 -36.12
CA GLU G 1656 89.86 -27.12 -35.64
C GLU G 1656 89.87 -27.25 -34.13
N ARG G 1657 90.76 -26.55 -33.44
CA ARG G 1657 90.78 -26.55 -31.98
C ARG G 1657 89.87 -25.42 -31.51
N LEU G 1658 88.60 -25.75 -31.27
CA LEU G 1658 87.57 -24.73 -31.09
C LEU G 1658 87.54 -24.15 -29.68
N ASP G 1659 87.92 -24.91 -28.67
CA ASP G 1659 88.01 -24.33 -27.33
C ASP G 1659 89.13 -23.29 -27.26
N LEU G 1660 90.29 -23.62 -27.81
CA LEU G 1660 91.38 -22.65 -27.87
C LEU G 1660 90.98 -21.45 -28.73
N GLN G 1661 90.26 -21.68 -29.82
CA GLN G 1661 89.83 -20.57 -30.66
C GLN G 1661 88.92 -19.62 -29.89
N ARG G 1662 87.96 -20.16 -29.15
CA ARG G 1662 87.05 -19.32 -28.38
C ARG G 1662 87.81 -18.56 -27.30
N PHE G 1663 88.70 -19.25 -26.58
CA PHE G 1663 89.46 -18.58 -25.54
C PHE G 1663 90.31 -17.46 -26.12
N HIS G 1664 90.94 -17.69 -27.28
CA HIS G 1664 91.82 -16.68 -27.84
C HIS G 1664 91.02 -15.50 -28.40
N SER G 1665 89.86 -15.76 -29.00
CA SER G 1665 89.03 -14.65 -29.46
C SER G 1665 88.57 -13.79 -28.29
N HIS G 1666 88.20 -14.42 -27.18
CA HIS G 1666 87.84 -13.62 -26.01
C HIS G 1666 89.06 -12.93 -25.40
N THR G 1667 90.26 -13.51 -25.55
CA THR G 1667 91.47 -12.80 -25.16
C THR G 1667 91.65 -11.54 -25.99
N LEU G 1668 91.41 -11.62 -27.29
CA LEU G 1668 91.49 -10.43 -28.13
C LEU G 1668 90.46 -9.40 -27.72
N SER G 1669 89.25 -9.84 -27.37
CA SER G 1669 88.24 -8.91 -26.86
C SER G 1669 88.73 -8.23 -25.57
N LEU G 1670 89.36 -9.00 -24.68
CA LEU G 1670 89.88 -8.41 -23.45
C LEU G 1670 90.98 -7.39 -23.74
N TYR G 1671 91.84 -7.68 -24.72
CA TYR G 1671 92.82 -6.69 -25.15
C TYR G 1671 92.14 -5.43 -25.63
N ARG G 1672 91.11 -5.57 -26.47
CA ARG G 1672 90.40 -4.40 -26.97
C ARG G 1672 89.76 -3.60 -25.86
N SER G 1673 89.29 -4.26 -24.81
CA SER G 1673 88.58 -3.61 -23.72
C SER G 1673 89.50 -2.97 -22.68
N VAL G 1674 90.70 -3.49 -22.46
CA VAL G 1674 91.59 -2.86 -21.50
C VAL G 1674 92.16 -1.56 -22.04
N CYS G 1675 92.09 -1.32 -23.34
CA CYS G 1675 92.56 -0.09 -23.94
C CYS G 1675 91.42 0.77 -24.47
N ALA G 1676 90.18 0.40 -24.20
CA ALA G 1676 89.03 1.05 -24.82
C ALA G 1676 88.82 2.45 -24.28
N LEU G 1677 88.39 3.34 -25.16
CA LEU G 1677 87.95 4.68 -24.80
C LEU G 1677 89.11 5.53 -24.26
N GLY G 1678 90.24 5.48 -24.95
CA GLY G 1678 91.30 6.45 -24.74
C GLY G 1678 92.41 6.05 -23.80
N ASN G 1679 92.53 4.78 -23.42
CA ASN G 1679 93.62 4.35 -22.55
C ASN G 1679 94.86 4.10 -23.41
N ASN G 1680 95.45 5.21 -23.87
CA ASN G 1680 96.62 5.13 -24.74
C ASN G 1680 97.81 4.49 -24.05
N ARG G 1681 97.93 4.62 -22.74
CA ARG G 1681 98.99 3.94 -22.02
C ARG G 1681 98.87 2.43 -22.15
N VAL G 1682 97.66 1.90 -21.97
CA VAL G 1682 97.46 0.47 -22.12
C VAL G 1682 97.60 0.06 -23.58
N ALA G 1683 97.25 0.93 -24.52
CA ALA G 1683 97.47 0.62 -25.92
C ALA G 1683 98.97 0.47 -26.21
N HIS G 1684 99.77 1.37 -25.67
CA HIS G 1684 101.22 1.24 -25.79
C HIS G 1684 101.71 -0.06 -25.18
N ALA G 1685 101.16 -0.43 -24.02
CA ALA G 1685 101.53 -1.70 -23.42
C ALA G 1685 101.17 -2.88 -24.32
N LEU G 1686 99.99 -2.86 -24.92
CA LEU G 1686 99.54 -3.95 -25.78
C LEU G 1686 100.37 -4.04 -27.05
N CYS G 1687 100.99 -2.94 -27.48
CA CYS G 1687 101.88 -3.02 -28.62
C CYS G 1687 103.07 -3.93 -28.37
N SER G 1688 103.36 -4.28 -27.12
CA SER G 1688 104.42 -5.21 -26.81
C SER G 1688 103.96 -6.66 -26.84
N HIS G 1689 102.66 -6.91 -26.75
CA HIS G 1689 102.12 -8.26 -26.79
C HIS G 1689 101.63 -8.65 -28.18
N VAL G 1690 101.09 -7.69 -28.94
CA VAL G 1690 100.70 -7.92 -30.33
C VAL G 1690 101.35 -6.80 -31.13
N ASP G 1691 102.46 -7.11 -31.79
CA ASP G 1691 103.24 -6.06 -32.44
C ASP G 1691 102.72 -5.76 -33.84
N GLN G 1692 103.33 -4.74 -34.45
CA GLN G 1692 102.86 -4.24 -35.73
C GLN G 1692 102.97 -5.31 -36.81
N ALA G 1693 104.07 -6.07 -36.81
CA ALA G 1693 104.23 -7.13 -37.79
C ALA G 1693 103.14 -8.18 -37.64
N GLN G 1694 102.83 -8.57 -36.40
CA GLN G 1694 101.75 -9.52 -36.18
C GLN G 1694 100.43 -9.00 -36.71
N LEU G 1695 100.10 -7.76 -36.39
CA LEU G 1695 98.81 -7.22 -36.81
C LEU G 1695 98.73 -7.14 -38.33
N LEU G 1696 99.78 -6.67 -38.98
CA LEU G 1696 99.76 -6.53 -40.43
C LEU G 1696 99.73 -7.89 -41.12
N HIS G 1697 100.36 -8.90 -40.52
CA HIS G 1697 100.28 -10.24 -41.07
C HIS G 1697 98.88 -10.82 -40.92
N ALA G 1698 98.26 -10.59 -39.76
CA ALA G 1698 96.90 -11.10 -39.55
C ALA G 1698 95.91 -10.44 -40.50
N LEU G 1699 96.12 -9.15 -40.81
CA LEU G 1699 95.23 -8.48 -41.75
C LEU G 1699 95.14 -9.24 -43.07
N GLU G 1700 96.27 -9.78 -43.54
CA GLU G 1700 96.33 -10.43 -44.84
C GLU G 1700 96.14 -11.93 -44.79
N ASP G 1701 96.25 -12.55 -43.62
CA ASP G 1701 96.11 -14.01 -43.53
C ASP G 1701 94.72 -14.42 -43.99
N ALA G 1702 94.65 -15.11 -45.13
CA ALA G 1702 93.38 -15.54 -45.70
C ALA G 1702 92.86 -16.83 -45.10
N ARG G 1703 93.69 -17.58 -44.38
CA ARG G 1703 93.28 -18.85 -43.77
C ARG G 1703 92.84 -18.69 -42.33
N LEU G 1704 92.94 -17.49 -41.77
CA LEU G 1704 92.62 -17.29 -40.37
C LEU G 1704 91.14 -17.55 -40.13
N PRO G 1705 90.76 -18.25 -39.06
CA PRO G 1705 89.34 -18.42 -38.77
C PRO G 1705 88.66 -17.08 -38.54
N GLY G 1706 87.38 -17.01 -38.90
CA GLY G 1706 86.67 -15.76 -38.98
C GLY G 1706 86.67 -14.95 -37.70
N PRO G 1707 86.36 -15.59 -36.57
CA PRO G 1707 86.42 -14.85 -35.30
C PRO G 1707 87.78 -14.25 -35.01
N LEU G 1708 88.86 -14.97 -35.31
CA LEU G 1708 90.19 -14.41 -35.06
C LEU G 1708 90.52 -13.30 -36.04
N ARG G 1709 90.11 -13.44 -37.30
CA ARG G 1709 90.33 -12.37 -38.27
C ARG G 1709 89.62 -11.09 -37.85
N ALA G 1710 88.35 -11.21 -37.46
CA ALA G 1710 87.60 -10.06 -36.99
C ALA G 1710 88.22 -9.48 -35.73
N GLY G 1711 88.65 -10.35 -34.81
CA GLY G 1711 89.27 -9.87 -33.59
C GLY G 1711 90.55 -9.12 -33.85
N TYR G 1712 91.36 -9.56 -34.82
CA TYR G 1712 92.62 -8.88 -35.09
C TYR G 1712 92.41 -7.57 -35.83
N TYR G 1713 91.45 -7.51 -36.75
CA TYR G 1713 91.11 -6.22 -37.33
C TYR G 1713 90.64 -5.24 -36.26
N ASP G 1714 89.74 -5.69 -35.38
CA ASP G 1714 89.24 -4.83 -34.32
C ASP G 1714 90.35 -4.43 -33.37
N LEU G 1715 91.30 -5.34 -33.11
CA LEU G 1715 92.40 -5.03 -32.22
C LEU G 1715 93.32 -3.99 -32.81
N LEU G 1716 93.63 -4.09 -34.10
CA LEU G 1716 94.41 -3.04 -34.76
C LEU G 1716 93.70 -1.70 -34.61
N ILE G 1717 92.40 -1.68 -34.91
CA ILE G 1717 91.67 -0.42 -34.83
C ILE G 1717 91.70 0.13 -33.42
N SER G 1718 91.46 -0.72 -32.41
CA SER G 1718 91.41 -0.26 -31.04
C SER G 1718 92.76 0.25 -30.56
N ILE G 1719 93.83 -0.44 -30.90
CA ILE G 1719 95.15 -0.03 -30.42
C ILE G 1719 95.60 1.25 -31.09
N HIS G 1720 95.42 1.37 -32.40
CA HIS G 1720 96.09 2.42 -33.14
C HIS G 1720 95.18 3.54 -33.63
N LEU G 1721 93.91 3.26 -33.93
CA LEU G 1721 93.08 4.22 -34.64
C LEU G 1721 91.86 4.69 -33.88
N GLU G 1722 91.41 3.99 -32.85
CA GLU G 1722 90.11 4.29 -32.25
C GLU G 1722 90.09 5.71 -31.67
N SER G 1723 91.14 6.09 -30.94
CA SER G 1723 91.14 7.38 -30.27
C SER G 1723 91.16 8.52 -31.28
N ALA G 1724 92.04 8.45 -32.27
CA ALA G 1724 92.09 9.48 -33.29
C ALA G 1724 90.77 9.57 -34.04
N CYS G 1725 90.19 8.43 -34.39
CA CYS G 1725 88.93 8.44 -35.11
C CYS G 1725 87.83 9.08 -34.28
N ARG G 1726 87.77 8.76 -32.98
CA ARG G 1726 86.74 9.35 -32.13
C ARG G 1726 86.92 10.86 -32.00
N SER G 1727 88.15 11.31 -31.79
CA SER G 1727 88.40 12.74 -31.65
C SER G 1727 88.03 13.48 -32.93
N ARG G 1728 88.38 12.92 -34.09
CA ARG G 1728 88.02 13.57 -35.34
C ARG G 1728 86.52 13.56 -35.56
N ARG G 1729 85.85 12.45 -35.21
CA ARG G 1729 84.41 12.36 -35.41
C ARG G 1729 83.69 13.40 -34.56
N SER G 1730 84.20 13.65 -33.35
CA SER G 1730 83.57 14.67 -32.52
C SER G 1730 83.61 16.04 -33.19
N MET G 1731 84.69 16.36 -33.88
CA MET G 1731 84.86 17.65 -34.54
C MET G 1731 84.19 17.72 -35.90
N LEU G 1732 83.86 16.59 -36.51
CA LEU G 1732 83.33 16.59 -37.87
C LEU G 1732 81.95 17.22 -37.99
N SER G 1733 81.30 17.55 -36.87
CA SER G 1733 79.97 18.16 -36.92
C SER G 1733 79.99 19.68 -36.89
N GLU G 1734 81.17 20.30 -36.83
CA GLU G 1734 81.29 21.75 -36.78
C GLU G 1734 82.13 22.23 -37.95
N TYR G 1735 81.81 23.43 -38.44
CA TYR G 1735 82.44 23.99 -39.64
C TYR G 1735 82.98 25.37 -39.30
N ILE G 1736 84.22 25.41 -38.82
CA ILE G 1736 84.92 26.68 -38.58
C ILE G 1736 85.76 26.96 -39.82
N VAL G 1737 85.28 27.85 -40.68
CA VAL G 1737 85.87 28.10 -41.99
C VAL G 1737 86.77 29.34 -41.87
N PRO G 1738 88.08 29.20 -42.03
CA PRO G 1738 88.93 30.40 -42.06
C PRO G 1738 88.81 31.12 -43.39
N LEU G 1739 88.88 32.45 -43.35
CA LEU G 1739 88.72 33.28 -44.54
C LEU G 1739 90.08 33.42 -45.23
N THR G 1740 90.46 32.36 -45.91
CA THR G 1740 91.72 32.27 -46.64
C THR G 1740 91.47 32.21 -48.14
N PRO G 1741 92.52 32.34 -48.95
CA PRO G 1741 92.32 32.24 -50.41
C PRO G 1741 91.71 30.92 -50.85
N GLU G 1742 92.04 29.81 -50.20
CA GLU G 1742 91.43 28.53 -50.58
C GLU G 1742 89.93 28.58 -50.35
N THR G 1743 89.51 29.13 -49.21
CA THR G 1743 88.08 29.31 -48.97
C THR G 1743 87.46 30.19 -50.04
N ARG G 1744 88.12 31.30 -50.37
CA ARG G 1744 87.60 32.17 -51.41
C ARG G 1744 87.43 31.42 -52.72
N ALA G 1745 88.31 30.47 -52.99
CA ALA G 1745 88.26 29.74 -54.25
C ALA G 1745 87.14 28.70 -54.27
N ILE G 1746 86.85 28.08 -53.12
CA ILE G 1746 85.83 27.04 -53.07
C ILE G 1746 84.55 27.51 -53.75
N THR G 1747 83.92 26.62 -54.52
CA THR G 1747 82.66 26.91 -55.20
C THR G 1747 81.74 25.70 -55.15
N LEU G 1748 80.44 25.95 -55.26
CA LEU G 1748 79.46 24.88 -55.10
C LEU G 1748 79.66 23.78 -56.13
N PHE G 1749 79.71 24.16 -57.40
CA PHE G 1749 79.83 23.22 -58.48
C PHE G 1749 81.24 23.24 -59.08
N PRO G 1750 81.72 22.13 -59.61
CA PRO G 1750 83.08 22.11 -60.14
C PRO G 1750 83.20 23.00 -61.36
N PRO G 1751 84.28 23.77 -61.49
CA PRO G 1751 84.50 24.52 -62.73
C PRO G 1751 84.60 23.58 -63.91
N GLY G 1752 83.62 23.68 -64.82
CA GLY G 1752 83.52 22.75 -65.92
C GLY G 1752 83.17 23.46 -67.22
N ARG G 1753 83.41 22.74 -68.32
CA ARG G 1753 83.12 23.30 -69.63
C ARG G 1753 81.64 23.66 -69.76
N SER G 1754 80.75 22.81 -69.24
CA SER G 1754 79.33 23.12 -69.29
C SER G 1754 79.05 24.45 -68.60
N ALA G 1755 79.65 24.66 -67.43
CA ALA G 1755 79.55 25.93 -66.72
C ALA G 1755 80.43 25.84 -65.49
N GLU G 1756 80.85 27.00 -64.98
CA GLU G 1756 81.66 27.04 -63.77
C GLU G 1756 80.83 26.90 -62.51
N ASP G 1757 79.51 27.10 -62.59
CA ASP G 1757 78.62 26.89 -61.46
C ASP G 1757 77.20 26.82 -61.97
N GLY G 1758 76.48 25.77 -61.57
CA GLY G 1758 75.17 25.50 -62.09
C GLY G 1758 74.99 24.11 -62.68
N PRO G 1759 76.02 23.57 -63.33
CA PRO G 1759 75.79 22.35 -64.14
C PRO G 1759 75.36 21.18 -63.28
N ARG G 1760 74.60 20.27 -63.89
CA ARG G 1760 74.02 19.17 -63.15
C ARG G 1760 75.09 18.32 -62.47
N ARG G 1761 76.26 18.20 -63.09
CA ARG G 1761 77.28 17.28 -62.61
C ARG G 1761 77.96 17.86 -61.36
N HIS G 1762 77.80 17.18 -60.23
CA HIS G 1762 78.52 17.52 -59.02
C HIS G 1762 79.98 17.08 -59.15
N GLY G 1763 80.81 17.60 -58.26
CA GLY G 1763 82.11 17.02 -58.07
C GLY G 1763 82.04 15.74 -57.26
N LEU G 1764 83.08 14.94 -57.37
CA LEU G 1764 83.10 13.67 -56.64
C LEU G 1764 83.05 13.96 -55.14
N PRO G 1765 82.15 13.34 -54.39
CA PRO G 1765 82.06 13.62 -52.96
C PRO G 1765 83.34 13.24 -52.23
N GLY G 1766 83.71 14.05 -51.24
CA GLY G 1766 84.90 13.80 -50.47
C GLY G 1766 86.20 14.09 -51.18
N VAL G 1767 86.15 14.59 -52.41
CA VAL G 1767 87.32 14.91 -53.20
C VAL G 1767 87.32 16.40 -53.47
N GLY G 1768 88.44 17.06 -53.23
CA GLY G 1768 88.58 18.47 -53.50
C GLY G 1768 89.21 19.17 -52.33
N VAL G 1769 88.93 20.46 -52.23
CA VAL G 1769 89.51 21.31 -51.20
C VAL G 1769 88.47 21.55 -50.11
N THR G 1770 88.86 21.31 -48.87
CA THR G 1770 88.04 21.64 -47.71
C THR G 1770 88.91 22.43 -46.74
N THR G 1771 88.34 23.46 -46.14
CA THR G 1771 89.10 24.37 -45.29
C THR G 1771 88.64 24.38 -43.84
N SER G 1772 87.58 23.66 -43.49
CA SER G 1772 87.12 23.62 -42.12
C SER G 1772 88.26 23.17 -41.20
N LEU G 1773 88.40 23.84 -40.07
CA LEU G 1773 89.49 23.54 -39.16
C LEU G 1773 89.24 22.21 -38.46
N ARG G 1774 90.24 21.33 -38.49
CA ARG G 1774 90.21 20.08 -37.76
C ARG G 1774 91.60 19.83 -37.19
N PRO G 1775 91.75 19.71 -35.87
CA PRO G 1775 93.09 19.53 -35.30
C PRO G 1775 93.73 18.25 -35.79
N PRO G 1776 95.06 18.21 -35.92
CA PRO G 1776 95.71 17.04 -36.48
C PRO G 1776 95.69 15.84 -35.53
N HIS G 1777 96.17 14.72 -36.05
CA HIS G 1777 96.34 13.52 -35.24
C HIS G 1777 97.73 13.52 -34.62
N HIS G 1778 97.82 13.02 -33.38
CA HIS G 1778 99.08 12.95 -32.65
C HIS G 1778 99.32 11.52 -32.21
N PHE G 1779 100.48 10.99 -32.57
CA PHE G 1779 100.87 9.64 -32.21
C PHE G 1779 102.29 9.67 -31.67
N SER G 1780 102.65 8.63 -30.93
CA SER G 1780 104.02 8.47 -30.47
C SER G 1780 104.50 7.07 -30.85
N PRO G 1781 105.81 6.90 -31.05
CA PRO G 1781 106.31 5.59 -31.45
C PRO G 1781 106.30 4.61 -30.29
N PRO G 1782 105.92 3.36 -30.50
CA PRO G 1782 106.09 2.36 -29.45
C PRO G 1782 107.57 2.06 -29.25
N CYS G 1783 107.98 1.99 -27.99
CA CYS G 1783 109.37 1.68 -27.66
C CYS G 1783 109.44 1.35 -26.18
N PHE G 1784 110.09 0.24 -25.85
CA PHE G 1784 110.14 -0.27 -24.49
C PHE G 1784 111.57 -0.38 -24.00
N VAL G 1785 112.41 0.59 -24.40
CA VAL G 1785 113.74 0.75 -23.84
C VAL G 1785 114.00 2.18 -23.37
N VAL G 1786 113.04 3.08 -23.54
CA VAL G 1786 113.23 4.47 -23.14
C VAL G 1786 113.18 4.57 -21.62
N ALA G 1787 113.89 5.55 -21.07
CA ALA G 1787 113.83 5.80 -19.64
C ALA G 1787 112.40 6.16 -19.24
N LEU G 1788 111.93 5.54 -18.16
CA LEU G 1788 110.58 5.79 -17.68
C LEU G 1788 110.54 7.15 -16.99
N PRO G 1789 109.60 8.04 -17.34
CA PRO G 1789 109.50 9.30 -16.61
C PRO G 1789 109.30 9.05 -15.12
N ALA G 1790 110.27 9.47 -14.31
CA ALA G 1790 110.26 9.21 -12.87
C ALA G 1790 109.63 10.34 -12.08
N ALA G 1791 108.85 11.20 -12.74
CA ALA G 1791 108.16 12.28 -12.07
C ALA G 1791 106.96 11.72 -11.30
N GLY G 1792 106.15 12.62 -10.74
CA GLY G 1792 104.99 12.18 -9.99
C GLY G 1792 103.97 11.51 -10.89
N ALA G 1793 103.08 10.76 -10.26
CA ALA G 1793 102.01 10.09 -10.99
C ALA G 1793 100.82 11.03 -11.17
N THR G 1794 100.04 10.76 -12.22
CA THR G 1794 98.83 11.51 -12.55
C THR G 1794 99.14 12.96 -12.94
N GLU G 1795 100.39 13.27 -13.26
CA GLU G 1795 100.76 14.62 -13.66
C GLU G 1795 101.53 14.62 -14.97
N ALA G 1796 102.01 13.45 -15.38
CA ALA G 1796 102.77 13.37 -16.62
C ALA G 1796 101.85 13.66 -17.80
N PRO G 1797 102.38 14.16 -18.92
CA PRO G 1797 101.55 14.41 -20.09
C PRO G 1797 100.85 13.13 -20.53
N ALA G 1798 99.58 13.27 -20.94
CA ALA G 1798 98.81 12.12 -21.37
C ALA G 1798 99.50 11.43 -22.54
N ARG G 1799 99.49 10.09 -22.51
CA ARG G 1799 100.12 9.33 -23.58
C ARG G 1799 99.34 9.51 -24.87
N LEU G 1800 100.07 9.56 -25.98
CA LEU G 1800 99.47 9.54 -27.30
C LEU G 1800 99.27 8.10 -27.75
N SER G 1801 98.41 7.94 -28.75
CA SER G 1801 98.19 6.60 -29.29
C SER G 1801 99.45 6.10 -29.99
N PRO G 1802 99.78 4.82 -29.85
CA PRO G 1802 100.96 4.31 -30.55
C PRO G 1802 100.82 4.44 -32.05
N ALA G 1803 101.91 4.78 -32.71
CA ALA G 1803 101.89 5.05 -34.14
C ALA G 1803 102.00 3.75 -34.95
N ILE G 1804 101.49 3.81 -36.17
CA ILE G 1804 101.60 2.71 -37.13
C ILE G 1804 101.66 3.36 -38.51
N PRO G 1805 102.55 2.92 -39.41
CA PRO G 1805 102.69 3.62 -40.69
C PRO G 1805 101.39 3.73 -41.46
N LEU G 1806 100.89 4.96 -41.56
CA LEU G 1806 99.55 5.19 -42.08
C LEU G 1806 99.46 5.09 -43.59
N GLU G 1807 100.50 5.51 -44.33
CA GLU G 1807 100.46 5.35 -45.78
C GLU G 1807 100.44 3.88 -46.18
N ALA G 1808 101.28 3.07 -45.54
CA ALA G 1808 101.28 1.64 -45.82
C ALA G 1808 99.96 1.01 -45.40
N LEU G 1809 99.43 1.41 -44.25
CA LEU G 1809 98.14 0.87 -43.82
C LEU G 1809 97.04 1.23 -44.80
N ARG G 1810 97.05 2.46 -45.31
CA ARG G 1810 96.05 2.87 -46.30
C ARG G 1810 96.14 2.01 -47.55
N ASP G 1811 97.37 1.84 -48.07
CA ASP G 1811 97.52 1.05 -49.28
C ASP G 1811 97.05 -0.38 -49.05
N LYS G 1812 97.40 -0.96 -47.91
CA LYS G 1812 96.99 -2.33 -47.62
C LYS G 1812 95.47 -2.43 -47.54
N ALA G 1813 94.83 -1.47 -46.87
CA ALA G 1813 93.37 -1.51 -46.74
C ALA G 1813 92.72 -1.42 -48.11
N LEU G 1814 93.20 -0.52 -48.96
CA LEU G 1814 92.62 -0.39 -50.30
C LEU G 1814 92.80 -1.66 -51.10
N ARG G 1815 93.99 -2.25 -51.05
CA ARG G 1815 94.24 -3.47 -51.81
C ARG G 1815 93.35 -4.61 -51.32
N MET G 1816 93.20 -4.75 -50.00
CA MET G 1816 92.36 -5.82 -49.46
C MET G 1816 90.91 -5.62 -49.84
N LEU G 1817 90.42 -4.37 -49.82
CA LEU G 1817 89.04 -4.13 -50.23
C LEU G 1817 88.85 -4.47 -51.71
N GLY G 1818 89.81 -4.12 -52.55
CA GLY G 1818 89.70 -4.48 -53.96
C GLY G 1818 89.69 -5.99 -54.16
N GLU G 1819 90.55 -6.70 -53.44
CA GLU G 1819 90.56 -8.16 -53.54
C GLU G 1819 89.24 -8.75 -53.07
N ALA G 1820 88.68 -8.21 -52.00
CA ALA G 1820 87.41 -8.71 -51.50
C ALA G 1820 86.30 -8.49 -52.53
N VAL G 1821 86.28 -7.33 -53.16
CA VAL G 1821 85.28 -7.07 -54.18
C VAL G 1821 85.41 -8.06 -55.32
N ARG G 1822 86.63 -8.29 -55.78
CA ARG G 1822 86.84 -9.24 -56.88
C ARG G 1822 86.40 -10.65 -56.48
N ASP G 1823 86.77 -11.08 -55.27
CA ASP G 1823 86.42 -12.44 -54.83
C ASP G 1823 84.90 -12.59 -54.72
N GLY G 1824 84.23 -11.59 -54.14
CA GLY G 1824 82.79 -11.63 -54.07
C GLY G 1824 82.16 -11.72 -55.45
N GLY G 1825 82.72 -10.99 -56.41
CA GLY G 1825 82.25 -11.11 -57.78
C GLY G 1825 82.46 -12.50 -58.35
N GLN G 1826 83.53 -13.17 -57.91
CA GLN G 1826 83.84 -14.51 -58.42
C GLN G 1826 83.00 -15.60 -57.76
N HIS G 1827 82.47 -15.38 -56.56
CA HIS G 1827 81.60 -16.34 -55.88
C HIS G 1827 82.31 -17.69 -55.65
N ALA G 1828 83.35 -17.64 -54.83
CA ALA G 1828 84.06 -18.85 -54.44
C ALA G 1828 83.30 -19.57 -53.33
N ARG G 1829 83.72 -20.80 -53.05
CA ARG G 1829 83.12 -21.60 -51.99
C ARG G 1829 83.94 -21.60 -50.70
N ASP G 1830 85.05 -20.88 -50.65
CA ASP G 1830 85.86 -20.75 -49.45
C ASP G 1830 86.13 -19.26 -49.20
N PRO G 1831 85.13 -18.52 -48.75
CA PRO G 1831 85.36 -17.10 -48.45
C PRO G 1831 86.40 -16.93 -47.36
N VAL G 1832 87.18 -15.86 -47.48
CA VAL G 1832 88.16 -15.55 -46.45
C VAL G 1832 87.42 -15.33 -45.14
N GLY G 1833 87.82 -16.04 -44.11
CA GLY G 1833 87.17 -16.00 -42.83
C GLY G 1833 86.03 -16.98 -42.67
N GLY G 1834 85.65 -17.66 -43.73
CA GLY G 1834 84.61 -18.66 -43.69
C GLY G 1834 83.24 -18.18 -44.14
N SER G 1835 83.07 -16.88 -44.36
CA SER G 1835 81.78 -16.37 -44.82
C SER G 1835 81.99 -15.01 -45.46
N VAL G 1836 81.00 -14.62 -46.26
CA VAL G 1836 81.06 -13.31 -46.91
C VAL G 1836 81.08 -12.21 -45.87
N GLU G 1837 80.31 -12.35 -44.79
CA GLU G 1837 80.31 -11.35 -43.74
C GLU G 1837 81.68 -11.22 -43.09
N PHE G 1838 82.32 -12.34 -42.76
CA PHE G 1838 83.64 -12.32 -42.15
C PHE G 1838 84.73 -11.88 -43.12
N GLN G 1839 84.47 -11.95 -44.42
CA GLN G 1839 85.39 -11.44 -45.41
C GLN G 1839 85.27 -9.94 -45.62
N PHE G 1840 84.06 -9.39 -45.60
CA PHE G 1840 83.83 -8.00 -45.95
C PHE G 1840 83.77 -7.06 -44.76
N VAL G 1841 83.13 -7.45 -43.66
CA VAL G 1841 82.92 -6.51 -42.55
C VAL G 1841 84.23 -5.98 -41.99
N PRO G 1842 85.26 -6.81 -41.75
CA PRO G 1842 86.50 -6.26 -41.19
C PRO G 1842 87.19 -5.23 -42.08
N VAL G 1843 87.38 -5.53 -43.36
CA VAL G 1843 88.05 -4.58 -44.24
C VAL G 1843 87.23 -3.31 -44.40
N LEU G 1844 85.90 -3.44 -44.47
CA LEU G 1844 85.07 -2.25 -44.55
C LEU G 1844 85.16 -1.41 -43.28
N LYS G 1845 85.23 -2.05 -42.11
CA LYS G 1845 85.41 -1.29 -40.88
C LYS G 1845 86.73 -0.53 -40.90
N LEU G 1846 87.81 -1.18 -41.33
CA LEU G 1846 89.10 -0.50 -41.39
C LEU G 1846 89.04 0.67 -42.35
N VAL G 1847 88.43 0.47 -43.52
CA VAL G 1847 88.35 1.54 -44.51
C VAL G 1847 87.52 2.70 -43.99
N SER G 1848 86.41 2.41 -43.32
CA SER G 1848 85.57 3.47 -42.75
C SER G 1848 86.34 4.25 -41.70
N THR G 1849 87.07 3.55 -40.84
CA THR G 1849 87.85 4.24 -39.82
C THR G 1849 88.88 5.17 -40.46
N LEU G 1850 89.60 4.67 -41.46
CA LEU G 1850 90.62 5.51 -42.09
C LEU G 1850 89.99 6.68 -42.81
N LEU G 1851 88.84 6.46 -43.46
CA LEU G 1851 88.15 7.56 -44.12
C LEU G 1851 87.78 8.65 -43.12
N VAL G 1852 87.17 8.26 -42.00
CA VAL G 1852 86.76 9.25 -41.02
C VAL G 1852 87.96 9.99 -40.46
N MET G 1853 89.04 9.25 -40.16
CA MET G 1853 90.28 9.92 -39.76
C MET G 1853 90.77 10.88 -40.82
N GLY G 1854 90.41 10.65 -42.08
CA GLY G 1854 90.76 11.57 -43.14
C GLY G 1854 92.18 11.41 -43.62
N VAL G 1855 92.69 10.18 -43.57
CA VAL G 1855 94.05 9.92 -44.03
C VAL G 1855 94.12 9.60 -45.52
N PHE G 1856 93.02 9.19 -46.14
CA PHE G 1856 93.04 8.83 -47.54
C PHE G 1856 93.23 10.07 -48.41
N SER G 1857 94.08 9.94 -49.42
CA SER G 1857 94.29 11.02 -50.38
C SER G 1857 93.16 11.05 -51.40
N ASP G 1858 93.22 12.04 -52.30
CA ASP G 1858 92.17 12.18 -53.30
C ASP G 1858 92.11 10.99 -54.23
N GLU G 1859 93.27 10.48 -54.65
CA GLU G 1859 93.28 9.29 -55.49
C GLU G 1859 92.68 8.09 -54.76
N ASP G 1860 93.01 7.94 -53.48
CA ASP G 1860 92.44 6.84 -52.70
C ASP G 1860 90.93 6.96 -52.61
N VAL G 1861 90.43 8.18 -52.39
CA VAL G 1861 89.00 8.38 -52.29
C VAL G 1861 88.33 8.09 -53.63
N LYS G 1862 88.98 8.45 -54.73
CA LYS G 1862 88.43 8.11 -56.04
C LYS G 1862 88.37 6.60 -56.22
N GLN G 1863 89.42 5.87 -55.78
CA GLN G 1863 89.38 4.42 -55.89
C GLN G 1863 88.25 3.83 -55.06
N ILE G 1864 88.05 4.35 -53.85
CA ILE G 1864 86.96 3.85 -53.01
C ILE G 1864 85.62 4.13 -53.67
N LEU G 1865 85.45 5.31 -54.24
CA LEU G 1865 84.19 5.64 -54.90
C LEU G 1865 83.94 4.73 -56.09
N LYS G 1866 84.98 4.41 -56.86
CA LYS G 1866 84.81 3.51 -57.99
C LYS G 1866 84.51 2.09 -57.52
N MET G 1867 85.09 1.66 -56.41
CA MET G 1867 84.73 0.35 -55.87
C MET G 1867 83.28 0.34 -55.42
N ILE G 1868 82.79 1.42 -54.85
CA ILE G 1868 81.39 1.49 -54.43
C ILE G 1868 80.46 1.45 -55.63
N GLU G 1869 80.74 2.26 -56.64
CA GLU G 1869 79.85 2.34 -57.80
C GLU G 1869 80.64 2.80 -59.02
N PRO G 1870 81.08 1.88 -59.89
CA PRO G 1870 81.94 2.29 -61.01
C PRO G 1870 81.28 3.27 -61.96
N GLU G 1871 79.97 3.19 -62.18
CA GLU G 1871 79.32 4.00 -63.19
C GLU G 1871 79.00 5.40 -62.69
N VAL G 1872 78.43 5.51 -61.50
CA VAL G 1872 78.04 6.82 -60.99
C VAL G 1872 79.27 7.70 -60.77
N PHE G 1873 80.33 7.13 -60.20
CA PHE G 1873 81.51 7.89 -59.82
C PHE G 1873 82.66 7.70 -60.82
N ARG G 1874 82.34 7.47 -62.09
CA ARG G 1874 83.36 7.47 -63.11
C ARG G 1874 84.02 8.84 -63.21
N GLU G 1875 85.31 8.84 -63.51
CA GLU G 1875 86.07 10.09 -63.60
C GLU G 1875 85.98 10.61 -65.02
N GLU G 1876 85.47 11.83 -65.17
CA GLU G 1876 85.29 12.44 -66.49
C GLU G 1876 86.64 12.78 -67.11
N LEU G 1923 86.03 -4.32 -61.30
CA LEU G 1923 85.36 -4.50 -62.58
C LEU G 1923 84.15 -3.56 -62.66
N GLU G 1924 83.13 -3.96 -63.43
CA GLU G 1924 81.93 -3.14 -63.59
C GLU G 1924 80.88 -3.41 -62.53
N GLU G 1925 81.12 -4.35 -61.62
CA GLU G 1925 80.19 -4.66 -60.54
C GLU G 1925 80.64 -3.91 -59.29
N GLY G 1926 79.70 -3.19 -58.67
CA GLY G 1926 79.98 -2.41 -57.49
C GLY G 1926 79.42 -3.05 -56.24
N LEU G 1927 80.04 -2.69 -55.11
CA LEU G 1927 79.61 -3.21 -53.82
C LEU G 1927 78.10 -3.02 -53.63
N LEU G 1928 77.60 -1.83 -53.93
CA LEU G 1928 76.19 -1.56 -53.71
C LEU G 1928 75.29 -2.45 -54.56
N GLN G 1929 75.81 -3.01 -55.64
CA GLN G 1929 75.02 -3.86 -56.53
C GLN G 1929 75.27 -5.35 -56.29
N MET G 1930 76.28 -5.70 -55.51
CA MET G 1930 76.48 -7.10 -55.13
C MET G 1930 75.44 -7.51 -54.09
N LYS G 1931 75.15 -8.81 -54.05
CA LYS G 1931 74.27 -9.36 -53.03
C LYS G 1931 75.06 -9.60 -51.76
N LEU G 1932 74.65 -8.96 -50.66
CA LEU G 1932 75.47 -8.94 -49.46
C LEU G 1932 74.61 -9.16 -48.22
N PRO G 1933 75.21 -9.69 -47.15
CA PRO G 1933 74.47 -9.79 -45.89
C PRO G 1933 74.13 -8.42 -45.33
N GLU G 1934 73.40 -8.42 -44.22
CA GLU G 1934 72.93 -7.17 -43.65
C GLU G 1934 74.04 -6.41 -42.93
N SER G 1935 74.99 -7.11 -42.32
CA SER G 1935 76.11 -6.42 -41.68
C SER G 1935 76.97 -5.69 -42.71
N VAL G 1936 77.21 -6.34 -43.84
CA VAL G 1936 77.95 -5.67 -44.92
C VAL G 1936 77.18 -4.45 -45.39
N LYS G 1937 75.85 -4.57 -45.50
CA LYS G 1937 75.04 -3.42 -45.87
C LYS G 1937 75.18 -2.32 -44.84
N LEU G 1938 75.31 -2.68 -43.56
CA LEU G 1938 75.50 -1.66 -42.54
C LEU G 1938 76.82 -0.92 -42.72
N GLN G 1939 77.89 -1.64 -43.03
CA GLN G 1939 79.17 -0.97 -43.27
C GLN G 1939 79.08 -0.08 -44.52
N MET G 1940 78.41 -0.56 -45.56
CA MET G 1940 78.20 0.28 -46.74
C MET G 1940 77.42 1.53 -46.39
N CYS G 1941 76.44 1.42 -45.49
CA CYS G 1941 75.72 2.60 -45.04
C CYS G 1941 76.65 3.56 -44.33
N HIS G 1942 77.60 3.06 -43.54
CA HIS G 1942 78.56 3.94 -42.90
C HIS G 1942 79.38 4.70 -43.93
N LEU G 1943 79.84 4.02 -44.98
CA LEU G 1943 80.61 4.71 -46.02
C LEU G 1943 79.76 5.79 -46.69
N LEU G 1944 78.51 5.45 -47.04
CA LEU G 1944 77.63 6.42 -47.66
C LEU G 1944 77.38 7.60 -46.73
N GLU G 1945 77.27 7.35 -45.43
CA GLU G 1945 77.10 8.42 -44.48
C GLU G 1945 78.29 9.36 -44.50
N TYR G 1946 79.50 8.81 -44.56
CA TYR G 1946 80.69 9.66 -44.63
C TYR G 1946 80.63 10.55 -45.87
N PHE G 1947 80.27 9.98 -47.01
CA PHE G 1947 80.30 10.78 -48.24
C PHE G 1947 79.19 11.82 -48.25
N CYS G 1948 78.02 11.50 -47.70
CA CYS G 1948 76.97 12.50 -47.56
C CYS G 1948 77.39 13.62 -46.64
N ASP G 1949 78.09 13.29 -45.54
CA ASP G 1949 78.63 14.33 -44.67
C ASP G 1949 79.63 15.22 -45.40
N GLN G 1950 80.46 14.62 -46.25
CA GLN G 1950 81.38 15.43 -47.05
C GLN G 1950 80.63 16.37 -47.97
N GLU G 1951 79.55 15.91 -48.60
CA GLU G 1951 78.76 16.81 -49.44
C GLU G 1951 78.17 17.96 -48.64
N LEU G 1952 77.65 17.66 -47.45
CA LEU G 1952 77.11 18.73 -46.61
C LEU G 1952 78.19 19.74 -46.23
N GLN G 1953 79.37 19.24 -45.87
CA GLN G 1953 80.47 20.14 -45.53
C GLN G 1953 80.86 21.01 -46.71
N HIS G 1954 80.87 20.43 -47.91
CA HIS G 1954 81.20 21.21 -49.10
C HIS G 1954 80.18 22.31 -49.32
N ARG G 1955 78.89 22.01 -49.13
CA ARG G 1955 77.88 23.04 -49.28
C ARG G 1955 78.10 24.16 -48.27
N VAL G 1956 78.39 23.80 -47.01
CA VAL G 1956 78.59 24.82 -45.98
C VAL G 1956 79.77 25.71 -46.35
N GLU G 1957 80.88 25.12 -46.79
CA GLU G 1957 82.05 25.91 -47.13
C GLU G 1957 81.83 26.79 -48.36
N SER G 1958 81.11 26.28 -49.37
CA SER G 1958 80.78 27.12 -50.51
C SER G 1958 79.94 28.31 -50.08
N LEU G 1959 78.96 28.08 -49.22
CA LEU G 1959 78.15 29.16 -48.72
C LEU G 1959 78.99 30.18 -47.96
N ALA G 1960 79.94 29.71 -47.16
CA ALA G 1960 80.81 30.64 -46.43
C ALA G 1960 81.66 31.48 -47.37
N ALA G 1961 82.21 30.87 -48.42
CA ALA G 1961 83.02 31.63 -49.36
C ALA G 1961 82.19 32.68 -50.07
N PHE G 1962 81.01 32.30 -50.54
CA PHE G 1962 80.13 33.29 -51.17
C PHE G 1962 79.75 34.37 -50.19
N ALA G 1963 79.55 34.01 -48.92
CA ALA G 1963 79.20 35.01 -47.91
C ALA G 1963 80.31 36.03 -47.79
N GLU G 1964 81.56 35.56 -47.77
CA GLU G 1964 82.68 36.50 -47.71
C GLU G 1964 82.63 37.48 -48.87
N CYS G 1965 82.55 36.94 -50.10
CA CYS G 1965 82.58 37.83 -51.26
C CYS G 1965 81.41 38.81 -51.26
N TYR G 1966 80.21 38.30 -50.98
CA TYR G 1966 79.01 39.12 -51.05
C TYR G 1966 79.02 40.19 -49.97
N VAL G 1967 79.45 39.84 -48.75
CA VAL G 1967 79.47 40.81 -47.68
C VAL G 1967 80.49 41.89 -47.98
N ASP G 1968 81.61 41.53 -48.58
CA ASP G 1968 82.55 42.55 -49.01
C ASP G 1968 81.89 43.51 -50.00
N LYS G 1969 81.17 42.97 -50.99
CA LYS G 1969 80.51 43.84 -51.95
C LYS G 1969 79.47 44.73 -51.29
N MET G 1970 78.69 44.18 -50.37
CA MET G 1970 77.65 44.95 -49.71
C MET G 1970 78.25 46.09 -48.90
N GLN G 1971 79.31 45.81 -48.15
CA GLN G 1971 79.97 46.84 -47.36
C GLN G 1971 80.54 47.93 -48.27
N GLY G 1972 81.20 47.52 -49.36
CA GLY G 1972 81.73 48.49 -50.29
C GLY G 1972 80.66 49.38 -50.87
N ASN G 1973 79.48 48.83 -51.16
CA ASN G 1973 78.40 49.64 -51.70
C ASN G 1973 77.84 50.58 -50.64
N GLN G 1974 77.68 50.10 -49.42
CA GLN G 1974 77.15 50.94 -48.35
C GLN G 1974 78.07 52.12 -48.12
N ARG G 1975 79.38 51.90 -48.23
CA ARG G 1975 80.31 53.00 -48.07
C ARG G 1975 80.05 54.09 -49.11
N GLY G 1976 79.88 53.70 -50.37
CA GLY G 1976 79.60 54.69 -51.40
C GLY G 1976 78.28 55.40 -51.18
N ARG G 1977 77.26 54.65 -50.76
CA ARG G 1977 75.97 55.29 -50.49
C ARG G 1977 76.09 56.32 -49.38
N TYR G 1978 76.84 55.98 -48.32
CA TYR G 1978 77.05 56.94 -47.24
C TYR G 1978 77.79 58.16 -47.75
N GLY G 1979 78.85 57.94 -48.52
CA GLY G 1979 79.61 59.07 -49.05
C GLY G 1979 78.74 60.00 -49.87
N LEU G 1980 77.88 59.43 -50.72
CA LEU G 1980 77.03 60.26 -51.55
C LEU G 1980 75.95 60.95 -50.72
N LEU G 1981 75.40 60.26 -49.71
CA LEU G 1981 74.38 60.88 -48.88
C LEU G 1981 74.94 62.07 -48.12
N MET G 1982 76.10 61.90 -47.48
CA MET G 1982 76.70 63.01 -46.76
C MET G 1982 77.05 64.15 -47.71
N LYS G 1983 77.62 63.82 -48.87
CA LYS G 1983 78.00 64.85 -49.83
C LYS G 1983 76.80 65.68 -50.26
N ALA G 1984 75.60 65.12 -50.19
CA ALA G 1984 74.41 65.85 -50.61
C ALA G 1984 74.26 67.15 -49.83
N PHE G 1985 73.94 68.22 -50.54
CA PHE G 1985 73.73 69.52 -49.90
C PHE G 1985 72.30 69.65 -49.37
N THR G 1986 71.85 68.64 -48.63
CA THR G 1986 70.58 68.71 -47.91
C THR G 1986 69.42 69.13 -48.78
N MET G 1987 69.03 68.30 -49.76
CA MET G 1987 67.80 68.56 -50.50
C MET G 1987 66.65 68.75 -49.52
N SER G 1988 66.50 67.80 -48.59
CA SER G 1988 65.45 67.85 -47.58
C SER G 1988 66.01 67.25 -46.31
N ALA G 1989 65.88 67.97 -45.19
CA ALA G 1989 66.34 67.45 -43.91
C ALA G 1989 65.57 66.18 -43.55
N ALA G 1990 64.27 66.15 -43.81
CA ALA G 1990 63.50 64.94 -43.55
C ALA G 1990 64.00 63.77 -44.38
N GLU G 1991 64.31 64.03 -45.66
CA GLU G 1991 64.84 62.97 -46.51
C GLU G 1991 66.19 62.48 -45.99
N THR G 1992 67.04 63.40 -45.55
CA THR G 1992 68.33 63.00 -45.01
C THR G 1992 68.17 62.15 -43.76
N ALA G 1993 67.25 62.53 -42.88
CA ALA G 1993 66.99 61.75 -41.68
C ALA G 1993 66.49 60.36 -42.04
N ARG G 1994 65.55 60.29 -42.99
CA ARG G 1994 65.00 59.00 -43.38
C ARG G 1994 66.06 58.11 -44.01
N ARG G 1995 66.99 58.72 -44.77
CA ARG G 1995 68.07 57.94 -45.37
C ARG G 1995 69.03 57.44 -44.31
N THR G 1996 69.44 58.31 -43.37
CA THR G 1996 70.35 57.91 -42.31
C THR G 1996 69.69 56.99 -41.29
N ARG G 1997 68.37 56.83 -41.34
CA ARG G 1997 67.71 55.84 -40.50
C ARG G 1997 68.36 54.48 -40.66
N GLU G 1998 68.80 54.14 -41.87
CA GLU G 1998 69.50 52.88 -42.09
C GLU G 1998 70.84 52.87 -41.36
N PHE G 1999 71.64 53.91 -41.56
CA PHE G 1999 73.01 53.87 -41.06
C PHE G 1999 73.08 54.08 -39.55
N ARG G 2000 71.97 54.46 -38.93
CA ARG G 2000 71.94 54.57 -37.47
C ARG G 2000 71.15 53.41 -36.88
N SER G 2001 71.36 52.22 -37.43
CA SER G 2001 70.72 51.00 -36.99
C SER G 2001 71.78 49.93 -36.73
N PRO G 2002 71.46 48.92 -35.93
CA PRO G 2002 72.43 47.86 -35.64
C PRO G 2002 72.86 47.15 -36.93
N PRO G 2003 74.12 46.71 -37.02
CA PRO G 2003 74.57 46.08 -38.26
C PRO G 2003 73.76 44.85 -38.66
N GLN G 2004 73.30 44.06 -37.70
CA GLN G 2004 72.49 42.90 -38.03
C GLN G 2004 71.19 43.33 -38.70
N GLU G 2005 70.55 44.38 -38.15
CA GLU G 2005 69.34 44.89 -38.76
C GLU G 2005 69.62 45.47 -40.14
N GLN G 2006 70.76 46.12 -40.31
CA GLN G 2006 71.13 46.62 -41.63
C GLN G 2006 71.24 45.48 -42.63
N ILE G 2007 71.87 44.38 -42.23
CA ILE G 2007 72.02 43.23 -43.13
C ILE G 2007 70.65 42.66 -43.47
N ASN G 2008 69.79 42.52 -42.45
CA ASN G 2008 68.45 42.01 -42.71
C ASN G 2008 67.72 42.89 -43.71
N MET G 2009 67.81 44.21 -43.54
CA MET G 2009 67.15 45.12 -44.47
C MET G 2009 67.73 44.98 -45.87
N LEU G 2010 69.06 44.87 -45.97
CA LEU G 2010 69.71 44.79 -47.27
C LEU G 2010 69.48 43.48 -47.98
N LEU G 2011 69.06 42.43 -47.27
CA LEU G 2011 68.81 41.13 -47.89
C LEU G 2011 67.31 40.82 -48.03
N HIS G 2012 66.45 41.85 -48.03
CA HIS G 2012 65.01 41.65 -48.04
C HIS G 2012 64.41 41.82 -49.43
N PHE G 2013 65.16 41.49 -50.48
CA PHE G 2013 64.70 41.63 -51.85
C PHE G 2013 64.37 40.30 -52.50
N LYS G 2014 64.07 39.27 -51.73
CA LYS G 2014 63.81 37.96 -52.32
C LYS G 2014 62.62 38.02 -53.27
N ASN G 2015 61.55 38.69 -52.86
CA ASN G 2015 60.34 38.83 -53.67
C ASN G 2015 60.23 40.22 -54.27
N GLY G 2016 61.35 40.84 -54.60
CA GLY G 2016 61.32 42.17 -55.18
C GLY G 2016 61.23 43.24 -54.12
N ALA G 2017 61.79 44.41 -54.44
CA ALA G 2017 61.79 45.53 -53.52
C ALA G 2017 62.28 46.77 -54.25
N ASP G 2018 61.69 47.92 -53.91
CA ASP G 2018 62.08 49.19 -54.49
C ASP G 2018 63.30 49.75 -53.77
N GLU G 2019 64.04 50.59 -54.49
CA GLU G 2019 65.32 51.10 -54.01
C GLU G 2019 65.18 51.85 -52.68
N GLU G 2020 63.96 52.16 -52.27
CA GLU G 2020 63.75 52.75 -50.95
C GLU G 2020 63.63 51.70 -49.87
N GLU G 2021 62.88 50.63 -50.13
CA GLU G 2021 62.81 49.53 -49.17
C GLU G 2021 64.17 48.86 -49.02
N CYS G 2022 64.86 48.64 -50.13
CA CYS G 2022 66.15 47.95 -50.13
C CYS G 2022 67.10 48.69 -51.08
N PRO G 2023 67.99 49.55 -50.54
CA PRO G 2023 68.85 50.35 -51.43
C PRO G 2023 69.92 49.55 -52.14
N LEU G 2024 69.94 48.23 -52.02
CA LEU G 2024 70.98 47.44 -52.63
C LEU G 2024 70.87 47.53 -54.15
N PRO G 2025 71.98 47.67 -54.88
CA PRO G 2025 71.89 47.76 -56.34
C PRO G 2025 71.37 46.47 -56.97
N GLU G 2026 70.82 46.63 -58.18
CA GLU G 2026 70.22 45.50 -58.88
C GLU G 2026 71.27 44.43 -59.22
N GLU G 2027 72.48 44.85 -59.59
CA GLU G 2027 73.52 43.88 -59.91
C GLU G 2027 73.86 43.04 -58.69
N ILE G 2028 73.96 43.69 -57.54
CA ILE G 2028 74.27 42.97 -56.32
C ILE G 2028 73.13 42.02 -55.95
N ARG G 2029 71.89 42.46 -56.19
CA ARG G 2029 70.76 41.57 -55.96
C ARG G 2029 70.83 40.35 -56.86
N GLN G 2030 71.16 40.57 -58.14
CA GLN G 2030 71.19 39.48 -59.10
C GLN G 2030 72.26 38.46 -58.74
N GLU G 2031 73.38 38.93 -58.20
CA GLU G 2031 74.42 37.99 -57.77
C GLU G 2031 73.88 37.00 -56.74
N LEU G 2032 73.19 37.52 -55.71
CA LEU G 2032 72.65 36.64 -54.69
C LEU G 2032 71.56 35.74 -55.28
N VAL G 2033 70.77 36.27 -56.21
CA VAL G 2033 69.72 35.44 -56.82
C VAL G 2033 70.35 34.26 -57.56
N ASN G 2034 71.41 34.51 -58.31
CA ASN G 2034 72.08 33.43 -59.04
C ASN G 2034 72.66 32.42 -58.07
N PHE G 2035 73.30 32.88 -57.00
CA PHE G 2035 73.87 31.93 -56.06
C PHE G 2035 72.79 31.10 -55.39
N HIS G 2036 71.65 31.72 -55.07
CA HIS G 2036 70.57 30.97 -54.46
C HIS G 2036 70.05 29.90 -55.40
N GLN G 2037 69.92 30.24 -56.69
CA GLN G 2037 69.53 29.22 -57.66
C GLN G 2037 70.54 28.09 -57.69
N ASP G 2038 71.82 28.41 -57.67
CA ASP G 2038 72.85 27.38 -57.69
C ASP G 2038 72.77 26.49 -56.45
N LEU G 2039 72.54 27.09 -55.29
CA LEU G 2039 72.44 26.31 -54.06
C LEU G 2039 71.24 25.38 -54.10
N LEU G 2040 70.10 25.87 -54.57
CA LEU G 2040 68.93 25.01 -54.70
C LEU G 2040 69.20 23.86 -55.67
N ALA G 2041 69.84 24.16 -56.79
CA ALA G 2041 70.17 23.11 -57.75
C ALA G 2041 71.09 22.07 -57.12
N HIS G 2042 72.10 22.52 -56.38
CA HIS G 2042 73.01 21.59 -55.72
C HIS G 2042 72.26 20.70 -54.74
N CYS G 2043 71.38 21.28 -53.93
CA CYS G 2043 70.60 20.49 -52.99
C CYS G 2043 69.53 19.65 -53.69
N GLY G 2044 69.29 19.87 -54.98
CA GLY G 2044 68.31 19.12 -55.72
C GLY G 2044 66.92 19.72 -55.71
N ILE G 2045 66.70 20.77 -54.92
CA ILE G 2045 65.37 21.36 -54.81
C ILE G 2045 64.95 21.97 -56.13
N GLN G 2046 65.89 22.54 -56.86
CA GLN G 2046 65.58 23.25 -58.11
C GLN G 2046 65.51 22.23 -59.24
N LEU G 2047 64.31 22.01 -59.75
CA LEU G 2047 64.11 21.16 -60.92
C LEU G 2047 63.53 22.01 -62.06
N GLU G 2089 66.21 9.15 -65.90
CA GLU G 2089 67.25 8.15 -66.13
C GLU G 2089 67.23 7.11 -65.01
N HIS G 2090 67.11 5.83 -65.38
CA HIS G 2090 67.07 4.78 -64.36
C HIS G 2090 68.45 4.56 -63.76
N LYS G 2091 69.50 4.99 -64.45
CA LYS G 2091 70.83 5.01 -63.86
C LYS G 2091 70.93 6.19 -62.90
N PRO G 2092 71.38 5.99 -61.65
CA PRO G 2092 71.41 7.10 -60.68
C PRO G 2092 72.06 8.37 -61.22
N GLN G 2093 73.33 8.28 -61.62
CA GLN G 2093 74.06 9.41 -62.18
C GLN G 2093 74.36 10.51 -61.16
N SER G 2094 74.08 10.28 -59.88
CA SER G 2094 74.38 11.25 -58.84
C SER G 2094 74.42 10.55 -57.51
N LEU G 2095 75.11 11.15 -56.54
CA LEU G 2095 75.20 10.52 -55.22
C LEU G 2095 73.82 10.46 -54.56
N GLN G 2096 73.06 11.55 -54.63
CA GLN G 2096 71.75 11.59 -53.99
C GLN G 2096 70.84 10.52 -54.57
N GLU G 2097 70.75 10.46 -55.90
CA GLU G 2097 69.88 9.47 -56.53
C GLU G 2097 70.39 8.06 -56.29
N LEU G 2098 71.71 7.88 -56.26
CA LEU G 2098 72.27 6.56 -55.98
C LEU G 2098 71.87 6.09 -54.59
N VAL G 2099 72.00 6.96 -53.59
CA VAL G 2099 71.65 6.57 -52.23
C VAL G 2099 70.16 6.27 -52.12
N SER G 2100 69.33 7.13 -52.70
CA SER G 2100 67.88 6.91 -52.63
C SER G 2100 67.52 5.58 -53.28
N HIS G 2101 68.03 5.33 -54.49
CA HIS G 2101 67.71 4.09 -55.18
C HIS G 2101 68.19 2.88 -54.42
N THR G 2102 69.42 2.94 -53.88
CA THR G 2102 69.95 1.79 -53.16
C THR G 2102 69.12 1.48 -51.93
N VAL G 2103 68.77 2.50 -51.14
CA VAL G 2103 68.02 2.25 -49.91
C VAL G 2103 66.65 1.69 -50.25
N VAL G 2104 65.95 2.31 -51.20
CA VAL G 2104 64.62 1.83 -51.54
C VAL G 2104 64.69 0.42 -52.09
N ARG G 2105 65.71 0.12 -52.91
CA ARG G 2105 65.83 -1.21 -53.49
C ARG G 2105 66.08 -2.26 -52.41
N TRP G 2106 66.95 -1.96 -51.44
CA TRP G 2106 67.17 -2.92 -50.37
C TRP G 2106 65.88 -3.18 -49.60
N ALA G 2107 65.17 -2.12 -49.23
CA ALA G 2107 63.93 -2.30 -48.49
C ALA G 2107 62.90 -3.08 -49.30
N GLN G 2108 62.85 -2.86 -50.61
CA GLN G 2108 61.94 -3.60 -51.47
C GLN G 2108 62.35 -5.05 -51.62
N GLU G 2109 63.64 -5.34 -51.65
CA GLU G 2109 64.11 -6.70 -51.89
C GLU G 2109 64.00 -7.58 -50.66
N ASP G 2110 64.11 -7.01 -49.46
CA ASP G 2110 64.07 -7.86 -48.27
C ASP G 2110 63.35 -7.15 -47.15
N PHE G 2111 62.83 -7.95 -46.23
CA PHE G 2111 62.31 -7.45 -44.95
C PHE G 2111 63.51 -7.38 -44.01
N VAL G 2112 64.12 -6.19 -43.93
CA VAL G 2112 65.37 -6.05 -43.19
C VAL G 2112 65.14 -6.38 -41.73
N GLN G 2113 66.00 -7.22 -41.18
CA GLN G 2113 65.87 -7.70 -39.81
C GLN G 2113 66.70 -6.92 -38.80
N SER G 2114 67.74 -6.23 -39.24
CA SER G 2114 68.60 -5.50 -38.31
C SER G 2114 68.05 -4.11 -38.07
N PRO G 2115 67.61 -3.77 -36.85
CA PRO G 2115 67.13 -2.41 -36.61
C PRO G 2115 68.18 -1.34 -36.84
N GLU G 2116 69.46 -1.64 -36.56
CA GLU G 2116 70.51 -0.66 -36.83
C GLU G 2116 70.62 -0.39 -38.32
N LEU G 2117 70.55 -1.44 -39.14
CA LEU G 2117 70.57 -1.26 -40.58
C LEU G 2117 69.36 -0.45 -41.04
N VAL G 2118 68.19 -0.75 -40.49
CA VAL G 2118 66.99 -0.02 -40.90
C VAL G 2118 67.14 1.45 -40.56
N ARG G 2119 67.62 1.76 -39.36
CA ARG G 2119 67.78 3.14 -38.95
C ARG G 2119 68.77 3.87 -39.84
N ALA G 2120 69.90 3.23 -40.15
CA ALA G 2120 70.88 3.87 -41.04
C ALA G 2120 70.30 4.10 -42.42
N MET G 2121 69.60 3.11 -42.97
CA MET G 2121 69.00 3.25 -44.29
C MET G 2121 68.07 4.45 -44.34
N PHE G 2122 67.19 4.57 -43.34
CA PHE G 2122 66.19 5.62 -43.43
C PHE G 2122 66.76 6.98 -43.06
N SER G 2123 67.81 7.05 -42.22
CA SER G 2123 68.50 8.31 -42.04
C SER G 2123 69.11 8.79 -43.34
N LEU G 2124 69.78 7.88 -44.06
CA LEU G 2124 70.36 8.27 -45.34
C LEU G 2124 69.29 8.73 -46.32
N LEU G 2125 68.17 8.00 -46.37
CA LEU G 2125 67.10 8.37 -47.31
C LEU G 2125 66.53 9.74 -46.97
N HIS G 2126 66.34 10.03 -45.68
CA HIS G 2126 65.83 11.33 -45.30
C HIS G 2126 66.81 12.43 -45.70
N ARG G 2127 68.10 12.21 -45.49
CA ARG G 2127 69.07 13.23 -45.90
C ARG G 2127 69.01 13.46 -47.40
N GLN G 2128 68.86 12.40 -48.19
CA GLN G 2128 68.78 12.59 -49.63
C GLN G 2128 67.53 13.37 -50.03
N TYR G 2129 66.39 13.06 -49.43
CA TYR G 2129 65.16 13.73 -49.85
C TYR G 2129 65.08 15.18 -49.38
N ASP G 2130 65.55 15.48 -48.18
CA ASP G 2130 65.53 16.84 -47.65
C ASP G 2130 66.96 17.34 -47.53
N GLY G 2131 67.50 17.86 -48.63
CA GLY G 2131 68.87 18.35 -48.62
C GLY G 2131 69.00 19.76 -48.13
N LEU G 2132 67.99 20.60 -48.35
CA LEU G 2132 68.02 21.95 -47.85
C LEU G 2132 67.80 21.99 -46.35
N GLY G 2133 66.98 21.09 -45.83
CA GLY G 2133 66.79 21.01 -44.39
C GLY G 2133 68.06 20.61 -43.65
N GLU G 2134 68.84 19.71 -44.26
CA GLU G 2134 70.11 19.33 -43.64
C GLU G 2134 71.05 20.53 -43.56
N LEU G 2135 71.13 21.32 -44.62
CA LEU G 2135 71.94 22.53 -44.58
C LEU G 2135 71.42 23.51 -43.53
N LEU G 2136 70.09 23.64 -43.43
CA LEU G 2136 69.51 24.55 -42.46
C LEU G 2136 69.84 24.14 -41.04
N ARG G 2137 69.77 22.86 -40.74
CA ARG G 2137 70.10 22.37 -39.41
C ARG G 2137 71.59 22.32 -39.15
N ALA G 2138 72.43 22.34 -40.19
CA ALA G 2138 73.87 22.35 -40.02
C ALA G 2138 74.44 23.75 -39.85
N LEU G 2139 73.83 24.76 -40.46
CA LEU G 2139 74.39 26.10 -40.41
C LEU G 2139 74.62 26.62 -38.99
N PRO G 2140 73.76 26.37 -38.02
CA PRO G 2140 74.02 26.89 -36.66
C PRO G 2140 75.39 26.53 -36.12
N ARG G 2141 76.01 25.48 -36.67
CA ARG G 2141 77.32 25.04 -36.24
C ARG G 2141 78.43 25.51 -37.16
N ALA G 2142 78.13 26.39 -38.11
CA ALA G 2142 79.13 26.99 -38.98
C ALA G 2142 79.56 28.34 -38.45
N TYR G 2143 80.80 28.72 -38.74
CA TYR G 2143 81.37 29.94 -38.19
C TYR G 2143 82.61 30.29 -38.99
N THR G 2144 82.73 31.56 -39.37
CA THR G 2144 83.88 32.05 -40.09
C THR G 2144 84.79 32.84 -39.15
N ILE G 2145 86.10 32.67 -39.33
CA ILE G 2145 87.09 33.36 -38.52
C ILE G 2145 88.12 33.98 -39.43
N SER G 2146 88.84 34.97 -38.91
CA SER G 2146 89.92 35.59 -39.66
C SER G 2146 91.13 34.68 -39.68
N VAL G 2147 92.07 34.97 -40.59
CA VAL G 2147 93.27 34.16 -40.71
C VAL G 2147 94.14 34.28 -39.47
N SER G 2148 94.09 35.41 -38.77
CA SER G 2148 94.93 35.64 -37.61
C SER G 2148 94.47 34.88 -36.38
N SER G 2149 93.28 34.29 -36.40
CA SER G 2149 92.76 33.54 -35.26
C SER G 2149 92.91 32.04 -35.42
N VAL G 2150 93.53 31.58 -36.51
CA VAL G 2150 93.50 30.15 -36.83
C VAL G 2150 94.31 29.36 -35.83
N GLU G 2151 95.51 29.83 -35.49
CA GLU G 2151 96.37 29.06 -34.57
C GLU G 2151 95.73 28.93 -33.19
N ASP G 2152 95.20 30.04 -32.67
CA ASP G 2152 94.57 30.00 -31.37
C ASP G 2152 93.29 29.17 -31.40
N THR G 2153 92.55 29.21 -32.51
CA THR G 2153 91.37 28.36 -32.63
C THR G 2153 91.76 26.90 -32.63
N MET G 2154 92.87 26.55 -33.30
CA MET G 2154 93.32 25.17 -33.30
C MET G 2154 93.70 24.71 -31.90
N SER G 2155 94.41 25.56 -31.15
CA SER G 2155 94.74 25.19 -29.77
C SER G 2155 93.49 25.00 -28.93
N LEU G 2156 92.53 25.91 -29.08
CA LEU G 2156 91.27 25.78 -28.35
C LEU G 2156 90.53 24.51 -28.74
N LEU G 2157 90.58 24.15 -30.02
CA LEU G 2157 89.91 22.94 -30.47
C LEU G 2157 90.58 21.71 -29.87
N GLU G 2158 91.90 21.71 -29.75
CA GLU G 2158 92.57 20.59 -29.10
C GLU G 2158 92.14 20.47 -27.65
N CYS G 2159 92.09 21.59 -26.93
CA CYS G 2159 91.68 21.55 -25.53
C CYS G 2159 90.24 21.05 -25.40
N LEU G 2160 89.35 21.54 -26.27
CA LEU G 2160 87.97 21.09 -26.24
C LEU G 2160 87.86 19.61 -26.59
N GLY G 2161 88.73 19.13 -27.48
CA GLY G 2161 88.74 17.71 -27.78
C GLY G 2161 89.11 16.88 -26.57
N GLN G 2162 90.10 17.33 -25.80
CA GLN G 2162 90.44 16.61 -24.58
C GLN G 2162 89.27 16.61 -23.60
N ILE G 2163 88.63 17.78 -23.42
CA ILE G 2163 87.50 17.85 -22.49
C ILE G 2163 86.39 16.91 -22.94
N ARG G 2164 86.08 16.91 -24.24
CA ARG G 2164 85.04 16.01 -24.75
C ARG G 2164 85.42 14.55 -24.57
N SER G 2165 86.68 14.21 -24.78
CA SER G 2165 87.13 12.85 -24.55
C SER G 2165 86.94 12.43 -23.10
N LEU G 2166 87.00 13.36 -22.16
CA LEU G 2166 86.80 13.04 -20.75
C LEU G 2166 85.33 12.77 -20.40
N LEU G 2167 84.43 12.75 -21.37
CA LEU G 2167 83.03 12.49 -21.09
C LEU G 2167 82.68 11.01 -21.03
N ILE G 2168 83.60 10.12 -21.43
CA ILE G 2168 83.32 8.70 -21.53
C ILE G 2168 84.17 7.88 -20.57
N VAL G 2169 84.77 8.53 -19.57
CA VAL G 2169 85.63 7.85 -18.61
C VAL G 2169 85.27 8.31 -17.21
N GLN G 2170 85.21 7.37 -16.27
CA GLN G 2170 85.01 7.73 -14.87
C GLN G 2170 86.15 8.64 -14.42
N MET G 2171 85.80 9.71 -13.71
CA MET G 2171 86.79 10.69 -13.30
C MET G 2171 87.76 10.07 -12.30
N GLY G 2172 89.04 10.39 -12.47
CA GLY G 2172 90.08 9.98 -11.56
C GLY G 2172 91.08 11.10 -11.39
N PRO G 2173 92.21 10.83 -10.74
CA PRO G 2173 93.21 11.90 -10.57
C PRO G 2173 93.79 12.41 -11.87
N GLN G 2174 94.20 11.51 -12.77
CA GLN G 2174 94.76 11.95 -14.04
C GLN G 2174 93.73 12.71 -14.87
N GLU G 2175 92.50 12.21 -14.91
CA GLU G 2175 91.45 12.91 -15.66
C GLU G 2175 91.17 14.27 -15.06
N GLU G 2176 91.18 14.36 -13.72
CA GLU G 2176 90.97 15.64 -13.06
C GLU G 2176 92.06 16.63 -13.45
N ASN G 2177 93.32 16.18 -13.44
CA ASN G 2177 94.41 17.08 -13.81
C ASN G 2177 94.29 17.51 -15.26
N LEU G 2178 93.94 16.58 -16.15
CA LEU G 2178 93.79 16.94 -17.56
C LEU G 2178 92.67 17.95 -17.74
N MET G 2179 91.55 17.75 -17.05
CA MET G 2179 90.42 18.67 -17.17
C MET G 2179 90.80 20.06 -16.67
N ILE G 2180 91.49 20.13 -15.54
CA ILE G 2180 91.88 21.43 -15.00
C ILE G 2180 92.83 22.14 -15.96
N GLN G 2181 93.80 21.40 -16.50
CA GLN G 2181 94.74 22.01 -17.43
C GLN G 2181 94.03 22.52 -18.69
N SER G 2182 93.11 21.72 -19.23
CA SER G 2182 92.40 22.14 -20.43
C SER G 2182 91.55 23.38 -20.16
N ILE G 2183 90.88 23.42 -19.01
CA ILE G 2183 90.09 24.59 -18.66
C ILE G 2183 90.97 25.81 -18.54
N GLY G 2184 92.14 25.68 -17.90
CA GLY G 2184 93.04 26.80 -17.80
C GLY G 2184 93.49 27.30 -19.16
N ASN G 2185 93.84 26.38 -20.06
CA ASN G 2185 94.28 26.79 -21.39
C ASN G 2185 93.16 27.48 -22.14
N ILE G 2186 91.93 26.97 -22.06
CA ILE G 2186 90.82 27.61 -22.74
C ILE G 2186 90.60 29.01 -22.20
N MET G 2187 90.61 29.17 -20.88
CA MET G 2187 90.39 30.48 -20.28
C MET G 2187 91.54 31.44 -20.55
N ASN G 2188 92.73 30.94 -20.87
CA ASN G 2188 93.84 31.80 -21.26
C ASN G 2188 93.90 32.06 -22.76
N ASN G 2189 93.13 31.33 -23.55
CA ASN G 2189 93.07 31.52 -25.00
C ASN G 2189 92.23 32.76 -25.31
N LYS G 2190 92.68 33.55 -26.29
CA LYS G 2190 91.95 34.76 -26.66
C LYS G 2190 90.63 34.44 -27.35
N VAL G 2191 90.62 33.41 -28.20
CA VAL G 2191 89.42 33.11 -28.96
C VAL G 2191 88.25 32.81 -28.03
N PHE G 2192 88.55 32.41 -26.79
CA PHE G 2192 87.46 32.19 -25.83
C PHE G 2192 86.69 33.47 -25.57
N TYR G 2193 87.39 34.60 -25.46
CA TYR G 2193 86.75 35.86 -25.14
C TYR G 2193 86.19 36.56 -26.37
N GLN G 2194 86.86 36.46 -27.51
CA GLN G 2194 86.46 37.24 -28.67
C GLN G 2194 85.35 36.58 -29.46
N HIS G 2195 85.11 35.30 -29.26
CA HIS G 2195 84.13 34.55 -30.05
C HIS G 2195 83.22 33.74 -29.12
N PRO G 2196 82.48 34.42 -28.25
CA PRO G 2196 81.52 33.71 -27.41
C PRO G 2196 80.46 32.98 -28.19
N ASN G 2197 80.06 33.51 -29.35
CA ASN G 2197 79.11 32.79 -30.19
C ASN G 2197 79.72 31.49 -30.72
N LEU G 2198 81.00 31.51 -31.07
CA LEU G 2198 81.67 30.27 -31.45
C LEU G 2198 81.70 29.29 -30.29
N MET G 2199 82.00 29.77 -29.08
CA MET G 2199 82.00 28.88 -27.92
C MET G 2199 80.63 28.25 -27.71
N ARG G 2200 79.57 29.04 -27.80
CA ARG G 2200 78.22 28.51 -27.66
C ARG G 2200 77.90 27.51 -28.76
N ALA G 2201 78.29 27.79 -30.00
CA ALA G 2201 78.03 26.86 -31.09
C ALA G 2201 78.76 25.54 -30.86
N LEU G 2202 80.00 25.59 -30.37
CA LEU G 2202 80.73 24.39 -30.02
C LEU G 2202 80.13 23.68 -28.80
N GLY G 2203 79.37 24.38 -27.97
CA GLY G 2203 78.76 23.73 -26.83
C GLY G 2203 79.72 23.49 -25.69
N MET G 2204 80.73 24.34 -25.53
CA MET G 2204 81.71 24.16 -24.46
C MET G 2204 81.03 24.12 -23.10
N HIS G 2205 80.14 25.08 -22.85
CA HIS G 2205 79.53 25.18 -21.53
C HIS G 2205 78.76 23.91 -21.19
N GLU G 2206 78.03 23.36 -22.16
CA GLU G 2206 77.26 22.16 -21.89
C GLU G 2206 78.17 20.97 -21.58
N THR G 2207 79.28 20.82 -22.29
CA THR G 2207 80.19 19.72 -22.02
C THR G 2207 80.80 19.85 -20.62
N VAL G 2208 81.24 21.05 -20.26
CA VAL G 2208 81.83 21.25 -18.94
C VAL G 2208 80.79 20.99 -17.87
N MET G 2209 79.56 21.46 -18.08
CA MET G 2209 78.50 21.21 -17.13
C MET G 2209 78.24 19.71 -16.98
N GLU G 2210 78.25 18.97 -18.09
CA GLU G 2210 78.01 17.54 -18.02
C GLU G 2210 79.10 16.84 -17.23
N VAL G 2211 80.36 17.23 -17.44
CA VAL G 2211 81.45 16.63 -16.67
C VAL G 2211 81.27 16.90 -15.18
N MET G 2212 80.98 18.16 -14.85
CA MET G 2212 80.82 18.54 -13.45
C MET G 2212 79.67 17.75 -12.82
N VAL G 2213 78.54 17.66 -13.51
CA VAL G 2213 77.39 16.98 -12.95
C VAL G 2213 77.65 15.50 -12.84
N ASN G 2214 78.39 14.91 -13.79
CA ASN G 2214 78.76 13.51 -13.64
C ASN G 2214 79.51 13.28 -12.34
N VAL G 2215 80.56 14.07 -12.09
CA VAL G 2215 81.31 13.82 -10.85
C VAL G 2215 80.46 14.13 -9.63
N LEU G 2216 79.58 15.13 -9.69
CA LEU G 2216 78.76 15.46 -8.53
C LEU G 2216 77.77 14.35 -8.22
N GLY G 2217 77.02 13.90 -9.23
CA GLY G 2217 76.04 12.86 -9.02
C GLY G 2217 76.67 11.54 -8.60
N GLY G 2218 77.81 11.20 -9.19
CA GLY G 2218 78.50 9.99 -8.78
C GLY G 2218 78.76 10.00 -7.29
N GLY G 2219 78.05 9.14 -6.55
CA GLY G 2219 78.15 9.14 -5.11
C GLY G 2219 77.66 10.43 -4.50
N GLU G 2220 76.40 10.79 -4.76
CA GLU G 2220 75.86 12.05 -4.28
C GLU G 2220 75.85 12.10 -2.76
N SER G 2221 75.47 10.99 -2.11
CA SER G 2221 75.48 10.95 -0.65
C SER G 2221 76.89 11.06 -0.11
N LYS G 2222 77.83 10.34 -0.73
CA LYS G 2222 79.21 10.39 -0.29
C LYS G 2222 79.80 11.78 -0.55
N GLU G 2223 80.71 12.19 0.31
CA GLU G 2223 81.43 13.44 0.09
C GLU G 2223 82.05 13.42 -1.29
N ILE G 2224 81.60 14.31 -2.18
CA ILE G 2224 82.03 14.24 -3.57
C ILE G 2224 83.54 14.35 -3.63
N ARG G 2225 84.14 13.56 -4.52
CA ARG G 2225 85.58 13.57 -4.69
C ARG G 2225 85.96 14.63 -5.73
N PHE G 2226 87.25 14.89 -5.84
CA PHE G 2226 87.78 15.86 -6.80
C PHE G 2226 87.12 17.23 -6.62
N PRO G 2227 87.20 17.82 -5.43
CA PRO G 2227 86.64 19.17 -5.25
C PRO G 2227 87.27 20.19 -6.18
N LYS G 2228 88.57 20.07 -6.46
CA LYS G 2228 89.24 21.05 -7.29
C LYS G 2228 88.64 21.09 -8.68
N MET G 2229 88.19 19.96 -9.20
CA MET G 2229 87.64 19.94 -10.55
C MET G 2229 86.34 20.73 -10.60
N VAL G 2230 85.49 20.59 -9.57
CA VAL G 2230 84.24 21.34 -9.54
C VAL G 2230 84.51 22.82 -9.34
N THR G 2231 85.51 23.15 -8.53
CA THR G 2231 85.89 24.54 -8.36
C THR G 2231 86.30 25.14 -9.69
N SER G 2232 87.11 24.42 -10.46
CA SER G 2232 87.43 24.87 -11.81
C SER G 2232 86.19 24.89 -12.69
N CYS G 2233 85.23 24.02 -12.42
CA CYS G 2233 84.05 23.93 -13.28
C CYS G 2233 83.21 25.20 -13.21
N CYS G 2234 82.92 25.77 -12.02
CA CYS G 2234 82.74 27.21 -12.19
C CYS G 2234 83.88 27.94 -12.83
N ARG G 2235 85.03 28.08 -12.18
CA ARG G 2235 85.84 29.23 -12.54
C ARG G 2235 85.62 29.46 -14.04
N PHE G 2236 85.65 28.37 -14.80
CA PHE G 2236 85.29 28.41 -16.22
C PHE G 2236 83.85 28.89 -16.44
N LEU G 2237 82.84 28.12 -16.00
CA LEU G 2237 81.45 28.45 -16.35
C LEU G 2237 80.99 29.73 -15.68
N CYS G 2238 81.37 29.91 -14.43
CA CYS G 2238 80.96 31.08 -13.66
C CYS G 2238 81.62 32.33 -14.27
N TYR G 2239 82.66 32.14 -15.12
CA TYR G 2239 83.18 33.24 -15.96
C TYR G 2239 82.49 33.31 -17.32
N PHE G 2240 82.17 32.14 -17.88
CA PHE G 2240 81.49 32.06 -19.16
C PHE G 2240 80.21 32.87 -19.14
N CYS G 2241 79.50 32.84 -18.01
CA CYS G 2241 78.30 33.66 -17.89
C CYS G 2241 78.63 35.14 -18.01
N ARG G 2242 79.74 35.59 -17.44
CA ARG G 2242 80.11 36.99 -17.46
C ARG G 2242 80.64 37.46 -18.80
N ILE G 2243 81.11 36.55 -19.65
CA ILE G 2243 81.71 37.00 -20.90
C ILE G 2243 80.70 37.77 -21.74
N SER G 2244 79.47 37.28 -21.86
CA SER G 2244 78.48 37.95 -22.71
C SER G 2244 77.08 37.61 -22.25
N ARG G 2245 76.12 38.47 -22.64
CA ARG G 2245 74.74 38.30 -22.21
C ARG G 2245 74.12 37.04 -22.82
N GLN G 2246 74.43 36.74 -24.08
CA GLN G 2246 73.92 35.52 -24.69
C GLN G 2246 74.47 34.29 -23.99
N ASN G 2247 75.74 34.34 -23.57
CA ASN G 2247 76.28 33.26 -22.75
C ASN G 2247 75.51 33.13 -21.45
N GLN G 2248 75.18 34.26 -20.83
CA GLN G 2248 74.42 34.25 -19.59
C GLN G 2248 73.05 33.61 -19.82
N ARG G 2249 72.38 33.96 -20.92
CA ARG G 2249 71.09 33.37 -21.23
C ARG G 2249 71.21 31.87 -21.45
N SER G 2250 72.25 31.44 -22.17
CA SER G 2250 72.43 30.02 -22.44
C SER G 2250 72.62 29.25 -21.14
N MET G 2251 73.39 29.81 -20.21
CA MET G 2251 73.57 29.13 -18.93
C MET G 2251 72.30 29.19 -18.09
N PHE G 2252 71.58 30.31 -18.14
CA PHE G 2252 70.32 30.44 -17.43
C PHE G 2252 69.33 29.38 -17.86
N ASP G 2253 69.40 28.97 -19.13
CA ASP G 2253 68.49 27.95 -19.62
C ASP G 2253 68.65 26.63 -18.88
N HIS G 2254 69.75 26.42 -18.16
CA HIS G 2254 69.97 25.21 -17.37
C HIS G 2254 69.86 25.45 -15.88
N LEU G 2255 69.05 26.43 -15.47
CA LEU G 2255 69.01 26.80 -14.06
C LEU G 2255 68.51 25.66 -13.18
N SER G 2256 67.44 24.98 -13.62
CA SER G 2256 66.90 23.90 -12.82
C SER G 2256 67.92 22.80 -12.62
N TYR G 2257 68.64 22.45 -13.68
CA TYR G 2257 69.71 21.45 -13.57
C TYR G 2257 70.71 21.85 -12.49
N LEU G 2258 71.23 23.07 -12.58
CA LEU G 2258 72.20 23.53 -11.59
C LEU G 2258 71.57 23.59 -10.21
N LEU G 2259 70.35 24.08 -10.10
CA LEU G 2259 69.69 24.10 -8.80
C LEU G 2259 69.41 22.69 -8.31
N GLU G 2260 69.14 21.76 -9.21
CA GLU G 2260 68.96 20.37 -8.81
C GLU G 2260 70.22 19.81 -8.19
N ASN G 2261 71.38 20.11 -8.77
CA ASN G 2261 72.65 19.58 -8.29
C ASN G 2261 73.32 20.48 -7.26
N SER G 2262 72.69 21.59 -6.90
CA SER G 2262 73.25 22.51 -5.91
C SER G 2262 72.96 22.11 -4.48
N GLY G 2263 72.22 21.02 -4.25
CA GLY G 2263 71.93 20.61 -2.90
C GLY G 2263 73.16 20.24 -2.09
N ILE G 2264 74.27 19.93 -2.76
CA ILE G 2264 75.51 19.55 -2.10
C ILE G 2264 76.54 20.65 -2.35
N GLY G 2265 77.55 20.74 -1.48
CA GLY G 2265 78.56 21.75 -1.62
C GLY G 2265 79.11 22.21 -0.29
N LEU G 2266 79.24 23.52 -0.11
CA LEU G 2266 79.73 24.08 1.14
C LEU G 2266 81.15 23.63 1.42
N GLY G 2267 81.33 22.34 1.71
CA GLY G 2267 82.66 21.79 1.90
C GLY G 2267 83.55 22.05 0.71
N MET G 2268 82.95 22.45 -0.41
CA MET G 2268 83.74 22.90 -1.55
C MET G 2268 84.75 23.95 -1.12
N GLN G 2269 84.33 24.91 -0.31
CA GLN G 2269 85.16 26.05 0.05
C GLN G 2269 85.71 26.72 -1.20
N GLY G 2270 84.90 26.75 -2.24
CA GLY G 2270 85.26 27.38 -3.48
C GLY G 2270 84.01 27.74 -4.25
N SER G 2271 84.14 27.73 -5.57
CA SER G 2271 82.98 28.00 -6.41
C SER G 2271 82.14 26.74 -6.56
N THR G 2272 80.82 26.94 -6.74
CA THR G 2272 79.87 25.84 -6.71
C THR G 2272 78.79 26.00 -7.77
N PRO G 2273 78.05 24.93 -8.09
CA PRO G 2273 76.94 25.10 -9.03
C PRO G 2273 75.92 26.13 -8.59
N LEU G 2274 75.77 26.36 -7.28
CA LEU G 2274 74.95 27.48 -6.84
C LEU G 2274 75.55 28.81 -7.30
N ASP G 2275 76.87 28.92 -7.31
CA ASP G 2275 77.50 30.12 -7.86
C ASP G 2275 77.28 30.22 -9.36
N VAL G 2276 77.28 29.08 -10.06
CA VAL G 2276 76.93 29.12 -11.49
C VAL G 2276 75.53 29.68 -11.65
N ALA G 2277 74.61 29.23 -10.81
CA ALA G 2277 73.20 29.69 -10.93
C ALA G 2277 73.12 31.20 -10.72
N ALA G 2278 73.82 31.71 -9.72
CA ALA G 2278 73.79 33.16 -9.42
C ALA G 2278 74.36 33.94 -10.61
N ALA G 2279 75.42 33.41 -11.22
CA ALA G 2279 76.08 34.10 -12.35
C ALA G 2279 75.10 34.24 -13.50
N SER G 2280 74.29 33.21 -13.73
CA SER G 2280 73.32 33.24 -14.85
C SER G 2280 72.28 34.37 -14.66
N VAL G 2281 71.79 34.59 -13.45
CA VAL G 2281 70.73 35.62 -13.22
C VAL G 2281 71.31 36.97 -12.80
N ILE G 2282 72.63 37.10 -12.63
CA ILE G 2282 73.19 38.35 -12.03
C ILE G 2282 72.96 39.58 -12.92
N ASP G 2283 72.66 40.73 -12.29
CA ASP G 2283 72.47 42.03 -13.01
C ASP G 2283 71.92 41.84 -14.43
N ASN G 2284 70.90 41.00 -14.59
CA ASN G 2284 70.27 40.81 -15.89
C ASN G 2284 68.77 40.91 -15.66
N ASN G 2285 68.19 42.06 -15.98
CA ASN G 2285 66.78 42.28 -15.69
C ASN G 2285 65.89 41.28 -16.44
N GLU G 2286 66.20 41.03 -17.71
CA GLU G 2286 65.39 40.12 -18.49
C GLU G 2286 65.36 38.74 -17.87
N LEU G 2287 66.52 38.22 -17.47
CA LEU G 2287 66.58 36.88 -16.89
C LEU G 2287 65.95 36.86 -15.51
N ALA G 2288 66.19 37.90 -14.70
CA ALA G 2288 65.58 37.97 -13.39
C ALA G 2288 64.07 37.94 -13.50
N LEU G 2289 63.52 38.58 -14.52
CA LEU G 2289 62.08 38.52 -14.76
C LEU G 2289 61.63 37.18 -15.32
N ALA G 2290 62.48 36.51 -16.09
CA ALA G 2290 62.18 35.19 -16.62
C ALA G 2290 62.30 34.09 -15.57
N LEU G 2291 62.84 34.40 -14.39
CA LEU G 2291 62.97 33.39 -13.34
C LEU G 2291 61.64 32.70 -13.09
N GLN G 2292 61.71 31.52 -12.48
CA GLN G 2292 60.52 30.70 -12.26
C GLN G 2292 60.24 30.50 -10.77
N GLU G 2293 58.96 30.58 -10.42
CA GLU G 2293 58.54 30.33 -9.05
C GLU G 2293 58.94 28.93 -8.59
N GLN G 2294 59.00 27.97 -9.51
CA GLN G 2294 59.46 26.64 -9.13
C GLN G 2294 60.89 26.66 -8.67
N ASP G 2295 61.77 27.37 -9.39
CA ASP G 2295 63.16 27.47 -8.97
C ASP G 2295 63.29 28.19 -7.64
N LEU G 2296 62.55 29.29 -7.46
CA LEU G 2296 62.60 29.98 -6.18
C LEU G 2296 62.11 29.09 -5.04
N GLU G 2297 61.06 28.30 -5.28
CA GLU G 2297 60.57 27.38 -4.27
C GLU G 2297 61.60 26.31 -3.95
N LYS G 2298 62.31 25.82 -4.97
CA LYS G 2298 63.37 24.85 -4.72
C LYS G 2298 64.44 25.43 -3.81
N VAL G 2299 64.88 26.65 -4.09
CA VAL G 2299 65.91 27.26 -3.25
C VAL G 2299 65.39 27.49 -1.84
N VAL G 2300 64.13 27.90 -1.72
CA VAL G 2300 63.57 28.16 -0.39
C VAL G 2300 63.46 26.85 0.39
N SER G 2301 63.14 25.75 -0.30
CA SER G 2301 63.08 24.45 0.38
C SER G 2301 64.46 24.03 0.87
N TYR G 2302 65.49 24.26 0.06
CA TYR G 2302 66.85 24.00 0.53
C TYR G 2302 67.16 24.84 1.76
N LEU G 2303 66.75 26.10 1.76
CA LEU G 2303 67.01 26.95 2.91
C LEU G 2303 66.27 26.45 4.14
N ALA G 2304 65.05 25.97 3.98
CA ALA G 2304 64.32 25.40 5.10
C ALA G 2304 65.04 24.19 5.67
N GLY G 2305 65.53 23.32 4.78
CA GLY G 2305 66.34 22.20 5.26
C GLY G 2305 67.54 22.65 6.05
N CYS G 2306 68.26 23.67 5.53
CA CYS G 2306 69.42 24.18 6.23
C CYS G 2306 69.07 24.79 7.58
N GLY G 2307 67.91 25.41 7.70
CA GLY G 2307 67.46 25.96 8.96
C GLY G 2307 66.93 24.95 9.94
N LEU G 2308 66.61 23.74 9.48
CA LEU G 2308 66.12 22.70 10.37
C LEU G 2308 67.14 21.64 10.75
N GLN G 2309 68.18 21.41 9.94
CA GLN G 2309 69.11 20.30 10.19
C GLN G 2309 70.53 20.81 10.24
N SER G 2310 71.36 20.11 11.02
CA SER G 2310 72.76 20.45 11.15
C SER G 2310 73.57 19.87 10.00
N CYS G 2311 74.78 20.36 9.84
CA CYS G 2311 75.63 19.95 8.73
C CYS G 2311 76.31 18.62 9.06
N PRO G 2312 76.03 17.54 8.33
CA PRO G 2312 76.68 16.27 8.66
C PRO G 2312 78.20 16.34 8.59
N MET G 2313 78.73 17.11 7.65
CA MET G 2313 80.19 17.22 7.53
C MET G 2313 80.78 17.87 8.78
N LEU G 2314 80.15 18.94 9.27
CA LEU G 2314 80.63 19.58 10.49
C LEU G 2314 80.52 18.63 11.67
N LEU G 2315 79.41 17.91 11.77
CA LEU G 2315 79.26 16.95 12.86
C LEU G 2315 80.37 15.92 12.83
N ALA G 2316 80.69 15.41 11.64
CA ALA G 2316 81.78 14.45 11.51
C ALA G 2316 83.11 15.06 11.91
N LYS G 2317 83.37 16.29 11.46
CA LYS G 2317 84.63 16.95 11.78
C LYS G 2317 84.72 17.24 13.28
N GLY G 2318 83.58 17.19 13.97
CA GLY G 2318 83.57 17.27 15.42
C GLY G 2318 83.00 18.55 15.99
N TYR G 2319 82.37 19.40 15.18
CA TYR G 2319 81.79 20.62 15.70
C TYR G 2319 80.60 20.29 16.61
N PRO G 2320 80.26 21.17 17.53
CA PRO G 2320 79.03 20.97 18.31
C PRO G 2320 77.81 20.93 17.41
N ASP G 2321 76.74 20.32 17.92
CA ASP G 2321 75.49 20.20 17.20
C ASP G 2321 74.58 21.35 17.64
N ILE G 2322 74.61 22.46 16.90
CA ILE G 2322 73.75 23.59 17.23
C ILE G 2322 72.32 23.37 16.75
N GLY G 2323 72.10 22.45 15.81
CA GLY G 2323 70.77 22.12 15.37
C GLY G 2323 70.36 22.72 14.05
N TRP G 2324 71.24 23.44 13.36
CA TRP G 2324 70.92 23.96 12.05
C TRP G 2324 72.21 24.26 11.30
N ASN G 2325 72.08 24.75 10.07
CA ASN G 2325 73.18 24.86 9.12
C ASN G 2325 73.32 26.31 8.64
N PRO G 2326 73.87 27.21 9.46
CA PRO G 2326 74.01 28.59 9.01
C PRO G 2326 74.83 28.73 7.75
N CYS G 2327 75.86 27.90 7.58
CA CYS G 2327 76.75 28.06 6.43
C CYS G 2327 76.02 27.81 5.12
N GLY G 2328 75.24 26.73 5.05
CA GLY G 2328 74.44 26.49 3.85
C GLY G 2328 73.32 27.50 3.69
N GLY G 2329 72.69 27.87 4.80
CA GLY G 2329 71.65 28.88 4.73
C GLY G 2329 72.15 30.17 4.11
N GLU G 2330 73.39 30.54 4.45
CA GLU G 2330 73.96 31.76 3.89
C GLU G 2330 74.11 31.66 2.38
N ARG G 2331 74.54 30.52 1.87
CA ARG G 2331 74.68 30.36 0.43
C ARG G 2331 73.33 30.51 -0.27
N TYR G 2332 72.30 29.87 0.29
CA TYR G 2332 70.99 29.95 -0.38
C TYR G 2332 70.43 31.37 -0.31
N LEU G 2333 70.57 32.02 0.84
CA LEU G 2333 70.09 33.42 0.95
C LEU G 2333 70.81 34.24 -0.12
N ASP G 2334 72.10 33.98 -0.35
CA ASP G 2334 72.89 34.77 -1.31
C ASP G 2334 72.35 34.64 -2.74
N PHE G 2335 71.96 33.43 -3.16
CA PHE G 2335 71.39 33.26 -4.52
C PHE G 2335 70.11 34.06 -4.62
N LEU G 2336 69.30 34.03 -3.57
CA LEU G 2336 68.00 34.75 -3.57
C LEU G 2336 68.27 36.25 -3.69
N ARG G 2337 69.32 36.77 -3.04
CA ARG G 2337 69.55 38.23 -3.06
C ARG G 2337 69.78 38.68 -4.50
N PHE G 2338 70.53 37.90 -5.27
CA PHE G 2338 70.80 38.28 -6.68
C PHE G 2338 69.49 38.29 -7.47
N ALA G 2339 68.63 37.30 -7.24
CA ALA G 2339 67.32 37.27 -7.95
C ALA G 2339 66.40 38.44 -7.58
N VAL G 2340 66.30 38.77 -6.28
CA VAL G 2340 65.42 39.88 -5.81
C VAL G 2340 65.90 41.26 -6.28
N PHE G 2341 67.21 41.51 -6.28
CA PHE G 2341 67.71 42.87 -6.60
C PHE G 2341 68.56 42.85 -7.83
N VAL G 2342 68.22 43.67 -8.81
CA VAL G 2342 69.05 43.78 -10.05
C VAL G 2342 69.40 45.25 -10.28
N ASN G 2343 70.66 45.55 -10.58
CA ASN G 2343 71.06 46.95 -10.91
C ASN G 2343 70.57 47.94 -9.85
N GLY G 2344 70.76 47.62 -8.57
CA GLY G 2344 70.45 48.58 -7.53
C GLY G 2344 68.98 48.86 -7.34
N GLU G 2345 68.11 47.99 -7.83
CA GLU G 2345 66.68 48.14 -7.64
C GLU G 2345 66.06 46.78 -7.40
N SER G 2346 64.96 46.78 -6.66
CA SER G 2346 64.30 45.53 -6.30
C SER G 2346 63.36 45.10 -7.42
N VAL G 2347 63.41 43.82 -7.77
CA VAL G 2347 62.52 43.25 -8.77
C VAL G 2347 61.26 42.79 -8.05
N GLU G 2348 60.21 43.63 -8.07
CA GLU G 2348 59.02 43.35 -7.27
C GLU G 2348 58.48 41.96 -7.52
N GLU G 2349 58.47 41.53 -8.78
CA GLU G 2349 57.87 40.25 -9.12
C GLU G 2349 58.54 39.11 -8.35
N ASN G 2350 59.87 39.10 -8.28
CA ASN G 2350 60.58 38.09 -7.53
C ASN G 2350 60.56 38.34 -6.03
N ALA G 2351 60.59 39.60 -5.61
CA ALA G 2351 60.66 39.92 -4.19
C ALA G 2351 59.41 39.47 -3.46
N ASN G 2352 58.24 39.73 -4.04
CA ASN G 2352 57.00 39.33 -3.39
C ASN G 2352 56.92 37.81 -3.28
N VAL G 2353 57.29 37.09 -4.34
CA VAL G 2353 57.26 35.64 -4.32
C VAL G 2353 58.20 35.11 -3.24
N VAL G 2354 59.41 35.67 -3.17
CA VAL G 2354 60.38 35.19 -2.19
C VAL G 2354 59.88 35.43 -0.79
N VAL G 2355 59.33 36.62 -0.52
CA VAL G 2355 58.84 36.91 0.81
C VAL G 2355 57.72 35.95 1.20
N ARG G 2356 56.80 35.68 0.27
CA ARG G 2356 55.71 34.78 0.58
C ARG G 2356 56.20 33.37 0.85
N LEU G 2357 57.16 32.89 0.06
CA LEU G 2357 57.71 31.55 0.32
C LEU G 2357 58.38 31.50 1.69
N LEU G 2358 59.17 32.53 2.01
CA LEU G 2358 59.86 32.52 3.29
C LEU G 2358 58.89 32.51 4.46
N ILE G 2359 57.83 33.32 4.39
CA ILE G 2359 56.86 33.30 5.49
C ILE G 2359 56.10 31.98 5.52
N ARG G 2360 55.86 31.35 4.38
CA ARG G 2360 55.20 30.05 4.39
C ARG G 2360 56.08 28.96 4.96
N LYS G 2361 57.40 29.14 4.99
CA LYS G 2361 58.31 28.20 5.64
C LYS G 2361 59.15 28.94 6.68
N PRO G 2362 58.59 29.15 7.87
CA PRO G 2362 59.26 30.01 8.86
C PRO G 2362 60.61 29.49 9.32
N GLU G 2363 60.88 28.20 9.13
CA GLU G 2363 62.19 27.67 9.52
C GLU G 2363 63.33 28.30 8.73
N CYS G 2364 63.02 28.92 7.58
CA CYS G 2364 64.02 29.62 6.79
C CYS G 2364 64.56 30.87 7.46
N PHE G 2365 63.94 31.32 8.54
CA PHE G 2365 64.38 32.52 9.24
C PHE G 2365 65.39 32.23 10.34
N GLY G 2366 65.70 30.96 10.60
CA GLY G 2366 66.62 30.61 11.64
C GLY G 2366 65.93 30.50 12.98
N PRO G 2367 66.56 29.79 13.93
CA PRO G 2367 65.91 29.57 15.22
C PRO G 2367 65.64 30.84 16.02
N ALA G 2368 66.33 31.93 15.71
CA ALA G 2368 66.14 33.17 16.46
C ALA G 2368 64.80 33.82 16.16
N LEU G 2369 64.41 33.86 14.90
CA LEU G 2369 63.18 34.52 14.49
C LEU G 2369 61.97 33.60 14.58
N ARG G 2370 62.07 32.50 15.32
CA ARG G 2370 60.93 31.63 15.54
C ARG G 2370 59.90 32.35 16.41
N GLY G 2371 58.62 32.06 16.14
CA GLY G 2371 57.57 32.74 16.87
C GLY G 2371 57.58 32.42 18.35
N GLU G 2372 57.58 31.12 18.69
CA GLU G 2372 57.40 30.70 20.07
C GLU G 2372 58.66 30.84 20.89
N GLY G 2373 59.70 30.09 20.54
CA GLY G 2373 60.91 30.08 21.34
C GLY G 2373 61.97 31.05 20.87
N GLY G 2374 61.64 31.88 19.88
CA GLY G 2374 62.61 32.80 19.35
C GLY G 2374 63.10 33.77 20.40
N SER G 2375 64.41 34.03 20.37
CA SER G 2375 65.03 34.98 21.27
C SER G 2375 65.14 36.38 20.67
N GLY G 2376 64.86 36.54 19.39
CA GLY G 2376 65.00 37.80 18.72
C GLY G 2376 66.36 37.96 18.05
N LEU G 2377 66.42 38.86 17.08
CA LEU G 2377 67.64 39.03 16.31
C LEU G 2377 68.78 39.55 17.17
N LEU G 2378 68.51 40.54 18.02
CA LEU G 2378 69.56 41.10 18.86
C LEU G 2378 70.11 40.04 19.83
N ALA G 2379 69.22 39.29 20.47
CA ALA G 2379 69.67 38.24 21.36
C ALA G 2379 70.46 37.18 20.61
N ALA G 2380 70.03 36.86 19.39
CA ALA G 2380 70.76 35.88 18.59
C ALA G 2380 72.17 36.35 18.30
N ILE G 2381 72.32 37.62 17.92
CA ILE G 2381 73.66 38.14 17.61
C ILE G 2381 74.52 38.17 18.86
N GLU G 2382 73.95 38.57 20.00
CA GLU G 2382 74.74 38.59 21.22
C GLU G 2382 75.18 37.20 21.63
N GLU G 2383 74.27 36.22 21.51
CA GLU G 2383 74.63 34.84 21.81
C GLU G 2383 75.71 34.35 20.86
N ALA G 2384 75.64 34.74 19.59
CA ALA G 2384 76.69 34.37 18.64
C ALA G 2384 78.03 34.96 19.05
N ILE G 2385 78.03 36.21 19.51
CA ILE G 2385 79.28 36.81 19.97
C ILE G 2385 79.84 36.02 21.15
N ARG G 2386 78.99 35.65 22.10
CA ARG G 2386 79.46 34.85 23.23
C ARG G 2386 80.01 33.50 22.76
N ILE G 2387 79.34 32.88 21.80
CA ILE G 2387 79.83 31.61 21.26
C ILE G 2387 81.21 31.79 20.66
N SER G 2388 81.40 32.86 19.89
CA SER G 2388 82.70 33.12 19.28
C SER G 2388 83.76 33.32 20.35
N GLU G 2389 83.43 34.07 21.40
CA GLU G 2389 84.41 34.30 22.47
C GLU G 2389 84.76 33.01 23.19
N ASP G 2390 83.80 32.12 23.35
CA ASP G 2390 84.02 30.89 24.11
C ASP G 2390 84.40 29.75 23.17
N PRO G 2391 85.60 29.19 23.25
CA PRO G 2391 85.89 27.97 22.49
C PRO G 2391 85.14 26.78 23.04
N ALA G 2392 85.21 25.65 22.35
CA ALA G 2392 84.49 24.43 22.73
C ALA G 2392 83.00 24.57 22.43
N ARG G 2393 82.58 25.77 22.01
CA ARG G 2393 81.26 25.98 21.45
C ARG G 2393 81.31 26.65 20.08
N ASP G 2394 82.44 27.25 19.73
CA ASP G 2394 82.62 27.87 18.43
C ASP G 2394 83.21 26.91 17.41
N GLY G 2395 83.90 25.86 17.86
CA GLY G 2395 84.49 24.91 16.97
C GLY G 2395 84.76 23.59 17.65
N PRO G 2396 85.42 22.67 16.94
CA PRO G 2396 85.71 21.35 17.56
C PRO G 2396 86.58 21.45 18.79
N GLY G 2397 87.48 22.43 18.85
CA GLY G 2397 88.37 22.56 19.99
C GLY G 2397 89.33 21.40 20.12
N VAL G 2398 89.90 20.96 19.00
CA VAL G 2398 90.81 19.83 18.99
C VAL G 2398 92.24 20.31 18.75
N PRO G 2411 94.08 22.26 11.18
CA PRO G 2411 93.16 23.36 10.85
C PRO G 2411 93.69 24.27 9.74
N PRO G 2412 93.46 23.90 8.48
CA PRO G 2412 94.04 24.68 7.38
C PRO G 2412 93.68 26.16 7.40
N GLU G 2413 92.38 26.48 7.41
CA GLU G 2413 91.93 27.87 7.43
C GLU G 2413 91.64 28.30 8.87
N GLU G 2414 92.61 28.07 9.75
CA GLU G 2414 92.47 28.42 11.15
C GLU G 2414 91.14 27.91 11.70
N ASN G 2415 90.96 26.60 11.67
CA ASN G 2415 89.74 25.93 12.13
C ASN G 2415 88.59 26.02 11.14
N ARG G 2416 88.87 26.36 9.88
CA ARG G 2416 87.80 26.44 8.88
C ARG G 2416 86.61 27.26 9.38
N VAL G 2417 85.55 26.60 9.82
CA VAL G 2417 84.31 27.30 10.14
C VAL G 2417 84.30 27.66 11.62
N HIS G 2418 83.86 28.89 11.90
CA HIS G 2418 83.64 29.35 13.27
C HIS G 2418 82.13 29.54 13.43
N LEU G 2419 81.55 28.90 14.44
CA LEU G 2419 80.09 28.85 14.53
C LEU G 2419 79.50 30.22 14.85
N GLY G 2420 80.15 30.99 15.71
CA GLY G 2420 79.63 32.30 16.05
C GLY G 2420 79.56 33.17 14.82
N HIS G 2421 80.66 33.22 14.07
CA HIS G 2421 80.69 34.01 12.85
C HIS G 2421 79.69 33.48 11.84
N ALA G 2422 79.53 32.16 11.76
CA ALA G 2422 78.57 31.59 10.81
C ALA G 2422 77.16 32.03 11.14
N ILE G 2423 76.80 32.01 12.43
CA ILE G 2423 75.45 32.42 12.83
C ILE G 2423 75.24 33.89 12.50
N MET G 2424 76.22 34.74 12.87
CA MET G 2424 76.09 36.16 12.58
C MET G 2424 75.98 36.40 11.07
N SER G 2425 76.75 35.67 10.28
CA SER G 2425 76.70 35.85 8.84
C SER G 2425 75.36 35.41 8.27
N PHE G 2426 74.80 34.32 8.79
CA PHE G 2426 73.48 33.88 8.33
C PHE G 2426 72.45 34.96 8.60
N TYR G 2427 72.43 35.51 9.81
CA TYR G 2427 71.41 36.50 10.12
C TYR G 2427 71.64 37.78 9.34
N ALA G 2428 72.89 38.16 9.13
CA ALA G 2428 73.19 39.33 8.31
C ALA G 2428 72.68 39.12 6.88
N ALA G 2429 72.91 37.94 6.32
CA ALA G 2429 72.46 37.66 4.97
C ALA G 2429 70.95 37.66 4.89
N LEU G 2430 70.27 37.12 5.90
CA LEU G 2430 68.82 37.13 5.90
C LEU G 2430 68.29 38.56 5.96
N ILE G 2431 68.84 39.40 6.84
CA ILE G 2431 68.37 40.78 6.91
C ILE G 2431 68.67 41.51 5.61
N ASP G 2432 69.82 41.24 5.00
CA ASP G 2432 70.14 41.86 3.72
C ASP G 2432 69.11 41.46 2.66
N LEU G 2433 68.76 40.17 2.61
CA LEU G 2433 67.80 39.70 1.62
C LEU G 2433 66.44 40.35 1.83
N LEU G 2434 66.00 40.46 3.09
CA LEU G 2434 64.71 41.09 3.35
C LEU G 2434 64.73 42.57 3.00
N GLY G 2435 65.81 43.26 3.34
CA GLY G 2435 65.92 44.66 2.97
C GLY G 2435 65.87 44.86 1.47
N ARG G 2436 66.51 43.97 0.73
CA ARG G 2436 66.49 44.04 -0.73
C ARG G 2436 65.14 43.65 -1.31
N CYS G 2437 64.37 42.82 -0.62
CA CYS G 2437 63.00 42.51 -1.02
C CYS G 2437 62.04 43.66 -0.71
N ALA G 2438 62.44 44.57 0.16
CA ALA G 2438 61.57 45.70 0.48
C ALA G 2438 61.21 46.49 -0.77
N PRO G 2439 60.01 47.05 -0.86
CA PRO G 2439 59.60 47.72 -2.10
C PRO G 2439 60.32 49.04 -2.31
N GLU G 2440 60.13 49.61 -3.50
CA GLU G 2440 60.77 50.87 -3.85
C GLU G 2440 59.94 52.06 -3.39
N THR G 2441 60.64 53.18 -3.22
CA THR G 2441 60.00 54.38 -2.69
C THR G 2441 58.94 54.92 -3.64
N HIS G 2442 59.17 54.80 -4.96
CA HIS G 2442 58.17 55.31 -5.89
C HIS G 2442 56.88 54.51 -5.81
N LEU G 2443 56.98 53.19 -5.67
CA LEU G 2443 55.79 52.38 -5.46
C LEU G 2443 55.10 52.77 -4.16
N ILE G 2444 55.87 52.98 -3.10
CA ILE G 2444 55.27 53.38 -1.83
C ILE G 2444 54.53 54.70 -1.98
N GLN G 2445 55.14 55.67 -2.68
CA GLN G 2445 54.52 56.97 -2.88
C GLN G 2445 53.23 56.83 -3.69
N ALA G 2446 53.27 56.01 -4.74
CA ALA G 2446 52.05 55.72 -5.48
C ALA G 2446 51.04 54.95 -4.66
N GLY G 2447 51.46 54.43 -3.50
CA GLY G 2447 50.52 53.77 -2.61
C GLY G 2447 49.98 52.47 -3.12
N LYS G 2448 50.82 51.65 -3.74
CA LYS G 2448 50.38 50.34 -4.20
C LYS G 2448 50.07 49.46 -3.00
N GLY G 2449 48.91 48.78 -3.07
CA GLY G 2449 48.51 47.94 -1.97
C GLY G 2449 49.49 46.81 -1.71
N GLU G 2450 49.97 46.18 -2.78
CA GLU G 2450 50.92 45.08 -2.62
C GLU G 2450 52.22 45.55 -2.00
N ALA G 2451 52.73 46.71 -2.45
CA ALA G 2451 53.96 47.23 -1.89
C ALA G 2451 53.79 47.55 -0.42
N LEU G 2452 52.68 48.18 -0.06
CA LEU G 2452 52.44 48.51 1.34
C LEU G 2452 52.33 47.24 2.18
N ARG G 2453 51.65 46.22 1.67
CA ARG G 2453 51.52 44.97 2.40
C ARG G 2453 52.87 44.31 2.61
N ILE G 2454 53.70 44.30 1.58
CA ILE G 2454 55.02 43.67 1.71
C ILE G 2454 55.87 44.42 2.73
N ARG G 2455 55.84 45.75 2.67
CA ARG G 2455 56.61 46.51 3.65
C ARG G 2455 56.11 46.27 5.07
N ALA G 2456 54.80 46.18 5.25
CA ALA G 2456 54.25 45.89 6.56
C ALA G 2456 54.71 44.52 7.06
N ILE G 2457 54.71 43.53 6.17
CA ILE G 2457 55.16 42.19 6.56
C ILE G 2457 56.61 42.23 7.01
N LEU G 2458 57.46 42.92 6.25
CA LEU G 2458 58.88 43.00 6.63
C LEU G 2458 59.07 43.72 7.95
N ARG G 2459 58.32 44.81 8.15
CA ARG G 2459 58.39 45.53 9.41
C ARG G 2459 57.96 44.66 10.57
N SER G 2460 56.95 43.81 10.38
CA SER G 2460 56.54 42.89 11.42
C SER G 2460 57.58 41.81 11.68
N LEU G 2461 58.27 41.35 10.64
CA LEU G 2461 59.31 40.35 10.86
C LEU G 2461 60.45 40.91 11.69
N VAL G 2462 60.95 42.09 11.35
CA VAL G 2462 62.15 42.63 11.98
C VAL G 2462 61.78 43.87 12.78
N PRO G 2463 61.91 43.86 14.11
CA PRO G 2463 61.69 45.09 14.88
C PRO G 2463 62.79 46.11 14.66
N LEU G 2464 62.45 47.38 14.87
CA LEU G 2464 63.42 48.46 14.69
C LEU G 2464 64.42 48.50 15.83
N ASP G 2465 63.97 48.19 17.05
CA ASP G 2465 64.87 48.21 18.19
C ASP G 2465 65.98 47.18 18.04
N ASP G 2466 65.66 46.01 17.47
CA ASP G 2466 66.70 45.00 17.25
C ASP G 2466 67.75 45.50 16.26
N LEU G 2467 67.31 46.15 15.18
CA LEU G 2467 68.25 46.70 14.22
C LEU G 2467 69.15 47.73 14.87
N VAL G 2468 68.56 48.64 15.65
CA VAL G 2468 69.35 49.66 16.31
C VAL G 2468 70.31 49.03 17.31
N GLY G 2469 69.88 48.00 18.03
CA GLY G 2469 70.76 47.35 18.97
C GLY G 2469 71.95 46.70 18.29
N ILE G 2470 71.71 46.00 17.19
CA ILE G 2470 72.82 45.37 16.47
C ILE G 2470 73.77 46.44 15.94
N ILE G 2471 73.21 47.52 15.38
CA ILE G 2471 74.06 48.60 14.91
C ILE G 2471 74.86 49.22 16.04
N SER G 2472 74.32 49.20 17.26
CA SER G 2472 75.00 49.77 18.41
C SER G 2472 75.99 48.80 19.07
N LEU G 2473 75.96 47.52 18.70
CA LEU G 2473 76.89 46.58 19.32
C LEU G 2473 78.31 47.02 19.03
N PRO G 2474 79.22 46.92 19.99
CA PRO G 2474 80.60 47.37 19.77
C PRO G 2474 81.42 46.38 18.97
N LEU G 2475 82.39 46.93 18.23
CA LEU G 2475 83.33 46.15 17.45
C LEU G 2475 84.68 46.13 18.16
N GLN G 2476 85.42 45.05 17.96
CA GLN G 2476 86.77 44.93 18.51
C GLN G 2476 87.75 45.57 17.54
N ILE G 2477 88.42 46.63 17.99
CA ILE G 2477 89.31 47.40 17.10
C ILE G 2477 90.75 46.97 17.36
N PRO G 2478 91.63 47.03 16.35
CA PRO G 2478 93.03 46.71 16.59
C PRO G 2478 93.64 47.64 17.61
N THR G 2479 94.51 47.09 18.45
CA THR G 2479 95.16 47.85 19.50
C THR G 2479 96.64 47.45 19.58
N LEU G 2480 97.41 48.28 20.26
CA LEU G 2480 98.84 48.05 20.45
C LEU G 2480 99.07 47.73 21.93
N GLY G 2481 99.36 46.46 22.20
CA GLY G 2481 99.69 46.01 23.54
C GLY G 2481 101.13 45.53 23.64
N LYS G 2482 101.52 45.22 24.89
CA LYS G 2482 102.86 44.78 25.19
C LYS G 2482 103.85 45.79 24.59
N ASP G 2483 104.65 45.37 23.61
CA ASP G 2483 105.51 46.29 22.88
C ASP G 2483 105.48 45.89 21.42
N GLY G 2484 104.75 46.65 20.61
CA GLY G 2484 104.60 46.30 19.21
C GLY G 2484 103.66 45.15 18.95
N ALA G 2485 102.85 44.76 19.94
CA ALA G 2485 101.93 43.63 19.78
C ALA G 2485 100.63 44.17 19.21
N LEU G 2486 100.41 43.92 17.92
CA LEU G 2486 99.14 44.29 17.29
C LEU G 2486 98.11 43.22 17.64
N VAL G 2487 97.18 43.57 18.52
CA VAL G 2487 96.12 42.64 18.90
C VAL G 2487 94.98 42.80 17.90
N GLN G 2488 95.09 42.14 16.76
CA GLN G 2488 94.08 42.27 15.73
C GLN G 2488 92.98 41.23 15.93
N PRO G 2489 91.71 41.61 15.82
CA PRO G 2489 90.64 40.61 15.88
C PRO G 2489 90.72 39.67 14.69
N LYS G 2490 90.31 38.44 14.91
CA LYS G 2490 90.22 37.45 13.84
C LYS G 2490 88.93 37.73 13.07
N MET G 2491 89.07 38.31 11.87
CA MET G 2491 87.90 38.74 11.13
C MET G 2491 86.98 37.58 10.82
N SER G 2492 87.54 36.44 10.46
CA SER G 2492 86.74 35.28 10.09
C SER G 2492 86.11 34.57 11.28
N ALA G 2493 86.27 35.11 12.48
CA ALA G 2493 85.74 34.45 13.68
C ALA G 2493 85.09 35.41 14.66
N SER G 2494 84.77 36.63 14.25
CA SER G 2494 84.25 37.64 15.16
C SER G 2494 83.16 38.45 14.47
N PHE G 2495 82.60 39.39 15.23
CA PHE G 2495 81.60 40.31 14.73
C PHE G 2495 82.27 41.40 13.91
N VAL G 2496 81.85 41.55 12.65
CA VAL G 2496 82.53 42.44 11.72
C VAL G 2496 81.56 43.48 11.17
N PRO G 2497 82.04 44.61 10.64
CA PRO G 2497 81.12 45.64 10.14
C PRO G 2497 80.26 45.17 8.98
N ASP G 2498 80.67 44.12 8.26
CA ASP G 2498 79.82 43.61 7.20
C ASP G 2498 78.48 43.13 7.75
N HIS G 2499 78.45 42.75 9.02
CA HIS G 2499 77.19 42.33 9.63
C HIS G 2499 76.29 43.52 9.89
N LYS G 2500 76.87 44.66 10.29
CA LYS G 2500 76.08 45.86 10.52
C LYS G 2500 75.64 46.49 9.21
N ALA G 2501 76.38 46.26 8.13
CA ALA G 2501 75.98 46.85 6.85
C ALA G 2501 74.60 46.36 6.42
N SER G 2502 74.32 45.07 6.62
CA SER G 2502 73.00 44.54 6.27
C SER G 2502 71.92 45.17 7.13
N MET G 2503 72.18 45.34 8.42
CA MET G 2503 71.20 46.00 9.28
C MET G 2503 70.93 47.42 8.82
N VAL G 2504 71.97 48.15 8.43
CA VAL G 2504 71.78 49.51 7.93
C VAL G 2504 70.95 49.49 6.65
N LEU G 2505 71.23 48.55 5.76
CA LEU G 2505 70.46 48.47 4.52
C LEU G 2505 68.99 48.23 4.81
N PHE G 2506 68.70 47.27 5.68
CA PHE G 2506 67.31 46.98 6.04
C PHE G 2506 66.65 48.20 6.68
N LEU G 2507 67.36 48.86 7.60
CA LEU G 2507 66.79 50.02 8.27
C LEU G 2507 66.46 51.13 7.29
N ASP G 2508 67.35 51.35 6.32
CA ASP G 2508 67.13 52.44 5.37
C ASP G 2508 66.06 52.11 4.34
N ARG G 2509 65.92 50.84 3.96
CA ARG G 2509 64.97 50.51 2.90
C ARG G 2509 63.58 50.17 3.42
N VAL G 2510 63.46 49.60 4.62
CA VAL G 2510 62.17 49.15 5.13
C VAL G 2510 61.59 50.22 6.05
N TYR G 2511 62.29 50.51 7.13
CA TYR G 2511 61.79 51.50 8.08
C TYR G 2511 62.04 52.92 7.59
N GLY G 2512 63.25 53.18 7.10
CA GLY G 2512 63.57 54.50 6.61
C GLY G 2512 63.75 55.48 7.75
N ILE G 2513 64.59 56.49 7.56
CA ILE G 2513 64.78 57.55 8.54
C ILE G 2513 64.04 58.78 8.04
N GLU G 2514 63.07 59.22 8.83
CA GLU G 2514 62.25 60.36 8.47
C GLU G 2514 62.06 61.36 9.61
N ASN G 2515 62.58 61.09 10.80
CA ASN G 2515 62.40 61.94 11.96
C ASN G 2515 63.75 62.36 12.49
N GLN G 2516 63.88 63.66 12.81
CA GLN G 2516 65.14 64.18 13.29
C GLN G 2516 65.54 63.53 14.62
N ASP G 2517 64.58 63.31 15.51
CA ASP G 2517 64.91 62.68 16.79
C ASP G 2517 65.50 61.29 16.58
N PHE G 2518 64.88 60.50 15.71
CA PHE G 2518 65.39 59.16 15.45
C PHE G 2518 66.76 59.21 14.80
N LEU G 2519 66.95 60.14 13.86
CA LEU G 2519 68.25 60.29 13.23
C LEU G 2519 69.32 60.59 14.26
N LEU G 2520 69.05 61.53 15.16
CA LEU G 2520 70.03 61.89 16.17
C LEU G 2520 70.29 60.73 17.11
N HIS G 2521 69.24 59.99 17.47
CA HIS G 2521 69.42 58.86 18.38
C HIS G 2521 70.31 57.79 17.76
N VAL G 2522 70.02 57.41 16.50
CA VAL G 2522 70.81 56.38 15.86
C VAL G 2522 72.24 56.86 15.64
N LEU G 2523 72.42 58.15 15.30
CA LEU G 2523 73.77 58.67 15.17
C LEU G 2523 74.51 58.58 16.50
N ASP G 2524 73.87 58.98 17.59
CA ASP G 2524 74.55 59.02 18.88
C ASP G 2524 74.94 57.62 19.34
N VAL G 2525 74.05 56.65 19.17
CA VAL G 2525 74.31 55.32 19.71
C VAL G 2525 75.11 54.42 18.76
N GLY G 2526 74.77 54.39 17.48
CA GLY G 2526 75.38 53.41 16.60
C GLY G 2526 76.42 53.92 15.62
N PHE G 2527 76.16 55.05 14.97
CA PHE G 2527 77.02 55.47 13.88
C PHE G 2527 78.25 56.21 14.39
N LEU G 2528 78.05 57.21 15.24
CA LEU G 2528 79.17 58.05 15.67
C LEU G 2528 80.27 57.24 16.34
N PRO G 2529 79.99 56.27 17.21
CA PRO G 2529 81.09 55.47 17.76
C PRO G 2529 81.91 54.76 16.70
N ASP G 2530 81.28 54.24 15.66
CA ASP G 2530 82.02 53.56 14.61
C ASP G 2530 82.80 54.54 13.76
N MET G 2531 82.23 55.71 13.49
CA MET G 2531 82.98 56.73 12.77
C MET G 2531 84.21 57.15 13.57
N ARG G 2532 84.06 57.31 14.88
CA ARG G 2532 85.20 57.67 15.71
C ARG G 2532 86.23 56.57 15.73
N ALA G 2533 85.80 55.31 15.78
CA ALA G 2533 86.75 54.20 15.74
C ALA G 2533 87.52 54.19 14.43
N ALA G 2534 86.82 54.36 13.32
CA ALA G 2534 87.49 54.38 12.02
C ALA G 2534 88.46 55.54 11.92
N ALA G 2535 88.06 56.71 12.44
CA ALA G 2535 88.96 57.85 12.43
C ALA G 2535 90.20 57.60 13.28
N SER G 2536 90.01 57.01 14.46
CA SER G 2536 91.15 56.74 15.34
C SER G 2536 92.07 55.68 14.77
N LEU G 2537 91.57 54.78 13.93
CA LEU G 2537 92.40 53.76 13.29
C LEU G 2537 93.09 54.30 12.04
N ASP G 2538 93.22 55.60 11.90
CA ASP G 2538 93.88 56.20 10.74
C ASP G 2538 95.37 56.40 10.94
N THR G 2539 95.92 55.94 12.06
CA THR G 2539 97.36 56.05 12.28
C THR G 2539 98.10 55.17 11.28
N ALA G 2540 99.40 55.45 11.12
CA ALA G 2540 100.20 54.70 10.15
C ALA G 2540 100.27 53.23 10.50
N THR G 2541 100.25 52.90 11.79
CA THR G 2541 100.36 51.50 12.20
C THR G 2541 99.07 50.73 11.90
N PHE G 2542 97.92 51.33 12.23
CA PHE G 2542 96.63 50.65 12.09
C PHE G 2542 95.94 50.94 10.76
N SER G 2543 96.49 51.83 9.93
CA SER G 2543 95.74 52.33 8.79
C SER G 2543 95.27 51.21 7.88
N THR G 2544 96.13 50.21 7.64
CA THR G 2544 95.85 49.17 6.65
C THR G 2544 95.41 47.86 7.31
N THR G 2545 95.10 47.88 8.60
CA THR G 2545 94.64 46.66 9.26
C THR G 2545 93.33 46.20 8.63
N GLU G 2546 93.05 44.90 8.77
CA GLU G 2546 91.84 44.35 8.19
C GLU G 2546 90.60 45.01 8.78
N MET G 2547 90.57 45.21 10.09
CA MET G 2547 89.43 45.85 10.71
C MET G 2547 89.29 47.29 10.25
N ALA G 2548 90.40 47.99 10.09
CA ALA G 2548 90.33 49.38 9.62
C ALA G 2548 89.75 49.44 8.21
N LEU G 2549 90.23 48.57 7.32
CA LEU G 2549 89.69 48.57 5.96
C LEU G 2549 88.23 48.16 5.94
N ALA G 2550 87.83 47.20 6.77
CA ALA G 2550 86.44 46.81 6.84
C ALA G 2550 85.57 47.96 7.35
N LEU G 2551 86.04 48.69 8.35
CA LEU G 2551 85.30 49.84 8.84
C LEU G 2551 85.17 50.90 7.77
N ASN G 2552 86.23 51.14 6.99
CA ASN G 2552 86.14 52.09 5.90
C ASN G 2552 85.09 51.66 4.89
N ARG G 2553 85.10 50.38 4.51
CA ARG G 2553 84.10 49.91 3.56
C ARG G 2553 82.69 50.07 4.11
N TYR G 2554 82.50 49.71 5.38
CA TYR G 2554 81.17 49.82 5.99
C TYR G 2554 80.70 51.26 6.00
N LEU G 2555 81.56 52.18 6.44
CA LEU G 2555 81.18 53.59 6.50
C LEU G 2555 80.86 54.14 5.12
N CYS G 2556 81.67 53.81 4.11
CA CYS G 2556 81.51 54.40 2.80
C CYS G 2556 80.44 53.72 1.96
N LEU G 2557 79.96 52.54 2.35
CA LEU G 2557 78.93 51.86 1.59
C LEU G 2557 77.56 51.90 2.25
N ALA G 2558 77.48 51.98 3.58
CA ALA G 2558 76.19 51.96 4.24
C ALA G 2558 75.91 53.22 5.03
N VAL G 2559 76.86 53.62 5.89
CA VAL G 2559 76.57 54.66 6.87
C VAL G 2559 76.54 56.04 6.22
N LEU G 2560 77.65 56.45 5.64
CA LEU G 2560 77.75 57.82 5.14
C LEU G 2560 76.73 58.12 4.06
N PRO G 2561 76.46 57.25 3.10
CA PRO G 2561 75.39 57.54 2.14
C PRO G 2561 74.05 57.81 2.81
N LEU G 2562 73.75 57.08 3.88
CA LEU G 2562 72.50 57.30 4.59
C LEU G 2562 72.45 58.67 5.24
N ILE G 2563 73.55 59.10 5.87
CA ILE G 2563 73.59 60.42 6.47
C ILE G 2563 73.49 61.50 5.40
N THR G 2564 74.12 61.26 4.24
CA THR G 2564 73.98 62.20 3.13
C THR G 2564 72.52 62.32 2.70
N LYS G 2565 71.83 61.19 2.61
CA LYS G 2565 70.42 61.23 2.23
C LYS G 2565 69.59 61.94 3.29
N CYS G 2566 69.93 61.79 4.56
CA CYS G 2566 69.19 62.39 5.66
C CYS G 2566 69.72 63.77 6.04
N ALA G 2567 70.61 64.33 5.24
CA ALA G 2567 71.17 65.64 5.57
C ALA G 2567 70.11 66.70 5.79
N PRO G 2568 69.05 66.80 4.99
CA PRO G 2568 68.07 67.87 5.23
C PRO G 2568 67.49 67.89 6.62
N LEU G 2569 67.51 66.78 7.34
CA LEU G 2569 66.95 66.70 8.67
C LEU G 2569 67.81 67.38 9.73
N PHE G 2570 69.01 67.82 9.39
CA PHE G 2570 69.90 68.45 10.35
C PHE G 2570 69.61 69.92 10.54
N ALA G 2571 68.69 70.50 9.78
CA ALA G 2571 68.29 71.89 9.98
C ALA G 2571 67.54 72.01 11.30
N GLY G 2572 67.97 72.94 12.14
CA GLY G 2572 67.30 73.15 13.41
C GLY G 2572 67.73 72.23 14.52
N THR G 2573 68.94 71.66 14.43
CA THR G 2573 69.44 70.73 15.44
C THR G 2573 70.27 71.43 16.50
N GLU G 2574 69.95 72.70 16.80
CA GLU G 2574 70.76 73.45 17.75
C GLU G 2574 70.81 72.77 19.12
N HIS G 2575 69.76 72.03 19.49
CA HIS G 2575 69.76 71.39 20.81
C HIS G 2575 70.91 70.40 20.94
N ARG G 2576 71.14 69.57 19.93
CA ARG G 2576 72.25 68.62 19.94
C ARG G 2576 73.48 69.20 19.24
N ALA G 2577 73.84 70.42 19.64
CA ALA G 2577 74.93 71.12 18.98
C ALA G 2577 76.25 70.41 19.16
N ILE G 2578 76.51 69.91 20.37
CA ILE G 2578 77.78 69.24 20.64
C ILE G 2578 77.92 67.99 19.77
N MET G 2579 76.85 67.20 19.71
CA MET G 2579 76.88 65.98 18.90
C MET G 2579 77.08 66.31 17.44
N VAL G 2580 76.39 67.34 16.94
CA VAL G 2580 76.53 67.71 15.54
C VAL G 2580 77.95 68.16 15.24
N ASP G 2581 78.53 68.96 16.13
CA ASP G 2581 79.89 69.44 15.92
C ASP G 2581 80.88 68.28 15.91
N SER G 2582 80.72 67.34 16.85
CA SER G 2582 81.60 66.18 16.87
C SER G 2582 81.46 65.36 15.60
N MET G 2583 80.22 65.21 15.10
CA MET G 2583 80.02 64.48 13.86
C MET G 2583 80.76 65.16 12.71
N LEU G 2584 80.64 66.48 12.62
CA LEU G 2584 81.34 67.20 11.55
C LEU G 2584 82.84 67.00 11.65
N HIS G 2585 83.39 67.12 12.86
CA HIS G 2585 84.83 66.94 13.03
C HIS G 2585 85.26 65.54 12.62
N THR G 2586 84.49 64.53 13.02
CA THR G 2586 84.84 63.15 12.70
C THR G 2586 84.80 62.92 11.19
N VAL G 2587 83.77 63.43 10.53
CA VAL G 2587 83.68 63.24 9.08
C VAL G 2587 84.83 63.94 8.39
N TYR G 2588 85.20 65.14 8.85
CA TYR G 2588 86.32 65.84 8.24
C TYR G 2588 87.61 65.06 8.43
N ARG G 2589 87.84 64.53 9.64
CA ARG G 2589 89.04 63.76 9.89
C ARG G 2589 89.07 62.50 9.03
N LEU G 2590 87.93 61.85 8.84
CA LEU G 2590 87.87 60.71 7.94
C LEU G 2590 88.25 61.11 6.52
N SER G 2591 87.72 62.24 6.05
CA SER G 2591 88.05 62.69 4.70
C SER G 2591 89.55 62.91 4.57
N ARG G 2592 90.16 63.50 5.61
CA ARG G 2592 91.62 63.67 5.64
C ARG G 2592 92.29 62.38 6.14
N GLY G 2593 92.04 61.30 5.42
CA GLY G 2593 92.48 59.98 5.82
C GLY G 2593 93.31 59.31 4.75
N ARG G 2594 94.34 58.58 5.19
CA ARG G 2594 95.17 57.81 4.28
C ARG G 2594 94.53 56.45 4.00
N SER G 2595 95.08 55.76 3.01
CA SER G 2595 94.66 54.40 2.69
C SER G 2595 93.18 54.34 2.34
N LEU G 2596 92.64 55.41 1.78
CA LEU G 2596 91.26 55.47 1.33
C LEU G 2596 91.22 55.48 -0.18
N THR G 2597 90.36 54.64 -0.76
CA THR G 2597 90.19 54.64 -2.21
C THR G 2597 89.60 55.96 -2.65
N LYS G 2598 89.75 56.25 -3.95
CA LYS G 2598 89.20 57.50 -4.49
C LYS G 2598 87.69 57.54 -4.33
N ALA G 2599 87.01 56.41 -4.60
CA ALA G 2599 85.56 56.38 -4.44
C ALA G 2599 85.16 56.61 -3.00
N GLN G 2600 85.88 56.00 -2.05
CA GLN G 2600 85.59 56.21 -0.65
C GLN G 2600 85.76 57.66 -0.26
N ARG G 2601 86.85 58.29 -0.70
CA ARG G 2601 87.07 59.69 -0.39
C ARG G 2601 85.99 60.56 -0.99
N ASP G 2602 85.55 60.24 -2.20
CA ASP G 2602 84.46 61.00 -2.82
C ASP G 2602 83.18 60.88 -2.00
N VAL G 2603 82.89 59.68 -1.50
CA VAL G 2603 81.70 59.50 -0.68
C VAL G 2603 81.78 60.36 0.58
N ILE G 2604 82.93 60.34 1.24
CA ILE G 2604 83.08 61.11 2.47
C ILE G 2604 82.93 62.60 2.18
N GLU G 2605 83.54 63.07 1.10
CA GLU G 2605 83.44 64.48 0.76
C GLU G 2605 82.01 64.87 0.45
N ASP G 2606 81.28 64.01 -0.28
CA ASP G 2606 79.88 64.30 -0.55
C ASP G 2606 79.08 64.38 0.73
N CYS G 2607 79.34 63.48 1.68
CA CYS G 2607 78.64 63.56 2.96
C CYS G 2607 78.92 64.89 3.65
N LEU G 2608 80.18 65.31 3.69
CA LEU G 2608 80.53 66.55 4.36
C LEU G 2608 79.83 67.75 3.72
N MET G 2609 79.85 67.81 2.39
CA MET G 2609 79.22 68.94 1.71
C MET G 2609 77.71 68.93 1.92
N ALA G 2610 77.09 67.75 1.88
CA ALA G 2610 75.65 67.67 2.10
C ALA G 2610 75.30 68.14 3.50
N LEU G 2611 76.06 67.72 4.51
CA LEU G 2611 75.80 68.18 5.86
C LEU G 2611 75.92 69.69 5.97
N CYS G 2612 77.02 70.24 5.47
CA CYS G 2612 77.23 71.68 5.59
C CYS G 2612 76.24 72.49 4.77
N ARG G 2613 75.59 71.88 3.78
CA ARG G 2613 74.58 72.60 3.01
C ARG G 2613 73.29 72.84 3.78
N TYR G 2614 73.10 72.16 4.90
CA TYR G 2614 71.87 72.31 5.69
C TYR G 2614 72.10 72.73 7.13
N ILE G 2615 73.24 72.41 7.72
CA ILE G 2615 73.49 72.82 9.10
C ILE G 2615 73.51 74.34 9.18
N ARG G 2616 73.03 74.87 10.30
CA ARG G 2616 72.96 76.31 10.46
C ARG G 2616 74.36 76.92 10.44
N PRO G 2617 74.51 78.13 9.91
CA PRO G 2617 75.86 78.72 9.81
C PRO G 2617 76.54 78.89 11.16
N SER G 2618 75.79 79.13 12.23
CA SER G 2618 76.42 79.33 13.53
C SER G 2618 77.09 78.06 14.03
N MET G 2619 76.56 76.88 13.68
CA MET G 2619 77.09 75.63 14.17
C MET G 2619 78.33 75.17 13.43
N LEU G 2620 78.70 75.84 12.34
CA LEU G 2620 79.90 75.49 11.58
C LEU G 2620 81.12 76.28 12.04
N GLN G 2621 81.03 76.96 13.17
CA GLN G 2621 82.14 77.81 13.62
C GLN G 2621 83.38 76.98 13.91
N HIS G 2622 83.21 75.82 14.57
CA HIS G 2622 84.38 75.02 14.93
C HIS G 2622 85.00 74.37 13.70
N LEU G 2623 84.17 73.93 12.76
CA LEU G 2623 84.73 73.42 11.51
C LEU G 2623 85.48 74.51 10.76
N LEU G 2624 84.95 75.73 10.77
CA LEU G 2624 85.68 76.85 10.16
C LEU G 2624 87.00 77.08 10.88
N ARG G 2625 87.00 76.92 12.21
CA ARG G 2625 88.23 77.03 12.97
C ARG G 2625 89.26 76.00 12.53
N ARG G 2626 88.83 74.76 12.33
CA ARG G 2626 89.77 73.73 11.87
C ARG G 2626 90.28 74.03 10.46
N LEU G 2627 89.39 74.49 9.59
CA LEU G 2627 89.79 74.78 8.22
C LEU G 2627 90.72 75.99 8.15
N VAL G 2628 90.58 76.93 9.07
CA VAL G 2628 91.48 78.08 9.08
C VAL G 2628 92.92 77.64 9.24
N PHE G 2629 93.15 76.53 9.92
CA PHE G 2629 94.49 75.98 10.05
C PHE G 2629 94.84 75.06 8.89
N ASP G 2630 93.95 74.17 8.47
CA ASP G 2630 94.28 73.18 7.47
C ASP G 2630 94.39 73.74 6.05
N VAL G 2631 93.47 74.62 5.65
CA VAL G 2631 93.40 75.03 4.25
C VAL G 2631 94.62 75.83 3.81
N PRO G 2632 95.10 76.83 4.56
CA PRO G 2632 96.16 77.71 4.05
C PRO G 2632 97.38 76.98 3.49
N ILE G 2633 97.57 75.71 3.87
CA ILE G 2633 98.71 74.96 3.35
C ILE G 2633 98.62 74.78 1.85
N LEU G 2634 97.40 74.69 1.33
CA LEU G 2634 97.17 74.57 -0.11
C LEU G 2634 97.88 73.36 -0.69
N ASN G 2635 97.87 72.27 0.08
CA ASN G 2635 98.38 71.00 -0.40
C ASN G 2635 97.28 70.24 -1.14
N GLU G 2636 97.51 68.96 -1.44
CA GLU G 2636 96.50 68.19 -2.16
C GLU G 2636 95.22 67.99 -1.36
N PHE G 2637 95.31 67.90 -0.04
CA PHE G 2637 94.15 67.69 0.80
C PHE G 2637 93.34 68.97 1.02
N ALA G 2638 93.72 70.07 0.36
CA ALA G 2638 92.99 71.32 0.46
C ALA G 2638 92.06 71.58 -0.71
N LYS G 2639 91.92 70.63 -1.64
CA LYS G 2639 91.04 70.84 -2.77
C LYS G 2639 89.58 70.78 -2.35
N MET G 2640 89.23 69.85 -1.45
CA MET G 2640 87.84 69.75 -1.01
C MET G 2640 87.49 70.81 0.02
N PRO G 2641 88.32 71.12 1.00
CA PRO G 2641 87.99 72.20 1.94
C PRO G 2641 87.70 73.51 1.22
N LEU G 2642 88.43 73.77 0.13
CA LEU G 2642 88.21 75.01 -0.60
C LEU G 2642 86.82 75.05 -1.22
N LYS G 2643 86.39 73.93 -1.81
CA LYS G 2643 85.03 73.86 -2.35
C LYS G 2643 84.00 74.00 -1.24
N LEU G 2644 84.24 73.37 -0.10
CA LEU G 2644 83.32 73.46 1.02
C LEU G 2644 83.15 74.90 1.46
N LEU G 2645 84.26 75.62 1.61
CA LEU G 2645 84.20 77.02 2.02
C LEU G 2645 83.52 77.87 0.94
N THR G 2646 83.81 77.60 -0.32
CA THR G 2646 83.14 78.33 -1.39
C THR G 2646 81.64 78.21 -1.27
N ASN G 2647 81.13 76.98 -1.17
CA ASN G 2647 79.70 76.78 -1.06
C ASN G 2647 79.15 77.42 0.20
N HIS G 2648 79.85 77.26 1.32
CA HIS G 2648 79.36 77.78 2.59
C HIS G 2648 79.19 79.28 2.54
N TYR G 2649 80.22 80.00 2.08
CA TYR G 2649 80.15 81.44 2.07
C TYR G 2649 79.21 81.96 0.98
N GLU G 2650 79.16 81.30 -0.17
CA GLU G 2650 78.19 81.71 -1.17
C GLU G 2650 76.77 81.57 -0.65
N ARG G 2651 76.49 80.54 0.14
CA ARG G 2651 75.14 80.34 0.66
C ARG G 2651 74.83 81.26 1.83
N CYS G 2652 75.82 81.54 2.70
CA CYS G 2652 75.57 82.29 3.93
C CYS G 2652 76.25 83.66 3.93
N TRP G 2653 76.41 84.29 2.77
CA TRP G 2653 77.06 85.60 2.74
C TRP G 2653 76.31 86.62 3.58
N LYS G 2654 74.98 86.57 3.59
CA LYS G 2654 74.20 87.53 4.37
C LYS G 2654 74.49 87.40 5.85
N TYR G 2655 74.64 86.18 6.35
CA TYR G 2655 74.88 85.97 7.77
C TYR G 2655 76.12 86.71 8.24
N TYR G 2656 77.07 86.96 7.34
CA TYR G 2656 78.31 87.63 7.69
C TYR G 2656 78.37 89.09 7.26
N CYS G 2657 77.76 89.43 6.12
CA CYS G 2657 77.88 90.77 5.56
C CYS G 2657 76.88 91.73 6.20
N LEU G 2658 75.59 91.41 6.09
CA LEU G 2658 74.57 92.36 6.50
C LEU G 2658 74.66 92.63 8.02
N PRO G 2659 74.52 93.88 8.45
CA PRO G 2659 74.50 94.12 9.90
C PRO G 2659 73.36 93.43 10.61
N THR G 2660 72.21 93.32 9.96
CA THR G 2660 71.07 92.63 10.58
C THR G 2660 71.29 91.13 10.62
N GLY G 2661 72.03 90.59 9.65
CA GLY G 2661 72.26 89.17 9.56
C GLY G 2661 71.24 88.49 8.67
N TRP G 2662 71.34 87.16 8.62
CA TRP G 2662 70.43 86.36 7.83
C TRP G 2662 69.15 86.10 8.61
N ALA G 2663 68.04 85.97 7.89
CA ALA G 2663 66.75 85.83 8.53
C ALA G 2663 66.63 84.46 9.22
N ASN G 2664 66.20 84.49 10.48
CA ASN G 2664 65.97 83.28 11.27
C ASN G 2664 67.27 82.54 11.59
N PHE G 2665 68.41 83.03 11.12
CA PHE G 2665 69.68 82.39 11.44
C PHE G 2665 70.51 83.24 12.39
N GLY G 2666 70.21 84.53 12.47
CA GLY G 2666 70.94 85.42 13.36
C GLY G 2666 71.98 86.23 12.62
N VAL G 2667 73.00 86.69 13.34
CA VAL G 2667 74.06 87.50 12.76
C VAL G 2667 75.39 86.95 13.24
N THR G 2668 76.41 87.15 12.42
CA THR G 2668 77.73 86.60 12.72
C THR G 2668 78.28 87.19 14.01
N SER G 2669 79.29 86.52 14.55
CA SER G 2669 79.98 86.97 15.74
C SER G 2669 81.36 87.50 15.38
N GLU G 2670 81.95 88.24 16.33
CA GLU G 2670 83.26 88.83 16.08
C GLU G 2670 84.30 87.76 15.83
N GLU G 2671 84.25 86.67 16.59
CA GLU G 2671 85.21 85.59 16.38
C GLU G 2671 85.04 84.96 15.00
N GLU G 2672 83.80 84.78 14.56
CA GLU G 2672 83.57 84.19 13.24
C GLU G 2672 84.11 85.11 12.14
N LEU G 2673 83.89 86.42 12.27
CA LEU G 2673 84.44 87.34 11.28
C LEU G 2673 85.95 87.35 11.31
N HIS G 2674 86.55 87.25 12.51
CA HIS G 2674 88.01 87.19 12.60
C HIS G 2674 88.55 85.95 11.90
N LEU G 2675 87.88 84.81 12.11
CA LEU G 2675 88.30 83.59 11.43
C LEU G 2675 88.16 83.73 9.93
N THR G 2676 87.08 84.37 9.47
CA THR G 2676 86.91 84.58 8.04
C THR G 2676 88.04 85.42 7.46
N ARG G 2677 88.40 86.51 8.13
CA ARG G 2677 89.50 87.33 7.64
C ARG G 2677 90.81 86.56 7.64
N LYS G 2678 91.08 85.79 8.70
CA LYS G 2678 92.30 85.00 8.73
C LYS G 2678 92.33 83.99 7.60
N LEU G 2679 91.20 83.35 7.32
CA LEU G 2679 91.13 82.41 6.21
C LEU G 2679 91.44 83.10 4.89
N PHE G 2680 90.79 84.23 4.63
CA PHE G 2680 91.02 84.93 3.37
C PHE G 2680 92.49 85.28 3.22
N TRP G 2681 93.09 85.87 4.24
CA TRP G 2681 94.46 86.32 4.09
C TRP G 2681 95.43 85.15 4.02
N GLY G 2682 95.17 84.06 4.75
CA GLY G 2682 96.04 82.90 4.62
C GLY G 2682 96.00 82.31 3.22
N ILE G 2683 94.80 82.15 2.67
CA ILE G 2683 94.70 81.61 1.32
C ILE G 2683 95.38 82.55 0.32
N PHE G 2684 95.15 83.84 0.46
CA PHE G 2684 95.73 84.81 -0.48
C PHE G 2684 97.25 84.76 -0.43
N ASP G 2685 97.81 84.81 0.78
CA ASP G 2685 99.26 84.80 0.92
C ASP G 2685 99.86 83.53 0.37
N SER G 2686 99.28 82.37 0.70
CA SER G 2686 99.82 81.12 0.20
C SER G 2686 99.75 81.04 -1.32
N LEU G 2687 98.61 81.44 -1.89
CA LEU G 2687 98.46 81.39 -3.33
C LEU G 2687 99.40 82.35 -4.02
N ALA G 2688 99.78 83.43 -3.35
CA ALA G 2688 100.70 84.39 -3.96
C ALA G 2688 102.05 83.74 -4.26
N HIS G 2689 102.58 82.96 -3.31
CA HIS G 2689 103.89 82.34 -3.46
C HIS G 2689 103.81 80.92 -3.99
N LYS G 2690 102.62 80.39 -4.19
CA LYS G 2690 102.45 79.04 -4.74
C LYS G 2690 102.74 79.07 -6.23
N LYS G 2691 103.53 78.10 -6.69
CA LYS G 2691 103.80 77.98 -8.11
C LYS G 2691 102.50 77.70 -8.85
N TYR G 2692 102.39 78.24 -10.06
CA TYR G 2692 101.14 78.14 -10.81
C TYR G 2692 100.72 76.69 -10.97
N ASP G 2693 99.45 76.42 -10.67
CA ASP G 2693 98.83 75.11 -10.89
C ASP G 2693 97.41 75.37 -11.37
N GLN G 2694 97.07 74.82 -12.54
CA GLN G 2694 95.80 75.13 -13.18
C GLN G 2694 94.63 74.80 -12.26
N GLU G 2695 94.57 73.58 -11.76
CA GLU G 2695 93.44 73.15 -10.95
C GLU G 2695 93.40 73.90 -9.62
N LEU G 2696 94.57 74.08 -9.00
CA LEU G 2696 94.60 74.77 -7.72
C LEU G 2696 94.07 76.19 -7.86
N TYR G 2697 94.48 76.90 -8.92
CA TYR G 2697 93.98 78.25 -9.13
C TYR G 2697 92.49 78.23 -9.44
N ARG G 2698 92.07 77.35 -10.35
CA ARG G 2698 90.66 77.28 -10.72
C ARG G 2698 89.77 76.99 -9.52
N ILE G 2699 90.29 76.32 -8.50
CA ILE G 2699 89.53 76.02 -7.30
C ILE G 2699 89.65 77.11 -6.24
N ALA G 2700 90.81 77.76 -6.13
CA ALA G 2700 91.02 78.73 -5.07
C ALA G 2700 90.38 80.07 -5.39
N MET G 2701 90.35 80.47 -6.67
CA MET G 2701 89.81 81.79 -6.98
C MET G 2701 88.35 81.95 -6.53
N PRO G 2702 87.45 81.03 -6.83
CA PRO G 2702 86.06 81.18 -6.33
C PRO G 2702 85.97 81.26 -4.82
N CYS G 2703 86.81 80.50 -4.11
CA CYS G 2703 86.79 80.56 -2.65
C CYS G 2703 87.18 81.95 -2.16
N LEU G 2704 88.23 82.52 -2.75
CA LEU G 2704 88.64 83.86 -2.37
C LEU G 2704 87.53 84.87 -2.65
N CYS G 2705 86.89 84.75 -3.82
CA CYS G 2705 85.81 85.67 -4.14
C CYS G 2705 84.67 85.55 -3.14
N ALA G 2706 84.31 84.31 -2.78
CA ALA G 2706 83.21 84.11 -1.84
C ALA G 2706 83.53 84.71 -0.48
N ILE G 2707 84.73 84.46 0.03
CA ILE G 2707 85.10 84.97 1.35
C ILE G 2707 85.13 86.50 1.33
N ALA G 2708 85.70 87.08 0.27
CA ALA G 2708 85.75 88.53 0.19
C ALA G 2708 84.36 89.14 0.13
N GLY G 2709 83.45 88.51 -0.64
CA GLY G 2709 82.09 89.00 -0.69
C GLY G 2709 81.33 88.83 0.60
N ALA G 2710 81.69 87.82 1.40
CA ALA G 2710 81.04 87.64 2.70
C ALA G 2710 81.54 88.64 3.74
N LEU G 2711 82.82 88.98 3.71
CA LEU G 2711 83.36 89.89 4.72
C LEU G 2711 82.76 91.28 4.54
N PRO G 2712 82.28 91.92 5.60
CA PRO G 2712 81.84 93.32 5.50
C PRO G 2712 83.00 94.21 5.10
N PRO G 2713 82.78 95.19 4.21
CA PRO G 2713 83.91 96.00 3.74
C PRO G 2713 84.64 96.75 4.84
N ASP G 2714 83.92 97.23 5.85
CA ASP G 2714 84.52 98.05 6.89
C ASP G 2714 84.76 97.28 8.18
N TYR G 2715 84.67 95.95 8.14
CA TYR G 2715 84.91 95.17 9.34
C TYR G 2715 86.30 95.47 9.88
N VAL G 2716 86.38 95.77 11.17
CA VAL G 2716 87.65 96.07 11.84
C VAL G 2716 87.94 94.94 12.80
N ASP G 2717 89.11 94.32 12.64
CA ASP G 2717 89.48 93.18 13.46
C ASP G 2717 89.90 93.65 14.84
N ALA G 2718 89.15 93.26 15.87
CA ALA G 2718 89.44 93.72 17.22
C ALA G 2718 90.82 93.28 17.67
N SER G 2719 91.20 92.05 17.34
CA SER G 2719 92.51 91.51 17.71
C SER G 2719 93.57 91.76 16.65
N TYR G 2720 93.43 92.85 15.88
CA TYR G 2720 94.40 93.15 14.84
C TYR G 2720 95.80 93.23 15.41
N SER G 2721 96.74 92.62 14.70
CA SER G 2721 98.15 92.67 15.08
C SER G 2721 99.01 92.60 13.83
N SER G 2722 100.22 93.15 13.94
CA SER G 2722 101.16 93.17 12.84
C SER G 2722 102.20 92.06 12.92
N LYS G 2723 102.15 91.21 13.94
CA LYS G 2723 103.17 90.18 14.11
C LYS G 2723 103.08 89.11 13.03
N THR G 2724 101.86 88.74 12.64
CA THR G 2724 101.61 87.68 11.65
C THR G 2724 102.63 86.56 11.78
N GLU G 2725 102.79 86.04 13.00
CA GLU G 2725 103.79 85.01 13.28
C GLU G 2725 103.15 83.63 13.17
N LYS G 2726 103.70 82.81 12.28
CA LYS G 2726 103.19 81.46 12.05
C LYS G 2726 101.70 81.50 11.78
N ASN G 2735 101.75 70.20 11.15
CA ASN G 2735 101.27 69.89 12.49
C ASN G 2735 101.26 71.15 13.36
N PHE G 2736 100.33 71.20 14.31
CA PHE G 2736 100.26 72.34 15.21
C PHE G 2736 101.55 72.47 16.01
N ASP G 2737 101.96 73.70 16.28
CA ASP G 2737 103.21 73.95 16.98
C ASP G 2737 102.93 74.31 18.44
N PRO G 2738 103.23 73.41 19.37
CA PRO G 2738 103.07 73.74 20.81
C PRO G 2738 104.33 74.28 21.46
N ARG G 2739 105.35 74.63 20.70
CA ARG G 2739 106.64 74.98 21.29
C ARG G 2739 106.55 76.30 22.03
N PRO G 2740 106.85 76.35 23.34
CA PRO G 2740 106.97 77.63 24.01
C PRO G 2740 108.39 78.19 23.93
N VAL G 2741 108.61 79.34 24.54
CA VAL G 2741 109.94 79.96 24.48
C VAL G 2741 110.85 79.34 25.53
N GLU G 2742 112.15 79.66 25.43
CA GLU G 2742 113.18 79.07 26.30
C GLU G 2742 113.11 79.72 27.68
N THR G 2743 111.94 79.56 28.30
CA THR G 2743 111.68 80.20 29.58
C THR G 2743 112.65 79.71 30.65
N LEU G 2744 112.66 78.41 30.93
CA LEU G 2744 113.58 77.90 31.95
C LEU G 2744 115.03 78.06 31.53
N ASN G 2745 115.27 78.24 30.22
CA ASN G 2745 116.63 78.45 29.74
C ASN G 2745 117.16 79.81 30.17
N VAL G 2746 116.37 80.87 30.00
CA VAL G 2746 116.84 82.20 30.35
C VAL G 2746 116.93 82.34 31.86
N ILE G 2747 117.60 83.41 32.31
CA ILE G 2747 117.83 83.66 33.73
C ILE G 2747 116.81 84.67 34.25
N ILE G 2748 116.68 84.77 35.57
CA ILE G 2748 115.67 85.63 36.19
C ILE G 2748 116.34 86.63 37.12
N PRO G 2749 115.89 87.89 37.17
CA PRO G 2749 116.40 88.82 38.18
C PRO G 2749 115.90 88.45 39.58
N GLU G 2750 116.70 88.84 40.58
CA GLU G 2750 116.30 88.59 41.96
C GLU G 2750 115.08 89.39 42.35
N LYS G 2751 114.92 90.59 41.77
CA LYS G 2751 113.69 91.35 41.99
C LYS G 2751 112.49 90.60 41.41
N LEU G 2752 112.66 89.96 40.25
CA LEU G 2752 111.58 89.15 39.70
C LEU G 2752 111.32 87.94 40.58
N ASP G 2753 112.35 87.40 41.23
CA ASP G 2753 112.13 86.32 42.20
C ASP G 2753 111.32 86.81 43.39
N SER G 2754 111.61 88.02 43.86
CA SER G 2754 110.82 88.60 44.94
C SER G 2754 109.36 88.75 44.52
N PHE G 2755 109.12 89.17 43.27
CA PHE G 2755 107.74 89.21 42.79
C PHE G 2755 107.15 87.81 42.70
N ILE G 2756 107.97 86.81 42.36
CA ILE G 2756 107.47 85.44 42.33
C ILE G 2756 106.92 85.07 43.70
N ASN G 2757 107.68 85.39 44.75
CA ASN G 2757 107.20 85.15 46.10
C ASN G 2757 105.92 85.94 46.37
N LYS G 2758 105.90 87.22 46.01
CA LYS G 2758 104.76 88.06 46.34
C LYS G 2758 103.50 87.56 45.62
N PHE G 2759 103.63 87.19 44.36
CA PHE G 2759 102.49 86.68 43.60
C PHE G 2759 102.09 85.30 44.09
N ALA G 2760 103.03 84.53 44.63
CA ALA G 2760 102.65 83.31 45.33
C ALA G 2760 101.74 83.66 46.50
N GLU G 2761 102.11 84.68 47.27
CA GLU G 2761 101.22 85.14 48.35
C GLU G 2761 99.85 85.46 47.80
N TYR G 2762 99.80 86.32 46.79
CA TYR G 2762 98.52 86.82 46.32
C TYR G 2762 97.66 85.71 45.76
N THR G 2763 98.25 84.81 44.98
CA THR G 2763 97.48 83.79 44.29
C THR G 2763 97.04 82.68 45.25
N HIS G 2764 97.88 82.33 46.23
CA HIS G 2764 97.44 81.39 47.24
C HIS G 2764 96.29 81.98 48.06
N GLU G 2765 96.39 83.28 48.38
CA GLU G 2765 95.30 83.92 49.11
C GLU G 2765 94.03 84.00 48.25
N LYS G 2766 94.19 84.17 46.94
CA LYS G 2766 93.02 84.19 46.05
C LYS G 2766 92.37 82.81 45.98
N TRP G 2767 93.20 81.77 45.92
CA TRP G 2767 92.65 80.41 45.94
C TRP G 2767 91.90 80.16 47.24
N ALA G 2768 92.45 80.62 48.36
CA ALA G 2768 91.76 80.50 49.63
C ALA G 2768 90.49 81.35 49.66
N PHE G 2769 90.48 82.49 48.97
CA PHE G 2769 89.29 83.32 48.91
C PHE G 2769 88.18 82.63 48.13
N ASP G 2770 88.53 82.03 46.99
CA ASP G 2770 87.56 81.23 46.25
C ASP G 2770 87.10 80.04 47.09
N LYS G 2771 88.01 79.47 47.87
CA LYS G 2771 87.63 78.43 48.81
C LYS G 2771 86.59 78.92 49.80
N ILE G 2772 86.76 80.15 50.29
CA ILE G 2772 85.77 80.74 51.19
C ILE G 2772 84.44 80.92 50.48
N GLN G 2773 84.47 81.40 49.23
CA GLN G 2773 83.23 81.54 48.47
C GLN G 2773 82.52 80.19 48.34
N ASN G 2774 83.27 79.13 48.09
CA ASN G 2774 82.71 77.78 48.06
C ASN G 2774 82.46 77.21 49.45
N ASN G 2775 82.82 77.96 50.49
CA ASN G 2775 82.78 77.48 51.88
C ASN G 2775 83.68 76.24 52.03
N TRP G 2776 84.98 76.46 51.83
CA TRP G 2776 85.99 75.45 52.06
C TRP G 2776 86.74 75.79 53.35
N SER G 2777 86.80 74.84 54.28
CA SER G 2777 87.45 75.06 55.56
C SER G 2777 88.84 74.43 55.58
N TYR G 2778 89.61 74.78 56.61
CA TYR G 2778 90.96 74.25 56.79
C TYR G 2778 90.87 72.86 57.40
N GLY G 2779 90.52 71.89 56.56
CA GLY G 2779 90.35 70.52 56.98
C GLY G 2779 91.62 69.70 56.81
N GLU G 2780 91.43 68.38 56.81
CA GLU G 2780 92.57 67.47 56.74
C GLU G 2780 92.98 67.12 55.31
N ASN G 2781 92.15 67.45 54.31
CA ASN G 2781 92.46 67.08 52.94
C ASN G 2781 91.67 67.97 51.99
N ILE G 2782 92.00 67.88 50.70
CA ILE G 2782 91.39 68.74 49.69
C ILE G 2782 90.04 68.24 49.21
N ASP G 2783 89.49 67.20 49.84
CA ASP G 2783 88.25 66.58 49.35
C ASP G 2783 87.18 67.63 49.07
N GLU G 2784 86.78 67.75 47.80
CA GLU G 2784 85.72 68.68 47.45
C GLU G 2784 84.39 68.24 48.08
N GLU G 2785 84.14 66.93 48.11
CA GLU G 2785 82.93 66.43 48.76
C GLU G 2785 82.89 66.81 50.23
N LEU G 2786 84.03 66.72 50.91
CA LEU G 2786 84.14 67.18 52.29
C LEU G 2786 84.25 68.70 52.38
N LYS G 2787 84.56 69.37 51.28
CA LYS G 2787 84.58 70.83 51.22
C LYS G 2787 85.58 71.39 52.23
N THR G 2788 86.83 70.95 52.08
CA THR G 2788 87.90 71.30 53.01
C THR G 2788 89.20 71.47 52.23
N HIS G 2789 90.15 72.14 52.89
CA HIS G 2789 91.48 72.35 52.32
C HIS G 2789 92.49 71.97 53.40
N PRO G 2790 93.52 71.18 53.06
CA PRO G 2790 94.55 70.83 54.04
C PRO G 2790 95.70 71.81 54.10
N MET G 2791 95.80 72.71 53.11
CA MET G 2791 96.93 73.62 53.00
C MET G 2791 96.52 75.06 53.26
N LEU G 2792 95.36 75.25 53.89
CA LEU G 2792 94.83 76.58 54.20
C LEU G 2792 95.55 77.18 55.40
N ARG G 2793 96.76 77.67 55.20
CA ARG G 2793 97.55 78.28 56.26
C ARG G 2793 98.16 79.57 55.76
N PRO G 2794 98.50 80.50 56.66
CA PRO G 2794 99.25 81.68 56.25
C PRO G 2794 100.59 81.26 55.68
N TYR G 2795 101.11 82.07 54.75
CA TYR G 2795 102.23 81.63 53.92
C TYR G 2795 103.40 81.12 54.76
N LYS G 2796 103.62 81.71 55.94
CA LYS G 2796 104.72 81.27 56.78
C LYS G 2796 104.59 79.80 57.13
N THR G 2797 103.42 79.39 57.65
CA THR G 2797 103.20 77.98 57.94
C THR G 2797 103.11 77.16 56.65
N PHE G 2798 102.46 77.72 55.63
CA PHE G 2798 102.43 77.12 54.31
C PHE G 2798 103.84 76.71 53.92
N SER G 2799 104.05 75.40 53.78
CA SER G 2799 105.40 74.83 53.84
C SER G 2799 106.31 75.43 52.78
N GLU G 2800 107.62 75.42 53.08
CA GLU G 2800 108.59 75.96 52.12
C GLU G 2800 108.54 75.20 50.81
N LYS G 2801 108.41 73.87 50.87
CA LYS G 2801 108.34 73.09 49.64
C LYS G 2801 107.07 73.41 48.86
N ASP G 2802 105.93 73.50 49.55
CA ASP G 2802 104.70 73.88 48.86
C ASP G 2802 104.75 75.34 48.41
N LYS G 2803 105.46 76.19 49.15
CA LYS G 2803 105.69 77.56 48.69
C LYS G 2803 106.45 77.55 47.38
N GLU G 2804 107.50 76.74 47.29
CA GLU G 2804 108.26 76.64 46.05
C GLU G 2804 107.40 76.11 44.91
N ILE G 2805 106.58 75.10 45.19
CA ILE G 2805 105.70 74.55 44.15
C ILE G 2805 104.74 75.63 43.66
N TYR G 2806 104.12 76.36 44.59
CA TYR G 2806 103.19 77.42 44.20
C TYR G 2806 103.89 78.52 43.43
N ARG G 2807 105.18 78.74 43.70
CA ARG G 2807 105.94 79.75 42.97
C ARG G 2807 106.30 79.27 41.56
N TRP G 2808 106.50 77.96 41.39
CA TRP G 2808 107.06 77.42 40.16
C TRP G 2808 106.30 77.91 38.92
N PRO G 2809 104.97 77.91 38.91
CA PRO G 2809 104.27 78.51 37.76
C PRO G 2809 104.67 79.96 37.54
N ILE G 2810 104.86 80.71 38.62
CA ILE G 2810 105.29 82.11 38.51
C ILE G 2810 106.72 82.16 37.99
N LYS G 2811 107.57 81.26 38.47
CA LYS G 2811 108.93 81.17 37.98
C LYS G 2811 108.95 80.99 36.47
N GLU G 2812 108.17 80.03 35.97
CA GLU G 2812 108.15 79.77 34.53
C GLU G 2812 107.56 80.95 33.76
N SER G 2813 106.51 81.57 34.30
CA SER G 2813 105.90 82.71 33.61
C SER G 2813 106.90 83.84 33.45
N LEU G 2814 107.54 84.25 34.55
CA LEU G 2814 108.50 85.36 34.45
C LEU G 2814 109.74 84.95 33.67
N LYS G 2815 110.10 83.66 33.72
CA LYS G 2815 111.21 83.17 32.93
C LYS G 2815 110.94 83.35 31.44
N ALA G 2816 109.73 82.98 30.99
CA ALA G 2816 109.35 83.22 29.61
C ALA G 2816 109.33 84.72 29.31
N MET G 2817 108.81 85.51 30.25
CA MET G 2817 108.81 86.96 30.10
C MET G 2817 110.21 87.46 29.75
N ILE G 2818 111.21 87.03 30.52
CA ILE G 2818 112.58 87.45 30.25
C ILE G 2818 113.05 86.89 28.92
N ALA G 2819 112.72 85.63 28.63
CA ALA G 2819 113.16 85.00 27.39
C ALA G 2819 112.70 85.78 26.17
N TRP G 2820 111.55 86.44 26.26
CA TRP G 2820 111.08 87.31 25.20
C TRP G 2820 111.79 88.66 25.14
N GLU G 2821 112.84 88.86 25.93
CA GLU G 2821 113.52 90.16 26.00
C GLU G 2821 112.56 91.25 26.46
N TRP G 2822 111.63 90.90 27.33
CA TRP G 2822 110.64 91.82 27.89
C TRP G 2822 111.26 92.51 29.09
N THR G 2823 111.58 93.79 28.92
CA THR G 2823 112.24 94.56 29.96
C THR G 2823 111.32 94.75 31.16
N VAL G 2824 111.67 94.13 32.29
CA VAL G 2824 110.91 94.26 33.53
C VAL G 2824 111.62 95.26 34.42
N GLU G 2825 110.87 96.27 34.89
CA GLU G 2825 111.43 97.37 35.67
C GLU G 2825 110.59 97.54 36.95
N LYS G 2826 111.21 97.28 38.09
CA LYS G 2826 110.53 97.48 39.36
C LYS G 2826 110.71 98.90 39.84
N ALA G 2827 109.59 99.57 40.16
CA ALA G 2827 109.61 100.91 40.72
C ALA G 2827 109.02 100.99 42.12
N ARG G 2828 107.83 100.44 42.33
CA ARG G 2828 107.21 100.41 43.65
C ARG G 2828 107.40 99.03 44.29
N GLU G 2829 106.76 98.80 45.43
CA GLU G 2829 106.97 97.58 46.20
C GLU G 2829 105.70 96.74 46.22
N GLY G 2830 105.88 95.45 46.46
CA GLY G 2830 104.74 94.56 46.52
C GLY G 2830 103.82 94.88 47.68
N GLU G 2831 102.54 94.54 47.52
CA GLU G 2831 101.54 94.81 48.55
C GLU G 2831 100.58 93.64 48.68
N TYR G 2856 92.95 78.96 56.86
CA TYR G 2856 93.25 80.31 57.34
C TYR G 2856 92.40 81.34 56.62
N ASN G 2857 92.53 82.60 57.04
CA ASN G 2857 91.74 83.68 56.47
C ASN G 2857 92.39 84.18 55.19
N PRO G 2858 91.70 84.18 54.05
CA PRO G 2858 92.32 84.68 52.82
C PRO G 2858 92.37 86.20 52.80
N GLN G 2859 93.55 86.74 52.51
CA GLN G 2859 93.76 88.18 52.36
C GLN G 2859 94.56 88.42 51.08
N PRO G 2860 93.99 88.14 49.93
CA PRO G 2860 94.69 88.38 48.66
C PRO G 2860 94.61 89.84 48.27
N PRO G 2861 95.76 90.49 47.98
CA PRO G 2861 95.71 91.85 47.47
C PRO G 2861 94.80 91.97 46.26
N ASP G 2862 93.71 92.74 46.38
CA ASP G 2862 92.75 92.84 45.30
C ASP G 2862 93.43 93.38 44.05
N LEU G 2863 93.18 92.72 42.92
CA LEU G 2863 93.87 93.00 41.67
C LEU G 2863 93.07 93.89 40.71
N SER G 2864 91.74 93.93 40.86
CA SER G 2864 90.91 94.60 39.86
C SER G 2864 91.04 96.12 39.93
N VAL G 2865 91.78 96.65 40.91
CA VAL G 2865 91.81 98.09 41.13
C VAL G 2865 92.32 98.82 39.89
N VAL G 2866 93.36 98.30 39.26
CA VAL G 2866 93.86 98.87 38.01
C VAL G 2866 93.38 98.01 36.85
N THR G 2867 93.26 98.63 35.67
CA THR G 2867 92.88 97.93 34.45
C THR G 2867 94.07 97.94 33.50
N LEU G 2868 94.38 96.78 32.93
CA LEU G 2868 95.47 96.70 31.98
C LEU G 2868 95.20 97.61 30.79
N SER G 2869 96.23 98.34 30.37
CA SER G 2869 96.12 99.20 29.21
C SER G 2869 96.01 98.34 27.95
N ARG G 2870 96.08 98.98 26.78
CA ARG G 2870 96.07 98.22 25.54
C ARG G 2870 97.34 97.37 25.41
N GLU G 2871 98.49 97.99 25.60
CA GLU G 2871 99.75 97.27 25.45
C GLU G 2871 99.87 96.18 26.51
N LEU G 2872 99.49 96.49 27.77
CA LEU G 2872 99.48 95.47 28.81
C LEU G 2872 98.47 94.38 28.51
N GLN G 2873 97.33 94.75 27.94
CA GLN G 2873 96.31 93.74 27.63
C GLN G 2873 96.86 92.74 26.63
N ALA G 2874 97.43 93.22 25.53
CA ALA G 2874 98.01 92.30 24.56
C ALA G 2874 99.22 91.57 25.15
N MET G 2875 99.91 92.23 26.09
CA MET G 2875 100.97 91.58 26.85
C MET G 2875 100.45 90.28 27.46
N ALA G 2876 99.38 90.38 28.23
CA ALA G 2876 98.87 89.24 28.96
C ALA G 2876 98.13 88.27 28.04
N GLU G 2877 97.59 88.76 26.92
CA GLU G 2877 97.07 87.85 25.91
C GLU G 2877 98.17 86.92 25.38
N GLN G 2878 99.32 87.49 25.03
CA GLN G 2878 100.37 86.64 24.48
C GLN G 2878 100.98 85.78 25.58
N LEU G 2879 100.99 86.28 26.82
CA LEU G 2879 101.44 85.46 27.94
C LEU G 2879 100.50 84.26 28.15
N ALA G 2880 99.20 84.49 28.05
CA ALA G 2880 98.24 83.40 28.12
C ALA G 2880 98.43 82.43 26.97
N GLU G 2881 98.76 82.95 25.79
CA GLU G 2881 99.04 82.08 24.66
C GLU G 2881 100.26 81.21 24.92
N ASN G 2882 101.29 81.78 25.56
CA ASN G 2882 102.47 80.96 25.86
C ASN G 2882 102.19 79.96 26.98
N TYR G 2883 101.33 80.32 27.94
CA TYR G 2883 100.90 79.35 28.93
C TYR G 2883 100.17 78.20 28.25
N HIS G 2884 99.30 78.53 27.30
CA HIS G 2884 98.63 77.50 26.50
C HIS G 2884 99.64 76.71 25.67
N ASN G 2885 100.75 77.35 25.29
CA ASN G 2885 101.76 76.66 24.49
C ASN G 2885 102.54 75.67 25.34
N THR G 2886 102.82 76.02 26.60
CA THR G 2886 103.42 75.07 27.52
C THR G 2886 102.44 73.93 27.80
N TRP G 2887 101.17 74.26 28.01
CA TRP G 2887 100.14 73.24 28.15
C TRP G 2887 100.11 72.37 26.91
N GLY G 2888 100.36 72.94 25.75
CA GLY G 2888 100.33 72.18 24.51
C GLY G 2888 101.57 71.33 24.33
N ARG G 2889 102.71 71.78 24.87
CA ARG G 2889 103.89 70.94 24.90
C ARG G 2889 103.63 69.71 25.77
N LYS G 2890 103.02 69.92 26.94
CA LYS G 2890 102.64 68.79 27.78
C LYS G 2890 101.66 67.88 27.05
N LYS G 2891 100.67 68.48 26.39
CA LYS G 2891 99.67 67.70 25.67
C LYS G 2891 100.29 66.97 24.49
N LYS G 2892 101.32 67.55 23.88
CA LYS G 2892 102.03 66.89 22.79
C LYS G 2892 102.83 65.71 23.32
N GLN G 2893 103.40 65.86 24.51
CA GLN G 2893 104.02 64.71 25.17
C GLN G 2893 102.98 63.60 25.41
N GLU G 2894 101.78 63.99 25.85
CA GLU G 2894 100.71 63.02 26.03
C GLU G 2894 100.33 62.35 24.71
N LEU G 2895 100.26 63.15 23.63
CA LEU G 2895 99.94 62.60 22.32
C LEU G 2895 101.01 61.61 21.86
N GLU G 2896 102.28 61.95 22.09
CA GLU G 2896 103.36 61.04 21.75
C GLU G 2896 103.25 59.75 22.54
N ALA G 2897 102.91 59.86 23.82
CA ALA G 2897 102.71 58.66 24.65
C ALA G 2897 101.57 57.80 24.10
N LYS G 2898 100.46 58.45 23.71
CA LYS G 2898 99.30 57.74 23.22
C LYS G 2898 99.45 57.25 21.79
N GLY G 2899 100.47 57.70 21.07
CA GLY G 2899 100.61 57.36 19.67
C GLY G 2899 99.65 58.08 18.75
N GLY G 2900 99.10 59.21 19.19
CA GLY G 2900 98.19 59.97 18.38
C GLY G 2900 97.22 60.76 19.24
N GLY G 2901 96.18 61.27 18.58
CA GLY G 2901 95.17 62.07 19.24
C GLY G 2901 95.35 63.56 18.98
N SER G 2902 94.25 64.30 19.11
CA SER G 2902 94.23 65.73 18.90
C SER G 2902 93.38 66.39 19.97
N HIS G 2903 93.99 67.28 20.75
CA HIS G 2903 93.25 67.97 21.80
C HIS G 2903 92.31 69.01 21.19
N PRO G 2904 91.11 69.18 21.72
CA PRO G 2904 90.19 70.18 21.13
C PRO G 2904 90.75 71.59 21.12
N LEU G 2905 91.52 71.97 22.13
CA LEU G 2905 92.07 73.31 22.24
C LEU G 2905 93.52 73.38 21.76
N LEU G 2906 93.89 72.55 20.78
CA LEU G 2906 95.25 72.54 20.24
C LEU G 2906 95.36 73.51 19.06
N VAL G 2907 94.99 74.76 19.34
CA VAL G 2907 94.97 75.81 18.31
C VAL G 2907 95.53 77.11 18.88
N PRO G 2908 95.91 78.05 18.02
CA PRO G 2908 96.45 79.31 18.50
C PRO G 2908 95.40 80.17 19.21
N TYR G 2909 95.90 81.15 19.97
CA TYR G 2909 95.03 82.03 20.75
C TYR G 2909 94.00 82.72 19.87
N ASP G 2910 94.45 83.30 18.75
CA ASP G 2910 93.54 84.06 17.90
C ASP G 2910 92.39 83.17 17.43
N THR G 2911 92.70 81.93 17.06
CA THR G 2911 91.64 80.99 16.70
C THR G 2911 90.72 80.71 17.87
N LEU G 2912 91.30 80.53 19.06
CA LEU G 2912 90.48 80.20 20.22
C LEU G 2912 89.40 81.25 20.43
N THR G 2913 88.18 80.80 20.72
CA THR G 2913 87.09 81.73 20.98
C THR G 2913 87.30 82.40 22.35
N ALA G 2914 86.52 83.47 22.58
CA ALA G 2914 86.80 84.36 23.70
C ALA G 2914 86.76 83.63 25.04
N LYS G 2915 85.75 82.78 25.25
CA LYS G 2915 85.60 82.14 26.55
C LYS G 2915 86.80 81.24 26.87
N GLU G 2916 87.21 80.41 25.91
CA GLU G 2916 88.40 79.58 26.12
C GLU G 2916 89.64 80.46 26.21
N LYS G 2917 89.69 81.53 25.40
CA LYS G 2917 90.72 82.55 25.61
C LYS G 2917 90.65 83.07 27.04
N ALA G 2918 89.45 83.48 27.47
CA ALA G 2918 89.28 84.08 28.79
C ALA G 2918 89.79 83.17 29.91
N ARG G 2919 89.69 81.86 29.70
CA ARG G 2919 90.14 80.91 30.71
C ARG G 2919 91.57 81.21 31.14
N ASP G 2920 92.52 81.14 30.22
CA ASP G 2920 93.92 81.45 30.55
C ASP G 2920 94.15 82.96 30.65
N ARG G 2921 93.25 83.74 30.06
CA ARG G 2921 93.32 85.19 30.17
C ARG G 2921 93.28 85.62 31.63
N GLU G 2922 92.40 85.00 32.42
CA GLU G 2922 92.33 85.36 33.83
C GLU G 2922 93.68 85.24 34.50
N LYS G 2923 94.33 84.08 34.36
CA LYS G 2923 95.59 83.85 35.04
C LYS G 2923 96.69 84.78 34.51
N ALA G 2924 96.79 84.90 33.19
CA ALA G 2924 97.85 85.72 32.62
C ALA G 2924 97.70 87.19 33.04
N GLN G 2925 96.48 87.72 32.93
CA GLN G 2925 96.26 89.10 33.30
C GLN G 2925 96.45 89.30 34.79
N GLU G 2926 96.11 88.30 35.60
CA GLU G 2926 96.30 88.41 37.03
C GLU G 2926 97.78 88.56 37.35
N LEU G 2927 98.61 87.72 36.72
CA LEU G 2927 100.06 87.82 36.90
C LEU G 2927 100.59 89.19 36.48
N LEU G 2928 100.21 89.63 35.29
CA LEU G 2928 100.71 90.92 34.79
C LEU G 2928 100.25 92.04 35.71
N LYS G 2929 99.02 91.96 36.21
CA LYS G 2929 98.44 93.03 37.02
C LYS G 2929 99.13 93.12 38.38
N PHE G 2930 99.45 91.97 38.97
CA PHE G 2930 100.21 92.01 40.22
C PHE G 2930 101.63 92.50 39.97
N LEU G 2931 102.21 92.19 38.80
CA LEU G 2931 103.48 92.81 38.45
C LEU G 2931 103.37 94.33 38.48
N GLN G 2932 102.31 94.85 37.85
CA GLN G 2932 102.14 96.30 37.81
C GLN G 2932 102.01 96.89 39.20
N MET G 2933 101.22 96.26 40.07
CA MET G 2933 101.10 96.78 41.44
C MET G 2933 102.44 96.74 42.16
N ASN G 2934 103.09 95.57 42.17
CA ASN G 2934 104.38 95.45 42.85
C ASN G 2934 105.45 96.33 42.21
N GLY G 2935 105.16 96.95 41.07
CA GLY G 2935 106.03 97.95 40.49
C GLY G 2935 106.80 97.48 39.28
N TYR G 2936 106.64 96.22 38.91
CA TYR G 2936 107.41 95.64 37.81
C TYR G 2936 106.78 96.01 36.48
N ALA G 2937 106.92 97.28 36.10
CA ALA G 2937 106.28 97.82 34.90
C ALA G 2937 107.03 97.30 33.68
N VAL G 2938 106.68 96.08 33.29
CA VAL G 2938 107.33 95.44 32.15
C VAL G 2938 106.89 96.12 30.87
N THR G 2939 107.85 96.38 29.99
CA THR G 2939 107.60 96.99 28.69
C THR G 2939 107.98 96.00 27.60
N ARG G 2940 107.12 95.87 26.60
CA ARG G 2940 107.35 94.89 25.53
C ARG G 2940 107.99 95.52 24.32
N GLY G 2941 107.46 96.66 23.85
CA GLY G 2941 107.94 97.25 22.62
C GLY G 2941 107.36 96.55 21.40
N LEU G 2942 106.04 96.63 21.23
CA LEU G 2942 105.34 95.94 20.17
C LEU G 2942 105.84 96.40 18.80
N LYS G 2943 105.31 95.76 17.77
CA LYS G 2943 105.49 96.19 16.39
C LYS G 2943 104.15 96.50 15.70
N ASP G 2944 103.12 96.82 16.48
CA ASP G 2944 101.78 97.05 15.94
C ASP G 2944 101.23 98.43 16.23
N MET G 2945 101.93 99.24 17.04
CA MET G 2945 101.42 100.57 17.35
C MET G 2945 101.46 101.49 16.14
N GLU G 2946 102.13 101.08 15.06
CA GLU G 2946 102.21 101.93 13.88
C GLU G 2946 100.82 102.26 13.35
N LEU G 2947 99.85 101.39 13.62
CA LEU G 2947 98.46 101.63 13.25
C LEU G 2947 97.66 102.26 14.37
N ASP G 2948 98.31 103.00 15.26
CA ASP G 2948 97.65 103.64 16.39
C ASP G 2948 96.33 104.28 15.95
N THR G 2949 95.27 104.00 16.68
CA THR G 2949 93.92 104.32 16.21
C THR G 2949 93.75 103.76 14.81
N SER G 2950 93.59 104.63 13.82
CA SER G 2950 93.62 104.20 12.43
C SER G 2950 92.66 103.05 12.17
N SER G 2951 91.46 103.12 12.77
CA SER G 2951 90.45 102.12 12.46
C SER G 2951 90.18 102.05 10.97
N ILE G 2952 90.36 103.17 10.27
CA ILE G 2952 90.26 103.14 8.81
C ILE G 2952 91.33 102.22 8.25
N GLU G 2953 92.56 102.33 8.74
CA GLU G 2953 93.62 101.42 8.31
C GLU G 2953 93.32 99.98 8.66
N LYS G 2954 92.59 99.73 9.75
CA LYS G 2954 92.25 98.37 10.14
C LYS G 2954 91.07 97.81 9.37
N ARG G 2955 90.27 98.66 8.72
CA ARG G 2955 89.16 98.17 7.92
C ARG G 2955 89.65 97.15 6.91
N PHE G 2956 88.81 96.13 6.63
CA PHE G 2956 89.22 95.06 5.73
C PHE G 2956 89.51 95.59 4.33
N ALA G 2957 88.62 96.43 3.80
CA ALA G 2957 88.81 96.93 2.45
C ALA G 2957 90.12 97.69 2.33
N PHE G 2958 90.57 98.31 3.41
CA PHE G 2958 91.82 99.05 3.39
C PHE G 2958 92.99 98.13 3.07
N GLY G 2959 93.12 97.03 3.81
CA GLY G 2959 94.23 96.12 3.57
C GLY G 2959 94.13 95.46 2.21
N PHE G 2960 92.92 95.11 1.80
CA PHE G 2960 92.73 94.50 0.49
C PHE G 2960 93.19 95.46 -0.61
N LEU G 2961 92.83 96.73 -0.49
CA LEU G 2961 93.23 97.71 -1.51
C LEU G 2961 94.73 97.97 -1.46
N GLN G 2962 95.32 97.97 -0.27
CA GLN G 2962 96.76 98.13 -0.16
C GLN G 2962 97.48 97.00 -0.89
N GLN G 2963 97.03 95.76 -0.67
CA GLN G 2963 97.64 94.63 -1.36
C GLN G 2963 97.45 94.74 -2.85
N LEU G 2964 96.26 95.17 -3.28
CA LEU G 2964 96.01 95.33 -4.71
C LEU G 2964 96.95 96.34 -5.32
N LEU G 2965 97.18 97.46 -4.64
CA LEU G 2965 98.09 98.48 -5.15
C LEU G 2965 99.52 97.95 -5.23
N ARG G 2966 99.96 97.23 -4.20
CA ARG G 2966 101.29 96.67 -4.24
C ARG G 2966 101.44 95.71 -5.41
N TRP G 2967 100.40 94.91 -5.67
CA TRP G 2967 100.48 94.00 -6.80
C TRP G 2967 100.41 94.75 -8.12
N MET G 2968 99.78 95.93 -8.16
CA MET G 2968 99.86 96.77 -9.35
C MET G 2968 101.29 97.22 -9.60
N ASP G 2969 102.01 97.56 -8.53
CA ASP G 2969 103.43 97.90 -8.70
C ASP G 2969 104.22 96.71 -9.25
N ILE G 2970 104.01 95.53 -8.66
CA ILE G 2970 104.69 94.34 -9.17
C ILE G 2970 104.32 94.10 -10.63
N SER G 2971 103.08 94.40 -10.98
CA SER G 2971 102.65 94.26 -12.37
C SER G 2971 103.40 95.23 -13.27
N GLN G 2972 103.60 96.46 -12.81
CA GLN G 2972 104.36 97.41 -13.62
C GLN G 2972 105.75 96.88 -13.90
N GLU G 2973 106.43 96.36 -12.87
CA GLU G 2973 107.75 95.78 -13.10
C GLU G 2973 107.72 94.63 -14.11
N PHE G 2974 106.85 93.63 -13.90
CA PHE G 2974 106.95 92.49 -14.81
C PHE G 2974 106.43 92.83 -16.20
N ILE G 2975 105.52 93.79 -16.34
CA ILE G 2975 105.07 94.20 -17.66
C ILE G 2975 106.20 94.94 -18.38
N ALA G 2976 106.94 95.79 -17.66
CA ALA G 2976 108.09 96.43 -18.29
C ALA G 2976 109.08 95.39 -18.77
N HIS G 2977 109.36 94.38 -17.94
CA HIS G 2977 110.29 93.34 -18.36
C HIS G 2977 109.79 92.59 -19.58
N LEU G 2978 108.50 92.23 -19.58
CA LEU G 2978 107.94 91.47 -20.69
C LEU G 2978 108.00 92.30 -21.98
N GLU G 2979 107.67 93.58 -21.89
CA GLU G 2979 107.76 94.45 -23.06
C GLU G 2979 109.18 94.55 -23.57
N ALA G 2980 110.15 94.71 -22.65
CA ALA G 2980 111.54 94.82 -23.07
C ALA G 2980 111.99 93.55 -23.80
N VAL G 2981 111.67 92.38 -23.24
CA VAL G 2981 112.12 91.14 -23.86
C VAL G 2981 111.43 90.92 -25.20
N VAL G 2982 110.15 91.27 -25.29
CA VAL G 2982 109.45 91.15 -26.57
C VAL G 2982 110.09 92.08 -27.61
N SER G 2983 110.43 93.31 -27.20
CA SER G 2983 111.05 94.24 -28.13
C SER G 2983 112.40 93.72 -28.62
N SER G 2984 113.22 93.20 -27.70
CA SER G 2984 114.54 92.72 -28.05
C SER G 2984 114.94 91.57 -27.14
N GLY G 2985 115.81 90.71 -27.64
CA GLY G 2985 116.36 89.63 -26.84
C GLY G 2985 115.29 88.68 -26.31
N ARG G 2986 114.70 87.88 -27.20
CA ARG G 2986 113.63 86.97 -26.81
C ARG G 2986 113.95 86.28 -25.50
N VAL G 2987 112.99 86.31 -24.57
CA VAL G 2987 113.09 85.63 -23.28
C VAL G 2987 111.86 84.77 -23.11
N GLU G 2988 112.06 83.47 -22.89
CA GLU G 2988 110.97 82.54 -22.64
C GLU G 2988 110.97 81.99 -21.22
N LYS G 2989 112.06 82.12 -20.48
CA LYS G 2989 112.08 81.68 -19.09
C LYS G 2989 111.06 82.45 -18.26
N SER G 2990 110.92 83.75 -18.52
CA SER G 2990 109.91 84.56 -17.85
C SER G 2990 110.03 84.41 -16.34
N PRO G 2991 111.04 85.03 -15.71
CA PRO G 2991 111.22 84.84 -14.26
C PRO G 2991 110.04 85.32 -13.44
N HIS G 2992 109.19 86.18 -14.00
CA HIS G 2992 107.93 86.58 -13.36
C HIS G 2992 106.74 85.82 -13.92
N GLU G 2993 106.94 84.57 -14.36
CA GLU G 2993 105.83 83.79 -14.88
C GLU G 2993 104.77 83.57 -13.80
N GLN G 2994 105.20 83.24 -12.58
CA GLN G 2994 104.25 83.03 -11.50
C GLN G 2994 103.50 84.32 -11.20
N GLU G 2995 104.20 85.45 -11.19
CA GLU G 2995 103.53 86.73 -10.95
C GLU G 2995 102.50 87.01 -12.03
N ILE G 2996 102.86 86.75 -13.29
CA ILE G 2996 101.90 86.96 -14.39
C ILE G 2996 100.67 86.12 -14.17
N LYS G 2997 100.87 84.82 -13.88
CA LYS G 2997 99.72 83.93 -13.75
C LYS G 2997 98.85 84.33 -12.58
N PHE G 2998 99.46 84.66 -11.44
CA PHE G 2998 98.68 85.12 -10.30
C PHE G 2998 97.87 86.35 -10.65
N PHE G 2999 98.53 87.38 -11.19
CA PHE G 2999 97.83 88.63 -11.45
C PHE G 2999 96.69 88.44 -12.43
N ALA G 3000 96.88 87.61 -13.45
CA ALA G 3000 95.88 87.47 -14.50
C ALA G 3000 94.82 86.41 -14.20
N LYS G 3001 95.04 85.54 -13.22
CA LYS G 3001 94.09 84.47 -12.94
C LYS G 3001 93.43 84.58 -11.57
N ILE G 3002 93.93 85.44 -10.68
CA ILE G 3002 93.35 85.57 -9.36
C ILE G 3002 92.88 87.00 -9.16
N LEU G 3003 93.79 87.95 -9.31
CA LEU G 3003 93.47 89.33 -8.97
C LEU G 3003 92.36 89.89 -9.84
N LEU G 3004 92.46 89.68 -11.16
CA LEU G 3004 91.47 90.29 -12.04
C LEU G 3004 90.07 89.75 -11.78
N PRO G 3005 89.83 88.44 -11.75
CA PRO G 3005 88.50 87.97 -11.35
C PRO G 3005 88.11 88.43 -9.95
N LEU G 3006 89.07 88.43 -9.02
CA LEU G 3006 88.79 88.90 -7.68
C LEU G 3006 88.33 90.36 -7.72
N ILE G 3007 89.21 91.26 -8.15
CA ILE G 3007 88.86 92.67 -8.28
C ILE G 3007 87.47 92.82 -8.89
N ASN G 3008 87.23 92.11 -10.00
CA ASN G 3008 85.97 92.26 -10.71
C ASN G 3008 84.79 91.95 -9.79
N GLN G 3009 84.81 90.77 -9.16
CA GLN G 3009 83.68 90.37 -8.33
C GLN G 3009 83.54 91.29 -7.12
N TYR G 3010 84.65 91.57 -6.44
CA TYR G 3010 84.60 92.34 -5.21
C TYR G 3010 84.02 93.72 -5.46
N PHE G 3011 84.48 94.40 -6.51
CA PHE G 3011 83.99 95.74 -6.75
C PHE G 3011 82.69 95.78 -7.54
N THR G 3012 82.24 94.64 -8.08
CA THR G 3012 80.86 94.57 -8.53
C THR G 3012 79.91 94.46 -7.35
N ASN G 3013 80.29 93.70 -6.32
CA ASN G 3013 79.44 93.55 -5.15
C ASN G 3013 79.44 94.82 -4.30
N HIS G 3014 80.60 95.22 -3.78
CA HIS G 3014 80.67 96.33 -2.84
C HIS G 3014 80.87 97.67 -3.58
N CYS G 3015 80.01 97.89 -4.57
CA CYS G 3015 80.05 99.15 -5.30
C CYS G 3015 79.37 100.27 -4.52
N LEU G 3016 78.24 99.96 -3.89
CA LEU G 3016 77.49 100.99 -3.17
C LEU G 3016 78.27 101.51 -1.98
N TYR G 3017 79.00 100.64 -1.30
CA TYR G 3017 79.78 101.06 -0.15
C TYR G 3017 80.81 102.11 -0.53
N PHE G 3018 81.43 101.97 -1.70
CA PHE G 3018 82.48 102.88 -2.11
C PHE G 3018 81.95 104.20 -2.66
N LEU G 3019 80.68 104.24 -3.05
CA LEU G 3019 80.06 105.46 -3.57
C LEU G 3019 79.28 106.22 -2.51
N SER G 3020 79.09 105.66 -1.32
CA SER G 3020 78.32 106.31 -0.27
C SER G 3020 79.14 107.42 0.39
N THR G 3021 78.43 108.44 0.88
CA THR G 3021 79.03 109.55 1.58
C THR G 3021 78.30 109.77 2.90
N PRO G 3022 78.94 110.44 3.86
CA PRO G 3022 78.26 110.67 5.15
C PRO G 3022 76.92 111.35 4.99
N ALA G 3023 76.82 112.33 4.08
CA ALA G 3023 75.56 113.03 3.87
C ALA G 3023 74.51 112.08 3.29
N LYS G 3024 74.91 111.25 2.33
CA LYS G 3024 73.99 110.36 1.63
C LYS G 3024 74.61 108.95 1.59
N VAL G 3025 74.09 108.05 2.41
CA VAL G 3025 74.47 106.65 2.37
C VAL G 3025 73.47 105.94 1.47
N LEU G 3026 73.93 105.52 0.29
CA LEU G 3026 73.06 104.87 -0.70
C LEU G 3026 73.21 103.36 -0.70
N GLY G 3027 73.85 102.80 0.33
CA GLY G 3027 73.99 101.37 0.47
C GLY G 3027 73.24 100.86 1.70
N SER G 3028 73.43 99.57 1.96
CA SER G 3028 72.77 98.97 3.12
C SER G 3028 73.25 99.59 4.42
N GLY G 3029 74.56 99.80 4.55
CA GLY G 3029 75.12 100.39 5.75
C GLY G 3029 76.62 100.59 5.64
N GLY G 3030 77.10 101.69 6.17
CA GLY G 3030 78.52 101.98 6.08
C GLY G 3030 78.87 102.71 4.80
N HIS G 3031 79.98 103.45 4.87
CA HIS G 3031 80.47 104.22 3.73
C HIS G 3031 81.99 104.16 3.72
N ALA G 3032 82.57 104.09 2.53
CA ALA G 3032 84.02 104.05 2.42
C ALA G 3032 84.62 105.35 2.91
N SER G 3033 85.77 105.23 3.57
CA SER G 3033 86.49 106.41 4.01
C SER G 3033 87.17 107.10 2.83
N ASN G 3034 87.63 108.32 3.06
CA ASN G 3034 88.31 109.06 2.01
C ASN G 3034 89.57 108.33 1.55
N LYS G 3035 90.28 107.70 2.48
CA LYS G 3035 91.48 106.96 2.10
C LYS G 3035 91.13 105.80 1.17
N GLU G 3036 90.06 105.07 1.47
CA GLU G 3036 89.65 103.99 0.58
C GLU G 3036 89.21 104.53 -0.77
N LYS G 3037 88.47 105.64 -0.77
CA LYS G 3037 88.05 106.24 -2.03
C LYS G 3037 89.24 106.65 -2.87
N GLU G 3038 90.29 107.15 -2.24
CA GLU G 3038 91.49 107.53 -2.98
C GLU G 3038 92.26 106.32 -3.48
N MET G 3039 92.32 105.27 -2.67
CA MET G 3039 93.05 104.07 -3.09
C MET G 3039 92.36 103.42 -4.27
N ILE G 3040 91.03 103.43 -4.31
CA ILE G 3040 90.34 102.84 -5.45
C ILE G 3040 90.63 103.64 -6.72
N THR G 3041 90.70 104.96 -6.60
CA THR G 3041 91.06 105.78 -7.75
C THR G 3041 92.48 105.50 -8.21
N SER G 3042 93.41 105.36 -7.27
CA SER G 3042 94.77 105.02 -7.63
C SER G 3042 94.82 103.67 -8.35
N LEU G 3043 94.03 102.71 -7.87
CA LEU G 3043 93.97 101.41 -8.52
C LEU G 3043 93.48 101.53 -9.95
N PHE G 3044 92.41 102.29 -10.16
CA PHE G 3044 91.87 102.45 -11.51
C PHE G 3044 92.90 103.10 -12.42
N CYS G 3045 93.50 104.20 -11.97
CA CYS G 3045 94.46 104.90 -12.81
C CYS G 3045 95.67 104.03 -13.12
N LYS G 3046 96.18 103.31 -12.12
CA LYS G 3046 97.33 102.46 -12.32
C LYS G 3046 97.02 101.33 -13.31
N LEU G 3047 95.85 100.72 -13.18
CA LEU G 3047 95.48 99.65 -14.11
C LEU G 3047 95.35 100.18 -15.53
N ALA G 3048 94.73 101.36 -15.68
CA ALA G 3048 94.60 101.95 -17.01
C ALA G 3048 95.97 102.23 -17.62
N ALA G 3049 96.87 102.81 -16.83
CA ALA G 3049 98.22 103.06 -17.34
C ALA G 3049 98.92 101.77 -17.71
N LEU G 3050 98.75 100.73 -16.90
CA LEU G 3050 99.38 99.44 -17.18
C LEU G 3050 98.89 98.90 -18.51
N VAL G 3051 97.59 98.94 -18.76
CA VAL G 3051 97.05 98.37 -20.00
C VAL G 3051 97.25 99.29 -21.20
N ARG G 3052 97.61 100.54 -21.00
CA ARG G 3052 97.79 101.47 -22.11
C ARG G 3052 98.76 100.91 -23.14
N HIS G 3053 98.30 100.83 -24.39
CA HIS G 3053 99.14 100.42 -25.52
C HIS G 3053 99.77 99.06 -25.27
N ARG G 3054 99.11 98.21 -24.50
CA ARG G 3054 99.66 96.91 -24.16
C ARG G 3054 98.59 95.83 -24.18
N VAL G 3055 97.56 95.99 -25.01
CA VAL G 3055 96.48 95.02 -25.06
C VAL G 3055 97.01 93.66 -25.54
N SER G 3056 97.89 93.68 -26.54
CA SER G 3056 98.43 92.43 -27.07
C SER G 3056 99.20 91.66 -26.01
N LEU G 3057 99.99 92.38 -25.20
CA LEU G 3057 100.80 91.71 -24.18
C LEU G 3057 99.94 90.81 -23.31
N PHE G 3058 98.82 91.34 -22.83
CA PHE G 3058 97.91 90.51 -22.04
C PHE G 3058 97.23 89.46 -22.92
N GLY G 3059 96.90 89.81 -24.15
CA GLY G 3059 96.34 88.84 -25.07
C GLY G 3059 94.95 88.42 -24.64
N THR G 3060 94.81 87.18 -24.20
CA THR G 3060 93.51 86.64 -23.81
C THR G 3060 93.01 87.19 -22.49
N ASP G 3061 93.84 87.85 -21.70
CA ASP G 3061 93.42 88.49 -20.47
C ASP G 3061 93.07 89.97 -20.68
N ALA G 3062 93.21 90.48 -21.89
CA ALA G 3062 92.79 91.85 -22.16
C ALA G 3062 91.31 92.04 -21.90
N PRO G 3063 90.42 91.13 -22.29
CA PRO G 3063 89.00 91.29 -21.91
C PRO G 3063 88.81 91.39 -20.41
N ALA G 3064 89.54 90.59 -19.63
CA ALA G 3064 89.42 90.67 -18.17
C ALA G 3064 89.90 92.02 -17.66
N VAL G 3065 91.00 92.52 -18.21
CA VAL G 3065 91.50 93.83 -17.78
C VAL G 3065 90.47 94.92 -18.10
N VAL G 3066 89.87 94.84 -19.29
CA VAL G 3066 88.88 95.84 -19.67
C VAL G 3066 87.66 95.76 -18.77
N ASN G 3067 87.22 94.55 -18.44
CA ASN G 3067 86.08 94.40 -17.54
C ASN G 3067 86.40 94.98 -16.16
N CYS G 3068 87.60 94.72 -15.66
CA CYS G 3068 87.99 95.28 -14.37
C CYS G 3068 88.00 96.80 -14.42
N LEU G 3069 88.49 97.37 -15.52
CA LEU G 3069 88.46 98.82 -15.66
C LEU G 3069 87.03 99.34 -15.67
N HIS G 3070 86.13 98.64 -16.35
CA HIS G 3070 84.72 99.03 -16.32
C HIS G 3070 84.20 99.06 -14.90
N ILE G 3071 84.46 97.99 -14.14
CA ILE G 3071 83.93 97.90 -12.77
C ILE G 3071 84.50 99.02 -11.91
N LEU G 3072 85.81 99.24 -11.99
CA LEU G 3072 86.42 100.28 -11.18
C LEU G 3072 85.87 101.66 -11.53
N ALA G 3073 85.72 101.92 -12.83
CA ALA G 3073 85.15 103.20 -13.25
C ALA G 3073 83.76 103.39 -12.69
N ARG G 3074 82.93 102.34 -12.75
CA ARG G 3074 81.60 102.44 -12.18
C ARG G 3074 81.61 102.54 -10.67
N SER G 3075 82.72 102.19 -10.02
CA SER G 3075 82.83 102.29 -8.56
C SER G 3075 83.66 103.48 -8.10
N LEU G 3076 84.02 104.39 -9.00
CA LEU G 3076 84.88 105.53 -8.68
C LEU G 3076 84.07 106.64 -8.01
N ASP G 3077 84.59 107.20 -6.92
CA ASP G 3077 84.02 108.40 -6.29
C ASP G 3077 84.87 109.62 -6.65
N ALA G 3078 84.72 110.04 -7.89
CA ALA G 3078 85.55 111.13 -8.40
C ALA G 3078 85.28 112.43 -7.67
N ARG G 3079 84.02 112.69 -7.30
CA ARG G 3079 83.70 113.95 -6.63
C ARG G 3079 84.49 114.13 -5.35
N THR G 3080 84.42 113.15 -4.45
CA THR G 3080 85.15 113.24 -3.21
C THR G 3080 86.65 113.26 -3.47
N VAL G 3081 87.13 112.39 -4.37
CA VAL G 3081 88.56 112.31 -4.60
C VAL G 3081 89.10 113.66 -5.05
N MET G 3082 88.39 114.33 -5.96
CA MET G 3082 88.87 115.60 -6.49
C MET G 3082 88.69 116.73 -5.48
N LYS G 3083 87.57 116.76 -4.77
CA LYS G 3083 87.34 117.83 -3.81
C LYS G 3083 88.38 117.81 -2.70
N SER G 3084 88.69 116.61 -2.17
CA SER G 3084 89.66 116.51 -1.09
C SER G 3084 90.42 115.19 -1.26
N GLY G 3085 91.57 115.26 -1.91
CA GLY G 3085 92.39 114.10 -2.11
C GLY G 3085 93.85 114.48 -2.29
N PRO G 3086 94.76 113.55 -2.06
CA PRO G 3086 96.18 113.85 -2.25
C PRO G 3086 96.49 114.27 -3.68
N GLU G 3087 97.44 115.20 -3.79
CA GLU G 3087 97.84 115.68 -5.11
C GLU G 3087 98.28 114.53 -6.00
N ILE G 3088 98.82 113.46 -5.40
CA ILE G 3088 99.27 112.33 -6.20
C ILE G 3088 98.08 111.66 -6.87
N VAL G 3089 97.00 111.43 -6.14
CA VAL G 3089 95.83 110.78 -6.71
C VAL G 3089 95.17 111.69 -7.73
N LYS G 3090 95.05 112.99 -7.41
CA LYS G 3090 94.46 113.91 -8.37
C LYS G 3090 95.28 113.95 -9.66
N ALA G 3091 96.61 113.96 -9.53
CA ALA G 3091 97.47 113.95 -10.70
C ALA G 3091 97.31 112.66 -11.48
N GLY G 3092 97.14 111.54 -10.80
CA GLY G 3092 96.90 110.29 -11.50
C GLY G 3092 95.65 110.35 -12.36
N LEU G 3093 94.55 110.86 -11.79
CA LEU G 3093 93.31 110.95 -12.56
C LEU G 3093 93.46 111.92 -13.72
N ARG G 3094 94.08 113.08 -13.48
CA ARG G 3094 94.26 114.04 -14.56
C ARG G 3094 95.14 113.48 -15.66
N SER G 3095 96.18 112.73 -15.30
CA SER G 3095 97.02 112.09 -16.29
C SER G 3095 96.26 111.05 -17.08
N PHE G 3096 95.37 110.30 -16.42
CA PHE G 3096 94.52 109.38 -17.17
C PHE G 3096 93.73 110.12 -18.24
N PHE G 3097 93.07 111.21 -17.86
CA PHE G 3097 92.27 111.95 -18.82
C PHE G 3097 93.12 112.52 -19.95
N GLU G 3098 94.28 113.08 -19.61
CA GLU G 3098 95.15 113.67 -20.63
C GLU G 3098 95.66 112.61 -21.60
N SER G 3099 96.07 111.45 -21.09
CA SER G 3099 96.54 110.38 -21.95
C SER G 3099 95.42 109.88 -22.85
N ALA G 3100 94.20 109.78 -22.30
CA ALA G 3100 93.08 109.37 -23.13
C ALA G 3100 92.86 110.36 -24.26
N SER G 3101 92.90 111.65 -23.96
CA SER G 3101 92.71 112.65 -25.00
C SER G 3101 93.79 112.54 -26.07
N GLU G 3102 95.05 112.36 -25.66
CA GLU G 3102 96.13 112.25 -26.63
C GLU G 3102 95.95 111.02 -27.52
N ASP G 3103 95.59 109.89 -26.91
CA ASP G 3103 95.39 108.68 -27.70
C ASP G 3103 94.25 108.87 -28.69
N ILE G 3104 93.17 109.51 -28.26
CA ILE G 3104 92.04 109.76 -29.16
C ILE G 3104 92.48 110.65 -30.31
N GLU G 3105 93.26 111.68 -30.02
CA GLU G 3105 93.73 112.57 -31.08
C GLU G 3105 94.57 111.82 -32.10
N LYS G 3106 95.51 111.01 -31.62
CA LYS G 3106 96.35 110.27 -32.55
C LYS G 3106 95.53 109.27 -33.35
N MET G 3107 94.57 108.60 -32.72
CA MET G 3107 93.70 107.69 -33.43
C MET G 3107 92.92 108.41 -34.53
N VAL G 3108 92.39 109.59 -34.22
CA VAL G 3108 91.53 110.28 -35.17
C VAL G 3108 92.36 110.79 -36.35
N GLU G 3109 93.55 111.34 -36.08
CA GLU G 3109 94.37 111.81 -37.18
C GLU G 3109 94.79 110.64 -38.06
N ASN G 3110 95.14 109.50 -37.47
CA ASN G 3110 95.48 108.34 -38.28
C ASN G 3110 94.28 107.87 -39.10
N LEU G 3111 93.10 107.84 -38.49
CA LEU G 3111 91.91 107.38 -39.20
C LEU G 3111 91.62 108.26 -40.40
N ARG G 3112 91.72 109.57 -40.25
CA ARG G 3112 91.55 110.44 -41.41
C ARG G 3112 92.72 110.34 -42.39
N LEU G 3113 93.87 109.84 -41.94
CA LEU G 3113 95.02 109.65 -42.82
C LEU G 3113 95.54 110.99 -43.32
N LYS G 3124 104.25 99.94 -36.26
CA LYS G 3124 103.31 99.25 -35.38
C LYS G 3124 102.49 100.23 -34.55
N GLY G 3125 102.90 101.50 -34.56
CA GLY G 3125 102.18 102.49 -33.77
C GLY G 3125 100.73 102.61 -34.18
N VAL G 3126 100.47 102.64 -35.48
CA VAL G 3126 99.10 102.83 -35.97
C VAL G 3126 98.21 101.68 -35.51
N GLY G 3127 98.67 100.44 -35.77
CA GLY G 3127 97.86 99.29 -35.39
C GLY G 3127 97.67 99.18 -33.89
N GLN G 3128 98.75 99.44 -33.14
CA GLN G 3128 98.66 99.39 -31.68
C GLN G 3128 97.63 100.39 -31.17
N ASN G 3129 97.69 101.62 -31.67
CA ASN G 3129 96.72 102.63 -31.26
C ASN G 3129 95.31 102.23 -31.63
N LEU G 3130 95.12 101.74 -32.86
CA LEU G 3130 93.76 101.39 -33.27
C LEU G 3130 93.19 100.29 -32.40
N THR G 3131 93.93 99.20 -32.22
CA THR G 3131 93.44 98.07 -31.44
C THR G 3131 93.39 98.36 -29.95
N TYR G 3132 94.08 99.38 -29.46
CA TYR G 3132 93.94 99.76 -28.06
C TYR G 3132 92.75 100.69 -27.85
N THR G 3133 92.63 101.74 -28.66
CA THR G 3133 91.52 102.67 -28.49
C THR G 3133 90.19 101.99 -28.75
N THR G 3134 90.13 101.12 -29.76
CA THR G 3134 88.85 100.51 -30.10
C THR G 3134 88.41 99.47 -29.08
N VAL G 3135 89.34 98.93 -28.30
CA VAL G 3135 89.04 97.77 -27.46
C VAL G 3135 88.97 98.16 -25.99
N ALA G 3136 89.88 99.02 -25.53
CA ALA G 3136 89.98 99.35 -24.11
C ALA G 3136 89.60 100.80 -23.84
N LEU G 3137 90.20 101.76 -24.52
CA LEU G 3137 89.99 103.16 -24.17
C LEU G 3137 88.52 103.55 -24.34
N LEU G 3138 88.01 103.48 -25.56
CA LEU G 3138 86.68 104.02 -25.83
C LEU G 3138 85.62 103.41 -24.94
N PRO G 3139 85.53 102.09 -24.76
CA PRO G 3139 84.55 101.54 -23.81
C PRO G 3139 84.75 102.06 -22.39
N VAL G 3140 85.99 102.08 -21.91
CA VAL G 3140 86.25 102.52 -20.54
C VAL G 3140 85.96 104.01 -20.39
N LEU G 3141 86.36 104.81 -21.37
CA LEU G 3141 86.08 106.24 -21.29
C LEU G 3141 84.57 106.49 -21.32
N THR G 3142 83.85 105.75 -22.16
CA THR G 3142 82.40 105.88 -22.21
C THR G 3142 81.77 105.53 -20.87
N THR G 3143 82.22 104.44 -20.26
CA THR G 3143 81.68 104.06 -18.97
C THR G 3143 81.97 105.11 -17.91
N LEU G 3144 83.19 105.66 -17.92
CA LEU G 3144 83.54 106.67 -16.93
C LEU G 3144 82.68 107.92 -17.09
N PHE G 3145 82.50 108.37 -18.33
CA PHE G 3145 81.67 109.55 -18.55
C PHE G 3145 80.23 109.28 -18.17
N GLN G 3146 79.72 108.09 -18.49
CA GLN G 3146 78.35 107.74 -18.10
C GLN G 3146 78.20 107.76 -16.60
N HIS G 3147 79.17 107.20 -15.88
CA HIS G 3147 79.12 107.19 -14.43
C HIS G 3147 79.12 108.60 -13.86
N ILE G 3148 80.01 109.46 -14.38
CA ILE G 3148 80.08 110.83 -13.90
C ILE G 3148 78.77 111.54 -14.14
N ALA G 3149 78.20 111.40 -15.34
CA ALA G 3149 76.94 112.05 -15.64
C ALA G 3149 75.81 111.53 -14.75
N GLN G 3150 75.76 110.22 -14.54
CA GLN G 3150 74.70 109.65 -13.73
C GLN G 3150 74.76 110.15 -12.29
N HIS G 3151 75.95 110.23 -11.72
CA HIS G 3151 76.07 110.66 -10.33
C HIS G 3151 76.27 112.16 -10.18
N GLN G 3152 76.21 112.91 -11.28
CA GLN G 3152 76.23 114.37 -11.22
C GLN G 3152 77.58 114.87 -10.68
N PHE G 3153 78.63 114.14 -11.01
CA PHE G 3153 79.98 114.53 -10.63
C PHE G 3153 80.61 115.50 -11.61
N GLY G 3154 79.96 115.78 -12.73
CA GLY G 3154 80.60 116.58 -13.77
C GLY G 3154 81.04 117.95 -13.28
N ASP G 3155 80.18 118.61 -12.49
CA ASP G 3155 80.49 119.96 -12.03
C ASP G 3155 81.73 120.00 -11.14
N ASP G 3156 82.13 118.88 -10.55
CA ASP G 3156 83.26 118.85 -9.63
C ASP G 3156 84.48 118.12 -10.18
N VAL G 3157 84.31 117.21 -11.12
CA VAL G 3157 85.43 116.42 -11.63
C VAL G 3157 86.02 117.11 -12.85
N ILE G 3158 85.17 117.46 -13.82
CA ILE G 3158 85.65 117.98 -15.09
C ILE G 3158 85.87 119.48 -14.97
N LEU G 3159 87.05 119.86 -14.48
CA LEU G 3159 87.44 121.26 -14.34
C LEU G 3159 88.90 121.42 -14.71
N ASP G 3160 89.26 122.63 -15.13
CA ASP G 3160 90.63 122.97 -15.44
C ASP G 3160 91.24 121.99 -16.43
N ASP G 3161 92.29 121.27 -16.03
CA ASP G 3161 93.00 120.41 -16.97
C ASP G 3161 92.10 119.30 -17.48
N VAL G 3162 91.26 118.74 -16.62
CA VAL G 3162 90.31 117.73 -17.06
C VAL G 3162 89.36 118.33 -18.08
N GLN G 3163 88.96 119.59 -17.88
CA GLN G 3163 88.08 120.25 -18.83
C GLN G 3163 88.78 120.40 -20.18
N VAL G 3164 90.05 120.78 -20.17
CA VAL G 3164 90.78 120.93 -21.43
C VAL G 3164 90.88 119.59 -22.15
N SER G 3165 91.19 118.53 -21.41
CA SER G 3165 91.28 117.21 -22.03
C SER G 3165 89.95 116.79 -22.61
N CYS G 3166 88.85 117.05 -21.89
CA CYS G 3166 87.53 116.72 -22.42
C CYS G 3166 87.20 117.53 -23.66
N TYR G 3167 87.56 118.81 -23.67
CA TYR G 3167 87.36 119.62 -24.87
C TYR G 3167 88.08 118.99 -26.06
N ARG G 3168 89.35 118.65 -25.87
CA ARG G 3168 90.12 118.06 -26.96
C ARG G 3168 89.48 116.77 -27.45
N THR G 3169 89.14 115.87 -26.53
CA THR G 3169 88.51 114.61 -26.93
C THR G 3169 87.21 114.86 -27.68
N LEU G 3170 86.34 115.69 -27.11
CA LEU G 3170 85.02 115.92 -27.69
C LEU G 3170 85.14 116.43 -29.11
N CYS G 3171 85.94 117.48 -29.31
CA CYS G 3171 85.90 118.11 -30.62
C CYS G 3171 86.85 117.45 -31.61
N SER G 3172 87.75 116.57 -31.14
CA SER G 3172 88.41 115.66 -32.08
C SER G 3172 87.42 114.63 -32.61
N ILE G 3173 86.65 114.02 -31.72
CA ILE G 3173 85.64 113.07 -32.17
C ILE G 3173 84.67 113.74 -33.13
N TYR G 3174 84.27 114.98 -32.83
CA TYR G 3174 83.40 115.69 -33.75
C TYR G 3174 84.09 115.96 -35.08
N SER G 3175 85.34 116.43 -35.05
CA SER G 3175 86.03 116.72 -36.30
C SER G 3175 86.14 115.48 -37.17
N LEU G 3176 86.05 114.30 -36.57
CA LEU G 3176 85.99 113.10 -37.39
C LEU G 3176 84.59 112.96 -38.00
N GLY G 3177 84.18 113.96 -38.76
CA GLY G 3177 82.87 113.92 -39.40
C GLY G 3177 82.94 114.00 -40.90
N THR G 3178 83.94 114.72 -41.42
CA THR G 3178 84.05 114.88 -42.87
C THR G 3178 84.57 113.61 -43.52
N THR G 3179 85.35 112.82 -42.79
CA THR G 3179 85.95 111.62 -43.36
C THR G 3179 84.88 110.63 -43.77
N ARG G 3180 85.15 109.90 -44.85
CA ARG G 3180 84.24 108.89 -45.38
C ARG G 3180 84.93 107.53 -45.52
N ASN G 3181 85.98 107.29 -44.74
CA ASN G 3181 86.74 106.06 -44.88
C ASN G 3181 85.95 104.89 -44.26
N PRO G 3182 86.15 103.67 -44.76
CA PRO G 3182 85.43 102.53 -44.16
C PRO G 3182 85.74 102.30 -42.70
N TYR G 3183 86.96 102.56 -42.24
CA TYR G 3183 87.25 102.46 -40.82
C TYR G 3183 86.37 103.41 -40.02
N VAL G 3184 86.20 104.64 -40.52
CA VAL G 3184 85.30 105.58 -39.87
C VAL G 3184 83.88 105.04 -39.89
N GLU G 3185 83.45 104.48 -41.02
CA GLU G 3185 82.10 103.92 -41.10
C GLU G 3185 81.90 102.86 -40.03
N LYS G 3186 82.92 102.05 -39.79
CA LYS G 3186 82.81 100.98 -38.80
C LYS G 3186 82.86 101.51 -37.37
N LEU G 3187 83.65 102.55 -37.12
CA LEU G 3187 83.87 103.04 -35.76
C LEU G 3187 82.88 104.12 -35.33
N ARG G 3188 82.05 104.62 -36.23
CA ARG G 3188 81.16 105.72 -35.88
C ARG G 3188 80.27 105.43 -34.68
N PRO G 3189 79.68 104.25 -34.53
CA PRO G 3189 78.79 104.00 -33.38
C PRO G 3189 79.45 104.23 -32.03
N ALA G 3190 80.62 103.64 -31.82
CA ALA G 3190 81.29 103.78 -30.53
C ALA G 3190 81.69 105.22 -30.26
N LEU G 3191 82.21 105.90 -31.28
CA LEU G 3191 82.57 107.31 -31.12
C LEU G 3191 81.36 108.14 -30.77
N GLY G 3192 80.23 107.87 -31.42
CA GLY G 3192 79.02 108.62 -31.12
C GLY G 3192 78.53 108.38 -29.70
N GLU G 3193 78.60 107.13 -29.24
CA GLU G 3193 78.19 106.85 -27.87
C GLU G 3193 79.10 107.57 -26.87
N CYS G 3194 80.41 107.55 -27.12
CA CYS G 3194 81.34 108.25 -26.25
C CYS G 3194 81.03 109.74 -26.23
N LEU G 3195 80.76 110.31 -27.40
CA LEU G 3195 80.43 111.73 -27.46
C LEU G 3195 79.13 112.04 -26.73
N ALA G 3196 78.14 111.15 -26.81
CA ALA G 3196 76.90 111.37 -26.09
C ALA G 3196 77.14 111.40 -24.59
N ARG G 3197 77.88 110.42 -24.08
CA ARG G 3197 78.18 110.39 -22.65
C ARG G 3197 78.97 111.62 -22.22
N LEU G 3198 79.95 112.02 -23.03
CA LEU G 3198 80.75 113.18 -22.69
C LEU G 3198 79.91 114.45 -22.72
N ALA G 3199 78.98 114.55 -23.66
CA ALA G 3199 78.10 115.71 -23.68
C ALA G 3199 77.18 115.74 -22.47
N ALA G 3200 76.75 114.57 -22.01
CA ALA G 3200 75.98 114.51 -20.78
C ALA G 3200 76.78 114.93 -19.57
N ALA G 3201 78.06 114.58 -19.52
CA ALA G 3201 78.89 114.85 -18.34
C ALA G 3201 79.58 116.21 -18.33
N MET G 3202 79.76 116.84 -19.49
CA MET G 3202 80.56 118.06 -19.56
C MET G 3202 79.85 119.21 -18.86
N PRO G 3203 80.52 119.92 -17.95
CA PRO G 3203 79.83 120.97 -17.19
C PRO G 3203 79.84 122.35 -17.85
N VAL G 3204 80.17 122.41 -19.14
CA VAL G 3204 80.20 123.67 -19.87
C VAL G 3204 79.37 123.51 -21.13
N ALA G 3205 78.53 124.50 -21.42
CA ALA G 3205 77.69 124.48 -22.61
C ALA G 3205 78.53 124.78 -23.84
N PHE G 3206 79.21 123.76 -24.38
CA PHE G 3206 80.14 124.00 -25.48
C PHE G 3206 79.40 124.43 -26.75
N LEU G 3207 78.10 124.18 -26.83
CA LEU G 3207 77.32 124.58 -27.99
C LEU G 3207 76.74 125.97 -27.87
N GLU G 3208 76.94 126.64 -26.73
CA GLU G 3208 76.44 127.99 -26.50
C GLU G 3208 77.55 128.82 -25.90
N PRO G 3209 78.62 129.08 -26.66
CA PRO G 3209 79.76 129.82 -26.11
C PRO G 3209 79.48 131.28 -25.84
N GLU G 3210 78.34 131.82 -26.28
CA GLU G 3210 78.05 133.23 -26.08
C GLU G 3210 77.61 133.53 -24.65
N LEU G 3211 77.26 132.51 -23.86
CA LEU G 3211 76.83 132.70 -22.48
C LEU G 3211 77.82 132.11 -21.49
N ASN G 3212 79.05 131.83 -21.91
CA ASN G 3212 80.00 131.16 -21.03
C ASN G 3212 80.34 132.00 -19.82
N GLU G 3213 80.26 133.33 -19.93
CA GLU G 3213 80.60 134.19 -18.82
C GLU G 3213 79.67 133.98 -17.63
N TYR G 3214 78.52 133.33 -17.82
CA TYR G 3214 77.61 132.99 -16.75
C TYR G 3214 77.91 131.64 -16.11
N ASN G 3215 78.86 130.88 -16.64
CA ASN G 3215 79.16 129.55 -16.13
C ASN G 3215 80.20 129.64 -15.01
N ALA G 3216 79.89 129.03 -13.88
CA ALA G 3216 80.81 129.02 -12.75
C ALA G 3216 81.84 127.90 -12.83
N CYS G 3217 81.60 126.88 -13.65
CA CYS G 3217 82.54 125.77 -13.79
C CYS G 3217 83.49 125.94 -14.96
N SER G 3218 83.31 126.95 -15.79
CA SER G 3218 84.15 127.13 -16.96
C SER G 3218 85.57 127.47 -16.53
N VAL G 3219 86.54 126.94 -17.28
CA VAL G 3219 87.94 127.23 -16.98
C VAL G 3219 88.21 128.72 -17.17
N TYR G 3220 87.56 129.35 -18.15
CA TYR G 3220 87.73 130.79 -18.34
C TYR G 3220 87.24 131.59 -17.15
N THR G 3221 86.37 131.04 -16.32
CA THR G 3221 85.89 131.70 -15.12
C THR G 3221 86.75 131.34 -13.90
N THR G 3222 87.14 130.07 -13.78
CA THR G 3222 87.96 129.68 -12.63
C THR G 3222 89.36 130.26 -12.74
N LYS G 3223 90.08 129.90 -13.81
CA LYS G 3223 91.44 130.40 -14.00
C LYS G 3223 91.41 131.86 -14.45
N SER G 3224 92.24 132.67 -13.81
CA SER G 3224 92.30 134.08 -14.13
C SER G 3224 92.95 134.29 -15.49
N PRO G 3225 92.67 135.42 -16.14
CA PRO G 3225 93.27 135.66 -17.46
C PRO G 3225 94.79 135.66 -17.43
N ARG G 3226 95.38 136.04 -16.29
CA ARG G 3226 96.82 135.86 -16.13
C ARG G 3226 97.18 134.38 -16.24
N GLU G 3227 96.37 133.52 -15.62
CA GLU G 3227 96.44 132.09 -15.91
C GLU G 3227 95.82 131.86 -17.29
N ARG G 3228 95.84 130.62 -17.74
CA ARG G 3228 95.34 130.24 -19.07
C ARG G 3228 96.28 130.71 -20.17
N ALA G 3229 97.29 131.50 -19.80
CA ALA G 3229 98.36 131.82 -20.74
C ALA G 3229 99.56 130.92 -20.51
N ILE G 3230 99.77 130.47 -19.27
CA ILE G 3230 100.76 129.44 -19.00
C ILE G 3230 100.44 128.19 -19.81
N LEU G 3231 99.16 127.83 -19.85
CA LEU G 3231 98.72 126.75 -20.73
C LEU G 3231 98.49 127.31 -22.13
N GLY G 3232 98.01 126.48 -23.04
CA GLY G 3232 97.73 126.89 -24.40
C GLY G 3232 96.34 127.40 -24.64
N LEU G 3233 95.60 127.74 -23.59
CA LEU G 3233 94.20 128.11 -23.74
C LEU G 3233 94.08 129.35 -24.63
N PRO G 3234 93.23 129.33 -25.66
CA PRO G 3234 93.02 130.54 -26.46
C PRO G 3234 92.47 131.68 -25.60
N ASN G 3235 92.32 132.84 -26.25
CA ASN G 3235 91.85 134.02 -25.54
C ASN G 3235 90.36 133.95 -25.24
N SER G 3236 89.56 133.46 -26.18
CA SER G 3236 88.11 133.41 -26.04
C SER G 3236 87.63 131.98 -26.11
N VAL G 3237 86.54 131.70 -25.40
CA VAL G 3237 86.02 130.33 -25.35
C VAL G 3237 85.62 129.86 -26.74
N GLU G 3238 85.18 130.78 -27.60
CA GLU G 3238 84.79 130.38 -28.95
C GLU G 3238 85.93 129.68 -29.68
N GLU G 3239 87.17 130.01 -29.32
CA GLU G 3239 88.32 129.45 -30.02
C GLU G 3239 88.80 128.15 -29.39
N MET G 3240 88.14 127.65 -28.35
CA MET G 3240 88.57 126.39 -27.76
C MET G 3240 88.73 125.32 -28.83
N CYS G 3241 87.72 125.18 -29.68
CA CYS G 3241 87.90 124.64 -31.03
C CYS G 3241 86.62 124.91 -31.81
N PRO G 3242 86.74 125.51 -33.00
CA PRO G 3242 85.55 126.09 -33.65
C PRO G 3242 84.79 125.12 -34.54
N ASP G 3243 85.35 123.94 -34.79
CA ASP G 3243 84.73 123.02 -35.74
C ASP G 3243 83.26 122.76 -35.40
N ILE G 3244 82.94 122.72 -34.12
CA ILE G 3244 81.57 122.40 -33.71
C ILE G 3244 80.68 123.62 -33.92
N PRO G 3245 79.59 123.52 -34.67
CA PRO G 3245 78.67 124.65 -34.79
C PRO G 3245 77.93 124.90 -33.48
N VAL G 3246 77.34 126.09 -33.39
CA VAL G 3246 76.56 126.45 -32.22
C VAL G 3246 75.23 125.70 -32.24
N LEU G 3247 74.53 125.77 -31.10
CA LEU G 3247 73.28 125.02 -30.95
C LEU G 3247 72.26 125.43 -32.01
N GLU G 3248 72.14 126.72 -32.28
CA GLU G 3248 71.19 127.18 -33.27
C GLU G 3248 71.50 126.61 -34.64
N ARG G 3249 72.77 126.66 -35.03
CA ARG G 3249 73.17 126.13 -36.33
C ARG G 3249 72.90 124.63 -36.42
N LEU G 3250 73.23 123.89 -35.35
CA LEU G 3250 73.00 122.45 -35.37
C LEU G 3250 71.52 122.13 -35.51
N MET G 3251 70.68 122.83 -34.74
CA MET G 3251 69.24 122.59 -34.83
C MET G 3251 68.72 122.91 -36.22
N ALA G 3252 69.17 124.03 -36.79
CA ALA G 3252 68.73 124.40 -38.13
C ALA G 3252 69.14 123.35 -39.14
N GLU G 3253 70.38 122.86 -39.07
CA GLU G 3253 70.85 121.87 -40.03
C GLU G 3253 70.06 120.58 -39.91
N ILE G 3254 69.84 120.11 -38.67
CA ILE G 3254 69.11 118.86 -38.50
C ILE G 3254 67.69 119.00 -39.01
N GLY G 3255 67.03 120.11 -38.69
CA GLY G 3255 65.69 120.32 -39.19
C GLY G 3255 65.63 120.38 -40.71
N GLY G 3256 66.56 121.12 -41.31
CA GLY G 3256 66.58 121.22 -42.76
C GLY G 3256 66.76 119.86 -43.42
N LEU G 3257 67.69 119.06 -42.90
CA LEU G 3257 67.92 117.74 -43.48
C LEU G 3257 66.71 116.85 -43.31
N ALA G 3258 66.10 116.84 -42.12
CA ALA G 3258 64.93 116.00 -41.90
C ALA G 3258 63.80 116.39 -42.84
N GLU G 3259 63.57 117.69 -43.02
CA GLU G 3259 62.54 118.12 -43.96
C GLU G 3259 62.87 117.73 -45.38
N SER G 3260 64.13 117.90 -45.79
CA SER G 3260 64.53 117.53 -47.14
C SER G 3260 64.43 116.04 -47.37
N GLY G 3261 64.40 115.23 -46.31
CA GLY G 3261 64.22 113.81 -46.48
C GLY G 3261 65.48 113.06 -46.86
N ALA G 3262 66.64 113.56 -46.44
CA ALA G 3262 67.88 112.89 -46.75
C ALA G 3262 67.90 111.50 -46.10
N ARG G 3263 68.71 110.61 -46.67
CA ARG G 3263 68.82 109.24 -46.20
C ARG G 3263 70.14 109.04 -45.46
N TYR G 3264 70.23 107.91 -44.76
CA TYR G 3264 71.37 107.62 -43.91
C TYR G 3264 72.66 107.75 -44.71
N THR G 3265 72.62 107.37 -45.99
CA THR G 3265 73.79 107.49 -46.83
C THR G 3265 74.21 108.95 -46.98
N GLU G 3266 73.26 109.87 -46.98
CA GLU G 3266 73.56 111.29 -47.11
C GLU G 3266 73.75 111.99 -45.76
N MET G 3267 73.45 111.32 -44.65
CA MET G 3267 73.66 111.90 -43.34
C MET G 3267 74.25 110.89 -42.37
N PRO G 3268 75.39 110.27 -42.69
CA PRO G 3268 75.93 109.26 -41.76
C PRO G 3268 76.47 109.88 -40.49
N HIS G 3269 77.24 110.96 -40.60
CA HIS G 3269 77.82 111.58 -39.42
C HIS G 3269 76.74 112.11 -38.49
N VAL G 3270 75.76 112.83 -39.06
CA VAL G 3270 74.71 113.41 -38.23
C VAL G 3270 74.07 112.34 -37.36
N ILE G 3271 73.46 111.34 -37.99
CA ILE G 3271 72.65 110.36 -37.28
C ILE G 3271 73.43 109.66 -36.19
N GLU G 3272 74.71 109.37 -36.43
CA GLU G 3272 75.48 108.53 -35.52
C GLU G 3272 76.27 109.31 -34.49
N ILE G 3273 76.51 110.61 -34.69
CA ILE G 3273 77.34 111.37 -33.77
C ILE G 3273 76.57 112.59 -33.26
N THR G 3274 76.07 113.41 -34.17
CA THR G 3274 75.51 114.69 -33.76
C THR G 3274 74.20 114.51 -33.00
N LEU G 3275 73.31 113.68 -33.53
CA LEU G 3275 72.03 113.48 -32.84
C LEU G 3275 72.23 112.84 -31.47
N PRO G 3276 73.02 111.78 -31.33
CA PRO G 3276 73.30 111.26 -29.98
C PRO G 3276 73.91 112.29 -29.06
N MET G 3277 74.78 113.16 -29.58
CA MET G 3277 75.36 114.21 -28.75
C MET G 3277 74.28 115.17 -28.28
N LEU G 3278 73.38 115.56 -29.18
CA LEU G 3278 72.34 116.52 -28.83
C LEU G 3278 71.31 115.94 -27.87
N CYS G 3279 70.97 114.66 -28.02
CA CYS G 3279 70.01 114.00 -27.16
C CYS G 3279 70.49 113.88 -25.72
N SER G 3280 71.78 114.09 -25.48
CA SER G 3280 72.33 114.15 -24.14
C SER G 3280 72.62 115.57 -23.72
N TYR G 3281 72.95 116.45 -24.67
CA TYR G 3281 73.20 117.84 -24.34
C TYR G 3281 71.93 118.55 -23.89
N LEU G 3282 70.86 118.41 -24.66
CA LEU G 3282 69.64 119.17 -24.35
C LEU G 3282 69.04 118.78 -23.02
N PRO G 3283 68.85 117.50 -22.68
CA PRO G 3283 68.30 117.18 -21.37
C PRO G 3283 69.10 117.74 -20.20
N ARG G 3284 70.43 117.76 -20.31
CA ARG G 3284 71.24 118.21 -19.19
C ARG G 3284 71.13 119.72 -18.99
N TRP G 3285 71.10 120.48 -20.06
CA TRP G 3285 71.08 121.93 -19.96
C TRP G 3285 69.67 122.49 -19.86
N TRP G 3286 68.64 121.69 -20.13
CA TRP G 3286 67.29 122.14 -19.87
C TRP G 3286 67.05 122.39 -18.39
N GLU G 3287 67.54 121.49 -17.54
CA GLU G 3287 67.33 121.62 -16.10
C GLU G 3287 68.08 122.80 -15.52
N ARG G 3288 69.19 123.20 -16.13
CA ARG G 3288 70.02 124.28 -15.61
C ARG G 3288 69.81 125.59 -16.36
N GLY G 3289 69.02 125.59 -17.43
CA GLY G 3289 68.69 126.80 -18.12
C GLY G 3289 67.40 127.39 -17.60
N PRO G 3290 66.84 128.35 -18.33
CA PRO G 3290 65.54 128.90 -17.92
C PRO G 3290 64.44 127.87 -18.07
N GLU G 3291 63.21 128.22 -17.73
CA GLU G 3291 62.08 127.32 -17.89
C GLU G 3291 62.39 126.02 -17.15
N ALA G 3292 63.03 126.13 -15.99
CA ALA G 3292 63.34 124.98 -15.15
C ALA G 3292 62.90 125.25 -13.72
N PRO G 3293 62.59 124.22 -12.96
CA PRO G 3293 62.22 124.43 -11.55
C PRO G 3293 63.23 125.31 -10.86
N PRO G 3294 62.82 126.48 -10.37
CA PRO G 3294 63.73 127.35 -9.64
C PRO G 3294 63.64 127.18 -8.13
N PRO G 3295 64.17 126.10 -7.55
CA PRO G 3295 64.21 126.04 -6.09
C PRO G 3295 65.31 126.91 -5.50
N ALA G 3296 66.47 126.96 -6.14
CA ALA G 3296 67.60 127.75 -5.66
C ALA G 3296 67.67 129.14 -6.29
N LEU G 3297 66.69 129.48 -7.13
CA LEU G 3297 66.67 130.81 -7.74
C LEU G 3297 66.75 131.93 -6.71
N PRO G 3298 65.99 131.87 -5.59
CA PRO G 3298 65.89 133.05 -4.71
C PRO G 3298 67.22 133.58 -4.23
N ALA G 3299 68.24 132.73 -4.14
CA ALA G 3299 69.55 133.19 -3.69
C ALA G 3299 70.23 133.96 -4.79
N GLY G 3300 69.59 135.03 -5.27
CA GLY G 3300 70.10 135.83 -6.36
C GLY G 3300 70.74 135.01 -7.45
N ALA G 3301 70.02 134.05 -8.01
CA ALA G 3301 70.62 133.19 -9.02
C ALA G 3301 71.06 134.01 -10.22
N PRO G 3302 72.31 133.90 -10.67
CA PRO G 3302 72.72 134.58 -11.89
C PRO G 3302 72.00 134.01 -13.09
N PRO G 3303 71.93 134.75 -14.19
CA PRO G 3303 71.22 134.25 -15.37
C PRO G 3303 71.81 132.94 -15.85
N PRO G 3304 70.98 132.04 -16.38
CA PRO G 3304 71.50 130.73 -16.79
C PRO G 3304 72.53 130.86 -17.90
N CYS G 3305 73.45 129.91 -17.93
CA CYS G 3305 74.51 129.87 -18.94
C CYS G 3305 74.05 129.23 -20.23
N THR G 3306 72.80 128.78 -20.31
CA THR G 3306 72.26 128.15 -21.51
C THR G 3306 70.90 128.75 -21.83
N ALA G 3307 70.44 128.50 -23.05
CA ALA G 3307 69.15 129.01 -23.52
C ALA G 3307 68.20 127.88 -23.90
N VAL G 3308 68.45 126.66 -23.42
CA VAL G 3308 67.65 125.52 -23.82
C VAL G 3308 66.30 125.58 -23.11
N THR G 3309 65.22 125.46 -23.89
CA THR G 3309 63.87 125.37 -23.37
C THR G 3309 63.26 124.05 -23.82
N SER G 3310 61.96 123.87 -23.56
CA SER G 3310 61.28 122.67 -24.03
C SER G 3310 61.08 122.72 -25.54
N ASP G 3311 61.12 123.90 -26.14
CA ASP G 3311 60.98 124.00 -27.59
C ASP G 3311 62.11 123.28 -28.30
N HIS G 3312 63.33 123.42 -27.80
CA HIS G 3312 64.46 122.73 -28.41
C HIS G 3312 64.25 121.22 -28.40
N LEU G 3313 63.89 120.67 -27.24
CA LEU G 3313 63.69 119.23 -27.15
C LEU G 3313 62.52 118.76 -28.02
N ASN G 3314 61.43 119.52 -28.04
CA ASN G 3314 60.31 119.13 -28.88
C ASN G 3314 60.70 119.13 -30.35
N SER G 3315 61.41 120.16 -30.79
CA SER G 3315 61.84 120.22 -32.19
C SER G 3315 62.79 119.07 -32.51
N LEU G 3316 63.71 118.77 -31.60
CA LEU G 3316 64.64 117.67 -31.85
C LEU G 3316 63.91 116.35 -31.96
N LEU G 3317 62.94 116.10 -31.09
CA LEU G 3317 62.19 114.85 -31.17
C LEU G 3317 61.39 114.79 -32.47
N GLY G 3318 60.79 115.90 -32.87
CA GLY G 3318 60.08 115.93 -34.14
C GLY G 3318 60.98 115.60 -35.30
N ASN G 3319 62.20 116.18 -35.29
CA ASN G 3319 63.14 115.93 -36.38
C ASN G 3319 63.59 114.48 -36.38
N ILE G 3320 63.83 113.91 -35.21
CA ILE G 3320 64.23 112.50 -35.13
C ILE G 3320 63.14 111.63 -35.72
N LEU G 3321 61.88 111.89 -35.35
CA LEU G 3321 60.78 111.11 -35.89
C LEU G 3321 60.68 111.27 -37.39
N ARG G 3322 60.86 112.50 -37.89
CA ARG G 3322 60.83 112.72 -39.33
C ARG G 3322 61.90 111.93 -40.04
N ILE G 3323 63.10 111.88 -39.44
CA ILE G 3323 64.20 111.14 -40.06
C ILE G 3323 63.88 109.65 -40.11
N ILE G 3324 63.37 109.11 -39.00
CA ILE G 3324 63.03 107.69 -38.99
C ILE G 3324 61.96 107.39 -40.02
N VAL G 3325 60.97 108.28 -40.16
CA VAL G 3325 59.93 108.08 -41.15
C VAL G 3325 60.51 108.12 -42.56
N ASN G 3326 61.41 109.07 -42.81
CA ASN G 3326 62.03 109.17 -44.13
C ASN G 3326 62.82 107.92 -44.47
N ASN G 3327 63.41 107.26 -43.48
CA ASN G 3327 64.18 106.05 -43.70
C ASN G 3327 63.37 104.79 -43.41
N LEU G 3328 62.07 104.92 -43.25
CA LEU G 3328 61.20 103.76 -43.04
C LEU G 3328 61.17 102.88 -44.28
N GLY G 3329 61.27 101.57 -44.07
CA GLY G 3329 61.13 100.59 -45.13
C GLY G 3329 62.42 100.20 -45.81
N ILE G 3330 63.53 100.88 -45.53
CA ILE G 3330 64.79 100.55 -46.18
C ILE G 3330 65.21 99.15 -45.78
N ASP G 3331 65.93 98.48 -46.68
CA ASP G 3331 66.29 97.09 -46.46
C ASP G 3331 67.22 96.92 -45.27
N GLU G 3332 68.19 97.82 -45.12
CA GLU G 3332 69.20 97.71 -44.08
C GLU G 3332 69.34 99.03 -43.34
N ALA G 3333 68.93 99.04 -42.07
CA ALA G 3333 69.17 100.19 -41.20
C ALA G 3333 69.33 99.73 -39.75
N SER G 3334 70.56 99.50 -39.33
CA SER G 3334 70.84 99.10 -37.96
C SER G 3334 70.97 100.28 -37.02
N TRP G 3335 71.02 101.50 -37.55
CA TRP G 3335 71.16 102.69 -36.72
C TRP G 3335 69.84 103.09 -36.08
N MET G 3336 68.73 102.51 -36.52
CA MET G 3336 67.42 102.92 -36.02
C MET G 3336 67.31 102.65 -34.53
N LYS G 3337 67.71 101.46 -34.10
CA LYS G 3337 67.61 101.12 -32.67
C LYS G 3337 68.50 102.03 -31.83
N ARG G 3338 69.72 102.29 -32.29
CA ARG G 3338 70.61 103.17 -31.55
C ARG G 3338 70.02 104.56 -31.43
N LEU G 3339 69.48 105.09 -32.53
CA LEU G 3339 68.91 106.43 -32.49
C LEU G 3339 67.72 106.49 -31.56
N ALA G 3340 66.87 105.47 -31.58
CA ALA G 3340 65.73 105.44 -30.67
C ALA G 3340 66.18 105.42 -29.22
N VAL G 3341 67.17 104.59 -28.92
CA VAL G 3341 67.66 104.52 -27.54
C VAL G 3341 68.24 105.86 -27.11
N PHE G 3342 68.99 106.50 -28.00
CA PHE G 3342 69.57 107.79 -27.63
C PHE G 3342 68.52 108.87 -27.49
N ALA G 3343 67.44 108.78 -28.26
CA ALA G 3343 66.39 109.80 -28.23
C ALA G 3343 65.43 109.63 -27.06
N GLN G 3344 65.36 108.43 -26.48
CA GLN G 3344 64.39 108.19 -25.41
C GLN G 3344 64.39 109.25 -24.32
N PRO G 3345 65.53 109.67 -23.77
CA PRO G 3345 65.49 110.63 -22.65
C PRO G 3345 64.80 111.94 -22.97
N ILE G 3346 64.85 112.42 -24.21
CA ILE G 3346 64.31 113.74 -24.55
C ILE G 3346 62.80 113.72 -24.71
N VAL G 3347 62.16 112.57 -24.57
CA VAL G 3347 60.73 112.48 -24.83
C VAL G 3347 59.89 112.98 -23.66
N SER G 3348 60.44 113.00 -22.45
CA SER G 3348 59.66 113.42 -21.29
C SER G 3348 59.19 114.86 -21.41
N ARG G 3349 59.87 115.67 -22.23
CA ARG G 3349 59.51 117.07 -22.40
C ARG G 3349 58.75 117.32 -23.70
N ALA G 3350 58.27 116.27 -24.36
CA ALA G 3350 57.52 116.44 -25.59
C ALA G 3350 56.21 117.17 -25.31
N ARG G 3351 55.83 118.04 -26.23
CA ARG G 3351 54.62 118.83 -26.05
C ARG G 3351 53.40 118.06 -26.54
N PRO G 3352 52.20 118.47 -26.13
CA PRO G 3352 50.99 117.76 -26.57
C PRO G 3352 50.78 117.72 -28.07
N GLU G 3353 51.18 118.76 -28.81
CA GLU G 3353 50.89 118.81 -30.23
C GLU G 3353 51.68 117.77 -31.01
N LEU G 3354 52.74 117.22 -30.42
CA LEU G 3354 53.53 116.21 -31.11
C LEU G 3354 52.66 115.04 -31.53
N LEU G 3355 51.70 114.65 -30.69
CA LEU G 3355 50.84 113.52 -31.03
C LEU G 3355 50.32 113.67 -32.45
N ARG G 3356 49.46 114.66 -32.68
CA ARG G 3356 48.84 114.82 -33.99
C ARG G 3356 49.88 115.17 -35.05
N SER G 3357 50.87 115.99 -34.71
CA SER G 3357 51.78 116.49 -35.73
C SER G 3357 52.62 115.36 -36.32
N HIS G 3358 53.20 114.51 -35.47
CA HIS G 3358 54.13 113.47 -35.92
C HIS G 3358 53.64 112.06 -35.65
N PHE G 3359 53.20 111.76 -34.42
CA PHE G 3359 53.03 110.36 -34.04
C PHE G 3359 51.89 109.71 -34.82
N ILE G 3360 50.81 110.45 -35.03
CA ILE G 3360 49.65 109.87 -35.72
C ILE G 3360 49.99 109.47 -37.15
N PRO G 3361 50.54 110.35 -37.99
CA PRO G 3361 50.87 109.91 -39.36
C PRO G 3361 51.88 108.77 -39.40
N THR G 3362 52.86 108.76 -38.51
CA THR G 3362 53.87 107.71 -38.53
C THR G 3362 53.25 106.35 -38.27
N ILE G 3363 52.50 106.24 -37.18
CA ILE G 3363 51.85 104.97 -36.87
C ILE G 3363 50.81 104.63 -37.92
N GLY G 3364 50.22 105.64 -38.56
CA GLY G 3364 49.32 105.38 -39.66
C GLY G 3364 50.01 104.68 -40.83
N ARG G 3365 51.18 105.19 -41.21
CA ARG G 3365 51.96 104.54 -42.26
C ARG G 3365 52.33 103.12 -41.85
N LEU G 3366 52.73 102.95 -40.59
CA LEU G 3366 53.11 101.62 -40.13
C LEU G 3366 51.94 100.65 -40.22
N ARG G 3367 50.75 101.10 -39.80
CA ARG G 3367 49.58 100.25 -39.87
C ARG G 3367 49.23 99.92 -41.33
N LYS G 3368 49.36 100.89 -42.22
CA LYS G 3368 49.08 100.63 -43.62
C LYS G 3368 50.02 99.56 -44.17
N ARG G 3369 51.31 99.67 -43.85
CA ARG G 3369 52.27 98.68 -44.31
C ARG G 3369 51.97 97.31 -43.74
N ALA G 3370 51.59 97.26 -42.46
CA ALA G 3370 51.24 95.98 -41.85
C ALA G 3370 50.05 95.36 -42.56
N GLY G 3371 49.06 96.17 -42.92
CA GLY G 3371 47.91 95.68 -43.66
C GLY G 3371 48.32 95.10 -45.00
N LYS G 3372 49.20 95.80 -45.71
CA LYS G 3372 49.66 95.29 -47.00
C LYS G 3372 50.35 93.94 -46.84
N VAL G 3373 51.25 93.83 -45.87
CA VAL G 3373 51.98 92.59 -45.68
C VAL G 3373 51.02 91.46 -45.30
N VAL G 3374 50.03 91.76 -44.47
CA VAL G 3374 49.08 90.73 -44.07
C VAL G 3374 48.27 90.27 -45.28
N ALA G 3375 47.88 91.20 -46.16
CA ALA G 3375 47.15 90.81 -47.36
C ALA G 3375 47.99 89.89 -48.24
N GLU G 3376 49.27 90.22 -48.39
CA GLU G 3376 50.15 89.35 -49.17
C GLU G 3376 50.26 87.97 -48.53
N GLU G 3377 50.40 87.93 -47.20
CA GLU G 3377 50.47 86.64 -46.52
C GLU G 3377 49.19 85.85 -46.69
N GLU G 3378 48.05 86.53 -46.77
CA GLU G 3378 46.78 85.86 -46.99
C GLU G 3378 46.75 85.22 -48.37
N GLN G 3379 47.09 86.00 -49.41
CA GLN G 3379 47.12 85.44 -50.75
C GLN G 3379 48.14 84.32 -50.89
N LEU G 3380 49.19 84.33 -50.06
CA LEU G 3380 50.14 83.24 -50.08
C LEU G 3380 49.47 81.91 -49.77
N ARG G 3381 48.47 81.93 -48.88
CA ARG G 3381 47.74 80.70 -48.58
C ARG G 3381 47.01 80.18 -49.81
N LEU G 3382 46.37 81.07 -50.56
CA LEU G 3382 45.72 80.67 -51.81
C LEU G 3382 46.72 80.13 -52.81
N GLU G 3383 47.94 80.66 -52.84
CA GLU G 3383 48.96 80.15 -53.74
C GLU G 3383 49.33 78.71 -53.37
N ALA G 3384 49.87 77.99 -54.34
CA ALA G 3384 50.16 76.56 -54.18
C ALA G 3384 51.41 76.33 -53.34
N LYS G 3385 51.86 75.08 -53.24
CA LYS G 3385 52.95 74.70 -52.35
C LYS G 3385 54.32 74.96 -52.97
N ALA G 3386 54.37 75.34 -54.26
CA ALA G 3386 55.65 75.55 -54.94
C ALA G 3386 56.03 77.02 -54.92
N GLU G 3387 55.20 77.92 -55.45
CA GLU G 3387 55.55 79.34 -55.46
C GLU G 3387 55.38 79.97 -54.08
N ALA G 3388 54.67 79.29 -53.18
CA ALA G 3388 54.46 79.85 -51.84
C ALA G 3388 55.78 80.04 -51.10
N GLU G 3389 56.72 79.14 -51.29
CA GLU G 3389 57.99 79.23 -50.56
C GLU G 3389 58.70 80.55 -50.86
N GLU G 3390 58.81 80.90 -52.15
CA GLU G 3390 59.39 82.18 -52.51
C GLU G 3390 58.55 83.33 -51.96
N GLY G 3391 57.23 83.23 -52.09
CA GLY G 3391 56.36 84.22 -51.50
C GLY G 3391 56.46 84.25 -49.99
N GLU G 3392 56.64 83.07 -49.38
CA GLU G 3392 56.80 83.03 -47.93
C GLU G 3392 58.06 83.78 -47.51
N LEU G 3393 59.16 83.58 -48.24
CA LEU G 3393 60.38 84.33 -47.95
C LEU G 3393 60.19 85.82 -48.16
N LEU G 3394 59.48 86.20 -49.22
CA LEU G 3394 59.24 87.62 -49.50
C LEU G 3394 58.47 88.27 -48.35
N VAL G 3395 57.37 87.65 -47.94
CA VAL G 3395 56.57 88.21 -46.87
C VAL G 3395 57.35 88.16 -45.55
N ARG G 3396 58.20 87.15 -45.39
CA ARG G 3396 59.06 87.10 -44.21
C ARG G 3396 59.95 88.33 -44.15
N ASP G 3397 60.56 88.69 -45.28
CA ASP G 3397 61.43 89.86 -45.33
C ASP G 3397 60.64 91.13 -45.04
N GLU G 3398 59.45 91.25 -45.65
CA GLU G 3398 58.64 92.45 -45.41
C GLU G 3398 58.24 92.56 -43.95
N PHE G 3399 57.81 91.46 -43.33
CA PHE G 3399 57.49 91.47 -41.91
C PHE G 3399 58.71 91.75 -41.05
N SER G 3400 59.90 91.32 -41.47
CA SER G 3400 61.09 91.63 -40.71
C SER G 3400 61.40 93.12 -40.72
N VAL G 3401 61.32 93.76 -41.90
CA VAL G 3401 61.57 95.19 -41.95
C VAL G 3401 60.49 95.96 -41.19
N LEU G 3402 59.23 95.48 -41.28
CA LEU G 3402 58.16 96.12 -40.52
C LEU G 3402 58.41 96.00 -39.03
N CYS G 3403 58.86 94.84 -38.57
CA CYS G 3403 59.16 94.66 -37.15
C CYS G 3403 60.32 95.54 -36.72
N ARG G 3404 61.31 95.73 -37.60
CA ARG G 3404 62.41 96.63 -37.28
C ARG G 3404 61.90 98.05 -37.09
N ASP G 3405 61.07 98.53 -38.01
CA ASP G 3405 60.52 99.88 -37.86
C ASP G 3405 59.68 99.99 -36.60
N LEU G 3406 58.90 98.95 -36.30
CA LEU G 3406 58.07 98.97 -35.09
C LEU G 3406 58.94 99.02 -33.84
N TYR G 3407 60.00 98.25 -33.80
CA TYR G 3407 60.85 98.24 -32.62
C TYR G 3407 61.73 99.44 -32.54
N ALA G 3408 61.82 100.21 -33.61
CA ALA G 3408 62.52 101.48 -33.57
C ALA G 3408 61.61 102.63 -33.13
N LEU G 3409 60.34 102.61 -33.51
CA LEU G 3409 59.45 103.72 -33.20
C LEU G 3409 58.63 103.51 -31.93
N TYR G 3410 58.20 102.28 -31.64
CA TYR G 3410 57.33 102.07 -30.49
C TYR G 3410 57.95 102.51 -29.18
N PRO G 3411 59.21 102.17 -28.86
CA PRO G 3411 59.76 102.61 -27.58
C PRO G 3411 59.67 104.10 -27.36
N LEU G 3412 59.81 104.90 -28.42
CA LEU G 3412 59.54 106.32 -28.30
C LEU G 3412 58.08 106.59 -28.01
N LEU G 3413 57.17 105.87 -28.67
CA LEU G 3413 55.74 106.08 -28.46
C LEU G 3413 55.35 105.71 -27.03
N ILE G 3414 55.90 104.61 -26.51
CA ILE G 3414 55.52 104.17 -25.17
C ILE G 3414 55.81 105.26 -24.14
N ARG G 3415 56.98 105.88 -24.23
CA ARG G 3415 57.32 106.94 -23.30
C ARG G 3415 56.38 108.12 -23.45
N TYR G 3416 56.01 108.45 -24.69
CA TYR G 3416 55.09 109.55 -24.91
C TYR G 3416 53.74 109.26 -24.25
N VAL G 3417 53.25 108.03 -24.40
CA VAL G 3417 51.98 107.67 -23.79
C VAL G 3417 52.07 107.77 -22.27
N ASP G 3418 53.15 107.25 -21.70
CA ASP G 3418 53.29 107.27 -20.24
C ASP G 3418 53.23 108.69 -19.70
N ASN G 3419 53.78 109.65 -20.44
CA ASN G 3419 53.84 111.03 -20.00
C ASN G 3419 52.59 111.82 -20.36
N ASN G 3420 51.61 111.19 -21.02
CA ASN G 3420 50.39 111.90 -21.39
C ASN G 3420 49.13 111.09 -21.19
N ARG G 3421 49.23 109.85 -20.70
CA ARG G 3421 48.03 109.04 -20.50
C ARG G 3421 47.11 109.69 -19.47
N ALA G 3422 47.69 110.25 -18.42
CA ALA G 3422 46.88 110.88 -17.38
C ALA G 3422 46.03 112.00 -17.97
N HIS G 3423 46.67 112.88 -18.76
CA HIS G 3423 45.93 113.99 -19.35
C HIS G 3423 44.90 113.47 -20.34
N TRP G 3424 45.25 112.47 -21.15
CA TRP G 3424 44.31 111.94 -22.11
C TRP G 3424 43.09 111.37 -21.43
N LEU G 3425 43.27 110.63 -20.34
CA LEU G 3425 42.15 110.04 -19.63
C LEU G 3425 41.33 111.10 -18.92
N THR G 3426 41.98 112.08 -18.31
CA THR G 3426 41.25 113.13 -17.61
C THR G 3426 40.39 113.93 -18.58
N GLU G 3427 40.93 114.26 -19.74
CA GLU G 3427 40.19 114.98 -20.77
C GLU G 3427 40.13 114.12 -22.03
N PRO G 3428 38.97 113.64 -22.45
CA PRO G 3428 38.92 112.77 -23.63
C PRO G 3428 39.53 113.46 -24.85
N ASN G 3429 40.27 112.70 -25.65
CA ASN G 3429 41.01 113.23 -26.78
C ASN G 3429 40.73 112.40 -28.02
N PRO G 3430 40.08 112.95 -29.06
CA PRO G 3430 39.88 112.16 -30.28
C PRO G 3430 41.18 111.69 -30.91
N ASN G 3431 42.24 112.49 -30.82
CA ASN G 3431 43.53 112.07 -31.35
C ASN G 3431 44.05 110.85 -30.61
N ALA G 3432 43.93 110.85 -29.28
CA ALA G 3432 44.34 109.68 -28.52
C ALA G 3432 43.49 108.47 -28.88
N GLU G 3433 42.19 108.66 -29.11
CA GLU G 3433 41.36 107.56 -29.55
C GLU G 3433 41.82 107.01 -30.88
N GLU G 3434 42.17 107.89 -31.82
CA GLU G 3434 42.68 107.45 -33.11
C GLU G 3434 43.98 106.67 -32.96
N LEU G 3435 44.86 107.14 -32.08
CA LEU G 3435 46.10 106.42 -31.81
C LEU G 3435 45.80 105.03 -31.26
N PHE G 3436 44.82 104.94 -30.35
CA PHE G 3436 44.43 103.63 -29.84
C PHE G 3436 43.95 102.74 -30.98
N ARG G 3437 43.13 103.29 -31.87
CA ARG G 3437 42.63 102.49 -32.99
C ARG G 3437 43.78 101.96 -33.82
N MET G 3438 44.76 102.81 -34.13
CA MET G 3438 45.90 102.39 -34.95
C MET G 3438 46.69 101.29 -34.26
N VAL G 3439 47.04 101.51 -32.99
CA VAL G 3439 47.85 100.51 -32.28
C VAL G 3439 47.08 99.20 -32.16
N GLY G 3440 45.79 99.28 -31.87
CA GLY G 3440 45.00 98.07 -31.76
C GLY G 3440 44.90 97.32 -33.07
N GLU G 3441 44.77 98.04 -34.18
CA GLU G 3441 44.74 97.39 -35.48
C GLU G 3441 46.05 96.68 -35.75
N ILE G 3442 47.17 97.33 -35.43
CA ILE G 3442 48.46 96.67 -35.63
C ILE G 3442 48.56 95.42 -34.77
N PHE G 3443 48.08 95.50 -33.53
CA PHE G 3443 48.13 94.33 -32.65
C PHE G 3443 47.22 93.22 -33.16
N ILE G 3444 46.09 93.58 -33.75
CA ILE G 3444 45.19 92.58 -34.32
C ILE G 3444 45.87 91.87 -35.48
N TYR G 3445 46.54 92.63 -36.35
CA TYR G 3445 47.32 92.02 -37.42
C TYR G 3445 48.38 91.08 -36.85
N TRP G 3446 49.08 91.54 -35.80
CA TRP G 3446 50.11 90.73 -35.19
C TRP G 3446 49.55 89.40 -34.68
N SER G 3447 48.40 89.45 -34.02
CA SER G 3447 47.79 88.23 -33.51
C SER G 3447 47.33 87.33 -34.64
N LYS G 3448 46.68 87.89 -35.65
CA LYS G 3448 46.15 87.07 -36.74
C LYS G 3448 47.27 86.36 -37.49
N SER G 3449 48.27 87.12 -37.94
CA SER G 3449 49.33 86.54 -38.74
C SER G 3449 50.27 85.70 -37.87
N HIS G 3450 50.95 84.77 -38.51
CA HIS G 3450 51.97 83.96 -37.85
C HIS G 3450 53.38 84.32 -38.31
N ASN G 3451 53.54 84.80 -39.53
CA ASN G 3451 54.83 85.31 -39.97
C ASN G 3451 55.23 86.53 -39.17
N PHE G 3452 54.24 87.36 -38.80
CA PHE G 3452 54.52 88.55 -38.00
C PHE G 3452 55.19 88.16 -36.68
N LYS G 3453 54.61 87.19 -35.98
CA LYS G 3453 55.17 86.78 -34.69
C LYS G 3453 56.57 86.21 -34.87
N ARG G 3454 56.77 85.39 -35.89
CA ARG G 3454 58.08 84.79 -36.13
C ARG G 3454 59.12 85.88 -36.39
N GLU G 3455 58.78 86.85 -37.23
CA GLU G 3455 59.73 87.91 -37.56
C GLU G 3455 60.05 88.75 -36.34
N GLU G 3456 59.04 89.06 -35.52
CA GLU G 3456 59.30 89.85 -34.32
C GLU G 3456 60.22 89.11 -33.37
N GLN G 3457 59.92 87.84 -33.11
CA GLN G 3457 60.73 87.04 -32.20
C GLN G 3457 62.16 86.93 -32.71
N ASN G 3458 62.30 86.64 -34.01
CA ASN G 3458 63.63 86.60 -34.61
C ASN G 3458 64.35 87.91 -34.35
N PHE G 3459 63.83 89.02 -34.91
CA PHE G 3459 64.50 90.30 -34.79
C PHE G 3459 64.96 90.56 -33.36
N VAL G 3460 64.07 90.37 -32.38
CA VAL G 3460 64.46 90.69 -31.02
C VAL G 3460 65.62 89.81 -30.58
N VAL G 3461 65.54 88.50 -30.87
CA VAL G 3461 66.60 87.60 -30.43
C VAL G 3461 67.93 87.95 -31.12
N GLN G 3462 67.88 88.19 -32.42
CA GLN G 3462 69.11 88.45 -33.17
C GLN G 3462 69.76 89.75 -32.72
N ASN G 3463 68.98 90.82 -32.64
CA ASN G 3463 69.54 92.13 -32.27
C ASN G 3463 69.79 92.27 -30.78
N GLU G 3464 69.35 91.31 -29.96
CA GLU G 3464 69.56 91.38 -28.52
C GLU G 3464 68.93 92.64 -27.95
N ILE G 3465 67.79 93.04 -28.51
CA ILE G 3465 67.08 94.22 -28.05
C ILE G 3465 66.37 93.88 -26.75
N ASN G 3466 66.68 94.64 -25.69
CA ASN G 3466 66.09 94.41 -24.38
C ASN G 3466 64.83 95.25 -24.27
N ASN G 3467 63.67 94.60 -24.42
CA ASN G 3467 62.40 95.30 -24.30
C ASN G 3467 62.22 95.89 -22.90
N MET G 3468 62.80 95.23 -21.89
CA MET G 3468 62.68 95.72 -20.53
C MET G 3468 63.35 97.09 -20.38
N SER G 3469 64.40 97.33 -21.17
CA SER G 3469 65.08 98.62 -21.10
C SER G 3469 64.13 99.77 -21.46
N PHE G 3470 63.33 99.59 -22.50
CA PHE G 3470 62.37 100.61 -22.87
C PHE G 3470 61.18 100.63 -21.93
N LEU G 3471 60.69 99.45 -21.52
CA LEU G 3471 59.52 99.41 -20.66
C LEU G 3471 59.78 100.06 -19.32
N THR G 3472 60.95 99.82 -18.74
CA THR G 3472 61.31 100.38 -17.44
C THR G 3472 62.16 101.63 -17.59
N TYR G 3504 61.52 88.71 -26.57
CA TYR G 3504 61.92 87.33 -26.32
C TYR G 3504 60.71 86.47 -25.98
N SER G 3505 59.73 87.08 -25.29
CA SER G 3505 58.51 86.40 -24.89
C SER G 3505 57.30 87.25 -25.30
N VAL G 3506 56.14 86.58 -25.36
CA VAL G 3506 54.92 87.27 -25.76
C VAL G 3506 54.62 88.43 -24.82
N GLN G 3507 54.86 88.23 -23.52
CA GLN G 3507 54.68 89.32 -22.57
C GLN G 3507 55.59 90.49 -22.90
N THR G 3508 56.84 90.20 -23.26
CA THR G 3508 57.81 91.25 -23.54
C THR G 3508 57.58 91.92 -24.89
N SER G 3509 56.80 91.29 -25.78
CA SER G 3509 56.58 91.83 -27.11
C SER G 3509 56.15 93.30 -27.06
N LEU G 3510 56.91 94.17 -27.71
CA LEU G 3510 56.54 95.58 -27.74
C LEU G 3510 55.16 95.77 -28.35
N ILE G 3511 54.81 94.91 -29.32
CA ILE G 3511 53.53 95.08 -30.01
C ILE G 3511 52.38 94.96 -29.03
N VAL G 3512 52.46 93.99 -28.11
CA VAL G 3512 51.40 93.80 -27.14
C VAL G 3512 51.55 94.78 -25.98
N ALA G 3513 52.78 95.13 -25.62
CA ALA G 3513 52.99 96.04 -24.50
C ALA G 3513 52.40 97.42 -24.81
N THR G 3514 52.63 97.92 -26.02
CA THR G 3514 52.08 99.23 -26.39
C THR G 3514 50.57 99.18 -26.41
N LEU G 3515 49.99 98.09 -26.91
CA LEU G 3515 48.54 97.96 -26.91
C LEU G 3515 47.99 97.95 -25.49
N LYS G 3516 48.65 97.23 -24.59
CA LYS G 3516 48.22 97.17 -23.21
C LYS G 3516 48.39 98.49 -22.49
N LYS G 3517 49.34 99.31 -22.91
CA LYS G 3517 49.50 100.65 -22.33
C LYS G 3517 48.53 101.67 -22.91
N MET G 3518 48.07 101.47 -24.14
CA MET G 3518 47.08 102.37 -24.74
C MET G 3518 45.65 101.93 -24.48
N LEU G 3519 45.43 100.70 -24.00
CA LEU G 3519 44.10 100.14 -23.85
C LEU G 3519 43.19 101.03 -22.99
N PRO G 3520 43.67 101.57 -21.87
CA PRO G 3520 42.81 102.44 -21.06
C PRO G 3520 42.16 103.54 -21.86
N ILE G 3521 42.89 104.12 -22.81
CA ILE G 3521 42.29 105.18 -23.63
C ILE G 3521 41.12 104.63 -24.43
N GLY G 3522 41.17 103.35 -24.77
CA GLY G 3522 40.09 102.74 -25.52
C GLY G 3522 38.91 102.40 -24.64
N LEU G 3523 39.17 101.76 -23.51
CA LEU G 3523 38.09 101.48 -22.57
C LEU G 3523 37.41 102.75 -22.11
N ASN G 3524 38.13 103.88 -22.10
CA ASN G 3524 37.53 105.15 -21.73
C ASN G 3524 36.49 105.59 -22.76
N MET G 3525 36.64 105.17 -24.01
CA MET G 3525 35.68 105.55 -25.03
C MET G 3525 34.30 104.99 -24.72
N CYS G 3526 34.23 103.73 -24.28
CA CYS G 3526 32.97 103.06 -24.08
C CYS G 3526 32.36 103.44 -22.74
N ALA G 3527 31.09 103.85 -22.76
CA ALA G 3527 30.38 104.08 -21.52
C ALA G 3527 30.12 102.74 -20.82
N PRO G 3528 29.98 102.75 -19.49
CA PRO G 3528 29.74 101.49 -18.78
C PRO G 3528 28.49 100.76 -19.24
N THR G 3529 27.48 101.49 -19.70
CA THR G 3529 26.26 100.85 -20.19
C THR G 3529 26.56 99.91 -21.34
N ASP G 3530 27.67 100.13 -22.04
CA ASP G 3530 28.00 99.32 -23.21
C ASP G 3530 28.81 98.08 -22.87
N GLN G 3531 29.04 97.80 -21.59
CA GLN G 3531 29.83 96.65 -21.20
C GLN G 3531 29.15 95.36 -21.65
N ASP G 3532 27.82 95.33 -21.55
CA ASP G 3532 27.08 94.15 -22.00
C ASP G 3532 27.26 93.92 -23.49
N LEU G 3533 27.12 94.98 -24.28
CA LEU G 3533 27.35 94.85 -25.72
C LEU G 3533 28.80 94.44 -25.99
N ILE G 3534 29.73 94.88 -25.15
CA ILE G 3534 31.12 94.48 -25.33
C ILE G 3534 31.27 92.98 -25.13
N VAL G 3535 30.63 92.43 -24.10
CA VAL G 3535 30.69 90.99 -23.89
C VAL G 3535 30.05 90.27 -25.07
N LEU G 3536 28.93 90.77 -25.56
CA LEU G 3536 28.25 90.14 -26.68
C LEU G 3536 29.12 90.15 -27.94
N ALA G 3537 29.76 91.28 -28.22
CA ALA G 3537 30.62 91.39 -29.38
C ALA G 3537 31.83 90.47 -29.26
N LYS G 3538 32.43 90.39 -28.08
CA LYS G 3538 33.51 89.44 -27.88
C LYS G 3538 33.00 88.03 -28.11
N ALA G 3539 31.77 87.74 -27.70
CA ALA G 3539 31.22 86.41 -27.89
C ALA G 3539 31.11 86.08 -29.38
N ARG G 3540 30.58 86.98 -30.21
CA ARG G 3540 30.59 86.61 -31.63
C ARG G 3540 32.01 86.53 -32.17
N TYR G 3541 32.80 87.59 -32.01
CA TYR G 3541 34.14 87.54 -32.57
C TYR G 3541 34.81 86.21 -32.23
N ALA G 3542 34.53 85.66 -31.04
CA ALA G 3542 34.92 84.30 -30.74
C ALA G 3542 34.22 83.31 -31.67
N LEU G 3543 32.96 83.58 -32.00
CA LEU G 3543 32.33 82.82 -33.10
C LEU G 3543 33.04 83.04 -34.48
N LYS G 3544 34.05 83.91 -34.57
CA LYS G 3544 34.81 84.16 -35.80
C LYS G 3544 34.02 84.96 -36.84
N ASP G 3545 33.24 85.94 -36.40
CA ASP G 3545 32.59 86.80 -37.38
C ASP G 3545 33.49 87.97 -37.77
N THR G 3546 33.09 88.64 -38.86
CA THR G 3546 33.81 89.79 -39.38
C THR G 3546 33.33 91.08 -38.74
N ASP G 3547 34.06 92.16 -39.01
CA ASP G 3547 33.76 93.45 -38.41
C ASP G 3547 32.38 93.95 -38.84
N GLU G 3548 32.05 93.80 -40.11
CA GLU G 3548 30.73 94.24 -40.56
C GLU G 3548 29.64 93.44 -39.88
N GLU G 3549 29.85 92.13 -39.71
CA GLU G 3549 28.90 91.30 -38.98
C GLU G 3549 28.69 91.82 -37.57
N VAL G 3550 29.77 91.93 -36.79
CA VAL G 3550 29.65 92.33 -35.40
C VAL G 3550 28.96 93.68 -35.31
N ARG G 3551 29.32 94.58 -36.22
CA ARG G 3551 28.66 95.88 -36.25
C ARG G 3551 27.17 95.73 -36.50
N GLU G 3552 26.78 94.84 -37.40
CA GLU G 3552 25.36 94.64 -37.66
C GLU G 3552 24.61 94.10 -36.44
N PHE G 3553 25.19 93.11 -35.75
CA PHE G 3553 24.49 92.53 -34.59
C PHE G 3553 24.35 93.59 -33.52
N LEU G 3554 25.40 94.37 -33.29
CA LEU G 3554 25.27 95.47 -32.34
C LEU G 3554 24.20 96.46 -32.78
N GLN G 3555 24.16 96.80 -34.06
CA GLN G 3555 23.16 97.72 -34.55
C GLN G 3555 21.76 97.20 -34.28
N ASN G 3556 21.53 95.92 -34.55
CA ASN G 3556 20.20 95.37 -34.37
C ASN G 3556 19.84 95.27 -32.90
N ASN G 3557 20.56 94.43 -32.15
CA ASN G 3557 20.23 94.28 -30.74
C ASN G 3557 21.04 95.26 -29.90
N LEU G 3558 20.97 96.54 -30.28
CA LEU G 3558 21.43 97.63 -29.43
C LEU G 3558 20.53 97.86 -28.23
N ASN G 3559 19.50 97.04 -28.05
CA ASN G 3559 18.61 97.11 -26.90
C ASN G 3559 19.03 96.21 -25.75
N LEU G 3560 20.11 95.45 -25.92
CA LEU G 3560 20.66 94.62 -24.85
C LEU G 3560 21.67 95.39 -24.01
N GLN G 3561 21.64 96.71 -24.05
CA GLN G 3561 22.56 97.53 -23.27
C GLN G 3561 22.31 97.31 -21.78
N GLY G 3562 23.39 97.42 -21.00
CA GLY G 3562 23.24 97.34 -19.56
C GLY G 3562 22.38 98.48 -19.04
N LYS G 3563 21.49 98.15 -18.11
CA LYS G 3563 20.59 99.11 -17.51
C LYS G 3563 21.18 99.62 -16.19
N VAL G 3564 20.86 100.87 -15.86
CA VAL G 3564 21.46 101.52 -14.69
C VAL G 3564 20.80 100.99 -13.43
N GLU G 3565 19.47 100.99 -13.40
CA GLU G 3565 18.73 100.57 -12.22
C GLU G 3565 19.05 99.12 -11.86
N GLY G 3566 19.53 98.35 -12.83
CA GLY G 3566 19.76 96.93 -12.59
C GLY G 3566 20.73 96.66 -11.46
N SER G 3567 21.87 97.35 -11.47
CA SER G 3567 22.89 97.14 -10.44
C SER G 3567 23.47 98.48 -10.01
N PRO G 3568 23.75 98.68 -8.72
CA PRO G 3568 24.30 99.97 -8.29
C PRO G 3568 25.66 100.29 -8.88
N SER G 3569 26.49 99.27 -9.15
CA SER G 3569 27.83 99.54 -9.68
C SER G 3569 27.78 100.46 -10.88
N LEU G 3570 26.91 100.15 -11.84
CA LEU G 3570 26.76 101.01 -13.00
C LEU G 3570 26.33 102.42 -12.58
N ARG G 3571 25.70 102.56 -11.43
CA ARG G 3571 25.26 103.88 -10.99
C ARG G 3571 26.46 104.80 -10.77
N TRP G 3572 27.43 104.35 -9.96
CA TRP G 3572 28.58 105.21 -9.71
C TRP G 3572 29.50 105.27 -10.92
N GLN G 3573 29.56 104.19 -11.70
CA GLN G 3573 30.32 104.25 -12.95
C GLN G 3573 29.77 105.33 -13.87
N MET G 3574 28.45 105.37 -14.04
CA MET G 3574 27.83 106.40 -14.88
C MET G 3574 27.99 107.77 -14.27
N ALA G 3575 27.97 107.86 -12.93
CA ALA G 3575 28.22 109.13 -12.28
C ALA G 3575 29.58 109.69 -12.71
N LEU G 3576 30.61 108.87 -12.60
CA LEU G 3576 31.95 109.30 -13.02
C LEU G 3576 31.96 109.66 -14.50
N TYR G 3577 31.36 108.79 -15.32
CA TYR G 3577 31.40 108.99 -16.76
C TYR G 3577 30.77 110.32 -17.15
N ARG G 3578 29.56 110.59 -16.64
CA ARG G 3578 28.89 111.84 -16.95
C ARG G 3578 29.61 113.02 -16.33
N GLY G 3579 30.26 112.83 -15.19
CA GLY G 3579 31.05 113.91 -14.61
C GLY G 3579 32.18 114.32 -15.54
N VAL G 3580 32.80 113.36 -16.20
CA VAL G 3580 33.86 113.68 -17.17
C VAL G 3580 33.24 114.49 -18.29
N PRO G 3581 33.72 115.70 -18.58
CA PRO G 3581 33.11 116.51 -19.65
C PRO G 3581 33.25 115.86 -21.01
N GLY G 3582 32.26 116.11 -21.87
CA GLY G 3582 32.29 115.60 -23.24
C GLY G 3582 31.71 114.19 -23.34
N ARG G 3583 32.10 113.33 -22.39
CA ARG G 3583 31.59 111.97 -22.38
C ARG G 3583 30.07 111.96 -22.24
N GLU G 3584 29.53 112.88 -21.43
CA GLU G 3584 28.08 113.00 -21.31
C GLU G 3584 27.43 113.43 -22.60
N GLU G 3585 28.09 114.31 -23.37
CA GLU G 3585 27.55 114.74 -24.66
C GLU G 3585 27.59 113.64 -25.71
N ASP G 3586 28.62 112.80 -25.68
CA ASP G 3586 28.72 111.70 -26.62
C ASP G 3586 27.79 110.57 -26.19
N ALA G 3587 27.92 109.41 -26.83
CA ALA G 3587 27.08 108.25 -26.52
C ALA G 3587 25.60 108.57 -26.76
N ASP G 3588 25.32 109.35 -27.80
CA ASP G 3588 23.96 109.75 -28.14
C ASP G 3588 23.54 109.32 -29.54
N ASP G 3589 24.45 108.72 -30.31
CA ASP G 3589 24.20 108.33 -31.69
C ASP G 3589 24.53 106.85 -31.83
N PRO G 3590 23.57 106.00 -32.23
CA PRO G 3590 23.82 104.55 -32.15
C PRO G 3590 24.99 104.09 -33.01
N GLU G 3591 25.32 104.84 -34.06
CA GLU G 3591 26.49 104.50 -34.87
C GLU G 3591 27.75 104.57 -34.02
N LYS G 3592 27.85 105.59 -33.17
CA LYS G 3592 29.00 105.69 -32.27
C LYS G 3592 29.15 104.42 -31.45
N ILE G 3593 28.05 103.93 -30.88
CA ILE G 3593 28.12 102.75 -30.03
C ILE G 3593 28.51 101.53 -30.85
N VAL G 3594 27.85 101.31 -31.98
CA VAL G 3594 28.14 100.10 -32.76
C VAL G 3594 29.58 100.12 -33.25
N ARG G 3595 30.16 101.30 -33.42
CA ARG G 3595 31.56 101.40 -33.82
C ARG G 3595 32.50 101.11 -32.65
N ARG G 3596 32.34 101.87 -31.56
CA ARG G 3596 33.29 101.79 -30.45
C ARG G 3596 33.26 100.41 -29.80
N VAL G 3597 32.06 99.87 -29.60
CA VAL G 3597 31.95 98.55 -28.99
C VAL G 3597 32.65 97.52 -29.85
N GLN G 3598 32.43 97.58 -31.16
CA GLN G 3598 33.08 96.63 -32.06
C GLN G 3598 34.58 96.71 -31.94
N GLU G 3599 35.14 97.93 -32.02
CA GLU G 3599 36.59 98.09 -31.97
C GLU G 3599 37.17 97.57 -30.67
N VAL G 3600 36.62 98.05 -29.55
CA VAL G 3600 37.17 97.70 -28.24
C VAL G 3600 37.01 96.21 -27.98
N SER G 3601 35.87 95.65 -28.38
CA SER G 3601 35.64 94.23 -28.18
C SER G 3601 36.63 93.39 -28.98
N ALA G 3602 36.90 93.79 -30.22
CA ALA G 3602 37.91 93.08 -31.00
C ALA G 3602 39.25 93.09 -30.30
N VAL G 3603 39.66 94.27 -29.82
CA VAL G 3603 40.96 94.37 -29.17
C VAL G 3603 41.01 93.50 -27.92
N LEU G 3604 39.95 93.55 -27.10
CA LEU G 3604 39.93 92.75 -25.88
C LEU G 3604 39.93 91.25 -26.20
N TYR G 3605 39.19 90.85 -27.22
CA TYR G 3605 39.17 89.45 -27.64
C TYR G 3605 40.59 88.99 -27.91
N HIS G 3606 41.30 89.72 -28.78
CA HIS G 3606 42.62 89.26 -29.19
C HIS G 3606 43.60 89.34 -28.03
N LEU G 3607 43.44 90.32 -27.15
CA LEU G 3607 44.24 90.35 -25.94
C LEU G 3607 44.01 89.10 -25.11
N ASP G 3608 42.75 88.68 -25.01
CA ASP G 3608 42.40 87.48 -24.24
C ASP G 3608 43.09 86.25 -24.82
N GLN G 3609 43.01 86.08 -26.13
CA GLN G 3609 43.68 84.94 -26.76
C GLN G 3609 45.19 85.01 -26.56
N THR G 3610 45.78 86.19 -26.74
CA THR G 3610 47.22 86.31 -26.63
C THR G 3610 47.70 85.95 -25.22
N GLU G 3611 47.00 86.44 -24.20
CA GLU G 3611 47.39 86.09 -22.83
C GLU G 3611 47.09 84.62 -22.53
N HIS G 3612 46.01 84.08 -23.07
CA HIS G 3612 45.67 82.69 -22.81
C HIS G 3612 46.67 81.78 -23.50
N PRO G 3613 46.96 80.59 -22.94
CA PRO G 3613 47.87 79.62 -23.56
C PRO G 3613 47.65 79.46 -25.06
N ALA G 3635 71.46 55.57 -30.51
CA ALA G 3635 70.89 56.81 -31.03
C ALA G 3635 71.54 57.20 -32.35
N CYS G 3636 71.52 58.49 -32.66
CA CYS G 3636 71.94 58.93 -33.99
C CYS G 3636 73.44 59.12 -34.08
N PHE G 3637 74.03 59.88 -33.14
CA PHE G 3637 75.42 60.31 -33.29
C PHE G 3637 76.36 59.11 -33.36
N ARG G 3638 76.04 58.01 -32.68
CA ARG G 3638 76.93 56.85 -32.71
C ARG G 3638 77.11 56.36 -34.13
N MET G 3639 76.02 56.24 -34.89
CA MET G 3639 76.10 55.94 -36.31
C MET G 3639 76.94 54.70 -36.56
N THR G 3640 76.45 53.54 -36.11
CA THR G 3640 77.18 52.28 -36.27
C THR G 3640 76.98 51.70 -37.66
N PRO G 3641 77.94 51.86 -38.58
CA PRO G 3641 77.71 51.39 -39.95
C PRO G 3641 78.18 49.95 -40.16
N LEU G 3642 77.48 49.20 -40.99
CA LEU G 3642 77.90 47.83 -41.28
C LEU G 3642 79.25 47.80 -41.96
N TYR G 3643 79.57 48.82 -42.77
CA TYR G 3643 80.81 48.77 -43.55
C TYR G 3643 82.05 48.89 -42.69
N ASN G 3644 81.91 49.19 -41.39
CA ASN G 3644 83.05 49.23 -40.49
C ASN G 3644 83.33 47.91 -39.79
N LEU G 3645 82.41 46.94 -39.87
CA LEU G 3645 82.60 45.69 -39.18
C LEU G 3645 83.74 44.91 -39.82
N PRO G 3646 84.46 44.10 -39.05
CA PRO G 3646 85.45 43.20 -39.65
C PRO G 3646 84.76 42.18 -40.55
N THR G 3647 85.51 41.71 -41.55
CA THR G 3647 84.93 40.87 -42.59
C THR G 3647 84.27 39.62 -42.01
N HIS G 3648 84.89 39.01 -41.00
CA HIS G 3648 84.34 37.76 -40.47
C HIS G 3648 83.08 37.98 -39.64
N ARG G 3649 83.02 39.07 -38.88
CA ARG G 3649 81.77 39.38 -38.18
C ARG G 3649 80.64 39.62 -39.18
N ALA G 3650 80.93 40.36 -40.24
CA ALA G 3650 79.93 40.59 -41.28
C ALA G 3650 79.52 39.28 -41.94
N CYS G 3651 80.48 38.38 -42.14
CA CYS G 3651 80.17 37.09 -42.75
C CYS G 3651 79.23 36.29 -41.88
N ASN G 3652 79.48 36.25 -40.58
CA ASN G 3652 78.60 35.51 -39.68
C ASN G 3652 77.21 36.13 -39.65
N MET G 3653 77.14 37.46 -39.59
CA MET G 3653 75.83 38.11 -39.64
C MET G 3653 75.11 37.79 -40.94
N PHE G 3654 75.83 37.82 -42.06
CA PHE G 3654 75.22 37.49 -43.34
C PHE G 3654 74.71 36.06 -43.36
N LEU G 3655 75.49 35.12 -42.83
CA LEU G 3655 75.03 33.74 -42.81
C LEU G 3655 73.75 33.60 -42.02
N GLU G 3656 73.70 34.22 -40.84
CA GLU G 3656 72.49 34.16 -40.04
C GLU G 3656 71.30 34.75 -40.79
N SER G 3657 71.47 35.95 -41.36
CA SER G 3657 70.36 36.62 -42.03
C SER G 3657 69.92 35.85 -43.27
N TYR G 3658 70.87 35.34 -44.04
CA TYR G 3658 70.55 34.58 -45.24
C TYR G 3658 69.80 33.31 -44.90
N LYS G 3659 70.25 32.58 -43.88
CA LYS G 3659 69.53 31.38 -43.48
C LYS G 3659 68.11 31.74 -43.03
N ALA G 3660 67.97 32.83 -42.28
CA ALA G 3660 66.66 33.21 -41.77
C ALA G 3660 65.69 33.64 -42.86
N SER G 3661 66.15 34.40 -43.85
CA SER G 3661 65.24 35.02 -44.80
C SER G 3661 65.12 34.29 -46.12
N TRP G 3662 66.19 33.67 -46.61
CA TRP G 3662 66.17 33.01 -47.91
C TRP G 3662 66.02 31.51 -47.82
N ILE G 3663 66.90 30.84 -47.07
CA ILE G 3663 66.84 29.38 -47.00
C ILE G 3663 65.57 28.94 -46.27
N LEU G 3664 65.30 29.53 -45.11
CA LEU G 3664 64.17 29.08 -44.31
C LEU G 3664 62.85 29.34 -45.02
N THR G 3665 62.72 30.47 -45.70
CA THR G 3665 61.46 30.79 -46.38
C THR G 3665 61.19 29.89 -47.57
N GLU G 3666 62.22 29.26 -48.13
CA GLU G 3666 62.03 28.41 -49.30
C GLU G 3666 61.05 27.29 -48.98
N ASP G 3667 60.14 27.02 -49.92
CA ASP G 3667 59.12 26.02 -49.75
C ASP G 3667 59.39 24.86 -50.69
N HIS G 3668 59.68 23.69 -50.13
CA HIS G 3668 59.91 22.48 -50.91
C HIS G 3668 58.97 21.40 -50.38
N SER G 3669 58.16 20.82 -51.27
CA SER G 3669 57.17 19.82 -50.91
C SER G 3669 57.66 18.48 -51.43
N PHE G 3670 58.38 17.76 -50.58
CA PHE G 3670 58.87 16.44 -50.92
C PHE G 3670 58.13 15.32 -50.21
N GLU G 3671 57.23 15.64 -49.27
CA GLU G 3671 56.63 14.61 -48.44
C GLU G 3671 55.76 13.66 -49.25
N ASP G 3672 54.94 14.21 -50.14
CA ASP G 3672 54.10 13.35 -50.97
C ASP G 3672 54.93 12.45 -51.86
N ARG G 3673 55.97 13.00 -52.49
CA ARG G 3673 56.83 12.20 -53.35
C ARG G 3673 57.51 11.10 -52.54
N MET G 3674 57.98 11.43 -51.34
CA MET G 3674 58.66 10.45 -50.51
C MET G 3674 57.72 9.31 -50.13
N ILE G 3675 56.52 9.64 -49.66
CA ILE G 3675 55.58 8.59 -49.26
C ILE G 3675 55.18 7.75 -50.46
N ASP G 3676 54.97 8.40 -51.61
CA ASP G 3676 54.59 7.66 -52.81
C ASP G 3676 55.69 6.71 -53.24
N ASP G 3677 56.95 7.15 -53.17
CA ASP G 3677 58.06 6.28 -53.53
C ASP G 3677 58.21 5.13 -52.54
N LEU G 3678 58.03 5.40 -51.25
CA LEU G 3678 58.22 4.37 -50.24
C LEU G 3678 57.09 3.36 -50.21
N SER G 3679 55.89 3.72 -50.64
CA SER G 3679 54.75 2.83 -50.57
C SER G 3679 54.68 1.84 -51.71
N LYS G 3680 55.66 1.83 -52.60
CA LYS G 3680 55.64 0.96 -53.77
C LYS G 3680 56.49 -0.28 -53.51
N ALA G 3681 55.88 -1.46 -53.66
CA ALA G 3681 56.65 -2.69 -53.75
C ALA G 3681 57.30 -2.77 -55.12
N GLY G 3682 58.40 -3.50 -55.20
CA GLY G 3682 59.18 -3.57 -56.42
C GLY G 3682 59.36 -4.99 -56.92
N GLU G 3683 59.02 -5.19 -58.19
CA GLU G 3683 59.24 -6.47 -58.85
C GLU G 3683 58.66 -7.62 -58.04
N GLN G 3684 57.46 -7.41 -57.49
CA GLN G 3684 56.82 -8.46 -56.69
C GLN G 3684 56.54 -9.69 -57.55
N GLU G 3685 56.01 -9.49 -58.76
CA GLU G 3685 55.73 -10.63 -59.63
C GLU G 3685 57.02 -11.34 -60.04
N GLU G 3686 58.06 -10.58 -60.35
CA GLU G 3686 59.33 -11.19 -60.72
C GLU G 3686 59.88 -12.02 -59.57
N GLU G 3687 59.82 -11.49 -58.35
CA GLU G 3687 60.20 -12.26 -57.17
C GLU G 3687 59.24 -13.42 -56.90
N GLU G 3688 58.06 -13.40 -57.51
CA GLU G 3688 57.05 -14.45 -57.31
C GLU G 3688 56.68 -14.55 -55.84
N GLU G 3689 56.11 -13.48 -55.31
CA GLU G 3689 55.70 -13.42 -53.93
C GLU G 3689 54.38 -14.16 -53.75
N GLU G 3690 54.34 -15.42 -54.16
CA GLU G 3690 53.14 -16.24 -54.01
C GLU G 3690 52.85 -16.58 -52.56
N VAL G 3691 53.80 -16.31 -51.65
CA VAL G 3691 53.54 -16.50 -50.23
C VAL G 3691 52.31 -15.70 -49.84
N GLU G 3692 51.43 -16.31 -49.04
CA GLU G 3692 50.20 -15.64 -48.65
C GLU G 3692 50.50 -14.35 -47.88
N GLU G 3693 51.51 -14.39 -47.01
CA GLU G 3693 51.93 -13.21 -46.25
C GLU G 3693 53.01 -12.49 -47.04
N LYS G 3694 52.63 -11.45 -47.76
CA LYS G 3694 53.60 -10.65 -48.49
C LYS G 3694 54.52 -9.93 -47.52
N LYS G 3695 55.77 -9.73 -47.93
CA LYS G 3695 56.70 -9.00 -47.08
C LYS G 3695 56.31 -7.53 -47.04
N PRO G 3696 56.51 -6.85 -45.91
CA PRO G 3696 56.21 -5.42 -45.86
C PRO G 3696 57.05 -4.63 -46.85
N ASP G 3697 56.45 -3.58 -47.39
CA ASP G 3697 57.14 -2.65 -48.28
C ASP G 3697 57.89 -1.62 -47.46
N PRO G 3698 58.73 -0.79 -48.09
CA PRO G 3698 59.60 0.10 -47.30
C PRO G 3698 58.87 0.99 -46.29
N LEU G 3699 57.74 1.56 -46.67
CA LEU G 3699 57.00 2.40 -45.72
C LEU G 3699 56.49 1.58 -44.55
N HIS G 3700 55.98 0.38 -44.84
CA HIS G 3700 55.55 -0.52 -43.77
C HIS G 3700 56.70 -0.85 -42.83
N GLN G 3701 57.89 -1.08 -43.39
CA GLN G 3701 59.04 -1.40 -42.56
C GLN G 3701 59.45 -0.22 -41.69
N LEU G 3702 59.37 1.00 -42.24
CA LEU G 3702 59.67 2.18 -41.43
C LEU G 3702 58.70 2.29 -40.26
N VAL G 3703 57.40 2.14 -40.53
CA VAL G 3703 56.42 2.22 -39.46
C VAL G 3703 56.66 1.13 -38.43
N LEU G 3704 57.00 -0.07 -38.89
CA LEU G 3704 57.29 -1.17 -37.96
C LEU G 3704 58.51 -0.89 -37.11
N HIS G 3705 59.55 -0.27 -37.69
CA HIS G 3705 60.72 0.07 -36.91
C HIS G 3705 60.39 1.05 -35.81
N PHE G 3706 59.59 2.07 -36.13
CA PHE G 3706 59.23 3.03 -35.09
C PHE G 3706 58.31 2.39 -34.05
N SER G 3707 57.45 1.46 -34.46
CA SER G 3707 56.64 0.73 -33.49
C SER G 3707 57.51 -0.07 -32.53
N ARG G 3708 58.54 -0.73 -33.06
CA ARG G 3708 59.44 -1.48 -32.21
C ARG G 3708 60.17 -0.56 -31.23
N THR G 3709 60.62 0.59 -31.72
CA THR G 3709 61.26 1.55 -30.82
C THR G 3709 60.30 1.97 -29.71
N ALA G 3710 59.04 2.21 -30.05
CA ALA G 3710 58.05 2.59 -29.05
C ALA G 3710 57.79 1.46 -28.05
N LEU G 3711 57.77 0.22 -28.50
CA LEU G 3711 57.46 -0.91 -27.64
C LEU G 3711 58.63 -1.37 -26.80
N THR G 3712 59.86 -0.96 -27.13
CA THR G 3712 60.99 -1.33 -26.30
C THR G 3712 60.79 -0.84 -24.87
N GLU G 3713 61.12 -1.70 -23.92
CA GLU G 3713 60.92 -1.39 -22.50
C GLU G 3713 62.04 -0.47 -22.03
N LYS G 3714 61.69 0.78 -21.75
CA LYS G 3714 62.64 1.80 -21.33
C LYS G 3714 62.03 2.63 -20.22
N SER G 3715 62.89 3.34 -19.48
CA SER G 3715 62.40 4.22 -18.43
C SER G 3715 61.75 5.46 -19.03
N LYS G 3716 62.34 6.03 -20.07
CA LYS G 3716 61.79 7.22 -20.72
C LYS G 3716 61.99 7.11 -22.22
N LEU G 3717 61.21 7.88 -22.95
CA LEU G 3717 61.32 7.93 -24.41
C LEU G 3717 62.33 8.99 -24.80
N ASP G 3718 63.44 8.56 -25.40
CA ASP G 3718 64.48 9.49 -25.83
C ASP G 3718 64.03 10.26 -27.06
N GLU G 3719 64.37 11.55 -27.09
CA GLU G 3719 64.08 12.36 -28.27
C GLU G 3719 64.79 11.78 -29.48
N ASP G 3720 64.08 11.65 -30.58
CA ASP G 3720 64.58 11.00 -31.79
C ASP G 3720 64.27 11.88 -32.99
N TYR G 3721 65.29 12.59 -33.48
CA TYR G 3721 65.10 13.47 -34.62
C TYR G 3721 64.57 12.71 -35.83
N LEU G 3722 65.02 11.46 -36.03
CA LEU G 3722 64.55 10.69 -37.16
C LEU G 3722 63.06 10.42 -37.07
N TYR G 3723 62.59 9.99 -35.90
CA TYR G 3723 61.17 9.75 -35.73
C TYR G 3723 60.39 11.03 -35.93
N MET G 3724 60.87 12.14 -35.37
CA MET G 3724 60.13 13.39 -35.53
C MET G 3724 60.04 13.80 -36.99
N ALA G 3725 61.15 13.69 -37.73
CA ALA G 3725 61.13 14.07 -39.14
C ALA G 3725 60.17 13.18 -39.93
N TYR G 3726 60.21 11.88 -39.71
CA TYR G 3726 59.36 11.00 -40.50
C TYR G 3726 57.90 11.11 -40.08
N ALA G 3727 57.63 11.40 -38.81
CA ALA G 3727 56.26 11.67 -38.40
C ALA G 3727 55.73 12.93 -39.06
N ASP G 3728 56.56 13.98 -39.16
CA ASP G 3728 56.13 15.17 -39.89
C ASP G 3728 55.87 14.85 -41.35
N ILE G 3729 56.72 14.04 -41.97
CA ILE G 3729 56.51 13.68 -43.38
C ILE G 3729 55.19 12.95 -43.54
N MET G 3730 54.94 11.96 -42.68
CA MET G 3730 53.71 11.20 -42.77
C MET G 3730 52.49 12.09 -42.55
N ALA G 3731 52.57 13.00 -41.58
CA ALA G 3731 51.45 13.89 -41.33
C ALA G 3731 51.19 14.80 -42.52
N LYS G 3732 52.25 15.35 -43.12
CA LYS G 3732 52.06 16.22 -44.27
C LYS G 3732 51.51 15.47 -45.47
N SER G 3733 51.78 14.16 -45.56
CA SER G 3733 51.30 13.40 -46.71
C SER G 3733 49.77 13.41 -46.78
N CYS G 3734 49.09 13.59 -45.65
CA CYS G 3734 47.63 13.69 -45.62
C CYS G 3734 47.26 15.17 -45.57
N HIS G 3735 46.89 15.71 -46.74
CA HIS G 3735 46.85 17.16 -46.90
C HIS G 3735 45.78 17.81 -46.03
N LEU G 3736 44.55 17.31 -46.10
CA LEU G 3736 43.40 18.01 -45.51
C LEU G 3736 43.25 19.39 -46.15
N GLU G 3737 43.00 19.37 -47.45
CA GLU G 3737 42.80 20.59 -48.22
C GLU G 3737 41.47 21.24 -47.83
N VAL G 3752 34.39 30.61 -51.90
CA VAL G 3752 33.98 29.96 -53.14
C VAL G 3752 32.95 28.89 -52.86
N GLU G 3753 32.34 28.36 -53.92
CA GLU G 3753 31.35 27.29 -53.82
C GLU G 3753 31.96 26.02 -54.39
N VAL G 3754 31.94 24.96 -53.59
CA VAL G 3754 32.48 23.66 -53.98
C VAL G 3754 31.31 22.74 -54.28
N SER G 3755 31.30 22.16 -55.48
CA SER G 3755 30.24 21.25 -55.85
C SER G 3755 30.25 20.02 -54.96
N PHE G 3756 29.08 19.40 -54.81
CA PHE G 3756 28.98 18.17 -54.03
C PHE G 3756 29.96 17.13 -54.54
N GLU G 3757 30.10 17.03 -55.86
CA GLU G 3757 31.04 16.08 -56.44
C GLU G 3757 32.47 16.39 -56.01
N GLU G 3758 32.84 17.67 -56.04
CA GLU G 3758 34.20 18.04 -55.66
C GLU G 3758 34.45 17.76 -54.19
N LYS G 3759 33.47 18.05 -53.33
CA LYS G 3759 33.62 17.76 -51.91
C LYS G 3759 33.81 16.28 -51.68
N GLU G 3760 33.01 15.44 -52.35
CA GLU G 3760 33.17 14.00 -52.20
C GLU G 3760 34.51 13.53 -52.72
N MET G 3761 34.98 14.11 -53.82
CA MET G 3761 36.29 13.72 -54.36
C MET G 3761 37.40 14.08 -53.38
N GLU G 3762 37.32 15.25 -52.74
CA GLU G 3762 38.31 15.59 -51.73
C GLU G 3762 38.26 14.63 -50.56
N LYS G 3763 37.06 14.26 -50.12
CA LYS G 3763 36.94 13.31 -49.02
C LYS G 3763 37.58 11.98 -49.39
N GLN G 3764 37.34 11.51 -50.61
CA GLN G 3764 37.91 10.23 -51.03
C GLN G 3764 39.43 10.31 -51.15
N ARG G 3765 39.95 11.44 -51.66
CA ARG G 3765 41.39 11.60 -51.73
C ARG G 3765 42.02 11.56 -50.35
N LEU G 3766 41.43 12.26 -49.40
CA LEU G 3766 41.96 12.23 -48.04
C LEU G 3766 41.88 10.82 -47.46
N LEU G 3767 40.78 10.11 -47.73
CA LEU G 3767 40.66 8.75 -47.22
C LEU G 3767 41.76 7.86 -47.79
N TYR G 3768 42.06 8.00 -49.08
CA TYR G 3768 43.13 7.20 -49.66
C TYR G 3768 44.49 7.56 -49.05
N GLN G 3769 44.76 8.85 -48.89
CA GLN G 3769 46.02 9.26 -48.30
C GLN G 3769 46.17 8.72 -46.88
N GLN G 3770 45.07 8.69 -46.12
CA GLN G 3770 45.13 8.18 -44.76
C GLN G 3770 45.23 6.66 -44.73
N SER G 3771 44.63 5.98 -45.72
CA SER G 3771 44.75 4.54 -45.80
C SER G 3771 46.18 4.13 -46.13
N ARG G 3772 46.88 4.93 -46.91
CA ARG G 3772 48.29 4.62 -47.18
C ARG G 3772 49.05 4.39 -45.89
N LEU G 3773 48.76 5.15 -44.85
CA LEU G 3773 49.45 5.02 -43.57
C LEU G 3773 48.80 4.01 -42.65
N HIS G 3774 47.48 4.06 -42.47
CA HIS G 3774 46.87 3.18 -41.47
C HIS G 3774 46.78 1.74 -41.94
N ASN G 3775 46.95 1.48 -43.24
CA ASN G 3775 47.10 0.10 -43.70
C ASN G 3775 48.47 -0.47 -43.36
N ARG G 3776 49.39 0.35 -42.86
CA ARG G 3776 50.75 -0.08 -42.57
C ARG G 3776 51.12 0.14 -41.11
N GLY G 3777 50.14 0.18 -40.21
CA GLY G 3777 50.39 0.20 -38.79
C GLY G 3777 50.53 1.57 -38.15
N ALA G 3778 50.23 2.64 -38.87
CA ALA G 3778 50.46 3.97 -38.33
C ALA G 3778 49.59 4.26 -37.11
N ALA G 3779 48.35 3.79 -37.09
CA ALA G 3779 47.48 4.03 -35.94
C ALA G 3779 48.03 3.40 -34.67
N GLU G 3780 48.40 2.12 -34.75
CA GLU G 3780 48.98 1.46 -33.61
C GLU G 3780 50.29 2.11 -33.20
N MET G 3781 51.08 2.57 -34.18
CA MET G 3781 52.31 3.28 -33.86
C MET G 3781 52.02 4.54 -33.06
N VAL G 3782 51.00 5.29 -33.46
CA VAL G 3782 50.66 6.52 -32.75
C VAL G 3782 50.26 6.19 -31.32
N LEU G 3783 49.41 5.19 -31.14
CA LEU G 3783 49.01 4.82 -29.78
C LEU G 3783 50.21 4.40 -28.95
N GLN G 3784 51.10 3.60 -29.52
CA GLN G 3784 52.26 3.13 -28.79
C GLN G 3784 53.16 4.29 -28.39
N MET G 3785 53.36 5.26 -29.28
CA MET G 3785 54.22 6.39 -28.94
C MET G 3785 53.59 7.25 -27.85
N ILE G 3786 52.27 7.47 -27.92
CA ILE G 3786 51.61 8.22 -26.86
C ILE G 3786 51.79 7.50 -25.53
N SER G 3787 51.61 6.19 -25.53
CA SER G 3787 51.80 5.42 -24.30
C SER G 3787 53.25 5.52 -23.80
N ALA G 3788 54.20 5.46 -24.72
CA ALA G 3788 55.61 5.45 -24.33
C ALA G 3788 56.07 6.78 -23.77
N CYS G 3789 55.48 7.89 -24.23
CA CYS G 3789 55.89 9.18 -23.70
C CYS G 3789 55.69 9.27 -22.19
N LYS G 3790 54.80 8.45 -21.63
CA LYS G 3790 54.59 8.38 -20.18
C LYS G 3790 54.25 9.75 -19.59
N GLY G 3791 53.45 10.52 -20.30
CA GLY G 3791 52.95 11.76 -19.77
C GLY G 3791 53.91 12.93 -19.82
N GLU G 3792 55.06 12.78 -20.47
CA GLU G 3792 56.05 13.84 -20.57
C GLU G 3792 55.81 14.63 -21.86
N THR G 3793 55.61 15.94 -21.72
CA THR G 3793 55.43 16.79 -22.89
C THR G 3793 56.76 16.94 -23.62
N GLY G 3794 56.67 17.32 -24.89
CA GLY G 3794 57.85 17.55 -25.68
C GLY G 3794 57.59 17.33 -27.16
N ALA G 3795 58.66 17.44 -27.93
CA ALA G 3795 58.57 17.35 -29.37
C ALA G 3795 58.10 15.99 -29.84
N MET G 3796 58.52 14.92 -29.16
CA MET G 3796 58.10 13.58 -29.57
C MET G 3796 56.58 13.43 -29.48
N VAL G 3797 55.99 13.80 -28.34
CA VAL G 3797 54.56 13.66 -28.21
C VAL G 3797 53.83 14.66 -29.09
N SER G 3798 54.39 15.86 -29.31
CA SER G 3798 53.75 16.79 -30.23
C SER G 3798 53.67 16.21 -31.64
N SER G 3799 54.77 15.63 -32.13
CA SER G 3799 54.74 15.01 -33.44
C SER G 3799 53.80 13.82 -33.49
N THR G 3800 53.76 13.02 -32.43
CA THR G 3800 52.84 11.89 -32.40
C THR G 3800 51.40 12.36 -32.48
N LEU G 3801 51.04 13.40 -31.73
CA LEU G 3801 49.68 13.90 -31.76
C LEU G 3801 49.34 14.49 -33.12
N LYS G 3802 50.28 15.20 -33.74
CA LYS G 3802 50.02 15.74 -35.07
C LYS G 3802 49.80 14.63 -36.09
N LEU G 3803 50.60 13.56 -36.01
CA LEU G 3803 50.40 12.43 -36.90
C LEU G 3803 49.05 11.77 -36.67
N GLY G 3804 48.66 11.58 -35.41
CA GLY G 3804 47.36 11.00 -35.12
C GLY G 3804 46.23 11.85 -35.67
N ILE G 3805 46.31 13.16 -35.50
CA ILE G 3805 45.30 14.04 -36.05
C ILE G 3805 45.27 13.93 -37.57
N SER G 3806 46.44 13.85 -38.20
CA SER G 3806 46.49 13.78 -39.64
C SER G 3806 45.79 12.53 -40.17
N ILE G 3807 45.99 11.39 -39.51
CA ILE G 3807 45.36 10.16 -39.98
C ILE G 3807 43.92 10.03 -39.50
N LEU G 3808 43.49 10.82 -38.53
CA LEU G 3808 42.11 10.77 -38.06
C LEU G 3808 41.22 11.85 -38.66
N ASN G 3809 41.79 12.83 -39.35
CA ASN G 3809 41.00 13.96 -39.84
C ASN G 3809 39.79 13.50 -40.63
N GLY G 3810 38.68 14.20 -40.45
CA GLY G 3810 37.44 13.83 -41.08
C GLY G 3810 36.67 12.74 -40.37
N GLY G 3811 37.15 12.27 -39.24
CA GLY G 3811 36.51 11.19 -38.52
C GLY G 3811 36.66 9.87 -39.22
N ASN G 3812 37.90 9.47 -39.50
CA ASN G 3812 38.16 8.22 -40.20
C ASN G 3812 37.69 7.04 -39.37
N ALA G 3813 36.58 6.44 -39.78
CA ALA G 3813 36.00 5.34 -39.01
C ALA G 3813 36.92 4.13 -38.97
N GLU G 3814 37.60 3.85 -40.08
CA GLU G 3814 38.50 2.70 -40.10
C GLU G 3814 39.65 2.88 -39.12
N VAL G 3815 40.23 4.08 -39.09
CA VAL G 3815 41.31 4.36 -38.14
C VAL G 3815 40.78 4.28 -36.71
N GLN G 3816 39.59 4.82 -36.46
CA GLN G 3816 39.02 4.74 -35.12
C GLN G 3816 38.86 3.28 -34.70
N GLN G 3817 38.34 2.45 -35.61
CA GLN G 3817 38.16 1.04 -35.29
C GLN G 3817 39.49 0.36 -35.00
N LYS G 3818 40.52 0.65 -35.80
CA LYS G 3818 41.81 0.04 -35.55
C LYS G 3818 42.37 0.45 -34.20
N MET G 3819 42.26 1.74 -33.87
CA MET G 3819 42.76 2.21 -32.58
C MET G 3819 42.02 1.55 -31.43
N LEU G 3820 40.69 1.49 -31.52
CA LEU G 3820 39.91 0.90 -30.44
C LEU G 3820 40.22 -0.57 -30.29
N ASP G 3821 40.34 -1.30 -31.39
CA ASP G 3821 40.68 -2.72 -31.30
C ASP G 3821 42.05 -2.91 -30.66
N TYR G 3822 43.03 -2.11 -31.06
CA TYR G 3822 44.35 -2.25 -30.47
C TYR G 3822 44.30 -1.99 -28.96
N LEU G 3823 43.63 -0.92 -28.55
CA LEU G 3823 43.57 -0.59 -27.14
C LEU G 3823 42.86 -1.69 -26.35
N LYS G 3824 41.71 -2.14 -26.81
CA LYS G 3824 40.94 -3.15 -26.10
C LYS G 3824 41.62 -4.50 -26.11
N ASP G 3825 42.49 -4.77 -27.08
CA ASP G 3825 43.21 -6.03 -27.12
C ASP G 3825 44.44 -6.01 -26.22
N LYS G 3826 45.15 -4.89 -26.18
CA LYS G 3826 46.33 -4.81 -25.32
C LYS G 3826 45.97 -4.66 -23.85
N LYS G 3827 44.92 -3.89 -23.54
CA LYS G 3827 44.47 -3.70 -22.17
C LYS G 3827 45.59 -3.14 -21.30
N GLU G 3828 46.16 -2.01 -21.73
CA GLU G 3828 47.24 -1.35 -21.00
C GLU G 3828 46.77 0.00 -20.49
N VAL G 3829 47.02 0.26 -19.20
CA VAL G 3829 46.57 1.48 -18.56
C VAL G 3829 47.51 2.63 -18.91
N GLY G 3830 48.65 2.29 -19.54
CA GLY G 3830 49.64 3.31 -19.83
C GLY G 3830 49.16 4.39 -20.78
N PHE G 3831 48.35 4.03 -21.77
CA PHE G 3831 47.91 5.00 -22.76
C PHE G 3831 47.10 6.11 -22.09
N PHE G 3832 46.07 5.75 -21.33
CA PHE G 3832 45.25 6.76 -20.69
C PHE G 3832 45.93 7.41 -19.50
N GLN G 3833 46.85 6.72 -18.84
CA GLN G 3833 47.65 7.40 -17.83
C GLN G 3833 48.48 8.50 -18.45
N SER G 3834 49.09 8.24 -19.61
CA SER G 3834 49.85 9.25 -20.31
C SER G 3834 48.96 10.39 -20.76
N ILE G 3835 47.77 10.08 -21.28
CA ILE G 3835 46.86 11.13 -21.71
C ILE G 3835 46.47 12.02 -20.53
N GLN G 3836 46.16 11.41 -19.39
CA GLN G 3836 45.79 12.19 -18.21
C GLN G 3836 46.93 13.07 -17.74
N ALA G 3837 48.15 12.54 -17.73
CA ALA G 3837 49.29 13.34 -17.31
C ALA G 3837 49.51 14.53 -18.25
N LEU G 3838 49.39 14.31 -19.56
CA LEU G 3838 49.54 15.42 -20.50
C LEU G 3838 48.46 16.46 -20.27
N MET G 3839 47.22 16.02 -20.05
CA MET G 3839 46.14 16.96 -19.82
C MET G 3839 46.39 17.79 -18.57
N GLN G 3840 46.94 17.17 -17.52
CA GLN G 3840 47.25 17.91 -16.31
C GLN G 3840 48.41 18.88 -16.50
N THR G 3841 49.37 18.56 -17.35
CA THR G 3841 50.45 19.50 -17.63
C THR G 3841 50.00 20.67 -18.51
N CYS G 3842 48.95 20.50 -19.30
CA CYS G 3842 48.46 21.60 -20.13
C CYS G 3842 48.19 22.84 -19.28
N SER G 3843 48.59 24.00 -19.80
CA SER G 3843 48.61 25.23 -19.03
C SER G 3843 47.44 26.15 -19.39
N VAL G 3844 47.28 27.20 -18.58
CA VAL G 3844 46.20 28.16 -18.73
C VAL G 3844 46.77 29.57 -18.64
N LEU G 3845 45.90 30.58 -18.65
CA LEU G 3845 46.34 31.97 -18.55
C LEU G 3845 46.97 32.21 -17.18
N ASP G 3846 48.12 32.87 -17.16
CA ASP G 3846 48.86 33.14 -15.95
C ASP G 3846 49.17 34.63 -15.85
N LEU G 3847 48.57 35.29 -14.85
CA LEU G 3847 48.70 36.74 -14.74
C LEU G 3847 50.07 37.16 -14.23
N ASN G 3848 50.69 36.37 -13.36
CA ASN G 3848 52.07 36.68 -12.96
C ASN G 3848 52.99 36.65 -14.16
N ALA G 3849 52.85 35.62 -15.00
CA ALA G 3849 53.64 35.57 -16.23
C ALA G 3849 53.33 36.75 -17.14
N PHE G 3850 52.05 37.14 -17.20
CA PHE G 3850 51.68 38.28 -18.04
C PHE G 3850 52.37 39.56 -17.57
N GLU G 3851 52.35 39.81 -16.25
CA GLU G 3851 53.00 41.01 -15.73
C GLU G 3851 54.50 40.96 -15.93
N ARG G 3852 55.10 39.79 -15.74
CA ARG G 3852 56.53 39.65 -15.99
C ARG G 3852 56.85 39.98 -17.45
N GLN G 3853 56.04 39.48 -18.38
CA GLN G 3853 56.27 39.76 -19.79
C GLN G 3853 56.10 41.23 -20.11
N ASN G 3854 55.10 41.87 -19.49
CA ASN G 3854 54.93 43.31 -19.69
C ASN G 3854 56.15 44.08 -19.22
N LYS G 3855 56.68 43.74 -18.05
CA LYS G 3855 57.88 44.43 -17.56
C LYS G 3855 59.07 44.17 -18.46
N ALA G 3856 59.24 42.93 -18.94
CA ALA G 3856 60.34 42.62 -19.82
C ALA G 3856 60.26 43.43 -21.11
N GLU G 3857 59.06 43.53 -21.69
CA GLU G 3857 58.90 44.36 -22.87
C GLU G 3857 59.17 45.82 -22.55
N GLY G 3858 58.72 46.29 -21.38
CA GLY G 3858 58.96 47.66 -21.00
C GLY G 3858 60.44 47.99 -20.93
N LEU G 3859 61.25 47.04 -20.49
CA LEU G 3859 62.70 47.24 -20.47
C LEU G 3859 63.16 47.79 -21.81
N GLY G 3860 63.85 48.93 -21.77
CA GLY G 3860 64.16 49.66 -22.98
C GLY G 3860 65.35 49.12 -23.75
N MET G 3861 65.59 49.73 -24.90
CA MET G 3861 66.69 49.36 -25.79
C MET G 3861 67.80 50.39 -25.66
N VAL G 3862 68.83 50.03 -24.89
CA VAL G 3862 69.94 50.95 -24.66
C VAL G 3862 71.10 50.63 -25.60
N ASN G 3863 71.50 49.37 -25.66
CA ASN G 3863 72.63 48.97 -26.47
C ASN G 3863 72.12 48.43 -27.81
N GLU G 3864 73.05 48.00 -28.67
CA GLU G 3864 72.70 47.60 -30.02
C GLU G 3864 72.03 46.23 -30.03
N ASP G 3865 71.16 46.01 -31.02
CA ASP G 3865 70.28 44.84 -31.03
C ASP G 3865 71.06 43.53 -30.90
N GLY G 3866 72.23 43.44 -31.55
CA GLY G 3866 73.02 42.22 -31.44
C GLY G 3866 73.44 41.94 -30.01
N THR G 3867 73.99 42.95 -29.33
CA THR G 3867 74.43 42.74 -27.95
C THR G 3867 73.25 42.47 -27.03
N VAL G 3868 72.14 43.19 -27.22
CA VAL G 3868 70.95 42.94 -26.41
C VAL G 3868 70.20 41.73 -26.98
N ILE G 3869 69.29 41.20 -26.17
CA ILE G 3869 68.58 39.96 -26.51
C ILE G 3869 67.26 40.24 -27.21
N ASN G 3870 66.94 41.51 -27.47
CA ASN G 3870 65.72 41.89 -28.18
C ASN G 3870 64.46 41.48 -27.41
N ARG G 3871 64.61 41.04 -26.17
CA ARG G 3871 63.49 40.57 -25.35
C ARG G 3871 62.58 39.66 -26.14
N GLN G 3872 63.17 38.84 -27.01
CA GLN G 3872 62.41 37.94 -27.86
C GLN G 3872 62.25 36.57 -27.22
N ASN G 3873 62.24 36.54 -25.88
CA ASN G 3873 61.93 35.31 -25.19
C ASN G 3873 60.55 34.81 -25.60
N GLY G 3874 60.45 33.50 -25.81
CA GLY G 3874 59.18 32.93 -26.22
C GLY G 3874 58.04 33.36 -25.32
N GLU G 3875 56.82 33.19 -25.83
CA GLU G 3875 55.64 33.59 -25.08
C GLU G 3875 55.64 32.92 -23.72
N LYS G 3876 55.38 33.72 -22.68
CA LYS G 3876 55.33 33.20 -21.32
C LYS G 3876 53.92 32.82 -20.89
N VAL G 3877 52.89 33.33 -21.58
CA VAL G 3877 51.50 33.06 -21.24
C VAL G 3877 50.95 32.07 -22.26
N MET G 3878 50.44 30.95 -21.78
CA MET G 3878 49.89 29.89 -22.62
C MET G 3878 50.88 29.56 -23.74
N ALA G 3879 52.09 29.21 -23.33
CA ALA G 3879 53.16 28.91 -24.28
C ALA G 3879 52.93 27.62 -25.05
N ASP G 3880 52.17 26.68 -24.47
CA ASP G 3880 51.89 25.40 -25.10
C ASP G 3880 50.45 25.31 -25.61
N ASP G 3881 49.88 26.44 -26.03
CA ASP G 3881 48.50 26.43 -26.49
C ASP G 3881 48.34 25.55 -27.72
N GLU G 3882 49.34 25.54 -28.60
CA GLU G 3882 49.28 24.67 -29.77
C GLU G 3882 49.21 23.21 -29.35
N PHE G 3883 50.03 22.81 -28.37
CA PHE G 3883 49.99 21.43 -27.90
C PHE G 3883 48.66 21.12 -27.26
N THR G 3884 48.11 22.03 -26.48
CA THR G 3884 46.82 21.80 -25.85
C THR G 3884 45.74 21.58 -26.90
N GLN G 3885 45.72 22.44 -27.91
CA GLN G 3885 44.75 22.30 -28.98
C GLN G 3885 44.93 20.98 -29.70
N ASP G 3886 46.17 20.57 -29.96
CA ASP G 3886 46.40 19.30 -30.62
C ASP G 3886 45.90 18.12 -29.77
N LEU G 3887 46.18 18.15 -28.47
CA LEU G 3887 45.73 17.05 -27.61
C LEU G 3887 44.22 16.93 -27.62
N PHE G 3888 43.52 18.05 -27.47
CA PHE G 3888 42.06 17.98 -27.40
C PHE G 3888 41.46 17.72 -28.77
N ARG G 3889 42.12 18.15 -29.84
CA ARG G 3889 41.67 17.81 -31.18
C ARG G 3889 41.80 16.31 -31.42
N PHE G 3890 42.89 15.71 -30.96
CA PHE G 3890 43.05 14.27 -31.09
C PHE G 3890 41.95 13.54 -30.33
N LEU G 3891 41.67 13.98 -29.10
CA LEU G 3891 40.60 13.34 -28.34
C LEU G 3891 39.25 13.50 -29.02
N GLN G 3892 38.98 14.68 -29.60
CA GLN G 3892 37.73 14.87 -30.32
C GLN G 3892 37.65 13.95 -31.53
N LEU G 3893 38.72 13.87 -32.31
CA LEU G 3893 38.71 13.04 -33.51
C LEU G 3893 38.57 11.58 -33.18
N LEU G 3894 38.94 11.16 -31.98
CA LEU G 3894 38.67 9.78 -31.59
C LEU G 3894 37.17 9.49 -31.57
N CYS G 3895 36.34 10.49 -31.30
CA CYS G 3895 34.90 10.30 -31.21
C CYS G 3895 34.14 10.89 -32.38
N GLU G 3896 34.81 11.59 -33.29
CA GLU G 3896 34.10 12.23 -34.40
C GLU G 3896 33.29 11.23 -35.19
N GLY G 3897 32.09 11.64 -35.59
CA GLY G 3897 31.14 10.76 -36.23
C GLY G 3897 30.22 10.03 -35.28
N HIS G 3898 30.23 10.38 -34.00
CA HIS G 3898 29.40 9.73 -33.00
C HIS G 3898 29.74 8.26 -32.87
N ASN G 3899 31.04 7.98 -32.74
CA ASN G 3899 31.51 6.63 -32.49
C ASN G 3899 31.14 6.25 -31.07
N ASN G 3900 30.04 5.52 -30.91
CA ASN G 3900 29.53 5.22 -29.58
C ASN G 3900 30.51 4.37 -28.79
N ASP G 3901 31.12 3.39 -29.44
CA ASP G 3901 32.04 2.51 -28.73
C ASP G 3901 33.19 3.30 -28.13
N PHE G 3902 33.80 4.18 -28.92
CA PHE G 3902 34.98 4.86 -28.43
C PHE G 3902 34.58 5.98 -27.47
N GLN G 3903 33.38 6.53 -27.65
CA GLN G 3903 32.84 7.49 -26.68
C GLN G 3903 32.68 6.84 -25.31
N ASN G 3904 32.12 5.63 -25.27
CA ASN G 3904 32.03 4.91 -24.00
C ASN G 3904 33.40 4.55 -23.46
N TYR G 3905 34.31 4.15 -24.34
CA TYR G 3905 35.64 3.76 -23.90
C TYR G 3905 36.38 4.92 -23.26
N LEU G 3906 36.24 6.13 -23.80
CA LEU G 3906 36.88 7.28 -23.19
C LEU G 3906 36.40 7.51 -21.77
N ARG G 3907 35.19 7.07 -21.45
CA ARG G 3907 34.69 7.24 -20.09
C ARG G 3907 35.14 6.11 -19.18
N THR G 3908 34.98 4.87 -19.62
CA THR G 3908 35.34 3.73 -18.80
C THR G 3908 35.96 2.64 -19.67
N GLN G 3909 37.13 2.16 -19.25
CA GLN G 3909 37.85 1.09 -19.95
C GLN G 3909 37.58 -0.20 -19.18
N THR G 3910 36.56 -0.94 -19.59
CA THR G 3910 36.07 -2.05 -18.79
C THR G 3910 37.12 -3.12 -18.60
N GLY G 3911 37.89 -3.40 -19.66
CA GLY G 3911 38.84 -4.51 -19.60
C GLY G 3911 40.08 -4.25 -18.78
N ASN G 3912 40.45 -2.99 -18.58
CA ASN G 3912 41.68 -2.68 -17.88
C ASN G 3912 41.53 -2.89 -16.38
N THR G 3913 42.67 -2.98 -15.69
CA THR G 3913 42.65 -3.15 -14.24
C THR G 3913 42.19 -1.86 -13.55
N THR G 3914 42.53 -0.71 -14.11
CA THR G 3914 42.07 0.57 -13.62
C THR G 3914 41.58 1.41 -14.78
N THR G 3915 40.64 2.32 -14.50
CA THR G 3915 40.03 3.15 -15.51
C THR G 3915 40.28 4.62 -15.20
N ILE G 3916 40.36 5.43 -16.25
CA ILE G 3916 40.48 6.87 -16.15
C ILE G 3916 39.36 7.50 -16.96
N ASN G 3917 38.68 8.47 -16.37
CA ASN G 3917 37.56 9.13 -17.02
C ASN G 3917 38.07 10.36 -17.76
N ILE G 3918 38.31 10.21 -19.07
CA ILE G 3918 38.83 11.32 -19.86
C ILE G 3918 37.81 12.44 -19.98
N ILE G 3919 36.51 12.11 -19.93
CA ILE G 3919 35.50 13.15 -19.96
C ILE G 3919 35.67 14.09 -18.77
N ILE G 3920 35.82 13.51 -17.58
CA ILE G 3920 35.98 14.31 -16.38
C ILE G 3920 37.32 15.03 -16.39
N CYS G 3921 38.36 14.41 -16.93
CA CYS G 3921 39.64 15.11 -17.05
C CYS G 3921 39.49 16.35 -17.92
N THR G 3922 38.77 16.23 -19.03
CA THR G 3922 38.52 17.37 -19.89
C THR G 3922 37.72 18.44 -19.18
N VAL G 3923 36.72 18.04 -18.40
CA VAL G 3923 35.94 19.01 -17.63
C VAL G 3923 36.83 19.74 -16.64
N ASP G 3924 37.74 19.02 -15.99
CA ASP G 3924 38.62 19.66 -15.02
C ASP G 3924 39.55 20.66 -15.69
N TYR G 3925 40.10 20.32 -16.86
CA TYR G 3925 40.90 21.30 -17.56
C TYR G 3925 40.06 22.51 -17.95
N LEU G 3926 38.82 22.29 -18.40
CA LEU G 3926 37.97 23.42 -18.75
C LEU G 3926 37.73 24.32 -17.56
N LEU G 3927 37.57 23.73 -16.37
CA LEU G 3927 37.37 24.53 -15.17
C LEU G 3927 38.60 25.37 -14.85
N ARG G 3928 39.79 24.78 -14.95
CA ARG G 3928 41.00 25.57 -14.74
C ARG G 3928 41.08 26.73 -15.73
N LEU G 3929 40.79 26.45 -16.99
CA LEU G 3929 40.85 27.49 -18.02
C LEU G 3929 39.83 28.60 -17.75
N GLN G 3930 38.62 28.22 -17.34
CA GLN G 3930 37.60 29.21 -17.03
C GLN G 3930 38.05 30.10 -15.88
N GLU G 3931 38.63 29.51 -14.84
CA GLU G 3931 39.10 30.31 -13.72
C GLU G 3931 40.20 31.28 -14.16
N SER G 3932 41.11 30.82 -15.02
CA SER G 3932 42.15 31.72 -15.52
C SER G 3932 41.56 32.87 -16.32
N ILE G 3933 40.55 32.59 -17.16
CA ILE G 3933 39.96 33.64 -17.96
C ILE G 3933 39.20 34.63 -17.08
N SER G 3934 38.54 34.14 -16.03
CA SER G 3934 37.89 35.04 -15.09
C SER G 3934 38.92 35.93 -14.40
N ASP G 3935 40.06 35.37 -14.03
CA ASP G 3935 41.12 36.19 -13.45
C ASP G 3935 41.57 37.27 -14.42
N PHE G 3936 41.72 36.92 -15.70
CA PHE G 3936 42.13 37.92 -16.68
C PHE G 3936 41.09 39.02 -16.80
N TYR G 3937 39.81 38.65 -16.83
CA TYR G 3937 38.77 39.67 -16.93
C TYR G 3937 38.82 40.60 -15.73
N TRP G 3938 38.96 40.05 -14.53
CA TRP G 3938 39.03 40.88 -13.34
C TRP G 3938 40.25 41.80 -13.39
N TYR G 3939 41.36 41.30 -13.93
CA TYR G 3939 42.54 42.14 -14.08
C TYR G 3939 42.25 43.33 -14.97
N TYR G 3940 41.52 43.11 -16.07
CA TYR G 3940 41.29 44.18 -17.04
C TYR G 3940 40.02 44.98 -16.80
N SER G 3941 39.20 44.62 -15.81
CA SER G 3941 37.89 45.25 -15.68
C SER G 3941 38.00 46.74 -15.40
N GLY G 3942 38.93 47.13 -14.54
CA GLY G 3942 39.10 48.55 -14.25
C GLY G 3942 39.59 49.34 -15.44
N LYS G 3943 40.48 48.74 -16.23
CA LYS G 3943 41.06 49.45 -17.38
C LYS G 3943 39.99 49.75 -18.41
N ASP G 3944 40.21 50.82 -19.18
CA ASP G 3944 39.22 51.25 -20.15
C ASP G 3944 39.33 50.44 -21.44
N VAL G 3945 40.54 50.32 -21.98
CA VAL G 3945 40.77 49.62 -23.22
C VAL G 3945 41.82 48.54 -22.98
N ILE G 3946 41.57 47.35 -23.52
CA ILE G 3946 42.53 46.25 -23.43
C ILE G 3946 43.57 46.45 -24.52
N GLU G 3947 44.84 46.38 -24.14
CA GLU G 3947 45.92 46.64 -25.08
C GLU G 3947 46.14 45.42 -25.98
N GLU G 3948 47.10 45.56 -26.90
CA GLU G 3948 47.31 44.54 -27.92
C GLU G 3948 47.72 43.21 -27.30
N GLN G 3949 48.64 43.23 -26.35
CA GLN G 3949 49.11 41.97 -25.76
C GLN G 3949 48.00 41.28 -24.98
N GLY G 3950 47.23 42.05 -24.22
CA GLY G 3950 46.10 41.47 -23.52
C GLY G 3950 45.09 40.86 -24.48
N LYS G 3951 44.82 41.55 -25.58
CA LYS G 3951 43.92 41.00 -26.59
C LYS G 3951 44.47 39.71 -27.16
N ARG G 3952 45.77 39.66 -27.42
CA ARG G 3952 46.37 38.46 -27.99
C ARG G 3952 46.25 37.28 -27.02
N ASN G 3953 46.50 37.51 -25.73
CA ASN G 3953 46.38 36.44 -24.76
C ASN G 3953 44.93 35.99 -24.60
N PHE G 3954 43.99 36.94 -24.58
CA PHE G 3954 42.58 36.56 -24.56
C PHE G 3954 42.23 35.69 -25.75
N SER G 3955 42.74 36.05 -26.93
CA SER G 3955 42.42 35.30 -28.13
C SER G 3955 42.98 33.88 -28.07
N LYS G 3956 44.21 33.74 -27.58
CA LYS G 3956 44.78 32.39 -27.45
C LYS G 3956 43.96 31.53 -26.50
N ALA G 3957 43.61 32.10 -25.33
CA ALA G 3957 42.80 31.35 -24.38
C ALA G 3957 41.45 30.98 -24.98
N MET G 3958 40.85 31.89 -25.75
CA MET G 3958 39.54 31.62 -26.32
C MET G 3958 39.62 30.53 -27.39
N SER G 3959 40.70 30.50 -28.18
CA SER G 3959 40.87 29.41 -29.13
C SER G 3959 40.96 28.07 -28.41
N VAL G 3960 41.74 28.02 -27.34
CA VAL G 3960 41.83 26.76 -26.59
C VAL G 3960 40.47 26.37 -26.03
N ALA G 3961 39.73 27.34 -25.48
CA ALA G 3961 38.41 27.04 -24.92
C ALA G 3961 37.46 26.54 -25.99
N LYS G 3962 37.53 27.13 -27.18
CA LYS G 3962 36.72 26.67 -28.30
C LYS G 3962 37.01 25.21 -28.60
N GLN G 3963 38.29 24.84 -28.65
CA GLN G 3963 38.63 23.44 -28.91
C GLN G 3963 38.10 22.53 -27.81
N VAL G 3964 38.19 22.97 -26.56
CA VAL G 3964 37.72 22.13 -25.45
C VAL G 3964 36.21 21.93 -25.53
N PHE G 3965 35.47 23.00 -25.86
CA PHE G 3965 34.03 22.88 -26.02
C PHE G 3965 33.70 21.91 -27.14
N ASN G 3966 34.43 21.99 -28.25
CA ASN G 3966 34.19 21.07 -29.36
C ASN G 3966 34.47 19.63 -28.93
N SER G 3967 35.51 19.41 -28.14
CA SER G 3967 35.81 18.07 -27.67
C SER G 3967 34.68 17.51 -26.80
N LEU G 3968 34.16 18.32 -25.88
CA LEU G 3968 33.06 17.85 -25.03
C LEU G 3968 31.83 17.56 -25.87
N THR G 3969 31.52 18.45 -26.82
CA THR G 3969 30.39 18.23 -27.71
C THR G 3969 30.53 16.92 -28.46
N GLU G 3970 31.74 16.62 -28.96
CA GLU G 3970 31.96 15.35 -29.63
C GLU G 3970 31.80 14.17 -28.69
N TYR G 3971 32.26 14.31 -27.45
CA TYR G 3971 32.07 13.23 -26.47
C TYR G 3971 30.61 12.88 -26.34
N ILE G 3972 29.72 13.87 -26.23
CA ILE G 3972 28.36 13.56 -25.83
C ILE G 3972 27.41 13.37 -27.01
N GLN G 3973 27.73 13.96 -28.16
CA GLN G 3973 26.78 13.93 -29.28
C GLN G 3973 26.57 12.51 -29.77
N GLY G 3974 25.36 12.23 -30.23
CA GLY G 3974 25.02 10.98 -30.85
C GLY G 3974 23.67 10.39 -30.46
N PRO G 3975 23.25 10.52 -29.19
CA PRO G 3975 23.94 10.89 -27.95
C PRO G 3975 24.57 9.68 -27.28
N CYS G 3976 25.66 9.90 -26.57
CA CYS G 3976 26.21 8.91 -25.64
C CYS G 3976 25.59 9.20 -24.29
N THR G 3977 24.58 8.41 -23.90
CA THR G 3977 23.84 8.71 -22.69
C THR G 3977 24.72 8.60 -21.46
N GLY G 3978 25.62 7.62 -21.44
CA GLY G 3978 26.54 7.51 -20.32
C GLY G 3978 27.39 8.75 -20.15
N ASN G 3979 27.90 9.29 -21.26
CA ASN G 3979 28.70 10.51 -21.19
C ASN G 3979 27.84 11.70 -20.79
N GLN G 3980 26.60 11.74 -21.28
CA GLN G 3980 25.70 12.81 -20.87
C GLN G 3980 25.50 12.81 -19.36
N GLN G 3981 25.27 11.63 -18.78
CA GLN G 3981 25.10 11.53 -17.33
C GLN G 3981 26.39 11.91 -16.61
N SER G 3982 27.53 11.41 -17.09
CA SER G 3982 28.80 11.70 -16.43
C SER G 3982 29.09 13.19 -16.43
N LEU G 3983 28.71 13.89 -17.50
CA LEU G 3983 28.90 15.33 -17.54
C LEU G 3983 27.90 16.04 -16.65
N ALA G 3984 26.65 15.60 -16.66
CA ALA G 3984 25.63 16.24 -15.83
C ALA G 3984 25.97 16.16 -14.36
N HIS G 3985 26.64 15.08 -13.94
CA HIS G 3985 27.01 14.90 -12.53
C HIS G 3985 28.44 15.32 -12.28
N SER G 3986 28.93 16.34 -12.98
CA SER G 3986 30.31 16.78 -12.86
C SER G 3986 30.35 18.27 -12.56
N ARG G 3987 31.56 18.85 -12.64
CA ARG G 3987 31.78 20.27 -12.38
C ARG G 3987 31.56 21.11 -13.62
N LEU G 3988 30.86 20.59 -14.63
CA LEU G 3988 30.64 21.34 -15.85
C LEU G 3988 29.75 22.56 -15.61
N TRP G 3989 28.74 22.41 -14.76
CA TRP G 3989 27.80 23.52 -14.55
C TRP G 3989 28.50 24.72 -13.93
N ASP G 3990 29.44 24.49 -13.02
CA ASP G 3990 30.19 25.61 -12.44
C ASP G 3990 31.01 26.33 -13.51
N ALA G 3991 31.64 25.56 -14.40
CA ALA G 3991 32.39 26.17 -15.49
C ALA G 3991 31.48 27.00 -16.39
N VAL G 3992 30.27 26.49 -16.67
CA VAL G 3992 29.35 27.23 -17.52
C VAL G 3992 28.89 28.50 -16.83
N VAL G 3993 28.69 28.45 -15.51
CA VAL G 3993 28.28 29.64 -14.77
C VAL G 3993 29.38 30.71 -14.85
N GLY G 3994 30.62 30.31 -14.58
CA GLY G 3994 31.72 31.26 -14.68
C GLY G 3994 31.86 31.82 -16.07
N PHE G 3995 31.73 30.96 -17.09
CA PHE G 3995 31.83 31.42 -18.47
C PHE G 3995 30.72 32.40 -18.80
N LEU G 3996 29.51 32.16 -18.30
CA LEU G 3996 28.42 33.10 -18.55
C LEU G 3996 28.71 34.46 -17.93
N HIS G 3997 29.24 34.48 -16.72
CA HIS G 3997 29.60 35.75 -16.11
C HIS G 3997 30.62 36.49 -16.96
N VAL G 3998 31.68 35.79 -17.36
CA VAL G 3998 32.72 36.43 -18.16
C VAL G 3998 32.15 36.89 -19.50
N PHE G 3999 31.30 36.09 -20.12
CA PHE G 3999 30.74 36.45 -21.42
C PHE G 3999 29.92 37.72 -21.31
N ALA G 4000 29.03 37.80 -20.32
CA ALA G 4000 28.21 39.00 -20.19
C ALA G 4000 29.08 40.23 -20.01
N HIS G 4001 30.02 40.18 -19.06
CA HIS G 4001 30.76 41.40 -18.76
C HIS G 4001 31.72 41.76 -19.87
N MET G 4002 32.34 40.78 -20.51
CA MET G 4002 33.23 41.08 -21.63
C MET G 4002 32.46 41.61 -22.83
N MET G 4003 31.25 41.08 -23.08
CA MET G 4003 30.42 41.66 -24.14
C MET G 4003 30.20 43.14 -23.87
N MET G 4004 29.72 43.46 -22.66
CA MET G 4004 29.42 44.85 -22.38
C MET G 4004 30.65 45.73 -22.44
N LYS G 4005 31.81 45.22 -22.04
CA LYS G 4005 33.02 46.04 -22.05
C LYS G 4005 33.56 46.22 -23.47
N LEU G 4006 33.65 45.15 -24.25
CA LEU G 4006 34.23 45.23 -25.58
C LEU G 4006 33.32 45.99 -26.55
N ALA G 4007 32.02 46.02 -26.30
CA ALA G 4007 31.15 46.77 -27.20
C ALA G 4007 31.41 48.27 -27.14
N GLN G 4008 32.16 48.75 -26.14
CA GLN G 4008 32.32 50.18 -25.94
C GLN G 4008 33.52 50.77 -26.69
N ASP G 4009 34.33 49.95 -27.35
CA ASP G 4009 35.40 50.45 -28.19
C ASP G 4009 35.49 49.61 -29.45
N SER G 4010 35.41 50.27 -30.61
CA SER G 4010 35.41 49.55 -31.88
C SER G 4010 36.78 48.99 -32.25
N SER G 4011 37.84 49.36 -31.53
CA SER G 4011 39.14 48.74 -31.78
C SER G 4011 39.20 47.31 -31.29
N GLN G 4012 38.21 46.85 -30.54
CA GLN G 4012 38.15 45.49 -30.03
C GLN G 4012 37.04 44.67 -30.68
N ILE G 4013 36.65 45.04 -31.90
CA ILE G 4013 35.55 44.36 -32.58
C ILE G 4013 35.92 42.92 -32.90
N GLU G 4014 37.18 42.69 -33.27
CA GLU G 4014 37.61 41.32 -33.57
C GLU G 4014 37.54 40.44 -32.33
N LEU G 4015 37.99 40.96 -31.18
CA LEU G 4015 37.89 40.21 -29.95
C LEU G 4015 36.42 39.95 -29.60
N LEU G 4016 35.55 40.94 -29.81
CA LEU G 4016 34.13 40.72 -29.53
C LEU G 4016 33.55 39.64 -30.42
N LYS G 4017 33.92 39.63 -31.70
CA LYS G 4017 33.43 38.59 -32.60
C LYS G 4017 33.90 37.21 -32.16
N GLU G 4018 35.17 37.10 -31.78
CA GLU G 4018 35.66 35.81 -31.30
C GLU G 4018 34.95 35.39 -30.03
N LEU G 4019 34.66 36.33 -29.14
CA LEU G 4019 33.94 36.00 -27.91
C LEU G 4019 32.55 35.48 -28.21
N LEU G 4020 31.85 36.13 -29.15
CA LEU G 4020 30.51 35.66 -29.50
C LEU G 4020 30.55 34.28 -30.15
N ASP G 4021 31.57 34.01 -30.97
CA ASP G 4021 31.71 32.66 -31.51
C ASP G 4021 31.93 31.64 -30.40
N LEU G 4022 32.74 31.99 -29.40
CA LEU G 4022 32.95 31.07 -28.29
C LEU G 4022 31.66 30.83 -27.52
N GLN G 4023 30.87 31.87 -27.31
CA GLN G 4023 29.55 31.69 -26.69
C GLN G 4023 28.71 30.71 -27.49
N LYS G 4024 28.73 30.85 -28.82
CA LYS G 4024 27.95 29.94 -29.64
C LYS G 4024 28.43 28.50 -29.48
N ASP G 4025 29.73 28.29 -29.39
CA ASP G 4025 30.25 26.94 -29.18
C ASP G 4025 29.79 26.37 -27.83
N MET G 4026 29.84 27.18 -26.78
CA MET G 4026 29.35 26.71 -25.49
C MET G 4026 27.87 26.36 -25.54
N VAL G 4027 27.08 27.18 -26.24
CA VAL G 4027 25.65 26.89 -26.34
C VAL G 4027 25.40 25.65 -27.18
N VAL G 4028 26.25 25.38 -28.17
CA VAL G 4028 26.11 24.14 -28.93
C VAL G 4028 26.38 22.94 -28.03
N MET G 4029 27.37 23.05 -27.15
CA MET G 4029 27.60 21.99 -26.18
C MET G 4029 26.39 21.80 -25.27
N LEU G 4030 25.82 22.90 -24.80
CA LEU G 4030 24.64 22.80 -23.95
C LEU G 4030 23.48 22.13 -24.68
N LEU G 4031 23.27 22.49 -25.95
CA LEU G 4031 22.21 21.85 -26.72
C LEU G 4031 22.49 20.38 -26.95
N SER G 4032 23.76 20.00 -27.08
CA SER G 4032 24.09 18.59 -27.18
C SER G 4032 23.76 17.85 -25.91
N LEU G 4033 23.89 18.49 -24.75
CA LEU G 4033 23.53 17.84 -23.51
C LEU G 4033 22.05 17.48 -23.46
N LEU G 4034 21.21 18.08 -24.30
CA LEU G 4034 19.78 17.85 -24.29
C LEU G 4034 19.30 16.89 -25.37
N GLU G 4035 20.21 16.26 -26.10
CA GLU G 4035 19.81 15.31 -27.13
C GLU G 4035 19.16 14.09 -26.48
N GLY G 4036 17.98 13.72 -26.95
CA GLY G 4036 17.26 12.60 -26.39
C GLY G 4036 16.58 12.89 -25.08
N ASN G 4037 16.61 14.13 -24.61
CA ASN G 4037 15.98 14.48 -23.34
C ASN G 4037 14.47 14.34 -23.43
N VAL G 4038 13.86 13.94 -22.34
CA VAL G 4038 12.41 13.77 -22.26
C VAL G 4038 11.80 14.97 -21.55
N VAL G 4039 10.48 15.11 -21.61
CA VAL G 4039 9.80 16.19 -20.91
C VAL G 4039 10.05 16.04 -19.42
N ASN G 4040 10.40 17.15 -18.77
CA ASN G 4040 10.79 17.15 -17.36
C ASN G 4040 11.99 16.26 -17.11
N GLY G 4041 12.94 16.23 -18.04
CA GLY G 4041 14.12 15.42 -17.87
C GLY G 4041 15.07 15.99 -16.85
N MET G 4042 15.89 15.11 -16.29
CA MET G 4042 16.78 15.51 -15.20
C MET G 4042 17.80 16.54 -15.70
N ILE G 4043 18.39 16.31 -16.86
CA ILE G 4043 19.39 17.24 -17.38
C ILE G 4043 18.76 18.57 -17.73
N ALA G 4044 17.52 18.56 -18.24
CA ALA G 4044 16.83 19.81 -18.52
C ALA G 4044 16.61 20.61 -17.24
N ARG G 4045 16.18 19.93 -16.17
CA ARG G 4045 15.98 20.64 -14.92
C ARG G 4045 17.30 21.17 -14.37
N GLN G 4046 18.37 20.41 -14.51
CA GLN G 4046 19.68 20.89 -14.08
C GLN G 4046 20.12 22.11 -14.88
N MET G 4047 19.85 22.11 -16.18
CA MET G 4047 20.20 23.27 -17.00
C MET G 4047 19.41 24.49 -16.57
N VAL G 4048 18.13 24.30 -16.25
CA VAL G 4048 17.34 25.43 -15.75
C VAL G 4048 17.89 25.94 -14.43
N ASP G 4049 18.31 25.02 -13.55
CA ASP G 4049 18.91 25.44 -12.29
C ASP G 4049 20.18 26.24 -12.53
N MET G 4050 21.01 25.79 -13.47
CA MET G 4050 22.23 26.53 -13.80
C MET G 4050 21.91 27.92 -14.31
N LEU G 4051 20.90 28.03 -15.19
CA LEU G 4051 20.52 29.35 -15.68
C LEU G 4051 20.05 30.25 -14.55
N VAL G 4052 19.21 29.72 -13.66
CA VAL G 4052 18.73 30.52 -12.54
C VAL G 4052 19.90 30.96 -11.67
N GLU G 4053 20.89 30.09 -11.47
CA GLU G 4053 22.07 30.48 -10.72
C GLU G 4053 22.82 31.60 -11.42
N SER G 4054 22.87 31.59 -12.75
CA SER G 4054 23.47 32.67 -13.53
C SER G 4054 22.45 33.72 -13.95
N SER G 4055 21.38 33.89 -13.19
CA SER G 4055 20.28 34.77 -13.58
C SER G 4055 20.77 36.14 -14.04
N SER G 4056 21.64 36.78 -13.25
CA SER G 4056 22.05 38.14 -13.57
C SER G 4056 22.80 38.20 -14.90
N ASN G 4057 23.69 37.25 -15.14
CA ASN G 4057 24.49 37.28 -16.35
C ASN G 4057 23.67 36.90 -17.58
N VAL G 4058 22.75 35.94 -17.41
CA VAL G 4058 21.84 35.61 -18.49
C VAL G 4058 20.99 36.82 -18.85
N GLU G 4059 20.51 37.54 -17.84
CA GLU G 4059 19.75 38.75 -18.10
C GLU G 4059 20.59 39.79 -18.83
N MET G 4060 21.85 39.94 -18.44
CA MET G 4060 22.72 40.91 -19.11
C MET G 4060 22.93 40.54 -20.58
N ILE G 4061 23.15 39.25 -20.88
CA ILE G 4061 23.35 38.83 -22.26
C ILE G 4061 22.08 39.08 -23.08
N LEU G 4062 20.92 38.67 -22.54
CA LEU G 4062 19.67 38.90 -23.24
C LEU G 4062 19.43 40.39 -23.45
N LYS G 4063 19.78 41.22 -22.47
CA LYS G 4063 19.63 42.65 -22.62
C LYS G 4063 20.53 43.19 -23.72
N PHE G 4064 21.75 42.69 -23.82
CA PHE G 4064 22.62 43.10 -24.92
C PHE G 4064 21.96 42.84 -26.26
N PHE G 4065 21.50 41.60 -26.47
CA PHE G 4065 20.90 41.27 -27.76
C PHE G 4065 19.66 42.12 -28.00
N ASP G 4066 18.80 42.25 -26.99
CA ASP G 4066 17.56 43.01 -27.15
C ASP G 4066 17.86 44.48 -27.45
N MET G 4067 18.83 45.06 -26.74
CA MET G 4067 19.15 46.46 -26.94
C MET G 4067 19.58 46.73 -28.37
N PHE G 4068 20.46 45.89 -28.91
CA PHE G 4068 20.92 46.19 -30.26
C PHE G 4068 19.90 45.82 -31.34
N LEU G 4069 19.09 44.78 -31.13
CA LEU G 4069 18.01 44.52 -32.07
C LEU G 4069 17.01 45.66 -32.08
N LYS G 4070 16.76 46.28 -30.92
CA LYS G 4070 15.87 47.44 -30.88
C LYS G 4070 16.52 48.67 -31.50
N LEU G 4071 17.83 48.81 -31.34
CA LEU G 4071 18.52 49.94 -31.97
C LEU G 4071 18.38 49.89 -33.49
N LYS G 4072 18.53 48.70 -34.06
CA LYS G 4072 18.40 48.61 -35.52
C LYS G 4072 17.03 49.08 -35.99
N ASP G 4073 15.98 48.79 -35.23
CA ASP G 4073 14.64 49.21 -35.62
C ASP G 4073 14.44 50.70 -35.39
N ILE G 4074 14.94 51.22 -34.28
CA ILE G 4074 14.73 52.63 -33.99
C ILE G 4074 15.43 53.50 -35.01
N VAL G 4075 16.64 53.12 -35.42
CA VAL G 4075 17.37 53.94 -36.38
C VAL G 4075 16.62 54.02 -37.69
N GLY G 4076 15.95 52.95 -38.10
CA GLY G 4076 15.11 52.99 -39.29
C GLY G 4076 13.78 53.68 -39.10
N SER G 4077 13.29 53.79 -37.86
CA SER G 4077 12.02 54.43 -37.62
C SER G 4077 12.03 55.88 -38.09
N GLU G 4078 10.89 56.33 -38.61
CA GLU G 4078 10.78 57.69 -39.12
C GLU G 4078 10.95 58.72 -38.01
N ALA G 4079 10.34 58.49 -36.85
CA ALA G 4079 10.45 59.45 -35.76
C ALA G 4079 11.91 59.67 -35.37
N PHE G 4080 12.77 58.69 -35.59
CA PHE G 4080 14.19 58.88 -35.34
C PHE G 4080 14.83 59.75 -36.41
N GLN G 4081 14.49 59.51 -37.67
CA GLN G 4081 15.06 60.28 -38.77
C GLN G 4081 14.70 61.75 -38.70
N ASP G 4082 13.69 62.12 -37.92
CA ASP G 4082 13.35 63.53 -37.76
C ASP G 4082 14.45 64.31 -37.07
N TYR G 4083 15.35 63.62 -36.36
CA TYR G 4083 16.47 64.27 -35.70
C TYR G 4083 17.74 64.25 -36.53
N VAL G 4084 17.81 63.42 -37.56
CA VAL G 4084 18.97 63.37 -38.44
C VAL G 4084 18.81 64.44 -39.51
N THR G 4085 19.26 65.66 -39.21
CA THR G 4085 19.07 66.79 -40.10
C THR G 4085 20.33 67.22 -40.82
N ASP G 4086 21.50 66.79 -40.36
CA ASP G 4086 22.73 67.13 -41.04
C ASP G 4086 22.74 66.52 -42.44
N PRO G 4087 23.31 67.21 -43.44
CA PRO G 4087 23.36 66.61 -44.79
C PRO G 4087 24.08 65.27 -44.84
N ARG G 4088 25.18 65.11 -44.10
CA ARG G 4088 25.94 63.87 -44.20
C ARG G 4088 25.11 62.68 -43.76
N GLY G 4089 24.13 62.88 -42.89
CA GLY G 4089 23.39 61.80 -42.29
C GLY G 4089 23.86 61.41 -40.91
N LEU G 4090 24.73 62.20 -40.29
CA LEU G 4090 25.19 61.95 -38.94
C LEU G 4090 24.30 62.69 -37.95
N ILE G 4091 24.37 62.26 -36.69
CA ILE G 4091 23.56 62.83 -35.62
C ILE G 4091 24.46 63.16 -34.46
N SER G 4092 24.30 64.36 -33.90
CA SER G 4092 25.08 64.75 -32.73
C SER G 4092 24.71 63.86 -31.56
N LYS G 4093 25.59 63.79 -30.57
CA LYS G 4093 25.30 62.99 -29.39
C LYS G 4093 24.06 63.49 -28.66
N LYS G 4094 23.93 64.82 -28.55
CA LYS G 4094 22.76 65.38 -27.87
C LYS G 4094 21.48 65.07 -28.61
N ASP G 4095 21.49 65.18 -29.94
CA ASP G 4095 20.30 64.87 -30.72
C ASP G 4095 19.97 63.39 -30.66
N PHE G 4096 21.00 62.53 -30.65
CA PHE G 4096 20.78 61.10 -30.48
C PHE G 4096 20.12 60.82 -29.14
N GLN G 4097 20.62 61.47 -28.08
CA GLN G 4097 20.02 61.34 -26.77
C GLN G 4097 18.55 61.76 -26.80
N LYS G 4098 18.26 62.89 -27.45
CA LYS G 4098 16.89 63.37 -27.52
C LYS G 4098 15.99 62.39 -28.27
N ALA G 4099 16.49 61.85 -29.39
CA ALA G 4099 15.69 60.91 -30.16
C ALA G 4099 15.39 59.65 -29.36
N MET G 4100 16.39 59.12 -28.67
CA MET G 4100 16.17 57.92 -27.87
C MET G 4100 15.23 58.20 -26.71
N ASP G 4101 15.34 59.38 -26.10
CA ASP G 4101 14.40 59.75 -25.05
C ASP G 4101 12.98 59.79 -25.58
N SER G 4102 12.80 60.42 -26.75
CA SER G 4102 11.45 60.54 -27.31
C SER G 4102 10.87 59.17 -27.65
N GLN G 4103 11.69 58.26 -28.15
CA GLN G 4103 11.20 56.93 -28.50
C GLN G 4103 10.65 56.18 -27.31
N LYS G 4104 11.06 56.52 -26.08
CA LYS G 4104 10.54 55.90 -24.88
C LYS G 4104 10.70 54.38 -24.92
N GLN G 4105 11.83 53.92 -25.43
CA GLN G 4105 12.13 52.50 -25.52
C GLN G 4105 13.34 52.08 -24.71
N PHE G 4106 14.11 53.03 -24.15
CA PHE G 4106 15.31 52.73 -23.40
C PHE G 4106 15.28 53.50 -22.09
N THR G 4107 15.99 52.98 -21.10
CA THR G 4107 16.22 53.71 -19.86
C THR G 4107 17.42 54.65 -20.03
N GLY G 4108 17.60 55.53 -19.06
CA GLY G 4108 18.67 56.50 -19.10
C GLY G 4108 20.04 55.84 -19.14
N PRO G 4109 20.28 54.88 -18.25
CA PRO G 4109 21.55 54.13 -18.32
C PRO G 4109 21.75 53.41 -19.63
N GLU G 4110 20.68 52.86 -20.22
CA GLU G 4110 20.82 52.18 -21.49
C GLU G 4110 21.20 53.16 -22.60
N ILE G 4111 20.62 54.36 -22.58
CA ILE G 4111 20.99 55.36 -23.58
C ILE G 4111 22.42 55.81 -23.36
N GLN G 4112 22.86 55.93 -22.11
CA GLN G 4112 24.25 56.26 -21.85
C GLN G 4112 25.19 55.19 -22.41
N PHE G 4113 24.83 53.91 -22.22
CA PHE G 4113 25.65 52.83 -22.76
C PHE G 4113 25.68 52.89 -24.28
N LEU G 4114 24.53 53.15 -24.90
CA LEU G 4114 24.51 53.25 -26.36
C LEU G 4114 25.38 54.40 -26.84
N LEU G 4115 25.33 55.54 -26.14
CA LEU G 4115 26.19 56.65 -26.52
C LEU G 4115 27.66 56.29 -26.37
N SER G 4116 28.01 55.56 -25.32
CA SER G 4116 29.39 55.12 -25.14
C SER G 4116 29.84 54.16 -26.24
N CYS G 4117 28.93 53.34 -26.78
CA CYS G 4117 29.25 52.43 -27.86
C CYS G 4117 29.18 53.10 -29.24
N SER G 4118 28.58 54.27 -29.33
CA SER G 4118 28.32 54.89 -30.63
C SER G 4118 29.58 55.22 -31.43
N GLU G 4119 30.73 55.32 -30.78
CA GLU G 4119 31.98 55.71 -31.46
C GLU G 4119 31.83 57.09 -32.09
N ALA G 4120 31.30 58.03 -31.31
CA ALA G 4120 31.13 59.39 -31.79
C ALA G 4120 32.47 59.99 -32.19
N ASP G 4121 32.47 60.75 -33.29
CA ASP G 4121 33.68 61.37 -33.78
C ASP G 4121 34.05 62.58 -32.93
N GLU G 4122 35.19 63.19 -33.26
CA GLU G 4122 35.70 64.31 -32.47
C GLU G 4122 34.69 65.45 -32.37
N ASN G 4123 33.81 65.60 -33.35
CA ASN G 4123 32.76 66.62 -33.31
C ASN G 4123 31.49 66.11 -32.64
N GLU G 4124 31.54 64.97 -31.95
CA GLU G 4124 30.40 64.40 -31.26
C GLU G 4124 29.29 64.00 -32.24
N MET G 4125 29.66 63.64 -33.46
CA MET G 4125 28.71 63.18 -34.45
C MET G 4125 28.79 61.67 -34.58
N ILE G 4126 27.63 61.03 -34.73
CA ILE G 4126 27.51 59.58 -34.79
C ILE G 4126 27.03 59.20 -36.18
N ASN G 4127 27.62 58.13 -36.72
CA ASN G 4127 27.13 57.52 -37.95
C ASN G 4127 26.10 56.46 -37.56
N CYS G 4128 24.83 56.86 -37.59
CA CYS G 4128 23.78 55.99 -37.06
C CYS G 4128 23.68 54.69 -37.85
N GLU G 4129 23.86 54.75 -39.17
CA GLU G 4129 23.77 53.54 -39.97
C GLU G 4129 24.80 52.50 -39.53
N GLU G 4130 26.07 52.90 -39.46
CA GLU G 4130 27.12 51.99 -39.04
C GLU G 4130 26.90 51.54 -37.60
N PHE G 4131 26.45 52.45 -36.73
CA PHE G 4131 26.22 52.07 -35.35
C PHE G 4131 25.15 50.99 -35.26
N ALA G 4132 24.07 51.13 -36.02
CA ALA G 4132 23.00 50.15 -35.99
C ALA G 4132 23.42 48.82 -36.59
N ASN G 4133 24.27 48.83 -37.62
CA ASN G 4133 24.66 47.60 -38.28
C ASN G 4133 25.93 46.97 -37.74
N ARG G 4134 26.59 47.57 -36.75
CA ARG G 4134 27.87 47.06 -36.30
C ARG G 4134 27.75 45.66 -35.71
N PHE G 4135 26.79 45.42 -34.83
CA PHE G 4135 26.69 44.17 -34.09
C PHE G 4135 25.68 43.19 -34.66
N GLN G 4136 25.06 43.49 -35.79
CA GLN G 4136 23.97 42.64 -36.27
C GLN G 4136 24.49 41.26 -36.66
N GLU G 4137 25.45 41.21 -37.56
CA GLU G 4137 25.93 39.93 -38.08
C GLU G 4137 26.83 39.21 -37.10
N PRO G 4138 27.70 39.91 -36.38
CA PRO G 4138 28.53 39.22 -35.38
C PRO G 4138 27.73 38.47 -34.34
N ALA G 4139 26.57 38.98 -33.94
CA ALA G 4139 25.77 38.40 -32.88
C ALA G 4139 24.63 37.54 -33.39
N ARG G 4140 24.56 37.29 -34.70
CA ARG G 4140 23.42 36.56 -35.23
C ARG G 4140 23.42 35.10 -34.81
N ASP G 4141 24.59 34.45 -34.86
CA ASP G 4141 24.64 33.02 -34.58
C ASP G 4141 24.38 32.72 -33.11
N ILE G 4142 25.04 33.45 -32.22
CA ILE G 4142 24.83 33.24 -30.80
C ILE G 4142 23.40 33.60 -30.41
N GLY G 4143 22.85 34.65 -31.01
CA GLY G 4143 21.47 35.00 -30.74
C GLY G 4143 20.50 33.90 -31.12
N PHE G 4144 20.68 33.34 -32.32
CA PHE G 4144 19.81 32.25 -32.76
C PHE G 4144 19.97 31.03 -31.85
N ASN G 4145 21.20 30.73 -31.44
CA ASN G 4145 21.41 29.57 -30.60
C ASN G 4145 20.81 29.76 -29.20
N VAL G 4146 20.88 30.99 -28.69
CA VAL G 4146 20.23 31.28 -27.42
C VAL G 4146 18.71 31.11 -27.54
N ALA G 4147 18.14 31.58 -28.66
CA ALA G 4147 16.72 31.39 -28.88
C ALA G 4147 16.37 29.91 -28.94
N VAL G 4148 17.21 29.11 -29.61
CA VAL G 4148 16.94 27.68 -29.70
C VAL G 4148 17.03 27.04 -28.32
N LEU G 4149 18.03 27.41 -27.54
CA LEU G 4149 18.18 26.84 -26.20
C LEU G 4149 16.97 27.17 -25.34
N LEU G 4150 16.54 28.43 -25.36
CA LEU G 4150 15.38 28.81 -24.55
C LEU G 4150 14.12 28.09 -25.02
N THR G 4151 13.93 27.96 -26.33
CA THR G 4151 12.75 27.26 -26.83
C THR G 4151 12.77 25.79 -26.42
N ASN G 4152 13.91 25.13 -26.57
CA ASN G 4152 14.03 23.73 -26.21
C ASN G 4152 13.73 23.53 -24.73
N LEU G 4153 14.35 24.34 -23.87
CA LEU G 4153 14.13 24.21 -22.44
C LEU G 4153 12.68 24.50 -22.09
N SER G 4154 12.09 25.53 -22.69
CA SER G 4154 10.72 25.90 -22.38
C SER G 4154 9.76 24.79 -22.77
N GLU G 4155 9.98 24.15 -23.91
CA GLU G 4155 9.09 23.10 -24.36
C GLU G 4155 9.30 21.78 -23.63
N HIS G 4156 10.47 21.56 -23.04
CA HIS G 4156 10.68 20.32 -22.31
C HIS G 4156 10.59 20.46 -20.80
N VAL G 4157 10.42 21.67 -20.28
CA VAL G 4157 10.14 21.89 -18.86
C VAL G 4157 8.93 22.82 -18.79
N PRO G 4158 7.73 22.34 -19.11
CA PRO G 4158 6.61 23.26 -19.36
C PRO G 4158 6.26 24.16 -18.19
N HIS G 4159 6.31 23.65 -16.96
CA HIS G 4159 5.85 24.39 -15.79
C HIS G 4159 7.07 24.84 -15.00
N ASP G 4160 7.56 26.04 -15.30
CA ASP G 4160 8.68 26.59 -14.56
C ASP G 4160 8.68 28.11 -14.69
N PRO G 4161 8.16 28.84 -13.69
CA PRO G 4161 8.17 30.31 -13.79
C PRO G 4161 9.58 30.89 -13.87
N ARG G 4162 10.58 30.20 -13.32
CA ARG G 4162 11.94 30.66 -13.45
C ARG G 4162 12.37 30.72 -14.91
N LEU G 4163 11.94 29.74 -15.71
CA LEU G 4163 12.18 29.80 -17.15
C LEU G 4163 11.26 30.79 -17.83
N ARG G 4164 10.05 30.96 -17.29
CA ARG G 4164 9.11 31.90 -17.89
C ARG G 4164 9.66 33.32 -17.86
N ASN G 4165 10.35 33.68 -16.77
CA ASN G 4165 10.94 35.02 -16.70
C ASN G 4165 11.98 35.23 -17.79
N PHE G 4166 12.83 34.23 -18.02
CA PHE G 4166 13.83 34.33 -19.07
C PHE G 4166 13.16 34.45 -20.43
N LEU G 4167 12.10 33.70 -20.66
CA LEU G 4167 11.42 33.80 -21.95
C LEU G 4167 10.81 35.18 -22.16
N GLU G 4168 10.21 35.75 -21.12
CA GLU G 4168 9.67 37.10 -21.23
C GLU G 4168 10.77 38.11 -21.51
N LEU G 4169 11.93 37.97 -20.88
CA LEU G 4169 13.05 38.86 -21.17
C LEU G 4169 13.63 38.65 -22.55
N ALA G 4170 13.52 37.46 -23.12
CA ALA G 4170 14.02 37.16 -24.46
C ALA G 4170 12.93 37.26 -25.52
N GLU G 4171 11.78 37.83 -25.17
CA GLU G 4171 10.68 37.92 -26.14
C GLU G 4171 11.14 38.51 -27.47
N SER G 4172 11.92 39.59 -27.42
CA SER G 4172 12.31 40.25 -28.66
C SER G 4172 13.19 39.36 -29.53
N ILE G 4173 14.12 38.64 -28.92
CA ILE G 4173 15.00 37.75 -29.67
C ILE G 4173 14.20 36.61 -30.27
N LEU G 4174 13.30 36.01 -29.50
CA LEU G 4174 12.46 34.93 -30.02
C LEU G 4174 11.58 35.43 -31.15
N GLU G 4175 11.01 36.61 -31.02
CA GLU G 4175 10.20 37.18 -32.09
C GLU G 4175 11.03 37.41 -33.33
N TYR G 4176 12.25 37.95 -33.18
CA TYR G 4176 13.09 38.22 -34.33
C TYR G 4176 13.48 36.94 -35.06
N PHE G 4177 13.80 35.88 -34.32
CA PHE G 4177 14.22 34.63 -34.94
C PHE G 4177 13.07 33.68 -35.22
N ARG G 4178 11.84 34.08 -34.96
CA ARG G 4178 10.70 33.20 -35.21
C ARG G 4178 10.66 32.67 -36.64
N PRO G 4179 10.79 33.50 -37.68
CA PRO G 4179 10.73 32.96 -39.05
C PRO G 4179 11.86 32.02 -39.40
N TYR G 4180 12.96 32.03 -38.65
CA TYR G 4180 14.11 31.20 -38.97
C TYR G 4180 14.29 30.00 -38.06
N LEU G 4181 13.40 29.78 -37.10
CA LEU G 4181 13.49 28.63 -36.21
C LEU G 4181 12.62 27.51 -36.78
N GLY G 4182 13.25 26.57 -37.49
CA GLY G 4182 12.55 25.41 -37.98
C GLY G 4182 12.42 24.37 -36.89
N ARG G 4183 11.26 23.72 -36.86
CA ARG G 4183 10.91 22.77 -35.81
C ARG G 4183 10.26 21.56 -36.47
N ILE G 4184 10.78 20.37 -36.20
CA ILE G 4184 10.17 19.16 -36.72
C ILE G 4184 10.17 18.10 -35.62
N GLU G 4185 9.45 17.01 -35.87
CA GLU G 4185 9.42 15.86 -34.98
C GLU G 4185 9.79 14.61 -35.76
N ILE G 4186 10.61 13.76 -35.15
CA ILE G 4186 11.04 12.52 -35.78
C ILE G 4186 10.92 11.38 -34.79
N MET G 4187 10.87 10.16 -35.33
CA MET G 4187 10.98 8.96 -34.52
C MET G 4187 12.46 8.59 -34.43
N GLY G 4188 13.07 8.87 -33.28
CA GLY G 4188 14.51 8.77 -33.14
C GLY G 4188 14.97 7.37 -32.78
N ALA G 4189 16.29 7.25 -32.60
CA ALA G 4189 16.89 5.97 -32.26
C ALA G 4189 16.41 5.45 -30.91
N SER G 4190 15.87 6.32 -30.06
CA SER G 4190 15.38 5.91 -28.76
C SER G 4190 14.02 5.24 -28.82
N ARG G 4191 13.42 5.14 -30.01
CA ARG G 4191 12.04 4.68 -30.18
C ARG G 4191 11.03 5.68 -29.61
N ARG G 4192 11.46 6.90 -29.32
CA ARG G 4192 10.60 7.96 -28.85
C ARG G 4192 10.53 9.06 -29.89
N ILE G 4193 9.44 9.81 -29.87
CA ILE G 4193 9.32 10.99 -30.71
C ILE G 4193 10.16 12.10 -30.11
N GLU G 4194 10.98 12.73 -30.95
CA GLU G 4194 11.87 13.78 -30.52
C GLU G 4194 11.65 15.02 -31.36
N ARG G 4195 11.72 16.19 -30.72
CA ARG G 4195 11.65 17.46 -31.39
C ARG G 4195 13.03 17.93 -31.78
N ILE G 4196 13.17 18.42 -33.00
CA ILE G 4196 14.42 18.89 -33.56
C ILE G 4196 14.26 20.35 -33.95
N TYR G 4197 15.20 21.18 -33.51
CA TYR G 4197 15.23 22.60 -33.82
C TYR G 4197 16.42 22.89 -34.71
N PHE G 4198 16.20 23.68 -35.75
CA PHE G 4198 17.27 23.98 -36.69
C PHE G 4198 17.04 25.36 -37.28
N GLU G 4199 17.99 25.80 -38.08
CA GLU G 4199 17.92 27.13 -38.69
C GLU G 4199 17.39 27.02 -40.12
N ILE G 4200 16.43 27.87 -40.44
CA ILE G 4200 15.93 28.04 -41.80
C ILE G 4200 16.56 29.30 -42.37
N SER G 4201 17.17 29.18 -43.54
CA SER G 4201 17.82 30.34 -44.15
C SER G 4201 16.78 31.25 -44.80
N GLU G 4202 17.11 32.54 -44.84
CA GLU G 4202 16.21 33.52 -45.45
C GLU G 4202 16.00 33.22 -46.93
N THR G 4203 17.07 32.87 -47.64
CA THR G 4203 16.95 32.52 -49.05
C THR G 4203 16.05 31.30 -49.22
N ASN G 4204 16.23 30.30 -48.36
CA ASN G 4204 15.41 29.10 -48.46
C ASN G 4204 13.93 29.44 -48.28
N ARG G 4205 13.61 30.26 -47.27
CA ARG G 4205 12.21 30.62 -47.07
C ARG G 4205 11.66 31.41 -48.26
N ALA G 4206 12.45 32.35 -48.78
CA ALA G 4206 11.97 33.13 -49.92
C ALA G 4206 11.68 32.23 -51.11
N GLN G 4207 12.61 31.34 -51.44
CA GLN G 4207 12.41 30.43 -52.55
C GLN G 4207 11.20 29.54 -52.33
N TRP G 4208 10.98 29.08 -51.10
CA TRP G 4208 9.81 28.28 -50.81
C TRP G 4208 8.53 29.08 -51.05
N GLU G 4209 8.54 30.36 -50.69
CA GLU G 4209 7.35 31.20 -50.83
C GLU G 4209 7.16 31.72 -52.25
N MET G 4210 8.10 31.49 -53.15
CA MET G 4210 7.89 31.90 -54.54
C MET G 4210 6.62 31.25 -55.08
N PRO G 4211 5.82 31.98 -55.87
CA PRO G 4211 4.50 31.44 -56.28
C PRO G 4211 4.53 30.15 -57.08
N GLN G 4212 5.54 29.96 -57.93
CA GLN G 4212 5.61 28.71 -58.70
C GLN G 4212 5.74 27.52 -57.76
N VAL G 4213 6.55 27.65 -56.72
CA VAL G 4213 6.71 26.58 -55.76
C VAL G 4213 5.40 26.31 -55.05
N LYS G 4214 4.63 27.36 -54.76
CA LYS G 4214 3.34 27.18 -54.12
C LYS G 4214 2.38 26.41 -55.01
N GLU G 4215 2.37 26.73 -56.31
CA GLU G 4215 1.53 25.98 -57.24
C GLU G 4215 1.96 24.52 -57.30
N SER G 4216 3.26 24.27 -57.34
CA SER G 4216 3.74 22.89 -57.33
C SER G 4216 3.30 22.17 -56.06
N LYS G 4217 3.38 22.85 -54.92
CA LYS G 4217 2.96 22.25 -53.66
C LYS G 4217 1.48 21.88 -53.69
N ARG G 4218 0.63 22.79 -54.20
CA ARG G 4218 -0.79 22.50 -54.25
C ARG G 4218 -1.06 21.31 -55.16
N GLN G 4219 -0.40 21.27 -56.33
CA GLN G 4219 -0.60 20.15 -57.23
C GLN G 4219 -0.18 18.84 -56.58
N PHE G 4220 0.97 18.85 -55.89
CA PHE G 4220 1.46 17.65 -55.24
C PHE G 4220 0.50 17.18 -54.15
N ILE G 4221 -0.02 18.12 -53.35
CA ILE G 4221 -0.96 17.75 -52.30
C ILE G 4221 -2.21 17.12 -52.91
N PHE G 4222 -2.73 17.73 -53.97
CA PHE G 4222 -3.90 17.17 -54.63
C PHE G 4222 -3.62 15.76 -55.10
N ASP G 4223 -2.49 15.55 -55.78
CA ASP G 4223 -2.18 14.24 -56.33
C ASP G 4223 -2.04 13.20 -55.22
N VAL G 4224 -1.34 13.55 -54.15
CA VAL G 4224 -1.15 12.60 -53.05
C VAL G 4224 -2.48 12.24 -52.43
N VAL G 4225 -3.32 13.24 -52.17
CA VAL G 4225 -4.56 12.96 -51.46
C VAL G 4225 -5.50 12.13 -52.33
N ASN G 4226 -5.52 12.39 -53.65
CA ASN G 4226 -6.43 11.65 -54.50
C ASN G 4226 -5.86 10.29 -54.92
N GLU G 4227 -4.81 10.31 -55.74
CA GLU G 4227 -4.21 9.09 -56.26
C GLU G 4227 -2.93 8.78 -55.49
N GLY G 4228 -3.11 8.27 -54.27
CA GLY G 4228 -1.96 7.99 -53.42
C GLY G 4228 -2.30 6.95 -52.37
N GLY G 4229 -1.27 6.20 -51.98
CA GLY G 4229 -1.40 5.22 -50.92
C GLY G 4229 -0.63 5.66 -49.68
N GLU G 4230 -1.19 5.36 -48.51
CA GLU G 4230 -0.55 5.76 -47.27
C GLU G 4230 0.84 5.15 -47.15
N SER G 4231 1.06 3.97 -47.73
CA SER G 4231 2.36 3.32 -47.65
C SER G 4231 3.43 4.11 -48.40
N GLU G 4232 3.10 4.66 -49.56
CA GLU G 4232 4.05 5.39 -50.38
C GLU G 4232 3.94 6.90 -50.23
N LYS G 4233 3.10 7.38 -49.31
CA LYS G 4233 2.92 8.83 -49.17
C LYS G 4233 4.25 9.52 -48.87
N MET G 4234 5.04 8.96 -47.95
CA MET G 4234 6.28 9.62 -47.56
C MET G 4234 7.33 9.50 -48.65
N GLU G 4235 7.34 8.39 -49.38
CA GLU G 4235 8.23 8.27 -50.53
C GLU G 4235 7.93 9.36 -51.55
N MET G 4236 6.65 9.55 -51.87
CA MET G 4236 6.28 10.60 -52.83
C MET G 4236 6.59 11.98 -52.28
N PHE G 4237 6.42 12.17 -50.97
CA PHE G 4237 6.75 13.47 -50.37
C PHE G 4237 8.23 13.79 -50.53
N VAL G 4238 9.09 12.81 -50.25
CA VAL G 4238 10.52 13.05 -50.38
C VAL G 4238 10.90 13.29 -51.83
N SER G 4239 10.24 12.57 -52.75
CA SER G 4239 10.49 12.82 -54.16
C SER G 4239 10.09 14.24 -54.55
N PHE G 4240 8.95 14.72 -54.04
CA PHE G 4240 8.53 16.08 -54.29
C PHE G 4240 9.54 17.07 -53.73
N CYS G 4241 10.07 16.79 -52.54
CA CYS G 4241 11.08 17.67 -51.96
C CYS G 4241 12.32 17.74 -52.86
N GLU G 4242 12.77 16.60 -53.37
CA GLU G 4242 13.92 16.59 -54.27
C GLU G 4242 13.65 17.43 -55.51
N ASP G 4243 12.49 17.21 -56.14
CA ASP G 4243 12.16 17.98 -57.33
C ASP G 4243 12.08 19.47 -57.04
N THR G 4244 11.52 19.83 -55.87
CA THR G 4244 11.42 21.24 -55.51
C THR G 4244 12.79 21.86 -55.29
N ILE G 4245 13.71 21.10 -54.68
CA ILE G 4245 15.07 21.63 -54.50
C ILE G 4245 15.70 21.89 -55.87
N PHE G 4246 15.55 20.95 -56.80
CA PHE G 4246 16.12 21.17 -58.13
C PHE G 4246 15.48 22.37 -58.82
N GLU G 4247 14.16 22.52 -58.70
CA GLU G 4247 13.48 23.66 -59.30
C GLU G 4247 13.95 24.97 -58.68
N MET G 4248 14.18 24.97 -57.37
CA MET G 4248 14.71 26.16 -56.72
C MET G 4248 16.08 26.51 -57.26
N GLN G 4249 16.93 25.50 -57.49
CA GLN G 4249 18.23 25.79 -58.09
C GLN G 4249 18.07 26.39 -59.47
N ILE G 4250 17.14 25.87 -60.27
CA ILE G 4250 16.92 26.44 -61.61
C ILE G 4250 16.47 27.89 -61.50
N ALA G 4251 15.54 28.17 -60.60
CA ALA G 4251 15.04 29.53 -60.43
C ALA G 4251 16.16 30.46 -60.00
N ALA G 4252 17.01 30.02 -59.07
CA ALA G 4252 18.14 30.84 -58.66
C ALA G 4252 19.08 31.10 -59.83
N GLN G 4253 19.33 30.08 -60.65
CA GLN G 4253 20.22 30.26 -61.79
C GLN G 4253 19.68 31.27 -62.77
N ILE G 4254 18.36 31.25 -63.05
CA ILE G 4254 17.81 32.19 -64.02
C ILE G 4254 17.47 33.54 -63.41
N SER G 4255 17.52 33.69 -62.09
CA SER G 4255 17.19 34.98 -61.49
C SER G 4255 18.14 36.06 -62.00
N GLU G 4256 17.58 37.25 -62.19
CA GLU G 4256 18.36 38.36 -62.72
C GLU G 4256 19.41 38.80 -61.70
N PRO G 4257 20.59 39.29 -62.15
CA PRO G 4257 21.63 39.74 -61.23
C PRO G 4257 21.11 40.66 -60.13
N PHE G 4538 35.93 37.00 -78.33
CA PHE G 4538 34.53 37.17 -78.72
C PHE G 4538 33.66 36.10 -78.05
N TRP G 4539 34.26 34.94 -77.80
CA TRP G 4539 33.51 33.83 -77.24
C TRP G 4539 32.96 34.18 -75.85
N GLY G 4540 33.77 34.83 -75.02
CA GLY G 4540 33.31 35.16 -73.69
C GLY G 4540 32.14 36.12 -73.69
N GLU G 4541 32.24 37.19 -74.48
CA GLU G 4541 31.14 38.15 -74.56
C GLU G 4541 29.90 37.52 -75.17
N LEU G 4542 30.07 36.70 -76.20
CA LEU G 4542 28.94 36.03 -76.80
C LEU G 4542 28.25 35.11 -75.80
N GLU G 4543 29.05 34.39 -75.00
CA GLU G 4543 28.48 33.52 -73.98
C GLU G 4543 27.71 34.33 -72.95
N VAL G 4544 28.27 35.46 -72.53
CA VAL G 4544 27.58 36.30 -71.55
C VAL G 4544 26.23 36.73 -72.08
N GLN G 4545 26.21 37.27 -73.31
CA GLN G 4545 24.95 37.73 -73.89
C GLN G 4545 23.98 36.57 -74.08
N ARG G 4546 24.46 35.42 -74.52
CA ARG G 4546 23.59 34.27 -74.73
C ARG G 4546 22.96 33.82 -73.42
N VAL G 4547 23.75 33.74 -72.36
CA VAL G 4547 23.21 33.32 -71.07
C VAL G 4547 22.18 34.32 -70.58
N LYS G 4548 22.47 35.62 -70.72
CA LYS G 4548 21.50 36.62 -70.29
C LYS G 4548 20.20 36.50 -71.07
N PHE G 4549 20.29 36.29 -72.38
CA PHE G 4549 19.10 36.19 -73.22
C PHE G 4549 18.28 34.96 -72.86
N LEU G 4550 18.93 33.81 -72.69
CA LEU G 4550 18.21 32.61 -72.30
C LEU G 4550 17.59 32.76 -70.91
N ASN G 4551 18.28 33.43 -69.99
CA ASN G 4551 17.69 33.67 -68.68
C ASN G 4551 16.46 34.56 -68.79
N TYR G 4552 16.51 35.57 -69.66
CA TYR G 4552 15.34 36.42 -69.87
C TYR G 4552 14.17 35.61 -70.39
N LEU G 4553 14.43 34.75 -71.37
CA LEU G 4553 13.35 33.92 -71.92
C LEU G 4553 12.78 33.00 -70.87
N SER G 4554 13.64 32.36 -70.08
CA SER G 4554 13.15 31.47 -69.03
C SER G 4554 12.34 32.23 -68.00
N ARG G 4555 12.78 33.43 -67.62
CA ARG G 4555 12.05 34.24 -66.66
C ARG G 4555 10.67 34.61 -67.19
N ASN G 4556 10.58 34.96 -68.47
CA ASN G 4556 9.32 35.43 -69.05
C ASN G 4556 8.69 34.37 -69.95
N PHE G 4557 8.87 33.10 -69.61
CA PHE G 4557 8.26 32.04 -70.40
C PHE G 4557 6.74 32.16 -70.44
N TYR G 4558 6.11 32.40 -69.30
CA TYR G 4558 4.65 32.46 -69.27
C TYR G 4558 4.11 33.73 -69.92
N THR G 4559 4.80 34.86 -69.71
CA THR G 4559 4.40 36.08 -70.40
C THR G 4559 4.46 35.89 -71.90
N LEU G 4560 5.46 35.15 -72.38
CA LEU G 4560 5.55 34.89 -73.82
C LEU G 4560 4.39 34.04 -74.30
N ARG G 4561 3.97 33.06 -73.49
CA ARG G 4561 2.82 32.24 -73.86
C ARG G 4561 1.55 33.08 -73.95
N PHE G 4562 1.34 33.97 -72.98
CA PHE G 4562 0.18 34.83 -73.03
C PHE G 4562 0.25 35.77 -74.23
N LEU G 4563 1.44 36.28 -74.54
CA LEU G 4563 1.60 37.13 -75.70
C LEU G 4563 1.27 36.39 -76.98
N ALA G 4564 1.67 35.12 -77.07
CA ALA G 4564 1.32 34.31 -78.23
C ALA G 4564 -0.19 34.14 -78.35
N LEU G 4565 -0.86 33.90 -77.23
CA LEU G 4565 -2.32 33.79 -77.27
C LEU G 4565 -2.95 35.09 -77.78
N PHE G 4566 -2.48 36.21 -77.26
CA PHE G 4566 -3.02 37.51 -77.68
C PHE G 4566 -2.78 37.73 -79.17
N LEU G 4567 -1.58 37.39 -79.65
CA LEU G 4567 -1.29 37.58 -81.06
C LEU G 4567 -2.18 36.70 -81.93
N ALA G 4568 -2.42 35.47 -81.50
CA ALA G 4568 -3.33 34.60 -82.25
C ALA G 4568 -4.72 35.20 -82.32
N PHE G 4569 -5.21 35.73 -81.20
CA PHE G 4569 -6.55 36.33 -81.21
C PHE G 4569 -6.60 37.54 -82.14
N ALA G 4570 -5.56 38.37 -82.12
CA ALA G 4570 -5.53 39.53 -83.01
C ALA G 4570 -5.51 39.10 -84.47
N ILE G 4571 -4.70 38.09 -84.79
CA ILE G 4571 -4.62 37.62 -86.16
C ILE G 4571 -5.98 37.11 -86.63
N ASN G 4572 -6.67 36.37 -85.77
CA ASN G 4572 -7.97 35.84 -86.19
C ASN G 4572 -9.02 36.93 -86.30
N PHE G 4573 -8.96 37.93 -85.42
CA PHE G 4573 -9.84 39.07 -85.58
C PHE G 4573 -9.64 39.73 -86.94
N ILE G 4574 -8.38 39.87 -87.35
CA ILE G 4574 -8.12 40.41 -88.68
C ILE G 4574 -8.69 39.48 -89.75
N LEU G 4575 -8.48 38.18 -89.59
CA LEU G 4575 -8.94 37.23 -90.60
C LEU G 4575 -10.45 37.32 -90.79
N LEU G 4576 -11.18 37.68 -89.75
CA LEU G 4576 -12.64 37.80 -89.88
C LEU G 4576 -13.05 38.73 -91.01
N PHE G 4577 -12.15 39.56 -91.53
CA PHE G 4577 -12.47 40.51 -92.59
C PHE G 4577 -12.16 39.98 -93.97
N TYR G 4578 -11.76 38.72 -94.08
CA TYR G 4578 -11.41 38.16 -95.39
C TYR G 4578 -12.65 38.03 -96.26
N LYS G 4579 -12.43 38.08 -97.57
CA LYS G 4579 -13.49 38.00 -98.55
C LYS G 4579 -12.96 37.27 -99.77
N VAL G 4580 -13.87 36.67 -100.53
CA VAL G 4580 -13.53 35.90 -101.71
C VAL G 4580 -14.23 36.52 -102.91
N SER G 4581 -13.56 36.46 -104.07
CA SER G 4581 -14.13 37.01 -105.28
C SER G 4581 -13.63 36.20 -106.48
N ASP G 4582 -14.36 36.32 -107.60
CA ASP G 4582 -13.95 35.69 -108.84
C ASP G 4582 -13.04 36.57 -109.67
N SER G 4583 -12.97 37.87 -109.37
CA SER G 4583 -12.09 38.80 -110.04
C SER G 4583 -11.07 39.35 -109.07
N PRO G 4584 -9.89 39.77 -109.53
CA PRO G 4584 -8.87 40.26 -108.61
C PRO G 4584 -9.36 41.48 -107.85
N PRO G 4585 -8.85 41.71 -106.63
CA PRO G 4585 -9.29 42.84 -105.79
C PRO G 4585 -9.37 44.16 -106.56
N ASN G 4624 -10.75 30.94 -113.77
CA ASN G 4624 -11.87 30.73 -112.86
C ASN G 4624 -11.41 30.70 -111.41
N MET G 4625 -10.10 30.79 -111.20
CA MET G 4625 -9.56 30.70 -109.84
C MET G 4625 -10.02 31.89 -109.02
N VAL G 4626 -10.09 31.69 -107.71
CA VAL G 4626 -10.69 32.66 -106.79
C VAL G 4626 -9.61 33.45 -106.10
N TYR G 4627 -9.94 34.69 -105.73
CA TYR G 4627 -9.05 35.60 -105.02
C TYR G 4627 -9.56 35.78 -103.61
N TYR G 4628 -8.67 35.63 -102.64
CA TYR G 4628 -8.95 35.95 -101.24
C TYR G 4628 -8.25 37.25 -100.88
N PHE G 4629 -9.00 38.18 -100.28
CA PHE G 4629 -8.42 39.46 -99.90
C PHE G 4629 -9.22 40.06 -98.76
N LEU G 4630 -8.55 40.83 -97.92
CA LEU G 4630 -9.22 41.54 -96.84
C LEU G 4630 -10.02 42.71 -97.40
N GLU G 4631 -11.22 42.88 -96.88
CA GLU G 4631 -12.12 43.95 -97.30
C GLU G 4631 -12.30 44.90 -96.12
N GLU G 4632 -11.42 45.89 -96.04
CA GLU G 4632 -11.46 46.90 -94.98
C GLU G 4632 -11.13 48.26 -95.58
N SER G 4633 -11.70 49.30 -94.97
CA SER G 4633 -11.60 50.64 -95.53
C SER G 4633 -10.23 51.28 -95.26
N THR G 4634 -9.64 51.01 -94.09
CA THR G 4634 -8.44 51.74 -93.69
C THR G 4634 -7.27 51.46 -94.62
N GLY G 4635 -7.12 50.21 -95.07
CA GLY G 4635 -5.98 49.83 -95.86
C GLY G 4635 -4.75 49.47 -95.04
N TYR G 4636 -4.84 49.46 -93.71
CA TYR G 4636 -3.72 49.14 -92.85
C TYR G 4636 -3.75 47.73 -92.30
N MET G 4637 -4.85 47.00 -92.47
CA MET G 4637 -4.97 45.70 -91.83
C MET G 4637 -3.99 44.69 -92.43
N GLU G 4638 -3.86 44.69 -93.75
CA GLU G 4638 -2.97 43.71 -94.39
C GLU G 4638 -1.53 43.85 -93.91
N PRO G 4639 -0.91 45.03 -93.92
CA PRO G 4639 0.42 45.14 -93.29
C PRO G 4639 0.40 44.73 -91.83
N ALA G 4640 -0.66 45.09 -91.11
CA ALA G 4640 -0.79 44.65 -89.73
C ALA G 4640 -0.84 43.13 -89.66
N LEU G 4641 -1.55 42.50 -90.60
CA LEU G 4641 -1.60 41.04 -90.60
C LEU G 4641 -0.21 40.44 -90.81
N ARG G 4642 0.56 40.99 -91.74
CA ARG G 4642 1.90 40.45 -91.96
C ARG G 4642 2.77 40.62 -90.73
N CYS G 4643 2.74 41.81 -90.13
CA CYS G 4643 3.54 42.05 -88.94
C CYS G 4643 3.15 41.11 -87.81
N LEU G 4644 1.84 40.95 -87.59
CA LEU G 4644 1.38 40.09 -86.50
C LEU G 4644 1.75 38.64 -86.75
N SER G 4645 1.68 38.19 -88.00
CA SER G 4645 2.04 36.80 -88.30
C SER G 4645 3.51 36.56 -88.02
N LEU G 4646 4.38 37.47 -88.48
CA LEU G 4646 5.80 37.32 -88.21
C LEU G 4646 6.08 37.32 -86.71
N LEU G 4647 5.44 38.26 -85.99
CA LEU G 4647 5.65 38.33 -84.56
C LEU G 4647 5.18 37.07 -83.87
N HIS G 4648 4.05 36.51 -84.30
CA HIS G 4648 3.54 35.30 -83.68
C HIS G 4648 4.50 34.13 -83.88
N THR G 4649 5.03 33.98 -85.09
CA THR G 4649 6.01 32.92 -85.31
C THR G 4649 7.24 33.12 -84.44
N LEU G 4650 7.74 34.35 -84.35
CA LEU G 4650 8.90 34.60 -83.51
C LEU G 4650 8.61 34.25 -82.06
N VAL G 4651 7.43 34.64 -81.56
CA VAL G 4651 7.11 34.39 -80.16
C VAL G 4651 6.95 32.91 -79.90
N ALA G 4652 6.41 32.17 -80.87
CA ALA G 4652 6.32 30.72 -80.70
C ALA G 4652 7.71 30.10 -80.60
N PHE G 4653 8.63 30.54 -81.44
CA PHE G 4653 10.01 30.06 -81.35
C PHE G 4653 10.60 30.37 -79.97
N LEU G 4654 10.41 31.60 -79.51
CA LEU G 4654 10.94 31.97 -78.20
C LEU G 4654 10.30 31.15 -77.09
N CYS G 4655 9.01 30.81 -77.23
CA CYS G 4655 8.38 29.94 -76.25
C CYS G 4655 9.03 28.57 -76.22
N ILE G 4656 9.35 28.02 -77.38
CA ILE G 4656 10.04 26.74 -77.42
C ILE G 4656 11.38 26.84 -76.70
N ILE G 4657 12.15 27.90 -76.99
CA ILE G 4657 13.45 28.04 -76.34
C ILE G 4657 13.30 28.20 -74.84
N GLY G 4658 12.36 29.03 -74.41
CA GLY G 4658 12.14 29.22 -72.99
C GLY G 4658 11.76 27.94 -72.28
N TYR G 4659 10.90 27.14 -72.92
CA TYR G 4659 10.56 25.85 -72.34
C TYR G 4659 11.79 24.96 -72.24
N ASN G 4660 12.55 24.85 -73.33
CA ASN G 4660 13.75 24.02 -73.30
C ASN G 4660 14.71 24.44 -72.21
N CYS G 4661 14.76 25.72 -71.87
CA CYS G 4661 15.67 26.20 -70.84
C CYS G 4661 15.09 26.16 -69.43
N LEU G 4662 13.77 26.16 -69.27
CA LEU G 4662 13.15 26.27 -67.95
C LEU G 4662 12.57 24.96 -67.44
N LYS G 4663 11.92 24.16 -68.29
CA LYS G 4663 11.20 22.97 -67.85
C LYS G 4663 11.91 21.67 -68.20
N VAL G 4664 12.57 21.61 -69.35
CA VAL G 4664 13.26 20.38 -69.75
C VAL G 4664 14.25 19.92 -68.68
N PRO G 4665 15.00 20.80 -68.02
CA PRO G 4665 15.96 20.32 -67.01
C PRO G 4665 15.29 19.46 -65.95
N LEU G 4666 14.08 19.83 -65.51
CA LEU G 4666 13.41 19.02 -64.51
C LEU G 4666 12.96 17.68 -65.09
N VAL G 4667 12.56 17.66 -66.36
CA VAL G 4667 12.18 16.40 -66.98
C VAL G 4667 13.36 15.45 -66.98
N ILE G 4668 14.53 15.94 -67.40
CA ILE G 4668 15.72 15.09 -67.41
C ILE G 4668 16.09 14.70 -65.99
N PHE G 4669 15.95 15.62 -65.03
CA PHE G 4669 16.27 15.30 -63.65
C PHE G 4669 15.41 14.16 -63.14
N LYS G 4670 14.10 14.23 -63.39
CA LYS G 4670 13.21 13.17 -62.92
C LYS G 4670 13.53 11.84 -63.60
N ARG G 4671 13.77 11.86 -64.90
CA ARG G 4671 14.07 10.62 -65.61
C ARG G 4671 15.35 9.99 -65.07
N GLU G 4672 16.40 10.79 -64.88
CA GLU G 4672 17.66 10.26 -64.38
C GLU G 4672 17.51 9.76 -62.95
N LYS G 4673 16.76 10.49 -62.12
CA LYS G 4673 16.56 10.05 -60.74
C LYS G 4673 15.86 8.69 -60.70
N GLU G 4674 14.79 8.55 -61.47
CA GLU G 4674 14.06 7.28 -61.49
C GLU G 4674 14.97 6.16 -61.99
N LEU G 4675 15.74 6.42 -63.03
CA LEU G 4675 16.63 5.40 -63.57
C LEU G 4675 17.67 4.99 -62.54
N ALA G 4676 18.27 5.96 -61.86
CA ALA G 4676 19.29 5.65 -60.86
C ALA G 4676 18.72 4.82 -59.73
N ARG G 4677 17.53 5.18 -59.25
CA ARG G 4677 16.91 4.39 -58.18
C ARG G 4677 16.60 2.99 -58.64
N LYS G 4678 16.05 2.84 -59.86
CA LYS G 4678 15.73 1.52 -60.37
C LYS G 4678 16.98 0.68 -60.57
N LEU G 4679 18.12 1.32 -60.84
CA LEU G 4679 19.37 0.58 -60.95
C LEU G 4679 19.85 0.12 -59.59
N GLU G 4680 19.96 1.05 -58.64
CA GLU G 4680 20.60 0.71 -57.37
C GLU G 4680 19.74 -0.20 -56.52
N PHE G 4681 18.44 0.08 -56.40
CA PHE G 4681 17.59 -0.61 -55.44
C PHE G 4681 16.73 -1.71 -56.06
N ASP G 4682 16.68 -1.82 -57.38
CA ASP G 4682 15.90 -2.87 -58.02
C ASP G 4682 16.72 -3.72 -58.98
N GLY G 4683 17.95 -3.33 -59.30
CA GLY G 4683 18.73 -4.08 -60.28
C GLY G 4683 17.97 -4.23 -61.58
N LEU G 4684 17.47 -3.11 -62.11
CA LEU G 4684 16.56 -3.17 -63.25
C LEU G 4684 17.23 -3.83 -64.45
N TYR G 4685 18.47 -3.46 -64.75
CA TYR G 4685 19.20 -4.03 -65.86
C TYR G 4685 20.25 -5.04 -65.43
N ILE G 4686 20.24 -5.43 -64.15
CA ILE G 4686 21.18 -6.40 -63.63
C ILE G 4686 20.45 -7.67 -63.26
N THR G 4687 19.52 -7.58 -62.30
CA THR G 4687 18.81 -8.77 -61.84
C THR G 4687 17.54 -9.00 -62.65
N GLU G 4688 16.89 -7.94 -63.09
CA GLU G 4688 15.68 -8.03 -63.88
C GLU G 4688 15.91 -7.40 -65.26
N GLN G 4689 14.85 -7.26 -66.04
CA GLN G 4689 14.91 -6.63 -67.34
C GLN G 4689 13.61 -5.88 -67.58
N PRO G 4690 13.60 -4.88 -68.44
CA PRO G 4690 12.34 -4.26 -68.84
C PRO G 4690 11.40 -5.29 -69.46
N GLU G 4691 10.15 -4.88 -69.65
CA GLU G 4691 9.07 -5.80 -69.98
C GLU G 4691 8.81 -5.94 -71.48
N ASP G 4692 9.74 -5.47 -72.31
CA ASP G 4692 9.62 -5.62 -73.76
C ASP G 4692 8.51 -4.76 -74.33
N ASP G 4693 7.76 -4.07 -73.47
CA ASP G 4693 6.79 -3.07 -73.87
C ASP G 4693 6.95 -1.77 -73.10
N ASP G 4694 7.77 -1.78 -72.05
CA ASP G 4694 8.13 -0.56 -71.33
C ASP G 4694 9.10 0.21 -72.22
N VAL G 4695 8.53 1.09 -73.05
CA VAL G 4695 9.35 1.84 -73.99
C VAL G 4695 10.35 2.71 -73.26
N LYS G 4696 9.95 3.27 -72.12
CA LYS G 4696 10.88 4.06 -71.33
C LYS G 4696 12.05 3.21 -70.86
N GLY G 4697 11.77 2.00 -70.38
CA GLY G 4697 12.84 1.13 -69.94
C GLY G 4697 13.76 0.73 -71.07
N GLN G 4698 13.20 0.44 -72.25
CA GLN G 4698 14.02 0.08 -73.39
C GLN G 4698 14.87 1.25 -73.86
N TRP G 4699 14.33 2.46 -73.81
CA TRP G 4699 15.08 3.63 -74.28
C TRP G 4699 16.16 4.02 -73.29
N ASP G 4700 15.91 3.86 -71.99
CA ASP G 4700 16.91 4.21 -70.99
C ASP G 4700 18.15 3.35 -71.09
N ARG G 4701 18.08 2.23 -71.81
CA ARG G 4701 19.28 1.42 -72.01
C ARG G 4701 20.38 2.18 -72.74
N LEU G 4702 20.02 3.23 -73.47
CA LEU G 4702 21.01 3.98 -74.24
C LEU G 4702 21.91 4.84 -73.37
N VAL G 4703 21.47 5.20 -72.16
CA VAL G 4703 22.21 6.15 -71.33
C VAL G 4703 23.08 5.49 -70.27
N LEU G 4704 22.96 4.17 -70.09
CA LEU G 4704 23.62 3.52 -68.97
C LEU G 4704 25.13 3.67 -69.04
N ASN G 4705 25.70 3.47 -70.21
CA ASN G 4705 27.16 3.47 -70.37
C ASN G 4705 27.71 4.81 -70.82
N THR G 4706 26.90 5.85 -70.84
CA THR G 4706 27.40 7.15 -71.27
C THR G 4706 28.29 7.76 -70.19
N PRO G 4707 29.33 8.50 -70.58
CA PRO G 4707 30.18 9.12 -69.56
C PRO G 4707 29.46 10.11 -68.67
N SER G 4708 28.34 10.67 -69.12
CA SER G 4708 27.66 11.74 -68.40
C SER G 4708 26.22 11.37 -68.08
N PHE G 4709 25.98 10.13 -67.64
CA PHE G 4709 24.61 9.70 -67.41
C PHE G 4709 23.95 10.61 -66.39
N PRO G 4710 24.44 10.66 -65.15
CA PRO G 4710 23.81 11.57 -64.18
C PRO G 4710 24.26 13.01 -64.40
N SER G 4711 23.64 13.69 -65.36
CA SER G 4711 23.99 15.06 -65.68
C SER G 4711 23.21 16.09 -64.88
N ASN G 4712 21.92 15.84 -64.63
CA ASN G 4712 21.09 16.72 -63.83
C ASN G 4712 20.84 16.18 -62.43
N TYR G 4713 20.62 14.89 -62.30
CA TYR G 4713 20.47 14.27 -60.99
C TYR G 4713 21.73 14.48 -60.16
N TRP G 4714 21.54 14.79 -58.88
CA TRP G 4714 22.65 15.24 -58.06
C TRP G 4714 23.69 14.14 -57.84
N ASP G 4715 23.24 12.91 -57.65
CA ASP G 4715 24.14 11.81 -57.30
C ASP G 4715 25.04 11.48 -58.48
N LYS G 4716 26.33 11.82 -58.36
CA LYS G 4716 27.31 11.56 -59.41
C LYS G 4716 28.07 10.27 -59.17
N PHE G 4717 27.73 9.51 -58.12
CA PHE G 4717 28.39 8.25 -57.81
C PHE G 4717 27.43 7.07 -57.86
N VAL G 4718 26.33 7.21 -58.60
CA VAL G 4718 25.37 6.11 -58.70
C VAL G 4718 26.04 4.90 -59.32
N LYS G 4719 26.93 5.11 -60.29
CA LYS G 4719 27.60 3.99 -60.92
C LYS G 4719 28.49 3.23 -59.94
N ARG G 4720 29.25 3.96 -59.12
CA ARG G 4720 30.04 3.31 -58.08
C ARG G 4720 29.15 2.57 -57.10
N LYS G 4721 28.03 3.17 -56.69
CA LYS G 4721 27.16 2.50 -55.75
C LYS G 4721 26.59 1.22 -56.33
N VAL G 4722 26.18 1.26 -57.60
CA VAL G 4722 25.64 0.07 -58.25
C VAL G 4722 26.71 -1.00 -58.35
N LEU G 4723 27.93 -0.61 -58.74
CA LEU G 4723 29.01 -1.59 -58.84
C LEU G 4723 29.25 -2.26 -57.50
N ASP G 4724 29.32 -1.47 -56.42
CA ASP G 4724 29.56 -2.05 -55.11
C ASP G 4724 28.40 -2.95 -54.67
N LYS G 4725 27.18 -2.60 -55.04
CA LYS G 4725 26.03 -3.39 -54.58
C LYS G 4725 25.91 -4.70 -55.35
N HIS G 4726 25.83 -4.64 -56.67
CA HIS G 4726 25.61 -5.82 -57.50
C HIS G 4726 26.89 -6.35 -58.13
N GLY G 4727 28.05 -5.81 -57.78
CA GLY G 4727 29.27 -6.22 -58.46
C GLY G 4727 29.61 -7.68 -58.23
N ASP G 4728 29.47 -8.15 -56.99
CA ASP G 4728 29.98 -9.48 -56.65
C ASP G 4728 29.10 -10.58 -57.25
N ILE G 4729 27.78 -10.42 -57.18
CA ILE G 4729 26.87 -11.46 -57.66
C ILE G 4729 26.73 -11.46 -59.18
N PHE G 4730 26.94 -10.31 -59.83
CA PHE G 4730 26.77 -10.21 -61.27
C PHE G 4730 28.08 -10.13 -62.03
N GLY G 4731 29.19 -9.89 -61.35
CA GLY G 4731 30.48 -9.76 -62.02
C GLY G 4731 30.90 -8.31 -62.13
N ARG G 4732 32.03 -7.95 -61.52
CA ARG G 4732 32.47 -6.57 -61.55
C ARG G 4732 32.78 -6.13 -62.98
N GLU G 4733 33.42 -6.99 -63.77
CA GLU G 4733 33.71 -6.64 -65.15
C GLU G 4733 32.42 -6.47 -65.96
N ARG G 4734 31.45 -7.34 -65.72
CA ARG G 4734 30.17 -7.24 -66.42
C ARG G 4734 29.46 -5.94 -66.07
N ILE G 4735 29.45 -5.58 -64.79
CA ILE G 4735 28.82 -4.33 -64.38
C ILE G 4735 29.56 -3.14 -64.98
N ALA G 4736 30.88 -3.19 -64.99
CA ALA G 4736 31.66 -2.09 -65.55
C ALA G 4736 31.37 -1.93 -67.04
N GLU G 4737 31.22 -3.03 -67.76
CA GLU G 4737 30.86 -2.94 -69.16
C GLU G 4737 29.45 -2.37 -69.33
N LEU G 4738 28.52 -2.80 -68.48
CA LEU G 4738 27.15 -2.31 -68.60
C LEU G 4738 27.08 -0.81 -68.35
N LEU G 4739 27.82 -0.31 -67.35
CA LEU G 4739 27.75 1.08 -66.96
C LEU G 4739 28.85 1.93 -67.59
N GLY G 4740 29.64 1.36 -68.49
CA GLY G 4740 30.66 2.12 -69.17
C GLY G 4740 31.68 2.73 -68.24
N MET G 4741 32.18 1.94 -67.29
CA MET G 4741 33.16 2.40 -66.33
C MET G 4741 34.51 1.78 -66.63
N ASP G 4742 35.57 2.52 -66.32
CA ASP G 4742 36.94 2.05 -66.48
C ASP G 4742 37.49 1.73 -65.09
N LEU G 4743 37.44 0.44 -64.74
CA LEU G 4743 37.82 0.03 -63.39
C LEU G 4743 39.23 0.46 -63.06
N ALA G 4744 40.17 0.23 -63.98
CA ALA G 4744 41.57 0.53 -63.71
C ALA G 4744 41.76 2.02 -63.40
N SER G 4745 41.27 2.89 -64.28
CA SER G 4745 41.48 4.32 -64.09
C SER G 4745 40.68 4.87 -62.92
N LEU G 4746 39.61 4.16 -62.53
CA LEU G 4746 38.73 4.70 -61.49
C LEU G 4746 39.38 4.61 -60.12
N GLU G 4747 40.38 3.73 -59.97
CA GLU G 4747 41.18 3.73 -58.75
C GLU G 4747 42.21 4.86 -58.78
N ILE G 4748 42.77 5.13 -59.96
CA ILE G 4748 43.74 6.21 -60.11
C ILE G 4748 43.11 7.54 -59.75
N THR G 4749 41.87 7.75 -60.23
CA THR G 4749 41.16 8.99 -59.92
C THR G 4749 41.14 9.24 -58.42
N ALA G 4750 40.76 8.23 -57.63
CA ALA G 4750 40.78 8.38 -56.19
C ALA G 4750 42.21 8.57 -55.68
N HIS G 4751 43.18 7.96 -56.35
CA HIS G 4751 44.56 8.04 -55.89
C HIS G 4751 45.07 9.48 -55.88
N ASN G 4752 44.79 10.24 -56.93
CA ASN G 4752 45.33 11.60 -57.03
C ASN G 4752 44.36 12.53 -57.74
N GLU G 4753 44.70 13.82 -57.74
CA GLU G 4753 43.83 14.87 -58.26
C GLU G 4753 44.32 15.37 -59.61
N ARG G 4754 43.43 15.32 -60.61
CA ARG G 4754 43.75 15.70 -61.99
C ARG G 4754 42.74 16.77 -62.42
N LYS G 4755 43.22 18.00 -62.55
CA LYS G 4755 42.39 19.10 -63.02
C LYS G 4755 42.77 19.45 -64.45
N PRO G 4756 41.90 19.24 -65.44
CA PRO G 4756 42.27 19.56 -66.82
C PRO G 4756 42.17 21.06 -67.11
N ASP G 4757 42.59 21.46 -68.30
CA ASP G 4757 42.57 22.87 -68.72
C ASP G 4757 41.90 22.95 -70.08
N PRO G 4758 40.57 22.91 -70.13
CA PRO G 4758 39.86 22.99 -71.41
C PRO G 4758 39.66 24.44 -71.81
N PRO G 4759 40.22 24.86 -72.94
CA PRO G 4759 39.93 26.22 -73.43
C PRO G 4759 38.51 26.33 -73.95
N PRO G 4760 38.07 27.52 -74.35
CA PRO G 4760 36.74 27.66 -74.94
C PRO G 4760 36.65 27.20 -76.39
N GLY G 4761 37.69 26.54 -76.91
CA GLY G 4761 37.73 26.15 -78.31
C GLY G 4761 36.54 25.31 -78.74
N LEU G 4762 35.97 25.64 -79.90
CA LEU G 4762 34.87 24.85 -80.42
C LEU G 4762 35.28 23.41 -80.67
N LEU G 4763 36.55 23.18 -81.02
CA LEU G 4763 37.04 21.82 -81.15
C LEU G 4763 36.97 21.08 -79.82
N THR G 4764 37.36 21.76 -78.74
CA THR G 4764 37.28 21.14 -77.42
C THR G 4764 35.83 20.87 -77.04
N TRP G 4765 34.93 21.80 -77.37
CA TRP G 4765 33.51 21.59 -77.09
C TRP G 4765 32.98 20.39 -77.86
N ILE G 4766 33.38 20.24 -79.12
CA ILE G 4766 33.00 19.06 -79.90
C ILE G 4766 33.52 17.79 -79.23
N MET G 4767 34.80 17.79 -78.85
CA MET G 4767 35.36 16.63 -78.15
C MET G 4767 34.61 16.33 -76.86
N SER G 4768 34.08 17.34 -76.18
CA SER G 4768 33.33 17.15 -74.95
C SER G 4768 31.92 16.64 -75.22
N ILE G 4769 31.35 16.92 -76.37
CA ILE G 4769 30.00 16.47 -76.71
C ILE G 4769 29.94 14.95 -76.55
N ASP G 4770 28.86 14.47 -75.95
CA ASP G 4770 28.60 13.04 -75.74
C ASP G 4770 27.39 12.66 -76.59
N VAL G 4771 27.65 12.08 -77.76
CA VAL G 4771 26.60 11.93 -78.76
C VAL G 4771 25.50 11.00 -78.27
N LYS G 4772 25.87 9.88 -77.65
CA LYS G 4772 24.87 8.90 -77.21
C LYS G 4772 23.93 9.51 -76.17
N TYR G 4773 24.50 10.23 -75.19
CA TYR G 4773 23.67 10.88 -74.20
C TYR G 4773 22.76 11.91 -74.83
N GLN G 4774 23.28 12.65 -75.81
CA GLN G 4774 22.46 13.65 -76.49
C GLN G 4774 21.30 13.00 -77.22
N ILE G 4775 21.53 11.86 -77.86
CA ILE G 4775 20.45 11.16 -78.55
C ILE G 4775 19.39 10.72 -77.54
N TRP G 4776 19.83 10.15 -76.42
CA TRP G 4776 18.87 9.74 -75.40
C TRP G 4776 18.07 10.93 -74.89
N LYS G 4777 18.74 12.04 -74.63
CA LYS G 4777 18.06 13.23 -74.15
C LYS G 4777 17.05 13.74 -75.16
N PHE G 4778 17.41 13.76 -76.44
CA PHE G 4778 16.49 14.24 -77.45
C PHE G 4778 15.29 13.31 -77.58
N GLY G 4779 15.50 12.01 -77.43
CA GLY G 4779 14.37 11.11 -77.39
C GLY G 4779 13.42 11.42 -76.25
N VAL G 4780 13.97 11.63 -75.06
CA VAL G 4780 13.12 11.98 -73.91
C VAL G 4780 12.35 13.26 -74.18
N ILE G 4781 13.05 14.28 -74.69
CA ILE G 4781 12.42 15.59 -74.88
C ILE G 4781 11.31 15.49 -75.93
N PHE G 4782 11.60 14.86 -77.06
CA PHE G 4782 10.62 14.72 -78.13
C PHE G 4782 9.51 13.76 -77.78
N THR G 4783 9.65 13.00 -76.69
CA THR G 4783 8.53 12.25 -76.15
C THR G 4783 7.74 13.02 -75.11
N ASP G 4784 8.32 14.07 -74.52
CA ASP G 4784 7.60 14.87 -73.52
C ASP G 4784 6.41 15.58 -74.17
N ASN G 4785 5.28 15.60 -73.47
CA ASN G 4785 4.03 16.07 -74.09
C ASN G 4785 4.03 17.57 -74.30
N SER G 4786 4.44 18.34 -73.28
CA SER G 4786 4.37 19.80 -73.40
C SER G 4786 5.31 20.31 -74.49
N PHE G 4787 6.50 19.71 -74.59
CA PHE G 4787 7.42 20.11 -75.64
C PHE G 4787 6.83 19.84 -77.01
N LEU G 4788 6.19 18.69 -77.18
CA LEU G 4788 5.54 18.39 -78.46
C LEU G 4788 4.42 19.36 -78.75
N TYR G 4789 3.66 19.74 -77.72
CA TYR G 4789 2.61 20.72 -77.92
C TYR G 4789 3.18 22.04 -78.43
N LEU G 4790 4.26 22.52 -77.81
CA LEU G 4790 4.87 23.76 -78.26
C LEU G 4790 5.45 23.62 -79.65
N GLY G 4791 6.04 22.47 -79.95
CA GLY G 4791 6.59 22.25 -81.29
C GLY G 4791 5.52 22.28 -82.36
N TRP G 4792 4.39 21.65 -82.09
CA TRP G 4792 3.30 21.68 -83.06
C TRP G 4792 2.71 23.08 -83.17
N TYR G 4793 2.69 23.83 -82.06
CA TYR G 4793 2.31 25.24 -82.14
C TYR G 4793 3.21 26.00 -83.10
N MET G 4794 4.52 25.80 -82.99
CA MET G 4794 5.45 26.49 -83.88
C MET G 4794 5.25 26.05 -85.33
N VAL G 4795 5.07 24.76 -85.56
CA VAL G 4795 4.82 24.26 -86.90
C VAL G 4795 3.56 24.90 -87.47
N MET G 4796 2.54 25.03 -86.64
CA MET G 4796 1.28 25.59 -87.11
C MET G 4796 1.43 27.05 -87.46
N SER G 4797 2.25 27.78 -86.70
CA SER G 4797 2.55 29.17 -87.06
C SER G 4797 3.27 29.25 -88.39
N LEU G 4798 4.27 28.40 -88.59
CA LEU G 4798 4.96 28.39 -89.88
C LEU G 4798 3.98 28.12 -91.02
N LEU G 4799 3.07 27.17 -90.82
CA LEU G 4799 2.06 26.91 -91.84
C LEU G 4799 1.16 28.12 -92.04
N GLY G 4800 0.81 28.81 -90.96
CA GLY G 4800 0.02 30.02 -91.09
C GLY G 4800 0.68 31.03 -92.01
N HIS G 4801 2.00 31.05 -92.01
CA HIS G 4801 2.69 31.90 -92.98
C HIS G 4801 2.41 31.46 -94.41
N TYR G 4802 2.24 30.15 -94.62
CA TYR G 4802 1.91 29.64 -95.96
C TYR G 4802 0.48 30.01 -96.33
N ASN G 4803 -0.46 29.78 -95.41
CA ASN G 4803 -1.86 30.17 -95.56
C ASN G 4803 -2.33 30.75 -94.25
N ASN G 4804 -2.77 32.01 -94.26
CA ASN G 4804 -3.03 32.73 -93.01
C ASN G 4804 -4.07 32.01 -92.16
N PHE G 4805 -4.95 31.23 -92.79
CA PHE G 4805 -6.03 30.61 -92.03
C PHE G 4805 -5.54 29.51 -91.11
N PHE G 4806 -4.32 29.00 -91.32
CA PHE G 4806 -3.77 28.04 -90.38
C PHE G 4806 -3.57 28.65 -89.01
N PHE G 4807 -3.56 29.99 -88.93
CA PHE G 4807 -3.44 30.65 -87.64
C PHE G 4807 -4.66 30.42 -86.76
N ALA G 4808 -5.76 29.96 -87.33
CA ALA G 4808 -6.93 29.65 -86.54
C ALA G 4808 -6.68 28.51 -85.57
N ALA G 4809 -5.76 27.61 -85.88
CA ALA G 4809 -5.49 26.47 -85.00
C ALA G 4809 -4.97 26.94 -83.65
N HIS G 4810 -4.34 28.11 -83.61
CA HIS G 4810 -3.77 28.58 -82.36
C HIS G 4810 -4.84 29.09 -81.40
N LEU G 4811 -6.07 29.22 -81.87
CA LEU G 4811 -7.16 29.60 -80.97
C LEU G 4811 -7.47 28.48 -80.00
N LEU G 4812 -7.19 27.23 -80.38
CA LEU G 4812 -7.42 26.11 -79.47
C LEU G 4812 -6.52 26.20 -78.26
N ASP G 4813 -5.51 27.06 -78.31
CA ASP G 4813 -4.58 27.24 -77.21
C ASP G 4813 -5.29 27.66 -75.93
N ILE G 4814 -6.49 28.22 -76.04
CA ILE G 4814 -7.20 28.71 -74.87
C ILE G 4814 -7.45 27.57 -73.89
N ALA G 4815 -7.67 26.37 -74.41
CA ALA G 4815 -7.90 25.22 -73.54
C ALA G 4815 -6.72 25.00 -72.59
N MET G 4816 -5.51 25.06 -73.13
CA MET G 4816 -4.32 24.87 -72.29
C MET G 4816 -4.05 26.11 -71.45
N GLY G 4817 -4.28 27.29 -71.99
CA GLY G 4817 -3.96 28.52 -71.31
C GLY G 4817 -4.86 28.81 -70.13
N VAL G 4818 -6.15 29.03 -70.40
CA VAL G 4818 -7.07 29.43 -69.34
C VAL G 4818 -7.32 28.26 -68.41
N LYS G 4819 -7.26 28.54 -67.10
CA LYS G 4819 -7.48 27.49 -66.11
C LYS G 4819 -8.94 27.08 -66.03
N THR G 4820 -9.86 28.05 -66.07
CA THR G 4820 -11.27 27.73 -65.97
C THR G 4820 -11.71 26.85 -67.15
N LEU G 4821 -11.24 27.18 -68.36
CA LEU G 4821 -11.60 26.37 -69.52
C LEU G 4821 -10.99 24.98 -69.42
N ARG G 4822 -9.77 24.88 -68.90
CA ARG G 4822 -9.17 23.56 -68.71
C ARG G 4822 -10.01 22.73 -67.76
N THR G 4823 -10.47 23.33 -66.66
CA THR G 4823 -11.31 22.59 -65.72
C THR G 4823 -12.62 22.18 -66.37
N ILE G 4824 -13.23 23.08 -67.15
CA ILE G 4824 -14.49 22.73 -67.81
C ILE G 4824 -14.29 21.57 -68.78
N LEU G 4825 -13.19 21.60 -69.54
CA LEU G 4825 -12.94 20.55 -70.52
C LEU G 4825 -12.58 19.23 -69.86
N SER G 4826 -12.03 19.29 -68.64
CA SER G 4826 -11.80 18.06 -67.90
C SER G 4826 -13.08 17.28 -67.66
N SER G 4827 -14.23 17.97 -67.62
CA SER G 4827 -15.49 17.26 -67.48
C SER G 4827 -15.76 16.37 -68.68
N VAL G 4828 -15.48 16.87 -69.89
CA VAL G 4828 -15.66 16.04 -71.07
C VAL G 4828 -14.60 14.95 -71.13
N THR G 4829 -13.35 15.28 -70.85
CA THR G 4829 -12.27 14.32 -71.03
C THR G 4829 -12.20 13.28 -69.93
N HIS G 4830 -12.85 13.51 -68.79
CA HIS G 4830 -12.78 12.56 -67.69
C HIS G 4830 -13.38 11.22 -68.07
N ASN G 4831 -14.54 11.25 -68.75
CA ASN G 4831 -15.20 10.06 -69.24
C ASN G 4831 -15.09 9.93 -70.75
N GLY G 4832 -13.95 10.32 -71.32
CA GLY G 4832 -13.80 10.27 -72.76
C GLY G 4832 -13.92 8.86 -73.31
N LYS G 4833 -13.37 7.89 -72.59
CA LYS G 4833 -13.48 6.50 -73.04
C LYS G 4833 -14.93 6.07 -73.08
N GLN G 4834 -15.70 6.42 -72.05
CA GLN G 4834 -17.11 6.07 -72.03
C GLN G 4834 -17.88 6.77 -73.13
N LEU G 4835 -17.54 8.04 -73.41
CA LEU G 4835 -18.20 8.75 -74.49
C LEU G 4835 -17.93 8.09 -75.84
N VAL G 4836 -16.69 7.70 -76.09
CA VAL G 4836 -16.36 7.05 -77.35
C VAL G 4836 -17.09 5.71 -77.46
N MET G 4837 -17.13 4.95 -76.35
CA MET G 4837 -17.84 3.69 -76.37
C MET G 4837 -19.33 3.89 -76.62
N THR G 4838 -19.90 4.95 -76.06
CA THR G 4838 -21.31 5.25 -76.29
C THR G 4838 -21.57 5.60 -77.74
N VAL G 4839 -20.67 6.36 -78.37
CA VAL G 4839 -20.83 6.66 -79.78
C VAL G 4839 -20.76 5.38 -80.61
N GLY G 4840 -19.85 4.48 -80.24
CA GLY G 4840 -19.78 3.20 -80.94
C GLY G 4840 -21.05 2.39 -80.80
N LEU G 4841 -21.61 2.36 -79.59
CA LEU G 4841 -22.87 1.66 -79.38
C LEU G 4841 -23.98 2.28 -80.22
N LEU G 4842 -24.01 3.61 -80.29
CA LEU G 4842 -24.98 4.28 -81.15
C LEU G 4842 -24.82 3.84 -82.60
N ALA G 4843 -23.58 3.75 -83.06
CA ALA G 4843 -23.35 3.31 -84.44
C ALA G 4843 -23.88 1.90 -84.65
N VAL G 4844 -23.65 1.01 -83.69
CA VAL G 4844 -24.12 -0.38 -83.83
C VAL G 4844 -25.65 -0.43 -83.86
N VAL G 4845 -26.30 0.31 -82.97
CA VAL G 4845 -27.76 0.30 -82.94
C VAL G 4845 -28.33 0.86 -84.25
N VAL G 4846 -27.75 1.95 -84.75
CA VAL G 4846 -28.22 2.51 -86.00
C VAL G 4846 -28.00 1.52 -87.13
N TYR G 4847 -26.92 0.74 -87.06
CA TYR G 4847 -26.70 -0.28 -88.07
C TYR G 4847 -27.79 -1.35 -88.04
N LEU G 4848 -28.20 -1.77 -86.83
CA LEU G 4848 -29.28 -2.75 -86.74
C LEU G 4848 -30.56 -2.20 -87.35
N TYR G 4849 -30.89 -0.95 -87.02
CA TYR G 4849 -32.07 -0.33 -87.62
C TYR G 4849 -31.93 -0.25 -89.14
N THR G 4850 -30.73 0.02 -89.63
CA THR G 4850 -30.49 0.06 -91.07
C THR G 4850 -30.75 -1.29 -91.71
N VAL G 4851 -30.32 -2.37 -91.05
CA VAL G 4851 -30.56 -3.70 -91.60
C VAL G 4851 -32.04 -3.98 -91.70
N VAL G 4852 -32.79 -3.67 -90.63
CA VAL G 4852 -34.23 -3.90 -90.66
C VAL G 4852 -34.87 -3.10 -91.77
N ALA G 4853 -34.50 -1.82 -91.90
CA ALA G 4853 -35.08 -0.98 -92.94
C ALA G 4853 -34.73 -1.50 -94.33
N PHE G 4854 -33.49 -1.90 -94.54
CA PHE G 4854 -33.07 -2.40 -95.84
C PHE G 4854 -33.81 -3.67 -96.23
N ASN G 4855 -34.17 -4.51 -95.26
CA ASN G 4855 -34.89 -5.73 -95.58
C ASN G 4855 -36.40 -5.54 -95.68
N PHE G 4856 -36.99 -4.55 -95.01
CA PHE G 4856 -38.45 -4.50 -94.93
C PHE G 4856 -39.07 -3.19 -95.39
N PHE G 4857 -38.42 -2.07 -95.17
CA PHE G 4857 -39.03 -0.75 -95.37
C PHE G 4857 -38.32 0.03 -96.47
N ARG G 4858 -37.95 -0.64 -97.55
CA ARG G 4858 -37.20 0.04 -98.61
C ARG G 4858 -38.05 1.04 -99.37
N LYS G 4859 -39.35 0.78 -99.49
CA LYS G 4859 -40.21 1.63 -100.30
C LYS G 4859 -40.40 3.02 -99.71
N PHE G 4860 -40.15 3.19 -98.41
CA PHE G 4860 -40.39 4.45 -97.73
C PHE G 4860 -39.21 5.41 -97.81
N TYR G 4861 -38.09 5.00 -98.40
CA TYR G 4861 -36.87 5.79 -98.39
C TYR G 4861 -36.62 6.50 -99.71
N ASN G 4862 -37.67 6.98 -100.36
CA ASN G 4862 -37.54 7.75 -101.58
C ASN G 4862 -37.50 9.23 -101.22
N LYS G 4863 -36.41 9.91 -101.58
CA LYS G 4863 -36.19 11.31 -101.22
C LYS G 4863 -36.27 12.24 -102.42
N SER G 4864 -36.95 11.81 -103.48
CA SER G 4864 -37.09 12.63 -104.69
C SER G 4864 -38.56 12.92 -104.92
N GLU G 4865 -38.88 14.20 -105.10
CA GLU G 4865 -40.24 14.59 -105.44
C GLU G 4865 -40.56 14.28 -106.89
N ASP G 4866 -39.59 14.47 -107.79
CA ASP G 4866 -39.79 14.17 -109.20
C ASP G 4866 -40.15 12.71 -109.40
N GLU G 4867 -41.37 12.44 -109.85
CA GLU G 4867 -41.80 11.06 -110.05
C GLU G 4867 -41.03 10.37 -111.16
N ASP G 4868 -40.41 11.14 -112.06
CA ASP G 4868 -39.68 10.54 -113.17
C ASP G 4868 -38.37 9.91 -112.68
N GLU G 4869 -37.62 10.64 -111.85
CA GLU G 4869 -36.30 10.20 -111.39
C GLU G 4869 -36.33 10.02 -109.88
N PRO G 4870 -36.64 8.84 -109.37
CA PRO G 4870 -36.61 8.61 -107.93
C PRO G 4870 -35.19 8.58 -107.40
N ASP G 4871 -35.07 8.87 -106.09
CA ASP G 4871 -33.79 8.86 -105.39
C ASP G 4871 -33.94 7.98 -104.14
N MET G 4872 -33.74 6.68 -104.31
CA MET G 4872 -33.94 5.75 -103.21
C MET G 4872 -32.70 5.73 -102.32
N LYS G 4873 -32.90 5.94 -101.03
CA LYS G 4873 -31.80 6.03 -100.08
C LYS G 4873 -31.53 4.71 -99.36
N CYS G 4874 -32.28 3.66 -99.66
CA CYS G 4874 -32.08 2.37 -99.00
C CYS G 4874 -32.12 1.22 -99.99
N ASP G 4875 -31.68 1.45 -101.22
CA ASP G 4875 -31.53 0.38 -102.19
C ASP G 4875 -30.16 -0.27 -102.13
N ASP G 4876 -29.32 0.14 -101.19
CA ASP G 4876 -28.06 -0.52 -100.93
C ASP G 4876 -27.65 -0.22 -99.49
N MET G 4877 -27.01 -1.19 -98.85
CA MET G 4877 -26.78 -1.08 -97.41
C MET G 4877 -25.89 0.11 -97.07
N MET G 4878 -24.87 0.37 -97.87
CA MET G 4878 -23.98 1.49 -97.56
C MET G 4878 -24.73 2.81 -97.58
N THR G 4879 -25.51 3.05 -98.62
CA THR G 4879 -26.29 4.28 -98.71
C THR G 4879 -27.31 4.35 -97.59
N CYS G 4880 -27.98 3.25 -97.28
CA CYS G 4880 -28.97 3.27 -96.20
C CYS G 4880 -28.32 3.56 -94.86
N TYR G 4881 -27.16 2.98 -94.59
CA TYR G 4881 -26.47 3.23 -93.33
C TYR G 4881 -26.02 4.68 -93.23
N LEU G 4882 -25.46 5.22 -94.32
CA LEU G 4882 -25.09 6.61 -94.31
C LEU G 4882 -26.30 7.50 -94.07
N PHE G 4883 -27.40 7.21 -94.75
CA PHE G 4883 -28.61 8.01 -94.59
C PHE G 4883 -29.07 7.97 -93.14
N HIS G 4884 -29.15 6.79 -92.55
CA HIS G 4884 -29.59 6.70 -91.17
C HIS G 4884 -28.67 7.50 -90.26
N MET G 4885 -27.37 7.21 -90.29
CA MET G 4885 -26.45 7.84 -89.37
C MET G 4885 -26.39 9.36 -89.55
N TYR G 4886 -26.64 9.84 -90.76
CA TYR G 4886 -26.48 11.27 -91.03
C TYR G 4886 -27.77 12.05 -90.81
N VAL G 4887 -28.92 11.48 -91.13
CA VAL G 4887 -30.17 12.20 -91.04
C VAL G 4887 -30.98 11.79 -89.83
N GLY G 4888 -31.16 10.50 -89.57
CA GLY G 4888 -32.03 10.09 -88.49
C GLY G 4888 -31.49 10.48 -87.13
N VAL G 4889 -30.17 10.39 -86.95
CA VAL G 4889 -29.58 10.75 -85.67
C VAL G 4889 -29.73 12.24 -85.40
N ARG G 4890 -29.59 13.07 -86.43
CA ARG G 4890 -29.71 14.51 -86.26
C ARG G 4890 -31.16 14.98 -86.24
N ALA G 4891 -32.10 14.17 -86.70
CA ALA G 4891 -33.49 14.59 -86.72
C ALA G 4891 -34.04 14.64 -85.29
N GLY G 4892 -34.92 15.61 -85.05
CA GLY G 4892 -35.49 15.75 -83.73
C GLY G 4892 -36.31 14.54 -83.31
N GLY G 4893 -37.12 14.02 -84.22
CA GLY G 4893 -37.96 12.86 -83.96
C GLY G 4893 -37.44 11.57 -84.52
N GLY G 4894 -36.19 11.50 -84.95
CA GLY G 4894 -35.64 10.28 -85.49
C GLY G 4894 -35.86 10.16 -86.99
N ILE G 4895 -35.74 8.92 -87.47
CA ILE G 4895 -35.79 8.65 -88.90
C ILE G 4895 -37.21 8.80 -89.43
N GLY G 4896 -38.21 8.74 -88.55
CA GLY G 4896 -39.58 8.90 -89.00
C GLY G 4896 -39.88 10.30 -89.50
N ASP G 4897 -39.13 11.30 -89.02
CA ASP G 4897 -39.29 12.65 -89.52
C ASP G 4897 -38.91 12.77 -90.99
N GLU G 4898 -38.01 11.92 -91.48
CA GLU G 4898 -37.39 12.11 -92.78
C GLU G 4898 -37.76 11.02 -93.77
N ILE G 4899 -38.41 9.94 -93.34
CA ILE G 4899 -38.89 8.93 -94.28
C ILE G 4899 -40.38 9.13 -94.50
N GLU G 4900 -40.91 8.43 -95.50
CA GLU G 4900 -42.26 8.67 -95.97
C GLU G 4900 -43.29 8.21 -94.94
N ASP G 4901 -44.44 8.87 -94.96
CA ASP G 4901 -45.49 8.60 -93.98
C ASP G 4901 -46.03 7.17 -94.17
N PRO G 4902 -46.13 6.39 -93.10
CA PRO G 4902 -46.59 5.00 -93.25
C PRO G 4902 -48.09 4.83 -93.24
N ALA G 4903 -48.86 5.88 -92.98
CA ALA G 4903 -50.30 5.73 -92.83
C ALA G 4903 -50.91 5.11 -94.08
N GLY G 4904 -51.79 4.14 -93.89
CA GLY G 4904 -52.48 3.48 -94.97
C GLY G 4904 -51.78 2.28 -95.55
N ASP G 4905 -50.57 1.97 -95.09
CA ASP G 4905 -49.80 0.85 -95.61
C ASP G 4905 -50.05 -0.39 -94.76
N GLU G 4906 -49.89 -1.55 -95.39
CA GLU G 4906 -50.09 -2.81 -94.67
C GLU G 4906 -49.12 -2.97 -93.51
N TYR G 4907 -47.95 -2.33 -93.59
CA TYR G 4907 -46.96 -2.38 -92.51
C TYR G 4907 -46.98 -1.12 -91.66
N GLU G 4908 -48.15 -0.48 -91.51
CA GLU G 4908 -48.20 0.78 -90.79
C GLU G 4908 -47.79 0.61 -89.33
N LEU G 4909 -48.33 -0.41 -88.66
CA LEU G 4909 -47.99 -0.60 -87.26
C LEU G 4909 -46.53 -0.98 -87.09
N TYR G 4910 -46.00 -1.79 -88.00
CA TYR G 4910 -44.58 -2.12 -87.97
C TYR G 4910 -43.74 -0.86 -88.11
N ARG G 4911 -44.13 0.03 -89.02
CA ARG G 4911 -43.37 1.24 -89.26
C ARG G 4911 -43.43 2.18 -88.06
N VAL G 4912 -44.59 2.31 -87.43
CA VAL G 4912 -44.68 3.20 -86.28
C VAL G 4912 -43.88 2.64 -85.11
N VAL G 4913 -43.89 1.32 -84.93
CA VAL G 4913 -43.05 0.73 -83.89
C VAL G 4913 -41.59 0.99 -84.20
N PHE G 4914 -41.20 0.82 -85.46
CA PHE G 4914 -39.84 1.10 -85.89
C PHE G 4914 -39.43 2.52 -85.53
N ASP G 4915 -40.25 3.50 -85.91
CA ASP G 4915 -39.90 4.91 -85.69
C ASP G 4915 -39.89 5.24 -84.20
N ILE G 4916 -40.88 4.76 -83.45
CA ILE G 4916 -40.96 5.09 -82.03
C ILE G 4916 -39.77 4.50 -81.28
N THR G 4917 -39.42 3.25 -81.58
CA THR G 4917 -38.28 2.64 -80.91
C THR G 4917 -36.97 3.33 -81.30
N PHE G 4918 -36.84 3.72 -82.57
CA PHE G 4918 -35.66 4.49 -82.94
C PHE G 4918 -35.58 5.78 -82.15
N PHE G 4919 -36.70 6.50 -82.05
CA PHE G 4919 -36.71 7.75 -81.31
C PHE G 4919 -36.34 7.53 -79.85
N PHE G 4920 -36.88 6.49 -79.22
CA PHE G 4920 -36.67 6.31 -77.79
C PHE G 4920 -35.28 5.77 -77.48
N PHE G 4921 -34.73 4.91 -78.33
CA PHE G 4921 -33.43 4.32 -78.03
C PHE G 4921 -32.27 5.22 -78.49
N VAL G 4922 -32.37 5.80 -79.68
CA VAL G 4922 -31.25 6.57 -80.22
C VAL G 4922 -31.31 8.02 -79.78
N ILE G 4923 -32.50 8.64 -79.84
CA ILE G 4923 -32.60 10.07 -79.58
C ILE G 4923 -32.75 10.39 -78.09
N VAL G 4924 -33.51 9.59 -77.35
CA VAL G 4924 -33.84 9.91 -75.98
C VAL G 4924 -32.83 9.31 -75.00
N ILE G 4925 -32.41 8.08 -75.23
CA ILE G 4925 -31.61 7.36 -74.23
C ILE G 4925 -30.12 7.54 -74.47
N LEU G 4926 -29.63 7.26 -75.68
CA LEU G 4926 -28.19 7.31 -75.90
C LEU G 4926 -27.65 8.73 -75.73
N LEU G 4927 -28.33 9.72 -76.31
CA LEU G 4927 -27.93 11.10 -76.06
C LEU G 4927 -28.04 11.44 -74.59
N ALA G 4928 -29.07 10.93 -73.91
CA ALA G 4928 -29.16 11.11 -72.48
C ALA G 4928 -27.98 10.46 -71.76
N ILE G 4929 -27.49 9.33 -72.28
CA ILE G 4929 -26.32 8.70 -71.69
C ILE G 4929 -25.11 9.63 -71.81
N ILE G 4930 -24.94 10.26 -72.97
CA ILE G 4930 -23.83 11.18 -73.15
C ILE G 4930 -23.92 12.35 -72.16
N GLN G 4931 -25.10 12.96 -72.09
CA GLN G 4931 -25.25 14.11 -71.20
C GLN G 4931 -25.04 13.70 -69.75
N GLY G 4932 -25.54 12.53 -69.36
CA GLY G 4932 -25.34 12.07 -68.01
C GLY G 4932 -23.89 11.78 -67.70
N LEU G 4933 -23.14 11.28 -68.69
CA LEU G 4933 -21.71 11.09 -68.49
C LEU G 4933 -21.03 12.42 -68.18
N ILE G 4934 -21.37 13.45 -68.94
CA ILE G 4934 -20.77 14.76 -68.69
C ILE G 4934 -21.13 15.28 -67.30
N ILE G 4935 -22.41 15.16 -66.93
CA ILE G 4935 -22.85 15.66 -65.63
C ILE G 4935 -22.17 14.91 -64.50
N ASP G 4936 -22.07 13.58 -64.62
CA ASP G 4936 -21.39 12.80 -63.61
C ASP G 4936 -19.92 13.17 -63.51
N ALA G 4937 -19.29 13.50 -64.64
CA ALA G 4937 -17.91 13.96 -64.59
C ALA G 4937 -17.80 15.25 -63.77
N PHE G 4938 -18.70 16.20 -64.00
CA PHE G 4938 -18.72 17.41 -63.18
C PHE G 4938 -18.80 17.06 -61.70
N GLY G 4939 -19.78 16.23 -61.35
CA GLY G 4939 -19.97 15.89 -59.94
C GLY G 4939 -18.76 15.22 -59.33
N GLU G 4940 -18.14 14.31 -60.07
CA GLU G 4940 -17.00 13.57 -59.53
C GLU G 4940 -15.80 14.47 -59.34
N LEU G 4941 -15.56 15.39 -60.27
CA LEU G 4941 -14.43 16.32 -60.09
C LEU G 4941 -14.66 17.21 -58.88
N ARG G 4942 -15.88 17.72 -58.70
CA ARG G 4942 -16.15 18.51 -57.51
C ARG G 4942 -15.94 17.67 -56.25
N ASP G 4943 -16.35 16.40 -56.29
CA ASP G 4943 -16.16 15.54 -55.13
C ASP G 4943 -14.68 15.36 -54.83
N GLN G 4944 -13.85 15.19 -55.85
CA GLN G 4944 -12.42 15.07 -55.61
C GLN G 4944 -11.86 16.31 -54.93
N GLN G 4945 -12.23 17.49 -55.43
CA GLN G 4945 -11.73 18.71 -54.81
C GLN G 4945 -12.17 18.81 -53.35
N GLU G 4946 -13.45 18.54 -53.09
CA GLU G 4946 -13.95 18.62 -51.72
C GLU G 4946 -13.25 17.61 -50.82
N GLN G 4947 -12.99 16.41 -51.33
CA GLN G 4947 -12.31 15.39 -50.53
C GLN G 4947 -10.91 15.84 -50.16
N VAL G 4948 -10.19 16.41 -51.11
CA VAL G 4948 -8.84 16.90 -50.79
C VAL G 4948 -8.90 17.98 -49.72
N LYS G 4949 -9.83 18.93 -49.88
CA LYS G 4949 -9.93 20.01 -48.90
C LYS G 4949 -10.25 19.45 -47.51
N GLU G 4950 -11.23 18.55 -47.44
CA GLU G 4950 -11.62 17.99 -46.15
C GLU G 4950 -10.49 17.21 -45.50
N ASP G 4951 -9.79 16.40 -46.30
CA ASP G 4951 -8.68 15.62 -45.75
C ASP G 4951 -7.61 16.54 -45.19
N MET G 4952 -7.26 17.59 -45.92
CA MET G 4952 -6.23 18.50 -45.42
C MET G 4952 -6.69 19.23 -44.16
N GLU G 4953 -7.97 19.56 -44.06
CA GLU G 4953 -8.46 20.33 -42.92
C GLU G 4953 -8.84 19.46 -41.72
N THR G 4954 -8.88 18.14 -41.85
CA THR G 4954 -9.29 17.28 -40.76
C THR G 4954 -8.26 16.25 -40.34
N LYS G 4955 -7.02 16.34 -40.83
CA LYS G 4955 -6.04 15.31 -40.56
C LYS G 4955 -4.65 15.85 -40.85
N CYS G 4956 -3.68 15.46 -40.04
CA CYS G 4956 -2.31 15.90 -40.27
C CYS G 4956 -1.70 15.15 -41.44
N PHE G 4957 -1.06 15.89 -42.35
CA PHE G 4957 -0.53 15.30 -43.55
C PHE G 4957 0.65 14.38 -43.26
N ILE G 4958 1.34 14.60 -42.15
CA ILE G 4958 2.54 13.84 -41.83
C ILE G 4958 2.21 12.61 -40.98
N CYS G 4959 1.67 12.82 -39.78
CA CYS G 4959 1.45 11.72 -38.86
C CYS G 4959 0.11 11.02 -39.08
N GLY G 4960 -0.86 11.70 -39.69
CA GLY G 4960 -2.13 11.10 -39.98
C GLY G 4960 -3.14 11.16 -38.84
N ILE G 4961 -2.76 11.69 -37.69
CA ILE G 4961 -3.72 11.83 -36.59
C ILE G 4961 -4.76 12.88 -36.94
N GLY G 4962 -6.00 12.62 -36.54
CA GLY G 4962 -7.08 13.52 -36.89
C GLY G 4962 -7.09 14.78 -36.05
N SER G 4963 -7.81 15.79 -36.54
CA SER G 4963 -7.90 17.04 -35.81
C SER G 4963 -8.55 16.85 -34.45
N ASP G 4964 -9.61 16.05 -34.40
CA ASP G 4964 -10.34 15.83 -33.14
C ASP G 4964 -9.41 15.64 -31.95
N TYR G 4965 -8.33 14.87 -32.13
CA TYR G 4965 -7.39 14.65 -31.02
C TYR G 4965 -6.68 15.95 -30.65
N PHE G 4966 -6.15 16.66 -31.65
CA PHE G 4966 -5.34 17.83 -31.37
C PHE G 4966 -6.18 18.96 -30.78
N ASP G 4967 -7.41 19.11 -31.26
CA ASP G 4967 -8.26 20.20 -30.83
C ASP G 4967 -8.71 20.08 -29.38
N THR G 4968 -8.30 19.04 -28.66
CA THR G 4968 -8.54 19.01 -27.22
C THR G 4968 -7.86 20.19 -26.54
N THR G 4969 -6.77 20.66 -27.10
CA THR G 4969 -6.11 21.91 -26.70
C THR G 4969 -6.61 23.05 -27.58
N PRO G 4970 -6.74 24.28 -27.07
CA PRO G 4970 -7.25 25.36 -27.91
C PRO G 4970 -6.44 25.58 -29.18
N HIS G 4971 -7.09 25.48 -30.34
CA HIS G 4971 -6.42 25.63 -31.62
C HIS G 4971 -5.29 24.61 -31.77
N GLY G 4972 -5.50 23.42 -31.19
CA GLY G 4972 -4.46 22.42 -31.17
C GLY G 4972 -4.06 21.95 -32.55
N PHE G 4973 -5.05 21.73 -33.43
CA PHE G 4973 -4.72 21.27 -34.78
C PHE G 4973 -3.94 22.31 -35.55
N GLU G 4974 -4.35 23.58 -35.46
CA GLU G 4974 -3.61 24.62 -36.16
C GLU G 4974 -2.19 24.73 -35.63
N THR G 4975 -2.03 24.70 -34.30
CA THR G 4975 -0.69 24.74 -33.74
C THR G 4975 0.14 23.55 -34.21
N HIS G 4976 -0.46 22.36 -34.23
CA HIS G 4976 0.27 21.17 -34.63
C HIS G 4976 0.74 21.26 -36.07
N THR G 4977 -0.14 21.67 -36.97
CA THR G 4977 0.19 21.68 -38.38
C THR G 4977 1.00 22.90 -38.79
N LEU G 4978 1.11 23.92 -37.95
CA LEU G 4978 1.95 25.06 -38.26
C LEU G 4978 3.29 25.05 -37.57
N GLU G 4979 3.42 24.41 -36.40
CA GLU G 4979 4.62 24.51 -35.58
C GLU G 4979 5.25 23.18 -35.23
N GLU G 4980 4.57 22.06 -35.44
CA GLU G 4980 5.07 20.75 -35.02
C GLU G 4980 5.33 19.84 -36.21
N HIS G 4981 4.36 19.66 -37.09
CA HIS G 4981 4.49 18.74 -38.21
C HIS G 4981 4.33 19.46 -39.54
N ASN G 4982 4.99 20.59 -39.70
CA ASN G 4982 4.87 21.37 -40.93
C ASN G 4982 5.69 20.73 -42.05
N LEU G 4983 5.02 20.36 -43.14
CA LEU G 4983 5.72 19.74 -44.26
C LEU G 4983 6.73 20.70 -44.87
N ALA G 4984 6.43 22.00 -44.86
CA ALA G 4984 7.43 22.98 -45.26
C ALA G 4984 8.66 22.87 -44.37
N ASN G 4985 8.46 22.65 -43.07
CA ASN G 4985 9.60 22.51 -42.18
C ASN G 4985 10.39 21.25 -42.48
N TYR G 4986 9.72 20.16 -42.88
CA TYR G 4986 10.47 18.98 -43.28
C TYR G 4986 11.31 19.23 -44.54
N MET G 4987 10.75 19.95 -45.52
CA MET G 4987 11.54 20.31 -46.69
C MET G 4987 12.74 21.17 -46.29
N PHE G 4988 12.51 22.17 -45.43
CA PHE G 4988 13.59 23.01 -44.98
C PHE G 4988 14.66 22.21 -44.25
N PHE G 4989 14.25 21.21 -43.48
CA PHE G 4989 15.21 20.37 -42.79
C PHE G 4989 16.05 19.57 -43.78
N LEU G 4990 15.44 19.06 -44.84
CA LEU G 4990 16.23 18.37 -45.85
C LEU G 4990 17.27 19.30 -46.46
N MET G 4991 16.85 20.53 -46.81
CA MET G 4991 17.78 21.48 -47.38
C MET G 4991 18.91 21.79 -46.39
N TYR G 4992 18.56 21.97 -45.12
CA TYR G 4992 19.55 22.29 -44.09
C TYR G 4992 20.55 21.16 -43.93
N LEU G 4993 20.07 19.91 -43.93
CA LEU G 4993 20.97 18.77 -43.83
C LEU G 4993 21.90 18.71 -45.02
N ILE G 4994 21.37 18.95 -46.23
CA ILE G 4994 22.22 18.92 -47.41
C ILE G 4994 23.32 19.98 -47.29
N ASN G 4995 22.96 21.17 -46.85
CA ASN G 4995 23.92 22.27 -46.83
C ASN G 4995 24.93 22.15 -45.70
N LYS G 4996 24.57 21.53 -44.59
CA LYS G 4996 25.46 21.47 -43.44
C LYS G 4996 26.55 20.42 -43.64
N ASP G 4997 27.74 20.70 -43.09
CA ASP G 4997 28.82 19.73 -43.13
C ASP G 4997 28.47 18.49 -42.29
N GLU G 4998 28.92 17.32 -42.76
CA GLU G 4998 28.62 16.10 -42.04
C GLU G 4998 29.37 16.02 -40.70
N THR G 4999 30.59 16.52 -40.63
CA THR G 4999 31.32 16.53 -39.38
C THR G 4999 30.72 17.47 -38.36
N GLU G 5000 29.79 18.32 -38.76
CA GLU G 5000 29.09 19.22 -37.86
C GLU G 5000 27.69 18.74 -37.51
N HIS G 5001 27.22 17.65 -38.12
CA HIS G 5001 25.90 17.12 -37.79
C HIS G 5001 25.83 16.75 -36.32
N THR G 5002 24.69 17.04 -35.71
CA THR G 5002 24.41 16.53 -34.38
C THR G 5002 24.00 15.06 -34.47
N GLY G 5003 23.73 14.44 -33.33
CA GLY G 5003 23.33 13.04 -33.35
C GLY G 5003 22.06 12.82 -34.12
N GLN G 5004 21.03 13.63 -33.87
CA GLN G 5004 19.76 13.48 -34.57
C GLN G 5004 19.89 13.81 -36.06
N GLU G 5005 20.66 14.85 -36.38
CA GLU G 5005 20.87 15.18 -37.78
C GLU G 5005 21.59 14.05 -38.51
N SER G 5006 22.60 13.45 -37.87
CA SER G 5006 23.29 12.33 -38.48
C SER G 5006 22.34 11.14 -38.67
N TYR G 5007 21.50 10.87 -37.67
CA TYR G 5007 20.54 9.79 -37.80
C TYR G 5007 19.63 10.00 -39.01
N VAL G 5008 19.05 11.20 -39.11
CA VAL G 5008 18.13 11.47 -40.22
C VAL G 5008 18.88 11.45 -41.54
N TRP G 5009 20.13 11.93 -41.56
CA TRP G 5009 20.91 11.96 -42.79
C TRP G 5009 21.20 10.55 -43.28
N LYS G 5010 21.57 9.66 -42.36
CA LYS G 5010 21.80 8.27 -42.73
C LYS G 5010 20.52 7.63 -43.26
N MET G 5011 19.39 7.91 -42.61
CA MET G 5011 18.14 7.36 -43.10
C MET G 5011 17.82 7.90 -44.50
N TYR G 5012 18.09 9.18 -44.74
CA TYR G 5012 17.87 9.74 -46.07
C TYR G 5012 18.73 9.05 -47.11
N GLN G 5013 20.01 8.83 -46.79
CA GLN G 5013 20.90 8.20 -47.75
C GLN G 5013 20.50 6.75 -48.03
N GLU G 5014 20.01 6.04 -47.02
CA GLU G 5014 19.54 4.68 -47.22
C GLU G 5014 18.12 4.61 -47.75
N ARG G 5015 17.44 5.75 -47.87
CA ARG G 5015 16.06 5.79 -48.37
C ARG G 5015 15.12 5.05 -47.44
N CYS G 5016 15.31 5.22 -46.13
CA CYS G 5016 14.42 4.68 -45.12
C CYS G 5016 13.62 5.83 -44.51
N TRP G 5017 12.30 5.71 -44.53
CA TRP G 5017 11.41 6.79 -44.12
C TRP G 5017 10.80 6.52 -42.75
N ASP G 5018 11.50 5.79 -41.90
CA ASP G 5018 10.99 5.47 -40.58
C ASP G 5018 11.07 6.64 -39.61
N PHE G 5019 11.90 7.65 -39.91
CA PHE G 5019 12.03 8.78 -39.00
C PHE G 5019 10.80 9.67 -39.03
N PHE G 5020 10.05 9.65 -40.13
CA PHE G 5020 8.82 10.41 -40.19
C PHE G 5020 7.84 9.90 -39.14
N PRO G 5021 7.29 10.75 -38.29
CA PRO G 5021 6.32 10.27 -37.31
C PRO G 5021 5.03 9.81 -38.01
N ALA G 5022 4.59 8.60 -37.66
CA ALA G 5022 3.42 8.00 -38.28
C ALA G 5022 2.52 7.50 -37.17
N GLY G 5023 1.38 8.15 -36.97
CA GLY G 5023 0.47 7.80 -35.92
C GLY G 5023 0.92 8.20 -34.53
N ASP G 5024 1.97 8.99 -34.42
CA ASP G 5024 2.50 9.39 -33.12
C ASP G 5024 2.95 10.84 -33.19
N CYS G 5025 3.09 11.46 -32.03
CA CYS G 5025 3.50 12.85 -31.95
C CYS G 5025 4.08 13.11 -30.57
N PHE G 5026 4.67 14.30 -30.43
CA PHE G 5026 5.25 14.69 -29.14
C PHE G 5026 4.19 14.76 -28.05
N ARG G 5027 3.03 15.33 -28.35
CA ARG G 5027 1.96 15.42 -27.37
C ARG G 5027 1.49 14.03 -26.96
N LYS G 5028 1.30 13.14 -27.91
CA LYS G 5028 0.90 11.78 -27.57
C LYS G 5028 1.97 11.08 -26.73
N GLN G 5029 3.24 11.30 -27.08
CA GLN G 5029 4.33 10.65 -26.34
C GLN G 5029 4.34 11.11 -24.89
N TYR G 5030 4.14 12.40 -24.64
CA TYR G 5030 4.23 12.96 -23.30
C TYR G 5030 2.89 13.50 -22.84
N GLU G 5031 1.81 12.75 -23.11
CA GLU G 5031 0.48 13.19 -22.73
C GLU G 5031 0.38 13.52 -21.24
N ASP G 5032 0.79 12.59 -20.38
CA ASP G 5032 0.59 12.78 -18.95
C ASP G 5032 1.58 13.80 -18.40
N GLN G 5033 2.83 13.75 -18.85
CA GLN G 5033 3.80 14.73 -18.38
C GLN G 5033 3.40 16.14 -18.80
N LEU G 5034 2.91 16.30 -20.03
CA LEU G 5034 2.54 17.63 -20.50
C LEU G 5034 1.24 18.10 -19.87
N SER G 5035 0.41 17.18 -19.39
CA SER G 5035 -0.87 17.55 -18.80
C SER G 5035 -0.67 18.38 -17.53
N GLU H 11 21.63 16.42 -1.97
CA GLU H 11 23.03 16.60 -2.36
C GLU H 11 23.81 17.19 -1.18
N VAL H 12 25.11 16.92 -1.15
CA VAL H 12 25.95 17.35 -0.04
C VAL H 12 25.82 18.86 0.12
N GLN H 13 25.59 19.31 1.35
CA GLN H 13 25.27 20.71 1.59
C GLN H 13 26.51 21.58 1.41
N PHE H 14 26.31 22.74 0.78
CA PHE H 14 27.36 23.71 0.52
C PHE H 14 27.08 24.98 1.30
N LEU H 15 28.13 25.72 1.63
CA LEU H 15 27.97 27.01 2.27
C LEU H 15 27.81 28.09 1.21
N ARG H 16 26.92 29.04 1.47
CA ARG H 16 26.65 30.14 0.56
C ARG H 16 26.64 31.45 1.33
N THR H 17 26.85 32.54 0.60
CA THR H 17 26.84 33.85 1.24
C THR H 17 25.45 34.15 1.80
N ASP H 18 25.44 34.96 2.84
CA ASP H 18 24.28 35.32 3.66
C ASP H 18 23.93 34.22 4.65
N ASP H 19 24.64 33.10 4.64
CA ASP H 19 24.45 32.06 5.65
C ASP H 19 25.11 32.47 6.95
N GLU H 20 24.76 31.76 8.01
CA GLU H 20 25.29 31.99 9.34
C GLU H 20 26.11 30.79 9.79
N VAL H 21 27.32 31.04 10.27
CA VAL H 21 28.26 29.99 10.62
C VAL H 21 28.91 30.31 11.96
N VAL H 22 29.51 29.28 12.55
CA VAL H 22 30.39 29.43 13.70
C VAL H 22 31.74 28.83 13.33
N LEU H 23 32.81 29.57 13.61
CA LEU H 23 34.16 29.08 13.35
C LEU H 23 34.58 28.22 14.52
N GLN H 24 34.83 26.94 14.26
CA GLN H 24 35.05 25.96 15.32
C GLN H 24 36.40 25.27 15.15
N CYS H 25 37.13 25.17 16.25
CA CYS H 25 38.38 24.42 16.31
C CYS H 25 38.32 23.43 17.46
N SER H 26 39.29 22.52 17.50
CA SER H 26 39.36 21.50 18.53
C SER H 26 40.76 21.47 19.12
N ALA H 27 40.84 21.31 20.43
CA ALA H 27 42.11 21.24 21.15
C ALA H 27 42.09 20.06 22.11
N THR H 28 43.24 19.40 22.25
CA THR H 28 43.37 18.29 23.19
C THR H 28 43.85 18.84 24.52
N VAL H 29 43.00 18.74 25.54
CA VAL H 29 43.30 19.21 26.89
C VAL H 29 43.07 18.06 27.85
N LEU H 30 44.08 17.78 28.68
CA LEU H 30 44.00 16.69 29.65
C LEU H 30 43.52 15.41 28.99
N LYS H 31 44.10 15.10 27.84
CA LYS H 31 43.78 13.88 27.10
C LYS H 31 42.28 13.81 26.79
N GLU H 32 41.71 14.93 26.39
CA GLU H 32 40.30 14.98 26.01
C GLU H 32 40.13 16.03 24.92
N GLN H 33 39.39 15.68 23.87
CA GLN H 33 39.13 16.62 22.80
C GLN H 33 38.06 17.62 23.25
N LEU H 34 38.34 18.90 23.04
CA LEU H 34 37.46 19.98 23.46
C LEU H 34 37.23 20.90 22.27
N LYS H 35 35.96 21.16 21.95
CA LYS H 35 35.59 22.01 20.85
C LYS H 35 35.39 23.45 21.33
N LEU H 36 35.87 24.40 20.55
CA LEU H 36 35.74 25.81 20.88
C LEU H 36 35.30 26.59 19.65
N CYS H 37 34.56 27.66 19.89
CA CYS H 37 34.05 28.53 18.85
C CYS H 37 34.65 29.91 19.00
N LEU H 38 34.98 30.53 17.87
CA LEU H 38 35.44 31.91 17.90
C LEU H 38 34.30 32.83 18.33
N ALA H 39 34.58 33.74 19.26
CA ALA H 39 33.57 34.61 19.82
C ALA H 39 34.16 35.99 20.05
N ALA H 40 33.28 36.98 20.17
CA ALA H 40 33.70 38.35 20.45
C ALA H 40 32.48 39.16 20.82
N GLU H 41 32.63 40.04 21.80
CA GLU H 41 31.52 40.89 22.21
C GLU H 41 31.29 42.02 21.22
N GLY H 42 32.36 42.62 20.71
CA GLY H 42 32.25 43.76 19.83
C GLY H 42 32.20 45.08 20.56
N PHE H 43 31.08 45.39 21.19
CA PHE H 43 30.97 46.61 21.98
C PHE H 43 31.72 46.42 23.30
N GLY H 44 32.69 47.30 23.56
CA GLY H 44 33.46 47.29 24.78
C GLY H 44 34.70 46.42 24.73
N ASN H 45 34.77 45.49 23.78
CA ASN H 45 35.91 44.60 23.67
C ASN H 45 35.95 44.05 22.25
N ARG H 46 36.91 44.50 21.46
CA ARG H 46 37.03 44.05 20.08
C ARG H 46 37.82 42.76 19.95
N LEU H 47 38.49 42.31 21.01
CA LEU H 47 39.36 41.14 20.92
C LEU H 47 38.54 39.86 20.93
N CYS H 48 38.90 38.94 20.04
CA CYS H 48 38.24 37.65 19.96
C CYS H 48 38.76 36.71 21.05
N PHE H 49 37.92 35.77 21.43
CA PHE H 49 38.29 34.72 22.38
C PHE H 49 37.62 33.43 21.94
N LEU H 50 37.82 32.38 22.73
CA LEU H 50 37.31 31.06 22.40
C LEU H 50 36.28 30.65 23.45
N GLU H 51 35.08 30.34 22.99
CA GLU H 51 34.02 29.86 23.86
C GLU H 51 33.90 28.35 23.72
N PRO H 52 34.14 27.57 24.77
CA PRO H 52 34.01 26.11 24.64
C PRO H 52 32.57 25.70 24.41
N THR H 53 32.39 24.59 23.70
CA THR H 53 31.06 24.10 23.36
C THR H 53 30.94 22.58 23.56
N SER H 54 31.92 21.95 24.19
CA SER H 54 31.87 20.52 24.40
C SER H 54 31.03 20.12 25.59
N ASN H 55 30.87 21.00 26.57
CA ASN H 55 30.11 20.72 27.77
C ASN H 55 28.69 21.28 27.71
N ALA H 56 28.11 21.34 26.52
CA ALA H 56 26.81 21.98 26.36
C ALA H 56 25.72 21.26 27.14
N GLN H 57 25.94 19.99 27.50
CA GLN H 57 24.93 19.27 28.27
C GLN H 57 24.79 19.83 29.67
N ASN H 58 25.89 20.28 30.27
CA ASN H 58 25.89 20.75 31.65
C ASN H 58 25.93 22.27 31.77
N VAL H 59 26.58 22.95 30.83
CA VAL H 59 26.69 24.40 30.88
C VAL H 59 26.50 24.94 29.46
N PRO H 60 25.37 25.56 29.15
CA PRO H 60 25.16 26.04 27.79
C PRO H 60 26.21 27.05 27.39
N PRO H 61 26.68 27.01 26.15
CA PRO H 61 27.62 28.04 25.70
C PRO H 61 26.92 29.32 25.30
N ASP H 62 27.66 30.42 25.41
CA ASP H 62 27.15 31.74 25.03
C ASP H 62 27.27 31.88 23.52
N LEU H 63 26.34 31.27 22.80
CA LEU H 63 26.42 31.16 21.36
C LEU H 63 25.98 32.43 20.64
N ALA H 64 25.32 33.36 21.31
CA ALA H 64 24.82 34.54 20.63
C ALA H 64 25.94 35.36 19.99
N ILE H 65 27.14 35.32 20.57
CA ILE H 65 28.25 36.13 20.10
C ILE H 65 29.26 35.33 19.29
N CYS H 66 28.96 34.07 19.00
CA CYS H 66 29.82 33.24 18.16
C CYS H 66 29.33 33.17 16.72
N CYS H 67 28.23 33.82 16.37
CA CYS H 67 27.63 33.70 15.07
C CYS H 67 28.17 34.76 14.11
N PHE H 68 28.58 34.33 12.93
CA PHE H 68 29.04 35.23 11.88
C PHE H 68 28.23 34.98 10.62
N ILE H 69 28.07 36.02 9.83
CA ILE H 69 27.37 35.96 8.54
C ILE H 69 28.40 36.09 7.44
N LEU H 70 28.33 35.19 6.46
CA LEU H 70 29.18 35.28 5.28
C LEU H 70 28.66 36.38 4.37
N GLU H 71 29.18 37.59 4.52
CA GLU H 71 28.63 38.72 3.78
C GLU H 71 29.00 38.65 2.30
N GLN H 72 30.25 38.31 1.99
CA GLN H 72 30.73 38.30 0.61
C GLN H 72 31.79 37.23 0.45
N SER H 73 31.98 36.80 -0.80
CA SER H 73 33.00 35.82 -1.16
C SER H 73 33.43 36.07 -2.61
N LEU H 74 34.54 36.77 -2.78
CA LEU H 74 35.10 37.06 -4.09
C LEU H 74 36.33 36.22 -4.34
N SER H 75 36.77 36.20 -5.60
CA SER H 75 38.09 35.69 -5.92
C SER H 75 39.13 36.74 -5.56
N VAL H 76 40.40 36.32 -5.54
CA VAL H 76 41.46 37.21 -5.10
C VAL H 76 41.58 38.42 -6.01
N ARG H 77 41.54 38.19 -7.33
CA ARG H 77 41.65 39.30 -8.27
C ARG H 77 40.44 40.21 -8.19
N ALA H 78 39.25 39.63 -8.03
CA ALA H 78 38.06 40.45 -7.86
C ALA H 78 38.17 41.33 -6.64
N LEU H 79 38.71 40.78 -5.54
CA LEU H 79 38.91 41.57 -4.34
C LEU H 79 39.92 42.68 -4.58
N GLN H 80 40.99 42.39 -5.32
CA GLN H 80 41.95 43.43 -5.64
C GLN H 80 41.29 44.58 -6.40
N GLU H 81 40.47 44.25 -7.39
CA GLU H 81 39.77 45.31 -8.12
C GLU H 81 38.84 46.09 -7.20
N MET H 82 38.10 45.39 -6.34
CA MET H 82 37.17 46.06 -5.46
C MET H 82 37.90 47.02 -4.52
N LEU H 83 39.03 46.59 -3.98
CA LEU H 83 39.82 47.48 -3.13
C LEU H 83 40.38 48.64 -3.92
N ALA H 84 40.78 48.39 -5.17
CA ALA H 84 41.30 49.47 -6.00
C ALA H 84 40.25 50.55 -6.22
N ASN H 85 39.01 50.14 -6.49
CA ASN H 85 37.92 51.09 -6.66
C ASN H 85 37.45 51.62 -5.31
N HIS H 99 23.34 34.83 -3.56
CA HIS H 99 23.81 33.77 -2.68
C HIS H 99 24.86 32.92 -3.38
N ARG H 100 26.07 33.46 -3.46
CA ARG H 100 27.14 32.75 -4.14
C ARG H 100 27.62 31.59 -3.28
N THR H 101 28.12 30.54 -3.94
CA THR H 101 28.65 29.38 -3.25
C THR H 101 30.14 29.56 -3.03
N LEU H 102 30.58 29.36 -1.78
CA LEU H 102 31.98 29.57 -1.46
C LEU H 102 32.85 28.52 -2.13
N LEU H 103 33.98 28.96 -2.68
CA LEU H 103 34.96 28.07 -3.30
C LEU H 103 36.31 28.26 -2.64
N TYR H 104 37.05 27.17 -2.50
CA TYR H 104 38.38 27.25 -1.92
C TYR H 104 39.25 28.18 -2.74
N GLY H 105 40.05 29.00 -2.06
CA GLY H 105 40.87 30.00 -2.69
C GLY H 105 40.23 31.37 -2.76
N HIS H 106 38.94 31.48 -2.50
CA HIS H 106 38.26 32.76 -2.47
C HIS H 106 38.49 33.45 -1.14
N ALA H 107 38.25 34.76 -1.13
CA ALA H 107 38.34 35.56 0.08
C ALA H 107 36.93 35.89 0.57
N ILE H 108 36.70 35.69 1.87
CA ILE H 108 35.37 35.88 2.46
C ILE H 108 35.41 37.04 3.45
N LEU H 109 34.25 37.65 3.62
CA LEU H 109 34.03 38.69 4.61
C LEU H 109 33.04 38.16 5.63
N LEU H 110 33.40 38.23 6.91
CA LEU H 110 32.58 37.67 7.98
C LEU H 110 32.10 38.80 8.88
N ARG H 111 30.79 39.00 8.92
CA ARG H 111 30.19 40.05 9.75
C ARG H 111 29.69 39.45 11.05
N HIS H 112 30.05 40.08 12.17
CA HIS H 112 29.57 39.62 13.46
C HIS H 112 28.06 39.89 13.57
N ALA H 113 27.30 38.85 13.86
CA ALA H 113 25.85 38.97 13.83
C ALA H 113 25.35 39.98 14.86
N HIS H 114 25.91 39.96 16.06
CA HIS H 114 25.41 40.83 17.12
C HIS H 114 25.83 42.27 16.88
N SER H 115 27.13 42.53 16.82
CA SER H 115 27.62 43.90 16.75
C SER H 115 27.66 44.45 15.34
N ARG H 116 27.57 43.59 14.33
CA ARG H 116 27.63 43.98 12.92
C ARG H 116 29.00 44.52 12.53
N MET H 117 30.03 44.18 13.30
CA MET H 117 31.41 44.44 12.92
C MET H 117 31.95 43.24 12.14
N TYR H 118 33.19 43.36 11.67
CA TYR H 118 33.77 42.38 10.78
C TYR H 118 35.01 41.77 11.39
N LEU H 119 35.15 40.45 11.25
CA LEU H 119 36.32 39.75 11.75
C LEU H 119 37.55 40.18 10.97
N SER H 120 38.52 40.76 11.67
CA SER H 120 39.68 41.35 11.04
C SER H 120 40.95 40.92 11.77
N CYS H 121 42.07 41.00 11.06
CA CYS H 121 43.39 40.77 11.64
C CYS H 121 43.91 42.11 12.11
N LEU H 122 44.07 42.26 13.42
CA LEU H 122 44.47 43.55 13.97
C LEU H 122 45.97 43.75 13.85
N THR H 123 46.39 45.01 13.91
CA THR H 123 47.81 45.37 13.81
C THR H 123 48.48 45.45 15.18
N THR H 124 47.76 45.11 16.25
CA THR H 124 48.33 45.05 17.59
C THR H 124 48.58 43.61 17.99
N SER H 125 49.32 43.43 19.06
CA SER H 125 49.64 42.10 19.55
C SER H 125 49.88 42.16 21.05
N ARG H 126 49.11 41.38 21.80
CA ARG H 126 49.27 41.26 23.24
C ARG H 126 49.89 39.93 23.65
N SER H 127 50.21 39.08 22.69
CA SER H 127 50.77 37.78 23.00
C SER H 127 52.20 37.92 23.51
N MET H 128 52.57 37.07 24.46
CA MET H 128 53.94 36.97 24.94
C MET H 128 54.67 35.75 24.43
N THR H 129 53.94 34.68 24.11
CA THR H 129 54.58 33.46 23.63
C THR H 129 55.10 33.63 22.20
N ASP H 130 54.29 34.23 21.33
CA ASP H 130 54.62 34.40 19.93
C ASP H 130 54.97 35.86 19.66
N LYS H 131 56.16 36.09 19.11
CA LYS H 131 56.60 37.44 18.76
C LYS H 131 56.23 37.84 17.34
N LEU H 132 55.67 36.92 16.55
CA LEU H 132 55.29 37.20 15.17
C LEU H 132 53.79 37.08 14.95
N ALA H 133 53.00 37.13 16.02
CA ALA H 133 51.57 36.95 15.94
C ALA H 133 50.86 38.30 16.08
N PHE H 134 49.68 38.38 15.47
CA PHE H 134 48.83 39.55 15.57
C PHE H 134 47.52 39.18 16.26
N ASP H 135 46.89 40.17 16.88
CA ASP H 135 45.59 39.96 17.50
C ASP H 135 44.51 39.83 16.44
N VAL H 136 43.52 38.99 16.71
CA VAL H 136 42.34 38.83 15.87
C VAL H 136 41.15 39.42 16.62
N GLY H 137 40.45 40.34 15.98
CA GLY H 137 39.34 40.99 16.62
C GLY H 137 38.38 41.55 15.60
N LEU H 138 37.42 42.33 16.08
CA LEU H 138 36.37 42.89 15.26
C LEU H 138 36.73 44.31 14.87
N GLN H 139 36.28 44.71 13.67
CA GLN H 139 36.59 46.02 13.11
C GLN H 139 35.28 46.64 12.62
N GLU H 140 35.10 47.92 12.89
CA GLU H 140 33.79 48.54 12.71
C GLU H 140 33.35 48.50 11.25
N ASP H 141 34.23 48.89 10.34
CA ASP H 141 33.89 48.99 8.93
C ASP H 141 34.56 47.87 8.14
N ALA H 142 34.10 47.67 6.91
CA ALA H 142 34.61 46.64 6.02
C ALA H 142 35.60 47.20 5.01
N THR H 143 36.25 48.32 5.33
CA THR H 143 37.19 48.95 4.42
C THR H 143 38.59 48.39 4.65
N GLY H 144 39.32 48.22 3.56
CA GLY H 144 40.68 47.70 3.61
C GLY H 144 40.70 46.19 3.36
N GLU H 145 41.87 45.62 3.57
CA GLU H 145 42.05 44.18 3.42
C GLU H 145 42.16 43.45 4.74
N ALA H 146 42.12 44.16 5.87
CA ALA H 146 42.27 43.50 7.16
C ALA H 146 41.10 42.58 7.46
N CYS H 147 39.93 42.84 6.88
CA CYS H 147 38.72 42.09 7.18
C CYS H 147 38.47 40.95 6.22
N TRP H 148 39.41 40.63 5.35
CA TRP H 148 39.23 39.62 4.33
C TRP H 148 40.13 38.42 4.59
N TRP H 149 39.55 37.23 4.49
CA TRP H 149 40.26 35.99 4.77
C TRP H 149 40.09 35.04 3.61
N THR H 150 41.15 34.30 3.30
CA THR H 150 41.17 33.35 2.20
C THR H 150 41.08 31.94 2.76
N MET H 151 40.19 31.14 2.18
CA MET H 151 39.99 29.76 2.63
C MET H 151 40.86 28.82 1.80
N HIS H 152 41.43 27.81 2.44
CA HIS H 152 42.25 26.85 1.74
C HIS H 152 41.96 25.45 2.25
N PRO H 153 42.03 24.44 1.38
CA PRO H 153 41.74 23.08 1.84
C PRO H 153 42.73 22.64 2.90
N ALA H 154 42.23 21.86 3.85
CA ALA H 154 43.07 21.31 4.90
C ALA H 154 43.76 20.01 4.49
N SER H 155 43.18 19.31 3.53
CA SER H 155 43.69 18.02 3.08
C SER H 155 43.62 17.93 1.57
N LYS H 156 44.28 16.91 1.02
CA LYS H 156 44.28 16.71 -0.42
C LYS H 156 42.90 16.32 -0.93
N GLN H 157 41.98 15.95 -0.04
CA GLN H 157 40.66 15.52 -0.48
C GLN H 157 39.93 16.62 -1.22
N ARG H 158 40.25 17.87 -0.91
CA ARG H 158 39.73 19.04 -1.63
C ARG H 158 40.89 19.84 -2.18
N SER H 159 40.58 20.66 -3.19
CA SER H 159 41.59 21.45 -3.90
C SER H 159 41.00 22.80 -4.25
N GLU H 160 41.88 23.72 -4.65
CA GLU H 160 41.44 25.08 -4.96
C GLU H 160 40.42 25.05 -6.10
N GLY H 161 39.39 25.88 -5.97
CA GLY H 161 38.31 25.92 -6.92
C GLY H 161 37.16 24.99 -6.59
N GLU H 162 37.36 24.03 -5.69
CA GLU H 162 36.27 23.17 -5.27
C GLU H 162 35.34 23.93 -4.33
N LYS H 163 34.08 23.51 -4.31
CA LYS H 163 33.11 24.12 -3.42
C LYS H 163 33.39 23.73 -1.99
N VAL H 164 33.28 24.71 -1.08
CA VAL H 164 33.45 24.43 0.34
C VAL H 164 32.21 23.69 0.83
N ARG H 165 32.42 22.55 1.48
CA ARG H 165 31.33 21.67 1.89
C ARG H 165 31.17 21.70 3.39
N VAL H 166 29.91 21.74 3.83
CA VAL H 166 29.61 21.75 5.26
C VAL H 166 30.41 20.66 5.96
N GLY H 167 30.99 21.00 7.09
CA GLY H 167 31.76 20.04 7.86
C GLY H 167 33.18 19.84 7.40
N ASP H 168 33.66 20.66 6.48
CA ASP H 168 35.03 20.56 5.97
C ASP H 168 35.98 21.34 6.85
N ASP H 169 37.15 20.74 7.12
CA ASP H 169 38.22 21.45 7.79
C ASP H 169 38.95 22.31 6.79
N LEU H 170 39.07 23.60 7.08
CA LEU H 170 39.71 24.54 6.19
C LEU H 170 40.68 25.42 6.96
N ILE H 171 41.59 26.05 6.25
CA ILE H 171 42.60 26.93 6.81
C ILE H 171 42.30 28.35 6.35
N LEU H 172 42.27 29.28 7.29
CA LEU H 172 41.96 30.67 6.98
C LEU H 172 43.24 31.50 7.06
N VAL H 173 43.50 32.28 6.00
CA VAL H 173 44.71 33.09 5.91
C VAL H 173 44.30 34.54 5.75
N SER H 174 44.95 35.42 6.51
CA SER H 174 44.64 36.84 6.41
C SER H 174 45.15 37.40 5.08
N VAL H 175 44.30 38.19 4.42
CA VAL H 175 44.72 38.81 3.17
C VAL H 175 45.73 39.93 3.40
N SER H 176 45.64 40.64 4.51
CA SER H 176 46.51 41.78 4.76
C SER H 176 47.86 41.39 5.36
N SER H 177 47.90 40.33 6.15
CA SER H 177 49.10 39.95 6.86
C SER H 177 49.69 38.62 6.44
N GLU H 178 48.99 37.84 5.61
CA GLU H 178 49.47 36.53 5.19
C GLU H 178 49.70 35.61 6.38
N ARG H 179 48.86 35.72 7.39
CA ARG H 179 48.96 34.92 8.60
C ARG H 179 47.73 34.03 8.73
N TYR H 180 47.93 32.87 9.35
CA TYR H 180 46.85 31.92 9.57
C TYR H 180 46.01 32.34 10.77
N LEU H 181 44.73 31.97 10.73
CA LEU H 181 43.91 32.02 11.93
C LEU H 181 44.32 30.87 12.83
N HIS H 182 44.91 31.18 13.98
CA HIS H 182 45.66 30.22 14.75
C HIS H 182 45.10 30.10 16.16
N LEU H 183 45.08 28.86 16.64
CA LEU H 183 44.76 28.56 18.04
C LEU H 183 46.07 28.37 18.79
N SER H 184 46.30 29.21 19.80
CA SER H 184 47.55 29.20 20.54
C SER H 184 47.32 28.62 21.93
N THR H 185 47.98 27.52 22.23
CA THR H 185 47.96 26.91 23.55
C THR H 185 49.26 27.09 24.29
N ALA H 186 50.18 27.90 23.76
CA ALA H 186 51.51 28.02 24.38
C ALA H 186 51.39 28.48 25.83
N SER H 187 50.58 29.50 26.08
CA SER H 187 50.34 29.92 27.45
C SER H 187 49.45 28.90 28.15
N GLY H 188 49.08 29.22 29.40
CA GLY H 188 48.24 28.30 30.16
C GLY H 188 46.87 28.10 29.54
N GLU H 189 46.32 29.13 28.90
CA GLU H 189 44.96 29.11 28.40
C GLU H 189 44.95 29.12 26.87
N LEU H 190 43.79 28.75 26.31
CA LEU H 190 43.59 28.72 24.87
C LEU H 190 43.23 30.11 24.38
N GLN H 191 43.93 30.58 23.36
CA GLN H 191 43.70 31.89 22.78
C GLN H 191 43.79 31.80 21.27
N VAL H 192 43.20 32.79 20.60
CA VAL H 192 43.14 32.84 19.14
C VAL H 192 43.91 34.06 18.67
N ASP H 193 44.80 33.85 17.71
CA ASP H 193 45.60 34.94 17.16
C ASP H 193 45.90 34.63 15.70
N ALA H 194 46.59 35.55 15.03
CA ALA H 194 47.02 35.37 13.66
C ALA H 194 48.54 35.18 13.67
N SER H 195 48.97 33.96 13.40
CA SER H 195 50.38 33.60 13.41
C SER H 195 50.73 32.89 12.12
N PHE H 196 51.99 32.47 12.02
CA PHE H 196 52.45 31.73 10.85
C PHE H 196 52.29 30.23 10.98
N MET H 197 51.85 29.75 12.14
CA MET H 197 51.42 28.36 12.26
C MET H 197 49.94 28.24 11.92
N GLN H 198 49.57 27.12 11.32
CA GLN H 198 48.23 26.93 10.80
C GLN H 198 47.39 26.12 11.77
N THR H 199 46.07 26.35 11.70
CA THR H 199 45.09 25.64 12.51
C THR H 199 43.91 25.29 11.63
N LEU H 200 43.27 24.16 11.94
CA LEU H 200 42.14 23.68 11.15
C LEU H 200 40.84 24.12 11.80
N TRP H 201 40.02 24.84 11.04
CA TRP H 201 38.74 25.35 11.52
C TRP H 201 37.59 24.71 10.75
N ASN H 202 36.44 24.62 11.40
CA ASN H 202 35.20 24.15 10.79
C ASN H 202 34.21 25.30 10.78
N MET H 203 33.60 25.54 9.62
CA MET H 203 32.54 26.55 9.51
C MET H 203 31.20 25.85 9.57
N ASN H 204 30.80 25.48 10.78
CA ASN H 204 29.54 24.79 10.97
C ASN H 204 28.39 25.76 10.71
N PRO H 205 27.42 25.39 9.87
CA PRO H 205 26.32 26.31 9.59
C PRO H 205 25.35 26.42 10.76
N ILE H 206 24.88 27.63 11.01
CA ILE H 206 23.84 27.89 11.99
C ILE H 206 22.48 28.00 11.33
N CYS H 207 22.39 28.78 10.26
CA CYS H 207 21.15 28.93 9.52
C CYS H 207 21.49 29.33 8.09
N SER H 208 20.61 28.94 7.16
CA SER H 208 20.83 29.21 5.75
C SER H 208 19.78 30.17 5.21
N GLY H 209 18.52 29.82 5.36
CA GLY H 209 17.42 30.64 4.88
C GLY H 209 16.12 30.19 5.50
N CYS H 210 15.36 31.14 6.03
CA CYS H 210 14.17 30.85 6.82
C CYS H 210 12.92 31.20 6.05
N GLU H 211 11.97 30.26 6.02
CA GLU H 211 10.67 30.54 5.44
C GLU H 211 10.01 31.72 6.16
N GLU H 212 9.41 32.60 5.38
CA GLU H 212 8.89 33.85 5.95
C GLU H 212 7.84 33.56 7.01
N GLY H 213 7.97 34.21 8.16
CA GLY H 213 6.99 34.15 9.21
C GLY H 213 7.10 32.95 10.13
N PHE H 214 8.17 32.18 10.06
CA PHE H 214 8.33 30.98 10.86
C PHE H 214 9.44 31.16 11.88
N VAL H 215 9.27 30.54 13.03
CA VAL H 215 10.23 30.68 14.13
C VAL H 215 11.41 29.75 13.90
N THR H 216 12.60 30.24 14.19
CA THR H 216 13.83 29.46 14.14
C THR H 216 14.56 29.57 15.47
N GLY H 217 15.39 28.57 15.74
CA GLY H 217 16.19 28.60 16.95
C GLY H 217 17.19 29.74 16.93
N GLY H 218 17.64 30.10 18.13
CA GLY H 218 18.57 31.20 18.27
C GLY H 218 17.98 32.57 18.09
N HIS H 219 16.66 32.69 18.09
CA HIS H 219 15.99 33.96 17.91
C HIS H 219 15.58 34.56 19.23
N VAL H 220 15.59 35.89 19.29
CA VAL H 220 15.12 36.64 20.45
C VAL H 220 13.69 37.06 20.19
N LEU H 221 12.82 36.83 21.17
CA LEU H 221 11.39 37.01 20.97
C LEU H 221 10.71 37.22 22.31
N ARG H 222 9.43 37.55 22.24
CA ARG H 222 8.58 37.69 23.42
C ARG H 222 7.57 36.56 23.41
N LEU H 223 7.25 36.06 24.60
CA LEU H 223 6.27 34.97 24.76
C LEU H 223 5.02 35.57 25.36
N PHE H 224 4.01 35.78 24.52
CA PHE H 224 2.77 36.42 24.95
C PHE H 224 1.75 35.37 25.37
N HIS H 225 1.02 35.66 26.44
CA HIS H 225 -0.03 34.77 26.90
C HIS H 225 -1.19 34.79 25.91
N GLY H 226 -1.29 33.76 25.09
CA GLY H 226 -2.27 33.74 24.03
C GLY H 226 -2.17 35.00 23.20
N HIS H 227 -3.25 35.77 23.15
CA HIS H 227 -3.28 37.07 22.50
C HIS H 227 -3.81 38.12 23.45
N MET H 228 -3.44 38.00 24.73
CA MET H 228 -4.03 38.81 25.79
C MET H 228 -3.17 40.01 26.16
N ASP H 229 -2.15 40.33 25.37
CA ASP H 229 -1.24 41.43 25.68
C ASP H 229 -0.61 41.23 27.05
N GLU H 230 -0.13 40.03 27.31
CA GLU H 230 0.56 39.68 28.55
C GLU H 230 1.73 38.78 28.20
N CYS H 231 2.92 39.17 28.61
CA CYS H 231 4.14 38.48 28.22
C CYS H 231 4.80 37.85 29.44
N LEU H 232 5.58 36.81 29.18
CA LEU H 232 6.43 36.20 30.19
C LEU H 232 7.64 37.09 30.44
N THR H 233 7.96 37.30 31.71
CA THR H 233 9.03 38.23 32.05
C THR H 233 9.56 37.88 33.44
N ILE H 234 10.60 38.59 33.85
CA ILE H 234 11.10 38.50 35.22
C ILE H 234 10.86 39.84 35.88
N SER H 235 11.17 39.94 37.17
CA SER H 235 10.86 41.14 37.92
C SER H 235 11.77 42.30 37.48
N PRO H 236 11.36 43.54 37.76
CA PRO H 236 12.18 44.68 37.36
C PRO H 236 13.51 44.70 38.09
N SER H 237 14.48 45.39 37.49
CA SER H 237 15.78 45.53 38.12
C SER H 237 15.64 46.16 39.49
N ASP H 238 16.47 45.71 40.44
CA ASP H 238 16.38 46.15 41.83
C ASP H 238 15.06 45.72 42.46
N SER H 239 14.80 44.41 42.42
CA SER H 239 13.64 43.81 43.06
C SER H 239 14.09 42.89 44.18
N ASP H 240 13.17 42.59 45.09
CA ASP H 240 13.49 41.79 46.26
C ASP H 240 13.63 40.31 45.94
N ASP H 241 13.11 39.85 44.81
CA ASP H 241 13.17 38.43 44.46
C ASP H 241 14.46 38.07 43.73
N GLN H 242 15.40 39.01 43.60
CA GLN H 242 16.69 38.76 42.96
C GLN H 242 16.54 38.45 41.48
N ARG H 243 15.41 38.84 40.89
CA ARG H 243 15.17 38.60 39.47
C ARG H 243 15.26 37.11 39.15
N ARG H 244 14.77 36.27 40.06
CA ARG H 244 14.82 34.83 39.89
C ARG H 244 13.47 34.22 39.56
N LEU H 245 12.37 34.96 39.72
CA LEU H 245 11.04 34.42 39.52
C LEU H 245 10.50 34.88 38.17
N VAL H 246 9.53 34.14 37.65
CA VAL H 246 8.96 34.38 36.34
C VAL H 246 7.50 34.75 36.51
N TYR H 247 7.04 35.73 35.73
CA TYR H 247 5.69 36.24 35.84
C TYR H 247 5.08 36.40 34.47
N TYR H 248 3.76 36.33 34.43
CA TYR H 248 2.96 36.83 33.32
C TYR H 248 2.59 38.25 33.71
N GLU H 249 3.04 39.22 32.91
CA GLU H 249 2.84 40.62 33.20
C GLU H 249 2.42 41.36 31.93
N GLY H 250 1.60 42.39 32.11
CA GLY H 250 1.11 43.16 30.99
C GLY H 250 1.33 44.64 31.20
N GLY H 251 1.15 45.40 30.12
CA GLY H 251 1.30 46.83 30.15
C GLY H 251 2.55 47.28 29.44
N PRO H 252 3.23 48.29 29.98
CA PRO H 252 4.44 48.78 29.32
C PRO H 252 5.57 47.76 29.24
N VAL H 253 5.55 46.71 30.07
CA VAL H 253 6.63 45.74 30.06
C VAL H 253 6.74 45.07 28.69
N CYS H 254 5.64 45.01 27.95
CA CYS H 254 5.65 44.37 26.64
C CYS H 254 6.54 45.09 25.63
N THR H 255 7.12 46.24 26.00
CA THR H 255 8.07 46.93 25.15
C THR H 255 9.44 47.08 25.79
N HIS H 256 9.64 46.53 26.98
CA HIS H 256 10.91 46.61 27.67
C HIS H 256 11.77 45.40 27.36
N ALA H 257 13.02 45.44 27.81
CA ALA H 257 13.99 44.40 27.51
C ALA H 257 13.95 43.24 28.49
N ARG H 258 13.20 43.34 29.58
CA ARG H 258 13.11 42.24 30.54
C ARG H 258 12.13 41.17 30.11
N SER H 259 11.42 41.35 29.00
CA SER H 259 10.50 40.35 28.47
C SER H 259 11.04 39.67 27.22
N LEU H 260 12.34 39.74 26.98
CA LEU H 260 12.94 39.17 25.78
C LEU H 260 13.67 37.89 26.13
N TRP H 261 13.41 36.83 25.36
CA TRP H 261 14.00 35.53 25.58
C TRP H 261 14.59 35.00 24.29
N ARG H 262 15.71 34.30 24.40
CA ARG H 262 16.39 33.69 23.26
C ARG H 262 16.12 32.18 23.30
N LEU H 263 15.68 31.63 22.18
CA LEU H 263 15.42 30.20 22.08
C LEU H 263 16.68 29.49 21.61
N GLU H 264 17.15 28.51 22.40
CA GLU H 264 18.43 27.86 22.13
C GLU H 264 18.25 26.36 22.01
N PRO H 265 18.19 25.80 20.80
CA PRO H 265 18.10 24.35 20.67
C PRO H 265 19.34 23.66 21.24
N LEU H 266 19.15 22.42 21.68
CA LEU H 266 20.25 21.66 22.30
C LEU H 266 21.21 21.13 21.26
N ARG H 267 21.78 22.02 20.45
CA ARG H 267 22.75 21.63 19.44
C ARG H 267 23.46 22.89 18.96
N ILE H 268 24.66 22.70 18.42
CA ILE H 268 25.38 23.83 17.85
C ILE H 268 25.12 23.92 16.36
N SER H 269 25.29 22.81 15.64
CA SER H 269 25.06 22.80 14.21
C SER H 269 23.56 22.92 13.92
N TRP H 270 23.23 23.82 13.00
CA TRP H 270 21.86 24.02 12.57
C TRP H 270 20.96 24.41 13.74
N SER H 271 21.55 25.10 14.73
CA SER H 271 20.76 25.63 15.82
C SER H 271 19.84 26.76 15.38
N GLY H 272 20.03 27.28 14.18
CA GLY H 272 19.15 28.31 13.66
C GLY H 272 18.15 27.76 12.68
N SER H 273 17.96 26.45 12.68
CA SER H 273 16.98 25.85 11.79
C SER H 273 15.57 26.13 12.31
N HIS H 274 14.59 25.77 11.49
CA HIS H 274 13.20 25.97 11.87
C HIS H 274 12.89 25.21 13.17
N LEU H 275 12.16 25.86 14.05
CA LEU H 275 11.74 25.22 15.29
C LEU H 275 10.63 24.23 15.00
N ARG H 276 10.65 23.10 15.71
CA ARG H 276 9.70 22.02 15.49
C ARG H 276 8.97 21.68 16.77
N TRP H 277 7.74 21.20 16.62
CA TRP H 277 6.97 20.75 17.77
C TRP H 277 7.68 19.60 18.46
N GLY H 278 7.82 19.71 19.78
CA GLY H 278 8.44 18.67 20.57
C GLY H 278 9.94 18.69 20.57
N GLN H 279 10.57 19.58 19.84
CA GLN H 279 12.03 19.66 19.83
C GLN H 279 12.51 20.29 21.13
N PRO H 280 13.39 19.63 21.87
CA PRO H 280 13.85 20.21 23.14
C PRO H 280 14.71 21.45 22.91
N LEU H 281 14.65 22.37 23.87
CA LEU H 281 15.41 23.60 23.76
C LEU H 281 15.50 24.26 25.13
N ARG H 282 16.45 25.17 25.25
CA ARG H 282 16.60 26.04 26.42
C ARG H 282 16.02 27.41 26.10
N ILE H 283 15.63 28.13 27.13
CA ILE H 283 15.09 29.48 27.00
C ILE H 283 15.91 30.40 27.88
N ARG H 284 16.63 31.32 27.26
CA ARG H 284 17.58 32.19 27.94
C ARG H 284 17.00 33.58 28.10
N HIS H 285 17.11 34.15 29.29
CA HIS H 285 16.74 35.55 29.49
C HIS H 285 17.89 36.42 29.03
N VAL H 286 17.63 37.31 28.08
CA VAL H 286 18.72 37.98 27.39
C VAL H 286 19.45 38.96 28.31
N THR H 287 18.72 39.81 29.03
CA THR H 287 19.37 40.87 29.76
C THR H 287 20.09 40.38 31.00
N THR H 288 19.72 39.22 31.54
CA THR H 288 20.43 38.64 32.68
C THR H 288 21.23 37.41 32.33
N GLY H 289 21.05 36.83 31.15
CA GLY H 289 21.82 35.67 30.76
C GLY H 289 21.49 34.42 31.53
N ARG H 290 20.33 34.37 32.17
CA ARG H 290 19.92 33.22 32.96
C ARG H 290 18.93 32.37 32.18
N TYR H 291 18.77 31.13 32.62
CA TYR H 291 18.00 30.14 31.87
C TYR H 291 16.79 29.70 32.66
N LEU H 292 15.64 29.70 32.00
CA LEU H 292 14.43 29.14 32.59
C LEU H 292 14.66 27.67 32.94
N GLY H 293 14.27 27.30 34.15
CA GLY H 293 14.52 25.94 34.60
C GLY H 293 13.67 25.58 35.80
N LEU H 294 13.63 24.29 36.09
CA LEU H 294 12.88 23.74 37.22
C LEU H 294 13.86 23.31 38.29
N THR H 295 13.74 23.89 39.47
CA THR H 295 14.56 23.53 40.62
C THR H 295 13.72 22.72 41.60
N GLU H 296 14.34 21.73 42.24
CA GLU H 296 13.61 20.84 43.12
C GLU H 296 13.06 21.56 44.34
N ASP H 297 13.60 22.72 44.69
CA ASP H 297 13.15 23.46 45.87
C ASP H 297 12.27 24.65 45.52
N GLN H 298 12.70 25.48 44.56
CA GLN H 298 12.00 26.72 44.24
C GLN H 298 11.00 26.58 43.10
N GLY H 299 10.88 25.41 42.49
CA GLY H 299 10.00 25.29 41.34
C GLY H 299 10.57 25.98 40.12
N LEU H 300 9.73 26.72 39.42
CA LEU H 300 10.15 27.39 38.19
C LEU H 300 10.90 28.67 38.53
N VAL H 301 12.14 28.77 38.05
CA VAL H 301 12.99 29.93 38.29
C VAL H 301 13.85 30.15 37.05
N VAL H 302 14.69 31.17 37.08
CA VAL H 302 15.75 31.35 36.10
C VAL H 302 17.07 31.07 36.80
N VAL H 303 17.81 30.09 36.30
CA VAL H 303 19.03 29.64 36.96
C VAL H 303 20.23 30.19 36.20
N ASP H 304 21.38 30.14 36.84
CA ASP H 304 22.62 30.55 36.19
C ASP H 304 23.04 29.50 35.16
N ALA H 305 23.86 29.96 34.20
CA ALA H 305 24.35 29.05 33.17
C ALA H 305 25.17 27.92 33.77
N SER H 306 25.88 28.18 34.86
CA SER H 306 26.67 27.13 35.49
C SER H 306 25.79 26.00 36.01
N LYS H 307 24.56 26.30 36.40
CA LYS H 307 23.64 25.32 36.97
C LYS H 307 22.59 24.87 35.96
N ALA H 308 22.62 25.41 34.75
CA ALA H 308 21.58 25.14 33.75
C ALA H 308 21.91 23.88 32.95
N HIS H 309 21.79 22.72 33.60
CA HIS H 309 21.94 21.48 32.86
C HIS H 309 20.64 21.12 32.14
N THR H 310 20.73 20.18 31.20
CA THR H 310 19.61 19.90 30.32
C THR H 310 18.39 19.44 31.10
N LYS H 311 18.60 18.55 32.08
CA LYS H 311 17.47 18.03 32.85
C LYS H 311 16.68 19.16 33.48
N ALA H 312 17.37 20.15 34.03
CA ALA H 312 16.69 21.25 34.70
C ALA H 312 16.07 22.23 33.72
N THR H 313 16.70 22.48 32.58
CA THR H 313 16.38 23.64 31.75
C THR H 313 15.93 23.29 30.34
N SER H 314 15.60 22.03 30.06
CA SER H 314 15.18 21.63 28.72
C SER H 314 13.66 21.68 28.64
N PHE H 315 13.14 22.49 27.71
CA PHE H 315 11.72 22.65 27.49
C PHE H 315 11.39 22.30 26.04
N CYS H 316 10.10 22.22 25.73
CA CYS H 316 9.66 21.97 24.36
C CYS H 316 8.32 22.66 24.13
N PHE H 317 8.00 22.86 22.85
CA PHE H 317 6.74 23.44 22.41
C PHE H 317 5.85 22.33 21.87
N ARG H 318 4.59 22.33 22.30
CA ARG H 318 3.64 21.30 21.96
C ARG H 318 2.40 21.95 21.36
N ILE H 319 1.85 21.33 20.31
CA ILE H 319 0.66 21.87 19.69
C ILE H 319 -0.55 21.66 20.58
N SER H 320 -0.59 20.57 21.34
CA SER H 320 -1.71 20.28 22.22
C SER H 320 -1.19 19.54 23.44
N LYS H 321 -2.01 19.52 24.48
CA LYS H 321 -1.64 18.91 25.75
C LYS H 321 -1.84 17.41 25.77
N GLU H 322 -2.12 16.79 24.63
CA GLU H 322 -2.35 15.36 24.59
C GLU H 322 -1.07 14.60 24.91
N LYS H 323 -1.23 13.44 25.56
CA LYS H 323 -0.09 12.60 25.91
C LYS H 323 0.27 11.70 24.71
N LEU H 324 0.79 12.36 23.67
CA LEU H 324 1.25 11.67 22.47
C LEU H 324 2.68 12.09 22.12
N ASP H 325 3.43 12.52 23.13
CA ASP H 325 4.84 12.84 22.94
C ASP H 325 5.73 11.61 22.82
N VAL H 326 5.15 10.41 22.97
CA VAL H 326 5.91 9.17 22.92
C VAL H 326 6.67 9.10 21.61
N ALA H 327 5.99 9.40 20.50
CA ALA H 327 6.61 9.34 19.19
C ALA H 327 7.83 10.25 19.14
N PRO H 328 9.05 9.72 19.08
CA PRO H 328 10.24 10.57 19.05
C PRO H 328 10.58 10.98 17.62
N LYS H 329 11.50 11.94 17.52
CA LYS H 329 11.96 12.46 16.24
C LYS H 329 13.47 12.58 16.26
N ARG H 330 14.07 12.47 15.08
CA ARG H 330 15.51 12.60 14.90
C ARG H 330 15.86 13.99 14.38
N ASP H 331 17.09 14.40 14.62
CA ASP H 331 17.56 15.68 14.13
C ASP H 331 17.74 15.64 12.62
N VAL H 332 17.83 16.82 12.01
CA VAL H 332 17.97 16.96 10.57
C VAL H 332 19.14 17.89 10.28
N GLU H 333 19.90 17.56 9.24
CA GLU H 333 21.04 18.38 8.82
C GLU H 333 20.54 19.37 7.77
N GLY H 334 19.90 20.42 8.25
CA GLY H 334 19.38 21.45 7.37
C GLY H 334 18.35 22.29 8.10
N MET H 335 17.83 23.28 7.37
CA MET H 335 16.86 24.18 7.95
C MET H 335 15.58 23.47 8.37
N GLY H 336 15.33 22.28 7.87
CA GLY H 336 14.19 21.50 8.28
C GLY H 336 12.88 22.04 7.75
N PRO H 337 11.77 21.44 8.15
CA PRO H 337 10.46 21.89 7.68
C PRO H 337 9.89 22.95 8.59
N PRO H 338 9.29 24.01 8.05
CA PRO H 338 8.70 25.03 8.90
C PRO H 338 7.45 24.51 9.60
N GLU H 339 7.41 24.65 10.93
CA GLU H 339 6.27 24.16 11.71
C GLU H 339 5.59 25.26 12.49
N ILE H 340 6.35 26.08 13.21
CA ILE H 340 5.80 27.07 14.12
C ILE H 340 5.89 28.45 13.50
N LYS H 341 4.82 29.22 13.62
CA LYS H 341 4.72 30.55 13.02
C LYS H 341 4.62 31.61 14.10
N TYR H 342 5.10 32.80 13.76
CA TYR H 342 5.01 33.95 14.66
C TYR H 342 3.57 34.43 14.74
N GLY H 343 3.08 34.66 15.95
CA GLY H 343 1.75 35.21 16.12
C GLY H 343 0.64 34.19 15.96
N GLU H 344 0.65 33.46 14.84
CA GLU H 344 -0.45 32.56 14.55
C GLU H 344 -0.42 31.34 15.47
N SER H 345 0.64 30.55 15.39
CA SER H 345 0.70 29.30 16.15
C SER H 345 0.57 29.58 17.64
N LEU H 346 -0.23 28.76 18.32
CA LEU H 346 -0.37 28.81 19.76
C LEU H 346 0.29 27.55 20.34
N CYS H 347 1.29 27.75 21.19
CA CYS H 347 2.14 26.67 21.65
C CYS H 347 2.07 26.54 23.16
N PHE H 348 1.98 25.29 23.63
CA PHE H 348 2.10 24.99 25.05
C PHE H 348 3.55 24.67 25.36
N VAL H 349 4.05 25.19 26.47
CA VAL H 349 5.43 24.94 26.89
C VAL H 349 5.42 23.81 27.90
N GLN H 350 6.25 22.79 27.67
CA GLN H 350 6.32 21.64 28.55
C GLN H 350 7.77 21.43 28.99
N HIS H 351 7.97 21.19 30.27
CA HIS H 351 9.27 20.77 30.77
C HIS H 351 9.51 19.33 30.38
N VAL H 352 10.58 19.08 29.64
CA VAL H 352 10.78 17.76 29.04
C VAL H 352 10.97 16.69 30.12
N ALA H 353 11.88 16.94 31.05
CA ALA H 353 12.25 15.91 32.01
C ALA H 353 11.06 15.49 32.87
N SER H 354 10.31 16.45 33.37
CA SER H 354 9.21 16.16 34.28
C SER H 354 7.86 16.05 33.61
N GLY H 355 7.72 16.57 32.40
CA GLY H 355 6.46 16.55 31.70
C GLY H 355 5.47 17.61 32.16
N LEU H 356 5.86 18.47 33.08
CA LEU H 356 4.95 19.49 33.59
C LEU H 356 4.69 20.55 32.52
N TRP H 357 3.62 21.31 32.73
CA TRP H 357 3.20 22.34 31.79
C TRP H 357 3.41 23.72 32.39
N LEU H 358 3.90 24.65 31.57
CA LEU H 358 4.08 26.02 32.01
C LEU H 358 2.73 26.71 32.08
N THR H 359 2.35 27.15 33.28
CA THR H 359 1.05 27.77 33.51
C THR H 359 1.25 28.94 34.47
N TYR H 360 0.14 29.49 34.96
CA TYR H 360 0.19 30.57 35.93
C TYR H 360 -0.34 30.08 37.27
N ALA H 361 0.34 30.50 38.34
CA ALA H 361 -0.10 30.16 39.68
C ALA H 361 -1.47 30.79 39.95
N ALA H 362 -2.27 30.08 40.75
CA ALA H 362 -3.58 30.60 41.12
C ALA H 362 -3.43 31.98 41.74
N PRO H 363 -4.08 33.02 41.20
CA PRO H 363 -3.75 34.38 41.62
C PRO H 363 -3.90 34.56 43.13
N ASP H 364 -2.78 34.83 43.79
CA ASP H 364 -2.79 34.92 45.24
C ASP H 364 -3.70 36.07 45.68
N PRO H 365 -4.40 35.94 46.79
CA PRO H 365 -5.32 36.99 47.23
C PRO H 365 -4.57 38.19 47.79
N LYS H 366 -5.30 39.30 47.90
CA LYS H 366 -4.83 40.58 48.42
C LYS H 366 -3.89 41.28 47.45
N ALA H 367 -3.39 40.56 46.44
CA ALA H 367 -2.51 41.20 45.46
C ALA H 367 -3.33 41.95 44.42
N LEU H 368 -4.41 41.32 43.95
CA LEU H 368 -5.37 42.03 43.12
C LEU H 368 -6.00 43.19 43.89
N ARG H 369 -6.20 43.00 45.20
CA ARG H 369 -6.77 44.07 46.03
C ARG H 369 -5.84 45.28 46.08
N LEU H 370 -4.54 45.05 46.31
CA LEU H 370 -3.59 46.15 46.24
C LEU H 370 -3.54 46.76 44.85
N GLY H 371 -3.58 45.93 43.81
CA GLY H 371 -3.56 46.41 42.45
C GLY H 371 -2.57 45.65 41.58
N VAL H 372 -1.90 44.67 42.15
CA VAL H 372 -0.92 43.86 41.41
C VAL H 372 -1.64 43.11 40.30
N LEU H 373 -1.09 43.17 39.09
CA LEU H 373 -1.70 42.54 37.92
C LEU H 373 -0.70 41.62 37.21
N LYS H 374 0.27 41.09 37.96
CA LYS H 374 1.22 40.11 37.45
C LYS H 374 0.98 38.78 38.15
N LYS H 375 0.96 37.71 37.38
CA LYS H 375 0.68 36.37 37.91
C LYS H 375 1.95 35.55 37.89
N LYS H 376 2.36 35.05 39.05
CA LYS H 376 3.55 34.20 39.09
C LYS H 376 3.32 32.98 38.20
N ALA H 377 4.33 32.64 37.40
CA ALA H 377 4.27 31.47 36.55
C ALA H 377 4.83 30.26 37.29
N MET H 378 4.21 29.12 37.04
CA MET H 378 4.58 27.88 37.71
C MET H 378 4.55 26.75 36.70
N LEU H 379 5.12 25.61 37.09
CA LEU H 379 5.03 24.38 36.33
C LEU H 379 4.08 23.46 37.06
N HIS H 380 3.02 23.02 36.38
CA HIS H 380 1.95 22.25 36.99
C HIS H 380 1.72 20.97 36.22
N GLN H 381 1.06 20.02 36.89
CA GLN H 381 0.81 18.72 36.28
C GLN H 381 -0.27 18.79 35.22
N GLU H 382 -1.26 19.66 35.38
CA GLU H 382 -2.35 19.79 34.41
C GLU H 382 -2.39 21.18 33.80
N GLY H 383 -2.40 22.24 34.60
CA GLY H 383 -2.48 23.58 34.05
C GLY H 383 -3.90 24.01 33.76
N HIS H 384 -4.04 24.97 32.86
CA HIS H 384 -5.32 25.52 32.47
C HIS H 384 -5.44 25.51 30.95
N MET H 385 -6.67 25.68 30.47
CA MET H 385 -6.92 25.59 29.03
C MET H 385 -6.28 26.74 28.28
N ASP H 386 -6.03 27.87 28.94
CA ASP H 386 -5.46 29.05 28.29
C ASP H 386 -3.97 29.17 28.53
N ASP H 387 -3.26 28.04 28.58
CA ASP H 387 -1.83 28.03 28.80
C ASP H 387 -1.02 28.29 27.54
N ALA H 388 -1.65 28.29 26.38
CA ALA H 388 -0.91 28.44 25.14
C ALA H 388 -0.28 29.83 25.06
N LEU H 389 0.93 29.88 24.53
CA LEU H 389 1.68 31.12 24.36
C LEU H 389 1.84 31.42 22.89
N SER H 390 1.86 32.69 22.54
CA SER H 390 2.13 33.14 21.18
C SER H 390 3.51 33.75 21.12
N LEU H 391 4.31 33.32 20.15
CA LEU H 391 5.67 33.82 19.98
C LEU H 391 5.64 35.05 19.09
N THR H 392 6.18 36.15 19.60
CA THR H 392 6.18 37.42 18.89
C THR H 392 7.61 37.86 18.62
N ARG H 393 7.86 38.30 17.39
CA ARG H 393 9.17 38.76 16.98
C ARG H 393 9.49 40.12 17.58
N CYS H 394 10.77 40.34 17.86
CA CYS H 394 11.27 41.62 18.34
C CYS H 394 12.21 42.23 17.31
N GLN H 395 12.32 43.54 17.34
CA GLN H 395 13.17 44.24 16.37
C GLN H 395 14.65 43.98 16.66
N GLN H 396 15.44 44.00 15.59
CA GLN H 396 16.88 43.81 15.72
C GLN H 396 17.48 44.84 16.67
N GLU H 397 16.99 46.07 16.62
CA GLU H 397 17.46 47.09 17.54
C GLU H 397 17.20 46.69 18.99
N GLU H 398 16.00 46.17 19.27
CA GLU H 398 15.68 45.74 20.63
C GLU H 398 16.58 44.61 21.08
N SER H 399 16.78 43.61 20.23
CA SER H 399 17.61 42.47 20.64
C SER H 399 19.06 42.89 20.86
N GLN H 400 19.60 43.73 19.97
CA GLN H 400 20.95 44.24 20.16
C GLN H 400 21.06 45.03 21.45
N ALA H 401 20.07 45.88 21.74
CA ALA H 401 20.11 46.64 22.97
C ALA H 401 20.08 45.74 24.19
N ALA H 402 19.29 44.66 24.14
CA ALA H 402 19.23 43.75 25.27
C ALA H 402 20.58 43.09 25.53
N ARG H 403 21.22 42.59 24.47
CA ARG H 403 22.54 41.97 24.66
C ARG H 403 23.56 42.99 25.14
N MET H 404 23.51 44.22 24.62
CA MET H 404 24.42 45.26 25.09
C MET H 404 24.19 45.54 26.56
N ILE H 405 22.94 45.59 26.99
CA ILE H 405 22.65 45.82 28.41
C ILE H 405 23.26 44.71 29.25
N TYR H 406 23.11 43.46 28.81
CA TYR H 406 23.67 42.36 29.58
C TYR H 406 25.18 42.51 29.75
N SER H 407 25.90 42.70 28.63
CA SER H 407 27.35 42.77 28.73
C SER H 407 27.81 44.02 29.50
N THR H 408 27.17 45.17 29.25
CA THR H 408 27.56 46.39 29.93
C THR H 408 27.31 46.31 31.42
N ALA H 409 26.18 45.74 31.82
CA ALA H 409 25.91 45.57 33.24
C ALA H 409 26.96 44.70 33.88
N GLY H 410 27.33 43.60 33.22
CA GLY H 410 28.40 42.77 33.77
C GLY H 410 29.69 43.55 33.96
N LEU H 411 30.09 44.30 32.93
CA LEU H 411 31.36 45.02 33.00
C LEU H 411 31.35 46.08 34.10
N TYR H 412 30.28 46.88 34.17
CA TYR H 412 30.27 47.97 35.13
C TYR H 412 30.11 47.43 36.56
N ASN H 413 29.40 46.33 36.73
CA ASN H 413 29.35 45.73 38.06
C ASN H 413 30.73 45.23 38.48
N GLN H 414 31.47 44.63 37.55
CA GLN H 414 32.83 44.23 37.88
C GLN H 414 33.68 45.44 38.25
N PHE H 415 33.51 46.55 37.53
CA PHE H 415 34.25 47.78 37.84
C PHE H 415 33.92 48.26 39.25
N ILE H 416 32.63 48.27 39.61
CA ILE H 416 32.22 48.75 40.92
C ILE H 416 32.77 47.85 42.01
N LYS H 417 32.75 46.54 41.78
CA LYS H 417 33.34 45.62 42.76
C LYS H 417 34.83 45.88 42.91
N GLY H 418 35.52 46.13 41.80
CA GLY H 418 36.94 46.45 41.89
C GLY H 418 37.18 47.68 42.74
N LEU H 419 36.39 48.73 42.54
CA LEU H 419 36.55 49.94 43.35
C LEU H 419 36.27 49.65 44.82
N ASP H 420 35.20 48.94 45.12
CA ASP H 420 34.90 48.61 46.51
C ASP H 420 35.99 47.75 47.13
N SER H 421 36.76 47.01 46.31
CA SER H 421 37.80 46.16 46.86
C SER H 421 38.82 46.96 47.66
N PHE H 422 39.23 48.13 47.15
CA PHE H 422 40.16 49.00 47.85
C PHE H 422 39.50 50.29 48.32
N SER H 423 38.17 50.27 48.44
CA SER H 423 37.44 51.45 48.91
C SER H 423 38.20 52.23 49.98
N GLY H 424 38.64 51.55 51.03
CA GLY H 424 39.27 52.24 52.15
C GLY H 424 40.59 51.65 52.61
N LYS H 425 41.42 51.19 51.67
CA LYS H 425 42.68 50.51 51.98
C LYS H 425 43.82 51.22 51.29
N PRO H 426 44.46 52.20 51.94
CA PRO H 426 45.60 52.88 51.31
C PRO H 426 46.72 51.89 51.02
N ARG H 427 47.39 52.10 49.89
CA ARG H 427 48.47 51.22 49.46
C ARG H 427 49.82 51.64 50.00
N GLY H 428 49.93 52.81 50.62
CA GLY H 428 51.22 53.32 51.03
C GLY H 428 52.16 53.45 49.85
N SER H 429 53.15 52.57 49.76
CA SER H 429 54.06 52.52 48.62
C SER H 429 54.03 51.18 47.92
N GLY H 430 53.21 50.24 48.37
CA GLY H 430 53.19 48.90 47.83
C GLY H 430 52.16 48.72 46.73
N PRO H 431 51.74 47.49 46.49
CA PRO H 431 50.78 47.23 45.41
C PRO H 431 49.41 47.81 45.75
N PRO H 432 48.58 48.06 44.73
CA PRO H 432 47.29 48.74 44.99
C PRO H 432 46.45 48.09 46.08
N ALA H 433 46.74 46.84 46.42
CA ALA H 433 46.03 46.15 47.50
C ALA H 433 44.55 45.98 47.17
N GLY H 434 44.29 45.36 46.03
CA GLY H 434 42.93 45.06 45.64
C GLY H 434 42.91 44.23 44.38
N SER H 435 41.73 44.12 43.78
CA SER H 435 41.59 43.43 42.50
C SER H 435 41.84 44.39 41.35
N ALA H 436 42.34 43.86 40.24
CA ALA H 436 42.66 44.68 39.09
C ALA H 436 41.38 45.27 38.49
N LEU H 437 41.51 46.46 37.92
CA LEU H 437 40.37 47.16 37.36
C LEU H 437 40.32 46.99 35.84
N PRO H 438 39.15 46.77 35.26
CA PRO H 438 39.03 46.71 33.80
C PRO H 438 39.03 48.09 33.15
N ILE H 439 40.14 48.80 33.28
CA ILE H 439 40.20 50.18 32.81
C ILE H 439 40.00 50.26 31.31
N GLU H 440 40.69 49.40 30.57
CA GLU H 440 40.62 49.46 29.10
C GLU H 440 39.22 49.11 28.62
N GLY H 441 38.64 48.06 29.20
CA GLY H 441 37.29 47.68 28.82
C GLY H 441 36.29 48.76 29.15
N VAL H 442 36.41 49.37 30.32
CA VAL H 442 35.48 50.42 30.71
C VAL H 442 35.58 51.61 29.77
N ILE H 443 36.80 52.02 29.44
CA ILE H 443 36.97 53.17 28.55
C ILE H 443 36.38 52.87 27.18
N LEU H 444 36.70 51.70 26.62
CA LEU H 444 36.19 51.36 25.29
C LEU H 444 34.67 51.26 25.31
N SER H 445 34.10 50.66 26.35
CA SER H 445 32.65 50.52 26.43
C SER H 445 31.98 51.88 26.53
N LEU H 446 32.55 52.79 27.32
CA LEU H 446 31.95 54.12 27.45
C LEU H 446 32.00 54.86 26.12
N GLN H 447 33.13 54.78 25.41
CA GLN H 447 33.19 55.42 24.09
C GLN H 447 32.17 54.82 23.14
N ASP H 448 32.06 53.49 23.13
CA ASP H 448 31.11 52.82 22.25
C ASP H 448 29.69 53.25 22.56
N LEU H 449 29.33 53.34 23.84
CA LEU H 449 27.97 53.71 24.20
C LEU H 449 27.69 55.18 23.92
N ILE H 450 28.68 56.06 24.07
CA ILE H 450 28.48 57.45 23.68
C ILE H 450 28.18 57.53 22.19
N GLY H 451 28.97 56.83 21.37
CA GLY H 451 28.66 56.79 19.95
C GLY H 451 27.30 56.19 19.67
N TYR H 452 26.92 55.17 20.44
CA TYR H 452 25.64 54.51 20.27
C TYR H 452 24.49 55.48 20.53
N PHE H 453 24.61 56.32 21.55
CA PHE H 453 23.57 57.25 21.93
C PHE H 453 23.75 58.62 21.29
N GLU H 454 24.67 58.76 20.36
CA GLU H 454 24.88 60.04 19.69
C GLU H 454 23.58 60.53 19.08
N PRO H 455 23.19 61.78 19.30
CA PRO H 455 21.98 62.32 18.68
C PRO H 455 22.15 62.47 17.18
N PRO H 456 21.06 62.41 16.41
CA PRO H 456 21.18 62.44 14.96
C PRO H 456 21.71 63.78 14.45
N SER H 457 22.39 63.73 13.30
CA SER H 457 22.97 64.92 12.71
C SER H 457 21.88 65.91 12.31
N GLU H 458 22.15 67.20 12.52
CA GLU H 458 21.16 68.22 12.22
C GLU H 458 20.91 68.33 10.72
N GLU H 459 21.92 68.07 9.89
CA GLU H 459 21.79 68.21 8.44
C GLU H 459 21.27 66.91 7.82
N LEU H 460 20.05 66.56 8.19
CA LEU H 460 19.38 65.37 7.69
C LEU H 460 17.98 65.71 7.26
N GLN H 461 17.45 64.94 6.31
CA GLN H 461 16.08 65.11 5.90
C GLN H 461 15.15 64.85 7.07
N HIS H 462 14.07 65.62 7.14
CA HIS H 462 13.19 65.59 8.30
C HIS H 462 12.75 64.17 8.64
N GLU H 463 12.35 63.39 7.63
CA GLU H 463 11.86 62.05 7.88
C GLU H 463 12.93 61.18 8.53
N GLU H 464 14.14 61.19 7.96
CA GLU H 464 15.22 60.38 8.51
C GLU H 464 15.56 60.82 9.92
N LYS H 465 15.60 62.13 10.15
CA LYS H 465 15.89 62.62 11.50
C LYS H 465 14.83 62.17 12.48
N GLN H 466 13.56 62.19 12.09
CA GLN H 466 12.51 61.76 13.00
C GLN H 466 12.62 60.27 13.31
N THR H 467 12.90 59.46 12.30
CA THR H 467 13.05 58.03 12.57
C THR H 467 14.23 57.77 13.50
N LYS H 468 15.35 58.45 13.28
CA LYS H 468 16.50 58.27 14.15
C LYS H 468 16.20 58.75 15.56
N LEU H 469 15.44 59.84 15.70
CA LEU H 469 15.07 60.32 17.02
C LEU H 469 14.18 59.31 17.74
N ARG H 470 13.23 58.70 17.02
CA ARG H 470 12.40 57.69 17.63
C ARG H 470 13.23 56.51 18.11
N SER H 471 14.16 56.05 17.28
CA SER H 471 15.02 54.95 17.68
C SER H 471 15.86 55.32 18.90
N LEU H 472 16.41 56.53 18.91
CA LEU H 472 17.23 56.97 20.03
C LEU H 472 16.43 57.02 21.32
N ARG H 473 15.21 57.56 21.26
CA ARG H 473 14.38 57.60 22.45
C ARG H 473 14.08 56.20 22.95
N ASN H 474 13.76 55.29 22.04
CA ASN H 474 13.46 53.93 22.45
C ASN H 474 14.67 53.27 23.12
N ARG H 475 15.86 53.48 22.57
CA ARG H 475 17.05 52.87 23.17
C ARG H 475 17.35 53.47 24.54
N GLN H 476 17.19 54.79 24.68
CA GLN H 476 17.39 55.41 25.99
C GLN H 476 16.41 54.82 27.01
N SER H 477 15.15 54.66 26.60
CA SER H 477 14.17 54.08 27.52
C SER H 477 14.53 52.65 27.88
N LEU H 478 14.99 51.86 26.92
CA LEU H 478 15.35 50.48 27.22
C LEU H 478 16.47 50.42 28.25
N PHE H 479 17.52 51.22 28.04
CA PHE H 479 18.64 51.21 28.98
C PHE H 479 18.19 51.68 30.36
N GLN H 480 17.41 52.76 30.42
CA GLN H 480 16.97 53.25 31.72
C GLN H 480 16.11 52.22 32.44
N GLU H 481 15.19 51.59 31.72
CA GLU H 481 14.32 50.60 32.36
C GLU H 481 15.11 49.41 32.86
N GLU H 482 16.14 48.99 32.13
CA GLU H 482 17.00 47.92 32.64
C GLU H 482 17.95 48.41 33.73
N GLY H 483 18.01 49.72 33.97
CA GLY H 483 18.71 50.21 35.13
C GLY H 483 20.15 50.60 34.89
N MET H 484 20.51 50.95 33.67
CA MET H 484 21.87 51.36 33.38
C MET H 484 22.16 52.75 33.91
N LEU H 485 21.14 53.59 34.04
CA LEU H 485 21.35 54.92 34.60
C LEU H 485 21.85 54.83 36.04
N SER H 486 21.22 53.98 36.85
CA SER H 486 21.66 53.81 38.22
C SER H 486 23.07 53.27 38.28
N LEU H 487 23.42 52.38 37.36
CA LEU H 487 24.78 51.83 37.33
C LEU H 487 25.80 52.93 37.02
N VAL H 488 25.50 53.78 36.05
CA VAL H 488 26.41 54.87 35.73
C VAL H 488 26.55 55.81 36.91
N LEU H 489 25.43 56.11 37.58
CA LEU H 489 25.49 56.98 38.75
C LEU H 489 26.32 56.35 39.87
N ASN H 490 26.21 55.03 40.05
CA ASN H 490 27.00 54.36 41.07
C ASN H 490 28.49 54.44 40.75
N CYS H 491 28.85 54.21 39.49
CA CYS H 491 30.24 54.35 39.09
C CYS H 491 30.73 55.77 39.37
N ILE H 492 29.91 56.76 39.03
CA ILE H 492 30.29 58.14 39.27
C ILE H 492 30.50 58.40 40.75
N ASP H 493 29.63 57.84 41.61
CA ASP H 493 29.80 58.01 43.04
C ASP H 493 31.12 57.45 43.52
N ARG H 494 31.41 56.19 43.15
CA ARG H 494 32.62 55.56 43.63
C ARG H 494 33.85 56.34 43.17
N LEU H 495 33.85 56.82 41.93
CA LEU H 495 35.00 57.58 41.45
C LEU H 495 35.04 58.99 42.02
N ASN H 496 33.90 59.56 42.39
CA ASN H 496 33.84 60.88 42.98
C ASN H 496 34.37 60.91 44.39
N VAL H 497 34.27 59.80 45.11
CA VAL H 497 34.85 59.75 46.46
C VAL H 497 36.25 60.35 46.46
N TYR H 498 36.99 60.18 45.37
CA TYR H 498 38.34 60.72 45.26
C TYR H 498 38.31 62.10 44.62
N THR H 499 39.16 63.00 45.10
CA THR H 499 39.14 64.39 44.68
C THR H 499 40.08 64.69 43.52
N THR H 500 41.04 63.83 43.24
CA THR H 500 41.98 64.06 42.14
C THR H 500 42.65 62.74 41.78
N ALA H 501 43.40 62.79 40.68
CA ALA H 501 44.05 61.58 40.19
C ALA H 501 45.08 61.06 41.17
N ALA H 502 45.81 61.96 41.84
CA ALA H 502 46.80 61.52 42.82
C ALA H 502 46.12 60.89 44.03
N HIS H 503 45.03 61.50 44.50
CA HIS H 503 44.29 60.91 45.61
C HIS H 503 43.77 59.53 45.23
N PHE H 504 43.34 59.37 43.98
CA PHE H 504 42.92 58.05 43.51
C PHE H 504 44.10 57.09 43.47
N ALA H 505 45.25 57.55 42.99
CA ALA H 505 46.44 56.71 42.92
C ALA H 505 46.88 56.22 44.29
N GLU H 506 46.64 57.00 45.33
CA GLU H 506 46.98 56.53 46.67
C GLU H 506 46.26 55.25 47.06
N PHE H 507 45.15 54.92 46.39
CA PHE H 507 44.40 53.71 46.68
C PHE H 507 44.40 52.69 45.54
N ALA H 508 44.54 53.12 44.29
CA ALA H 508 44.47 52.23 43.15
C ALA H 508 45.78 52.04 42.43
N GLY H 509 46.76 52.91 42.65
CA GLY H 509 48.02 52.81 41.95
C GLY H 509 48.12 53.80 40.81
N GLU H 510 49.35 54.12 40.43
CA GLU H 510 49.57 55.15 39.42
C GLU H 510 49.03 54.71 38.06
N GLU H 511 49.19 53.44 37.71
CA GLU H 511 48.73 52.97 36.41
C GLU H 511 47.22 53.16 36.29
N ALA H 512 46.47 52.75 37.30
CA ALA H 512 45.02 52.96 37.27
C ALA H 512 44.71 54.45 37.28
N ALA H 513 45.43 55.23 38.09
CA ALA H 513 45.12 56.65 38.21
C ALA H 513 45.38 57.40 36.92
N GLU H 514 46.19 56.83 36.03
CA GLU H 514 46.44 57.51 34.75
C GLU H 514 45.19 57.63 33.90
N SER H 515 44.12 56.91 34.22
CA SER H 515 42.89 56.97 33.45
C SER H 515 41.70 57.51 34.25
N TRP H 516 41.91 57.97 35.48
CA TRP H 516 40.81 58.41 36.32
C TRP H 516 40.05 59.57 35.68
N LYS H 517 40.76 60.60 35.24
CA LYS H 517 40.11 61.76 34.66
C LYS H 517 39.33 61.39 33.41
N GLU H 518 39.94 60.58 32.55
CA GLU H 518 39.28 60.18 31.32
C GLU H 518 38.02 59.39 31.62
N ILE H 519 38.07 58.48 32.58
CA ILE H 519 36.91 57.66 32.89
C ILE H 519 35.79 58.54 33.47
N VAL H 520 36.15 59.49 34.33
CA VAL H 520 35.14 60.37 34.90
C VAL H 520 34.45 61.19 33.82
N ASN H 521 35.24 61.77 32.92
CA ASN H 521 34.66 62.58 31.85
C ASN H 521 33.79 61.72 30.93
N LEU H 522 34.24 60.51 30.61
CA LEU H 522 33.45 59.64 29.76
C LEU H 522 32.14 59.24 30.44
N LEU H 523 32.17 59.00 31.75
CA LEU H 523 30.95 58.67 32.47
C LEU H 523 29.96 59.82 32.41
N TYR H 524 30.44 61.05 32.60
CA TYR H 524 29.52 62.19 32.53
C TYR H 524 28.98 62.37 31.11
N GLU H 525 29.81 62.17 30.10
CA GLU H 525 29.32 62.26 28.73
C GLU H 525 28.27 61.20 28.45
N LEU H 526 28.47 59.98 28.96
CA LEU H 526 27.48 58.93 28.78
C LEU H 526 26.17 59.29 29.48
N LEU H 527 26.26 59.85 30.68
CA LEU H 527 25.05 60.25 31.39
C LEU H 527 24.26 61.29 30.59
N ALA H 528 24.98 62.29 30.06
CA ALA H 528 24.32 63.29 29.24
C ALA H 528 23.69 62.67 27.99
N SER H 529 24.40 61.76 27.34
CA SER H 529 23.84 61.11 26.16
C SER H 529 22.63 60.27 26.52
N LEU H 530 22.62 59.66 27.69
CA LEU H 530 21.53 58.81 28.13
C LEU H 530 20.26 59.58 28.47
N ILE H 531 20.39 60.79 29.00
CA ILE H 531 19.20 61.56 29.37
C ILE H 531 18.82 62.62 28.35
N ARG H 532 19.69 63.00 27.41
CA ARG H 532 19.41 64.14 26.55
C ARG H 532 18.13 63.94 25.78
N GLY H 533 17.25 64.94 25.82
CA GLY H 533 16.02 64.93 25.06
C GLY H 533 14.97 63.96 25.56
N ASN H 534 15.19 63.32 26.71
CA ASN H 534 14.30 62.30 27.23
C ASN H 534 13.66 62.83 28.51
N ARG H 535 12.38 63.18 28.41
CA ARG H 535 11.68 63.75 29.57
C ARG H 535 11.64 62.76 30.72
N THR H 536 11.36 61.49 30.42
CA THR H 536 11.26 60.49 31.48
C THR H 536 12.57 60.33 32.22
N ASN H 537 13.68 60.18 31.49
CA ASN H 537 14.97 60.03 32.14
C ASN H 537 15.36 61.29 32.89
N CYS H 538 15.12 62.46 32.31
CA CYS H 538 15.49 63.70 32.97
C CYS H 538 14.71 63.91 34.26
N ALA H 539 13.43 63.52 34.29
CA ALA H 539 12.62 63.73 35.47
C ALA H 539 13.12 62.92 36.67
N LEU H 540 13.95 61.91 36.44
CA LEU H 540 14.45 61.10 37.55
C LEU H 540 15.32 61.90 38.50
N PHE H 541 15.85 63.03 38.06
CA PHE H 541 16.74 63.83 38.90
C PHE H 541 15.99 64.74 39.86
N SER H 542 14.67 64.83 39.76
CA SER H 542 13.92 65.69 40.66
C SER H 542 14.06 65.22 42.11
N THR H 543 14.41 63.96 42.32
CA THR H 543 14.60 63.44 43.66
C THR H 543 16.00 63.65 44.20
N ASN H 544 17.01 63.65 43.32
CA ASN H 544 18.41 63.73 43.74
C ASN H 544 19.11 64.86 42.98
N LEU H 545 18.46 66.02 42.91
CA LEU H 545 19.09 67.18 42.30
C LEU H 545 20.34 67.61 43.06
N ASP H 546 20.34 67.53 44.38
CA ASP H 546 21.53 67.88 45.14
C ASP H 546 22.73 67.06 44.69
N TRP H 547 22.50 65.79 44.37
CA TRP H 547 23.59 64.95 43.89
C TRP H 547 24.30 65.58 42.70
N LEU H 548 23.54 66.24 41.82
CA LEU H 548 24.13 66.82 40.62
C LEU H 548 24.68 68.22 40.88
N VAL H 549 23.91 69.06 41.58
CA VAL H 549 24.34 70.44 41.80
C VAL H 549 25.58 70.50 42.67
N SER H 550 25.70 69.58 43.64
CA SER H 550 26.85 69.60 44.52
C SER H 550 28.16 69.28 43.81
N LYS H 551 28.10 68.79 42.57
CA LYS H 551 29.28 68.42 41.82
C LYS H 551 29.71 69.47 40.81
N LEU H 552 29.02 70.60 40.73
CA LEU H 552 29.30 71.57 39.68
C LEU H 552 30.71 72.15 39.80
N ASP H 553 31.25 72.23 41.01
CA ASP H 553 32.54 72.85 41.23
C ASP H 553 33.70 71.86 41.15
N ARG H 554 33.44 70.58 40.92
CA ARG H 554 34.51 69.64 40.65
C ARG H 554 35.26 70.06 39.39
N LEU H 555 36.58 70.08 39.47
CA LEU H 555 37.38 70.65 38.40
C LEU H 555 37.76 69.66 37.31
N GLU H 556 37.56 68.35 37.54
CA GLU H 556 38.00 67.38 36.54
C GLU H 556 37.04 67.31 35.36
N ALA H 557 35.74 67.47 35.60
CA ALA H 557 34.73 67.30 34.57
C ALA H 557 33.67 68.38 34.64
N SER H 558 34.10 69.63 34.82
CA SER H 558 33.15 70.73 35.02
C SER H 558 32.23 70.88 33.82
N SER H 559 32.79 70.85 32.61
CA SER H 559 31.96 71.04 31.42
C SER H 559 30.96 69.91 31.25
N GLY H 560 31.38 68.67 31.51
CA GLY H 560 30.46 67.55 31.41
C GLY H 560 29.34 67.62 32.43
N ILE H 561 29.67 67.98 33.66
CA ILE H 561 28.64 68.09 34.69
C ILE H 561 27.65 69.19 34.33
N LEU H 562 28.16 70.32 33.82
CA LEU H 562 27.29 71.40 33.39
C LEU H 562 26.40 70.95 32.24
N GLU H 563 26.94 70.16 31.31
CA GLU H 563 26.13 69.66 30.21
C GLU H 563 25.00 68.76 30.71
N VAL H 564 25.30 67.91 31.69
CA VAL H 564 24.26 67.05 32.26
C VAL H 564 23.16 67.91 32.89
N LEU H 565 23.56 68.90 33.68
CA LEU H 565 22.57 69.78 34.32
C LEU H 565 21.74 70.51 33.27
N TYR H 566 22.40 70.97 32.20
CA TYR H 566 21.69 71.66 31.14
C TYR H 566 20.63 70.77 30.51
N CYS H 567 20.98 69.52 30.21
CA CYS H 567 20.00 68.61 29.63
C CYS H 567 18.82 68.40 30.57
N VAL H 568 19.11 68.16 31.85
CA VAL H 568 18.05 67.92 32.82
C VAL H 568 17.09 69.11 32.87
N LEU H 569 17.64 70.31 33.00
CA LEU H 569 16.78 71.49 33.11
C LEU H 569 16.07 71.81 31.81
N ILE H 570 16.66 71.51 30.68
CA ILE H 570 15.99 71.76 29.41
C ILE H 570 14.78 70.87 29.26
N GLU H 571 14.84 69.63 29.76
CA GLU H 571 13.76 68.68 29.50
C GLU H 571 12.73 68.55 30.61
N SER H 572 13.09 68.76 31.88
CA SER H 572 12.21 68.37 32.96
C SER H 572 11.63 69.58 33.70
N PRO H 573 10.34 69.88 33.57
CA PRO H 573 9.72 70.87 34.46
C PRO H 573 9.67 70.44 35.91
N GLU H 574 9.69 69.15 36.19
CA GLU H 574 9.62 68.68 37.58
C GLU H 574 10.83 69.14 38.37
N VAL H 575 12.02 69.10 37.76
CA VAL H 575 13.21 69.61 38.43
C VAL H 575 13.08 71.12 38.64
N LEU H 576 12.58 71.83 37.62
CA LEU H 576 12.38 73.26 37.74
C LEU H 576 11.50 73.60 38.93
N ASN H 577 10.53 72.75 39.24
CA ASN H 577 9.60 73.03 40.31
C ASN H 577 10.13 72.65 41.69
N ILE H 578 11.34 72.09 41.77
CA ILE H 578 11.97 71.80 43.06
C ILE H 578 13.29 72.52 43.23
N ILE H 579 13.76 73.25 42.20
CA ILE H 579 14.95 74.07 42.37
C ILE H 579 14.81 74.98 43.58
N GLN H 580 15.93 75.26 44.24
CA GLN H 580 15.93 76.07 45.46
C GLN H 580 17.02 77.14 45.40
N GLU H 581 17.03 77.98 46.43
CA GLU H 581 17.95 79.11 46.48
C GLU H 581 19.39 78.64 46.54
N ASN H 582 19.68 77.59 47.31
CA ASN H 582 21.05 77.11 47.39
C ASN H 582 21.52 76.57 46.05
N HIS H 583 20.63 75.90 45.30
CA HIS H 583 20.99 75.45 43.96
C HIS H 583 21.30 76.63 43.05
N ILE H 584 20.45 77.66 43.08
CA ILE H 584 20.71 78.82 42.23
C ILE H 584 22.02 79.49 42.63
N LYS H 585 22.30 79.55 43.93
CA LYS H 585 23.52 80.18 44.39
C LYS H 585 24.75 79.39 43.95
N SER H 586 24.67 78.06 43.96
CA SER H 586 25.77 77.26 43.43
C SER H 586 25.97 77.53 41.94
N ILE H 587 24.88 77.62 41.19
CA ILE H 587 25.03 77.87 39.76
C ILE H 587 25.66 79.23 39.50
N ILE H 588 25.32 80.23 40.33
CA ILE H 588 25.93 81.55 40.17
C ILE H 588 27.39 81.52 40.59
N SER H 589 27.71 80.79 41.65
CA SER H 589 29.10 80.64 42.06
C SER H 589 29.91 79.99 40.95
N LEU H 590 29.26 79.19 40.10
CA LEU H 590 29.95 78.68 38.92
C LEU H 590 30.47 79.82 38.05
N LEU H 591 29.61 80.82 37.77
CA LEU H 591 30.07 81.99 37.04
C LEU H 591 31.21 82.67 37.78
N ASP H 592 31.06 82.79 39.10
CA ASP H 592 32.07 83.52 39.86
C ASP H 592 33.43 82.85 39.80
N LYS H 593 33.47 81.52 39.87
CA LYS H 593 34.72 80.80 40.05
C LYS H 593 35.31 80.24 38.77
N HIS H 594 34.51 80.06 37.72
CA HIS H 594 35.03 79.50 36.47
C HIS H 594 35.13 80.50 35.33
N GLY H 595 34.57 81.68 35.48
CA GLY H 595 34.67 82.72 34.47
C GLY H 595 33.36 82.91 33.73
N ARG H 596 33.41 83.80 32.76
CA ARG H 596 32.22 84.19 32.00
C ARG H 596 31.99 83.18 30.89
N ASN H 597 31.14 82.20 31.19
CA ASN H 597 30.77 81.14 30.27
C ASN H 597 29.29 81.26 29.94
N HIS H 598 28.97 81.42 28.65
CA HIS H 598 27.58 81.64 28.26
C HIS H 598 26.71 80.42 28.51
N LYS H 599 27.31 79.22 28.60
CA LYS H 599 26.52 78.03 28.93
C LYS H 599 25.93 78.14 30.32
N VAL H 600 26.60 78.83 31.23
CA VAL H 600 26.06 78.99 32.57
C VAL H 600 24.82 79.88 32.53
N LEU H 601 24.83 80.92 31.70
CA LEU H 601 23.63 81.75 31.55
C LEU H 601 22.50 80.97 30.88
N ASP H 602 22.84 80.16 29.89
CA ASP H 602 21.86 79.29 29.27
C ASP H 602 21.21 78.39 30.31
N VAL H 603 22.01 77.81 31.20
CA VAL H 603 21.47 77.03 32.30
C VAL H 603 20.61 77.92 33.20
N LEU H 604 21.07 79.14 33.46
CA LEU H 604 20.41 79.98 34.45
C LEU H 604 18.98 80.28 34.06
N CYS H 605 18.73 80.55 32.78
CA CYS H 605 17.34 80.67 32.35
C CYS H 605 16.90 79.55 31.40
N SER H 606 17.42 78.35 31.60
CA SER H 606 16.59 77.16 31.47
C SER H 606 15.73 76.98 32.72
N LEU H 607 16.10 77.62 33.82
CA LEU H 607 15.31 77.63 35.04
C LEU H 607 14.18 78.64 35.00
N CYS H 608 14.30 79.68 34.17
CA CYS H 608 13.35 80.77 34.18
C CYS H 608 12.03 80.37 33.50
N VAL H 609 12.10 79.60 32.41
CA VAL H 609 10.91 79.19 31.68
C VAL H 609 11.15 77.81 31.10
N CYS H 610 10.08 77.01 31.03
CA CYS H 610 10.13 75.67 30.45
C CYS H 610 8.81 75.34 29.80
N ASN H 611 8.84 75.06 28.49
CA ASN H 611 7.64 74.71 27.74
C ASN H 611 6.59 75.82 27.78
N GLY H 612 7.06 77.06 27.76
CA GLY H 612 6.15 78.20 27.77
C GLY H 612 5.51 78.48 29.09
N VAL H 613 6.04 77.95 30.20
CA VAL H 613 5.53 78.23 31.53
C VAL H 613 6.69 78.73 32.39
N ALA H 614 6.46 79.82 33.12
CA ALA H 614 7.49 80.47 33.90
C ALA H 614 7.39 80.09 35.36
N VAL H 615 8.54 80.03 36.03
CA VAL H 615 8.61 79.75 37.46
C VAL H 615 9.03 81.05 38.15
N ARG H 616 8.05 81.72 38.77
CA ARG H 616 8.30 83.02 39.36
C ARG H 616 9.33 82.93 40.47
N SER H 617 9.30 81.86 41.25
CA SER H 617 10.27 81.73 42.34
C SER H 617 11.70 81.70 41.79
N ASN H 618 11.92 80.90 40.74
CA ASN H 618 13.25 80.84 40.14
C ASN H 618 13.66 82.18 39.55
N GLN H 619 12.73 82.84 38.85
CA GLN H 619 13.05 84.15 38.29
C GLN H 619 13.46 85.12 39.39
N ASP H 620 12.69 85.17 40.47
CA ASP H 620 12.97 86.09 41.55
C ASP H 620 14.31 85.77 42.20
N LEU H 621 14.59 84.49 42.42
CA LEU H 621 15.85 84.12 43.07
C LEU H 621 17.04 84.50 42.21
N ILE H 622 16.95 84.24 40.90
CA ILE H 622 18.05 84.64 40.02
C ILE H 622 18.24 86.14 40.05
N THR H 623 17.14 86.89 39.97
CA THR H 623 17.24 88.34 39.96
C THR H 623 17.85 88.86 41.25
N GLU H 624 17.45 88.31 42.39
CA GLU H 624 17.92 88.79 43.67
C GLU H 624 19.36 88.38 43.97
N ASN H 625 19.83 87.27 43.42
CA ASN H 625 21.17 86.79 43.74
C ASN H 625 22.22 87.12 42.69
N LEU H 626 21.83 87.53 41.49
CA LEU H 626 22.79 87.78 40.43
C LEU H 626 22.93 89.26 40.06
N LEU H 627 21.84 89.99 40.00
CA LEU H 627 21.87 91.35 39.47
C LEU H 627 22.44 92.39 40.42
N PRO H 628 21.93 92.50 41.66
CA PRO H 628 22.26 93.69 42.46
C PRO H 628 23.74 93.88 42.74
N GLY H 629 24.53 92.81 42.80
CA GLY H 629 25.95 92.97 43.03
C GLY H 629 26.64 93.75 41.93
N ARG H 630 26.20 93.58 40.69
CA ARG H 630 26.78 94.30 39.55
C ARG H 630 28.28 94.03 39.43
N GLU H 631 28.68 92.80 39.72
CA GLU H 631 30.09 92.42 39.67
C GLU H 631 30.39 91.26 38.74
N LEU H 632 29.38 90.53 38.26
CA LEU H 632 29.60 89.37 37.41
C LEU H 632 29.21 89.63 35.97
N LEU H 633 28.03 90.18 35.74
CA LEU H 633 27.61 90.54 34.40
C LEU H 633 28.26 91.84 33.97
N LEU H 634 28.45 92.00 32.66
CA LEU H 634 29.00 93.23 32.13
C LEU H 634 27.96 94.34 32.21
N GLN H 635 28.39 95.52 32.64
CA GLN H 635 27.50 96.63 32.88
C GLN H 635 27.57 97.62 31.73
N THR H 636 26.46 98.32 31.49
CA THR H 636 26.37 99.28 30.39
C THR H 636 25.77 100.58 30.89
N ASN H 637 26.10 101.67 30.20
CA ASN H 637 25.60 102.99 30.55
C ASN H 637 25.98 103.96 29.44
N LEU H 638 25.24 105.05 29.33
CA LEU H 638 25.55 106.12 28.41
C LEU H 638 26.42 107.16 29.12
N ILE H 639 27.56 107.50 28.50
CA ILE H 639 28.52 108.40 29.12
C ILE H 639 28.91 109.47 28.12
N ASN H 640 29.36 110.60 28.64
CA ASN H 640 29.79 111.72 27.82
C ASN H 640 31.20 111.52 27.31
N TYR H 641 31.46 111.95 26.09
CA TYR H 641 32.83 112.06 25.63
C TYR H 641 33.52 113.24 26.31
N VAL H 642 34.77 113.04 26.69
CA VAL H 642 35.56 114.06 27.36
C VAL H 642 36.86 114.25 26.60
N THR H 643 37.31 115.49 26.50
CA THR H 643 38.55 115.81 25.82
C THR H 643 39.33 116.83 26.65
N SER H 644 40.62 116.94 26.35
CA SER H 644 41.53 117.80 27.09
C SER H 644 42.21 118.77 26.15
N ILE H 645 42.51 119.97 26.65
CA ILE H 645 43.20 121.00 25.89
C ILE H 645 44.27 121.61 26.76
N ARG H 646 45.42 121.90 26.16
CA ARG H 646 46.55 122.48 26.87
C ARG H 646 47.19 123.56 26.01
N PRO H 647 47.84 124.54 26.64
CA PRO H 647 48.81 125.36 25.91
C PRO H 647 50.15 124.65 25.83
N ASN H 648 50.92 124.99 24.79
CA ASN H 648 52.21 124.35 24.63
C ASN H 648 53.22 124.93 25.62
N ILE H 649 52.97 124.69 26.90
CA ILE H 649 53.84 125.15 27.98
C ILE H 649 54.27 123.93 28.77
N PHE H 650 55.58 123.73 28.90
CA PHE H 650 56.12 122.53 29.53
C PHE H 650 57.21 122.95 30.50
N VAL H 651 57.05 122.57 31.76
CA VAL H 651 57.96 122.95 32.84
C VAL H 651 58.25 121.72 33.68
N GLY H 652 59.50 121.57 34.11
CA GLY H 652 59.90 120.45 34.92
C GLY H 652 61.08 120.82 35.80
N ARG H 653 61.63 119.81 36.46
CA ARG H 653 62.81 119.98 37.28
C ARG H 653 63.80 118.86 37.01
N ALA H 654 65.08 119.21 36.97
CA ALA H 654 66.15 118.24 36.92
C ALA H 654 67.40 118.91 37.47
N GLU H 655 68.33 118.09 37.95
CA GLU H 655 69.57 118.62 38.52
C GLU H 655 70.35 119.33 37.42
N GLY H 656 70.56 120.63 37.58
CA GLY H 656 71.24 121.42 36.57
C GLY H 656 70.35 121.90 35.45
N SER H 657 69.04 121.86 35.62
CA SER H 657 68.12 122.29 34.58
C SER H 657 68.10 123.81 34.49
N THR H 658 67.77 124.31 33.30
CA THR H 658 67.72 125.74 33.04
C THR H 658 66.34 126.34 33.27
N GLN H 659 65.41 125.55 33.80
CA GLN H 659 64.02 125.95 33.91
C GLN H 659 63.71 126.45 35.32
N TYR H 660 62.89 127.49 35.39
CA TYR H 660 62.42 128.00 36.67
C TYR H 660 61.53 126.97 37.34
N GLY H 661 61.25 127.18 38.62
CA GLY H 661 60.60 126.17 39.43
C GLY H 661 59.16 126.42 39.79
N LYS H 662 58.75 127.69 39.88
CA LYS H 662 57.42 128.05 40.34
C LYS H 662 56.65 128.69 39.20
N TRP H 663 55.43 128.20 38.95
CA TRP H 663 54.63 128.65 37.82
C TRP H 663 53.19 128.84 38.25
N TYR H 664 52.48 129.70 37.52
CA TYR H 664 51.14 130.14 37.89
C TYR H 664 50.33 130.39 36.63
N PHE H 665 49.04 130.04 36.66
CA PHE H 665 48.15 130.37 35.56
C PHE H 665 46.72 130.41 36.07
N GLU H 666 45.80 130.83 35.21
CA GLU H 666 44.41 130.96 35.59
C GLU H 666 43.50 130.48 34.47
N VAL H 667 42.28 130.11 34.85
CA VAL H 667 41.24 129.72 33.91
C VAL H 667 39.96 130.41 34.34
N MET H 668 39.32 131.12 33.41
CA MET H 668 38.05 131.80 33.67
C MET H 668 36.94 131.09 32.92
N VAL H 669 35.85 130.80 33.62
CA VAL H 669 34.74 130.05 33.04
C VAL H 669 33.68 131.04 32.58
N ASP H 670 33.38 131.05 31.28
CA ASP H 670 32.38 131.97 30.73
C ASP H 670 30.99 131.33 30.73
N GLU H 671 30.86 130.14 30.18
CA GLU H 671 29.58 129.44 30.11
C GLU H 671 29.78 127.97 30.47
N VAL H 672 28.81 127.42 31.18
CA VAL H 672 28.81 126.00 31.53
C VAL H 672 27.36 125.55 31.61
N ALA H 673 27.00 124.56 30.79
CA ALA H 673 25.68 123.96 30.88
C ALA H 673 25.76 122.74 31.77
N PRO H 674 25.21 122.79 32.99
CA PRO H 674 25.42 121.67 33.92
C PRO H 674 24.97 120.32 33.39
N PHE H 675 23.87 120.28 32.65
CA PHE H 675 23.25 119.03 32.24
C PHE H 675 22.86 119.10 30.77
N LEU H 676 23.82 119.49 29.93
CA LEU H 676 23.57 119.48 28.49
C LEU H 676 23.05 118.13 28.04
N THR H 677 23.57 117.05 28.60
CA THR H 677 23.04 115.70 28.40
C THR H 677 22.62 115.13 29.75
N ALA H 678 22.25 113.85 29.75
CA ALA H 678 21.77 113.23 30.98
C ALA H 678 22.86 113.11 32.03
N GLN H 679 24.11 113.00 31.63
CA GLN H 679 25.23 112.94 32.57
C GLN H 679 25.75 114.33 32.85
N ALA H 680 26.15 114.56 34.09
CA ALA H 680 26.62 115.88 34.50
C ALA H 680 27.81 116.31 33.66
N THR H 681 27.85 117.59 33.32
CA THR H 681 28.94 118.12 32.52
C THR H 681 30.26 118.02 33.29
N HIS H 682 31.31 117.68 32.56
CA HIS H 682 32.65 117.50 33.10
C HIS H 682 33.46 118.75 32.81
N LEU H 683 34.11 119.29 33.84
CA LEU H 683 34.97 120.47 33.68
C LEU H 683 35.97 120.48 34.83
N ARG H 684 37.24 120.27 34.52
CA ARG H 684 38.30 120.20 35.52
C ARG H 684 39.52 120.96 35.04
N VAL H 685 40.25 121.57 35.98
CA VAL H 685 41.43 122.38 35.67
C VAL H 685 42.58 121.87 36.51
N GLY H 686 43.77 121.78 35.93
CA GLY H 686 44.92 121.41 36.74
C GLY H 686 46.18 121.23 35.93
N TRP H 687 47.02 120.31 36.42
CA TRP H 687 48.33 120.05 35.82
C TRP H 687 48.43 118.57 35.45
N ALA H 688 49.25 118.28 34.45
CA ALA H 688 49.45 116.91 34.00
C ALA H 688 50.89 116.71 33.57
N LEU H 689 51.36 115.48 33.73
CA LEU H 689 52.73 115.14 33.37
C LEU H 689 52.79 114.70 31.90
N SER H 690 53.80 115.20 31.18
CA SER H 690 53.87 114.99 29.74
C SER H 690 53.88 113.52 29.40
N GLU H 691 54.79 112.75 29.99
CA GLU H 691 54.91 111.33 29.69
C GLU H 691 53.98 110.57 30.64
N GLY H 692 52.80 110.22 30.14
CA GLY H 692 51.88 109.42 30.90
C GLY H 692 50.44 109.86 30.82
N TYR H 693 50.20 111.16 30.70
CA TYR H 693 48.84 111.68 30.58
C TYR H 693 48.43 111.61 29.12
N SER H 694 47.77 110.52 28.74
CA SER H 694 47.30 110.30 27.38
C SER H 694 45.89 109.73 27.44
N PRO H 695 44.89 110.56 27.72
CA PRO H 695 43.51 110.08 27.74
C PRO H 695 42.91 110.02 26.34
N TYR H 696 42.61 108.82 25.87
CA TYR H 696 42.06 108.67 24.54
C TYR H 696 40.53 108.81 24.58
N PRO H 697 39.92 109.30 23.50
CA PRO H 697 38.45 109.42 23.49
C PRO H 697 37.78 108.08 23.67
N GLY H 698 36.69 108.06 24.43
CA GLY H 698 35.89 106.87 24.58
C GLY H 698 36.08 106.17 25.91
N GLY H 699 36.46 104.90 25.87
CA GLY H 699 36.60 104.12 27.08
C GLY H 699 37.90 104.40 27.80
N GLY H 700 38.00 103.87 29.00
CA GLY H 700 39.17 104.06 29.82
C GLY H 700 38.98 103.54 31.23
N GLU H 701 39.61 104.19 32.20
CA GLU H 701 39.49 103.76 33.59
C GLU H 701 38.10 104.05 34.12
N GLY H 702 37.63 103.19 35.01
CA GLY H 702 36.34 103.41 35.64
C GLY H 702 35.22 103.32 34.63
N TRP H 703 34.50 104.42 34.44
CA TRP H 703 33.37 104.47 33.53
C TRP H 703 33.65 105.41 32.36
N GLY H 704 34.92 105.52 31.95
CA GLY H 704 35.26 106.34 30.82
C GLY H 704 35.21 107.82 31.15
N GLY H 705 35.21 108.63 30.10
CA GLY H 705 35.19 110.06 30.27
C GLY H 705 36.36 110.54 31.10
N ASN H 706 37.55 110.05 30.78
CA ASN H 706 38.73 110.34 31.59
C ASN H 706 39.28 111.72 31.26
N GLY H 707 39.58 112.48 32.30
CA GLY H 707 40.15 113.81 32.14
C GLY H 707 41.25 114.06 33.14
N VAL H 708 41.33 115.29 33.65
CA VAL H 708 42.38 115.64 34.60
C VAL H 708 42.07 114.98 35.93
N GLY H 709 43.05 114.26 36.47
CA GLY H 709 42.87 113.58 37.74
C GLY H 709 42.25 112.21 37.65
N ASP H 710 42.13 111.64 36.45
CA ASP H 710 41.61 110.30 36.29
C ASP H 710 42.72 109.26 36.21
N ASP H 711 43.98 109.68 36.36
CA ASP H 711 45.10 108.78 36.51
C ASP H 711 46.07 109.42 37.50
N LEU H 712 47.21 108.77 37.72
CA LEU H 712 48.21 109.29 38.63
C LEU H 712 49.26 110.13 37.92
N TYR H 713 48.95 110.60 36.71
CA TYR H 713 49.80 111.52 35.98
C TYR H 713 49.22 112.92 35.91
N SER H 714 48.04 113.15 36.49
CA SER H 714 47.39 114.44 36.41
C SER H 714 46.71 114.74 37.73
N TYR H 715 46.56 116.02 38.01
CA TYR H 715 46.05 116.52 39.29
C TYR H 715 45.11 117.67 39.00
N GLY H 716 43.84 117.52 39.35
CA GLY H 716 42.82 118.45 38.90
C GLY H 716 41.95 118.94 40.03
N PHE H 717 41.22 120.00 39.73
CA PHE H 717 40.27 120.63 40.63
C PHE H 717 38.99 120.86 39.85
N ASP H 718 37.85 120.59 40.49
CA ASP H 718 36.58 120.78 39.80
C ASP H 718 35.62 121.71 40.52
N GLY H 719 36.07 122.45 41.51
CA GLY H 719 35.21 123.36 42.24
C GLY H 719 34.85 122.84 43.62
N LEU H 720 34.56 121.54 43.70
CA LEU H 720 34.28 120.88 44.96
C LEU H 720 35.29 119.82 45.33
N HIS H 721 35.97 119.22 44.36
CA HIS H 721 36.82 118.07 44.60
C HIS H 721 38.20 118.29 44.03
N LEU H 722 39.18 117.71 44.70
CA LEU H 722 40.51 117.47 44.18
C LEU H 722 40.53 116.08 43.57
N TRP H 723 40.92 115.99 42.31
CA TRP H 723 40.86 114.76 41.54
C TRP H 723 42.26 114.24 41.27
N THR H 724 42.50 112.98 41.63
CA THR H 724 43.73 112.33 41.24
C THR H 724 43.55 110.82 41.36
N GLY H 725 44.21 110.07 40.49
CA GLY H 725 44.06 108.63 40.50
C GLY H 725 42.63 108.18 40.34
N HIS H 726 41.82 108.91 39.60
CA HIS H 726 40.41 108.60 39.40
C HIS H 726 39.62 108.65 40.69
N VAL H 727 40.15 109.27 41.73
CA VAL H 727 39.47 109.44 43.00
C VAL H 727 39.24 110.93 43.23
N ALA H 728 38.04 111.26 43.68
CA ALA H 728 37.64 112.63 43.98
C ALA H 728 37.57 112.79 45.49
N ARG H 729 38.29 113.78 46.01
CA ARG H 729 38.30 114.04 47.44
C ARG H 729 37.72 115.43 47.69
N PRO H 730 36.63 115.56 48.44
CA PRO H 730 36.06 116.89 48.67
C PRO H 730 37.06 117.81 49.34
N VAL H 731 37.09 119.06 48.90
CA VAL H 731 38.02 120.06 49.42
C VAL H 731 37.23 121.30 49.77
N THR H 732 37.53 121.87 50.94
CA THR H 732 36.77 122.99 51.48
C THR H 732 37.28 124.30 50.90
N SER H 733 36.34 125.19 50.59
CA SER H 733 36.65 126.55 50.18
C SER H 733 35.43 127.41 50.48
N PRO H 734 35.61 128.72 50.65
CA PRO H 734 34.46 129.57 50.95
C PRO H 734 33.44 129.57 49.82
N GLY H 735 32.19 129.28 50.17
CA GLY H 735 31.14 129.22 49.16
C GLY H 735 31.33 128.15 48.13
N GLN H 736 31.73 126.95 48.55
CA GLN H 736 31.95 125.83 47.65
C GLN H 736 30.84 125.73 46.61
N HIS H 737 31.22 125.47 45.36
CA HIS H 737 30.24 125.19 44.33
C HIS H 737 30.98 124.65 43.11
N LEU H 738 30.30 123.75 42.39
CA LEU H 738 30.86 123.25 41.14
C LEU H 738 31.12 124.41 40.21
N LEU H 739 32.23 124.34 39.47
CA LEU H 739 32.64 125.41 38.58
C LEU H 739 31.47 125.93 37.78
N ALA H 740 31.22 127.23 37.85
CA ALA H 740 30.10 127.90 37.23
C ALA H 740 30.58 129.15 36.52
N PRO H 741 29.75 129.74 35.68
CA PRO H 741 30.18 130.93 34.94
C PRO H 741 30.69 132.03 35.86
N GLU H 742 31.69 132.76 35.37
CA GLU H 742 32.35 133.85 36.10
C GLU H 742 33.22 133.34 37.24
N ASP H 743 33.66 132.09 37.19
CA ASP H 743 34.57 131.54 38.17
C ASP H 743 35.99 131.63 37.64
N VAL H 744 36.93 132.02 38.49
CA VAL H 744 38.33 132.14 38.14
C VAL H 744 39.10 131.16 39.01
N VAL H 745 39.71 130.16 38.37
CA VAL H 745 40.53 129.18 39.06
C VAL H 745 41.99 129.55 38.83
N SER H 746 42.73 129.74 39.92
CA SER H 746 44.16 130.00 39.86
C SER H 746 44.89 128.75 40.27
N CYS H 747 45.85 128.32 39.47
CA CYS H 747 46.65 127.13 39.75
C CYS H 747 48.11 127.53 39.89
N CYS H 748 48.74 127.05 40.97
CA CYS H 748 50.14 127.33 41.25
C CYS H 748 50.87 126.01 41.41
N LEU H 749 52.00 125.88 40.73
CA LEU H 749 52.84 124.69 40.78
C LEU H 749 54.22 125.08 41.28
N ASP H 750 54.64 124.52 42.40
CA ASP H 750 55.96 124.73 42.96
C ASP H 750 56.72 123.43 42.85
N LEU H 751 57.64 123.36 41.88
CA LEU H 751 58.34 122.10 41.64
C LEU H 751 59.37 121.78 42.71
N SER H 752 59.67 122.71 43.61
CA SER H 752 60.70 122.46 44.61
C SER H 752 60.21 121.55 45.73
N VAL H 753 58.93 121.61 46.08
CA VAL H 753 58.41 120.86 47.22
C VAL H 753 58.36 119.38 46.91
N PRO H 754 57.68 118.94 45.83
CA PRO H 754 56.80 119.63 44.88
C PRO H 754 55.37 119.72 45.39
N SER H 755 54.63 120.72 44.91
CA SER H 755 53.28 120.95 45.40
C SER H 755 52.45 121.63 44.33
N ILE H 756 51.15 121.35 44.33
CA ILE H 756 50.19 121.98 43.45
C ILE H 756 49.07 122.52 44.31
N SER H 757 48.75 123.80 44.15
CA SER H 757 47.74 124.45 44.96
C SER H 757 46.79 125.26 44.09
N PHE H 758 45.59 125.49 44.61
CA PHE H 758 44.53 126.14 43.86
C PHE H 758 43.96 127.31 44.65
N ARG H 759 43.34 128.22 43.93
CA ARG H 759 42.60 129.32 44.50
C ARG H 759 41.34 129.50 43.68
N ILE H 760 40.20 129.72 44.32
CA ILE H 760 38.93 129.88 43.64
C ILE H 760 38.43 131.28 43.90
N ASN H 761 38.33 132.08 42.84
CA ASN H 761 37.89 133.47 42.94
C ASN H 761 38.71 134.23 43.97
N GLY H 762 39.99 133.88 44.08
CA GLY H 762 40.90 134.50 44.99
C GLY H 762 40.94 133.86 46.38
N CYS H 763 39.93 133.08 46.73
CA CYS H 763 39.94 132.40 48.01
C CYS H 763 40.80 131.13 47.92
N PRO H 764 41.51 130.78 48.98
CA PRO H 764 42.32 129.55 48.94
C PRO H 764 41.45 128.30 48.98
N VAL H 765 41.90 127.28 48.24
CA VAL H 765 41.30 125.95 48.31
C VAL H 765 42.09 125.16 49.34
N GLN H 766 41.40 124.68 50.38
CA GLN H 766 42.07 124.07 51.52
C GLN H 766 42.44 122.61 51.22
N GLY H 767 43.35 122.47 50.27
CA GLY H 767 43.86 121.17 49.89
C GLY H 767 44.99 121.29 48.90
N VAL H 768 45.94 120.35 48.93
CA VAL H 768 47.11 120.42 48.07
C VAL H 768 47.53 119.01 47.65
N PHE H 769 48.07 118.92 46.44
CA PHE H 769 48.82 117.76 46.00
C PHE H 769 50.28 117.99 46.31
N GLU H 770 51.00 116.95 46.70
CA GLU H 770 52.42 117.09 46.99
C GLU H 770 53.11 115.73 46.87
N SER H 771 54.44 115.77 46.91
CA SER H 771 55.27 114.57 46.88
C SER H 771 54.84 113.64 45.75
N PHE H 772 54.79 114.19 44.55
CA PHE H 772 54.46 113.42 43.36
C PHE H 772 55.69 113.26 42.48
N ASN H 773 55.55 112.37 41.49
CA ASN H 773 56.68 112.07 40.61
C ASN H 773 57.06 113.29 39.79
N LEU H 774 58.37 113.41 39.52
CA LEU H 774 58.92 114.56 38.81
C LEU H 774 59.70 114.14 37.58
N ASP H 775 59.41 112.95 37.04
CA ASP H 775 60.16 112.42 35.90
C ASP H 775 59.45 112.76 34.59
N GLY H 776 59.32 114.06 34.34
CA GLY H 776 58.71 114.52 33.12
C GLY H 776 58.49 116.01 33.17
N LEU H 777 57.73 116.50 32.19
CA LEU H 777 57.38 117.91 32.09
C LEU H 777 55.90 118.08 32.40
N PHE H 778 55.58 119.13 33.15
CA PHE H 778 54.20 119.45 33.49
C PHE H 778 53.67 120.53 32.55
N PHE H 779 52.38 120.44 32.25
CA PHE H 779 51.72 121.46 31.45
C PHE H 779 50.38 121.80 32.05
N PRO H 780 49.91 123.03 31.91
CA PRO H 780 48.53 123.35 32.29
C PRO H 780 47.56 122.57 31.42
N VAL H 781 46.44 122.16 32.00
CA VAL H 781 45.48 121.35 31.27
C VAL H 781 44.07 121.62 31.81
N VAL H 782 43.11 121.58 30.89
CA VAL H 782 41.69 121.63 31.22
C VAL H 782 41.02 120.47 30.50
N SER H 783 40.20 119.72 31.21
CA SER H 783 39.43 118.64 30.62
C SER H 783 37.95 118.96 30.74
N PHE H 784 37.18 118.55 29.75
CA PHE H 784 35.78 118.97 29.70
C PHE H 784 34.99 118.02 28.82
N SER H 785 33.68 118.08 28.98
CA SER H 785 32.73 117.52 28.04
C SER H 785 32.06 118.66 27.30
N ALA H 786 31.17 118.32 26.38
CA ALA H 786 30.50 119.34 25.59
C ALA H 786 29.63 120.22 26.48
N GLY H 787 29.46 121.47 26.05
CA GLY H 787 28.67 122.44 26.77
C GLY H 787 29.46 123.40 27.63
N ILE H 788 30.69 123.75 27.23
CA ILE H 788 31.55 124.60 28.04
C ILE H 788 32.20 125.66 27.17
N LYS H 789 32.63 126.72 27.85
CA LYS H 789 33.35 127.83 27.24
C LYS H 789 34.24 128.40 28.34
N VAL H 790 35.55 128.29 28.15
CA VAL H 790 36.51 128.75 29.15
C VAL H 790 37.61 129.54 28.47
N ARG H 791 38.44 130.19 29.28
CA ARG H 791 39.54 130.99 28.78
C ARG H 791 40.77 130.77 29.64
N PHE H 792 41.88 130.45 29.00
CA PHE H 792 43.18 130.33 29.65
C PHE H 792 43.75 131.74 29.77
N LEU H 793 44.13 132.12 31.00
CA LEU H 793 44.87 133.35 31.26
C LEU H 793 46.28 132.97 31.68
N LEU H 794 47.26 133.41 30.90
CA LEU H 794 48.65 133.03 31.10
C LEU H 794 49.56 134.20 31.41
N GLY H 795 49.01 135.40 31.57
CA GLY H 795 49.80 136.58 31.84
C GLY H 795 50.32 137.22 30.57
N GLY H 796 51.00 138.34 30.74
CA GLY H 796 51.55 139.06 29.61
C GLY H 796 50.45 139.44 28.64
N ARG H 797 50.72 139.23 27.35
CA ARG H 797 49.76 139.49 26.29
C ARG H 797 48.88 138.29 25.99
N HIS H 798 48.89 137.28 26.85
CA HIS H 798 48.17 136.03 26.64
C HIS H 798 47.16 135.81 27.74
N GLY H 799 46.43 136.86 28.10
CA GLY H 799 45.43 136.75 29.14
C GLY H 799 45.90 137.42 30.42
N GLU H 800 45.25 138.52 30.78
CA GLU H 800 45.62 139.26 31.99
C GLU H 800 45.02 138.60 33.21
N PHE H 801 45.84 138.38 34.23
CA PHE H 801 45.38 137.71 35.44
C PHE H 801 44.38 138.58 36.18
N LYS H 802 43.37 137.95 36.76
CA LYS H 802 42.44 138.63 37.64
C LYS H 802 42.93 138.71 39.08
N PHE H 803 43.94 137.92 39.44
CA PHE H 803 44.53 137.95 40.76
C PHE H 803 46.05 137.90 40.64
N LEU H 804 46.71 138.48 41.62
CA LEU H 804 48.16 138.57 41.59
C LEU H 804 48.79 137.21 41.87
N PRO H 805 49.74 136.75 41.05
CA PRO H 805 50.42 135.50 41.36
C PRO H 805 51.09 135.58 42.71
N PRO H 806 51.07 134.50 43.50
CA PRO H 806 51.73 134.54 44.81
C PRO H 806 53.22 134.79 44.66
N PRO H 807 53.86 135.39 45.66
CA PRO H 807 55.26 135.80 45.51
C PRO H 807 56.17 134.67 45.05
N GLY H 808 56.94 134.92 43.99
CA GLY H 808 57.91 133.98 43.49
C GLY H 808 57.44 133.15 42.31
N TYR H 809 56.14 133.07 42.09
CA TYR H 809 55.61 132.28 40.99
C TYR H 809 55.64 133.09 39.70
N ALA H 810 55.95 132.42 38.60
CA ALA H 810 56.15 133.10 37.33
C ALA H 810 54.94 132.90 36.42
N PRO H 811 54.56 133.91 35.64
CA PRO H 811 53.49 133.71 34.67
C PRO H 811 53.82 132.57 33.71
N CYS H 812 52.80 131.79 33.37
CA CYS H 812 53.03 130.59 32.57
C CYS H 812 53.43 130.93 31.14
N HIS H 813 53.08 132.13 30.66
CA HIS H 813 53.41 132.48 29.28
C HIS H 813 54.92 132.56 29.08
N GLU H 814 55.68 132.76 30.14
CA GLU H 814 57.13 132.86 30.04
C GLU H 814 57.77 131.56 29.75
N ALA H 815 57.06 130.44 29.79
CA ALA H 815 57.66 129.12 29.61
C ALA H 815 57.64 128.66 28.16
N VAL H 816 57.08 129.44 27.24
CA VAL H 816 57.05 129.03 25.85
C VAL H 816 58.46 129.03 25.30
N LEU H 817 58.83 127.96 24.61
CA LEU H 817 60.21 127.75 24.19
C LEU H 817 60.56 128.70 23.05
N PRO H 818 61.86 128.93 22.83
CA PRO H 818 62.27 129.94 21.84
C PRO H 818 61.74 129.69 20.44
N ARG H 819 61.71 128.44 20.00
CA ARG H 819 61.33 128.13 18.63
C ARG H 819 59.87 127.72 18.51
N GLU H 820 59.01 128.20 19.38
CA GLU H 820 57.60 127.87 19.37
C GLU H 820 56.78 129.14 19.51
N ARG H 821 55.49 129.03 19.15
CA ARG H 821 54.54 130.11 19.32
C ARG H 821 53.39 129.60 20.18
N LEU H 822 53.00 130.39 21.16
CA LEU H 822 51.99 129.97 22.11
C LEU H 822 50.66 129.72 21.42
N HIS H 823 50.02 128.61 21.75
CA HIS H 823 48.70 128.29 21.23
C HIS H 823 48.15 127.10 21.99
N LEU H 824 46.85 126.87 21.85
CA LEU H 824 46.21 125.73 22.49
C LEU H 824 46.19 124.54 21.53
N GLN H 825 46.38 123.35 22.09
CA GLN H 825 46.49 122.13 21.29
C GLN H 825 45.87 120.97 22.03
N PRO H 826 45.41 119.94 21.32
CA PRO H 826 45.00 118.70 21.98
C PRO H 826 46.22 117.91 22.42
N ILE H 827 45.96 116.83 23.15
CA ILE H 827 47.00 116.00 23.73
C ILE H 827 46.89 114.60 23.14
N LYS H 828 47.99 114.11 22.57
CA LYS H 828 48.11 112.74 22.10
C LYS H 828 47.00 112.38 21.11
N GLU H 829 46.79 113.28 20.16
CA GLU H 829 45.77 113.06 19.14
C GLU H 829 46.28 112.09 18.09
N TYR H 830 45.45 111.11 17.75
CA TYR H 830 45.74 110.20 16.65
C TYR H 830 44.97 110.55 15.39
N ARG H 831 44.27 111.68 15.38
CA ARG H 831 43.41 112.02 14.27
C ARG H 831 43.07 113.50 14.34
N ARG H 832 42.91 114.11 13.18
CA ARG H 832 42.68 115.54 13.07
C ARG H 832 41.77 115.80 11.87
N GLU H 833 41.29 117.04 11.76
CA GLU H 833 40.58 117.45 10.55
C GLU H 833 41.56 118.07 9.57
N GLY H 834 41.22 117.99 8.28
CA GLY H 834 42.06 118.57 7.25
C GLY H 834 41.25 118.91 6.02
N PRO H 835 41.88 119.60 5.07
CA PRO H 835 41.11 120.23 3.98
C PRO H 835 40.20 119.26 3.25
N ARG H 836 40.65 118.03 3.01
CA ARG H 836 39.88 117.07 2.25
C ARG H 836 39.24 116.00 3.11
N GLY H 837 39.41 116.04 4.43
CA GLY H 837 38.85 115.03 5.29
C GLY H 837 39.70 114.79 6.52
N PRO H 838 39.44 113.71 7.24
CA PRO H 838 40.23 113.42 8.43
C PRO H 838 41.65 113.01 8.08
N HIS H 839 42.60 113.50 8.86
CA HIS H 839 44.00 113.12 8.77
C HIS H 839 44.33 112.20 9.92
N LEU H 840 44.96 111.07 9.61
CA LEU H 840 45.51 110.20 10.64
C LEU H 840 46.88 110.70 11.04
N VAL H 841 47.18 110.68 12.33
CA VAL H 841 48.39 111.27 12.90
C VAL H 841 49.13 110.21 13.69
N GLY H 842 50.44 110.13 13.48
CA GLY H 842 51.27 109.22 14.23
C GLY H 842 51.67 109.80 15.57
N PRO H 843 52.42 109.05 16.35
CA PRO H 843 52.82 109.53 17.68
C PRO H 843 53.62 110.80 17.58
N SER H 844 53.50 111.65 18.60
CA SER H 844 54.22 112.90 18.65
C SER H 844 55.46 112.75 19.51
N ARG H 845 56.58 113.23 19.00
CA ARG H 845 57.83 113.24 19.76
C ARG H 845 57.78 114.34 20.82
N CYS H 846 58.05 113.97 22.07
CA CYS H 846 57.95 114.87 23.19
C CYS H 846 59.31 115.11 23.81
N LEU H 847 59.45 116.28 24.42
CA LEU H 847 60.66 116.59 25.16
C LEU H 847 60.63 115.91 26.52
N SER H 848 61.79 115.87 27.17
CA SER H 848 61.93 115.31 28.50
C SER H 848 62.54 116.35 29.42
N HIS H 849 62.27 116.22 30.71
CA HIS H 849 62.79 117.19 31.67
C HIS H 849 64.31 117.24 31.64
N LEU H 850 64.95 116.17 31.17
CA LEU H 850 66.40 116.14 31.03
C LEU H 850 66.88 116.82 29.76
N ASP H 851 65.98 117.20 28.86
CA ASP H 851 66.36 117.93 27.67
C ASP H 851 66.67 119.39 27.94
N PHE H 852 66.49 119.84 29.17
CA PHE H 852 66.80 121.20 29.57
C PHE H 852 68.06 121.29 30.43
N VAL H 853 68.84 120.21 30.48
CA VAL H 853 70.07 120.19 31.25
C VAL H 853 71.23 120.32 30.26
N PRO H 854 71.93 121.45 30.22
CA PRO H 854 73.08 121.56 29.31
C PRO H 854 74.18 120.57 29.71
N CYS H 855 74.68 119.84 28.73
CA CYS H 855 75.65 118.77 28.95
C CYS H 855 76.84 118.97 28.02
N PRO H 856 77.69 120.00 28.28
CA PRO H 856 78.88 120.21 27.47
C PRO H 856 79.96 119.20 27.76
N VAL H 857 80.81 118.89 26.77
CA VAL H 857 81.91 117.90 26.92
C VAL H 857 82.94 118.43 27.92
N ASP H 858 83.53 117.54 28.71
CA ASP H 858 84.59 117.94 29.68
C ASP H 858 85.73 118.59 28.90
N THR H 859 86.22 119.75 29.35
CA THR H 859 87.33 120.45 28.70
C THR H 859 88.22 121.08 29.77
N ILE H 860 88.54 120.33 30.83
CA ILE H 860 89.43 120.83 31.87
C ILE H 860 90.67 119.94 31.93
N GLN H 861 90.46 118.63 31.78
CA GLN H 861 91.58 117.65 31.75
C GLN H 861 92.39 117.92 30.48
N ILE H 862 91.76 118.55 29.49
CA ILE H 862 92.45 118.89 28.22
C ILE H 862 93.58 119.86 28.59
N VAL H 863 94.75 119.74 27.96
CA VAL H 863 95.89 120.69 28.17
C VAL H 863 96.27 121.19 26.77
N LEU H 864 96.23 122.51 26.55
CA LEU H 864 96.46 123.05 25.19
C LEU H 864 97.87 122.72 24.72
N PRO H 865 98.09 122.38 23.43
CA PRO H 865 99.45 122.17 22.94
C PRO H 865 100.13 123.53 22.97
N PRO H 866 101.47 123.58 22.98
CA PRO H 866 102.18 124.84 23.09
C PRO H 866 101.84 125.74 21.90
N HIS H 867 101.80 125.16 20.71
CA HIS H 867 101.50 125.95 19.49
C HIS H 867 100.08 126.50 19.64
N LEU H 868 99.18 125.67 20.15
CA LEU H 868 97.77 126.10 20.37
C LEU H 868 97.75 127.24 21.38
N GLU H 869 98.54 127.15 22.45
CA GLU H 869 98.50 128.17 23.52
C GLU H 869 98.95 129.52 22.92
N ARG H 870 99.87 129.49 21.96
CA ARG H 870 100.37 130.74 21.35
C ARG H 870 99.22 131.47 20.64
N ILE H 871 98.37 130.72 19.95
CA ILE H 871 97.21 131.33 19.23
C ILE H 871 96.12 131.65 20.26
N ARG H 872 96.11 130.95 21.39
CA ARG H 872 95.04 131.12 22.40
C ARG H 872 94.95 132.58 22.88
N GLU H 873 96.09 133.18 23.23
CA GLU H 873 96.09 134.58 23.71
C GLU H 873 95.47 135.47 22.62
N LYS H 874 95.89 135.25 21.37
CA LYS H 874 95.37 136.07 20.24
C LYS H 874 93.86 135.83 20.11
N LEU H 875 93.41 134.59 20.27
CA LEU H 875 91.98 134.26 20.09
C LEU H 875 91.12 135.08 21.06
N ALA H 876 91.49 135.14 22.34
CA ALA H 876 90.64 135.83 23.35
C ALA H 876 90.43 137.28 22.94
N GLU H 877 91.51 137.98 22.58
CA GLU H 877 91.40 139.44 22.26
C GLU H 877 90.89 139.66 20.83
N ASN H 878 91.37 138.87 19.87
CA ASN H 878 91.00 139.08 18.44
C ASN H 878 89.49 138.87 18.30
N ILE H 879 88.94 137.86 18.99
CA ILE H 879 87.48 137.61 18.97
C ILE H 879 86.77 138.89 19.43
N HIS H 880 87.26 139.52 20.50
CA HIS H 880 86.66 140.80 20.94
C HIS H 880 86.72 141.79 19.78
N GLU H 881 87.85 141.82 19.07
CA GLU H 881 88.04 142.75 17.94
C GLU H 881 86.89 142.57 16.94
N LEU H 882 86.65 141.34 16.48
CA LEU H 882 85.60 141.11 15.47
C LEU H 882 84.26 141.50 16.09
N TRP H 883 84.05 141.15 17.36
CA TRP H 883 82.78 141.52 18.04
C TRP H 883 82.58 143.02 17.96
N ALA H 884 83.60 143.81 18.32
CA ALA H 884 83.47 145.28 18.37
C ALA H 884 83.09 145.81 16.99
N LEU H 885 83.70 145.23 15.95
CA LEU H 885 83.39 145.66 14.56
C LEU H 885 81.92 145.34 14.30
N THR H 886 81.46 144.19 14.78
CA THR H 886 80.04 143.80 14.61
C THR H 886 79.19 144.68 15.50
N ARG H 887 79.70 145.04 16.68
CA ARG H 887 78.89 145.82 17.64
C ARG H 887 78.62 147.24 17.11
N ILE H 888 79.65 147.89 16.54
CA ILE H 888 79.40 149.21 15.90
C ILE H 888 78.48 148.98 14.69
N GLU H 889 78.69 147.88 13.97
CA GLU H 889 77.77 147.54 12.85
C GLU H 889 76.35 147.40 13.43
N GLN H 890 76.25 147.04 14.72
CA GLN H 890 74.93 146.92 15.38
C GLN H 890 74.48 148.34 15.73
N GLY H 891 75.39 149.30 15.68
CA GLY H 891 75.07 150.70 16.05
C GLY H 891 75.55 150.95 17.45
N TRP H 892 76.06 149.90 18.09
CA TRP H 892 76.59 150.03 19.47
C TRP H 892 77.81 150.95 19.49
N THR H 893 77.90 151.80 20.51
CA THR H 893 79.08 152.67 20.69
C THR H 893 79.41 152.52 22.15
N TYR H 894 80.66 152.78 22.56
CA TYR H 894 80.96 152.50 23.99
C TYR H 894 80.05 153.36 24.83
N GLY H 895 79.50 152.78 25.90
CA GLY H 895 78.66 153.56 26.83
C GLY H 895 79.36 153.62 28.17
N PRO H 896 79.62 154.81 28.75
CA PRO H 896 80.22 154.88 30.07
C PRO H 896 79.22 154.13 30.91
N VAL H 897 77.93 154.37 30.64
CA VAL H 897 76.84 153.64 31.35
C VAL H 897 76.02 152.90 30.28
N ARG H 898 75.73 151.62 30.50
CA ARG H 898 74.90 150.86 29.54
C ARG H 898 73.49 151.47 29.49
N ASP H 899 72.90 151.55 28.29
CA ASP H 899 71.51 152.06 28.16
C ASP H 899 70.86 151.35 26.96
N ASP H 900 69.63 150.88 27.14
CA ASP H 900 68.95 150.14 26.03
C ASP H 900 68.63 151.15 24.92
N ASN H 901 68.15 152.35 25.28
CA ASN H 901 67.91 153.40 24.27
C ASN H 901 69.24 153.79 23.64
N LYS H 902 70.29 153.90 24.45
CA LYS H 902 71.64 154.30 23.96
C LYS H 902 72.17 153.26 22.97
N ARG H 903 71.94 151.97 23.23
CA ARG H 903 72.59 150.93 22.40
C ARG H 903 74.10 151.17 22.62
N LEU H 904 74.46 151.58 23.85
CA LEU H 904 75.88 151.86 24.18
C LEU H 904 76.33 150.85 25.24
N HIS H 905 77.49 150.22 25.05
CA HIS H 905 77.88 149.14 26.00
C HIS H 905 79.08 149.56 26.84
N PRO H 906 78.99 149.45 28.19
CA PRO H 906 80.11 149.72 29.06
C PRO H 906 81.17 148.71 28.70
N CYS H 907 80.74 147.46 28.46
CA CYS H 907 81.67 146.37 28.10
C CYS H 907 82.12 146.53 26.65
N LEU H 908 81.90 147.71 26.06
CA LEU H 908 82.43 147.95 24.70
C LEU H 908 83.70 148.76 24.92
N VAL H 909 84.85 148.23 24.49
CA VAL H 909 86.17 148.89 24.77
C VAL H 909 87.25 147.91 24.33
N ASN H 910 88.48 148.11 24.80
CA ASN H 910 89.61 147.22 24.39
C ASN H 910 89.65 146.01 25.35
N PHE H 911 90.34 144.94 24.99
CA PHE H 911 90.27 143.74 25.87
C PHE H 911 90.86 144.10 27.23
N HIS H 912 91.96 144.87 27.24
CA HIS H 912 92.55 145.32 28.52
C HIS H 912 91.64 146.41 29.11
N SER H 913 91.08 147.26 28.26
CA SER H 913 90.14 148.31 28.74
C SER H 913 88.94 147.66 29.41
N LEU H 914 88.46 146.53 28.88
CA LEU H 914 87.27 145.84 29.42
C LEU H 914 87.59 145.33 30.82
N PRO H 915 86.60 145.22 31.73
CA PRO H 915 86.89 144.88 33.12
C PRO H 915 87.53 143.52 33.13
N GLU H 916 88.51 143.32 34.02
CA GLU H 916 89.29 142.06 34.00
C GLU H 916 88.38 140.85 34.25
N PRO H 917 87.38 140.85 35.15
CA PRO H 917 86.59 139.64 35.34
C PRO H 917 85.84 139.27 34.06
N GLU H 918 85.26 140.27 33.39
CA GLU H 918 84.55 140.00 32.11
C GLU H 918 85.60 139.58 31.06
N ARG H 919 86.75 140.25 31.04
CA ARG H 919 87.83 139.91 30.08
C ARG H 919 88.28 138.47 30.35
N ASN H 920 88.31 138.07 31.63
CA ASN H 920 88.79 136.71 32.00
C ASN H 920 87.86 135.67 31.36
N TYR H 921 86.56 135.93 31.38
CA TYR H 921 85.59 135.00 30.77
C TYR H 921 85.89 134.90 29.28
N ASN H 922 86.24 136.03 28.67
CA ASN H 922 86.59 136.03 27.22
C ASN H 922 87.86 135.19 27.01
N LEU H 923 88.91 135.46 27.79
CA LEU H 923 90.20 134.74 27.58
C LEU H 923 90.00 133.25 27.83
N GLN H 924 89.25 132.91 28.88
CA GLN H 924 89.05 131.48 29.22
C GLN H 924 88.31 130.83 28.04
N MET H 925 87.38 131.57 27.43
CA MET H 925 86.59 131.03 26.30
C MET H 925 87.52 130.70 25.13
N SER H 926 88.44 131.61 24.77
CA SER H 926 89.29 131.37 23.58
C SER H 926 90.16 130.12 23.81
N GLY H 927 90.70 129.96 25.02
CA GLY H 927 91.46 128.75 25.34
C GLY H 927 90.54 127.57 25.28
N GLU H 928 89.32 127.74 25.79
CA GLU H 928 88.33 126.63 25.84
C GLU H 928 88.06 126.10 24.43
N THR H 929 88.05 126.98 23.42
CA THR H 929 87.69 126.48 22.08
C THR H 929 88.72 125.46 21.66
N LEU H 930 90.00 125.74 21.92
CA LEU H 930 91.08 124.81 21.52
C LEU H 930 90.91 123.49 22.29
N LYS H 931 90.66 123.57 23.59
CA LYS H 931 90.47 122.34 24.41
C LYS H 931 89.24 121.60 23.88
N THR H 932 88.22 122.35 23.46
CA THR H 932 86.98 121.72 22.96
C THR H 932 87.36 120.88 21.76
N LEU H 933 88.18 121.44 20.88
CA LEU H 933 88.59 120.71 19.65
C LEU H 933 89.32 119.42 20.08
N LEU H 934 90.19 119.53 21.08
CA LEU H 934 90.97 118.35 21.53
C LEU H 934 89.98 117.30 22.06
N ALA H 935 88.95 117.73 22.80
CA ALA H 935 87.93 116.80 23.31
C ALA H 935 87.19 116.21 22.12
N LEU H 936 86.79 117.06 21.17
CA LEU H 936 86.15 116.59 19.91
C LEU H 936 87.04 115.50 19.33
N GLY H 937 88.35 115.64 19.44
CA GLY H 937 89.27 114.64 18.87
C GLY H 937 89.83 115.09 17.54
N CYS H 938 89.36 116.23 17.04
CA CYS H 938 89.96 116.78 15.81
C CYS H 938 91.42 117.14 16.15
N HIS H 939 92.35 116.94 15.22
CA HIS H 939 93.78 117.15 15.57
C HIS H 939 94.30 118.40 14.86
N VAL H 940 94.92 119.30 15.63
CA VAL H 940 95.40 120.59 15.03
C VAL H 940 96.91 120.72 15.26
N GLY H 941 97.68 120.83 14.17
CA GLY H 941 99.13 121.09 14.25
C GLY H 941 99.45 122.05 13.12
N MET H 942 100.38 123.00 13.29
CA MET H 942 100.54 124.02 12.22
C MET H 942 101.46 123.50 11.11
N ALA H 943 100.91 123.38 9.89
CA ALA H 943 101.75 122.97 8.75
C ALA H 943 102.80 124.04 8.47
N ASP H 944 102.41 125.31 8.53
CA ASP H 944 103.42 126.39 8.38
C ASP H 944 103.33 127.37 9.54
N GLU H 945 104.45 127.67 10.20
CA GLU H 945 104.44 128.71 11.28
C GLU H 945 104.45 130.09 10.62
N LYS H 946 105.11 130.22 9.47
CA LYS H 946 105.24 131.54 8.78
C LYS H 946 103.86 132.06 8.38
N ALA H 947 102.98 131.17 7.89
CA ALA H 947 101.65 131.60 7.42
C ALA H 947 100.90 132.20 8.60
N GLU H 948 101.03 131.59 9.78
CA GLU H 948 100.36 132.09 11.00
C GLU H 948 100.90 133.49 11.30
N ASP H 949 102.22 133.66 11.12
CA ASP H 949 102.85 134.97 11.44
C ASP H 949 102.24 136.05 10.55
N ASN H 950 101.97 135.74 9.27
CA ASN H 950 101.41 136.74 8.33
C ASN H 950 99.97 137.10 8.71
N LEU H 951 99.73 138.26 9.31
CA LEU H 951 98.32 138.64 9.60
C LEU H 951 98.00 140.03 9.02
N LYS H 952 96.77 140.21 8.53
CA LYS H 952 96.35 141.52 7.96
C LYS H 952 94.99 141.92 8.57
N LYS H 953 94.98 142.30 9.84
CA LYS H 953 93.70 142.63 10.53
C LYS H 953 93.04 143.82 9.79
N THR H 954 91.73 143.74 9.58
CA THR H 954 91.00 144.82 8.87
C THR H 954 91.10 146.11 9.67
N LYS H 955 91.28 147.24 8.98
CA LYS H 955 91.35 148.56 9.68
C LYS H 955 89.97 148.96 10.22
N LEU H 956 89.90 150.04 10.99
CA LEU H 956 88.61 150.45 11.60
C LEU H 956 88.18 151.84 11.12
N PRO H 957 86.93 152.04 10.65
CA PRO H 957 86.45 153.36 10.29
C PRO H 957 86.20 154.18 11.55
N LYS H 958 86.12 155.50 11.41
CA LYS H 958 85.97 156.38 12.61
C LYS H 958 84.55 156.25 13.19
N THR H 959 83.53 156.16 12.32
CA THR H 959 82.16 155.93 12.82
C THR H 959 82.17 154.62 13.58
N TYR H 960 82.98 153.66 13.13
CA TYR H 960 83.06 152.33 13.78
C TYR H 960 83.57 152.47 15.21
N MET H 961 84.52 153.39 15.43
CA MET H 961 85.14 153.47 16.78
C MET H 961 84.10 153.85 17.83
N MET H 962 84.20 153.24 19.01
CA MET H 962 83.23 153.46 20.13
C MET H 962 83.42 154.86 20.73
N SER H 963 82.41 155.39 21.42
CA SER H 963 82.60 156.69 22.13
C SER H 963 83.97 156.71 22.81
N ASN H 964 84.35 155.62 23.50
CA ASN H 964 85.67 155.51 24.17
C ASN H 964 86.73 155.77 23.08
N GLY H 965 86.49 155.31 21.86
CA GLY H 965 87.42 155.60 20.75
C GLY H 965 88.18 154.35 20.36
N TYR H 966 87.98 153.27 21.13
CA TYR H 966 88.64 151.99 20.80
C TYR H 966 88.10 151.54 19.45
N LYS H 967 88.98 150.98 18.62
CA LYS H 967 88.55 150.52 17.29
C LYS H 967 88.69 148.99 17.24
N PRO H 968 87.61 148.26 16.90
CA PRO H 968 87.72 146.82 16.74
C PRO H 968 88.72 146.52 15.64
N ALA H 969 89.66 145.61 15.91
CA ALA H 969 90.60 145.21 14.85
C ALA H 969 90.64 143.69 14.78
N PRO H 970 89.59 143.03 14.27
CA PRO H 970 89.61 141.59 14.13
C PRO H 970 90.70 141.33 13.10
N LEU H 971 91.49 140.28 13.30
CA LEU H 971 92.47 139.93 12.25
C LEU H 971 91.68 139.51 10.99
N ASP H 972 92.19 139.78 9.79
CA ASP H 972 91.41 139.49 8.55
C ASP H 972 92.06 138.32 7.81
N LEU H 973 91.26 137.34 7.38
CA LEU H 973 91.79 136.13 6.68
C LEU H 973 90.81 135.69 5.58
N SER H 974 90.84 136.34 4.41
CA SER H 974 89.95 136.02 3.27
C SER H 974 90.20 134.61 2.73
N HIS H 975 91.45 134.16 2.70
CA HIS H 975 91.85 132.89 2.05
C HIS H 975 91.21 131.62 2.61
N VAL H 976 91.02 131.50 3.93
CA VAL H 976 90.57 130.20 4.53
C VAL H 976 89.21 129.71 4.00
N ARG H 977 89.06 128.39 3.80
CA ARG H 977 87.82 127.79 3.22
C ARG H 977 87.37 126.58 4.07
N LEU H 978 86.12 126.14 3.94
CA LEU H 978 85.68 125.02 4.81
C LEU H 978 85.29 123.81 3.97
N THR H 979 84.95 122.70 4.63
CA THR H 979 84.55 121.45 3.96
C THR H 979 83.31 120.99 4.67
N PRO H 980 82.47 120.11 4.11
CA PRO H 980 81.21 119.78 4.77
C PRO H 980 81.50 119.20 6.15
N ALA H 981 82.51 118.35 6.28
CA ALA H 981 82.89 117.82 7.60
C ALA H 981 83.38 118.96 8.50
N GLN H 982 84.17 119.89 7.96
CA GLN H 982 84.72 121.02 8.76
C GLN H 982 83.58 121.92 9.23
N THR H 983 82.59 122.22 8.39
CA THR H 983 81.42 123.05 8.74
C THR H 983 80.63 122.32 9.79
N THR H 984 80.49 121.00 9.67
CA THR H 984 79.77 120.16 10.64
C THR H 984 80.48 120.26 11.97
N LEU H 985 81.82 120.26 11.95
CA LEU H 985 82.64 120.31 13.19
C LEU H 985 82.48 121.69 13.85
N VAL H 986 82.18 122.75 13.09
CA VAL H 986 82.01 124.14 13.62
C VAL H 986 80.64 124.24 14.29
N ASP H 987 79.64 123.50 13.79
CA ASP H 987 78.29 123.42 14.40
C ASP H 987 78.41 122.72 15.74
N ARG H 988 79.22 121.67 15.82
CA ARG H 988 79.48 120.95 17.09
C ARG H 988 80.19 121.89 18.05
N LEU H 989 81.13 122.69 17.55
CA LEU H 989 81.91 123.65 18.38
C LEU H 989 80.96 124.70 18.97
N ALA H 990 79.98 125.18 18.20
CA ALA H 990 79.03 126.23 18.65
C ALA H 990 78.08 125.67 19.71
N GLU H 991 77.69 124.40 19.61
CA GLU H 991 76.85 123.72 20.59
C GLU H 991 77.55 123.63 21.94
N ASN H 992 78.81 123.18 21.93
CA ASN H 992 79.54 123.03 23.18
C ASN H 992 79.76 124.37 23.86
N GLY H 993 80.08 125.40 23.10
CA GLY H 993 80.30 126.70 23.69
C GLY H 993 79.05 127.20 24.38
N HIS H 994 77.91 127.12 23.68
CA HIS H 994 76.66 127.58 24.26
C HIS H 994 76.30 126.76 25.49
N ASN H 995 76.51 125.44 25.44
CA ASN H 995 76.17 124.61 26.58
C ASN H 995 77.05 124.93 27.77
N VAL H 996 78.34 125.21 27.55
CA VAL H 996 79.20 125.60 28.65
C VAL H 996 78.72 126.89 29.28
N TRP H 997 78.38 127.87 28.44
CA TRP H 997 77.87 129.14 28.95
C TRP H 997 76.59 128.91 29.75
N ALA H 998 75.70 128.07 29.24
CA ALA H 998 74.44 127.80 29.91
C ALA H 998 74.67 127.14 31.26
N ARG H 999 75.59 126.17 31.32
CA ARG H 999 75.89 125.53 32.58
C ARG H 999 76.43 126.53 33.59
N ASP H 1000 77.32 127.42 33.14
CA ASP H 1000 77.85 128.42 34.05
C ASP H 1000 76.75 129.34 34.57
N ARG H 1001 75.85 129.78 33.69
CA ARG H 1001 74.79 130.68 34.13
C ARG H 1001 73.83 129.97 35.07
N VAL H 1002 73.53 128.69 34.80
CA VAL H 1002 72.66 127.94 35.70
C VAL H 1002 73.31 127.83 37.06
N ALA H 1003 74.61 127.56 37.10
CA ALA H 1003 75.31 127.50 38.38
C ALA H 1003 75.22 128.84 39.10
N GLN H 1004 75.37 129.94 38.37
CA GLN H 1004 75.23 131.26 39.00
C GLN H 1004 73.81 131.50 39.48
N GLY H 1005 72.82 130.83 38.87
CA GLY H 1005 71.46 130.90 39.37
C GLY H 1005 70.45 131.44 38.39
N TRP H 1006 70.79 131.48 37.11
CA TRP H 1006 69.87 131.98 36.10
C TRP H 1006 68.91 130.89 35.66
N SER H 1007 67.86 131.30 34.96
CA SER H 1007 66.87 130.38 34.43
C SER H 1007 66.32 130.94 33.12
N TYR H 1008 65.50 130.16 32.44
CA TYR H 1008 64.94 130.55 31.16
C TYR H 1008 63.67 131.35 31.35
N SER H 1009 63.43 132.29 30.43
CA SER H 1009 62.21 133.07 30.44
C SER H 1009 62.03 133.69 29.06
N ALA H 1010 60.82 133.57 28.51
CA ALA H 1010 60.58 134.10 27.18
C ALA H 1010 60.79 135.61 27.13
N VAL H 1011 60.66 136.29 28.26
CA VAL H 1011 60.88 137.73 28.35
C VAL H 1011 62.07 137.96 29.28
N GLN H 1012 63.07 138.68 28.78
CA GLN H 1012 64.29 138.87 29.55
C GLN H 1012 64.02 139.71 30.80
N ASP H 1013 64.70 139.36 31.89
CA ASP H 1013 64.62 140.09 33.15
C ASP H 1013 65.98 139.98 33.84
N ILE H 1014 66.83 140.96 33.59
CA ILE H 1014 68.20 140.92 34.14
C ILE H 1014 68.19 140.95 35.66
N PRO H 1015 67.46 141.84 36.33
CA PRO H 1015 67.46 141.81 37.79
C PRO H 1015 67.02 140.48 38.37
N ALA H 1016 66.13 139.77 37.68
CA ALA H 1016 65.61 138.49 38.15
C ALA H 1016 66.45 137.31 37.66
N ARG H 1017 67.49 137.56 36.89
CA ARG H 1017 68.35 136.49 36.38
C ARG H 1017 67.55 135.51 35.53
N ARG H 1018 66.83 136.04 34.56
CA ARG H 1018 66.06 135.23 33.61
C ARG H 1018 66.47 135.65 32.21
N ASN H 1019 66.79 134.68 31.37
CA ASN H 1019 67.32 134.98 30.06
C ASN H 1019 66.52 134.26 28.97
N PRO H 1020 66.23 134.92 27.84
CA PRO H 1020 65.51 134.23 26.77
C PRO H 1020 66.36 133.22 26.03
N ARG H 1021 67.67 133.16 26.28
CA ARG H 1021 68.55 132.25 25.57
C ARG H 1021 69.07 131.12 26.45
N LEU H 1022 68.64 131.04 27.71
CA LEU H 1022 69.20 130.06 28.61
C LEU H 1022 68.54 128.70 28.43
N VAL H 1023 68.75 128.09 27.27
CA VAL H 1023 68.33 126.70 27.04
C VAL H 1023 69.46 125.96 26.35
N PRO H 1024 69.44 124.64 26.43
CA PRO H 1024 70.43 123.85 25.69
C PRO H 1024 70.39 124.19 24.20
N TYR H 1025 71.57 124.22 23.59
CA TYR H 1025 71.73 124.67 22.21
C TYR H 1025 70.70 124.04 21.28
N ARG H 1026 70.27 122.82 21.57
CA ARG H 1026 69.37 122.13 20.66
C ARG H 1026 68.04 122.85 20.52
N LEU H 1027 67.54 123.45 21.60
CA LEU H 1027 66.23 124.08 21.60
C LEU H 1027 66.28 125.56 21.24
N LEU H 1028 67.45 126.06 20.86
CA LEU H 1028 67.58 127.48 20.54
C LEU H 1028 66.92 127.78 19.19
N ASP H 1029 66.52 129.03 19.02
CA ASP H 1029 65.92 129.46 17.77
C ASP H 1029 66.98 129.51 16.68
N GLU H 1030 66.53 129.54 15.43
CA GLU H 1030 67.46 129.44 14.31
C GLU H 1030 68.37 130.65 14.23
N ALA H 1031 67.85 131.84 14.54
CA ALA H 1031 68.65 133.05 14.42
C ALA H 1031 69.86 133.01 15.35
N THR H 1032 69.64 132.66 16.61
CA THR H 1032 70.75 132.59 17.56
C THR H 1032 71.73 131.49 17.18
N LYS H 1033 71.22 130.35 16.74
CA LYS H 1033 72.09 129.28 16.25
C LYS H 1033 72.99 129.80 15.15
N ARG H 1034 72.41 130.52 14.19
CA ARG H 1034 73.18 131.03 13.06
C ARG H 1034 74.24 132.02 13.53
N SER H 1035 73.88 132.90 14.46
CA SER H 1035 74.85 133.87 14.96
C SER H 1035 76.04 133.18 15.64
N ASN H 1036 75.74 132.22 16.52
CA ASN H 1036 76.81 131.51 17.21
C ASN H 1036 77.68 130.75 16.21
N ARG H 1037 77.05 130.08 15.26
CA ARG H 1037 77.81 129.35 14.24
C ARG H 1037 78.68 130.30 13.43
N ASP H 1038 78.17 131.49 13.14
CA ASP H 1038 78.96 132.47 12.41
C ASP H 1038 80.22 132.84 13.18
N SER H 1039 80.05 133.17 14.46
CA SER H 1039 81.22 133.53 15.26
C SER H 1039 82.23 132.39 15.30
N LEU H 1040 81.75 131.18 15.57
CA LEU H 1040 82.66 130.04 15.69
C LEU H 1040 83.33 129.73 14.36
N CYS H 1041 82.61 129.87 13.25
CA CYS H 1041 83.20 129.55 11.96
C CYS H 1041 84.23 130.59 11.58
N GLN H 1042 84.00 131.86 11.94
CA GLN H 1042 85.05 132.86 11.76
C GLN H 1042 86.30 132.47 12.53
N ALA H 1043 86.13 132.06 13.79
CA ALA H 1043 87.28 131.67 14.66
C ALA H 1043 87.94 130.40 14.14
N VAL H 1044 87.16 129.43 13.65
CA VAL H 1044 87.71 128.15 13.13
C VAL H 1044 88.59 128.52 11.94
N ARG H 1045 88.12 129.43 11.09
CA ARG H 1045 88.86 129.84 9.88
C ARG H 1045 90.19 130.50 10.27
N THR H 1046 90.24 131.32 11.32
CA THR H 1046 91.49 132.05 11.66
C THR H 1046 92.55 131.02 11.98
N LEU H 1047 92.22 129.98 12.75
CA LEU H 1047 93.16 128.87 13.06
C LEU H 1047 93.53 128.13 11.78
N LEU H 1048 92.55 127.89 10.92
CA LEU H 1048 92.78 127.11 9.67
C LEU H 1048 93.77 127.88 8.80
N GLY H 1049 93.65 129.20 8.73
CA GLY H 1049 94.51 130.04 7.86
C GLY H 1049 95.89 130.18 8.46
N TYR H 1050 96.04 130.08 9.78
CA TYR H 1050 97.35 130.28 10.43
C TYR H 1050 98.22 129.21 9.83
N GLY H 1051 97.64 128.04 9.61
CA GLY H 1051 98.36 126.89 9.04
C GLY H 1051 98.03 125.68 9.87
N TYR H 1052 97.47 125.91 11.06
CA TYR H 1052 97.19 124.77 11.96
C TYR H 1052 96.18 123.97 11.18
N ASN H 1053 96.31 122.64 11.16
CA ASN H 1053 95.41 121.80 10.35
C ASN H 1053 94.23 121.40 11.22
N ILE H 1054 92.99 121.58 10.74
CA ILE H 1054 91.81 121.07 11.49
C ILE H 1054 91.31 119.88 10.68
N GLU H 1055 91.14 118.74 11.34
CA GLU H 1055 90.67 117.50 10.67
C GLU H 1055 89.43 117.05 11.44
N PRO H 1056 88.20 117.23 10.92
CA PRO H 1056 87.04 116.89 11.74
C PRO H 1056 87.23 115.50 12.30
N PRO H 1057 86.88 115.24 13.57
CA PRO H 1057 87.13 113.95 14.19
C PRO H 1057 86.26 112.91 13.51
N ASP H 1058 86.77 111.69 13.37
CA ASP H 1058 85.99 110.59 12.75
C ASP H 1058 84.62 110.49 13.42
N GLN H 1059 83.59 110.03 12.71
CA GLN H 1059 82.25 109.90 13.22
C GLN H 1059 82.01 108.46 13.66
N GLU H 1060 81.57 108.29 14.89
CA GLU H 1060 81.32 106.97 15.46
C GLU H 1060 79.86 106.61 15.29
N PRO H 1061 79.52 105.46 14.70
CA PRO H 1061 78.11 105.14 14.48
C PRO H 1061 77.32 105.19 15.79
N SER H 1062 76.16 105.83 15.75
CA SER H 1062 75.34 106.02 16.92
C SER H 1062 73.88 105.76 16.58
N GLN H 1063 73.15 105.22 17.55
CA GLN H 1063 71.73 104.93 17.41
C GLN H 1063 70.97 105.54 18.58
N VAL H 1064 69.90 106.26 18.27
CA VAL H 1064 69.09 106.88 19.30
C VAL H 1064 68.10 105.90 19.90
N ASP H 1065 67.33 105.19 19.05
CA ASP H 1065 66.34 104.22 19.50
C ASP H 1065 65.48 104.82 20.61
N SER H 1066 64.93 106.00 20.34
CA SER H 1066 64.20 106.75 21.36
C SER H 1066 63.13 105.88 22.02
N GLN H 1067 62.46 105.05 21.23
CA GLN H 1067 61.38 104.20 21.73
C GLN H 1067 61.49 102.82 21.09
N SER H 1068 60.53 101.96 21.44
CA SER H 1068 60.49 100.62 20.89
C SER H 1068 59.77 100.63 19.54
N ARG H 1069 60.49 100.23 18.49
CA ARG H 1069 59.91 100.28 17.14
C ARG H 1069 58.68 99.38 17.04
N GLY H 1070 58.72 98.22 17.66
CA GLY H 1070 57.59 97.31 17.59
C GLY H 1070 56.32 97.90 18.19
N ASP H 1071 56.46 98.92 19.03
CA ASP H 1071 55.32 99.56 19.70
C ASP H 1071 55.26 101.06 19.44
N ARG H 1072 56.07 101.58 18.52
CA ARG H 1072 56.13 103.03 18.36
C ARG H 1072 55.19 103.52 17.27
N ALA H 1073 55.40 103.11 16.02
CA ALA H 1073 54.54 103.55 14.94
C ALA H 1073 53.09 103.15 15.21
N ARG H 1074 52.18 104.06 14.93
CA ARG H 1074 50.76 103.80 15.15
C ARG H 1074 50.16 103.18 13.90
N ILE H 1075 49.50 102.04 14.06
CA ILE H 1075 48.89 101.30 12.97
C ILE H 1075 47.40 101.56 12.97
N PHE H 1076 46.86 101.93 11.82
CA PHE H 1076 45.42 102.08 11.61
C PHE H 1076 44.98 101.07 10.57
N ARG H 1077 43.97 100.26 10.91
CA ARG H 1077 43.44 99.28 9.98
C ARG H 1077 41.94 99.42 9.92
N ALA H 1078 41.35 98.87 8.85
CA ALA H 1078 39.90 98.76 8.81
C ALA H 1078 39.42 97.69 9.78
N GLU H 1079 38.15 97.77 10.16
CA GLU H 1079 37.57 96.78 11.06
C GLU H 1079 37.56 95.40 10.40
N LYS H 1080 37.73 94.37 11.23
CA LYS H 1080 37.83 93.01 10.71
C LYS H 1080 36.65 92.61 9.84
N SER H 1081 35.45 93.09 10.14
CA SER H 1081 34.27 92.65 9.40
C SER H 1081 34.29 93.10 7.95
N TYR H 1082 35.18 94.02 7.58
CA TYR H 1082 35.28 94.52 6.22
C TYR H 1082 36.24 93.72 5.36
N ALA H 1083 36.83 92.65 5.89
CA ALA H 1083 37.81 91.89 5.13
C ALA H 1083 37.22 91.39 3.83
N VAL H 1084 37.95 91.58 2.74
CA VAL H 1084 37.51 91.20 1.41
C VAL H 1084 38.20 89.90 1.02
N GLN H 1085 37.42 88.97 0.49
CA GLN H 1085 37.94 87.66 0.08
C GLN H 1085 37.85 87.43 -1.41
N SER H 1086 37.46 88.45 -2.18
CA SER H 1086 37.35 88.31 -3.63
C SER H 1086 37.19 89.70 -4.23
N GLY H 1087 37.48 89.80 -5.53
CA GLY H 1087 37.26 91.02 -6.28
C GLY H 1087 38.51 91.84 -6.47
N ARG H 1088 38.30 93.05 -6.96
CA ARG H 1088 39.36 93.99 -7.27
C ARG H 1088 39.08 95.29 -6.54
N TRP H 1089 39.93 95.63 -5.58
CA TRP H 1089 39.65 96.72 -4.66
C TRP H 1089 40.80 97.73 -4.67
N TYR H 1090 40.43 98.99 -4.45
CA TYR H 1090 41.34 100.12 -4.61
C TYR H 1090 41.08 101.13 -3.50
N PHE H 1091 42.16 101.68 -2.94
CA PHE H 1091 42.03 102.81 -2.03
C PHE H 1091 43.26 103.68 -2.15
N GLU H 1092 43.22 104.86 -1.51
CA GLU H 1092 44.27 105.85 -1.66
C GLU H 1092 44.78 106.29 -0.30
N PHE H 1093 46.05 106.69 -0.27
CA PHE H 1093 46.69 107.18 0.94
C PHE H 1093 47.59 108.34 0.56
N GLU H 1094 47.24 109.54 1.00
CA GLU H 1094 48.02 110.73 0.71
C GLU H 1094 48.98 111.00 1.86
N ALA H 1095 50.24 111.21 1.53
CA ALA H 1095 51.27 111.42 2.54
C ALA H 1095 51.43 112.91 2.77
N VAL H 1096 50.87 113.43 3.87
CA VAL H 1096 51.00 114.85 4.14
C VAL H 1096 52.43 115.19 4.53
N THR H 1097 53.05 114.34 5.33
CA THR H 1097 54.48 114.40 5.60
C THR H 1097 55.19 113.38 4.72
N THR H 1098 56.52 113.35 4.83
CA THR H 1098 57.34 112.53 3.96
C THR H 1098 58.26 111.60 4.74
N GLY H 1099 57.84 111.18 5.91
CA GLY H 1099 58.64 110.35 6.78
C GLY H 1099 58.26 108.89 6.74
N GLU H 1100 58.49 108.21 7.85
CA GLU H 1100 58.24 106.77 7.92
C GLU H 1100 56.74 106.50 7.91
N MET H 1101 56.25 105.97 6.81
CA MET H 1101 54.84 105.62 6.69
C MET H 1101 54.72 104.42 5.76
N ARG H 1102 53.88 103.47 6.14
CA ARG H 1102 53.66 102.27 5.36
C ARG H 1102 52.17 102.15 5.06
N VAL H 1103 51.83 101.63 3.89
CA VAL H 1103 50.43 101.52 3.49
C VAL H 1103 50.24 100.27 2.65
N GLY H 1104 49.16 99.55 2.89
CA GLY H 1104 48.90 98.35 2.11
C GLY H 1104 47.75 97.51 2.63
N TRP H 1105 47.89 96.20 2.57
CA TRP H 1105 46.82 95.27 2.92
C TRP H 1105 47.28 94.36 4.04
N ALA H 1106 46.38 94.06 4.97
CA ALA H 1106 46.71 93.27 6.15
C ALA H 1106 45.67 92.18 6.35
N ARG H 1107 46.09 91.09 6.94
CA ARG H 1107 45.15 90.04 7.28
C ARG H 1107 44.40 90.41 8.56
N PRO H 1108 43.21 89.86 8.77
CA PRO H 1108 42.41 90.25 9.94
C PRO H 1108 43.11 90.01 11.26
N GLU H 1109 44.00 89.01 11.36
CA GLU H 1109 44.68 88.68 12.60
C GLU H 1109 45.99 89.45 12.75
N LEU H 1110 46.10 90.61 12.13
CA LEU H 1110 47.29 91.44 12.28
C LEU H 1110 47.53 91.74 13.75
N ARG H 1111 48.79 91.71 14.14
CA ARG H 1111 49.12 92.02 15.52
C ARG H 1111 49.47 93.49 15.67
N PRO H 1112 49.21 94.09 16.84
CA PRO H 1112 49.48 95.52 17.02
C PRO H 1112 50.89 95.85 17.47
N ASP H 1113 51.68 94.89 17.91
CA ASP H 1113 53.01 95.14 18.45
C ASP H 1113 54.13 94.73 17.50
N VAL H 1114 53.81 94.48 16.24
CA VAL H 1114 54.78 94.10 15.23
C VAL H 1114 54.77 95.16 14.12
N GLU H 1115 55.96 95.52 13.65
CA GLU H 1115 56.07 96.46 12.55
C GLU H 1115 55.29 95.94 11.34
N LEU H 1116 54.59 96.83 10.66
CA LEU H 1116 53.80 96.42 9.51
C LEU H 1116 54.70 95.79 8.46
N GLY H 1117 54.32 94.61 7.99
CA GLY H 1117 55.08 93.93 6.97
C GLY H 1117 56.31 93.22 7.46
N ALA H 1118 56.60 93.25 8.75
CA ALA H 1118 57.71 92.50 9.30
C ALA H 1118 57.41 91.01 9.41
N ASP H 1119 56.15 90.62 9.34
CA ASP H 1119 55.76 89.21 9.34
C ASP H 1119 54.88 88.94 8.12
N ASP H 1120 54.27 87.76 8.08
CA ASP H 1120 53.48 87.34 6.92
C ASP H 1120 52.06 87.88 6.95
N LEU H 1121 51.74 88.78 7.87
CA LEU H 1121 50.36 89.23 8.05
C LEU H 1121 50.05 90.54 7.34
N ALA H 1122 50.99 91.10 6.59
CA ALA H 1122 50.70 92.33 5.88
C ALA H 1122 51.65 92.48 4.71
N TYR H 1123 51.12 92.98 3.60
CA TYR H 1123 51.90 93.35 2.41
C TYR H 1123 51.74 94.86 2.27
N VAL H 1124 52.83 95.61 2.47
CA VAL H 1124 52.72 97.06 2.48
C VAL H 1124 53.85 97.68 1.68
N PHE H 1125 53.70 98.97 1.39
CA PHE H 1125 54.69 99.77 0.70
C PHE H 1125 55.11 100.89 1.62
N ASN H 1126 56.43 101.07 1.76
CA ASN H 1126 57.02 102.14 2.55
C ASN H 1126 57.65 103.12 1.57
N GLY H 1127 57.08 104.32 1.49
CA GLY H 1127 57.52 105.32 0.54
C GLY H 1127 58.56 106.29 1.07
N HIS H 1128 59.08 106.08 2.26
CA HIS H 1128 60.13 106.97 2.77
C HIS H 1128 61.39 106.83 1.93
N ARG H 1129 61.85 105.61 1.71
CA ARG H 1129 62.96 105.33 0.81
C ARG H 1129 62.55 104.52 -0.40
N GLY H 1130 61.41 103.83 -0.35
CA GLY H 1130 60.96 102.98 -1.43
C GLY H 1130 61.25 101.54 -1.09
N GLN H 1131 60.25 100.85 -0.55
CA GLN H 1131 60.42 99.47 -0.12
C GLN H 1131 59.07 98.77 -0.15
N ARG H 1132 59.09 97.47 -0.36
CA ARG H 1132 57.91 96.64 -0.20
C ARG H 1132 58.15 95.68 0.96
N TRP H 1133 57.28 95.72 1.96
CA TRP H 1133 57.45 94.97 3.18
C TRP H 1133 56.49 93.80 3.21
N HIS H 1134 57.04 92.59 3.28
CA HIS H 1134 56.32 91.38 3.62
C HIS H 1134 57.33 90.33 4.06
N LEU H 1135 57.33 89.97 5.34
CA LEU H 1135 58.35 89.09 5.88
C LEU H 1135 59.75 89.64 5.59
N GLY H 1136 59.90 90.95 5.72
CA GLY H 1136 61.15 91.63 5.45
C GLY H 1136 60.97 92.74 4.44
N SER H 1137 62.09 93.38 4.11
CA SER H 1137 62.11 94.54 3.25
C SER H 1137 62.86 94.23 1.96
N GLU H 1138 62.37 94.79 0.86
CA GLU H 1138 63.02 94.70 -0.43
C GLU H 1138 62.89 96.06 -1.13
N PRO H 1139 63.89 96.48 -1.89
CA PRO H 1139 63.74 97.74 -2.63
C PRO H 1139 62.59 97.68 -3.61
N PHE H 1140 61.87 98.79 -3.74
CA PHE H 1140 60.72 98.84 -4.63
C PHE H 1140 60.25 100.27 -4.76
N GLY H 1141 59.93 100.68 -5.99
CA GLY H 1141 59.38 101.99 -6.20
C GLY H 1141 60.39 103.09 -5.90
N ARG H 1142 59.88 104.28 -5.69
CA ARG H 1142 60.66 105.47 -5.41
C ARG H 1142 60.11 106.19 -4.20
N PRO H 1143 60.92 106.99 -3.52
CA PRO H 1143 60.41 107.74 -2.36
C PRO H 1143 59.36 108.76 -2.78
N TRP H 1144 58.38 108.95 -1.90
CA TRP H 1144 57.31 109.90 -2.15
C TRP H 1144 57.71 111.29 -1.66
N GLN H 1145 56.86 112.26 -1.98
CA GLN H 1145 57.04 113.64 -1.54
C GLN H 1145 55.74 114.14 -0.95
N SER H 1146 55.83 115.25 -0.22
CA SER H 1146 54.66 115.78 0.45
C SER H 1146 53.54 116.00 -0.56
N GLY H 1147 52.34 115.52 -0.22
CA GLY H 1147 51.19 115.63 -1.08
C GLY H 1147 50.99 114.47 -2.03
N ASP H 1148 51.93 113.53 -2.10
CA ASP H 1148 51.80 112.43 -3.04
C ASP H 1148 50.74 111.45 -2.56
N VAL H 1149 50.01 110.89 -3.53
CA VAL H 1149 48.94 109.93 -3.26
C VAL H 1149 49.41 108.56 -3.72
N VAL H 1150 49.41 107.60 -2.81
CA VAL H 1150 49.69 106.21 -3.14
C VAL H 1150 48.38 105.47 -3.30
N GLY H 1151 48.17 104.89 -4.48
CA GLY H 1151 47.02 104.04 -4.73
C GLY H 1151 47.39 102.59 -4.50
N CYS H 1152 46.59 101.93 -3.65
CA CYS H 1152 46.80 100.54 -3.32
C CYS H 1152 45.67 99.73 -3.93
N MET H 1153 46.03 98.74 -4.75
CA MET H 1153 45.08 97.86 -5.40
C MET H 1153 45.37 96.43 -4.98
N ILE H 1154 44.32 95.68 -4.65
CA ILE H 1154 44.41 94.25 -4.46
C ILE H 1154 43.51 93.58 -5.47
N ASP H 1155 44.04 92.59 -6.18
CA ASP H 1155 43.31 91.80 -7.16
C ASP H 1155 43.30 90.37 -6.65
N LEU H 1156 42.15 89.95 -6.11
CA LEU H 1156 42.04 88.61 -5.53
C LEU H 1156 41.62 87.56 -6.54
N THR H 1157 41.49 87.93 -7.81
CA THR H 1157 41.37 86.93 -8.87
C THR H 1157 42.73 86.49 -9.39
N GLU H 1158 43.63 87.44 -9.63
CA GLU H 1158 45.01 87.14 -9.98
C GLU H 1158 45.89 86.95 -8.77
N ASN H 1159 45.40 87.24 -7.56
CA ASN H 1159 46.20 87.14 -6.34
C ASN H 1159 47.43 88.02 -6.41
N THR H 1160 47.20 89.32 -6.61
CA THR H 1160 48.29 90.28 -6.78
C THR H 1160 47.97 91.57 -6.03
N ILE H 1161 49.02 92.34 -5.76
CA ILE H 1161 48.92 93.65 -5.13
C ILE H 1161 49.71 94.63 -5.97
N ILE H 1162 49.12 95.79 -6.25
CA ILE H 1162 49.72 96.81 -7.10
C ILE H 1162 49.74 98.13 -6.35
N PHE H 1163 50.82 98.89 -6.52
CA PHE H 1163 50.97 100.21 -5.93
C PHE H 1163 51.22 101.23 -7.02
N THR H 1164 50.52 102.35 -6.95
CA THR H 1164 50.72 103.47 -7.85
C THR H 1164 51.10 104.70 -7.04
N LEU H 1165 51.91 105.57 -7.63
CA LEU H 1165 52.28 106.84 -7.03
C LEU H 1165 51.89 107.95 -7.98
N ASN H 1166 50.85 108.70 -7.63
CA ASN H 1166 50.31 109.75 -8.50
C ASN H 1166 49.84 109.17 -9.83
N GLY H 1167 49.28 107.96 -9.80
CA GLY H 1167 48.71 107.35 -10.98
C GLY H 1167 49.67 106.48 -11.78
N GLU H 1168 50.95 106.49 -11.45
CA GLU H 1168 51.95 105.71 -12.17
C GLU H 1168 52.27 104.46 -11.37
N VAL H 1169 52.10 103.30 -12.00
CA VAL H 1169 52.36 102.02 -11.36
C VAL H 1169 53.82 101.96 -10.95
N LEU H 1170 54.08 101.64 -9.68
CA LEU H 1170 55.44 101.49 -9.22
C LEU H 1170 55.99 100.12 -9.60
N MET H 1171 57.26 100.10 -10.00
CA MET H 1171 57.88 98.90 -10.53
C MET H 1171 59.10 98.53 -9.69
N SER H 1172 59.29 97.23 -9.50
CA SER H 1172 60.46 96.72 -8.83
C SER H 1172 61.69 96.91 -9.71
N ASP H 1173 62.84 96.53 -9.16
CA ASP H 1173 64.08 96.61 -9.95
C ASP H 1173 64.01 95.69 -11.16
N SER H 1174 63.42 94.51 -11.00
CA SER H 1174 63.30 93.58 -12.12
C SER H 1174 62.36 94.08 -13.20
N GLY H 1175 61.60 95.15 -12.93
CA GLY H 1175 60.67 95.69 -13.89
C GLY H 1175 59.25 95.16 -13.77
N SER H 1176 58.99 94.23 -12.85
CA SER H 1176 57.65 93.73 -12.66
C SER H 1176 56.74 94.85 -12.17
N GLU H 1177 55.49 94.81 -12.61
CA GLU H 1177 54.51 95.83 -12.25
C GLU H 1177 53.61 95.40 -11.09
N THR H 1178 53.87 94.25 -10.50
CA THR H 1178 53.12 93.78 -9.33
C THR H 1178 54.08 93.72 -8.14
N ALA H 1179 53.72 94.40 -7.06
CA ALA H 1179 54.56 94.40 -5.87
C ALA H 1179 54.62 93.00 -5.25
N PHE H 1180 53.48 92.31 -5.20
CA PHE H 1180 53.40 90.97 -4.66
C PHE H 1180 52.53 90.13 -5.58
N ARG H 1181 52.74 88.81 -5.53
CA ARG H 1181 51.99 87.88 -6.36
C ARG H 1181 51.91 86.54 -5.64
N ASP H 1182 51.02 85.69 -6.12
CA ASP H 1182 50.79 84.37 -5.54
C ASP H 1182 50.47 84.50 -4.05
N ILE H 1183 49.48 85.33 -3.77
CA ILE H 1183 49.04 85.61 -2.40
C ILE H 1183 47.89 84.67 -2.07
N GLU H 1184 48.01 83.96 -0.96
CA GLU H 1184 46.92 83.11 -0.50
C GLU H 1184 45.83 83.97 0.13
N ILE H 1185 44.61 83.81 -0.35
CA ILE H 1185 43.51 84.67 0.11
C ILE H 1185 43.29 84.47 1.60
N GLY H 1186 43.17 83.23 2.05
CA GLY H 1186 42.94 82.98 3.46
C GLY H 1186 41.64 83.62 3.92
N ASP H 1187 41.73 84.44 4.97
CA ASP H 1187 40.56 85.04 5.59
C ASP H 1187 40.23 86.41 5.03
N GLY H 1188 40.98 86.91 4.06
CA GLY H 1188 40.71 88.18 3.43
C GLY H 1188 41.73 89.23 3.84
N PHE H 1189 41.50 90.45 3.34
CA PHE H 1189 42.43 91.53 3.52
C PHE H 1189 41.69 92.80 3.90
N LEU H 1190 42.37 93.68 4.62
CA LEU H 1190 41.85 94.94 5.08
C LEU H 1190 42.84 96.04 4.71
N PRO H 1191 42.36 97.25 4.37
CA PRO H 1191 43.29 98.38 4.25
C PRO H 1191 43.98 98.65 5.58
N VAL H 1192 45.27 98.95 5.49
CA VAL H 1192 46.09 99.18 6.66
C VAL H 1192 47.14 100.23 6.35
N CYS H 1193 47.50 101.01 7.37
CA CYS H 1193 48.55 102.00 7.25
C CYS H 1193 49.24 102.11 8.60
N SER H 1194 50.47 102.61 8.57
CA SER H 1194 51.30 102.76 9.76
C SER H 1194 52.01 104.09 9.65
N LEU H 1195 51.88 104.92 10.69
CA LEU H 1195 52.46 106.24 10.72
C LEU H 1195 53.50 106.28 11.84
N GLY H 1196 54.72 106.69 11.50
CA GLY H 1196 55.75 106.83 12.51
C GLY H 1196 55.60 108.12 13.28
N PRO H 1197 56.47 108.30 14.26
CA PRO H 1197 56.40 109.51 15.07
C PRO H 1197 56.46 110.78 14.23
N GLY H 1198 55.47 111.66 14.40
CA GLY H 1198 55.46 112.93 13.70
C GLY H 1198 55.00 112.87 12.26
N GLN H 1199 54.26 111.84 11.86
CA GLN H 1199 53.83 111.67 10.49
C GLN H 1199 52.33 111.89 10.37
N VAL H 1200 51.88 112.30 9.19
CA VAL H 1200 50.47 112.58 8.94
C VAL H 1200 50.08 112.01 7.59
N GLY H 1201 48.97 111.27 7.56
CA GLY H 1201 48.47 110.69 6.34
C GLY H 1201 46.99 110.95 6.20
N HIS H 1202 46.50 110.71 4.99
CA HIS H 1202 45.07 110.84 4.69
C HIS H 1202 44.62 109.59 3.97
N LEU H 1203 43.79 108.79 4.62
CA LEU H 1203 43.34 107.52 4.08
C LEU H 1203 41.96 107.72 3.46
N ASN H 1204 41.89 107.53 2.14
CA ASN H 1204 40.65 107.67 1.39
C ASN H 1204 40.24 106.30 0.89
N LEU H 1205 39.18 105.74 1.48
CA LEU H 1205 38.71 104.42 1.10
C LEU H 1205 37.71 104.46 -0.04
N GLY H 1206 37.31 105.65 -0.49
CA GLY H 1206 36.52 105.79 -1.67
C GLY H 1206 35.01 105.78 -1.48
N GLN H 1207 34.52 106.20 -0.33
CA GLN H 1207 33.07 106.34 -0.17
C GLN H 1207 32.53 107.39 -1.13
N ASP H 1208 33.25 108.49 -1.28
CA ASP H 1208 32.92 109.54 -2.25
C ASP H 1208 33.87 109.37 -3.42
N VAL H 1209 33.45 108.59 -4.41
CA VAL H 1209 34.31 108.23 -5.54
C VAL H 1209 34.83 109.49 -6.21
N SER H 1210 34.10 110.60 -6.07
CA SER H 1210 34.57 111.86 -6.63
C SER H 1210 35.81 112.37 -5.91
N SER H 1211 36.00 112.00 -4.64
CA SER H 1211 37.12 112.51 -3.87
C SER H 1211 38.44 111.85 -4.28
N LEU H 1212 38.39 110.64 -4.81
CA LEU H 1212 39.60 109.97 -5.25
C LEU H 1212 40.29 110.81 -6.33
N ARG H 1213 41.62 110.91 -6.22
CA ARG H 1213 42.37 111.81 -7.08
C ARG H 1213 43.02 111.13 -8.28
N PHE H 1214 43.30 109.83 -8.20
CA PHE H 1214 43.95 109.13 -9.30
C PHE H 1214 43.27 107.81 -9.62
N PHE H 1215 42.05 107.59 -9.11
CA PHE H 1215 41.34 106.37 -9.42
C PHE H 1215 41.02 106.29 -10.91
N ALA H 1216 40.57 107.40 -11.49
CA ALA H 1216 40.26 107.41 -12.92
C ALA H 1216 41.51 107.16 -13.74
N ILE H 1217 42.64 107.77 -13.36
CA ILE H 1217 43.86 107.66 -14.15
C ILE H 1217 44.33 106.22 -14.20
N CYS H 1218 44.28 105.52 -13.07
CA CYS H 1218 44.74 104.14 -13.02
C CYS H 1218 43.90 103.35 -12.04
N GLY H 1219 43.15 102.37 -12.55
CA GLY H 1219 42.38 101.46 -11.72
C GLY H 1219 40.93 101.35 -12.15
N LEU H 1220 40.34 102.47 -12.56
CA LEU H 1220 38.96 102.45 -13.01
C LEU H 1220 38.81 101.58 -14.25
N GLN H 1221 39.63 101.84 -15.27
CA GLN H 1221 39.53 101.05 -16.49
C GLN H 1221 39.99 99.62 -16.27
N GLU H 1222 41.00 99.42 -15.43
CA GLU H 1222 41.46 98.08 -15.11
C GLU H 1222 40.45 97.30 -14.29
N GLY H 1223 39.43 97.95 -13.74
CA GLY H 1223 38.31 97.23 -13.15
C GLY H 1223 38.33 97.12 -11.65
N PHE H 1224 38.96 98.07 -10.96
CA PHE H 1224 39.03 98.06 -9.50
C PHE H 1224 37.94 98.97 -8.94
N GLU H 1225 37.27 98.48 -7.90
CA GLU H 1225 36.24 99.28 -7.25
C GLU H 1225 36.81 99.94 -6.01
N PRO H 1226 36.44 101.18 -5.71
CA PRO H 1226 36.87 101.79 -4.44
C PRO H 1226 36.41 100.93 -3.28
N PHE H 1227 37.26 100.82 -2.25
CA PHE H 1227 37.00 99.85 -1.19
C PHE H 1227 35.62 100.05 -0.59
N ALA H 1228 35.31 101.26 -0.17
CA ALA H 1228 34.01 101.55 0.42
C ALA H 1228 33.07 102.18 -0.60
N ILE H 1229 32.85 101.52 -1.73
CA ILE H 1229 32.14 102.18 -2.83
C ILE H 1229 30.66 102.33 -2.49
N ASN H 1230 30.02 101.25 -2.03
CA ASN H 1230 28.59 101.28 -1.80
C ASN H 1230 28.27 101.09 -0.32
N MET H 1231 29.02 101.75 0.54
CA MET H 1231 28.76 101.74 1.97
C MET H 1231 28.03 103.03 2.33
N GLN H 1232 26.87 102.88 2.96
CA GLN H 1232 26.08 104.04 3.35
C GLN H 1232 26.68 104.78 4.54
N ARG H 1233 27.68 104.20 5.20
CA ARG H 1233 28.33 104.81 6.34
C ARG H 1233 29.85 104.70 6.19
N PRO H 1234 30.60 105.63 6.77
CA PRO H 1234 32.05 105.54 6.70
C PRO H 1234 32.55 104.25 7.35
N VAL H 1235 33.67 103.75 6.85
CA VAL H 1235 34.22 102.49 7.33
C VAL H 1235 34.87 102.73 8.69
N THR H 1236 34.53 101.89 9.65
CA THR H 1236 35.09 101.98 10.99
C THR H 1236 36.54 101.51 10.98
N THR H 1237 37.38 102.20 11.76
CA THR H 1237 38.79 101.89 11.83
C THR H 1237 39.21 101.60 13.26
N TRP H 1238 40.25 100.78 13.39
CA TRP H 1238 40.88 100.51 14.66
C TRP H 1238 42.32 100.96 14.57
N PHE H 1239 42.90 101.30 15.72
CA PHE H 1239 44.28 101.73 15.80
C PHE H 1239 44.98 101.00 16.93
N SER H 1240 46.31 100.93 16.82
CA SER H 1240 47.12 100.26 17.82
C SER H 1240 47.42 101.25 18.94
N LYS H 1241 46.70 101.11 20.05
CA LYS H 1241 46.85 101.97 21.21
C LYS H 1241 48.01 101.47 22.06
N SER H 1242 48.93 102.37 22.37
CA SER H 1242 50.11 102.06 23.16
C SER H 1242 49.87 102.32 24.65
N LEU H 1243 48.80 101.76 25.20
CA LEU H 1243 48.56 101.81 26.63
C LEU H 1243 48.70 100.40 27.17
N PRO H 1244 49.73 100.09 27.94
CA PRO H 1244 49.92 98.70 28.40
C PRO H 1244 48.71 98.19 29.17
N GLN H 1245 48.35 96.94 28.89
CA GLN H 1245 47.18 96.31 29.51
C GLN H 1245 47.52 94.88 29.89
N PHE H 1246 46.91 94.40 30.97
CA PHE H 1246 47.16 93.03 31.42
C PHE H 1246 46.25 92.07 30.66
N GLU H 1247 46.84 91.03 30.09
CA GLU H 1247 46.11 90.01 29.35
C GLU H 1247 46.62 88.63 29.73
N PRO H 1248 45.79 87.60 29.62
CA PRO H 1248 46.24 86.26 30.00
C PRO H 1248 47.47 85.84 29.21
N VAL H 1249 48.40 85.15 29.87
CA VAL H 1249 49.60 84.67 29.22
C VAL H 1249 49.18 83.72 28.11
N PRO H 1250 49.56 83.95 26.86
CA PRO H 1250 49.11 83.08 25.78
C PRO H 1250 49.55 81.64 26.01
N LEU H 1251 48.67 80.71 25.64
CA LEU H 1251 48.99 79.30 25.83
C LEU H 1251 50.16 78.85 24.97
N GLU H 1252 50.48 79.59 23.91
CA GLU H 1252 51.56 79.22 23.01
C GLU H 1252 52.67 80.27 22.99
N HIS H 1253 52.82 81.04 24.06
CA HIS H 1253 53.85 82.05 24.10
C HIS H 1253 55.22 81.41 23.91
N PRO H 1254 56.05 81.90 22.99
CA PRO H 1254 57.31 81.21 22.70
C PRO H 1254 58.30 81.19 23.85
N HIS H 1255 58.18 82.09 24.82
CA HIS H 1255 59.19 82.24 25.86
C HIS H 1255 58.70 81.96 27.27
N TYR H 1256 57.43 82.17 27.56
CA TYR H 1256 56.92 82.06 28.92
C TYR H 1256 55.86 80.97 28.98
N GLU H 1257 55.90 80.18 30.06
CA GLU H 1257 54.96 79.10 30.27
C GLU H 1257 54.52 79.12 31.72
N VAL H 1258 53.22 78.98 31.95
CA VAL H 1258 52.64 78.94 33.29
C VAL H 1258 52.07 77.56 33.53
N ALA H 1259 52.44 76.95 34.65
CA ALA H 1259 51.95 75.65 35.05
C ALA H 1259 51.09 75.79 36.29
N ARG H 1260 49.92 75.17 36.27
CA ARG H 1260 49.02 75.17 37.42
C ARG H 1260 49.30 73.91 38.22
N MET H 1261 49.93 74.08 39.38
CA MET H 1261 50.28 72.95 40.23
C MET H 1261 49.18 72.75 41.27
N ASP H 1262 48.72 71.51 41.42
CA ASP H 1262 47.72 71.19 42.42
C ASP H 1262 48.34 71.17 43.81
N GLY H 1263 47.50 71.44 44.81
CA GLY H 1263 47.99 71.41 46.17
C GLY H 1263 48.15 69.99 46.67
N THR H 1264 49.34 69.72 47.23
CA THR H 1264 49.64 68.41 47.79
C THR H 1264 49.37 68.41 49.29
N VAL H 1265 49.77 67.34 49.97
CA VAL H 1265 49.58 67.24 51.42
C VAL H 1265 50.39 68.27 52.19
N ASP H 1266 51.48 68.80 51.61
CA ASP H 1266 52.30 69.79 52.27
C ASP H 1266 52.50 71.05 51.45
N THR H 1267 51.88 71.17 50.29
CA THR H 1267 52.06 72.31 49.40
C THR H 1267 50.70 72.86 48.99
N PRO H 1268 50.55 74.18 48.94
CA PRO H 1268 49.29 74.75 48.49
C PRO H 1268 49.19 74.75 46.98
N PRO H 1269 48.07 75.16 46.42
CA PRO H 1269 48.00 75.36 44.96
C PRO H 1269 48.98 76.44 44.54
N CYS H 1270 49.53 76.28 43.34
CA CYS H 1270 50.57 77.17 42.87
C CYS H 1270 50.37 77.46 41.38
N LEU H 1271 50.95 78.57 40.95
CA LEU H 1271 51.04 78.95 39.55
C LEU H 1271 52.50 79.31 39.28
N ARG H 1272 53.21 78.41 38.63
CA ARG H 1272 54.65 78.54 38.44
C ARG H 1272 54.95 79.05 37.05
N LEU H 1273 55.91 79.98 36.96
CA LEU H 1273 56.34 80.52 35.68
C LEU H 1273 57.72 79.97 35.34
N THR H 1274 57.88 79.53 34.10
CA THR H 1274 59.15 79.03 33.60
C THR H 1274 59.48 79.70 32.28
N HIS H 1275 60.76 79.95 32.07
CA HIS H 1275 61.25 80.53 30.83
C HIS H 1275 61.58 79.40 29.87
N ARG H 1276 60.81 79.26 28.79
CA ARG H 1276 60.98 78.13 27.90
C ARG H 1276 62.36 78.13 27.24
N THR H 1277 62.78 79.27 26.70
CA THR H 1277 63.97 79.35 25.88
C THR H 1277 65.14 79.99 26.63
N TRP H 1278 65.26 79.71 27.92
CA TRP H 1278 66.35 80.28 28.69
C TRP H 1278 67.67 79.66 28.27
N GLY H 1279 68.73 80.47 28.29
CA GLY H 1279 70.06 80.00 27.99
C GLY H 1279 70.33 79.90 26.51
N SER H 1280 69.43 79.23 25.78
CA SER H 1280 69.62 79.05 24.36
C SER H 1280 69.72 80.39 23.65
N GLN H 1281 70.14 80.33 22.38
CA GLN H 1281 70.08 81.52 21.55
C GLN H 1281 68.63 81.88 21.26
N ASN H 1282 68.43 83.07 20.73
CA ASN H 1282 67.14 83.72 20.49
C ASN H 1282 66.37 83.91 21.81
N SER H 1283 66.97 83.67 22.96
CA SER H 1283 66.27 83.85 24.23
C SER H 1283 65.90 85.31 24.42
N LEU H 1284 64.72 85.53 24.99
CA LEU H 1284 64.22 86.87 25.26
C LEU H 1284 64.31 87.11 26.76
N VAL H 1285 65.06 88.13 27.16
CA VAL H 1285 65.27 88.47 28.56
C VAL H 1285 64.92 89.94 28.72
N GLU H 1286 63.76 90.21 29.32
CA GLU H 1286 63.32 91.57 29.58
C GLU H 1286 62.40 91.56 30.79
N MET H 1287 62.16 92.75 31.32
CA MET H 1287 61.28 92.88 32.48
C MET H 1287 59.90 92.31 32.15
N LEU H 1288 59.34 91.56 33.09
CA LEU H 1288 58.06 90.88 32.92
C LEU H 1288 57.17 91.31 34.08
N PHE H 1289 56.00 91.84 33.75
CA PHE H 1289 55.04 92.30 34.75
C PHE H 1289 53.86 91.35 34.74
N LEU H 1290 53.64 90.68 35.88
CA LEU H 1290 52.60 89.67 35.99
C LEU H 1290 51.65 90.05 37.11
N ARG H 1291 50.38 89.72 36.94
CA ARG H 1291 49.40 89.86 38.00
C ARG H 1291 48.43 88.69 37.93
N LEU H 1292 47.60 88.57 38.95
CA LEU H 1292 46.56 87.56 38.93
C LEU H 1292 45.25 88.16 38.44
N SER H 1293 44.44 87.34 37.78
CA SER H 1293 43.31 87.85 37.04
C SER H 1293 42.24 88.46 37.95
N LEU H 1294 42.23 88.14 39.24
CA LEU H 1294 41.16 88.61 40.09
C LEU H 1294 41.69 89.47 41.23
N PRO H 1295 40.93 90.50 41.64
CA PRO H 1295 41.39 91.34 42.75
C PRO H 1295 40.82 90.92 44.11
N VAL H 1296 41.43 91.42 45.17
CA VAL H 1296 40.82 91.46 46.50
C VAL H 1296 40.34 92.87 46.74
N GLN H 1297 39.16 92.99 47.34
CA GLN H 1297 38.53 94.28 47.57
C GLN H 1297 38.46 94.57 49.07
N PHE H 1298 38.94 95.75 49.46
CA PHE H 1298 38.87 96.14 50.85
C PHE H 1298 37.44 96.55 51.21
N HIS H 1299 37.09 96.41 52.47
CA HIS H 1299 35.72 96.61 52.91
C HIS H 1299 35.31 98.06 52.74
N GLN H 1300 33.99 98.27 52.61
CA GLN H 1300 33.46 99.62 52.46
C GLN H 1300 33.74 100.45 53.70
N HIS H 1301 33.60 99.86 54.88
CA HIS H 1301 33.83 100.54 56.15
C HIS H 1301 34.93 99.82 56.91
N PHE H 1302 35.93 100.56 57.37
CA PHE H 1302 37.05 99.99 58.10
C PHE H 1302 36.72 99.90 59.58
N ARG H 1303 37.28 98.90 60.24
CA ARG H 1303 37.08 98.73 61.66
C ARG H 1303 37.52 99.97 62.42
N CYS H 1304 36.67 100.43 63.34
CA CYS H 1304 36.98 101.65 64.09
C CYS H 1304 38.19 101.44 64.97
N THR H 1305 39.22 102.26 64.76
CA THR H 1305 40.46 102.16 65.51
C THR H 1305 41.01 100.74 65.45
N ASP H 1420 51.17 72.31 68.04
CA ASP H 1420 49.88 72.19 67.38
C ASP H 1420 49.90 72.88 66.02
N ASN H 1421 49.89 74.21 66.02
CA ASN H 1421 49.91 74.99 64.79
C ASN H 1421 48.65 74.77 63.96
N ARG H 1422 47.55 74.41 64.61
CA ARG H 1422 46.24 74.28 63.99
C ARG H 1422 45.45 75.56 64.19
N ASP H 1423 44.63 75.91 63.20
CA ASP H 1423 43.84 77.12 63.29
C ASP H 1423 42.83 77.01 64.42
N ASP H 1424 42.63 78.10 65.14
CA ASP H 1424 41.55 78.19 66.12
C ASP H 1424 40.25 78.50 65.40
N PRO H 1425 39.24 77.61 65.45
CA PRO H 1425 38.05 77.80 64.61
C PRO H 1425 37.46 79.20 64.68
N GLU H 1426 37.26 79.74 65.88
CA GLU H 1426 36.66 81.07 65.98
C GLU H 1426 37.56 82.13 65.35
N ILE H 1427 38.86 82.04 65.57
CA ILE H 1427 39.78 83.04 65.02
C ILE H 1427 39.76 82.99 63.50
N ILE H 1428 39.86 81.79 62.94
CA ILE H 1428 39.92 81.67 61.48
C ILE H 1428 38.59 82.01 60.84
N LEU H 1429 37.48 81.78 61.53
CA LEU H 1429 36.17 82.14 60.99
C LEU H 1429 35.83 83.62 61.16
N ASN H 1430 36.53 84.33 62.05
CA ASN H 1430 36.26 85.75 62.24
C ASN H 1430 37.38 86.66 61.75
N THR H 1431 38.45 86.10 61.20
CA THR H 1431 39.56 86.92 60.73
C THR H 1431 39.20 87.64 59.43
N THR H 1432 39.82 88.81 59.24
CA THR H 1432 39.70 89.56 58.00
C THR H 1432 41.04 89.73 57.31
N THR H 1433 42.04 88.92 57.68
CA THR H 1433 43.38 89.00 57.12
C THR H 1433 43.58 87.85 56.15
N TYR H 1434 44.09 88.17 54.97
CA TYR H 1434 44.33 87.19 53.92
C TYR H 1434 45.80 87.24 53.52
N TYR H 1435 46.26 86.14 52.94
CA TYR H 1435 47.67 85.90 52.73
C TYR H 1435 47.92 85.27 51.36
N TYR H 1436 49.09 85.55 50.79
CA TYR H 1436 49.55 84.80 49.63
C TYR H 1436 51.05 84.98 49.51
N SER H 1437 51.74 84.01 48.93
CA SER H 1437 53.19 84.06 48.89
C SER H 1437 53.70 83.95 47.46
N VAL H 1438 54.94 84.38 47.26
CA VAL H 1438 55.67 84.19 46.02
C VAL H 1438 56.98 83.51 46.36
N ARG H 1439 57.24 82.38 45.72
CA ARG H 1439 58.51 81.68 45.87
C ARG H 1439 59.39 82.04 44.68
N VAL H 1440 60.56 82.60 44.98
CA VAL H 1440 61.58 82.90 43.98
C VAL H 1440 62.59 81.77 44.03
N PHE H 1441 62.68 81.02 42.94
CA PHE H 1441 63.49 79.80 42.94
C PHE H 1441 64.97 80.14 43.02
N ALA H 1442 65.74 79.21 43.58
CA ALA H 1442 67.18 79.37 43.63
C ALA H 1442 67.72 79.46 42.22
N GLY H 1443 68.60 80.45 42.00
CA GLY H 1443 69.11 80.78 40.68
C GLY H 1443 68.46 82.00 40.08
N GLN H 1444 67.23 82.31 40.49
CA GLN H 1444 66.58 83.57 40.13
C GLN H 1444 67.07 84.65 41.10
N GLU H 1445 67.64 85.70 40.56
CA GLU H 1445 68.23 86.73 41.40
C GLU H 1445 67.12 87.45 42.16
N PRO H 1446 67.14 87.46 43.51
CA PRO H 1446 66.13 88.23 44.23
C PRO H 1446 66.18 89.71 43.93
N SER H 1447 67.34 90.25 43.56
CA SER H 1447 67.44 91.65 43.23
C SER H 1447 66.66 92.01 41.97
N CYS H 1448 66.23 91.02 41.19
CA CYS H 1448 65.48 91.23 39.96
C CYS H 1448 64.02 90.84 40.12
N VAL H 1449 63.48 90.95 41.33
CA VAL H 1449 62.11 90.55 41.62
C VAL H 1449 61.47 91.60 42.52
N TRP H 1450 60.23 91.97 42.21
CA TRP H 1450 59.41 92.83 43.06
C TRP H 1450 58.09 92.11 43.28
N VAL H 1451 57.66 92.03 44.53
CA VAL H 1451 56.47 91.28 44.91
C VAL H 1451 55.52 92.20 45.66
N GLY H 1452 54.23 92.08 45.37
CA GLY H 1452 53.24 92.89 46.05
C GLY H 1452 51.90 92.94 45.34
N TRP H 1453 51.34 94.14 45.21
CA TRP H 1453 50.01 94.33 44.65
C TRP H 1453 50.01 95.49 43.67
N VAL H 1454 49.06 95.46 42.75
CA VAL H 1454 48.81 96.58 41.86
C VAL H 1454 47.32 96.88 41.88
N THR H 1455 46.98 98.12 41.59
CA THR H 1455 45.59 98.52 41.45
C THR H 1455 45.14 98.38 40.01
N PRO H 1456 43.85 98.53 39.73
CA PRO H 1456 43.37 98.33 38.36
C PRO H 1456 43.99 99.25 37.33
N ASP H 1457 44.62 100.34 37.78
CA ASP H 1457 45.12 101.37 36.88
C ASP H 1457 46.63 101.39 36.75
N TYR H 1458 47.30 100.25 36.88
CA TYR H 1458 48.73 100.18 36.60
C TYR H 1458 48.93 99.94 35.11
N HIS H 1459 49.71 100.80 34.46
CA HIS H 1459 49.89 100.74 33.01
C HIS H 1459 51.32 101.04 32.61
N GLN H 1460 52.30 100.70 33.46
CA GLN H 1460 53.70 101.03 33.20
C GLN H 1460 54.45 99.81 32.69
N HIS H 1461 54.81 99.82 31.41
CA HIS H 1461 55.66 98.80 30.82
C HIS H 1461 57.10 99.30 30.80
N ASP H 1462 57.66 99.43 32.00
CA ASP H 1462 58.96 100.06 32.18
C ASP H 1462 60.06 99.00 32.12
N MET H 1463 60.90 99.08 31.08
CA MET H 1463 61.94 98.08 30.89
C MET H 1463 63.11 98.28 31.84
N SER H 1464 63.17 99.39 32.57
CA SER H 1464 64.19 99.61 33.58
C SER H 1464 63.50 99.85 34.93
N PHE H 1465 62.52 99.02 35.24
CA PHE H 1465 61.69 99.24 36.41
C PHE H 1465 62.51 99.20 37.69
N ASP H 1466 62.12 100.03 38.65
CA ASP H 1466 62.58 99.94 40.02
C ASP H 1466 61.60 100.73 40.87
N LEU H 1467 61.63 100.51 42.18
CA LEU H 1467 60.58 101.04 43.04
C LEU H 1467 60.50 102.56 43.01
N SER H 1468 61.55 103.25 42.58
CA SER H 1468 61.51 104.70 42.52
C SER H 1468 60.64 105.21 41.39
N LYS H 1469 60.25 104.35 40.46
CA LYS H 1469 59.42 104.73 39.33
C LYS H 1469 57.94 104.57 39.61
N VAL H 1470 57.56 104.10 40.80
CA VAL H 1470 56.16 103.87 41.11
C VAL H 1470 55.44 105.20 41.25
N ARG H 1471 54.27 105.32 40.62
CA ARG H 1471 53.45 106.52 40.76
C ARG H 1471 53.02 106.70 42.20
N ALA H 1472 53.15 107.92 42.71
CA ALA H 1472 52.73 108.22 44.06
C ALA H 1472 52.40 109.70 44.16
N VAL H 1473 51.45 110.02 45.03
CA VAL H 1473 51.10 111.42 45.29
C VAL H 1473 50.39 111.49 46.63
N THR H 1474 50.65 112.55 47.39
CA THR H 1474 49.99 112.78 48.67
C THR H 1474 48.99 113.91 48.52
N VAL H 1475 47.76 113.67 48.95
CA VAL H 1475 46.71 114.68 48.98
C VAL H 1475 46.54 115.09 50.43
N THR H 1476 46.75 116.37 50.71
CA THR H 1476 46.69 116.90 52.06
C THR H 1476 45.56 117.91 52.14
N MET H 1477 44.60 117.66 53.02
CA MET H 1477 43.50 118.58 53.29
C MET H 1477 43.69 119.18 54.67
N GLY H 1478 43.55 120.50 54.76
CA GLY H 1478 43.75 121.21 56.00
C GLY H 1478 42.55 122.09 56.32
N ASP H 1479 42.71 122.86 57.39
CA ASP H 1479 41.68 123.80 57.84
C ASP H 1479 41.90 125.15 57.17
N GLU H 1480 41.08 126.14 57.53
CA GLU H 1480 41.17 127.45 56.91
C GLU H 1480 42.33 128.28 57.42
N GLN H 1481 43.03 127.83 58.46
CA GLN H 1481 44.25 128.48 58.95
C GLN H 1481 45.40 127.50 58.95
N GLY H 1482 45.44 126.60 57.97
CA GLY H 1482 46.41 125.52 57.97
C GLY H 1482 45.86 124.31 58.69
N ASN H 1483 46.54 123.87 59.75
CA ASN H 1483 46.03 122.79 60.59
C ASN H 1483 45.65 121.58 59.75
N VAL H 1484 46.63 120.93 59.14
CA VAL H 1484 46.38 119.75 58.32
C VAL H 1484 45.40 118.82 59.05
N HIS H 1485 44.34 118.43 58.35
CA HIS H 1485 43.36 117.52 58.89
C HIS H 1485 43.49 116.10 58.35
N SER H 1486 44.05 115.93 57.16
CA SER H 1486 44.21 114.59 56.61
C SER H 1486 45.30 114.61 55.54
N SER H 1487 46.00 113.50 55.41
CA SER H 1487 47.10 113.36 54.45
C SER H 1487 47.10 111.93 53.94
N LEU H 1488 46.57 111.74 52.73
CA LEU H 1488 46.41 110.41 52.16
C LEU H 1488 47.43 110.21 51.05
N LYS H 1489 48.15 109.09 51.10
CA LYS H 1489 49.07 108.72 50.04
C LYS H 1489 48.38 107.80 49.06
N CYS H 1490 48.49 108.11 47.77
CA CYS H 1490 47.85 107.35 46.71
C CYS H 1490 48.91 106.84 45.76
N SER H 1491 48.76 105.58 45.35
CA SER H 1491 49.67 104.95 44.42
C SER H 1491 48.90 103.86 43.68
N ASN H 1492 49.56 103.22 42.73
CA ASN H 1492 48.98 102.10 42.02
C ASN H 1492 49.82 100.84 42.11
N CYS H 1493 50.89 100.82 42.90
CA CYS H 1493 51.80 99.69 42.99
C CYS H 1493 52.33 99.63 44.41
N TYR H 1494 51.98 98.57 45.13
CA TYR H 1494 52.43 98.36 46.50
C TYR H 1494 53.27 97.09 46.52
N MET H 1495 54.59 97.24 46.60
CA MET H 1495 55.49 96.12 46.42
C MET H 1495 56.70 96.27 47.33
N VAL H 1496 57.38 95.15 47.53
CA VAL H 1496 58.68 95.13 48.20
C VAL H 1496 59.70 94.61 47.20
N TRP H 1497 60.95 95.03 47.38
CA TRP H 1497 62.03 94.64 46.50
C TRP H 1497 62.70 93.39 47.05
N GLY H 1498 62.88 92.39 46.19
CA GLY H 1498 63.54 91.17 46.62
C GLY H 1498 64.94 91.41 47.14
N GLY H 1499 65.58 92.50 46.73
CA GLY H 1499 66.91 92.81 47.19
C GLY H 1499 66.98 93.21 48.65
N ASP H 1500 65.86 93.65 49.23
CA ASP H 1500 65.86 94.03 50.63
C ASP H 1500 66.04 92.84 51.56
N PHE H 1501 65.85 91.62 51.06
CA PHE H 1501 65.93 90.42 51.87
C PHE H 1501 67.16 89.58 51.57
N VAL H 1502 68.09 90.09 50.76
CA VAL H 1502 69.34 89.39 50.49
C VAL H 1502 70.35 89.78 51.56
N SER H 1503 70.87 88.80 52.27
CA SER H 1503 71.84 89.07 53.31
C SER H 1503 73.09 89.69 52.71
N PRO H 1504 73.75 90.62 53.40
CA PRO H 1504 74.96 91.22 52.83
C PRO H 1504 76.05 90.21 52.51
N GLY H 1505 76.19 89.18 53.34
CA GLY H 1505 77.17 88.14 53.05
C GLY H 1505 76.83 87.37 51.78
N GLN H 1506 75.57 86.96 51.64
CA GLN H 1506 75.16 86.25 50.43
C GLN H 1506 75.15 87.18 49.22
N GLN H 1507 75.10 88.49 49.44
CA GLN H 1507 75.13 89.43 48.34
C GLN H 1507 76.41 89.24 47.52
N GLY H 1508 76.25 89.29 46.21
CA GLY H 1508 77.36 89.03 45.30
C GLY H 1508 77.60 87.57 45.01
N ARG H 1509 76.78 86.67 45.56
CA ARG H 1509 76.92 85.24 45.30
C ARG H 1509 75.56 84.68 44.96
N ILE H 1510 75.49 83.82 43.94
CA ILE H 1510 74.23 83.19 43.58
C ILE H 1510 73.82 82.23 44.68
N SER H 1511 72.67 82.49 45.29
CA SER H 1511 72.20 81.69 46.40
C SER H 1511 71.69 80.34 45.90
N HIS H 1512 71.64 79.39 46.83
CA HIS H 1512 71.13 78.05 46.56
C HIS H 1512 69.84 77.76 47.31
N THR H 1513 69.16 78.79 47.80
CA THR H 1513 67.90 78.65 48.52
C THR H 1513 66.82 79.51 47.88
N ASP H 1514 65.60 78.99 47.87
CA ASP H 1514 64.45 79.74 47.43
C ASP H 1514 64.14 80.85 48.43
N LEU H 1515 63.62 81.97 47.93
CA LEU H 1515 63.21 83.08 48.77
C LEU H 1515 61.69 83.20 48.71
N VAL H 1516 61.03 83.04 49.85
CA VAL H 1516 59.57 83.08 49.90
C VAL H 1516 59.18 84.41 50.53
N ILE H 1517 58.45 85.21 49.77
CA ILE H 1517 57.93 86.49 50.25
C ILE H 1517 56.42 86.36 50.41
N GLY H 1518 55.94 86.58 51.62
CA GLY H 1518 54.52 86.48 51.94
C GLY H 1518 53.92 87.86 52.09
N CYS H 1519 52.71 88.04 51.55
CA CYS H 1519 51.98 89.30 51.60
C CYS H 1519 50.70 89.08 52.38
N LEU H 1520 50.45 89.94 53.36
CA LEU H 1520 49.26 89.91 54.19
C LEU H 1520 48.48 91.20 54.00
N VAL H 1521 47.17 91.08 53.83
CA VAL H 1521 46.29 92.25 53.72
C VAL H 1521 45.14 92.09 54.70
N ASP H 1522 44.87 93.13 55.48
CA ASP H 1522 43.74 93.14 56.40
C ASP H 1522 42.61 93.92 55.73
N LEU H 1523 41.63 93.20 55.19
CA LEU H 1523 40.61 93.85 54.37
C LEU H 1523 39.70 94.77 55.17
N ALA H 1524 39.74 94.72 56.50
CA ALA H 1524 38.88 95.55 57.33
C ALA H 1524 39.59 96.75 57.94
N THR H 1525 40.91 96.87 57.74
CA THR H 1525 41.64 98.00 58.32
C THR H 1525 42.49 98.70 57.28
N GLY H 1526 42.69 98.08 56.13
CA GLY H 1526 43.46 98.69 55.07
C GLY H 1526 44.95 98.53 55.17
N LEU H 1527 45.44 97.68 56.07
CA LEU H 1527 46.86 97.52 56.30
C LEU H 1527 47.42 96.38 55.46
N MET H 1528 48.60 96.60 54.90
CA MET H 1528 49.29 95.61 54.08
C MET H 1528 50.70 95.45 54.62
N THR H 1529 51.09 94.21 54.92
CA THR H 1529 52.40 93.91 55.46
C THR H 1529 53.04 92.76 54.70
N PHE H 1530 54.34 92.60 54.89
CA PHE H 1530 55.12 91.62 54.15
C PHE H 1530 56.06 90.88 55.09
N THR H 1531 56.37 89.64 54.73
CA THR H 1531 57.35 88.82 55.43
C THR H 1531 58.28 88.19 54.41
N ALA H 1532 59.52 87.96 54.81
CA ALA H 1532 60.51 87.31 53.97
C ALA H 1532 61.09 86.12 54.71
N ASN H 1533 60.79 84.92 54.22
CA ASN H 1533 61.25 83.69 54.86
C ASN H 1533 60.87 83.68 56.34
N GLY H 1534 59.63 84.03 56.62
CA GLY H 1534 59.12 84.03 57.98
C GLY H 1534 59.27 85.33 58.73
N LYS H 1535 60.44 85.96 58.63
CA LYS H 1535 60.68 87.21 59.34
C LYS H 1535 59.82 88.32 58.78
N GLU H 1536 59.24 89.12 59.67
CA GLU H 1536 58.44 90.26 59.24
C GLU H 1536 59.35 91.39 58.79
N SER H 1537 59.02 91.97 57.63
CA SER H 1537 59.81 93.05 57.08
C SER H 1537 59.34 94.40 57.63
N ASN H 1538 60.07 95.46 57.29
CA ASN H 1538 59.76 96.79 57.77
C ASN H 1538 58.83 97.56 56.83
N THR H 1539 58.54 97.02 55.65
CA THR H 1539 57.67 97.69 54.71
C THR H 1539 56.22 97.42 55.05
N PHE H 1540 55.41 98.47 55.05
CA PHE H 1540 53.98 98.36 55.25
C PHE H 1540 53.28 99.48 54.51
N PHE H 1541 52.04 99.22 54.11
CA PHE H 1541 51.24 100.18 53.34
C PHE H 1541 49.86 100.30 53.95
N GLN H 1542 49.24 101.46 53.71
CA GLN H 1542 47.88 101.73 54.15
C GLN H 1542 47.08 102.19 52.95
N VAL H 1543 45.95 101.53 52.71
CA VAL H 1543 45.07 101.89 51.60
C VAL H 1543 43.72 102.30 52.18
N GLU H 1544 42.84 102.76 51.30
CA GLU H 1544 41.54 103.26 51.67
C GLU H 1544 40.46 102.22 51.43
N PRO H 1545 39.29 102.37 52.05
CA PRO H 1545 38.22 101.39 51.84
C PRO H 1545 37.80 101.33 50.38
N ASN H 1546 37.34 100.16 49.97
CA ASN H 1546 36.85 99.85 48.63
C ASN H 1546 37.98 99.71 47.63
N THR H 1547 39.23 99.76 48.06
CA THR H 1547 40.36 99.61 47.15
C THR H 1547 40.39 98.20 46.57
N LYS H 1548 40.78 98.09 45.31
CA LYS H 1548 40.93 96.83 44.62
C LYS H 1548 42.42 96.58 44.38
N LEU H 1549 42.91 95.42 44.81
CA LEU H 1549 44.31 95.08 44.66
C LEU H 1549 44.46 93.73 43.98
N PHE H 1550 45.31 93.68 42.96
CA PHE H 1550 45.65 92.43 42.30
C PHE H 1550 46.98 91.94 42.81
N PRO H 1551 47.15 90.66 43.14
CA PRO H 1551 48.50 90.14 43.41
C PRO H 1551 49.37 90.31 42.17
N ALA H 1552 50.61 90.73 42.39
CA ALA H 1552 51.48 91.09 41.28
C ALA H 1552 52.91 90.69 41.57
N VAL H 1553 53.66 90.42 40.51
CA VAL H 1553 55.09 90.13 40.59
C VAL H 1553 55.76 90.73 39.35
N PHE H 1554 56.78 91.55 39.57
CA PHE H 1554 57.59 92.08 38.49
C PHE H 1554 58.96 91.42 38.57
N VAL H 1555 59.40 90.82 37.48
CA VAL H 1555 60.62 90.01 37.52
C VAL H 1555 61.39 90.18 36.23
N LEU H 1556 62.72 90.23 36.34
CA LEU H 1556 63.59 90.13 35.18
C LEU H 1556 64.22 88.74 35.20
N PRO H 1557 63.77 87.80 34.39
CA PRO H 1557 64.21 86.41 34.56
C PRO H 1557 65.72 86.26 34.44
N THR H 1558 66.29 85.44 35.34
CA THR H 1558 67.71 85.11 35.30
C THR H 1558 67.92 83.60 35.37
N HIS H 1559 66.88 82.81 35.11
CA HIS H 1559 66.94 81.37 35.30
C HIS H 1559 65.80 80.76 34.50
N GLN H 1560 65.81 79.43 34.40
CA GLN H 1560 64.72 78.75 33.70
C GLN H 1560 63.47 78.69 34.57
N ASN H 1561 63.64 78.56 35.89
CA ASN H 1561 62.53 78.63 36.83
C ASN H 1561 62.56 80.01 37.47
N VAL H 1562 61.52 80.81 37.23
CA VAL H 1562 61.56 82.22 37.61
C VAL H 1562 60.89 82.44 38.96
N VAL H 1563 59.59 82.19 39.06
CA VAL H 1563 58.82 82.50 40.26
C VAL H 1563 57.61 81.58 40.32
N GLN H 1564 56.93 81.62 41.46
CA GLN H 1564 55.78 80.75 41.69
C GLN H 1564 54.82 81.44 42.64
N PHE H 1565 53.62 81.76 42.16
CA PHE H 1565 52.53 82.23 43.01
C PHE H 1565 52.04 81.07 43.85
N GLU H 1566 52.18 81.15 45.18
CA GLU H 1566 51.66 80.13 46.07
C GLU H 1566 50.43 80.68 46.77
N LEU H 1567 49.27 80.08 46.48
CA LEU H 1567 48.00 80.53 47.02
C LEU H 1567 47.64 79.70 48.26
N GLY H 1568 48.50 79.82 49.25
CA GLY H 1568 48.33 79.08 50.49
C GLY H 1568 47.76 79.94 51.59
N LYS H 1569 48.02 79.55 52.84
CA LYS H 1569 47.55 80.28 54.00
C LYS H 1569 48.61 80.21 55.08
N GLN H 1570 48.34 80.89 56.18
CA GLN H 1570 49.14 80.82 57.39
C GLN H 1570 48.22 80.41 58.54
N LYS H 1571 48.80 80.30 59.73
CA LYS H 1571 48.01 79.97 60.90
C LYS H 1571 47.07 81.13 61.23
N ASN H 1572 45.78 80.84 61.32
CA ASN H 1572 44.75 81.81 61.66
C ASN H 1572 44.58 82.90 60.60
N ILE H 1573 45.08 82.68 59.39
CA ILE H 1573 44.96 83.63 58.29
C ILE H 1573 44.36 82.92 57.09
N MET H 1574 43.44 83.59 56.42
CA MET H 1574 42.68 82.97 55.34
C MET H 1574 43.45 83.02 54.03
N PRO H 1575 43.18 82.09 53.12
CA PRO H 1575 43.80 82.14 51.79
C PRO H 1575 43.10 83.15 50.89
N LEU H 1576 43.71 83.38 49.73
CA LEU H 1576 43.19 84.41 48.83
C LEU H 1576 41.86 84.01 48.22
N SER H 1577 41.60 82.71 48.05
CA SER H 1577 40.32 82.28 47.49
C SER H 1577 39.16 82.74 48.36
N ALA H 1578 39.35 82.75 49.68
CA ALA H 1578 38.31 83.19 50.58
C ALA H 1578 37.98 84.67 50.42
N ALA H 1579 38.94 85.49 50.03
CA ALA H 1579 38.68 86.89 49.76
C ALA H 1579 38.18 87.13 48.35
N MET H 1580 38.56 86.27 47.41
CA MET H 1580 38.19 86.50 46.01
C MET H 1580 36.80 86.01 45.67
N PHE H 1581 36.36 84.89 46.24
CA PHE H 1581 35.12 84.26 45.84
C PHE H 1581 34.12 84.28 46.99
N LEU H 1582 32.89 84.70 46.70
CA LEU H 1582 31.88 84.84 47.74
C LEU H 1582 31.52 83.49 48.35
N SER H 1583 31.34 82.47 47.51
CA SER H 1583 30.93 81.17 48.02
C SER H 1583 31.99 80.54 48.92
N GLU H 1584 33.25 80.99 48.80
CA GLU H 1584 34.35 80.46 49.60
C GLU H 1584 34.72 81.41 50.73
N ARG H 1585 33.85 82.36 51.06
CA ARG H 1585 34.20 83.38 52.05
C ARG H 1585 34.56 82.76 53.39
N LYS H 1586 33.95 81.64 53.76
CA LYS H 1586 34.22 80.98 55.03
C LYS H 1586 34.93 79.65 54.87
N ASN H 1587 35.49 79.38 53.69
CA ASN H 1587 36.19 78.13 53.45
C ASN H 1587 37.68 78.36 53.64
N PRO H 1588 38.30 77.83 54.69
CA PRO H 1588 39.74 78.04 54.90
C PRO H 1588 40.65 77.17 54.05
N ALA H 1589 40.10 76.25 53.25
CA ALA H 1589 40.93 75.40 52.41
C ALA H 1589 41.43 76.20 51.21
N PRO H 1590 42.74 76.30 50.98
CA PRO H 1590 43.22 77.04 49.82
C PRO H 1590 42.68 76.47 48.52
N GLN H 1591 42.42 77.36 47.56
CA GLN H 1591 41.85 76.97 46.28
C GLN H 1591 42.45 77.84 45.18
N CYS H 1592 42.39 77.33 43.96
CA CYS H 1592 42.79 78.06 42.76
C CYS H 1592 41.82 77.70 41.65
N PRO H 1593 40.65 78.31 41.63
CA PRO H 1593 39.64 77.98 40.62
C PRO H 1593 40.11 78.38 39.23
N PRO H 1594 39.44 77.87 38.19
CA PRO H 1594 39.90 78.17 36.82
C PRO H 1594 39.94 79.65 36.49
N ARG H 1595 39.06 80.46 37.06
CA ARG H 1595 39.07 81.88 36.74
C ARG H 1595 40.39 82.53 37.14
N LEU H 1596 40.95 82.11 38.26
CA LEU H 1596 42.23 82.65 38.72
C LEU H 1596 43.35 82.17 37.80
N GLU H 1597 43.99 83.11 37.11
CA GLU H 1597 45.08 82.77 36.21
C GLU H 1597 46.08 83.91 36.19
N VAL H 1598 47.23 83.66 35.57
CA VAL H 1598 48.30 84.63 35.49
C VAL H 1598 48.13 85.45 34.22
N GLN H 1599 48.24 86.77 34.36
CA GLN H 1599 48.19 87.70 33.24
C GLN H 1599 49.49 88.47 33.20
N MET H 1600 49.92 88.84 32.00
CA MET H 1600 51.12 89.61 31.78
C MET H 1600 50.77 90.93 31.12
N LEU H 1601 51.64 91.92 31.31
CA LEU H 1601 51.41 93.23 30.73
C LEU H 1601 51.87 93.25 29.27
N MET H 1602 50.94 93.56 28.35
CA MET H 1602 51.19 93.71 26.93
C MET H 1602 51.26 95.19 26.59
N PRO H 1603 52.24 95.62 25.78
CA PRO H 1603 52.41 97.06 25.58
C PRO H 1603 51.40 97.71 24.65
N VAL H 1604 50.85 96.98 23.68
CA VAL H 1604 49.97 97.57 22.68
C VAL H 1604 48.71 96.71 22.55
N SER H 1605 47.61 97.37 22.18
CA SER H 1605 46.34 96.67 21.98
C SER H 1605 45.58 97.33 20.85
N TRP H 1606 44.63 96.61 20.28
CA TRP H 1606 43.76 97.19 19.27
C TRP H 1606 42.61 97.94 19.94
N SER H 1607 42.32 99.13 19.42
CA SER H 1607 41.27 99.96 19.99
C SER H 1607 40.45 100.59 18.87
N ARG H 1608 39.14 100.62 19.05
CA ARG H 1608 38.24 101.12 18.01
C ARG H 1608 38.19 102.64 18.04
N MET H 1609 38.44 103.27 16.90
CA MET H 1609 38.34 104.72 16.83
C MET H 1609 36.88 105.14 16.77
N PRO H 1610 36.47 106.16 17.52
CA PRO H 1610 35.08 106.62 17.44
C PRO H 1610 34.76 107.10 16.03
N ASN H 1611 33.49 106.97 15.66
CA ASN H 1611 33.06 107.45 14.35
C ASN H 1611 32.95 108.98 14.34
N HIS H 1612 32.64 109.58 15.48
CA HIS H 1612 32.53 111.02 15.61
C HIS H 1612 33.34 111.50 16.79
N PHE H 1613 33.80 112.75 16.72
CA PHE H 1613 34.67 113.32 17.73
C PHE H 1613 34.13 114.68 18.15
N LEU H 1614 34.45 115.07 19.38
CA LEU H 1614 34.04 116.37 19.87
C LEU H 1614 34.63 117.47 19.01
N GLN H 1615 33.81 118.46 18.68
CA GLN H 1615 34.25 119.61 17.90
C GLN H 1615 34.63 120.72 18.87
N VAL H 1616 35.93 120.93 19.04
CA VAL H 1616 36.47 121.91 19.97
C VAL H 1616 37.01 123.07 19.17
N ASP H 1617 36.62 124.28 19.55
CA ASP H 1617 37.12 125.50 18.91
C ASP H 1617 38.05 126.21 19.88
N THR H 1618 39.29 126.42 19.47
CA THR H 1618 40.29 127.13 20.27
C THR H 1618 40.77 128.34 19.49
N ARG H 1619 40.79 129.49 20.15
CA ARG H 1619 41.26 130.71 19.50
C ARG H 1619 41.86 131.63 20.53
N ARG H 1620 42.38 132.77 20.06
CA ARG H 1620 42.89 133.80 20.94
C ARG H 1620 41.88 134.92 21.01
N ALA H 1621 41.23 135.06 22.17
CA ALA H 1621 40.19 136.07 22.32
C ALA H 1621 40.74 137.49 22.30
N GLY H 1622 42.00 137.66 22.66
CA GLY H 1622 42.60 138.98 22.69
C GLY H 1622 43.81 138.99 23.59
N GLU H 1623 44.40 140.17 23.72
CA GLU H 1623 45.56 140.34 24.57
C GLU H 1623 45.21 140.39 26.06
N ARG H 1624 43.96 140.67 26.41
CA ARG H 1624 43.50 140.68 27.78
C ARG H 1624 42.62 139.50 28.14
N LEU H 1625 41.82 139.02 27.18
CA LEU H 1625 40.86 137.97 27.49
C LEU H 1625 41.54 136.61 27.61
N GLY H 1626 42.53 136.35 26.78
CA GLY H 1626 43.30 135.13 26.85
C GLY H 1626 43.04 134.21 25.68
N TRP H 1627 43.07 132.91 25.95
CA TRP H 1627 42.88 131.89 24.94
C TRP H 1627 41.60 131.12 25.19
N ALA H 1628 40.64 131.24 24.29
CA ALA H 1628 39.31 130.70 24.48
C ALA H 1628 39.20 129.28 23.95
N VAL H 1629 38.53 128.43 24.74
CA VAL H 1629 38.20 127.06 24.38
C VAL H 1629 36.69 126.92 24.46
N GLN H 1630 36.08 126.34 23.42
CA GLN H 1630 34.64 126.22 23.33
C GLN H 1630 34.27 124.84 22.83
N CYS H 1631 33.21 124.26 23.40
CA CYS H 1631 32.70 122.97 22.95
C CYS H 1631 31.21 122.94 23.27
N GLN H 1632 30.37 122.86 22.25
CA GLN H 1632 28.94 123.03 22.41
C GLN H 1632 28.09 121.83 22.03
N GLU H 1633 28.52 121.01 21.07
CA GLU H 1633 27.68 119.93 20.56
C GLU H 1633 27.88 118.67 21.41
N PRO H 1634 26.84 118.13 22.02
CA PRO H 1634 27.02 116.95 22.88
C PRO H 1634 27.36 115.71 22.08
N LEU H 1635 28.04 114.79 22.75
CA LEU H 1635 28.41 113.51 22.16
C LEU H 1635 28.44 112.46 23.26
N MET H 1636 27.79 111.34 23.02
CA MET H 1636 27.67 110.28 24.01
C MET H 1636 28.05 108.96 23.39
N MET H 1637 28.45 108.03 24.24
CA MET H 1637 28.76 106.67 23.81
C MET H 1637 28.15 105.70 24.81
N MET H 1638 27.82 104.51 24.33
CA MET H 1638 27.35 103.44 25.20
C MET H 1638 28.57 102.64 25.67
N ALA H 1639 28.88 102.76 26.95
CA ALA H 1639 30.05 102.11 27.52
C ALA H 1639 29.69 100.73 28.05
N LEU H 1640 30.62 99.79 27.91
CA LEU H 1640 30.53 98.48 28.51
C LEU H 1640 31.64 98.37 29.54
N HIS H 1641 31.27 98.06 30.78
CA HIS H 1641 32.16 98.12 31.92
C HIS H 1641 32.42 96.72 32.45
N ILE H 1642 33.70 96.36 32.58
CA ILE H 1642 34.11 95.10 33.20
C ILE H 1642 34.28 95.37 34.69
N PRO H 1643 33.43 94.80 35.56
CA PRO H 1643 33.46 95.22 36.97
C PRO H 1643 34.76 94.93 37.68
N GLU H 1644 35.27 93.70 37.58
CA GLU H 1644 36.45 93.33 38.36
C GLU H 1644 37.68 94.13 37.95
N GLU H 1645 37.76 94.59 36.70
CA GLU H 1645 38.90 95.35 36.22
C GLU H 1645 38.69 96.86 36.30
N ASN H 1646 37.52 97.30 36.75
CA ASN H 1646 37.23 98.74 36.89
C ASN H 1646 37.63 99.48 35.64
N ARG H 1647 37.21 98.95 34.49
CA ARG H 1647 37.61 99.46 33.19
C ARG H 1647 36.39 99.41 32.28
N CYS H 1648 36.41 100.23 31.23
CA CYS H 1648 35.29 100.26 30.30
C CYS H 1648 35.82 100.40 28.88
N MET H 1649 35.00 99.96 27.93
CA MET H 1649 35.27 100.11 26.51
C MET H 1649 33.99 100.58 25.84
N ASP H 1650 34.10 100.94 24.56
CA ASP H 1650 32.91 101.16 23.78
C ASP H 1650 32.23 99.83 23.50
N ILE H 1651 30.91 99.78 23.66
CA ILE H 1651 30.18 98.56 23.39
C ILE H 1651 30.34 98.15 21.93
N LEU H 1652 30.69 99.09 21.06
CA LEU H 1652 30.90 98.77 19.65
C LEU H 1652 32.16 97.96 19.41
N GLU H 1653 33.02 97.80 20.41
CA GLU H 1653 34.18 96.92 20.29
C GLU H 1653 33.79 95.45 20.31
N LEU H 1654 32.57 95.14 20.71
CA LEU H 1654 32.11 93.75 20.70
C LEU H 1654 31.93 93.22 19.29
N SER H 1655 32.00 94.08 18.28
CA SER H 1655 32.00 93.59 16.90
C SER H 1655 33.26 92.78 16.60
N GLU H 1656 34.36 93.06 17.31
CA GLU H 1656 35.59 92.31 17.16
C GLU H 1656 35.92 91.43 18.34
N ARG H 1657 35.47 91.78 19.54
CA ARG H 1657 35.65 90.93 20.72
C ARG H 1657 34.47 89.97 20.80
N LEU H 1658 34.64 88.80 20.21
CA LEU H 1658 33.50 87.91 19.96
C LEU H 1658 33.11 87.09 21.19
N ASP H 1659 34.05 86.76 22.07
CA ASP H 1659 33.67 86.08 23.30
C ASP H 1659 32.83 86.99 24.19
N LEU H 1660 33.26 88.24 24.34
CA LEU H 1660 32.46 89.20 25.10
C LEU H 1660 31.12 89.44 24.44
N GLN H 1661 31.09 89.48 23.10
CA GLN H 1661 29.83 89.68 22.41
C GLN H 1661 28.86 88.54 22.70
N ARG H 1662 29.34 87.30 22.63
CA ARG H 1662 28.47 86.16 22.90
C ARG H 1662 27.99 86.17 24.34
N PHE H 1663 28.89 86.44 25.28
CA PHE H 1663 28.48 86.48 26.68
C PHE H 1663 27.44 87.56 26.91
N HIS H 1664 27.62 88.73 26.30
CA HIS H 1664 26.68 89.82 26.54
C HIS H 1664 25.34 89.56 25.88
N SER H 1665 25.34 88.96 24.68
CA SER H 1665 24.06 88.61 24.06
C SER H 1665 23.30 87.60 24.90
N HIS H 1666 24.01 86.62 25.47
CA HIS H 1666 23.33 85.68 26.35
C HIS H 1666 22.91 86.34 27.66
N THR H 1667 23.64 87.36 28.11
CA THR H 1667 23.19 88.15 29.25
C THR H 1667 21.87 88.85 28.94
N LEU H 1668 21.74 89.41 27.74
CA LEU H 1668 20.48 90.02 27.35
C LEU H 1668 19.36 89.00 27.29
N SER H 1669 19.65 87.79 26.80
CA SER H 1669 18.65 86.73 26.83
C SER H 1669 18.24 86.40 28.25
N LEU H 1670 19.21 86.36 29.18
CA LEU H 1670 18.87 86.08 30.57
C LEU H 1670 17.99 87.18 31.17
N TYR H 1671 18.28 88.43 30.81
CA TYR H 1671 17.41 89.53 31.22
C TYR H 1671 16.00 89.32 30.69
N ARG H 1672 15.87 88.98 29.42
CA ARG H 1672 14.56 88.75 28.83
C ARG H 1672 13.82 87.62 29.53
N SER H 1673 14.54 86.59 29.96
CA SER H 1673 13.93 85.42 30.56
C SER H 1673 13.58 85.58 32.03
N VAL H 1674 14.31 86.40 32.80
CA VAL H 1674 13.95 86.58 34.19
C VAL H 1674 12.69 87.43 34.34
N CYS H 1675 12.28 88.13 33.30
CA CYS H 1675 11.05 88.93 33.33
C CYS H 1675 9.97 88.36 32.42
N ALA H 1676 10.18 87.17 31.87
CA ALA H 1676 9.29 86.65 30.84
C ALA H 1676 7.96 86.22 31.43
N LEU H 1677 6.90 86.44 30.65
CA LEU H 1677 5.56 85.94 30.96
C LEU H 1677 4.98 86.60 32.21
N GLY H 1678 5.12 87.91 32.30
CA GLY H 1678 4.36 88.69 33.25
C GLY H 1678 5.04 89.02 34.56
N ASN H 1679 6.35 88.84 34.68
CA ASN H 1679 7.05 89.19 35.92
C ASN H 1679 7.38 90.68 35.88
N ASN H 1680 6.32 91.48 36.06
CA ASN H 1680 6.46 92.93 36.00
C ASN H 1680 7.36 93.47 37.10
N ARG H 1681 7.42 92.79 38.25
CA ARG H 1681 8.34 93.20 39.31
C ARG H 1681 9.79 93.11 38.83
N VAL H 1682 10.14 92.00 38.18
CA VAL H 1682 11.50 91.86 37.67
C VAL H 1682 11.73 92.81 36.50
N ALA H 1683 10.70 93.11 35.72
CA ALA H 1683 10.86 94.10 34.67
C ALA H 1683 11.19 95.47 35.25
N HIS H 1684 10.50 95.85 36.33
CA HIS H 1684 10.83 97.09 37.02
C HIS H 1684 12.26 97.06 37.52
N ALA H 1685 12.69 95.92 38.07
CA ALA H 1685 14.08 95.81 38.52
C ALA H 1685 15.05 95.99 37.37
N LEU H 1686 14.77 95.38 36.21
CA LEU H 1686 15.66 95.48 35.07
C LEU H 1686 15.71 96.89 34.50
N CYS H 1687 14.68 97.68 34.73
CA CYS H 1687 14.73 99.08 34.31
C CYS H 1687 15.84 99.85 34.99
N SER H 1688 16.39 99.32 36.09
CA SER H 1688 17.51 99.96 36.76
C SER H 1688 18.85 99.55 36.19
N HIS H 1689 18.91 98.43 35.49
CA HIS H 1689 20.14 97.95 34.87
C HIS H 1689 20.26 98.34 33.40
N VAL H 1690 19.15 98.40 32.68
CA VAL H 1690 19.13 98.89 31.31
C VAL H 1690 18.02 99.93 31.24
N ASP H 1691 18.40 101.21 31.29
CA ASP H 1691 17.42 102.26 31.42
C ASP H 1691 16.87 102.68 30.06
N GLN H 1692 15.88 103.57 30.12
CA GLN H 1692 15.15 103.97 28.93
C GLN H 1692 16.07 104.64 27.92
N ALA H 1693 16.99 105.50 28.39
CA ALA H 1693 17.93 106.14 27.49
C ALA H 1693 18.80 105.13 26.78
N GLN H 1694 19.30 104.13 27.52
CA GLN H 1694 20.10 103.09 26.90
C GLN H 1694 19.32 102.34 25.83
N LEU H 1695 18.08 101.95 26.14
CA LEU H 1695 17.30 101.18 25.18
C LEU H 1695 17.01 102.01 23.93
N LEU H 1696 16.64 103.27 24.11
CA LEU H 1696 16.31 104.10 22.96
C LEU H 1696 17.54 104.43 22.13
N HIS H 1697 18.70 104.52 22.76
CA HIS H 1697 19.93 104.73 22.01
C HIS H 1697 20.31 103.48 21.23
N ALA H 1698 20.14 102.30 21.84
CA ALA H 1698 20.45 101.06 21.16
C ALA H 1698 19.53 100.85 19.97
N LEU H 1699 18.27 101.26 20.08
CA LEU H 1699 17.35 101.11 18.95
C LEU H 1699 17.91 101.78 17.70
N GLU H 1700 18.55 102.94 17.85
CA GLU H 1700 19.02 103.73 16.72
C GLU H 1700 20.47 103.47 16.36
N ASP H 1701 21.26 102.85 17.24
CA ASP H 1701 22.66 102.61 16.95
C ASP H 1701 22.80 101.73 15.71
N ALA H 1702 23.31 102.31 14.63
CA ALA H 1702 23.47 101.60 13.37
C ALA H 1702 24.73 100.75 13.30
N ARG H 1703 25.69 100.98 14.19
CA ARG H 1703 26.94 100.23 14.20
C ARG H 1703 26.91 99.04 15.14
N LEU H 1704 25.83 98.85 15.87
CA LEU H 1704 25.77 97.78 16.86
C LEU H 1704 25.82 96.43 16.15
N PRO H 1705 26.59 95.46 16.65
CA PRO H 1705 26.58 94.13 16.05
C PRO H 1705 25.20 93.52 16.11
N GLY H 1706 24.89 92.69 15.11
CA GLY H 1706 23.54 92.22 14.89
C GLY H 1706 22.91 91.51 16.07
N PRO H 1707 23.64 90.58 16.69
CA PRO H 1707 23.09 89.91 17.87
C PRO H 1707 22.75 90.87 18.99
N LEU H 1708 23.57 91.89 19.23
CA LEU H 1708 23.27 92.85 20.28
C LEU H 1708 22.10 93.74 19.91
N ARG H 1709 22.01 94.13 18.65
CA ARG H 1709 20.87 94.94 18.20
C ARG H 1709 19.57 94.16 18.39
N ALA H 1710 19.55 92.90 17.95
CA ALA H 1710 18.36 92.08 18.12
C ALA H 1710 18.05 91.87 19.60
N GLY H 1711 19.09 91.65 20.41
CA GLY H 1711 18.88 91.46 21.83
C GLY H 1711 18.29 92.68 22.50
N TYR H 1712 18.73 93.87 22.09
CA TYR H 1712 18.22 95.08 22.72
C TYR H 1712 16.82 95.41 22.27
N TYR H 1713 16.48 95.18 21.01
CA TYR H 1713 15.08 95.31 20.60
C TYR H 1713 14.20 94.34 21.38
N ASP H 1714 14.62 93.08 21.48
CA ASP H 1714 13.84 92.10 22.21
C ASP H 1714 13.74 92.46 23.69
N LEU H 1715 14.81 93.03 24.25
CA LEU H 1715 14.80 93.42 25.65
C LEU H 1715 13.82 94.56 25.90
N LEU H 1716 13.82 95.56 25.03
CA LEU H 1716 12.82 96.62 25.15
C LEU H 1716 11.42 96.03 25.11
N ILE H 1717 11.15 95.15 24.14
CA ILE H 1717 9.82 94.57 24.04
C ILE H 1717 9.47 93.79 25.31
N SER H 1718 10.40 92.98 25.80
CA SER H 1718 10.11 92.15 26.96
C SER H 1718 9.89 92.97 28.21
N ILE H 1719 10.69 94.02 28.42
CA ILE H 1719 10.55 94.82 29.62
C ILE H 1719 9.26 95.64 29.59
N HIS H 1720 8.95 96.27 28.46
CA HIS H 1720 7.93 97.29 28.45
C HIS H 1720 6.63 96.90 27.76
N LEU H 1721 6.68 96.03 26.76
CA LEU H 1721 5.52 95.82 25.89
C LEU H 1721 4.96 94.41 25.90
N GLU H 1722 5.72 93.41 26.33
CA GLU H 1722 5.31 92.02 26.14
C GLU H 1722 3.99 91.73 26.87
N SER H 1723 3.87 92.17 28.12
CA SER H 1723 2.70 91.84 28.91
C SER H 1723 1.44 92.50 28.35
N ALA H 1724 1.53 93.79 28.02
CA ALA H 1724 0.39 94.48 27.45
C ALA H 1724 0.00 93.86 26.11
N CYS H 1725 0.99 93.54 25.28
CA CYS H 1725 0.69 92.94 23.99
C CYS H 1725 -0.01 91.59 24.16
N ARG H 1726 0.47 90.77 25.10
CA ARG H 1726 -0.14 89.46 25.32
C ARG H 1726 -1.57 89.61 25.82
N SER H 1727 -1.80 90.50 26.77
CA SER H 1727 -3.15 90.68 27.29
C SER H 1727 -4.10 91.18 26.22
N ARG H 1728 -3.65 92.11 25.38
CA ARG H 1728 -4.51 92.58 24.29
C ARG H 1728 -4.76 91.49 23.26
N ARG H 1729 -3.73 90.70 22.95
CA ARG H 1729 -3.89 89.64 21.96
C ARG H 1729 -4.89 88.60 22.44
N SER H 1730 -4.91 88.32 23.74
CA SER H 1730 -5.90 87.38 24.26
C SER H 1730 -7.31 87.87 24.00
N MET H 1731 -7.56 89.17 24.12
CA MET H 1731 -8.88 89.75 23.94
C MET H 1731 -9.24 90.01 22.49
N LEU H 1732 -8.26 90.04 21.60
CA LEU H 1732 -8.52 90.41 20.21
C LEU H 1732 -9.35 89.39 19.45
N SER H 1733 -9.63 88.23 20.03
CA SER H 1733 -10.43 87.21 19.36
C SER H 1733 -11.91 87.27 19.70
N GLU H 1734 -12.34 88.22 20.53
CA GLU H 1734 -13.73 88.36 20.93
C GLU H 1734 -14.23 89.75 20.55
N TYR H 1735 -15.51 89.83 20.22
CA TYR H 1735 -16.13 91.08 19.73
C TYR H 1735 -17.36 91.38 20.58
N ILE H 1736 -17.15 92.11 21.67
CA ILE H 1736 -18.24 92.59 22.50
C ILE H 1736 -18.55 94.01 22.04
N VAL H 1737 -19.61 94.17 21.25
CA VAL H 1737 -19.94 95.43 20.59
C VAL H 1737 -21.00 96.14 21.44
N PRO H 1738 -20.70 97.29 22.03
CA PRO H 1738 -21.74 98.05 22.72
C PRO H 1738 -22.64 98.77 21.72
N LEU H 1739 -23.92 98.85 22.07
CA LEU H 1739 -24.92 99.46 21.19
C LEU H 1739 -24.94 100.98 21.42
N THR H 1740 -23.94 101.64 20.89
CA THR H 1740 -23.74 103.07 21.00
C THR H 1740 -23.92 103.75 19.65
N PRO H 1741 -23.99 105.08 19.62
CA PRO H 1741 -24.12 105.77 18.32
C PRO H 1741 -22.98 105.47 17.37
N GLU H 1742 -21.76 105.31 17.86
CA GLU H 1742 -20.65 104.96 16.97
C GLU H 1742 -20.88 103.61 16.30
N THR H 1743 -21.34 102.64 17.08
CA THR H 1743 -21.70 101.35 16.50
C THR H 1743 -22.80 101.52 15.47
N ARG H 1744 -23.83 102.30 15.79
CA ARG H 1744 -24.90 102.53 14.83
C ARG H 1744 -24.37 103.12 13.53
N ALA H 1745 -23.33 103.95 13.63
CA ALA H 1745 -22.79 104.61 12.46
C ALA H 1745 -21.94 103.66 11.61
N ILE H 1746 -21.23 102.73 12.24
CA ILE H 1746 -20.35 101.82 11.50
C ILE H 1746 -21.11 101.22 10.32
N THR H 1747 -20.43 101.11 9.18
CA THR H 1747 -21.00 100.50 7.97
C THR H 1747 -19.93 99.67 7.26
N LEU H 1748 -20.40 98.69 6.48
CA LEU H 1748 -19.49 97.75 5.84
C LEU H 1748 -18.52 98.47 4.91
N PHE H 1749 -19.05 99.28 4.00
CA PHE H 1749 -18.24 99.96 3.01
C PHE H 1749 -18.14 101.44 3.35
N PRO H 1750 -17.04 102.10 2.98
CA PRO H 1750 -16.88 103.51 3.32
C PRO H 1750 -17.88 104.36 2.58
N PRO H 1751 -18.49 105.34 3.25
CA PRO H 1751 -19.37 106.28 2.53
C PRO H 1751 -18.58 107.01 1.45
N GLY H 1752 -18.94 106.75 0.19
CA GLY H 1752 -18.20 107.28 -0.92
C GLY H 1752 -19.12 107.79 -2.02
N ARG H 1753 -18.52 108.59 -2.91
CA ARG H 1753 -19.28 109.15 -4.03
C ARG H 1753 -19.87 108.04 -4.89
N SER H 1754 -19.11 106.98 -5.15
CA SER H 1754 -19.63 105.87 -5.93
C SER H 1754 -20.89 105.31 -5.28
N ALA H 1755 -20.86 105.12 -3.97
CA ALA H 1755 -22.01 104.67 -3.20
C ALA H 1755 -21.63 104.67 -1.73
N GLU H 1756 -22.64 104.77 -0.87
CA GLU H 1756 -22.39 104.72 0.56
C GLU H 1756 -22.22 103.30 1.08
N ASP H 1757 -22.63 102.29 0.30
CA ASP H 1757 -22.41 100.90 0.67
C ASP H 1757 -22.62 100.03 -0.56
N GLY H 1758 -21.65 99.17 -0.85
CA GLY H 1758 -21.65 98.40 -2.07
C GLY H 1758 -20.40 98.54 -2.91
N PRO H 1759 -19.79 99.73 -2.96
CA PRO H 1759 -18.75 99.96 -3.96
C PRO H 1759 -17.55 99.05 -3.76
N ARG H 1760 -16.86 98.75 -4.86
CA ARG H 1760 -15.76 97.80 -4.80
C ARG H 1760 -14.68 98.23 -3.82
N ARG H 1761 -14.47 99.53 -3.68
CA ARG H 1761 -13.36 100.02 -2.88
C ARG H 1761 -13.66 99.87 -1.40
N HIS H 1762 -12.86 99.05 -0.72
CA HIS H 1762 -12.92 98.94 0.74
C HIS H 1762 -12.29 100.17 1.37
N GLY H 1763 -12.55 100.35 2.66
CA GLY H 1763 -11.77 101.27 3.44
C GLY H 1763 -10.42 100.67 3.80
N LEU H 1764 -9.48 101.54 4.14
CA LEU H 1764 -8.16 101.07 4.49
C LEU H 1764 -8.24 100.16 5.71
N PRO H 1765 -7.66 98.96 5.68
CA PRO H 1765 -7.77 98.06 6.83
C PRO H 1765 -7.11 98.67 8.06
N GLY H 1766 -7.72 98.42 9.22
CA GLY H 1766 -7.18 98.92 10.47
C GLY H 1766 -7.37 100.40 10.69
N VAL H 1767 -8.03 101.10 9.77
CA VAL H 1767 -8.26 102.53 9.88
C VAL H 1767 -9.77 102.76 9.94
N GLY H 1768 -10.20 103.56 10.90
CA GLY H 1768 -11.60 103.90 11.04
C GLY H 1768 -12.03 103.75 12.48
N VAL H 1769 -13.33 103.53 12.65
CA VAL H 1769 -13.94 103.43 13.97
C VAL H 1769 -14.19 101.97 14.29
N THR H 1770 -13.73 101.54 15.46
CA THR H 1770 -14.02 100.22 15.99
C THR H 1770 -14.54 100.40 17.41
N THR H 1771 -15.56 99.63 17.77
CA THR H 1771 -16.22 99.79 19.06
C THR H 1771 -16.12 98.57 19.96
N SER H 1772 -15.52 97.48 19.49
CA SER H 1772 -15.37 96.30 20.33
C SER H 1772 -14.65 96.66 21.62
N LEU H 1773 -15.13 96.14 22.74
CA LEU H 1773 -14.55 96.47 24.03
C LEU H 1773 -13.19 95.80 24.18
N ARG H 1774 -12.19 96.60 24.55
CA ARG H 1774 -10.86 96.08 24.87
C ARG H 1774 -10.34 96.86 26.08
N PRO H 1775 -10.02 96.20 27.19
CA PRO H 1775 -9.57 96.93 28.37
C PRO H 1775 -8.28 97.69 28.09
N PRO H 1776 -8.06 98.83 28.74
CA PRO H 1776 -6.88 99.64 28.43
C PRO H 1776 -5.59 99.00 28.93
N HIS H 1777 -4.48 99.65 28.58
CA HIS H 1777 -3.18 99.25 29.09
C HIS H 1777 -2.88 100.01 30.38
N HIS H 1778 -2.21 99.34 31.31
CA HIS H 1778 -1.87 99.91 32.60
C HIS H 1778 -0.37 99.79 32.81
N PHE H 1779 0.28 100.92 33.06
CA PHE H 1779 1.71 100.96 33.32
C PHE H 1779 1.97 101.79 34.57
N SER H 1780 3.13 101.61 35.16
CA SER H 1780 3.56 102.44 36.26
C SER H 1780 4.95 102.98 35.97
N PRO H 1781 5.30 104.14 36.52
CA PRO H 1781 6.61 104.73 36.23
C PRO H 1781 7.71 104.00 36.97
N PRO H 1782 8.85 103.75 36.32
CA PRO H 1782 10.00 103.23 37.07
C PRO H 1782 10.55 104.29 38.01
N CYS H 1783 10.84 103.88 39.24
CA CYS H 1783 11.40 104.80 40.23
C CYS H 1783 11.92 103.97 41.38
N PHE H 1784 13.15 104.25 41.80
CA PHE H 1784 13.84 103.47 42.82
C PHE H 1784 14.22 104.34 44.02
N VAL H 1785 13.36 105.30 44.35
CA VAL H 1785 13.48 106.06 45.59
C VAL H 1785 12.18 106.06 46.38
N VAL H 1786 11.13 105.43 45.89
CA VAL H 1786 9.85 105.40 46.59
C VAL H 1786 9.95 104.48 47.79
N ALA H 1787 9.15 104.78 48.82
CA ALA H 1787 9.09 103.90 49.98
C ALA H 1787 8.58 102.54 49.57
N LEU H 1788 9.26 101.50 50.04
CA LEU H 1788 8.87 100.14 49.71
C LEU H 1788 7.62 99.76 50.50
N PRO H 1789 6.55 99.25 49.86
CA PRO H 1789 5.40 98.79 50.64
C PRO H 1789 5.81 97.75 51.66
N ALA H 1790 5.66 98.08 52.94
CA ALA H 1790 6.09 97.23 54.03
C ALA H 1790 4.99 96.29 54.53
N ALA H 1791 3.95 96.10 53.72
CA ALA H 1791 2.87 95.19 54.09
C ALA H 1791 3.34 93.74 53.91
N GLY H 1792 2.41 92.81 54.08
CA GLY H 1792 2.76 91.41 53.93
C GLY H 1792 3.15 91.08 52.51
N ALA H 1793 3.83 89.95 52.35
CA ALA H 1793 4.22 89.49 51.04
C ALA H 1793 3.10 88.67 50.39
N THR H 1794 3.10 88.64 49.07
CA THR H 1794 2.14 87.89 48.28
C THR H 1794 0.71 88.44 48.40
N GLU H 1795 0.57 89.65 48.93
CA GLU H 1795 -0.75 90.25 49.08
C GLU H 1795 -0.80 91.64 48.46
N ALA H 1796 0.36 92.22 48.18
CA ALA H 1796 0.39 93.55 47.60
C ALA H 1796 -0.19 93.52 46.19
N PRO H 1797 -0.74 94.62 45.71
CA PRO H 1797 -1.27 94.63 44.33
C PRO H 1797 -0.19 94.26 43.33
N ALA H 1798 -0.56 93.49 42.32
CA ALA H 1798 0.38 93.07 41.30
C ALA H 1798 1.02 94.27 40.64
N ARG H 1799 2.33 94.18 40.39
CA ARG H 1799 3.02 95.28 39.74
C ARG H 1799 2.56 95.43 38.30
N LEU H 1800 2.49 96.66 37.84
CA LEU H 1800 2.23 96.95 36.44
C LEU H 1800 3.56 96.98 35.67
N SER H 1801 3.46 96.86 34.37
CA SER H 1801 4.66 96.93 33.54
C SER H 1801 5.25 98.34 33.61
N PRO H 1802 6.58 98.47 33.66
CA PRO H 1802 7.17 99.81 33.67
C PRO H 1802 6.82 100.58 32.40
N ALA H 1803 6.57 101.87 32.56
CA ALA H 1803 6.11 102.70 31.46
C ALA H 1803 7.29 103.19 30.62
N ILE H 1804 7.00 103.49 29.37
CA ILE H 1804 7.96 104.09 28.44
C ILE H 1804 7.16 104.98 27.50
N PRO H 1805 7.60 106.21 27.20
CA PRO H 1805 6.77 107.11 26.39
C PRO H 1805 6.36 106.51 25.06
N LEU H 1806 5.07 106.21 24.93
CA LEU H 1806 4.56 105.45 23.81
C LEU H 1806 4.45 106.27 22.53
N GLU H 1807 4.12 107.55 22.61
CA GLU H 1807 4.06 108.37 21.40
C GLU H 1807 5.45 108.52 20.78
N ALA H 1808 6.47 108.78 21.61
CA ALA H 1808 7.82 108.87 21.10
C ALA H 1808 8.29 107.53 20.56
N LEU H 1809 7.97 106.44 21.26
CA LEU H 1809 8.36 105.12 20.79
C LEU H 1809 7.71 104.82 19.44
N ARG H 1810 6.44 105.19 19.27
CA ARG H 1810 5.76 104.99 17.99
C ARG H 1810 6.45 105.75 16.89
N ASP H 1811 6.73 107.04 17.12
CA ASP H 1811 7.39 107.83 16.09
C ASP H 1811 8.73 107.25 15.72
N LYS H 1812 9.51 106.83 16.72
CA LYS H 1812 10.82 106.27 16.46
C LYS H 1812 10.70 104.99 15.65
N ALA H 1813 9.76 104.12 16.00
CA ALA H 1813 9.59 102.87 15.26
C ALA H 1813 9.22 103.14 13.81
N LEU H 1814 8.30 104.07 13.59
CA LEU H 1814 7.91 104.39 12.22
C LEU H 1814 9.08 104.94 11.43
N ARG H 1815 9.85 105.86 12.02
CA ARG H 1815 10.98 106.43 11.32
C ARG H 1815 12.02 105.38 10.99
N MET H 1816 12.31 104.48 11.93
CA MET H 1816 13.29 103.44 11.67
C MET H 1816 12.83 102.49 10.58
N LEU H 1817 11.54 102.14 10.57
CA LEU H 1817 11.04 101.28 9.50
C LEU H 1817 11.16 101.97 8.15
N GLY H 1818 10.83 103.26 8.08
CA GLY H 1818 11.00 103.97 6.83
C GLY H 1818 12.44 104.01 6.37
N GLU H 1819 13.36 104.26 7.29
CA GLU H 1819 14.78 104.26 6.94
C GLU H 1819 15.22 102.88 6.44
N ALA H 1820 14.75 101.83 7.10
CA ALA H 1820 15.11 100.47 6.67
C ALA H 1820 14.59 100.20 5.26
N VAL H 1821 13.36 100.60 4.98
CA VAL H 1821 12.82 100.40 3.63
C VAL H 1821 13.67 101.13 2.61
N ARG H 1822 14.02 102.38 2.89
CA ARG H 1822 14.83 103.14 1.95
C ARG H 1822 16.20 102.49 1.74
N ASP H 1823 16.85 102.06 2.83
CA ASP H 1823 18.16 101.46 2.71
C ASP H 1823 18.10 100.16 1.93
N GLY H 1824 17.10 99.33 2.20
CA GLY H 1824 16.93 98.11 1.42
C GLY H 1824 16.74 98.41 -0.05
N GLY H 1825 15.99 99.46 -0.36
CA GLY H 1825 15.85 99.87 -1.75
C GLY H 1825 17.17 100.31 -2.36
N GLN H 1826 18.04 100.89 -1.53
CA GLN H 1826 19.33 101.36 -2.03
C GLN H 1826 20.37 100.25 -2.18
N HIS H 1827 20.23 99.13 -1.47
CA HIS H 1827 21.12 97.98 -1.61
C HIS H 1827 22.57 98.36 -1.30
N ALA H 1828 22.80 98.73 -0.05
CA ALA H 1828 24.15 99.01 0.43
C ALA H 1828 24.88 97.71 0.76
N ARG H 1829 26.19 97.83 0.98
CA ARG H 1829 27.02 96.69 1.33
C ARG H 1829 27.31 96.59 2.82
N ASP H 1830 26.78 97.50 3.63
CA ASP H 1830 26.93 97.46 5.09
C ASP H 1830 25.55 97.60 5.72
N PRO H 1831 24.73 96.56 5.66
CA PRO H 1831 23.41 96.63 6.31
C PRO H 1831 23.55 96.84 7.80
N VAL H 1832 22.61 97.61 8.36
CA VAL H 1832 22.57 97.81 9.80
C VAL H 1832 22.42 96.46 10.48
N GLY H 1833 23.32 96.14 11.39
CA GLY H 1833 23.35 94.86 12.06
C GLY H 1833 24.16 93.81 11.34
N GLY H 1834 24.63 94.09 10.14
CA GLY H 1834 25.45 93.17 9.39
C GLY H 1834 24.72 92.36 8.34
N SER H 1835 23.39 92.41 8.32
CA SER H 1835 22.64 91.65 7.34
C SER H 1835 21.25 92.26 7.20
N VAL H 1836 20.60 91.96 6.07
CA VAL H 1836 19.25 92.44 5.84
C VAL H 1836 18.31 91.90 6.91
N GLU H 1837 18.48 90.64 7.30
CA GLU H 1837 17.63 90.07 8.34
C GLU H 1837 17.80 90.81 9.65
N PHE H 1838 19.04 91.07 10.07
CA PHE H 1838 19.29 91.79 11.31
C PHE H 1838 18.91 93.26 11.23
N GLN H 1839 18.76 93.80 10.03
CA GLN H 1839 18.27 95.16 9.86
C GLN H 1839 16.75 95.26 9.93
N PHE H 1840 16.04 94.29 9.36
CA PHE H 1840 14.59 94.37 9.22
C PHE H 1840 13.82 93.67 10.32
N VAL H 1841 14.26 92.49 10.77
CA VAL H 1841 13.44 91.72 11.71
C VAL H 1841 13.20 92.48 13.01
N PRO H 1842 14.20 93.13 13.62
CA PRO H 1842 13.92 93.83 14.89
C PRO H 1842 12.88 94.95 14.76
N VAL H 1843 13.05 95.84 13.78
CA VAL H 1843 12.12 96.95 13.65
C VAL H 1843 10.72 96.44 13.31
N LEU H 1844 10.63 95.40 12.48
CA LEU H 1844 9.33 94.82 12.17
C LEU H 1844 8.69 94.20 13.39
N LYS H 1845 9.48 93.55 14.25
CA LYS H 1845 8.93 93.00 15.48
C LYS H 1845 8.38 94.11 16.37
N LEU H 1846 9.13 95.21 16.50
CA LEU H 1846 8.65 96.32 17.32
C LEU H 1846 7.36 96.90 16.75
N VAL H 1847 7.31 97.07 15.42
CA VAL H 1847 6.12 97.64 14.79
C VAL H 1847 4.93 96.71 14.97
N SER H 1848 5.13 95.40 14.82
CA SER H 1848 4.05 94.46 15.01
C SER H 1848 3.54 94.49 16.44
N THR H 1849 4.45 94.55 17.41
CA THR H 1849 4.02 94.62 18.80
C THR H 1849 3.18 95.87 19.04
N LEU H 1850 3.65 97.02 18.57
CA LEU H 1850 2.91 98.25 18.80
C LEU H 1850 1.55 98.21 18.09
N LEU H 1851 1.52 97.66 16.88
CA LEU H 1851 0.25 97.53 16.17
C LEU H 1851 -0.74 96.70 16.97
N VAL H 1852 -0.30 95.54 17.45
CA VAL H 1852 -1.21 94.67 18.20
C VAL H 1852 -1.67 95.36 19.47
N MET H 1853 -0.76 96.02 20.18
CA MET H 1853 -1.16 96.82 21.34
C MET H 1853 -2.17 97.89 20.94
N GLY H 1854 -2.16 98.31 19.69
CA GLY H 1854 -3.15 99.26 19.22
C GLY H 1854 -2.84 100.69 19.61
N VAL H 1855 -1.56 101.02 19.69
CA VAL H 1855 -1.15 102.36 20.05
C VAL H 1855 -1.02 103.29 18.84
N PHE H 1856 -0.87 102.74 17.64
CA PHE H 1856 -0.70 103.57 16.45
C PHE H 1856 -2.00 104.28 16.11
N SER H 1857 -1.88 105.56 15.75
CA SER H 1857 -3.03 106.33 15.33
C SER H 1857 -3.36 106.02 13.86
N ASP H 1858 -4.44 106.63 13.38
CA ASP H 1858 -4.88 106.38 12.01
C ASP H 1858 -3.83 106.82 11.00
N GLU H 1859 -3.21 107.98 11.22
CA GLU H 1859 -2.16 108.42 10.31
C GLU H 1859 -0.98 107.46 10.34
N ASP H 1860 -0.61 106.96 11.52
CA ASP H 1860 0.48 106.00 11.60
C ASP H 1860 0.14 104.73 10.84
N VAL H 1861 -1.10 104.26 10.97
CA VAL H 1861 -1.50 103.05 10.28
C VAL H 1861 -1.48 103.27 8.77
N LYS H 1862 -1.89 104.46 8.32
CA LYS H 1862 -1.80 104.77 6.91
C LYS H 1862 -0.35 104.76 6.43
N GLN H 1863 0.56 105.31 7.23
CA GLN H 1863 1.97 105.28 6.85
C GLN H 1863 2.49 103.85 6.75
N ILE H 1864 2.11 102.99 7.70
CA ILE H 1864 2.54 101.60 7.66
C ILE H 1864 1.98 100.91 6.42
N LEU H 1865 0.71 101.17 6.11
CA LEU H 1865 0.11 100.56 4.93
C LEU H 1865 0.82 101.00 3.66
N LYS H 1866 1.17 102.29 3.57
CA LYS H 1866 1.89 102.75 2.39
C LYS H 1866 3.30 102.17 2.32
N MET H 1867 3.95 101.98 3.45
CA MET H 1867 5.25 101.31 3.44
C MET H 1867 5.10 99.87 2.96
N ILE H 1868 4.03 99.19 3.35
CA ILE H 1868 3.83 97.81 2.91
C ILE H 1868 3.56 97.76 1.41
N GLU H 1869 2.67 98.61 0.92
CA GLU H 1869 2.30 98.58 -0.49
C GLU H 1869 1.81 99.96 -0.94
N PRO H 1870 2.67 100.77 -1.56
CA PRO H 1870 2.25 102.15 -1.89
C PRO H 1870 1.06 102.22 -2.83
N GLU H 1871 0.92 101.28 -3.77
CA GLU H 1871 -0.11 101.39 -4.79
C GLU H 1871 -1.47 100.90 -4.30
N VAL H 1872 -1.51 99.74 -3.64
CA VAL H 1872 -2.78 99.18 -3.19
C VAL H 1872 -3.42 100.10 -2.16
N PHE H 1873 -2.63 100.60 -1.21
CA PHE H 1873 -3.14 101.38 -0.10
C PHE H 1873 -2.91 102.87 -0.28
N ARG H 1874 -2.91 103.35 -1.51
CA ARG H 1874 -2.88 104.78 -1.76
C ARG H 1874 -4.14 105.44 -1.20
N GLU H 1875 -3.99 106.65 -0.70
CA GLU H 1875 -5.09 107.38 -0.10
C GLU H 1875 -5.82 108.17 -1.19
N GLU H 1876 -7.10 107.89 -1.37
CA GLU H 1876 -7.89 108.55 -2.39
C GLU H 1876 -8.10 110.02 -2.05
N LEU H 1923 9.31 105.31 -1.10
CA LEU H 1923 9.22 105.51 -2.54
C LEU H 1923 8.10 104.62 -3.11
N GLU H 1924 8.23 104.24 -4.37
CA GLU H 1924 7.24 103.40 -5.03
C GLU H 1924 7.48 101.90 -4.81
N GLU H 1925 8.56 101.53 -4.14
CA GLU H 1925 8.86 100.13 -3.86
C GLU H 1925 8.35 99.79 -2.47
N GLY H 1926 7.58 98.71 -2.36
CA GLY H 1926 7.02 98.28 -1.11
C GLY H 1926 7.73 97.06 -0.54
N LEU H 1927 7.61 96.91 0.78
CA LEU H 1927 8.23 95.79 1.46
C LEU H 1927 7.84 94.47 0.80
N LEU H 1928 6.55 94.30 0.50
CA LEU H 1928 6.10 93.04 -0.07
C LEU H 1928 6.74 92.76 -1.42
N GLN H 1929 7.22 93.79 -2.11
CA GLN H 1929 7.81 93.63 -3.43
C GLN H 1929 9.33 93.62 -3.40
N MET H 1930 9.94 93.96 -2.26
CA MET H 1930 11.39 93.84 -2.12
C MET H 1930 11.77 92.37 -1.96
N LYS H 1931 13.00 92.05 -2.34
CA LYS H 1931 13.54 90.71 -2.13
C LYS H 1931 14.06 90.59 -0.71
N LEU H 1932 13.52 89.65 0.05
CA LEU H 1932 13.78 89.61 1.48
C LEU H 1932 14.03 88.19 1.95
N PRO H 1933 14.78 88.02 3.04
CA PRO H 1933 14.94 86.68 3.61
C PRO H 1933 13.60 86.14 4.13
N GLU H 1934 13.65 84.90 4.61
CA GLU H 1934 12.42 84.24 5.05
C GLU H 1934 11.94 84.76 6.39
N SER H 1935 12.85 85.13 7.29
CA SER H 1935 12.44 85.70 8.57
C SER H 1935 11.72 87.03 8.37
N VAL H 1936 12.23 87.86 7.47
CA VAL H 1936 11.55 89.11 7.17
C VAL H 1936 10.18 88.83 6.58
N LYS H 1937 10.08 87.82 5.72
CA LYS H 1937 8.79 87.43 5.19
C LYS H 1937 7.85 86.99 6.31
N LEU H 1938 8.39 86.34 7.34
CA LEU H 1938 7.56 85.93 8.47
C LEU H 1938 7.01 87.15 9.21
N GLN H 1939 7.85 88.16 9.44
CA GLN H 1939 7.34 89.37 10.09
C GLN H 1939 6.30 90.07 9.22
N MET H 1940 6.52 90.10 7.91
CA MET H 1940 5.53 90.66 7.01
C MET H 1940 4.21 89.90 7.10
N CYS H 1941 4.31 88.57 7.24
CA CYS H 1941 3.10 87.78 7.42
C CYS H 1941 2.38 88.16 8.70
N HIS H 1942 3.13 88.44 9.77
CA HIS H 1942 2.49 88.89 11.00
C HIS H 1942 1.73 90.20 10.80
N LEU H 1943 2.34 91.14 10.09
CA LEU H 1943 1.64 92.40 9.81
C LEU H 1943 0.37 92.17 9.00
N LEU H 1944 0.47 91.34 7.96
CA LEU H 1944 -0.70 91.04 7.15
C LEU H 1944 -1.78 90.35 7.98
N GLU H 1945 -1.37 89.49 8.91
CA GLU H 1945 -2.33 88.84 9.79
C GLU H 1945 -3.07 89.87 10.63
N TYR H 1946 -2.34 90.85 11.16
CA TYR H 1946 -3.02 91.89 11.93
C TYR H 1946 -4.05 92.62 11.10
N PHE H 1947 -3.70 92.97 9.87
CA PHE H 1947 -4.63 93.74 9.06
C PHE H 1947 -5.83 92.91 8.61
N CYS H 1948 -5.61 91.62 8.34
CA CYS H 1948 -6.74 90.74 8.04
C CYS H 1948 -7.66 90.59 9.24
N ASP H 1949 -7.09 90.50 10.45
CA ASP H 1949 -7.90 90.47 11.65
C ASP H 1949 -8.71 91.76 11.81
N GLN H 1950 -8.12 92.90 11.48
CA GLN H 1950 -8.88 94.15 11.53
C GLN H 1950 -10.04 94.13 10.55
N GLU H 1951 -9.82 93.60 9.34
CA GLU H 1951 -10.93 93.49 8.40
C GLU H 1951 -12.05 92.60 8.94
N LEU H 1952 -11.68 91.47 9.53
CA LEU H 1952 -12.70 90.59 10.11
C LEU H 1952 -13.48 91.29 11.21
N GLN H 1953 -12.76 92.01 12.08
CA GLN H 1953 -13.42 92.74 13.15
C GLN H 1953 -14.38 93.80 12.58
N HIS H 1954 -13.96 94.48 11.53
CA HIS H 1954 -14.83 95.48 10.91
C HIS H 1954 -16.09 94.83 10.36
N ARG H 1955 -15.97 93.67 9.72
CA ARG H 1955 -17.16 92.98 9.25
C ARG H 1955 -18.08 92.62 10.40
N VAL H 1956 -17.53 92.11 11.50
CA VAL H 1956 -18.36 91.72 12.63
C VAL H 1956 -19.10 92.92 13.18
N GLU H 1957 -18.40 94.05 13.34
CA GLU H 1957 -19.05 95.24 13.89
C GLU H 1957 -20.10 95.82 12.96
N SER H 1958 -19.86 95.80 11.64
CA SER H 1958 -20.87 96.24 10.70
C SER H 1958 -22.11 95.37 10.80
N LEU H 1959 -21.91 94.05 10.89
CA LEU H 1959 -23.05 93.15 11.04
C LEU H 1959 -23.81 93.45 12.32
N ALA H 1960 -23.10 93.73 13.42
CA ALA H 1960 -23.78 94.04 14.66
C ALA H 1960 -24.60 95.33 14.55
N ALA H 1961 -24.05 96.36 13.92
CA ALA H 1961 -24.80 97.60 13.76
C ALA H 1961 -26.06 97.40 12.93
N PHE H 1962 -25.92 96.69 11.81
CA PHE H 1962 -27.09 96.40 11.01
C PHE H 1962 -28.09 95.57 11.80
N ALA H 1963 -27.60 94.64 12.62
CA ALA H 1963 -28.50 93.82 13.42
C ALA H 1963 -29.31 94.70 14.34
N GLU H 1964 -28.67 95.67 14.99
CA GLU H 1964 -29.40 96.59 15.85
C GLU H 1964 -30.52 97.27 15.07
N CYS H 1965 -30.18 97.90 13.95
CA CYS H 1965 -31.19 98.65 13.22
C CYS H 1965 -32.32 97.75 12.74
N TYR H 1966 -31.97 96.59 12.17
CA TYR H 1966 -32.98 95.70 11.61
C TYR H 1966 -33.86 95.12 12.69
N VAL H 1967 -33.30 94.74 13.83
CA VAL H 1967 -34.11 94.16 14.89
C VAL H 1967 -35.07 95.22 15.44
N ASP H 1968 -34.61 96.48 15.53
CA ASP H 1968 -35.52 97.53 15.91
C ASP H 1968 -36.69 97.61 14.94
N LYS H 1969 -36.40 97.60 13.64
CA LYS H 1969 -37.48 97.66 12.65
C LYS H 1969 -38.43 96.48 12.77
N MET H 1970 -37.88 95.28 12.95
CA MET H 1970 -38.71 94.09 13.04
C MET H 1970 -39.62 94.15 14.26
N GLN H 1971 -39.09 94.56 15.41
CA GLN H 1971 -39.90 94.68 16.60
C GLN H 1971 -41.00 95.73 16.41
N GLY H 1972 -40.64 96.87 15.84
CA GLY H 1972 -41.63 97.90 15.59
C GLY H 1972 -42.75 97.42 14.69
N ASN H 1973 -42.42 96.61 13.69
CA ASN H 1973 -43.44 96.08 12.80
C ASN H 1973 -44.32 95.06 13.50
N GLN H 1974 -43.71 94.18 14.30
CA GLN H 1974 -44.48 93.17 15.01
C GLN H 1974 -45.46 93.84 15.96
N ARG H 1975 -45.06 94.95 16.56
CA ARG H 1975 -45.98 95.67 17.44
C ARG H 1975 -47.22 96.12 16.68
N GLY H 1976 -47.02 96.69 15.49
CA GLY H 1976 -48.17 97.12 14.70
C GLY H 1976 -49.04 95.96 14.27
N ARG H 1977 -48.42 94.85 13.88
CA ARG H 1977 -49.20 93.68 13.49
C ARG H 1977 -50.03 93.17 14.65
N TYR H 1978 -49.46 93.13 15.85
CA TYR H 1978 -50.22 92.73 17.02
C TYR H 1978 -51.38 93.68 17.28
N GLY H 1979 -51.10 94.99 17.21
CA GLY H 1979 -52.15 95.96 17.44
C GLY H 1979 -53.31 95.77 16.48
N LEU H 1980 -53.00 95.56 15.20
CA LEU H 1980 -54.05 95.39 14.20
C LEU H 1980 -54.78 94.07 14.39
N LEU H 1981 -54.05 93.00 14.75
CA LEU H 1981 -54.70 91.72 14.97
C LEU H 1981 -55.68 91.78 16.12
N MET H 1982 -55.26 92.33 17.25
CA MET H 1982 -56.16 92.46 18.40
C MET H 1982 -57.35 93.35 18.06
N LYS H 1983 -57.09 94.47 17.38
CA LYS H 1983 -58.16 95.39 17.04
C LYS H 1983 -59.22 94.72 16.16
N ALA H 1984 -58.84 93.67 15.43
CA ALA H 1984 -59.79 92.99 14.56
C ALA H 1984 -60.99 92.48 15.36
N PHE H 1985 -62.18 92.68 14.82
CA PHE H 1985 -63.40 92.19 15.47
C PHE H 1985 -63.67 90.74 15.11
N THR H 1986 -62.66 89.88 15.24
CA THR H 1986 -62.82 88.45 15.12
C THR H 1986 -63.54 88.04 13.83
N MET H 1987 -62.90 88.25 12.68
CA MET H 1987 -63.43 87.70 11.44
C MET H 1987 -63.68 86.21 11.61
N SER H 1988 -62.65 85.50 12.07
CA SER H 1988 -62.73 84.06 12.30
C SER H 1988 -61.88 83.74 13.53
N ALA H 1989 -62.47 83.01 14.48
CA ALA H 1989 -61.71 82.61 15.66
C ALA H 1989 -60.54 81.72 15.28
N ALA H 1990 -60.73 80.82 14.32
CA ALA H 1990 -59.64 79.98 13.85
C ALA H 1990 -58.54 80.82 13.23
N GLU H 1991 -58.90 81.83 12.44
CA GLU H 1991 -57.89 82.70 11.86
C GLU H 1991 -57.14 83.46 12.94
N THR H 1992 -57.85 83.94 13.96
CA THR H 1992 -57.20 84.66 15.05
C THR H 1992 -56.23 83.75 15.78
N ALA H 1993 -56.63 82.50 16.05
CA ALA H 1993 -55.73 81.56 16.71
C ALA H 1993 -54.50 81.29 15.86
N ARG H 1994 -54.70 81.09 14.55
CA ARG H 1994 -53.56 80.81 13.68
C ARG H 1994 -52.63 82.00 13.61
N ARG H 1995 -53.18 83.21 13.64
CA ARG H 1995 -52.34 84.42 13.62
C ARG H 1995 -51.55 84.54 14.92
N THR H 1996 -52.22 84.36 16.06
CA THR H 1996 -51.54 84.47 17.35
C THR H 1996 -50.62 83.29 17.63
N ARG H 1997 -50.66 82.25 16.79
CA ARG H 1997 -49.69 81.18 16.91
C ARG H 1997 -48.27 81.73 16.88
N GLU H 1998 -48.04 82.78 16.09
CA GLU H 1998 -46.72 83.41 16.07
C GLU H 1998 -46.41 84.07 17.40
N PHE H 1999 -47.33 84.88 17.91
CA PHE H 1999 -47.03 85.70 19.08
C PHE H 1999 -47.02 84.88 20.36
N ARG H 2000 -47.47 83.63 20.31
CA ARG H 2000 -47.41 82.77 21.48
C ARG H 2000 -46.31 81.72 21.28
N SER H 2001 -45.18 82.16 20.73
CA SER H 2001 -44.02 81.32 20.47
C SER H 2001 -42.79 81.97 21.06
N PRO H 2002 -41.74 81.20 21.34
CA PRO H 2002 -40.52 81.77 21.91
C PRO H 2002 -39.92 82.84 20.99
N PRO H 2003 -39.32 83.89 21.54
CA PRO H 2003 -38.78 84.95 20.67
C PRO H 2003 -37.77 84.46 19.66
N GLN H 2004 -36.93 83.49 20.02
CA GLN H 2004 -35.96 82.98 19.06
C GLN H 2004 -36.66 82.34 17.88
N GLU H 2005 -37.72 81.56 18.16
CA GLU H 2005 -38.49 80.95 17.09
C GLU H 2005 -39.18 82.01 16.25
N GLN H 2006 -39.67 83.07 16.89
CA GLN H 2006 -40.28 84.16 16.13
C GLN H 2006 -39.28 84.79 15.18
N ILE H 2007 -38.05 85.01 15.64
CA ILE H 2007 -37.03 85.60 14.78
C ILE H 2007 -36.71 84.66 13.62
N ASN H 2008 -36.58 83.37 13.91
CA ASN H 2008 -36.32 82.41 12.85
C ASN H 2008 -37.42 82.43 11.81
N MET H 2009 -38.68 82.47 12.25
CA MET H 2009 -39.78 82.53 11.32
C MET H 2009 -39.74 83.81 10.50
N LEU H 2010 -39.45 84.93 11.15
CA LEU H 2010 -39.45 86.23 10.47
C LEU H 2010 -38.29 86.38 9.50
N LEU H 2011 -37.23 85.58 9.63
CA LEU H 2011 -36.08 85.68 8.73
C LEU H 2011 -36.02 84.54 7.73
N HIS H 2012 -37.16 83.90 7.44
CA HIS H 2012 -37.19 82.73 6.57
C HIS H 2012 -37.64 83.07 5.15
N PHE H 2013 -37.32 84.27 4.66
CA PHE H 2013 -37.72 84.69 3.33
C PHE H 2013 -36.55 84.76 2.37
N LYS H 2014 -35.47 84.01 2.62
CA LYS H 2014 -34.31 84.08 1.74
C LYS H 2014 -34.67 83.68 0.32
N ASN H 2015 -35.45 82.61 0.18
CA ASN H 2015 -35.86 82.10 -1.13
C ASN H 2015 -37.33 82.43 -1.42
N GLY H 2016 -37.80 83.56 -0.92
CA GLY H 2016 -39.19 83.94 -1.13
C GLY H 2016 -40.12 83.30 -0.12
N ALA H 2017 -41.22 84.00 0.16
CA ALA H 2017 -42.19 83.51 1.11
C ALA H 2017 -43.43 84.39 1.04
N ASP H 2018 -44.59 83.77 1.22
CA ASP H 2018 -45.86 84.49 1.22
C ASP H 2018 -46.13 85.08 2.59
N GLU H 2019 -46.94 86.14 2.61
CA GLU H 2019 -47.17 86.92 3.82
C GLU H 2019 -47.76 86.07 4.95
N GLU H 2020 -48.19 84.86 4.64
CA GLU H 2020 -48.63 83.94 5.68
C GLU H 2020 -47.48 83.16 6.29
N GLU H 2021 -46.57 82.65 5.44
CA GLU H 2021 -45.38 81.98 5.96
C GLU H 2021 -44.50 82.96 6.71
N CYS H 2022 -44.33 84.16 6.17
CA CYS H 2022 -43.46 85.18 6.77
C CYS H 2022 -44.17 86.53 6.70
N PRO H 2023 -44.80 86.97 7.79
CA PRO H 2023 -45.56 88.23 7.73
C PRO H 2023 -44.72 89.48 7.61
N LEU H 2024 -43.40 89.35 7.47
CA LEU H 2024 -42.55 90.52 7.41
C LEU H 2024 -42.85 91.33 6.15
N PRO H 2025 -42.92 92.66 6.22
CA PRO H 2025 -43.20 93.44 5.03
C PRO H 2025 -42.10 93.33 3.97
N GLU H 2026 -42.50 93.59 2.72
CA GLU H 2026 -41.57 93.47 1.61
C GLU H 2026 -40.43 94.47 1.71
N GLU H 2027 -40.70 95.69 2.18
CA GLU H 2027 -39.63 96.67 2.32
C GLU H 2027 -38.59 96.18 3.33
N ILE H 2028 -39.06 95.62 4.44
CA ILE H 2028 -38.14 95.13 5.46
C ILE H 2028 -37.36 93.95 4.92
N ARG H 2029 -38.00 93.10 4.12
CA ARG H 2029 -37.26 92.01 3.48
C ARG H 2029 -36.18 92.54 2.55
N GLN H 2030 -36.51 93.56 1.76
CA GLN H 2030 -35.56 94.09 0.80
C GLN H 2030 -34.36 94.70 1.49
N GLU H 2031 -34.57 95.32 2.66
CA GLU H 2031 -33.44 95.86 3.41
C GLU H 2031 -32.43 94.78 3.73
N LEU H 2032 -32.90 93.64 4.27
CA LEU H 2032 -31.98 92.56 4.59
C LEU H 2032 -31.35 91.99 3.34
N VAL H 2033 -32.10 91.92 2.24
CA VAL H 2033 -31.54 91.39 1.00
C VAL H 2033 -30.38 92.27 0.54
N ASN H 2034 -30.57 93.58 0.58
CA ASN H 2034 -29.51 94.49 0.17
C ASN H 2034 -28.29 94.35 1.08
N PHE H 2035 -28.52 94.27 2.39
CA PHE H 2035 -27.36 94.13 3.28
C PHE H 2035 -26.64 92.83 3.04
N HIS H 2036 -27.37 91.74 2.78
CA HIS H 2036 -26.72 90.47 2.50
C HIS H 2036 -25.87 90.55 1.24
N GLN H 2037 -26.39 91.21 0.20
CA GLN H 2037 -25.58 91.41 -1.00
C GLN H 2037 -24.32 92.19 -0.67
N ASP H 2038 -24.44 93.25 0.15
CA ASP H 2038 -23.27 94.04 0.50
C ASP H 2038 -22.26 93.21 1.28
N LEU H 2039 -22.72 92.36 2.20
CA LEU H 2039 -21.81 91.53 2.97
C LEU H 2039 -21.09 90.54 2.08
N LEU H 2040 -21.81 89.92 1.14
CA LEU H 2040 -21.15 89.00 0.22
C LEU H 2040 -20.12 89.74 -0.62
N ALA H 2041 -20.47 90.93 -1.11
CA ALA H 2041 -19.50 91.70 -1.89
C ALA H 2041 -18.27 92.03 -1.07
N HIS H 2042 -18.46 92.43 0.18
CA HIS H 2042 -17.32 92.74 1.04
C HIS H 2042 -16.43 91.52 1.23
N CYS H 2043 -17.04 90.36 1.49
CA CYS H 2043 -16.26 89.14 1.64
C CYS H 2043 -15.68 88.65 0.33
N GLY H 2044 -16.10 89.22 -0.80
CA GLY H 2044 -15.62 88.81 -2.10
C GLY H 2044 -16.42 87.72 -2.76
N ILE H 2045 -17.37 87.11 -2.05
CA ILE H 2045 -18.14 86.01 -2.60
C ILE H 2045 -18.98 86.47 -3.79
N GLN H 2046 -19.49 87.70 -3.71
CA GLN H 2046 -20.38 88.20 -4.75
C GLN H 2046 -19.55 88.77 -5.91
N LEU H 2047 -19.58 88.08 -7.03
CA LEU H 2047 -18.95 88.56 -8.25
C LEU H 2047 -20.00 88.80 -9.32
N GLU H 2089 -7.50 92.60 -13.38
CA GLU H 2089 -6.39 93.53 -13.18
C GLU H 2089 -5.24 92.81 -12.50
N HIS H 2090 -4.05 92.87 -13.11
CA HIS H 2090 -2.90 92.20 -12.51
C HIS H 2090 -2.38 92.95 -11.31
N LYS H 2091 -2.73 94.22 -11.18
CA LYS H 2091 -2.47 94.95 -9.94
C LYS H 2091 -3.49 94.53 -8.88
N PRO H 2092 -3.06 94.14 -7.67
CA PRO H 2092 -4.02 93.66 -6.67
C PRO H 2092 -5.23 94.56 -6.48
N GLN H 2093 -5.01 95.82 -6.10
CA GLN H 2093 -6.07 96.80 -5.90
C GLN H 2093 -6.97 96.49 -4.72
N SER H 2094 -6.62 95.51 -3.89
CA SER H 2094 -7.40 95.19 -2.70
C SER H 2094 -6.52 94.40 -1.74
N LEU H 2095 -6.87 94.43 -0.46
CA LEU H 2095 -6.09 93.70 0.52
C LEU H 2095 -6.15 92.19 0.26
N GLN H 2096 -7.34 91.67 -0.02
CA GLN H 2096 -7.49 90.24 -0.23
C GLN H 2096 -6.65 89.78 -1.43
N GLU H 2097 -6.79 90.48 -2.55
CA GLU H 2097 -6.04 90.11 -3.74
C GLU H 2097 -4.54 90.32 -3.54
N LEU H 2098 -4.16 91.36 -2.80
CA LEU H 2098 -2.75 91.58 -2.51
C LEU H 2098 -2.17 90.42 -1.73
N VAL H 2099 -2.87 89.97 -0.68
CA VAL H 2099 -2.35 88.88 0.13
C VAL H 2099 -2.28 87.60 -0.69
N SER H 2100 -3.33 87.30 -1.45
CA SER H 2100 -3.31 86.09 -2.26
C SER H 2100 -2.15 86.10 -3.25
N HIS H 2101 -1.99 87.21 -3.98
CA HIS H 2101 -0.92 87.30 -4.96
C HIS H 2101 0.44 87.19 -4.29
N THR H 2102 0.64 87.86 -3.16
CA THR H 2102 1.94 87.83 -2.50
C THR H 2102 2.29 86.41 -2.06
N VAL H 2103 1.34 85.72 -1.43
CA VAL H 2103 1.62 84.39 -0.92
C VAL H 2103 1.93 83.43 -2.07
N VAL H 2104 1.09 83.47 -3.10
CA VAL H 2104 1.31 82.57 -4.23
C VAL H 2104 2.63 82.88 -4.91
N ARG H 2105 2.96 84.16 -5.04
CA ARG H 2105 4.21 84.54 -5.70
C ARG H 2105 5.42 84.07 -4.90
N TRP H 2106 5.38 84.21 -3.58
CA TRP H 2106 6.49 83.72 -2.77
C TRP H 2106 6.66 82.22 -2.94
N ALA H 2107 5.56 81.47 -2.84
CA ALA H 2107 5.64 80.02 -2.99
C ALA H 2107 6.14 79.63 -4.37
N GLN H 2108 5.75 80.37 -5.41
CA GLN H 2108 6.22 80.10 -6.76
C GLN H 2108 7.69 80.44 -6.93
N GLU H 2109 8.17 81.49 -6.28
CA GLU H 2109 9.54 81.95 -6.46
C GLU H 2109 10.54 81.10 -5.71
N ASP H 2110 10.16 80.52 -4.57
CA ASP H 2110 11.14 79.74 -3.82
C ASP H 2110 10.48 78.54 -3.18
N PHE H 2111 11.31 77.53 -2.90
CA PHE H 2111 10.91 76.40 -2.08
C PHE H 2111 11.13 76.82 -0.63
N VAL H 2112 10.09 77.33 0.01
CA VAL H 2112 10.23 77.91 1.34
C VAL H 2112 10.71 76.85 2.31
N GLN H 2113 11.74 77.19 3.09
CA GLN H 2113 12.37 76.25 4.00
C GLN H 2113 11.85 76.38 5.43
N SER H 2114 11.28 77.50 5.81
CA SER H 2114 10.83 77.69 7.17
C SER H 2114 9.40 77.16 7.33
N PRO H 2115 9.17 76.12 8.13
CA PRO H 2115 7.79 75.65 8.31
C PRO H 2115 6.88 76.69 8.94
N GLU H 2116 7.40 77.54 9.82
CA GLU H 2116 6.57 78.60 10.39
C GLU H 2116 6.13 79.58 9.31
N LEU H 2117 7.04 79.95 8.42
CA LEU H 2117 6.67 80.82 7.31
C LEU H 2117 5.65 80.15 6.42
N VAL H 2118 5.83 78.86 6.13
CA VAL H 2118 4.87 78.16 5.27
C VAL H 2118 3.49 78.16 5.92
N ARG H 2119 3.43 77.85 7.21
CA ARG H 2119 2.15 77.81 7.89
C ARG H 2119 1.47 79.17 7.88
N ALA H 2120 2.23 80.24 8.15
CA ALA H 2120 1.64 81.57 8.12
C ALA H 2120 1.14 81.93 6.73
N MET H 2121 1.94 81.63 5.71
CA MET H 2121 1.53 81.93 4.34
C MET H 2121 0.22 81.26 4.01
N PHE H 2122 0.08 79.98 4.32
CA PHE H 2122 -1.11 79.27 3.90
C PHE H 2122 -2.31 79.58 4.78
N SER H 2123 -2.10 79.93 6.05
CA SER H 2123 -3.20 80.45 6.84
C SER H 2123 -3.75 81.73 6.23
N LEU H 2124 -2.86 82.65 5.86
CA LEU H 2124 -3.32 83.89 5.24
C LEU H 2124 -4.06 83.60 3.94
N LEU H 2125 -3.52 82.71 3.12
CA LEU H 2125 -4.16 82.40 1.85
C LEU H 2125 -5.55 81.81 2.05
N HIS H 2126 -5.69 80.92 3.04
CA HIS H 2126 -6.99 80.35 3.31
C HIS H 2126 -7.98 81.41 3.74
N ARG H 2127 -7.55 82.34 4.62
CA ARG H 2127 -8.44 83.40 5.03
C ARG H 2127 -8.87 84.25 3.85
N GLN H 2128 -7.96 84.54 2.92
CA GLN H 2128 -8.35 85.32 1.75
C GLN H 2128 -9.36 84.58 0.89
N TYR H 2129 -9.16 83.28 0.67
CA TYR H 2129 -10.05 82.58 -0.25
C TYR H 2129 -11.42 82.31 0.36
N ASP H 2130 -11.49 82.00 1.66
CA ASP H 2130 -12.75 81.73 2.34
C ASP H 2130 -13.00 82.85 3.34
N GLY H 2131 -13.58 83.96 2.86
CA GLY H 2131 -13.84 85.08 3.74
C GLY H 2131 -15.15 84.97 4.49
N LEU H 2132 -16.14 84.32 3.90
CA LEU H 2132 -17.41 84.12 4.58
C LEU H 2132 -17.28 83.06 5.68
N GLY H 2133 -16.45 82.04 5.44
CA GLY H 2133 -16.22 81.05 6.48
C GLY H 2133 -15.53 81.62 7.69
N GLU H 2134 -14.61 82.56 7.49
CA GLU H 2134 -13.97 83.22 8.62
C GLU H 2134 -14.99 83.99 9.45
N LEU H 2135 -15.89 84.70 8.80
CA LEU H 2135 -16.95 85.40 9.53
C LEU H 2135 -17.84 84.41 10.26
N LEU H 2136 -18.16 83.29 9.61
CA LEU H 2136 -19.02 82.29 10.24
C LEU H 2136 -18.39 81.71 11.49
N ARG H 2137 -17.09 81.41 11.44
CA ARG H 2137 -16.39 80.87 12.59
C ARG H 2137 -16.08 81.93 13.64
N ALA H 2138 -16.10 83.21 13.28
CA ALA H 2138 -15.88 84.28 14.25
C ALA H 2138 -17.14 84.71 14.97
N LEU H 2139 -18.30 84.62 14.34
CA LEU H 2139 -19.53 85.12 14.96
C LEU H 2139 -19.81 84.50 16.33
N PRO H 2140 -19.58 83.21 16.56
CA PRO H 2140 -19.86 82.66 17.89
C PRO H 2140 -19.23 83.44 19.04
N ARG H 2141 -18.17 84.20 18.75
CA ARG H 2141 -17.48 84.99 19.75
C ARG H 2141 -17.91 86.45 19.73
N ALA H 2142 -18.94 86.80 18.97
CA ALA H 2142 -19.48 88.15 18.96
C ALA H 2142 -20.68 88.25 19.89
N TYR H 2143 -20.89 89.44 20.43
CA TYR H 2143 -21.92 89.64 21.45
C TYR H 2143 -22.20 91.12 21.58
N THR H 2144 -23.47 91.50 21.59
CA THR H 2144 -23.86 92.89 21.76
C THR H 2144 -24.38 93.11 23.17
N ILE H 2145 -24.03 94.26 23.75
CA ILE H 2145 -24.46 94.63 25.10
C ILE H 2145 -25.03 96.03 25.06
N SER H 2146 -25.82 96.35 26.08
CA SER H 2146 -26.35 97.69 26.22
C SER H 2146 -25.28 98.64 26.70
N VAL H 2147 -25.55 99.94 26.57
CA VAL H 2147 -24.58 100.93 27.00
C VAL H 2147 -24.40 100.93 28.51
N SER H 2148 -25.44 100.53 29.26
CA SER H 2148 -25.37 100.55 30.71
C SER H 2148 -24.54 99.42 31.29
N SER H 2149 -24.14 98.44 30.48
CA SER H 2149 -23.34 97.32 30.94
C SER H 2149 -21.86 97.46 30.62
N VAL H 2150 -21.46 98.57 30.00
CA VAL H 2150 -20.12 98.68 29.46
C VAL H 2150 -19.07 98.70 30.56
N GLU H 2151 -19.31 99.50 31.61
CA GLU H 2151 -18.32 99.62 32.67
C GLU H 2151 -18.11 98.30 33.38
N ASP H 2152 -19.20 97.62 33.73
CA ASP H 2152 -19.09 96.33 34.39
C ASP H 2152 -18.47 95.28 33.49
N THR H 2153 -18.77 95.33 32.19
CA THR H 2153 -18.13 94.40 31.26
C THR H 2153 -16.64 94.66 31.18
N MET H 2154 -16.22 95.92 31.21
CA MET H 2154 -14.79 96.22 31.21
C MET H 2154 -14.10 95.69 32.45
N SER H 2155 -14.73 95.86 33.62
CA SER H 2155 -14.14 95.32 34.84
C SER H 2155 -14.03 93.79 34.76
N LEU H 2156 -15.09 93.15 34.28
CA LEU H 2156 -15.07 91.69 34.13
C LEU H 2156 -13.98 91.27 33.14
N LEU H 2157 -13.79 92.03 32.06
CA LEU H 2157 -12.75 91.71 31.10
C LEU H 2157 -11.37 91.84 31.71
N GLU H 2158 -11.16 92.84 32.56
CA GLU H 2158 -9.87 92.94 33.24
C GLU H 2158 -9.62 91.74 34.14
N CYS H 2159 -10.64 91.33 34.90
CA CYS H 2159 -10.48 90.17 35.78
C CYS H 2159 -10.20 88.91 34.97
N LEU H 2160 -10.92 88.73 33.86
CA LEU H 2160 -10.69 87.57 33.02
C LEU H 2160 -9.30 87.61 32.39
N GLY H 2161 -8.82 88.82 32.07
CA GLY H 2161 -7.46 88.93 31.56
C GLY H 2161 -6.44 88.49 32.59
N GLN H 2162 -6.62 88.85 33.84
CA GLN H 2162 -5.71 88.37 34.88
C GLN H 2162 -5.76 86.85 34.99
N ILE H 2163 -6.97 86.29 35.01
CA ILE H 2163 -7.09 84.84 35.12
C ILE H 2163 -6.40 84.16 33.95
N ARG H 2164 -6.61 84.67 32.74
CA ARG H 2164 -5.97 84.09 31.57
C ARG H 2164 -4.45 84.21 31.64
N SER H 2165 -3.95 85.34 32.12
CA SER H 2165 -2.52 85.50 32.29
C SER H 2165 -1.94 84.48 33.26
N LEU H 2166 -2.74 84.03 34.22
CA LEU H 2166 -2.26 83.03 35.17
C LEU H 2166 -2.18 81.62 34.58
N LEU H 2167 -2.42 81.46 33.28
CA LEU H 2167 -2.34 80.14 32.65
C LEU H 2167 -0.94 79.76 32.22
N ILE H 2168 0.02 80.70 32.24
CA ILE H 2168 1.36 80.46 31.73
C ILE H 2168 2.41 80.55 32.83
N VAL H 2169 2.01 80.47 34.09
CA VAL H 2169 2.93 80.58 35.21
C VAL H 2169 2.60 79.49 36.22
N GLN H 2170 3.64 78.85 36.75
CA GLN H 2170 3.43 77.89 37.83
C GLN H 2170 2.78 78.58 39.02
N MET H 2171 1.77 77.94 39.59
CA MET H 2171 1.01 78.54 40.67
C MET H 2171 1.90 78.71 41.90
N GLY H 2172 1.76 79.87 42.55
CA GLY H 2172 2.44 80.16 43.79
C GLY H 2172 1.51 80.92 44.71
N PRO H 2173 2.04 81.44 45.83
CA PRO H 2173 1.17 82.20 46.74
C PRO H 2173 0.59 83.46 46.12
N GLN H 2174 1.41 84.26 45.45
CA GLN H 2174 0.90 85.49 44.84
C GLN H 2174 -0.11 85.18 43.75
N GLU H 2175 0.18 84.18 42.91
CA GLU H 2175 -0.75 83.80 41.86
C GLU H 2175 -2.05 83.29 42.45
N GLU H 2176 -1.97 82.52 43.54
CA GLU H 2176 -3.17 82.02 44.20
C GLU H 2176 -4.02 83.19 44.70
N ASN H 2177 -3.39 84.16 45.34
CA ASN H 2177 -4.15 85.31 45.83
C ASN H 2177 -4.79 86.08 44.68
N LEU H 2178 -4.05 86.28 43.60
CA LEU H 2178 -4.60 86.99 42.45
C LEU H 2178 -5.78 86.24 41.87
N MET H 2179 -5.67 84.92 41.74
CA MET H 2179 -6.75 84.12 41.20
C MET H 2179 -7.99 84.21 42.08
N ILE H 2180 -7.81 84.10 43.40
CA ILE H 2180 -8.96 84.17 44.29
C ILE H 2180 -9.62 85.53 44.21
N GLN H 2181 -8.83 86.61 44.18
CA GLN H 2181 -9.41 87.94 44.08
C GLN H 2181 -10.18 88.12 42.78
N SER H 2182 -9.60 87.65 41.67
CA SER H 2182 -10.28 87.80 40.38
C SER H 2182 -11.59 87.02 40.35
N ILE H 2183 -11.58 85.81 40.91
CA ILE H 2183 -12.80 85.02 40.97
C ILE H 2183 -13.85 85.72 41.81
N GLY H 2184 -13.46 86.27 42.94
CA GLY H 2184 -14.40 87.00 43.76
C GLY H 2184 -15.00 88.19 43.02
N ASN H 2185 -14.17 88.96 42.33
CA ASN H 2185 -14.67 90.10 41.59
C ASN H 2185 -15.64 89.67 40.49
N ILE H 2186 -15.30 88.60 39.77
CA ILE H 2186 -16.19 88.15 38.71
C ILE H 2186 -17.52 87.70 39.29
N MET H 2187 -17.50 86.95 40.39
CA MET H 2187 -18.74 86.49 41.00
C MET H 2187 -19.54 87.61 41.62
N ASN H 2188 -18.91 88.75 41.93
CA ASN H 2188 -19.64 89.91 42.43
C ASN H 2188 -20.07 90.86 41.32
N ASN H 2189 -19.58 90.66 40.09
CA ASN H 2189 -19.97 91.46 38.95
C ASN H 2189 -21.35 91.03 38.45
N LYS H 2190 -22.18 92.00 38.08
CA LYS H 2190 -23.53 91.68 37.61
C LYS H 2190 -23.51 91.01 36.25
N VAL H 2191 -22.61 91.45 35.36
CA VAL H 2191 -22.59 90.91 34.01
C VAL H 2191 -22.36 89.40 34.04
N PHE H 2192 -21.77 88.89 35.11
CA PHE H 2192 -21.58 87.45 35.23
C PHE H 2192 -22.92 86.73 35.24
N TYR H 2193 -23.90 87.28 35.95
CA TYR H 2193 -25.20 86.64 36.09
C TYR H 2193 -26.14 86.93 34.93
N GLN H 2194 -26.08 88.14 34.37
CA GLN H 2194 -27.07 88.54 33.37
C GLN H 2194 -26.70 88.06 31.98
N HIS H 2195 -25.44 87.69 31.75
CA HIS H 2195 -24.96 87.32 30.41
C HIS H 2195 -24.18 86.02 30.48
N PRO H 2196 -24.84 84.94 30.90
CA PRO H 2196 -24.18 83.63 30.89
C PRO H 2196 -23.74 83.20 29.51
N ASN H 2197 -24.47 83.58 28.47
CA ASN H 2197 -24.02 83.27 27.11
C ASN H 2197 -22.72 84.01 26.79
N LEU H 2198 -22.59 85.25 27.24
CA LEU H 2198 -21.32 85.95 27.07
C LEU H 2198 -20.20 85.26 27.83
N MET H 2199 -20.47 84.81 29.06
CA MET H 2199 -19.46 84.09 29.81
C MET H 2199 -19.01 82.83 29.08
N ARG H 2200 -19.97 82.07 28.56
CA ARG H 2200 -19.63 80.87 27.80
C ARG H 2200 -18.84 81.20 26.54
N ALA H 2201 -19.22 82.25 25.82
CA ALA H 2201 -18.49 82.64 24.62
C ALA H 2201 -17.06 83.03 24.96
N LEU H 2202 -16.86 83.74 26.07
CA LEU H 2202 -15.52 84.07 26.54
C LEU H 2202 -14.76 82.85 27.03
N GLY H 2203 -15.45 81.78 27.39
CA GLY H 2203 -14.76 80.59 27.84
C GLY H 2203 -14.22 80.68 29.25
N MET H 2204 -14.88 81.45 30.11
CA MET H 2204 -14.42 81.61 31.48
C MET H 2204 -14.30 80.26 32.18
N HIS H 2205 -15.34 79.44 32.06
CA HIS H 2205 -15.36 78.18 32.79
C HIS H 2205 -14.21 77.29 32.39
N GLU H 2206 -13.90 77.24 31.09
CA GLU H 2206 -12.79 76.41 30.63
C GLU H 2206 -11.46 76.90 31.16
N THR H 2207 -11.24 78.22 31.19
CA THR H 2207 -9.98 78.73 31.72
C THR H 2207 -9.83 78.42 33.20
N VAL H 2208 -10.89 78.63 33.97
CA VAL H 2208 -10.82 78.34 35.40
C VAL H 2208 -10.58 76.86 35.63
N MET H 2209 -11.26 76.01 34.86
CA MET H 2209 -11.05 74.58 34.96
C MET H 2209 -9.61 74.20 34.63
N GLU H 2210 -9.04 74.83 33.61
CA GLU H 2210 -7.66 74.53 33.25
C GLU H 2210 -6.70 74.92 34.37
N VAL H 2211 -6.92 76.08 34.99
CA VAL H 2211 -6.06 76.48 36.10
C VAL H 2211 -6.16 75.48 37.24
N MET H 2212 -7.39 75.10 37.60
CA MET H 2212 -7.60 74.17 38.69
C MET H 2212 -6.93 72.84 38.41
N VAL H 2213 -7.10 72.32 37.18
CA VAL H 2213 -6.53 71.03 36.86
C VAL H 2213 -5.03 71.09 36.80
N ASN H 2214 -4.46 72.22 36.34
CA ASN H 2214 -3.02 72.38 36.39
C ASN H 2214 -2.51 72.21 37.81
N VAL H 2215 -3.08 72.95 38.77
CA VAL H 2215 -2.57 72.82 40.12
C VAL H 2215 -2.83 71.43 40.70
N LEU H 2216 -3.96 70.81 40.34
CA LEU H 2216 -4.25 69.48 40.87
C LEU H 2216 -3.27 68.45 40.33
N GLY H 2217 -3.09 68.41 39.01
CA GLY H 2217 -2.19 67.44 38.41
C GLY H 2217 -0.76 67.65 38.85
N GLY H 2218 -0.31 68.90 38.97
CA GLY H 2218 1.03 69.15 39.45
C GLY H 2218 1.26 68.49 40.79
N GLY H 2219 2.09 67.45 40.82
CA GLY H 2219 2.29 66.68 42.03
C GLY H 2219 1.02 65.98 42.49
N GLU H 2220 0.45 65.14 41.63
CA GLU H 2220 -0.80 64.48 41.96
C GLU H 2220 -0.65 63.58 43.18
N SER H 2221 0.46 62.85 43.26
CA SER H 2221 0.69 61.99 44.42
C SER H 2221 0.88 62.83 45.68
N LYS H 2222 1.64 63.91 45.58
CA LYS H 2222 1.86 64.79 46.72
C LYS H 2222 0.56 65.47 47.12
N GLU H 2223 0.40 65.73 48.42
CA GLU H 2223 -0.74 66.49 48.89
C GLU H 2223 -0.80 67.81 48.13
N ILE H 2224 -1.86 68.00 47.34
CA ILE H 2224 -1.93 69.16 46.45
C ILE H 2224 -1.80 70.43 47.28
N ARG H 2225 -1.04 71.40 46.76
CA ARG H 2225 -0.86 72.66 47.44
C ARG H 2225 -1.98 73.63 47.02
N PHE H 2226 -2.06 74.76 47.72
CA PHE H 2226 -3.05 75.79 47.44
C PHE H 2226 -4.46 75.21 47.48
N PRO H 2227 -4.87 74.61 48.60
CA PRO H 2227 -6.26 74.12 48.69
C PRO H 2227 -7.28 75.22 48.50
N LYS H 2228 -7.00 76.42 48.98
CA LYS H 2228 -7.97 77.50 48.89
C LYS H 2228 -8.29 77.84 47.45
N MET H 2229 -7.31 77.72 46.55
CA MET H 2229 -7.56 78.07 45.17
C MET H 2229 -8.54 77.07 44.54
N VAL H 2230 -8.39 75.78 44.85
CA VAL H 2230 -9.32 74.78 44.31
C VAL H 2230 -10.71 74.96 44.91
N THR H 2231 -10.76 75.31 46.19
CA THR H 2231 -12.05 75.58 46.82
C THR H 2231 -12.74 76.73 46.10
N SER H 2232 -12.01 77.80 45.81
CA SER H 2232 -12.58 78.86 44.99
C SER H 2232 -12.91 78.38 43.59
N CYS H 2233 -12.17 77.39 43.09
CA CYS H 2233 -12.37 76.93 41.72
C CYS H 2233 -13.73 76.29 41.55
N CYS H 2234 -14.17 75.39 42.45
CA CYS H 2234 -15.64 75.40 42.48
C CYS H 2234 -16.26 76.73 42.77
N ARG H 2235 -16.14 77.29 43.96
CA ARG H 2235 -17.19 78.22 44.35
C ARG H 2235 -17.66 78.91 43.08
N PHE H 2236 -16.67 79.35 42.28
CA PHE H 2236 -16.95 79.88 40.94
C PHE H 2236 -17.67 78.87 40.05
N LEU H 2237 -17.01 77.76 39.67
CA LEU H 2237 -17.59 76.86 38.68
C LEU H 2237 -18.83 76.16 39.19
N CYS H 2238 -18.78 75.73 40.45
CA CYS H 2238 -19.89 75.01 41.05
C CYS H 2238 -21.10 75.96 41.18
N TYR H 2239 -20.88 77.29 41.06
CA TYR H 2239 -21.98 78.25 40.91
C TYR H 2239 -22.33 78.49 39.43
N PHE H 2240 -21.30 78.49 38.58
CA PHE H 2240 -21.49 78.70 37.15
C PHE H 2240 -22.48 77.69 36.61
N CYS H 2241 -22.41 76.46 37.09
CA CYS H 2241 -23.38 75.45 36.67
C CYS H 2241 -24.80 75.86 37.04
N ARG H 2242 -24.99 76.45 38.21
CA ARG H 2242 -26.31 76.82 38.68
C ARG H 2242 -26.87 78.06 38.01
N ILE H 2243 -26.01 78.90 37.42
CA ILE H 2243 -26.52 80.14 36.84
C ILE H 2243 -27.55 79.85 35.76
N SER H 2244 -27.27 78.90 34.85
CA SER H 2244 -28.18 78.63 33.76
C SER H 2244 -28.02 77.20 33.26
N ARG H 2245 -29.04 76.70 32.58
CA ARG H 2245 -29.04 75.32 32.09
C ARG H 2245 -27.97 75.12 31.02
N GLN H 2246 -27.80 76.09 30.13
CA GLN H 2246 -26.76 75.97 29.11
C GLN H 2246 -25.38 75.95 29.74
N ASN H 2247 -25.18 76.74 30.80
CA ASN H 2247 -23.93 76.64 31.55
C ASN H 2247 -23.75 75.25 32.14
N GLN H 2248 -24.83 74.68 32.67
CA GLN H 2248 -24.77 73.33 33.21
C GLN H 2248 -24.39 72.33 32.14
N ARG H 2249 -24.98 72.46 30.95
CA ARG H 2249 -24.63 71.55 29.85
C ARG H 2249 -23.17 71.71 29.46
N SER H 2250 -22.70 72.95 29.37
CA SER H 2250 -21.32 73.18 28.99
C SER H 2250 -20.35 72.55 29.98
N MET H 2251 -20.66 72.66 31.27
CA MET H 2251 -19.80 72.01 32.28
C MET H 2251 -19.94 70.50 32.24
N PHE H 2252 -21.16 70.00 32.00
CA PHE H 2252 -21.39 68.56 31.89
C PHE H 2252 -20.56 67.96 30.76
N ASP H 2253 -20.30 68.75 29.71
CA ASP H 2253 -19.50 68.26 28.60
C ASP H 2253 -18.09 67.87 29.03
N HIS H 2254 -17.62 68.35 30.19
CA HIS H 2254 -16.30 68.01 30.70
C HIS H 2254 -16.36 67.05 31.88
N LEU H 2255 -17.39 66.20 31.95
CA LEU H 2255 -17.58 65.37 33.13
C LEU H 2255 -16.42 64.39 33.31
N SER H 2256 -15.98 63.75 32.23
CA SER H 2256 -14.90 62.78 32.35
C SER H 2256 -13.63 63.45 32.89
N TYR H 2257 -13.31 64.64 32.38
CA TYR H 2257 -12.17 65.38 32.86
C TYR H 2257 -12.26 65.59 34.37
N LEU H 2258 -13.40 66.12 34.84
CA LEU H 2258 -13.57 66.35 36.27
C LEU H 2258 -13.53 65.03 37.04
N LEU H 2259 -14.19 63.99 36.52
CA LEU H 2259 -14.15 62.70 37.19
C LEU H 2259 -12.73 62.12 37.16
N GLU H 2260 -11.98 62.40 36.09
CA GLU H 2260 -10.59 61.94 36.04
C GLU H 2260 -9.77 62.58 37.15
N ASN H 2261 -9.96 63.87 37.39
CA ASN H 2261 -9.19 64.59 38.39
C ASN H 2261 -9.84 64.57 39.78
N SER H 2262 -10.97 63.90 39.93
CA SER H 2262 -11.66 63.83 41.20
C SER H 2262 -11.12 62.73 42.11
N GLY H 2263 -10.14 61.94 41.66
CA GLY H 2263 -9.60 60.89 42.51
C GLY H 2263 -8.95 61.40 43.78
N ILE H 2264 -8.57 62.68 43.80
CA ILE H 2264 -7.92 63.28 44.97
C ILE H 2264 -8.86 64.32 45.56
N GLY H 2265 -8.69 64.62 46.85
CA GLY H 2265 -9.55 65.58 47.51
C GLY H 2265 -9.73 65.26 48.97
N LEU H 2266 -10.98 65.33 49.45
CA LEU H 2266 -11.29 65.01 50.84
C LEU H 2266 -10.59 65.98 51.77
N GLY H 2267 -9.27 65.90 51.86
CA GLY H 2267 -8.50 66.83 52.65
C GLY H 2267 -8.77 68.26 52.26
N MET H 2268 -9.40 68.45 51.10
CA MET H 2268 -9.87 69.77 50.72
C MET H 2268 -10.70 70.40 51.85
N GLN H 2269 -11.59 69.62 52.44
CA GLN H 2269 -12.53 70.14 53.43
C GLN H 2269 -13.27 71.36 52.88
N GLY H 2270 -13.56 71.30 51.58
CA GLY H 2270 -14.28 72.34 50.92
C GLY H 2270 -14.92 71.81 49.67
N SER H 2271 -15.07 72.69 48.68
CA SER H 2271 -15.62 72.25 47.40
C SER H 2271 -14.54 71.58 46.56
N THR H 2272 -14.95 70.65 45.71
CA THR H 2272 -14.01 69.81 44.99
C THR H 2272 -14.47 69.56 43.55
N PRO H 2273 -13.60 69.10 42.67
CA PRO H 2273 -14.04 68.76 41.31
C PRO H 2273 -15.14 67.73 41.30
N LEU H 2274 -15.23 66.85 42.29
CA LEU H 2274 -16.39 65.98 42.40
C LEU H 2274 -17.66 66.80 42.62
N ASP H 2275 -17.57 67.88 43.40
CA ASP H 2275 -18.71 68.76 43.55
C ASP H 2275 -19.05 69.47 42.24
N VAL H 2276 -18.04 69.84 41.46
CA VAL H 2276 -18.31 70.38 40.14
C VAL H 2276 -19.09 69.37 39.31
N ALA H 2277 -18.68 68.11 39.36
CA ALA H 2277 -19.35 67.06 38.56
C ALA H 2277 -20.82 66.95 38.98
N ALA H 2278 -21.09 66.95 40.28
CA ALA H 2278 -22.47 66.82 40.78
C ALA H 2278 -23.30 68.01 40.32
N ALA H 2279 -22.70 69.21 40.32
CA ALA H 2279 -23.43 70.43 39.94
C ALA H 2279 -23.87 70.32 38.48
N SER H 2280 -23.01 69.75 37.63
CA SER H 2280 -23.33 69.62 36.20
C SER H 2280 -24.57 68.73 35.98
N VAL H 2281 -24.70 67.63 36.72
CA VAL H 2281 -25.84 66.68 36.49
C VAL H 2281 -27.03 66.97 37.43
N ILE H 2282 -26.92 67.94 38.34
CA ILE H 2282 -27.99 68.11 39.38
C ILE H 2282 -29.35 68.50 38.78
N ASP H 2283 -30.43 67.95 39.32
CA ASP H 2283 -31.83 68.27 38.89
C ASP H 2283 -31.92 68.65 37.41
N ASN H 2284 -31.26 67.88 36.55
CA ASN H 2284 -31.35 68.12 35.10
C ASN H 2284 -31.64 66.78 34.46
N ASN H 2285 -32.90 66.55 34.10
CA ASN H 2285 -33.28 65.25 33.58
C ASN H 2285 -32.55 64.92 32.29
N GLU H 2286 -32.42 65.90 31.39
CA GLU H 2286 -31.76 65.65 30.12
C GLU H 2286 -30.32 65.21 30.33
N LEU H 2287 -29.59 65.90 31.21
CA LEU H 2287 -28.20 65.54 31.44
C LEU H 2287 -28.09 64.22 32.20
N ALA H 2288 -28.96 63.99 33.17
CA ALA H 2288 -28.94 62.72 33.90
C ALA H 2288 -29.16 61.55 32.95
N LEU H 2289 -30.01 61.75 31.94
CA LEU H 2289 -30.20 60.72 30.93
C LEU H 2289 -29.04 60.63 29.96
N ALA H 2290 -28.35 61.74 29.69
CA ALA H 2290 -27.17 61.73 28.84
C ALA H 2290 -25.93 61.17 29.54
N LEU H 2291 -26.00 60.93 30.85
CA LEU H 2291 -24.85 60.37 31.55
C LEU H 2291 -24.35 59.11 30.88
N GLN H 2292 -23.10 58.75 31.16
CA GLN H 2292 -22.46 57.61 30.51
C GLN H 2292 -22.11 56.52 31.51
N GLU H 2293 -22.33 55.28 31.07
CA GLU H 2293 -21.97 54.13 31.88
C GLU H 2293 -20.48 54.12 32.20
N GLN H 2294 -19.65 54.66 31.31
CA GLN H 2294 -18.23 54.74 31.61
C GLN H 2294 -17.97 55.64 32.82
N ASP H 2295 -18.63 56.79 32.87
CA ASP H 2295 -18.46 57.68 34.01
C ASP H 2295 -18.97 57.04 35.30
N LEU H 2296 -20.13 56.38 35.23
CA LEU H 2296 -20.64 55.72 36.42
C LEU H 2296 -19.68 54.61 36.87
N GLU H 2297 -19.10 53.87 35.93
CA GLU H 2297 -18.15 52.82 36.29
C GLU H 2297 -16.89 53.43 36.91
N LYS H 2298 -16.44 54.57 36.41
CA LYS H 2298 -15.30 55.24 37.02
C LYS H 2298 -15.59 55.60 38.47
N VAL H 2299 -16.75 56.18 38.74
CA VAL H 2299 -17.09 56.56 40.10
C VAL H 2299 -17.20 55.32 40.98
N VAL H 2300 -17.79 54.24 40.45
CA VAL H 2300 -17.94 53.03 41.24
C VAL H 2300 -16.58 52.41 41.54
N SER H 2301 -15.64 52.50 40.60
CA SER H 2301 -14.29 52.01 40.86
C SER H 2301 -13.60 52.81 41.95
N TYR H 2302 -13.77 54.14 41.92
CA TYR H 2302 -13.25 54.95 43.02
C TYR H 2302 -13.86 54.51 44.35
N LEU H 2303 -15.16 54.24 44.36
CA LEU H 2303 -15.81 53.82 45.60
C LEU H 2303 -15.27 52.48 46.07
N ALA H 2304 -15.00 51.56 45.14
CA ALA H 2304 -14.41 50.27 45.52
C ALA H 2304 -13.04 50.48 46.15
N GLY H 2305 -12.23 51.36 45.56
CA GLY H 2305 -10.95 51.68 46.16
C GLY H 2305 -11.10 52.21 47.57
N CYS H 2306 -12.05 53.13 47.76
CA CYS H 2306 -12.29 53.70 49.09
C CYS H 2306 -12.75 52.65 50.08
N GLY H 2307 -13.53 51.67 49.64
CA GLY H 2307 -13.98 50.60 50.49
C GLY H 2307 -12.93 49.55 50.78
N LEU H 2308 -11.86 49.49 50.00
CA LEU H 2308 -10.80 48.52 50.23
C LEU H 2308 -9.55 49.09 50.90
N GLN H 2309 -9.27 50.39 50.80
CA GLN H 2309 -8.02 50.94 51.31
C GLN H 2309 -8.29 52.09 52.27
N SER H 2310 -7.38 52.26 53.21
CA SER H 2310 -7.47 53.34 54.18
C SER H 2310 -6.94 54.64 53.60
N CYS H 2311 -7.25 55.74 54.27
CA CYS H 2311 -6.87 57.05 53.77
C CYS H 2311 -5.43 57.34 54.17
N PRO H 2312 -4.50 57.50 53.21
CA PRO H 2312 -3.11 57.78 53.60
C PRO H 2312 -2.96 59.04 54.42
N MET H 2313 -3.75 60.07 54.12
CA MET H 2313 -3.66 61.31 54.88
C MET H 2313 -4.04 61.10 56.33
N LEU H 2314 -5.13 60.36 56.57
CA LEU H 2314 -5.51 60.06 57.94
C LEU H 2314 -4.45 59.22 58.64
N LEU H 2315 -3.90 58.23 57.94
CA LEU H 2315 -2.85 57.43 58.56
C LEU H 2315 -1.66 58.31 58.95
N ALA H 2316 -1.27 59.23 58.09
CA ALA H 2316 -0.18 60.15 58.41
C ALA H 2316 -0.52 61.01 59.61
N LYS H 2317 -1.74 61.55 59.63
CA LYS H 2317 -2.17 62.40 60.73
C LYS H 2317 -2.23 61.62 62.03
N GLY H 2318 -2.27 60.29 61.94
CA GLY H 2318 -2.16 59.44 63.10
C GLY H 2318 -3.42 58.71 63.50
N TYR H 2319 -4.45 58.71 62.65
CA TYR H 2319 -5.67 57.98 62.97
C TYR H 2319 -5.41 56.48 62.96
N PRO H 2320 -6.21 55.70 63.68
CA PRO H 2320 -6.10 54.25 63.57
C PRO H 2320 -6.36 53.79 62.15
N ASP H 2321 -5.86 52.60 61.83
CA ASP H 2321 -6.04 52.00 60.52
C ASP H 2321 -7.23 51.05 60.59
N ILE H 2322 -8.41 51.57 60.22
CA ILE H 2322 -9.61 50.73 60.22
C ILE H 2322 -9.67 49.85 58.99
N GLY H 2323 -8.92 50.17 57.94
CA GLY H 2323 -8.86 49.34 56.75
C GLY H 2323 -9.69 49.81 55.58
N TRP H 2324 -10.35 50.96 55.68
CA TRP H 2324 -11.08 51.50 54.54
C TRP H 2324 -11.29 52.99 54.75
N ASN H 2325 -11.94 53.62 53.76
CA ASN H 2325 -12.00 55.07 53.67
C ASN H 2325 -13.46 55.53 53.63
N PRO H 2326 -14.15 55.56 54.78
CA PRO H 2326 -15.55 55.99 54.76
C PRO H 2326 -15.73 57.40 54.26
N CYS H 2327 -14.78 58.30 54.53
CA CYS H 2327 -14.94 59.69 54.15
C CYS H 2327 -14.99 59.86 52.65
N GLY H 2328 -14.06 59.21 51.93
CA GLY H 2328 -14.10 59.26 50.47
C GLY H 2328 -15.28 58.50 49.90
N GLY H 2329 -15.60 57.35 50.51
CA GLY H 2329 -16.75 56.59 50.06
C GLY H 2329 -18.01 57.43 50.11
N GLU H 2330 -18.15 58.26 51.14
CA GLU H 2330 -19.33 59.09 51.26
C GLU H 2330 -19.41 60.09 50.12
N ARG H 2331 -18.28 60.70 49.74
CA ARG H 2331 -18.30 61.65 48.63
C ARG H 2331 -18.74 60.97 47.33
N TYR H 2332 -18.20 59.78 47.06
CA TYR H 2332 -18.56 59.11 45.82
C TYR H 2332 -20.03 58.69 45.82
N LEU H 2333 -20.50 58.14 46.94
CA LEU H 2333 -21.93 57.77 47.04
C LEU H 2333 -22.77 59.02 46.75
N ASP H 2334 -22.34 60.18 47.24
CA ASP H 2334 -23.12 61.43 47.08
C ASP H 2334 -23.26 61.82 45.60
N PHE H 2335 -22.19 61.69 44.81
CA PHE H 2335 -22.29 62.01 43.37
C PHE H 2335 -23.29 61.07 42.71
N LEU H 2336 -23.24 59.79 43.09
CA LEU H 2336 -24.14 58.78 42.50
C LEU H 2336 -25.60 59.15 42.85
N ARG H 2337 -25.85 59.64 44.06
CA ARG H 2337 -27.24 59.91 44.47
C ARG H 2337 -27.85 60.95 43.53
N PHE H 2338 -27.07 61.98 43.19
CA PHE H 2338 -27.58 63.04 42.28
C PHE H 2338 -27.89 62.44 40.91
N ALA H 2339 -27.02 61.57 40.40
CA ALA H 2339 -27.29 60.91 39.10
C ALA H 2339 -28.53 60.02 39.11
N VAL H 2340 -28.69 59.19 40.14
CA VAL H 2340 -29.86 58.25 40.24
C VAL H 2340 -31.19 58.98 40.41
N PHE H 2341 -31.24 60.05 41.20
CA PHE H 2341 -32.55 60.71 41.50
C PHE H 2341 -32.55 62.12 40.98
N VAL H 2342 -33.53 62.46 40.17
CA VAL H 2342 -33.67 63.86 39.66
C VAL H 2342 -35.09 64.35 39.96
N ASN H 2343 -35.24 65.55 40.50
CA ASN H 2343 -36.59 66.14 40.74
C ASN H 2343 -37.49 65.17 41.50
N GLY H 2344 -36.99 64.56 42.57
CA GLY H 2344 -37.84 63.75 43.42
C GLY H 2344 -38.31 62.46 42.79
N GLU H 2345 -37.65 62.00 41.74
CA GLU H 2345 -38.01 60.74 41.10
C GLU H 2345 -36.73 60.03 40.68
N SER H 2346 -36.79 58.71 40.66
CA SER H 2346 -35.62 57.91 40.32
C SER H 2346 -35.49 57.78 38.80
N VAL H 2347 -34.27 57.96 38.30
CA VAL H 2347 -33.99 57.80 36.88
C VAL H 2347 -33.64 56.32 36.66
N GLU H 2348 -34.61 55.53 36.22
CA GLU H 2348 -34.43 54.09 36.13
C GLU H 2348 -33.17 53.73 35.34
N GLU H 2349 -32.92 54.44 34.24
CA GLU H 2349 -31.79 54.10 33.39
C GLU H 2349 -30.48 54.12 34.15
N ASN H 2350 -30.27 55.16 34.96
CA ASN H 2350 -29.05 55.26 35.77
C ASN H 2350 -29.12 54.37 37.00
N ALA H 2351 -30.30 54.22 37.61
CA ALA H 2351 -30.41 53.46 38.84
C ALA H 2351 -30.06 51.99 38.62
N ASN H 2352 -30.57 51.40 37.55
CA ASN H 2352 -30.27 50.00 37.29
C ASN H 2352 -28.79 49.79 37.05
N VAL H 2353 -28.18 50.68 36.26
CA VAL H 2353 -26.74 50.57 35.98
C VAL H 2353 -25.94 50.67 37.27
N VAL H 2354 -26.30 51.63 38.12
CA VAL H 2354 -25.56 51.84 39.36
C VAL H 2354 -25.68 50.62 40.26
N VAL H 2355 -26.89 50.07 40.37
CA VAL H 2355 -27.09 48.90 41.24
C VAL H 2355 -26.27 47.74 40.72
N ARG H 2356 -26.26 47.53 39.40
CA ARG H 2356 -25.51 46.40 38.85
C ARG H 2356 -24.01 46.58 39.08
N LEU H 2357 -23.49 47.80 38.89
CA LEU H 2357 -22.07 48.01 39.14
C LEU H 2357 -21.73 47.77 40.61
N LEU H 2358 -22.58 48.26 41.52
CA LEU H 2358 -22.29 48.08 42.94
C LEU H 2358 -22.29 46.60 43.31
N ILE H 2359 -23.25 45.83 42.82
CA ILE H 2359 -23.24 44.40 43.14
C ILE H 2359 -22.06 43.70 42.49
N ARG H 2360 -21.62 44.14 41.31
CA ARG H 2360 -20.44 43.54 40.70
C ARG H 2360 -19.16 43.87 41.44
N LYS H 2361 -19.14 44.93 42.23
CA LYS H 2361 -17.99 45.24 43.09
C LYS H 2361 -18.46 45.34 44.54
N PRO H 2362 -18.60 44.21 45.22
CA PRO H 2362 -19.19 44.21 46.56
C PRO H 2362 -18.42 45.01 47.60
N GLU H 2363 -17.14 45.28 47.34
CA GLU H 2363 -16.37 46.09 48.28
C GLU H 2363 -16.93 47.49 48.42
N CYS H 2364 -17.72 47.95 47.46
CA CYS H 2364 -18.36 49.26 47.52
C CYS H 2364 -19.42 49.36 48.61
N PHE H 2365 -19.82 48.24 49.21
CA PHE H 2365 -20.83 48.25 50.25
C PHE H 2365 -20.25 48.40 51.65
N GLY H 2366 -18.94 48.44 51.79
CA GLY H 2366 -18.32 48.57 53.08
C GLY H 2366 -18.12 47.22 53.74
N PRO H 2367 -17.21 47.13 54.71
CA PRO H 2367 -16.92 45.84 55.34
C PRO H 2367 -18.10 45.23 56.06
N ALA H 2368 -19.11 46.01 56.43
CA ALA H 2368 -20.25 45.48 57.16
C ALA H 2368 -21.13 44.60 56.29
N LEU H 2369 -21.40 45.03 55.06
CA LEU H 2369 -22.28 44.29 54.17
C LEU H 2369 -21.55 43.23 53.37
N ARG H 2370 -20.36 42.83 53.81
CA ARG H 2370 -19.66 41.73 53.16
C ARG H 2370 -20.40 40.42 53.42
N GLY H 2371 -20.35 39.53 52.42
CA GLY H 2371 -21.09 38.29 52.55
C GLY H 2371 -20.57 37.41 53.67
N GLU H 2372 -19.25 37.15 53.69
CA GLU H 2372 -18.70 36.18 54.61
C GLU H 2372 -18.53 36.73 56.01
N GLY H 2373 -17.69 37.74 56.17
CA GLY H 2373 -17.38 38.25 57.49
C GLY H 2373 -18.23 39.42 57.90
N GLY H 2374 -19.23 39.76 57.09
CA GLY H 2374 -20.05 40.92 57.40
C GLY H 2374 -20.79 40.74 58.71
N SER H 2375 -20.84 41.83 59.48
CA SER H 2375 -21.57 41.84 60.73
C SER H 2375 -23.00 42.35 60.59
N GLY H 2376 -23.36 42.88 59.43
CA GLY H 2376 -24.68 43.46 59.23
C GLY H 2376 -24.70 44.95 59.50
N LEU H 2377 -25.70 45.61 58.92
CA LEU H 2377 -25.78 47.06 59.03
C LEU H 2377 -26.01 47.51 60.47
N LEU H 2378 -26.90 46.83 61.20
CA LEU H 2378 -27.18 47.22 62.58
C LEU H 2378 -25.94 47.04 63.45
N ALA H 2379 -25.25 45.91 63.31
CA ALA H 2379 -24.04 45.70 64.08
C ALA H 2379 -22.99 46.74 63.71
N ALA H 2380 -22.89 47.09 62.43
CA ALA H 2380 -21.93 48.10 62.02
C ALA H 2380 -22.21 49.44 62.67
N ILE H 2381 -23.48 49.84 62.71
CA ILE H 2381 -23.82 51.13 63.32
C ILE H 2381 -23.56 51.10 64.82
N GLU H 2382 -23.89 49.99 65.47
CA GLU H 2382 -23.63 49.91 66.90
C GLU H 2382 -22.15 49.96 67.21
N GLU H 2383 -21.34 49.25 66.41
CA GLU H 2383 -19.89 49.30 66.59
C GLU H 2383 -19.37 50.71 66.33
N ALA H 2384 -19.94 51.42 65.36
CA ALA H 2384 -19.54 52.80 65.13
C ALA H 2384 -19.86 53.67 66.32
N ILE H 2385 -21.02 53.46 66.94
CA ILE H 2385 -21.36 54.22 68.14
C ILE H 2385 -20.35 53.95 69.24
N ARG H 2386 -19.99 52.69 69.44
CA ARG H 2386 -18.98 52.38 70.45
C ARG H 2386 -17.65 53.03 70.13
N ILE H 2387 -17.25 53.02 68.86
CA ILE H 2387 -16.01 53.67 68.46
C ILE H 2387 -16.06 55.16 68.80
N SER H 2388 -17.18 55.80 68.49
CA SER H 2388 -17.31 57.23 68.80
C SER H 2388 -17.20 57.47 70.30
N GLU H 2389 -17.85 56.62 71.10
CA GLU H 2389 -17.79 56.81 72.55
C GLU H 2389 -16.38 56.60 73.08
N ASP H 2390 -15.62 55.69 72.49
CA ASP H 2390 -14.29 55.36 72.98
C ASP H 2390 -13.24 56.16 72.21
N PRO H 2391 -12.50 57.07 72.86
CA PRO H 2391 -11.36 57.70 72.18
C PRO H 2391 -10.23 56.70 71.96
N ALA H 2392 -9.21 57.11 71.21
CA ALA H 2392 -8.08 56.24 70.87
C ALA H 2392 -8.48 55.21 69.83
N ARG H 2393 -9.77 55.18 69.48
CA ARG H 2393 -10.25 54.45 68.32
C ARG H 2393 -11.07 55.32 67.39
N ASP H 2394 -11.54 56.47 67.87
CA ASP H 2394 -12.30 57.41 67.05
C ASP H 2394 -11.40 58.44 66.39
N GLY H 2395 -10.22 58.69 66.93
CA GLY H 2395 -9.30 59.64 66.36
C GLY H 2395 -7.87 59.40 66.81
N PRO H 2396 -6.96 60.30 66.44
CA PRO H 2396 -5.55 60.12 66.83
C PRO H 2396 -5.35 60.10 68.33
N GLY H 2397 -6.17 60.84 69.08
CA GLY H 2397 -6.01 60.91 70.52
C GLY H 2397 -4.72 61.55 70.95
N VAL H 2398 -4.34 62.64 70.28
CA VAL H 2398 -3.09 63.34 70.56
C VAL H 2398 -3.37 64.66 71.29
N PRO H 2411 -6.01 70.67 66.65
CA PRO H 2411 -7.26 70.15 66.08
C PRO H 2411 -8.22 71.29 65.68
N PRO H 2412 -8.05 71.83 64.47
CA PRO H 2412 -8.87 72.98 64.06
C PRO H 2412 -10.37 72.74 64.17
N GLU H 2413 -10.88 71.70 63.49
CA GLU H 2413 -12.31 71.39 63.53
C GLU H 2413 -12.60 70.33 64.60
N GLU H 2414 -12.10 70.59 65.81
CA GLU H 2414 -12.28 69.68 66.92
C GLU H 2414 -11.91 68.26 66.50
N ASN H 2415 -10.66 68.05 66.12
CA ASN H 2415 -10.13 66.76 65.67
C ASN H 2415 -10.53 66.43 64.24
N ARG H 2416 -10.99 67.41 63.45
CA ARG H 2416 -11.35 67.13 62.07
C ARG H 2416 -12.27 65.92 61.95
N VAL H 2417 -11.73 64.77 61.57
CA VAL H 2417 -12.57 63.60 61.26
C VAL H 2417 -12.73 62.74 62.50
N HIS H 2418 -13.95 62.28 62.73
CA HIS H 2418 -14.26 61.33 63.79
C HIS H 2418 -14.66 60.02 63.09
N LEU H 2419 -13.98 58.93 63.45
CA LEU H 2419 -14.15 57.70 62.68
C LEU H 2419 -15.54 57.09 62.88
N GLY H 2420 -16.08 57.15 64.09
CA GLY H 2420 -17.40 56.61 64.31
C GLY H 2420 -18.44 57.30 63.46
N HIS H 2421 -18.40 58.64 63.50
CA HIS H 2421 -19.33 59.41 62.68
C HIS H 2421 -19.10 59.17 61.20
N ALA H 2422 -17.84 59.02 60.80
CA ALA H 2422 -17.55 58.77 59.39
C ALA H 2422 -18.15 57.45 58.93
N ILE H 2423 -18.02 56.41 59.75
CA ILE H 2423 -18.58 55.11 59.40
C ILE H 2423 -20.10 55.20 59.30
N MET H 2424 -20.72 55.82 60.30
CA MET H 2424 -22.18 55.95 60.28
C MET H 2424 -22.62 56.74 59.06
N SER H 2425 -21.90 57.81 58.72
CA SER H 2425 -22.27 58.62 57.57
C SER H 2425 -22.12 57.84 56.27
N PHE H 2426 -21.06 57.04 56.15
CA PHE H 2426 -20.90 56.22 54.95
C PHE H 2426 -22.08 55.28 54.79
N TYR H 2427 -22.46 54.58 55.86
CA TYR H 2427 -23.54 53.61 55.73
C TYR H 2427 -24.87 54.31 55.48
N ALA H 2428 -25.07 55.48 56.10
CA ALA H 2428 -26.28 56.24 55.83
C ALA H 2428 -26.34 56.67 54.37
N ALA H 2429 -25.22 57.12 53.83
CA ALA H 2429 -25.19 57.54 52.43
C ALA H 2429 -25.44 56.35 51.50
N LEU H 2430 -24.88 55.20 51.82
CA LEU H 2430 -25.12 54.01 51.00
C LEU H 2430 -26.58 53.61 51.02
N ILE H 2431 -27.20 53.60 52.20
CA ILE H 2431 -28.62 53.24 52.27
C ILE H 2431 -29.46 54.28 51.54
N ASP H 2432 -29.10 55.55 51.65
CA ASP H 2432 -29.82 56.59 50.92
C ASP H 2432 -29.72 56.36 49.42
N LEU H 2433 -28.52 56.04 48.93
CA LEU H 2433 -28.34 55.82 47.50
C LEU H 2433 -29.16 54.63 47.03
N LEU H 2434 -29.16 53.54 47.80
CA LEU H 2434 -29.95 52.38 47.40
C LEU H 2434 -31.44 52.67 47.43
N GLY H 2435 -31.92 53.37 48.45
CA GLY H 2435 -33.31 53.75 48.48
C GLY H 2435 -33.72 54.59 47.29
N ARG H 2436 -32.84 55.51 46.89
CA ARG H 2436 -33.11 56.34 45.73
C ARG H 2436 -33.00 55.56 44.42
N CYS H 2437 -32.21 54.50 44.38
CA CYS H 2437 -32.17 53.62 43.22
C CYS H 2437 -33.40 52.71 43.15
N ALA H 2438 -34.12 52.57 44.24
CA ALA H 2438 -35.31 51.72 44.23
C ALA H 2438 -36.31 52.21 43.18
N PRO H 2439 -37.05 51.32 42.54
CA PRO H 2439 -37.94 51.75 41.44
C PRO H 2439 -39.15 52.51 41.95
N GLU H 2440 -39.89 53.08 40.99
CA GLU H 2440 -41.07 53.86 41.32
C GLU H 2440 -42.31 52.99 41.45
N THR H 2441 -43.29 53.50 42.20
CA THR H 2441 -44.47 52.73 42.50
C THR H 2441 -45.28 52.46 41.23
N HIS H 2442 -45.31 53.40 40.30
CA HIS H 2442 -46.09 53.17 39.08
C HIS H 2442 -45.48 52.04 38.25
N LEU H 2443 -44.15 51.97 38.17
CA LEU H 2443 -43.52 50.85 37.50
C LEU H 2443 -43.83 49.55 38.22
N ILE H 2444 -43.78 49.56 39.56
CA ILE H 2444 -44.10 48.35 40.30
C ILE H 2444 -45.54 47.91 40.02
N GLN H 2445 -46.48 48.86 40.00
CA GLN H 2445 -47.87 48.53 39.74
C GLN H 2445 -48.04 47.95 38.34
N ALA H 2446 -47.37 48.55 37.35
CA ALA H 2446 -47.37 47.99 36.01
C ALA H 2446 -46.65 46.66 35.95
N GLY H 2447 -45.93 46.29 37.00
CA GLY H 2447 -45.32 44.98 37.07
C GLY H 2447 -44.18 44.78 36.09
N LYS H 2448 -43.34 45.79 35.92
CA LYS H 2448 -42.18 45.64 35.04
C LYS H 2448 -41.20 44.64 35.65
N GLY H 2449 -40.73 43.71 34.81
CA GLY H 2449 -39.81 42.70 35.30
C GLY H 2449 -38.53 43.29 35.84
N GLU H 2450 -37.98 44.28 35.13
CA GLU H 2450 -36.74 44.89 35.58
C GLU H 2450 -36.93 45.61 36.91
N ALA H 2451 -38.03 46.35 37.06
CA ALA H 2451 -38.30 47.04 38.32
C ALA H 2451 -38.43 46.05 39.46
N LEU H 2452 -39.18 44.97 39.23
CA LEU H 2452 -39.35 43.97 40.28
C LEU H 2452 -38.02 43.32 40.65
N ARG H 2453 -37.19 43.03 39.65
CA ARG H 2453 -35.88 42.43 39.92
C ARG H 2453 -35.00 43.37 40.73
N ILE H 2454 -34.99 44.66 40.37
CA ILE H 2454 -34.17 45.61 41.10
C ILE H 2454 -34.63 45.74 42.54
N ARG H 2455 -35.95 45.82 42.75
CA ARG H 2455 -36.45 45.90 44.12
C ARG H 2455 -36.11 44.65 44.92
N ALA H 2456 -36.20 43.47 44.29
CA ALA H 2456 -35.82 42.25 44.99
C ALA H 2456 -34.34 42.27 45.37
N ILE H 2457 -33.48 42.75 44.47
CA ILE H 2457 -32.06 42.82 44.77
C ILE H 2457 -31.82 43.74 45.96
N LEU H 2458 -32.46 44.90 45.98
CA LEU H 2458 -32.28 45.83 47.09
C LEU H 2458 -32.79 45.23 48.39
N ARG H 2459 -33.94 44.58 48.36
CA ARG H 2459 -34.47 43.92 49.55
C ARG H 2459 -33.52 42.85 50.06
N SER H 2460 -32.87 42.11 49.16
CA SER H 2460 -31.90 41.12 49.57
C SER H 2460 -30.65 41.75 50.16
N LEU H 2461 -30.22 42.91 49.64
CA LEU H 2461 -29.06 43.57 50.20
C LEU H 2461 -29.33 44.03 51.62
N VAL H 2462 -30.45 44.69 51.86
CA VAL H 2462 -30.71 45.32 53.16
C VAL H 2462 -31.88 44.62 53.83
N PRO H 2463 -31.68 43.94 54.96
CA PRO H 2463 -32.82 43.37 55.70
C PRO H 2463 -33.67 44.44 56.35
N LEU H 2464 -34.94 44.10 56.57
CA LEU H 2464 -35.87 45.04 57.19
C LEU H 2464 -35.61 45.18 58.68
N ASP H 2465 -35.23 44.09 59.34
CA ASP H 2465 -34.95 44.15 60.77
C ASP H 2465 -33.79 45.09 61.07
N ASP H 2466 -32.77 45.11 60.21
CA ASP H 2466 -31.66 46.03 60.42
C ASP H 2466 -32.12 47.48 60.31
N LEU H 2467 -32.96 47.79 59.33
CA LEU H 2467 -33.47 49.15 59.21
C LEU H 2467 -34.27 49.54 60.43
N VAL H 2468 -35.14 48.65 60.91
CA VAL H 2468 -35.94 48.95 62.08
C VAL H 2468 -35.04 49.12 63.30
N GLY H 2469 -34.00 48.30 63.42
CA GLY H 2469 -33.11 48.42 64.56
C GLY H 2469 -32.38 49.76 64.57
N ILE H 2470 -31.87 50.17 63.41
CA ILE H 2470 -31.19 51.45 63.34
C ILE H 2470 -32.16 52.58 63.65
N ILE H 2471 -33.37 52.51 63.11
CA ILE H 2471 -34.37 53.53 63.42
C ILE H 2471 -34.70 53.54 64.91
N SER H 2472 -34.60 52.40 65.57
CA SER H 2472 -34.90 52.30 66.99
C SER H 2472 -33.73 52.66 67.88
N LEU H 2473 -32.53 52.79 67.33
CA LEU H 2473 -31.39 53.14 68.16
C LEU H 2473 -31.63 54.49 68.82
N PRO H 2474 -31.26 54.66 70.08
CA PRO H 2474 -31.53 55.92 70.78
C PRO H 2474 -30.54 57.01 70.42
N LEU H 2475 -31.03 58.24 70.48
CA LEU H 2475 -30.21 59.43 70.24
C LEU H 2475 -29.90 60.11 71.57
N GLN H 2476 -28.76 60.78 71.61
CA GLN H 2476 -28.36 61.54 72.79
C GLN H 2476 -28.97 62.93 72.70
N ILE H 2477 -29.84 63.26 73.64
CA ILE H 2477 -30.57 64.52 73.60
C ILE H 2477 -29.90 65.53 74.52
N PRO H 2478 -29.97 66.82 74.23
CA PRO H 2478 -29.41 67.82 75.15
C PRO H 2478 -30.08 67.75 76.51
N THR H 2479 -29.30 67.94 77.57
CA THR H 2479 -29.81 67.89 78.93
C THR H 2479 -29.19 69.01 79.73
N LEU H 2480 -29.79 69.29 80.89
CA LEU H 2480 -29.33 70.31 81.81
C LEU H 2480 -28.78 69.63 83.05
N GLY H 2481 -27.45 69.64 83.20
CA GLY H 2481 -26.80 69.09 84.36
C GLY H 2481 -26.09 70.17 85.17
N LYS H 2482 -25.57 69.75 86.31
CA LYS H 2482 -24.88 70.65 87.24
C LYS H 2482 -25.80 71.84 87.52
N ASP H 2483 -25.41 73.04 87.10
CA ASP H 2483 -26.26 74.22 87.19
C ASP H 2483 -26.07 75.03 85.92
N GLY H 2484 -27.03 74.94 85.01
CA GLY H 2484 -26.90 75.62 83.73
C GLY H 2484 -25.94 74.96 82.77
N ALA H 2485 -25.55 73.71 83.03
CA ALA H 2485 -24.61 73.00 82.16
C ALA H 2485 -25.41 72.31 81.07
N LEU H 2486 -25.38 72.87 79.86
CA LEU H 2486 -26.01 72.24 78.71
C LEU H 2486 -25.09 71.15 78.20
N VAL H 2487 -25.45 69.89 78.44
CA VAL H 2487 -24.65 68.77 77.96
C VAL H 2487 -25.10 68.43 76.55
N GLN H 2488 -24.59 69.16 75.57
CA GLN H 2488 -25.01 68.95 74.19
C GLN H 2488 -24.12 67.90 73.54
N PRO H 2489 -24.71 66.96 72.80
CA PRO H 2489 -23.89 66.01 72.05
C PRO H 2489 -23.11 66.72 70.94
N LYS H 2490 -21.94 66.19 70.65
CA LYS H 2490 -21.13 66.71 69.55
C LYS H 2490 -21.69 66.14 68.26
N MET H 2491 -22.39 66.98 67.49
CA MET H 2491 -23.10 66.47 66.33
C MET H 2491 -22.14 65.86 65.32
N SER H 2492 -20.98 66.47 65.12
CA SER H 2492 -20.02 65.98 64.15
C SER H 2492 -19.26 64.75 64.61
N ALA H 2493 -19.61 64.18 65.78
CA ALA H 2493 -18.88 63.04 66.30
C ALA H 2493 -19.80 61.98 66.91
N SER H 2494 -21.10 62.02 66.63
CA SER H 2494 -22.04 61.10 67.26
C SER H 2494 -23.10 60.66 66.25
N PHE H 2495 -24.00 59.81 66.73
CA PHE H 2495 -25.12 59.34 65.93
C PHE H 2495 -26.19 60.43 65.87
N VAL H 2496 -26.57 60.83 64.65
CA VAL H 2496 -27.46 61.97 64.47
C VAL H 2496 -28.69 61.55 63.69
N PRO H 2497 -29.79 62.30 63.76
CA PRO H 2497 -31.01 61.89 63.03
C PRO H 2497 -30.84 61.86 61.53
N ASP H 2498 -29.84 62.55 60.98
CA ASP H 2498 -29.61 62.47 59.55
C ASP H 2498 -29.27 61.05 59.13
N HIS H 2499 -28.73 60.25 60.06
CA HIS H 2499 -28.44 58.86 59.75
C HIS H 2499 -29.71 58.03 59.68
N LYS H 2500 -30.67 58.32 60.56
CA LYS H 2500 -31.95 57.61 60.53
C LYS H 2500 -32.81 58.05 59.35
N ALA H 2501 -32.61 59.26 58.85
CA ALA H 2501 -33.41 59.72 57.72
C ALA H 2501 -33.19 58.83 56.51
N SER H 2502 -31.96 58.43 56.25
CA SER H 2502 -31.69 57.54 55.12
C SER H 2502 -32.35 56.19 55.31
N MET H 2503 -32.32 55.65 56.53
CA MET H 2503 -32.99 54.39 56.79
C MET H 2503 -34.48 54.51 56.54
N VAL H 2504 -35.09 55.61 56.97
CA VAL H 2504 -36.51 55.81 56.72
C VAL H 2504 -36.79 55.89 55.23
N LEU H 2505 -35.95 56.60 54.48
CA LEU H 2505 -36.16 56.69 53.04
C LEU H 2505 -36.10 55.32 52.39
N PHE H 2506 -35.08 54.52 52.74
CA PHE H 2506 -34.98 53.18 52.19
C PHE H 2506 -36.18 52.34 52.56
N LEU H 2507 -36.60 52.40 53.83
CA LEU H 2507 -37.73 51.60 54.27
C LEU H 2507 -38.99 51.97 53.51
N ASP H 2508 -39.21 53.26 53.28
CA ASP H 2508 -40.43 53.69 52.61
C ASP H 2508 -40.41 53.42 51.12
N ARG H 2509 -39.24 53.46 50.48
CA ARG H 2509 -39.19 53.29 49.04
C ARG H 2509 -39.01 51.84 48.59
N VAL H 2510 -38.31 51.03 49.37
CA VAL H 2510 -38.01 49.66 48.97
C VAL H 2510 -39.01 48.70 49.57
N TYR H 2511 -39.06 48.64 50.90
CA TYR H 2511 -39.97 47.73 51.57
C TYR H 2511 -41.38 48.30 51.58
N GLY H 2512 -41.52 49.57 51.94
CA GLY H 2512 -42.83 50.18 51.99
C GLY H 2512 -43.62 49.70 53.18
N ILE H 2513 -44.49 50.55 53.71
CA ILE H 2513 -45.37 50.18 54.81
C ILE H 2513 -46.76 49.92 54.24
N GLU H 2514 -47.24 48.70 54.40
CA GLU H 2514 -48.54 48.30 53.88
C GLU H 2514 -49.38 47.53 54.86
N ASN H 2515 -48.88 47.24 56.06
CA ASN H 2515 -49.59 46.46 57.05
C ASN H 2515 -49.74 47.26 58.34
N GLN H 2516 -50.94 47.23 58.91
CA GLN H 2516 -51.20 48.00 60.12
C GLN H 2516 -50.33 47.52 61.27
N ASP H 2517 -50.13 46.21 61.40
CA ASP H 2517 -49.31 45.70 62.48
C ASP H 2517 -47.89 46.23 62.38
N PHE H 2518 -47.31 46.20 61.18
CA PHE H 2518 -45.95 46.70 61.00
C PHE H 2518 -45.89 48.19 61.27
N LEU H 2519 -46.90 48.94 60.81
CA LEU H 2519 -46.92 50.37 61.07
C LEU H 2519 -46.91 50.65 62.56
N LEU H 2520 -47.77 49.95 63.30
CA LEU H 2520 -47.84 50.17 64.74
C LEU H 2520 -46.54 49.76 65.41
N HIS H 2521 -45.92 48.66 64.97
CA HIS H 2521 -44.67 48.23 65.57
C HIS H 2521 -43.57 49.27 65.37
N VAL H 2522 -43.40 49.74 64.13
CA VAL H 2522 -42.35 50.72 63.87
C VAL H 2522 -42.64 52.03 64.59
N LEU H 2523 -43.91 52.43 64.67
CA LEU H 2523 -44.24 53.61 65.44
C LEU H 2523 -43.86 53.44 66.90
N ASP H 2524 -44.21 52.31 67.48
CA ASP H 2524 -43.98 52.10 68.90
C ASP H 2524 -42.49 52.08 69.22
N VAL H 2525 -41.69 51.42 68.40
CA VAL H 2525 -40.28 51.24 68.71
C VAL H 2525 -39.40 52.39 68.24
N GLY H 2526 -39.59 52.88 67.01
CA GLY H 2526 -38.66 53.84 66.46
C GLY H 2526 -39.12 55.28 66.36
N PHE H 2527 -40.36 55.49 65.93
CA PHE H 2527 -40.79 56.86 65.62
C PHE H 2527 -41.25 57.58 66.87
N LEU H 2528 -42.16 56.97 67.63
CA LEU H 2528 -42.74 57.66 68.78
C LEU H 2528 -41.69 58.13 69.77
N PRO H 2529 -40.67 57.35 70.13
CA PRO H 2529 -39.65 57.87 71.04
C PRO H 2529 -38.97 59.13 70.51
N ASP H 2530 -38.69 59.19 69.22
CA ASP H 2530 -38.05 60.39 68.66
C ASP H 2530 -39.00 61.56 68.61
N MET H 2531 -40.27 61.31 68.30
CA MET H 2531 -41.25 62.39 68.37
C MET H 2531 -41.37 62.93 69.78
N ARG H 2532 -41.39 62.05 70.77
CA ARG H 2532 -41.46 62.51 72.15
C ARG H 2532 -40.20 63.28 72.54
N ALA H 2533 -39.03 62.84 72.09
CA ALA H 2533 -37.82 63.59 72.39
C ALA H 2533 -37.85 64.97 71.77
N ALA H 2534 -38.27 65.07 70.50
CA ALA H 2534 -38.36 66.37 69.85
C ALA H 2534 -39.37 67.27 70.56
N ALA H 2535 -40.49 66.70 70.97
CA ALA H 2535 -41.50 67.49 71.70
C ALA H 2535 -40.94 67.98 73.03
N SER H 2536 -40.24 67.11 73.76
CA SER H 2536 -39.68 67.50 75.04
C SER H 2536 -38.58 68.54 74.90
N LEU H 2537 -37.88 68.57 73.78
CA LEU H 2537 -36.85 69.57 73.54
C LEU H 2537 -37.42 70.89 73.04
N ASP H 2538 -38.70 71.14 73.26
CA ASP H 2538 -39.33 72.37 72.81
C ASP H 2538 -39.28 73.48 73.86
N THR H 2539 -38.59 73.24 74.98
CA THR H 2539 -38.46 74.29 75.99
C THR H 2539 -37.62 75.43 75.45
N ALA H 2540 -37.72 76.59 76.10
CA ALA H 2540 -36.99 77.77 75.63
C ALA H 2540 -35.48 77.54 75.67
N THR H 2541 -34.99 76.76 76.63
CA THR H 2541 -33.55 76.55 76.73
C THR H 2541 -33.04 75.63 75.63
N PHE H 2542 -33.75 74.54 75.34
CA PHE H 2542 -33.31 73.55 74.38
C PHE H 2542 -33.86 73.78 72.97
N SER H 2543 -34.76 74.75 72.80
CA SER H 2543 -35.52 74.84 71.55
C SER H 2543 -34.61 74.94 70.34
N THR H 2544 -33.54 75.74 70.44
CA THR H 2544 -32.68 76.02 69.29
C THR H 2544 -31.38 75.23 69.31
N THR H 2545 -31.28 74.22 70.17
CA THR H 2545 -30.07 73.41 70.19
C THR H 2545 -29.89 72.69 68.86
N GLU H 2546 -28.65 72.32 68.56
CA GLU H 2546 -28.37 71.65 67.30
C GLU H 2546 -29.13 70.34 67.20
N MET H 2547 -29.16 69.56 68.28
CA MET H 2547 -29.88 68.30 68.24
C MET H 2547 -31.37 68.51 68.07
N ALA H 2548 -31.91 69.55 68.71
CA ALA H 2548 -33.34 69.84 68.56
C ALA H 2548 -33.68 70.19 67.13
N LEU H 2549 -32.87 71.06 66.51
CA LEU H 2549 -33.13 71.42 65.13
C LEU H 2549 -32.96 70.22 64.20
N ALA H 2550 -31.96 69.38 64.45
CA ALA H 2550 -31.78 68.19 63.64
C ALA H 2550 -32.97 67.24 63.77
N LEU H 2551 -33.48 67.08 64.99
CA LEU H 2551 -34.65 66.24 65.19
C LEU H 2551 -35.86 66.81 64.46
N ASN H 2552 -36.03 68.14 64.49
CA ASN H 2552 -37.12 68.74 63.75
C ASN H 2552 -37.00 68.47 62.26
N ARG H 2553 -35.80 68.63 61.71
CA ARG H 2553 -35.60 68.36 60.29
C ARG H 2553 -35.90 66.91 59.97
N TYR H 2554 -35.41 65.99 60.79
CA TYR H 2554 -35.64 64.57 60.56
C TYR H 2554 -37.13 64.25 60.58
N LEU H 2555 -37.85 64.74 61.60
CA LEU H 2555 -39.27 64.46 61.70
C LEU H 2555 -40.04 65.03 60.52
N CYS H 2556 -39.72 66.26 60.12
CA CYS H 2556 -40.50 66.93 59.09
C CYS H 2556 -40.11 66.53 57.67
N LEU H 2557 -38.97 65.85 57.48
CA LEU H 2557 -38.56 65.43 56.16
C LEU H 2557 -38.72 63.93 55.92
N ALA H 2558 -38.64 63.10 56.96
CA ALA H 2558 -38.72 61.66 56.75
C ALA H 2558 -39.90 61.04 57.48
N VAL H 2559 -40.05 61.31 58.77
CA VAL H 2559 -40.97 60.55 59.60
C VAL H 2559 -42.41 60.97 59.33
N LEU H 2560 -42.73 62.24 59.57
CA LEU H 2560 -44.12 62.68 59.50
C LEU H 2560 -44.71 62.49 58.12
N PRO H 2561 -44.02 62.80 57.02
CA PRO H 2561 -44.59 62.50 55.70
C PRO H 2561 -44.98 61.05 55.53
N LEU H 2562 -44.16 60.14 56.09
CA LEU H 2562 -44.47 58.72 55.98
C LEU H 2562 -45.74 58.37 56.75
N ILE H 2563 -45.91 58.92 57.95
CA ILE H 2563 -47.12 58.66 58.72
C ILE H 2563 -48.33 59.26 58.00
N THR H 2564 -48.17 60.42 57.39
CA THR H 2564 -49.24 61.01 56.62
C THR H 2564 -49.64 60.09 55.47
N LYS H 2565 -48.65 59.52 54.78
CA LYS H 2565 -48.95 58.61 53.69
C LYS H 2565 -49.64 57.35 54.19
N CYS H 2566 -49.26 56.87 55.38
CA CYS H 2566 -49.83 55.66 55.95
C CYS H 2566 -51.05 55.92 56.82
N ALA H 2567 -51.57 57.15 56.80
CA ALA H 2567 -52.73 57.47 57.64
C ALA H 2567 -53.90 56.52 57.43
N PRO H 2568 -54.25 56.13 56.20
CA PRO H 2568 -55.43 55.27 56.03
C PRO H 2568 -55.36 53.98 56.84
N LEU H 2569 -54.16 53.53 57.20
CA LEU H 2569 -54.00 52.28 57.94
C LEU H 2569 -54.39 52.40 59.40
N PHE H 2570 -54.69 53.60 59.89
CA PHE H 2570 -55.04 53.79 61.29
C PHE H 2570 -56.51 53.49 61.58
N ALA H 2571 -57.31 53.24 60.54
CA ALA H 2571 -58.70 52.86 60.76
C ALA H 2571 -58.76 51.48 61.40
N GLY H 2572 -59.49 51.38 62.51
CA GLY H 2572 -59.64 50.11 63.18
C GLY H 2572 -58.53 49.76 64.14
N THR H 2573 -57.80 50.76 64.65
CA THR H 2573 -56.68 50.54 65.55
C THR H 2573 -57.10 50.61 67.01
N GLU H 2574 -58.34 50.25 67.32
CA GLU H 2574 -58.83 50.37 68.68
C GLU H 2574 -57.98 49.59 69.67
N HIS H 2575 -57.37 48.49 69.22
CA HIS H 2575 -56.57 47.69 70.15
C HIS H 2575 -55.41 48.49 70.72
N ARG H 2576 -54.70 49.22 69.87
CA ARG H 2576 -53.59 50.07 70.33
C ARG H 2576 -54.07 51.50 70.58
N ALA H 2577 -55.15 51.62 71.35
CA ALA H 2577 -55.76 52.93 71.56
C ALA H 2577 -54.83 53.85 72.33
N ILE H 2578 -54.14 53.33 73.35
CA ILE H 2578 -53.26 54.17 74.15
C ILE H 2578 -52.13 54.72 73.29
N MET H 2579 -51.52 53.86 72.48
CA MET H 2579 -50.44 54.30 71.61
C MET H 2579 -50.93 55.34 70.61
N VAL H 2580 -52.10 55.12 70.03
CA VAL H 2580 -52.63 56.07 69.05
C VAL H 2580 -52.89 57.42 69.72
N ASP H 2581 -53.47 57.40 70.91
CA ASP H 2581 -53.77 58.65 71.62
C ASP H 2581 -52.48 59.40 71.94
N SER H 2582 -51.46 58.68 72.41
CA SER H 2582 -50.18 59.32 72.70
C SER H 2582 -49.56 59.91 71.44
N MET H 2583 -49.67 59.20 70.32
CA MET H 2583 -49.15 59.73 69.06
C MET H 2583 -49.85 61.03 68.70
N LEU H 2584 -51.18 61.05 68.82
CA LEU H 2584 -51.91 62.27 68.49
C LEU H 2584 -51.48 63.42 69.38
N HIS H 2585 -51.35 63.17 70.68
CA HIS H 2585 -50.94 64.22 71.60
C HIS H 2585 -49.55 64.74 71.25
N THR H 2586 -48.63 63.83 70.94
CA THR H 2586 -47.27 64.25 70.62
C THR H 2586 -47.24 65.07 69.34
N VAL H 2587 -47.99 64.66 68.33
CA VAL H 2587 -48.01 65.42 67.08
C VAL H 2587 -48.60 66.80 67.31
N TYR H 2588 -49.66 66.88 68.11
CA TYR H 2588 -50.26 68.18 68.41
C TYR H 2588 -49.27 69.08 69.15
N ARG H 2589 -48.56 68.52 70.12
CA ARG H 2589 -47.59 69.32 70.87
C ARG H 2589 -46.46 69.79 69.95
N LEU H 2590 -46.03 68.94 69.02
CA LEU H 2590 -45.03 69.37 68.05
C LEU H 2590 -45.56 70.52 67.21
N SER H 2591 -46.80 70.42 66.74
CA SER H 2591 -47.38 71.50 65.95
C SER H 2591 -47.38 72.79 66.74
N ARG H 2592 -47.72 72.72 68.02
CA ARG H 2592 -47.67 73.88 68.90
C ARG H 2592 -46.24 74.08 69.43
N GLY H 2593 -45.31 74.24 68.50
CA GLY H 2593 -43.89 74.29 68.82
C GLY H 2593 -43.25 75.57 68.30
N ARG H 2594 -42.33 76.10 69.09
CA ARG H 2594 -41.57 77.27 68.69
C ARG H 2594 -40.38 76.86 67.84
N SER H 2595 -39.74 77.85 67.22
CA SER H 2595 -38.51 77.63 66.46
C SER H 2595 -38.72 76.64 65.32
N LEU H 2596 -39.92 76.58 64.79
CA LEU H 2596 -40.25 75.72 63.65
C LEU H 2596 -40.46 76.58 62.43
N THR H 2597 -39.86 76.19 61.31
CA THR H 2597 -40.07 76.90 60.06
C THR H 2597 -41.53 76.74 59.62
N LYS H 2598 -41.95 77.63 58.73
CA LYS H 2598 -43.32 77.56 58.22
C LYS H 2598 -43.56 76.25 57.51
N ALA H 2599 -42.60 75.80 56.69
CA ALA H 2599 -42.77 74.54 55.98
C ALA H 2599 -42.88 73.38 56.96
N GLN H 2600 -42.04 73.39 58.00
CA GLN H 2600 -42.10 72.32 59.01
C GLN H 2600 -43.45 72.31 59.68
N ARG H 2601 -43.95 73.49 60.08
CA ARG H 2601 -45.25 73.54 60.73
C ARG H 2601 -46.35 73.05 59.80
N ASP H 2602 -46.26 73.40 58.51
CA ASP H 2602 -47.26 72.92 57.57
C ASP H 2602 -47.22 71.40 57.47
N VAL H 2603 -46.03 70.81 57.47
CA VAL H 2603 -45.92 69.36 57.40
C VAL H 2603 -46.58 68.73 58.63
N ILE H 2604 -46.30 69.27 59.81
CA ILE H 2604 -46.87 68.70 61.03
C ILE H 2604 -48.40 68.82 61.00
N GLU H 2605 -48.90 69.98 60.57
CA GLU H 2605 -50.35 70.16 60.52
C GLU H 2605 -50.99 69.20 59.53
N ASP H 2606 -50.36 68.99 58.38
CA ASP H 2606 -50.88 68.04 57.41
C ASP H 2606 -50.93 66.65 58.01
N CYS H 2607 -49.88 66.26 58.74
CA CYS H 2607 -49.89 64.95 59.39
C CYS H 2607 -51.06 64.83 60.35
N LEU H 2608 -51.27 65.85 61.17
CA LEU H 2608 -52.35 65.80 62.16
C LEU H 2608 -53.71 65.66 61.47
N MET H 2609 -53.94 66.46 60.44
CA MET H 2609 -55.23 66.40 59.76
C MET H 2609 -55.43 65.05 59.08
N ALA H 2610 -54.37 64.53 58.45
CA ALA H 2610 -54.48 63.23 57.81
C ALA H 2610 -54.81 62.14 58.81
N LEU H 2611 -54.15 62.15 59.97
CA LEU H 2611 -54.46 61.16 61.00
C LEU H 2611 -55.91 61.27 61.44
N CYS H 2612 -56.35 62.48 61.79
CA CYS H 2612 -57.71 62.65 62.28
C CYS H 2612 -58.76 62.37 61.21
N ARG H 2613 -58.40 62.39 59.93
CA ARG H 2613 -59.36 62.06 58.88
C ARG H 2613 -59.68 60.58 58.82
N TYR H 2614 -58.91 59.72 59.48
CA TYR H 2614 -59.14 58.29 59.43
C TYR H 2614 -59.32 57.65 60.79
N ILE H 2615 -58.75 58.21 61.86
CA ILE H 2615 -58.93 57.63 63.18
C ILE H 2615 -60.42 57.66 63.55
N ARG H 2616 -60.86 56.65 64.28
CA ARG H 2616 -62.26 56.56 64.65
C ARG H 2616 -62.64 57.74 65.55
N PRO H 2617 -63.87 58.23 65.45
CA PRO H 2617 -64.26 59.40 66.25
C PRO H 2617 -64.15 59.17 67.75
N SER H 2618 -64.36 57.95 68.22
CA SER H 2618 -64.29 57.71 69.66
C SER H 2618 -62.87 57.90 70.19
N MET H 2619 -61.86 57.62 69.38
CA MET H 2619 -60.48 57.69 69.83
C MET H 2619 -59.93 59.12 69.85
N LEU H 2620 -60.67 60.09 69.33
CA LEU H 2620 -60.25 61.48 69.33
C LEU H 2620 -60.78 62.25 70.53
N GLN H 2621 -61.32 61.54 71.53
CA GLN H 2621 -61.91 62.20 72.67
C GLN H 2621 -60.87 63.01 73.45
N HIS H 2622 -59.69 62.44 73.66
CA HIS H 2622 -58.67 63.13 74.45
C HIS H 2622 -58.09 64.32 73.69
N LEU H 2623 -57.93 64.19 72.38
CA LEU H 2623 -57.50 65.33 71.59
C LEU H 2623 -58.56 66.43 71.64
N LEU H 2624 -59.83 66.06 71.59
CA LEU H 2624 -60.89 67.06 71.73
C LEU H 2624 -60.82 67.71 73.10
N ARG H 2625 -60.48 66.93 74.13
CA ARG H 2625 -60.31 67.49 75.46
C ARG H 2625 -59.21 68.53 75.50
N ARG H 2626 -58.08 68.24 74.86
CA ARG H 2626 -56.98 69.22 74.81
C ARG H 2626 -57.40 70.47 74.04
N LEU H 2627 -58.09 70.28 72.92
CA LEU H 2627 -58.49 71.42 72.11
C LEU H 2627 -59.54 72.27 72.82
N VAL H 2628 -60.37 71.67 73.66
CA VAL H 2628 -61.36 72.44 74.40
C VAL H 2628 -60.68 73.50 75.25
N PHE H 2629 -59.47 73.24 75.72
CA PHE H 2629 -58.71 74.22 76.47
C PHE H 2629 -57.91 75.14 75.57
N ASP H 2630 -57.23 74.60 74.55
CA ASP H 2630 -56.34 75.43 73.74
C ASP H 2630 -57.05 76.37 72.78
N VAL H 2631 -58.11 75.90 72.10
CA VAL H 2631 -58.71 76.68 71.02
C VAL H 2631 -59.36 77.97 71.53
N PRO H 2632 -60.17 77.95 72.59
CA PRO H 2632 -60.93 79.16 72.96
C PRO H 2632 -60.11 80.43 73.04
N ILE H 2633 -58.79 80.30 73.22
CA ILE H 2633 -57.95 81.50 73.31
C ILE H 2633 -57.99 82.29 72.01
N LEU H 2634 -58.16 81.62 70.89
CA LEU H 2634 -58.26 82.27 69.59
C LEU H 2634 -57.03 83.12 69.29
N ASN H 2635 -55.86 82.61 69.69
CA ASN H 2635 -54.60 83.24 69.34
C ASN H 2635 -54.13 82.75 67.98
N GLU H 2636 -52.89 83.04 67.61
CA GLU H 2636 -52.38 82.62 66.32
C GLU H 2636 -52.27 81.11 66.20
N PHE H 2637 -52.00 80.40 67.29
CA PHE H 2637 -51.86 78.95 67.26
C PHE H 2637 -53.20 78.24 67.23
N ALA H 2638 -54.30 78.99 67.12
CA ALA H 2638 -55.64 78.40 67.04
C ALA H 2638 -56.18 78.33 65.62
N LYS H 2639 -55.40 78.73 64.61
CA LYS H 2639 -55.88 78.68 63.24
C LYS H 2639 -55.99 77.24 62.74
N MET H 2640 -55.02 76.39 63.09
CA MET H 2640 -55.07 75.01 62.63
C MET H 2640 -56.03 74.17 63.46
N PRO H 2641 -56.07 74.28 64.78
CA PRO H 2641 -57.07 73.53 65.55
C PRO H 2641 -58.48 73.77 65.07
N LEU H 2642 -58.77 75.00 64.66
CA LEU H 2642 -60.12 75.32 64.20
C LEU H 2642 -60.44 74.56 62.93
N LYS H 2643 -59.50 74.51 61.99
CA LYS H 2643 -59.70 73.72 60.78
C LYS H 2643 -59.85 72.24 61.10
N LEU H 2644 -59.04 71.74 62.03
CA LEU H 2644 -59.12 70.34 62.42
C LEU H 2644 -60.51 70.02 62.95
N LEU H 2645 -61.02 70.86 63.84
CA LEU H 2645 -62.35 70.63 64.40
C LEU H 2645 -63.42 70.76 63.33
N THR H 2646 -63.29 71.72 62.43
CA THR H 2646 -64.24 71.84 61.34
C THR H 2646 -64.33 70.55 60.56
N ASN H 2647 -63.20 70.02 60.12
CA ASN H 2647 -63.20 68.79 59.35
C ASN H 2647 -63.76 67.63 60.18
N HIS H 2648 -63.33 67.54 61.43
CA HIS H 2648 -63.75 66.41 62.27
C HIS H 2648 -65.26 66.39 62.42
N TYR H 2649 -65.86 67.52 62.78
CA TYR H 2649 -67.30 67.53 63.02
C TYR H 2649 -68.08 67.44 61.72
N GLU H 2650 -67.60 68.04 60.64
CA GLU H 2650 -68.27 67.86 59.36
C GLU H 2650 -68.28 66.40 58.95
N ARG H 2651 -67.21 65.66 59.22
CA ARG H 2651 -67.15 64.26 58.84
C ARG H 2651 -67.96 63.37 59.78
N CYS H 2652 -67.98 63.66 61.08
CA CYS H 2652 -68.57 62.79 62.07
C CYS H 2652 -69.81 63.40 62.73
N TRP H 2653 -70.56 64.24 62.01
CA TRP H 2653 -71.74 64.84 62.61
C TRP H 2653 -72.75 63.78 63.05
N LYS H 2654 -72.91 62.71 62.29
CA LYS H 2654 -73.86 61.67 62.68
C LYS H 2654 -73.49 61.03 64.00
N TYR H 2655 -72.20 60.80 64.25
CA TYR H 2655 -71.79 60.16 65.48
C TYR H 2655 -72.26 60.92 66.70
N TYR H 2656 -72.49 62.23 66.57
CA TYR H 2656 -72.90 63.06 67.68
C TYR H 2656 -74.37 63.43 67.64
N CYS H 2657 -74.95 63.62 66.47
CA CYS H 2657 -76.33 64.11 66.34
C CYS H 2657 -77.32 62.96 66.48
N LEU H 2658 -77.23 61.97 65.61
CA LEU H 2658 -78.25 60.94 65.53
C LEU H 2658 -78.31 60.15 66.84
N PRO H 2659 -79.50 59.84 67.36
CA PRO H 2659 -79.55 58.99 68.56
C PRO H 2659 -78.95 57.62 68.35
N THR H 2660 -79.10 57.06 67.14
CA THR H 2660 -78.52 55.75 66.86
C THR H 2660 -77.01 55.83 66.73
N GLY H 2661 -76.50 56.96 66.26
CA GLY H 2661 -75.08 57.14 66.04
C GLY H 2661 -74.69 56.80 64.61
N TRP H 2662 -73.38 56.85 64.39
CA TRP H 2662 -72.84 56.54 63.07
C TRP H 2662 -72.67 55.03 62.92
N ALA H 2663 -72.81 54.55 61.69
CA ALA H 2663 -72.78 53.11 61.45
C ALA H 2663 -71.37 52.55 61.66
N ASN H 2664 -71.30 51.47 62.44
CA ASN H 2664 -70.04 50.77 62.70
C ASN H 2664 -69.08 51.59 63.54
N PHE H 2665 -69.45 52.81 63.90
CA PHE H 2665 -68.59 53.63 64.75
C PHE H 2665 -69.17 53.79 66.15
N GLY H 2666 -70.47 53.56 66.31
CA GLY H 2666 -71.11 53.67 67.60
C GLY H 2666 -71.85 54.98 67.76
N VAL H 2667 -72.06 55.40 69.00
CA VAL H 2667 -72.75 56.64 69.30
C VAL H 2667 -71.94 57.41 70.34
N THR H 2668 -72.09 58.73 70.29
CA THR H 2668 -71.33 59.59 71.17
C THR H 2668 -71.64 59.31 72.63
N SER H 2669 -70.76 59.78 73.50
CA SER H 2669 -70.95 59.67 74.93
C SER H 2669 -71.29 61.02 75.54
N GLU H 2670 -71.80 60.97 76.77
CA GLU H 2670 -72.22 62.19 77.44
C GLU H 2670 -71.04 63.14 77.61
N GLU H 2671 -69.88 62.61 77.98
CA GLU H 2671 -68.70 63.45 78.14
C GLU H 2671 -68.29 64.10 76.83
N GLU H 2672 -68.36 63.34 75.73
CA GLU H 2672 -68.01 63.90 74.43
C GLU H 2672 -68.96 65.02 74.04
N LEU H 2673 -70.27 64.82 74.27
CA LEU H 2673 -71.21 65.89 73.97
C LEU H 2673 -70.98 67.11 74.86
N HIS H 2674 -70.65 66.89 76.13
CA HIS H 2674 -70.35 68.01 77.01
C HIS H 2674 -69.14 68.78 76.53
N LEU H 2675 -68.10 68.08 76.10
CA LEU H 2675 -66.92 68.76 75.55
C LEU H 2675 -67.28 69.53 74.30
N THR H 2676 -68.14 68.96 73.45
CA THR H 2676 -68.55 69.66 72.24
C THR H 2676 -69.28 70.96 72.58
N ARG H 2677 -70.21 70.91 73.54
CA ARG H 2677 -70.90 72.12 73.93
C ARG H 2677 -69.95 73.15 74.51
N LYS H 2678 -69.02 72.71 75.36
CA LYS H 2678 -68.06 73.65 75.93
C LYS H 2678 -67.22 74.28 74.85
N LEU H 2679 -66.78 73.50 73.86
CA LEU H 2679 -66.03 74.05 72.74
C LEU H 2679 -66.82 75.10 72.00
N PHE H 2680 -68.08 74.78 71.66
CA PHE H 2680 -68.88 75.73 70.91
C PHE H 2680 -69.02 77.04 71.68
N TRP H 2681 -69.37 76.95 72.96
CA TRP H 2681 -69.62 78.18 73.70
C TRP H 2681 -68.33 78.95 73.97
N GLY H 2682 -67.22 78.26 74.19
CA GLY H 2682 -65.97 78.97 74.35
C GLY H 2682 -65.58 79.74 73.10
N ILE H 2683 -65.67 79.08 71.94
CA ILE H 2683 -65.34 79.77 70.70
C ILE H 2683 -66.28 80.94 70.47
N PHE H 2684 -67.58 80.73 70.70
CA PHE H 2684 -68.55 81.80 70.47
C PHE H 2684 -68.26 83.00 71.37
N ASP H 2685 -68.06 82.74 72.66
CA ASP H 2685 -67.83 83.85 73.59
C ASP H 2685 -66.55 84.59 73.25
N SER H 2686 -65.47 83.86 72.96
CA SER H 2686 -64.22 84.54 72.62
C SER H 2686 -64.36 85.35 71.35
N LEU H 2687 -65.00 84.79 70.32
CA LEU H 2687 -65.15 85.51 69.07
C LEU H 2687 -66.04 86.73 69.24
N ALA H 2688 -66.97 86.70 70.21
CA ALA H 2688 -67.84 87.84 70.42
C ALA H 2688 -67.04 89.07 70.83
N HIS H 2689 -66.07 88.91 71.72
CA HIS H 2689 -65.28 90.02 72.24
C HIS H 2689 -63.96 90.21 71.49
N LYS H 2690 -63.66 89.34 70.54
CA LYS H 2690 -62.44 89.45 69.74
C LYS H 2690 -62.61 90.57 68.72
N LYS H 2691 -61.61 91.44 68.62
CA LYS H 2691 -61.63 92.47 67.60
C LYS H 2691 -61.66 91.84 66.22
N TYR H 2692 -62.36 92.49 65.29
CA TYR H 2692 -62.54 91.91 63.97
C TYR H 2692 -61.21 91.60 63.31
N ASP H 2693 -61.11 90.37 62.78
CA ASP H 2693 -59.96 89.94 62.00
C ASP H 2693 -60.47 89.09 60.87
N GLN H 2694 -60.14 89.48 59.63
CA GLN H 2694 -60.72 88.83 58.46
C GLN H 2694 -60.46 87.32 58.47
N GLU H 2695 -59.20 86.94 58.59
CA GLU H 2695 -58.85 85.52 58.51
C GLU H 2695 -59.42 84.75 59.70
N LEU H 2696 -59.33 85.33 60.90
CA LEU H 2696 -59.84 84.65 62.07
C LEU H 2696 -61.33 84.37 61.95
N TYR H 2697 -62.09 85.35 61.47
CA TYR H 2697 -63.52 85.13 61.28
C TYR H 2697 -63.78 84.11 60.18
N ARG H 2698 -63.09 84.26 59.03
CA ARG H 2698 -63.29 83.33 57.93
C ARG H 2698 -62.99 81.89 58.33
N ILE H 2699 -62.11 81.69 59.31
CA ILE H 2699 -61.78 80.36 59.77
C ILE H 2699 -62.69 79.89 60.91
N ALA H 2700 -63.13 80.80 61.79
CA ALA H 2700 -63.92 80.39 62.94
C ALA H 2700 -65.37 80.12 62.58
N MET H 2701 -65.93 80.86 61.62
CA MET H 2701 -67.35 80.67 61.33
C MET H 2701 -67.66 79.24 60.89
N PRO H 2702 -66.94 78.64 59.96
CA PRO H 2702 -67.24 77.24 59.60
C PRO H 2702 -67.14 76.28 60.77
N CYS H 2703 -66.17 76.50 61.66
CA CYS H 2703 -66.05 75.63 62.84
C CYS H 2703 -67.28 75.73 63.71
N LEU H 2704 -67.75 76.95 63.95
CA LEU H 2704 -68.96 77.12 64.75
C LEU H 2704 -70.14 76.43 64.09
N CYS H 2705 -70.28 76.60 62.77
CA CYS H 2705 -71.39 75.96 62.07
C CYS H 2705 -71.31 74.44 62.22
N ALA H 2706 -70.10 73.88 62.06
CA ALA H 2706 -69.96 72.43 62.14
C ALA H 2706 -70.31 71.92 63.54
N ILE H 2707 -69.81 72.58 64.58
CA ILE H 2707 -70.10 72.13 65.93
C ILE H 2707 -71.59 72.24 66.23
N ALA H 2708 -72.21 73.35 65.83
CA ALA H 2708 -73.64 73.51 66.08
C ALA H 2708 -74.44 72.45 65.36
N GLY H 2709 -74.07 72.13 64.11
CA GLY H 2709 -74.76 71.09 63.38
C GLY H 2709 -74.54 69.71 63.95
N ALA H 2710 -73.40 69.47 64.60
CA ALA H 2710 -73.14 68.19 65.24
C ALA H 2710 -73.90 68.03 66.55
N LEU H 2711 -74.05 69.10 67.31
CA LEU H 2711 -74.73 68.99 68.60
C LEU H 2711 -76.21 68.67 68.39
N PRO H 2712 -76.76 67.69 69.10
CA PRO H 2712 -78.21 67.47 69.04
C PRO H 2712 -78.97 68.68 69.54
N PRO H 2713 -80.08 69.06 68.90
CA PRO H 2713 -80.76 70.30 69.32
C PRO H 2713 -81.24 70.27 70.75
N ASP H 2714 -81.69 69.12 71.26
CA ASP H 2714 -82.27 69.04 72.59
C ASP H 2714 -81.30 68.45 73.61
N TYR H 2715 -80.02 68.33 73.27
CA TYR H 2715 -79.06 67.79 74.22
C TYR H 2715 -79.07 68.61 75.49
N VAL H 2716 -79.18 67.94 76.63
CA VAL H 2716 -79.20 68.58 77.94
C VAL H 2716 -77.92 68.21 78.65
N ASP H 2717 -77.16 69.22 79.07
CA ASP H 2717 -75.87 68.97 79.71
C ASP H 2717 -76.09 68.53 81.15
N ALA H 2718 -75.69 67.30 81.47
CA ALA H 2718 -75.92 66.77 82.80
C ALA H 2718 -75.22 67.61 83.86
N SER H 2719 -74.00 68.05 83.57
CA SER H 2719 -73.22 68.86 84.51
C SER H 2719 -73.44 70.36 84.31
N TYR H 2720 -74.63 70.74 83.82
CA TYR H 2720 -74.92 72.15 83.59
C TYR H 2720 -74.70 72.96 84.87
N SER H 2721 -74.06 74.11 84.72
CA SER H 2721 -73.84 75.02 85.83
C SER H 2721 -73.81 76.45 85.31
N SER H 2722 -74.15 77.38 86.19
CA SER H 2722 -74.17 78.80 85.85
C SER H 2722 -72.91 79.54 86.27
N LYS H 2723 -71.95 78.86 86.90
CA LYS H 2723 -70.77 79.54 87.42
C LYS H 2723 -69.88 80.05 86.28
N THR H 2724 -69.74 79.27 85.20
CA THR H 2724 -68.89 79.60 84.07
C THR H 2724 -67.61 80.28 84.54
N GLU H 2725 -66.91 79.68 85.50
CA GLU H 2725 -65.72 80.28 86.09
C GLU H 2725 -64.48 79.77 85.37
N LYS H 2726 -63.70 80.69 84.82
CA LYS H 2726 -62.48 80.35 84.08
C LYS H 2726 -62.80 79.30 83.02
N ASN H 2735 -51.80 79.17 80.34
CA ASN H 2735 -51.40 77.98 81.08
C ASN H 2735 -52.51 77.53 82.01
N PHE H 2736 -52.58 76.22 82.26
CA PHE H 2736 -53.60 75.68 83.15
C PHE H 2736 -53.41 76.27 84.56
N ASP H 2737 -54.52 76.51 85.24
CA ASP H 2737 -54.49 77.11 86.56
C ASP H 2737 -54.68 76.06 87.64
N PRO H 2738 -53.63 75.70 88.39
CA PRO H 2738 -53.80 74.76 89.50
C PRO H 2738 -54.05 75.41 90.86
N ARG H 2739 -54.33 76.71 90.89
CA ARG H 2739 -54.41 77.43 92.15
C ARG H 2739 -55.62 76.97 92.96
N PRO H 2740 -55.45 76.45 94.18
CA PRO H 2740 -56.60 76.21 95.04
C PRO H 2740 -56.94 77.43 95.89
N VAL H 2741 -57.95 77.32 96.73
CA VAL H 2741 -58.36 78.46 97.56
C VAL H 2741 -57.48 78.56 98.79
N GLU H 2742 -57.61 79.68 99.51
CA GLU H 2742 -56.77 79.97 100.66
C GLU H 2742 -57.23 79.15 101.86
N THR H 2743 -57.17 77.83 101.67
CA THR H 2743 -57.67 76.89 102.66
C THR H 2743 -56.91 77.04 103.98
N LEU H 2744 -55.59 76.82 103.96
CA LEU H 2744 -54.82 76.93 105.20
C LEU H 2744 -54.81 78.37 105.70
N ASN H 2745 -55.12 79.33 104.83
CA ASN H 2745 -55.18 80.72 105.26
C ASN H 2745 -56.37 80.97 106.18
N VAL H 2746 -57.55 80.48 105.79
CA VAL H 2746 -58.74 80.72 106.60
C VAL H 2746 -58.66 79.91 107.89
N ILE H 2747 -59.55 80.24 108.84
CA ILE H 2747 -59.57 79.61 110.16
C ILE H 2747 -60.65 78.53 110.19
N ILE H 2748 -60.59 77.65 111.19
CA ILE H 2748 -61.51 76.51 111.28
C ILE H 2748 -62.27 76.56 112.60
N PRO H 2749 -63.57 76.23 112.62
CA PRO H 2749 -64.27 76.08 113.91
C PRO H 2749 -63.79 74.85 114.68
N GLU H 2750 -63.92 74.93 116.00
CA GLU H 2750 -63.55 73.79 116.84
C GLU H 2750 -64.48 72.60 116.60
N LYS H 2751 -65.75 72.87 116.29
CA LYS H 2751 -66.66 71.79 115.91
C LYS H 2751 -66.18 71.12 114.62
N LEU H 2752 -65.68 71.90 113.68
CA LEU H 2752 -65.12 71.32 112.46
C LEU H 2752 -63.87 70.52 112.77
N ASP H 2753 -63.09 70.96 113.77
CA ASP H 2753 -61.95 70.17 114.21
C ASP H 2753 -62.39 68.84 114.80
N SER H 2754 -63.47 68.86 115.58
CA SER H 2754 -64.02 67.60 116.11
C SER H 2754 -64.44 66.69 114.97
N PHE H 2755 -65.06 67.24 113.92
CA PHE H 2755 -65.36 66.41 112.76
C PHE H 2755 -64.09 65.91 112.09
N ILE H 2756 -63.04 66.72 112.09
CA ILE H 2756 -61.77 66.27 111.50
C ILE H 2756 -61.31 65.01 112.21
N ASN H 2757 -61.37 65.03 113.55
CA ASN H 2757 -61.03 63.84 114.31
C ASN H 2757 -61.96 62.68 113.96
N LYS H 2758 -63.27 62.94 113.91
CA LYS H 2758 -64.23 61.85 113.68
C LYS H 2758 -64.03 61.23 112.30
N PHE H 2759 -63.80 62.06 111.28
CA PHE H 2759 -63.58 61.55 109.94
C PHE H 2759 -62.22 60.87 109.83
N ALA H 2760 -61.26 61.29 110.65
CA ALA H 2760 -60.03 60.52 110.76
C ALA H 2760 -60.35 59.11 111.24
N GLU H 2761 -61.19 59.01 112.27
CA GLU H 2761 -61.64 57.68 112.73
C GLU H 2761 -62.23 56.90 111.56
N TYR H 2762 -63.22 57.49 110.90
CA TYR H 2762 -63.98 56.76 109.89
C TYR H 2762 -63.08 56.33 108.74
N THR H 2763 -62.21 57.23 108.27
CA THR H 2763 -61.42 56.95 107.09
C THR H 2763 -60.28 55.99 107.39
N HIS H 2764 -59.67 56.09 108.57
CA HIS H 2764 -58.68 55.08 108.96
C HIS H 2764 -59.34 53.71 109.07
N GLU H 2765 -60.55 53.65 109.64
CA GLU H 2765 -61.25 52.39 109.72
C GLU H 2765 -61.63 51.87 108.34
N LYS H 2766 -61.95 52.76 107.41
CA LYS H 2766 -62.25 52.34 106.05
C LYS H 2766 -61.02 51.79 105.35
N TRP H 2767 -59.87 52.44 105.57
CA TRP H 2767 -58.63 51.93 105.00
C TRP H 2767 -58.33 50.54 105.57
N ALA H 2768 -58.54 50.36 106.87
CA ALA H 2768 -58.37 49.05 107.47
C ALA H 2768 -59.39 48.04 106.95
N PHE H 2769 -60.60 48.50 106.61
CA PHE H 2769 -61.60 47.60 106.05
C PHE H 2769 -61.20 47.14 104.65
N ASP H 2770 -60.70 48.06 103.82
CA ASP H 2770 -60.16 47.66 102.53
C ASP H 2770 -58.96 46.75 102.70
N LYS H 2771 -58.16 46.99 103.74
CA LYS H 2771 -57.07 46.09 104.07
C LYS H 2771 -57.58 44.69 104.37
N ILE H 2772 -58.70 44.60 105.09
CA ILE H 2772 -59.31 43.30 105.37
C ILE H 2772 -59.78 42.66 104.07
N GLN H 2773 -60.41 43.43 103.19
CA GLN H 2773 -60.84 42.88 101.91
C GLN H 2773 -59.64 42.31 101.14
N ASN H 2774 -58.52 43.01 101.16
CA ASN H 2774 -57.29 42.52 100.55
C ASN H 2774 -56.59 41.47 101.41
N ASN H 2775 -57.13 41.19 102.60
CA ASN H 2775 -56.48 40.33 103.58
C ASN H 2775 -55.12 40.90 103.98
N TRP H 2776 -55.16 42.09 104.59
CA TRP H 2776 -53.97 42.72 105.16
C TRP H 2776 -54.04 42.58 106.68
N SER H 2777 -52.97 42.05 107.27
CA SER H 2777 -52.92 41.83 108.70
C SER H 2777 -52.09 42.92 109.39
N TYR H 2778 -52.18 42.96 110.72
CA TYR H 2778 -51.43 43.92 111.53
C TYR H 2778 -50.00 43.41 111.69
N GLY H 2779 -49.22 43.58 110.62
CA GLY H 2779 -47.84 43.13 110.60
C GLY H 2779 -46.87 44.21 111.03
N GLU H 2780 -45.61 44.01 110.67
CA GLU H 2780 -44.55 44.93 111.07
C GLU H 2780 -44.34 46.07 110.09
N ASN H 2781 -44.90 46.01 108.90
CA ASN H 2781 -44.68 47.05 107.90
C ASN H 2781 -45.80 46.99 106.87
N ILE H 2782 -45.82 48.02 106.00
CA ILE H 2782 -46.90 48.16 105.01
C ILE H 2782 -46.67 47.32 103.76
N ASP H 2783 -45.66 46.45 103.74
CA ASP H 2783 -45.31 45.72 102.54
C ASP H 2783 -46.53 45.07 101.91
N GLU H 2784 -46.87 45.49 100.70
CA GLU H 2784 -48.00 44.87 99.98
C GLU H 2784 -47.68 43.41 99.66
N GLU H 2785 -46.43 43.13 99.29
CA GLU H 2785 -46.05 41.75 99.01
C GLU H 2785 -46.23 40.87 100.25
N LEU H 2786 -45.88 41.39 101.42
CA LEU H 2786 -46.15 40.69 102.67
C LEU H 2786 -47.59 40.80 103.11
N LYS H 2787 -48.35 41.72 102.53
CA LYS H 2787 -49.79 41.85 102.78
C LYS H 2787 -50.04 42.10 104.27
N THR H 2788 -49.44 43.17 104.77
CA THR H 2788 -49.50 43.51 106.19
C THR H 2788 -49.57 45.02 106.34
N HIS H 2789 -50.00 45.45 107.54
CA HIS H 2789 -50.07 46.85 107.88
C HIS H 2789 -49.40 47.04 109.24
N PRO H 2790 -48.51 48.02 109.40
CA PRO H 2790 -47.89 48.26 110.69
C PRO H 2790 -48.67 49.21 111.58
N MET H 2791 -49.66 49.91 111.03
CA MET H 2791 -50.40 50.94 111.76
C MET H 2791 -51.84 50.51 112.01
N LEU H 2792 -52.12 49.22 111.89
CA LEU H 2792 -53.46 48.67 112.10
C LEU H 2792 -53.78 48.57 113.59
N ARG H 2793 -54.11 49.69 114.21
CA ARG H 2793 -54.44 49.76 115.63
C ARG H 2793 -55.68 50.60 115.82
N PRO H 2794 -56.42 50.38 116.91
CA PRO H 2794 -57.52 51.29 117.24
C PRO H 2794 -56.97 52.70 117.47
N TYR H 2795 -57.82 53.70 117.19
CA TYR H 2795 -57.32 55.07 117.07
C TYR H 2795 -56.53 55.49 118.29
N LYS H 2796 -56.92 55.02 119.48
CA LYS H 2796 -56.21 55.38 120.70
C LYS H 2796 -54.74 55.01 120.61
N THR H 2797 -54.46 53.75 120.29
CA THR H 2797 -53.08 53.32 120.11
C THR H 2797 -52.45 53.96 118.88
N PHE H 2798 -53.23 54.07 117.80
CA PHE H 2798 -52.82 54.78 116.61
C PHE H 2798 -52.25 56.14 117.01
N SER H 2799 -50.95 56.33 116.77
CA SER H 2799 -50.18 57.35 117.47
C SER H 2799 -50.77 58.74 117.26
N GLU H 2800 -50.53 59.63 118.23
CA GLU H 2800 -51.03 61.00 118.13
C GLU H 2800 -50.46 61.70 116.90
N LYS H 2801 -49.18 61.48 116.61
CA LYS H 2801 -48.58 62.11 115.44
C LYS H 2801 -49.19 61.56 114.16
N ASP H 2802 -49.36 60.24 114.08
CA ASP H 2802 -50.01 59.66 112.91
C ASP H 2802 -51.49 60.04 112.85
N LYS H 2803 -52.12 60.21 114.02
CA LYS H 2803 -53.49 60.73 114.04
C LYS H 2803 -53.54 62.12 113.42
N GLU H 2804 -52.59 62.98 113.78
CA GLU H 2804 -52.54 64.32 113.22
C GLU H 2804 -52.30 64.27 111.71
N ILE H 2805 -51.41 63.38 111.26
CA ILE H 2805 -51.13 63.26 109.84
C ILE H 2805 -52.40 62.82 109.10
N TYR H 2806 -53.09 61.81 109.64
CA TYR H 2806 -54.31 61.33 109.01
C TYR H 2806 -55.39 62.41 109.01
N ARG H 2807 -55.37 63.29 110.00
CA ARG H 2807 -56.35 64.39 110.03
C ARG H 2807 -56.01 65.48 109.03
N TRP H 2808 -54.72 65.67 108.74
CA TRP H 2808 -54.28 66.83 107.97
C TRP H 2808 -55.02 66.97 106.65
N PRO H 2809 -55.22 65.90 105.88
CA PRO H 2809 -56.08 66.02 104.68
C PRO H 2809 -57.45 66.55 105.01
N ILE H 2810 -58.02 66.11 106.14
CA ILE H 2810 -59.34 66.59 106.55
C ILE H 2810 -59.24 68.05 106.98
N LYS H 2811 -58.16 68.41 107.67
CA LYS H 2811 -57.94 69.80 108.02
C LYS H 2811 -57.97 70.70 106.79
N GLU H 2812 -57.20 70.31 105.75
CA GLU H 2812 -57.14 71.12 104.55
C GLU H 2812 -58.48 71.15 103.82
N SER H 2813 -59.18 70.02 103.78
CA SER H 2813 -60.48 69.98 103.11
C SER H 2813 -61.46 70.94 103.76
N LEU H 2814 -61.63 70.84 105.08
CA LEU H 2814 -62.57 71.72 105.77
C LEU H 2814 -62.08 73.15 105.77
N LYS H 2815 -60.76 73.35 105.77
CA LYS H 2815 -60.21 74.70 105.67
C LYS H 2815 -60.62 75.35 104.35
N ALA H 2816 -60.50 74.62 103.24
CA ALA H 2816 -60.98 75.14 101.96
C ALA H 2816 -62.49 75.37 102.00
N MET H 2817 -63.22 74.42 102.62
CA MET H 2817 -64.66 74.59 102.77
C MET H 2817 -64.98 75.94 103.39
N ILE H 2818 -64.31 76.29 104.49
CA ILE H 2818 -64.54 77.58 105.14
C ILE H 2818 -64.09 78.71 104.22
N ALA H 2819 -62.95 78.55 103.56
CA ALA H 2819 -62.43 79.61 102.70
C ALA H 2819 -63.43 79.99 101.62
N TRP H 2820 -64.23 79.03 101.17
CA TRP H 2820 -65.30 79.32 100.20
C TRP H 2820 -66.52 79.99 100.82
N GLU H 2821 -66.45 80.37 102.09
CA GLU H 2821 -67.61 80.94 102.79
C GLU H 2821 -68.77 79.97 102.83
N TRP H 2822 -68.44 78.68 102.93
CA TRP H 2822 -69.43 77.60 102.99
C TRP H 2822 -69.85 77.42 104.44
N THR H 2823 -71.08 77.85 104.74
CA THR H 2823 -71.59 77.81 106.10
C THR H 2823 -71.76 76.37 106.57
N VAL H 2824 -70.96 75.96 107.55
CA VAL H 2824 -71.04 74.63 108.14
C VAL H 2824 -71.79 74.72 109.45
N GLU H 2825 -72.84 73.90 109.59
CA GLU H 2825 -73.73 73.94 110.75
C GLU H 2825 -73.85 72.53 111.32
N LYS H 2826 -73.36 72.34 112.55
CA LYS H 2826 -73.48 71.06 113.22
C LYS H 2826 -74.79 70.99 113.98
N ALA H 2827 -75.57 69.94 113.73
CA ALA H 2827 -76.81 69.68 114.46
C ALA H 2827 -76.79 68.39 115.25
N ARG H 2828 -76.41 67.27 114.63
CA ARG H 2828 -76.30 66.00 115.34
C ARG H 2828 -74.84 65.72 115.68
N GLU H 2829 -74.56 64.51 116.19
CA GLU H 2829 -73.23 64.18 116.70
C GLU H 2829 -72.60 63.11 115.81
N GLY H 2830 -71.27 63.04 115.87
CA GLY H 2830 -70.57 62.05 115.08
C GLY H 2830 -70.88 60.64 115.56
N GLU H 2831 -70.75 59.68 114.64
CA GLU H 2831 -71.04 58.28 114.95
C GLU H 2831 -70.02 57.36 114.28
N TYR H 2856 -55.73 45.71 113.62
CA TYR H 2856 -56.94 45.73 114.45
C TYR H 2856 -58.18 45.52 113.58
N ASN H 2857 -59.34 45.43 114.25
CA ASN H 2857 -60.59 45.18 113.56
C ASN H 2857 -61.15 46.48 113.00
N PRO H 2858 -61.40 46.59 111.69
CA PRO H 2858 -61.96 47.83 111.15
C PRO H 2858 -63.45 47.95 111.47
N GLN H 2859 -63.83 49.11 112.02
CA GLN H 2859 -65.23 49.44 112.28
C GLN H 2859 -65.51 50.85 111.78
N PRO H 2860 -65.48 51.05 110.46
CA PRO H 2860 -65.76 52.37 109.90
C PRO H 2860 -67.27 52.61 109.83
N PRO H 2861 -67.75 53.73 110.37
CA PRO H 2861 -69.18 54.05 110.20
C PRO H 2861 -69.58 54.03 108.74
N ASP H 2862 -70.49 53.12 108.37
CA ASP H 2862 -70.87 52.98 106.98
C ASP H 2862 -71.46 54.29 106.47
N LEU H 2863 -71.00 54.71 105.29
CA LEU H 2863 -71.33 56.01 104.74
C LEU H 2863 -72.45 55.97 103.70
N SER H 2864 -72.68 54.82 103.07
CA SER H 2864 -73.59 54.76 101.93
C SER H 2864 -75.05 54.89 102.35
N VAL H 2865 -75.33 54.94 103.65
CA VAL H 2865 -76.72 54.91 104.13
C VAL H 2865 -77.51 56.08 103.56
N VAL H 2866 -76.92 57.27 103.56
CA VAL H 2866 -77.57 58.43 102.96
C VAL H 2866 -76.96 58.67 101.59
N THR H 2867 -77.72 59.30 100.70
CA THR H 2867 -77.26 59.67 99.37
C THR H 2867 -77.22 61.19 99.28
N LEU H 2868 -76.10 61.72 98.78
CA LEU H 2868 -75.98 63.16 98.62
C LEU H 2868 -77.07 63.68 97.69
N SER H 2869 -77.68 64.79 98.08
CA SER H 2869 -78.70 65.43 97.25
C SER H 2869 -78.03 66.03 96.02
N ARG H 2870 -78.81 66.81 95.26
CA ARG H 2870 -78.23 67.48 94.10
C ARG H 2870 -77.22 68.54 94.54
N GLU H 2871 -77.63 69.40 95.48
CA GLU H 2871 -76.74 70.46 95.94
C GLU H 2871 -75.52 69.88 96.64
N LEU H 2872 -75.72 68.87 97.49
CA LEU H 2872 -74.58 68.20 98.12
C LEU H 2872 -73.71 67.51 97.09
N GLN H 2873 -74.32 66.92 96.05
CA GLN H 2873 -73.53 66.24 95.04
C GLN H 2873 -72.59 67.22 94.35
N ALA H 2874 -73.12 68.36 93.89
CA ALA H 2874 -72.26 69.35 93.26
C ALA H 2874 -71.28 69.94 94.28
N MET H 2875 -71.71 69.99 95.55
CA MET H 2875 -70.80 70.36 96.63
C MET H 2875 -69.53 69.53 96.58
N ALA H 2876 -69.71 68.21 96.60
CA ALA H 2876 -68.55 67.31 96.67
C ALA H 2876 -67.84 67.21 95.32
N GLU H 2877 -68.55 67.46 94.22
CA GLU H 2877 -67.86 67.59 92.94
C GLU H 2877 -66.86 68.73 92.96
N GLN H 2878 -67.29 69.91 93.43
CA GLN H 2878 -66.37 71.04 93.43
C GLN H 2878 -65.29 70.85 94.49
N LEU H 2879 -65.62 70.15 95.58
CA LEU H 2879 -64.60 69.82 96.57
C LEU H 2879 -63.55 68.88 95.98
N ALA H 2880 -63.98 67.89 95.20
CA ALA H 2880 -63.04 67.02 94.51
C ALA H 2880 -62.21 67.81 93.50
N GLU H 2881 -62.83 68.78 92.83
CA GLU H 2881 -62.09 69.63 91.92
C GLU H 2881 -61.00 70.43 92.66
N ASN H 2882 -61.32 70.92 93.87
CA ASN H 2882 -60.30 71.65 94.62
C ASN H 2882 -59.22 70.73 95.16
N TYR H 2883 -59.58 69.49 95.50
CA TYR H 2883 -58.56 68.52 95.87
C TYR H 2883 -57.63 68.26 94.69
N HIS H 2884 -58.22 68.13 93.49
CA HIS H 2884 -57.42 68.01 92.28
C HIS H 2884 -56.60 69.27 92.03
N ASN H 2885 -57.11 70.43 92.47
CA ASN H 2885 -56.37 71.68 92.28
C ASN H 2885 -55.18 71.77 93.22
N THR H 2886 -55.32 71.28 94.43
CA THR H 2886 -54.16 71.17 95.34
C THR H 2886 -53.16 70.16 94.79
N TRP H 2887 -53.67 69.02 94.30
CA TRP H 2887 -52.81 68.06 93.62
C TRP H 2887 -52.10 68.72 92.44
N GLY H 2888 -52.79 69.63 91.76
CA GLY H 2888 -52.20 70.30 90.61
C GLY H 2888 -51.22 71.37 91.00
N ARG H 2889 -51.41 71.98 92.17
CA ARG H 2889 -50.39 72.89 92.70
C ARG H 2889 -49.12 72.12 93.02
N LYS H 2890 -49.26 70.94 93.63
CA LYS H 2890 -48.10 70.09 93.88
C LYS H 2890 -47.46 69.67 92.56
N LYS H 2891 -48.29 69.29 91.58
CA LYS H 2891 -47.77 68.87 90.28
C LYS H 2891 -47.11 70.02 89.54
N LYS H 2892 -47.60 71.24 89.76
CA LYS H 2892 -46.98 72.43 89.17
C LYS H 2892 -45.64 72.71 89.81
N GLN H 2893 -45.54 72.47 91.12
CA GLN H 2893 -44.24 72.53 91.76
C GLN H 2893 -43.29 71.52 91.16
N GLU H 2894 -43.79 70.30 90.90
CA GLU H 2894 -42.97 69.28 90.25
C GLU H 2894 -42.55 69.71 88.85
N LEU H 2895 -43.48 70.32 88.11
CA LEU H 2895 -43.16 70.80 86.77
C LEU H 2895 -42.10 71.90 86.82
N GLU H 2896 -42.20 72.80 87.79
CA GLU H 2896 -41.19 73.83 87.94
C GLU H 2896 -39.84 73.22 88.26
N ALA H 2897 -39.83 72.20 89.12
CA ALA H 2897 -38.58 71.50 89.42
C ALA H 2897 -37.99 70.85 88.18
N LYS H 2898 -38.84 70.22 87.37
CA LYS H 2898 -38.38 69.52 86.17
C LYS H 2898 -38.07 70.47 85.01
N GLY H 2899 -38.46 71.74 85.10
CA GLY H 2899 -38.28 72.65 83.99
C GLY H 2899 -39.25 72.43 82.85
N GLY H 2900 -40.37 71.80 83.12
CA GLY H 2900 -41.37 71.57 82.09
C GLY H 2900 -42.18 70.32 82.40
N GLY H 2901 -42.92 69.89 81.39
CA GLY H 2901 -43.77 68.72 81.50
C GLY H 2901 -45.24 69.10 81.67
N SER H 2902 -46.11 68.16 81.30
CA SER H 2902 -47.56 68.34 81.40
C SER H 2902 -48.19 67.05 81.91
N HIS H 2903 -48.86 67.13 83.04
CA HIS H 2903 -49.51 65.95 83.61
C HIS H 2903 -50.75 65.60 82.78
N PRO H 2904 -51.04 64.32 82.56
CA PRO H 2904 -52.22 63.97 81.77
C PRO H 2904 -53.53 64.50 82.34
N LEU H 2905 -53.65 64.55 83.67
CA LEU H 2905 -54.87 65.00 84.33
C LEU H 2905 -54.78 66.45 84.77
N LEU H 2906 -54.03 67.28 84.05
CA LEU H 2906 -53.89 68.70 84.38
C LEU H 2906 -54.99 69.53 83.69
N VAL H 2907 -56.23 69.13 83.95
CA VAL H 2907 -57.39 69.76 83.32
C VAL H 2907 -58.49 69.94 84.35
N PRO H 2908 -59.48 70.80 84.05
CA PRO H 2908 -60.58 71.01 84.99
C PRO H 2908 -61.48 69.79 85.13
N TYR H 2909 -62.26 69.79 86.21
CA TYR H 2909 -63.15 68.68 86.52
C TYR H 2909 -64.09 68.39 85.36
N ASP H 2910 -64.74 69.43 84.84
CA ASP H 2910 -65.73 69.23 83.79
C ASP H 2910 -65.11 68.54 82.58
N THR H 2911 -63.89 68.95 82.22
CA THR H 2911 -63.18 68.26 81.14
C THR H 2911 -62.90 66.81 81.52
N LEU H 2912 -62.47 66.57 82.76
CA LEU H 2912 -62.12 65.21 83.16
C LEU H 2912 -63.29 64.27 82.92
N THR H 2913 -63.00 63.10 82.36
CA THR H 2913 -64.03 62.10 82.15
C THR H 2913 -64.48 61.50 83.48
N ALA H 2914 -65.61 60.79 83.44
CA ALA H 2914 -66.30 60.39 84.66
C ALA H 2914 -65.41 59.55 85.57
N LYS H 2915 -64.71 58.57 85.00
CA LYS H 2915 -63.93 57.65 85.83
C LYS H 2915 -62.83 58.40 86.59
N GLU H 2916 -62.08 59.25 85.89
CA GLU H 2916 -61.07 60.05 86.57
C GLU H 2916 -61.72 61.05 87.51
N LYS H 2917 -62.87 61.60 87.11
CA LYS H 2917 -63.68 62.36 88.06
C LYS H 2917 -64.02 61.50 89.26
N ALA H 2918 -64.54 60.29 89.02
CA ALA H 2918 -64.98 59.41 90.09
C ALA H 2918 -63.87 59.13 91.09
N ARG H 2919 -62.63 59.10 90.62
CA ARG H 2919 -61.49 58.84 91.49
C ARG H 2919 -61.51 59.75 92.72
N ASP H 2920 -61.42 61.06 92.50
CA ASP H 2920 -61.47 62.00 93.62
C ASP H 2920 -62.90 62.21 94.11
N ARG H 2921 -63.88 61.87 93.28
CA ARG H 2921 -65.28 61.92 93.70
C ARG H 2921 -65.51 61.06 94.93
N GLU H 2922 -64.94 59.86 94.94
CA GLU H 2922 -65.11 58.98 96.10
C GLU H 2922 -64.70 59.69 97.38
N LYS H 2923 -63.48 60.24 97.41
CA LYS H 2923 -62.97 60.85 98.63
C LYS H 2923 -63.79 62.09 99.01
N ALA H 2924 -64.07 62.96 98.03
CA ALA H 2924 -64.79 64.19 98.35
C ALA H 2924 -66.19 63.89 98.86
N GLN H 2925 -66.90 62.99 98.20
CA GLN H 2925 -68.25 62.66 98.64
C GLN H 2925 -68.23 61.95 99.97
N GLU H 2926 -67.18 61.15 100.23
CA GLU H 2926 -67.08 60.46 101.51
C GLU H 2926 -66.95 61.49 102.64
N LEU H 2927 -66.10 62.49 102.43
CA LEU H 2927 -65.94 63.55 103.43
C LEU H 2927 -67.26 64.30 103.65
N LEU H 2928 -67.90 64.73 102.57
CA LEU H 2928 -69.15 65.47 102.71
C LEU H 2928 -70.20 64.62 103.41
N LYS H 2929 -70.24 63.33 103.09
CA LYS H 2929 -71.28 62.44 103.61
C LYS H 2929 -71.08 62.21 105.12
N PHE H 2930 -69.83 62.06 105.55
CA PHE H 2930 -69.59 61.95 106.98
C PHE H 2930 -69.89 63.27 107.68
N LEU H 2931 -69.65 64.39 107.01
CA LEU H 2931 -70.10 65.67 107.58
C LEU H 2931 -71.61 65.63 107.82
N GLN H 2932 -72.36 65.17 106.83
CA GLN H 2932 -73.82 65.12 106.98
C GLN H 2932 -74.23 64.23 108.14
N MET H 2933 -73.62 63.04 108.27
CA MET H 2933 -73.97 62.18 109.40
C MET H 2933 -73.63 62.84 110.72
N ASN H 2934 -72.38 63.31 110.87
CA ASN H 2934 -71.98 63.95 112.12
C ASN H 2934 -72.76 65.22 112.39
N GLY H 2935 -73.57 65.68 111.43
CA GLY H 2935 -74.49 66.78 111.65
C GLY H 2935 -74.06 68.08 111.04
N TYR H 2936 -72.91 68.12 110.39
CA TYR H 2936 -72.36 69.36 109.85
C TYR H 2936 -73.00 69.64 108.50
N ALA H 2937 -74.27 70.04 108.53
CA ALA H 2937 -75.05 70.24 107.31
C ALA H 2937 -74.59 71.53 106.65
N VAL H 2938 -73.49 71.43 105.90
CA VAL H 2938 -72.92 72.60 105.24
C VAL H 2938 -73.82 73.02 104.09
N THR H 2939 -74.04 74.33 103.98
CA THR H 2939 -74.86 74.92 102.92
C THR H 2939 -73.96 75.81 102.08
N ARG H 2940 -74.10 75.70 100.75
CA ARG H 2940 -73.25 76.45 99.84
C ARG H 2940 -73.94 77.73 99.36
N GLY H 2941 -75.18 77.62 98.91
CA GLY H 2941 -75.86 78.74 98.31
C GLY H 2941 -75.41 78.96 96.87
N LEU H 2942 -75.71 77.99 96.00
CA LEU H 2942 -75.28 78.02 94.62
C LEU H 2942 -75.84 79.25 93.90
N LYS H 2943 -75.43 79.40 92.63
CA LYS H 2943 -76.01 80.37 91.72
C LYS H 2943 -76.59 79.70 90.48
N ASP H 2944 -76.97 78.43 90.56
CA ASP H 2944 -77.46 77.67 89.43
C ASP H 2944 -78.87 77.12 89.62
N MET H 2945 -79.45 77.25 90.82
CA MET H 2945 -80.79 76.71 91.04
C MET H 2945 -81.84 77.50 90.28
N GLU H 2946 -81.48 78.66 89.72
CA GLU H 2946 -82.45 79.46 88.97
C GLU H 2946 -83.06 78.66 87.83
N LEU H 2947 -82.33 77.68 87.32
CA LEU H 2947 -82.83 76.78 86.28
C LEU H 2947 -83.41 75.49 86.86
N ASP H 2948 -83.92 75.54 88.09
CA ASP H 2948 -84.50 74.37 88.73
C ASP H 2948 -85.39 73.60 87.75
N THR H 2949 -85.17 72.30 87.68
CA THR H 2949 -85.76 71.49 86.62
C THR H 2949 -85.42 72.14 85.27
N SER H 2950 -86.42 72.65 84.56
CA SER H 2950 -86.19 73.47 83.38
C SER H 2950 -85.23 72.78 82.42
N SER H 2951 -85.41 71.47 82.22
CA SER H 2951 -84.62 70.77 81.21
C SER H 2951 -84.79 71.43 79.85
N ILE H 2952 -85.96 72.03 79.61
CA ILE H 2952 -86.13 72.81 78.39
C ILE H 2952 -85.13 73.96 78.35
N GLU H 2953 -84.99 74.67 79.46
CA GLU H 2953 -83.99 75.74 79.54
C GLU H 2953 -82.57 75.22 79.38
N LYS H 2954 -82.30 73.99 79.79
CA LYS H 2954 -80.98 73.41 79.64
C LYS H 2954 -80.71 72.88 78.24
N ARG H 2955 -81.74 72.65 77.45
CA ARG H 2955 -81.54 72.21 76.07
C ARG H 2955 -80.60 73.15 75.33
N PHE H 2956 -79.77 72.58 74.45
CA PHE H 2956 -78.77 73.39 73.75
C PHE H 2956 -79.44 74.46 72.90
N ALA H 2957 -80.45 74.09 72.13
CA ALA H 2957 -81.09 75.06 71.25
C ALA H 2957 -81.66 76.23 72.04
N PHE H 2958 -82.06 75.99 73.29
CA PHE H 2958 -82.59 77.04 74.13
C PHE H 2958 -81.56 78.14 74.37
N GLY H 2959 -80.36 77.76 74.81
CA GLY H 2959 -79.33 78.76 75.07
C GLY H 2959 -78.87 79.44 73.80
N PHE H 2960 -78.77 78.68 72.71
CA PHE H 2960 -78.39 79.27 71.43
C PHE H 2960 -79.38 80.33 71.01
N LEU H 2961 -80.68 80.03 71.14
CA LEU H 2961 -81.70 80.99 70.75
C LEU H 2961 -81.72 82.19 71.69
N GLN H 2962 -81.48 81.96 72.98
CA GLN H 2962 -81.40 83.09 73.90
C GLN H 2962 -80.27 84.04 73.52
N GLN H 2963 -79.10 83.49 73.20
CA GLN H 2963 -77.99 84.33 72.78
C GLN H 2963 -78.33 85.05 71.48
N LEU H 2964 -78.98 84.36 70.55
CA LEU H 2964 -79.37 84.99 69.30
C LEU H 2964 -80.29 86.17 69.54
N LEU H 2965 -81.26 86.01 70.44
CA LEU H 2965 -82.20 87.10 70.73
C LEU H 2965 -81.48 88.27 71.39
N ARG H 2966 -80.56 87.98 72.32
CA ARG H 2966 -79.81 89.07 72.94
C ARG H 2966 -79.00 89.83 71.88
N TRP H 2967 -78.42 89.10 70.94
CA TRP H 2967 -77.66 89.78 69.90
C TRP H 2967 -78.58 90.54 68.95
N MET H 2968 -79.83 90.10 68.80
CA MET H 2968 -80.79 90.91 68.05
C MET H 2968 -81.05 92.23 68.76
N ASP H 2969 -81.13 92.21 70.09
CA ASP H 2969 -81.27 93.47 70.82
C ASP H 2969 -80.06 94.37 70.59
N ILE H 2970 -78.86 93.80 70.71
CA ILE H 2970 -77.66 94.59 70.46
C ILE H 2970 -77.68 95.14 69.05
N SER H 2971 -78.20 94.36 68.10
CA SER H 2971 -78.31 94.82 66.73
C SER H 2971 -79.27 95.99 66.62
N GLN H 2972 -80.39 95.95 67.34
CA GLN H 2972 -81.30 97.08 67.31
C GLN H 2972 -80.60 98.34 67.77
N GLU H 2973 -79.86 98.26 68.88
CA GLU H 2973 -79.12 99.44 69.34
C GLU H 2973 -78.13 99.95 68.28
N PHE H 2974 -77.26 99.08 67.76
CA PHE H 2974 -76.25 99.63 66.87
C PHE H 2974 -76.83 100.05 65.53
N ILE H 2975 -77.93 99.43 65.08
CA ILE H 2975 -78.58 99.87 63.85
C ILE H 2975 -79.22 101.23 64.06
N ALA H 2976 -79.85 101.46 65.22
CA ALA H 2976 -80.38 102.78 65.51
C ALA H 2976 -79.28 103.82 65.48
N HIS H 2977 -78.13 103.51 66.10
CA HIS H 2977 -77.03 104.46 66.10
C HIS H 2977 -76.54 104.74 64.68
N LEU H 2978 -76.38 103.68 63.89
CA LEU H 2978 -75.88 103.84 62.52
C LEU H 2978 -76.83 104.68 61.69
N GLU H 2979 -78.14 104.42 61.83
CA GLU H 2979 -79.12 105.20 61.11
C GLU H 2979 -79.07 106.66 61.53
N ALA H 2980 -78.96 106.92 62.84
CA ALA H 2980 -78.90 108.30 63.32
C ALA H 2980 -77.70 109.03 62.74
N VAL H 2981 -76.52 108.39 62.78
CA VAL H 2981 -75.32 109.06 62.30
C VAL H 2981 -75.39 109.27 60.79
N VAL H 2982 -75.95 108.31 60.05
CA VAL H 2982 -76.10 108.49 58.62
C VAL H 2982 -77.04 109.65 58.33
N SER H 2983 -78.14 109.75 59.08
CA SER H 2983 -79.08 110.84 58.88
C SER H 2983 -78.44 112.19 59.16
N SER H 2984 -77.67 112.29 60.24
CA SER H 2984 -77.05 113.55 60.62
C SER H 2984 -75.74 113.28 61.35
N GLY H 2985 -74.83 114.24 61.28
CA GLY H 2985 -73.59 114.16 62.02
C GLY H 2985 -72.75 112.95 61.66
N ARG H 2986 -72.17 112.95 60.45
CA ARG H 2986 -71.39 111.81 59.98
C ARG H 2986 -70.49 111.26 61.08
N VAL H 2987 -70.54 109.94 61.28
CA VAL H 2987 -69.70 109.24 62.24
C VAL H 2987 -69.02 108.10 61.51
N GLU H 2988 -67.68 108.08 61.54
CA GLU H 2988 -66.91 107.00 60.95
C GLU H 2988 -66.19 106.14 61.96
N LYS H 2989 -66.06 106.60 63.22
CA LYS H 2989 -65.44 105.78 64.24
C LYS H 2989 -66.23 104.50 64.48
N SER H 2990 -67.56 104.61 64.45
CA SER H 2990 -68.43 103.44 64.58
C SER H 2990 -68.07 102.64 65.82
N PRO H 2991 -68.42 103.12 67.01
CA PRO H 2991 -68.02 102.41 68.24
C PRO H 2991 -68.57 101.00 68.31
N HIS H 2992 -69.62 100.67 67.55
CA HIS H 2992 -70.11 99.30 67.43
C HIS H 2992 -69.62 98.63 66.16
N GLU H 2993 -68.43 98.98 65.68
CA GLU H 2993 -67.90 98.35 64.48
C GLU H 2993 -67.71 96.85 64.70
N GLN H 2994 -67.16 96.48 65.85
CA GLN H 2994 -66.96 95.07 66.14
C GLN H 2994 -68.29 94.34 66.21
N GLU H 2995 -69.29 94.95 66.83
CA GLU H 2995 -70.61 94.34 66.90
C GLU H 2995 -71.19 94.14 65.49
N ILE H 2996 -71.05 95.16 64.64
CA ILE H 2996 -71.54 95.04 63.27
C ILE H 2996 -70.87 93.86 62.58
N LYS H 2997 -69.54 93.80 62.66
CA LYS H 2997 -68.81 92.76 61.95
C LYS H 2997 -69.20 91.39 62.46
N PHE H 2998 -69.27 91.23 63.79
CA PHE H 2998 -69.69 89.95 64.35
C PHE H 2998 -71.08 89.56 63.84
N PHE H 2999 -72.04 90.46 63.98
CA PHE H 2999 -73.41 90.10 63.63
C PHE H 2999 -73.52 89.75 62.16
N ALA H 3000 -72.82 90.46 61.28
CA ALA H 3000 -72.97 90.26 59.85
C ALA H 3000 -72.06 89.18 59.29
N LYS H 3001 -71.04 88.74 60.03
CA LYS H 3001 -70.10 87.76 59.51
C LYS H 3001 -70.13 86.43 60.24
N ILE H 3002 -70.78 86.34 61.41
CA ILE H 3002 -70.82 85.11 62.17
C ILE H 3002 -72.28 84.67 62.34
N LEU H 3003 -73.09 85.55 62.92
CA LEU H 3003 -74.44 85.16 63.29
C LEU H 3003 -75.27 84.80 62.05
N LEU H 3004 -75.22 85.64 61.03
CA LEU H 3004 -76.08 85.38 59.87
C LEU H 3004 -75.73 84.07 59.18
N PRO H 3005 -74.48 83.80 58.82
CA PRO H 3005 -74.18 82.45 58.29
C PRO H 3005 -74.50 81.35 59.28
N LEU H 3006 -74.23 81.58 60.56
CA LEU H 3006 -74.57 80.59 61.57
C LEU H 3006 -76.06 80.31 61.56
N ILE H 3007 -76.87 81.32 61.90
CA ILE H 3007 -78.32 81.17 61.86
C ILE H 3007 -78.75 80.42 60.62
N ASN H 3008 -78.25 80.85 59.45
CA ASN H 3008 -78.69 80.23 58.21
C ASN H 3008 -78.43 78.74 58.21
N GLN H 3009 -77.19 78.33 58.49
CA GLN H 3009 -76.86 76.91 58.44
C GLN H 3009 -77.62 76.13 59.51
N TYR H 3010 -77.65 76.65 60.74
CA TYR H 3010 -78.25 75.92 61.84
C TYR H 3010 -79.72 75.66 61.59
N PHE H 3011 -80.45 76.68 61.13
CA PHE H 3011 -81.88 76.50 60.92
C PHE H 3011 -82.21 75.90 59.57
N THR H 3012 -81.24 75.80 58.66
CA THR H 3012 -81.43 74.94 57.51
C THR H 3012 -81.31 73.48 57.89
N ASN H 3013 -80.37 73.15 58.78
CA ASN H 3013 -80.21 71.77 59.21
C ASN H 3013 -81.35 71.33 60.12
N HIS H 3014 -81.48 71.98 61.28
CA HIS H 3014 -82.44 71.54 62.29
C HIS H 3014 -83.81 72.20 62.07
N CYS H 3015 -84.29 72.10 60.84
CA CYS H 3015 -85.62 72.61 60.51
C CYS H 3015 -86.71 71.66 60.98
N LEU H 3016 -86.50 70.36 60.79
CA LEU H 3016 -87.54 69.39 61.12
C LEU H 3016 -87.78 69.35 62.63
N TYR H 3017 -86.72 69.49 63.42
CA TYR H 3017 -86.86 69.47 64.87
C TYR H 3017 -87.77 70.58 65.35
N PHE H 3018 -87.70 71.76 64.73
CA PHE H 3018 -88.49 72.89 65.19
C PHE H 3018 -89.93 72.85 64.70
N LEU H 3019 -90.22 72.03 63.67
CA LEU H 3019 -91.57 71.91 63.15
C LEU H 3019 -92.30 70.69 63.70
N SER H 3020 -91.62 69.82 64.43
CA SER H 3020 -92.24 68.61 64.95
C SER H 3020 -93.11 68.94 66.16
N THR H 3021 -94.15 68.13 66.35
CA THR H 3021 -95.06 68.26 67.48
C THR H 3021 -95.22 66.91 68.16
N PRO H 3022 -95.65 66.89 69.43
CA PRO H 3022 -95.81 65.60 70.11
C PRO H 3022 -96.70 64.63 69.36
N ALA H 3023 -97.79 65.13 68.77
CA ALA H 3023 -98.69 64.27 68.02
C ALA H 3023 -98.01 63.72 66.77
N LYS H 3024 -97.25 64.56 66.07
CA LYS H 3024 -96.61 64.19 64.82
C LYS H 3024 -95.16 64.65 64.86
N VAL H 3025 -94.25 63.70 65.05
CA VAL H 3025 -92.82 63.97 64.96
C VAL H 3025 -92.38 63.65 63.53
N LEU H 3026 -92.06 64.69 62.76
CA LEU H 3026 -91.69 64.54 61.36
C LEU H 3026 -90.19 64.59 61.15
N GLY H 3027 -89.40 64.47 62.22
CA GLY H 3027 -87.96 64.43 62.13
C GLY H 3027 -87.42 63.09 62.60
N SER H 3028 -86.09 63.02 62.66
CA SER H 3028 -85.44 61.78 63.09
C SER H 3028 -85.82 61.45 64.53
N GLY H 3029 -85.80 62.44 65.41
CA GLY H 3029 -86.13 62.22 66.80
C GLY H 3029 -86.12 63.50 67.60
N GLY H 3030 -87.06 63.64 68.52
CA GLY H 3030 -87.13 64.85 69.31
C GLY H 3030 -87.96 65.92 68.63
N HIS H 3031 -88.52 66.81 69.45
CA HIS H 3031 -89.33 67.91 68.97
C HIS H 3031 -89.05 69.13 69.81
N ALA H 3032 -89.06 70.30 69.17
CA ALA H 3032 -88.80 71.54 69.90
C ALA H 3032 -89.92 71.80 70.90
N SER H 3033 -89.55 72.34 72.06
CA SER H 3033 -90.53 72.73 73.05
C SER H 3033 -91.25 74.00 72.61
N ASN H 3034 -92.34 74.29 73.30
CA ASN H 3034 -93.11 75.50 72.98
C ASN H 3034 -92.26 76.75 73.20
N LYS H 3035 -91.41 76.74 74.21
CA LYS H 3035 -90.56 77.90 74.46
C LYS H 3035 -89.60 78.11 73.28
N GLU H 3036 -89.01 77.04 72.78
CA GLU H 3036 -88.12 77.17 71.62
C GLU H 3036 -88.90 77.64 70.39
N LYS H 3037 -90.10 77.09 70.19
CA LYS H 3037 -90.91 77.50 69.06
C LYS H 3037 -91.25 78.99 69.13
N GLU H 3038 -91.50 79.50 70.35
CA GLU H 3038 -91.79 80.92 70.51
C GLU H 3038 -90.54 81.77 70.31
N MET H 3039 -89.40 81.30 70.78
CA MET H 3039 -88.17 82.07 70.62
C MET H 3039 -87.79 82.18 69.15
N ILE H 3040 -88.00 81.13 68.38
CA ILE H 3040 -87.68 81.21 66.95
C ILE H 3040 -88.58 82.22 66.26
N THR H 3041 -89.86 82.27 66.65
CA THR H 3041 -90.77 83.28 66.10
C THR H 3041 -90.34 84.68 66.49
N SER H 3042 -89.92 84.87 67.74
CA SER H 3042 -89.43 86.17 68.14
C SER H 3042 -88.20 86.57 67.33
N LEU H 3043 -87.32 85.60 67.09
CA LEU H 3043 -86.13 85.87 66.28
C LEU H 3043 -86.53 86.33 64.88
N PHE H 3044 -87.45 85.60 64.25
CA PHE H 3044 -87.87 85.98 62.90
C PHE H 3044 -88.47 87.37 62.87
N CYS H 3045 -89.39 87.65 63.79
CA CYS H 3045 -90.05 88.95 63.81
C CYS H 3045 -89.04 90.07 64.08
N LYS H 3046 -88.12 89.86 65.03
CA LYS H 3046 -87.14 90.87 65.35
C LYS H 3046 -86.23 91.14 64.17
N LEU H 3047 -85.78 90.09 63.48
CA LEU H 3047 -84.92 90.29 62.33
C LEU H 3047 -85.64 91.03 61.21
N ALA H 3048 -86.91 90.68 60.97
CA ALA H 3048 -87.68 91.38 59.95
C ALA H 3048 -87.82 92.86 60.29
N ALA H 3049 -88.15 93.16 61.55
CA ALA H 3049 -88.27 94.56 61.96
C ALA H 3049 -86.94 95.28 61.80
N LEU H 3050 -85.83 94.61 62.16
CA LEU H 3050 -84.53 95.22 62.03
C LEU H 3050 -84.23 95.59 60.59
N VAL H 3051 -84.50 94.68 59.65
CA VAL H 3051 -84.20 94.94 58.25
C VAL H 3051 -85.22 95.84 57.58
N ARG H 3052 -86.36 96.08 58.20
CA ARG H 3052 -87.39 96.92 57.59
C ARG H 3052 -86.83 98.28 57.20
N HIS H 3053 -86.99 98.63 55.93
CA HIS H 3053 -86.60 99.96 55.43
C HIS H 3053 -85.14 100.27 55.71
N ARG H 3054 -84.31 99.23 55.79
CA ARG H 3054 -82.90 99.42 56.12
C ARG H 3054 -82.01 98.51 55.28
N VAL H 3055 -82.44 98.17 54.07
CA VAL H 3055 -81.65 97.28 53.23
C VAL H 3055 -80.32 97.93 52.88
N SER H 3056 -80.32 99.23 52.58
CA SER H 3056 -79.09 99.91 52.21
C SER H 3056 -78.08 99.89 53.36
N LEU H 3057 -78.56 100.08 54.58
CA LEU H 3057 -77.64 100.11 55.72
C LEU H 3057 -76.78 98.85 55.77
N PHE H 3058 -77.40 97.69 55.62
CA PHE H 3058 -76.63 96.46 55.56
C PHE H 3058 -75.82 96.37 54.28
N GLY H 3059 -76.38 96.85 53.18
CA GLY H 3059 -75.63 96.88 51.93
C GLY H 3059 -75.37 95.49 51.40
N THR H 3060 -74.11 95.06 51.44
CA THR H 3060 -73.74 93.75 50.90
C THR H 3060 -74.19 92.59 51.78
N ASP H 3061 -74.59 92.84 53.02
CA ASP H 3061 -75.14 91.81 53.89
C ASP H 3061 -76.65 91.71 53.81
N ALA H 3062 -77.29 92.57 53.01
CA ALA H 3062 -78.73 92.45 52.82
C ALA H 3062 -79.12 91.11 52.24
N PRO H 3063 -78.41 90.57 51.25
CA PRO H 3063 -78.74 89.21 50.78
C PRO H 3063 -78.66 88.17 51.88
N ALA H 3064 -77.67 88.28 52.77
CA ALA H 3064 -77.57 87.33 53.87
C ALA H 3064 -78.75 87.48 54.82
N VAL H 3065 -79.16 88.72 55.11
CA VAL H 3065 -80.30 88.93 55.99
C VAL H 3065 -81.56 88.34 55.36
N VAL H 3066 -81.73 88.55 54.06
CA VAL H 3066 -82.91 88.02 53.38
C VAL H 3066 -82.90 86.49 53.40
N ASN H 3067 -81.74 85.89 53.18
CA ASN H 3067 -81.65 84.43 53.22
C ASN H 3067 -81.99 83.91 54.62
N CYS H 3068 -81.49 84.58 55.66
CA CYS H 3068 -81.81 84.16 57.02
C CYS H 3068 -83.30 84.27 57.28
N LEU H 3069 -83.92 85.34 56.78
CA LEU H 3069 -85.37 85.47 56.94
C LEU H 3069 -86.11 84.34 56.22
N HIS H 3070 -85.64 83.98 55.02
CA HIS H 3070 -86.23 82.84 54.33
C HIS H 3070 -86.16 81.59 55.18
N ILE H 3071 -84.98 81.30 55.72
CA ILE H 3071 -84.78 80.07 56.49
C ILE H 3071 -85.68 80.08 57.72
N LEU H 3072 -85.71 81.20 58.44
CA LEU H 3072 -86.53 81.26 59.65
C LEU H 3072 -88.01 81.10 59.32
N ALA H 3073 -88.47 81.74 58.25
CA ALA H 3073 -89.86 81.59 57.85
C ALA H 3073 -90.18 80.14 57.53
N ARG H 3074 -89.29 79.46 56.82
CA ARG H 3074 -89.50 78.05 56.54
C ARG H 3074 -89.41 77.18 57.78
N SER H 3075 -88.81 77.68 58.86
CA SER H 3075 -88.70 76.92 60.10
C SER H 3075 -89.68 77.38 61.18
N LEU H 3076 -90.64 78.25 60.83
CA LEU H 3076 -91.57 78.80 61.80
C LEU H 3076 -92.70 77.81 62.09
N ASP H 3077 -93.03 77.62 63.38
CA ASP H 3077 -94.21 76.85 63.78
C ASP H 3077 -95.32 77.81 64.22
N ALA H 3078 -95.93 78.44 63.22
CA ALA H 3078 -96.93 79.45 63.49
C ALA H 3078 -98.15 78.87 64.19
N ARG H 3079 -98.54 77.64 63.82
CA ARG H 3079 -99.74 77.05 64.41
C ARG H 3079 -99.62 76.95 65.93
N THR H 3080 -98.56 76.32 66.40
CA THR H 3080 -98.37 76.18 67.84
C THR H 3080 -98.19 77.56 68.49
N VAL H 3081 -97.39 78.43 67.86
CA VAL H 3081 -97.12 79.72 68.48
C VAL H 3081 -98.42 80.49 68.69
N MET H 3082 -99.31 80.47 67.68
CA MET H 3082 -100.54 81.23 67.78
C MET H 3082 -101.54 80.55 68.71
N LYS H 3083 -101.66 79.23 68.64
CA LYS H 3083 -102.62 78.54 69.50
C LYS H 3083 -102.28 78.72 70.97
N SER H 3084 -101.00 78.61 71.32
CA SER H 3084 -100.61 78.76 72.73
C SER H 3084 -99.23 79.40 72.75
N GLY H 3085 -99.20 80.72 72.91
CA GLY H 3085 -97.97 81.45 73.00
C GLY H 3085 -98.15 82.75 73.75
N PRO H 3086 -97.05 83.31 74.27
CA PRO H 3086 -97.16 84.58 74.98
C PRO H 3086 -97.71 85.69 74.10
N GLU H 3087 -98.49 86.57 74.73
CA GLU H 3087 -99.07 87.69 73.99
C GLU H 3087 -98.00 88.51 73.31
N ILE H 3088 -96.80 88.55 73.88
CA ILE H 3088 -95.72 89.32 73.27
C ILE H 3088 -95.33 88.72 71.93
N VAL H 3089 -95.18 87.41 71.87
CA VAL H 3089 -94.80 86.77 70.61
C VAL H 3089 -95.93 86.87 69.60
N LYS H 3090 -97.16 86.64 70.04
CA LYS H 3090 -98.29 86.77 69.11
C LYS H 3090 -98.36 88.20 68.56
N ALA H 3091 -98.16 89.19 69.42
CA ALA H 3091 -98.17 90.58 68.97
C ALA H 3091 -97.04 90.85 67.99
N GLY H 3092 -95.87 90.25 68.23
CA GLY H 3092 -94.78 90.40 67.28
C GLY H 3092 -95.14 89.90 65.91
N LEU H 3093 -95.73 88.71 65.84
CA LEU H 3093 -96.11 88.16 64.54
C LEU H 3093 -97.19 89.00 63.88
N ARG H 3094 -98.20 89.42 64.65
CA ARG H 3094 -99.25 90.24 64.09
C ARG H 3094 -98.71 91.57 63.59
N SER H 3095 -97.77 92.17 64.32
CA SER H 3095 -97.15 93.40 63.88
C SER H 3095 -96.35 93.20 62.61
N PHE H 3096 -95.67 92.06 62.48
CA PHE H 3096 -94.99 91.77 61.22
C PHE H 3096 -95.98 91.79 60.07
N PHE H 3097 -97.10 91.08 60.22
CA PHE H 3097 -98.07 91.03 59.12
C PHE H 3097 -98.65 92.41 58.83
N GLU H 3098 -98.98 93.17 59.86
CA GLU H 3098 -99.54 94.50 59.65
C GLU H 3098 -98.56 95.43 58.96
N SER H 3099 -97.30 95.42 59.39
CA SER H 3099 -96.30 96.24 58.75
C SER H 3099 -96.09 95.83 57.29
N ALA H 3100 -96.11 94.53 57.02
CA ALA H 3100 -95.98 94.08 55.64
C ALA H 3100 -97.13 94.61 54.80
N SER H 3101 -98.36 94.53 55.33
CA SER H 3101 -99.50 95.03 54.57
C SER H 3101 -99.36 96.53 54.31
N GLU H 3102 -98.94 97.30 55.32
CA GLU H 3102 -98.79 98.74 55.14
C GLU H 3102 -97.74 99.06 54.08
N ASP H 3103 -96.61 98.36 54.13
CA ASP H 3103 -95.56 98.59 53.15
C ASP H 3103 -96.04 98.26 51.75
N ILE H 3104 -96.79 97.17 51.62
CA ILE H 3104 -97.32 96.79 50.30
C ILE H 3104 -98.27 97.86 49.80
N GLU H 3105 -99.13 98.38 50.69
CA GLU H 3105 -100.07 99.42 50.27
C GLU H 3105 -99.34 100.66 49.78
N LYS H 3106 -98.33 101.10 50.54
CA LYS H 3106 -97.60 102.29 50.14
C LYS H 3106 -96.85 102.05 48.82
N MET H 3107 -96.27 100.87 48.67
CA MET H 3107 -95.60 100.54 47.41
C MET H 3107 -96.56 100.58 46.25
N VAL H 3108 -97.76 100.03 46.42
CA VAL H 3108 -98.70 99.92 45.31
C VAL H 3108 -99.22 101.30 44.93
N GLU H 3109 -99.54 102.13 45.92
CA GLU H 3109 -100.02 103.47 45.61
C GLU H 3109 -98.93 104.27 44.91
N ASN H 3110 -97.68 104.15 45.37
CA ASN H 3110 -96.59 104.84 44.68
C ASN H 3110 -96.43 104.33 43.26
N LEU H 3111 -96.50 103.02 43.07
CA LEU H 3111 -96.31 102.45 41.73
C LEU H 3111 -97.38 102.97 40.77
N ARG H 3112 -98.63 103.02 41.22
CA ARG H 3112 -99.66 103.60 40.35
C ARG H 3112 -99.51 105.11 40.22
N LEU H 3113 -98.79 105.75 41.14
CA LEU H 3113 -98.54 107.19 41.04
C LEU H 3113 -99.84 107.97 41.18
N LYS H 3124 -86.76 110.36 49.63
CA LYS H 3124 -86.12 109.05 49.67
C LYS H 3124 -87.10 107.95 50.06
N GLY H 3125 -88.27 108.35 50.53
CA GLY H 3125 -89.25 107.35 50.95
C GLY H 3125 -89.64 106.42 49.82
N VAL H 3126 -89.89 106.98 48.63
CA VAL H 3126 -90.35 106.16 47.51
C VAL H 3126 -89.29 105.12 47.13
N GLY H 3127 -88.04 105.58 46.96
CA GLY H 3127 -86.99 104.65 46.57
C GLY H 3127 -86.71 103.61 47.65
N GLN H 3128 -86.70 104.06 48.91
CA GLN H 3128 -86.47 103.13 50.01
C GLN H 3128 -87.54 102.05 50.04
N ASN H 3129 -88.81 102.45 49.91
CA ASN H 3129 -89.89 101.47 49.89
C ASN H 3129 -89.76 100.53 48.70
N LEU H 3130 -89.47 101.07 47.52
CA LEU H 3130 -89.40 100.20 46.36
C LEU H 3130 -88.28 99.17 46.52
N THR H 3131 -87.08 99.61 46.86
CA THR H 3131 -85.94 98.70 46.99
C THR H 3131 -86.04 97.79 48.21
N TYR H 3132 -86.88 98.13 49.20
CA TYR H 3132 -87.09 97.21 50.31
C TYR H 3132 -88.14 96.17 49.98
N THR H 3133 -89.30 96.59 49.47
CA THR H 3133 -90.35 95.64 49.17
C THR H 3133 -89.93 94.68 48.05
N THR H 3134 -89.22 95.18 47.05
CA THR H 3134 -88.86 94.32 45.94
C THR H 3134 -87.77 93.31 46.29
N VAL H 3135 -87.01 93.58 47.35
CA VAL H 3135 -85.81 92.79 47.63
C VAL H 3135 -86.00 91.90 48.84
N ALA H 3136 -86.64 92.40 49.89
CA ALA H 3136 -86.76 91.67 51.15
C ALA H 3136 -88.21 91.27 51.42
N LEU H 3137 -89.15 92.21 51.42
CA LEU H 3137 -90.50 91.89 51.84
C LEU H 3137 -91.14 90.83 50.95
N LEU H 3138 -91.30 91.12 49.66
CA LEU H 3138 -92.07 90.23 48.80
C LEU H 3138 -91.51 88.82 48.80
N PRO H 3139 -90.21 88.58 48.63
CA PRO H 3139 -89.71 87.21 48.73
C PRO H 3139 -90.00 86.56 50.07
N VAL H 3140 -89.76 87.28 51.17
CA VAL H 3140 -89.98 86.71 52.49
C VAL H 3140 -91.45 86.46 52.74
N LEU H 3141 -92.31 87.39 52.36
CA LEU H 3141 -93.75 87.19 52.52
C LEU H 3141 -94.22 86.00 51.70
N THR H 3142 -93.72 85.87 50.48
CA THR H 3142 -94.07 84.74 49.63
C THR H 3142 -93.66 83.43 50.29
N THR H 3143 -92.43 83.38 50.82
CA THR H 3143 -91.97 82.16 51.47
C THR H 3143 -92.81 81.83 52.69
N LEU H 3144 -93.17 82.85 53.48
CA LEU H 3144 -93.98 82.60 54.67
C LEU H 3144 -95.35 82.07 54.29
N PHE H 3145 -95.99 82.67 53.29
CA PHE H 3145 -97.30 82.19 52.86
C PHE H 3145 -97.20 80.77 52.30
N GLN H 3146 -96.16 80.48 51.52
CA GLN H 3146 -95.98 79.15 50.99
C GLN H 3146 -95.81 78.14 52.11
N HIS H 3147 -95.03 78.48 53.13
CA HIS H 3147 -94.83 77.58 54.26
C HIS H 3147 -96.14 77.33 54.99
N ILE H 3148 -96.91 78.39 55.24
CA ILE H 3148 -98.19 78.24 55.94
C ILE H 3148 -99.11 77.34 55.15
N ALA H 3149 -99.21 77.58 53.84
CA ALA H 3149 -100.09 76.77 53.00
C ALA H 3149 -99.64 75.31 52.98
N GLN H 3150 -98.33 75.08 52.86
CA GLN H 3150 -97.83 73.72 52.79
C GLN H 3150 -98.12 72.95 54.07
N HIS H 3151 -97.95 73.58 55.23
CA HIS H 3151 -98.15 72.89 56.49
C HIS H 3151 -99.58 73.03 57.00
N GLN H 3152 -100.47 73.66 56.25
CA GLN H 3152 -101.89 73.71 56.60
C GLN H 3152 -102.11 74.51 57.88
N PHE H 3153 -101.26 75.52 58.08
CA PHE H 3153 -101.40 76.41 59.22
C PHE H 3153 -102.38 77.54 58.99
N GLY H 3154 -102.91 77.68 57.77
CA GLY H 3154 -103.72 78.84 57.47
C GLY H 3154 -104.93 78.97 58.37
N ASP H 3155 -105.60 77.85 58.64
CA ASP H 3155 -106.81 77.90 59.45
C ASP H 3155 -106.56 78.39 60.86
N ASP H 3156 -105.32 78.31 61.35
CA ASP H 3156 -105.00 78.69 62.71
C ASP H 3156 -104.17 79.96 62.84
N VAL H 3157 -103.42 80.33 61.80
CA VAL H 3157 -102.55 81.50 61.87
C VAL H 3157 -103.29 82.72 61.37
N ILE H 3158 -103.89 82.62 60.19
CA ILE H 3158 -104.49 83.77 59.54
C ILE H 3158 -105.91 83.95 60.06
N LEU H 3159 -106.04 84.64 61.19
CA LEU H 3159 -107.33 84.94 61.79
C LEU H 3159 -107.33 86.34 62.36
N ASP H 3160 -108.51 86.94 62.46
CA ASP H 3160 -108.67 88.25 63.07
C ASP H 3160 -107.74 89.28 62.42
N ASP H 3161 -106.82 89.85 63.20
CA ASP H 3161 -105.99 90.94 62.68
C ASP H 3161 -105.12 90.45 61.53
N VAL H 3162 -104.58 89.24 61.65
CA VAL H 3162 -103.80 88.69 60.56
C VAL H 3162 -104.67 88.54 59.31
N GLN H 3163 -105.93 88.16 59.50
CA GLN H 3163 -106.84 88.04 58.37
C GLN H 3163 -107.06 89.40 57.72
N VAL H 3164 -107.23 90.44 58.52
CA VAL H 3164 -107.43 91.77 57.95
C VAL H 3164 -106.20 92.22 57.17
N SER H 3165 -105.02 91.97 57.73
CA SER H 3165 -103.80 92.36 57.04
C SER H 3165 -103.67 91.60 55.72
N CYS H 3166 -104.00 90.30 55.73
CA CYS H 3166 -103.93 89.53 54.50
C CYS H 3166 -104.94 90.02 53.48
N TYR H 3167 -106.14 90.38 53.92
CA TYR H 3167 -107.12 90.96 53.00
C TYR H 3167 -106.55 92.21 52.33
N ARG H 3168 -106.00 93.11 53.14
CA ARG H 3168 -105.44 94.35 52.59
C ARG H 3168 -104.35 94.05 51.58
N THR H 3169 -103.40 93.20 51.95
CA THR H 3169 -102.31 92.86 51.02
C THR H 3169 -102.85 92.26 49.74
N LEU H 3170 -103.71 91.25 49.87
CA LEU H 3170 -104.22 90.54 48.70
C LEU H 3170 -104.90 91.50 47.74
N CYS H 3171 -105.83 92.31 48.23
CA CYS H 3171 -106.63 93.07 47.28
C CYS H 3171 -105.95 94.39 46.90
N SER H 3172 -104.91 94.80 47.61
CA SER H 3172 -104.04 95.84 47.06
C SER H 3172 -103.24 95.31 45.86
N ILE H 3173 -102.64 94.13 46.03
CA ILE H 3173 -101.92 93.53 44.91
C ILE H 3173 -102.86 93.35 43.72
N TYR H 3174 -104.09 92.90 43.98
CA TYR H 3174 -105.04 92.76 42.89
C TYR H 3174 -105.38 94.12 42.27
N SER H 3175 -105.64 95.13 43.09
CA SER H 3175 -105.99 96.44 42.54
C SER H 3175 -104.87 96.98 41.67
N LEU H 3176 -103.65 96.49 41.86
CA LEU H 3176 -102.58 96.87 40.94
C LEU H 3176 -102.74 96.09 39.63
N GLY H 3177 -103.88 96.25 38.97
CA GLY H 3177 -104.13 95.56 37.73
C GLY H 3177 -104.39 96.50 36.56
N THR H 3178 -105.02 97.64 36.85
CA THR H 3178 -105.34 98.59 35.80
C THR H 3178 -104.11 99.33 35.33
N THR H 3179 -103.12 99.50 36.20
CA THR H 3179 -101.93 100.26 35.86
C THR H 3179 -101.16 99.59 34.72
N ARG H 3180 -100.56 100.41 33.87
CA ARG H 3180 -99.77 99.93 32.73
C ARG H 3180 -98.36 100.50 32.75
N ASN H 3181 -97.86 100.89 33.91
CA ASN H 3181 -96.56 101.52 34.00
C ASN H 3181 -95.46 100.47 33.82
N PRO H 3182 -94.29 100.86 33.29
CA PRO H 3182 -93.20 99.88 33.13
C PRO H 3182 -92.74 99.26 34.44
N TYR H 3183 -92.76 100.00 35.55
CA TYR H 3183 -92.42 99.39 36.83
C TYR H 3183 -93.38 98.25 37.15
N VAL H 3184 -94.67 98.47 36.90
CA VAL H 3184 -95.65 97.41 37.08
C VAL H 3184 -95.33 96.24 36.17
N GLU H 3185 -95.01 96.53 34.91
CA GLU H 3185 -94.68 95.46 33.98
C GLU H 3185 -93.52 94.62 34.50
N LYS H 3186 -92.54 95.27 35.13
CA LYS H 3186 -91.38 94.55 35.64
C LYS H 3186 -91.70 93.77 36.91
N LEU H 3187 -92.57 94.31 37.77
CA LEU H 3187 -92.84 93.72 39.07
C LEU H 3187 -93.98 92.72 39.07
N ARG H 3188 -94.73 92.60 37.97
CA ARG H 3188 -95.89 91.72 37.96
C ARG H 3188 -95.58 90.28 38.37
N PRO H 3189 -94.50 89.66 37.91
CA PRO H 3189 -94.25 88.26 38.28
C PRO H 3189 -94.19 88.01 39.78
N ALA H 3190 -93.41 88.81 40.50
CA ALA H 3190 -93.27 88.61 41.95
C ALA H 3190 -94.59 88.85 42.66
N LEU H 3191 -95.31 89.89 42.27
CA LEU H 3191 -96.60 90.16 42.89
C LEU H 3191 -97.56 89.01 42.64
N GLY H 3192 -97.57 88.47 41.43
CA GLY H 3192 -98.43 87.34 41.13
C GLY H 3192 -98.09 86.11 41.93
N GLU H 3193 -96.79 85.83 42.10
CA GLU H 3193 -96.40 84.69 42.92
C GLU H 3193 -96.84 84.87 44.36
N CYS H 3194 -96.65 86.08 44.91
CA CYS H 3194 -97.09 86.34 46.27
C CYS H 3194 -98.59 86.17 46.40
N LEU H 3195 -99.35 86.66 45.42
CA LEU H 3195 -100.79 86.49 45.45
C LEU H 3195 -101.19 85.03 45.37
N ALA H 3196 -100.48 84.23 44.58
CA ALA H 3196 -100.80 82.82 44.48
C ALA H 3196 -100.58 82.13 45.83
N ARG H 3197 -99.44 82.39 46.47
CA ARG H 3197 -99.19 81.79 47.77
C ARG H 3197 -100.21 82.24 48.80
N LEU H 3198 -100.57 83.53 48.78
CA LEU H 3198 -101.54 84.03 49.74
C LEU H 3198 -102.92 83.43 49.49
N ALA H 3199 -103.29 83.22 48.24
CA ALA H 3199 -104.56 82.59 47.93
C ALA H 3199 -104.57 81.13 48.39
N ALA H 3200 -103.43 80.46 48.28
CA ALA H 3200 -103.31 79.11 48.82
C ALA H 3200 -103.44 79.07 50.33
N ALA H 3201 -102.91 80.06 51.04
CA ALA H 3201 -102.88 80.05 52.49
C ALA H 3201 -104.11 80.66 53.15
N MET H 3202 -104.85 81.53 52.46
CA MET H 3202 -105.93 82.27 53.08
C MET H 3202 -107.07 81.34 53.48
N PRO H 3203 -107.56 81.39 54.72
CA PRO H 3203 -108.59 80.43 55.15
C PRO H 3203 -110.02 80.90 54.89
N VAL H 3204 -110.21 81.92 54.06
CA VAL H 3204 -111.53 82.43 53.74
C VAL H 3204 -111.66 82.50 52.23
N ALA H 3205 -112.80 82.03 51.72
CA ALA H 3205 -113.05 82.04 50.28
C ALA H 3205 -113.38 83.46 49.82
N PHE H 3206 -112.35 84.27 49.58
CA PHE H 3206 -112.59 85.67 49.27
C PHE H 3206 -113.29 85.84 47.93
N LEU H 3207 -113.25 84.83 47.07
CA LEU H 3207 -113.91 84.90 45.78
C LEU H 3207 -115.36 84.43 45.83
N GLU H 3208 -115.83 83.95 46.98
CA GLU H 3208 -117.19 83.47 47.14
C GLU H 3208 -117.76 84.06 48.42
N PRO H 3209 -117.96 85.39 48.46
CA PRO H 3209 -118.44 86.02 49.69
C PRO H 3209 -119.87 85.70 50.04
N GLU H 3210 -120.63 85.07 49.14
CA GLU H 3210 -122.03 84.78 49.42
C GLU H 3210 -122.21 83.60 50.37
N LEU H 3211 -121.17 82.81 50.60
CA LEU H 3211 -121.23 81.67 51.49
C LEU H 3211 -120.36 81.85 52.74
N ASN H 3212 -119.96 83.08 53.04
CA ASN H 3212 -119.04 83.30 54.15
C ASN H 3212 -119.66 82.91 55.48
N GLU H 3213 -120.98 82.97 55.60
CA GLU H 3213 -121.63 82.64 56.86
C GLU H 3213 -121.41 81.18 57.24
N TYR H 3214 -120.98 80.34 56.31
CA TYR H 3214 -120.64 78.95 56.59
C TYR H 3214 -119.18 78.76 57.00
N ASN H 3215 -118.37 79.80 56.96
CA ASN H 3215 -116.96 79.67 57.29
C ASN H 3215 -116.74 79.87 58.79
N ALA H 3216 -116.04 78.92 59.40
CA ALA H 3216 -115.73 79.00 60.82
C ALA H 3216 -114.50 79.84 61.13
N CYS H 3217 -113.64 80.08 60.14
CA CYS H 3217 -112.43 80.87 60.34
C CYS H 3217 -112.61 82.33 59.97
N SER H 3218 -113.74 82.72 59.39
CA SER H 3218 -113.93 84.09 58.98
C SER H 3218 -113.99 85.00 60.19
N VAL H 3219 -113.42 86.20 60.05
CA VAL H 3219 -113.46 87.17 61.14
C VAL H 3219 -114.90 87.57 61.43
N TYR H 3220 -115.74 87.65 60.40
CA TYR H 3220 -117.15 87.97 60.62
C TYR H 3220 -117.87 86.92 61.45
N THR H 3221 -117.33 85.69 61.51
CA THR H 3221 -117.90 84.64 62.34
C THR H 3221 -117.26 84.60 63.71
N THR H 3222 -115.95 84.78 63.80
CA THR H 3222 -115.28 84.76 65.10
C THR H 3222 -115.66 85.99 65.91
N LYS H 3223 -115.33 87.18 65.40
CA LYS H 3223 -115.63 88.41 66.11
C LYS H 3223 -117.12 88.72 66.03
N SER H 3224 -117.71 89.05 67.18
CA SER H 3224 -119.13 89.36 67.23
C SER H 3224 -119.41 90.69 66.53
N PRO H 3225 -120.66 90.90 66.08
CA PRO H 3225 -120.96 92.17 65.42
C PRO H 3225 -120.74 93.38 66.31
N ARG H 3226 -120.86 93.21 67.63
CA ARG H 3226 -120.44 94.27 68.53
C ARG H 3226 -118.96 94.56 68.37
N GLU H 3227 -118.15 93.50 68.23
CA GLU H 3227 -116.78 93.66 67.76
C GLU H 3227 -116.83 93.95 66.26
N ARG H 3228 -115.67 94.18 65.66
CA ARG H 3228 -115.54 94.53 64.24
C ARG H 3228 -116.02 95.95 63.99
N ALA H 3229 -116.58 96.60 65.01
CA ALA H 3229 -116.85 98.02 64.93
C ALA H 3229 -115.76 98.82 65.62
N ILE H 3230 -115.13 98.24 66.63
CA ILE H 3230 -113.94 98.84 67.22
C ILE H 3230 -112.86 98.99 66.15
N LEU H 3231 -112.71 97.97 65.31
CA LEU H 3231 -111.83 98.07 64.15
C LEU H 3231 -112.60 98.73 63.01
N GLY H 3232 -111.97 98.84 61.85
CA GLY H 3232 -112.61 99.43 60.68
C GLY H 3232 -113.34 98.46 59.79
N LEU H 3233 -113.66 97.27 60.29
CA LEU H 3233 -114.25 96.25 59.44
C LEU H 3233 -115.60 96.72 58.91
N PRO H 3234 -115.85 96.63 57.60
CA PRO H 3234 -117.17 96.98 57.08
C PRO H 3234 -118.26 96.10 57.67
N ASN H 3235 -119.50 96.41 57.29
CA ASN H 3235 -120.63 95.67 57.82
C ASN H 3235 -120.75 94.28 57.21
N SER H 3236 -120.52 94.16 55.91
CA SER H 3236 -120.68 92.91 55.19
C SER H 3236 -119.35 92.49 54.58
N VAL H 3237 -119.14 91.18 54.48
CA VAL H 3237 -117.88 90.67 53.95
C VAL H 3237 -117.66 91.13 52.52
N GLU H 3238 -118.74 91.32 51.77
CA GLU H 3238 -118.59 91.78 50.38
C GLU H 3238 -117.83 93.09 50.31
N GLU H 3239 -117.91 93.90 51.36
CA GLU H 3239 -117.27 95.21 51.35
C GLU H 3239 -115.85 95.18 51.87
N MET H 3240 -115.32 94.01 52.23
CA MET H 3240 -113.95 93.96 52.71
C MET H 3240 -113.03 94.66 51.73
N CYS H 3241 -113.15 94.34 50.44
CA CYS H 3241 -112.77 95.24 49.37
C CYS H 3241 -113.33 94.68 48.07
N PRO H 3242 -114.06 95.50 47.30
CA PRO H 3242 -114.88 94.95 46.22
C PRO H 3242 -114.18 94.80 44.88
N ASP H 3243 -112.95 95.34 44.77
CA ASP H 3243 -112.28 95.36 43.47
C ASP H 3243 -112.20 93.95 42.87
N ILE H 3244 -112.04 92.94 43.70
CA ILE H 3244 -111.88 91.58 43.19
C ILE H 3244 -113.24 91.04 42.76
N PRO H 3245 -113.41 90.59 41.52
CA PRO H 3245 -114.68 89.97 41.13
C PRO H 3245 -114.86 88.62 41.79
N VAL H 3246 -116.11 88.14 41.76
CA VAL H 3246 -116.41 86.85 42.34
C VAL H 3246 -115.90 85.74 41.42
N LEU H 3247 -115.92 84.51 41.93
CA LEU H 3247 -115.35 83.38 41.21
C LEU H 3247 -116.05 83.20 39.86
N GLU H 3248 -117.37 83.32 39.84
CA GLU H 3248 -118.10 83.13 38.58
C GLU H 3248 -117.67 84.18 37.55
N ARG H 3249 -117.57 85.43 37.97
CA ARG H 3249 -117.16 86.49 37.05
C ARG H 3249 -115.75 86.25 36.55
N LEU H 3250 -114.84 85.86 37.43
CA LEU H 3250 -113.46 85.62 37.01
C LEU H 3250 -113.38 84.49 36.00
N MET H 3251 -114.10 83.39 36.27
CA MET H 3251 -114.10 82.27 35.35
C MET H 3251 -114.67 82.68 34.00
N ALA H 3252 -115.77 83.43 34.01
CA ALA H 3252 -116.38 83.87 32.76
C ALA H 3252 -115.42 84.75 31.97
N GLU H 3253 -114.75 85.68 32.65
CA GLU H 3253 -113.83 86.57 31.96
C GLU H 3253 -112.66 85.80 31.35
N ILE H 3254 -112.09 84.88 32.12
CA ILE H 3254 -110.94 84.13 31.61
C ILE H 3254 -111.37 83.29 30.40
N GLY H 3255 -112.51 82.62 30.50
CA GLY H 3255 -112.99 81.84 29.38
C GLY H 3255 -113.25 82.68 28.16
N GLY H 3256 -113.92 83.82 28.35
CA GLY H 3256 -114.19 84.69 27.21
C GLY H 3256 -112.93 85.15 26.53
N LEU H 3257 -111.94 85.57 27.32
CA LEU H 3257 -110.68 86.03 26.72
C LEU H 3257 -109.97 84.90 25.99
N ALA H 3258 -109.90 83.71 26.60
CA ALA H 3258 -109.23 82.61 25.95
C ALA H 3258 -109.90 82.26 24.63
N GLU H 3259 -111.23 82.24 24.61
CA GLU H 3259 -111.94 81.97 23.37
C GLU H 3259 -111.69 83.05 22.34
N SER H 3260 -111.72 84.33 22.76
CA SER H 3260 -111.48 85.42 21.83
C SER H 3260 -110.05 85.40 21.29
N GLY H 3261 -109.13 84.72 21.96
CA GLY H 3261 -107.79 84.60 21.46
C GLY H 3261 -106.92 85.81 21.72
N ALA H 3262 -107.17 86.53 22.80
CA ALA H 3262 -106.36 87.68 23.14
C ALA H 3262 -104.91 87.25 23.40
N ARG H 3263 -104.00 88.20 23.22
CA ARG H 3263 -102.58 87.95 23.40
C ARG H 3263 -102.07 88.57 24.70
N TYR H 3264 -100.87 88.17 25.09
CA TYR H 3264 -100.31 88.60 26.36
C TYR H 3264 -100.33 90.11 26.47
N THR H 3265 -100.14 90.81 25.35
CA THR H 3265 -100.19 92.26 25.36
C THR H 3265 -101.57 92.76 25.77
N GLU H 3266 -102.62 92.03 25.42
CA GLU H 3266 -103.98 92.41 25.76
C GLU H 3266 -104.45 91.81 27.08
N MET H 3267 -103.70 90.88 27.66
CA MET H 3267 -104.07 90.31 28.94
C MET H 3267 -102.86 90.18 29.87
N PRO H 3268 -102.12 91.25 30.13
CA PRO H 3268 -100.93 91.09 30.98
C PRO H 3268 -101.28 90.82 32.43
N HIS H 3269 -102.24 91.56 32.99
CA HIS H 3269 -102.61 91.37 34.39
C HIS H 3269 -103.18 89.99 34.61
N VAL H 3270 -104.09 89.55 33.75
CA VAL H 3270 -104.71 88.24 33.93
C VAL H 3270 -103.65 87.17 34.05
N ILE H 3271 -102.85 87.00 33.00
CA ILE H 3271 -101.93 85.88 32.92
C ILE H 3271 -100.98 85.84 34.11
N GLU H 3272 -100.52 87.00 34.58
CA GLU H 3272 -99.47 87.05 35.57
C GLU H 3272 -99.97 87.12 37.01
N ILE H 3273 -101.23 87.50 37.23
CA ILE H 3273 -101.73 87.66 38.59
C ILE H 3273 -102.97 86.80 38.80
N THR H 3274 -103.98 86.97 37.95
CA THR H 3274 -105.27 86.34 38.21
C THR H 3274 -105.18 84.84 38.04
N LEU H 3275 -104.57 84.37 36.95
CA LEU H 3275 -104.48 82.93 36.73
C LEU H 3275 -103.65 82.26 37.82
N PRO H 3276 -102.47 82.76 38.18
CA PRO H 3276 -101.75 82.16 39.30
C PRO H 3276 -102.54 82.18 40.60
N MET H 3277 -103.33 83.23 40.84
CA MET H 3277 -104.16 83.26 42.04
C MET H 3277 -105.21 82.15 42.00
N LEU H 3278 -105.84 81.97 40.84
CA LEU H 3278 -106.89 80.97 40.71
C LEU H 3278 -106.35 79.55 40.78
N CYS H 3279 -105.18 79.30 40.21
CA CYS H 3279 -104.56 77.99 40.24
C CYS H 3279 -104.19 77.54 41.63
N SER H 3280 -104.16 78.44 42.59
CA SER H 3280 -103.96 78.10 44.00
C SER H 3280 -105.26 78.17 44.78
N TYR H 3281 -106.19 79.02 44.38
CA TYR H 3281 -107.47 79.11 45.06
C TYR H 3281 -108.30 77.85 44.83
N LEU H 3282 -108.42 77.42 43.58
CA LEU H 3282 -109.31 76.30 43.27
C LEU H 3282 -108.84 75.01 43.93
N PRO H 3283 -107.58 74.60 43.84
CA PRO H 3283 -107.18 73.36 44.52
C PRO H 3283 -107.46 73.36 46.01
N ARG H 3284 -107.28 74.50 46.69
CA ARG H 3284 -107.46 74.53 48.13
C ARG H 3284 -108.92 74.38 48.52
N TRP H 3285 -109.82 75.03 47.79
CA TRP H 3285 -111.22 75.02 48.14
C TRP H 3285 -111.98 73.85 47.53
N TRP H 3286 -111.39 73.14 46.58
CA TRP H 3286 -112.00 71.90 46.10
C TRP H 3286 -112.08 70.86 47.21
N GLU H 3287 -111.00 70.72 48.00
CA GLU H 3287 -110.99 69.71 49.04
C GLU H 3287 -111.95 70.03 50.18
N ARG H 3288 -112.25 71.31 50.40
CA ARG H 3288 -113.12 71.73 51.48
C ARG H 3288 -114.52 72.06 51.02
N GLY H 3289 -114.79 72.05 49.73
CA GLY H 3289 -116.13 72.24 49.22
C GLY H 3289 -116.83 70.92 49.02
N PRO H 3290 -117.95 70.93 48.30
CA PRO H 3290 -118.63 69.67 48.00
C PRO H 3290 -117.80 68.82 47.06
N GLU H 3291 -118.30 67.64 46.70
CA GLU H 3291 -117.59 66.78 45.75
C GLU H 3291 -116.18 66.53 46.27
N ALA H 3292 -116.04 66.38 47.58
CA ALA H 3292 -114.76 66.09 48.20
C ALA H 3292 -114.91 64.90 49.15
N PRO H 3293 -113.84 64.16 49.39
CA PRO H 3293 -113.91 63.04 50.33
C PRO H 3293 -114.53 63.50 51.64
N PRO H 3294 -115.68 62.94 52.03
CA PRO H 3294 -116.31 63.29 53.31
C PRO H 3294 -115.95 62.32 54.41
N PRO H 3295 -114.73 62.36 54.96
CA PRO H 3295 -114.47 61.54 56.16
C PRO H 3295 -115.08 62.12 57.42
N ALA H 3296 -115.03 63.44 57.58
CA ALA H 3296 -115.58 64.11 58.76
C ALA H 3296 -117.01 64.60 58.55
N LEU H 3297 -117.61 64.32 57.40
CA LEU H 3297 -118.99 64.72 57.15
C LEU H 3297 -119.93 64.23 58.25
N PRO H 3298 -119.86 62.96 58.70
CA PRO H 3298 -120.91 62.42 59.57
C PRO H 3298 -121.17 63.24 60.83
N ALA H 3299 -120.16 63.97 61.30
CA ALA H 3299 -120.35 64.79 62.49
C ALA H 3299 -121.15 66.04 62.15
N GLY H 3300 -122.36 65.83 61.62
CA GLY H 3300 -123.21 66.93 61.18
C GLY H 3300 -122.45 68.05 60.52
N ALA H 3301 -121.69 67.74 59.48
CA ALA H 3301 -120.88 68.78 58.84
C ALA H 3301 -121.78 69.88 58.29
N PRO H 3302 -121.54 71.14 58.62
CA PRO H 3302 -122.31 72.23 58.02
C PRO H 3302 -122.02 72.31 56.52
N PRO H 3303 -122.89 72.95 55.75
CA PRO H 3303 -122.66 73.03 54.31
C PRO H 3303 -121.36 73.72 54.00
N PRO H 3304 -120.67 73.32 52.94
CA PRO H 3304 -119.36 73.92 52.65
C PRO H 3304 -119.48 75.41 52.37
N CYS H 3305 -118.41 76.13 52.68
CA CYS H 3305 -118.34 77.57 52.46
C CYS H 3305 -117.95 77.93 51.04
N THR H 3306 -117.71 76.94 50.18
CA THR H 3306 -117.34 77.18 48.80
C THR H 3306 -118.18 76.29 47.89
N ALA H 3307 -118.16 76.62 46.60
CA ALA H 3307 -118.91 75.88 45.59
C ALA H 3307 -118.00 75.28 44.53
N VAL H 3308 -116.72 75.15 44.81
CA VAL H 3308 -115.77 74.67 43.81
C VAL H 3308 -115.94 73.17 43.62
N THR H 3309 -116.08 72.74 42.38
CA THR H 3309 -116.14 71.35 41.99
C THR H 3309 -114.99 71.05 41.04
N SER H 3310 -114.99 69.84 40.48
CA SER H 3310 -113.98 69.51 39.48
C SER H 3310 -114.24 70.23 38.17
N ASP H 3311 -115.48 70.67 37.94
CA ASP H 3311 -115.79 71.41 36.71
C ASP H 3311 -115.00 72.71 36.64
N HIS H 3312 -114.89 73.41 37.77
CA HIS H 3312 -114.12 74.65 37.79
C HIS H 3312 -112.68 74.40 37.40
N LEU H 3313 -112.04 73.40 38.00
CA LEU H 3313 -110.65 73.12 37.68
C LEU H 3313 -110.48 72.66 36.24
N ASN H 3314 -111.39 71.83 35.73
CA ASN H 3314 -111.29 71.39 34.35
C ASN H 3314 -111.42 72.56 33.39
N SER H 3315 -112.39 73.45 33.65
CA SER H 3315 -112.55 74.62 32.80
C SER H 3315 -111.32 75.52 32.85
N LEU H 3316 -110.77 75.72 34.04
CA LEU H 3316 -109.59 76.57 34.15
C LEU H 3316 -108.41 75.98 33.39
N LEU H 3317 -108.21 74.67 33.50
CA LEU H 3317 -107.11 74.05 32.75
C LEU H 3317 -107.34 74.16 31.25
N GLY H 3318 -108.58 73.96 30.80
CA GLY H 3318 -108.87 74.13 29.40
C GLY H 3318 -108.58 75.53 28.92
N ASN H 3319 -108.95 76.53 29.71
CA ASN H 3319 -108.70 77.91 29.34
C ASN H 3319 -107.21 78.22 29.31
N ILE H 3320 -106.46 77.69 30.27
CA ILE H 3320 -105.02 77.91 30.28
C ILE H 3320 -104.40 77.32 29.03
N LEU H 3321 -104.81 76.11 28.66
CA LEU H 3321 -104.27 75.49 27.45
C LEU H 3321 -104.65 76.30 26.22
N ARG H 3322 -105.88 76.80 26.17
CA ARG H 3322 -106.30 77.62 25.03
C ARG H 3322 -105.45 78.87 24.93
N ILE H 3323 -105.14 79.49 26.07
CA ILE H 3323 -104.33 80.70 26.06
C ILE H 3323 -102.93 80.40 25.55
N ILE H 3324 -102.33 79.31 26.04
CA ILE H 3324 -100.99 78.97 25.58
C ILE H 3324 -101.01 78.69 24.08
N VAL H 3325 -102.04 78.02 23.60
CA VAL H 3325 -102.13 77.74 22.17
C VAL H 3325 -102.26 79.04 21.38
N ASN H 3326 -103.09 79.96 21.87
CA ASN H 3326 -103.26 81.23 21.19
C ASN H 3326 -101.96 82.01 21.11
N ASN H 3327 -101.10 81.88 22.12
CA ASN H 3327 -99.82 82.58 22.13
C ASN H 3327 -98.67 81.69 21.67
N LEU H 3328 -98.98 80.54 21.08
CA LEU H 3328 -97.95 79.67 20.53
C LEU H 3328 -97.25 80.33 19.35
N GLY H 3329 -95.92 80.23 19.32
CA GLY H 3329 -95.13 80.68 18.20
C GLY H 3329 -94.64 82.11 18.31
N ILE H 3330 -95.11 82.87 19.29
CA ILE H 3330 -94.68 84.25 19.42
C ILE H 3330 -93.18 84.30 19.72
N ASP H 3331 -92.54 85.39 19.28
CA ASP H 3331 -91.09 85.47 19.38
C ASP H 3331 -90.63 85.52 20.83
N GLU H 3332 -91.34 86.27 21.67
CA GLU H 3332 -90.95 86.47 23.06
C GLU H 3332 -92.12 86.20 23.98
N ALA H 3333 -92.03 85.13 24.77
CA ALA H 3333 -93.00 84.87 25.83
C ALA H 3333 -92.34 84.13 26.98
N SER H 3334 -91.87 84.88 27.98
CA SER H 3334 -91.25 84.28 29.16
C SER H 3334 -92.27 83.89 30.21
N TRP H 3335 -93.53 84.30 30.04
CA TRP H 3335 -94.56 83.98 31.03
C TRP H 3335 -95.07 82.56 30.87
N MET H 3336 -94.73 81.89 29.77
CA MET H 3336 -95.26 80.56 29.52
C MET H 3336 -94.82 79.57 30.59
N LYS H 3337 -93.53 79.59 30.93
CA LYS H 3337 -93.03 78.67 31.94
C LYS H 3337 -93.68 78.94 33.30
N ARG H 3338 -93.80 80.21 33.67
CA ARG H 3338 -94.44 80.53 34.95
C ARG H 3338 -95.87 80.05 34.97
N LEU H 3339 -96.61 80.28 33.89
CA LEU H 3339 -98.01 79.86 33.87
C LEU H 3339 -98.13 78.35 33.94
N ALA H 3340 -97.25 77.63 33.25
CA ALA H 3340 -97.29 76.17 33.31
C ALA H 3340 -97.01 75.69 34.73
N VAL H 3341 -96.00 76.27 35.38
CA VAL H 3341 -95.68 75.85 36.74
C VAL H 3341 -96.85 76.14 37.67
N PHE H 3342 -97.48 77.30 37.53
CA PHE H 3342 -98.61 77.62 38.40
C PHE H 3342 -99.80 76.74 38.13
N ALA H 3343 -100.00 76.31 36.88
CA ALA H 3343 -101.14 75.49 36.51
C ALA H 3343 -100.96 74.02 36.86
N GLN H 3344 -99.72 73.57 37.06
CA GLN H 3344 -99.49 72.14 37.31
C GLN H 3344 -100.40 71.56 38.39
N PRO H 3345 -100.55 72.17 39.56
CA PRO H 3345 -101.35 71.53 40.62
C PRO H 3345 -102.79 71.22 40.23
N ILE H 3346 -103.42 72.01 39.36
CA ILE H 3346 -104.83 71.83 39.05
C ILE H 3346 -105.06 70.70 38.04
N VAL H 3347 -104.01 70.05 37.57
CA VAL H 3347 -104.19 69.03 36.53
C VAL H 3347 -104.65 67.71 37.10
N SER H 3348 -104.43 67.44 38.38
CA SER H 3348 -104.81 66.15 38.95
C SER H 3348 -106.30 65.91 38.87
N ARG H 3349 -107.10 66.97 38.75
CA ARG H 3349 -108.54 66.85 38.69
C ARG H 3349 -109.08 67.01 37.27
N ALA H 3350 -108.20 66.96 36.26
CA ALA H 3350 -108.64 67.08 34.89
C ALA H 3350 -109.52 65.89 34.50
N ARG H 3351 -110.56 66.16 33.72
CA ARG H 3351 -111.48 65.12 33.34
C ARG H 3351 -110.98 64.38 32.10
N PRO H 3352 -111.53 63.19 31.82
CA PRO H 3352 -111.06 62.42 30.65
C PRO H 3352 -111.26 63.14 29.32
N GLU H 3353 -112.31 63.94 29.17
CA GLU H 3353 -112.59 64.54 27.88
C GLU H 3353 -111.55 65.59 27.49
N LEU H 3354 -110.78 66.07 28.47
CA LEU H 3354 -109.75 67.07 28.16
C LEU H 3354 -108.79 66.56 27.10
N LEU H 3355 -108.45 65.27 27.15
CA LEU H 3355 -107.53 64.72 26.17
C LEU H 3355 -107.93 65.13 24.76
N ARG H 3356 -109.07 64.62 24.29
CA ARG H 3356 -109.48 64.89 22.93
C ARG H 3356 -109.82 66.37 22.73
N SER H 3357 -110.42 67.01 23.73
CA SER H 3357 -110.90 68.37 23.52
C SER H 3357 -109.74 69.34 23.31
N HIS H 3358 -108.70 69.27 24.15
CA HIS H 3358 -107.62 70.24 24.11
C HIS H 3358 -106.27 69.62 23.77
N PHE H 3359 -105.88 68.54 24.45
CA PHE H 3359 -104.49 68.11 24.38
C PHE H 3359 -104.12 67.61 22.99
N ILE H 3360 -105.04 66.89 22.35
CA ILE H 3360 -104.74 66.33 21.03
C ILE H 3360 -104.48 67.42 20.01
N PRO H 3361 -105.37 68.40 19.81
CA PRO H 3361 -105.07 69.45 18.83
C PRO H 3361 -103.80 70.23 19.12
N THR H 3362 -103.53 70.50 20.40
CA THR H 3362 -102.36 71.29 20.75
C THR H 3362 -101.07 70.57 20.34
N ILE H 3363 -100.94 69.32 20.76
CA ILE H 3363 -99.75 68.55 20.40
C ILE H 3363 -99.72 68.31 18.90
N GLY H 3364 -100.89 68.27 18.26
CA GLY H 3364 -100.91 68.16 16.81
C GLY H 3364 -100.27 69.36 16.14
N ARG H 3365 -100.64 70.56 16.59
CA ARG H 3365 -100.02 71.76 16.07
C ARG H 3365 -98.53 71.76 16.34
N LEU H 3366 -98.13 71.34 17.53
CA LEU H 3366 -96.71 71.32 17.86
C LEU H 3366 -95.95 70.38 16.93
N ARG H 3367 -96.51 69.19 16.67
CA ARG H 3367 -95.87 68.24 15.78
C ARG H 3367 -95.78 68.79 14.37
N LYS H 3368 -96.84 69.47 13.91
CA LYS H 3368 -96.81 70.06 12.57
C LYS H 3368 -95.70 71.09 12.46
N ARG H 3369 -95.57 71.94 13.49
CA ARG H 3369 -94.50 72.95 13.47
C ARG H 3369 -93.13 72.29 13.48
N ALA H 3370 -92.97 71.24 14.28
CA ALA H 3370 -91.70 70.54 14.32
C ALA H 3370 -91.36 69.96 12.94
N GLY H 3371 -92.35 69.41 12.26
CA GLY H 3371 -92.14 68.89 10.92
C GLY H 3371 -91.68 69.97 9.97
N LYS H 3372 -92.33 71.14 10.03
CA LYS H 3372 -91.93 72.25 9.16
C LYS H 3372 -90.48 72.64 9.41
N VAL H 3373 -90.12 72.80 10.69
CA VAL H 3373 -88.76 73.22 11.02
C VAL H 3373 -87.75 72.17 10.56
N VAL H 3374 -88.09 70.89 10.71
CA VAL H 3374 -87.17 69.84 10.28
C VAL H 3374 -87.00 69.87 8.77
N ALA H 3375 -88.08 70.12 8.03
CA ALA H 3375 -87.97 70.20 6.58
C ALA H 3375 -87.06 71.36 6.18
N GLU H 3376 -87.20 72.51 6.84
CA GLU H 3376 -86.33 73.63 6.55
C GLU H 3376 -84.88 73.28 6.85
N GLU H 3377 -84.64 72.61 7.98
CA GLU H 3377 -83.28 72.21 8.33
C GLU H 3377 -82.72 71.23 7.30
N GLU H 3378 -83.57 70.39 6.74
CA GLU H 3378 -83.13 69.45 5.70
C GLU H 3378 -82.70 70.21 4.45
N GLN H 3379 -83.53 71.12 3.97
CA GLN H 3379 -83.17 71.92 2.80
C GLN H 3379 -81.92 72.77 3.05
N LEU H 3380 -81.68 73.13 4.31
CA LEU H 3380 -80.46 73.87 4.63
C LEU H 3380 -79.22 73.07 4.24
N ARG H 3381 -79.27 71.75 4.37
CA ARG H 3381 -78.14 70.92 3.96
C ARG H 3381 -77.90 71.02 2.46
N LEU H 3382 -78.97 70.99 1.67
CA LEU H 3382 -78.84 71.17 0.24
C LEU H 3382 -78.29 72.54 -0.11
N GLU H 3383 -78.64 73.58 0.66
CA GLU H 3383 -78.09 74.90 0.42
C GLU H 3383 -76.58 74.91 0.65
N ALA H 3384 -75.91 75.89 0.04
CA ALA H 3384 -74.45 75.96 0.06
C ALA H 3384 -73.93 76.47 1.39
N LYS H 3385 -72.61 76.71 1.47
CA LYS H 3385 -71.95 77.07 2.72
C LYS H 3385 -72.09 78.55 3.05
N ALA H 3386 -72.62 79.35 2.14
CA ALA H 3386 -72.72 80.80 2.36
C ALA H 3386 -74.11 81.17 2.88
N GLU H 3387 -75.17 80.85 2.16
CA GLU H 3387 -76.52 81.20 2.62
C GLU H 3387 -76.97 80.29 3.75
N ALA H 3388 -76.30 79.15 3.94
CA ALA H 3388 -76.71 78.22 4.99
C ALA H 3388 -76.61 78.87 6.37
N GLU H 3389 -75.59 79.71 6.59
CA GLU H 3389 -75.39 80.31 7.90
C GLU H 3389 -76.62 81.12 8.32
N GLU H 3390 -77.11 81.97 7.42
CA GLU H 3390 -78.33 82.72 7.72
C GLU H 3390 -79.51 81.78 7.91
N GLY H 3391 -79.63 80.78 7.02
CA GLY H 3391 -80.66 79.78 7.21
C GLY H 3391 -80.47 78.98 8.47
N GLU H 3392 -79.22 78.70 8.84
CA GLU H 3392 -78.95 77.99 10.08
C GLU H 3392 -79.44 78.79 11.27
N LEU H 3393 -79.19 80.11 11.27
CA LEU H 3393 -79.69 80.96 12.36
C LEU H 3393 -81.21 80.98 12.36
N LEU H 3394 -81.83 81.06 11.18
CA LEU H 3394 -83.28 81.10 11.10
C LEU H 3394 -83.89 79.83 11.71
N VAL H 3395 -83.40 78.67 11.28
CA VAL H 3395 -83.93 77.42 11.82
C VAL H 3395 -83.58 77.28 13.29
N ARG H 3396 -82.45 77.82 13.71
CA ARG H 3396 -82.11 77.83 15.12
C ARG H 3396 -83.18 78.58 15.92
N ASP H 3397 -83.58 79.75 15.43
CA ASP H 3397 -84.60 80.53 16.12
C ASP H 3397 -85.93 79.79 16.15
N GLU H 3398 -86.31 79.19 15.02
CA GLU H 3398 -87.57 78.45 14.98
C GLU H 3398 -87.55 77.27 15.94
N PHE H 3399 -86.45 76.51 15.98
CA PHE H 3399 -86.33 75.43 16.93
C PHE H 3399 -86.32 75.92 18.37
N SER H 3400 -85.75 77.10 18.62
CA SER H 3400 -85.78 77.64 19.97
C SER H 3400 -87.20 77.97 20.42
N VAL H 3401 -87.98 78.62 19.56
CA VAL H 3401 -89.37 78.92 19.95
C VAL H 3401 -90.17 77.64 20.08
N LEU H 3402 -89.91 76.65 19.21
CA LEU H 3402 -90.60 75.37 19.33
C LEU H 3402 -90.25 74.69 20.65
N CYS H 3403 -88.98 74.73 21.04
CA CYS H 3403 -88.58 74.13 22.31
C CYS H 3403 -89.21 74.87 23.48
N ARG H 3404 -89.36 76.20 23.38
CA ARG H 3404 -90.03 76.94 24.43
C ARG H 3404 -91.47 76.48 24.58
N ASP H 3405 -92.19 76.37 23.46
CA ASP H 3405 -93.57 75.90 23.53
C ASP H 3405 -93.65 74.49 24.08
N LEU H 3406 -92.71 73.62 23.68
CA LEU H 3406 -92.70 72.26 24.19
C LEU H 3406 -92.46 72.23 25.68
N TYR H 3407 -91.52 73.02 26.17
CA TYR H 3407 -91.23 73.02 27.59
C TYR H 3407 -92.26 73.74 28.38
N ALA H 3408 -93.14 74.49 27.73
CA ALA H 3408 -94.28 75.08 28.40
C ALA H 3408 -95.48 74.15 28.48
N LEU H 3409 -95.72 73.34 27.44
CA LEU H 3409 -96.89 72.49 27.41
C LEU H 3409 -96.65 71.08 27.92
N TYR H 3410 -95.47 70.50 27.67
CA TYR H 3410 -95.24 69.10 28.05
C TYR H 3410 -95.41 68.87 29.54
N PRO H 3411 -94.85 69.68 30.43
CA PRO H 3411 -95.01 69.39 31.86
C PRO H 3411 -96.47 69.27 32.28
N LEU H 3412 -97.37 70.04 31.65
CA LEU H 3412 -98.79 69.82 31.89
C LEU H 3412 -99.24 68.48 31.35
N LEU H 3413 -98.75 68.10 30.16
CA LEU H 3413 -99.14 66.82 29.56
C LEU H 3413 -98.65 65.65 30.40
N ILE H 3414 -97.42 65.74 30.92
CA ILE H 3414 -96.88 64.63 31.70
C ILE H 3414 -97.77 64.31 32.88
N ARG H 3415 -98.20 65.36 33.60
CA ARG H 3415 -99.07 65.13 34.75
C ARG H 3415 -100.40 64.51 34.32
N TYR H 3416 -100.94 64.95 33.19
CA TYR H 3416 -102.19 64.39 32.70
C TYR H 3416 -102.03 62.90 32.40
N VAL H 3417 -100.91 62.53 31.78
CA VAL H 3417 -100.66 61.12 31.47
C VAL H 3417 -100.56 60.32 32.75
N ASP H 3418 -99.80 60.83 33.72
CA ASP H 3418 -99.61 60.09 34.97
C ASP H 3418 -100.94 59.79 35.64
N ASN H 3419 -101.89 60.71 35.55
CA ASN H 3419 -103.18 60.57 36.22
C ASN H 3419 -104.19 59.80 35.37
N ASN H 3420 -103.81 59.37 34.17
CA ASN H 3420 -104.74 58.64 33.31
C ASN H 3420 -104.11 57.45 32.61
N ARG H 3421 -102.81 57.20 32.80
CA ARG H 3421 -102.19 56.06 32.12
C ARG H 3421 -102.82 54.75 32.56
N ALA H 3422 -103.14 54.62 33.85
CA ALA H 3422 -103.75 53.39 34.32
C ALA H 3422 -105.06 53.11 33.60
N HIS H 3423 -105.92 54.11 33.50
CA HIS H 3423 -107.19 53.93 32.82
C HIS H 3423 -106.97 53.65 31.34
N TRP H 3424 -106.04 54.36 30.71
CA TRP H 3424 -105.80 54.14 29.28
C TRP H 3424 -105.34 52.71 29.03
N LEU H 3425 -104.44 52.20 29.87
CA LEU H 3425 -103.93 50.85 29.68
C LEU H 3425 -105.01 49.81 29.99
N THR H 3426 -105.80 50.02 31.05
CA THR H 3426 -106.85 49.08 31.39
C THR H 3426 -107.89 48.99 30.28
N GLU H 3427 -108.28 50.12 29.73
CA GLU H 3427 -109.23 50.16 28.63
C GLU H 3427 -108.57 50.81 27.42
N PRO H 3428 -108.31 50.09 26.33
CA PRO H 3428 -107.63 50.71 25.19
C PRO H 3428 -108.38 51.94 24.70
N ASN H 3429 -107.62 52.97 24.33
CA ASN H 3429 -108.18 54.26 23.94
C ASN H 3429 -107.57 54.72 22.63
N PRO H 3430 -108.33 54.83 21.54
CA PRO H 3430 -107.75 55.34 20.29
C PRO H 3430 -107.18 56.74 20.43
N ASN H 3431 -107.79 57.59 21.27
CA ASN H 3431 -107.25 58.92 21.48
C ASN H 3431 -105.88 58.85 22.14
N ALA H 3432 -105.73 57.98 23.14
CA ALA H 3432 -104.41 57.80 23.75
C ALA H 3432 -103.41 57.27 22.74
N GLU H 3433 -103.83 56.36 21.86
CA GLU H 3433 -102.92 55.89 20.82
C GLU H 3433 -102.49 57.02 19.89
N GLU H 3434 -103.43 57.89 19.53
CA GLU H 3434 -103.08 59.04 18.69
C GLU H 3434 -102.11 59.97 19.40
N LEU H 3435 -102.32 60.19 20.70
CA LEU H 3435 -101.38 61.00 21.47
C LEU H 3435 -100.00 60.37 21.48
N PHE H 3436 -99.94 59.04 21.62
CA PHE H 3436 -98.65 58.37 21.55
C PHE H 3436 -98.00 58.59 20.20
N ARG H 3437 -98.78 58.49 19.12
CA ARG H 3437 -98.22 58.70 17.80
C ARG H 3437 -97.64 60.09 17.68
N MET H 3438 -98.37 61.10 18.16
CA MET H 3438 -97.88 62.47 18.06
C MET H 3438 -96.59 62.67 18.85
N VAL H 3439 -96.58 62.22 20.10
CA VAL H 3439 -95.40 62.41 20.94
C VAL H 3439 -94.22 61.66 20.35
N GLY H 3440 -94.44 60.44 19.85
CA GLY H 3440 -93.37 59.68 19.25
C GLY H 3440 -92.81 60.33 18.01
N GLU H 3441 -93.70 60.91 17.19
CA GLU H 3441 -93.23 61.62 16.00
C GLU H 3441 -92.36 62.80 16.39
N ILE H 3442 -92.79 63.55 17.40
CA ILE H 3442 -91.98 64.69 17.86
C ILE H 3442 -90.63 64.20 18.36
N PHE H 3443 -90.61 63.09 19.08
CA PHE H 3443 -89.35 62.56 19.59
C PHE H 3443 -88.46 62.07 18.45
N ILE H 3444 -89.07 61.52 17.40
CA ILE H 3444 -88.29 61.08 16.24
C ILE H 3444 -87.65 62.27 15.57
N TYR H 3445 -88.41 63.35 15.39
CA TYR H 3445 -87.82 64.58 14.87
C TYR H 3445 -86.67 65.06 15.74
N TRP H 3446 -86.88 65.03 17.06
CA TRP H 3446 -85.84 65.48 17.98
C TRP H 3446 -84.57 64.67 17.80
N SER H 3447 -84.71 63.35 17.69
CA SER H 3447 -83.54 62.50 17.52
C SER H 3447 -82.86 62.74 16.18
N LYS H 3448 -83.65 62.83 15.10
CA LYS H 3448 -83.07 63.01 13.77
C LYS H 3448 -82.31 64.32 13.67
N SER H 3449 -82.95 65.43 14.03
CA SER H 3449 -82.32 66.72 13.88
C SER H 3449 -81.26 66.94 14.95
N HIS H 3450 -80.31 67.82 14.64
CA HIS H 3450 -79.29 68.22 15.58
C HIS H 3450 -79.48 69.64 16.09
N ASN H 3451 -80.08 70.51 15.28
CA ASN H 3451 -80.45 71.84 15.77
C ASN H 3451 -81.48 71.75 16.89
N PHE H 3452 -82.39 70.77 16.78
CA PHE H 3452 -83.40 70.58 17.81
C PHE H 3452 -82.75 70.34 19.17
N LYS H 3453 -81.80 69.42 19.22
CA LYS H 3453 -81.14 69.09 20.47
C LYS H 3453 -80.39 70.30 21.02
N ARG H 3454 -79.69 71.03 20.15
CA ARG H 3454 -78.95 72.20 20.60
C ARG H 3454 -79.89 73.24 21.18
N GLU H 3455 -81.00 73.51 20.50
CA GLU H 3455 -81.93 74.52 20.99
C GLU H 3455 -82.55 74.10 22.32
N GLU H 3456 -82.90 72.82 22.45
CA GLU H 3456 -83.48 72.37 23.71
C GLU H 3456 -82.47 72.52 24.85
N GLN H 3457 -81.25 72.06 24.64
CA GLN H 3457 -80.22 72.14 25.68
C GLN H 3457 -79.97 73.59 26.05
N ASN H 3458 -79.83 74.46 25.05
CA ASN H 3458 -79.68 75.88 25.31
C ASN H 3458 -80.82 76.38 26.18
N PHE H 3459 -82.05 76.34 25.65
CA PHE H 3459 -83.19 76.88 26.37
C PHE H 3459 -83.19 76.42 27.83
N VAL H 3460 -83.01 75.12 28.07
CA VAL H 3460 -83.08 74.65 29.45
C VAL H 3460 -81.97 75.29 30.28
N VAL H 3461 -80.76 75.34 29.75
CA VAL H 3461 -79.65 75.90 30.54
C VAL H 3461 -79.87 77.39 30.81
N GLN H 3462 -80.29 78.12 29.77
CA GLN H 3462 -80.46 79.57 29.93
C GLN H 3462 -81.57 79.89 30.91
N ASN H 3463 -82.74 79.26 30.75
CA ASN H 3463 -83.87 79.56 31.61
C ASN H 3463 -83.78 78.90 32.97
N GLU H 3464 -82.80 78.01 33.19
CA GLU H 3464 -82.64 77.35 34.48
C GLU H 3464 -83.91 76.57 34.83
N ILE H 3465 -84.53 75.99 33.81
CA ILE H 3465 -85.75 75.20 34.00
C ILE H 3465 -85.36 73.85 34.57
N ASN H 3466 -85.91 73.51 35.73
CA ASN H 3466 -85.59 72.26 36.41
C ASN H 3466 -86.60 71.20 35.95
N ASN H 3467 -86.16 70.32 35.05
CA ASN H 3467 -87.04 69.27 34.56
C ASN H 3467 -87.45 68.34 35.69
N MET H 3468 -86.58 68.18 36.69
CA MET H 3468 -86.90 67.31 37.81
C MET H 3468 -88.11 67.83 38.58
N SER H 3469 -88.31 69.16 38.59
CA SER H 3469 -89.46 69.72 39.29
C SER H 3469 -90.76 69.21 38.69
N PHE H 3470 -90.84 69.17 37.36
CA PHE H 3470 -92.05 68.66 36.71
C PHE H 3470 -92.13 67.14 36.81
N LEU H 3471 -90.99 66.46 36.63
CA LEU H 3471 -91.01 65.00 36.63
C LEU H 3471 -91.43 64.45 37.99
N THR H 3472 -90.96 65.06 39.06
CA THR H 3472 -91.27 64.61 40.42
C THR H 3472 -92.40 65.45 41.02
N TYR H 3504 -81.01 69.57 30.96
CA TYR H 3504 -79.56 69.68 31.12
C TYR H 3504 -78.87 68.46 30.53
N SER H 3505 -79.52 67.30 30.64
CA SER H 3505 -78.99 66.05 30.14
C SER H 3505 -80.04 65.34 29.29
N VAL H 3506 -79.58 64.41 28.45
CA VAL H 3506 -80.49 63.69 27.57
C VAL H 3506 -81.54 62.95 28.39
N GLN H 3507 -81.14 62.37 29.52
CA GLN H 3507 -82.13 61.71 30.39
C GLN H 3507 -83.16 62.71 30.88
N THR H 3508 -82.73 63.92 31.24
CA THR H 3508 -83.66 64.91 31.77
C THR H 3508 -84.52 65.55 30.69
N SER H 3509 -84.15 65.40 29.42
CA SER H 3509 -84.89 66.04 28.33
C SER H 3509 -86.37 65.72 28.42
N LEU H 3510 -87.21 66.77 28.50
CA LEU H 3510 -88.64 66.55 28.54
C LEU H 3510 -89.12 65.80 27.30
N ILE H 3511 -88.47 66.04 26.16
CA ILE H 3511 -88.91 65.42 24.91
C ILE H 3511 -88.84 63.91 25.03
N VAL H 3512 -87.75 63.39 25.61
CA VAL H 3512 -87.61 61.95 25.75
C VAL H 3512 -88.40 61.44 26.95
N ALA H 3513 -88.49 62.25 28.01
CA ALA H 3513 -89.22 61.81 29.20
C ALA H 3513 -90.69 61.57 28.89
N THR H 3514 -91.31 62.50 28.16
CA THR H 3514 -92.71 62.33 27.80
C THR H 3514 -92.91 61.11 26.92
N LEU H 3515 -92.00 60.88 25.97
CA LEU H 3515 -92.09 59.70 25.13
C LEU H 3515 -91.98 58.43 25.96
N LYS H 3516 -91.04 58.40 26.90
CA LYS H 3516 -90.87 57.23 27.75
C LYS H 3516 -92.05 57.02 28.68
N LYS H 3517 -92.77 58.07 29.04
CA LYS H 3517 -93.97 57.93 29.85
C LYS H 3517 -95.19 57.53 29.04
N MET H 3518 -95.24 57.87 27.75
CA MET H 3518 -96.33 57.46 26.89
C MET H 3518 -96.09 56.13 26.20
N LEU H 3519 -94.86 55.62 26.23
CA LEU H 3519 -94.50 54.42 25.48
C LEU H 3519 -95.39 53.23 25.83
N PRO H 3520 -95.70 52.99 27.10
CA PRO H 3520 -96.57 51.85 27.43
C PRO H 3520 -97.86 51.84 26.64
N ILE H 3521 -98.45 53.02 26.40
CA ILE H 3521 -99.68 53.07 25.61
C ILE H 3521 -99.43 52.57 24.20
N GLY H 3522 -98.20 52.74 23.71
CA GLY H 3522 -97.87 52.28 22.37
C GLY H 3522 -97.61 50.79 22.34
N LEU H 3523 -96.80 50.31 23.27
CA LEU H 3523 -96.56 48.87 23.37
C LEU H 3523 -97.86 48.12 23.59
N ASN H 3524 -98.83 48.75 24.23
CA ASN H 3524 -100.12 48.11 24.43
C ASN H 3524 -100.85 47.89 23.11
N MET H 3525 -100.58 48.72 22.10
CA MET H 3525 -101.24 48.56 20.82
C MET H 3525 -100.86 47.23 20.17
N CYS H 3526 -99.58 46.86 20.24
CA CYS H 3526 -99.09 45.69 19.54
C CYS H 3526 -99.38 44.43 20.35
N ALA H 3527 -99.98 43.43 19.70
CA ALA H 3527 -100.13 42.14 20.33
C ALA H 3527 -98.78 41.47 20.48
N PRO H 3528 -98.64 40.57 21.47
CA PRO H 3528 -97.34 39.90 21.65
C PRO H 3528 -96.88 39.12 20.45
N THR H 3529 -97.81 38.61 19.63
CA THR H 3529 -97.43 37.87 18.44
C THR H 3529 -96.61 38.74 17.50
N ASP H 3530 -96.74 40.06 17.61
CA ASP H 3530 -96.06 40.98 16.70
C ASP H 3530 -94.68 41.38 17.20
N GLN H 3531 -94.22 40.79 18.29
CA GLN H 3531 -92.90 41.16 18.83
C GLN H 3531 -91.81 40.81 17.83
N ASP H 3532 -91.96 39.67 17.14
CA ASP H 3532 -90.98 39.27 16.14
C ASP H 3532 -90.92 40.29 15.00
N LEU H 3533 -92.09 40.69 14.49
CA LEU H 3533 -92.11 41.71 13.46
C LEU H 3533 -91.53 43.02 13.98
N ILE H 3534 -91.70 43.30 15.27
CA ILE H 3534 -91.13 44.52 15.83
C ILE H 3534 -89.59 44.45 15.78
N VAL H 3535 -89.03 43.30 16.14
CA VAL H 3535 -87.58 43.16 16.05
C VAL H 3535 -87.12 43.30 14.61
N LEU H 3536 -87.86 42.69 13.68
CA LEU H 3536 -87.49 42.78 12.27
C LEU H 3536 -87.53 44.22 11.75
N ALA H 3537 -88.57 44.95 12.13
CA ALA H 3537 -88.70 46.34 11.70
C ALA H 3537 -87.61 47.20 12.30
N LYS H 3538 -87.28 46.99 13.58
CA LYS H 3538 -86.15 47.70 14.17
C LYS H 3538 -84.88 47.36 13.41
N ALA H 3539 -84.73 46.11 12.98
CA ALA H 3539 -83.54 45.71 12.25
C ALA H 3539 -83.42 46.48 10.95
N ARG H 3540 -84.51 46.58 10.16
CA ARG H 3540 -84.31 47.39 8.95
C ARG H 3540 -84.09 48.86 9.30
N TYR H 3541 -84.99 49.46 10.09
CA TYR H 3541 -84.81 50.87 10.40
C TYR H 3541 -83.36 51.15 10.78
N ALA H 3542 -82.72 50.20 11.47
CA ALA H 3542 -81.28 50.28 11.67
C ALA H 3542 -80.55 50.20 10.34
N LEU H 3543 -81.04 49.39 9.40
CA LEU H 3543 -80.53 49.49 8.02
C LEU H 3543 -80.83 50.88 7.36
N LYS H 3544 -81.53 51.79 8.04
CA LYS H 3544 -81.82 53.14 7.54
C LYS H 3544 -82.86 53.14 6.41
N ASP H 3545 -83.88 52.31 6.51
CA ASP H 3545 -84.96 52.39 5.53
C ASP H 3545 -86.02 53.40 5.94
N THR H 3546 -86.88 53.75 4.98
CA THR H 3546 -87.95 54.69 5.20
C THR H 3546 -89.21 53.98 5.69
N ASP H 3547 -90.19 54.79 6.10
CA ASP H 3547 -91.42 54.26 6.65
C ASP H 3547 -92.17 53.41 5.63
N GLU H 3548 -92.25 53.89 4.39
CA GLU H 3548 -92.95 53.11 3.37
C GLU H 3548 -92.24 51.78 3.14
N GLU H 3549 -90.90 51.80 3.14
CA GLU H 3549 -90.14 50.56 3.02
C GLU H 3549 -90.50 49.58 4.14
N VAL H 3550 -90.33 50.01 5.39
CA VAL H 3550 -90.56 49.12 6.52
C VAL H 3550 -91.98 48.58 6.46
N ARG H 3551 -92.93 49.44 6.11
CA ARG H 3551 -94.30 48.98 5.96
C ARG H 3551 -94.42 47.92 4.90
N GLU H 3552 -93.72 48.08 3.78
CA GLU H 3552 -93.78 47.08 2.72
C GLU H 3552 -93.20 45.74 3.17
N PHE H 3553 -92.05 45.75 3.86
CA PHE H 3553 -91.44 44.48 4.28
C PHE H 3553 -92.36 43.79 5.27
N LEU H 3554 -92.92 44.54 6.20
CA LEU H 3554 -93.91 43.93 7.10
C LEU H 3554 -95.08 43.37 6.33
N GLN H 3555 -95.60 44.10 5.35
CA GLN H 3555 -96.73 43.62 4.56
C GLN H 3555 -96.39 42.31 3.89
N ASN H 3556 -95.20 42.21 3.30
CA ASN H 3556 -94.84 41.00 2.58
C ASN H 3556 -94.60 39.86 3.53
N ASN H 3557 -93.57 39.96 4.37
CA ASN H 3557 -93.30 38.86 5.28
C ASN H 3557 -94.02 39.07 6.60
N LEU H 3558 -95.34 39.29 6.52
CA LEU H 3558 -96.22 39.23 7.68
C LEU H 3558 -96.44 37.80 8.16
N ASN H 3559 -95.75 36.82 7.57
CA ASN H 3559 -95.82 35.43 7.99
C ASN H 3559 -94.72 35.06 8.97
N LEU H 3560 -93.82 36.00 9.30
CA LEU H 3560 -92.80 35.78 10.31
C LEU H 3560 -93.28 36.13 11.71
N GLN H 3561 -94.59 36.20 11.90
CA GLN H 3561 -95.14 36.53 13.21
C GLN H 3561 -94.77 35.44 14.22
N GLY H 3562 -94.62 35.87 15.48
CA GLY H 3562 -94.38 34.90 16.54
C GLY H 3562 -95.55 33.95 16.69
N LYS H 3563 -95.23 32.67 16.86
CA LYS H 3563 -96.24 31.63 17.02
C LYS H 3563 -96.48 31.36 18.50
N VAL H 3564 -97.70 30.97 18.84
CA VAL H 3564 -98.09 30.80 20.23
C VAL H 3564 -97.52 29.50 20.77
N GLU H 3565 -97.71 28.41 20.03
CA GLU H 3565 -97.26 27.10 20.49
C GLU H 3565 -95.74 27.08 20.66
N GLY H 3566 -95.04 28.00 20.01
CA GLY H 3566 -93.59 27.98 20.05
C GLY H 3566 -93.03 28.09 21.45
N SER H 3567 -93.53 29.05 22.24
CA SER H 3567 -93.04 29.27 23.59
C SER H 3567 -94.21 29.55 24.53
N PRO H 3568 -94.19 29.03 25.76
CA PRO H 3568 -95.31 29.28 26.66
C PRO H 3568 -95.49 30.74 27.02
N SER H 3569 -94.41 31.53 27.08
CA SER H 3569 -94.52 32.92 27.48
C SER H 3569 -95.60 33.63 26.66
N LEU H 3570 -95.55 33.48 25.34
CA LEU H 3570 -96.58 34.08 24.50
C LEU H 3570 -97.96 33.56 24.86
N ARG H 3571 -98.04 32.36 25.45
CA ARG H 3571 -99.34 31.83 25.81
C ARG H 3571 -100.03 32.71 26.86
N TRP H 3572 -99.35 33.00 27.96
CA TRP H 3572 -99.97 33.82 28.99
C TRP H 3572 -100.05 35.28 28.55
N GLN H 3573 -99.09 35.73 27.74
CA GLN H 3573 -99.19 37.08 27.20
C GLN H 3573 -100.45 37.23 26.35
N MET H 3574 -100.72 36.26 25.47
CA MET H 3574 -101.92 36.30 24.65
C MET H 3574 -103.18 36.12 25.50
N ALA H 3575 -103.08 35.34 26.57
CA ALA H 3575 -104.22 35.23 27.48
C ALA H 3575 -104.60 36.59 28.02
N LEU H 3576 -103.62 37.33 28.54
CA LEU H 3576 -103.90 38.68 29.04
C LEU H 3576 -104.44 39.57 27.94
N TYR H 3577 -103.79 39.53 26.76
CA TYR H 3577 -104.17 40.41 25.67
C TYR H 3577 -105.63 40.19 25.26
N ARG H 3578 -106.00 38.93 25.04
CA ARG H 3578 -107.37 38.63 24.66
C ARG H 3578 -108.34 38.91 25.79
N GLY H 3579 -107.90 38.76 27.04
CA GLY H 3579 -108.76 39.11 28.15
C GLY H 3579 -109.13 40.58 28.14
N VAL H 3580 -108.17 41.43 27.77
CA VAL H 3580 -108.44 42.87 27.67
C VAL H 3580 -109.49 43.07 26.56
N PRO H 3581 -110.64 43.68 26.86
CA PRO H 3581 -111.66 43.84 25.81
C PRO H 3581 -111.19 44.73 24.67
N GLY H 3582 -111.69 44.45 23.47
CA GLY H 3582 -111.35 45.23 22.29
C GLY H 3582 -110.08 44.77 21.61
N ARG H 3583 -109.05 44.48 22.41
CA ARG H 3583 -107.80 44.00 21.86
C ARG H 3583 -108.00 42.68 21.11
N GLU H 3584 -108.88 41.82 21.63
CA GLU H 3584 -109.20 40.58 20.94
C GLU H 3584 -109.90 40.84 19.62
N GLU H 3585 -110.76 41.84 19.54
CA GLU H 3585 -111.43 42.19 18.30
C GLU H 3585 -110.49 42.79 17.27
N ASP H 3586 -109.49 43.56 17.71
CA ASP H 3586 -108.53 44.15 16.80
C ASP H 3586 -107.50 43.09 16.40
N ALA H 3587 -106.43 43.51 15.74
CA ALA H 3587 -105.39 42.59 15.27
C ALA H 3587 -105.95 41.55 14.31
N ASP H 3588 -106.91 41.98 13.47
CA ASP H 3588 -107.54 41.09 12.50
C ASP H 3588 -107.37 41.55 11.06
N ASP H 3589 -106.75 42.71 10.84
CA ASP H 3589 -106.58 43.30 9.52
C ASP H 3589 -105.10 43.58 9.30
N PRO H 3590 -104.47 43.00 8.27
CA PRO H 3590 -103.00 43.08 8.20
C PRO H 3590 -102.48 44.50 8.09
N GLU H 3591 -103.30 45.42 7.58
CA GLU H 3591 -102.90 46.82 7.53
C GLU H 3591 -102.66 47.35 8.94
N LYS H 3592 -103.54 46.99 9.88
CA LYS H 3592 -103.35 47.39 11.26
C LYS H 3592 -101.97 46.98 11.75
N ILE H 3593 -101.58 45.72 11.50
CA ILE H 3593 -100.31 45.24 11.98
C ILE H 3593 -99.15 45.98 11.31
N VAL H 3594 -99.19 46.09 9.98
CA VAL H 3594 -98.06 46.71 9.30
C VAL H 3594 -97.91 48.17 9.72
N ARG H 3595 -99.01 48.80 10.15
CA ARG H 3595 -98.94 50.17 10.64
C ARG H 3595 -98.37 50.23 12.06
N ARG H 3596 -98.99 49.50 12.99
CA ARG H 3596 -98.62 49.62 14.39
C ARG H 3596 -97.20 49.14 14.63
N VAL H 3597 -96.82 48.03 13.99
CA VAL H 3597 -95.46 47.52 14.17
C VAL H 3597 -94.46 48.54 13.68
N GLN H 3598 -94.72 49.13 12.51
CA GLN H 3598 -93.82 50.14 11.98
C GLN H 3598 -93.65 51.29 12.95
N GLU H 3599 -94.76 51.85 13.44
CA GLU H 3599 -94.70 53.00 14.32
C GLU H 3599 -93.93 52.68 15.59
N VAL H 3600 -94.33 51.61 16.28
CA VAL H 3600 -93.74 51.28 17.56
C VAL H 3600 -92.27 50.92 17.39
N SER H 3601 -91.94 50.20 16.32
CA SER H 3601 -90.56 49.83 16.06
C SER H 3601 -89.70 51.06 15.82
N ALA H 3602 -90.21 52.02 15.06
CA ALA H 3602 -89.46 53.26 14.86
C ALA H 3602 -89.17 53.94 16.20
N VAL H 3603 -90.20 54.05 17.04
CA VAL H 3603 -90.02 54.72 18.32
C VAL H 3603 -88.99 53.98 19.18
N LEU H 3604 -89.10 52.66 19.23
CA LEU H 3604 -88.16 51.89 20.04
C LEU H 3604 -86.74 52.00 19.51
N TYR H 3605 -86.59 51.98 18.19
CA TYR H 3605 -85.28 52.14 17.58
C TYR H 3605 -84.63 53.43 18.07
N HIS H 3606 -85.36 54.55 17.92
CA HIS H 3606 -84.76 55.83 18.24
C HIS H 3606 -84.53 55.96 19.74
N LEU H 3607 -85.41 55.35 20.55
CA LEU H 3607 -85.16 55.29 21.98
C LEU H 3607 -83.85 54.56 22.26
N ASP H 3608 -83.62 53.46 21.55
CA ASP H 3608 -82.41 52.67 21.73
C ASP H 3608 -81.18 53.51 21.42
N GLN H 3609 -81.19 54.21 20.28
CA GLN H 3609 -80.05 55.06 19.95
C GLN H 3609 -79.86 56.17 20.97
N THR H 3610 -80.95 56.81 21.40
CA THR H 3610 -80.84 57.92 22.34
C THR H 3610 -80.22 57.46 23.65
N GLU H 3611 -80.69 56.32 24.17
CA GLU H 3611 -80.10 55.82 25.41
C GLU H 3611 -78.67 55.33 25.21
N HIS H 3612 -78.38 54.75 24.05
CA HIS H 3612 -77.03 54.25 23.79
C HIS H 3612 -76.08 55.43 23.63
N PRO H 3613 -74.79 55.27 24.02
CA PRO H 3613 -73.79 56.32 23.84
C PRO H 3613 -73.87 57.02 22.48
N ALA H 3635 -47.55 78.35 26.98
CA ALA H 3635 -48.91 78.25 26.47
C ALA H 3635 -49.36 79.56 25.85
N CYS H 3636 -50.68 79.80 25.85
CA CYS H 3636 -51.22 80.93 25.12
C CYS H 3636 -51.18 82.21 25.94
N PHE H 3637 -51.72 82.17 27.17
CA PHE H 3637 -51.94 83.40 27.91
C PHE H 3637 -50.63 84.15 28.16
N ARG H 3638 -49.52 83.44 28.32
CA ARG H 3638 -48.25 84.12 28.57
C ARG H 3638 -47.92 85.07 27.43
N MET H 3639 -48.08 84.62 26.18
CA MET H 3639 -47.96 85.52 25.04
C MET H 3639 -46.64 86.27 25.07
N THR H 3640 -45.52 85.57 24.91
CA THR H 3640 -44.20 86.19 24.97
C THR H 3640 -43.85 86.81 23.61
N PRO H 3641 -43.97 88.13 23.46
CA PRO H 3641 -43.72 88.74 22.14
C PRO H 3641 -42.28 89.16 21.97
N LEU H 3642 -41.75 89.05 20.75
CA LEU H 3642 -40.40 89.49 20.50
C LEU H 3642 -40.24 90.99 20.70
N TYR H 3643 -41.30 91.76 20.44
CA TYR H 3643 -41.16 93.22 20.51
C TYR H 3643 -40.98 93.73 21.93
N ASN H 3644 -41.12 92.87 22.94
CA ASN H 3644 -40.88 93.27 24.32
C ASN H 3644 -39.44 93.01 24.77
N LEU H 3645 -38.66 92.28 24.00
CA LEU H 3645 -37.30 91.96 24.42
C LEU H 3645 -36.44 93.23 24.41
N PRO H 3646 -35.44 93.32 25.28
CA PRO H 3646 -34.49 94.43 25.17
C PRO H 3646 -33.71 94.36 23.86
N THR H 3647 -33.27 95.52 23.39
CA THR H 3647 -32.68 95.62 22.07
C THR H 3647 -31.48 94.68 21.93
N HIS H 3648 -30.65 94.56 22.96
CA HIS H 3648 -29.44 93.76 22.83
C HIS H 3648 -29.74 92.26 22.81
N ARG H 3649 -30.71 91.82 23.60
CA ARG H 3649 -31.12 90.41 23.52
C ARG H 3649 -31.65 90.09 22.13
N ALA H 3650 -32.48 90.98 21.58
CA ALA H 3650 -32.99 90.79 20.24
C ALA H 3650 -31.85 90.79 19.23
N CYS H 3651 -30.85 91.64 19.42
CA CYS H 3651 -29.71 91.68 18.50
C CYS H 3651 -28.95 90.37 18.51
N ASN H 3652 -28.71 89.80 19.70
CA ASN H 3652 -28.01 88.54 19.76
C ASN H 3652 -28.82 87.42 19.12
N MET H 3653 -30.13 87.40 19.38
CA MET H 3653 -30.98 86.40 18.74
C MET H 3653 -30.94 86.55 17.22
N PHE H 3654 -31.00 87.80 16.74
CA PHE H 3654 -30.94 88.04 15.31
C PHE H 3654 -29.62 87.57 14.72
N LEU H 3655 -28.52 87.84 15.41
CA LEU H 3655 -27.22 87.40 14.90
C LEU H 3655 -27.18 85.90 14.78
N GLU H 3656 -27.64 85.19 15.80
CA GLU H 3656 -27.65 83.74 15.74
C GLU H 3656 -28.52 83.24 14.58
N SER H 3657 -29.74 83.77 14.47
CA SER H 3657 -30.65 83.30 13.44
C SER H 3657 -30.12 83.62 12.04
N TYR H 3658 -29.58 84.83 11.86
CA TYR H 3658 -29.05 85.24 10.57
C TYR H 3658 -27.88 84.37 10.17
N LYS H 3659 -26.95 84.10 11.10
CA LYS H 3659 -25.84 83.22 10.77
C LYS H 3659 -26.35 81.84 10.40
N ALA H 3660 -27.34 81.32 11.13
CA ALA H 3660 -27.84 79.98 10.87
C ALA H 3660 -28.55 79.87 9.52
N SER H 3661 -29.36 80.85 9.15
CA SER H 3661 -30.24 80.69 8.00
C SER H 3661 -29.70 81.34 6.73
N TRP H 3662 -29.00 82.46 6.82
CA TRP H 3662 -28.54 83.18 5.64
C TRP H 3662 -27.07 82.93 5.34
N ILE H 3663 -26.18 83.18 6.30
CA ILE H 3663 -24.75 83.00 6.04
C ILE H 3663 -24.42 81.53 5.81
N LEU H 3664 -24.89 80.66 6.71
CA LEU H 3664 -24.52 79.25 6.62
C LEU H 3664 -25.05 78.62 5.35
N THR H 3665 -26.28 78.96 4.95
CA THR H 3665 -26.87 78.36 3.76
C THR H 3665 -26.19 78.81 2.48
N GLU H 3666 -25.48 79.93 2.50
CA GLU H 3666 -24.84 80.42 1.29
C GLU H 3666 -23.84 79.39 0.77
N ASP H 3667 -23.85 79.19 -0.54
CA ASP H 3667 -22.99 78.20 -1.19
C ASP H 3667 -21.94 78.92 -2.03
N HIS H 3668 -20.69 78.78 -1.64
CA HIS H 3668 -19.56 79.35 -2.36
C HIS H 3668 -18.57 78.24 -2.68
N SER H 3669 -18.26 78.09 -3.97
CA SER H 3669 -17.38 77.02 -4.44
C SER H 3669 -16.05 77.66 -4.84
N PHE H 3670 -15.12 77.71 -3.89
CA PHE H 3670 -13.79 78.24 -4.13
C PHE H 3670 -12.72 77.18 -4.21
N GLU H 3671 -13.05 75.91 -3.92
CA GLU H 3671 -12.03 74.88 -3.78
C GLU H 3671 -11.34 74.61 -5.12
N ASP H 3672 -12.11 74.50 -6.19
CA ASP H 3672 -11.51 74.26 -7.50
C ASP H 3672 -10.61 75.41 -7.90
N ARG H 3673 -11.08 76.65 -7.72
CA ARG H 3673 -10.27 77.81 -8.07
C ARG H 3673 -8.98 77.83 -7.26
N MET H 3674 -9.09 77.52 -5.96
CA MET H 3674 -7.91 77.55 -5.10
C MET H 3674 -6.88 76.51 -5.56
N ILE H 3675 -7.33 75.27 -5.79
CA ILE H 3675 -6.40 74.24 -6.21
C ILE H 3675 -5.80 74.58 -7.56
N ASP H 3676 -6.61 75.10 -8.48
CA ASP H 3676 -6.11 75.47 -9.79
C ASP H 3676 -5.05 76.56 -9.70
N ASP H 3677 -5.29 77.56 -8.84
CA ASP H 3677 -4.31 78.63 -8.67
C ASP H 3677 -3.03 78.13 -8.03
N LEU H 3678 -3.15 77.23 -7.04
CA LEU H 3678 -1.98 76.75 -6.33
C LEU H 3678 -1.16 75.76 -7.14
N SER H 3679 -1.77 75.06 -8.09
CA SER H 3679 -1.05 74.04 -8.85
C SER H 3679 -0.24 74.62 -10.00
N LYS H 3680 -0.19 75.93 -10.16
CA LYS H 3680 0.50 76.56 -11.28
C LYS H 3680 1.88 77.03 -10.83
N ALA H 3681 2.91 76.58 -11.51
CA ALA H 3681 4.22 77.20 -11.40
C ALA H 3681 4.23 78.51 -12.14
N GLY H 3682 5.11 79.42 -11.72
CA GLY H 3682 5.13 80.77 -12.27
C GLY H 3682 6.48 81.13 -12.84
N GLU H 3683 6.46 81.59 -14.09
CA GLU H 3683 7.66 82.09 -14.74
C GLU H 3683 8.80 81.08 -14.65
N GLN H 3684 8.49 79.81 -14.85
CA GLN H 3684 9.52 78.77 -14.79
C GLN H 3684 10.57 79.00 -15.86
N GLU H 3685 10.15 79.28 -17.10
CA GLU H 3685 11.10 79.51 -18.18
C GLU H 3685 11.93 80.76 -17.92
N GLU H 3686 11.30 81.83 -17.42
CA GLU H 3686 12.05 83.04 -17.11
C GLU H 3686 13.11 82.77 -16.05
N GLU H 3687 12.73 82.02 -15.01
CA GLU H 3687 13.69 81.60 -14.00
C GLU H 3687 14.72 80.63 -14.55
N GLU H 3688 14.45 80.02 -15.71
CA GLU H 3688 15.34 79.05 -16.32
C GLU H 3688 15.59 77.87 -15.36
N GLU H 3689 14.51 77.16 -15.07
CA GLU H 3689 14.57 76.01 -14.17
C GLU H 3689 15.11 74.80 -14.92
N GLU H 3690 16.30 74.95 -15.52
CA GLU H 3690 16.92 73.86 -16.24
C GLU H 3690 17.40 72.76 -15.31
N VAL H 3691 17.41 73.00 -13.99
CA VAL H 3691 17.75 71.96 -13.04
C VAL H 3691 16.82 70.77 -13.28
N GLU H 3692 17.39 69.56 -13.26
CA GLU H 3692 16.59 68.37 -13.50
C GLU H 3692 15.49 68.23 -12.47
N GLU H 3693 15.79 68.53 -11.21
CA GLU H 3693 14.80 68.48 -10.13
C GLU H 3693 14.16 69.85 -10.00
N LYS H 3694 12.98 70.01 -10.60
CA LYS H 3694 12.25 71.26 -10.48
C LYS H 3694 11.80 71.47 -9.03
N LYS H 3695 11.76 72.73 -8.61
CA LYS H 3695 11.30 73.03 -7.27
C LYS H 3695 9.80 72.77 -7.17
N PRO H 3696 9.31 72.29 -6.02
CA PRO H 3696 7.87 72.09 -5.87
C PRO H 3696 7.09 73.38 -6.02
N ASP H 3697 5.90 73.27 -6.60
CA ASP H 3697 4.99 74.39 -6.74
C ASP H 3697 4.20 74.56 -5.44
N PRO H 3698 3.42 75.65 -5.32
CA PRO H 3698 2.79 75.94 -4.02
C PRO H 3698 1.94 74.80 -3.45
N LEU H 3699 1.15 74.12 -4.29
CA LEU H 3699 0.35 73.02 -3.79
C LEU H 3699 1.23 71.88 -3.30
N HIS H 3700 2.29 71.58 -4.04
CA HIS H 3700 3.25 70.57 -3.62
C HIS H 3700 3.87 70.93 -2.28
N GLN H 3701 4.20 72.21 -2.09
CA GLN H 3701 4.80 72.64 -0.83
C GLN H 3701 3.81 72.52 0.32
N LEU H 3702 2.54 72.82 0.07
CA LEU H 3702 1.53 72.66 1.11
C LEU H 3702 1.42 71.19 1.53
N VAL H 3703 1.34 70.29 0.55
CA VAL H 3703 1.26 68.87 0.86
C VAL H 3703 2.50 68.41 1.61
N LEU H 3704 3.67 68.90 1.20
CA LEU H 3704 4.91 68.54 1.89
C LEU H 3704 4.92 69.04 3.32
N HIS H 3705 4.41 70.25 3.56
CA HIS H 3705 4.36 70.76 4.93
C HIS H 3705 3.49 69.88 5.81
N PHE H 3706 2.31 69.49 5.30
CA PHE H 3706 1.47 68.62 6.12
C PHE H 3706 2.08 67.25 6.30
N SER H 3707 2.81 66.74 5.30
CA SER H 3707 3.53 65.49 5.48
C SER H 3707 4.57 65.60 6.57
N ARG H 3708 5.30 66.71 6.60
CA ARG H 3708 6.30 66.90 7.66
C ARG H 3708 5.64 66.97 9.02
N THR H 3709 4.51 67.67 9.13
CA THR H 3709 3.78 67.70 10.38
C THR H 3709 3.36 66.30 10.82
N ALA H 3710 2.90 65.49 9.87
CA ALA H 3710 2.51 64.12 10.20
C ALA H 3710 3.69 63.27 10.63
N LEU H 3711 4.85 63.45 10.00
CA LEU H 3711 6.03 62.64 10.29
C LEU H 3711 6.76 63.09 11.55
N THR H 3712 6.50 64.28 12.06
CA THR H 3712 7.15 64.71 13.29
C THR H 3712 6.84 63.73 14.41
N GLU H 3713 7.85 63.38 15.20
CA GLU H 3713 7.71 62.42 16.28
C GLU H 3713 7.03 63.10 17.47
N LYS H 3714 5.80 62.70 17.74
CA LYS H 3714 5.00 63.28 18.81
C LYS H 3714 4.22 62.17 19.52
N SER H 3715 3.77 62.47 20.73
CA SER H 3715 2.96 61.51 21.47
C SER H 3715 1.58 61.38 20.87
N LYS H 3716 0.97 62.49 20.47
CA LYS H 3716 -0.36 62.49 19.89
C LYS H 3716 -0.42 63.53 18.78
N LEU H 3717 -1.40 63.36 17.89
CA LEU H 3717 -1.61 64.30 16.79
C LEU H 3717 -2.56 65.40 17.27
N ASP H 3718 -2.04 66.63 17.33
CA ASP H 3718 -2.85 67.76 17.75
C ASP H 3718 -3.85 68.15 16.67
N GLU H 3719 -5.05 68.51 17.08
CA GLU H 3719 -6.04 69.01 16.14
C GLU H 3719 -5.52 70.26 15.47
N ASP H 3720 -5.66 70.32 14.14
CA ASP H 3720 -5.10 71.40 13.34
C ASP H 3720 -6.17 71.90 12.37
N TYR H 3721 -6.76 73.05 12.70
CA TYR H 3721 -7.81 73.60 11.85
C TYR H 3721 -7.31 73.85 10.44
N LEU H 3722 -6.04 74.26 10.30
CA LEU H 3722 -5.50 74.51 8.96
C LEU H 3722 -5.45 73.24 8.14
N TYR H 3723 -4.95 72.15 8.74
CA TYR H 3723 -4.90 70.89 8.01
C TYR H 3723 -6.31 70.44 7.66
N MET H 3724 -7.25 70.56 8.59
CA MET H 3724 -8.60 70.11 8.30
C MET H 3724 -9.22 70.91 7.16
N ALA H 3725 -9.03 72.23 7.16
CA ALA H 3725 -9.59 73.06 6.10
C ALA H 3725 -8.97 72.70 4.75
N TYR H 3726 -7.65 72.55 4.70
CA TYR H 3726 -7.03 72.28 3.41
C TYR H 3726 -7.30 70.86 2.93
N ALA H 3727 -7.47 69.91 3.86
CA ALA H 3727 -7.88 68.58 3.47
C ALA H 3727 -9.29 68.59 2.88
N ASP H 3728 -10.20 69.37 3.47
CA ASP H 3728 -11.52 69.50 2.89
C ASP H 3728 -11.45 70.13 1.50
N ILE H 3729 -10.60 71.14 1.33
CA ILE H 3729 -10.47 71.78 0.02
C ILE H 3729 -9.98 70.77 -1.01
N MET H 3730 -8.93 70.03 -0.65
CA MET H 3730 -8.38 69.05 -1.58
C MET H 3730 -9.41 67.98 -1.92
N ALA H 3731 -10.16 67.51 -0.92
CA ALA H 3731 -11.18 66.50 -1.18
C ALA H 3731 -12.26 67.03 -2.10
N LYS H 3732 -12.72 68.27 -1.87
CA LYS H 3732 -13.75 68.83 -2.73
C LYS H 3732 -13.25 69.05 -4.14
N SER H 3733 -11.95 69.26 -4.32
CA SER H 3733 -11.43 69.50 -5.66
C SER H 3733 -11.68 68.31 -6.58
N CYS H 3734 -11.81 67.11 -6.02
CA CYS H 3734 -12.13 65.91 -6.81
C CYS H 3734 -13.62 65.65 -6.70
N HIS H 3735 -14.36 66.07 -7.73
CA HIS H 3735 -15.81 66.20 -7.61
C HIS H 3735 -16.50 64.85 -7.39
N LEU H 3736 -16.21 63.87 -8.24
CA LEU H 3736 -16.99 62.63 -8.29
C LEU H 3736 -18.44 62.94 -8.60
N GLU H 3737 -18.63 63.50 -9.79
CA GLU H 3737 -19.96 63.85 -10.28
C GLU H 3737 -20.75 62.58 -10.61
N VAL H 3752 -31.53 59.68 -16.04
CA VAL H 3752 -31.13 60.04 -17.40
C VAL H 3752 -30.19 58.99 -17.97
N GLU H 3753 -29.90 59.10 -19.27
CA GLU H 3753 -29.01 58.19 -19.95
C GLU H 3753 -27.73 58.95 -20.31
N VAL H 3754 -26.59 58.41 -19.88
CA VAL H 3754 -25.29 59.02 -20.16
C VAL H 3754 -24.61 58.20 -21.24
N SER H 3755 -24.20 58.87 -22.31
CA SER H 3755 -23.52 58.18 -23.39
C SER H 3755 -22.20 57.61 -22.90
N PHE H 3756 -21.74 56.55 -23.57
CA PHE H 3756 -20.46 55.95 -23.23
C PHE H 3756 -19.35 56.99 -23.31
N GLU H 3757 -19.40 57.87 -24.30
CA GLU H 3757 -18.41 58.93 -24.41
C GLU H 3757 -18.44 59.85 -23.20
N GLU H 3758 -19.65 60.23 -22.76
CA GLU H 3758 -19.76 61.13 -21.61
C GLU H 3758 -19.25 60.45 -20.34
N LYS H 3759 -19.56 59.17 -20.17
CA LYS H 3759 -19.07 58.45 -19.00
C LYS H 3759 -17.55 58.40 -19.00
N GLU H 3760 -16.95 58.10 -20.15
CA GLU H 3760 -15.49 58.07 -20.22
C GLU H 3760 -14.89 59.45 -19.97
N MET H 3761 -15.54 60.50 -20.47
CA MET H 3761 -15.03 61.85 -20.22
C MET H 3761 -15.08 62.19 -18.74
N GLU H 3762 -16.16 61.81 -18.06
CA GLU H 3762 -16.22 62.03 -16.62
C GLU H 3762 -15.12 61.26 -15.90
N LYS H 3763 -14.89 60.01 -16.29
CA LYS H 3763 -13.83 59.23 -15.67
C LYS H 3763 -12.48 59.91 -15.86
N GLN H 3764 -12.21 60.40 -17.07
CA GLN H 3764 -10.93 61.05 -17.33
C GLN H 3764 -10.80 62.35 -16.55
N ARG H 3765 -11.87 63.12 -16.44
CA ARG H 3765 -11.83 64.34 -15.66
C ARG H 3765 -11.51 64.04 -14.20
N LEU H 3766 -12.16 63.03 -13.63
CA LEU H 3766 -11.88 62.66 -12.25
C LEU H 3766 -10.43 62.18 -12.11
N LEU H 3767 -9.94 61.43 -13.08
CA LEU H 3767 -8.56 60.98 -13.02
C LEU H 3767 -7.59 62.16 -13.02
N TYR H 3768 -7.86 63.16 -13.84
CA TYR H 3768 -6.98 64.33 -13.87
C TYR H 3768 -7.04 65.08 -12.54
N GLN H 3769 -8.25 65.27 -12.01
CA GLN H 3769 -8.39 65.96 -10.74
C GLN H 3769 -7.64 65.23 -9.63
N GLN H 3770 -7.68 63.90 -9.65
CA GLN H 3770 -6.99 63.12 -8.63
C GLN H 3770 -5.49 63.12 -8.84
N SER H 3771 -5.05 63.17 -10.09
CA SER H 3771 -3.62 63.25 -10.37
C SER H 3771 -3.04 64.58 -9.91
N ARG H 3772 -3.82 65.64 -9.99
CA ARG H 3772 -3.35 66.92 -9.46
C ARG H 3772 -2.83 66.78 -8.04
N LEU H 3773 -3.49 65.97 -7.21
CA LEU H 3773 -3.10 65.76 -5.84
C LEU H 3773 -2.07 64.65 -5.66
N HIS H 3774 -2.30 63.48 -6.26
CA HIS H 3774 -1.41 62.36 -5.97
C HIS H 3774 -0.07 62.50 -6.69
N ASN H 3775 0.05 63.39 -7.66
CA ASN H 3775 1.35 63.71 -8.22
C ASN H 3775 2.17 64.59 -7.30
N ARG H 3776 1.57 65.08 -6.22
CA ARG H 3776 2.24 65.99 -5.29
C ARG H 3776 2.27 65.45 -3.86
N GLY H 3777 2.19 64.13 -3.70
CA GLY H 3777 2.40 63.50 -2.42
C GLY H 3777 1.18 63.31 -1.56
N ALA H 3778 -0.03 63.54 -2.10
CA ALA H 3778 -1.23 63.46 -1.28
C ALA H 3778 -1.47 62.06 -0.73
N ALA H 3779 -1.19 61.03 -1.52
CA ALA H 3779 -1.42 59.66 -1.05
C ALA H 3779 -0.55 59.33 0.16
N GLU H 3780 0.75 59.62 0.06
CA GLU H 3780 1.64 59.39 1.17
C GLU H 3780 1.25 60.25 2.37
N MET H 3781 0.79 61.48 2.12
CA MET H 3781 0.33 62.31 3.22
C MET H 3781 -0.84 61.68 3.94
N VAL H 3782 -1.79 61.13 3.18
CA VAL H 3782 -2.95 60.48 3.80
C VAL H 3782 -2.51 59.31 4.66
N LEU H 3783 -1.62 58.47 4.13
CA LEU H 3783 -1.15 57.33 4.91
C LEU H 3783 -0.45 57.79 6.18
N GLN H 3784 0.40 58.82 6.06
CA GLN H 3784 1.13 59.31 7.22
C GLN H 3784 0.19 59.85 8.28
N MET H 3785 -0.85 60.58 7.87
CA MET H 3785 -1.78 61.13 8.85
C MET H 3785 -2.58 60.03 9.52
N ILE H 3786 -3.01 59.01 8.77
CA ILE H 3786 -3.70 57.89 9.39
C ILE H 3786 -2.80 57.23 10.42
N SER H 3787 -1.53 57.01 10.06
CA SER H 3787 -0.60 56.41 11.01
C SER H 3787 -0.41 57.29 12.23
N ALA H 3788 -0.33 58.61 12.03
CA ALA H 3788 -0.04 59.52 13.13
C ALA H 3788 -1.21 59.62 14.10
N CYS H 3789 -2.44 59.47 13.62
CA CYS H 3789 -3.57 59.55 14.53
C CYS H 3789 -3.50 58.51 15.63
N LYS H 3790 -2.76 57.42 15.43
CA LYS H 3790 -2.54 56.40 16.46
C LYS H 3790 -3.85 55.85 17.00
N GLY H 3791 -4.82 55.65 16.12
CA GLY H 3791 -6.05 54.99 16.51
C GLY H 3791 -7.04 55.86 17.25
N GLU H 3792 -6.80 57.16 17.35
CA GLU H 3792 -7.72 58.07 18.04
C GLU H 3792 -8.69 58.66 17.03
N THR H 3793 -9.98 58.48 17.27
CA THR H 3793 -10.99 59.07 16.41
C THR H 3793 -11.03 60.58 16.60
N GLY H 3794 -11.59 61.27 15.61
CA GLY H 3794 -11.73 62.70 15.69
C GLY H 3794 -11.77 63.33 14.32
N ALA H 3795 -11.80 64.66 14.34
CA ALA H 3795 -11.92 65.43 13.10
C ALA H 3795 -10.71 65.25 12.20
N MET H 3796 -9.51 65.15 12.77
CA MET H 3796 -8.32 64.99 11.95
C MET H 3796 -8.39 63.70 11.13
N VAL H 3797 -8.69 62.57 11.77
CA VAL H 3797 -8.76 61.32 11.03
C VAL H 3797 -9.96 61.30 10.11
N SER H 3798 -11.08 61.94 10.50
CA SER H 3798 -12.21 62.00 9.58
C SER H 3798 -11.84 62.73 8.29
N SER H 3799 -11.17 63.87 8.41
CA SER H 3799 -10.74 64.60 7.22
C SER H 3799 -9.73 63.81 6.42
N THR H 3800 -8.80 63.12 7.09
CA THR H 3800 -7.84 62.30 6.38
C THR H 3800 -8.53 61.21 5.57
N LEU H 3801 -9.50 60.53 6.18
CA LEU H 3801 -10.21 59.47 5.48
C LEU H 3801 -11.01 60.02 4.31
N LYS H 3802 -11.65 61.18 4.49
CA LYS H 3802 -12.38 61.77 3.38
C LYS H 3802 -11.46 62.14 2.23
N LEU H 3803 -10.28 62.68 2.54
CA LEU H 3803 -9.32 62.99 1.48
C LEU H 3803 -8.86 61.72 0.77
N GLY H 3804 -8.56 60.67 1.52
CA GLY H 3804 -8.16 59.42 0.91
C GLY H 3804 -9.23 58.87 -0.01
N ILE H 3805 -10.48 58.89 0.43
CA ILE H 3805 -11.58 58.44 -0.41
C ILE H 3805 -11.66 59.30 -1.66
N SER H 3806 -11.49 60.60 -1.51
CA SER H 3806 -11.60 61.50 -2.66
C SER H 3806 -10.56 61.17 -3.72
N ILE H 3807 -9.33 60.90 -3.30
CA ILE H 3807 -8.28 60.60 -4.28
C ILE H 3807 -8.30 59.15 -4.74
N LEU H 3808 -9.02 58.27 -4.05
CA LEU H 3808 -9.11 56.88 -4.47
C LEU H 3808 -10.39 56.56 -5.25
N ASN H 3809 -11.36 57.48 -5.28
CA ASN H 3809 -12.65 57.18 -5.89
C ASN H 3809 -12.47 56.64 -7.30
N GLY H 3810 -13.30 55.66 -7.65
CA GLY H 3810 -13.23 55.01 -8.93
C GLY H 3810 -12.17 53.92 -9.02
N GLY H 3811 -11.49 53.63 -7.92
CA GLY H 3811 -10.45 52.63 -7.93
C GLY H 3811 -9.21 53.11 -8.67
N ASN H 3812 -8.67 54.25 -8.26
CA ASN H 3812 -7.51 54.82 -8.92
C ASN H 3812 -6.31 53.90 -8.75
N ALA H 3813 -5.93 53.21 -9.83
CA ALA H 3813 -4.86 52.23 -9.75
C ALA H 3813 -3.52 52.89 -9.44
N GLU H 3814 -3.28 54.08 -9.99
CA GLU H 3814 -2.02 54.77 -9.72
C GLU H 3814 -1.91 55.14 -8.24
N VAL H 3815 -2.99 55.65 -7.66
CA VAL H 3815 -2.96 55.97 -6.24
C VAL H 3815 -2.79 54.71 -5.40
N GLN H 3816 -3.46 53.62 -5.78
CA GLN H 3816 -3.29 52.37 -5.05
C GLN H 3816 -1.84 51.92 -5.09
N GLN H 3817 -1.21 52.00 -6.27
CA GLN H 3817 0.18 51.60 -6.39
C GLN H 3817 1.08 52.47 -5.53
N LYS H 3818 0.85 53.78 -5.54
CA LYS H 3818 1.69 54.66 -4.73
C LYS H 3818 1.53 54.34 -3.24
N MET H 3819 0.30 54.12 -2.79
CA MET H 3819 0.09 53.79 -1.38
C MET H 3819 0.77 52.49 -1.01
N LEU H 3820 0.61 51.45 -1.85
CA LEU H 3820 1.22 50.17 -1.55
C LEU H 3820 2.73 50.26 -1.53
N ASP H 3821 3.32 50.97 -2.50
CA ASP H 3821 4.76 51.13 -2.50
C ASP H 3821 5.24 51.84 -1.26
N TYR H 3822 4.55 52.92 -0.86
CA TYR H 3822 4.98 53.63 0.34
C TYR H 3822 4.91 52.72 1.56
N LEU H 3823 3.82 51.99 1.72
CA LEU H 3823 3.68 51.13 2.89
C LEU H 3823 4.74 50.04 2.91
N LYS H 3824 4.94 49.36 1.78
CA LYS H 3824 5.91 48.27 1.73
C LYS H 3824 7.34 48.76 1.84
N ASP H 3825 7.61 50.02 1.51
CA ASP H 3825 8.94 50.57 1.63
C ASP H 3825 9.22 51.04 3.05
N LYS H 3826 8.24 51.64 3.72
CA LYS H 3826 8.47 52.10 5.08
C LYS H 3826 8.44 50.95 6.08
N LYS H 3827 7.58 49.96 5.88
CA LYS H 3827 7.49 48.80 6.76
C LYS H 3827 7.23 49.23 8.21
N GLU H 3828 6.16 49.99 8.40
CA GLU H 3828 5.78 50.47 9.72
C GLU H 3828 4.45 49.85 10.13
N VAL H 3829 4.41 49.32 11.35
CA VAL H 3829 3.22 48.63 11.85
C VAL H 3829 2.19 49.65 12.32
N GLY H 3830 2.60 50.92 12.41
CA GLY H 3830 1.73 51.95 12.93
C GLY H 3830 0.48 52.16 12.12
N PHE H 3831 0.58 52.08 10.79
CA PHE H 3831 -0.58 52.33 9.95
C PHE H 3831 -1.70 51.35 10.23
N PHE H 3832 -1.40 50.05 10.19
CA PHE H 3832 -2.43 49.05 10.42
C PHE H 3832 -2.81 48.94 11.89
N GLN H 3833 -1.90 49.27 12.82
CA GLN H 3833 -2.31 49.36 14.20
C GLN H 3833 -3.36 50.45 14.40
N SER H 3834 -3.15 51.60 13.76
CA SER H 3834 -4.12 52.68 13.82
C SER H 3834 -5.44 52.28 13.19
N ILE H 3835 -5.38 51.61 12.03
CA ILE H 3835 -6.61 51.16 11.37
C ILE H 3835 -7.38 50.21 12.27
N GLN H 3836 -6.68 49.26 12.90
CA GLN H 3836 -7.35 48.30 13.77
C GLN H 3836 -7.97 48.99 14.97
N ALA H 3837 -7.26 49.95 15.57
CA ALA H 3837 -7.83 50.67 16.71
C ALA H 3837 -9.08 51.44 16.31
N LEU H 3838 -9.05 52.12 15.15
CA LEU H 3838 -10.23 52.84 14.71
C LEU H 3838 -11.40 51.88 14.48
N MET H 3839 -11.12 50.73 13.86
CA MET H 3839 -12.17 49.76 13.63
C MET H 3839 -12.78 49.27 14.93
N GLN H 3840 -11.95 49.07 15.96
CA GLN H 3840 -12.48 48.65 17.25
C GLN H 3840 -13.27 49.74 17.95
N THR H 3841 -12.93 51.00 17.74
CA THR H 3841 -13.72 52.08 18.31
C THR H 3841 -15.04 52.30 17.59
N CYS H 3842 -15.14 51.90 16.33
CA CYS H 3842 -16.41 52.04 15.60
C CYS H 3842 -17.55 51.39 16.36
N SER H 3843 -18.69 52.07 16.41
CA SER H 3843 -19.81 51.68 17.27
C SER H 3843 -20.92 50.99 16.50
N VAL H 3844 -21.88 50.45 17.26
CA VAL H 3844 -22.99 49.70 16.72
C VAL H 3844 -24.28 50.18 17.38
N LEU H 3845 -25.40 49.53 17.07
CA LEU H 3845 -26.68 49.88 17.68
C LEU H 3845 -26.64 49.61 19.18
N ASP H 3846 -27.11 50.56 19.97
CA ASP H 3846 -27.10 50.46 21.43
C ASP H 3846 -28.51 50.72 21.96
N LEU H 3847 -29.11 49.69 22.55
CA LEU H 3847 -30.49 49.80 23.00
C LEU H 3847 -30.63 50.63 24.26
N ASN H 3848 -29.65 50.59 25.17
CA ASN H 3848 -29.69 51.47 26.32
C ASN H 3848 -29.67 52.92 25.88
N ALA H 3849 -28.81 53.26 24.93
CA ALA H 3849 -28.79 54.60 24.38
C ALA H 3849 -30.11 54.93 23.71
N PHE H 3850 -30.70 53.97 23.01
CA PHE H 3850 -31.98 54.21 22.36
C PHE H 3850 -33.06 54.56 23.38
N GLU H 3851 -33.15 53.78 24.45
CA GLU H 3851 -34.16 54.06 25.48
C GLU H 3851 -33.90 55.39 26.17
N ARG H 3852 -32.64 55.71 26.43
CA ARG H 3852 -32.32 57.01 27.00
C ARG H 3852 -32.78 58.14 26.09
N GLN H 3853 -32.54 58.00 24.79
CA GLN H 3853 -32.95 59.02 23.85
C GLN H 3853 -34.47 59.14 23.78
N ASN H 3854 -35.18 58.01 23.83
CA ASN H 3854 -36.63 58.06 23.85
C ASN H 3854 -37.14 58.80 25.07
N LYS H 3855 -36.57 58.53 26.24
CA LYS H 3855 -37.00 59.24 27.44
C LYS H 3855 -36.68 60.73 27.35
N ALA H 3856 -35.50 61.07 26.83
CA ALA H 3856 -35.14 62.48 26.68
C ALA H 3856 -36.12 63.20 25.78
N GLU H 3857 -36.48 62.57 24.65
CA GLU H 3857 -37.47 63.17 23.77
C GLU H 3857 -38.83 63.27 24.46
N GLY H 3858 -39.19 62.25 25.23
CA GLY H 3858 -40.46 62.29 25.95
C GLY H 3858 -40.54 63.46 26.91
N LEU H 3859 -39.42 63.80 27.53
CA LEU H 3859 -39.40 64.99 28.41
C LEU H 3859 -40.04 66.17 27.70
N GLY H 3860 -41.04 66.76 28.36
CA GLY H 3860 -41.88 67.74 27.71
C GLY H 3860 -41.27 69.13 27.66
N MET H 3861 -41.98 70.03 26.98
CA MET H 3861 -41.56 71.43 26.83
C MET H 3861 -42.40 72.30 27.76
N VAL H 3862 -41.78 72.65 28.90
CA VAL H 3862 -42.49 73.47 29.89
C VAL H 3862 -42.12 74.93 29.72
N ASN H 3863 -40.83 75.24 29.67
CA ASN H 3863 -40.36 76.62 29.57
C ASN H 3863 -40.10 76.97 28.11
N GLU H 3864 -39.64 78.19 27.87
CA GLU H 3864 -39.48 78.68 26.50
C GLU H 3864 -38.23 78.08 25.85
N ASP H 3865 -38.29 77.95 24.52
CA ASP H 3865 -37.28 77.19 23.80
C ASP H 3865 -35.87 77.69 24.08
N GLY H 3866 -35.68 79.00 24.19
CA GLY H 3866 -34.35 79.52 24.50
C GLY H 3866 -33.82 79.01 25.83
N THR H 3867 -34.63 79.10 26.88
CA THR H 3867 -34.19 78.64 28.20
C THR H 3867 -33.98 77.13 28.21
N VAL H 3868 -34.88 76.38 27.58
CA VAL H 3868 -34.70 74.93 27.49
C VAL H 3868 -33.71 74.60 26.39
N ILE H 3869 -33.22 73.36 26.41
CA ILE H 3869 -32.16 72.93 25.50
C ILE H 3869 -32.73 72.27 24.23
N ASN H 3870 -34.06 72.24 24.10
CA ASN H 3870 -34.71 71.68 22.90
C ASN H 3870 -34.40 70.20 22.72
N ARG H 3871 -33.78 69.57 23.72
CA ARG H 3871 -33.39 68.16 23.65
C ARG H 3871 -32.73 67.84 22.31
N GLN H 3872 -31.95 68.79 21.81
CA GLN H 3872 -31.31 68.64 20.51
C GLN H 3872 -29.90 68.06 20.67
N ASN H 3873 -29.70 67.27 21.72
CA ASN H 3873 -28.44 66.55 21.87
C ASN H 3873 -28.22 65.66 20.65
N GLY H 3874 -26.98 65.63 20.17
CA GLY H 3874 -26.66 64.82 19.02
C GLY H 3874 -27.15 63.39 19.17
N GLU H 3875 -27.24 62.69 18.05
CA GLU H 3875 -27.72 61.32 18.05
C GLU H 3875 -26.87 60.49 19.00
N LYS H 3876 -27.55 59.71 19.85
CA LYS H 3876 -26.89 58.84 20.80
C LYS H 3876 -26.67 57.44 20.27
N VAL H 3877 -27.41 57.03 19.24
CA VAL H 3877 -27.32 55.70 18.67
C VAL H 3877 -26.57 55.79 17.34
N MET H 3878 -25.48 55.04 17.23
CA MET H 3878 -24.64 55.06 16.03
C MET H 3878 -24.31 56.48 15.63
N ALA H 3879 -23.73 57.21 16.59
CA ALA H 3879 -23.40 58.62 16.37
C ALA H 3879 -22.26 58.82 15.38
N ASP H 3880 -21.39 57.83 15.21
CA ASP H 3880 -20.26 57.90 14.30
C ASP H 3880 -20.45 57.03 13.07
N ASP H 3881 -21.70 56.87 12.62
CA ASP H 3881 -21.96 56.02 11.47
C ASP H 3881 -21.29 56.57 10.22
N GLU H 3882 -21.24 57.89 10.09
CA GLU H 3882 -20.55 58.49 8.95
C GLU H 3882 -19.08 58.13 8.96
N PHE H 3883 -18.45 58.19 10.13
CA PHE H 3883 -17.04 57.82 10.22
C PHE H 3883 -16.84 56.34 9.90
N THR H 3884 -17.72 55.48 10.41
CA THR H 3884 -17.60 54.06 10.12
C THR H 3884 -17.69 53.80 8.64
N GLN H 3885 -18.67 54.41 7.99
CA GLN H 3885 -18.83 54.24 6.55
C GLN H 3885 -17.59 54.76 5.81
N ASP H 3886 -17.03 55.89 6.23
CA ASP H 3886 -15.83 56.41 5.59
C ASP H 3886 -14.66 55.45 5.75
N LEU H 3887 -14.47 54.91 6.95
CA LEU H 3887 -13.35 53.99 7.18
C LEU H 3887 -13.46 52.77 6.30
N PHE H 3888 -14.65 52.17 6.24
CA PHE H 3888 -14.79 50.95 5.45
C PHE H 3888 -14.80 51.25 3.96
N ARG H 3889 -15.28 52.42 3.56
CA ARG H 3889 -15.17 52.83 2.16
C ARG H 3889 -13.72 53.01 1.75
N PHE H 3890 -12.91 53.60 2.62
CA PHE H 3890 -11.48 53.72 2.33
C PHE H 3890 -10.85 52.36 2.17
N LEU H 3891 -11.15 51.43 3.08
CA LEU H 3891 -10.59 50.10 2.96
C LEU H 3891 -11.05 49.41 1.68
N GLN H 3892 -12.31 49.58 1.30
CA GLN H 3892 -12.78 49.00 0.05
C GLN H 3892 -12.05 49.60 -1.14
N LEU H 3893 -11.91 50.92 -1.18
CA LEU H 3893 -11.27 51.56 -2.31
C LEU H 3893 -9.80 51.19 -2.42
N LEU H 3894 -9.18 50.77 -1.31
CA LEU H 3894 -7.82 50.26 -1.44
C LEU H 3894 -7.76 49.03 -2.33
N CYS H 3895 -8.82 48.24 -2.38
CA CYS H 3895 -8.85 47.01 -3.17
C CYS H 3895 -9.71 47.11 -4.43
N GLU H 3896 -10.40 48.22 -4.63
CA GLU H 3896 -11.29 48.33 -5.79
C GLU H 3896 -10.53 48.07 -7.09
N GLY H 3897 -11.17 47.37 -7.99
CA GLY H 3897 -10.55 46.93 -9.22
C GLY H 3897 -9.84 45.60 -9.13
N HIS H 3898 -10.01 44.88 -8.02
CA HIS H 3898 -9.38 43.57 -7.83
C HIS H 3898 -7.86 43.71 -7.82
N ASN H 3899 -7.38 44.66 -7.02
CA ASN H 3899 -5.94 44.84 -6.83
C ASN H 3899 -5.44 43.69 -5.97
N ASN H 3900 -4.87 42.67 -6.62
CA ASN H 3900 -4.48 41.47 -5.90
C ASN H 3900 -3.40 41.75 -4.89
N ASP H 3901 -2.42 42.59 -5.24
CA ASP H 3901 -1.34 42.88 -4.32
C ASP H 3901 -1.85 43.50 -3.04
N PHE H 3902 -2.73 44.49 -3.15
CA PHE H 3902 -3.15 45.19 -1.96
C PHE H 3902 -4.18 44.35 -1.20
N GLN H 3903 -4.93 43.52 -1.92
CA GLN H 3903 -5.82 42.56 -1.26
C GLN H 3903 -5.03 41.60 -0.39
N ASN H 3904 -3.93 41.07 -0.90
CA ASN H 3904 -3.07 40.21 -0.08
C ASN H 3904 -2.44 40.99 1.06
N TYR H 3905 -2.01 42.22 0.80
CA TYR H 3905 -1.38 43.03 1.82
C TYR H 3905 -2.32 43.30 2.98
N LEU H 3906 -3.59 43.55 2.70
CA LEU H 3906 -4.54 43.78 3.78
C LEU H 3906 -4.66 42.57 4.70
N ARG H 3907 -4.36 41.38 4.19
CA ARG H 3907 -4.43 40.19 5.01
C ARG H 3907 -3.13 39.97 5.78
N THR H 3908 -2.00 40.03 5.09
CA THR H 3908 -0.72 39.79 5.73
C THR H 3908 0.32 40.75 5.18
N GLN H 3909 1.02 41.43 6.07
CA GLN H 3909 2.09 42.36 5.71
C GLN H 3909 3.41 41.65 5.93
N THR H 3910 3.92 41.02 4.88
CA THR H 3910 5.04 40.09 5.03
C THR H 3910 6.29 40.79 5.56
N GLY H 3911 6.54 42.02 5.10
CA GLY H 3911 7.78 42.70 5.46
C GLY H 3911 7.82 43.24 6.87
N ASN H 3912 6.67 43.47 7.50
CA ASN H 3912 6.64 44.08 8.81
C ASN H 3912 7.02 43.06 9.88
N THR H 3913 7.37 43.59 11.07
CA THR H 3913 7.71 42.70 12.19
C THR H 3913 6.49 42.00 12.73
N THR H 3914 5.34 42.66 12.69
CA THR H 3914 4.07 42.05 13.08
C THR H 3914 3.02 42.38 12.03
N THR H 3915 2.03 41.50 11.91
CA THR H 3915 0.99 41.63 10.91
C THR H 3915 -0.37 41.72 11.58
N ILE H 3916 -1.28 42.44 10.95
CA ILE H 3916 -2.68 42.55 11.38
C ILE H 3916 -3.55 42.15 10.23
N ASN H 3917 -4.54 41.30 10.50
CA ASN H 3917 -5.45 40.81 9.46
C ASN H 3917 -6.67 41.70 9.40
N ILE H 3918 -6.65 42.66 8.46
CA ILE H 3918 -7.76 43.60 8.34
C ILE H 3918 -9.03 42.89 7.89
N ILE H 3919 -8.91 41.80 7.13
CA ILE H 3919 -10.08 41.05 6.73
C ILE H 3919 -10.82 40.52 7.96
N ILE H 3920 -10.07 39.94 8.88
CA ILE H 3920 -10.67 39.40 10.10
C ILE H 3920 -11.18 40.53 10.99
N CYS H 3921 -10.47 41.65 11.03
CA CYS H 3921 -10.98 42.79 11.79
C CYS H 3921 -12.34 43.24 11.25
N THR H 3922 -12.48 43.29 9.93
CA THR H 3922 -13.75 43.66 9.32
C THR H 3922 -14.83 42.64 9.65
N VAL H 3923 -14.48 41.35 9.62
CA VAL H 3923 -15.45 40.32 9.99
C VAL H 3923 -15.90 40.49 11.43
N ASP H 3924 -14.97 40.81 12.32
CA ASP H 3924 -15.33 40.99 13.73
C ASP H 3924 -16.27 42.18 13.92
N TYR H 3925 -16.00 43.29 13.22
CA TYR H 3925 -16.93 44.41 13.30
C TYR H 3925 -18.30 44.01 12.75
N LEU H 3926 -18.33 43.26 11.66
CA LEU H 3926 -19.60 42.83 11.10
C LEU H 3926 -20.36 41.98 12.11
N LEU H 3927 -19.66 41.12 12.84
CA LEU H 3927 -20.31 40.30 13.85
C LEU H 3927 -20.91 41.14 14.96
N ARG H 3928 -20.16 42.14 15.44
CA ARG H 3928 -20.72 43.04 16.45
C ARG H 3928 -21.97 43.74 15.93
N LEU H 3929 -21.92 44.22 14.70
CA LEU H 3929 -23.07 44.93 14.13
C LEU H 3929 -24.26 44.00 13.98
N GLN H 3930 -24.03 42.75 13.54
CA GLN H 3930 -25.12 41.80 13.40
C GLN H 3930 -25.77 41.53 14.75
N GLU H 3931 -24.96 41.36 15.80
CA GLU H 3931 -25.54 41.13 17.12
C GLU H 3931 -26.36 42.32 17.57
N SER H 3932 -25.90 43.53 17.32
CA SER H 3932 -26.68 44.71 17.69
C SER H 3932 -28.00 44.76 16.92
N ILE H 3933 -27.98 44.42 15.64
CA ILE H 3933 -29.22 44.45 14.85
C ILE H 3933 -30.18 43.38 15.32
N SER H 3934 -29.67 42.20 15.70
CA SER H 3934 -30.54 41.17 16.26
C SER H 3934 -31.15 41.64 17.56
N ASP H 3935 -30.38 42.32 18.40
CA ASP H 3935 -30.95 42.88 19.63
C ASP H 3935 -32.06 43.86 19.31
N PHE H 3936 -31.86 44.72 18.32
CA PHE H 3936 -32.90 45.67 17.95
C PHE H 3936 -34.17 44.96 17.48
N TYR H 3937 -34.01 43.92 16.66
CA TYR H 3937 -35.17 43.19 16.19
C TYR H 3937 -35.92 42.56 17.37
N TRP H 3938 -35.18 41.95 18.30
CA TRP H 3938 -35.85 41.35 19.45
C TRP H 3938 -36.56 42.41 20.27
N TYR H 3939 -35.97 43.60 20.39
CA TYR H 3939 -36.63 44.68 21.09
C TYR H 3939 -37.96 45.03 20.44
N TYR H 3940 -38.01 45.07 19.12
CA TYR H 3940 -39.21 45.50 18.42
C TYR H 3940 -40.16 44.37 18.03
N SER H 3941 -39.82 43.11 18.30
CA SER H 3941 -40.60 42.00 17.78
C SER H 3941 -42.01 42.00 18.35
N GLY H 3942 -42.14 42.27 19.65
CA GLY H 3942 -43.46 42.30 20.25
C GLY H 3942 -44.32 43.44 19.73
N LYS H 3943 -43.71 44.59 19.49
CA LYS H 3943 -44.45 45.76 19.04
C LYS H 3943 -45.05 45.52 17.66
N ASP H 3944 -46.16 46.19 17.38
CA ASP H 3944 -46.86 45.98 16.13
C ASP H 3944 -46.23 46.80 15.00
N VAL H 3945 -45.99 48.08 15.23
CA VAL H 3945 -45.43 48.96 14.23
C VAL H 3945 -44.18 49.62 14.80
N ILE H 3946 -43.12 49.68 14.00
CA ILE H 3946 -41.89 50.34 14.40
C ILE H 3946 -42.06 51.84 14.16
N GLU H 3947 -41.77 52.63 15.18
CA GLU H 3947 -41.97 54.07 15.08
C GLU H 3947 -40.86 54.72 14.24
N GLU H 3948 -40.97 56.04 14.10
CA GLU H 3948 -40.08 56.76 13.20
C GLU H 3948 -38.62 56.67 13.65
N GLN H 3949 -38.38 56.85 14.95
CA GLN H 3949 -37.00 56.84 15.43
C GLN H 3949 -36.39 55.44 15.31
N GLY H 3950 -37.16 54.41 15.61
CA GLY H 3950 -36.68 53.06 15.42
C GLY H 3950 -36.36 52.77 13.97
N LYS H 3951 -37.22 53.24 13.06
CA LYS H 3951 -36.95 53.06 11.64
C LYS H 3951 -35.67 53.78 11.24
N ARG H 3952 -35.47 54.99 11.77
CA ARG H 3952 -34.26 55.75 11.42
C ARG H 3952 -33.01 55.04 11.89
N ASN H 3953 -33.03 54.49 13.11
CA ASN H 3953 -31.87 53.77 13.61
C ASN H 3953 -31.62 52.48 12.82
N PHE H 3954 -32.69 51.75 12.50
CA PHE H 3954 -32.54 50.58 11.64
C PHE H 3954 -31.90 50.96 10.32
N SER H 3955 -32.32 52.07 9.73
CA SER H 3955 -31.79 52.47 8.44
C SER H 3955 -30.31 52.83 8.53
N LYS H 3956 -29.92 53.54 9.59
CA LYS H 3956 -28.50 53.86 9.76
C LYS H 3956 -27.67 52.59 9.89
N ALA H 3957 -28.12 51.65 10.73
CA ALA H 3957 -27.38 50.41 10.89
C ALA H 3957 -27.30 49.65 9.58
N MET H 3958 -28.38 49.65 8.80
CA MET H 3958 -28.39 48.92 7.53
C MET H 3958 -27.45 49.56 6.52
N SER H 3959 -27.37 50.89 6.49
CA SER H 3959 -26.39 51.53 5.61
C SER H 3959 -24.97 51.12 5.98
N VAL H 3960 -24.66 51.13 7.28
CA VAL H 3960 -23.32 50.70 7.69
C VAL H 3960 -23.07 49.25 7.28
N ALA H 3961 -24.06 48.37 7.49
CA ALA H 3961 -23.89 46.97 7.13
C ALA H 3961 -23.69 46.80 5.63
N LYS H 3962 -24.41 47.59 4.83
CA LYS H 3962 -24.22 47.56 3.39
C LYS H 3962 -22.79 47.90 3.03
N GLN H 3963 -22.24 48.95 3.65
CA GLN H 3963 -20.87 49.31 3.36
C GLN H 3963 -19.90 48.20 3.75
N VAL H 3964 -20.15 47.55 4.90
CA VAL H 3964 -19.26 46.49 5.35
C VAL H 3964 -19.31 45.31 4.39
N PHE H 3965 -20.51 44.95 3.93
CA PHE H 3965 -20.62 43.86 2.95
C PHE H 3965 -19.88 44.21 1.68
N ASN H 3966 -20.00 45.45 1.21
CA ASN H 3966 -19.27 45.86 0.02
C ASN H 3966 -17.76 45.77 0.23
N SER H 3967 -17.29 46.14 1.42
CA SER H 3967 -15.86 46.04 1.71
C SER H 3967 -15.39 44.60 1.64
N LEU H 3968 -16.13 43.68 2.26
CA LEU H 3968 -15.73 42.27 2.21
C LEU H 3968 -15.74 41.75 0.78
N THR H 3969 -16.78 42.10 0.02
CA THR H 3969 -16.85 41.69 -1.38
C THR H 3969 -15.63 42.18 -2.15
N GLU H 3970 -15.23 43.43 -1.92
CA GLU H 3970 -14.05 43.95 -2.59
C GLU H 3970 -12.79 43.21 -2.14
N TYR H 3971 -12.70 42.86 -0.86
CA TYR H 3971 -11.55 42.09 -0.41
C TYR H 3971 -11.39 40.80 -1.19
N ILE H 3972 -12.49 40.08 -1.41
CA ILE H 3972 -12.34 38.72 -1.94
C ILE H 3972 -12.46 38.64 -3.45
N GLN H 3973 -13.14 39.60 -4.08
CA GLN H 3973 -13.39 39.48 -5.51
C GLN H 3973 -12.10 39.54 -6.31
N GLY H 3974 -12.07 38.81 -7.42
CA GLY H 3974 -10.98 38.83 -8.35
C GLY H 3974 -10.56 37.48 -8.91
N PRO H 3975 -10.58 36.41 -8.11
CA PRO H 3975 -10.67 36.26 -6.66
C PRO H 3975 -9.31 36.31 -6.00
N CYS H 3976 -9.26 36.80 -4.76
CA CYS H 3976 -8.09 36.65 -3.92
C CYS H 3976 -8.30 35.37 -3.13
N THR H 3977 -7.62 34.29 -3.54
CA THR H 3977 -7.87 33.00 -2.93
C THR H 3977 -7.47 32.98 -1.47
N GLY H 3978 -6.36 33.65 -1.13
CA GLY H 3978 -5.97 33.74 0.26
C GLY H 3978 -7.03 34.39 1.12
N ASN H 3979 -7.62 35.47 0.64
CA ASN H 3979 -8.69 36.13 1.39
C ASN H 3979 -9.93 35.27 1.44
N GLN H 3980 -10.23 34.55 0.37
CA GLN H 3980 -11.36 33.63 0.39
C GLN H 3980 -11.19 32.59 1.48
N GLN H 3981 -10.00 32.00 1.58
CA GLN H 3981 -9.74 31.02 2.62
C GLN H 3981 -9.80 31.65 4.01
N SER H 3982 -9.22 32.84 4.17
CA SER H 3982 -9.22 33.49 5.47
C SER H 3982 -10.63 33.79 5.92
N LEU H 3983 -11.51 34.15 5.00
CA LEU H 3983 -12.90 34.39 5.36
C LEU H 3983 -13.65 33.09 5.64
N ALA H 3984 -13.40 32.06 4.83
CA ALA H 3984 -14.07 30.79 5.04
C ALA H 3984 -13.74 30.20 6.39
N HIS H 3985 -12.53 30.43 6.89
CA HIS H 3985 -12.11 29.91 8.19
C HIS H 3985 -12.29 30.94 9.30
N SER H 3986 -13.29 31.79 9.22
CA SER H 3986 -13.50 32.87 10.18
C SER H 3986 -14.92 32.80 10.74
N ARG H 3987 -15.30 33.84 11.46
CA ARG H 3987 -16.62 33.94 12.07
C ARG H 3987 -17.65 34.52 11.12
N LEU H 3988 -17.38 34.52 9.82
CA LEU H 3988 -18.31 35.10 8.86
C LEU H 3988 -19.61 34.29 8.80
N TRP H 3989 -19.50 32.97 8.87
CA TRP H 3989 -20.70 32.14 8.73
C TRP H 3989 -21.70 32.40 9.84
N ASP H 3990 -21.21 32.62 11.07
CA ASP H 3990 -22.11 32.95 12.17
C ASP H 3990 -22.83 34.26 11.92
N ALA H 3991 -22.10 35.26 11.42
CA ALA H 3991 -22.73 36.53 11.09
C ALA H 3991 -23.79 36.35 10.02
N VAL H 3992 -23.51 35.53 9.00
CA VAL H 3992 -24.49 35.31 7.95
C VAL H 3992 -25.71 34.59 8.48
N VAL H 3993 -25.52 33.66 9.41
CA VAL H 3993 -26.67 32.96 10.01
C VAL H 3993 -27.55 33.93 10.78
N GLY H 3994 -26.93 34.76 11.61
CA GLY H 3994 -27.70 35.75 12.35
C GLY H 3994 -28.42 36.72 11.42
N PHE H 3995 -27.74 37.17 10.37
CA PHE H 3995 -28.35 38.07 9.42
C PHE H 3995 -29.52 37.41 8.72
N LEU H 3996 -29.41 36.12 8.38
CA LEU H 3996 -30.52 35.44 7.75
C LEU H 3996 -31.72 35.38 8.66
N HIS H 3997 -31.50 35.09 9.94
CA HIS H 3997 -32.62 35.09 10.89
C HIS H 3997 -33.30 36.45 10.91
N VAL H 3998 -32.50 37.51 11.06
CA VAL H 3998 -33.07 38.85 11.13
C VAL H 3998 -33.79 39.20 9.84
N PHE H 3999 -33.21 38.84 8.70
CA PHE H 3999 -33.82 39.16 7.42
C PHE H 3999 -35.17 38.49 7.28
N ALA H 4000 -35.26 37.20 7.58
CA ALA H 4000 -36.54 36.51 7.46
C ALA H 4000 -37.59 37.17 8.35
N HIS H 4001 -37.28 37.37 9.62
CA HIS H 4001 -38.32 37.84 10.52
C HIS H 4001 -38.68 39.30 10.26
N MET H 4002 -37.70 40.13 9.89
CA MET H 4002 -38.00 41.51 9.56
C MET H 4002 -38.79 41.62 8.27
N MET H 4003 -38.51 40.77 7.29
CA MET H 4003 -39.33 40.73 6.08
C MET H 4003 -40.78 40.47 6.45
N MET H 4004 -41.02 39.40 7.21
CA MET H 4004 -42.39 39.04 7.53
C MET H 4004 -43.07 40.13 8.36
N LYS H 4005 -42.32 40.81 9.24
CA LYS H 4005 -42.95 41.83 10.07
C LYS H 4005 -43.25 43.11 9.28
N LEU H 4006 -42.27 43.58 8.51
CA LEU H 4006 -42.44 44.84 7.77
C LEU H 4006 -43.44 44.70 6.63
N ALA H 4007 -43.64 43.51 6.09
CA ALA H 4007 -44.64 43.36 5.04
C ALA H 4007 -46.05 43.61 5.53
N GLN H 4008 -46.27 43.66 6.84
CA GLN H 4008 -47.63 43.74 7.37
C GLN H 4008 -48.11 45.17 7.56
N ASP H 4009 -47.28 46.18 7.33
CA ASP H 4009 -47.72 47.57 7.37
C ASP H 4009 -47.04 48.33 6.26
N SER H 4010 -47.85 48.97 5.40
CA SER H 4010 -47.31 49.69 4.26
C SER H 4010 -46.61 50.98 4.61
N SER H 4011 -46.71 51.44 5.87
CA SER H 4011 -45.95 52.60 6.29
C SER H 4011 -44.46 52.30 6.42
N GLN H 4012 -44.07 51.02 6.38
CA GLN H 4012 -42.68 50.62 6.50
C GLN H 4012 -42.13 50.07 5.18
N ILE H 4013 -42.71 50.49 4.06
CA ILE H 4013 -42.30 49.95 2.76
C ILE H 4013 -40.88 50.38 2.42
N GLU H 4014 -40.50 51.61 2.80
CA GLU H 4014 -39.13 52.06 2.54
C GLU H 4014 -38.13 51.24 3.33
N LEU H 4015 -38.43 50.96 4.59
CA LEU H 4015 -37.55 50.11 5.38
C LEU H 4015 -37.46 48.71 4.77
N LEU H 4016 -38.58 48.17 4.31
CA LEU H 4016 -38.56 46.86 3.69
C LEU H 4016 -37.70 46.85 2.42
N LYS H 4017 -37.80 47.90 1.60
CA LYS H 4017 -36.97 47.97 0.41
C LYS H 4017 -35.49 48.04 0.77
N GLU H 4018 -35.14 48.84 1.77
CA GLU H 4018 -33.75 48.90 2.18
C GLU H 4018 -33.27 47.55 2.70
N LEU H 4019 -34.12 46.84 3.43
CA LEU H 4019 -33.74 45.52 3.95
C LEU H 4019 -33.49 44.55 2.81
N LEU H 4020 -34.35 44.56 1.79
CA LEU H 4020 -34.15 43.67 0.66
C LEU H 4020 -32.88 44.01 -0.10
N ASP H 4021 -32.56 45.29 -0.24
CA ASP H 4021 -31.29 45.67 -0.85
C ASP H 4021 -30.10 45.15 -0.04
N LEU H 4022 -30.19 45.23 1.29
CA LEU H 4022 -29.12 44.71 2.13
C LEU H 4022 -28.97 43.21 1.96
N GLN H 4023 -30.09 42.49 1.88
CA GLN H 4023 -30.04 41.06 1.59
C GLN H 4023 -29.31 40.80 0.28
N LYS H 4024 -29.60 41.59 -0.73
CA LYS H 4024 -28.95 41.40 -2.02
C LYS H 4024 -27.44 41.63 -1.90
N ASP H 4025 -27.03 42.62 -1.11
CA ASP H 4025 -25.59 42.85 -0.93
C ASP H 4025 -24.94 41.66 -0.23
N MET H 4026 -25.59 41.12 0.81
CA MET H 4026 -25.03 39.95 1.48
C MET H 4026 -24.93 38.77 0.52
N VAL H 4027 -25.93 38.58 -0.33
CA VAL H 4027 -25.87 37.46 -1.27
C VAL H 4027 -24.81 37.69 -2.32
N VAL H 4028 -24.55 38.94 -2.70
CA VAL H 4028 -23.46 39.22 -3.63
C VAL H 4028 -22.12 38.85 -2.98
N MET H 4029 -21.96 39.15 -1.69
CA MET H 4029 -20.75 38.72 -1.00
C MET H 4029 -20.63 37.19 -0.99
N LEU H 4030 -21.74 36.51 -0.73
CA LEU H 4030 -21.71 35.04 -0.73
C LEU H 4030 -21.33 34.51 -2.10
N LEU H 4031 -21.88 35.10 -3.17
CA LEU H 4031 -21.53 34.66 -4.52
C LEU H 4031 -20.06 34.95 -4.83
N SER H 4032 -19.52 36.03 -4.29
CA SER H 4032 -18.10 36.30 -4.45
C SER H 4032 -17.25 35.24 -3.77
N LEU H 4033 -17.71 34.72 -2.65
CA LEU H 4033 -16.96 33.66 -1.98
C LEU H 4033 -16.84 32.40 -2.84
N LEU H 4034 -17.66 32.26 -3.88
CA LEU H 4034 -17.65 31.08 -4.73
C LEU H 4034 -16.92 31.27 -6.05
N GLU H 4035 -16.26 32.41 -6.25
CA GLU H 4035 -15.52 32.63 -7.49
C GLU H 4035 -14.35 31.68 -7.56
N GLY H 4036 -14.22 30.98 -8.69
CA GLY H 4036 -13.16 30.01 -8.86
C GLY H 4036 -13.37 28.71 -8.14
N ASN H 4037 -14.52 28.52 -7.52
CA ASN H 4037 -14.80 27.30 -6.79
C ASN H 4037 -14.92 26.12 -7.74
N VAL H 4038 -14.46 24.95 -7.29
CA VAL H 4038 -14.51 23.73 -8.09
C VAL H 4038 -15.68 22.88 -7.62
N VAL H 4039 -16.03 21.85 -8.40
CA VAL H 4039 -17.10 20.95 -8.01
C VAL H 4039 -16.72 20.27 -6.71
N ASN H 4040 -17.67 20.23 -5.77
CA ASN H 4040 -17.43 19.72 -4.43
C ASN H 4040 -16.33 20.50 -3.72
N GLY H 4041 -16.28 21.81 -3.94
CA GLY H 4041 -15.28 22.63 -3.29
C GLY H 4041 -15.58 22.83 -1.81
N MET H 4042 -14.50 23.12 -1.07
CA MET H 4042 -14.63 23.23 0.38
C MET H 4042 -15.54 24.38 0.77
N ILE H 4043 -15.38 25.54 0.13
CA ILE H 4043 -16.21 26.69 0.46
C ILE H 4043 -17.65 26.45 0.07
N ALA H 4044 -17.89 25.75 -1.03
CA ALA H 4044 -19.26 25.41 -1.41
C ALA H 4044 -19.91 24.52 -0.35
N ARG H 4045 -19.18 23.52 0.13
CA ARG H 4045 -19.73 22.65 1.15
C ARG H 4045 -19.98 23.42 2.44
N GLN H 4046 -19.08 24.34 2.80
CA GLN H 4046 -19.30 25.17 3.97
C GLN H 4046 -20.53 26.05 3.82
N MET H 4047 -20.75 26.60 2.62
CA MET H 4047 -21.94 27.41 2.39
C MET H 4047 -23.20 26.58 2.53
N VAL H 4048 -23.17 25.34 2.03
CA VAL H 4048 -24.33 24.47 2.19
C VAL H 4048 -24.57 24.16 3.66
N ASP H 4049 -23.49 23.94 4.42
CA ASP H 4049 -23.64 23.71 5.85
C ASP H 4049 -24.26 24.92 6.54
N MET H 4050 -23.82 26.13 6.17
CA MET H 4050 -24.40 27.33 6.76
C MET H 4050 -25.88 27.45 6.42
N LEU H 4051 -26.26 27.14 5.18
CA LEU H 4051 -27.67 27.19 4.82
C LEU H 4051 -28.48 26.19 5.63
N VAL H 4052 -27.97 24.96 5.77
CA VAL H 4052 -28.68 23.95 6.56
C VAL H 4052 -28.83 24.42 8.00
N GLU H 4053 -27.79 25.05 8.54
CA GLU H 4053 -27.89 25.59 9.89
C GLU H 4053 -28.98 26.66 9.97
N SER H 4054 -29.12 27.47 8.93
CA SER H 4054 -30.18 28.47 8.86
C SER H 4054 -31.43 27.95 8.15
N SER H 4055 -31.66 26.63 8.19
CA SER H 4055 -32.75 26.02 7.43
C SER H 4055 -34.08 26.74 7.61
N SER H 4056 -34.46 27.02 8.85
CA SER H 4056 -35.77 27.61 9.09
C SER H 4056 -35.89 28.99 8.46
N ASN H 4057 -34.86 29.82 8.60
CA ASN H 4057 -34.94 31.18 8.09
C ASN H 4057 -34.83 31.20 6.57
N VAL H 4058 -34.01 30.32 5.99
CA VAL H 4058 -33.97 30.20 4.54
C VAL H 4058 -35.33 29.78 4.01
N GLU H 4059 -35.98 28.83 4.68
CA GLU H 4059 -37.32 28.43 4.28
C GLU H 4059 -38.30 29.59 4.38
N MET H 4060 -38.20 30.39 5.44
CA MET H 4060 -39.11 31.53 5.57
C MET H 4060 -38.91 32.54 4.45
N ILE H 4061 -37.66 32.83 4.10
CA ILE H 4061 -37.39 33.77 3.01
C ILE H 4061 -37.94 33.24 1.69
N LEU H 4062 -37.65 31.98 1.38
CA LEU H 4062 -38.15 31.38 0.16
C LEU H 4062 -39.67 31.38 0.14
N LYS H 4063 -40.30 31.12 1.29
CA LYS H 4063 -41.75 31.17 1.36
C LYS H 4063 -42.29 32.56 1.11
N PHE H 4064 -41.62 33.59 1.62
CA PHE H 4064 -42.03 34.96 1.31
C PHE H 4064 -42.06 35.19 -0.19
N PHE H 4065 -40.94 34.89 -0.86
CA PHE H 4065 -40.87 35.13 -2.30
C PHE H 4065 -41.93 34.31 -3.04
N ASP H 4066 -42.06 33.04 -2.69
CA ASP H 4066 -43.02 32.16 -3.36
C ASP H 4066 -44.44 32.65 -3.15
N MET H 4067 -44.76 33.04 -1.93
CA MET H 4067 -46.12 33.48 -1.62
C MET H 4067 -46.50 34.68 -2.47
N PHE H 4068 -45.62 35.68 -2.57
CA PHE H 4068 -46.02 36.85 -3.34
C PHE H 4068 -45.96 36.64 -4.84
N LEU H 4069 -45.03 35.81 -5.33
CA LEU H 4069 -45.06 35.47 -6.75
C LEU H 4069 -46.34 34.72 -7.11
N LYS H 4070 -46.83 33.88 -6.20
CA LYS H 4070 -48.09 33.18 -6.45
C LYS H 4070 -49.28 34.13 -6.33
N LEU H 4071 -49.21 35.11 -5.43
CA LEU H 4071 -50.28 36.09 -5.32
C LEU H 4071 -50.45 36.84 -6.62
N LYS H 4072 -49.34 37.26 -7.24
CA LYS H 4072 -49.45 38.00 -8.49
C LYS H 4072 -50.19 37.19 -9.55
N ASP H 4073 -49.97 35.88 -9.60
CA ASP H 4073 -50.64 35.05 -10.59
C ASP H 4073 -52.11 34.82 -10.23
N ILE H 4074 -52.39 34.60 -8.95
CA ILE H 4074 -53.77 34.33 -8.55
C ILE H 4074 -54.64 35.54 -8.81
N VAL H 4075 -54.13 36.74 -8.53
CA VAL H 4075 -54.96 37.93 -8.72
C VAL H 4075 -55.33 38.10 -10.19
N GLY H 4076 -54.42 37.74 -11.10
CA GLY H 4076 -54.75 37.75 -12.51
C GLY H 4076 -55.61 36.60 -12.99
N SER H 4077 -55.61 35.49 -12.25
CA SER H 4077 -56.41 34.34 -12.66
C SER H 4077 -57.89 34.69 -12.74
N GLU H 4078 -58.57 34.10 -13.71
CA GLU H 4078 -59.99 34.38 -13.92
C GLU H 4078 -60.83 33.91 -12.74
N ALA H 4079 -60.54 32.73 -12.20
CA ALA H 4079 -61.32 32.22 -11.08
C ALA H 4079 -61.28 33.18 -9.90
N PHE H 4080 -60.20 33.97 -9.78
CA PHE H 4080 -60.14 34.97 -8.72
C PHE H 4080 -61.04 36.16 -9.06
N GLN H 4081 -61.02 36.61 -10.31
CA GLN H 4081 -61.82 37.75 -10.71
C GLN H 4081 -63.31 37.49 -10.58
N ASP H 4082 -63.73 36.23 -10.45
CA ASP H 4082 -65.14 35.94 -10.24
C ASP H 4082 -65.65 36.46 -8.91
N TYR H 4083 -64.74 36.74 -7.96
CA TYR H 4083 -65.12 37.29 -6.68
C TYR H 4083 -65.02 38.81 -6.61
N VAL H 4084 -64.33 39.42 -7.57
CA VAL H 4084 -64.21 40.88 -7.63
C VAL H 4084 -65.42 41.42 -8.37
N THR H 4085 -66.51 41.67 -7.63
CA THR H 4085 -67.77 42.09 -8.22
C THR H 4085 -68.09 43.56 -8.00
N ASP H 4086 -67.43 44.21 -7.06
CA ASP H 4086 -67.68 45.62 -6.83
C ASP H 4086 -67.26 46.43 -8.07
N PRO H 4087 -67.97 47.50 -8.41
CA PRO H 4087 -67.55 48.29 -9.58
C PRO H 4087 -66.15 48.85 -9.48
N ARG H 4088 -65.72 49.30 -8.30
CA ARG H 4088 -64.40 49.91 -8.18
C ARG H 4088 -63.29 48.92 -8.53
N GLY H 4089 -63.54 47.63 -8.36
CA GLY H 4089 -62.51 46.63 -8.50
C GLY H 4089 -61.87 46.18 -7.21
N LEU H 4090 -62.43 46.56 -6.07
CA LEU H 4090 -61.95 46.13 -4.77
C LEU H 4090 -62.68 44.87 -4.33
N ILE H 4091 -62.08 44.16 -3.38
CA ILE H 4091 -62.62 42.90 -2.88
C ILE H 4091 -62.66 42.98 -1.36
N SER H 4092 -63.78 42.58 -0.78
CA SER H 4092 -63.88 42.55 0.67
C SER H 4092 -62.92 41.51 1.23
N LYS H 4093 -62.59 41.65 2.51
CA LYS H 4093 -61.69 40.68 3.13
C LYS H 4093 -62.29 39.28 3.11
N LYS H 4094 -63.58 39.16 3.39
CA LYS H 4094 -64.22 37.84 3.38
C LYS H 4094 -64.21 37.23 1.99
N ASP H 4095 -64.50 38.03 0.96
CA ASP H 4095 -64.47 37.51 -0.40
C ASP H 4095 -63.06 37.13 -0.82
N PHE H 4096 -62.06 37.92 -0.41
CA PHE H 4096 -60.68 37.57 -0.68
C PHE H 4096 -60.32 36.24 -0.02
N GLN H 4097 -60.75 36.06 1.22
CA GLN H 4097 -60.53 34.78 1.91
C GLN H 4097 -61.18 33.64 1.13
N LYS H 4098 -62.42 33.84 0.68
CA LYS H 4098 -63.11 32.80 -0.07
C LYS H 4098 -62.38 32.47 -1.37
N ALA H 4099 -61.93 33.50 -2.09
CA ALA H 4099 -61.22 33.26 -3.35
C ALA H 4099 -59.94 32.48 -3.11
N MET H 4100 -59.17 32.87 -2.09
CA MET H 4100 -57.92 32.16 -1.83
C MET H 4100 -58.19 30.74 -1.37
N ASP H 4101 -59.25 30.53 -0.59
CA ASP H 4101 -59.61 29.17 -0.21
C ASP H 4101 -59.95 28.33 -1.44
N SER H 4102 -60.74 28.89 -2.36
CA SER H 4102 -61.13 28.14 -3.54
C SER H 4102 -59.92 27.80 -4.40
N GLN H 4103 -58.97 28.72 -4.51
CA GLN H 4103 -57.80 28.46 -5.34
C GLN H 4103 -56.98 27.28 -4.85
N LYS H 4104 -57.09 26.92 -3.56
CA LYS H 4104 -56.41 25.75 -3.01
C LYS H 4104 -54.90 25.84 -3.25
N GLN H 4105 -54.35 27.04 -3.11
CA GLN H 4105 -52.92 27.25 -3.28
C GLN H 4105 -52.22 27.75 -2.03
N PHE H 4106 -52.95 28.09 -0.97
CA PHE H 4106 -52.38 28.60 0.25
C PHE H 4106 -52.97 27.85 1.45
N THR H 4107 -52.22 27.82 2.54
CA THR H 4107 -52.75 27.32 3.79
C THR H 4107 -53.49 28.43 4.52
N GLY H 4108 -54.20 28.04 5.58
CA GLY H 4108 -54.99 28.99 6.34
C GLY H 4108 -54.14 30.09 6.94
N PRO H 4109 -53.05 29.71 7.62
CA PRO H 4109 -52.14 30.74 8.13
C PRO H 4109 -51.58 31.64 7.05
N GLU H 4110 -51.28 31.09 5.88
CA GLU H 4110 -50.75 31.92 4.79
C GLU H 4110 -51.80 32.92 4.32
N ILE H 4111 -53.06 32.50 4.24
CA ILE H 4111 -54.12 33.43 3.85
C ILE H 4111 -54.32 34.49 4.92
N GLN H 4112 -54.20 34.11 6.19
CA GLN H 4112 -54.28 35.11 7.25
C GLN H 4112 -53.15 36.14 7.12
N PHE H 4113 -51.94 35.67 6.84
CA PHE H 4113 -50.83 36.59 6.65
C PHE H 4113 -51.07 37.52 5.46
N LEU H 4114 -51.58 36.97 4.36
CA LEU H 4114 -51.87 37.81 3.21
C LEU H 4114 -52.93 38.84 3.54
N LEU H 4115 -53.96 38.45 4.29
CA LEU H 4115 -54.98 39.42 4.70
C LEU H 4115 -54.37 40.51 5.57
N SER H 4116 -53.46 40.14 6.47
CA SER H 4116 -52.80 41.13 7.31
C SER H 4116 -51.94 42.09 6.49
N CYS H 4117 -51.34 41.62 5.40
CA CYS H 4117 -50.55 42.49 4.53
C CYS H 4117 -51.39 43.26 3.52
N SER H 4118 -52.66 42.89 3.34
CA SER H 4118 -53.47 43.47 2.28
C SER H 4118 -53.69 44.97 2.41
N GLU H 4119 -53.54 45.53 3.60
CA GLU H 4119 -53.82 46.95 3.84
C GLU H 4119 -55.28 47.26 3.52
N ALA H 4120 -56.17 46.43 4.04
CA ALA H 4120 -57.59 46.63 3.82
C ALA H 4120 -58.03 47.98 4.37
N ASP H 4121 -58.91 48.66 3.64
CA ASP H 4121 -59.40 49.96 4.05
C ASP H 4121 -60.42 49.81 5.19
N GLU H 4122 -60.89 50.97 5.68
CA GLU H 4122 -61.81 50.97 6.81
C GLU H 4122 -63.06 50.14 6.56
N ASN H 4123 -63.47 50.01 5.29
CA ASN H 4123 -64.62 49.19 4.94
C ASN H 4123 -64.25 47.74 4.65
N GLU H 4124 -63.02 47.33 5.02
CA GLU H 4124 -62.55 45.97 4.80
C GLU H 4124 -62.46 45.63 3.32
N MET H 4125 -62.20 46.62 2.47
CA MET H 4125 -62.02 46.42 1.05
C MET H 4125 -60.55 46.48 0.70
N ILE H 4126 -60.13 45.60 -0.20
CA ILE H 4126 -58.73 45.47 -0.60
C ILE H 4126 -58.60 45.87 -2.05
N ASN H 4127 -57.55 46.62 -2.37
CA ASN H 4127 -57.18 46.91 -3.75
C ASN H 4127 -56.25 45.80 -4.21
N CYS H 4128 -56.83 44.81 -4.89
CA CYS H 4128 -56.07 43.61 -5.23
C CYS H 4128 -54.92 43.93 -6.18
N GLU H 4129 -55.13 44.85 -7.11
CA GLU H 4129 -54.05 45.19 -8.04
C GLU H 4129 -52.82 45.72 -7.31
N GLU H 4130 -53.01 46.72 -6.45
CA GLU H 4130 -51.90 47.28 -5.71
C GLU H 4130 -51.31 46.24 -4.77
N PHE H 4131 -52.16 45.41 -4.14
CA PHE H 4131 -51.63 44.40 -3.25
C PHE H 4131 -50.73 43.43 -3.99
N ALA H 4132 -51.13 43.00 -5.19
CA ALA H 4132 -50.34 42.07 -5.96
C ALA H 4132 -49.04 42.70 -6.47
N ASN H 4133 -49.06 43.99 -6.80
CA ASN H 4133 -47.88 44.64 -7.36
C ASN H 4133 -46.99 45.32 -6.32
N ARG H 4134 -47.36 45.30 -5.04
CA ARG H 4134 -46.60 46.05 -4.05
C ARG H 4134 -45.17 45.54 -3.93
N PHE H 4135 -44.97 44.23 -3.82
CA PHE H 4135 -43.66 43.67 -3.51
C PHE H 4135 -42.93 43.13 -4.73
N GLN H 4136 -43.48 43.31 -5.94
CA GLN H 4136 -42.87 42.67 -7.11
C GLN H 4136 -41.49 43.25 -7.39
N GLU H 4137 -41.40 44.55 -7.58
CA GLU H 4137 -40.14 45.18 -7.97
C GLU H 4137 -39.17 45.30 -6.80
N PRO H 4138 -39.63 45.62 -5.60
CA PRO H 4138 -38.71 45.67 -4.47
C PRO H 4138 -37.95 44.38 -4.24
N ALA H 4139 -38.59 43.24 -4.47
CA ALA H 4139 -38.00 41.93 -4.19
C ALA H 4139 -37.39 41.27 -5.42
N ARG H 4140 -37.32 41.97 -6.55
CA ARG H 4140 -36.86 41.32 -7.78
C ARG H 4140 -35.37 41.01 -7.72
N ASP H 4141 -34.56 41.95 -7.22
CA ASP H 4141 -33.12 41.76 -7.25
C ASP H 4141 -32.67 40.68 -6.28
N ILE H 4142 -33.18 40.72 -5.04
CA ILE H 4142 -32.80 39.71 -4.07
C ILE H 4142 -33.32 38.35 -4.50
N GLY H 4143 -34.52 38.30 -5.09
CA GLY H 4143 -35.03 37.04 -5.58
C GLY H 4143 -34.15 36.43 -6.65
N PHE H 4144 -33.74 37.25 -7.63
CA PHE H 4144 -32.86 36.75 -8.67
C PHE H 4144 -31.53 36.29 -8.10
N ASN H 4145 -30.99 37.03 -7.13
CA ASN H 4145 -29.70 36.65 -6.57
C ASN H 4145 -29.81 35.37 -5.75
N VAL H 4146 -30.93 35.17 -5.06
CA VAL H 4146 -31.15 33.91 -4.36
C VAL H 4146 -31.24 32.76 -5.35
N ALA H 4147 -31.93 32.97 -6.47
CA ALA H 4147 -31.97 31.94 -7.50
C ALA H 4147 -30.59 31.62 -8.03
N VAL H 4148 -29.77 32.65 -8.25
CA VAL H 4148 -28.41 32.42 -8.75
C VAL H 4148 -27.59 31.65 -7.72
N LEU H 4149 -27.70 32.02 -6.45
CA LEU H 4149 -26.95 31.33 -5.41
C LEU H 4149 -27.34 29.86 -5.34
N LEU H 4150 -28.64 29.59 -5.37
CA LEU H 4150 -29.09 28.19 -5.30
C LEU H 4150 -28.64 27.42 -6.52
N THR H 4151 -28.71 28.01 -7.71
CA THR H 4151 -28.27 27.33 -8.91
C THR H 4151 -26.78 27.03 -8.86
N ASN H 4152 -25.98 28.02 -8.46
CA ASN H 4152 -24.53 27.83 -8.37
C ASN H 4152 -24.19 26.71 -7.41
N LEU H 4153 -24.78 26.76 -6.20
CA LEU H 4153 -24.50 25.72 -5.21
C LEU H 4153 -24.96 24.36 -5.70
N SER H 4154 -26.13 24.29 -6.31
CA SER H 4154 -26.66 23.02 -6.77
C SER H 4154 -25.76 22.41 -7.84
N GLU H 4155 -25.26 23.23 -8.76
CA GLU H 4155 -24.43 22.72 -9.83
C GLU H 4155 -23.02 22.40 -9.38
N HIS H 4156 -22.55 22.98 -8.28
CA HIS H 4156 -21.20 22.68 -7.83
C HIS H 4156 -21.14 21.73 -6.64
N VAL H 4157 -22.29 21.34 -6.09
CA VAL H 4157 -22.36 20.29 -5.07
C VAL H 4157 -23.45 19.31 -5.51
N PRO H 4158 -23.20 18.51 -6.55
CA PRO H 4158 -24.31 17.80 -7.20
C PRO H 4158 -25.09 16.87 -6.28
N HIS H 4159 -24.42 16.17 -5.38
CA HIS H 4159 -25.07 15.14 -4.56
C HIS H 4159 -25.21 15.68 -3.13
N ASP H 4160 -26.35 16.31 -2.86
CA ASP H 4160 -26.63 16.81 -1.53
C ASP H 4160 -28.13 16.96 -1.34
N PRO H 4161 -28.79 16.00 -0.69
CA PRO H 4161 -30.25 16.13 -0.47
C PRO H 4161 -30.61 17.34 0.36
N ARG H 4162 -29.71 17.79 1.23
CA ARG H 4162 -29.98 19.01 1.99
C ARG H 4162 -30.15 20.21 1.08
N LEU H 4163 -29.38 20.28 0.01
CA LEU H 4163 -29.57 21.32 -1.00
C LEU H 4163 -30.78 21.02 -1.87
N ARG H 4164 -31.06 19.73 -2.10
CA ARG H 4164 -32.20 19.37 -2.92
C ARG H 4164 -33.51 19.87 -2.30
N ASN H 4165 -33.61 19.80 -0.98
CA ASN H 4165 -34.82 20.30 -0.32
C ASN H 4165 -35.01 21.79 -0.57
N PHE H 4166 -33.93 22.57 -0.46
CA PHE H 4166 -34.02 24.00 -0.71
C PHE H 4166 -34.41 24.26 -2.16
N LEU H 4167 -33.86 23.50 -3.10
CA LEU H 4167 -34.23 23.70 -4.50
C LEU H 4167 -35.71 23.40 -4.73
N GLU H 4168 -36.22 22.33 -4.13
CA GLU H 4168 -37.64 22.03 -4.26
C GLU H 4168 -38.50 23.13 -3.67
N LEU H 4169 -38.10 23.69 -2.53
CA LEU H 4169 -38.84 24.81 -1.95
C LEU H 4169 -38.74 26.08 -2.77
N ALA H 4170 -37.65 26.27 -3.52
CA ALA H 4170 -37.46 27.44 -4.36
C ALA H 4170 -37.87 27.18 -5.81
N GLU H 4171 -38.55 26.07 -6.08
CA GLU H 4171 -38.93 25.75 -7.45
C GLU H 4171 -39.63 26.92 -8.13
N SER H 4172 -40.55 27.59 -7.44
CA SER H 4172 -41.31 28.67 -8.09
C SER H 4172 -40.42 29.84 -8.46
N ILE H 4173 -39.48 30.20 -7.58
CA ILE H 4173 -38.57 31.31 -7.86
C ILE H 4173 -37.65 30.96 -9.03
N LEU H 4174 -37.12 29.75 -9.03
CA LEU H 4174 -36.26 29.33 -10.13
C LEU H 4174 -37.01 29.30 -11.44
N GLU H 4175 -38.25 28.82 -11.42
CA GLU H 4175 -39.06 28.81 -12.63
C GLU H 4175 -39.34 30.23 -13.11
N TYR H 4176 -39.65 31.14 -12.19
CA TYR H 4176 -39.93 32.51 -12.58
C TYR H 4176 -38.72 33.18 -13.20
N PHE H 4177 -37.53 32.97 -12.64
CA PHE H 4177 -36.32 33.62 -13.13
C PHE H 4177 -35.60 32.81 -14.20
N ARG H 4178 -36.15 31.67 -14.61
CA ARG H 4178 -35.49 30.86 -15.63
C ARG H 4178 -35.18 31.64 -16.89
N PRO H 4179 -36.10 32.39 -17.49
CA PRO H 4179 -35.76 33.11 -18.73
C PRO H 4179 -34.72 34.19 -18.54
N TYR H 4180 -34.46 34.65 -17.31
CA TYR H 4180 -33.52 35.73 -17.08
C TYR H 4180 -32.19 35.27 -16.49
N LEU H 4181 -31.98 33.98 -16.27
CA LEU H 4181 -30.72 33.48 -15.74
C LEU H 4181 -29.84 33.06 -16.90
N GLY H 4182 -28.92 33.94 -17.29
CA GLY H 4182 -27.95 33.60 -18.32
C GLY H 4182 -26.80 32.81 -17.72
N ARG H 4183 -26.35 31.82 -18.47
CA ARG H 4183 -25.33 30.88 -18.02
C ARG H 4183 -24.34 30.69 -19.15
N ILE H 4184 -23.05 30.89 -18.87
CA ILE H 4184 -22.02 30.63 -19.87
C ILE H 4184 -20.84 29.94 -19.21
N GLU H 4185 -19.92 29.46 -20.02
CA GLU H 4185 -18.68 28.86 -19.55
C GLU H 4185 -17.50 29.56 -20.20
N ILE H 4186 -16.46 29.82 -19.43
CA ILE H 4186 -15.26 30.48 -19.93
C ILE H 4186 -14.03 29.75 -19.43
N MET H 4187 -12.92 29.97 -20.12
CA MET H 4187 -11.61 29.52 -19.64
C MET H 4187 -11.02 30.65 -18.81
N GLY H 4188 -11.06 30.49 -17.48
CA GLY H 4188 -10.72 31.56 -16.58
C GLY H 4188 -9.23 31.66 -16.30
N ALA H 4189 -8.89 32.62 -15.43
CA ALA H 4189 -7.49 32.84 -15.06
C ALA H 4189 -6.88 31.64 -14.35
N SER H 4190 -7.70 30.75 -13.82
CA SER H 4190 -7.20 29.56 -13.13
C SER H 4190 -6.76 28.47 -14.09
N ARG H 4191 -6.92 28.67 -15.39
CA ARG H 4191 -6.71 27.64 -16.41
C ARG H 4191 -7.75 26.54 -16.33
N ARG H 4192 -8.85 26.78 -15.61
CA ARG H 4192 -9.95 25.85 -15.52
C ARG H 4192 -11.18 26.46 -16.17
N ILE H 4193 -12.08 25.60 -16.63
CA ILE H 4193 -13.36 26.05 -17.14
C ILE H 4193 -14.25 26.43 -15.97
N GLU H 4194 -14.84 27.61 -16.05
CA GLU H 4194 -15.69 28.14 -14.98
C GLU H 4194 -17.05 28.51 -15.55
N ARG H 4195 -18.08 28.24 -14.76
CA ARG H 4195 -19.44 28.63 -15.10
C ARG H 4195 -19.74 30.01 -14.52
N ILE H 4196 -20.36 30.85 -15.35
CA ILE H 4196 -20.69 32.22 -14.98
C ILE H 4196 -22.21 32.39 -15.11
N TYR H 4197 -22.81 32.93 -14.06
CA TYR H 4197 -24.24 33.20 -14.01
C TYR H 4197 -24.46 34.70 -13.98
N PHE H 4198 -25.41 35.17 -14.80
CA PHE H 4198 -25.66 36.60 -14.88
C PHE H 4198 -27.12 36.82 -15.21
N GLU H 4199 -27.53 38.09 -15.23
CA GLU H 4199 -28.90 38.45 -15.50
C GLU H 4199 -29.07 38.85 -16.97
N ILE H 4200 -30.09 38.30 -17.60
CA ILE H 4200 -30.50 38.70 -18.94
C ILE H 4200 -31.72 39.60 -18.79
N SER H 4201 -31.68 40.77 -19.40
CA SER H 4201 -32.78 41.71 -19.30
C SER H 4201 -33.92 41.30 -20.23
N GLU H 4202 -35.14 41.65 -19.82
CA GLU H 4202 -36.31 41.33 -20.63
C GLU H 4202 -36.24 42.01 -21.99
N THR H 4203 -35.83 43.27 -22.01
CA THR H 4203 -35.70 43.97 -23.28
C THR H 4203 -34.66 43.30 -24.17
N ASN H 4204 -33.54 42.89 -23.58
CA ASN H 4204 -32.50 42.23 -24.36
C ASN H 4204 -33.04 40.94 -24.98
N ARG H 4205 -33.75 40.13 -24.20
CA ARG H 4205 -34.30 38.90 -24.75
C ARG H 4205 -35.30 39.18 -25.86
N ALA H 4206 -36.17 40.17 -25.66
CA ALA H 4206 -37.17 40.49 -26.68
C ALA H 4206 -36.49 40.90 -27.98
N GLN H 4207 -35.50 41.81 -27.89
CA GLN H 4207 -34.79 42.26 -29.07
C GLN H 4207 -34.08 41.11 -29.75
N TRP H 4208 -33.51 40.19 -28.98
CA TRP H 4208 -32.86 39.03 -29.58
C TRP H 4208 -33.87 38.17 -30.33
N GLU H 4209 -35.08 38.03 -29.79
CA GLU H 4209 -36.10 37.20 -30.41
C GLU H 4209 -36.82 37.89 -31.55
N MET H 4210 -36.57 39.18 -31.79
CA MET H 4210 -37.18 39.83 -32.93
C MET H 4210 -36.82 39.09 -34.22
N PRO H 4211 -37.75 38.95 -35.17
CA PRO H 4211 -37.49 38.08 -36.34
C PRO H 4211 -36.31 38.52 -37.21
N GLN H 4212 -36.08 39.82 -37.37
CA GLN H 4212 -34.96 40.27 -38.17
C GLN H 4212 -33.64 39.77 -37.59
N VAL H 4213 -33.52 39.83 -36.27
CA VAL H 4213 -32.31 39.34 -35.62
C VAL H 4213 -32.16 37.85 -35.85
N LYS H 4214 -33.27 37.11 -35.84
CA LYS H 4214 -33.19 35.68 -36.10
C LYS H 4214 -32.71 35.39 -37.52
N GLU H 4215 -33.19 36.16 -38.49
CA GLU H 4215 -32.70 35.99 -39.85
C GLU H 4215 -31.21 36.30 -39.95
N SER H 4216 -30.78 37.37 -39.30
CA SER H 4216 -29.35 37.68 -39.28
C SER H 4216 -28.55 36.55 -38.66
N LYS H 4217 -29.07 35.97 -37.56
CA LYS H 4217 -28.37 34.87 -36.92
C LYS H 4217 -28.24 33.68 -37.85
N ARG H 4218 -29.33 33.33 -38.54
CA ARG H 4218 -29.26 32.19 -39.46
C ARG H 4218 -28.26 32.45 -40.58
N GLN H 4219 -28.28 33.65 -41.14
CA GLN H 4219 -27.32 33.98 -42.20
C GLN H 4219 -25.90 33.88 -41.69
N PHE H 4220 -25.64 34.40 -40.50
CA PHE H 4220 -24.30 34.36 -39.93
C PHE H 4220 -23.84 32.92 -39.69
N ILE H 4221 -24.74 32.08 -39.16
CA ILE H 4221 -24.38 30.69 -38.93
C ILE H 4221 -24.04 30.01 -40.24
N PHE H 4222 -24.85 30.23 -41.26
CA PHE H 4222 -24.56 29.65 -42.57
C PHE H 4222 -23.20 30.08 -43.07
N ASP H 4223 -22.92 31.38 -43.01
CA ASP H 4223 -21.65 31.89 -43.53
C ASP H 4223 -20.47 31.31 -42.77
N VAL H 4224 -20.56 31.26 -41.43
CA VAL H 4224 -19.47 30.73 -40.64
C VAL H 4224 -19.23 29.27 -40.96
N VAL H 4225 -20.30 28.49 -41.04
CA VAL H 4225 -20.12 27.06 -41.24
C VAL H 4225 -19.56 26.77 -42.63
N ASN H 4226 -20.00 27.53 -43.64
CA ASN H 4226 -19.52 27.24 -44.99
C ASN H 4226 -18.17 27.90 -45.25
N GLU H 4227 -18.13 29.22 -45.31
CA GLU H 4227 -16.92 29.96 -45.63
C GLU H 4227 -16.31 30.52 -44.35
N GLY H 4228 -15.68 29.65 -43.57
CA GLY H 4228 -15.11 30.07 -42.30
C GLY H 4228 -14.02 29.14 -41.85
N GLY H 4229 -13.07 29.70 -41.10
CA GLY H 4229 -11.99 28.93 -40.52
C GLY H 4229 -12.15 28.85 -39.00
N GLU H 4230 -11.78 27.69 -38.45
CA GLU H 4230 -11.91 27.50 -37.01
C GLU H 4230 -11.09 28.53 -36.25
N SER H 4231 -9.97 28.99 -36.82
CA SER H 4231 -9.14 29.97 -36.14
C SER H 4231 -9.85 31.30 -35.98
N GLU H 4232 -10.59 31.75 -36.99
CA GLU H 4232 -11.27 33.04 -36.96
C GLU H 4232 -12.74 32.92 -36.61
N LYS H 4233 -13.22 31.73 -36.26
CA LYS H 4233 -14.64 31.57 -35.97
C LYS H 4233 -15.07 32.50 -34.84
N MET H 4234 -14.28 32.58 -33.76
CA MET H 4234 -14.69 33.38 -32.62
C MET H 4234 -14.57 34.87 -32.91
N GLU H 4235 -13.56 35.25 -33.71
CA GLU H 4235 -13.47 36.64 -34.15
C GLU H 4235 -14.72 37.04 -34.91
N MET H 4236 -15.14 36.21 -35.86
CA MET H 4236 -16.33 36.52 -36.64
C MET H 4236 -17.58 36.51 -35.75
N PHE H 4237 -17.62 35.62 -34.76
CA PHE H 4237 -18.76 35.59 -33.85
C PHE H 4237 -18.86 36.90 -33.07
N VAL H 4238 -17.75 37.38 -32.55
CA VAL H 4238 -17.77 38.63 -31.78
C VAL H 4238 -18.15 39.79 -32.70
N SER H 4239 -17.66 39.77 -33.94
CA SER H 4239 -18.05 40.81 -34.89
C SER H 4239 -19.55 40.78 -35.13
N PHE H 4240 -20.12 39.58 -35.28
CA PHE H 4240 -21.57 39.45 -35.46
C PHE H 4240 -22.31 39.99 -34.25
N CYS H 4241 -21.80 39.71 -33.05
CA CYS H 4241 -22.42 40.24 -31.84
C CYS H 4241 -22.42 41.76 -31.83
N GLU H 4242 -21.30 42.37 -32.23
CA GLU H 4242 -21.24 43.83 -32.29
C GLU H 4242 -22.27 44.38 -33.27
N ASP H 4243 -22.31 43.80 -34.47
CA ASP H 4243 -23.27 44.26 -35.47
C ASP H 4243 -24.70 44.09 -34.98
N THR H 4244 -24.99 42.98 -34.29
CA THR H 4244 -26.33 42.75 -33.80
C THR H 4244 -26.69 43.76 -32.71
N ILE H 4245 -25.75 44.12 -31.85
CA ILE H 4245 -26.03 45.14 -30.84
C ILE H 4245 -26.37 46.46 -31.51
N PHE H 4246 -25.59 46.84 -32.53
CA PHE H 4246 -25.89 48.09 -33.24
C PHE H 4246 -27.26 48.03 -33.90
N GLU H 4247 -27.58 46.90 -34.53
CA GLU H 4247 -28.89 46.76 -35.18
C GLU H 4247 -30.02 46.83 -34.17
N MET H 4248 -29.82 46.25 -32.99
CA MET H 4248 -30.80 46.35 -31.93
C MET H 4248 -31.01 47.79 -31.51
N GLN H 4249 -29.93 48.57 -31.41
CA GLN H 4249 -30.09 49.99 -31.10
C GLN H 4249 -30.89 50.70 -32.18
N ILE H 4250 -30.62 50.39 -33.45
CA ILE H 4250 -31.38 51.02 -34.53
C ILE H 4250 -32.86 50.66 -34.42
N ALA H 4251 -33.15 49.39 -34.17
CA ALA H 4251 -34.55 48.96 -34.05
C ALA H 4251 -35.24 49.66 -32.90
N ALA H 4252 -34.55 49.78 -31.76
CA ALA H 4252 -35.13 50.48 -30.63
C ALA H 4252 -35.39 51.95 -30.98
N GLN H 4253 -34.45 52.58 -31.69
CA GLN H 4253 -34.65 53.98 -32.06
C GLN H 4253 -35.85 54.17 -32.96
N ILE H 4254 -36.07 53.26 -33.92
CA ILE H 4254 -37.20 53.41 -34.84
C ILE H 4254 -38.50 52.86 -34.28
N SER H 4255 -38.47 52.15 -33.17
CA SER H 4255 -39.70 51.58 -32.61
C SER H 4255 -40.69 52.69 -32.28
N GLU H 4256 -41.96 52.41 -32.51
CA GLU H 4256 -43.00 53.41 -32.28
C GLU H 4256 -43.14 53.68 -30.79
N PRO H 4257 -43.49 54.91 -30.38
CA PRO H 4257 -43.66 55.24 -28.96
C PRO H 4257 -44.49 54.22 -28.20
N PHE H 4538 -41.03 76.70 -35.07
CA PHE H 4538 -41.46 75.80 -36.14
C PHE H 4538 -40.46 74.66 -36.31
N TRP H 4539 -39.19 74.94 -35.99
CA TRP H 4539 -38.15 73.94 -36.20
C TRP H 4539 -38.39 72.71 -35.33
N GLY H 4540 -38.80 72.91 -34.07
CA GLY H 4540 -39.01 71.76 -33.20
C GLY H 4540 -40.14 70.86 -33.68
N GLU H 4541 -41.27 71.46 -34.05
CA GLU H 4541 -42.40 70.67 -34.55
C GLU H 4541 -42.04 69.99 -35.85
N LEU H 4542 -41.34 70.69 -36.75
CA LEU H 4542 -40.94 70.10 -38.01
C LEU H 4542 -40.01 68.91 -37.76
N GLU H 4543 -39.08 69.05 -36.83
CA GLU H 4543 -38.18 67.95 -36.50
C GLU H 4543 -38.96 66.77 -35.95
N VAL H 4544 -39.94 67.04 -35.08
CA VAL H 4544 -40.72 65.93 -34.51
C VAL H 4544 -41.43 65.18 -35.63
N GLN H 4545 -42.10 65.90 -36.51
CA GLN H 4545 -42.82 65.25 -37.60
C GLN H 4545 -41.87 64.51 -38.52
N ARG H 4546 -40.72 65.11 -38.84
CA ARG H 4546 -39.76 64.47 -39.72
C ARG H 4546 -39.24 63.18 -39.13
N VAL H 4547 -38.91 63.19 -37.84
CA VAL H 4547 -38.41 61.98 -37.19
C VAL H 4547 -39.49 60.91 -37.19
N LYS H 4548 -40.73 61.29 -36.89
CA LYS H 4548 -41.80 60.29 -36.89
C LYS H 4548 -41.99 59.70 -38.28
N PHE H 4549 -41.94 60.53 -39.32
CA PHE H 4549 -42.13 60.05 -40.69
C PHE H 4549 -41.01 59.11 -41.09
N LEU H 4550 -39.76 59.49 -40.81
CA LEU H 4550 -38.64 58.62 -41.14
C LEU H 4550 -38.70 57.32 -40.37
N ASN H 4551 -39.13 57.36 -39.11
CA ASN H 4551 -39.28 56.13 -38.35
C ASN H 4551 -40.35 55.24 -38.96
N TYR H 4552 -41.45 55.83 -39.42
CA TYR H 4552 -42.49 55.05 -40.08
C TYR H 4552 -41.95 54.37 -41.32
N LEU H 4553 -41.19 55.12 -42.14
CA LEU H 4553 -40.62 54.53 -43.35
C LEU H 4553 -39.66 53.40 -43.00
N SER H 4554 -38.79 53.60 -42.02
CA SER H 4554 -37.86 52.55 -41.64
C SER H 4554 -38.60 51.33 -41.11
N ARG H 4555 -39.66 51.53 -40.33
CA ARG H 4555 -40.43 50.40 -39.82
C ARG H 4555 -41.08 49.62 -40.95
N ASN H 4556 -41.60 50.31 -41.96
CA ASN H 4556 -42.33 49.65 -43.05
C ASN H 4556 -41.51 49.62 -44.32
N PHE H 4557 -40.19 49.50 -44.20
CA PHE H 4557 -39.35 49.43 -45.39
C PHE H 4557 -39.69 48.23 -46.26
N TYR H 4558 -39.89 47.06 -45.66
CA TYR H 4558 -40.16 45.86 -46.46
C TYR H 4558 -41.57 45.86 -47.03
N THR H 4559 -42.54 46.35 -46.25
CA THR H 4559 -43.89 46.49 -46.78
C THR H 4559 -43.89 47.41 -48.00
N LEU H 4560 -43.08 48.47 -47.96
CA LEU H 4560 -42.99 49.37 -49.11
C LEU H 4560 -42.40 48.66 -50.31
N ARG H 4561 -41.40 47.81 -50.09
CA ARG H 4561 -40.83 47.06 -51.21
C ARG H 4561 -41.86 46.12 -51.84
N PHE H 4562 -42.62 45.42 -51.00
CA PHE H 4562 -43.66 44.54 -51.54
C PHE H 4562 -44.72 45.36 -52.27
N LEU H 4563 -45.07 46.53 -51.74
CA LEU H 4563 -46.05 47.38 -52.42
C LEU H 4563 -45.53 47.83 -53.77
N ALA H 4564 -44.24 48.13 -53.86
CA ALA H 4564 -43.65 48.50 -55.14
C ALA H 4564 -43.74 47.34 -56.13
N LEU H 4565 -43.45 46.13 -55.67
CA LEU H 4565 -43.57 44.96 -56.54
C LEU H 4565 -45.00 44.81 -57.05
N PHE H 4566 -45.97 44.94 -56.15
CA PHE H 4566 -47.37 44.82 -56.55
C PHE H 4566 -47.75 45.89 -57.56
N LEU H 4567 -47.30 47.13 -57.33
CA LEU H 4567 -47.62 48.21 -58.26
C LEU H 4567 -47.01 47.95 -59.63
N ALA H 4568 -45.78 47.44 -59.66
CA ALA H 4568 -45.17 47.10 -60.94
C ALA H 4568 -45.98 46.05 -61.67
N PHE H 4569 -46.42 45.02 -60.96
CA PHE H 4569 -47.22 43.97 -61.60
C PHE H 4569 -48.53 44.53 -62.14
N ALA H 4570 -49.19 45.40 -61.37
CA ALA H 4570 -50.43 45.99 -61.84
C ALA H 4570 -50.20 46.85 -63.08
N ILE H 4571 -49.13 47.64 -63.07
CA ILE H 4571 -48.84 48.49 -64.22
C ILE H 4571 -48.62 47.64 -65.46
N ASN H 4572 -47.88 46.54 -65.32
CA ASN H 4572 -47.60 45.71 -66.48
C ASN H 4572 -48.85 44.98 -66.96
N PHE H 4573 -49.72 44.56 -66.03
CA PHE H 4573 -50.99 43.99 -66.43
C PHE H 4573 -51.77 44.98 -67.26
N ILE H 4574 -51.78 46.25 -66.86
CA ILE H 4574 -52.44 47.27 -67.68
C ILE H 4574 -51.76 47.40 -69.03
N LEU H 4575 -50.43 47.41 -69.04
CA LEU H 4575 -49.69 47.57 -70.29
C LEU H 4575 -50.05 46.47 -71.29
N LEU H 4576 -50.36 45.28 -70.80
CA LEU H 4576 -50.73 44.19 -71.69
C LEU H 4576 -51.84 44.56 -72.66
N PHE H 4577 -52.59 45.63 -72.40
CA PHE H 4577 -53.71 46.03 -73.25
C PHE H 4577 -53.32 47.07 -74.28
N TYR H 4578 -52.04 47.40 -74.39
CA TYR H 4578 -51.61 48.42 -75.35
C TYR H 4578 -51.78 47.92 -76.77
N LYS H 4579 -51.98 48.87 -77.68
CA LYS H 4579 -52.19 48.58 -79.09
C LYS H 4579 -51.55 49.69 -79.91
N VAL H 4580 -51.20 49.37 -81.14
CA VAL H 4580 -50.55 50.30 -82.05
C VAL H 4580 -51.41 50.47 -83.29
N SER H 4581 -51.41 51.68 -83.84
CA SER H 4581 -52.19 51.96 -85.03
C SER H 4581 -51.48 53.02 -85.87
N ASP H 4582 -51.85 53.09 -87.14
CA ASP H 4582 -51.33 54.12 -88.03
C ASP H 4582 -52.17 55.39 -88.01
N SER H 4583 -53.39 55.32 -87.47
CA SER H 4583 -54.26 56.48 -87.33
C SER H 4583 -54.52 56.77 -85.86
N PRO H 4584 -54.81 58.00 -85.49
CA PRO H 4584 -55.02 58.32 -84.07
C PRO H 4584 -56.19 57.54 -83.50
N PRO H 4585 -56.17 57.24 -82.19
CA PRO H 4585 -57.23 56.45 -81.56
C PRO H 4585 -58.64 56.90 -81.94
N ASN H 4624 -46.84 59.37 -91.09
CA ASN H 4624 -46.70 57.93 -91.04
C ASN H 4624 -46.41 57.45 -89.62
N MET H 4625 -46.26 58.39 -88.69
CA MET H 4625 -45.92 58.03 -87.32
C MET H 4625 -47.05 57.22 -86.69
N VAL H 4626 -46.69 56.39 -85.71
CA VAL H 4626 -47.60 55.42 -85.14
C VAL H 4626 -48.13 55.93 -83.80
N TYR H 4627 -49.35 55.50 -83.47
CA TYR H 4627 -50.00 55.86 -82.22
C TYR H 4627 -50.08 54.62 -81.33
N TYR H 4628 -49.67 54.77 -80.08
CA TYR H 4628 -49.84 53.73 -79.06
C TYR H 4628 -50.96 54.15 -78.13
N PHE H 4629 -51.90 53.24 -77.89
CA PHE H 4629 -53.02 53.54 -77.01
C PHE H 4629 -53.59 52.26 -76.43
N LEU H 4630 -54.13 52.35 -75.22
CA LEU H 4630 -54.78 51.21 -74.59
C LEU H 4630 -56.11 50.94 -75.29
N GLU H 4631 -56.41 49.67 -75.51
CA GLU H 4631 -57.65 49.24 -76.15
C GLU H 4631 -58.46 48.45 -75.12
N GLU H 4632 -59.27 49.16 -74.35
CA GLU H 4632 -60.13 48.56 -73.34
C GLU H 4632 -61.49 49.24 -73.35
N SER H 4633 -62.52 48.47 -72.99
CA SER H 4633 -63.89 48.95 -73.13
C SER H 4633 -64.27 49.92 -72.01
N THR H 4634 -63.76 49.71 -70.79
CA THR H 4634 -64.24 50.47 -69.65
C THR H 4634 -63.91 51.95 -69.78
N GLY H 4635 -62.73 52.27 -70.31
CA GLY H 4635 -62.28 53.65 -70.35
C GLY H 4635 -61.64 54.15 -69.08
N TYR H 4636 -61.47 53.29 -68.07
CA TYR H 4636 -60.87 53.68 -66.81
C TYR H 4636 -59.41 53.27 -66.66
N MET H 4637 -58.89 52.44 -67.56
CA MET H 4637 -57.55 51.91 -67.38
C MET H 4637 -56.49 53.00 -67.50
N GLU H 4638 -56.64 53.89 -68.48
CA GLU H 4638 -55.63 54.93 -68.68
C GLU H 4638 -55.48 55.83 -67.45
N PRO H 4639 -56.55 56.39 -66.88
CA PRO H 4639 -56.37 57.10 -65.60
C PRO H 4639 -55.79 56.21 -64.52
N ALA H 4640 -56.21 54.95 -64.47
CA ALA H 4640 -55.60 54.02 -63.52
C ALA H 4640 -54.12 53.86 -63.80
N LEU H 4641 -53.73 53.81 -65.06
CA LEU H 4641 -52.32 53.71 -65.39
C LEU H 4641 -51.54 54.91 -64.87
N ARG H 4642 -52.08 56.11 -65.09
CA ARG H 4642 -51.38 57.30 -64.61
C ARG H 4642 -51.25 57.29 -63.09
N CYS H 4643 -52.34 56.97 -62.39
CA CYS H 4643 -52.31 56.94 -60.94
C CYS H 4643 -51.30 55.91 -60.44
N LEU H 4644 -51.31 54.72 -61.03
CA LEU H 4644 -50.40 53.67 -60.60
C LEU H 4644 -48.95 54.04 -60.88
N SER H 4645 -48.67 54.69 -62.01
CA SER H 4645 -47.31 55.09 -62.31
C SER H 4645 -46.81 56.11 -61.29
N LEU H 4646 -47.63 57.12 -61.00
CA LEU H 4646 -47.22 58.11 -60.00
C LEU H 4646 -47.00 57.46 -58.65
N LEU H 4647 -47.91 56.56 -58.24
CA LEU H 4647 -47.77 55.89 -56.96
C LEU H 4647 -46.50 55.05 -56.92
N HIS H 4648 -46.19 54.37 -58.02
CA HIS H 4648 -44.99 53.53 -58.06
C HIS H 4648 -43.74 54.37 -57.89
N THR H 4649 -43.67 55.51 -58.60
CA THR H 4649 -42.51 56.37 -58.42
C THR H 4649 -42.39 56.87 -56.99
N LEU H 4650 -43.51 57.28 -56.40
CA LEU H 4650 -43.48 57.74 -55.01
C LEU H 4650 -42.99 56.64 -54.09
N VAL H 4651 -43.48 55.41 -54.27
CA VAL H 4651 -43.11 54.32 -53.38
C VAL H 4651 -41.64 53.97 -53.56
N ALA H 4652 -41.13 54.06 -54.78
CA ALA H 4652 -39.70 53.83 -54.99
C ALA H 4652 -38.87 54.86 -54.24
N PHE H 4653 -39.28 56.12 -54.30
CA PHE H 4653 -38.57 57.15 -53.55
C PHE H 4653 -38.61 56.84 -52.05
N LEU H 4654 -39.78 56.47 -51.54
CA LEU H 4654 -39.89 56.15 -50.13
C LEU H 4654 -39.05 54.95 -49.76
N CYS H 4655 -38.92 53.97 -50.66
CA CYS H 4655 -38.04 52.84 -50.40
C CYS H 4655 -36.60 53.29 -50.28
N ILE H 4656 -36.16 54.21 -51.15
CA ILE H 4656 -34.80 54.72 -51.02
C ILE H 4656 -34.60 55.39 -49.68
N ILE H 4657 -35.56 56.23 -49.26
CA ILE H 4657 -35.41 56.92 -47.98
C ILE H 4657 -35.39 55.92 -46.83
N GLY H 4658 -36.29 54.95 -46.86
CA GLY H 4658 -36.34 53.95 -45.81
C GLY H 4658 -35.05 53.16 -45.71
N TYR H 4659 -34.47 52.80 -46.87
CA TYR H 4659 -33.18 52.13 -46.85
C TYR H 4659 -32.12 53.02 -46.23
N ASN H 4660 -32.03 54.27 -46.70
CA ASN H 4660 -31.04 55.19 -46.16
C ASN H 4660 -31.16 55.35 -44.66
N CYS H 4661 -32.36 55.25 -44.11
CA CYS H 4661 -32.55 55.40 -42.68
C CYS H 4661 -32.42 54.11 -41.89
N LEU H 4662 -32.59 52.95 -42.51
CA LEU H 4662 -32.62 51.68 -41.79
C LEU H 4662 -31.36 50.84 -41.96
N LYS H 4663 -30.80 50.78 -43.16
CA LYS H 4663 -29.67 49.88 -43.45
C LYS H 4663 -28.35 50.60 -43.58
N VAL H 4664 -28.34 51.81 -44.14
CA VAL H 4664 -27.08 52.54 -44.30
C VAL H 4664 -26.34 52.69 -42.98
N PRO H 4665 -27.00 52.96 -41.85
CA PRO H 4665 -26.25 53.11 -40.60
C PRO H 4665 -25.38 51.91 -40.30
N LEU H 4666 -25.86 50.70 -40.56
CA LEU H 4666 -25.03 49.52 -40.30
C LEU H 4666 -23.87 49.44 -41.28
N VAL H 4667 -24.07 49.86 -42.53
CA VAL H 4667 -22.98 49.85 -43.49
C VAL H 4667 -21.86 50.76 -43.01
N ILE H 4668 -22.22 51.98 -42.58
CA ILE H 4668 -21.22 52.90 -42.07
C ILE H 4668 -20.58 52.35 -40.81
N PHE H 4669 -21.38 51.73 -39.94
CA PHE H 4669 -20.85 51.15 -38.71
C PHE H 4669 -19.79 50.11 -39.02
N LYS H 4670 -20.08 49.20 -39.95
CA LYS H 4670 -19.13 48.15 -40.28
C LYS H 4670 -17.87 48.75 -40.90
N ARG H 4671 -18.02 49.70 -41.81
CA ARG H 4671 -16.84 50.30 -42.44
C ARG H 4671 -15.96 50.99 -41.41
N GLU H 4672 -16.56 51.77 -40.51
CA GLU H 4672 -15.79 52.47 -39.49
C GLU H 4672 -15.14 51.49 -38.53
N LYS H 4673 -15.85 50.43 -38.14
CA LYS H 4673 -15.27 49.44 -37.25
C LYS H 4673 -14.05 48.79 -37.87
N GLU H 4674 -14.18 48.37 -39.13
CA GLU H 4674 -13.05 47.73 -39.80
C GLU H 4674 -11.87 48.70 -39.91
N LEU H 4675 -12.15 49.95 -40.25
CA LEU H 4675 -11.08 50.93 -40.38
C LEU H 4675 -10.38 51.15 -39.04
N ALA H 4676 -11.15 51.29 -37.96
CA ALA H 4676 -10.56 51.51 -36.65
C ALA H 4676 -9.69 50.34 -36.23
N ARG H 4677 -10.15 49.12 -36.45
CA ARG H 4677 -9.35 47.97 -36.10
C ARG H 4677 -8.07 47.91 -36.93
N LYS H 4678 -8.18 48.17 -38.23
CA LYS H 4678 -6.99 48.15 -39.07
C LYS H 4678 -6.01 49.24 -38.70
N LEU H 4679 -6.50 50.35 -38.15
CA LEU H 4679 -5.59 51.39 -37.67
C LEU H 4679 -4.90 50.96 -36.39
N GLU H 4680 -5.67 50.54 -35.39
CA GLU H 4680 -5.07 50.30 -34.08
C GLU H 4680 -4.19 49.05 -34.07
N PHE H 4681 -4.66 47.95 -34.65
CA PHE H 4681 -3.98 46.67 -34.50
C PHE H 4681 -3.12 46.28 -35.69
N ASP H 4682 -3.19 47.01 -36.81
CA ASP H 4682 -2.37 46.71 -37.97
C ASP H 4682 -1.52 47.89 -38.44
N GLY H 4683 -1.77 49.09 -37.92
CA GLY H 4683 -1.05 50.25 -38.40
C GLY H 4683 -1.19 50.39 -39.90
N LEU H 4684 -2.43 50.35 -40.40
CA LEU H 4684 -2.65 50.28 -41.83
C LEU H 4684 -2.06 51.49 -42.55
N TYR H 4685 -2.27 52.69 -42.01
CA TYR H 4685 -1.74 53.91 -42.60
C TYR H 4685 -0.55 54.46 -41.84
N ILE H 4686 0.01 53.68 -40.91
CA ILE H 4686 1.17 54.09 -40.15
C ILE H 4686 2.36 53.22 -40.51
N THR H 4687 2.24 51.92 -40.25
CA THR H 4687 3.36 51.01 -40.52
C THR H 4687 3.29 50.45 -41.94
N GLU H 4688 2.08 50.23 -42.45
CA GLU H 4688 1.89 49.71 -43.79
C GLU H 4688 1.12 50.73 -44.63
N GLN H 4689 0.73 50.33 -45.84
CA GLN H 4689 -0.06 51.18 -46.71
C GLN H 4689 -1.01 50.30 -47.49
N PRO H 4690 -2.11 50.85 -48.00
CA PRO H 4690 -2.96 50.09 -48.92
C PRO H 4690 -2.18 49.64 -50.15
N GLU H 4691 -2.80 48.76 -50.93
CA GLU H 4691 -2.10 48.02 -51.98
C GLU H 4691 -2.19 48.69 -53.35
N ASP H 4692 -2.62 49.96 -53.40
CA ASP H 4692 -2.68 50.70 -54.67
C ASP H 4692 -3.78 50.18 -55.58
N ASP H 4693 -4.46 49.10 -55.17
CA ASP H 4693 -5.63 48.60 -55.86
C ASP H 4693 -6.77 48.34 -54.90
N ASP H 4694 -6.51 48.39 -53.59
CA ASP H 4694 -7.55 48.32 -52.57
C ASP H 4694 -8.28 49.66 -52.58
N VAL H 4695 -9.33 49.72 -53.39
CA VAL H 4695 -10.06 50.97 -53.55
C VAL H 4695 -10.67 51.40 -52.22
N LYS H 4696 -11.13 50.43 -51.42
CA LYS H 4696 -11.66 50.76 -50.11
C LYS H 4696 -10.58 51.39 -49.24
N GLY H 4697 -9.38 50.81 -49.25
CA GLY H 4697 -8.30 51.39 -48.46
C GLY H 4697 -7.93 52.78 -48.92
N GLN H 4698 -7.88 53.00 -50.24
CA GLN H 4698 -7.56 54.32 -50.75
C GLN H 4698 -8.63 55.34 -50.41
N TRP H 4699 -9.90 54.93 -50.45
CA TRP H 4699 -10.98 55.86 -50.17
C TRP H 4699 -11.07 56.18 -48.68
N ASP H 4700 -10.79 55.21 -47.82
CA ASP H 4700 -10.85 55.44 -46.39
C ASP H 4700 -9.83 56.47 -45.94
N ARG H 4701 -8.83 56.78 -46.77
CA ARG H 4701 -7.88 57.83 -46.41
C ARG H 4701 -8.55 59.18 -46.23
N LEU H 4702 -9.73 59.37 -46.80
CA LEU H 4702 -10.41 60.66 -46.71
C LEU H 4702 -11.02 60.92 -45.33
N VAL H 4703 -11.26 59.87 -44.54
CA VAL H 4703 -11.99 60.02 -43.28
C VAL H 4703 -11.06 60.08 -42.07
N LEU H 4704 -9.77 59.81 -42.24
CA LEU H 4704 -8.88 59.66 -41.10
C LEU H 4704 -8.80 60.93 -40.26
N ASN H 4705 -8.68 62.08 -40.92
CA ASN H 4705 -8.48 63.34 -40.22
C ASN H 4705 -9.76 64.12 -40.01
N THR H 4706 -10.91 63.53 -40.28
CA THR H 4706 -12.16 64.23 -40.10
C THR H 4706 -12.48 64.35 -38.60
N PRO H 4707 -13.10 65.46 -38.17
CA PRO H 4707 -13.45 65.59 -36.75
C PRO H 4707 -14.40 64.53 -36.25
N SER H 4708 -15.18 63.91 -37.15
CA SER H 4708 -16.24 62.99 -36.76
C SER H 4708 -16.05 61.61 -37.38
N PHE H 4709 -14.82 61.11 -37.41
CA PHE H 4709 -14.58 59.84 -38.09
C PHE H 4709 -15.43 58.76 -37.47
N PRO H 4710 -15.26 58.43 -36.18
CA PRO H 4710 -16.11 57.40 -35.59
C PRO H 4710 -17.47 57.95 -35.23
N SER H 4711 -18.36 58.04 -36.22
CA SER H 4711 -19.70 58.58 -35.99
C SER H 4711 -20.72 57.52 -35.62
N ASN H 4712 -20.64 56.33 -36.19
CA ASN H 4712 -21.52 55.23 -35.85
C ASN H 4712 -20.86 54.19 -34.97
N TYR H 4713 -19.60 53.87 -35.24
CA TYR H 4713 -18.85 52.95 -34.41
C TYR H 4713 -18.75 53.50 -32.99
N TRP H 4714 -18.91 52.60 -32.01
CA TRP H 4714 -19.08 53.05 -30.63
C TRP H 4714 -17.81 53.71 -30.09
N ASP H 4715 -16.65 53.17 -30.43
CA ASP H 4715 -15.39 53.65 -29.85
C ASP H 4715 -15.10 55.06 -30.34
N LYS H 4716 -15.21 56.04 -29.45
CA LYS H 4716 -14.94 57.42 -29.78
C LYS H 4716 -13.53 57.85 -29.42
N PHE H 4717 -12.70 56.93 -28.92
CA PHE H 4717 -11.32 57.22 -28.55
C PHE H 4717 -10.32 56.41 -29.35
N VAL H 4718 -10.72 55.96 -30.53
CA VAL H 4718 -9.81 55.20 -31.38
C VAL H 4718 -8.59 56.04 -31.75
N LYS H 4719 -8.80 57.34 -31.96
CA LYS H 4719 -7.67 58.20 -32.31
C LYS H 4719 -6.67 58.30 -31.17
N ARG H 4720 -7.17 58.48 -29.94
CA ARG H 4720 -6.27 58.47 -28.79
C ARG H 4720 -5.54 57.15 -28.65
N LYS H 4721 -6.26 56.03 -28.84
CA LYS H 4721 -5.61 54.74 -28.70
C LYS H 4721 -4.51 54.56 -29.75
N VAL H 4722 -4.78 54.97 -31.00
CA VAL H 4722 -3.78 54.86 -32.04
C VAL H 4722 -2.58 55.74 -31.74
N LEU H 4723 -2.83 56.96 -31.27
CA LEU H 4723 -1.73 57.85 -30.94
C LEU H 4723 -0.86 57.23 -29.85
N ASP H 4724 -1.48 56.69 -28.80
CA ASP H 4724 -0.70 56.08 -27.72
C ASP H 4724 0.05 54.86 -28.20
N LYS H 4725 -0.51 54.10 -29.14
CA LYS H 4725 0.14 52.87 -29.57
C LYS H 4725 1.31 53.15 -30.50
N HIS H 4726 1.06 53.86 -31.60
CA HIS H 4726 2.08 54.11 -32.62
C HIS H 4726 2.71 55.49 -32.50
N GLY H 4727 2.40 56.26 -31.46
CA GLY H 4727 2.90 57.62 -31.38
C GLY H 4727 4.41 57.69 -31.29
N ASP H 4728 5.02 56.83 -30.47
CA ASP H 4728 6.44 56.97 -30.18
C ASP H 4728 7.30 56.56 -31.36
N ILE H 4729 6.95 55.47 -32.03
CA ILE H 4729 7.77 54.97 -33.12
C ILE H 4729 7.55 55.74 -34.43
N PHE H 4730 6.38 56.34 -34.60
CA PHE H 4730 6.06 57.05 -35.84
C PHE H 4730 6.08 58.56 -35.69
N GLY H 4731 6.10 59.08 -34.46
CA GLY H 4731 6.08 60.50 -34.23
C GLY H 4731 4.71 60.99 -33.81
N ARG H 4732 4.62 61.56 -32.61
CA ARG H 4732 3.32 62.01 -32.11
C ARG H 4732 2.76 63.11 -32.99
N GLU H 4733 3.59 64.05 -33.43
CA GLU H 4733 3.11 65.11 -34.31
C GLU H 4733 2.64 64.54 -35.64
N ARG H 4734 3.38 63.58 -36.18
CA ARG H 4734 2.99 62.96 -37.45
C ARG H 4734 1.65 62.25 -37.31
N ILE H 4735 1.46 61.51 -36.22
CA ILE H 4735 0.20 60.81 -36.01
C ILE H 4735 -0.93 61.81 -35.84
N ALA H 4736 -0.68 62.89 -35.09
CA ALA H 4736 -1.71 63.90 -34.90
C ALA H 4736 -2.10 64.53 -36.22
N GLU H 4737 -1.14 64.79 -37.09
CA GLU H 4737 -1.48 65.32 -38.41
C GLU H 4737 -2.27 64.31 -39.22
N LEU H 4738 -1.89 63.04 -39.16
CA LEU H 4738 -2.59 62.03 -39.94
C LEU H 4738 -4.03 61.89 -39.49
N LEU H 4739 -4.27 61.93 -38.18
CA LEU H 4739 -5.59 61.71 -37.62
C LEU H 4739 -6.34 63.01 -37.35
N GLY H 4740 -5.78 64.15 -37.73
CA GLY H 4740 -6.46 65.41 -37.55
C GLY H 4740 -6.78 65.72 -36.10
N MET H 4741 -5.81 65.53 -35.21
CA MET H 4741 -5.98 65.78 -33.78
C MET H 4741 -5.21 67.03 -33.39
N ASP H 4742 -5.73 67.73 -32.39
CA ASP H 4742 -5.09 68.92 -31.83
C ASP H 4742 -4.51 68.53 -30.48
N LEU H 4743 -3.21 68.23 -30.47
CA LEU H 4743 -2.58 67.71 -29.27
C LEU H 4743 -2.72 68.69 -28.11
N ALA H 4744 -2.49 69.98 -28.36
CA ALA H 4744 -2.53 70.96 -27.29
C ALA H 4744 -3.91 71.01 -26.64
N SER H 4745 -4.95 71.17 -27.46
CA SER H 4745 -6.30 71.30 -26.91
C SER H 4745 -6.81 69.98 -26.33
N LEU H 4746 -6.24 68.86 -26.75
CA LEU H 4746 -6.76 67.58 -26.31
C LEU H 4746 -6.39 67.29 -24.86
N GLU H 4747 -5.36 67.96 -24.35
CA GLU H 4747 -5.08 67.90 -22.92
C GLU H 4747 -6.04 68.80 -22.15
N ILE H 4748 -6.36 69.96 -22.72
CA ILE H 4748 -7.28 70.89 -22.07
C ILE H 4748 -8.64 70.23 -21.89
N THR H 4749 -9.11 69.52 -22.92
CA THR H 4749 -10.38 68.82 -22.84
C THR H 4749 -10.44 67.94 -21.60
N ALA H 4750 -9.39 67.12 -21.38
CA ALA H 4750 -9.35 66.30 -20.18
C ALA H 4750 -9.26 67.17 -18.94
N HIS H 4751 -8.60 68.32 -19.04
CA HIS H 4751 -8.41 69.16 -17.87
C HIS H 4751 -9.74 69.64 -17.30
N ASN H 4752 -10.66 70.07 -18.15
CA ASN H 4752 -11.91 70.63 -17.65
C ASN H 4752 -13.08 70.30 -18.59
N GLU H 4753 -14.29 70.64 -18.14
CA GLU H 4753 -15.51 70.29 -18.85
C GLU H 4753 -16.11 71.50 -19.55
N ARG H 4754 -16.33 71.36 -20.88
CA ARG H 4754 -16.84 72.46 -21.72
C ARG H 4754 -18.09 71.93 -22.43
N LYS H 4755 -19.24 72.45 -22.02
CA LYS H 4755 -20.51 72.11 -22.65
C LYS H 4755 -20.98 73.28 -23.51
N PRO H 4756 -21.03 73.14 -24.84
CA PRO H 4756 -21.48 74.26 -25.67
C PRO H 4756 -22.99 74.42 -25.67
N ASP H 4757 -23.49 75.48 -26.30
CA ASP H 4757 -24.91 75.76 -26.38
C ASP H 4757 -25.28 76.03 -27.83
N PRO H 4758 -25.44 74.97 -28.62
CA PRO H 4758 -25.80 75.16 -30.03
C PRO H 4758 -27.30 75.29 -30.19
N PRO H 4759 -27.79 76.44 -30.70
CA PRO H 4759 -29.22 76.56 -30.99
C PRO H 4759 -29.60 75.71 -32.19
N PRO H 4760 -30.89 75.65 -32.52
CA PRO H 4760 -31.31 74.92 -33.73
C PRO H 4760 -31.06 75.68 -35.02
N GLY H 4761 -30.33 76.80 -34.98
CA GLY H 4761 -30.12 77.62 -36.15
C GLY H 4761 -29.54 76.87 -37.33
N LEU H 4762 -30.10 77.11 -38.52
CA LEU H 4762 -29.57 76.48 -39.71
C LEU H 4762 -28.12 76.90 -39.95
N LEU H 4763 -27.76 78.11 -39.57
CA LEU H 4763 -26.36 78.53 -39.66
C LEU H 4763 -25.47 77.66 -38.79
N THR H 4764 -25.93 77.37 -37.56
CA THR H 4764 -25.17 76.50 -36.67
C THR H 4764 -25.07 75.09 -37.25
N TRP H 4765 -26.16 74.61 -37.84
CA TRP H 4765 -26.14 73.28 -38.45
C TRP H 4765 -25.14 73.24 -39.62
N ILE H 4766 -25.11 74.31 -40.42
CA ILE H 4766 -24.11 74.40 -41.48
C ILE H 4766 -22.70 74.36 -40.90
N MET H 4767 -22.45 75.18 -39.88
CA MET H 4767 -21.15 75.16 -39.23
C MET H 4767 -20.79 73.79 -38.68
N SER H 4768 -21.78 73.01 -38.23
CA SER H 4768 -21.54 71.67 -37.71
C SER H 4768 -21.28 70.65 -38.83
N ILE H 4769 -21.81 70.89 -40.02
CA ILE H 4769 -21.60 69.97 -41.15
C ILE H 4769 -20.11 69.76 -41.35
N ASP H 4770 -19.72 68.50 -41.57
CA ASP H 4770 -18.34 68.12 -41.83
C ASP H 4770 -18.26 67.61 -43.26
N VAL H 4771 -17.80 68.48 -44.17
CA VAL H 4771 -17.95 68.21 -45.60
C VAL H 4771 -17.13 66.98 -46.01
N LYS H 4772 -15.91 66.87 -45.52
CA LYS H 4772 -15.05 65.76 -45.93
C LYS H 4772 -15.64 64.41 -45.51
N TYR H 4773 -16.13 64.33 -44.28
CA TYR H 4773 -16.76 63.12 -43.82
C TYR H 4773 -18.01 62.80 -44.64
N GLN H 4774 -18.78 63.83 -44.99
CA GLN H 4774 -19.97 63.61 -45.80
C GLN H 4774 -19.60 63.06 -47.17
N ILE H 4775 -18.53 63.57 -47.78
CA ILE H 4775 -18.10 63.06 -49.07
C ILE H 4775 -17.69 61.60 -48.95
N TRP H 4776 -16.93 61.27 -47.91
CA TRP H 4776 -16.53 59.88 -47.73
C TRP H 4776 -17.75 58.98 -47.54
N LYS H 4777 -18.72 59.44 -46.73
CA LYS H 4777 -19.92 58.65 -46.50
C LYS H 4777 -20.70 58.45 -47.79
N PHE H 4778 -20.83 59.49 -48.60
CA PHE H 4778 -21.58 59.37 -49.84
C PHE H 4778 -20.86 58.42 -50.80
N GLY H 4779 -19.54 58.44 -50.82
CA GLY H 4779 -18.82 57.46 -51.61
C GLY H 4779 -19.12 56.04 -51.16
N VAL H 4780 -19.09 55.80 -49.85
CA VAL H 4780 -19.41 54.46 -49.36
C VAL H 4780 -20.83 54.06 -49.75
N ILE H 4781 -21.79 54.96 -49.57
CA ILE H 4781 -23.18 54.63 -49.83
C ILE H 4781 -23.39 54.35 -51.30
N PHE H 4782 -22.88 55.21 -52.18
CA PHE H 4782 -23.03 55.04 -53.61
C PHE H 4782 -22.21 53.89 -54.16
N THR H 4783 -21.31 53.32 -53.36
CA THR H 4783 -20.67 52.07 -53.71
C THR H 4783 -21.41 50.86 -53.16
N ASP H 4784 -22.27 51.03 -52.16
CA ASP H 4784 -23.03 49.90 -51.62
C ASP H 4784 -24.00 49.36 -52.67
N ASN H 4785 -24.09 48.03 -52.75
CA ASN H 4785 -24.83 47.40 -53.85
C ASN H 4785 -26.33 47.60 -53.72
N SER H 4786 -26.89 47.37 -52.54
CA SER H 4786 -28.34 47.45 -52.39
C SER H 4786 -28.84 48.88 -52.62
N PHE H 4787 -28.08 49.86 -52.15
CA PHE H 4787 -28.48 51.25 -52.39
C PHE H 4787 -28.48 51.56 -53.88
N LEU H 4788 -27.47 51.08 -54.60
CA LEU H 4788 -27.44 51.29 -56.04
C LEU H 4788 -28.61 50.60 -56.72
N TYR H 4789 -28.96 49.40 -56.26
CA TYR H 4789 -30.11 48.71 -56.81
C TYR H 4789 -31.37 49.54 -56.65
N LEU H 4790 -31.59 50.07 -55.44
CA LEU H 4790 -32.79 50.89 -55.21
C LEU H 4790 -32.75 52.17 -56.02
N GLY H 4791 -31.56 52.77 -56.16
CA GLY H 4791 -31.44 53.98 -56.96
C GLY H 4791 -31.77 53.74 -58.41
N TRP H 4792 -31.29 52.64 -58.97
CA TRP H 4792 -31.61 52.33 -60.36
C TRP H 4792 -33.09 51.97 -60.51
N TYR H 4793 -33.67 51.35 -59.49
CA TYR H 4793 -35.12 51.15 -59.48
C TYR H 4793 -35.86 52.48 -59.60
N MET H 4794 -35.45 53.47 -58.80
CA MET H 4794 -36.10 54.78 -58.86
C MET H 4794 -35.90 55.44 -60.21
N VAL H 4795 -34.67 55.37 -60.74
CA VAL H 4795 -34.40 55.93 -62.06
C VAL H 4795 -35.30 55.27 -63.11
N MET H 4796 -35.48 53.97 -63.00
CA MET H 4796 -36.27 53.25 -63.98
C MET H 4796 -37.74 53.64 -63.88
N SER H 4797 -38.22 53.90 -62.67
CA SER H 4797 -39.59 54.41 -62.51
C SER H 4797 -39.74 55.79 -63.16
N LEU H 4798 -38.77 56.67 -62.92
CA LEU H 4798 -38.83 57.98 -63.56
C LEU H 4798 -38.85 57.84 -65.07
N LEU H 4799 -38.04 56.94 -65.62
CA LEU H 4799 -38.07 56.71 -67.05
C LEU H 4799 -39.42 56.16 -67.49
N GLY H 4800 -40.01 55.27 -66.69
CA GLY H 4800 -41.34 54.77 -67.00
C GLY H 4800 -42.34 55.89 -67.18
N HIS H 4801 -42.16 56.98 -66.42
CA HIS H 4801 -43.03 58.13 -66.64
C HIS H 4801 -42.81 58.72 -68.04
N TYR H 4802 -41.59 58.64 -68.55
CA TYR H 4802 -41.32 59.12 -69.91
C TYR H 4802 -41.94 58.20 -70.94
N ASN H 4803 -41.74 56.90 -70.78
CA ASN H 4803 -42.36 55.88 -71.62
C ASN H 4803 -42.82 54.75 -70.72
N ASN H 4804 -44.12 54.46 -70.74
CA ASN H 4804 -44.70 53.55 -69.76
C ASN H 4804 -44.04 52.18 -69.81
N PHE H 4805 -43.50 51.80 -70.95
CA PHE H 4805 -42.96 50.45 -71.08
C PHE H 4805 -41.69 50.26 -70.27
N PHE H 4806 -41.03 51.34 -69.86
CA PHE H 4806 -39.87 51.20 -68.98
C PHE H 4806 -40.27 50.59 -67.65
N PHE H 4807 -41.57 50.60 -67.31
CA PHE H 4807 -42.02 49.98 -66.08
C PHE H 4807 -41.88 48.47 -66.12
N ALA H 4808 -41.67 47.89 -67.30
CA ALA H 4808 -41.44 46.45 -67.39
C ALA H 4808 -40.15 46.04 -66.69
N ALA H 4809 -39.17 46.93 -66.60
CA ALA H 4809 -37.91 46.58 -65.96
C ALA H 4809 -38.11 46.23 -64.49
N HIS H 4810 -39.14 46.77 -63.87
CA HIS H 4810 -39.35 46.52 -62.45
C HIS H 4810 -39.89 45.12 -62.18
N LEU H 4811 -40.27 44.41 -63.24
CA LEU H 4811 -40.68 43.02 -63.07
C LEU H 4811 -39.50 42.14 -62.69
N LEU H 4812 -38.29 42.53 -63.08
CA LEU H 4812 -37.11 41.76 -62.71
C LEU H 4812 -36.90 41.79 -61.20
N ASP H 4813 -37.60 42.68 -60.50
CA ASP H 4813 -37.49 42.79 -59.05
C ASP H 4813 -37.85 41.48 -58.35
N ILE H 4814 -38.60 40.61 -59.02
CA ILE H 4814 -39.02 39.36 -58.39
C ILE H 4814 -37.82 38.54 -57.96
N ALA H 4815 -36.74 38.60 -58.74
CA ALA H 4815 -35.54 37.85 -58.40
C ALA H 4815 -35.03 38.25 -57.01
N MET H 4816 -34.96 39.55 -56.74
CA MET H 4816 -34.48 40.00 -55.44
C MET H 4816 -35.55 39.79 -54.36
N GLY H 4817 -36.82 39.98 -54.71
CA GLY H 4817 -37.88 39.90 -53.74
C GLY H 4817 -38.15 38.49 -53.24
N VAL H 4818 -38.60 37.62 -54.15
CA VAL H 4818 -38.99 36.27 -53.74
C VAL H 4818 -37.76 35.47 -53.37
N LYS H 4819 -37.85 34.76 -52.24
CA LYS H 4819 -36.73 33.95 -51.76
C LYS H 4819 -36.54 32.71 -52.62
N THR H 4820 -37.64 32.03 -52.98
CA THR H 4820 -37.51 30.82 -53.77
C THR H 4820 -36.88 31.11 -55.12
N LEU H 4821 -37.29 32.21 -55.75
CA LEU H 4821 -36.71 32.57 -57.05
C LEU H 4821 -35.24 32.93 -56.90
N ARG H 4822 -34.89 33.61 -55.81
CA ARG H 4822 -33.48 33.93 -55.58
C ARG H 4822 -32.66 32.65 -55.46
N THR H 4823 -33.17 31.66 -54.72
CA THR H 4823 -32.45 30.40 -54.59
C THR H 4823 -32.34 29.69 -55.92
N ILE H 4824 -33.41 29.70 -56.73
CA ILE H 4824 -33.36 29.05 -58.04
C ILE H 4824 -32.32 29.73 -58.92
N LEU H 4825 -32.27 31.06 -58.91
CA LEU H 4825 -31.33 31.79 -59.75
C LEU H 4825 -29.91 31.63 -59.27
N SER H 4826 -29.71 31.36 -57.98
CA SER H 4826 -28.37 31.06 -57.50
C SER H 4826 -27.78 29.85 -58.18
N SER H 4827 -28.63 28.93 -58.67
CA SER H 4827 -28.10 27.78 -59.41
C SER H 4827 -27.43 28.23 -60.70
N VAL H 4828 -28.03 29.18 -61.41
CA VAL H 4828 -27.40 29.70 -62.62
C VAL H 4828 -26.18 30.53 -62.28
N THR H 4829 -26.28 31.40 -61.28
CA THR H 4829 -25.19 32.33 -61.00
C THR H 4829 -24.01 31.70 -60.28
N HIS H 4830 -24.20 30.51 -59.69
CA HIS H 4830 -23.12 29.89 -58.95
C HIS H 4830 -21.95 29.56 -59.87
N ASN H 4831 -22.25 29.02 -61.05
CA ASN H 4831 -21.23 28.70 -62.05
C ASN H 4831 -21.29 29.68 -63.23
N GLY H 4832 -21.58 30.95 -62.96
CA GLY H 4832 -21.69 31.91 -64.04
C GLY H 4832 -20.40 32.07 -64.83
N LYS H 4833 -19.26 32.05 -64.13
CA LYS H 4833 -17.99 32.16 -64.81
C LYS H 4833 -17.78 30.99 -65.76
N GLN H 4834 -18.11 29.78 -65.30
CA GLN H 4834 -17.98 28.61 -66.16
C GLN H 4834 -18.94 28.67 -67.33
N LEU H 4835 -20.16 29.16 -67.11
CA LEU H 4835 -21.10 29.29 -68.21
C LEU H 4835 -20.60 30.26 -69.27
N VAL H 4836 -20.06 31.40 -68.84
CA VAL H 4836 -19.53 32.38 -69.79
C VAL H 4836 -18.34 31.78 -70.54
N MET H 4837 -17.46 31.08 -69.84
CA MET H 4837 -16.33 30.45 -70.51
C MET H 4837 -16.79 29.40 -71.51
N THR H 4838 -17.85 28.65 -71.18
CA THR H 4838 -18.38 27.66 -72.10
C THR H 4838 -18.94 28.32 -73.35
N VAL H 4839 -19.64 29.44 -73.18
CA VAL H 4839 -20.15 30.16 -74.36
C VAL H 4839 -18.99 30.65 -75.22
N GLY H 4840 -17.92 31.13 -74.59
CA GLY H 4840 -16.75 31.53 -75.36
C GLY H 4840 -16.13 30.38 -76.12
N LEU H 4841 -16.02 29.22 -75.48
CA LEU H 4841 -15.50 28.04 -76.16
C LEU H 4841 -16.39 27.66 -77.34
N LEU H 4842 -17.71 27.75 -77.16
CA LEU H 4842 -18.62 27.49 -78.27
C LEU H 4842 -18.36 28.45 -79.41
N ALA H 4843 -18.15 29.73 -79.10
CA ALA H 4843 -17.85 30.70 -80.16
C ALA H 4843 -16.58 30.32 -80.91
N VAL H 4844 -15.54 29.90 -80.17
CA VAL H 4844 -14.29 29.54 -80.83
C VAL H 4844 -14.47 28.32 -81.73
N VAL H 4845 -15.18 27.30 -81.24
CA VAL H 4845 -15.39 26.10 -82.05
C VAL H 4845 -16.19 26.43 -83.31
N VAL H 4846 -17.24 27.24 -83.17
CA VAL H 4846 -18.02 27.63 -84.33
C VAL H 4846 -17.16 28.41 -85.30
N TYR H 4847 -16.22 29.21 -84.78
CA TYR H 4847 -15.31 29.93 -85.66
C TYR H 4847 -14.44 28.98 -86.47
N LEU H 4848 -13.93 27.93 -85.82
CA LEU H 4848 -13.12 26.95 -86.55
C LEU H 4848 -13.94 26.29 -87.65
N TYR H 4849 -15.18 25.90 -87.33
CA TYR H 4849 -16.04 25.33 -88.36
C TYR H 4849 -16.29 26.33 -89.48
N THR H 4850 -16.43 27.60 -89.14
CA THR H 4850 -16.63 28.64 -90.15
C THR H 4850 -15.43 28.74 -91.07
N VAL H 4851 -14.22 28.65 -90.51
CA VAL H 4851 -13.02 28.71 -91.34
C VAL H 4851 -12.99 27.56 -92.31
N VAL H 4852 -13.27 26.34 -91.82
CA VAL H 4852 -13.27 25.18 -92.70
C VAL H 4852 -14.30 25.35 -93.81
N ALA H 4853 -15.51 25.79 -93.45
CA ALA H 4853 -16.56 25.97 -94.45
C ALA H 4853 -16.18 27.03 -95.48
N PHE H 4854 -15.61 28.15 -95.01
CA PHE H 4854 -15.24 29.22 -95.91
C PHE H 4854 -14.16 28.79 -96.89
N ASN H 4855 -13.27 27.90 -96.48
CA ASN H 4855 -12.23 27.44 -97.38
C ASN H 4855 -12.65 26.29 -98.28
N PHE H 4856 -13.62 25.47 -97.89
CA PHE H 4856 -13.87 24.25 -98.63
C PHE H 4856 -15.31 24.07 -99.11
N PHE H 4857 -16.30 24.52 -98.34
CA PHE H 4857 -17.70 24.22 -98.60
C PHE H 4857 -18.50 25.47 -98.91
N ARG H 4858 -17.93 26.37 -99.70
CA ARG H 4858 -18.63 27.62 -99.99
C ARG H 4858 -19.84 27.42 -100.88
N LYS H 4859 -19.79 26.43 -101.77
CA LYS H 4859 -20.86 26.25 -102.74
C LYS H 4859 -22.17 25.82 -102.10
N PHE H 4860 -22.13 25.26 -100.89
CA PHE H 4860 -23.31 24.73 -100.23
C PHE H 4860 -24.09 25.78 -99.44
N TYR H 4861 -23.59 27.01 -99.37
CA TYR H 4861 -24.17 28.03 -98.50
C TYR H 4861 -25.00 29.04 -99.27
N ASN H 4862 -25.71 28.60 -100.30
CA ASN H 4862 -26.62 29.45 -101.05
C ASN H 4862 -28.02 29.34 -100.46
N LYS H 4863 -28.56 30.47 -99.99
CA LYS H 4863 -29.84 30.49 -99.30
C LYS H 4863 -30.92 31.19 -100.12
N SER H 4864 -30.76 31.23 -101.45
CA SER H 4864 -31.72 31.86 -102.33
C SER H 4864 -32.27 30.82 -103.30
N GLU H 4865 -33.61 30.73 -103.37
CA GLU H 4865 -34.24 29.85 -104.34
C GLU H 4865 -34.16 30.42 -105.74
N ASP H 4866 -34.33 31.74 -105.87
CA ASP H 4866 -34.25 32.40 -107.18
C ASP H 4866 -32.89 32.15 -107.82
N GLU H 4867 -32.88 31.42 -108.93
CA GLU H 4867 -31.61 31.12 -109.60
C GLU H 4867 -30.98 32.36 -110.19
N ASP H 4868 -31.75 33.43 -110.41
CA ASP H 4868 -31.18 34.63 -110.99
C ASP H 4868 -30.32 35.38 -109.99
N GLU H 4869 -30.80 35.53 -108.76
CA GLU H 4869 -30.11 36.31 -107.72
C GLU H 4869 -29.75 35.40 -106.56
N PRO H 4870 -28.56 34.79 -106.57
CA PRO H 4870 -28.16 33.97 -105.44
C PRO H 4870 -27.84 34.80 -104.21
N ASP H 4871 -27.92 34.15 -103.05
CA ASP H 4871 -27.62 34.77 -101.76
C ASP H 4871 -26.63 33.88 -101.02
N MET H 4872 -25.35 34.07 -101.29
CA MET H 4872 -24.33 33.22 -100.71
C MET H 4872 -24.00 33.71 -99.30
N LYS H 4873 -24.07 32.80 -98.33
CA LYS H 4873 -23.85 33.13 -96.93
C LYS H 4873 -22.44 32.87 -96.46
N CYS H 4874 -21.55 32.38 -97.34
CA CYS H 4874 -20.18 32.10 -96.94
C CYS H 4874 -19.18 32.59 -97.97
N ASP H 4875 -19.51 33.68 -98.67
CA ASP H 4875 -18.57 34.32 -99.58
C ASP H 4875 -17.71 35.36 -98.88
N ASP H 4876 -17.86 35.52 -97.57
CA ASP H 4876 -16.98 36.35 -96.76
C ASP H 4876 -17.03 35.85 -95.34
N MET H 4877 -15.90 35.95 -94.64
CA MET H 4877 -15.78 35.30 -93.34
C MET H 4877 -16.76 35.87 -92.33
N MET H 4878 -16.97 37.19 -92.34
CA MET H 4878 -17.89 37.78 -91.37
C MET H 4878 -19.30 37.25 -91.55
N THR H 4879 -19.79 37.23 -92.79
CA THR H 4879 -21.12 36.71 -93.05
C THR H 4879 -21.21 35.24 -92.72
N CYS H 4880 -20.17 34.45 -93.06
CA CYS H 4880 -20.22 33.03 -92.77
C CYS H 4880 -20.23 32.78 -91.26
N TYR H 4881 -19.44 33.53 -90.51
CA TYR H 4881 -19.42 33.37 -89.06
C TYR H 4881 -20.75 33.74 -88.45
N LEU H 4882 -21.34 34.85 -88.89
CA LEU H 4882 -22.65 35.22 -88.39
C LEU H 4882 -23.68 34.14 -88.71
N PHE H 4883 -23.65 33.64 -89.95
CA PHE H 4883 -24.59 32.60 -90.35
C PHE H 4883 -24.44 31.38 -89.46
N HIS H 4884 -23.21 30.91 -89.26
CA HIS H 4884 -23.01 29.74 -88.42
C HIS H 4884 -23.53 29.99 -87.02
N MET H 4885 -23.05 31.05 -86.37
CA MET H 4885 -23.42 31.28 -84.97
C MET H 4885 -24.91 31.51 -84.79
N TYR H 4886 -25.59 32.05 -85.81
CA TYR H 4886 -27.00 32.40 -85.66
C TYR H 4886 -27.93 31.27 -86.05
N VAL H 4887 -27.58 30.48 -87.07
CA VAL H 4887 -28.47 29.46 -87.58
C VAL H 4887 -28.04 28.07 -87.14
N GLY H 4888 -26.76 27.72 -87.29
CA GLY H 4888 -26.35 26.36 -87.00
C GLY H 4888 -26.48 26.02 -85.52
N VAL H 4889 -26.16 26.97 -84.65
CA VAL H 4889 -26.25 26.72 -83.22
C VAL H 4889 -27.70 26.51 -82.80
N ARG H 4890 -28.63 27.27 -83.39
CA ARG H 4890 -30.04 27.15 -83.04
C ARG H 4890 -30.72 25.99 -83.75
N ALA H 4891 -30.13 25.45 -84.81
CA ALA H 4891 -30.74 24.35 -85.53
C ALA H 4891 -30.69 23.08 -84.70
N GLY H 4892 -31.75 22.27 -84.81
CA GLY H 4892 -31.80 21.04 -84.04
C GLY H 4892 -30.69 20.07 -84.41
N GLY H 4893 -30.42 19.93 -85.71
CA GLY H 4893 -29.38 19.04 -86.19
C GLY H 4893 -28.10 19.73 -86.61
N GLY H 4894 -27.91 20.99 -86.25
CA GLY H 4894 -26.70 21.69 -86.61
C GLY H 4894 -26.80 22.39 -87.96
N ILE H 4895 -25.64 22.70 -88.51
CA ILE H 4895 -25.57 23.49 -89.74
C ILE H 4895 -26.00 22.66 -90.95
N GLY H 4896 -25.99 21.33 -90.82
CA GLY H 4896 -26.41 20.49 -91.91
C GLY H 4896 -27.89 20.61 -92.21
N ASP H 4897 -28.69 20.98 -91.21
CA ASP H 4897 -30.11 21.21 -91.44
C ASP H 4897 -30.36 22.38 -92.38
N GLU H 4898 -29.44 23.35 -92.42
CA GLU H 4898 -29.71 24.63 -93.08
C GLU H 4898 -28.82 24.87 -94.30
N ILE H 4899 -27.82 24.03 -94.53
CA ILE H 4899 -27.02 24.14 -95.75
C ILE H 4899 -27.47 23.07 -96.73
N GLU H 4900 -27.00 23.20 -97.97
CA GLU H 4900 -27.49 22.39 -99.07
C GLU H 4900 -27.07 20.93 -98.92
N ASP H 4901 -27.90 20.04 -99.46
CA ASP H 4901 -27.65 18.61 -99.32
C ASP H 4901 -26.38 18.22 -100.05
N PRO H 4902 -25.48 17.47 -99.41
CA PRO H 4902 -24.21 17.12 -100.06
C PRO H 4902 -24.26 15.89 -100.94
N ALA H 4903 -25.38 15.17 -100.96
CA ALA H 4903 -25.44 13.91 -101.69
C ALA H 4903 -25.09 14.12 -103.15
N GLY H 4904 -24.24 13.25 -103.69
CA GLY H 4904 -23.85 13.29 -105.07
C GLY H 4904 -22.63 14.13 -105.37
N ASP H 4905 -22.09 14.83 -104.38
CA ASP H 4905 -20.95 15.70 -104.57
C ASP H 4905 -19.65 14.95 -104.28
N GLU H 4906 -18.57 15.39 -104.93
CA GLU H 4906 -17.27 14.75 -104.71
C GLU H 4906 -16.82 14.85 -103.26
N TYR H 4907 -17.28 15.86 -102.53
CA TYR H 4907 -16.93 16.04 -101.12
C TYR H 4907 -18.06 15.58 -100.21
N GLU H 4908 -18.84 14.58 -100.62
CA GLU H 4908 -19.99 14.17 -99.83
C GLU H 4908 -19.58 13.65 -98.46
N LEU H 4909 -18.58 12.76 -98.43
CA LEU H 4909 -18.15 12.21 -97.15
C LEU H 4909 -17.54 13.28 -96.27
N TYR H 4910 -16.78 14.21 -96.85
CA TYR H 4910 -16.24 15.31 -96.08
C TYR H 4910 -17.36 16.14 -95.48
N ARG H 4911 -18.41 16.40 -96.25
CA ARG H 4911 -19.51 17.22 -95.76
C ARG H 4911 -20.28 16.51 -94.66
N VAL H 4912 -20.51 15.20 -94.79
CA VAL H 4912 -21.25 14.50 -93.75
C VAL H 4912 -20.42 14.44 -92.47
N VAL H 4913 -19.10 14.26 -92.60
CA VAL H 4913 -18.26 14.29 -91.40
C VAL H 4913 -18.34 15.68 -90.76
N PHE H 4914 -18.27 16.72 -91.59
CA PHE H 4914 -18.40 18.09 -91.11
C PHE H 4914 -19.68 18.27 -90.30
N ASP H 4915 -20.81 17.89 -90.88
CA ASP H 4915 -22.10 18.11 -90.24
C ASP H 4915 -22.24 17.26 -88.97
N ILE H 4916 -21.82 15.99 -89.03
CA ILE H 4916 -21.97 15.12 -87.87
C ILE H 4916 -21.11 15.61 -86.72
N THR H 4917 -19.88 16.01 -87.00
CA THR H 4917 -19.02 16.51 -85.93
C THR H 4917 -19.55 17.82 -85.37
N PHE H 4918 -20.08 18.70 -86.24
CA PHE H 4918 -20.70 19.91 -85.71
C PHE H 4918 -21.84 19.57 -84.78
N PHE H 4919 -22.69 18.64 -85.20
CA PHE H 4919 -23.83 18.26 -84.37
C PHE H 4919 -23.38 17.69 -83.03
N PHE H 4920 -22.34 16.84 -83.04
CA PHE H 4920 -21.96 16.17 -81.81
C PHE H 4920 -21.18 17.07 -80.88
N PHE H 4921 -20.35 17.98 -81.41
CA PHE H 4921 -19.55 18.84 -80.55
C PHE H 4921 -20.30 20.07 -80.09
N VAL H 4922 -21.05 20.72 -80.98
CA VAL H 4922 -21.70 21.98 -80.64
C VAL H 4922 -23.07 21.74 -80.03
N ILE H 4923 -23.87 20.85 -80.63
CA ILE H 4923 -25.25 20.68 -80.20
C ILE H 4923 -25.39 19.71 -79.03
N VAL H 4924 -24.63 18.62 -79.03
CA VAL H 4924 -24.81 17.56 -78.06
C VAL H 4924 -23.95 17.78 -76.81
N ILE H 4925 -22.70 18.19 -77.00
CA ILE H 4925 -21.75 18.22 -75.88
C ILE H 4925 -21.73 19.57 -75.20
N LEU H 4926 -21.54 20.67 -75.94
CA LEU H 4926 -21.40 21.97 -75.29
C LEU H 4926 -22.68 22.37 -74.57
N LEU H 4927 -23.83 22.21 -75.23
CA LEU H 4927 -25.09 22.45 -74.54
C LEU H 4927 -25.25 21.52 -73.35
N ALA H 4928 -24.82 20.27 -73.49
CA ALA H 4928 -24.82 19.36 -72.35
C ALA H 4928 -23.91 19.87 -71.24
N ILE H 4929 -22.80 20.51 -71.61
CA ILE H 4929 -21.93 21.08 -70.58
C ILE H 4929 -22.67 22.17 -69.81
N ILE H 4930 -23.41 23.02 -70.53
CA ILE H 4930 -24.16 24.07 -69.86
C ILE H 4930 -25.19 23.47 -68.90
N GLN H 4931 -25.96 22.51 -69.38
CA GLN H 4931 -26.99 21.92 -68.54
C GLN H 4931 -26.38 21.22 -67.33
N GLY H 4932 -25.25 20.53 -67.53
CA GLY H 4932 -24.59 19.88 -66.43
C GLY H 4932 -24.05 20.86 -65.41
N LEU H 4933 -23.57 22.02 -65.88
CA LEU H 4933 -23.14 23.04 -64.94
C LEU H 4933 -24.29 23.49 -64.06
N ILE H 4934 -25.47 23.70 -64.65
CA ILE H 4934 -26.62 24.11 -63.86
C ILE H 4934 -27.00 23.03 -62.85
N ILE H 4935 -27.03 21.77 -63.30
CA ILE H 4935 -27.42 20.68 -62.41
C ILE H 4935 -26.43 20.53 -61.26
N ASP H 4936 -25.13 20.62 -61.57
CA ASP H 4936 -24.12 20.54 -60.53
C ASP H 4936 -24.25 21.69 -59.55
N ALA H 4937 -24.63 22.87 -60.03
CA ALA H 4937 -24.87 23.97 -59.11
C ALA H 4937 -26.00 23.65 -58.14
N PHE H 4938 -27.10 23.10 -58.66
CA PHE H 4938 -28.17 22.67 -57.77
C PHE H 4938 -27.65 21.72 -56.70
N GLY H 4939 -26.94 20.68 -57.13
CA GLY H 4939 -26.46 19.69 -56.19
C GLY H 4939 -25.53 20.28 -55.14
N GLU H 4940 -24.64 21.17 -55.56
CA GLU H 4940 -23.67 21.74 -54.62
C GLU H 4940 -24.35 22.65 -53.60
N LEU H 4941 -25.34 23.43 -54.04
CA LEU H 4941 -26.05 24.27 -53.08
C LEU H 4941 -26.79 23.42 -52.06
N ARG H 4942 -27.46 22.36 -52.52
CA ARG H 4942 -28.12 21.47 -51.57
C ARG H 4942 -27.11 20.87 -50.60
N ASP H 4943 -25.94 20.50 -51.11
CA ASP H 4943 -24.90 19.93 -50.25
C ASP H 4943 -24.46 20.94 -49.19
N GLN H 4944 -24.31 22.21 -49.58
CA GLN H 4944 -23.93 23.22 -48.61
C GLN H 4944 -24.97 23.33 -47.50
N GLN H 4945 -26.24 23.39 -47.87
CA GLN H 4945 -27.30 23.49 -46.85
C GLN H 4945 -27.26 22.28 -45.92
N GLU H 4946 -27.15 21.08 -46.48
CA GLU H 4946 -27.12 19.88 -45.66
C GLU H 4946 -25.92 19.87 -44.74
N GLN H 4947 -24.77 20.32 -45.24
CA GLN H 4947 -23.57 20.34 -44.41
C GLN H 4947 -23.75 21.29 -43.23
N VAL H 4948 -24.32 22.46 -43.47
CA VAL H 4948 -24.55 23.39 -42.36
C VAL H 4948 -25.47 22.75 -41.33
N LYS H 4949 -26.57 22.15 -41.79
CA LYS H 4949 -27.51 21.54 -40.86
C LYS H 4949 -26.83 20.45 -40.03
N GLU H 4950 -26.09 19.57 -40.70
CA GLU H 4950 -25.44 18.47 -40.00
C GLU H 4950 -24.41 18.97 -39.00
N ASP H 4951 -23.62 19.97 -39.39
CA ASP H 4951 -22.62 20.50 -38.48
C ASP H 4951 -23.27 21.08 -37.24
N MET H 4952 -24.35 21.85 -37.42
CA MET H 4952 -25.01 22.43 -36.26
C MET H 4952 -25.63 21.35 -35.37
N GLU H 4953 -26.14 20.27 -35.96
CA GLU H 4953 -26.81 19.24 -35.17
C GLU H 4953 -25.87 18.20 -34.59
N THR H 4954 -24.60 18.18 -34.98
CA THR H 4954 -23.67 17.16 -34.51
C THR H 4954 -22.46 17.71 -33.78
N LYS H 4955 -22.42 19.00 -33.47
CA LYS H 4955 -21.22 19.59 -32.89
C LYS H 4955 -21.59 20.91 -32.23
N CYS H 4956 -20.95 21.20 -31.10
CA CYS H 4956 -21.20 22.46 -30.42
C CYS H 4956 -20.52 23.61 -31.16
N PHE H 4957 -21.27 24.68 -31.38
CA PHE H 4957 -20.76 25.80 -32.17
C PHE H 4957 -19.66 26.54 -31.44
N ILE H 4958 -19.61 26.45 -30.12
CA ILE H 4958 -18.64 27.20 -29.33
C ILE H 4958 -17.39 26.38 -29.07
N CYS H 4959 -17.51 25.26 -28.37
CA CYS H 4959 -16.34 24.48 -27.99
C CYS H 4959 -15.90 23.49 -29.06
N GLY H 4960 -16.79 23.11 -29.96
CA GLY H 4960 -16.44 22.20 -31.03
C GLY H 4960 -16.49 20.73 -30.68
N ILE H 4961 -16.81 20.38 -29.43
CA ILE H 4961 -16.94 18.98 -29.08
C ILE H 4961 -18.18 18.39 -29.74
N GLY H 4962 -18.06 17.14 -30.18
CA GLY H 4962 -19.16 16.51 -30.89
C GLY H 4962 -20.27 16.06 -29.98
N SER H 4963 -21.43 15.82 -30.58
CA SER H 4963 -22.58 15.39 -29.81
C SER H 4963 -22.31 14.05 -29.12
N ASP H 4964 -21.68 13.12 -29.84
CA ASP H 4964 -21.42 11.79 -29.29
C ASP H 4964 -20.94 11.84 -27.84
N TYR H 4965 -20.03 12.78 -27.53
CA TYR H 4965 -19.54 12.88 -26.16
C TYR H 4965 -20.64 13.30 -25.20
N PHE H 4966 -21.39 14.34 -25.56
CA PHE H 4966 -22.39 14.89 -24.65
C PHE H 4966 -23.54 13.93 -24.44
N ASP H 4967 -23.94 13.22 -25.48
CA ASP H 4967 -25.08 12.32 -25.42
C ASP H 4967 -24.84 11.10 -24.54
N THR H 4968 -23.67 10.97 -23.91
CA THR H 4968 -23.49 9.93 -22.92
C THR H 4968 -24.44 10.14 -21.76
N THR H 4969 -24.82 11.38 -21.49
CA THR H 4969 -25.88 11.73 -20.56
C THR H 4969 -27.19 11.90 -21.31
N PRO H 4970 -28.35 11.56 -20.74
CA PRO H 4970 -29.61 11.67 -21.50
C PRO H 4970 -29.85 13.09 -22.01
N HIS H 4971 -30.01 13.24 -23.32
CA HIS H 4971 -30.22 14.54 -23.94
C HIS H 4971 -29.07 15.49 -23.61
N GLY H 4972 -27.87 14.92 -23.50
CA GLY H 4972 -26.73 15.71 -23.09
C GLY H 4972 -26.38 16.82 -24.07
N PHE H 4973 -26.44 16.53 -25.37
CA PHE H 4973 -26.11 17.55 -26.35
C PHE H 4973 -27.11 18.69 -26.32
N GLU H 4974 -28.41 18.37 -26.24
CA GLU H 4974 -29.41 19.42 -26.17
C GLU H 4974 -29.22 20.27 -24.92
N THR H 4975 -29.00 19.62 -23.78
CA THR H 4975 -28.75 20.37 -22.56
C THR H 4975 -27.53 21.26 -22.69
N HIS H 4976 -26.45 20.73 -23.28
CA HIS H 4976 -25.23 21.51 -23.42
C HIS H 4976 -25.43 22.73 -24.29
N THR H 4977 -26.09 22.55 -25.43
CA THR H 4977 -26.23 23.66 -26.38
C THR H 4977 -27.35 24.61 -25.99
N LEU H 4978 -28.23 24.26 -25.06
CA LEU H 4978 -29.27 25.17 -24.62
C LEU H 4978 -28.95 25.85 -23.29
N GLU H 4979 -28.16 25.25 -22.42
CA GLU H 4979 -27.96 25.74 -21.07
C GLU H 4979 -26.52 25.99 -20.69
N GLU H 4980 -25.55 25.50 -21.45
CA GLU H 4980 -24.14 25.60 -21.09
C GLU H 4980 -23.35 26.45 -22.07
N HIS H 4981 -23.44 26.18 -23.37
CA HIS H 4981 -22.67 26.90 -24.37
C HIS H 4981 -23.58 27.58 -25.38
N ASN H 4982 -24.61 28.27 -24.91
CA ASN H 4982 -25.54 28.92 -25.82
C ASN H 4982 -24.93 30.21 -26.36
N LEU H 4983 -24.83 30.29 -27.69
CA LEU H 4983 -24.25 31.48 -28.31
C LEU H 4983 -25.12 32.71 -28.04
N ALA H 4984 -26.44 32.52 -27.95
CA ALA H 4984 -27.30 33.60 -27.51
C ALA H 4984 -26.89 34.08 -26.12
N ASN H 4985 -26.54 33.14 -25.24
CA ASN H 4985 -26.10 33.53 -23.90
C ASN H 4985 -24.79 34.29 -23.95
N TYR H 4986 -23.89 33.93 -24.86
CA TYR H 4986 -22.66 34.72 -24.99
C TYR H 4986 -22.94 36.14 -25.47
N MET H 4987 -23.85 36.30 -26.42
CA MET H 4987 -24.25 37.64 -26.84
C MET H 4987 -24.85 38.42 -25.68
N PHE H 4988 -25.75 37.78 -24.93
CA PHE H 4988 -26.36 38.43 -23.78
C PHE H 4988 -25.31 38.83 -22.76
N PHE H 4989 -24.29 38.00 -22.57
CA PHE H 4989 -23.23 38.33 -21.64
C PHE H 4989 -22.46 39.56 -22.10
N LEU H 4990 -22.19 39.66 -23.40
CA LEU H 4990 -21.52 40.85 -23.90
C LEU H 4990 -22.37 42.09 -23.61
N MET H 4991 -23.67 42.01 -23.89
CA MET H 4991 -24.54 43.16 -23.62
C MET H 4991 -24.54 43.50 -22.14
N TYR H 4992 -24.61 42.49 -21.29
CA TYR H 4992 -24.62 42.70 -19.84
C TYR H 4992 -23.34 43.36 -19.36
N LEU H 4993 -22.20 42.90 -19.88
CA LEU H 4993 -20.93 43.53 -19.51
C LEU H 4993 -20.88 44.98 -19.95
N ILE H 4994 -21.35 45.26 -21.16
CA ILE H 4994 -21.36 46.64 -21.63
C ILE H 4994 -22.21 47.51 -20.72
N ASN H 4995 -23.38 47.02 -20.33
CA ASN H 4995 -24.30 47.84 -19.56
C ASN H 4995 -23.88 47.99 -18.11
N LYS H 4996 -23.18 47.01 -17.53
CA LYS H 4996 -22.84 47.07 -16.11
C LYS H 4996 -21.67 48.01 -15.87
N ASP H 4997 -21.69 48.66 -14.71
CA ASP H 4997 -20.57 49.51 -14.30
C ASP H 4997 -19.31 48.69 -14.08
N GLU H 4998 -18.17 49.26 -14.42
CA GLU H 4998 -16.91 48.54 -14.25
C GLU H 4998 -16.55 48.36 -12.79
N THR H 4999 -16.85 49.34 -11.93
CA THR H 4999 -16.58 49.20 -10.51
C THR H 4999 -17.46 48.15 -9.85
N GLU H 5000 -18.49 47.68 -10.54
CA GLU H 5000 -19.35 46.63 -10.04
C GLU H 5000 -19.05 45.27 -10.64
N HIS H 5001 -18.14 45.19 -11.61
CA HIS H 5001 -17.78 43.91 -12.20
C HIS H 5001 -17.23 42.97 -11.14
N THR H 5002 -17.60 41.69 -11.25
CA THR H 5002 -16.97 40.66 -10.44
C THR H 5002 -15.61 40.33 -11.03
N GLY H 5003 -14.89 39.41 -10.39
CA GLY H 5003 -13.59 39.03 -10.90
C GLY H 5003 -13.66 38.44 -12.30
N GLN H 5004 -14.58 37.50 -12.51
CA GLN H 5004 -14.72 36.88 -13.82
C GLN H 5004 -15.22 37.87 -14.86
N GLU H 5005 -16.16 38.73 -14.50
CA GLU H 5005 -16.64 39.74 -15.43
C GLU H 5005 -15.52 40.69 -15.82
N SER H 5006 -14.69 41.11 -14.86
CA SER H 5006 -13.56 41.96 -15.18
C SER H 5006 -12.57 41.26 -16.08
N TYR H 5007 -12.31 39.98 -15.83
CA TYR H 5007 -11.41 39.22 -16.69
C TYR H 5007 -11.91 39.20 -18.12
N VAL H 5008 -13.18 38.85 -18.31
CA VAL H 5008 -13.74 38.77 -19.66
C VAL H 5008 -13.79 40.15 -20.29
N TRP H 5009 -14.06 41.19 -19.51
CA TRP H 5009 -14.12 42.54 -20.05
C TRP H 5009 -12.76 43.00 -20.54
N LYS H 5010 -11.71 42.72 -19.77
CA LYS H 5010 -10.38 43.06 -20.21
C LYS H 5010 -10.01 42.30 -21.48
N MET H 5011 -10.36 41.02 -21.55
CA MET H 5011 -10.08 40.27 -22.77
C MET H 5011 -10.84 40.85 -23.96
N TYR H 5012 -12.09 41.27 -23.75
CA TYR H 5012 -12.85 41.90 -24.83
C TYR H 5012 -12.17 43.17 -25.31
N GLN H 5013 -11.72 44.01 -24.37
CA GLN H 5013 -11.10 45.27 -24.75
C GLN H 5013 -9.78 45.04 -25.48
N GLU H 5014 -9.03 44.01 -25.10
CA GLU H 5014 -7.78 43.68 -25.78
C GLU H 5014 -8.01 42.84 -27.02
N ARG H 5015 -9.24 42.41 -27.29
CA ARG H 5015 -9.56 41.59 -28.46
C ARG H 5015 -8.84 40.25 -28.39
N CYS H 5016 -8.82 39.65 -27.21
CA CYS H 5016 -8.29 38.31 -27.01
C CYS H 5016 -9.46 37.36 -26.75
N TRP H 5017 -9.55 36.30 -27.54
CA TRP H 5017 -10.69 35.39 -27.50
C TRP H 5017 -10.34 34.07 -26.82
N ASP H 5018 -9.40 34.12 -25.87
CA ASP H 5018 -8.99 32.92 -25.17
C ASP H 5018 -10.00 32.47 -24.12
N PHE H 5019 -10.90 33.36 -23.69
CA PHE H 5019 -11.86 32.97 -22.66
C PHE H 5019 -12.94 32.06 -23.22
N PHE H 5020 -13.17 32.09 -24.52
CA PHE H 5020 -14.12 31.17 -25.12
C PHE H 5020 -13.62 29.74 -24.94
N PRO H 5021 -14.44 28.83 -24.40
CA PRO H 5021 -13.99 27.44 -24.27
C PRO H 5021 -13.82 26.79 -25.64
N ALA H 5022 -12.66 26.18 -25.85
CA ALA H 5022 -12.33 25.56 -27.13
C ALA H 5022 -11.82 24.16 -26.85
N GLY H 5023 -12.62 23.16 -27.21
CA GLY H 5023 -12.26 21.78 -26.95
C GLY H 5023 -12.41 21.34 -25.52
N ASP H 5024 -13.01 22.18 -24.66
CA ASP H 5024 -13.16 21.87 -23.25
C ASP H 5024 -14.51 22.33 -22.77
N CYS H 5025 -14.94 21.80 -21.64
CA CYS H 5025 -16.24 22.15 -21.07
C CYS H 5025 -16.22 21.83 -19.59
N PHE H 5026 -17.27 22.27 -18.90
CA PHE H 5026 -17.41 22.01 -17.47
C PHE H 5026 -17.48 20.52 -17.19
N ARG H 5027 -18.26 19.79 -17.98
CA ARG H 5027 -18.38 18.34 -17.77
C ARG H 5027 -17.04 17.64 -17.98
N LYS H 5028 -16.32 18.02 -19.03
CA LYS H 5028 -15.00 17.44 -19.26
C LYS H 5028 -14.05 17.78 -18.11
N GLN H 5029 -14.11 19.01 -17.63
CA GLN H 5029 -13.22 19.43 -16.55
C GLN H 5029 -13.48 18.62 -15.28
N TYR H 5030 -14.74 18.38 -14.95
CA TYR H 5030 -15.10 17.68 -13.72
C TYR H 5030 -15.77 16.35 -14.01
N GLU H 5031 -15.23 15.61 -14.97
CA GLU H 5031 -15.82 14.33 -15.34
C GLU H 5031 -15.96 13.39 -14.14
N ASP H 5032 -14.87 13.17 -13.41
CA ASP H 5032 -14.91 12.18 -12.34
C ASP H 5032 -15.69 12.70 -11.13
N GLN H 5033 -15.50 13.98 -10.78
CA GLN H 5033 -16.26 14.54 -9.68
C GLN H 5033 -17.75 14.53 -9.97
N LEU H 5034 -18.14 14.87 -11.19
CA LEU H 5034 -19.56 14.90 -11.53
C LEU H 5034 -20.14 13.50 -11.67
N SER H 5035 -19.31 12.51 -11.93
CA SER H 5035 -19.78 11.14 -12.11
C SER H 5035 -20.39 10.60 -10.82
ZN ZN I . -29.38 0.49 -27.62
N1 CFF J . -51.90 3.78 -22.10
C2 CFF J . -52.76 3.42 -21.12
C10 CFF J . -50.72 4.60 -21.80
C6 CFF J . -52.12 3.40 -23.34
N3 CFF J . -53.83 2.67 -21.42
O11 CFF J . -52.57 3.76 -20.01
C12 CFF J . -54.76 2.28 -20.37
C4 CFF J . -54.06 2.28 -22.68
C5 CFF J . -53.22 2.64 -23.64
N9 CFF J . -55.03 1.55 -23.23
O13 CFF J . -51.37 3.72 -24.20
N7 CFF J . -53.66 2.13 -24.79
C8 CFF J . -54.78 1.45 -24.53
C14 CFF J . -53.33 2.07 -26.20
PG ATP K . -38.76 -6.04 -41.95
O1G ATP K . -37.89 -4.88 -42.31
O2G ATP K . -40.25 -5.76 -42.08
O3G ATP K . -38.41 -7.32 -42.72
PB ATP K . -37.59 -7.31 -39.51
O1B ATP K . -38.18 -7.58 -38.18
O2B ATP K . -37.19 -8.54 -40.33
O3B ATP K . -38.55 -6.44 -40.42
PA ATP K . -35.79 -5.05 -40.12
O1A ATP K . -36.73 -3.93 -39.92
O2A ATP K . -35.48 -5.38 -41.57
O3A ATP K . -36.30 -6.38 -39.42
O5' ATP K . -34.42 -4.78 -39.37
C5' ATP K . -34.28 -3.71 -38.41
C4' ATP K . -32.98 -3.00 -38.68
O4' ATP K . -32.86 -1.95 -37.70
C3' ATP K . -31.80 -3.92 -38.41
O3' ATP K . -30.71 -3.40 -39.16
C2' ATP K . -31.47 -3.62 -36.95
O2' ATP K . -30.08 -3.79 -36.81
C1' ATP K . -31.67 -2.11 -36.96
N9 ATP K . -31.91 -1.59 -35.63
C8 ATP K . -31.19 -0.61 -35.00
N7 ATP K . -31.59 -0.32 -33.80
C5 ATP K . -32.67 -1.18 -33.60
C6 ATP K . -33.55 -1.38 -32.52
N6 ATP K . -33.48 -0.70 -31.38
N1 ATP K . -34.52 -2.31 -32.66
C2 ATP K . -34.59 -3.00 -33.80
N3 ATP K . -33.82 -2.90 -34.90
C4 ATP K . -32.87 -1.96 -34.73
CA CA L . -49.05 -6.74 -5.54
C1 PCW M . -34.71 53.97 -82.50
C2 PCW M . -33.89 53.52 -81.28
C3 PCW M . -32.49 53.12 -81.71
C4 PCW M . -38.06 54.27 -80.14
C5 PCW M . -39.53 54.83 -80.15
C6 PCW M . -40.33 52.68 -79.14
C7 PCW M . -41.88 54.40 -79.70
C8 PCW M . -40.78 53.17 -81.44
C11 PCW M . -32.21 50.76 -81.44
C12 PCW M . -33.00 49.45 -81.52
C13 PCW M . -33.13 48.85 -80.10
C14 PCW M . -33.71 47.41 -80.21
C15 PCW M . -33.67 46.78 -78.80
C16 PCW M . -32.29 46.08 -78.58
C17 PCW M . -32.25 44.77 -79.40
C18 PCW M . -31.43 43.72 -78.61
C19 PCW M . -32.35 43.13 -77.52
C20 PCW M . -32.56 42.13 -76.61
C21 PCW M . -32.28 40.78 -75.89
C22 PCW M . -32.81 40.83 -74.43
C23 PCW M . -34.09 41.71 -74.28
C24 PCW M . -35.00 41.08 -73.20
C25 PCW M . -34.29 41.02 -71.81
C26 PCW M . -35.01 39.97 -70.91
C27 PCW M . -33.99 38.95 -70.34
C28 PCW M . -33.36 39.49 -69.04
C31 PCW M . -33.96 54.07 -79.00
C32 PCW M . -32.72 54.11 -78.03
C33 PCW M . -32.69 52.81 -77.16
C34 PCW M . -33.88 52.81 -76.11
C35 PCW M . -33.34 52.38 -74.70
C36 PCW M . -32.74 50.93 -74.73
C37 PCW M . -33.89 49.88 -74.54
C38 PCW M . -33.84 48.85 -75.72
C39 PCW M . -34.47 47.50 -75.27
C40 PCW M . -33.74 46.54 -74.67
C41 PCW M . -32.22 46.73 -74.39
C42 PCW M . -31.75 45.58 -73.47
C43 PCW M . -31.38 44.35 -74.33
C44 PCW M . -29.83 44.29 -74.54
C45 PCW M . -29.21 43.39 -73.44
C46 PCW M . -28.99 41.97 -74.02
C47 PCW M . -28.48 41.02 -72.91
C48 PCW M . -29.68 40.27 -72.30
N PCW M . -40.63 53.76 -80.10
O2 PCW M . -33.81 54.56 -80.33
O3 PCW M . -32.56 51.83 -82.30
O11 PCW M . -31.30 50.87 -80.67
O31 PCW M . -34.99 53.63 -78.64
O1P PCW M . -37.37 55.18 -83.81
O2P PCW M . -37.47 56.62 -81.80
O3P PCW M . -35.32 55.22 -82.23
O4P PCW M . -37.63 54.02 -81.49
P PCW M . -36.98 55.30 -82.37
C1 PCW N . -69.86 15.10 -72.36
C2 PCW N . -69.20 16.45 -72.02
C3 PCW N . -70.23 17.37 -71.38
C4 PCW N . -73.63 12.52 -73.74
C5 PCW N . -74.85 12.64 -72.75
C6 PCW N . -76.35 12.38 -74.72
C7 PCW N . -76.10 14.55 -73.67
C8 PCW N . -77.27 12.76 -72.55
C11 PCW N . -70.83 17.56 -69.06
C12 PCW N . -70.82 16.90 -67.68
C13 PCW N . -71.87 17.56 -66.75
C14 PCW N . -71.25 17.83 -65.35
C15 PCW N . -70.87 19.34 -65.26
C16 PCW N . -69.90 19.58 -64.06
C17 PCW N . -68.54 18.91 -64.37
C18 PCW N . -67.38 19.61 -63.60
C19 PCW N . -66.36 18.55 -63.07
C20 PCW N . -65.59 17.46 -63.43
C21 PCW N . -65.04 16.40 -64.42
C22 PCW N . -64.43 17.03 -65.71
C23 PCW N . -63.55 15.93 -66.38
C24 PCW N . -62.03 15.95 -66.03
C25 PCW N . -61.63 16.86 -64.83
C26 PCW N . -61.16 18.23 -65.42
C27 PCW N . -60.55 19.15 -64.32
C28 PCW N . -61.43 19.13 -63.06
C31 PCW N . -67.07 15.52 -71.69
C32 PCW N . -66.62 14.20 -70.97
C33 PCW N . -65.39 13.52 -71.63
C34 PCW N . -64.22 14.52 -71.96
C35 PCW N . -63.83 15.39 -70.70
C36 PCW N . -62.41 14.93 -70.21
C37 PCW N . -62.68 13.72 -69.24
C38 PCW N . -61.72 12.50 -69.46
C39 PCW N . -60.38 12.86 -70.19
C40 PCW N . -59.19 12.92 -69.56
C41 PCW N . -59.03 12.64 -68.05
C42 PCW N . -59.63 13.80 -67.21
C43 PCW N . -58.75 15.07 -67.36
C44 PCW N . -57.56 15.01 -66.38
C45 PCW N . -57.30 16.43 -65.81
C46 PCW N . -56.40 16.33 -64.55
C47 PCW N . -55.94 17.75 -64.15
C48 PCW N . -56.89 18.34 -63.09
N PCW N . -76.14 13.10 -73.44
O2 PCW N . -68.13 16.27 -71.14
O3 PCW N . -70.78 16.75 -70.23
O11 PCW N . -70.90 18.74 -69.16
O31 PCW N . -66.54 15.91 -72.67
O1P PCW N . -73.08 15.31 -74.52
O2P PCW N . -72.93 15.51 -72.07
O3P PCW N . -70.74 15.28 -73.45
O4P PCW N . -72.47 13.17 -73.16
P PCW N . -72.34 14.85 -73.29
PG ATP O . -122.14 52.76 92.65
O1G ATP O . -121.19 53.15 93.73
O2G ATP O . -122.96 51.51 92.98
O3G ATP O . -121.48 52.58 91.27
PB ATP O . -123.84 55.17 93.16
O1B ATP O . -123.78 55.04 94.63
O2B ATP O . -125.23 55.42 92.59
O3B ATP O . -123.24 53.90 92.42
PA ATP O . -122.68 57.88 92.95
O1A ATP O . -122.57 58.69 91.71
O2A ATP O . -123.80 58.32 93.89
O3A ATP O . -122.89 56.34 92.63
O5' ATP O . -121.32 57.90 93.77
C5' ATP O . -120.34 56.86 93.59
C4' ATP O . -118.98 57.50 93.50
O4' ATP O . -118.01 56.44 93.64
C3' ATP O . -118.71 58.00 92.08
O3' ATP O . -119.09 59.37 92.08
C2' ATP O . -117.18 57.97 92.05
O2' ATP O . -116.76 58.97 92.96
C1' ATP O . -116.90 56.66 92.78
N9 ATP O . -116.86 55.54 91.85
C8 ATP O . -117.75 54.49 91.78
N7 ATP O . -117.48 53.62 90.84
C5 ATP O . -116.34 54.14 90.24
C6 ATP O . -115.55 53.69 89.16
N6 ATP O . -115.79 52.57 88.47
N1 ATP O . -114.48 54.44 88.81
C2 ATP O . -114.23 55.56 89.50
N3 ATP O . -114.90 56.07 90.52
C4 ATP O . -115.95 55.31 90.85
C4 A1BYZ P . -57.63 11.28 -58.78
C5 A1BYZ P . -59.92 11.60 -57.79
C6 A1BYZ P . -59.23 12.85 -59.83
C10 A1BYZ P . -58.16 14.91 -61.50
C13 A1BYZ P . -60.64 15.92 -60.37
C15 A1BYZ P . -59.89 15.70 -58.03
C17 A1BYZ P . -61.93 16.93 -58.60
C20 A1BYZ P . -58.71 15.50 -57.09
C21 A1BYZ P . -59.09 15.03 -55.69
C22 A1BYZ P . -58.58 15.92 -54.57
C24 A1BYZ P . -56.28 14.97 -54.28
C26 A1BYZ P . -57.93 15.04 -52.40
C1 A1BYZ P . -61.12 10.50 -60.30
C11 A1BYZ P . -59.34 15.31 -62.40
C12 A1BYZ P . -60.61 15.58 -61.66
C14 A1BYZ P . -59.44 15.91 -59.50
C16 A1BYZ P . -60.80 16.83 -57.62
C18 A1BYZ P . -61.89 16.33 -59.78
C19 A1BYZ P . -60.11 18.18 -57.44
C2 A1BYZ P . -59.64 10.39 -59.95
C23 A1BYZ P . -57.09 16.19 -54.67
C25 A1BYZ P . -56.57 14.59 -52.84
C3 A1BYZ P . -59.12 11.52 -59.09
C30 A1BYZ P . -59.54 14.25 -63.48
C9 A1BYZ P . -58.26 15.05 -59.99
O27 A1BYZ P . -58.22 15.25 -51.25
O28 A1BYZ P . -58.88 15.23 -53.33
O29 A1BYZ P . -54.89 15.24 -54.44
O7 A1BYZ P . -60.03 13.09 -60.69
O8 A1BYZ P . -58.32 13.73 -59.37
C4 A1BYZ Q . -20.82 43.83 -84.62
C5 A1BYZ Q . -22.25 45.86 -84.21
C6 A1BYZ Q . -20.58 45.11 -82.45
C10 A1BYZ Q . -22.35 42.23 -82.36
C13 A1BYZ Q . -23.68 43.47 -80.20
C15 A1BYZ Q . -24.25 45.60 -81.49
C17 A1BYZ Q . -25.27 44.97 -79.27
C20 A1BYZ Q . -25.21 45.95 -82.63
C21 A1BYZ Q . -24.89 47.27 -83.33
C22 A1BYZ Q . -26.10 48.07 -83.76
C24 A1BYZ Q . -27.50 48.19 -85.85
C26 A1BYZ Q . -25.33 49.33 -85.70
C1 A1BYZ Q . -19.84 47.54 -84.11
C11 A1BYZ Q . -22.08 41.70 -80.95
C12 A1BYZ Q . -22.69 42.61 -79.91
C14 A1BYZ Q . -23.80 44.12 -81.55
C16 A1BYZ Q . -24.78 46.08 -80.15
C18 A1BYZ Q . -24.67 43.79 -79.23
C19 A1BYZ Q . -25.83 47.19 -80.25
C2 A1BYZ Q . -19.81 46.09 -84.56
C23 A1BYZ Q . -27.00 47.31 -84.71
C25 A1BYZ Q . -26.31 48.71 -86.64
C3 A1BYZ Q . -20.89 45.20 -83.94
C30 A1BYZ Q . -20.59 41.49 -80.68
C9 A1BYZ Q . -22.57 43.72 -82.37
O27 A1BYZ Q . -24.32 49.88 -86.05
O28 A1BYZ Q . -25.59 49.29 -84.39
O29 A1BYZ Q . -28.24 49.29 -85.31
O7 A1BYZ Q . -19.64 45.66 -81.94
O8 A1BYZ Q . -21.43 44.35 -81.73
ZN ZN R . -8.54 -7.54 -38.67
N1 CFF S . -14.50 -28.83 -46.39
C2 CFF S . -14.14 -30.11 -46.17
C10 CFF S . -15.08 -28.01 -45.33
C6 CFF S . -14.32 -28.30 -47.58
N3 CFF S . -13.61 -30.85 -47.16
O11 CFF S . -14.30 -30.60 -45.10
C12 CFF S . -13.23 -32.23 -46.93
C4 CFF S . -13.43 -30.31 -48.37
C5 CFF S . -13.78 -29.04 -48.59
N9 CFF S . -12.93 -30.81 -49.51
O13 CFF S . -14.63 -27.18 -47.78
N7 CFF S . -13.49 -28.76 -49.87
C8 CFF S . -12.97 -29.85 -50.43
C14 CFF S . -13.57 -27.67 -50.81
PG ATP T . -5.45 -7.04 -56.74
O1G ATP T . -6.51 -6.09 -56.31
O2G ATP T . -5.97 -8.17 -57.63
O3G ATP T . -4.25 -6.37 -57.41
PB ATP T . -3.71 -7.58 -54.36
O1B ATP T . -3.36 -8.85 -53.68
O2B ATP T . -2.55 -6.85 -55.04
O3B ATP T . -4.83 -7.80 -55.47
PA ATP T . -5.73 -5.66 -53.38
O1A ATP T . -6.94 -6.50 -53.55
O2A ATP T . -5.54 -4.59 -54.44
O3A ATP T . -4.42 -6.56 -53.38
O5' ATP T . -5.69 -4.99 -51.96
C5' ATP T . -6.60 -5.39 -50.90
C4' ATP T . -7.12 -4.14 -50.25
O4' ATP T . -8.00 -4.56 -49.18
C3' ATP T . -5.98 -3.39 -49.53
O3' ATP T . -6.43 -2.05 -49.41
C2' ATP T . -6.05 -3.97 -48.12
O2' ATP T . -5.65 -2.92 -47.25
C1' ATP T . -7.56 -4.04 -47.95
N9 ATP T . -7.94 -4.99 -46.91
C8 ATP T . -8.70 -4.72 -45.81
N7 ATP T . -8.89 -5.75 -45.03
C5 ATP T . -8.18 -6.77 -45.65
C6 ATP T . -7.98 -8.12 -45.33
N6 ATP T . -8.49 -8.71 -44.23
N1 ATP T . -7.23 -8.87 -46.16
C2 ATP T . -6.73 -8.29 -47.26
N3 ATP T . -6.85 -7.03 -47.67
C4 ATP T . -7.60 -6.32 -46.81
CA CA U . -1.59 -36.74 -33.58
C1 PCW V . -68.90 22.91 -75.14
C2 PCW V . -68.19 22.83 -73.79
C3 PCW V . -67.63 24.19 -73.41
C4 PCW V . -69.40 18.82 -75.09
C5 PCW V . -70.18 17.66 -75.83
C6 PCW V . -68.06 16.33 -75.89
C7 PCW V . -70.06 15.48 -76.88
C8 PCW V . -68.92 17.33 -77.90
C11 PCW V . -65.23 24.15 -73.50
C12 PCW V . -64.08 23.49 -74.27
C13 PCW V . -63.34 22.53 -73.33
C14 PCW V . -62.03 22.05 -74.01
C15 PCW V . -61.21 21.22 -73.00
C16 PCW V . -60.30 22.18 -72.17
C17 PCW V . -59.11 22.62 -73.06
C18 PCW V . -57.85 22.78 -72.17
C19 PCW V . -57.27 21.36 -71.93
C20 PCW V . -56.20 20.61 -71.53
C21 PCW V . -54.74 20.35 -71.05
C22 PCW V . -54.69 19.08 -70.17
C23 PCW V . -55.73 18.00 -70.60
C24 PCW V . -55.11 16.59 -70.38
C25 PCW V . -54.76 16.36 -68.88
C26 PCW V . -53.73 15.19 -68.77
C27 PCW V . -52.49 15.64 -67.95
C28 PCW V . -52.76 15.41 -66.43
C31 PCW V . -68.43 21.48 -71.90
C32 PCW V . -68.15 21.91 -70.42
C33 PCW V . -66.76 21.35 -69.94
C34 PCW V . -66.81 19.78 -69.79
C35 PCW V . -66.12 19.36 -68.43
C36 PCW V . -64.61 19.80 -68.40
C37 PCW V . -63.73 18.71 -69.11
C38 PCW V . -62.87 19.39 -70.22
C39 PCW V . -61.58 18.55 -70.49
C40 PCW V . -60.46 18.74 -69.78
C41 PCW V . -60.38 19.81 -68.66
C42 PCW V . -59.05 19.61 -67.88
C43 PCW V . -57.90 20.34 -68.59
C44 PCW V . -57.63 21.71 -67.90
C45 PCW V . -56.51 21.53 -66.84
C46 PCW V . -55.17 21.97 -67.46
C47 PCW V . -54.01 21.71 -66.47
C48 PCW V . -53.39 20.33 -66.80
N PCW V . -69.29 16.71 -76.62
O2 PCW V . -69.06 22.38 -72.79
O3 PCW V . -66.45 24.42 -74.18
O11 PCW V . -65.10 24.44 -72.36
O31 PCW V . -68.11 20.40 -72.28
O1P PCW V . -70.67 21.58 -77.47
O2P PCW V . -71.83 20.39 -75.63
O3P PCW V . -70.18 22.32 -75.02
O4P PCW V . -69.26 19.94 -75.98
P PCW V . -70.54 21.05 -76.06
C1 PCW W . -34.89 -13.36 -94.56
C2 PCW W . -36.07 -12.96 -93.67
C3 PCW W . -37.05 -14.13 -93.55
C4 PCW W . -33.12 -15.72 -98.32
C5 PCW W . -33.31 -17.29 -98.19
C6 PCW W . -33.54 -17.37 -100.67
C7 PCW W . -35.48 -17.67 -99.27
C8 PCW W . -33.77 -19.36 -99.39
C11 PCW W . -37.02 -15.96 -92.01
C12 PCW W . -36.19 -16.79 -91.01
C13 PCW W . -36.88 -18.15 -90.75
C14 PCW W . -36.87 -18.46 -89.22
C15 PCW W . -38.27 -18.13 -88.64
C16 PCW W . -38.21 -18.05 -87.07
C17 PCW W . -37.37 -16.79 -86.68
C18 PCW W . -37.79 -16.27 -85.27
C19 PCW W . -36.53 -15.81 -84.48
C20 PCW W . -35.40 -15.03 -84.54
C21 PCW W . -34.38 -14.05 -85.24
C22 PCW W . -35.09 -12.78 -85.80
C23 PCW W . -33.96 -11.73 -86.05
C24 PCW W . -33.70 -10.70 -84.90
C25 PCW W . -34.38 -11.03 -83.53
C26 PCW W . -35.72 -10.24 -83.47
C27 PCW W . -36.38 -10.34 -82.07
C28 PCW W . -36.34 -11.81 -81.56
C31 PCW W . -34.79 -11.48 -92.36
C32 PCW W . -33.34 -11.61 -91.81
C33 PCW W . -32.57 -10.24 -91.76
C34 PCW W . -33.40 -9.06 -91.17
C35 PCW W . -34.03 -9.44 -89.77
C36 PCW W . -33.30 -8.60 -88.67
C37 PCW W . -32.03 -9.44 -88.27
C38 PCW W . -30.72 -8.61 -88.14
C39 PCW W . -30.96 -7.08 -87.90
C40 PCW W . -30.76 -6.48 -86.71
C41 PCW W . -30.27 -7.25 -85.45
C42 PCW W . -31.38 -8.17 -84.90
C43 PCW W . -32.50 -7.30 -84.28
C44 PCW W . -32.14 -6.92 -82.82
C45 PCW W . -33.41 -6.98 -81.94
C46 PCW W . -33.01 -7.00 -80.44
C47 PCW W . -34.28 -6.78 -79.58
C48 PCW W . -34.87 -8.15 -79.16
N PCW W . -34.03 -17.91 -99.39
O2 PCW W . -35.61 -12.63 -92.38
O3 PCW W . -36.37 -15.27 -93.06
O11 PCW W . -38.21 -15.89 -91.89
O31 PCW W . -35.22 -10.45 -92.77
O1P PCW W . -35.88 -14.69 -98.09
O2P PCW W . -35.73 -15.99 -96.00
O3P PCW W . -35.35 -13.43 -95.90
O4P PCW W . -33.51 -15.10 -97.08
P PCW W . -35.15 -14.83 -96.78
PG ATP X . -58.27 -150.49 15.09
O1G ATP X . -58.36 -150.33 16.57
O2G ATP X . -57.12 -151.40 14.65
O3G ATP X . -58.17 -149.16 14.34
PB ATP X . -60.83 -152.05 15.03
O1B ATP X . -60.49 -152.86 16.21
O2B ATP X . -61.36 -152.82 13.82
O3B ATP X . -59.58 -151.19 14.52
PA ATP X . -63.33 -150.85 16.04
O1A ATP X . -64.26 -150.00 15.27
O2A ATP X . -63.81 -152.29 16.23
O3A ATP X . -61.89 -150.92 15.36
O5' ATP X . -63.02 -150.23 17.47
C5' ATP X . -61.88 -149.38 17.68
C4' ATP X . -62.30 -148.20 18.50
O4' ATP X . -61.10 -147.55 18.96
C3' ATP X . -62.93 -147.13 17.62
O3' ATP X . -64.34 -147.37 17.67
C2' ATP X . -62.69 -145.88 18.46
O2' ATP X . -63.48 -146.02 19.63
C1' ATP X . -61.26 -146.14 18.95
N9 ATP X . -60.28 -145.62 18.00
C8 ATP X . -59.40 -146.35 17.25
N7 ATP X . -58.63 -145.61 16.46
C5 ATP X . -59.04 -144.32 16.73
C6 ATP X . -58.62 -143.07 16.24
N6 ATP X . -57.65 -142.91 15.33
N1 ATP X . -59.23 -141.97 16.71
C2 ATP X . -60.20 -142.11 17.62
N3 ATP X . -60.68 -143.23 18.16
C4 ATP X . -60.06 -144.30 17.67
C4 A1BYZ Y . -27.50 -11.62 -77.52
C5 A1BYZ Y . -28.03 -14.02 -77.96
C6 A1BYZ Y . -29.43 -12.21 -78.96
C10 A1BYZ Y . -31.50 -10.27 -79.28
C13 A1BYZ Y . -32.72 -12.89 -79.60
C15 A1BYZ Y . -32.09 -13.66 -77.35
C17 A1BYZ Y . -33.68 -14.92 -78.71
C20 A1BYZ Y . -31.59 -13.26 -75.95
C21 A1BYZ Y . -30.99 -14.41 -75.14
C22 A1BYZ Y . -31.65 -14.62 -73.79
C24 A1BYZ Y . -30.32 -12.98 -72.43
C26 A1BYZ Y . -30.40 -15.41 -71.85
C1 A1BYZ Y . -27.47 -13.58 -80.86
C11 A1BYZ Y . -32.18 -10.68 -80.59
C12 A1BYZ Y . -32.56 -12.12 -80.68
C14 A1BYZ Y . -32.41 -12.43 -78.21
C16 A1BYZ Y . -33.27 -14.58 -77.30
C18 A1BYZ Y . -33.24 -14.23 -79.75
C19 A1BYZ Y . -34.48 -14.07 -76.50
C2 A1BYZ Y . -27.09 -12.59 -79.78
C23 A1BYZ Y . -31.70 -13.34 -72.97
C25 A1BYZ Y . -29.81 -14.08 -71.52
C3 A1BYZ Y . -28.02 -12.61 -78.56
C30 A1BYZ Y . -31.32 -10.26 -81.78
C9 A1BYZ Y . -31.46 -11.22 -78.10
O27 A1BYZ Y . -30.50 -16.31 -71.05
O28 A1BYZ Y . -30.85 -15.62 -73.09
O29 A1BYZ Y . -30.40 -11.74 -71.71
O7 A1BYZ Y . -29.89 -12.34 -80.05
O8 A1BYZ Y . -30.09 -11.70 -77.91
C4 A1BYZ Z . -57.11 34.89 -70.94
C5 A1BYZ Z . -59.26 33.59 -71.02
C6 A1BYZ Z . -58.04 33.88 -68.81
C10 A1BYZ Z . -55.48 32.25 -70.31
C13 A1BYZ Z . -56.62 29.98 -69.09
C15 A1BYZ Z . -58.97 30.36 -70.02
C17 A1BYZ Z . -58.22 28.21 -68.95
C20 A1BYZ Z . -59.61 30.27 -71.42
C21 A1BYZ Z . -60.94 31.01 -71.54
C22 A1BYZ Z . -61.96 30.32 -72.42
C24 A1BYZ Z . -62.57 30.42 -74.86
C26 A1BYZ Z . -63.34 32.14 -73.28
C1 A1BYZ Z . -60.53 35.56 -69.25
C11 A1BYZ Z . -54.75 31.62 -69.13
C12 A1BYZ Z . -55.59 30.55 -68.48
C14 A1BYZ Z . -57.45 30.69 -70.12
C16 A1BYZ Z . -59.35 29.17 -69.16
C18 A1BYZ Z . -56.96 28.62 -68.82
C19 A1BYZ Z . -60.60 28.44 -69.62
C2 A1BYZ Z . -59.16 35.78 -69.87
C23 A1BYZ Z . -61.49 30.10 -73.84
C25 A1BYZ Z . -63.00 31.87 -74.72
C3 A1BYZ Z . -58.39 34.51 -70.16
C30 A1BYZ Z . -54.28 32.65 -68.11
C9 A1BYZ Z . -56.99 32.14 -70.14
O27 A1BYZ Z . -63.77 33.19 -72.89
O28 A1BYZ Z . -63.16 31.16 -72.38
O29 A1BYZ Z . -63.69 29.57 -74.63
O7 A1BYZ Z . -58.37 34.36 -67.77
O8 A1BYZ Z . -57.35 32.73 -68.86
ZN ZN AA . 1.03 15.37 -37.26
N1 CFF BA . 19.96 14.05 -50.98
C2 CFF BA . 21.30 14.14 -50.85
C10 CFF BA . 19.22 13.01 -50.29
C6 CFF BA . 19.31 14.92 -51.72
N3 CFF BA . 21.98 15.13 -51.48
O11 CFF BA . 21.89 13.37 -50.17
C12 CFF BA . 23.42 15.23 -51.35
C4 CFF BA . 21.31 16.01 -52.24
C5 CFF BA . 19.99 15.92 -52.37
N9 CFF BA . 21.74 17.05 -52.96
O13 CFF BA . 18.14 14.84 -51.83
N7 CFF BA . 19.59 16.90 -53.17
C8 CFF BA . 20.67 17.61 -53.54
C14 CFF BA . 18.39 17.44 -53.76
PG ATP CA . -1.35 28.47 -49.85
O1G ATP CA . -2.40 27.40 -49.93
O2G ATP CA . -0.45 28.52 -51.10
O3G ATP CA . -1.91 29.86 -49.58
PB ATP CA . -0.25 28.47 -47.08
O1B ATP CA . 1.13 28.29 -46.59
O2B ATP CA . -0.88 29.83 -46.82
O3B ATP CA . -0.36 28.19 -48.65
PA ATP CA . -2.31 26.34 -47.06
O1A ATP CA . -1.70 25.42 -48.05
O2A ATP CA . -3.47 27.17 -47.60
O3A ATP CA . -1.23 27.36 -46.50
O5' ATP CA . -2.78 25.57 -45.78
C5' ATP CA . -2.39 24.21 -45.52
C4' ATP CA . -3.61 23.46 -45.05
O4' ATP CA . -3.18 22.10 -44.78
C3' ATP CA . -4.07 23.99 -43.69
O3' ATP CA . -5.43 23.62 -43.59
C2' ATP CA . -3.33 23.09 -42.71
O2' ATP CA . -4.18 22.95 -41.58
C1' ATP CA . -3.47 21.77 -43.44
N9 ATP CA . -2.46 20.80 -43.02
C8 ATP CA . -2.69 19.55 -42.51
N7 ATP CA . -1.60 18.89 -42.19
C5 ATP CA . -0.59 19.77 -42.49
C6 ATP CA . 0.81 19.69 -42.38
N6 ATP CA . 1.45 18.61 -41.91
N1 ATP CA . 1.55 20.75 -42.77
C2 ATP CA . 0.92 21.83 -43.24
N3 ATP CA . -0.40 22.02 -43.40
C4 ATP CA . -1.09 20.96 -43.00
CA CA DA . 31.35 16.62 -34.95
C1 PCW EA . -42.78 -10.69 -94.73
C2 PCW EA . -42.40 -10.91 -93.26
C3 PCW EA . -43.61 -10.61 -92.37
C4 PCW EA . -38.84 -11.31 -95.77
C5 PCW EA . -37.92 -11.57 -97.03
C6 PCW EA . -36.29 -9.88 -96.14
C7 PCW EA . -35.90 -10.96 -98.24
C8 PCW EA . -37.67 -9.35 -98.04
C11 PCW EA . -43.22 -8.62 -91.11
C12 PCW EA . -42.50 -7.27 -91.19
C13 PCW EA . -41.31 -7.26 -90.20
C14 PCW EA . -40.74 -5.83 -90.10
C15 PCW EA . -39.66 -5.80 -88.98
C16 PCW EA . -40.36 -5.49 -87.62
C17 PCW EA . -40.73 -3.99 -87.57
C18 PCW EA . -40.57 -3.49 -86.11
C19 PCW EA . -39.07 -3.22 -85.88
C20 PCW EA . -38.11 -2.64 -85.09
C21 PCW EA . -37.57 -1.74 -83.92
C22 PCW EA . -36.20 -2.28 -83.44
C23 PCW EA . -35.36 -2.92 -84.59
C24 PCW EA . -33.86 -2.62 -84.34
C25 PCW EA . -33.38 -3.22 -82.98
C26 PCW EA . -32.07 -2.50 -82.54
C27 PCW EA . -32.20 -1.96 -81.08
C28 PCW EA . -31.83 -3.07 -80.08
C31 PCW EA . -40.87 -12.27 -92.15
C32 PCW EA . -41.06 -12.90 -90.72
C33 PCW EA . -40.24 -12.07 -89.67
C34 PCW EA . -38.69 -12.28 -89.87
C35 PCW EA . -38.00 -12.53 -88.48
C36 PCW EA . -38.19 -11.31 -87.51
C37 PCW EA . -37.08 -10.23 -87.79
C38 PCW EA . -37.76 -8.85 -88.07
C39 PCW EA . -36.78 -7.69 -87.71
C40 PCW EA . -36.70 -7.19 -86.47
C41 PCW EA . -37.59 -7.73 -85.32
C42 PCW EA . -37.08 -7.12 -83.98
C43 PCW EA . -37.73 -5.74 -83.75
C44 PCW EA . -38.94 -5.87 -82.78
C45 PCW EA . -38.45 -5.59 -81.34
C46 PCW EA . -38.75 -4.12 -80.98
C47 PCW EA . -38.19 -3.77 -79.59
C48 PCW EA . -36.79 -3.14 -79.76
N PCW EA . -36.95 -10.44 -97.35
O2 PCW EA . -41.97 -12.22 -93.04
O3 PCW EA . -43.75 -9.20 -92.28
O11 PCW EA . -43.33 -9.17 -90.05
O31 PCW EA . -39.81 -11.84 -92.48
O1P PCW EA . -42.05 -10.82 -97.85
O2P PCW EA . -40.81 -12.89 -97.28
O3P PCW EA . -42.38 -11.83 -95.49
O4P PCW EA . -40.04 -10.63 -96.19
P PCW EA . -41.33 -11.56 -96.76
C1 PCW FA . -4.61 26.48 -98.06
C2 PCW FA . -5.06 25.02 -97.94
C3 PCW FA . -4.05 24.11 -98.63
C4 PCW FA . -2.51 30.00 -100.51
C5 PCW FA . -0.99 29.70 -100.84
C6 PCW FA . -1.27 30.96 -102.97
C7 PCW FA . -1.09 28.56 -103.01
C8 PCW FA . 0.81 29.93 -102.46
C11 PCW FA . -2.05 23.14 -97.74
C12 PCW FA . -0.98 23.19 -96.63
C13 PCW FA . 0.28 22.41 -97.08
C14 PCW FA . 0.79 21.52 -95.91
C15 PCW FA . 0.32 20.05 -96.17
C16 PCW FA . 0.46 19.19 -94.86
C17 PCW FA . -0.59 19.70 -93.84
C18 PCW FA . -0.98 18.56 -92.84
C19 PCW FA . -1.14 19.14 -91.41
C20 PCW FA . -1.73 20.13 -90.66
C21 PCW FA . -2.64 21.40 -90.45
C22 PCW FA . -4.06 21.22 -91.04
C23 PCW FA . -4.95 22.33 -90.40
C24 PCW FA . -5.76 21.91 -89.14
C25 PCW FA . -5.37 20.55 -88.49
C26 PCW FA . -6.33 19.47 -89.05
C27 PCW FA . -6.15 18.11 -88.32
C28 PCW FA . -4.65 17.77 -88.17
C31 PCW FA . -6.15 25.36 -95.88
C32 PCW FA . -5.72 26.21 -94.63
C33 PCW FA . -6.94 26.87 -93.90
C34 PCW FA . -8.15 25.90 -93.66
C35 PCW FA . -7.69 24.56 -92.97
C36 PCW FA . -8.25 24.54 -91.51
C37 PCW FA . -7.19 25.30 -90.64
C38 PCW FA . -7.79 26.33 -89.63
C39 PCW FA . -9.28 26.06 -89.27
C40 PCW FA . -9.69 25.55 -88.09
C41 PCW FA . -8.70 25.18 -86.96
C42 PCW FA . -7.89 23.91 -87.33
C43 PCW FA . -8.83 22.68 -87.30
C44 PCW FA . -8.96 22.14 -85.85
C45 PCW FA . -8.98 20.59 -85.88
C46 PCW FA . -8.71 20.04 -84.45
C47 PCW FA . -9.00 18.52 -84.44
C48 PCW FA . -7.69 17.73 -84.71
N PCW FA . -0.65 29.79 -102.33
O2 PCW FA . -5.15 24.66 -96.58
O3 PCW FA . -2.76 24.32 -98.07
O11 PCW FA . -2.28 22.12 -98.30
O31 PCW FA . -7.27 25.31 -96.25
O1P PCW FA . -3.91 27.69 -101.71
O2P PCW FA . -2.34 26.52 -100.20
O3P PCW FA . -4.79 26.89 -99.41
O4P PCW FA . -3.03 28.99 -99.63
P PCW FA . -3.49 27.50 -100.27
PG ATP GA . 140.53 -63.15 -50.35
O1G ATP GA . 140.55 -64.09 -49.19
O2G ATP GA . 141.55 -62.01 -50.23
O3G ATP GA . 139.15 -62.56 -50.64
PB ATP GA . 141.66 -65.25 -52.16
O1B ATP GA . 142.67 -65.71 -51.18
O2B ATP GA . 142.18 -65.02 -53.58
O3B ATP GA . 140.94 -63.91 -51.70
PA ATP GA . 140.24 -67.82 -52.54
O1A ATP GA . 139.16 -68.08 -53.51
O2A ATP GA . 141.60 -68.39 -52.93
O3A ATP GA . 140.44 -66.27 -52.28
O5' ATP GA . 139.86 -68.37 -51.11
C5' ATP GA . 139.23 -67.53 -50.11
C4' ATP GA . 138.12 -68.31 -49.47
O4' ATP GA . 137.72 -67.57 -48.29
C3' ATP GA . 136.86 -68.25 -50.33
O3' ATP GA . 136.88 -69.43 -51.13
C2' ATP GA . 135.78 -68.49 -49.27
O2' ATP GA . 135.95 -69.82 -48.81
C1' ATP GA . 136.32 -67.62 -48.12
N9 ATP GA . 135.83 -66.25 -48.22
C8 ATP GA . 136.59 -65.12 -48.47
N7 ATP GA . 135.88 -64.02 -48.51
C5 ATP GA . 134.58 -64.44 -48.27
C6 ATP GA . 133.36 -63.75 -48.20
N6 ATP GA . 133.24 -62.43 -48.35
N1 ATP GA . 132.25 -64.48 -47.94
C2 ATP GA . 132.35 -65.80 -47.80
N3 ATP GA . 133.45 -66.55 -47.85
C4 ATP GA . 134.54 -65.81 -48.09
C4 A1BYZ HA . -2.96 22.57 -79.89
C5 A1BYZ HA . -0.74 22.28 -81.02
C6 A1BYZ HA . -2.85 21.83 -82.26
C10 A1BYZ HA . -5.12 20.43 -83.31
C13 A1BYZ HA . -2.77 19.51 -84.77
C15 A1BYZ HA . -1.63 18.66 -82.76
C17 A1BYZ HA . -0.82 18.11 -85.00
C20 A1BYZ HA . -1.76 18.26 -81.28
C21 A1BYZ HA . -0.43 18.22 -80.51
C22 A1BYZ HA . -0.16 16.89 -79.85
C24 A1BYZ HA . -1.38 17.24 -77.69
C26 A1BYZ HA . 1.06 16.73 -77.74
C1 A1BYZ HA . -1.47 24.45 -82.93
C11 A1BYZ HA . -4.99 20.62 -84.82
C12 A1BYZ HA . -3.64 20.31 -85.39
C14 A1BYZ HA . -3.01 18.97 -83.39
C16 A1BYZ HA . -0.90 17.63 -83.57
C18 A1BYZ HA . -1.56 19.11 -85.44
C19 A1BYZ HA . -1.49 16.21 -83.52
C2 A1BYZ HA . -2.24 24.18 -81.66
C23 A1BYZ HA . -1.31 16.43 -78.97
C25 A1BYZ HA . -0.11 17.07 -76.89
C3 A1BYZ HA . -2.20 22.71 -81.22
C30 A1BYZ HA . -5.42 22.04 -85.21
C9 A1BYZ HA . -4.02 19.72 -82.53
O27 A1BYZ HA . 2.03 16.13 -77.33
O28 A1BYZ HA . 1.04 17.08 -79.03
O29 A1BYZ HA . -2.51 16.82 -76.92
O7 A1BYZ HA . -2.94 22.08 -83.42
O8 A1BYZ HA . -3.32 20.70 -81.69
C4 A1BYZ IA . -52.17 -3.04 -82.35
C5 A1BYZ IA . -51.23 -4.80 -83.88
C6 A1BYZ IA . -51.04 -5.09 -81.37
C10 A1BYZ IA . -49.25 -2.21 -81.43
C13 A1BYZ IA . -47.04 -3.96 -81.55
C15 A1BYZ IA . -47.90 -5.28 -83.56
C17 A1BYZ IA . -45.52 -5.41 -82.69
C20 A1BYZ IA . -48.08 -4.99 -85.05
C21 A1BYZ IA . -49.02 -5.96 -85.76
C22 A1BYZ IA . -48.62 -6.32 -87.17
C24 A1BYZ IA . -49.13 -5.37 -89.45
C26 A1BYZ IA . -50.73 -6.84 -88.29
C1 A1BYZ IA . -53.12 -6.77 -82.80
C11 A1BYZ IA . -48.36 -2.34 -80.20
C12 A1BYZ IA . -47.36 -3.45 -80.36
C14 A1BYZ IA . -47.99 -4.00 -82.70
C16 A1BYZ IA . -46.67 -6.16 -83.31
C18 A1BYZ IA . -45.72 -4.45 -81.80
C19 A1BYZ IA . -46.21 -6.94 -84.53
C2 A1BYZ IA . -53.21 -5.29 -82.48
C23 A1BYZ IA . -48.52 -5.11 -88.08
C25 A1BYZ IA . -50.59 -5.74 -89.30
C3 A1BYZ IA . -51.88 -4.54 -82.52
C30 A1BYZ IA . -49.17 -2.51 -78.91
C9 A1BYZ IA . -49.35 -3.54 -82.17
O27 A1BYZ IA . -51.77 -7.36 -88.01
O28 A1BYZ IA . -49.62 -7.26 -87.67
O29 A1BYZ IA . -48.43 -6.45 -90.07
O7 A1BYZ IA . -51.42 -5.94 -80.63
O8 A1BYZ IA . -49.81 -4.55 -81.24
ZN ZN JA . -19.78 23.38 -26.23
N1 CFF KA . -17.40 46.66 -26.71
C2 CFF KA . -17.27 47.68 -25.83
C10 CFF KA . -16.39 45.62 -26.80
C6 CFF KA . -18.44 46.62 -27.52
N3 CFF KA . -18.21 48.65 -25.78
O11 CFF KA . -16.33 47.73 -25.12
C12 CFF KA . -18.08 49.73 -24.83
C4 CFF KA . -19.27 48.60 -26.59
C5 CFF KA . -19.40 47.60 -27.45
N9 CFF KA . -20.32 49.41 -26.72
O13 CFF KA . -18.56 45.73 -28.29
N7 CFF KA . -20.53 47.79 -28.12
C8 CFF KA . -21.10 48.91 -27.68
C14 CFF KA . -21.32 47.18 -29.18
PG ATP LA . -34.62 29.45 -35.10
O1G ATP LA . -33.75 28.60 -35.96
O2G ATP LA . -34.69 30.91 -35.56
O3G ATP LA . -36.03 28.89 -34.93
PB ATP LA . -34.09 28.72 -32.26
O1B ATP LA . -33.64 29.54 -31.11
O2B ATP LA . -35.49 28.12 -32.14
O3B ATP LA . -34.04 29.53 -33.62
PA ATP LA . -32.32 26.94 -33.82
O1A ATP LA . -31.45 27.97 -34.45
O2A ATP LA . -33.37 26.35 -34.75
O3A ATP LA . -33.09 27.53 -32.56
O5' ATP LA . -31.47 25.77 -33.20
C5' ATP LA . -30.04 25.86 -33.05
C4' ATP LA . -29.42 24.57 -33.51
O4' ATP LA . -27.99 24.70 -33.33
C3' ATP LA . -29.84 23.43 -32.58
O3' ATP LA . -29.67 22.25 -33.35
C2' ATP LA . -28.71 23.40 -31.56
O2' ATP LA . -28.56 22.05 -31.16
C1' ATP LA . -27.54 23.67 -32.48
N9 ATP LA . -26.38 24.19 -31.75
C8 ATP LA . -25.13 23.64 -31.73
N7 ATP LA . -24.28 24.30 -30.97
C5 ATP LA . -25.03 25.35 -30.47
C6 ATP LA . -24.71 26.41 -29.60
N6 ATP LA . -23.49 26.60 -29.08
N1 ATP LA . -25.69 27.28 -29.30
C2 ATP LA . -26.90 27.10 -29.82
N3 ATP LA . -27.32 26.14 -30.64
C4 ATP LA . -26.32 25.29 -30.94
CA CA MA . -16.09 46.63 -6.94
C1 PCW NA . -8.45 20.33 -102.15
C2 PCW NA . -7.99 19.76 -100.80
C3 PCW NA . -8.35 18.27 -100.71
C4 PCW NA . -7.38 24.10 -100.87
C5 PCW NA . -7.16 25.56 -101.40
C6 PCW NA . -8.44 26.44 -99.45
C7 PCW NA . -7.60 27.93 -101.10
C8 PCW NA . -9.42 26.46 -101.64
C11 PCW NA . -10.07 17.94 -99.09
C12 PCW NA . -11.29 18.64 -98.49
C13 PCW NA . -10.99 19.02 -97.02
C14 PCW NA . -12.30 19.50 -96.33
C15 PCW NA . -12.02 19.71 -94.82
C16 PCW NA . -12.24 18.37 -94.07
C17 PCW NA . -13.75 18.11 -93.95
C18 PCW NA . -14.04 17.41 -92.59
C19 PCW NA . -14.03 18.50 -91.49
C20 PCW NA . -14.36 18.84 -90.22
C21 PCW NA . -15.01 18.64 -88.80
C22 PCW NA . -14.22 19.44 -87.74
C23 PCW NA . -13.61 20.76 -88.31
C24 PCW NA . -13.65 21.84 -87.19
C25 PCW NA . -12.80 21.41 -85.96
C26 PCW NA . -13.25 22.25 -84.72
C27 PCW NA . -13.60 21.31 -83.53
C28 PCW NA . -12.32 20.97 -82.71
C31 PCW NA . -6.27 20.28 -99.31
C32 PCW NA . -5.50 19.27 -98.39
C33 PCW NA . -6.05 19.35 -96.92
C34 PCW NA . -5.63 20.72 -96.25
C35 PCW NA . -5.10 20.45 -94.79
C36 PCW NA . -6.21 19.78 -93.89
C37 PCW NA . -7.12 20.90 -93.27
C38 PCW NA . -8.62 20.57 -93.61
C39 PCW NA . -9.55 21.21 -92.54
C40 PCW NA . -9.87 20.58 -91.40
C41 PCW NA . -9.33 19.15 -91.09
C42 PCW NA . -9.67 18.81 -89.62
C43 PCW NA . -11.09 18.22 -89.54
C44 PCW NA . -11.02 16.67 -89.46
C45 PCW NA . -11.03 16.23 -87.98
C46 PCW NA . -12.48 15.85 -87.57
C47 PCW NA . -12.55 15.50 -86.07
C48 PCW NA . -12.98 16.77 -85.30
N PCW NA . -8.16 26.59 -100.88
O2 PCW NA . -6.60 19.92 -100.64
O3 PCW NA . -9.74 18.18 -100.44
O11 PCW NA . -9.41 17.21 -98.42
O31 PCW NA . -6.58 21.34 -98.89
O1P PCW NA . -8.62 22.75 -104.25
O2P PCW NA . -6.33 23.30 -103.50
O3P PCW NA . -7.38 21.04 -102.74
O4P PCW NA . -8.28 23.40 -101.75
P PCW NA . -7.64 22.65 -103.12
C1 PCW OA . -39.49 54.94 -75.91
C2 PCW OA . -38.10 54.43 -76.35
C3 PCW OA . -37.15 55.60 -76.51
C4 PCW OA . -42.94 58.24 -75.99
C5 PCW OA . -42.45 59.64 -75.45
C6 PCW OA . -44.01 60.72 -77.06
C7 PCW OA . -41.62 60.78 -77.45
C8 PCW OA . -42.62 62.06 -75.67
C11 PCW OA . -35.78 56.66 -74.85
C12 PCW OA . -35.52 56.88 -73.34
C13 PCW OA . -34.62 58.12 -73.13
C14 PCW OA . -33.51 57.81 -72.09
C15 PCW OA . -32.20 57.52 -72.85
C16 PCW OA . -31.15 56.82 -71.90
C17 PCW OA . -31.67 55.40 -71.57
C18 PCW OA . -30.49 54.44 -71.21
C19 PCW OA . -30.90 53.50 -70.04
C20 PCW OA . -31.85 52.62 -69.59
C21 PCW OA . -33.21 51.83 -69.69
C22 PCW OA . -33.34 51.02 -71.01
C23 PCW OA . -34.46 49.98 -70.78
C24 PCW OA . -34.02 48.56 -70.31
C25 PCW OA . -32.54 48.44 -69.83
C26 PCW OA . -31.69 47.93 -71.04
C27 PCW OA . -30.24 47.59 -70.62
C28 PCW OA . -29.67 48.70 -69.72
C31 PCW OA . -38.33 52.36 -75.25
C32 PCW OA . -38.94 52.00 -73.84
C33 PCW OA . -39.68 50.63 -73.81
C34 PCW OA . -38.88 49.47 -74.51
C35 PCW OA . -37.40 49.37 -73.96
C36 PCW OA . -37.29 48.06 -73.11
C37 PCW OA . -37.74 48.45 -71.67
C38 PCW OA . -38.71 47.42 -70.99
C39 PCW OA . -38.63 45.98 -71.61
C40 PCW OA . -38.04 44.95 -70.98
C41 PCW OA . -37.38 45.06 -69.59
C42 PCW OA . -36.06 45.88 -69.68
C43 PCW OA . -35.00 45.04 -70.43
C44 PCW OA . -34.30 44.06 -69.44
C45 PCW OA . -32.78 43.98 -69.79
C46 PCW OA . -32.02 43.35 -68.60
C47 PCW OA . -30.57 43.03 -69.05
C48 PCW OA . -29.63 44.21 -68.68
N PCW OA . -42.68 60.79 -76.43
O2 PCW OA . -37.59 53.55 -75.39
O3 PCW OA . -37.09 56.34 -75.28
O11 PCW OA . -34.88 56.75 -75.62
O31 PCW OA . -38.50 51.66 -76.19
O1P PCW OA . -41.03 57.69 -78.20
O2P PCW OA . -39.45 58.02 -76.32
O3P PCW OA . -40.10 55.60 -77.00
O4P PCW OA . -41.91 57.26 -75.77
P PCW OA . -40.60 57.18 -76.84
PG ATP PA . 76.69 140.21 27.10
O1G ATP PA . 77.76 139.51 27.85
O2G ATP PA . 75.73 141.03 27.99
O3G ATP PA . 75.86 139.30 26.19
PB ATP PA . 78.68 142.10 25.87
O1B ATP PA . 79.40 142.31 27.14
O2B ATP PA . 78.34 143.36 25.08
O3B ATP PA . 77.31 141.31 26.10
PA ATP PA . 80.92 141.04 24.26
O1A ATP PA . 80.88 140.72 22.82
O2A ATP PA . 81.64 142.35 24.60
O3A ATP PA . 79.47 141.13 24.89
O5' ATP PA . 81.60 139.87 25.09
C5' ATP PA . 80.81 138.82 25.69
C4' ATP PA . 81.48 137.50 25.42
O4' ATP PA . 80.86 136.53 26.28
C3' ATP PA . 81.13 136.99 24.04
O3' ATP PA . 82.17 137.41 23.18
C2' ATP PA . 81.32 135.48 24.22
O2' ATP PA . 82.72 135.30 24.43
C1' ATP PA . 80.71 135.29 25.61
N9 ATP PA . 79.28 135.02 25.52
C8 ATP PA . 78.26 135.82 25.98
N7 ATP PA . 77.07 135.33 25.76
C5 ATP PA . 77.31 134.13 25.13
C6 ATP PA . 76.46 133.12 24.64
N6 ATP PA . 75.13 133.17 24.70
N1 ATP PA . 77.03 132.03 24.06
C2 ATP PA . 78.36 131.98 23.99
N3 ATP PA . 79.26 132.86 24.42
C4 ATP PA . 78.67 133.92 24.98
C4 A1BYZ QA . -33.02 45.45 -61.20
C5 A1BYZ QA . -32.55 47.89 -60.90
C6 A1BYZ QA . -32.58 46.88 -63.18
C10 A1BYZ QA . -31.70 45.60 -65.57
C13 A1BYZ QA . -30.62 48.30 -65.58
C15 A1BYZ QA . -29.36 48.01 -63.49
C17 A1BYZ QA . -28.99 49.95 -64.93
C20 A1BYZ QA . -28.81 47.03 -62.46
C21 A1BYZ QA . -28.46 47.65 -61.11
C22 A1BYZ QA . -27.03 47.42 -60.68
C24 A1BYZ QA . -27.28 45.18 -59.58
C26 A1BYZ QA . -26.40 47.16 -58.34
C1 A1BYZ QA . -35.05 48.53 -62.42
C11 A1BYZ QA . -32.07 46.60 -66.68
C12 A1BYZ QA . -31.62 48.00 -66.42
C14 A1BYZ QA . -29.96 47.28 -64.72
C16 A1BYZ QA . -28.35 49.03 -63.94
C18 A1BYZ QA . -30.15 49.66 -65.52
C19 A1BYZ QA . -27.05 48.46 -64.49
C2 A1BYZ QA . -34.71 47.14 -61.88
C23 A1BYZ QA . -26.63 45.95 -60.71
C25 A1BYZ QA . -26.80 45.73 -58.24
C3 A1BYZ QA . -33.22 46.85 -61.79
C30 A1BYZ QA . -33.57 46.54 -66.95
C9 A1BYZ QA . -30.74 46.00 -64.45
O27 A1BYZ QA . -25.62 47.68 -57.58
O28 A1BYZ QA . -26.92 47.92 -59.31
O29 A1BYZ QA . -26.93 43.79 -59.68
O7 A1BYZ QA . -33.01 47.51 -64.10
O8 A1BYZ QA . -31.48 46.12 -63.19
C4 A1BYZ RA . -15.76 5.84 -96.07
C5 A1BYZ RA . -14.09 7.41 -97.11
C6 A1BYZ RA . -13.44 6.08 -95.05
C10 A1BYZ RA . -16.01 7.71 -93.52
C13 A1BYZ RA . -13.97 9.49 -92.70
C15 A1BYZ RA . -13.07 9.89 -95.05
C17 A1BYZ RA . -12.47 11.31 -93.03
C20 A1BYZ RA . -13.57 10.64 -96.29
C21 A1BYZ RA . -12.85 10.24 -97.59
C22 A1BYZ RA . -12.64 11.38 -98.55
C24 A1BYZ RA . -13.94 12.35 -100.48
C26 A1BYZ RA . -12.59 10.31 -100.75
C1 A1BYZ RA . -12.30 5.16 -97.70
C11 A1BYZ RA . -15.58 7.70 -92.05
C12 A1BYZ RA . -14.35 8.55 -91.83
C14 A1BYZ RA . -14.23 9.38 -94.17
C16 A1BYZ RA . -11.99 10.71 -94.33
C18 A1BYZ RA . -13.31 10.67 -92.24
C19 A1BYZ RA . -11.30 11.76 -95.20
C2 A1BYZ RA . -13.73 4.97 -97.21
C23 A1BYZ RA . -13.93 12.06 -98.99
C25 A1BYZ RA . -13.78 11.06 -101.26
C3 A1BYZ RA . -14.26 6.10 -96.34
C30 A1BYZ RA . -15.37 6.28 -91.52
C9 A1BYZ RA . -14.82 8.00 -94.43
O27 A1BYZ RA . -12.19 9.27 -101.22
O28 A1BYZ RA . -11.93 10.82 -99.71
O29 A1BYZ RA . -12.85 13.22 -100.80
O7 A1BYZ RA . -12.57 5.30 -94.84
O8 A1BYZ RA . -13.77 7.03 -94.13
#